data_7SN9
#
_entry.id   7SN9
#
_cell.length_a   1.00
_cell.length_b   1.00
_cell.length_c   1.00
_cell.angle_alpha   90.00
_cell.angle_beta   90.00
_cell.angle_gamma   90.00
#
_symmetry.space_group_name_H-M   'P 1'
#
_entity_poly.entity_id   1
_entity_poly.type   'polypeptide(L)'
_entity_poly.pdbx_seq_one_letter_code
;MTSILTNNSAMAALSGVRSISSSMEDTQSRISSGLRVGSASDNAAYWSIATTMRSDNQALSAVQDALGLGAAKVDTAYSG
MESAIEVVKEIKAKLVAATEDGVDKAKIQEEITQLKDQLTSIADAASFSGENWLQADLSGGAVTKSVVGSFVRDGSGSVA
VKKVDYSLNANSVLFDTVGDTGILDKVYNVSQASVTLTVNTNGVESQHTVAAYSLESLTEAGAEFQGNYALQGGNSYVKV
ENVWVRAETAATGATGQEIAATTTAAGTITADSWVVDVGNAPAANVSAGQSVANINIVGMGAAALDALISGVDAALTDMT
SAAASLGSISSRIDLQSEFVNKLSDSIESGVGRLVDADMNEESTRLKALQTQQQLAIQALSIANSDSQNVLSLFR
;
_entity_poly.pdbx_strand_id   A,P,B,W,C,X,D,Y,E,Z,F,a,G,b,H,c,I,d,J,e,K,f,L,g,M,h,N,i,O,j,Q,k,R,l,S,m,T,n,U,o,V,p
#
# COMPACT_ATOMS: atom_id res chain seq x y z
N THR A 2 188.08 -27.03 27.39
CA THR A 2 186.89 -27.74 26.94
C THR A 2 186.93 -29.19 27.40
N SER A 3 185.88 -29.61 28.11
CA SER A 3 185.77 -30.97 28.62
C SER A 3 185.00 -31.83 27.63
N ILE A 4 185.61 -32.95 27.24
CA ILE A 4 184.98 -33.87 26.30
C ILE A 4 184.01 -34.83 26.99
N LEU A 5 184.04 -34.92 28.32
CA LEU A 5 183.22 -35.86 29.05
C LEU A 5 181.94 -35.26 29.62
N THR A 6 181.88 -33.94 29.75
CA THR A 6 180.71 -33.27 30.31
C THR A 6 180.31 -32.10 29.43
N ASN A 7 179.01 -31.84 29.38
CA ASN A 7 178.44 -30.73 28.60
C ASN A 7 177.33 -30.11 29.44
N ASN A 8 177.67 -29.08 30.22
CA ASN A 8 176.67 -28.44 31.08
C ASN A 8 175.57 -27.78 30.26
N SER A 9 175.91 -27.21 29.11
CA SER A 9 174.90 -26.63 28.23
C SER A 9 173.92 -27.70 27.77
N ALA A 10 174.42 -28.90 27.50
CA ALA A 10 173.53 -29.99 27.11
C ALA A 10 172.56 -30.34 28.24
N MET A 11 173.05 -30.38 29.48
CA MET A 11 172.16 -30.67 30.60
C MET A 11 171.11 -29.58 30.78
N ALA A 12 171.51 -28.31 30.64
CA ALA A 12 170.55 -27.22 30.75
C ALA A 12 169.49 -27.32 29.64
N ALA A 13 169.92 -27.62 28.42
CA ALA A 13 168.97 -27.78 27.32
C ALA A 13 168.03 -28.94 27.58
N LEU A 14 168.54 -30.05 28.11
CA LEU A 14 167.69 -31.20 28.41
C LEU A 14 166.66 -30.85 29.48
N SER A 15 167.08 -30.13 30.52
CA SER A 15 166.13 -29.73 31.55
C SER A 15 165.05 -28.82 30.99
N GLY A 16 165.46 -27.86 30.14
CA GLY A 16 164.47 -27.00 29.50
C GLY A 16 163.50 -27.79 28.63
N VAL A 17 164.01 -28.76 27.88
CA VAL A 17 163.16 -29.58 27.02
C VAL A 17 162.18 -30.38 27.87
N ARG A 18 162.65 -30.93 29.00
CA ARG A 18 161.75 -31.69 29.87
C ARG A 18 160.65 -30.80 30.44
N SER A 19 161.00 -29.60 30.88
CA SER A 19 159.99 -28.69 31.42
C SER A 19 158.97 -28.31 30.34
N ILE A 20 159.46 -28.00 29.14
CA ILE A 20 158.56 -27.63 28.05
C ILE A 20 157.66 -28.81 27.68
N SER A 21 158.20 -30.03 27.69
CA SER A 21 157.41 -31.20 27.35
C SER A 21 156.32 -31.45 28.39
N SER A 22 156.64 -31.30 29.67
CA SER A 22 155.63 -31.46 30.71
C SER A 22 154.53 -30.41 30.57
N SER A 23 154.92 -29.15 30.36
CA SER A 23 153.93 -28.10 30.19
C SER A 23 153.08 -28.33 28.94
N MET A 24 153.70 -28.82 27.87
CA MET A 24 152.98 -29.10 26.64
C MET A 24 151.98 -30.23 26.83
N GLU A 25 152.37 -31.29 27.53
CA GLU A 25 151.43 -32.37 27.81
C GLU A 25 150.25 -31.87 28.64
N ASP A 26 150.54 -31.05 29.65
CA ASP A 26 149.47 -30.49 30.47
C ASP A 26 148.52 -29.64 29.63
N THR A 27 149.05 -28.75 28.80
CA THR A 27 148.20 -27.87 28.02
C THR A 27 147.44 -28.63 26.93
N GLN A 28 148.02 -29.72 26.41
CA GLN A 28 147.28 -30.56 25.47
C GLN A 28 146.10 -31.24 26.15
N SER A 29 146.31 -31.73 27.37
CA SER A 29 145.17 -32.28 28.11
C SER A 29 144.10 -31.20 28.33
N ARG A 30 144.55 -29.99 28.69
CA ARG A 30 143.62 -28.88 28.92
C ARG A 30 142.83 -28.54 27.66
N ILE A 31 143.50 -28.49 26.51
CA ILE A 31 142.88 -28.08 25.26
C ILE A 31 142.05 -29.20 24.65
N SER A 32 142.28 -30.45 25.05
CA SER A 32 141.55 -31.58 24.50
C SER A 32 140.37 -32.01 25.36
N SER A 33 140.35 -31.65 26.64
CA SER A 33 139.25 -32.09 27.48
C SER A 33 138.76 -30.97 28.39
N GLY A 34 139.00 -29.72 28.01
CA GLY A 34 138.61 -28.60 28.83
C GLY A 34 139.22 -28.66 30.22
N LEU A 35 138.39 -28.66 31.26
CA LEU A 35 138.84 -28.91 32.63
C LEU A 35 140.06 -28.10 33.04
N ARG A 36 139.88 -26.80 33.27
CA ARG A 36 140.96 -25.99 33.84
C ARG A 36 141.51 -26.64 35.10
N VAL A 37 140.62 -27.23 35.91
CA VAL A 37 141.04 -28.02 37.06
C VAL A 37 141.11 -29.49 36.64
N GLY A 38 142.31 -30.06 36.69
CA GLY A 38 142.53 -31.41 36.24
C GLY A 38 141.81 -32.44 37.09
N SER A 39 141.96 -33.69 36.69
CA SER A 39 141.28 -34.84 37.32
C SER A 39 141.49 -34.75 38.84
N ALA A 40 142.71 -34.90 39.35
CA ALA A 40 142.92 -34.79 40.79
C ALA A 40 144.25 -34.15 41.14
N SER A 41 145.00 -33.69 40.13
CA SER A 41 146.36 -33.21 40.34
C SER A 41 146.43 -31.70 40.50
N ASP A 42 145.33 -30.99 40.24
CA ASP A 42 145.29 -29.54 40.47
C ASP A 42 144.79 -29.25 41.87
N ASN A 43 144.41 -27.99 42.13
CA ASN A 43 143.98 -27.57 43.46
C ASN A 43 142.83 -28.40 44.01
N ALA A 44 143.12 -29.13 45.10
CA ALA A 44 142.20 -30.15 45.61
C ALA A 44 140.88 -29.55 46.07
N ALA A 45 140.94 -28.40 46.75
CA ALA A 45 139.73 -27.83 47.35
C ALA A 45 138.68 -27.52 46.30
N TYR A 46 139.09 -26.85 45.21
CA TYR A 46 138.12 -26.44 44.20
C TYR A 46 137.59 -27.65 43.44
N TRP A 47 138.43 -28.65 43.21
CA TRP A 47 137.96 -29.89 42.58
C TRP A 47 136.94 -30.60 43.47
N SER A 48 137.19 -30.62 44.78
CA SER A 48 136.24 -31.22 45.71
C SER A 48 134.92 -30.49 45.68
N ILE A 49 134.96 -29.15 45.66
CA ILE A 49 133.74 -28.36 45.57
C ILE A 49 132.98 -28.70 44.29
N ALA A 50 133.71 -28.79 43.18
CA ALA A 50 133.07 -29.12 41.90
C ALA A 50 132.42 -30.50 41.94
N THR A 51 133.11 -31.48 42.52
CA THR A 51 132.55 -32.83 42.60
C THR A 51 131.29 -32.86 43.48
N THR A 52 131.33 -32.16 44.61
CA THR A 52 130.15 -32.09 45.48
C THR A 52 128.99 -31.42 44.76
N MET A 53 129.26 -30.35 44.01
CA MET A 53 128.21 -29.68 43.28
C MET A 53 127.65 -30.55 42.16
N ARG A 54 128.49 -31.36 41.51
CA ARG A 54 128.00 -32.29 40.51
C ARG A 54 127.08 -33.34 41.14
N SER A 55 127.47 -33.84 42.31
CA SER A 55 126.60 -34.79 43.02
C SER A 55 125.26 -34.14 43.37
N ASP A 56 125.30 -32.90 43.83
CA ASP A 56 124.07 -32.18 44.14
C ASP A 56 123.22 -31.98 42.89
N ASN A 57 123.86 -31.72 41.74
CA ASN A 57 123.12 -31.55 40.49
C ASN A 57 122.44 -32.86 40.09
N GLN A 58 123.12 -33.99 40.25
CA GLN A 58 122.49 -35.27 39.98
C GLN A 58 121.30 -35.50 40.90
N ALA A 59 121.46 -35.16 42.18
CA ALA A 59 120.35 -35.28 43.12
C ALA A 59 119.18 -34.41 42.70
N LEU A 60 119.46 -33.19 42.24
CA LEU A 60 118.40 -32.29 41.79
C LEU A 60 117.69 -32.83 40.55
N SER A 61 118.45 -33.47 39.66
CA SER A 61 117.81 -34.12 38.50
C SER A 61 116.86 -35.23 38.94
N ALA A 62 117.30 -36.03 39.90
CA ALA A 62 116.41 -37.07 40.44
C ALA A 62 115.17 -36.45 41.08
N VAL A 63 115.35 -35.33 41.80
CA VAL A 63 114.22 -34.64 42.40
C VAL A 63 113.29 -34.11 41.32
N GLN A 64 113.84 -33.65 40.20
CA GLN A 64 112.99 -33.19 39.10
C GLN A 64 112.15 -34.33 38.54
N ASP A 65 112.75 -35.50 38.36
CA ASP A 65 111.98 -36.65 37.90
C ASP A 65 110.87 -37.01 38.89
N ALA A 66 111.20 -37.00 40.19
CA ALA A 66 110.18 -37.29 41.21
C ALA A 66 109.09 -36.24 41.19
N LEU A 67 109.45 -34.98 40.98
CA LEU A 67 108.46 -33.90 40.91
C LEU A 67 107.51 -34.11 39.73
N GLY A 68 108.06 -34.51 38.58
CA GLY A 68 107.20 -34.81 37.44
C GLY A 68 106.24 -35.96 37.73
N LEU A 69 106.74 -37.01 38.38
CA LEU A 69 105.87 -38.13 38.73
C LEU A 69 104.76 -37.69 39.67
N GLY A 70 105.11 -36.91 40.70
CA GLY A 70 104.12 -36.43 41.64
C GLY A 70 103.10 -35.51 40.98
N ALA A 71 103.55 -34.67 40.06
CA ALA A 71 102.63 -33.80 39.33
C ALA A 71 101.65 -34.61 38.50
N ALA A 72 102.13 -35.67 37.85
CA ALA A 72 101.21 -36.54 37.12
C ALA A 72 100.19 -37.18 38.05
N LYS A 73 100.64 -37.67 39.21
CA LYS A 73 99.72 -38.28 40.16
C LYS A 73 98.67 -37.28 40.62
N VAL A 74 99.08 -36.06 40.95
CA VAL A 74 98.15 -35.04 41.42
C VAL A 74 97.18 -34.66 40.32
N ASP A 75 97.64 -34.58 39.07
CA ASP A 75 96.75 -34.25 37.97
C ASP A 75 95.69 -35.32 37.78
N THR A 76 96.07 -36.59 37.84
CA THR A 76 95.10 -37.68 37.73
C THR A 76 94.09 -37.62 38.88
N ALA A 77 94.57 -37.42 40.10
CA ALA A 77 93.68 -37.34 41.25
C ALA A 77 92.72 -36.18 41.12
N TYR A 78 93.20 -35.04 40.61
CA TYR A 78 92.36 -33.86 40.47
C TYR A 78 91.30 -34.05 39.39
N SER A 79 91.66 -34.73 38.29
CA SER A 79 90.66 -35.01 37.26
C SER A 79 89.56 -35.92 37.81
N GLY A 80 89.95 -36.99 38.51
CA GLY A 80 88.95 -37.83 39.15
C GLY A 80 88.12 -37.06 40.16
N MET A 81 88.74 -36.13 40.87
CA MET A 81 88.04 -35.34 41.87
C MET A 81 86.98 -34.47 41.22
N GLU A 82 87.32 -33.83 40.09
CA GLU A 82 86.32 -33.04 39.36
C GLU A 82 85.19 -33.92 38.86
N SER A 83 85.50 -35.11 38.36
CA SER A 83 84.43 -36.00 37.90
C SER A 83 83.48 -36.33 39.06
N ALA A 84 84.04 -36.64 40.23
CA ALA A 84 83.21 -36.95 41.39
C ALA A 84 82.36 -35.75 41.79
N ILE A 85 82.94 -34.55 41.76
CA ILE A 85 82.20 -33.34 42.12
C ILE A 85 81.03 -33.13 41.17
N GLU A 86 81.26 -33.30 39.87
CA GLU A 86 80.17 -33.13 38.90
C GLU A 86 79.07 -34.16 39.14
N VAL A 87 79.45 -35.41 39.39
CA VAL A 87 78.43 -36.44 39.62
C VAL A 87 77.62 -36.12 40.87
N VAL A 88 78.28 -35.66 41.94
CA VAL A 88 77.56 -35.35 43.17
C VAL A 88 76.64 -34.15 42.97
N LYS A 89 77.09 -33.16 42.18
CA LYS A 89 76.22 -32.04 41.86
C LYS A 89 74.98 -32.51 41.12
N GLU A 90 75.15 -33.45 40.18
CA GLU A 90 74.00 -34.02 39.50
C GLU A 90 73.07 -34.74 40.48
N ILE A 91 73.65 -35.47 41.43
CA ILE A 91 72.84 -36.17 42.44
C ILE A 91 72.03 -35.17 43.25
N LYS A 92 72.66 -34.09 43.68
CA LYS A 92 71.95 -33.08 44.47
C LYS A 92 70.84 -32.43 43.66
N ALA A 93 71.10 -32.14 42.39
CA ALA A 93 70.05 -31.57 41.53
C ALA A 93 68.88 -32.52 41.39
N LYS A 94 69.17 -33.81 41.18
CA LYS A 94 68.11 -34.80 41.06
C LYS A 94 67.29 -34.89 42.36
N LEU A 95 67.96 -34.87 43.51
CA LEU A 95 67.25 -35.01 44.77
C LEU A 95 66.39 -33.78 45.05
N VAL A 96 66.92 -32.58 44.79
CA VAL A 96 66.13 -31.37 45.04
C VAL A 96 64.99 -31.28 44.04
N ALA A 97 65.13 -31.88 42.86
CA ALA A 97 63.99 -32.02 41.97
C ALA A 97 62.97 -33.00 42.56
N ALA A 98 63.45 -34.06 43.18
CA ALA A 98 62.59 -35.11 43.71
C ALA A 98 61.94 -34.76 45.05
N THR A 99 62.32 -33.64 45.67
CA THR A 99 61.70 -33.28 46.95
C THR A 99 60.20 -33.08 46.81
N GLU A 100 59.72 -32.80 45.60
CA GLU A 100 58.28 -32.71 45.37
C GLU A 100 57.61 -34.06 45.61
N ASP A 101 56.41 -34.02 46.19
CA ASP A 101 55.65 -35.24 46.46
C ASP A 101 54.95 -35.79 45.24
N GLY A 102 54.81 -35.01 44.17
CA GLY A 102 54.15 -35.44 42.96
C GLY A 102 55.01 -36.25 42.01
N VAL A 103 56.25 -36.53 42.39
CA VAL A 103 57.20 -37.24 41.54
C VAL A 103 57.43 -38.62 42.16
N ASP A 104 57.26 -39.66 41.34
CA ASP A 104 57.54 -41.02 41.79
C ASP A 104 59.01 -41.14 42.16
N LYS A 105 59.29 -41.70 43.33
CA LYS A 105 60.63 -41.73 43.88
C LYS A 105 61.43 -42.95 43.47
N ALA A 106 60.82 -43.95 42.83
CA ALA A 106 61.57 -45.11 42.38
C ALA A 106 62.55 -44.74 41.27
N LYS A 107 62.13 -43.90 40.34
CA LYS A 107 63.02 -43.47 39.26
C LYS A 107 64.21 -42.70 39.82
N ILE A 108 63.94 -41.78 40.75
CA ILE A 108 65.02 -41.03 41.37
C ILE A 108 65.95 -41.96 42.13
N GLN A 109 65.38 -42.95 42.82
CA GLN A 109 66.20 -43.90 43.57
C GLN A 109 67.12 -44.68 42.66
N GLU A 110 66.61 -45.15 41.52
CA GLU A 110 67.47 -45.90 40.60
C GLU A 110 68.52 -44.99 39.96
N GLU A 111 68.17 -43.74 39.65
CA GLU A 111 69.18 -42.81 39.15
C GLU A 111 70.29 -42.58 40.19
N ILE A 112 69.90 -42.41 41.45
CA ILE A 112 70.89 -42.21 42.50
C ILE A 112 71.75 -43.45 42.68
N THR A 113 71.15 -44.64 42.54
CA THR A 113 71.94 -45.86 42.60
C THR A 113 72.97 -45.92 41.48
N GLN A 114 72.56 -45.57 40.26
CA GLN A 114 73.50 -45.53 39.15
C GLN A 114 74.61 -44.52 39.39
N LEU A 115 74.25 -43.35 39.91
CA LEU A 115 75.27 -42.32 40.15
C LEU A 115 76.21 -42.72 41.28
N LYS A 116 75.71 -43.44 42.29
CA LYS A 116 76.57 -43.94 43.34
C LYS A 116 77.54 -45.00 42.81
N ASP A 117 77.05 -45.86 41.92
CA ASP A 117 77.96 -46.82 41.27
C ASP A 117 79.02 -46.09 40.45
N GLN A 118 78.62 -45.01 39.77
CA GLN A 118 79.58 -44.21 39.03
C GLN A 118 80.62 -43.60 39.95
N LEU A 119 80.19 -43.09 41.11
CA LEU A 119 81.13 -42.55 42.09
C LEU A 119 82.11 -43.61 42.57
N THR A 120 81.60 -44.82 42.85
CA THR A 120 82.48 -45.89 43.29
C THR A 120 83.50 -46.24 42.22
N SER A 121 83.05 -46.33 40.96
CA SER A 121 83.97 -46.65 39.86
C SER A 121 85.02 -45.56 39.70
N ILE A 122 84.62 -44.30 39.79
CA ILE A 122 85.57 -43.20 39.66
C ILE A 122 86.58 -43.25 40.79
N ALA A 123 86.11 -43.50 42.02
CA ALA A 123 87.00 -43.53 43.16
C ALA A 123 88.01 -44.67 43.07
N ASP A 124 87.56 -45.85 42.64
CA ASP A 124 88.50 -46.99 42.58
C ASP A 124 89.34 -47.00 41.31
N ALA A 125 88.96 -46.23 40.28
CA ALA A 125 89.70 -46.25 39.02
C ALA A 125 90.73 -45.15 38.92
N ALA A 126 90.58 -44.07 39.67
CA ALA A 126 91.49 -42.93 39.58
C ALA A 126 92.79 -43.24 40.33
N SER A 127 93.54 -44.19 39.76
CA SER A 127 94.82 -44.62 40.31
C SER A 127 95.88 -44.51 39.22
N PHE A 128 96.92 -43.73 39.48
CA PHE A 128 97.98 -43.55 38.49
C PHE A 128 98.97 -44.71 38.55
N SER A 129 99.69 -44.85 39.66
CA SER A 129 100.72 -45.87 39.83
C SER A 129 100.57 -46.54 41.19
N GLY A 130 99.34 -46.91 41.53
CA GLY A 130 99.07 -47.46 42.85
C GLY A 130 98.81 -46.40 43.89
N GLU A 131 99.68 -45.40 43.98
CA GLU A 131 99.47 -44.28 44.87
C GLU A 131 98.40 -43.37 44.30
N ASN A 132 97.14 -43.63 44.64
CA ASN A 132 96.01 -42.95 44.02
C ASN A 132 95.51 -41.74 44.81
N TRP A 133 95.95 -41.58 46.06
CA TRP A 133 95.54 -40.46 46.90
C TRP A 133 94.03 -40.44 47.15
N LEU A 134 93.35 -41.55 46.87
CA LEU A 134 91.92 -41.68 47.10
C LEU A 134 91.63 -43.10 47.56
N GLN A 135 90.51 -43.26 48.26
CA GLN A 135 90.09 -44.54 48.82
C GLN A 135 91.21 -45.15 49.68
N ALA A 136 91.66 -44.36 50.65
CA ALA A 136 92.74 -44.78 51.52
C ALA A 136 92.19 -45.58 52.69
N ASP A 137 93.08 -46.00 53.58
CA ASP A 137 92.73 -46.76 54.78
C ASP A 137 92.72 -45.79 55.97
N LEU A 138 91.54 -45.52 56.51
CA LEU A 138 91.39 -44.60 57.63
C LEU A 138 91.28 -45.32 58.96
N SER A 139 91.55 -46.62 59.00
CA SER A 139 91.54 -47.34 60.28
C SER A 139 92.62 -46.80 61.21
N GLY A 140 93.81 -46.51 60.68
CA GLY A 140 94.86 -45.91 61.50
C GLY A 140 94.49 -44.54 62.02
N GLY A 141 93.75 -43.76 61.24
CA GLY A 141 93.32 -42.45 61.67
C GLY A 141 93.71 -41.33 60.73
N ALA A 142 94.92 -41.42 60.17
CA ALA A 142 95.41 -40.39 59.25
C ALA A 142 96.59 -40.96 58.47
N VAL A 143 96.55 -40.79 57.15
CA VAL A 143 97.64 -41.18 56.26
C VAL A 143 98.08 -39.95 55.47
N THR A 144 99.38 -39.75 55.35
CA THR A 144 99.95 -38.59 54.69
C THR A 144 100.78 -39.03 53.50
N LYS A 145 100.40 -38.56 52.31
CA LYS A 145 101.17 -38.81 51.11
C LYS A 145 102.14 -37.67 50.87
N SER A 146 103.35 -38.00 50.43
CA SER A 146 104.43 -37.04 50.26
C SER A 146 104.95 -37.06 48.84
N VAL A 147 105.30 -35.88 48.33
CA VAL A 147 105.91 -35.74 47.02
C VAL A 147 107.27 -35.09 47.20
N VAL A 148 108.30 -35.70 46.61
CA VAL A 148 109.66 -35.18 46.76
C VAL A 148 109.74 -33.78 46.16
N GLY A 149 110.01 -32.79 46.99
CA GLY A 149 110.02 -31.42 46.56
C GLY A 149 111.38 -30.89 46.15
N SER A 150 112.37 -31.03 47.03
CA SER A 150 113.71 -30.52 46.75
C SER A 150 114.73 -31.29 47.57
N PHE A 151 115.99 -31.18 47.15
CA PHE A 151 117.12 -31.76 47.86
C PHE A 151 117.95 -30.61 48.42
N VAL A 152 118.11 -30.59 49.74
CA VAL A 152 118.75 -29.49 50.44
C VAL A 152 119.97 -29.99 51.18
N ARG A 153 121.10 -29.35 50.96
CA ARG A 153 122.33 -29.62 51.70
C ARG A 153 122.48 -28.56 52.79
N ASP A 154 122.29 -28.97 54.04
CA ASP A 154 122.38 -28.05 55.15
C ASP A 154 123.81 -27.52 55.29
N GLY A 155 123.91 -26.27 55.76
CA GLY A 155 125.22 -25.65 55.89
C GLY A 155 126.14 -26.39 56.86
N SER A 156 125.58 -26.99 57.89
CA SER A 156 126.37 -27.70 58.90
C SER A 156 126.69 -29.13 58.48
N GLY A 157 127.22 -29.28 57.27
CA GLY A 157 127.72 -30.56 56.79
C GLY A 157 126.73 -31.71 56.82
N SER A 158 125.52 -31.49 56.32
CA SER A 158 124.51 -32.56 56.29
C SER A 158 123.58 -32.34 55.10
N VAL A 159 122.92 -33.42 54.70
CA VAL A 159 122.02 -33.41 53.55
C VAL A 159 120.69 -34.01 53.96
N ALA A 160 119.64 -33.63 53.23
CA ALA A 160 118.30 -34.12 53.50
C ALA A 160 117.45 -33.88 52.26
N VAL A 161 116.24 -34.46 52.27
CA VAL A 161 115.29 -34.32 51.19
C VAL A 161 113.99 -33.77 51.77
N LYS A 162 113.41 -32.79 51.08
CA LYS A 162 112.17 -32.16 51.49
C LYS A 162 110.99 -32.74 50.71
N LYS A 163 109.83 -32.74 51.35
CA LYS A 163 108.64 -33.32 50.77
C LYS A 163 107.45 -32.39 50.97
N VAL A 164 106.45 -32.54 50.10
CA VAL A 164 105.19 -31.82 50.20
C VAL A 164 104.13 -32.80 50.67
N ASP A 165 103.46 -32.47 51.77
CA ASP A 165 102.56 -33.40 52.44
C ASP A 165 101.11 -33.09 52.09
N TYR A 166 100.36 -34.13 51.73
CA TYR A 166 98.93 -34.04 51.50
C TYR A 166 98.24 -34.98 52.47
N SER A 167 97.37 -34.45 53.31
CA SER A 167 96.74 -35.22 54.38
C SER A 167 95.45 -35.84 53.89
N LEU A 168 95.35 -37.17 53.99
CA LEU A 168 94.15 -37.90 53.62
C LEU A 168 93.37 -38.20 54.89
N ASN A 169 92.71 -37.17 55.42
CA ASN A 169 91.92 -37.30 56.63
C ASN A 169 90.51 -37.76 56.28
N ALA A 170 89.60 -37.66 57.25
CA ALA A 170 88.21 -38.04 57.04
C ALA A 170 87.41 -37.00 56.27
N ASN A 171 88.08 -36.02 55.66
CA ASN A 171 87.41 -34.98 54.90
C ASN A 171 87.65 -35.05 53.40
N SER A 172 88.72 -35.72 52.96
CA SER A 172 89.06 -35.83 51.54
C SER A 172 89.49 -37.25 51.23
N VAL A 173 88.74 -38.23 51.74
CA VAL A 173 89.13 -39.64 51.62
C VAL A 173 88.43 -40.28 50.44
N LEU A 174 87.19 -39.86 50.15
CA LEU A 174 86.46 -40.39 49.00
C LEU A 174 86.28 -41.90 49.06
N PHE A 175 85.38 -42.37 49.92
CA PHE A 175 85.08 -43.80 50.09
C PHE A 175 86.23 -44.57 50.72
N ASP A 176 86.54 -44.27 51.98
CA ASP A 176 87.40 -45.10 52.80
C ASP A 176 87.05 -46.57 52.64
N THR A 177 88.07 -47.40 52.41
CA THR A 177 87.86 -48.78 51.97
C THR A 177 87.65 -49.77 53.11
N VAL A 178 87.87 -49.37 54.37
CA VAL A 178 87.83 -50.35 55.46
C VAL A 178 86.67 -50.06 56.41
N GLY A 179 86.71 -48.90 57.06
CA GLY A 179 85.72 -48.58 58.07
C GLY A 179 84.51 -47.82 57.60
N ASP A 180 84.52 -47.36 56.35
CA ASP A 180 83.45 -46.52 55.81
C ASP A 180 83.24 -45.27 56.67
N THR A 181 84.33 -44.81 57.29
CA THR A 181 84.33 -43.57 58.07
C THR A 181 85.21 -42.56 57.35
N GLY A 182 84.60 -41.47 56.92
CA GLY A 182 85.28 -40.46 56.13
C GLY A 182 84.31 -39.43 55.60
N ILE A 183 84.39 -39.15 54.30
CA ILE A 183 83.38 -38.30 53.67
C ILE A 183 81.99 -38.91 53.84
N LEU A 184 81.90 -40.22 53.74
CA LEU A 184 80.65 -40.91 54.00
C LEU A 184 80.35 -40.97 55.50
N ASP A 185 79.06 -41.10 55.82
CA ASP A 185 78.57 -41.41 57.16
C ASP A 185 78.76 -40.20 58.08
N LYS A 186 79.44 -39.17 57.61
CA LYS A 186 79.60 -37.94 58.39
C LYS A 186 78.57 -36.93 57.92
N VAL A 187 77.97 -36.22 58.88
CA VAL A 187 76.93 -35.26 58.54
C VAL A 187 77.48 -33.84 58.59
N TYR A 188 78.00 -33.41 59.74
CA TYR A 188 78.43 -32.02 59.96
C TYR A 188 77.38 -31.03 59.46
N ASN A 189 76.11 -31.40 59.60
CA ASN A 189 75.04 -30.60 59.00
C ASN A 189 74.92 -29.25 59.70
N VAL A 190 74.61 -28.23 58.91
CA VAL A 190 74.53 -26.87 59.43
C VAL A 190 73.37 -26.71 60.40
N SER A 191 72.25 -27.38 60.12
CA SER A 191 71.05 -27.21 60.93
C SER A 191 70.26 -28.51 60.94
N GLN A 192 69.01 -28.42 61.36
CA GLN A 192 68.10 -29.55 61.46
C GLN A 192 66.78 -29.17 60.79
N ALA A 193 66.01 -30.20 60.43
CA ALA A 193 64.70 -29.97 59.83
C ALA A 193 63.82 -29.17 60.78
N SER A 194 63.16 -28.13 60.25
CA SER A 194 62.38 -27.21 61.04
C SER A 194 61.01 -27.03 60.44
N VAL A 195 60.04 -26.71 61.29
CA VAL A 195 58.66 -26.44 60.87
C VAL A 195 58.15 -25.25 61.66
N THR A 196 57.47 -24.33 60.97
CA THR A 196 56.88 -23.16 61.58
C THR A 196 55.41 -23.44 61.88
N LEU A 197 55.03 -23.27 63.14
CA LEU A 197 53.69 -23.61 63.59
C LEU A 197 52.91 -22.37 63.98
N THR A 198 51.59 -22.50 63.96
CA THR A 198 50.66 -21.45 64.40
C THR A 198 50.07 -21.91 65.73
N VAL A 199 50.77 -21.60 66.81
CA VAL A 199 50.38 -22.00 68.16
C VAL A 199 50.17 -20.74 68.99
N ASN A 200 49.00 -20.64 69.63
CA ASN A 200 48.67 -19.49 70.46
C ASN A 200 48.84 -19.88 71.92
N THR A 201 49.85 -19.29 72.56
CA THR A 201 50.03 -19.51 74.00
C THR A 201 48.85 -18.94 74.78
N ASN A 202 48.35 -17.79 74.36
CA ASN A 202 47.18 -17.17 74.98
C ASN A 202 46.13 -16.89 73.92
N GLY A 203 45.12 -16.09 74.26
CA GLY A 203 44.05 -15.78 73.33
C GLY A 203 44.49 -15.19 72.02
N VAL A 204 45.71 -14.65 71.97
CA VAL A 204 46.29 -14.08 70.75
C VAL A 204 47.20 -15.12 70.10
N GLU A 205 47.13 -15.20 68.78
CA GLU A 205 47.92 -16.17 68.03
C GLU A 205 49.35 -15.66 67.87
N SER A 206 50.26 -16.60 67.59
CA SER A 206 51.67 -16.28 67.42
C SER A 206 52.32 -17.34 66.54
N GLN A 207 53.48 -16.99 66.01
CA GLN A 207 54.26 -17.87 65.15
C GLN A 207 55.47 -18.38 65.92
N HIS A 208 55.70 -19.70 65.87
CA HIS A 208 56.81 -20.32 66.57
C HIS A 208 57.53 -21.28 65.63
N THR A 209 58.84 -21.42 65.85
CA THR A 209 59.68 -22.31 65.07
C THR A 209 60.20 -23.43 65.97
N VAL A 210 59.95 -24.67 65.56
CA VAL A 210 60.36 -25.84 66.32
C VAL A 210 60.90 -26.88 65.36
N ALA A 211 61.95 -27.59 65.80
CA ALA A 211 62.54 -28.63 64.97
C ALA A 211 61.56 -29.77 64.74
N ALA A 212 61.60 -30.35 63.54
CA ALA A 212 60.73 -31.44 63.16
C ALA A 212 61.51 -32.75 63.11
N TYR A 213 60.85 -33.82 63.51
CA TYR A 213 61.47 -35.15 63.57
C TYR A 213 60.72 -36.09 62.63
N SER A 214 61.46 -36.80 61.79
CA SER A 214 60.86 -37.74 60.85
C SER A 214 60.23 -38.91 61.59
N LEU A 215 59.10 -39.38 61.06
CA LEU A 215 58.42 -40.52 61.68
C LEU A 215 59.27 -41.79 61.63
N GLU A 216 60.08 -41.94 60.57
CA GLU A 216 60.93 -43.12 60.46
C GLU A 216 61.97 -43.15 61.58
N SER A 217 62.53 -41.99 61.93
CA SER A 217 63.50 -41.95 63.01
C SER A 217 62.88 -42.38 64.34
N LEU A 218 61.65 -41.95 64.60
CA LEU A 218 60.98 -42.37 65.82
C LEU A 218 60.66 -43.86 65.81
N THR A 219 60.07 -44.35 64.71
CA THR A 219 59.65 -45.74 64.66
C THR A 219 60.83 -46.71 64.60
N GLU A 220 62.01 -46.23 64.20
CA GLU A 220 63.18 -47.12 64.14
C GLU A 220 63.68 -47.47 65.54
N ALA A 221 63.58 -46.53 66.48
CA ALA A 221 64.12 -46.70 67.82
C ALA A 221 63.11 -47.33 68.78
N GLY A 222 62.10 -48.02 68.27
CA GLY A 222 61.13 -48.68 69.12
C GLY A 222 60.23 -47.71 69.87
N ALA A 223 59.36 -47.01 69.14
CA ALA A 223 58.50 -45.98 69.71
C ALA A 223 57.07 -46.48 69.81
N GLU A 224 56.49 -46.37 70.99
CA GLU A 224 55.07 -46.64 71.16
C GLU A 224 54.25 -45.50 70.57
N PHE A 225 53.10 -45.86 69.99
CA PHE A 225 52.24 -44.88 69.33
C PHE A 225 50.80 -45.05 69.79
N GLN A 226 50.08 -43.92 69.83
CA GLN A 226 48.65 -43.94 70.14
C GLN A 226 48.05 -42.67 69.55
N GLY A 227 47.26 -42.82 68.49
CA GLY A 227 46.70 -41.67 67.81
C GLY A 227 47.76 -40.77 67.22
N ASN A 228 47.95 -39.60 67.82
CA ASN A 228 48.98 -38.65 67.42
C ASN A 228 50.01 -38.46 68.52
N TYR A 229 50.42 -39.55 69.15
CA TYR A 229 51.38 -39.53 70.24
C TYR A 229 52.50 -40.52 69.97
N ALA A 230 53.72 -40.13 70.33
CA ALA A 230 54.88 -40.99 70.23
C ALA A 230 55.63 -40.96 71.56
N LEU A 231 56.08 -42.12 72.02
CA LEU A 231 56.77 -42.28 73.30
C LEU A 231 58.02 -43.13 73.11
N GLN A 232 58.87 -42.73 72.16
CA GLN A 232 60.10 -43.46 71.87
C GLN A 232 60.89 -43.78 73.13
N GLY A 233 61.24 -42.74 73.89
CA GLY A 233 61.93 -42.95 75.15
C GLY A 233 61.37 -42.04 76.23
N GLY A 234 62.26 -41.38 76.98
CA GLY A 234 61.81 -40.37 77.91
C GLY A 234 61.13 -39.20 77.21
N ASN A 235 61.61 -38.84 76.03
CA ASN A 235 61.01 -37.77 75.26
C ASN A 235 59.65 -38.20 74.70
N SER A 236 58.76 -37.22 74.55
CA SER A 236 57.42 -37.46 74.04
C SER A 236 57.21 -36.60 72.81
N TYR A 237 56.73 -37.21 71.72
CA TYR A 237 56.48 -36.51 70.47
C TYR A 237 55.00 -36.60 70.12
N VAL A 238 54.49 -35.52 69.52
CA VAL A 238 53.11 -35.46 69.06
C VAL A 238 53.11 -34.94 67.62
N LYS A 239 52.03 -35.24 66.91
CA LYS A 239 51.85 -34.80 65.53
C LYS A 239 50.89 -33.62 65.52
N VAL A 240 51.33 -32.50 64.95
CA VAL A 240 50.52 -31.29 64.94
C VAL A 240 49.66 -31.22 63.68
N GLU A 241 50.27 -31.20 62.49
CA GLU A 241 49.54 -31.40 61.25
C GLU A 241 50.06 -32.59 60.45
N ASN A 242 51.36 -32.63 60.14
CA ASN A 242 51.94 -33.75 59.43
C ASN A 242 53.30 -34.19 59.95
N VAL A 243 53.97 -33.39 60.78
CA VAL A 243 55.31 -33.69 61.26
C VAL A 243 55.26 -33.90 62.76
N TRP A 244 56.15 -34.76 63.25
CA TRP A 244 56.24 -35.04 64.68
C TRP A 244 57.24 -34.10 65.33
N VAL A 245 56.81 -33.44 66.41
CA VAL A 245 57.64 -32.49 67.13
C VAL A 245 57.62 -32.85 68.60
N ARG A 246 58.67 -32.41 69.31
CA ARG A 246 58.79 -32.68 70.73
C ARG A 246 57.68 -31.99 71.50
N ALA A 247 57.09 -32.71 72.45
CA ALA A 247 56.00 -32.20 73.28
C ALA A 247 56.39 -32.26 74.75
N GLU A 248 55.52 -31.71 75.60
CA GLU A 248 55.73 -31.73 77.03
C GLU A 248 54.38 -31.87 77.72
N THR A 249 54.44 -32.26 79.00
CA THR A 249 53.23 -32.49 79.76
C THR A 249 52.50 -31.18 80.06
N ALA A 250 51.28 -31.30 80.53
CA ALA A 250 50.49 -30.14 80.91
C ALA A 250 51.06 -29.51 82.18
N ALA A 251 50.58 -28.30 82.48
CA ALA A 251 51.00 -27.53 83.65
C ALA A 251 52.50 -27.25 83.65
N THR A 252 53.13 -27.28 82.48
CA THR A 252 54.54 -26.94 82.35
C THR A 252 54.80 -25.69 81.51
N GLY A 253 53.86 -25.29 80.66
CA GLY A 253 53.97 -24.03 79.95
C GLY A 253 53.44 -22.88 80.79
N ALA A 254 52.38 -23.15 81.56
CA ALA A 254 51.79 -22.18 82.48
C ALA A 254 51.32 -20.92 81.78
N THR A 255 50.89 -21.05 80.52
CA THR A 255 50.37 -19.93 79.76
C THR A 255 48.99 -20.17 79.18
N GLY A 256 48.41 -21.36 79.37
CA GLY A 256 47.17 -21.68 78.70
C GLY A 256 47.34 -22.01 77.24
N GLN A 257 48.48 -22.58 76.87
CA GLN A 257 48.78 -22.88 75.48
C GLN A 257 47.79 -23.92 74.93
N GLU A 258 47.51 -23.81 73.63
CA GLU A 258 46.59 -24.73 72.97
C GLU A 258 47.04 -26.17 73.16
N ILE A 259 46.10 -27.03 73.57
CA ILE A 259 46.44 -28.42 73.88
C ILE A 259 46.72 -29.18 72.59
N ALA A 260 47.83 -29.90 72.57
CA ALA A 260 48.19 -30.68 71.39
C ALA A 260 47.37 -31.97 71.29
N ALA A 261 47.47 -32.83 72.30
CA ALA A 261 46.72 -34.08 72.31
C ALA A 261 46.58 -34.58 73.73
N THR A 262 45.60 -35.45 73.94
CA THR A 262 45.35 -36.08 75.22
C THR A 262 45.40 -37.60 75.05
N THR A 263 46.05 -38.27 75.98
CA THR A 263 46.24 -39.72 75.92
C THR A 263 45.69 -40.36 77.18
N THR A 264 45.68 -41.70 77.17
CA THR A 264 45.21 -42.49 78.31
C THR A 264 46.29 -43.48 78.72
N ALA A 265 45.96 -44.42 79.60
CA ALA A 265 46.94 -45.39 80.08
C ALA A 265 47.49 -46.21 78.92
N ALA A 266 46.65 -47.04 78.31
CA ALA A 266 47.00 -47.81 77.11
C ALA A 266 48.34 -48.52 77.26
N GLY A 267 48.56 -49.12 78.43
CA GLY A 267 49.80 -49.80 78.70
C GLY A 267 50.79 -48.97 79.48
N THR A 268 51.90 -48.58 78.83
CA THR A 268 52.98 -47.83 79.47
C THR A 268 52.97 -46.37 79.04
N ILE A 269 51.80 -45.77 78.86
CA ILE A 269 51.67 -44.37 78.46
C ILE A 269 50.95 -43.63 79.58
N THR A 270 51.57 -42.58 80.09
CA THR A 270 50.96 -41.79 81.15
C THR A 270 49.79 -40.98 80.58
N ALA A 271 48.69 -40.95 81.33
CA ALA A 271 47.51 -40.21 80.91
C ALA A 271 47.69 -38.73 81.27
N ASP A 272 47.84 -37.89 80.25
CA ASP A 272 48.07 -36.47 80.47
C ASP A 272 47.64 -35.71 79.21
N SER A 273 47.48 -34.39 79.38
CA SER A 273 47.12 -33.51 78.28
C SER A 273 48.41 -32.90 77.74
N TRP A 274 49.02 -33.60 76.79
CA TRP A 274 50.31 -33.16 76.25
C TRP A 274 50.13 -31.92 75.39
N VAL A 275 51.14 -31.04 75.45
CA VAL A 275 51.12 -29.77 74.73
C VAL A 275 52.41 -29.65 73.94
N VAL A 276 52.36 -28.89 72.85
CA VAL A 276 53.54 -28.70 72.01
C VAL A 276 54.59 -27.94 72.81
N ASP A 277 55.81 -28.47 72.83
CA ASP A 277 56.89 -27.90 73.62
C ASP A 277 57.51 -26.75 72.82
N VAL A 278 57.13 -25.52 73.14
CA VAL A 278 57.75 -24.36 72.51
C VAL A 278 59.18 -24.24 73.01
N GLY A 279 60.11 -24.10 72.07
CA GLY A 279 61.52 -24.09 72.41
C GLY A 279 62.27 -25.14 71.64
N ASN A 280 63.37 -25.64 72.21
CA ASN A 280 64.23 -26.66 71.61
C ASN A 280 64.40 -26.44 70.11
N ALA A 281 64.85 -25.23 69.77
CA ALA A 281 64.98 -24.83 68.38
C ALA A 281 65.99 -25.73 67.66
N PRO A 282 65.86 -25.90 66.34
CA PRO A 282 66.80 -26.74 65.59
C PRO A 282 68.26 -26.42 65.87
N ALA A 283 68.98 -27.37 66.46
CA ALA A 283 70.38 -27.20 66.81
C ALA A 283 71.26 -27.84 65.76
N ALA A 284 72.46 -27.28 65.61
CA ALA A 284 73.42 -27.80 64.65
C ALA A 284 74.05 -29.10 65.15
N ASN A 285 74.75 -29.78 64.25
CA ASN A 285 75.49 -31.00 64.55
C ASN A 285 74.57 -32.08 65.10
N VAL A 286 73.62 -32.51 64.26
CA VAL A 286 72.72 -33.61 64.57
C VAL A 286 72.76 -34.59 63.41
N SER A 287 72.69 -35.88 63.72
CA SER A 287 72.80 -36.91 62.69
C SER A 287 71.68 -36.78 61.66
N ALA A 288 72.04 -36.84 60.40
CA ALA A 288 71.08 -36.75 59.30
C ALA A 288 70.50 -38.13 59.03
N GLY A 289 69.74 -38.26 57.94
CA GLY A 289 69.10 -39.51 57.61
C GLY A 289 70.03 -40.61 57.18
N GLN A 290 70.65 -40.45 56.01
CA GLN A 290 71.49 -41.48 55.44
C GLN A 290 72.76 -40.86 54.87
N SER A 291 73.78 -41.69 54.69
CA SER A 291 75.03 -41.26 54.10
C SER A 291 74.90 -41.15 52.58
N VAL A 292 75.94 -40.61 51.95
CA VAL A 292 75.93 -40.42 50.51
C VAL A 292 75.88 -41.77 49.79
N ALA A 293 76.68 -42.73 50.25
CA ALA A 293 76.77 -44.02 49.57
C ALA A 293 75.54 -44.91 49.79
N ASN A 294 74.66 -44.56 50.73
CA ASN A 294 73.51 -45.38 51.07
C ASN A 294 72.26 -44.51 51.03
N ILE A 295 72.04 -43.84 49.90
CA ILE A 295 70.87 -42.99 49.73
C ILE A 295 69.70 -43.85 49.29
N ASN A 296 68.62 -43.83 50.08
CA ASN A 296 67.39 -44.56 49.77
C ASN A 296 66.23 -43.68 50.17
N ILE A 297 65.56 -43.08 49.18
CA ILE A 297 64.60 -42.01 49.42
C ILE A 297 63.18 -42.42 49.08
N VAL A 298 62.91 -43.70 48.87
CA VAL A 298 61.56 -44.13 48.55
C VAL A 298 60.72 -44.11 49.82
N GLY A 299 59.58 -43.42 49.76
CA GLY A 299 58.74 -43.24 50.94
C GLY A 299 59.46 -42.53 52.06
N MET A 300 60.21 -41.47 51.72
CA MET A 300 61.03 -40.78 52.72
C MET A 300 60.15 -40.09 53.75
N GLY A 301 59.07 -39.45 53.32
CA GLY A 301 58.15 -38.77 54.22
C GLY A 301 58.24 -37.26 54.22
N ALA A 302 59.08 -36.66 53.37
CA ALA A 302 59.23 -35.21 53.25
C ALA A 302 59.62 -34.54 54.57
N ALA A 303 60.23 -35.29 55.48
CA ALA A 303 60.70 -34.75 56.75
C ALA A 303 62.21 -34.81 56.87
N ALA A 304 62.82 -35.96 56.58
CA ALA A 304 64.26 -36.11 56.60
C ALA A 304 64.92 -35.68 55.30
N LEU A 305 64.13 -35.28 54.30
CA LEU A 305 64.71 -34.81 53.04
C LEU A 305 65.56 -33.56 53.24
N ASP A 306 65.14 -32.66 54.13
CA ASP A 306 65.94 -31.48 54.42
C ASP A 306 67.28 -31.86 55.02
N ALA A 307 67.28 -32.82 55.95
CA ALA A 307 68.54 -33.28 56.53
C ALA A 307 69.42 -33.94 55.47
N LEU A 308 68.81 -34.71 54.57
CA LEU A 308 69.58 -35.34 53.50
C LEU A 308 70.20 -34.28 52.58
N ILE A 309 69.44 -33.24 52.26
CA ILE A 309 69.97 -32.16 51.43
C ILE A 309 71.12 -31.47 52.15
N SER A 310 70.98 -31.24 53.45
CA SER A 310 72.05 -30.59 54.21
C SER A 310 73.31 -31.46 54.21
N GLY A 311 73.15 -32.77 54.39
CA GLY A 311 74.31 -33.65 54.34
C GLY A 311 74.97 -33.68 52.98
N VAL A 312 74.17 -33.71 51.92
CA VAL A 312 74.71 -33.69 50.56
C VAL A 312 75.47 -32.39 50.32
N ASP A 313 74.91 -31.27 50.77
CA ASP A 313 75.58 -29.98 50.61
C ASP A 313 76.89 -29.94 51.38
N ALA A 314 76.90 -30.50 52.60
CA ALA A 314 78.13 -30.54 53.38
C ALA A 314 79.19 -31.37 52.67
N ALA A 315 78.80 -32.53 52.13
CA ALA A 315 79.75 -33.35 51.39
C ALA A 315 80.26 -32.61 50.16
N LEU A 316 79.39 -31.90 49.45
CA LEU A 316 79.80 -31.15 48.28
C LEU A 316 80.78 -30.04 48.65
N THR A 317 80.53 -29.34 49.75
CA THR A 317 81.45 -28.30 50.20
C THR A 317 82.80 -28.89 50.58
N ASP A 318 82.80 -30.03 51.27
CA ASP A 318 84.06 -30.67 51.63
C ASP A 318 84.83 -31.10 50.39
N MET A 319 84.13 -31.64 49.39
CA MET A 319 84.80 -32.03 48.16
C MET A 319 85.32 -30.83 47.38
N THR A 320 84.59 -29.72 47.40
CA THR A 320 85.09 -28.50 46.77
C THR A 320 86.35 -28.01 47.45
N SER A 321 86.39 -28.06 48.78
CA SER A 321 87.59 -27.69 49.50
C SER A 321 88.75 -28.63 49.16
N ALA A 322 88.46 -29.93 49.03
CA ALA A 322 89.49 -30.88 48.66
C ALA A 322 90.03 -30.60 47.26
N ALA A 323 89.15 -30.26 46.32
CA ALA A 323 89.59 -29.93 44.97
C ALA A 323 90.43 -28.67 44.96
N ALA A 324 90.04 -27.66 45.74
CA ALA A 324 90.86 -26.45 45.84
C ALA A 324 92.23 -26.76 46.41
N SER A 325 92.29 -27.62 47.43
CA SER A 325 93.57 -28.01 48.01
C SER A 325 94.42 -28.76 46.98
N LEU A 326 93.80 -29.63 46.19
CA LEU A 326 94.55 -30.36 45.17
C LEU A 326 95.10 -29.41 44.10
N GLY A 327 94.30 -28.42 43.69
CA GLY A 327 94.78 -27.44 42.74
C GLY A 327 95.93 -26.62 43.30
N SER A 328 95.84 -26.23 44.57
CA SER A 328 96.92 -25.50 45.21
C SER A 328 98.18 -26.35 45.27
N ILE A 329 98.04 -27.65 45.57
CA ILE A 329 99.19 -28.54 45.60
C ILE A 329 99.82 -28.64 44.22
N SER A 330 99.00 -28.77 43.18
CA SER A 330 99.53 -28.86 41.82
C SER A 330 100.29 -27.60 41.43
N SER A 331 99.72 -26.44 41.78
CA SER A 331 100.42 -25.18 41.51
C SER A 331 101.74 -25.12 42.28
N ARG A 332 101.74 -25.61 43.52
CA ARG A 332 102.97 -25.63 44.29
C ARG A 332 104.01 -26.54 43.65
N ILE A 333 103.59 -27.69 43.12
CA ILE A 333 104.54 -28.57 42.43
C ILE A 333 105.10 -27.88 41.19
N ASP A 334 104.25 -27.17 40.44
CA ASP A 334 104.73 -26.47 39.25
C ASP A 334 105.77 -25.42 39.63
N LEU A 335 105.47 -24.62 40.67
CA LEU A 335 106.41 -23.60 41.11
C LEU A 335 107.71 -24.22 41.61
N GLN A 336 107.59 -25.32 42.36
CA GLN A 336 108.78 -26.00 42.87
C GLN A 336 109.64 -26.54 41.73
N SER A 337 109.01 -27.10 40.70
CA SER A 337 109.76 -27.60 39.56
C SER A 337 110.48 -26.47 38.85
N GLU A 338 109.81 -25.34 38.65
CA GLU A 338 110.46 -24.19 38.01
C GLU A 338 111.64 -23.71 38.84
N PHE A 339 111.46 -23.60 40.15
CA PHE A 339 112.54 -23.13 41.02
C PHE A 339 113.70 -24.10 41.04
N VAL A 340 113.41 -25.41 41.08
CA VAL A 340 114.47 -26.41 41.08
C VAL A 340 115.24 -26.38 39.78
N ASN A 341 114.54 -26.20 38.65
CA ASN A 341 115.24 -26.09 37.38
C ASN A 341 116.14 -24.87 37.34
N LYS A 342 115.65 -23.73 37.84
CA LYS A 342 116.47 -22.52 37.88
C LYS A 342 117.69 -22.72 38.77
N LEU A 343 117.49 -23.35 39.93
CA LEU A 343 118.60 -23.59 40.85
C LEU A 343 119.63 -24.54 40.24
N SER A 344 119.17 -25.59 39.57
CA SER A 344 120.09 -26.51 38.90
C SER A 344 120.88 -25.79 37.81
N ASP A 345 120.21 -24.93 37.06
CA ASP A 345 120.93 -24.13 36.06
C ASP A 345 121.99 -23.25 36.70
N SER A 346 121.65 -22.61 37.82
CA SER A 346 122.61 -21.76 38.50
C SER A 346 123.80 -22.55 39.02
N ILE A 347 123.55 -23.73 39.61
CA ILE A 347 124.63 -24.57 40.11
C ILE A 347 125.53 -25.03 38.97
N GLU A 348 124.92 -25.44 37.85
CA GLU A 348 125.72 -25.91 36.73
C GLU A 348 126.55 -24.77 36.14
N SER A 349 125.98 -23.57 36.07
CA SER A 349 126.73 -22.41 35.60
C SER A 349 127.88 -22.09 36.53
N GLY A 350 127.67 -22.19 37.84
CA GLY A 350 128.76 -21.98 38.79
C GLY A 350 129.86 -23.00 38.63
N VAL A 351 129.48 -24.27 38.43
CA VAL A 351 130.47 -25.31 38.19
C VAL A 351 131.26 -25.01 36.92
N GLY A 352 130.57 -24.59 35.87
CA GLY A 352 131.27 -24.23 34.65
C GLY A 352 132.24 -23.08 34.84
N ARG A 353 131.81 -22.05 35.57
CA ARG A 353 132.69 -20.93 35.85
C ARG A 353 133.91 -21.38 36.64
N LEU A 354 133.73 -22.31 37.58
CA LEU A 354 134.84 -22.75 38.41
C LEU A 354 135.77 -23.69 37.66
N VAL A 355 135.26 -24.43 36.68
CA VAL A 355 136.01 -25.53 36.08
C VAL A 355 136.45 -25.23 34.64
N ASP A 356 135.63 -24.54 33.86
CA ASP A 356 135.95 -24.35 32.45
C ASP A 356 137.19 -23.48 32.25
N ALA A 357 137.83 -23.65 31.11
CA ALA A 357 139.01 -22.89 30.72
C ALA A 357 138.77 -22.22 29.38
N ASP A 358 139.19 -20.97 29.25
CA ASP A 358 139.08 -20.26 27.98
C ASP A 358 140.07 -20.85 26.97
N MET A 359 139.55 -21.29 25.82
CA MET A 359 140.38 -22.04 24.89
C MET A 359 141.32 -21.15 24.08
N ASN A 360 141.02 -19.86 23.97
CA ASN A 360 141.92 -18.96 23.25
C ASN A 360 143.28 -18.87 23.93
N GLU A 361 143.27 -18.74 25.26
CA GLU A 361 144.52 -18.67 26.02
C GLU A 361 145.28 -19.99 25.92
N GLU A 362 144.55 -21.12 25.96
CA GLU A 362 145.20 -22.42 25.81
C GLU A 362 145.83 -22.57 24.43
N SER A 363 145.15 -22.09 23.38
CA SER A 363 145.73 -22.15 22.05
C SER A 363 146.98 -21.31 21.95
N THR A 364 146.95 -20.11 22.54
CA THR A 364 148.15 -19.27 22.56
C THR A 364 149.30 -19.97 23.28
N ARG A 365 149.00 -20.59 24.43
CA ARG A 365 150.03 -21.32 25.16
C ARG A 365 150.56 -22.49 24.35
N LEU A 366 149.68 -23.19 23.63
CA LEU A 366 150.12 -24.33 22.82
C LEU A 366 151.07 -23.88 21.72
N LYS A 367 150.74 -22.79 21.03
CA LYS A 367 151.63 -22.28 20.00
C LYS A 367 152.96 -21.83 20.61
N ALA A 368 152.91 -21.14 21.75
CA ALA A 368 154.14 -20.68 22.39
C ALA A 368 155.02 -21.86 22.79
N LEU A 369 154.41 -22.90 23.35
CA LEU A 369 155.20 -24.07 23.78
C LEU A 369 155.75 -24.85 22.61
N GLN A 370 155.00 -24.93 21.50
CA GLN A 370 155.55 -25.57 20.30
C GLN A 370 156.78 -24.82 19.81
N THR A 371 156.68 -23.49 19.74
CA THR A 371 157.83 -22.69 19.31
C THR A 371 159.00 -22.84 20.27
N GLN A 372 158.73 -22.83 21.59
CA GLN A 372 159.78 -22.98 22.57
C GLN A 372 160.45 -24.34 22.46
N GLN A 373 159.66 -25.39 22.20
CA GLN A 373 160.23 -26.71 22.00
C GLN A 373 161.12 -26.74 20.77
N GLN A 374 160.69 -26.09 19.68
CA GLN A 374 161.53 -26.06 18.48
C GLN A 374 162.85 -25.34 18.76
N LEU A 375 162.80 -24.19 19.44
CA LEU A 375 164.02 -23.48 19.77
C LEU A 375 164.92 -24.29 20.69
N ALA A 376 164.32 -24.98 21.68
CA ALA A 376 165.12 -25.79 22.60
C ALA A 376 165.80 -26.94 21.88
N ILE A 377 165.09 -27.58 20.94
CA ILE A 377 165.69 -28.66 20.16
C ILE A 377 166.84 -28.12 19.31
N GLN A 378 166.64 -26.96 18.70
CA GLN A 378 167.73 -26.37 17.91
C GLN A 378 168.94 -26.05 18.79
N ALA A 379 168.70 -25.50 19.97
CA ALA A 379 169.80 -25.19 20.89
C ALA A 379 170.53 -26.45 21.33
N LEU A 380 169.77 -27.53 21.60
CA LEU A 380 170.40 -28.79 21.98
C LEU A 380 171.24 -29.35 20.83
N SER A 381 170.75 -29.24 19.60
CA SER A 381 171.53 -29.68 18.45
C SER A 381 172.81 -28.89 18.32
N ILE A 382 172.73 -27.57 18.52
CA ILE A 382 173.94 -26.74 18.48
C ILE A 382 174.91 -27.15 19.56
N ALA A 383 174.41 -27.41 20.77
CA ALA A 383 175.27 -27.82 21.87
C ALA A 383 175.96 -29.15 21.57
N ASN A 384 175.22 -30.10 21.00
CA ASN A 384 175.82 -31.38 20.62
C ASN A 384 176.89 -31.19 19.54
N SER A 385 176.61 -30.36 18.54
CA SER A 385 177.58 -30.12 17.48
C SER A 385 178.78 -29.31 17.95
N ASP A 386 178.67 -28.64 19.10
CA ASP A 386 179.79 -27.87 19.61
C ASP A 386 180.95 -28.78 20.01
N SER A 387 180.65 -29.99 20.47
CA SER A 387 181.66 -30.82 21.11
C SER A 387 182.79 -31.22 20.16
N GLN A 388 182.45 -31.60 18.93
CA GLN A 388 183.43 -32.24 18.05
C GLN A 388 184.39 -31.25 17.39
N ASN A 389 184.29 -29.95 17.68
CA ASN A 389 185.23 -29.00 17.10
C ASN A 389 186.65 -29.17 17.61
N VAL A 390 186.82 -29.81 18.77
CA VAL A 390 188.14 -29.97 19.37
C VAL A 390 189.03 -30.91 18.55
N LEU A 391 188.44 -31.73 17.67
CA LEU A 391 189.22 -32.70 16.92
C LEU A 391 190.24 -32.06 16.00
N SER A 392 190.06 -30.78 15.64
CA SER A 392 190.99 -30.13 14.74
C SER A 392 192.37 -29.97 15.37
N LEU A 393 192.45 -29.89 16.69
CA LEU A 393 193.74 -29.71 17.35
C LEU A 393 194.62 -30.95 17.22
N PHE A 394 194.02 -32.14 17.19
CA PHE A 394 194.75 -33.38 17.09
C PHE A 394 194.79 -33.93 15.66
N ARG A 395 194.42 -33.10 14.68
CA ARG A 395 194.33 -33.47 13.25
C ARG A 395 193.93 -34.92 12.97
N THR B 2 161.77 -37.67 26.23
CA THR B 2 160.80 -38.07 25.21
C THR B 2 161.02 -39.52 24.78
N SER B 3 159.96 -40.32 24.87
CA SER B 3 160.00 -41.72 24.50
C SER B 3 159.16 -41.95 23.25
N ILE B 4 159.76 -42.57 22.24
CA ILE B 4 159.04 -42.85 20.98
C ILE B 4 158.12 -44.05 21.09
N LEU B 5 158.16 -44.78 22.20
CA LEU B 5 157.34 -45.97 22.35
C LEU B 5 156.00 -45.70 23.03
N THR B 6 155.89 -44.64 23.82
CA THR B 6 154.67 -44.31 24.53
C THR B 6 154.33 -42.84 24.34
N ASN B 7 153.05 -42.53 24.45
CA ASN B 7 152.55 -41.16 24.29
C ASN B 7 151.39 -40.97 25.26
N ASN B 8 151.68 -40.42 26.44
CA ASN B 8 150.65 -40.23 27.46
C ASN B 8 149.59 -39.25 26.97
N SER B 9 150.00 -38.17 26.30
CA SER B 9 149.04 -37.21 25.77
C SER B 9 148.12 -37.86 24.75
N ALA B 10 148.67 -38.72 23.90
CA ALA B 10 147.83 -39.45 22.94
C ALA B 10 146.84 -40.36 23.66
N MET B 11 147.28 -41.03 24.73
CA MET B 11 146.37 -41.90 25.48
C MET B 11 145.23 -41.10 26.09
N ALA B 12 145.54 -39.95 26.68
CA ALA B 12 144.48 -39.09 27.21
C ALA B 12 143.55 -38.61 26.10
N ALA B 13 144.12 -38.31 24.93
CA ALA B 13 143.29 -37.89 23.80
C ALA B 13 142.34 -39.01 23.37
N LEU B 14 142.83 -40.25 23.31
CA LEU B 14 141.95 -41.37 22.98
C LEU B 14 140.86 -41.56 24.04
N SER B 15 141.21 -41.41 25.31
CA SER B 15 140.18 -41.52 26.35
C SER B 15 139.12 -40.45 26.19
N GLY B 16 139.53 -39.21 25.94
CA GLY B 16 138.56 -38.15 25.68
C GLY B 16 137.72 -38.43 24.46
N VAL B 17 138.34 -38.93 23.38
CA VAL B 17 137.62 -39.21 22.15
C VAL B 17 136.58 -40.29 22.37
N ARG B 18 136.94 -41.36 23.07
CA ARG B 18 135.97 -42.43 23.29
C ARG B 18 134.84 -41.98 24.19
N SER B 19 135.14 -41.17 25.20
CA SER B 19 134.06 -40.64 26.05
C SER B 19 133.13 -39.74 25.25
N ILE B 20 133.68 -38.86 24.42
CA ILE B 20 132.86 -37.98 23.60
C ILE B 20 132.04 -38.78 22.59
N SER B 21 132.63 -39.83 22.02
CA SER B 21 131.91 -40.65 21.05
C SER B 21 130.74 -41.38 21.71
N SER B 22 130.95 -41.93 22.91
CA SER B 22 129.86 -42.60 23.62
C SER B 22 128.75 -41.61 23.95
N SER B 23 129.12 -40.43 24.45
CA SER B 23 128.12 -39.43 24.79
C SER B 23 127.36 -38.97 23.54
N MET B 24 128.08 -38.79 22.43
CA MET B 24 127.45 -38.36 21.19
C MET B 24 126.50 -39.42 20.66
N GLU B 25 126.90 -40.69 20.73
CA GLU B 25 126.01 -41.76 20.30
C GLU B 25 124.74 -41.80 21.15
N ASP B 26 124.89 -41.66 22.47
CA ASP B 26 123.73 -41.65 23.35
C ASP B 26 122.81 -40.49 23.03
N THR B 27 123.36 -39.28 22.92
CA THR B 27 122.55 -38.11 22.63
C THR B 27 121.96 -38.16 21.23
N GLN B 28 122.61 -38.84 20.30
CA GLN B 28 122.08 -38.91 18.95
C GLN B 28 120.94 -39.92 18.86
N SER B 29 121.02 -41.02 19.59
CA SER B 29 119.84 -41.87 19.74
C SER B 29 118.71 -41.09 20.43
N ARG B 30 119.08 -40.28 21.43
CA ARG B 30 118.14 -39.41 22.13
C ARG B 30 117.40 -38.50 21.16
N ILE B 31 118.12 -37.85 20.25
CA ILE B 31 117.49 -36.93 19.30
C ILE B 31 116.78 -37.68 18.19
N SER B 32 117.22 -38.90 17.87
CA SER B 32 116.59 -39.66 16.80
C SER B 32 115.22 -40.16 17.22
N SER B 33 115.11 -40.74 18.41
CA SER B 33 113.89 -41.42 18.81
C SER B 33 113.18 -40.78 20.00
N GLY B 34 113.64 -39.64 20.48
CA GLY B 34 113.09 -39.12 21.72
C GLY B 34 113.36 -40.09 22.86
N LEU B 35 112.34 -40.34 23.68
CA LEU B 35 112.40 -41.38 24.72
C LEU B 35 113.59 -41.17 25.66
N ARG B 36 113.46 -40.14 26.49
CA ARG B 36 114.51 -39.89 27.50
C ARG B 36 114.80 -41.16 28.29
N VAL B 37 113.77 -41.92 28.65
CA VAL B 37 113.93 -43.29 29.12
C VAL B 37 113.60 -44.17 27.92
N GLY B 38 114.63 -44.50 27.15
CA GLY B 38 114.43 -45.19 25.88
C GLY B 38 114.56 -46.70 25.95
N SER B 39 115.34 -47.20 26.89
CA SER B 39 115.58 -48.63 27.01
C SER B 39 115.85 -48.96 28.47
N ALA B 40 116.06 -50.26 28.73
CA ALA B 40 116.35 -50.72 30.08
C ALA B 40 117.69 -50.20 30.58
N SER B 41 118.60 -49.82 29.67
CA SER B 41 119.88 -49.24 30.09
C SER B 41 119.71 -47.90 30.79
N ASP B 42 118.58 -47.22 30.57
CA ASP B 42 118.28 -45.99 31.27
C ASP B 42 117.75 -46.32 32.67
N ASN B 43 117.15 -45.35 33.34
CA ASN B 43 116.58 -45.56 34.66
C ASN B 43 115.57 -46.69 34.63
N ALA B 44 115.88 -47.80 35.29
CA ALA B 44 115.06 -49.01 35.18
C ALA B 44 113.68 -48.80 35.77
N ALA B 45 113.59 -48.11 36.91
CA ALA B 45 112.29 -47.94 37.57
C ALA B 45 111.33 -47.14 36.68
N TYR B 46 111.82 -46.05 36.09
CA TYR B 46 110.96 -45.25 35.22
C TYR B 46 110.57 -46.02 33.96
N TRP B 47 111.49 -46.83 33.43
CA TRP B 47 111.18 -47.65 32.27
C TRP B 47 110.07 -48.65 32.60
N SER B 48 110.16 -49.31 33.76
CA SER B 48 109.14 -50.26 34.17
C SER B 48 107.80 -49.56 34.39
N ILE B 49 107.83 -48.39 35.02
CA ILE B 49 106.58 -47.65 35.24
C ILE B 49 105.95 -47.27 33.90
N ALA B 50 106.77 -46.81 32.95
CA ALA B 50 106.24 -46.45 31.63
C ALA B 50 105.65 -47.66 30.94
N THR B 51 106.31 -48.82 31.01
CA THR B 51 105.77 -50.02 30.38
C THR B 51 104.43 -50.42 30.99
N THR B 52 104.35 -50.39 32.33
CA THR B 52 103.10 -50.74 33.00
C THR B 52 101.99 -49.76 32.63
N MET B 53 102.31 -48.47 32.56
CA MET B 53 101.29 -47.48 32.24
C MET B 53 100.83 -47.62 30.78
N ARG B 54 101.75 -47.98 29.88
CA ARG B 54 101.35 -48.23 28.50
C ARG B 54 100.42 -49.44 28.41
N SER B 55 100.72 -50.49 29.17
CA SER B 55 99.83 -51.65 29.21
C SER B 55 98.46 -51.25 29.74
N ASP B 56 98.42 -50.44 30.79
CA ASP B 56 97.15 -49.98 31.34
C ASP B 56 96.40 -49.11 30.33
N ASN B 57 97.11 -48.31 29.56
CA ASN B 57 96.46 -47.49 28.53
C ASN B 57 95.85 -48.35 27.44
N GLN B 58 96.56 -49.40 27.01
CA GLN B 58 95.99 -50.33 26.04
C GLN B 58 94.74 -51.01 26.60
N ALA B 59 94.79 -51.41 27.88
CA ALA B 59 93.62 -52.00 28.50
C ALA B 59 92.46 -51.02 28.55
N LEU B 60 92.75 -49.75 28.84
CA LEU B 60 91.70 -48.73 28.87
C LEU B 60 91.10 -48.52 27.49
N SER B 61 91.92 -48.57 26.45
CA SER B 61 91.38 -48.46 25.09
C SER B 61 90.45 -49.63 24.78
N ALA B 62 90.85 -50.85 25.18
CA ALA B 62 89.97 -52.01 25.00
C ALA B 62 88.67 -51.84 25.76
N VAL B 63 88.74 -51.32 26.98
CA VAL B 63 87.54 -51.08 27.77
C VAL B 63 86.65 -50.05 27.10
N GLN B 64 87.26 -49.03 26.49
CA GLN B 64 86.47 -48.02 25.78
C GLN B 64 85.74 -48.63 24.59
N ASP B 65 86.41 -49.51 23.84
CA ASP B 65 85.74 -50.18 22.74
C ASP B 65 84.59 -51.04 23.24
N ALA B 66 84.81 -51.78 24.34
CA ALA B 66 83.74 -52.60 24.90
C ALA B 66 82.57 -51.74 25.37
N LEU B 67 82.87 -50.56 25.94
CA LEU B 67 81.82 -49.65 26.37
C LEU B 67 81.03 -49.11 25.19
N GLY B 68 81.71 -48.82 24.08
CA GLY B 68 81.00 -48.43 22.87
C GLY B 68 80.06 -49.52 22.38
N LEU B 69 80.53 -50.76 22.39
CA LEU B 69 79.68 -51.88 22.01
C LEU B 69 78.46 -51.99 22.94
N GLY B 70 78.70 -51.86 24.25
CA GLY B 70 77.60 -51.93 25.20
C GLY B 70 76.60 -50.79 25.01
N ALA B 71 77.11 -49.60 24.70
CA ALA B 71 76.22 -48.47 24.43
C ALA B 71 75.35 -48.73 23.21
N ALA B 72 75.93 -49.32 22.16
CA ALA B 72 75.15 -49.68 20.99
C ALA B 72 74.05 -50.68 21.36
N LYS B 73 74.40 -51.70 22.16
CA LYS B 73 73.41 -52.68 22.59
C LYS B 73 72.29 -52.02 23.39
N VAL B 74 72.65 -51.11 24.30
CA VAL B 74 71.66 -50.44 25.13
C VAL B 74 70.75 -49.57 24.26
N ASP B 75 71.32 -48.88 23.27
CA ASP B 75 70.50 -48.06 22.37
C ASP B 75 69.49 -48.91 21.61
N THR B 76 69.93 -50.05 21.09
CA THR B 76 69.02 -50.93 20.38
C THR B 76 67.90 -51.44 21.28
N ALA B 77 68.28 -51.89 22.48
CA ALA B 77 67.28 -52.41 23.42
C ALA B 77 66.30 -51.32 23.82
N TYR B 78 66.78 -50.09 24.01
CA TYR B 78 65.90 -49.01 24.43
C TYR B 78 64.96 -48.60 23.30
N SER B 79 65.44 -48.64 22.05
CA SER B 79 64.54 -48.39 20.93
C SER B 79 63.43 -49.43 20.87
N GLY B 80 63.79 -50.70 21.08
CA GLY B 80 62.76 -51.73 21.18
C GLY B 80 61.80 -51.47 22.32
N MET B 81 62.32 -50.98 23.44
CA MET B 81 61.47 -50.67 24.59
C MET B 81 60.49 -49.55 24.27
N GLU B 82 60.95 -48.51 23.56
CA GLU B 82 60.06 -47.43 23.17
C GLU B 82 58.97 -47.93 22.23
N SER B 83 59.34 -48.79 21.27
CA SER B 83 58.32 -49.37 20.39
C SER B 83 57.29 -50.15 21.19
N ALA B 84 57.75 -50.93 22.17
CA ALA B 84 56.84 -51.69 23.02
C ALA B 84 55.94 -50.76 23.82
N ILE B 85 56.49 -49.65 24.33
CA ILE B 85 55.67 -48.67 25.05
C ILE B 85 54.57 -48.14 24.16
N GLU B 86 54.90 -47.76 22.93
CA GLU B 86 53.90 -47.22 22.03
C GLU B 86 52.82 -48.24 21.73
N VAL B 87 53.22 -49.49 21.46
CA VAL B 87 52.22 -50.52 21.14
C VAL B 87 51.33 -50.80 22.34
N VAL B 88 51.90 -50.84 23.54
CA VAL B 88 51.12 -51.13 24.74
C VAL B 88 50.14 -49.99 25.01
N LYS B 89 50.57 -48.74 24.80
CA LYS B 89 49.67 -47.61 24.95
C LYS B 89 48.52 -47.69 23.96
N GLU B 90 48.81 -48.08 22.71
CA GLU B 90 47.74 -48.25 21.73
C GLU B 90 46.77 -49.35 22.15
N ILE B 91 47.30 -50.45 22.68
CA ILE B 91 46.44 -51.55 23.14
C ILE B 91 45.54 -51.07 24.28
N LYS B 92 46.11 -50.31 25.23
CA LYS B 92 45.32 -49.82 26.35
C LYS B 92 44.22 -48.87 25.86
N ALA B 93 44.55 -48.00 24.91
CA ALA B 93 43.53 -47.11 24.36
C ALA B 93 42.42 -47.89 23.67
N LYS B 94 42.79 -48.93 22.91
CA LYS B 94 41.77 -49.75 22.26
C LYS B 94 40.89 -50.46 23.27
N LEU B 95 41.50 -50.98 24.35
CA LEU B 95 40.71 -51.64 25.39
C LEU B 95 39.77 -50.66 26.08
N VAL B 96 40.24 -49.44 26.35
CA VAL B 96 39.38 -48.44 26.96
C VAL B 96 38.21 -48.10 26.05
N ALA B 97 38.48 -47.96 24.75
CA ALA B 97 37.40 -47.75 23.80
C ALA B 97 36.45 -48.94 23.75
N ALA B 98 36.96 -50.15 24.03
CA ALA B 98 36.14 -51.35 24.02
C ALA B 98 35.19 -51.42 25.20
N THR B 99 35.34 -50.55 26.19
CA THR B 99 34.48 -50.61 27.38
C THR B 99 33.02 -50.36 27.02
N GLU B 100 32.77 -49.61 25.95
CA GLU B 100 31.41 -49.35 25.52
C GLU B 100 30.74 -50.65 25.09
N ASP B 101 29.51 -50.87 25.59
CA ASP B 101 28.79 -52.09 25.27
C ASP B 101 28.31 -52.10 23.82
N GLY B 102 27.98 -50.94 23.27
CA GLY B 102 27.48 -50.87 21.90
C GLY B 102 28.53 -51.16 20.85
N VAL B 103 29.81 -51.02 21.18
CA VAL B 103 30.88 -51.26 20.24
C VAL B 103 31.12 -52.76 20.12
N ASP B 104 31.14 -53.26 18.88
CA ASP B 104 31.45 -54.67 18.66
C ASP B 104 32.87 -54.98 19.10
N LYS B 105 33.05 -56.18 19.67
CA LYS B 105 34.33 -56.56 20.23
C LYS B 105 35.18 -57.41 19.30
N ALA B 106 34.61 -57.93 18.21
CA ALA B 106 35.37 -58.78 17.30
C ALA B 106 36.44 -57.98 16.56
N LYS B 107 36.04 -56.83 15.99
CA LYS B 107 36.99 -56.01 15.24
C LYS B 107 38.16 -55.60 16.13
N ILE B 108 37.85 -55.14 17.35
CA ILE B 108 38.89 -54.85 18.31
C ILE B 108 39.67 -56.12 18.64
N GLN B 109 39.04 -57.29 18.52
CA GLN B 109 39.76 -58.52 18.80
C GLN B 109 40.89 -58.75 17.80
N GLU B 110 40.61 -58.60 16.49
CA GLU B 110 41.76 -58.75 15.60
C GLU B 110 42.71 -57.56 15.67
N GLU B 111 42.22 -56.39 16.09
CA GLU B 111 43.14 -55.27 16.33
C GLU B 111 44.17 -55.63 17.39
N ILE B 112 43.71 -56.15 18.54
CA ILE B 112 44.64 -56.56 19.59
C ILE B 112 45.48 -57.76 19.15
N THR B 113 44.93 -58.65 18.33
CA THR B 113 45.74 -59.76 17.82
C THR B 113 46.90 -59.24 16.98
N GLN B 114 46.63 -58.29 16.08
CA GLN B 114 47.69 -57.70 15.28
C GLN B 114 48.69 -56.97 16.15
N LEU B 115 48.22 -56.26 17.17
CA LEU B 115 49.12 -55.53 18.06
C LEU B 115 49.98 -56.50 18.87
N LYS B 116 49.43 -57.64 19.27
CA LYS B 116 50.23 -58.65 19.98
C LYS B 116 51.29 -59.26 19.07
N ASP B 117 50.95 -59.53 17.82
CA ASP B 117 51.95 -60.00 16.87
C ASP B 117 53.04 -58.95 16.68
N GLN B 118 52.64 -57.66 16.62
CA GLN B 118 53.61 -56.59 16.52
C GLN B 118 54.53 -56.56 17.75
N LEU B 119 53.97 -56.76 18.94
CA LEU B 119 54.77 -56.81 20.15
C LEU B 119 55.76 -57.96 20.11
N THR B 120 55.33 -59.12 19.64
CA THR B 120 56.24 -60.26 19.52
C THR B 120 57.37 -59.95 18.55
N SER B 121 57.04 -59.32 17.42
CA SER B 121 58.06 -58.93 16.45
C SER B 121 59.04 -57.94 17.06
N ILE B 122 58.55 -56.98 17.83
CA ILE B 122 59.43 -56.03 18.50
C ILE B 122 60.36 -56.77 19.46
N ALA B 123 59.80 -57.70 20.23
CA ALA B 123 60.58 -58.41 21.24
C ALA B 123 61.68 -59.25 20.60
N ASP B 124 61.38 -59.96 19.51
CA ASP B 124 62.37 -60.87 18.95
C ASP B 124 63.33 -60.18 17.99
N ALA B 125 62.90 -59.14 17.29
CA ALA B 125 63.74 -58.50 16.29
C ALA B 125 64.81 -57.61 16.90
N ALA B 126 64.52 -56.99 18.05
CA ALA B 126 65.41 -55.99 18.64
C ALA B 126 66.62 -56.68 19.27
N SER B 127 67.60 -56.99 18.42
CA SER B 127 68.85 -57.58 18.86
C SER B 127 70.00 -56.96 18.09
N PHE B 128 71.16 -56.89 18.73
CA PHE B 128 72.34 -56.31 18.10
C PHE B 128 73.37 -57.37 17.71
N SER B 129 73.83 -58.18 18.66
CA SER B 129 74.84 -59.19 18.39
C SER B 129 74.51 -60.48 19.12
N GLY B 130 73.23 -60.81 19.17
CA GLY B 130 72.77 -61.97 19.91
C GLY B 130 72.44 -61.71 21.36
N GLU B 131 72.91 -60.60 21.92
CA GLU B 131 72.59 -60.19 23.28
C GLU B 131 71.54 -59.09 23.17
N ASN B 132 70.28 -59.51 23.02
CA ASN B 132 69.18 -58.58 22.81
C ASN B 132 68.69 -57.93 24.09
N TRP B 133 69.13 -58.41 25.25
CA TRP B 133 68.72 -57.90 26.55
C TRP B 133 67.21 -58.03 26.77
N LEU B 134 66.54 -58.82 25.93
CA LEU B 134 65.12 -59.07 26.03
C LEU B 134 64.86 -60.53 25.72
N GLN B 135 63.65 -60.99 26.04
CA GLN B 135 63.24 -62.38 25.80
C GLN B 135 64.21 -63.37 26.46
N ALA B 136 64.71 -62.99 27.64
CA ALA B 136 65.67 -63.84 28.34
C ALA B 136 64.97 -65.08 28.91
N ASP B 137 65.78 -66.07 29.25
CA ASP B 137 65.28 -67.32 29.81
C ASP B 137 65.23 -67.18 31.33
N LEU B 138 64.03 -67.25 31.90
CA LEU B 138 63.81 -67.08 33.33
C LEU B 138 63.63 -68.42 34.04
N SER B 139 64.30 -69.47 33.56
CA SER B 139 64.24 -70.75 34.27
C SER B 139 64.85 -70.63 35.66
N GLY B 140 65.99 -69.95 35.77
CA GLY B 140 66.59 -69.69 37.07
C GLY B 140 66.02 -68.44 37.72
N GLY B 141 65.46 -67.55 36.90
CA GLY B 141 64.82 -66.35 37.40
C GLY B 141 65.76 -65.24 37.83
N ALA B 142 67.06 -65.40 37.62
CA ALA B 142 68.04 -64.39 38.05
C ALA B 142 69.08 -64.17 36.97
N VAL B 143 68.65 -64.04 35.71
CA VAL B 143 69.58 -63.79 34.62
C VAL B 143 70.10 -62.37 34.73
N THR B 144 71.41 -62.20 34.59
CA THR B 144 72.07 -60.91 34.72
C THR B 144 73.04 -60.71 33.57
N LYS B 145 72.97 -59.54 32.94
CA LYS B 145 73.87 -59.17 31.86
C LYS B 145 74.70 -57.97 32.28
N SER B 146 75.95 -57.93 31.80
CA SER B 146 76.91 -56.94 32.26
C SER B 146 77.61 -56.30 31.06
N VAL B 147 78.10 -55.08 31.29
CA VAL B 147 78.87 -54.33 30.30
C VAL B 147 80.21 -53.96 30.93
N VAL B 148 81.30 -54.21 30.21
CA VAL B 148 82.63 -53.91 30.71
C VAL B 148 82.74 -52.41 30.95
N GLY B 149 82.89 -52.02 32.21
CA GLY B 149 82.86 -50.62 32.57
C GLY B 149 84.21 -49.94 32.64
N SER B 150 85.16 -50.52 33.38
CA SER B 150 86.46 -49.88 33.54
C SER B 150 87.48 -50.93 33.96
N PHE B 151 88.74 -50.63 33.67
CA PHE B 151 89.87 -51.47 34.05
C PHE B 151 90.53 -50.85 35.27
N VAL B 152 90.53 -51.58 36.38
CA VAL B 152 90.99 -51.08 37.67
C VAL B 152 92.17 -51.92 38.13
N ARG B 153 93.28 -51.27 38.45
CA ARG B 153 94.43 -51.91 39.04
C ARG B 153 94.44 -51.63 40.54
N ASP B 154 94.36 -52.68 41.34
CA ASP B 154 94.32 -52.50 42.78
C ASP B 154 95.67 -52.04 43.32
N GLY B 155 95.64 -51.48 44.52
CA GLY B 155 96.86 -50.98 45.13
C GLY B 155 97.86 -52.08 45.45
N SER B 156 97.36 -53.25 45.84
CA SER B 156 98.23 -54.36 46.24
C SER B 156 98.60 -55.26 45.05
N GLY B 157 99.07 -54.63 43.97
CA GLY B 157 99.57 -55.39 42.82
C GLY B 157 98.55 -56.32 42.20
N SER B 158 97.31 -55.88 42.05
CA SER B 158 96.25 -56.69 41.48
C SER B 158 95.57 -55.95 40.34
N VAL B 159 95.05 -56.71 39.38
CA VAL B 159 94.37 -56.17 38.22
C VAL B 159 93.01 -56.86 38.10
N ALA B 160 91.99 -56.07 37.75
CA ALA B 160 90.64 -56.60 37.61
C ALA B 160 89.87 -55.73 36.64
N VAL B 161 88.75 -56.26 36.14
CA VAL B 161 87.89 -55.58 35.20
C VAL B 161 86.53 -55.38 35.85
N LYS B 162 86.07 -54.13 35.89
CA LYS B 162 84.79 -53.81 36.48
C LYS B 162 83.70 -53.82 35.41
N LYS B 163 82.51 -54.26 35.81
CA LYS B 163 81.38 -54.38 34.90
C LYS B 163 80.15 -53.74 35.53
N VAL B 164 79.26 -53.25 34.67
CA VAL B 164 78.00 -52.64 35.09
C VAL B 164 76.89 -53.65 34.84
N ASP B 165 76.16 -54.00 35.90
CA ASP B 165 75.17 -55.07 35.85
C ASP B 165 73.78 -54.52 35.54
N TYR B 166 73.00 -55.33 34.83
CA TYR B 166 71.62 -55.02 34.52
C TYR B 166 70.78 -56.26 34.78
N SER B 167 69.66 -56.08 35.47
CA SER B 167 68.84 -57.20 35.91
C SER B 167 67.64 -57.39 34.99
N LEU B 168 67.32 -58.64 34.71
CA LEU B 168 66.18 -59.02 33.87
C LEU B 168 65.27 -60.00 34.60
N ASN B 169 65.11 -59.81 35.90
CA ASN B 169 64.46 -60.81 36.75
C ASN B 169 63.00 -61.05 36.37
N ALA B 170 62.13 -60.07 36.58
CA ALA B 170 60.72 -60.24 36.27
C ALA B 170 60.04 -58.99 35.73
N ASN B 171 60.77 -57.90 35.51
CA ASN B 171 60.15 -56.65 35.10
C ASN B 171 60.79 -56.02 33.87
N SER B 172 61.85 -56.62 33.33
CA SER B 172 62.51 -56.08 32.15
C SER B 172 62.91 -57.19 31.18
N VAL B 173 62.10 -58.24 31.10
CA VAL B 173 62.47 -59.41 30.31
C VAL B 173 61.74 -59.47 28.96
N LEU B 174 60.51 -58.96 28.88
CA LEU B 174 59.82 -58.85 27.58
C LEU B 174 59.64 -60.19 26.88
N PHE B 175 58.68 -60.99 27.33
CA PHE B 175 58.39 -62.31 26.78
C PHE B 175 59.48 -63.33 27.07
N ASP B 176 59.66 -63.66 28.35
CA ASP B 176 60.45 -64.81 28.76
C ASP B 176 60.21 -66.00 27.85
N THR B 177 61.31 -66.64 27.41
CA THR B 177 61.22 -67.64 26.36
C THR B 177 60.50 -68.90 26.83
N VAL B 178 60.88 -69.43 27.99
CA VAL B 178 60.45 -70.74 28.45
C VAL B 178 59.37 -70.65 29.52
N GLY B 179 59.66 -69.96 30.62
CA GLY B 179 58.76 -69.97 31.76
C GLY B 179 57.43 -69.27 31.53
N ASP B 180 57.36 -68.38 30.53
CA ASP B 180 56.17 -67.59 30.26
C ASP B 180 55.69 -66.85 31.50
N THR B 181 56.65 -66.27 32.23
CA THR B 181 56.37 -65.53 33.45
C THR B 181 56.98 -64.13 33.38
N GLY B 182 57.15 -63.61 32.17
CA GLY B 182 57.77 -62.32 31.98
C GLY B 182 56.83 -61.16 32.26
N ILE B 183 57.33 -59.96 31.99
CA ILE B 183 56.53 -58.75 32.19
C ILE B 183 55.27 -58.81 31.34
N LEU B 184 55.38 -59.34 30.13
CA LEU B 184 54.22 -59.68 29.32
C LEU B 184 54.00 -61.18 29.35
N ASP B 185 52.86 -61.60 28.84
CA ASP B 185 52.45 -63.01 28.83
C ASP B 185 52.44 -63.55 30.27
N LYS B 186 51.89 -62.76 31.19
CA LYS B 186 51.66 -63.20 32.55
C LYS B 186 50.47 -62.43 33.11
N VAL B 187 49.84 -63.01 34.12
CA VAL B 187 48.66 -62.42 34.73
C VAL B 187 49.09 -61.54 35.89
N TYR B 188 48.43 -60.37 36.02
CA TYR B 188 48.71 -59.42 37.08
C TYR B 188 47.54 -59.40 38.05
N ASN B 189 47.84 -59.54 39.34
CA ASN B 189 46.80 -59.45 40.36
C ASN B 189 46.28 -58.02 40.45
N VAL B 190 44.96 -57.88 40.55
CA VAL B 190 44.30 -56.58 40.57
C VAL B 190 43.44 -56.53 41.82
N SER B 191 43.93 -55.85 42.86
CA SER B 191 43.15 -55.66 44.08
C SER B 191 43.53 -54.32 44.69
N GLN B 192 42.61 -53.79 45.50
CA GLN B 192 42.74 -52.40 45.94
C GLN B 192 43.84 -52.23 46.98
N ALA B 193 43.95 -53.15 47.93
CA ALA B 193 44.78 -52.96 49.11
C ALA B 193 45.75 -54.11 49.29
N SER B 194 46.45 -54.48 48.22
CA SER B 194 47.45 -55.54 48.27
C SER B 194 48.72 -55.10 47.57
N VAL B 195 49.79 -55.87 47.81
CA VAL B 195 51.09 -55.64 47.18
C VAL B 195 51.65 -56.99 46.75
N THR B 196 52.26 -57.01 45.56
CA THR B 196 52.88 -58.23 45.04
C THR B 196 54.34 -58.24 45.50
N LEU B 197 54.67 -59.16 46.39
CA LEU B 197 56.00 -59.26 46.97
C LEU B 197 56.67 -60.54 46.52
N THR B 198 57.98 -60.47 46.28
CA THR B 198 58.77 -61.63 45.91
C THR B 198 59.54 -62.11 47.13
N VAL B 199 59.41 -63.40 47.44
CA VAL B 199 60.10 -64.02 48.57
C VAL B 199 60.67 -65.34 48.10
N ASN B 200 61.89 -65.65 48.54
CA ASN B 200 62.56 -66.89 48.17
C ASN B 200 62.26 -67.97 49.21
N THR B 201 61.79 -69.12 48.74
CA THR B 201 61.47 -70.25 49.60
C THR B 201 62.25 -71.47 49.14
N ASN B 202 63.01 -72.07 50.06
CA ASN B 202 63.84 -73.23 49.76
C ASN B 202 64.86 -72.94 48.66
N GLY B 203 65.29 -71.69 48.55
CA GLY B 203 66.29 -71.28 47.58
C GLY B 203 65.74 -70.85 46.23
N VAL B 204 64.44 -70.95 46.00
CA VAL B 204 63.82 -70.53 44.74
C VAL B 204 62.83 -69.42 45.05
N GLU B 205 62.87 -68.36 44.25
CA GLU B 205 62.02 -67.21 44.46
C GLU B 205 60.64 -67.44 43.86
N SER B 206 59.67 -66.67 44.36
CA SER B 206 58.31 -66.71 43.84
C SER B 206 57.63 -65.41 44.19
N GLN B 207 56.54 -65.10 43.48
CA GLN B 207 55.78 -63.88 43.68
C GLN B 207 54.43 -64.22 44.28
N HIS B 208 54.13 -63.61 45.44
CA HIS B 208 52.88 -63.84 46.15
C HIS B 208 52.17 -62.52 46.37
N THR B 209 50.85 -62.54 46.23
CA THR B 209 50.01 -61.37 46.44
C THR B 209 49.46 -61.42 47.86
N VAL B 210 49.76 -60.39 48.65
CA VAL B 210 49.32 -60.30 50.04
C VAL B 210 48.81 -58.89 50.30
N ALA B 211 47.87 -58.78 51.23
CA ALA B 211 47.29 -57.49 51.55
C ALA B 211 48.32 -56.57 52.21
N ALA B 212 48.15 -55.28 51.99
CA ALA B 212 49.04 -54.25 52.53
C ALA B 212 48.26 -53.31 53.42
N TYR B 213 48.88 -52.85 54.50
CA TYR B 213 48.25 -51.99 55.48
C TYR B 213 49.01 -50.67 55.58
N SER B 214 48.28 -49.57 55.61
CA SER B 214 48.89 -48.25 55.65
C SER B 214 49.48 -47.97 57.02
N LEU B 215 50.53 -47.14 57.03
CA LEU B 215 51.17 -46.78 58.29
C LEU B 215 50.28 -45.90 59.16
N GLU B 216 49.46 -45.05 58.53
CA GLU B 216 48.59 -44.17 59.29
C GLU B 216 47.58 -44.95 60.12
N SER B 217 46.99 -46.00 59.54
CA SER B 217 46.06 -46.83 60.28
C SER B 217 46.76 -47.54 61.43
N LEU B 218 47.98 -48.03 61.19
CA LEU B 218 48.73 -48.72 62.23
C LEU B 218 49.03 -47.79 63.41
N THR B 219 49.47 -46.57 63.11
CA THR B 219 49.79 -45.64 64.19
C THR B 219 48.55 -45.06 64.86
N GLU B 220 47.41 -45.05 64.16
CA GLU B 220 46.16 -44.60 64.78
C GLU B 220 45.57 -45.66 65.70
N ALA B 221 45.71 -46.94 65.33
CA ALA B 221 45.16 -48.02 66.12
C ALA B 221 45.88 -48.21 67.46
N GLY B 222 47.04 -47.60 67.64
CA GLY B 222 47.77 -47.75 68.88
C GLY B 222 48.76 -48.89 68.85
N ALA B 223 49.58 -48.94 67.80
CA ALA B 223 50.54 -50.03 67.62
C ALA B 223 51.91 -49.64 68.17
N GLU B 224 52.64 -50.64 68.65
CA GLU B 224 53.99 -50.46 69.15
C GLU B 224 54.96 -50.95 68.09
N PHE B 225 55.89 -50.09 67.68
CA PHE B 225 56.82 -50.38 66.60
C PHE B 225 58.21 -50.67 67.15
N GLN B 226 59.00 -51.36 66.33
CA GLN B 226 60.40 -51.62 66.66
C GLN B 226 61.12 -51.93 65.35
N GLY B 227 62.00 -51.03 64.94
CA GLY B 227 62.71 -51.23 63.68
C GLY B 227 61.74 -51.30 62.53
N ASN B 228 61.76 -52.43 61.82
CA ASN B 228 60.83 -52.71 60.74
C ASN B 228 59.69 -53.62 61.17
N TYR B 229 59.51 -53.79 62.48
CA TYR B 229 58.47 -54.66 63.03
C TYR B 229 57.45 -53.83 63.80
N ALA B 230 56.20 -54.29 63.77
CA ALA B 230 55.11 -53.61 64.46
C ALA B 230 54.27 -54.63 65.20
N LEU B 231 53.57 -54.15 66.23
CA LEU B 231 52.66 -55.00 67.02
C LEU B 231 51.46 -54.15 67.41
N GLN B 232 50.37 -54.29 66.66
CA GLN B 232 49.13 -53.59 66.96
C GLN B 232 48.32 -54.28 68.05
N GLY B 233 48.66 -55.51 68.40
CA GLY B 233 47.86 -56.29 69.33
C GLY B 233 48.01 -57.77 69.06
N GLY B 234 46.89 -58.47 68.84
CA GLY B 234 46.95 -59.86 68.47
C GLY B 234 47.56 -60.14 67.11
N ASN B 235 47.80 -59.10 66.32
CA ASN B 235 48.41 -59.23 65.01
C ASN B 235 49.76 -58.54 64.98
N SER B 236 50.66 -59.06 64.17
CA SER B 236 52.01 -58.53 64.03
C SER B 236 52.28 -58.19 62.57
N TYR B 237 53.10 -57.17 62.36
CA TYR B 237 53.41 -56.67 61.03
C TYR B 237 54.92 -56.47 60.89
N VAL B 238 55.41 -56.64 59.66
CA VAL B 238 56.81 -56.44 59.34
C VAL B 238 56.91 -55.53 58.14
N LYS B 239 57.95 -54.70 58.11
CA LYS B 239 58.17 -53.75 57.01
C LYS B 239 59.18 -54.33 56.03
N VAL B 240 58.70 -55.29 55.23
CA VAL B 240 59.53 -55.87 54.19
C VAL B 240 59.83 -54.84 53.11
N GLU B 241 58.85 -54.03 52.76
CA GLU B 241 59.03 -52.95 51.79
C GLU B 241 58.32 -51.69 52.30
N ASN B 242 58.15 -50.70 51.43
CA ASN B 242 57.51 -49.44 51.83
C ASN B 242 56.10 -49.63 52.36
N VAL B 243 55.51 -50.80 52.20
CA VAL B 243 54.17 -51.10 52.70
C VAL B 243 54.29 -52.14 53.80
N TRP B 244 53.46 -52.00 54.83
CA TRP B 244 53.44 -52.92 55.96
C TRP B 244 52.53 -54.10 55.68
N VAL B 245 52.93 -55.28 56.13
CA VAL B 245 52.22 -56.52 55.84
C VAL B 245 52.20 -57.38 57.10
N ARG B 246 51.09 -58.07 57.33
CA ARG B 246 50.98 -59.01 58.43
C ARG B 246 51.98 -60.15 58.25
N ALA B 247 52.53 -60.62 59.37
CA ALA B 247 53.56 -61.65 59.34
C ALA B 247 53.22 -62.76 60.32
N GLU B 248 53.76 -63.95 60.04
CA GLU B 248 53.65 -65.10 60.92
C GLU B 248 54.87 -65.16 61.83
N THR B 249 54.69 -65.73 63.02
CA THR B 249 55.72 -65.69 64.06
C THR B 249 56.99 -66.40 63.62
N ALA B 250 56.93 -67.72 63.49
CA ALA B 250 58.07 -68.54 63.08
C ALA B 250 57.61 -69.99 63.02
N ALA B 251 58.35 -70.80 62.27
CA ALA B 251 58.14 -72.25 62.20
C ALA B 251 56.72 -72.62 61.78
N THR B 252 55.97 -71.67 61.22
CA THR B 252 54.61 -71.98 60.77
C THR B 252 54.64 -72.60 59.37
N GLY B 253 55.26 -71.92 58.41
CA GLY B 253 55.41 -72.49 57.08
C GLY B 253 56.34 -73.68 57.04
N ALA B 254 57.41 -73.65 57.84
CA ALA B 254 58.41 -74.71 57.88
C ALA B 254 58.99 -74.98 56.50
N THR B 255 59.20 -73.91 55.74
CA THR B 255 59.72 -74.00 54.38
C THR B 255 61.03 -73.24 54.21
N GLY B 256 61.67 -72.83 55.29
CA GLY B 256 62.91 -72.08 55.18
C GLY B 256 62.75 -70.74 54.50
N GLN B 257 61.66 -70.04 54.77
CA GLN B 257 61.41 -68.74 54.16
C GLN B 257 62.38 -67.70 54.72
N GLU B 258 62.61 -66.65 53.93
CA GLU B 258 63.50 -65.58 54.35
C GLU B 258 62.93 -64.87 55.58
N ILE B 259 63.81 -64.59 56.53
CA ILE B 259 63.41 -63.94 57.77
C ILE B 259 63.17 -62.45 57.49
N ALA B 260 61.93 -62.01 57.73
CA ALA B 260 61.59 -60.61 57.47
C ALA B 260 62.32 -59.69 58.44
N ALA B 261 62.26 -59.97 59.74
CA ALA B 261 62.90 -59.13 60.73
C ALA B 261 63.08 -59.93 62.02
N THR B 262 63.97 -59.44 62.87
CA THR B 262 64.22 -60.01 64.18
C THR B 262 63.94 -58.97 65.24
N THR B 263 63.37 -59.40 66.36
CA THR B 263 62.94 -58.52 67.44
C THR B 263 63.64 -58.89 68.74
N THR B 264 63.32 -58.14 69.79
CA THR B 264 63.88 -58.37 71.12
C THR B 264 62.76 -58.16 72.13
N ALA B 265 63.14 -58.03 73.41
CA ALA B 265 62.15 -57.87 74.47
C ALA B 265 61.31 -56.60 74.26
N ALA B 266 61.96 -55.43 74.33
CA ALA B 266 61.32 -54.15 74.04
C ALA B 266 60.05 -53.96 74.86
N GLY B 267 60.08 -54.39 76.11
CA GLY B 267 58.94 -54.24 76.99
C GLY B 267 57.90 -55.34 76.84
N THR B 268 57.15 -55.31 75.73
CA THR B 268 56.07 -56.26 75.51
C THR B 268 56.13 -56.86 74.11
N ILE B 269 57.33 -57.02 73.56
CA ILE B 269 57.52 -57.58 72.23
C ILE B 269 58.20 -58.94 72.40
N THR B 270 57.60 -59.98 71.81
CA THR B 270 58.19 -61.31 71.87
C THR B 270 59.47 -61.36 71.04
N ALA B 271 60.49 -62.03 71.57
CA ALA B 271 61.77 -62.16 70.89
C ALA B 271 61.68 -63.36 69.95
N ASP B 272 61.60 -63.09 68.65
CA ASP B 272 61.45 -64.15 67.66
C ASP B 272 61.92 -63.63 66.31
N SER B 273 62.19 -64.56 65.40
CA SER B 273 62.56 -64.25 64.02
C SER B 273 61.31 -64.34 63.17
N TRP B 274 60.78 -63.19 62.77
CA TRP B 274 59.49 -63.11 62.10
C TRP B 274 59.65 -63.30 60.59
N VAL B 275 58.63 -63.91 59.99
CA VAL B 275 58.61 -64.19 58.56
C VAL B 275 57.30 -63.66 57.99
N VAL B 276 57.39 -63.00 56.83
CA VAL B 276 56.20 -62.46 56.19
C VAL B 276 55.22 -63.57 55.88
N ASP B 277 53.94 -63.32 56.13
CA ASP B 277 52.90 -64.31 55.92
C ASP B 277 52.66 -64.51 54.44
N VAL B 278 52.98 -65.70 53.93
CA VAL B 278 52.72 -66.01 52.53
C VAL B 278 51.23 -66.03 52.25
N GLY B 279 50.42 -66.41 53.25
CA GLY B 279 48.98 -66.41 53.10
C GLY B 279 48.38 -65.03 53.28
N ASN B 280 47.29 -64.93 54.03
CA ASN B 280 46.60 -63.67 54.31
C ASN B 280 46.19 -62.99 53.00
N ALA B 281 45.28 -63.66 52.31
CA ALA B 281 44.79 -63.15 51.04
C ALA B 281 44.04 -61.83 51.24
N PRO B 282 44.05 -60.96 50.23
CA PRO B 282 43.37 -59.67 50.35
C PRO B 282 41.87 -59.83 50.55
N ALA B 283 41.21 -58.70 50.83
CA ALA B 283 39.77 -58.72 51.04
C ALA B 283 39.02 -59.17 49.80
N ALA B 284 39.45 -58.69 48.63
CA ALA B 284 38.83 -59.05 47.35
C ALA B 284 39.96 -59.46 46.41
N ASN B 285 40.27 -60.76 46.37
CA ASN B 285 41.35 -61.28 45.54
C ASN B 285 40.84 -61.42 44.11
N VAL B 286 41.21 -60.47 43.27
CA VAL B 286 40.81 -60.45 41.85
C VAL B 286 42.08 -60.46 41.01
N SER B 287 42.10 -61.34 40.00
CA SER B 287 43.23 -61.47 39.09
C SER B 287 42.78 -61.14 37.68
N ALA B 288 43.74 -60.67 36.87
CA ALA B 288 43.44 -60.38 35.47
C ALA B 288 43.00 -61.63 34.75
N GLY B 289 41.94 -61.50 33.94
CA GLY B 289 41.40 -62.66 33.26
C GLY B 289 42.40 -63.29 32.29
N GLN B 290 43.10 -62.46 31.52
CA GLN B 290 44.08 -62.94 30.57
C GLN B 290 45.32 -62.06 30.64
N SER B 291 46.44 -62.62 30.18
CA SER B 291 47.68 -61.88 30.12
C SER B 291 47.66 -60.90 28.95
N VAL B 292 48.74 -60.12 28.82
CA VAL B 292 48.83 -59.15 27.73
C VAL B 292 48.93 -59.87 26.39
N ALA B 293 49.67 -60.98 26.34
CA ALA B 293 49.87 -61.72 25.11
C ALA B 293 48.73 -62.67 24.78
N ASN B 294 47.72 -62.78 25.65
CA ASN B 294 46.60 -63.69 25.44
C ASN B 294 45.28 -62.95 25.57
N ILE B 295 45.24 -61.70 25.11
CA ILE B 295 44.03 -60.90 25.24
C ILE B 295 42.96 -61.43 24.31
N ASN B 296 41.77 -61.69 24.88
CA ASN B 296 40.63 -62.18 24.10
C ASN B 296 39.38 -61.57 24.73
N ILE B 297 38.79 -60.58 24.07
CA ILE B 297 37.72 -59.79 24.65
C ILE B 297 36.35 -60.20 24.11
N VAL B 298 36.24 -61.40 23.55
CA VAL B 298 34.96 -61.86 22.99
C VAL B 298 34.05 -62.24 24.16
N GLY B 299 33.14 -61.35 24.51
CA GLY B 299 32.16 -61.62 25.54
C GLY B 299 32.73 -61.84 26.93
N MET B 300 33.71 -61.04 27.33
CA MET B 300 34.30 -61.18 28.65
C MET B 300 33.37 -60.67 29.75
N GLY B 301 32.74 -59.53 29.52
CA GLY B 301 31.93 -58.88 30.53
C GLY B 301 32.63 -57.66 31.12
N ALA B 302 31.86 -56.90 31.89
CA ALA B 302 32.36 -55.64 32.44
C ALA B 302 33.50 -55.87 33.41
N ALA B 303 33.33 -56.78 34.37
CA ALA B 303 34.35 -57.01 35.39
C ALA B 303 35.63 -57.53 34.77
N ALA B 304 35.51 -58.47 33.82
CA ALA B 304 36.70 -58.98 33.14
C ALA B 304 37.40 -57.88 32.36
N LEU B 305 36.63 -56.99 31.72
CA LEU B 305 37.23 -55.89 30.99
C LEU B 305 37.99 -54.95 31.93
N ASP B 306 37.41 -54.64 33.09
CA ASP B 306 38.10 -53.78 34.05
C ASP B 306 39.38 -54.45 34.55
N ALA B 307 39.31 -55.75 34.85
CA ALA B 307 40.51 -56.46 35.31
C ALA B 307 41.59 -56.45 34.23
N LEU B 308 41.20 -56.68 32.98
CA LEU B 308 42.16 -56.66 31.88
C LEU B 308 42.78 -55.27 31.71
N ILE B 309 41.96 -54.22 31.83
CA ILE B 309 42.47 -52.86 31.71
C ILE B 309 43.47 -52.57 32.82
N SER B 310 43.15 -52.98 34.05
CA SER B 310 44.06 -52.75 35.17
C SER B 310 45.37 -53.51 34.97
N GLY B 311 45.28 -54.76 34.51
CA GLY B 311 46.50 -55.52 34.26
C GLY B 311 47.35 -54.91 33.16
N VAL B 312 46.71 -54.42 32.10
CA VAL B 312 47.44 -53.76 31.02
C VAL B 312 48.13 -52.50 31.53
N ASP B 313 47.44 -51.73 32.36
CA ASP B 313 48.05 -50.52 32.92
C ASP B 313 49.24 -50.87 33.81
N ALA B 314 49.11 -51.92 34.62
CA ALA B 314 50.23 -52.34 35.46
C ALA B 314 51.42 -52.76 34.62
N ALA B 315 51.17 -53.52 33.56
CA ALA B 315 52.25 -53.92 32.66
C ALA B 315 52.90 -52.71 32.01
N LEU B 316 52.08 -51.73 31.60
CA LEU B 316 52.63 -50.51 31.00
C LEU B 316 53.49 -49.75 32.00
N THR B 317 53.06 -49.68 33.25
CA THR B 317 53.84 -48.99 34.28
C THR B 317 55.18 -49.69 34.50
N ASP B 318 55.16 -51.02 34.59
CA ASP B 318 56.41 -51.77 34.77
C ASP B 318 57.33 -51.58 33.57
N MET B 319 56.76 -51.58 32.36
CA MET B 319 57.57 -51.41 31.16
C MET B 319 58.16 -50.01 31.08
N THR B 320 57.40 -49.01 31.52
CA THR B 320 57.93 -47.65 31.58
C THR B 320 59.06 -47.55 32.58
N SER B 321 58.93 -48.21 33.73
CA SER B 321 60.02 -48.24 34.70
C SER B 321 61.26 -48.90 34.10
N ALA B 322 61.07 -49.99 33.35
CA ALA B 322 62.19 -50.64 32.69
C ALA B 322 62.85 -49.73 31.67
N ALA B 323 62.04 -48.98 30.91
CA ALA B 323 62.60 -48.04 29.94
C ALA B 323 63.40 -46.95 30.63
N ALA B 324 62.89 -46.44 31.75
CA ALA B 324 63.64 -45.44 32.51
C ALA B 324 64.96 -46.01 33.02
N SER B 325 64.94 -47.25 33.50
CA SER B 325 66.17 -47.90 33.93
C SER B 325 67.15 -48.03 32.79
N LEU B 326 66.67 -48.41 31.60
CA LEU B 326 67.55 -48.53 30.44
C LEU B 326 68.15 -47.19 30.06
N GLY B 327 67.35 -46.12 30.11
CA GLY B 327 67.89 -44.80 29.85
C GLY B 327 68.95 -44.40 30.85
N SER B 328 68.72 -44.72 32.13
CA SER B 328 69.72 -44.45 33.15
C SER B 328 71.02 -45.22 32.89
N ILE B 329 70.89 -46.48 32.46
CA ILE B 329 72.07 -47.27 32.12
C ILE B 329 72.83 -46.62 30.95
N SER B 330 72.09 -46.16 29.93
CA SER B 330 72.74 -45.52 28.80
C SER B 330 73.48 -44.25 29.22
N SER B 331 72.85 -43.45 30.08
CA SER B 331 73.51 -42.25 30.60
C SER B 331 74.77 -42.61 31.37
N ARG B 332 74.70 -43.66 32.19
CA ARG B 332 75.87 -44.08 32.95
C ARG B 332 76.98 -44.55 32.02
N ILE B 333 76.63 -45.25 30.95
CA ILE B 333 77.63 -45.68 29.97
C ILE B 333 78.29 -44.47 29.32
N ASP B 334 77.50 -43.46 28.96
CA ASP B 334 78.07 -42.26 28.35
C ASP B 334 79.03 -41.57 29.31
N LEU B 335 78.62 -41.40 30.57
CA LEU B 335 79.49 -40.76 31.55
C LEU B 335 80.75 -41.58 31.78
N GLN B 336 80.62 -42.91 31.85
CA GLN B 336 81.79 -43.75 32.04
C GLN B 336 82.75 -43.65 30.87
N SER B 337 82.22 -43.58 29.64
CA SER B 337 83.07 -43.44 28.46
C SER B 337 83.83 -42.12 28.51
N GLU B 338 83.13 -41.04 28.86
CA GLU B 338 83.80 -39.74 28.93
C GLU B 338 84.88 -39.73 30.01
N PHE B 339 84.58 -40.34 31.16
CA PHE B 339 85.57 -40.39 32.25
C PHE B 339 86.76 -41.26 31.86
N VAL B 340 86.53 -42.36 31.17
CA VAL B 340 87.63 -43.21 30.73
C VAL B 340 88.49 -42.47 29.72
N ASN B 341 87.87 -41.70 28.83
CA ASN B 341 88.65 -40.88 27.90
C ASN B 341 89.52 -39.88 28.65
N LYS B 342 88.95 -39.21 29.66
CA LYS B 342 89.75 -38.27 30.45
C LYS B 342 90.89 -38.97 31.17
N LEU B 343 90.61 -40.15 31.73
CA LEU B 343 91.65 -40.88 32.46
C LEU B 343 92.77 -41.33 31.52
N SER B 344 92.41 -41.80 30.33
CA SER B 344 93.42 -42.18 29.35
C SER B 344 94.25 -40.99 28.92
N ASP B 345 93.61 -39.84 28.72
CA ASP B 345 94.37 -38.63 28.37
C ASP B 345 95.33 -38.24 29.48
N SER B 346 94.87 -38.31 30.73
CA SER B 346 95.74 -37.97 31.86
C SER B 346 96.90 -38.95 31.96
N ILE B 347 96.65 -40.24 31.76
CA ILE B 347 97.70 -41.24 31.82
C ILE B 347 98.72 -41.00 30.71
N GLU B 348 98.25 -40.70 29.50
CA GLU B 348 99.17 -40.44 28.39
C GLU B 348 100.00 -39.19 28.67
N SER B 349 99.39 -38.15 29.23
CA SER B 349 100.12 -36.94 29.57
C SER B 349 101.19 -37.23 30.63
N GLY B 350 100.84 -38.02 31.64
CA GLY B 350 101.82 -38.37 32.65
C GLY B 350 102.97 -39.19 32.09
N VAL B 351 102.65 -40.14 31.21
CA VAL B 351 103.70 -40.94 30.57
C VAL B 351 104.62 -40.04 29.74
N GLY B 352 104.04 -39.11 29.00
CA GLY B 352 104.85 -38.19 28.22
C GLY B 352 105.74 -37.33 29.10
N ARG B 353 105.20 -36.82 30.20
CA ARG B 353 106.00 -36.00 31.12
C ARG B 353 107.13 -36.81 31.73
N LEU B 354 106.88 -38.07 32.06
CA LEU B 354 107.91 -38.92 32.65
C LEU B 354 108.91 -39.46 31.64
N VAL B 355 108.56 -39.45 30.34
CA VAL B 355 109.34 -40.13 29.33
C VAL B 355 109.94 -39.17 28.30
N ASP B 356 109.16 -38.18 27.86
CA ASP B 356 109.61 -37.31 26.78
C ASP B 356 110.78 -36.43 27.22
N ALA B 357 111.48 -35.89 26.24
CA ALA B 357 112.66 -35.06 26.45
C ALA B 357 112.44 -33.68 25.83
N ASP B 358 112.85 -32.64 26.55
CA ASP B 358 112.76 -31.27 26.05
C ASP B 358 113.83 -31.08 24.98
N MET B 359 113.40 -31.09 23.72
CA MET B 359 114.31 -31.32 22.59
C MET B 359 115.43 -30.29 22.52
N ASN B 360 115.22 -29.09 23.06
CA ASN B 360 116.15 -27.99 22.86
C ASN B 360 117.50 -28.27 23.51
N GLU B 361 117.50 -28.79 24.74
CA GLU B 361 118.78 -29.06 25.39
C GLU B 361 119.50 -30.25 24.75
N GLU B 362 118.76 -31.20 24.18
CA GLU B 362 119.42 -32.23 23.39
C GLU B 362 120.09 -31.65 22.15
N SER B 363 119.43 -30.68 21.49
CA SER B 363 120.08 -30.01 20.37
C SER B 363 121.35 -29.29 20.81
N THR B 364 121.27 -28.58 21.94
CA THR B 364 122.43 -27.88 22.46
C THR B 364 123.57 -28.84 22.79
N ARG B 365 123.24 -29.98 23.41
CA ARG B 365 124.25 -30.98 23.70
C ARG B 365 124.83 -31.57 22.42
N LEU B 366 124.01 -31.74 21.39
CA LEU B 366 124.53 -32.25 20.12
C LEU B 366 125.57 -31.30 19.53
N LYS B 367 125.26 -30.00 19.54
CA LYS B 367 126.23 -29.02 19.05
C LYS B 367 127.49 -29.01 19.91
N ALA B 368 127.32 -29.07 21.23
CA ALA B 368 128.47 -29.03 22.13
C ALA B 368 129.38 -30.25 21.92
N LEU B 369 128.78 -31.44 21.76
CA LEU B 369 129.57 -32.64 21.52
C LEU B 369 130.24 -32.60 20.15
N GLN B 370 129.59 -32.01 19.13
CA GLN B 370 130.26 -31.85 17.86
C GLN B 370 131.52 -30.99 18.01
N THR B 371 131.39 -29.87 18.72
CA THR B 371 132.55 -28.99 18.92
C THR B 371 133.64 -29.71 19.73
N GLN B 372 133.24 -30.43 20.78
CA GLN B 372 134.20 -31.14 21.60
C GLN B 372 134.93 -32.20 20.80
N GLN B 373 134.21 -32.92 19.93
CA GLN B 373 134.83 -33.93 19.09
C GLN B 373 135.81 -33.30 18.12
N GLN B 374 135.46 -32.15 17.53
CA GLN B 374 136.38 -31.48 16.63
C GLN B 374 137.66 -31.09 17.36
N LEU B 375 137.52 -30.53 18.57
CA LEU B 375 138.69 -30.19 19.37
C LEU B 375 139.51 -31.43 19.69
N ALA B 376 138.84 -32.54 20.00
CA ALA B 376 139.55 -33.77 20.35
C ALA B 376 140.35 -34.29 19.18
N ILE B 377 139.76 -34.28 17.97
CA ILE B 377 140.49 -34.75 16.80
C ILE B 377 141.67 -33.85 16.51
N GLN B 378 141.50 -32.53 16.64
CA GLN B 378 142.62 -31.62 16.41
C GLN B 378 143.76 -31.89 17.40
N ALA B 379 143.42 -32.04 18.68
CA ALA B 379 144.44 -32.29 19.69
C ALA B 379 145.12 -33.63 19.47
N LEU B 380 144.35 -34.65 19.06
CA LEU B 380 144.93 -35.95 18.77
C LEU B 380 145.88 -35.90 17.58
N SER B 381 145.52 -35.13 16.55
CA SER B 381 146.43 -34.95 15.42
C SER B 381 147.72 -34.28 15.86
N ILE B 382 147.61 -33.25 16.71
CA ILE B 382 148.81 -32.58 17.22
C ILE B 382 149.66 -33.54 18.03
N ALA B 383 149.02 -34.36 18.88
CA ALA B 383 149.75 -35.28 19.74
C ALA B 383 150.43 -36.38 18.93
N ASN B 384 149.80 -36.81 17.83
CA ASN B 384 150.46 -37.77 16.96
C ASN B 384 151.62 -37.13 16.22
N SER B 385 151.47 -35.87 15.80
CA SER B 385 152.49 -35.24 14.96
C SER B 385 153.72 -34.83 15.75
N ASP B 386 153.55 -34.40 17.01
CA ASP B 386 154.66 -33.77 17.72
C ASP B 386 155.81 -34.72 18.04
N SER B 387 155.62 -36.04 17.90
CA SER B 387 156.65 -37.00 18.25
C SER B 387 157.75 -37.10 17.21
N GLN B 388 157.59 -36.46 16.06
CA GLN B 388 158.58 -36.54 14.98
C GLN B 388 159.75 -35.58 15.17
N ASN B 389 159.72 -34.74 16.20
CA ASN B 389 160.77 -33.73 16.37
C ASN B 389 162.12 -34.34 16.70
N VAL B 390 162.12 -35.51 17.35
CA VAL B 390 163.37 -36.10 17.82
C VAL B 390 164.29 -36.51 16.68
N LEU B 391 163.76 -36.67 15.46
CA LEU B 391 164.58 -37.11 14.34
C LEU B 391 165.62 -36.07 13.94
N SER B 392 165.43 -34.81 14.31
CA SER B 392 166.35 -33.75 13.88
C SER B 392 167.73 -33.94 14.50
N LEU B 393 167.78 -34.39 15.76
CA LEU B 393 169.06 -34.48 16.46
C LEU B 393 169.99 -35.49 15.81
N PHE B 394 169.46 -36.64 15.40
CA PHE B 394 170.31 -37.70 14.86
C PHE B 394 170.79 -37.42 13.45
N ARG B 395 170.10 -36.56 12.71
CA ARG B 395 170.53 -36.22 11.35
C ARG B 395 171.60 -35.14 11.36
N THR C 2 181.30 -16.35 -19.57
CA THR C 2 180.29 -15.90 -18.61
C THR C 2 180.77 -14.68 -17.84
N SER C 3 179.99 -13.60 -17.89
CA SER C 3 180.33 -12.37 -17.21
C SER C 3 179.67 -12.35 -15.84
N ILE C 4 180.48 -12.12 -14.80
CA ILE C 4 179.97 -12.08 -13.43
C ILE C 4 179.41 -10.71 -13.06
N LEU C 5 179.67 -9.68 -13.88
CA LEU C 5 179.23 -8.33 -13.57
C LEU C 5 177.95 -7.92 -14.29
N THR C 6 177.58 -8.61 -15.36
CA THR C 6 176.38 -8.28 -16.11
C THR C 6 175.57 -9.54 -16.37
N ASN C 7 174.25 -9.37 -16.42
CA ASN C 7 173.30 -10.46 -16.70
C ASN C 7 172.20 -9.90 -17.60
N ASN C 8 172.40 -10.01 -18.91
CA ASN C 8 171.44 -9.45 -19.86
C ASN C 8 170.07 -10.12 -19.73
N SER C 9 170.05 -11.42 -19.45
CA SER C 9 168.79 -12.10 -19.21
C SER C 9 168.07 -11.51 -18.01
N ALA C 10 168.82 -11.11 -16.98
CA ALA C 10 168.22 -10.47 -15.83
C ALA C 10 167.55 -9.15 -16.20
N MET C 11 168.22 -8.34 -17.03
CA MET C 11 167.61 -7.08 -17.46
C MET C 11 166.37 -7.32 -18.31
N ALA C 12 166.41 -8.31 -19.19
CA ALA C 12 165.23 -8.63 -20.00
C ALA C 12 164.07 -9.07 -19.11
N ALA C 13 164.34 -9.92 -18.12
CA ALA C 13 163.30 -10.36 -17.21
C ALA C 13 162.75 -9.19 -16.41
N LEU C 14 163.62 -8.28 -15.96
CA LEU C 14 163.16 -7.11 -15.22
C LEU C 14 162.26 -6.24 -16.08
N SER C 15 162.65 -6.01 -17.33
CA SER C 15 161.81 -5.20 -18.22
C SER C 15 160.45 -5.85 -18.44
N GLY C 16 160.44 -7.18 -18.64
CA GLY C 16 159.18 -7.88 -18.76
C GLY C 16 158.33 -7.75 -17.51
N VAL C 17 158.96 -7.83 -16.34
CA VAL C 17 158.23 -7.71 -15.07
C VAL C 17 157.62 -6.33 -14.94
N ARG C 18 158.37 -5.27 -15.29
CA ARG C 18 157.82 -3.92 -15.22
C ARG C 18 156.66 -3.75 -16.18
N SER C 19 156.77 -4.27 -17.40
CA SER C 19 155.67 -4.16 -18.35
C SER C 19 154.43 -4.87 -17.84
N ILE C 20 154.60 -6.09 -17.31
CA ILE C 20 153.47 -6.84 -16.78
C ILE C 20 152.87 -6.11 -15.58
N SER C 21 153.71 -5.52 -14.74
CA SER C 21 153.21 -4.81 -13.57
C SER C 21 152.39 -3.59 -13.96
N SER C 22 152.87 -2.82 -14.94
CA SER C 22 152.11 -1.67 -15.41
C SER C 22 150.78 -2.09 -16.01
N SER C 23 150.79 -3.13 -16.85
CA SER C 23 149.54 -3.60 -17.45
C SER C 23 148.59 -4.12 -16.38
N MET C 24 149.13 -4.80 -15.36
CA MET C 24 148.29 -5.33 -14.29
C MET C 24 147.69 -4.21 -13.46
N GLU C 25 148.46 -3.16 -13.16
CA GLU C 25 147.90 -2.03 -12.43
C GLU C 25 146.78 -1.38 -13.23
N ASP C 26 146.99 -1.22 -14.54
CA ASP C 26 145.95 -0.65 -15.39
C ASP C 26 144.69 -1.51 -15.36
N THR C 27 144.84 -2.83 -15.51
CA THR C 27 143.66 -3.68 -15.57
C THR C 27 142.97 -3.79 -14.22
N GLN C 28 143.72 -3.67 -13.11
CA GLN C 28 143.09 -3.60 -11.80
C GLN C 28 142.25 -2.34 -11.66
N SER C 29 142.77 -1.21 -12.13
CA SER C 29 141.95 0.01 -12.14
C SER C 29 140.68 -0.20 -12.97
N ARG C 30 140.85 -0.81 -14.16
CA ARG C 30 139.72 -1.05 -15.04
C ARG C 30 138.67 -1.95 -14.40
N ILE C 31 139.12 -3.01 -13.73
CA ILE C 31 138.21 -4.00 -13.15
C ILE C 31 137.60 -3.52 -11.84
N SER C 32 138.22 -2.52 -11.19
CA SER C 32 137.72 -2.03 -9.91
C SER C 32 136.85 -0.80 -10.06
N SER C 33 136.95 -0.06 -11.17
CA SER C 33 136.16 1.16 -11.29
C SER C 33 135.56 1.29 -12.69
N GLY C 34 135.37 0.16 -13.38
CA GLY C 34 134.84 0.18 -14.73
C GLY C 34 135.68 1.04 -15.66
N LEU C 35 135.06 2.06 -16.27
CA LEU C 35 135.80 3.08 -17.02
C LEU C 35 136.82 2.54 -18.00
N ARG C 36 136.36 1.95 -19.11
CA ARG C 36 137.27 1.60 -20.19
C ARG C 36 138.15 2.78 -20.57
N VAL C 37 137.56 3.98 -20.57
CA VAL C 37 138.33 5.21 -20.76
C VAL C 37 138.72 5.75 -19.39
N GLY C 38 140.03 5.80 -19.14
CA GLY C 38 140.55 6.22 -17.85
C GLY C 38 140.26 7.68 -17.56
N SER C 39 140.65 8.10 -16.36
CA SER C 39 140.41 9.45 -15.84
C SER C 39 140.83 10.46 -16.92
N ALA C 40 142.12 10.57 -17.25
CA ALA C 40 142.53 11.51 -18.28
C ALA C 40 143.70 10.99 -19.11
N SER C 41 144.13 9.75 -18.85
CA SER C 41 145.33 9.22 -19.48
C SER C 41 145.04 8.40 -20.72
N ASP C 42 143.78 8.10 -21.00
CA ASP C 42 143.42 7.41 -22.23
C ASP C 42 143.10 8.40 -23.33
N ASN C 43 142.47 7.93 -24.41
CA ASN C 43 142.18 8.77 -25.56
C ASN C 43 141.36 10.01 -25.21
N ALA C 44 141.97 11.18 -25.42
CA ALA C 44 141.42 12.43 -24.92
C ALA C 44 140.07 12.76 -25.54
N ALA C 45 139.93 12.51 -26.85
CA ALA C 45 138.73 12.94 -27.56
C ALA C 45 137.47 12.30 -26.98
N TYR C 46 137.48 10.98 -26.80
CA TYR C 46 136.30 10.30 -26.30
C TYR C 46 136.01 10.67 -24.85
N TRP C 47 137.06 10.86 -24.04
CA TRP C 47 136.85 11.30 -22.67
C TRP C 47 136.20 12.69 -22.62
N SER C 48 136.67 13.59 -23.49
CA SER C 48 136.08 14.93 -23.56
C SER C 48 134.62 14.86 -23.97
N ILE C 49 134.31 14.03 -24.97
CA ILE C 49 132.92 13.86 -25.39
C ILE C 49 132.08 13.34 -24.24
N ALA C 50 132.60 12.36 -23.51
CA ALA C 50 131.88 11.80 -22.37
C ALA C 50 131.63 12.86 -21.30
N THR C 51 132.63 13.68 -21.00
CA THR C 51 132.47 14.72 -19.99
C THR C 51 131.42 15.74 -20.42
N THR C 52 131.46 16.16 -21.69
CA THR C 52 130.47 17.10 -22.19
C THR C 52 129.07 16.51 -22.11
N MET C 53 128.93 15.23 -22.46
CA MET C 53 127.62 14.59 -22.38
C MET C 53 127.14 14.45 -20.95
N ARG C 54 128.04 14.20 -19.99
CA ARG C 54 127.64 14.16 -18.59
C ARG C 54 127.16 15.53 -18.12
N SER C 55 127.86 16.59 -18.54
CA SER C 55 127.39 17.93 -18.19
C SER C 55 126.01 18.20 -18.79
N ASP C 56 125.80 17.79 -20.04
CA ASP C 56 124.49 17.94 -20.67
C ASP C 56 123.42 17.14 -19.92
N ASN C 57 123.78 15.95 -19.45
CA ASN C 57 122.83 15.14 -18.70
C ASN C 57 122.44 15.82 -17.39
N GLN C 58 123.41 16.42 -16.70
CA GLN C 58 123.09 17.18 -15.50
C GLN C 58 122.16 18.35 -15.83
N ALA C 59 122.44 19.04 -16.94
CA ALA C 59 121.56 20.12 -17.36
C ALA C 59 120.15 19.63 -17.63
N LEU C 60 120.02 18.46 -18.27
CA LEU C 60 118.70 17.89 -18.54
C LEU C 60 117.99 17.52 -17.24
N SER C 61 118.73 17.03 -16.25
CA SER C 61 118.10 16.76 -14.95
C SER C 61 117.56 18.04 -14.32
N ALA C 62 118.33 19.11 -14.39
CA ALA C 62 117.85 20.40 -13.88
C ALA C 62 116.61 20.85 -14.65
N VAL C 63 116.61 20.66 -15.97
CA VAL C 63 115.45 21.01 -16.78
C VAL C 63 114.25 20.17 -16.39
N GLN C 64 114.47 18.91 -16.05
CA GLN C 64 113.37 18.06 -15.60
C GLN C 64 112.77 18.58 -14.30
N ASP C 65 113.62 18.99 -13.36
CA ASP C 65 113.11 19.58 -12.12
C ASP C 65 112.31 20.85 -12.41
N ALA C 66 112.83 21.70 -13.29
CA ALA C 66 112.11 22.93 -13.65
C ALA C 66 110.78 22.60 -14.33
N LEU C 67 110.75 21.56 -15.17
CA LEU C 67 109.53 21.15 -15.82
C LEU C 67 108.49 20.68 -14.81
N GLY C 68 108.93 19.92 -13.79
CA GLY C 68 108.02 19.52 -12.75
C GLY C 68 107.44 20.71 -12.00
N LEU C 69 108.29 21.68 -11.67
CA LEU C 69 107.81 22.89 -10.99
C LEU C 69 106.80 23.63 -11.85
N GLY C 70 107.10 23.80 -13.14
CA GLY C 70 106.18 24.47 -14.03
C GLY C 70 104.86 23.73 -14.19
N ALA C 71 104.92 22.40 -14.23
CA ALA C 71 103.71 21.60 -14.33
C ALA C 71 102.84 21.79 -13.09
N ALA C 72 103.46 21.83 -11.91
CA ALA C 72 102.70 22.09 -10.70
C ALA C 72 102.05 23.47 -10.75
N LYS C 73 102.79 24.48 -11.20
CA LYS C 73 102.23 25.84 -11.30
C LYS C 73 101.04 25.87 -12.25
N VAL C 74 101.18 25.23 -13.41
CA VAL C 74 100.10 25.23 -14.39
C VAL C 74 98.90 24.47 -13.86
N ASP C 75 99.12 23.37 -13.15
CA ASP C 75 98.00 22.62 -12.57
C ASP C 75 97.23 23.48 -11.56
N THR C 76 97.95 24.19 -10.70
CA THR C 76 97.27 25.06 -9.74
C THR C 76 96.49 26.16 -10.45
N ALA C 77 97.10 26.78 -11.46
CA ALA C 77 96.42 27.84 -12.21
C ALA C 77 95.18 27.31 -12.90
N TYR C 78 95.26 26.10 -13.46
CA TYR C 78 94.12 25.52 -14.17
C TYR C 78 92.99 25.15 -13.21
N SER C 79 93.33 24.67 -12.02
CA SER C 79 92.30 24.42 -11.01
C SER C 79 91.59 25.71 -10.63
N GLY C 80 92.36 26.77 -10.41
CA GLY C 80 91.74 28.08 -10.17
C GLY C 80 90.88 28.53 -11.32
N MET C 81 91.33 28.24 -12.55
CA MET C 81 90.56 28.60 -13.73
C MET C 81 89.21 27.89 -13.76
N GLU C 82 89.19 26.60 -13.45
CA GLU C 82 87.92 25.87 -13.40
C GLU C 82 87.02 26.42 -12.31
N SER C 83 87.58 26.74 -11.15
CA SER C 83 86.75 27.32 -10.09
C SER C 83 86.12 28.63 -10.53
N ALA C 84 86.91 29.49 -11.17
CA ALA C 84 86.39 30.77 -11.65
C ALA C 84 85.31 30.56 -12.70
N ILE C 85 85.51 29.61 -13.61
CA ILE C 85 84.53 29.35 -14.65
C ILE C 85 83.22 28.87 -14.04
N GLU C 86 83.29 27.98 -13.06
CA GLU C 86 82.07 27.50 -12.41
C GLU C 86 81.35 28.64 -11.70
N VAL C 87 82.09 29.50 -11.00
CA VAL C 87 81.45 30.60 -10.28
C VAL C 87 80.77 31.55 -11.27
N VAL C 88 81.45 31.86 -12.38
CA VAL C 88 80.88 32.79 -13.35
C VAL C 88 79.66 32.16 -14.04
N LYS C 89 79.71 30.86 -14.29
CA LYS C 89 78.53 30.18 -14.83
C LYS C 89 77.35 30.29 -13.87
N GLU C 90 77.60 30.14 -12.57
CA GLU C 90 76.55 30.32 -11.58
C GLU C 90 76.02 31.74 -11.61
N ILE C 91 76.92 32.73 -11.75
CA ILE C 91 76.49 34.13 -11.81
C ILE C 91 75.59 34.35 -13.01
N LYS C 92 75.98 33.81 -14.17
CA LYS C 92 75.18 33.99 -15.38
C LYS C 92 73.82 33.33 -15.24
N ALA C 93 73.77 32.14 -14.65
CA ALA C 93 72.50 31.47 -14.41
C ALA C 93 71.60 32.29 -13.49
N LYS C 94 72.19 32.85 -12.43
CA LYS C 94 71.41 33.67 -11.51
C LYS C 94 70.87 34.91 -12.21
N LEU C 95 71.69 35.56 -13.02
CA LEU C 95 71.24 36.78 -13.69
C LEU C 95 70.16 36.48 -14.72
N VAL C 96 70.31 35.40 -15.49
CA VAL C 96 69.31 35.07 -16.50
C VAL C 96 68.03 34.59 -15.81
N ALA C 97 68.12 34.08 -14.59
CA ALA C 97 66.91 33.83 -13.81
C ALA C 97 66.28 35.15 -13.37
N ALA C 98 67.11 36.12 -12.99
CA ALA C 98 66.63 37.39 -12.47
C ALA C 98 66.16 38.35 -13.54
N THR C 99 66.34 38.03 -14.83
CA THR C 99 65.87 38.93 -15.88
C THR C 99 64.36 39.14 -15.80
N GLU C 100 63.64 38.21 -15.17
CA GLU C 100 62.20 38.40 -14.94
C GLU C 100 61.96 39.58 -14.02
N ASP C 101 60.91 40.35 -14.33
CA ASP C 101 60.57 41.51 -13.53
C ASP C 101 59.82 41.16 -12.25
N GLY C 102 59.33 39.93 -12.12
CA GLY C 102 58.61 39.49 -10.94
C GLY C 102 59.48 39.04 -9.80
N VAL C 103 60.80 39.12 -9.95
CA VAL C 103 61.75 38.66 -8.95
C VAL C 103 62.42 39.87 -8.32
N ASP C 104 62.40 39.94 -6.99
CA ASP C 104 63.07 41.03 -6.29
C ASP C 104 64.57 40.96 -6.56
N LYS C 105 65.16 42.09 -6.92
CA LYS C 105 66.54 42.13 -7.39
C LYS C 105 67.56 42.34 -6.28
N ALA C 106 67.12 42.65 -5.05
CA ALA C 106 68.09 42.81 -3.97
C ALA C 106 68.75 41.49 -3.61
N LYS C 107 67.96 40.41 -3.55
CA LYS C 107 68.52 39.10 -3.26
C LYS C 107 69.52 38.69 -4.34
N ILE C 108 69.17 38.88 -5.61
CA ILE C 108 70.09 38.56 -6.68
C ILE C 108 71.34 39.42 -6.59
N GLN C 109 71.17 40.70 -6.28
CA GLN C 109 72.32 41.60 -6.18
C GLN C 109 73.29 41.13 -5.11
N GLU C 110 72.77 40.72 -3.95
CA GLU C 110 73.67 40.22 -2.91
C GLU C 110 74.28 38.87 -3.29
N GLU C 111 73.56 38.05 -4.06
CA GLU C 111 74.16 36.80 -4.54
C GLU C 111 75.37 37.08 -5.44
N ILE C 112 75.23 37.98 -6.42
CA ILE C 112 76.39 38.32 -7.23
C ILE C 112 77.46 39.03 -6.41
N THR C 113 77.08 39.78 -5.37
CA THR C 113 78.10 40.37 -4.50
C THR C 113 78.94 39.28 -3.84
N GLN C 114 78.28 38.26 -3.28
CA GLN C 114 79.00 37.15 -2.67
C GLN C 114 79.85 36.40 -3.71
N LEU C 115 79.30 36.19 -4.89
CA LEU C 115 80.03 35.46 -5.92
C LEU C 115 81.24 36.26 -6.43
N LYS C 116 81.11 37.58 -6.51
CA LYS C 116 82.25 38.41 -6.88
C LYS C 116 83.32 38.38 -5.81
N ASP C 117 82.93 38.39 -4.54
CA ASP C 117 83.92 38.24 -3.47
C ASP C 117 84.61 36.88 -3.59
N GLN C 118 83.86 35.83 -3.90
CA GLN C 118 84.45 34.51 -4.08
C GLN C 118 85.42 34.51 -5.26
N LEU C 119 85.05 35.17 -6.36
CA LEU C 119 85.94 35.25 -7.52
C LEU C 119 87.23 35.97 -7.16
N THR C 120 87.13 37.07 -6.42
CA THR C 120 88.33 37.79 -6.01
C THR C 120 89.21 36.93 -5.12
N SER C 121 88.61 36.21 -4.18
CA SER C 121 89.38 35.33 -3.31
C SER C 121 90.07 34.22 -4.10
N ILE C 122 89.36 33.64 -5.06
CA ILE C 122 89.96 32.59 -5.89
C ILE C 122 91.11 33.16 -6.71
N ALA C 123 90.93 34.36 -7.27
CA ALA C 123 91.97 34.96 -8.09
C ALA C 123 93.22 35.27 -7.27
N ASP C 124 93.05 35.81 -6.07
CA ASP C 124 94.22 36.18 -5.28
C ASP C 124 94.81 35.01 -4.50
N ALA C 125 94.09 33.90 -4.36
CA ALA C 125 94.59 32.76 -3.59
C ALA C 125 95.26 31.70 -4.44
N ALA C 126 94.95 31.65 -5.74
CA ALA C 126 95.51 30.63 -6.62
C ALA C 126 96.95 30.99 -6.98
N SER C 127 97.82 30.92 -5.97
CA SER C 127 99.24 31.21 -6.14
C SER C 127 100.03 30.03 -5.60
N PHE C 128 100.87 29.44 -6.45
CA PHE C 128 101.66 28.29 -6.02
C PHE C 128 102.91 28.74 -5.28
N SER C 129 103.81 29.43 -5.98
CA SER C 129 105.08 29.88 -5.41
C SER C 129 105.35 31.32 -5.79
N GLY C 130 104.34 32.17 -5.64
CA GLY C 130 104.45 33.56 -6.07
C GLY C 130 104.10 33.77 -7.53
N GLU C 131 104.69 32.96 -8.41
CA GLU C 131 104.34 33.00 -9.82
C GLU C 131 102.98 32.34 -10.02
N ASN C 132 101.90 33.13 -9.93
CA ASN C 132 100.55 32.59 -9.92
C ASN C 132 99.89 32.59 -11.29
N TRP C 133 100.46 33.29 -12.28
CA TRP C 133 99.91 33.36 -13.63
C TRP C 133 98.52 33.98 -13.67
N LEU C 134 98.11 34.62 -12.58
CA LEU C 134 96.82 35.29 -12.50
C LEU C 134 96.99 36.58 -11.71
N GLN C 135 96.09 37.53 -11.95
CA GLN C 135 96.12 38.84 -11.31
C GLN C 135 97.48 39.52 -11.53
N ALA C 136 97.86 39.62 -12.80
CA ALA C 136 99.14 40.20 -13.15
C ALA C 136 99.02 41.72 -13.26
N ASP C 137 100.13 42.37 -13.61
CA ASP C 137 100.18 43.82 -13.80
C ASP C 137 100.13 44.10 -15.29
N LEU C 138 99.03 44.71 -15.74
CA LEU C 138 98.84 45.02 -17.16
C LEU C 138 99.15 46.48 -17.47
N SER C 139 99.76 47.21 -16.54
CA SER C 139 100.15 48.59 -16.82
C SER C 139 101.19 48.64 -17.94
N GLY C 140 102.15 47.71 -17.93
CA GLY C 140 103.11 47.65 -19.01
C GLY C 140 102.50 47.31 -20.35
N GLY C 141 101.46 46.47 -20.34
CA GLY C 141 100.76 46.12 -21.57
C GLY C 141 100.69 44.62 -21.82
N ALA C 142 101.77 43.91 -21.51
CA ALA C 142 101.81 42.47 -21.71
C ALA C 142 102.95 41.89 -20.89
N VAL C 143 102.66 40.82 -20.15
CA VAL C 143 103.67 40.09 -19.38
C VAL C 143 103.62 38.63 -19.81
N THR C 144 104.79 38.04 -20.00
CA THR C 144 104.91 36.68 -20.51
C THR C 144 105.62 35.81 -19.47
N LYS C 145 104.95 34.76 -19.02
CA LYS C 145 105.55 33.78 -18.12
C LYS C 145 106.14 32.64 -18.93
N SER C 146 107.31 32.17 -18.50
CA SER C 146 108.04 31.14 -19.23
C SER C 146 108.33 29.96 -18.33
N VAL C 147 108.26 28.76 -18.90
CA VAL C 147 108.60 27.52 -18.22
C VAL C 147 109.76 26.87 -18.96
N VAL C 148 110.81 26.50 -18.22
CA VAL C 148 111.98 25.90 -18.84
C VAL C 148 111.58 24.58 -19.49
N GLY C 149 111.72 24.50 -20.80
CA GLY C 149 111.30 23.32 -21.53
C GLY C 149 112.40 22.31 -21.79
N SER C 150 113.51 22.76 -22.36
CA SER C 150 114.60 21.84 -22.69
C SER C 150 115.91 22.61 -22.73
N PHE C 151 117.00 21.86 -22.65
CA PHE C 151 118.35 22.40 -22.78
C PHE C 151 118.94 21.89 -24.09
N VAL C 152 119.30 22.82 -24.98
CA VAL C 152 119.73 22.48 -26.33
C VAL C 152 121.15 22.98 -26.53
N ARG C 153 122.03 22.10 -27.01
CA ARG C 153 123.38 22.46 -27.38
C ARG C 153 123.43 22.58 -28.90
N ASP C 154 123.56 23.81 -29.39
CA ASP C 154 123.59 24.04 -30.83
C ASP C 154 124.83 23.41 -31.45
N GLY C 155 124.68 22.97 -32.70
CA GLY C 155 125.77 22.31 -33.39
C GLY C 155 127.00 23.19 -33.56
N SER C 156 126.80 24.50 -33.72
CA SER C 156 127.91 25.43 -33.92
C SER C 156 128.52 25.89 -32.60
N GLY C 157 128.85 24.92 -31.75
CA GLY C 157 129.59 25.20 -30.52
C GLY C 157 128.95 26.20 -29.58
N SER C 158 127.66 26.05 -29.29
CA SER C 158 126.98 26.96 -28.39
C SER C 158 125.85 26.23 -27.70
N VAL C 159 125.43 26.77 -26.55
CA VAL C 159 124.38 26.19 -25.74
C VAL C 159 123.34 27.26 -25.42
N ALA C 160 122.12 26.80 -25.14
CA ALA C 160 121.01 27.69 -24.82
C ALA C 160 119.95 26.89 -24.10
N VAL C 161 118.96 27.60 -23.55
CA VAL C 161 117.84 26.99 -22.86
C VAL C 161 116.54 27.47 -23.52
N LYS C 162 115.63 26.54 -23.76
CA LYS C 162 114.35 26.84 -24.39
C LYS C 162 113.26 26.97 -23.34
N LYS C 163 112.26 27.79 -23.64
CA LYS C 163 111.18 28.05 -22.72
C LYS C 163 109.84 27.99 -23.45
N VAL C 164 108.78 27.73 -22.68
CA VAL C 164 107.41 27.73 -23.18
C VAL C 164 106.72 28.98 -22.66
N ASP C 165 106.19 29.79 -23.56
CA ASP C 165 105.68 31.10 -23.22
C ASP C 165 104.16 31.08 -23.10
N TYR C 166 103.66 31.67 -22.01
CA TYR C 166 102.23 31.87 -21.81
C TYR C 166 101.99 33.37 -21.66
N SER C 167 101.15 33.92 -22.53
CA SER C 167 100.94 35.36 -22.58
C SER C 167 99.78 35.75 -21.66
N LEU C 168 100.06 36.65 -20.71
CA LEU C 168 99.04 37.17 -19.81
C LEU C 168 98.58 38.52 -20.35
N ASN C 169 97.77 38.47 -21.40
CA ASN C 169 97.26 39.67 -22.04
C ASN C 169 95.97 40.11 -21.34
N ALA C 170 95.24 41.03 -21.96
CA ALA C 170 93.98 41.52 -21.42
C ALA C 170 92.82 40.55 -21.62
N ASN C 171 93.10 39.30 -22.01
CA ASN C 171 92.06 38.31 -22.21
C ASN C 171 92.07 37.18 -21.19
N SER C 172 93.19 36.96 -20.50
CA SER C 172 93.32 35.90 -19.52
C SER C 172 94.05 36.41 -18.28
N VAL C 173 93.66 37.59 -17.81
CA VAL C 173 94.38 38.25 -16.72
C VAL C 173 93.68 37.97 -15.38
N LEU C 174 92.35 37.84 -15.40
CA LEU C 174 91.60 37.53 -14.19
C LEU C 174 91.83 38.55 -13.07
N PHE C 175 91.24 39.74 -13.21
CA PHE C 175 91.36 40.81 -12.23
C PHE C 175 92.76 41.41 -12.17
N ASP C 176 93.18 42.06 -13.25
CA ASP C 176 94.38 42.91 -13.25
C ASP C 176 94.39 43.81 -12.02
N THR C 177 95.53 43.85 -11.34
CA THR C 177 95.62 44.41 -10.00
C THR C 177 95.87 45.92 -9.97
N VAL C 178 96.18 46.54 -11.11
CA VAL C 178 96.58 47.96 -11.08
C VAL C 178 95.56 48.83 -11.80
N GLY C 179 95.39 48.60 -13.10
CA GLY C 179 94.52 49.45 -13.90
C GLY C 179 93.10 48.97 -14.05
N ASP C 180 92.80 47.76 -13.58
CA ASP C 180 91.48 47.14 -13.76
C ASP C 180 91.10 47.09 -15.23
N THR C 181 92.11 46.93 -16.09
CA THR C 181 91.91 46.76 -17.52
C THR C 181 92.37 45.34 -17.88
N GLY C 182 91.44 44.55 -18.39
CA GLY C 182 91.70 43.16 -18.68
C GLY C 182 90.43 42.42 -19.04
N ILE C 183 90.20 41.27 -18.42
CA ILE C 183 88.92 40.59 -18.56
C ILE C 183 87.78 41.50 -18.09
N LEU C 184 88.01 42.25 -17.02
CA LEU C 184 87.04 43.24 -16.57
C LEU C 184 87.03 44.45 -17.48
N ASP C 185 85.89 45.16 -17.47
CA ASP C 185 85.75 46.49 -18.07
C ASP C 185 85.76 46.38 -19.59
N LYS C 186 86.05 45.20 -20.13
CA LYS C 186 86.00 44.98 -21.56
C LYS C 186 84.68 44.32 -21.92
N VAL C 187 84.08 44.77 -23.02
CA VAL C 187 82.78 44.24 -23.42
C VAL C 187 82.94 43.24 -24.57
N TYR C 188 83.50 43.69 -25.69
CA TYR C 188 83.59 42.87 -26.91
C TYR C 188 82.26 42.21 -27.24
N ASN C 189 81.16 42.90 -26.93
CA ASN C 189 79.84 42.30 -27.04
C ASN C 189 79.49 42.02 -28.50
N VAL C 190 78.80 40.90 -28.71
CA VAL C 190 78.47 40.47 -30.07
C VAL C 190 77.47 41.43 -30.70
N SER C 191 76.53 41.96 -29.93
CA SER C 191 75.48 42.80 -30.48
C SER C 191 75.06 43.81 -29.43
N GLN C 192 73.91 44.45 -29.66
CA GLN C 192 73.36 45.47 -28.78
C GLN C 192 71.90 45.14 -28.51
N ALA C 193 71.37 45.71 -27.43
CA ALA C 193 69.96 45.51 -27.09
C ALA C 193 69.08 45.98 -28.23
N SER C 194 68.10 45.16 -28.59
CA SER C 194 67.25 45.42 -29.74
C SER C 194 65.79 45.24 -29.35
N VAL C 195 64.92 45.98 -30.04
CA VAL C 195 63.47 45.90 -29.85
C VAL C 195 62.81 45.92 -31.21
N THR C 196 61.81 45.06 -31.39
CA THR C 196 61.04 44.98 -32.62
C THR C 196 59.76 45.79 -32.46
N LEU C 197 59.54 46.74 -33.36
CA LEU C 197 58.43 47.68 -33.27
C LEU C 197 57.42 47.42 -34.38
N THR C 198 56.21 47.89 -34.15
CA THR C 198 55.12 47.84 -35.14
C THR C 198 54.89 49.28 -35.61
N VAL C 199 55.67 49.69 -36.63
CA VAL C 199 55.62 51.04 -37.16
C VAL C 199 55.23 50.95 -38.63
N ASN C 200 54.21 51.71 -39.02
CA ASN C 200 53.73 51.73 -40.39
C ASN C 200 54.22 53.00 -41.07
N THR C 201 55.14 52.84 -42.03
CA THR C 201 55.59 53.98 -42.81
C THR C 201 54.45 54.56 -43.64
N ASN C 202 53.60 53.69 -44.18
CA ASN C 202 52.44 54.12 -44.95
C ASN C 202 51.18 53.48 -44.36
N GLY C 203 50.08 53.53 -45.10
CA GLY C 203 48.82 52.97 -44.63
C GLY C 203 48.88 51.51 -44.25
N VAL C 204 49.89 50.79 -44.75
CA VAL C 204 50.08 49.38 -44.44
C VAL C 204 51.11 49.26 -43.33
N GLU C 205 50.85 48.35 -42.39
CA GLU C 205 51.74 48.14 -41.25
C GLU C 205 52.95 47.30 -41.66
N SER C 206 54.00 47.39 -40.85
CA SER C 206 55.23 46.66 -41.12
C SER C 206 55.98 46.46 -39.80
N GLN C 207 56.92 45.51 -39.82
CA GLN C 207 57.75 45.19 -38.67
C GLN C 207 59.15 45.72 -38.91
N HIS C 208 59.71 46.40 -37.92
CA HIS C 208 61.05 46.97 -38.01
C HIS C 208 61.84 46.65 -36.75
N THR C 209 63.15 46.52 -36.91
CA THR C 209 64.06 46.24 -35.80
C THR C 209 64.97 47.44 -35.60
N VAL C 210 64.99 47.96 -34.38
CA VAL C 210 65.80 49.12 -34.03
C VAL C 210 66.44 48.87 -32.67
N ALA C 211 67.69 49.31 -32.50
CA ALA C 211 68.39 49.14 -31.24
C ALA C 211 67.71 49.96 -30.14
N ALA C 212 67.72 49.41 -28.93
CA ALA C 212 67.12 50.04 -27.77
C ALA C 212 68.20 50.56 -26.84
N TYR C 213 67.93 51.72 -26.21
CA TYR C 213 68.87 52.37 -25.32
C TYR C 213 68.25 52.47 -23.93
N SER C 214 69.03 52.07 -22.92
CA SER C 214 68.55 52.12 -21.55
C SER C 214 68.37 53.55 -21.08
N LEU C 215 67.33 53.78 -20.27
CA LEU C 215 67.08 55.11 -19.74
C LEU C 215 68.22 55.58 -18.84
N GLU C 216 68.87 54.66 -18.14
CA GLU C 216 69.98 55.04 -17.27
C GLU C 216 71.13 55.61 -18.08
N SER C 217 71.43 55.02 -19.24
CA SER C 217 72.51 55.53 -20.08
C SER C 217 72.22 56.95 -20.54
N LEU C 218 70.97 57.23 -20.92
CA LEU C 218 70.61 58.58 -21.34
C LEU C 218 70.69 59.56 -20.19
N THR C 219 70.09 59.22 -19.05
CA THR C 219 70.05 60.14 -17.92
C THR C 219 71.42 60.35 -17.29
N GLU C 220 72.36 59.43 -17.48
CA GLU C 220 73.68 59.59 -16.90
C GLU C 220 74.47 60.68 -17.61
N ALA C 221 74.29 60.83 -18.91
CA ALA C 221 75.06 61.77 -19.72
C ALA C 221 74.43 63.15 -19.78
N GLY C 222 73.56 63.49 -18.84
CA GLY C 222 72.95 64.81 -18.81
C GLY C 222 71.96 65.03 -19.94
N ALA C 223 70.85 64.32 -19.91
CA ALA C 223 69.86 64.38 -20.98
C ALA C 223 68.64 65.18 -20.52
N GLU C 224 68.25 66.17 -21.31
CA GLU C 224 67.00 66.87 -21.07
C GLU C 224 65.82 65.98 -21.46
N PHE C 225 64.73 66.09 -20.71
CA PHE C 225 63.55 65.28 -20.93
C PHE C 225 62.31 66.14 -20.97
N GLN C 226 61.34 65.71 -21.78
CA GLN C 226 60.04 66.37 -21.83
C GLN C 226 59.04 65.34 -22.35
N GLY C 227 58.14 64.88 -21.47
CA GLY C 227 57.20 63.85 -21.84
C GLY C 227 57.87 62.55 -22.22
N ASN C 228 57.86 62.23 -23.51
CA ASN C 228 58.52 61.05 -24.06
C ASN C 228 59.62 61.44 -25.03
N TYR C 229 60.40 62.47 -24.67
CA TYR C 229 61.48 62.97 -25.50
C TYR C 229 62.76 63.05 -24.68
N ALA C 230 63.88 62.69 -25.32
CA ALA C 230 65.20 62.81 -24.72
C ALA C 230 66.12 63.55 -25.69
N LEU C 231 66.93 64.46 -25.16
CA LEU C 231 67.83 65.29 -25.95
C LEU C 231 69.21 65.31 -25.30
N GLN C 232 69.76 64.11 -25.06
CA GLN C 232 71.07 63.97 -24.44
C GLN C 232 72.10 64.87 -25.10
N GLY C 233 72.31 64.70 -26.40
CA GLY C 233 73.23 65.55 -27.13
C GLY C 233 72.65 65.97 -28.46
N GLY C 234 73.43 65.86 -29.53
CA GLY C 234 72.89 66.07 -30.86
C GLY C 234 71.83 65.05 -31.21
N ASN C 235 72.00 63.82 -30.76
CA ASN C 235 71.02 62.78 -31.00
C ASN C 235 69.74 63.04 -30.21
N SER C 236 68.62 62.61 -30.76
CA SER C 236 67.31 62.76 -30.14
C SER C 236 66.68 61.39 -29.95
N TYR C 237 66.20 61.11 -28.75
CA TYR C 237 65.59 59.84 -28.41
C TYR C 237 64.16 60.05 -27.97
N VAL C 238 63.29 59.10 -28.34
CA VAL C 238 61.89 59.12 -27.94
C VAL C 238 61.52 57.75 -27.40
N LYS C 239 60.46 57.73 -26.60
CA LYS C 239 59.95 56.49 -26.01
C LYS C 239 58.72 56.04 -26.79
N VAL C 240 58.75 54.81 -27.29
CA VAL C 240 57.67 54.29 -28.12
C VAL C 240 56.62 53.58 -27.27
N GLU C 241 57.01 52.51 -26.55
CA GLU C 241 56.14 51.94 -25.53
C GLU C 241 56.83 51.92 -24.16
N ASN C 242 58.01 51.32 -24.05
CA ASN C 242 58.75 51.31 -22.79
C ASN C 242 60.24 51.55 -22.94
N VAL C 243 60.80 51.48 -24.14
CA VAL C 243 62.23 51.62 -24.37
C VAL C 243 62.49 52.87 -25.18
N TRP C 244 63.64 53.49 -24.95
CA TRP C 244 64.04 54.70 -25.67
C TRP C 244 64.84 54.31 -26.90
N VAL C 245 64.44 54.84 -28.06
CA VAL C 245 65.10 54.55 -29.33
C VAL C 245 65.43 55.87 -30.01
N ARG C 246 66.42 55.81 -30.90
CA ARG C 246 66.84 57.01 -31.63
C ARG C 246 65.73 57.49 -32.55
N ALA C 247 65.52 58.79 -32.58
CA ALA C 247 64.49 59.40 -33.41
C ALA C 247 65.11 60.41 -34.36
N GLU C 248 64.28 60.95 -35.25
CA GLU C 248 64.71 61.95 -36.20
C GLU C 248 63.58 62.94 -36.43
N THR C 249 63.93 64.10 -36.98
CA THR C 249 62.97 65.17 -37.19
C THR C 249 61.98 64.79 -38.30
N ALA C 250 60.92 65.57 -38.40
CA ALA C 250 59.94 65.38 -39.45
C ALA C 250 60.52 65.79 -40.80
N ALA C 251 59.81 65.41 -41.87
CA ALA C 251 60.21 65.68 -43.24
C ALA C 251 61.57 65.07 -43.59
N THR C 252 61.97 64.03 -42.86
CA THR C 252 63.20 63.31 -43.15
C THR C 252 62.98 61.86 -43.55
N GLY C 253 61.84 61.27 -43.21
CA GLY C 253 61.49 59.95 -43.70
C GLY C 253 60.83 60.03 -45.06
N ALA C 254 60.02 61.07 -45.25
CA ALA C 254 59.36 61.35 -46.53
C ALA C 254 58.46 60.20 -46.97
N THR C 255 57.87 59.48 -46.02
CA THR C 255 56.96 58.39 -46.32
C THR C 255 55.62 58.51 -45.61
N GLY C 256 55.40 59.54 -44.81
CA GLY C 256 54.20 59.61 -44.00
C GLY C 256 54.22 58.68 -42.82
N GLN C 257 55.39 58.39 -42.26
CA GLN C 257 55.51 57.46 -41.15
C GLN C 257 54.77 57.98 -39.93
N GLU C 258 54.27 57.04 -39.13
CA GLU C 258 53.52 57.39 -37.93
C GLU C 258 54.36 58.26 -37.00
N ILE C 259 53.76 59.36 -36.53
CA ILE C 259 54.49 60.34 -35.73
C ILE C 259 54.74 59.76 -34.34
N ALA C 260 56.00 59.86 -33.89
CA ALA C 260 56.35 59.36 -32.56
C ALA C 260 55.89 60.32 -31.47
N ALA C 261 56.36 61.56 -31.50
CA ALA C 261 55.98 62.54 -30.50
C ALA C 261 56.23 63.94 -31.04
N THR C 262 55.55 64.91 -30.45
CA THR C 262 55.69 66.31 -30.78
C THR C 262 56.10 67.09 -29.55
N THR C 263 57.05 68.01 -29.70
CA THR C 263 57.58 68.77 -28.59
C THR C 263 57.43 70.26 -28.87
N THR C 264 57.77 71.06 -27.86
CA THR C 264 57.72 72.52 -27.96
C THR C 264 59.07 73.11 -27.58
N ALA C 265 59.14 74.43 -27.42
CA ALA C 265 60.40 75.08 -27.10
C ALA C 265 60.96 74.58 -25.77
N ALA C 266 60.26 74.88 -24.67
CA ALA C 266 60.59 74.35 -23.35
C ALA C 266 62.08 74.51 -23.03
N GLY C 267 62.63 75.67 -23.38
CA GLY C 267 64.04 75.93 -23.16
C GLY C 267 64.89 75.68 -24.39
N THR C 268 65.74 74.66 -24.33
CA THR C 268 66.68 74.34 -25.41
C THR C 268 66.23 73.14 -26.23
N ILE C 269 64.92 72.99 -26.45
CA ILE C 269 64.37 71.89 -27.23
C ILE C 269 63.68 72.48 -28.45
N THR C 270 64.09 72.04 -29.63
CA THR C 270 63.46 72.51 -30.86
C THR C 270 62.05 71.95 -30.99
N ALA C 271 61.12 72.81 -31.42
CA ALA C 271 59.74 72.41 -31.59
C ALA C 271 59.59 71.72 -32.94
N ASP C 272 59.34 70.42 -32.92
CA ASP C 272 59.22 69.64 -34.14
C ASP C 272 58.41 68.38 -33.86
N SER C 273 57.94 67.76 -34.93
CA SER C 273 57.19 66.50 -34.85
C SER C 273 58.16 65.36 -35.08
N TRP C 274 58.77 64.88 -34.00
CA TRP C 274 59.78 63.85 -34.10
C TRP C 274 59.15 62.51 -34.46
N VAL C 275 59.88 61.72 -35.25
CA VAL C 275 59.42 60.43 -35.72
C VAL C 275 60.49 59.39 -35.43
N VAL C 276 60.06 58.13 -35.28
CA VAL C 276 60.99 57.05 -35.00
C VAL C 276 61.93 56.88 -36.18
N ASP C 277 63.23 56.86 -35.91
CA ASP C 277 64.24 56.76 -36.96
C ASP C 277 64.41 55.30 -37.34
N VAL C 278 63.78 54.89 -38.44
CA VAL C 278 63.97 53.54 -38.96
C VAL C 278 65.38 53.42 -39.50
N GLY C 279 66.08 52.37 -39.08
CA GLY C 279 67.47 52.21 -39.44
C GLY C 279 68.34 52.04 -38.21
N ASN C 280 69.60 52.46 -38.31
CA ASN C 280 70.59 52.37 -37.23
C ASN C 280 70.44 51.07 -36.44
N ALA C 281 70.50 49.96 -37.17
CA ALA C 281 70.31 48.65 -36.57
C ALA C 281 71.38 48.38 -35.52
N PRO C 282 71.08 47.55 -34.51
CA PRO C 282 72.07 47.24 -33.47
C PRO C 282 73.42 46.83 -34.03
N ALA C 283 74.44 47.64 -33.75
CA ALA C 283 75.80 47.40 -34.23
C ALA C 283 76.63 46.75 -33.15
N ALA C 284 77.59 45.93 -33.58
CA ALA C 284 78.47 45.24 -32.66
C ALA C 284 79.50 46.20 -32.08
N ASN C 285 80.20 45.74 -31.04
CA ASN C 285 81.28 46.49 -30.40
C ASN C 285 80.77 47.83 -29.86
N VAL C 286 79.85 47.74 -28.91
CA VAL C 286 79.32 48.91 -28.20
C VAL C 286 79.43 48.63 -26.71
N SER C 287 79.73 49.68 -25.94
CA SER C 287 79.95 49.52 -24.51
C SER C 287 78.68 49.01 -23.82
N ALA C 288 78.84 48.02 -22.95
CA ALA C 288 77.72 47.44 -22.22
C ALA C 288 77.50 48.25 -20.94
N GLY C 289 76.63 47.75 -20.06
CA GLY C 289 76.30 48.45 -18.84
C GLY C 289 77.41 48.51 -17.83
N GLN C 290 77.75 47.36 -17.24
CA GLN C 290 78.72 47.29 -16.16
C GLN C 290 79.66 46.11 -16.39
N SER C 291 80.82 46.18 -15.75
CA SER C 291 81.80 45.10 -15.83
C SER C 291 81.40 43.96 -14.89
N VAL C 292 82.15 42.87 -14.97
CA VAL C 292 81.86 41.70 -14.15
C VAL C 292 82.05 42.01 -12.67
N ALA C 293 83.14 42.71 -12.33
CA ALA C 293 83.43 43.00 -10.93
C ALA C 293 82.53 44.06 -10.33
N ASN C 294 81.77 44.79 -11.14
CA ASN C 294 80.94 45.90 -10.67
C ASN C 294 79.49 45.69 -11.11
N ILE C 295 78.97 44.48 -10.90
CA ILE C 295 77.61 44.16 -11.29
C ILE C 295 76.65 44.70 -10.24
N ASN C 296 75.76 45.59 -10.66
CA ASN C 296 74.76 46.19 -9.78
C ASN C 296 73.47 46.26 -10.60
N ILE C 297 72.52 45.37 -10.29
CA ILE C 297 71.38 45.13 -11.17
C ILE C 297 70.06 45.57 -10.54
N VAL C 298 70.09 46.34 -9.47
CA VAL C 298 68.85 46.77 -8.84
C VAL C 298 68.27 47.94 -9.63
N GLY C 299 66.99 47.83 -9.98
CA GLY C 299 66.32 48.86 -10.75
C GLY C 299 66.93 49.09 -12.12
N MET C 300 67.27 48.01 -12.82
CA MET C 300 67.93 48.16 -14.12
C MET C 300 66.97 48.68 -15.17
N GLY C 301 65.76 48.15 -15.21
CA GLY C 301 64.76 48.57 -16.19
C GLY C 301 64.56 47.62 -17.35
N ALA C 302 65.22 46.45 -17.35
CA ALA C 302 65.07 45.44 -18.38
C ALA C 302 65.45 45.94 -19.77
N ALA C 303 66.38 46.90 -19.83
CA ALA C 303 66.85 47.43 -21.10
C ALA C 303 68.30 47.09 -21.37
N ALA C 304 69.20 47.38 -20.42
CA ALA C 304 70.60 47.04 -20.56
C ALA C 304 70.93 45.65 -20.01
N LEU C 305 69.93 44.92 -19.52
CA LEU C 305 70.17 43.56 -19.04
C LEU C 305 70.66 42.67 -20.17
N ASP C 306 70.18 42.87 -21.39
CA ASP C 306 70.68 42.12 -22.53
C ASP C 306 72.17 42.40 -22.76
N ALA C 307 72.56 43.67 -22.65
CA ALA C 307 73.98 44.00 -22.77
C ALA C 307 74.80 43.36 -21.67
N LEU C 308 74.27 43.34 -20.44
CA LEU C 308 74.96 42.69 -19.34
C LEU C 308 75.13 41.19 -19.59
N ILE C 309 74.08 40.55 -20.11
CA ILE C 309 74.17 39.12 -20.44
C ILE C 309 75.21 38.90 -21.52
N SER C 310 75.24 39.76 -22.54
CA SER C 310 76.22 39.62 -23.60
C SER C 310 77.65 39.77 -23.06
N GLY C 311 77.86 40.75 -22.18
CA GLY C 311 79.18 40.92 -21.60
C GLY C 311 79.60 39.74 -20.74
N VAL C 312 78.66 39.21 -19.95
CA VAL C 312 78.96 38.04 -19.13
C VAL C 312 79.30 36.85 -20.01
N ASP C 313 78.55 36.66 -21.10
CA ASP C 313 78.84 35.55 -22.02
C ASP C 313 80.20 35.71 -22.68
N ALA C 314 80.55 36.95 -23.07
CA ALA C 314 81.85 37.18 -23.67
C ALA C 314 82.98 36.88 -22.68
N ALA C 315 82.81 37.30 -21.42
CA ALA C 315 83.81 37.00 -20.41
C ALA C 315 83.92 35.51 -20.18
N LEU C 316 82.79 34.81 -20.15
CA LEU C 316 82.81 33.36 -19.98
C LEU C 316 83.52 32.67 -21.13
N THR C 317 83.25 33.11 -22.36
CA THR C 317 83.92 32.52 -23.51
C THR C 317 85.42 32.76 -23.48
N ASP C 318 85.83 33.98 -23.10
CA ASP C 318 87.27 34.26 -22.99
C ASP C 318 87.91 33.40 -21.91
N MET C 319 87.22 33.22 -20.79
CA MET C 319 87.75 32.38 -19.71
C MET C 319 87.84 30.92 -20.14
N THR C 320 86.85 30.44 -20.89
CA THR C 320 86.91 29.07 -21.41
C THR C 320 88.08 28.90 -22.36
N SER C 321 88.32 29.89 -23.22
CA SER C 321 89.48 29.83 -24.11
C SER C 321 90.78 29.82 -23.31
N ALA C 322 90.85 30.63 -22.25
CA ALA C 322 92.04 30.62 -21.40
C ALA C 322 92.24 29.27 -20.73
N ALA C 323 91.16 28.65 -20.27
CA ALA C 323 91.27 27.33 -19.64
C ALA C 323 91.73 26.29 -20.66
N ALA C 324 91.22 26.35 -21.88
CA ALA C 324 91.68 25.44 -22.92
C ALA C 324 93.16 25.64 -23.22
N SER C 325 93.60 26.90 -23.25
CA SER C 325 95.01 27.18 -23.46
C SER C 325 95.86 26.63 -22.32
N LEU C 326 95.38 26.77 -21.08
CA LEU C 326 96.11 26.23 -19.94
C LEU C 326 96.21 24.71 -20.01
N GLY C 327 95.12 24.05 -20.39
CA GLY C 327 95.16 22.61 -20.56
C GLY C 327 96.12 22.18 -21.65
N SER C 328 96.14 22.91 -22.77
CA SER C 328 97.10 22.62 -23.83
C SER C 328 98.53 22.81 -23.34
N ILE C 329 98.78 23.86 -22.54
CA ILE C 329 100.10 24.08 -21.99
C ILE C 329 100.50 22.93 -21.08
N SER C 330 99.57 22.47 -20.24
CA SER C 330 99.88 21.35 -19.35
C SER C 330 100.20 20.09 -20.14
N SER C 331 99.43 19.81 -21.18
CA SER C 331 99.72 18.66 -22.03
C SER C 331 101.07 18.79 -22.70
N ARG C 332 101.41 20.00 -23.16
CA ARG C 332 102.72 20.23 -23.75
C ARG C 332 103.84 20.00 -22.75
N ILE C 333 103.63 20.44 -21.50
CA ILE C 333 104.64 20.21 -20.46
C ILE C 333 104.82 18.72 -20.21
N ASP C 334 103.72 17.97 -20.16
CA ASP C 334 103.82 16.52 -19.96
C ASP C 334 104.58 15.86 -21.09
N LEU C 335 104.24 16.21 -22.33
CA LEU C 335 104.93 15.65 -23.49
C LEU C 335 106.42 16.02 -23.48
N GLN C 336 106.72 17.27 -23.13
CA GLN C 336 108.11 17.71 -23.08
C GLN C 336 108.87 16.95 -22.00
N SER C 337 108.25 16.72 -20.85
CA SER C 337 108.91 15.96 -19.79
C SER C 337 109.20 14.54 -20.24
N GLU C 338 108.23 13.89 -20.89
CA GLU C 338 108.46 12.53 -21.38
C GLU C 338 109.58 12.50 -22.40
N PHE C 339 109.59 13.45 -23.34
CA PHE C 339 110.62 13.50 -24.36
C PHE C 339 111.99 13.77 -23.75
N VAL C 340 112.07 14.67 -22.77
CA VAL C 340 113.34 14.98 -22.13
C VAL C 340 113.86 13.77 -21.37
N ASN C 341 112.97 13.04 -20.69
CA ASN C 341 113.40 11.83 -20.00
C ASN C 341 113.93 10.79 -20.98
N LYS C 342 113.23 10.61 -22.11
CA LYS C 342 113.71 9.66 -23.12
C LYS C 342 115.06 10.09 -23.68
N LEU C 343 115.23 11.39 -23.95
CA LEU C 343 116.50 11.88 -24.47
C LEU C 343 117.62 11.71 -23.46
N SER C 344 117.34 11.97 -22.18
CA SER C 344 118.35 11.77 -21.15
C SER C 344 118.75 10.30 -21.06
N ASP C 345 117.77 9.41 -21.14
CA ASP C 345 118.09 7.98 -21.15
C ASP C 345 118.97 7.63 -22.35
N SER C 346 118.64 8.16 -23.52
CA SER C 346 119.44 7.85 -24.72
C SER C 346 120.86 8.39 -24.59
N ILE C 347 121.01 9.62 -24.09
CA ILE C 347 122.34 10.20 -23.94
C ILE C 347 123.16 9.40 -22.94
N GLU C 348 122.55 9.02 -21.82
CA GLU C 348 123.28 8.27 -20.80
C GLU C 348 123.65 6.88 -21.33
N SER C 349 122.77 6.27 -22.11
CA SER C 349 123.09 4.97 -22.71
C SER C 349 124.25 5.10 -23.69
N GLY C 350 124.27 6.18 -24.49
CA GLY C 350 125.41 6.41 -25.38
C GLY C 350 126.69 6.61 -24.61
N VAL C 351 126.64 7.37 -23.51
CA VAL C 351 127.82 7.55 -22.67
C VAL C 351 128.30 6.21 -22.14
N GLY C 352 127.37 5.38 -21.67
CA GLY C 352 127.75 4.07 -21.18
C GLY C 352 128.40 3.21 -22.25
N ARG C 353 127.83 3.22 -23.46
CA ARG C 353 128.43 2.48 -24.56
C ARG C 353 129.83 2.99 -24.86
N LEU C 354 130.05 4.30 -24.71
CA LEU C 354 131.37 4.86 -24.98
C LEU C 354 132.36 4.56 -23.87
N VAL C 355 131.89 4.39 -22.63
CA VAL C 355 132.77 4.39 -21.47
C VAL C 355 132.91 3.03 -20.80
N ASP C 356 131.83 2.27 -20.63
CA ASP C 356 131.95 1.03 -19.87
C ASP C 356 132.75 -0.02 -20.65
N ALA C 357 133.31 -0.97 -19.91
CA ALA C 357 134.10 -2.05 -20.46
C ALA C 357 133.50 -3.39 -20.06
N ASP C 358 133.52 -4.36 -20.97
CA ASP C 358 133.06 -5.70 -20.65
C ASP C 358 134.02 -6.37 -19.65
N MET C 359 133.49 -6.72 -18.48
CA MET C 359 134.35 -7.14 -17.38
C MET C 359 134.80 -8.58 -17.53
N ASN C 360 134.12 -9.39 -18.34
CA ASN C 360 134.60 -10.75 -18.58
C ASN C 360 135.97 -10.73 -19.24
N GLU C 361 136.14 -9.86 -20.24
CA GLU C 361 137.43 -9.73 -20.92
C GLU C 361 138.49 -9.21 -19.96
N GLU C 362 138.11 -8.27 -19.07
CA GLU C 362 139.04 -7.77 -18.07
C GLU C 362 139.45 -8.86 -17.09
N SER C 363 138.51 -9.73 -16.69
CA SER C 363 138.86 -10.84 -15.82
C SER C 363 139.83 -11.80 -16.51
N THR C 364 139.59 -12.07 -17.79
CA THR C 364 140.51 -12.92 -18.55
C THR C 364 141.90 -12.28 -18.60
N ARG C 365 141.96 -10.97 -18.84
CA ARG C 365 143.26 -10.28 -18.84
C ARG C 365 143.92 -10.35 -17.47
N LEU C 366 143.14 -10.19 -16.41
CA LEU C 366 143.71 -10.22 -15.06
C LEU C 366 144.33 -11.58 -14.77
N LYS C 367 143.63 -12.65 -15.10
CA LYS C 367 144.19 -13.99 -14.92
C LYS C 367 145.44 -14.18 -15.77
N ALA C 368 145.39 -13.74 -17.03
CA ALA C 368 146.54 -13.89 -17.91
C ALA C 368 147.75 -13.15 -17.38
N LEU C 369 147.56 -11.93 -16.89
CA LEU C 369 148.69 -11.15 -16.38
C LEU C 369 149.20 -11.70 -15.06
N GLN C 370 148.33 -12.24 -14.22
CA GLN C 370 148.81 -12.91 -13.01
C GLN C 370 149.70 -14.09 -13.35
N THR C 371 149.26 -14.92 -14.30
CA THR C 371 150.07 -16.06 -14.72
C THR C 371 151.39 -15.60 -15.35
N GLN C 372 151.33 -14.55 -16.17
CA GLN C 372 152.54 -14.04 -16.80
C GLN C 372 153.51 -13.49 -15.76
N GLN C 373 152.99 -12.82 -14.73
CA GLN C 373 153.84 -12.34 -13.65
C GLN C 373 154.51 -13.50 -12.92
N GLN C 374 153.75 -14.57 -12.67
CA GLN C 374 154.34 -15.73 -12.00
C GLN C 374 155.46 -16.34 -12.85
N LEU C 375 155.22 -16.51 -14.15
CA LEU C 375 156.26 -17.05 -15.02
C LEU C 375 157.46 -16.13 -15.09
N ALA C 376 157.24 -14.81 -15.15
CA ALA C 376 158.35 -13.87 -15.22
C ALA C 376 159.18 -13.92 -13.94
N ILE C 377 158.53 -14.03 -12.79
CA ILE C 377 159.25 -14.13 -11.52
C ILE C 377 160.06 -15.42 -11.48
N GLN C 378 159.48 -16.52 -11.95
CA GLN C 378 160.22 -17.78 -11.98
C GLN C 378 161.43 -17.68 -12.90
N ALA C 379 161.26 -17.06 -14.07
CA ALA C 379 162.38 -16.88 -15.00
C ALA C 379 163.47 -16.01 -14.39
N LEU C 380 163.08 -14.94 -13.70
CA LEU C 380 164.05 -14.08 -13.05
C LEU C 380 164.81 -14.83 -11.97
N SER C 381 164.11 -15.67 -11.20
CA SER C 381 164.79 -16.47 -10.18
C SER C 381 165.78 -17.44 -10.81
N ILE C 382 165.39 -18.07 -11.93
CA ILE C 382 166.32 -18.97 -12.62
C ILE C 382 167.53 -18.19 -13.13
N ALA C 383 167.31 -16.99 -13.68
CA ALA C 383 168.42 -16.20 -14.17
C ALA C 383 169.37 -15.81 -13.04
N ASN C 384 168.83 -15.44 -11.88
CA ASN C 384 169.67 -15.11 -10.73
C ASN C 384 170.46 -16.32 -10.27
N SER C 385 169.81 -17.49 -10.21
CA SER C 385 170.50 -18.70 -9.78
C SER C 385 171.51 -19.20 -10.81
N ASP C 386 171.41 -18.73 -12.05
CA ASP C 386 172.37 -19.14 -13.07
C ASP C 386 173.78 -18.64 -12.76
N SER C 387 173.87 -17.47 -12.11
CA SER C 387 175.15 -16.78 -11.99
C SER C 387 176.17 -17.56 -11.17
N GLN C 388 175.75 -18.18 -10.06
CA GLN C 388 176.71 -18.72 -9.10
C GLN C 388 177.26 -20.08 -9.50
N ASN C 389 176.87 -20.63 -10.66
CA ASN C 389 177.42 -21.91 -11.09
C ASN C 389 178.91 -21.83 -11.41
N VAL C 390 179.43 -20.64 -11.71
CA VAL C 390 180.83 -20.49 -12.10
C VAL C 390 181.78 -20.78 -10.94
N LEU C 391 181.28 -20.78 -9.70
CA LEU C 391 182.15 -20.98 -8.55
C LEU C 391 182.81 -22.35 -8.54
N SER C 392 182.25 -23.33 -9.25
CA SER C 392 182.81 -24.67 -9.24
C SER C 392 184.20 -24.71 -9.89
N LEU C 393 184.47 -23.80 -10.83
CA LEU C 393 185.76 -23.80 -11.51
C LEU C 393 186.89 -23.40 -10.57
N PHE C 394 186.62 -22.51 -9.62
CA PHE C 394 187.63 -22.04 -8.68
C PHE C 394 187.56 -22.77 -7.34
N ARG C 395 186.83 -23.89 -7.27
CA ARG C 395 186.62 -24.69 -6.06
C ARG C 395 186.56 -23.91 -4.74
N THR D 2 158.85 -3.02 -8.35
CA THR D 2 157.87 -3.25 -7.30
C THR D 2 158.38 -2.75 -5.96
N SER D 3 157.60 -1.89 -5.32
CA SER D 3 157.95 -1.31 -4.03
C SER D 3 157.00 -1.85 -2.97
N ILE D 4 157.57 -2.40 -1.89
CA ILE D 4 156.75 -2.94 -0.81
C ILE D 4 156.21 -1.87 0.12
N LEU D 5 156.61 -0.61 -0.05
CA LEU D 5 156.16 0.47 0.81
C LEU D 5 154.93 1.19 0.28
N THR D 6 154.68 1.16 -1.03
CA THR D 6 153.55 1.83 -1.63
C THR D 6 152.82 0.89 -2.57
N ASN D 7 151.53 1.13 -2.74
CA ASN D 7 150.68 0.32 -3.61
C ASN D 7 149.68 1.25 -4.28
N ASN D 8 149.99 1.68 -5.50
CA ASN D 8 149.11 2.60 -6.22
C ASN D 8 147.76 1.96 -6.51
N SER D 9 147.76 0.68 -6.90
CA SER D 9 146.51 -0.02 -7.17
C SER D 9 145.64 -0.10 -5.92
N ALA D 10 146.26 -0.37 -4.77
CA ALA D 10 145.50 -0.42 -3.52
C ALA D 10 144.91 0.95 -3.19
N MET D 11 145.67 2.02 -3.40
CA MET D 11 145.15 3.36 -3.13
C MET D 11 143.98 3.69 -4.04
N ALA D 12 144.10 3.36 -5.33
CA ALA D 12 142.98 3.60 -6.25
C ALA D 12 141.76 2.78 -5.85
N ALA D 13 141.97 1.53 -5.44
CA ALA D 13 140.87 0.70 -4.98
C ALA D 13 140.20 1.29 -3.74
N LEU D 14 141.00 1.82 -2.81
CA LEU D 14 140.44 2.43 -1.61
C LEU D 14 139.63 3.68 -1.95
N SER D 15 140.14 4.50 -2.88
CA SER D 15 139.36 5.67 -3.30
C SER D 15 138.05 5.26 -3.96
N GLY D 16 138.08 4.24 -4.82
CA GLY D 16 136.86 3.75 -5.40
C GLY D 16 135.89 3.21 -4.37
N VAL D 17 136.40 2.49 -3.38
CA VAL D 17 135.55 1.97 -2.31
C VAL D 17 134.91 3.11 -1.52
N ARG D 18 135.69 4.16 -1.24
CA ARG D 18 135.14 5.31 -0.53
C ARG D 18 134.02 5.97 -1.32
N SER D 19 134.24 6.16 -2.63
CA SER D 19 133.20 6.77 -3.45
C SER D 19 131.95 5.89 -3.50
N ILE D 20 132.13 4.58 -3.66
CA ILE D 20 131.00 3.67 -3.72
C ILE D 20 130.25 3.68 -2.39
N SER D 21 130.98 3.71 -1.27
CA SER D 21 130.34 3.73 0.03
C SER D 21 129.53 5.01 0.23
N SER D 22 130.07 6.16 -0.19
CA SER D 22 129.33 7.40 -0.07
C SER D 22 128.05 7.37 -0.91
N SER D 23 128.17 6.90 -2.16
CA SER D 23 126.99 6.81 -3.02
C SER D 23 125.97 5.84 -2.45
N MET D 24 126.44 4.71 -1.89
CA MET D 24 125.53 3.73 -1.32
C MET D 24 124.83 4.27 -0.08
N GLU D 25 125.56 5.04 0.74
CA GLU D 25 124.92 5.67 1.89
C GLU D 25 123.85 6.66 1.45
N ASP D 26 124.14 7.46 0.42
CA ASP D 26 123.15 8.39 -0.09
C ASP D 26 121.90 7.66 -0.58
N THR D 27 122.11 6.61 -1.39
CA THR D 27 120.97 5.85 -1.91
C THR D 27 120.23 5.11 -0.81
N GLN D 28 120.93 4.66 0.23
CA GLN D 28 120.29 3.96 1.33
C GLN D 28 119.38 4.89 2.12
N SER D 29 119.85 6.09 2.43
CA SER D 29 118.97 7.07 3.07
C SER D 29 117.82 7.43 2.15
N ARG D 30 118.10 7.56 0.85
CA ARG D 30 117.08 7.96 -0.12
C ARG D 30 115.96 6.92 -0.19
N ILE D 31 116.32 5.64 -0.18
CA ILE D 31 115.34 4.57 -0.23
C ILE D 31 114.67 4.36 1.12
N SER D 32 115.37 4.67 2.21
CA SER D 32 114.78 4.49 3.53
C SER D 32 113.68 5.51 3.80
N SER D 33 113.94 6.78 3.49
CA SER D 33 113.04 7.84 3.88
C SER D 33 112.34 8.52 2.71
N GLY D 34 112.50 8.01 1.49
CA GLY D 34 112.02 8.77 0.35
C GLY D 34 112.75 10.10 0.26
N LEU D 35 112.00 11.17 -0.02
CA LEU D 35 112.52 12.53 0.06
C LEU D 35 113.77 12.71 -0.81
N ARG D 36 113.54 12.68 -2.13
CA ARG D 36 114.65 12.88 -3.06
C ARG D 36 115.42 14.14 -2.71
N VAL D 37 114.73 15.21 -2.32
CA VAL D 37 115.35 16.36 -1.68
C VAL D 37 115.07 16.19 -0.18
N GLY D 38 115.98 15.50 0.51
CA GLY D 38 115.73 15.09 1.87
C GLY D 38 116.24 16.03 2.94
N SER D 39 117.27 16.81 2.64
CA SER D 39 117.87 17.70 3.62
C SER D 39 118.46 18.90 2.92
N ALA D 40 119.02 19.82 3.71
CA ALA D 40 119.64 21.02 3.15
C ALA D 40 120.87 20.70 2.33
N SER D 41 121.49 19.54 2.54
CA SER D 41 122.63 19.13 1.73
C SER D 41 122.25 18.89 0.28
N ASP D 42 120.96 18.65 0.01
CA ASP D 42 120.47 18.51 -1.35
C ASP D 42 120.29 19.90 -1.95
N ASN D 43 119.57 19.98 -3.07
CA ASN D 43 119.30 21.25 -3.72
C ASN D 43 118.61 22.21 -2.76
N ALA D 44 119.32 23.28 -2.39
CA ALA D 44 118.82 24.17 -1.34
C ALA D 44 117.55 24.89 -1.76
N ALA D 45 117.47 25.34 -3.02
CA ALA D 45 116.30 26.09 -3.47
C ALA D 45 115.05 25.23 -3.40
N TYR D 46 115.12 23.99 -3.87
CA TYR D 46 113.95 23.11 -3.83
C TYR D 46 113.59 22.77 -2.39
N TRP D 47 114.58 22.60 -1.52
CA TRP D 47 114.30 22.34 -0.11
C TRP D 47 113.56 23.51 0.52
N SER D 48 114.01 24.74 0.24
CA SER D 48 113.34 25.92 0.78
C SER D 48 111.92 26.05 0.24
N ILE D 49 111.74 25.78 -1.06
CA ILE D 49 110.41 25.85 -1.64
C ILE D 49 109.49 24.82 -1.00
N ALA D 50 110.00 23.60 -0.79
CA ALA D 50 109.19 22.57 -0.15
C ALA D 50 108.81 22.97 1.28
N THR D 51 109.76 23.54 2.03
CA THR D 51 109.46 23.97 3.39
C THR D 51 108.38 25.06 3.39
N THR D 52 108.50 26.04 2.50
CA THR D 52 107.51 27.11 2.43
C THR D 52 106.14 26.56 2.04
N MET D 53 106.10 25.62 1.10
CA MET D 53 104.83 25.04 0.68
C MET D 53 104.20 24.21 1.80
N ARG D 54 105.02 23.51 2.58
CA ARG D 54 104.49 22.77 3.72
C ARG D 54 103.91 23.71 4.76
N SER D 55 104.59 24.83 5.01
CA SER D 55 104.05 25.83 5.94
C SER D 55 102.72 26.37 5.43
N ASP D 56 102.65 26.66 4.12
CA ASP D 56 101.39 27.16 3.54
C ASP D 56 100.29 26.11 3.63
N ASN D 57 100.64 24.84 3.47
CA ASN D 57 99.64 23.78 3.58
C ASN D 57 99.11 23.66 5.00
N GLN D 58 99.99 23.79 6.00
CA GLN D 58 99.52 23.79 7.39
C GLN D 58 98.61 24.99 7.65
N ALA D 59 98.97 26.16 7.14
CA ALA D 59 98.11 27.33 7.28
C ALA D 59 96.76 27.10 6.61
N LEU D 60 96.76 26.45 5.44
CA LEU D 60 95.51 26.17 4.74
C LEU D 60 94.64 25.22 5.53
N SER D 61 95.26 24.22 6.17
CA SER D 61 94.50 23.32 7.02
C SER D 61 93.86 24.07 8.19
N ALA D 62 94.62 24.98 8.81
CA ALA D 62 94.05 25.80 9.87
C ALA D 62 92.89 26.64 9.36
N VAL D 63 93.03 27.20 8.16
CA VAL D 63 91.95 27.99 7.56
C VAL D 63 90.73 27.12 7.31
N GLN D 64 90.95 25.86 6.90
CA GLN D 64 89.82 24.95 6.68
C GLN D 64 89.09 24.66 7.99
N ASP D 65 89.84 24.46 9.08
CA ASP D 65 89.19 24.28 10.37
C ASP D 65 88.39 25.51 10.77
N ALA D 66 88.95 26.70 10.54
CA ALA D 66 88.22 27.93 10.85
C ALA D 66 86.97 28.05 9.99
N LEU D 67 87.05 27.62 8.72
CA LEU D 67 85.89 27.63 7.84
C LEU D 67 84.80 26.70 8.36
N GLY D 68 85.18 25.52 8.84
CA GLY D 68 84.20 24.63 9.44
C GLY D 68 83.53 25.24 10.66
N LEU D 69 84.32 25.88 11.52
CA LEU D 69 83.75 26.56 12.68
C LEU D 69 82.77 27.65 12.26
N GLY D 70 83.16 28.46 11.28
CA GLY D 70 82.28 29.51 10.80
C GLY D 70 81.01 28.97 10.18
N ALA D 71 81.11 27.85 9.46
CA ALA D 71 79.93 27.22 8.89
C ALA D 71 78.98 26.74 9.98
N ALA D 72 79.53 26.18 11.06
CA ALA D 72 78.69 25.77 12.18
C ALA D 72 77.98 26.97 12.78
N LYS D 73 78.71 28.07 12.98
CA LYS D 73 78.08 29.27 13.54
C LYS D 73 76.98 29.79 12.63
N VAL D 74 77.22 29.81 11.33
CA VAL D 74 76.22 30.30 10.39
C VAL D 74 75.00 29.39 10.39
N ASP D 75 75.21 28.08 10.47
CA ASP D 75 74.07 27.16 10.51
C ASP D 75 73.21 27.40 11.75
N THR D 76 73.86 27.59 12.91
CA THR D 76 73.10 27.85 14.13
C THR D 76 72.32 29.16 14.02
N ALA D 77 72.98 30.22 13.55
CA ALA D 77 72.32 31.51 13.42
C ALA D 77 71.16 31.43 12.44
N TYR D 78 71.33 30.69 11.35
CA TYR D 78 70.28 30.57 10.35
C TYR D 78 69.10 29.75 10.87
N SER D 79 69.36 28.72 11.68
CA SER D 79 68.26 27.99 12.30
C SER D 79 67.45 28.91 13.22
N GLY D 80 68.15 29.71 14.03
CA GLY D 80 67.45 30.69 14.83
C GLY D 80 66.66 31.68 13.98
N MET D 81 67.23 32.07 12.84
CA MET D 81 66.57 33.01 11.95
C MET D 81 65.29 32.42 11.38
N GLU D 82 65.32 31.14 10.99
CA GLU D 82 64.11 30.48 10.50
C GLU D 82 63.05 30.38 11.59
N SER D 83 63.47 30.07 12.81
CA SER D 83 62.51 30.06 13.92
C SER D 83 61.86 31.44 14.08
N ALA D 84 62.66 32.49 13.99
CA ALA D 84 62.13 33.85 14.07
C ALA D 84 61.16 34.13 12.92
N ILE D 85 61.49 33.66 11.72
CA ILE D 85 60.59 33.82 10.57
C ILE D 85 59.24 33.19 10.86
N GLU D 86 59.25 31.95 11.35
CA GLU D 86 58.00 31.25 11.63
C GLU D 86 57.18 31.98 12.69
N VAL D 87 57.84 32.41 13.77
CA VAL D 87 57.12 33.09 14.85
C VAL D 87 56.54 34.41 14.36
N VAL D 88 57.31 35.15 13.55
CA VAL D 88 56.83 36.43 13.05
C VAL D 88 55.65 36.23 12.10
N LYS D 89 55.71 35.19 11.26
CA LYS D 89 54.58 34.91 10.39
C LYS D 89 53.34 34.55 11.19
N GLU D 90 53.49 33.77 12.27
CA GLU D 90 52.36 33.47 13.13
C GLU D 90 51.81 34.74 13.77
N ILE D 91 52.70 35.64 14.21
CA ILE D 91 52.26 36.90 14.80
C ILE D 91 51.46 37.72 13.80
N LYS D 92 51.95 37.79 12.56
CA LYS D 92 51.24 38.56 11.54
C LYS D 92 49.87 37.96 11.23
N ALA D 93 49.80 36.62 11.17
CA ALA D 93 48.51 35.97 10.96
C ALA D 93 47.54 36.28 12.10
N LYS D 94 48.04 36.23 13.34
CA LYS D 94 47.19 36.54 14.49
C LYS D 94 46.71 37.99 14.44
N LEU D 95 47.59 38.91 14.06
CA LEU D 95 47.20 40.31 13.95
C LEU D 95 46.16 40.52 12.87
N VAL D 96 46.32 39.85 11.72
CA VAL D 96 45.35 39.95 10.65
C VAL D 96 44.00 39.42 11.10
N ALA D 97 44.00 38.29 11.82
CA ALA D 97 42.75 37.78 12.38
C ALA D 97 42.17 38.75 13.41
N ALA D 98 43.02 39.51 14.09
CA ALA D 98 42.57 40.48 15.10
C ALA D 98 41.88 41.69 14.49
N THR D 99 41.96 41.87 13.17
CA THR D 99 41.35 43.03 12.54
C THR D 99 39.84 43.04 12.71
N GLU D 100 39.21 41.87 12.80
CA GLU D 100 37.78 41.79 13.00
C GLU D 100 37.38 42.43 14.32
N ASP D 101 36.35 43.27 14.27
CA ASP D 101 35.92 43.99 15.47
C ASP D 101 35.24 43.05 16.46
N GLY D 102 34.53 42.05 15.97
CA GLY D 102 33.81 41.13 16.85
C GLY D 102 34.71 40.22 17.65
N VAL D 103 35.95 40.01 17.21
CA VAL D 103 36.89 39.15 17.92
C VAL D 103 37.47 39.92 19.10
N ASP D 104 37.43 39.31 20.28
CA ASP D 104 38.04 39.92 21.46
C ASP D 104 39.55 40.02 21.28
N LYS D 105 40.12 41.10 21.80
CA LYS D 105 41.53 41.40 21.62
C LYS D 105 42.40 40.96 22.79
N ALA D 106 41.80 40.62 23.93
CA ALA D 106 42.60 40.23 25.10
C ALA D 106 43.30 38.89 24.87
N LYS D 107 42.54 37.89 24.41
CA LYS D 107 43.12 36.56 24.19
C LYS D 107 44.27 36.63 23.20
N ILE D 108 44.05 37.34 22.09
CA ILE D 108 45.14 37.59 21.15
C ILE D 108 46.25 38.37 21.82
N GLN D 109 45.93 39.16 22.84
CA GLN D 109 46.98 39.91 23.53
C GLN D 109 47.94 38.98 24.25
N GLU D 110 47.42 38.02 25.04
CA GLU D 110 48.40 37.12 25.67
C GLU D 110 49.01 36.16 24.65
N GLU D 111 48.30 35.86 23.56
CA GLU D 111 48.92 35.07 22.49
C GLU D 111 50.15 35.76 21.94
N ILE D 112 50.02 37.06 21.63
CA ILE D 112 51.15 37.83 21.12
C ILE D 112 52.23 37.99 22.19
N THR D 113 51.83 38.11 23.46
CA THR D 113 52.84 38.18 24.53
C THR D 113 53.66 36.90 24.59
N GLN D 114 53.01 35.74 24.50
CA GLN D 114 53.72 34.48 24.49
C GLN D 114 54.62 34.37 23.26
N LEU D 115 54.13 34.82 22.10
CA LEU D 115 54.95 34.77 20.90
C LEU D 115 56.16 35.70 21.01
N LYS D 116 56.00 36.86 21.66
CA LYS D 116 57.13 37.76 21.86
C LYS D 116 58.16 37.16 22.80
N ASP D 117 57.70 36.50 23.87
CA ASP D 117 58.63 35.79 24.74
C ASP D 117 59.36 34.69 23.98
N GLN D 118 58.64 33.99 23.09
CA GLN D 118 59.27 32.98 22.25
C GLN D 118 60.33 33.59 21.35
N LEU D 119 60.04 34.77 20.78
CA LEU D 119 61.01 35.46 19.95
C LEU D 119 62.25 35.84 20.74
N THR D 120 62.06 36.33 21.96
CA THR D 120 63.20 36.68 22.80
C THR D 120 64.04 35.44 23.11
N SER D 121 63.38 34.32 23.41
CA SER D 121 64.11 33.08 23.67
C SER D 121 64.89 32.62 22.43
N ILE D 122 64.28 32.76 21.25
CA ILE D 122 64.99 32.42 20.01
C ILE D 122 66.21 33.31 19.85
N ALA D 123 66.05 34.60 20.10
CA ALA D 123 67.14 35.55 19.90
C ALA D 123 68.30 35.28 20.84
N ASP D 124 68.02 35.00 22.11
CA ASP D 124 69.11 34.85 23.07
C ASP D 124 69.70 33.44 23.10
N ALA D 125 68.89 32.41 22.82
CA ALA D 125 69.38 31.04 22.90
C ALA D 125 70.24 30.65 21.70
N ALA D 126 69.99 31.22 20.53
CA ALA D 126 70.64 30.80 19.30
C ALA D 126 72.08 31.30 19.29
N SER D 127 72.95 30.57 19.96
CA SER D 127 74.37 30.87 20.01
C SER D 127 75.16 29.57 19.91
N PHE D 128 76.36 29.65 19.33
CA PHE D 128 77.22 28.48 19.19
C PHE D 128 78.38 28.50 20.18
N SER D 129 79.21 29.53 20.15
CA SER D 129 80.37 29.62 21.03
C SER D 129 80.53 31.04 21.56
N GLY D 130 79.41 31.69 21.88
CA GLY D 130 79.42 33.07 22.32
C GLY D 130 79.30 34.08 21.20
N GLU D 131 79.57 33.68 19.96
CA GLU D 131 79.39 34.55 18.80
C GLU D 131 78.08 34.12 18.13
N ASN D 132 76.97 34.66 18.64
CA ASN D 132 75.65 34.27 18.17
C ASN D 132 75.23 34.97 16.90
N TRP D 133 75.97 35.99 16.46
CA TRP D 133 75.65 36.77 15.26
C TRP D 133 74.29 37.45 15.35
N LEU D 134 73.72 37.50 16.56
CA LEU D 134 72.44 38.15 16.80
C LEU D 134 72.53 38.89 18.13
N GLN D 135 71.54 39.76 18.37
CA GLN D 135 71.48 40.55 19.61
C GLN D 135 72.77 41.34 19.82
N ALA D 136 73.34 41.84 18.73
CA ALA D 136 74.58 42.59 18.84
C ALA D 136 74.33 43.96 19.46
N ASP D 137 75.42 44.58 19.91
CA ASP D 137 75.36 45.90 20.54
C ASP D 137 75.52 46.96 19.45
N LEU D 138 74.48 47.76 19.24
CA LEU D 138 74.46 48.79 18.20
C LEU D 138 74.75 50.18 18.75
N SER D 139 75.59 50.27 19.80
CA SER D 139 75.97 51.57 20.31
C SER D 139 76.76 52.36 19.26
N GLY D 140 77.69 51.70 18.57
CA GLY D 140 78.40 52.32 17.48
C GLY D 140 77.64 52.22 16.16
N GLY D 141 76.74 51.25 16.07
CA GLY D 141 75.90 51.07 14.92
C GLY D 141 76.57 50.43 13.71
N ALA D 142 77.82 49.99 13.83
CA ALA D 142 78.55 49.42 12.71
C ALA D 142 79.31 48.18 13.14
N VAL D 143 78.67 47.31 13.91
CA VAL D 143 79.31 46.07 14.34
C VAL D 143 79.44 45.13 13.15
N THR D 144 80.63 44.54 12.98
CA THR D 144 80.93 43.67 11.87
C THR D 144 81.62 42.42 12.37
N LYS D 145 81.15 41.26 11.93
CA LYS D 145 81.73 39.97 12.28
C LYS D 145 82.27 39.30 11.02
N SER D 146 83.37 38.57 11.18
CA SER D 146 84.10 38.00 10.05
C SER D 146 84.41 36.53 10.30
N VAL D 147 84.57 35.81 9.19
CA VAL D 147 84.95 34.40 9.21
C VAL D 147 86.19 34.24 8.35
N VAL D 148 87.19 33.52 8.87
CA VAL D 148 88.44 33.34 8.13
C VAL D 148 88.15 32.58 6.84
N GLY D 149 88.47 33.21 5.71
CA GLY D 149 88.17 32.62 4.42
C GLY D 149 89.30 31.85 3.78
N SER D 150 90.47 32.47 3.67
CA SER D 150 91.59 31.82 3.00
C SER D 150 92.89 32.46 3.45
N PHE D 151 93.97 31.71 3.31
CA PHE D 151 95.32 32.20 3.59
C PHE D 151 95.99 32.53 2.26
N VAL D 152 96.35 33.80 2.09
CA VAL D 152 96.87 34.31 0.83
C VAL D 152 98.27 34.83 1.05
N ARG D 153 99.22 34.33 0.26
CA ARG D 153 100.58 34.82 0.25
C ARG D 153 100.77 35.75 -0.95
N ASP D 154 101.10 37.00 -0.69
CA ASP D 154 101.24 37.97 -1.77
C ASP D 154 102.50 37.68 -2.59
N GLY D 155 102.52 38.23 -3.81
CA GLY D 155 103.65 38.00 -4.69
C GLY D 155 104.94 38.61 -4.17
N SER D 156 104.84 39.75 -3.51
CA SER D 156 106.02 40.47 -3.02
C SER D 156 106.40 40.03 -1.61
N GLY D 157 106.52 38.72 -1.40
CA GLY D 157 106.98 38.19 -0.12
C GLY D 157 106.15 38.61 1.08
N SER D 158 104.83 38.59 0.95
CA SER D 158 103.94 38.99 2.03
C SER D 158 102.92 37.90 2.28
N VAL D 159 102.46 37.82 3.54
CA VAL D 159 101.48 36.83 3.96
C VAL D 159 100.35 37.54 4.68
N ALA D 160 99.12 37.07 4.44
CA ALA D 160 97.95 37.67 5.07
C ALA D 160 96.83 36.64 5.11
N VAL D 161 95.83 36.91 5.93
CA VAL D 161 94.66 36.05 6.08
C VAL D 161 93.43 36.84 5.65
N LYS D 162 92.68 36.29 4.70
CA LYS D 162 91.47 36.92 4.21
C LYS D 162 90.27 36.45 5.01
N LYS D 163 89.32 37.36 5.22
CA LYS D 163 88.12 37.08 6.00
C LYS D 163 86.89 37.55 5.24
N VAL D 164 85.78 36.87 5.49
CA VAL D 164 84.50 37.18 4.88
C VAL D 164 83.66 37.94 5.89
N ASP D 165 83.23 39.14 5.54
CA ASP D 165 82.56 40.04 6.46
C ASP D 165 81.04 39.88 6.39
N TYR D 166 80.39 40.06 7.52
CA TYR D 166 78.95 40.06 7.63
C TYR D 166 78.51 41.24 8.47
N SER D 167 77.51 41.98 8.00
CA SER D 167 77.08 43.22 8.63
C SER D 167 75.85 43.00 9.48
N LEU D 168 75.82 43.65 10.64
CA LEU D 168 74.71 43.60 11.58
C LEU D 168 74.22 44.99 11.93
N ASN D 169 74.23 45.89 10.94
CA ASN D 169 74.01 47.30 11.20
C ASN D 169 72.61 47.61 11.76
N ALA D 170 71.56 47.42 10.96
CA ALA D 170 70.22 47.71 11.43
C ALA D 170 69.16 46.76 10.90
N ASN D 171 69.52 45.72 10.15
CA ASN D 171 68.54 44.84 9.53
C ASN D 171 68.80 43.36 9.80
N SER D 172 69.87 43.02 10.51
CA SER D 172 70.17 41.62 10.82
C SER D 172 70.69 41.46 12.24
N VAL D 173 70.20 42.28 13.16
CA VAL D 173 70.72 42.29 14.52
C VAL D 173 69.81 41.56 15.50
N LEU D 174 68.49 41.54 15.28
CA LEU D 174 67.59 40.72 16.08
C LEU D 174 67.64 41.04 17.57
N PHE D 175 67.00 42.15 17.97
CA PHE D 175 66.98 42.63 19.35
C PHE D 175 68.34 43.13 19.83
N ASP D 176 68.80 44.24 19.23
CA ASP D 176 69.93 45.00 19.76
C ASP D 176 69.86 45.11 21.27
N THR D 177 70.98 44.86 21.93
CA THR D 177 71.00 44.71 23.38
C THR D 177 70.71 46.03 24.09
N VAL D 178 71.39 47.10 23.69
CA VAL D 178 71.41 48.35 24.45
C VAL D 178 70.53 49.42 23.77
N GLY D 179 70.81 49.73 22.51
CA GLY D 179 70.15 50.85 21.87
C GLY D 179 68.67 50.65 21.61
N ASP D 180 68.20 49.40 21.58
CA ASP D 180 66.81 49.09 21.29
C ASP D 180 66.36 49.71 19.97
N THR D 181 67.24 49.61 18.97
CA THR D 181 66.99 50.14 17.64
C THR D 181 67.20 49.08 16.57
N GLY D 182 67.03 47.81 16.95
CA GLY D 182 67.26 46.71 16.04
C GLY D 182 66.11 46.48 15.09
N ILE D 183 66.22 45.39 14.32
CA ILE D 183 65.18 45.04 13.36
C ILE D 183 63.85 44.82 14.08
N LEU D 184 63.90 44.22 15.27
CA LEU D 184 62.76 44.15 16.16
C LEU D 184 62.93 45.14 17.29
N ASP D 185 61.85 45.35 18.04
CA ASP D 185 61.82 46.31 19.15
C ASP D 185 62.19 47.71 18.66
N LYS D 186 61.66 48.09 17.50
CA LYS D 186 61.75 49.45 17.02
C LYS D 186 60.57 49.74 16.12
N VAL D 187 60.26 51.03 15.96
CA VAL D 187 59.09 51.47 15.23
C VAL D 187 59.46 51.66 13.76
N TYR D 188 58.54 51.25 12.88
CA TYR D 188 58.71 51.39 11.43
C TYR D 188 57.75 52.45 10.91
N ASN D 189 58.27 53.40 10.14
CA ASN D 189 57.42 54.38 9.49
C ASN D 189 56.58 53.72 8.41
N VAL D 190 55.30 54.09 8.34
CA VAL D 190 54.35 53.50 7.41
C VAL D 190 53.72 54.64 6.62
N SER D 191 54.18 54.85 5.39
CA SER D 191 53.60 55.85 4.51
C SER D 191 53.71 55.37 3.07
N GLN D 192 52.83 55.91 2.23
CA GLN D 192 52.66 55.35 0.89
C GLN D 192 53.83 55.69 -0.02
N ALA D 193 54.33 56.92 0.03
CA ALA D 193 55.26 57.44 -0.96
C ALA D 193 56.52 57.99 -0.30
N SER D 194 57.11 57.21 0.60
CA SER D 194 58.34 57.61 1.27
C SER D 194 59.33 56.46 1.29
N VAL D 195 60.57 56.79 1.61
CA VAL D 195 61.65 55.82 1.75
C VAL D 195 62.45 56.17 3.00
N THR D 196 62.84 55.14 3.75
CA THR D 196 63.68 55.32 4.94
C THR D 196 65.13 55.22 4.51
N LEU D 197 65.85 56.34 4.55
CA LEU D 197 67.23 56.41 4.12
C LEU D 197 68.14 56.66 5.32
N THR D 198 69.32 56.04 5.31
CA THR D 198 70.31 56.23 6.35
C THR D 198 71.38 57.20 5.84
N VAL D 199 71.63 58.25 6.60
CA VAL D 199 72.62 59.26 6.27
C VAL D 199 73.45 59.55 7.51
N ASN D 200 74.75 59.70 7.34
CA ASN D 200 75.65 59.99 8.45
C ASN D 200 75.83 61.49 8.60
N THR D 201 75.60 61.98 9.81
CA THR D 201 75.73 63.39 10.14
C THR D 201 76.72 63.55 11.29
N ASN D 202 77.74 64.38 11.07
CA ASN D 202 78.80 64.62 12.06
C ASN D 202 79.50 63.33 12.46
N GLY D 203 79.56 62.37 11.54
CA GLY D 203 80.24 61.10 11.78
C GLY D 203 79.39 60.01 12.40
N VAL D 204 78.14 60.29 12.76
CA VAL D 204 77.23 59.30 13.33
C VAL D 204 76.04 59.14 12.40
N GLU D 205 75.69 57.89 12.11
CA GLU D 205 74.60 57.60 11.18
C GLU D 205 73.24 57.70 11.88
N SER D 206 72.21 57.88 11.08
CA SER D 206 70.84 57.93 11.57
C SER D 206 69.91 57.58 10.41
N GLN D 207 68.68 57.21 10.76
CA GLN D 207 67.67 56.83 9.79
C GLN D 207 66.57 57.89 9.77
N HIS D 208 66.32 58.44 8.59
CA HIS D 208 65.32 59.49 8.41
C HIS D 208 64.32 59.06 7.35
N THR D 209 63.05 59.37 7.57
CA THR D 209 61.98 59.06 6.63
C THR D 209 61.71 60.30 5.78
N VAL D 210 61.85 60.16 4.46
CA VAL D 210 61.65 61.25 3.53
C VAL D 210 60.83 60.74 2.35
N ALA D 211 60.05 61.63 1.75
CA ALA D 211 59.21 61.26 0.62
C ALA D 211 60.07 60.88 -0.59
N ALA D 212 59.54 59.99 -1.41
CA ALA D 212 60.20 59.52 -2.61
C ALA D 212 59.36 59.83 -3.84
N TYR D 213 60.01 60.16 -4.94
CA TYR D 213 59.34 60.56 -6.18
C TYR D 213 59.74 59.61 -7.29
N SER D 214 58.76 59.17 -8.07
CA SER D 214 59.02 58.22 -9.14
C SER D 214 59.73 58.89 -10.31
N LEU D 215 60.51 58.08 -11.04
CA LEU D 215 61.24 58.60 -12.19
C LEU D 215 60.30 58.96 -13.33
N GLU D 216 59.19 58.23 -13.48
CA GLU D 216 58.26 58.50 -14.56
C GLU D 216 57.64 59.89 -14.43
N SER D 217 57.25 60.26 -13.21
CA SER D 217 56.71 61.60 -12.99
C SER D 217 57.74 62.67 -13.29
N LEU D 218 58.99 62.44 -12.86
CA LEU D 218 60.06 63.41 -13.11
C LEU D 218 60.29 63.62 -14.60
N THR D 219 60.34 62.52 -15.36
CA THR D 219 60.57 62.64 -16.80
C THR D 219 59.34 63.15 -17.54
N GLU D 220 58.14 62.96 -16.98
CA GLU D 220 56.94 63.50 -17.63
C GLU D 220 56.81 65.01 -17.38
N ALA D 221 57.22 65.48 -16.20
CA ALA D 221 57.10 66.88 -15.86
C ALA D 221 58.03 67.77 -16.67
N GLY D 222 59.04 67.19 -17.33
CA GLY D 222 59.98 67.98 -18.11
C GLY D 222 61.21 68.38 -17.31
N ALA D 223 61.84 67.40 -16.66
CA ALA D 223 63.00 67.66 -15.82
C ALA D 223 64.28 67.44 -16.60
N GLU D 224 65.32 68.18 -16.21
CA GLU D 224 66.65 68.04 -16.80
C GLU D 224 67.52 67.27 -15.82
N PHE D 225 68.11 66.18 -16.29
CA PHE D 225 68.90 65.29 -15.46
C PHE D 225 70.40 65.47 -15.73
N GLN D 226 71.20 65.05 -14.76
CA GLN D 226 72.65 65.05 -14.92
C GLN D 226 73.22 64.06 -13.90
N GLY D 227 73.75 62.94 -14.38
CA GLY D 227 74.27 61.93 -13.48
C GLY D 227 73.17 61.40 -12.58
N ASN D 228 73.36 61.55 -11.27
CA ASN D 228 72.36 61.18 -10.29
C ASN D 228 71.58 62.39 -9.78
N TYR D 229 71.68 63.52 -10.46
CA TYR D 229 71.01 64.75 -10.08
C TYR D 229 69.95 65.12 -11.11
N ALA D 230 68.87 65.74 -10.64
CA ALA D 230 67.77 66.14 -11.49
C ALA D 230 67.35 67.56 -11.14
N LEU D 231 66.72 68.23 -12.10
CA LEU D 231 66.21 69.59 -11.89
C LEU D 231 64.91 69.72 -12.68
N GLN D 232 63.78 69.57 -11.99
CA GLN D 232 62.48 69.74 -12.60
C GLN D 232 62.06 71.20 -12.71
N GLY D 233 62.77 72.11 -12.03
CA GLY D 233 62.37 73.50 -11.97
C GLY D 233 62.86 74.15 -10.69
N GLY D 234 61.93 74.74 -9.93
CA GLY D 234 62.29 75.30 -8.64
C GLY D 234 62.72 74.28 -7.61
N ASN D 235 62.54 72.99 -7.88
CA ASN D 235 62.93 71.92 -6.98
C ASN D 235 64.04 71.09 -7.62
N SER D 236 64.90 70.54 -6.78
CA SER D 236 66.02 69.71 -7.21
C SER D 236 65.95 68.35 -6.55
N TYR D 237 66.44 67.33 -7.26
CA TYR D 237 66.39 65.96 -6.80
C TYR D 237 67.74 65.29 -7.00
N VAL D 238 68.05 64.34 -6.10
CA VAL D 238 69.29 63.58 -6.17
C VAL D 238 68.94 62.09 -6.08
N LYS D 239 69.72 61.27 -6.77
CA LYS D 239 69.50 59.82 -6.78
C LYS D 239 70.45 59.15 -5.80
N VAL D 240 70.12 59.30 -4.51
CA VAL D 240 70.91 58.64 -3.47
C VAL D 240 70.74 57.13 -3.55
N GLU D 241 69.52 56.67 -3.83
CA GLU D 241 69.25 55.25 -4.04
C GLU D 241 68.33 55.07 -5.23
N ASN D 242 67.76 53.89 -5.39
CA ASN D 242 66.90 53.60 -6.54
C ASN D 242 65.68 54.52 -6.62
N VAL D 243 65.38 55.27 -5.56
CA VAL D 243 64.27 56.21 -5.53
C VAL D 243 64.83 57.63 -5.49
N TRP D 244 64.18 58.53 -6.21
CA TRP D 244 64.61 59.93 -6.26
C TRP D 244 63.98 60.71 -5.11
N VAL D 245 64.77 61.63 -4.54
CA VAL D 245 64.37 62.39 -3.37
C VAL D 245 64.78 63.85 -3.55
N ARG D 246 63.93 64.76 -3.08
CA ARG D 246 64.25 66.17 -3.10
C ARG D 246 65.47 66.45 -2.21
N ALA D 247 66.30 67.40 -2.65
CA ALA D 247 67.55 67.71 -1.97
C ALA D 247 67.68 69.21 -1.74
N GLU D 248 68.46 69.55 -0.72
CA GLU D 248 68.80 70.94 -0.41
C GLU D 248 70.11 71.29 -1.08
N THR D 249 70.27 72.58 -1.41
CA THR D 249 71.40 73.02 -2.22
C THR D 249 72.74 72.76 -1.53
N ALA D 250 73.01 73.47 -0.45
CA ALA D 250 74.23 73.33 0.34
C ALA D 250 74.16 74.30 1.51
N ALA D 251 74.96 74.01 2.54
CA ALA D 251 75.14 74.88 3.69
C ALA D 251 73.82 75.22 4.40
N THR D 252 72.75 74.46 4.11
CA THR D 252 71.48 74.71 4.77
C THR D 252 71.45 74.04 6.15
N GLY D 253 71.71 72.73 6.20
CA GLY D 253 71.77 72.04 7.47
C GLY D 253 72.96 72.46 8.31
N ALA D 254 74.10 72.73 7.67
CA ALA D 254 75.34 73.13 8.35
C ALA D 254 75.73 72.10 9.42
N THR D 255 75.53 70.82 9.09
CA THR D 255 75.84 69.73 10.01
C THR D 255 76.85 68.76 9.44
N GLY D 256 77.52 69.11 8.34
CA GLY D 256 78.49 68.21 7.74
C GLY D 256 77.87 66.93 7.20
N GLN D 257 76.69 67.02 6.60
CA GLN D 257 76.03 65.86 6.06
C GLN D 257 76.76 65.35 4.82
N GLU D 258 76.58 64.07 4.53
CA GLU D 258 77.21 63.47 3.36
C GLU D 258 76.69 64.11 2.08
N ILE D 259 77.61 64.39 1.16
CA ILE D 259 77.26 65.03 -0.11
C ILE D 259 76.59 64.00 -1.01
N ALA D 260 75.34 64.27 -1.39
CA ALA D 260 74.62 63.34 -2.25
C ALA D 260 75.23 63.28 -3.64
N ALA D 261 75.47 64.43 -4.26
CA ALA D 261 76.03 64.47 -5.61
C ALA D 261 76.61 65.85 -5.87
N THR D 262 77.48 65.92 -6.88
CA THR D 262 78.06 67.16 -7.35
C THR D 262 77.69 67.39 -8.80
N THR D 263 77.45 68.65 -9.15
CA THR D 263 76.98 69.02 -10.48
C THR D 263 77.95 70.02 -11.12
N THR D 264 77.63 70.43 -12.34
CA THR D 264 78.43 71.38 -13.09
C THR D 264 77.47 72.33 -13.82
N ALA D 265 78.00 73.08 -14.78
CA ALA D 265 77.19 74.05 -15.50
C ALA D 265 76.04 73.38 -16.23
N ALA D 266 76.37 72.54 -17.22
CA ALA D 266 75.37 71.74 -17.94
C ALA D 266 74.24 72.60 -18.49
N GLY D 267 74.59 73.78 -18.99
CA GLY D 267 73.60 74.67 -19.56
C GLY D 267 72.88 75.53 -18.54
N THR D 268 71.99 74.93 -17.77
CA THR D 268 71.18 75.66 -16.79
C THR D 268 71.16 74.97 -15.43
N ILE D 269 72.25 74.30 -15.08
CA ILE D 269 72.36 73.59 -13.80
C ILE D 269 73.39 74.33 -12.95
N THR D 270 72.99 74.70 -11.74
CA THR D 270 73.91 75.37 -10.83
C THR D 270 75.01 74.41 -10.37
N ALA D 271 76.24 74.92 -10.31
CA ALA D 271 77.37 74.12 -9.87
C ALA D 271 77.46 74.19 -8.35
N ASP D 272 77.09 73.10 -7.68
CA ASP D 272 77.08 73.06 -6.23
C ASP D 272 77.14 71.61 -5.77
N SER D 273 77.50 71.42 -4.51
CA SER D 273 77.54 70.11 -3.88
C SER D 273 76.23 69.90 -3.15
N TRP D 274 75.38 69.04 -3.69
CA TRP D 274 74.02 68.87 -3.18
C TRP D 274 73.98 67.83 -2.08
N VAL D 275 73.07 68.04 -1.13
CA VAL D 275 72.88 67.17 0.01
C VAL D 275 71.41 66.80 0.11
N VAL D 276 71.13 65.52 0.36
CA VAL D 276 69.75 65.06 0.49
C VAL D 276 69.06 65.81 1.63
N ASP D 277 67.82 66.23 1.38
CA ASP D 277 67.06 66.99 2.37
C ASP D 277 66.64 66.08 3.51
N VAL D 278 67.17 66.35 4.70
CA VAL D 278 66.77 65.58 5.88
C VAL D 278 65.31 65.82 6.22
N GLY D 279 64.80 67.02 5.92
CA GLY D 279 63.41 67.33 6.14
C GLY D 279 62.52 66.79 5.04
N ASN D 280 61.57 67.61 4.57
CA ASN D 280 60.64 67.25 3.50
C ASN D 280 59.85 66.00 3.89
N ALA D 281 59.05 66.15 4.93
CA ALA D 281 58.24 65.05 5.44
C ALA D 281 57.22 64.60 4.38
N PRO D 282 56.84 63.34 4.39
CA PRO D 282 55.87 62.84 3.40
C PRO D 282 54.52 63.52 3.55
N ALA D 283 53.65 63.25 2.57
CA ALA D 283 52.32 63.83 2.57
C ALA D 283 51.52 63.40 3.80
N ALA D 284 51.59 62.12 4.15
CA ALA D 284 50.90 61.57 5.32
C ALA D 284 51.93 60.80 6.14
N ASN D 285 52.54 61.47 7.11
CA ASN D 285 53.57 60.85 7.94
C ASN D 285 52.89 60.03 9.03
N VAL D 286 52.84 58.72 8.84
CA VAL D 286 52.24 57.79 9.78
C VAL D 286 53.30 56.80 10.23
N SER D 287 53.38 56.58 11.53
CA SER D 287 54.33 55.66 12.12
C SER D 287 53.60 54.54 12.85
N ALA D 288 54.24 53.38 12.94
CA ALA D 288 53.66 52.26 13.66
C ALA D 288 53.44 52.63 15.13
N GLY D 289 52.28 52.26 15.67
CA GLY D 289 51.96 52.62 17.03
C GLY D 289 52.93 52.01 18.04
N GLN D 290 53.25 50.73 17.86
CA GLN D 290 54.16 50.04 18.75
C GLN D 290 55.12 49.19 17.93
N SER D 291 56.26 48.87 18.54
CA SER D 291 57.25 48.02 17.90
C SER D 291 56.77 46.57 17.92
N VAL D 292 57.60 45.69 17.34
CA VAL D 292 57.24 44.27 17.29
C VAL D 292 57.27 43.66 18.69
N ALA D 293 58.23 44.06 19.51
CA ALA D 293 58.37 43.51 20.85
C ALA D 293 57.48 44.18 21.88
N ASN D 294 56.79 45.26 21.51
CA ASN D 294 55.94 46.01 22.43
C ASN D 294 54.50 46.03 21.93
N ILE D 295 54.06 44.94 21.30
CA ILE D 295 52.72 44.90 20.73
C ILE D 295 51.69 44.83 21.84
N ASN D 296 50.72 45.75 21.80
CA ASN D 296 49.64 45.78 22.77
C ASN D 296 48.38 46.24 22.03
N ILE D 297 47.51 45.30 21.71
CA ILE D 297 46.39 45.56 20.83
C ILE D 297 45.09 45.81 21.61
N VAL D 298 45.19 46.18 22.89
CA VAL D 298 44.01 46.43 23.71
C VAL D 298 43.45 47.80 23.31
N GLY D 299 42.41 47.79 22.47
CA GLY D 299 41.73 49.03 22.10
C GLY D 299 42.56 50.01 21.32
N MET D 300 43.33 49.52 20.33
CA MET D 300 44.13 50.43 19.52
C MET D 300 43.27 51.20 18.52
N GLY D 301 42.32 50.51 17.88
CA GLY D 301 41.55 51.10 16.81
C GLY D 301 41.98 50.60 15.44
N ALA D 302 41.15 50.92 14.44
CA ALA D 302 41.39 50.40 13.09
C ALA D 302 42.69 50.92 12.51
N ALA D 303 42.90 52.23 12.56
CA ALA D 303 44.10 52.82 11.96
C ALA D 303 45.36 52.32 12.65
N ALA D 304 45.35 52.24 13.97
CA ALA D 304 46.50 51.72 14.71
C ALA D 304 46.76 50.26 14.35
N LEU D 305 45.69 49.48 14.19
CA LEU D 305 45.86 48.08 13.79
C LEU D 305 46.50 47.98 12.41
N ASP D 306 46.05 48.81 11.46
CA ASP D 306 46.65 48.79 10.13
C ASP D 306 48.11 49.20 10.17
N ALA D 307 48.44 50.22 10.96
CA ALA D 307 49.83 50.64 11.08
C ALA D 307 50.69 49.53 11.68
N LEU D 308 50.18 48.86 12.71
CA LEU D 308 50.91 47.76 13.32
C LEU D 308 51.11 46.61 12.34
N ILE D 309 50.08 46.31 11.55
CA ILE D 309 50.19 45.23 10.56
C ILE D 309 51.23 45.58 9.51
N SER D 310 51.24 46.83 9.04
CA SER D 310 52.22 47.25 8.06
C SER D 310 53.64 47.19 8.64
N GLY D 311 53.81 47.62 9.89
CA GLY D 311 55.12 47.53 10.51
C GLY D 311 55.59 46.10 10.68
N VAL D 312 54.68 45.20 11.06
CA VAL D 312 55.02 43.79 11.19
C VAL D 312 55.42 43.21 9.84
N ASP D 313 54.69 43.58 8.79
CA ASP D 313 55.03 43.09 7.45
C ASP D 313 56.40 43.60 7.01
N ALA D 314 56.70 44.86 7.29
CA ALA D 314 58.02 45.40 6.95
C ALA D 314 59.12 44.67 7.72
N ALA D 315 58.90 44.41 9.00
CA ALA D 315 59.87 43.68 9.79
C ALA D 315 60.07 42.26 9.24
N LEU D 316 58.98 41.61 8.83
CA LEU D 316 59.08 40.29 8.25
C LEU D 316 59.86 40.32 6.95
N THR D 317 59.64 41.33 6.11
CA THR D 317 60.39 41.44 4.86
C THR D 317 61.87 41.63 5.13
N ASP D 318 62.22 42.52 6.06
CA ASP D 318 63.63 42.73 6.39
C ASP D 318 64.26 41.47 6.96
N MET D 319 63.51 40.75 7.79
CA MET D 319 64.04 39.52 8.40
C MET D 319 64.23 38.43 7.36
N THR D 320 63.32 38.36 6.37
CA THR D 320 63.49 37.43 5.26
C THR D 320 64.72 37.79 4.43
N SER D 321 64.95 39.08 4.19
CA SER D 321 66.15 39.49 3.50
C SER D 321 67.40 39.10 4.27
N ALA D 322 67.37 39.25 5.59
CA ALA D 322 68.51 38.83 6.42
C ALA D 322 68.72 37.32 6.32
N ALA D 323 67.63 36.55 6.32
CA ALA D 323 67.75 35.11 6.19
C ALA D 323 68.36 34.72 4.84
N ALA D 324 67.95 35.41 3.77
CA ALA D 324 68.53 35.14 2.46
C ALA D 324 70.02 35.48 2.45
N SER D 325 70.40 36.58 3.09
CA SER D 325 71.81 36.95 3.18
C SER D 325 72.59 35.89 3.94
N LEU D 326 72.02 35.38 5.04
CA LEU D 326 72.70 34.33 5.81
C LEU D 326 72.86 33.06 4.98
N GLY D 327 71.83 32.68 4.21
CA GLY D 327 71.96 31.53 3.34
C GLY D 327 73.04 31.72 2.29
N SER D 328 73.11 32.92 1.72
CA SER D 328 74.17 33.21 0.75
C SER D 328 75.55 33.11 1.39
N ILE D 329 75.68 33.60 2.63
CA ILE D 329 76.95 33.48 3.34
C ILE D 329 77.30 32.01 3.55
N SER D 330 76.33 31.20 3.93
CA SER D 330 76.59 29.77 4.14
C SER D 330 77.04 29.10 2.84
N SER D 331 76.38 29.43 1.73
CA SER D 331 76.78 28.87 0.45
C SER D 331 78.20 29.31 0.08
N ARG D 332 78.53 30.58 0.34
CA ARG D 332 79.88 31.06 0.06
C ARG D 332 80.91 30.34 0.92
N ILE D 333 80.57 30.07 2.18
CA ILE D 333 81.48 29.32 3.05
C ILE D 333 81.70 27.91 2.52
N ASP D 334 80.64 27.26 2.05
CA ASP D 334 80.78 25.92 1.49
C ASP D 334 81.69 25.93 0.27
N LEU D 335 81.45 26.89 -0.64
CA LEU D 335 82.29 26.99 -1.84
C LEU D 335 83.74 27.30 -1.48
N GLN D 336 83.96 28.18 -0.50
CA GLN D 336 85.31 28.49 -0.08
C GLN D 336 85.99 27.26 0.52
N SER D 337 85.25 26.48 1.30
CA SER D 337 85.83 25.28 1.90
C SER D 337 86.25 24.27 0.83
N GLU D 338 85.38 24.04 -0.16
CA GLU D 338 85.74 23.09 -1.20
C GLU D 338 86.90 23.62 -2.05
N PHE D 339 86.94 24.92 -2.31
CA PHE D 339 88.05 25.49 -3.07
C PHE D 339 89.36 25.38 -2.30
N VAL D 340 89.32 25.62 -0.99
CA VAL D 340 90.53 25.48 -0.17
C VAL D 340 91.00 24.03 -0.15
N ASN D 341 90.05 23.09 -0.07
CA ASN D 341 90.43 21.68 -0.14
C ASN D 341 91.12 21.36 -1.46
N LYS D 342 90.55 21.84 -2.58
CA LYS D 342 91.16 21.60 -3.88
C LYS D 342 92.54 22.24 -3.98
N LEU D 343 92.69 23.46 -3.46
CA LEU D 343 93.97 24.15 -3.50
C LEU D 343 95.02 23.41 -2.67
N SER D 344 94.62 22.93 -1.49
CA SER D 344 95.55 22.15 -0.67
C SER D 344 95.94 20.86 -1.37
N ASP D 345 94.99 20.21 -2.04
CA ASP D 345 95.31 19.01 -2.79
C ASP D 345 96.31 19.31 -3.90
N SER D 346 96.11 20.41 -4.62
CA SER D 346 97.03 20.78 -5.70
C SER D 346 98.41 21.10 -5.16
N ILE D 347 98.48 21.81 -4.03
CA ILE D 347 99.77 22.14 -3.44
C ILE D 347 100.49 20.88 -2.99
N GLU D 348 99.76 19.95 -2.35
CA GLU D 348 100.38 18.70 -1.92
C GLU D 348 100.86 17.88 -3.11
N SER D 349 100.08 17.85 -4.18
CA SER D 349 100.51 17.13 -5.38
C SER D 349 101.77 17.74 -5.98
N GLY D 350 101.83 19.07 -6.04
CA GLY D 350 103.03 19.72 -6.55
C GLY D 350 104.25 19.46 -5.68
N VAL D 351 104.06 19.50 -4.36
CA VAL D 351 105.17 19.20 -3.45
C VAL D 351 105.65 17.77 -3.65
N GLY D 352 104.70 16.84 -3.77
CA GLY D 352 105.07 15.46 -3.98
C GLY D 352 105.83 15.25 -5.28
N ARG D 353 105.36 15.89 -6.36
CA ARG D 353 106.05 15.79 -7.64
C ARG D 353 107.46 16.37 -7.55
N LEU D 354 107.62 17.47 -6.81
CA LEU D 354 108.93 18.11 -6.68
C LEU D 354 109.86 17.35 -5.74
N VAL D 355 109.33 16.55 -4.81
CA VAL D 355 110.11 16.03 -3.69
C VAL D 355 110.31 14.52 -3.77
N ASP D 356 109.25 13.75 -4.03
CA ASP D 356 109.39 12.31 -4.01
C ASP D 356 110.23 11.82 -5.19
N ALA D 357 110.71 10.60 -5.07
CA ALA D 357 111.57 9.97 -6.07
C ALA D 357 110.94 8.67 -6.55
N ASP D 358 111.06 8.40 -7.84
CA ASP D 358 110.52 7.18 -8.44
C ASP D 358 111.37 5.99 -7.97
N MET D 359 110.82 5.23 -7.02
CA MET D 359 111.61 4.28 -6.24
C MET D 359 112.31 3.23 -7.10
N ASN D 360 111.82 2.97 -8.32
CA ASN D 360 112.36 1.89 -9.13
C ASN D 360 113.82 2.14 -9.50
N GLU D 361 114.14 3.36 -9.93
CA GLU D 361 115.53 3.63 -10.29
C GLU D 361 116.43 3.67 -9.07
N GLU D 362 115.91 4.05 -7.90
CA GLU D 362 116.70 3.91 -6.68
C GLU D 362 116.98 2.45 -6.36
N SER D 363 116.02 1.56 -6.59
CA SER D 363 116.29 0.13 -6.43
C SER D 363 117.37 -0.33 -7.40
N THR D 364 117.29 0.14 -8.65
CA THR D 364 118.32 -0.22 -9.64
C THR D 364 119.69 0.27 -9.20
N ARG D 365 119.77 1.51 -8.72
CA ARG D 365 121.05 2.03 -8.24
C ARG D 365 121.54 1.26 -7.02
N LEU D 366 120.64 0.84 -6.14
CA LEU D 366 121.05 0.07 -4.97
C LEU D 366 121.68 -1.25 -5.39
N LYS D 367 121.04 -1.95 -6.33
CA LYS D 367 121.61 -3.19 -6.85
C LYS D 367 122.96 -2.94 -7.53
N ALA D 368 123.04 -1.88 -8.34
CA ALA D 368 124.28 -1.58 -9.05
C ALA D 368 125.41 -1.26 -8.09
N LEU D 369 125.13 -0.48 -7.05
CA LEU D 369 126.16 -0.16 -6.06
C LEU D 369 126.56 -1.38 -5.25
N GLN D 370 125.62 -2.29 -4.94
CA GLN D 370 126.04 -3.53 -4.28
C GLN D 370 127.01 -4.31 -5.14
N THR D 371 126.70 -4.45 -6.44
CA THR D 371 127.60 -5.16 -7.35
C THR D 371 128.95 -4.45 -7.45
N GLN D 372 128.94 -3.12 -7.55
CA GLN D 372 130.17 -2.36 -7.67
C GLN D 372 131.02 -2.50 -6.41
N GLN D 373 130.38 -2.50 -5.24
CA GLN D 373 131.12 -2.70 -3.99
C GLN D 373 131.72 -4.09 -3.94
N GLN D 374 130.98 -5.11 -4.40
CA GLN D 374 131.55 -6.46 -4.42
C GLN D 374 132.78 -6.51 -5.32
N LEU D 375 132.69 -5.90 -6.51
CA LEU D 375 133.84 -5.86 -7.41
C LEU D 375 135.01 -5.11 -6.77
N ALA D 376 134.73 -3.99 -6.11
CA ALA D 376 135.78 -3.19 -5.50
C ALA D 376 136.47 -3.96 -4.37
N ILE D 377 135.69 -4.68 -3.56
CA ILE D 377 136.28 -5.48 -2.49
C ILE D 377 137.14 -6.59 -3.05
N GLN D 378 136.68 -7.25 -4.10
CA GLN D 378 137.48 -8.30 -4.72
C GLN D 378 138.79 -7.74 -5.27
N ALA D 379 138.72 -6.61 -5.97
CA ALA D 379 139.92 -6.00 -6.53
C ALA D 379 140.87 -5.54 -5.43
N LEU D 380 140.33 -5.01 -4.34
CA LEU D 380 141.16 -4.59 -3.21
C LEU D 380 141.86 -5.77 -2.59
N SER D 381 141.16 -6.89 -2.44
CA SER D 381 141.79 -8.10 -1.91
C SER D 381 142.92 -8.57 -2.82
N ILE D 382 142.68 -8.55 -4.14
CA ILE D 382 143.71 -8.96 -5.08
C ILE D 382 144.93 -8.03 -4.99
N ALA D 383 144.67 -6.73 -4.91
CA ALA D 383 145.76 -5.75 -4.84
C ALA D 383 146.55 -5.89 -3.55
N ASN D 384 145.88 -6.21 -2.45
CA ASN D 384 146.60 -6.45 -1.20
C ASN D 384 147.41 -7.73 -1.28
N SER D 385 146.87 -8.76 -1.93
CA SER D 385 147.55 -10.06 -1.93
C SER D 385 148.75 -10.10 -2.88
N ASP D 386 148.67 -9.37 -4.00
CA ASP D 386 149.68 -9.56 -5.05
C ASP D 386 151.08 -9.10 -4.67
N SER D 387 151.22 -8.35 -3.57
CA SER D 387 152.52 -7.83 -3.18
C SER D 387 153.42 -8.86 -2.51
N GLN D 388 152.90 -10.05 -2.22
CA GLN D 388 153.67 -11.10 -1.55
C GLN D 388 154.57 -11.88 -2.50
N ASN D 389 154.49 -11.63 -3.80
CA ASN D 389 155.26 -12.41 -4.77
C ASN D 389 156.76 -12.17 -4.65
N VAL D 390 157.16 -11.00 -4.16
CA VAL D 390 158.59 -10.64 -4.13
C VAL D 390 159.38 -11.52 -3.19
N LEU D 391 158.72 -12.18 -2.23
CA LEU D 391 159.44 -13.00 -1.26
C LEU D 391 160.09 -14.23 -1.89
N SER D 392 159.65 -14.63 -3.08
CA SER D 392 160.19 -15.84 -3.70
C SER D 392 161.65 -15.68 -4.06
N LEU D 393 162.04 -14.49 -4.53
CA LEU D 393 163.42 -14.29 -5.01
C LEU D 393 164.43 -14.46 -3.89
N PHE D 394 164.15 -13.91 -2.72
CA PHE D 394 165.12 -13.91 -1.63
C PHE D 394 165.28 -15.27 -0.97
N ARG D 395 164.28 -16.14 -1.06
CA ARG D 395 164.36 -17.46 -0.46
C ARG D 395 165.12 -18.43 -1.37
N THR E 2 164.38 -55.53 3.77
CA THR E 2 163.47 -54.79 2.90
C THR E 2 163.74 -55.10 1.43
N SER E 3 162.71 -55.57 0.73
CA SER E 3 162.83 -55.91 -0.68
C SER E 3 162.41 -54.71 -1.53
N ILE E 4 163.29 -54.32 -2.45
CA ILE E 4 163.01 -53.19 -3.33
C ILE E 4 162.19 -53.59 -4.54
N LEU E 5 162.04 -54.90 -4.80
CA LEU E 5 161.34 -55.36 -6.00
C LEU E 5 159.91 -55.78 -5.72
N THR E 6 159.54 -56.05 -4.48
CA THR E 6 158.19 -56.46 -4.13
C THR E 6 157.69 -55.65 -2.94
N ASN E 7 156.38 -55.40 -2.93
CA ASN E 7 155.71 -54.66 -1.85
C ASN E 7 154.38 -55.36 -1.59
N ASN E 8 154.37 -56.29 -0.65
CA ASN E 8 153.15 -57.03 -0.34
C ASN E 8 152.05 -56.12 0.20
N SER E 9 152.43 -55.12 1.00
CA SER E 9 151.45 -54.16 1.50
C SER E 9 150.80 -53.41 0.35
N ALA E 10 151.57 -53.09 -0.69
CA ALA E 10 151.00 -52.43 -1.86
C ALA E 10 149.98 -53.33 -2.55
N MET E 11 150.27 -54.63 -2.67
CA MET E 11 149.33 -55.55 -3.29
C MET E 11 148.05 -55.67 -2.46
N ALA E 12 148.19 -55.75 -1.14
CA ALA E 12 147.01 -55.82 -0.28
C ALA E 12 146.17 -54.55 -0.40
N ALA E 13 146.82 -53.39 -0.43
CA ALA E 13 146.10 -52.13 -0.60
C ALA E 13 145.39 -52.09 -1.94
N LEU E 14 146.05 -52.56 -3.00
CA LEU E 14 145.43 -52.57 -4.32
C LEU E 14 144.21 -53.49 -4.34
N SER E 15 144.31 -54.66 -3.72
CA SER E 15 143.16 -55.57 -3.67
C SER E 15 142.00 -54.94 -2.90
N GLY E 16 142.31 -54.29 -1.78
CA GLY E 16 141.26 -53.58 -1.05
C GLY E 16 140.62 -52.48 -1.88
N VAL E 17 141.43 -51.73 -2.63
CA VAL E 17 140.91 -50.67 -3.47
C VAL E 17 140.00 -51.23 -4.55
N ARG E 18 140.40 -52.34 -5.18
CA ARG E 18 139.55 -52.95 -6.20
C ARG E 18 138.22 -53.43 -5.61
N SER E 19 138.27 -54.05 -4.42
CA SER E 19 137.03 -54.50 -3.79
C SER E 19 136.11 -53.32 -3.48
N ILE E 20 136.68 -52.25 -2.92
CA ILE E 20 135.88 -51.07 -2.59
C ILE E 20 135.32 -50.44 -3.87
N SER E 21 136.11 -50.42 -4.94
CA SER E 21 135.64 -49.84 -6.19
C SER E 21 134.48 -50.64 -6.79
N SER E 22 134.57 -51.97 -6.75
CA SER E 22 133.48 -52.79 -7.25
C SER E 22 132.21 -52.59 -6.41
N SER E 23 132.36 -52.58 -5.09
CA SER E 23 131.20 -52.35 -4.23
C SER E 23 130.61 -50.98 -4.45
N MET E 24 131.47 -49.97 -4.66
CA MET E 24 130.99 -48.61 -4.89
C MET E 24 130.24 -48.52 -6.21
N GLU E 25 130.74 -49.16 -7.27
CA GLU E 25 130.03 -49.15 -8.53
C GLU E 25 128.67 -49.81 -8.39
N ASP E 26 128.62 -50.94 -7.68
CA ASP E 26 127.35 -51.63 -7.45
C ASP E 26 126.37 -50.72 -6.71
N THR E 27 126.82 -50.09 -5.62
CA THR E 27 125.92 -49.28 -4.83
C THR E 27 125.52 -48.00 -5.57
N GLN E 28 126.38 -47.49 -6.45
CA GLN E 28 126.00 -46.36 -7.29
C GLN E 28 124.89 -46.75 -8.25
N SER E 29 124.99 -47.94 -8.86
CA SER E 29 123.89 -48.42 -9.70
C SER E 29 122.61 -48.55 -8.87
N ARG E 30 122.73 -49.10 -7.66
CA ARG E 30 121.58 -49.28 -6.78
C ARG E 30 120.93 -47.94 -6.43
N ILE E 31 121.74 -46.94 -6.10
CA ILE E 31 121.24 -45.64 -5.67
C ILE E 31 120.76 -44.79 -6.83
N SER E 32 121.19 -45.10 -8.06
CA SER E 32 120.81 -44.31 -9.22
C SER E 32 119.63 -44.89 -9.98
N SER E 33 119.33 -46.19 -9.81
CA SER E 33 118.24 -46.77 -10.57
C SER E 33 117.41 -47.70 -9.69
N GLY E 34 117.42 -47.49 -8.38
CA GLY E 34 116.69 -48.35 -7.47
C GLY E 34 117.10 -49.81 -7.61
N LEU E 35 116.14 -50.69 -7.91
CA LEU E 35 116.44 -52.07 -8.26
C LEU E 35 117.39 -52.78 -7.31
N ARG E 36 116.91 -53.11 -6.10
CA ARG E 36 117.71 -53.94 -5.20
C ARG E 36 118.20 -55.20 -5.92
N VAL E 37 117.35 -55.77 -6.77
CA VAL E 37 117.76 -56.88 -7.62
C VAL E 37 118.20 -56.32 -8.97
N GLY E 38 119.48 -56.51 -9.30
CA GLY E 38 120.06 -55.97 -10.50
C GLY E 38 119.44 -56.57 -11.76
N SER E 39 119.91 -56.06 -12.90
CA SER E 39 119.41 -56.44 -14.23
C SER E 39 119.35 -57.96 -14.32
N ALA E 40 120.49 -58.67 -14.30
CA ALA E 40 120.45 -60.12 -14.35
C ALA E 40 121.57 -60.75 -13.53
N SER E 41 122.37 -59.93 -12.84
CA SER E 41 123.56 -60.42 -12.16
C SER E 41 123.31 -60.75 -10.69
N ASP E 42 122.13 -60.43 -10.16
CA ASP E 42 121.78 -60.79 -8.80
C ASP E 42 121.04 -62.13 -8.79
N ASN E 43 120.40 -62.45 -7.67
CA ASN E 43 119.71 -63.73 -7.51
C ASN E 43 118.65 -63.97 -8.58
N ALA E 44 118.88 -65.01 -9.38
CA ALA E 44 118.11 -65.23 -10.60
C ALA E 44 116.64 -65.49 -10.31
N ALA E 45 116.34 -66.25 -9.26
CA ALA E 45 114.97 -66.68 -9.00
C ALA E 45 114.04 -65.49 -8.82
N TYR E 46 114.42 -64.54 -7.95
CA TYR E 46 113.55 -63.42 -7.66
C TYR E 46 113.42 -62.49 -8.86
N TRP E 47 114.50 -62.32 -9.63
CA TRP E 47 114.42 -61.53 -10.84
C TRP E 47 113.46 -62.15 -11.85
N SER E 48 113.53 -63.48 -12.00
CA SER E 48 112.62 -64.18 -12.90
C SER E 48 111.17 -64.00 -12.45
N ILE E 49 110.92 -64.13 -11.15
CA ILE E 49 109.57 -63.93 -10.62
C ILE E 49 109.09 -62.53 -10.92
N ALA E 50 109.97 -61.54 -10.71
CA ALA E 50 109.60 -60.14 -10.96
C ALA E 50 109.27 -59.92 -12.44
N THR E 51 110.08 -60.47 -13.34
CA THR E 51 109.83 -60.29 -14.77
C THR E 51 108.51 -60.96 -15.17
N THR E 52 108.26 -62.18 -14.68
CA THR E 52 107.01 -62.86 -14.99
C THR E 52 105.82 -62.07 -14.48
N MET E 53 105.92 -61.52 -13.26
CA MET E 53 104.77 -60.80 -12.73
C MET E 53 104.59 -59.45 -13.41
N ARG E 54 105.68 -58.84 -13.90
CA ARG E 54 105.54 -57.64 -14.72
C ARG E 54 104.80 -57.96 -16.03
N SER E 55 105.13 -59.08 -16.66
CA SER E 55 104.39 -59.51 -17.84
C SER E 55 102.92 -59.72 -17.50
N ASP E 56 102.65 -60.34 -16.35
CA ASP E 56 101.27 -60.53 -15.93
C ASP E 56 100.56 -59.20 -15.71
N ASN E 57 101.26 -58.22 -15.16
CA ASN E 57 100.68 -56.89 -14.96
C ASN E 57 100.35 -56.22 -16.29
N GLN E 58 101.24 -56.37 -17.28
CA GLN E 58 100.94 -55.84 -18.61
C GLN E 58 99.71 -56.51 -19.20
N ALA E 59 99.61 -57.84 -19.03
CA ALA E 59 98.43 -58.54 -19.50
C ALA E 59 97.17 -58.03 -18.80
N LEU E 60 97.27 -57.75 -17.49
CA LEU E 60 96.13 -57.24 -16.75
C LEU E 60 95.72 -55.85 -17.25
N SER E 61 96.71 -55.02 -17.61
CA SER E 61 96.38 -53.71 -18.19
C SER E 61 95.65 -53.87 -19.52
N ALA E 62 96.10 -54.80 -20.35
CA ALA E 62 95.39 -55.07 -21.60
C ALA E 62 93.97 -55.55 -21.33
N VAL E 63 93.80 -56.41 -20.32
CA VAL E 63 92.47 -56.87 -19.93
C VAL E 63 91.61 -55.71 -19.45
N GLN E 64 92.21 -54.75 -18.75
CA GLN E 64 91.46 -53.57 -18.32
C GLN E 64 90.97 -52.77 -19.51
N ASP E 65 91.82 -52.58 -20.51
CA ASP E 65 91.38 -51.87 -21.71
C ASP E 65 90.25 -52.61 -22.41
N ALA E 66 90.37 -53.94 -22.52
CA ALA E 66 89.31 -54.73 -23.13
C ALA E 66 88.02 -54.64 -22.33
N LEU E 67 88.13 -54.61 -21.00
CA LEU E 67 86.96 -54.49 -20.14
C LEU E 67 86.27 -53.14 -20.35
N GLY E 68 87.05 -52.07 -20.49
CA GLY E 68 86.46 -50.78 -20.79
C GLY E 68 85.71 -50.78 -22.11
N LEU E 69 86.32 -51.37 -23.14
CA LEU E 69 85.66 -51.45 -24.44
C LEU E 69 84.35 -52.25 -24.34
N GLY E 70 84.39 -53.39 -23.66
CA GLY E 70 83.20 -54.19 -23.50
C GLY E 70 82.11 -53.48 -22.70
N ALA E 71 82.52 -52.72 -21.68
CA ALA E 71 81.56 -51.96 -20.90
C ALA E 71 80.87 -50.90 -21.76
N ALA E 72 81.65 -50.23 -22.62
CA ALA E 72 81.04 -49.28 -23.55
C ALA E 72 80.04 -49.96 -24.48
N LYS E 73 80.42 -51.14 -25.01
CA LYS E 73 79.51 -51.87 -25.90
C LYS E 73 78.22 -52.25 -25.17
N VAL E 74 78.34 -52.74 -23.94
CA VAL E 74 77.17 -53.16 -23.18
C VAL E 74 76.29 -51.96 -22.84
N ASP E 75 76.90 -50.81 -22.54
CA ASP E 75 76.11 -49.61 -22.26
C ASP E 75 75.32 -49.19 -23.49
N THR E 76 75.95 -49.21 -24.67
CA THR E 76 75.22 -48.86 -25.90
C THR E 76 74.08 -49.84 -26.15
N ALA E 77 74.34 -51.13 -25.96
CA ALA E 77 73.29 -52.13 -26.16
C ALA E 77 72.13 -51.93 -25.19
N TYR E 78 72.45 -51.61 -23.93
CA TYR E 78 71.40 -51.38 -22.94
C TYR E 78 70.56 -50.15 -23.28
N SER E 79 71.21 -49.09 -23.77
CA SER E 79 70.46 -47.91 -24.20
C SER E 79 69.51 -48.26 -25.34
N GLY E 80 70.01 -49.04 -26.32
CA GLY E 80 69.14 -49.47 -27.40
C GLY E 80 67.97 -50.31 -26.92
N MET E 81 68.23 -51.22 -25.98
CA MET E 81 67.16 -52.05 -25.42
C MET E 81 66.12 -51.20 -24.72
N GLU E 82 66.56 -50.21 -23.93
CA GLU E 82 65.61 -49.35 -23.24
C GLU E 82 64.74 -48.58 -24.22
N SER E 83 65.35 -48.04 -25.29
CA SER E 83 64.57 -47.33 -26.29
C SER E 83 63.55 -48.26 -26.95
N ALA E 84 63.97 -49.48 -27.30
CA ALA E 84 63.06 -50.43 -27.93
C ALA E 84 61.91 -50.80 -27.00
N ILE E 85 62.21 -50.99 -25.71
CA ILE E 85 61.16 -51.34 -24.75
C ILE E 85 60.16 -50.20 -24.63
N GLU E 86 60.65 -48.95 -24.58
CA GLU E 86 59.72 -47.82 -24.51
C GLU E 86 58.84 -47.76 -25.76
N VAL E 87 59.43 -47.97 -26.93
CA VAL E 87 58.64 -47.91 -28.17
C VAL E 87 57.58 -49.00 -28.18
N VAL E 88 57.95 -50.22 -27.76
CA VAL E 88 57.01 -51.33 -27.79
C VAL E 88 55.91 -51.11 -26.75
N LYS E 89 56.24 -50.54 -25.60
CA LYS E 89 55.21 -50.19 -24.63
C LYS E 89 54.23 -49.18 -25.22
N GLU E 90 54.75 -48.20 -25.96
CA GLU E 90 53.87 -47.23 -26.61
C GLU E 90 52.97 -47.92 -27.63
N ILE E 91 53.52 -48.88 -28.38
CA ILE E 91 52.74 -49.63 -29.36
C ILE E 91 51.62 -50.40 -28.66
N LYS E 92 51.94 -51.06 -27.55
CA LYS E 92 50.94 -51.84 -26.84
C LYS E 92 49.84 -50.93 -26.30
N ALA E 93 50.21 -49.76 -25.78
CA ALA E 93 49.20 -48.81 -25.33
C ALA E 93 48.29 -48.38 -26.47
N LYS E 94 48.88 -48.09 -27.64
CA LYS E 94 48.08 -47.70 -28.80
C LYS E 94 47.13 -48.82 -29.20
N LEU E 95 47.60 -50.06 -29.20
CA LEU E 95 46.76 -51.16 -29.65
C LEU E 95 45.62 -51.43 -28.66
N VAL E 96 45.92 -51.38 -27.36
CA VAL E 96 44.86 -51.61 -26.38
C VAL E 96 43.88 -50.43 -26.37
N ALA E 97 44.32 -49.25 -26.77
CA ALA E 97 43.37 -48.18 -27.02
C ALA E 97 42.51 -48.47 -28.24
N ALA E 98 43.12 -49.06 -29.29
CA ALA E 98 42.45 -49.32 -30.54
C ALA E 98 41.55 -50.55 -30.50
N THR E 99 41.58 -51.35 -29.43
CA THR E 99 40.71 -52.52 -29.39
C THR E 99 39.24 -52.13 -29.42
N GLU E 100 38.91 -50.88 -29.08
CA GLU E 100 37.55 -50.38 -29.24
C GLU E 100 37.16 -50.40 -30.71
N ASP E 101 35.91 -50.78 -30.97
CA ASP E 101 35.39 -50.82 -32.33
C ASP E 101 34.99 -49.43 -32.86
N GLY E 102 34.85 -48.44 -31.97
CA GLY E 102 34.49 -47.10 -32.37
C GLY E 102 35.63 -46.24 -32.86
N VAL E 103 36.83 -46.78 -32.92
CA VAL E 103 38.03 -46.04 -33.31
C VAL E 103 38.46 -46.52 -34.69
N ASP E 104 38.63 -45.57 -35.62
CA ASP E 104 39.12 -45.91 -36.94
C ASP E 104 40.52 -46.51 -36.85
N LYS E 105 40.72 -47.65 -37.52
CA LYS E 105 41.95 -48.41 -37.36
C LYS E 105 43.05 -48.01 -38.33
N ALA E 106 42.76 -47.15 -39.32
CA ALA E 106 43.80 -46.72 -40.25
C ALA E 106 44.84 -45.85 -39.54
N LYS E 107 44.39 -44.94 -38.67
CA LYS E 107 45.31 -44.09 -37.93
C LYS E 107 46.20 -44.93 -37.02
N ILE E 108 45.61 -45.89 -36.31
CA ILE E 108 46.40 -46.76 -35.46
C ILE E 108 47.38 -47.56 -36.30
N GLN E 109 46.94 -48.03 -37.47
CA GLN E 109 47.80 -48.82 -38.33
C GLN E 109 49.03 -48.02 -38.77
N GLU E 110 48.83 -46.76 -39.17
CA GLU E 110 49.98 -45.98 -39.61
C GLU E 110 50.86 -45.59 -38.44
N GLU E 111 50.28 -45.40 -37.25
CA GLU E 111 51.10 -45.16 -36.06
C GLU E 111 52.00 -46.36 -35.76
N ILE E 112 51.44 -47.57 -35.81
CA ILE E 112 52.26 -48.75 -35.57
C ILE E 112 53.28 -48.95 -36.70
N THR E 113 52.95 -48.56 -37.93
CA THR E 113 53.93 -48.63 -39.00
C THR E 113 55.11 -47.71 -38.71
N GLN E 114 54.83 -46.47 -38.29
CA GLN E 114 55.90 -45.55 -37.93
C GLN E 114 56.73 -46.09 -36.76
N LEU E 115 56.06 -46.66 -35.76
CA LEU E 115 56.79 -47.18 -34.60
C LEU E 115 57.63 -48.40 -34.98
N LYS E 116 57.14 -49.23 -35.90
CA LYS E 116 57.94 -50.36 -36.38
C LYS E 116 59.17 -49.88 -37.14
N ASP E 117 59.01 -48.84 -37.97
CA ASP E 117 60.16 -48.26 -38.64
C ASP E 117 61.15 -47.71 -37.61
N GLN E 118 60.65 -47.08 -36.56
CA GLN E 118 61.52 -46.58 -35.50
C GLN E 118 62.27 -47.73 -34.82
N LEU E 119 61.58 -48.84 -34.55
CA LEU E 119 62.25 -50.00 -33.96
C LEU E 119 63.34 -50.54 -34.87
N THR E 120 63.06 -50.62 -36.17
CA THR E 120 64.06 -51.09 -37.11
C THR E 120 65.28 -50.18 -37.12
N SER E 121 65.05 -48.86 -37.13
CA SER E 121 66.15 -47.91 -37.11
C SER E 121 66.97 -48.03 -35.82
N ILE E 122 66.30 -48.18 -34.68
CA ILE E 122 66.99 -48.34 -33.41
C ILE E 122 67.83 -49.62 -33.41
N ALA E 123 67.25 -50.70 -33.91
CA ALA E 123 67.96 -51.99 -33.92
C ALA E 123 69.19 -51.93 -34.81
N ASP E 124 69.07 -51.33 -36.00
CA ASP E 124 70.22 -51.30 -36.89
C ASP E 124 71.22 -50.19 -36.56
N ALA E 125 70.83 -49.21 -35.75
CA ALA E 125 71.73 -48.10 -35.44
C ALA E 125 72.52 -48.32 -34.16
N ALA E 126 72.04 -49.17 -33.25
CA ALA E 126 72.70 -49.39 -31.96
C ALA E 126 73.91 -50.30 -32.15
N SER E 127 74.92 -49.76 -32.83
CA SER E 127 76.16 -50.47 -33.10
C SER E 127 77.32 -49.61 -32.64
N PHE E 128 78.12 -50.12 -31.71
CA PHE E 128 79.25 -49.35 -31.21
C PHE E 128 80.46 -49.48 -32.12
N SER E 129 81.01 -50.69 -32.25
CA SER E 129 82.21 -50.94 -33.04
C SER E 129 82.01 -52.15 -33.93
N GLY E 130 80.87 -52.21 -34.61
CA GLY E 130 80.53 -53.39 -35.40
C GLY E 130 79.90 -54.50 -34.58
N GLU E 131 80.50 -54.83 -33.44
CA GLU E 131 79.92 -55.78 -32.52
C GLU E 131 78.76 -55.13 -31.79
N ASN E 132 77.56 -55.21 -32.36
CA ASN E 132 76.41 -54.46 -31.87
C ASN E 132 75.55 -55.24 -30.89
N TRP E 133 75.75 -56.55 -30.75
CA TRP E 133 75.01 -57.39 -29.82
C TRP E 133 73.51 -57.40 -30.11
N LEU E 134 73.11 -56.91 -31.29
CA LEU E 134 71.73 -56.88 -31.72
C LEU E 134 71.68 -57.15 -33.21
N GLN E 135 70.52 -57.63 -33.68
CA GLN E 135 70.32 -57.97 -35.09
C GLN E 135 71.40 -58.94 -35.58
N ALA E 136 71.52 -60.05 -34.85
CA ALA E 136 72.53 -61.04 -35.18
C ALA E 136 72.00 -62.01 -36.24
N ASP E 137 72.82 -62.98 -36.61
CA ASP E 137 72.46 -64.00 -37.58
C ASP E 137 72.11 -65.27 -36.82
N LEU E 138 70.83 -65.66 -36.87
CA LEU E 138 70.34 -66.84 -36.17
C LEU E 138 70.20 -68.04 -37.09
N SER E 139 70.74 -67.97 -38.31
CA SER E 139 70.71 -69.13 -39.20
C SER E 139 71.50 -70.29 -38.61
N GLY E 140 72.66 -70.00 -38.01
CA GLY E 140 73.42 -71.05 -37.35
C GLY E 140 72.70 -71.65 -36.17
N GLY E 141 71.93 -70.85 -35.44
CA GLY E 141 71.16 -71.34 -34.32
C GLY E 141 71.44 -70.61 -33.02
N ALA E 142 72.70 -70.26 -32.79
CA ALA E 142 73.08 -69.57 -31.57
C ALA E 142 74.45 -68.93 -31.76
N VAL E 143 74.57 -67.66 -31.40
CA VAL E 143 75.83 -66.94 -31.44
C VAL E 143 76.10 -66.36 -30.07
N THR E 144 77.34 -66.47 -29.60
CA THR E 144 77.72 -66.05 -28.26
C THR E 144 78.80 -64.98 -28.36
N LYS E 145 78.51 -63.80 -27.81
CA LYS E 145 79.48 -62.72 -27.74
C LYS E 145 80.22 -62.80 -26.41
N SER E 146 81.53 -62.54 -26.44
CA SER E 146 82.37 -62.67 -25.27
C SER E 146 83.10 -61.36 -25.00
N VAL E 147 83.25 -61.04 -23.71
CA VAL E 147 83.99 -59.87 -23.26
C VAL E 147 85.14 -60.35 -22.38
N VAL E 148 86.35 -59.89 -22.68
CA VAL E 148 87.53 -60.32 -21.93
C VAL E 148 87.38 -59.87 -20.48
N GLY E 149 87.31 -60.83 -19.56
CA GLY E 149 87.10 -60.53 -18.16
C GLY E 149 88.37 -60.44 -17.34
N SER E 150 89.22 -61.46 -17.41
CA SER E 150 90.44 -61.49 -16.62
C SER E 150 91.47 -62.37 -17.29
N PHE E 151 92.72 -62.18 -16.92
CA PHE E 151 93.83 -63.01 -17.38
C PHE E 151 94.34 -63.82 -16.20
N VAL E 152 94.29 -65.14 -16.32
CA VAL E 152 94.57 -66.05 -15.21
C VAL E 152 95.76 -66.93 -15.59
N ARG E 153 96.76 -66.98 -14.71
CA ARG E 153 97.89 -67.88 -14.84
C ARG E 153 97.65 -69.09 -13.94
N ASP E 154 97.38 -70.24 -14.56
CA ASP E 154 97.11 -71.45 -13.80
C ASP E 154 98.36 -71.88 -13.04
N GLY E 155 98.13 -72.50 -11.87
CA GLY E 155 99.25 -72.92 -11.03
C GLY E 155 100.15 -73.94 -11.70
N SER E 156 99.58 -74.80 -12.55
CA SER E 156 100.36 -75.84 -13.22
C SER E 156 101.05 -75.34 -14.48
N GLY E 157 101.75 -74.22 -14.35
CA GLY E 157 102.58 -73.69 -15.43
C GLY E 157 101.87 -73.42 -16.75
N SER E 158 100.73 -72.75 -16.69
CA SER E 158 99.99 -72.44 -17.90
C SER E 158 99.21 -71.15 -17.70
N VAL E 159 98.85 -70.51 -18.81
CA VAL E 159 98.13 -69.24 -18.81
C VAL E 159 96.90 -69.36 -19.70
N ALA E 160 95.93 -68.51 -19.43
CA ALA E 160 94.68 -68.49 -20.19
C ALA E 160 94.00 -67.15 -19.97
N VAL E 161 92.96 -66.90 -20.76
CA VAL E 161 92.17 -65.68 -20.68
C VAL E 161 90.72 -66.07 -20.47
N LYS E 162 90.05 -65.40 -19.54
CA LYS E 162 88.66 -65.67 -19.24
C LYS E 162 87.75 -64.65 -19.91
N LYS E 163 86.54 -65.07 -20.23
CA LYS E 163 85.58 -64.23 -20.95
C LYS E 163 84.22 -64.34 -20.30
N VAL E 164 83.40 -63.32 -20.52
CA VAL E 164 82.01 -63.28 -20.07
C VAL E 164 81.12 -63.48 -21.29
N ASP E 165 80.26 -64.50 -21.23
CA ASP E 165 79.48 -64.93 -22.39
C ASP E 165 78.06 -64.39 -22.30
N TYR E 166 77.58 -63.83 -23.41
CA TYR E 166 76.20 -63.39 -23.56
C TYR E 166 75.62 -64.09 -24.77
N SER E 167 74.53 -64.83 -24.56
CA SER E 167 73.95 -65.66 -25.61
C SER E 167 72.91 -64.85 -26.38
N LEU E 168 73.08 -64.75 -27.70
CA LEU E 168 72.13 -64.08 -28.57
C LEU E 168 71.25 -65.15 -29.21
N ASN E 169 70.32 -65.67 -28.42
CA ASN E 169 69.41 -66.72 -28.87
C ASN E 169 68.19 -66.09 -29.52
N ALA E 170 67.15 -66.89 -29.73
CA ALA E 170 65.91 -66.43 -30.34
C ALA E 170 65.03 -65.65 -29.37
N ASN E 171 65.57 -65.25 -28.21
CA ASN E 171 64.81 -64.50 -27.22
C ASN E 171 65.25 -63.06 -27.06
N SER E 172 66.48 -62.74 -27.45
CA SER E 172 67.03 -61.38 -27.29
C SER E 172 67.79 -60.99 -28.56
N VAL E 173 67.21 -61.25 -29.72
CA VAL E 173 67.91 -61.05 -30.98
C VAL E 173 67.53 -59.72 -31.61
N LEU E 174 66.30 -59.25 -31.38
CA LEU E 174 65.87 -57.96 -31.91
C LEU E 174 65.99 -57.85 -33.42
N PHE E 175 65.08 -58.51 -34.16
CA PHE E 175 65.07 -58.48 -35.62
C PHE E 175 66.26 -59.22 -36.24
N ASP E 176 66.31 -60.53 -36.04
CA ASP E 176 67.23 -61.39 -36.78
C ASP E 176 67.25 -61.04 -38.26
N THR E 177 68.45 -60.88 -38.81
CA THR E 177 68.63 -60.27 -40.13
C THR E 177 68.48 -61.24 -41.29
N VAL E 178 68.43 -62.55 -41.05
CA VAL E 178 68.43 -63.50 -42.16
C VAL E 178 67.11 -64.25 -42.22
N GLY E 179 66.80 -65.03 -41.19
CA GLY E 179 65.62 -65.88 -41.20
C GLY E 179 64.36 -65.27 -40.61
N ASP E 180 64.48 -64.10 -39.99
CA ASP E 180 63.36 -63.46 -39.29
C ASP E 180 62.77 -64.40 -38.24
N THR E 181 63.63 -65.23 -37.66
CA THR E 181 63.27 -66.12 -36.56
C THR E 181 64.00 -65.65 -35.32
N GLY E 182 63.25 -65.26 -34.30
CA GLY E 182 63.81 -64.70 -33.09
C GLY E 182 62.72 -64.12 -32.20
N ILE E 183 62.91 -62.89 -31.75
CA ILE E 183 61.83 -62.20 -31.04
C ILE E 183 60.60 -62.09 -31.93
N LEU E 184 60.81 -61.84 -33.22
CA LEU E 184 59.70 -61.82 -34.17
C LEU E 184 59.21 -63.24 -34.46
N ASP E 185 57.96 -63.33 -34.89
CA ASP E 185 57.37 -64.53 -35.45
C ASP E 185 57.17 -65.61 -34.38
N LYS E 186 57.64 -65.36 -33.16
CA LYS E 186 57.43 -66.29 -32.05
C LYS E 186 56.27 -65.76 -31.21
N VAL E 187 55.40 -66.68 -30.77
CA VAL E 187 54.24 -66.27 -30.00
C VAL E 187 54.45 -66.57 -28.51
N TYR E 188 54.70 -67.85 -28.17
CA TYR E 188 54.79 -68.28 -26.78
C TYR E 188 53.64 -67.72 -25.94
N ASN E 189 52.46 -67.60 -26.56
CA ASN E 189 51.36 -66.93 -25.91
C ASN E 189 50.86 -67.72 -24.70
N VAL E 190 50.45 -66.99 -23.66
CA VAL E 190 50.03 -67.63 -22.42
C VAL E 190 48.73 -68.40 -22.62
N SER E 191 47.83 -67.89 -23.44
CA SER E 191 46.52 -68.50 -23.61
C SER E 191 46.03 -68.23 -25.03
N GLN E 192 44.73 -68.46 -25.24
CA GLN E 192 44.08 -68.28 -26.52
C GLN E 192 42.82 -67.44 -26.32
N ALA E 193 42.34 -66.84 -27.41
CA ALA E 193 41.12 -66.05 -27.35
C ALA E 193 39.96 -66.91 -26.87
N SER E 194 39.20 -66.39 -25.92
CA SER E 194 38.13 -67.14 -25.27
C SER E 194 36.84 -66.32 -25.27
N VAL E 195 35.71 -67.03 -25.28
CA VAL E 195 34.40 -66.41 -25.23
C VAL E 195 33.53 -67.23 -24.28
N THR E 196 32.77 -66.53 -23.44
CA THR E 196 31.84 -67.17 -22.51
C THR E 196 30.45 -67.17 -23.12
N LEU E 197 29.86 -68.35 -23.24
CA LEU E 197 28.59 -68.52 -23.92
C LEU E 197 27.49 -68.89 -22.94
N THR E 198 26.25 -68.65 -23.36
CA THR E 198 25.05 -69.01 -22.60
C THR E 198 24.40 -70.19 -23.33
N VAL E 199 24.84 -71.39 -23.01
CA VAL E 199 24.35 -72.61 -23.63
C VAL E 199 23.79 -73.51 -22.54
N ASN E 200 22.55 -73.96 -22.73
CA ASN E 200 21.89 -74.85 -21.78
C ASN E 200 21.93 -76.27 -22.33
N THR E 201 22.73 -77.11 -21.69
CA THR E 201 22.76 -78.53 -22.06
C THR E 201 21.41 -79.18 -21.80
N ASN E 202 20.75 -78.79 -20.71
CA ASN E 202 19.43 -79.30 -20.37
C ASN E 202 18.46 -78.14 -20.19
N GLY E 203 17.29 -78.41 -19.62
CA GLY E 203 16.29 -77.38 -19.42
C GLY E 203 16.77 -76.22 -18.57
N VAL E 204 17.83 -76.43 -17.79
CA VAL E 204 18.41 -75.40 -16.94
C VAL E 204 19.57 -74.74 -17.68
N GLU E 205 19.68 -73.42 -17.56
CA GLU E 205 20.73 -72.65 -18.21
C GLU E 205 22.05 -72.82 -17.47
N SER E 206 23.16 -72.69 -18.20
CA SER E 206 24.48 -72.82 -17.62
C SER E 206 25.45 -71.99 -18.44
N GLN E 207 26.59 -71.67 -17.82
CA GLN E 207 27.64 -70.87 -18.43
C GLN E 207 28.82 -71.76 -18.80
N HIS E 208 29.32 -71.59 -20.02
CA HIS E 208 30.45 -72.38 -20.52
C HIS E 208 31.47 -71.47 -21.18
N THR E 209 32.73 -71.89 -21.10
CA THR E 209 33.85 -71.17 -21.70
C THR E 209 34.46 -72.02 -22.80
N VAL E 210 34.56 -71.43 -24.00
CA VAL E 210 35.11 -72.13 -25.16
C VAL E 210 36.00 -71.15 -25.92
N ALA E 211 37.09 -71.68 -26.50
CA ALA E 211 38.01 -70.85 -27.26
C ALA E 211 37.34 -70.30 -28.50
N ALA E 212 37.71 -69.07 -28.87
CA ALA E 212 37.17 -68.39 -30.03
C ALA E 212 38.21 -68.31 -31.14
N TYR E 213 37.75 -68.47 -32.37
CA TYR E 213 38.62 -68.47 -33.54
C TYR E 213 38.22 -67.34 -34.48
N SER E 214 39.21 -66.57 -34.93
CA SER E 214 38.96 -65.45 -35.83
C SER E 214 38.47 -65.95 -37.18
N LEU E 215 37.56 -65.20 -37.79
CA LEU E 215 37.06 -65.55 -39.12
C LEU E 215 38.17 -65.51 -40.16
N GLU E 216 39.14 -64.61 -39.99
CA GLU E 216 40.25 -64.53 -40.94
C GLU E 216 41.07 -65.81 -40.94
N SER E 217 41.31 -66.39 -39.77
CA SER E 217 42.06 -67.64 -39.70
C SER E 217 41.34 -68.77 -40.43
N LEU E 218 40.01 -68.84 -40.28
CA LEU E 218 39.25 -69.87 -40.97
C LEU E 218 39.26 -69.64 -42.47
N THR E 219 38.98 -68.42 -42.92
CA THR E 219 38.88 -68.15 -44.35
C THR E 219 40.23 -68.21 -45.04
N GLU E 220 41.34 -68.08 -44.31
CA GLU E 220 42.65 -68.13 -44.92
C GLU E 220 43.00 -69.54 -45.36
N ALA E 221 42.57 -70.55 -44.59
CA ALA E 221 42.93 -71.93 -44.85
C ALA E 221 41.96 -72.64 -45.78
N GLY E 222 41.20 -71.89 -46.58
CA GLY E 222 40.28 -72.49 -47.53
C GLY E 222 39.10 -73.18 -46.87
N ALA E 223 38.22 -72.39 -46.25
CA ALA E 223 37.09 -72.91 -45.51
C ALA E 223 35.80 -72.71 -46.30
N GLU E 224 35.04 -73.78 -46.48
CA GLU E 224 33.72 -73.67 -47.04
C GLU E 224 32.76 -73.07 -46.01
N PHE E 225 31.80 -72.28 -46.50
CA PHE E 225 30.86 -71.60 -45.62
C PHE E 225 29.44 -71.79 -46.13
N GLN E 226 28.50 -71.83 -45.18
CA GLN E 226 27.08 -71.88 -45.51
C GLN E 226 26.32 -71.35 -44.30
N GLY E 227 25.73 -70.16 -44.46
CA GLY E 227 25.03 -69.52 -43.36
C GLY E 227 25.96 -69.22 -42.19
N ASN E 228 25.82 -69.98 -41.11
CA ASN E 228 26.67 -69.85 -39.93
C ASN E 228 27.45 -71.14 -39.69
N TYR E 229 27.98 -71.71 -40.77
CA TYR E 229 28.76 -72.94 -40.70
C TYR E 229 30.07 -72.77 -41.43
N ALA E 230 31.14 -73.33 -40.87
CA ALA E 230 32.45 -73.35 -41.49
C ALA E 230 32.99 -74.78 -41.49
N LEU E 231 33.60 -75.17 -42.60
CA LEU E 231 34.13 -76.52 -42.79
C LEU E 231 35.54 -76.46 -43.37
N GLN E 232 36.40 -75.72 -42.66
CA GLN E 232 37.80 -75.56 -43.07
C GLN E 232 38.44 -76.90 -43.43
N GLY E 233 38.44 -77.84 -42.50
CA GLY E 233 38.94 -79.17 -42.76
C GLY E 233 38.04 -80.23 -42.16
N GLY E 234 38.64 -81.21 -41.47
CA GLY E 234 37.83 -82.13 -40.69
C GLY E 234 37.10 -81.44 -39.57
N ASN E 235 37.69 -80.40 -38.99
CA ASN E 235 37.05 -79.64 -37.94
C ASN E 235 35.88 -78.83 -38.51
N SER E 236 34.87 -78.62 -37.66
CA SER E 236 33.68 -77.88 -38.04
C SER E 236 33.48 -76.71 -37.10
N TYR E 237 33.25 -75.52 -37.65
CA TYR E 237 33.05 -74.31 -36.88
C TYR E 237 31.68 -73.72 -37.18
N VAL E 238 31.04 -73.18 -36.14
CA VAL E 238 29.76 -72.50 -36.27
C VAL E 238 29.85 -71.16 -35.56
N LYS E 239 28.97 -70.24 -35.96
CA LYS E 239 28.89 -68.91 -35.38
C LYS E 239 27.71 -68.87 -34.41
N VAL E 240 27.97 -68.50 -33.16
CA VAL E 240 26.92 -68.49 -32.15
C VAL E 240 26.27 -67.11 -32.05
N GLU E 241 27.04 -66.06 -31.77
CA GLU E 241 26.56 -64.70 -31.92
C GLU E 241 27.44 -63.88 -32.85
N ASN E 242 28.75 -63.80 -32.60
CA ASN E 242 29.66 -63.09 -33.48
C ASN E 242 30.98 -63.80 -33.70
N VAL E 243 31.33 -64.82 -32.91
CA VAL E 243 32.63 -65.48 -33.00
C VAL E 243 32.41 -66.92 -33.43
N TRP E 244 33.40 -67.46 -34.15
CA TRP E 244 33.34 -68.83 -34.62
C TRP E 244 34.02 -69.75 -33.61
N VAL E 245 33.30 -70.82 -33.22
CA VAL E 245 33.79 -71.77 -32.24
C VAL E 245 33.62 -73.17 -32.79
N ARG E 246 34.37 -74.11 -32.21
CA ARG E 246 34.30 -75.50 -32.64
C ARG E 246 32.92 -76.07 -32.36
N ALA E 247 32.41 -76.85 -33.32
CA ALA E 247 31.13 -77.53 -33.19
C ALA E 247 31.33 -79.03 -33.36
N GLU E 248 30.24 -79.77 -33.12
CA GLU E 248 30.27 -81.21 -33.28
C GLU E 248 28.90 -81.67 -33.77
N THR E 249 28.85 -82.89 -34.30
CA THR E 249 27.63 -83.42 -34.87
C THR E 249 26.62 -83.72 -33.77
N ALA E 250 25.37 -83.95 -34.19
CA ALA E 250 24.32 -84.31 -33.26
C ALA E 250 24.55 -85.72 -32.72
N ALA E 251 23.81 -86.06 -31.66
CA ALA E 251 23.89 -87.35 -30.99
C ALA E 251 25.28 -87.63 -30.44
N THR E 252 26.07 -86.57 -30.19
CA THR E 252 27.38 -86.70 -29.58
C THR E 252 27.50 -86.05 -28.21
N GLY E 253 26.64 -85.09 -27.89
CA GLY E 253 26.59 -84.55 -26.55
C GLY E 253 25.74 -85.40 -25.64
N ALA E 254 24.68 -85.99 -26.20
CA ALA E 254 23.79 -86.90 -25.49
C ALA E 254 23.14 -86.25 -24.27
N THR E 255 22.90 -84.94 -24.34
CA THR E 255 22.25 -84.22 -23.26
C THR E 255 21.07 -83.38 -23.71
N GLY E 256 20.77 -83.34 -25.01
CA GLY E 256 19.75 -82.44 -25.49
C GLY E 256 20.19 -81.00 -25.56
N GLN E 257 21.49 -80.76 -25.80
CA GLN E 257 22.02 -79.41 -25.82
C GLN E 257 21.38 -78.59 -26.94
N GLU E 258 21.26 -77.29 -26.71
CA GLU E 258 20.64 -76.39 -27.67
C GLU E 258 21.36 -76.47 -29.02
N ILE E 259 20.59 -76.62 -30.08
CA ILE E 259 21.16 -76.83 -31.41
C ILE E 259 21.77 -75.53 -31.92
N ALA E 260 23.00 -75.61 -32.40
CA ALA E 260 23.68 -74.42 -32.93
C ALA E 260 23.15 -74.07 -34.31
N ALA E 261 23.28 -74.99 -35.27
CA ALA E 261 22.82 -74.73 -36.63
C ALA E 261 22.60 -76.07 -37.34
N THR E 262 21.80 -76.02 -38.40
CA THR E 262 21.51 -77.17 -39.24
C THR E 262 21.89 -76.85 -40.67
N THR E 263 22.53 -77.81 -41.33
CA THR E 263 23.04 -77.62 -42.69
C THR E 263 22.44 -78.68 -43.61
N THR E 264 22.72 -78.52 -44.91
CA THR E 264 22.27 -79.46 -45.92
C THR E 264 23.46 -79.93 -46.75
N ALA E 265 23.22 -80.63 -47.86
CA ALA E 265 24.30 -81.16 -48.67
C ALA E 265 25.19 -80.03 -49.20
N ALA E 266 24.64 -79.19 -50.08
CA ALA E 266 25.32 -78.01 -50.59
C ALA E 266 26.74 -78.32 -51.05
N GLY E 267 26.89 -79.45 -51.73
CA GLY E 267 28.19 -79.86 -52.21
C GLY E 267 28.87 -80.87 -51.30
N THR E 268 29.96 -80.45 -50.63
CA THR E 268 30.74 -81.33 -49.77
C THR E 268 30.49 -81.07 -48.29
N ILE E 269 29.26 -80.75 -47.92
CA ILE E 269 28.89 -80.48 -46.54
C ILE E 269 27.87 -81.54 -46.11
N THR E 270 28.18 -82.27 -45.05
CA THR E 270 27.26 -83.28 -44.55
C THR E 270 26.05 -82.62 -43.90
N ALA E 271 24.87 -83.17 -44.20
CA ALA E 271 23.62 -82.65 -43.65
C ALA E 271 23.44 -83.19 -42.23
N ASP E 272 23.56 -82.31 -41.24
CA ASP E 272 23.44 -82.71 -39.84
C ASP E 272 23.04 -81.51 -39.01
N SER E 273 22.58 -81.79 -37.79
CA SER E 273 22.20 -80.75 -36.83
C SER E 273 23.40 -80.51 -35.92
N TRP E 274 24.28 -79.61 -36.33
CA TRP E 274 25.50 -79.34 -35.57
C TRP E 274 25.20 -78.62 -34.28
N VAL E 275 25.96 -78.92 -33.24
CA VAL E 275 25.77 -78.36 -31.92
C VAL E 275 27.11 -77.82 -31.43
N VAL E 276 27.05 -76.82 -30.55
CA VAL E 276 28.27 -76.21 -30.02
C VAL E 276 29.02 -77.25 -29.19
N ASP E 277 30.30 -77.40 -29.48
CA ASP E 277 31.13 -78.42 -28.82
C ASP E 277 31.60 -77.87 -27.49
N VAL E 278 30.93 -78.27 -26.41
CA VAL E 278 31.37 -77.89 -25.07
C VAL E 278 32.66 -78.64 -24.75
N GLY E 279 33.67 -77.91 -24.31
CA GLY E 279 34.98 -78.48 -24.08
C GLY E 279 36.05 -77.73 -24.84
N ASN E 280 37.13 -78.43 -25.21
CA ASN E 280 38.28 -77.87 -25.93
C ASN E 280 38.60 -76.45 -25.47
N ALA E 281 38.82 -76.32 -24.17
CA ALA E 281 39.06 -75.02 -23.56
C ALA E 281 40.34 -74.40 -24.14
N PRO E 282 40.43 -73.06 -24.16
CA PRO E 282 41.62 -72.40 -24.72
C PRO E 282 42.92 -72.95 -24.17
N ALA E 283 43.73 -73.55 -25.04
CA ALA E 283 44.99 -74.15 -24.66
C ALA E 283 46.14 -73.20 -24.97
N ALA E 284 47.19 -73.29 -24.15
CA ALA E 284 48.36 -72.45 -24.32
C ALA E 284 49.18 -72.92 -25.52
N ASN E 285 50.14 -72.07 -25.90
CA ASN E 285 51.08 -72.36 -26.99
C ASN E 285 50.33 -72.63 -28.31
N VAL E 286 49.63 -71.60 -28.77
CA VAL E 286 48.94 -71.64 -30.06
C VAL E 286 49.34 -70.39 -30.83
N SER E 287 49.50 -70.55 -32.15
CA SER E 287 49.98 -69.45 -32.99
C SER E 287 49.01 -68.27 -32.94
N ALA E 288 49.57 -67.07 -32.76
CA ALA E 288 48.79 -65.85 -32.71
C ALA E 288 48.57 -65.33 -34.12
N GLY E 289 48.02 -64.12 -34.23
CA GLY E 289 47.71 -63.56 -35.53
C GLY E 289 48.92 -63.16 -36.35
N GLN E 290 49.65 -62.14 -35.91
CA GLN E 290 50.77 -61.58 -36.67
C GLN E 290 51.94 -61.32 -35.73
N SER E 291 53.12 -61.24 -36.32
CA SER E 291 54.33 -60.93 -35.57
C SER E 291 54.40 -59.43 -35.27
N VAL E 292 55.40 -59.05 -34.47
CA VAL E 292 55.56 -57.65 -34.08
C VAL E 292 55.90 -56.80 -35.29
N ALA E 293 56.80 -57.29 -36.15
CA ALA E 293 57.25 -56.51 -37.31
C ALA E 293 56.22 -56.44 -38.42
N ASN E 294 55.16 -57.25 -38.37
CA ASN E 294 54.16 -57.31 -39.42
C ASN E 294 52.76 -57.11 -38.84
N ILE E 295 52.61 -56.07 -38.03
CA ILE E 295 51.33 -55.77 -37.39
C ILE E 295 50.44 -55.04 -38.39
N ASN E 296 49.29 -55.64 -38.71
CA ASN E 296 48.30 -55.04 -39.60
C ASN E 296 46.93 -55.31 -39.00
N ILE E 297 46.32 -54.28 -38.42
CA ILE E 297 45.12 -54.46 -37.60
C ILE E 297 43.88 -53.87 -38.25
N VAL E 298 43.91 -53.60 -39.55
CA VAL E 298 42.75 -53.02 -40.22
C VAL E 298 41.73 -54.12 -40.49
N GLY E 299 40.49 -53.91 -40.05
CA GLY E 299 39.44 -54.88 -40.22
C GLY E 299 39.74 -56.21 -39.54
N MET E 300 40.24 -56.15 -38.30
CA MET E 300 40.64 -57.36 -37.59
C MET E 300 39.45 -58.23 -37.23
N GLY E 301 38.39 -57.61 -36.71
CA GLY E 301 37.20 -58.33 -36.30
C GLY E 301 37.06 -58.57 -34.82
N ALA E 302 37.96 -58.03 -34.00
CA ALA E 302 37.90 -58.11 -32.53
C ALA E 302 37.90 -59.55 -32.03
N ALA E 303 38.54 -60.46 -32.76
CA ALA E 303 38.64 -61.86 -32.36
C ALA E 303 40.07 -62.29 -32.07
N ALA E 304 41.00 -62.04 -33.00
CA ALA E 304 42.40 -62.34 -32.80
C ALA E 304 43.16 -61.20 -32.15
N LEU E 305 42.48 -60.09 -31.85
CA LEU E 305 43.16 -58.98 -31.17
C LEU E 305 43.67 -59.40 -29.81
N ASP E 306 42.95 -60.28 -29.11
CA ASP E 306 43.45 -60.80 -27.84
C ASP E 306 44.74 -61.58 -28.03
N ALA E 307 44.81 -62.38 -29.10
CA ALA E 307 46.04 -63.10 -29.40
C ALA E 307 47.18 -62.14 -29.73
N LEU E 308 46.87 -61.06 -30.46
CA LEU E 308 47.89 -60.06 -30.77
C LEU E 308 48.40 -59.39 -29.51
N ILE E 309 47.48 -59.07 -28.58
CA ILE E 309 47.87 -58.47 -27.31
C ILE E 309 48.76 -59.42 -26.53
N SER E 310 48.39 -60.70 -26.49
CA SER E 310 49.19 -61.69 -25.79
C SER E 310 50.59 -61.80 -26.38
N GLY E 311 50.68 -61.81 -27.72
CA GLY E 311 51.99 -61.87 -28.36
C GLY E 311 52.83 -60.64 -28.06
N VAL E 312 52.21 -59.46 -28.10
CA VAL E 312 52.94 -58.23 -27.79
C VAL E 312 53.43 -58.26 -26.34
N ASP E 313 52.58 -58.73 -25.42
CA ASP E 313 52.99 -58.82 -24.02
C ASP E 313 54.14 -59.80 -23.84
N ALA E 314 54.09 -60.93 -24.54
CA ALA E 314 55.18 -61.90 -24.46
C ALA E 314 56.49 -61.31 -24.97
N ALA E 315 56.42 -60.58 -26.09
CA ALA E 315 57.62 -59.94 -26.62
C ALA E 315 58.15 -58.90 -25.64
N LEU E 316 57.25 -58.12 -25.03
CA LEU E 316 57.67 -57.11 -24.06
C LEU E 316 58.33 -57.76 -22.85
N THR E 317 57.78 -58.87 -22.36
CA THR E 317 58.38 -59.57 -21.23
C THR E 317 59.75 -60.12 -21.58
N ASP E 318 59.89 -60.69 -22.78
CA ASP E 318 61.20 -61.19 -23.20
C ASP E 318 62.22 -60.06 -23.30
N MET E 319 61.80 -58.90 -23.83
CA MET E 319 62.70 -57.78 -23.93
C MET E 319 63.08 -57.23 -22.55
N THR E 320 62.13 -57.23 -21.62
CA THR E 320 62.43 -56.81 -20.25
C THR E 320 63.46 -57.76 -19.61
N SER E 321 63.29 -59.07 -19.82
CA SER E 321 64.26 -60.02 -19.31
C SER E 321 65.63 -59.80 -19.94
N ALA E 322 65.66 -59.52 -21.25
CA ALA E 322 66.93 -59.26 -21.91
C ALA E 322 67.59 -58.00 -21.36
N ALA E 323 66.80 -56.96 -21.11
CA ALA E 323 67.36 -55.73 -20.54
C ALA E 323 67.91 -55.97 -19.14
N ALA E 324 67.19 -56.75 -18.33
CA ALA E 324 67.69 -57.10 -17.01
C ALA E 324 68.99 -57.88 -17.10
N SER E 325 69.08 -58.81 -18.06
CA SER E 325 70.31 -59.57 -18.25
C SER E 325 71.46 -58.67 -18.66
N LEU E 326 71.19 -57.70 -19.55
CA LEU E 326 72.24 -56.78 -19.97
C LEU E 326 72.69 -55.89 -18.81
N GLY E 327 71.76 -55.45 -17.97
CA GLY E 327 72.14 -54.69 -16.79
C GLY E 327 73.00 -55.51 -15.83
N SER E 328 72.64 -56.78 -15.65
CA SER E 328 73.46 -57.67 -14.83
C SER E 328 74.85 -57.84 -15.43
N ILE E 329 74.93 -57.96 -16.76
CA ILE E 329 76.22 -58.07 -17.42
C ILE E 329 77.05 -56.80 -17.18
N SER E 330 76.43 -55.64 -17.28
CA SER E 330 77.15 -54.38 -17.05
C SER E 330 77.65 -54.30 -15.62
N SER E 331 76.82 -54.69 -14.66
CA SER E 331 77.25 -54.69 -13.26
C SER E 331 78.41 -55.66 -13.05
N ARG E 332 78.34 -56.84 -13.70
CA ARG E 332 79.43 -57.80 -13.60
C ARG E 332 80.71 -57.24 -14.20
N ILE E 333 80.62 -56.53 -15.33
CA ILE E 333 81.79 -55.91 -15.92
C ILE E 333 82.39 -54.88 -14.98
N ASP E 334 81.55 -54.07 -14.35
CA ASP E 334 82.05 -53.06 -13.42
C ASP E 334 82.77 -53.72 -12.24
N LEU E 335 82.16 -54.77 -11.67
CA LEU E 335 82.77 -55.48 -10.56
C LEU E 335 84.09 -56.12 -10.98
N GLN E 336 84.12 -56.72 -12.18
CA GLN E 336 85.33 -57.33 -12.69
C GLN E 336 86.43 -56.30 -12.88
N SER E 337 86.08 -55.12 -13.40
CA SER E 337 87.08 -54.07 -13.58
C SER E 337 87.65 -53.62 -12.24
N GLU E 338 86.77 -53.43 -11.24
CA GLU E 338 87.26 -53.04 -9.92
C GLU E 338 88.18 -54.11 -9.33
N PHE E 339 87.78 -55.38 -9.44
CA PHE E 339 88.60 -56.46 -8.89
C PHE E 339 89.93 -56.57 -9.61
N VAL E 340 89.94 -56.42 -10.95
CA VAL E 340 91.18 -56.51 -11.70
C VAL E 340 92.10 -55.35 -11.34
N ASN E 341 91.54 -54.15 -11.16
CA ASN E 341 92.37 -53.02 -10.75
C ASN E 341 92.95 -53.26 -9.36
N LYS E 342 92.16 -53.79 -8.44
CA LYS E 342 92.68 -54.09 -7.11
C LYS E 342 93.78 -55.14 -7.17
N LEU E 343 93.59 -56.18 -7.98
CA LEU E 343 94.60 -57.21 -8.12
C LEU E 343 95.88 -56.66 -8.74
N SER E 344 95.74 -55.79 -9.73
CA SER E 344 96.91 -55.16 -10.34
C SER E 344 97.66 -54.31 -9.33
N ASP E 345 96.94 -53.55 -8.51
CA ASP E 345 97.59 -52.75 -7.47
C ASP E 345 98.31 -53.65 -6.47
N SER E 346 97.67 -54.75 -6.05
CA SER E 346 98.29 -55.64 -5.07
C SER E 346 99.55 -56.30 -5.64
N ILE E 347 99.48 -56.75 -6.89
CA ILE E 347 100.65 -57.41 -7.48
C ILE E 347 101.75 -56.41 -7.75
N GLU E 348 101.40 -55.17 -8.09
CA GLU E 348 102.41 -54.13 -8.27
C GLU E 348 103.11 -53.84 -6.95
N SER E 349 102.34 -53.78 -5.86
CA SER E 349 102.94 -53.59 -4.54
C SER E 349 103.85 -54.77 -4.17
N GLY E 350 103.42 -55.99 -4.49
CA GLY E 350 104.26 -57.15 -4.23
C GLY E 350 105.56 -57.12 -5.01
N VAL E 351 105.49 -56.76 -6.29
CA VAL E 351 106.69 -56.64 -7.10
C VAL E 351 107.61 -55.57 -6.53
N GLY E 352 107.04 -54.43 -6.11
CA GLY E 352 107.85 -53.40 -5.48
C GLY E 352 108.52 -53.89 -4.21
N ARG E 353 107.78 -54.63 -3.38
CA ARG E 353 108.38 -55.18 -2.16
C ARG E 353 109.52 -56.13 -2.50
N LEU E 354 109.37 -56.91 -3.58
CA LEU E 354 110.41 -57.86 -3.95
C LEU E 354 111.61 -57.17 -4.57
N VAL E 355 111.42 -56.02 -5.21
CA VAL E 355 112.45 -55.42 -6.03
C VAL E 355 113.01 -54.12 -5.44
N ASP E 356 112.18 -53.27 -4.84
CA ASP E 356 112.63 -51.96 -4.42
C ASP E 356 113.65 -52.05 -3.29
N ALA E 357 114.49 -51.01 -3.20
CA ALA E 357 115.51 -50.90 -2.17
C ALA E 357 115.33 -49.60 -1.41
N ASP E 358 115.50 -49.67 -0.09
CA ASP E 358 115.44 -48.46 0.72
C ASP E 358 116.69 -47.59 0.48
N MET E 359 116.46 -46.31 0.17
CA MET E 359 117.56 -45.46 -0.27
C MET E 359 118.41 -44.99 0.90
N ASN E 360 117.87 -44.97 2.12
CA ASN E 360 118.65 -44.53 3.26
C ASN E 360 119.84 -45.45 3.52
N GLU E 361 119.60 -46.76 3.45
CA GLU E 361 120.68 -47.73 3.68
C GLU E 361 121.73 -47.63 2.58
N GLU E 362 121.28 -47.43 1.33
CA GLU E 362 122.22 -47.27 0.22
C GLU E 362 123.04 -45.99 0.37
N SER E 363 122.43 -44.91 0.86
CA SER E 363 123.18 -43.69 1.10
C SER E 363 124.24 -43.89 2.18
N THR E 364 123.87 -44.60 3.25
CA THR E 364 124.85 -44.91 4.28
C THR E 364 126.00 -45.74 3.71
N ARG E 365 125.67 -46.74 2.88
CA ARG E 365 126.71 -47.54 2.25
C ARG E 365 127.60 -46.68 1.35
N LEU E 366 127.01 -45.76 0.59
CA LEU E 366 127.78 -44.92 -0.30
C LEU E 366 128.76 -44.06 0.47
N LYS E 367 128.31 -43.45 1.57
CA LYS E 367 129.22 -42.65 2.40
C LYS E 367 130.32 -43.52 2.99
N ALA E 368 129.96 -44.71 3.48
CA ALA E 368 130.95 -45.60 4.08
C ALA E 368 132.00 -46.01 3.06
N LEU E 369 131.58 -46.35 1.84
CA LEU E 369 132.53 -46.76 0.82
C LEU E 369 133.38 -45.60 0.32
N GLN E 370 132.82 -44.39 0.27
CA GLN E 370 133.65 -43.23 -0.08
C GLN E 370 134.75 -43.03 0.95
N THR E 371 134.39 -43.10 2.24
CA THR E 371 135.39 -42.94 3.29
C THR E 371 136.42 -44.07 3.23
N GLN E 372 135.96 -45.30 3.00
CA GLN E 372 136.88 -46.43 2.92
C GLN E 372 137.83 -46.29 1.74
N GLN E 373 137.33 -45.79 0.61
CA GLN E 373 138.19 -45.55 -0.54
C GLN E 373 139.24 -44.49 -0.21
N GLN E 374 138.84 -43.42 0.48
CA GLN E 374 139.81 -42.39 0.86
C GLN E 374 140.90 -42.96 1.76
N LEU E 375 140.50 -43.74 2.77
CA LEU E 375 141.49 -44.36 3.65
C LEU E 375 142.39 -45.33 2.90
N ALA E 376 141.82 -46.12 1.99
CA ALA E 376 142.62 -47.07 1.23
C ALA E 376 143.64 -46.35 0.34
N ILE E 377 143.23 -45.25 -0.29
CA ILE E 377 144.15 -44.48 -1.11
C ILE E 377 145.26 -43.89 -0.26
N GLN E 378 144.92 -43.38 0.93
CA GLN E 378 145.94 -42.86 1.83
C GLN E 378 146.92 -43.96 2.23
N ALA E 379 146.41 -45.15 2.55
CA ALA E 379 147.28 -46.26 2.93
C ALA E 379 148.19 -46.67 1.77
N LEU E 380 147.65 -46.68 0.55
CA LEU E 380 148.47 -47.00 -0.62
C LEU E 380 149.56 -45.97 -0.82
N SER E 381 149.23 -44.68 -0.62
CA SER E 381 150.26 -43.65 -0.73
C SER E 381 151.35 -43.83 0.30
N ILE E 382 150.96 -44.16 1.54
CA ILE E 382 151.95 -44.41 2.59
C ILE E 382 152.83 -45.61 2.22
N ALA E 383 152.22 -46.67 1.70
CA ALA E 383 152.98 -47.84 1.30
C ALA E 383 153.97 -47.51 0.19
N ASN E 384 153.54 -46.72 -0.79
CA ASN E 384 154.46 -46.32 -1.86
C ASN E 384 155.60 -45.47 -1.32
N SER E 385 155.29 -44.54 -0.42
CA SER E 385 156.33 -43.68 0.15
C SER E 385 157.26 -44.44 1.09
N ASP E 386 156.84 -45.61 1.57
CA ASP E 386 157.69 -46.39 2.45
C ASP E 386 158.94 -46.88 1.73
N SER E 387 158.84 -47.13 0.42
CA SER E 387 159.89 -47.85 -0.29
C SER E 387 161.20 -47.06 -0.33
N GLN E 388 161.15 -45.76 -0.57
CA GLN E 388 162.35 -45.00 -0.87
C GLN E 388 163.17 -44.64 0.35
N ASN E 389 162.77 -45.05 1.56
CA ASN E 389 163.57 -44.76 2.75
C ASN E 389 164.91 -45.49 2.75
N VAL E 390 165.03 -46.57 1.98
CA VAL E 390 166.25 -47.36 1.98
C VAL E 390 167.42 -46.61 1.37
N LEU E 391 167.16 -45.54 0.61
CA LEU E 391 168.23 -44.82 -0.07
C LEU E 391 169.20 -44.16 0.91
N SER E 392 168.80 -43.97 2.17
CA SER E 392 169.68 -43.31 3.12
C SER E 392 170.92 -44.15 3.43
N LEU E 393 170.79 -45.47 3.40
CA LEU E 393 171.94 -46.32 3.73
C LEU E 393 173.03 -46.22 2.68
N PHE E 394 172.68 -45.97 1.42
CA PHE E 394 173.64 -45.86 0.34
C PHE E 394 174.00 -44.42 0.01
N ARG E 395 173.62 -43.47 0.87
CA ARG E 395 173.83 -42.03 0.70
C ARG E 395 173.76 -41.52 -0.74
N THR F 2 141.42 -48.76 -11.46
CA THR F 2 140.71 -47.54 -11.88
C THR F 2 141.28 -47.01 -13.19
N SER F 3 140.41 -46.83 -14.18
CA SER F 3 140.80 -46.32 -15.49
C SER F 3 140.22 -44.93 -15.68
N ILE F 4 141.08 -43.98 -16.03
CA ILE F 4 140.63 -42.61 -16.26
C ILE F 4 139.99 -42.41 -17.62
N LEU F 5 140.00 -43.43 -18.48
CA LEU F 5 139.43 -43.32 -19.81
C LEU F 5 137.98 -43.77 -19.89
N THR F 6 137.54 -44.64 -18.99
CA THR F 6 136.18 -45.16 -19.00
C THR F 6 135.58 -45.08 -17.61
N ASN F 7 134.26 -44.97 -17.56
CA ASN F 7 133.53 -44.87 -16.30
C ASN F 7 132.21 -45.64 -16.47
N ASN F 8 132.21 -46.90 -16.03
CA ASN F 8 131.01 -47.73 -16.18
C ASN F 8 129.84 -47.16 -15.38
N SER F 9 130.12 -46.67 -14.17
CA SER F 9 129.07 -46.08 -13.34
C SER F 9 128.47 -44.86 -14.02
N ALA F 10 129.31 -44.03 -14.63
CA ALA F 10 128.81 -42.86 -15.35
C ALA F 10 127.93 -43.26 -16.52
N MET F 11 128.33 -44.31 -17.26
CA MET F 11 127.52 -44.77 -18.38
C MET F 11 126.17 -45.30 -17.91
N ALA F 12 126.16 -46.09 -16.82
CA ALA F 12 124.90 -46.59 -16.29
C ALA F 12 124.01 -45.44 -15.81
N ALA F 13 124.60 -44.46 -15.15
CA ALA F 13 123.84 -43.30 -14.70
C ALA F 13 123.27 -42.53 -15.89
N LEU F 14 124.05 -42.39 -16.96
CA LEU F 14 123.58 -41.69 -18.15
C LEU F 14 122.42 -42.43 -18.80
N SER F 15 122.52 -43.77 -18.88
CA SER F 15 121.41 -44.55 -19.43
C SER F 15 120.16 -44.41 -18.58
N GLY F 16 120.31 -44.44 -17.25
CA GLY F 16 119.17 -44.23 -16.39
C GLY F 16 118.57 -42.84 -16.57
N VAL F 17 119.41 -41.83 -16.72
CA VAL F 17 118.94 -40.46 -16.95
C VAL F 17 118.16 -40.39 -18.26
N ARG F 18 118.67 -41.05 -19.30
CA ARG F 18 117.98 -41.04 -20.58
C ARG F 18 116.60 -41.70 -20.47
N SER F 19 116.53 -42.85 -19.80
CA SER F 19 115.26 -43.53 -19.64
C SER F 19 114.28 -42.69 -18.84
N ILE F 20 114.74 -42.09 -17.74
CA ILE F 20 113.87 -41.27 -16.91
C ILE F 20 113.41 -40.05 -17.68
N SER F 21 114.29 -39.45 -18.48
CA SER F 21 113.92 -38.29 -19.27
C SER F 21 112.87 -38.63 -20.32
N SER F 22 113.02 -39.77 -20.99
CA SER F 22 112.03 -40.19 -21.97
C SER F 22 110.68 -40.43 -21.30
N SER F 23 110.69 -41.14 -20.16
CA SER F 23 109.44 -41.40 -19.45
C SER F 23 108.81 -40.11 -18.96
N MET F 24 109.62 -39.16 -18.49
CA MET F 24 109.10 -37.88 -18.01
C MET F 24 108.50 -37.07 -19.15
N GLU F 25 109.15 -37.06 -20.31
CA GLU F 25 108.57 -36.38 -21.46
C GLU F 25 107.23 -37.00 -21.86
N ASP F 26 107.18 -38.34 -21.88
CA ASP F 26 105.92 -39.00 -22.22
C ASP F 26 104.83 -38.65 -21.23
N THR F 27 105.11 -38.76 -19.94
CA THR F 27 104.10 -38.48 -18.92
C THR F 27 103.73 -37.00 -18.89
N GLN F 28 104.65 -36.10 -19.22
CA GLN F 28 104.35 -34.68 -19.15
C GLN F 28 103.48 -34.26 -20.33
N SER F 29 103.74 -34.79 -21.53
CA SER F 29 102.78 -34.64 -22.61
C SER F 29 101.45 -35.28 -22.25
N ARG F 30 101.51 -36.42 -21.55
CA ARG F 30 100.32 -37.15 -21.14
C ARG F 30 99.42 -36.27 -20.28
N ILE F 31 100.01 -35.58 -19.31
CA ILE F 31 99.26 -34.72 -18.41
C ILE F 31 98.91 -33.39 -19.08
N SER F 32 99.71 -32.95 -20.05
CA SER F 32 99.41 -31.71 -20.75
C SER F 32 98.15 -31.83 -21.58
N SER F 33 98.02 -32.92 -22.33
CA SER F 33 96.92 -33.05 -23.29
C SER F 33 95.92 -34.13 -22.94
N GLY F 34 96.07 -34.80 -21.80
CA GLY F 34 95.23 -35.96 -21.56
C GLY F 34 95.49 -37.02 -22.62
N LEU F 35 94.42 -37.58 -23.19
CA LEU F 35 94.52 -38.46 -24.34
C LEU F 35 95.45 -39.65 -24.05
N ARG F 36 94.96 -40.55 -23.19
CA ARG F 36 95.77 -41.71 -22.82
C ARG F 36 96.27 -42.44 -24.07
N VAL F 37 95.41 -42.57 -25.08
CA VAL F 37 95.85 -42.95 -26.43
C VAL F 37 95.93 -41.64 -27.22
N GLY F 38 97.12 -41.03 -27.19
CA GLY F 38 97.27 -39.68 -27.70
C GLY F 38 97.68 -39.57 -29.16
N SER F 39 98.42 -40.57 -29.66
CA SER F 39 98.90 -40.53 -31.03
C SER F 39 99.04 -41.94 -31.55
N ALA F 40 99.45 -42.05 -32.81
CA ALA F 40 99.67 -43.36 -33.42
C ALA F 40 100.82 -44.11 -32.78
N SER F 41 101.74 -43.41 -32.11
CA SER F 41 102.82 -44.09 -31.39
C SER F 41 102.30 -44.91 -30.22
N ASP F 42 101.10 -44.63 -29.74
CA ASP F 42 100.46 -45.41 -28.69
C ASP F 42 99.85 -46.66 -29.31
N ASN F 43 98.99 -47.35 -28.56
CA ASN F 43 98.32 -48.54 -29.07
C ASN F 43 97.52 -48.20 -30.33
N ALA F 44 97.92 -48.76 -31.47
CA ALA F 44 97.36 -48.36 -32.75
C ALA F 44 95.88 -48.72 -32.87
N ALA F 45 95.49 -49.88 -32.37
CA ALA F 45 94.11 -50.33 -32.53
C ALA F 45 93.14 -49.39 -31.83
N TYR F 46 93.44 -49.02 -30.59
CA TYR F 46 92.55 -48.11 -29.87
C TYR F 46 92.54 -46.73 -30.50
N TRP F 47 93.68 -46.28 -31.03
CA TRP F 47 93.72 -45.00 -31.73
C TRP F 47 92.82 -45.02 -32.95
N SER F 48 92.88 -46.10 -33.73
CA SER F 48 92.02 -46.23 -34.91
C SER F 48 90.55 -46.28 -34.53
N ILE F 49 90.23 -47.02 -33.46
CA ILE F 49 88.85 -47.09 -33.00
C ILE F 49 88.36 -45.71 -32.57
N ALA F 50 89.20 -44.97 -31.85
CA ALA F 50 88.81 -43.64 -31.42
C ALA F 50 88.59 -42.72 -32.61
N THR F 51 89.45 -42.80 -33.62
CA THR F 51 89.27 -41.98 -34.82
C THR F 51 87.96 -42.32 -35.53
N THR F 52 87.68 -43.62 -35.66
CA THR F 52 86.43 -44.03 -36.32
C THR F 52 85.21 -43.56 -35.55
N MET F 53 85.26 -43.66 -34.22
CA MET F 53 84.12 -43.21 -33.42
C MET F 53 83.96 -41.69 -33.46
N ARG F 54 85.07 -40.95 -33.53
CA ARG F 54 84.96 -39.50 -33.68
C ARG F 54 84.34 -39.14 -35.02
N SER F 55 84.73 -39.84 -36.08
CA SER F 55 84.09 -39.61 -37.38
C SER F 55 82.60 -39.92 -37.33
N ASP F 56 82.24 -41.04 -36.69
CA ASP F 56 80.82 -41.40 -36.57
C ASP F 56 80.06 -40.38 -35.74
N ASN F 57 80.69 -39.83 -34.70
CA ASN F 57 80.03 -38.81 -33.89
C ASN F 57 79.79 -37.53 -34.69
N GLN F 58 80.77 -37.13 -35.51
CA GLN F 58 80.57 -35.98 -36.40
C GLN F 58 79.43 -36.25 -37.37
N ALA F 59 79.38 -37.45 -37.95
CA ALA F 59 78.29 -37.80 -38.83
C ALA F 59 76.95 -37.76 -38.11
N LEU F 60 76.91 -38.22 -36.86
CA LEU F 60 75.68 -38.20 -36.08
C LEU F 60 75.23 -36.76 -35.80
N SER F 61 76.18 -35.87 -35.53
CA SER F 61 75.84 -34.47 -35.34
C SER F 61 75.24 -33.88 -36.61
N ALA F 62 75.84 -34.19 -37.77
CA ALA F 62 75.28 -33.72 -39.03
C ALA F 62 73.87 -34.26 -39.25
N VAL F 63 73.66 -35.54 -38.92
CA VAL F 63 72.34 -36.14 -39.04
C VAL F 63 71.35 -35.44 -38.11
N GLN F 64 71.80 -35.07 -36.92
CA GLN F 64 70.92 -34.36 -35.99
C GLN F 64 70.51 -33.00 -36.55
N ASP F 65 71.46 -32.28 -37.16
CA ASP F 65 71.10 -31.00 -37.77
C ASP F 65 70.11 -31.19 -38.92
N ALA F 66 70.35 -32.18 -39.78
CA ALA F 66 69.43 -32.44 -40.88
C ALA F 66 68.06 -32.84 -40.36
N LEU F 67 68.03 -33.61 -39.27
CA LEU F 67 66.76 -34.06 -38.70
C LEU F 67 65.99 -32.90 -38.10
N GLY F 68 66.70 -31.95 -37.47
CA GLY F 68 66.04 -30.74 -37.01
C GLY F 68 65.46 -29.93 -38.14
N LEU F 69 66.20 -29.82 -39.25
CA LEU F 69 65.67 -29.14 -40.43
C LEU F 69 64.40 -29.83 -40.93
N GLY F 70 64.42 -31.16 -40.98
CA GLY F 70 63.25 -31.90 -41.41
C GLY F 70 62.08 -31.71 -40.47
N ALA F 71 62.34 -31.64 -39.17
CA ALA F 71 61.29 -31.38 -38.19
C ALA F 71 60.67 -30.02 -38.42
N ALA F 72 61.50 -29.01 -38.71
CA ALA F 72 60.97 -27.68 -39.03
C ALA F 72 60.08 -27.73 -40.27
N LYS F 73 60.51 -28.45 -41.30
CA LYS F 73 59.71 -28.58 -42.50
C LYS F 73 58.37 -29.25 -42.20
N VAL F 74 58.40 -30.31 -41.39
CA VAL F 74 57.17 -31.02 -41.04
C VAL F 74 56.24 -30.10 -40.24
N ASP F 75 56.80 -29.29 -39.34
CA ASP F 75 55.97 -28.36 -38.57
C ASP F 75 55.30 -27.35 -39.48
N THR F 76 56.03 -26.81 -40.45
CA THR F 76 55.43 -25.86 -41.39
C THR F 76 54.32 -26.52 -42.20
N ALA F 77 54.59 -27.72 -42.72
CA ALA F 77 53.58 -28.43 -43.49
C ALA F 77 52.35 -28.73 -42.66
N TYR F 78 52.54 -29.07 -41.38
CA TYR F 78 51.42 -29.36 -40.50
C TYR F 78 50.61 -28.11 -40.19
N SER F 79 51.27 -26.96 -40.03
CA SER F 79 50.52 -25.73 -39.84
C SER F 79 49.66 -25.43 -41.06
N GLY F 80 50.23 -25.58 -42.27
CA GLY F 80 49.44 -25.44 -43.47
C GLY F 80 48.29 -26.43 -43.53
N MET F 81 48.52 -27.65 -43.08
CA MET F 81 47.48 -28.67 -43.11
C MET F 81 46.34 -28.31 -42.17
N GLU F 82 46.64 -27.80 -40.97
CA GLU F 82 45.59 -27.37 -40.06
C GLU F 82 44.80 -26.20 -40.64
N SER F 83 45.49 -25.26 -41.28
CA SER F 83 44.78 -24.16 -41.92
C SER F 83 43.82 -24.69 -42.98
N ALA F 84 44.27 -25.65 -43.79
CA ALA F 84 43.41 -26.26 -44.78
C ALA F 84 42.24 -26.98 -44.13
N ILE F 85 42.48 -27.67 -43.01
CA ILE F 85 41.40 -28.34 -42.29
C ILE F 85 40.33 -27.35 -41.89
N GLU F 86 40.74 -26.23 -41.28
CA GLU F 86 39.76 -25.24 -40.83
C GLU F 86 38.99 -24.64 -42.00
N VAL F 87 39.69 -24.31 -43.09
CA VAL F 87 39.01 -23.70 -44.23
C VAL F 87 38.02 -24.68 -44.86
N VAL F 88 38.41 -25.95 -44.98
CA VAL F 88 37.52 -26.94 -45.58
C VAL F 88 36.32 -27.21 -44.69
N LYS F 89 36.52 -27.22 -43.36
CA LYS F 89 35.38 -27.37 -42.45
C LYS F 89 34.42 -26.21 -42.60
N GLU F 90 34.95 -24.98 -42.73
CA GLU F 90 34.08 -23.83 -42.95
C GLU F 90 33.33 -23.96 -44.28
N ILE F 91 34.01 -24.44 -45.32
CA ILE F 91 33.37 -24.63 -46.62
C ILE F 91 32.23 -25.64 -46.51
N LYS F 92 32.47 -26.75 -45.80
CA LYS F 92 31.43 -27.76 -45.64
C LYS F 92 30.24 -27.22 -44.85
N ALA F 93 30.52 -26.44 -43.81
CA ALA F 93 29.42 -25.82 -43.06
C ALA F 93 28.61 -24.88 -43.94
N LYS F 94 29.29 -24.09 -44.76
CA LYS F 94 28.58 -23.19 -45.68
C LYS F 94 27.74 -23.97 -46.67
N LEU F 95 28.27 -25.07 -47.19
CA LEU F 95 27.51 -25.89 -48.14
C LEU F 95 26.29 -26.52 -47.48
N VAL F 96 26.44 -27.00 -46.24
CA VAL F 96 25.30 -27.56 -45.51
C VAL F 96 24.25 -26.49 -45.29
N ALA F 97 24.67 -25.27 -44.95
CA ALA F 97 23.71 -24.17 -44.86
C ALA F 97 23.09 -23.86 -46.21
N ALA F 98 23.79 -24.13 -47.30
CA ALA F 98 23.32 -23.79 -48.64
C ALA F 98 22.22 -24.71 -49.15
N THR F 99 22.06 -25.91 -48.58
CA THR F 99 21.05 -26.83 -49.10
C THR F 99 19.65 -26.32 -48.84
N GLU F 100 19.50 -25.35 -47.94
CA GLU F 100 18.20 -24.71 -47.74
C GLU F 100 17.81 -23.97 -49.01
N ASP F 101 16.64 -24.31 -49.56
CA ASP F 101 16.27 -23.77 -50.87
C ASP F 101 15.88 -22.29 -50.78
N GLY F 102 15.36 -21.86 -49.64
CA GLY F 102 15.02 -20.46 -49.47
C GLY F 102 16.21 -19.52 -49.40
N VAL F 103 17.38 -20.06 -49.07
CA VAL F 103 18.59 -19.25 -48.97
C VAL F 103 19.15 -19.00 -50.37
N ASP F 104 19.45 -17.74 -50.67
CA ASP F 104 20.08 -17.41 -51.94
C ASP F 104 21.47 -18.04 -52.02
N LYS F 105 21.84 -18.45 -53.23
CA LYS F 105 23.08 -19.18 -53.44
C LYS F 105 24.21 -18.30 -53.95
N ALA F 106 23.94 -17.09 -54.41
CA ALA F 106 24.99 -16.24 -54.95
C ALA F 106 25.96 -15.78 -53.87
N LYS F 107 25.43 -15.28 -52.75
CA LYS F 107 26.29 -14.82 -51.67
C LYS F 107 27.19 -15.94 -51.17
N ILE F 108 26.60 -17.12 -50.97
CA ILE F 108 27.41 -18.29 -50.65
C ILE F 108 28.39 -18.59 -51.77
N GLN F 109 28.04 -18.23 -53.01
CA GLN F 109 28.95 -18.49 -54.12
C GLN F 109 30.24 -17.68 -53.97
N GLU F 110 30.13 -16.37 -53.69
CA GLU F 110 31.41 -15.66 -53.50
C GLU F 110 32.06 -16.04 -52.18
N GLU F 111 31.29 -16.49 -51.18
CA GLU F 111 31.91 -17.01 -49.97
C GLU F 111 32.82 -18.18 -50.28
N ILE F 112 32.31 -19.17 -51.03
CA ILE F 112 33.14 -20.31 -51.40
C ILE F 112 34.27 -19.89 -52.34
N THR F 113 34.05 -18.89 -53.20
CA THR F 113 35.15 -18.42 -54.05
C THR F 113 36.28 -17.85 -53.20
N GLN F 114 35.96 -17.02 -52.22
CA GLN F 114 36.98 -16.47 -51.33
C GLN F 114 37.66 -17.58 -50.54
N LEU F 115 36.89 -18.57 -50.09
CA LEU F 115 37.49 -19.67 -49.33
C LEU F 115 38.41 -20.51 -50.20
N LYS F 116 38.06 -20.69 -51.48
CA LYS F 116 38.94 -21.41 -52.40
C LYS F 116 40.22 -20.64 -52.66
N ASP F 117 40.13 -19.32 -52.81
CA ASP F 117 41.34 -18.51 -52.93
C ASP F 117 42.20 -18.62 -51.69
N GLN F 118 41.56 -18.64 -50.51
CA GLN F 118 42.29 -18.82 -49.27
C GLN F 118 42.98 -20.18 -49.23
N LEU F 119 42.30 -21.22 -49.70
CA LEU F 119 42.90 -22.55 -49.74
C LEU F 119 44.11 -22.57 -50.67
N THR F 120 44.01 -21.92 -51.82
CA THR F 120 45.14 -21.85 -52.73
C THR F 120 46.31 -21.11 -52.08
N SER F 121 46.03 -20.01 -51.37
CA SER F 121 47.07 -19.28 -50.67
C SER F 121 47.73 -20.14 -49.61
N ILE F 122 46.94 -20.91 -48.87
CA ILE F 122 47.49 -21.83 -47.87
C ILE F 122 48.39 -22.85 -48.55
N ALA F 123 47.94 -23.41 -49.67
CA ALA F 123 48.70 -24.45 -50.34
C ALA F 123 50.04 -23.93 -50.86
N ASP F 124 50.05 -22.74 -51.46
CA ASP F 124 51.29 -22.26 -52.07
C ASP F 124 52.21 -21.54 -51.09
N ALA F 125 51.66 -20.91 -50.04
CA ALA F 125 52.49 -20.14 -49.12
C ALA F 125 53.26 -21.02 -48.14
N ALA F 126 52.69 -22.15 -47.74
CA ALA F 126 53.26 -22.98 -46.68
C ALA F 126 54.49 -23.72 -47.21
N SER F 127 55.62 -23.03 -47.18
CA SER F 127 56.90 -23.61 -47.58
C SER F 127 57.97 -23.13 -46.62
N PHE F 128 58.99 -23.97 -46.43
CA PHE F 128 60.10 -23.64 -45.54
C PHE F 128 61.37 -23.30 -46.31
N SER F 129 61.86 -24.20 -47.15
CA SER F 129 63.10 -23.96 -47.91
C SER F 129 62.95 -24.47 -49.33
N GLY F 130 61.77 -24.27 -49.91
CA GLY F 130 61.47 -24.78 -51.23
C GLY F 130 60.89 -26.18 -51.26
N GLU F 131 61.03 -26.93 -50.17
CA GLU F 131 60.42 -28.26 -50.04
C GLU F 131 59.19 -28.10 -49.17
N ASN F 132 58.09 -27.68 -49.79
CA ASN F 132 56.86 -27.39 -49.07
C ASN F 132 56.07 -28.64 -48.72
N TRP F 133 56.43 -29.80 -49.27
CA TRP F 133 55.72 -31.06 -49.04
C TRP F 133 54.26 -31.00 -49.48
N LEU F 134 53.90 -29.98 -50.26
CA LEU F 134 52.55 -29.81 -50.79
C LEU F 134 52.66 -29.30 -52.22
N GLN F 135 51.55 -29.37 -52.94
CA GLN F 135 51.48 -28.91 -54.33
C GLN F 135 52.54 -29.61 -55.19
N ALA F 136 52.78 -30.88 -54.91
CA ALA F 136 53.77 -31.63 -55.65
C ALA F 136 53.28 -31.93 -57.06
N ASP F 137 54.21 -32.31 -57.92
CA ASP F 137 53.90 -32.66 -59.31
C ASP F 137 53.61 -34.15 -59.39
N LEU F 138 52.38 -34.50 -59.78
CA LEU F 138 51.94 -35.88 -59.87
C LEU F 138 51.95 -36.41 -61.30
N SER F 139 52.88 -35.93 -62.13
CA SER F 139 53.00 -36.47 -63.49
C SER F 139 53.36 -37.95 -63.45
N GLY F 140 54.30 -38.33 -62.59
CA GLY F 140 54.64 -39.73 -62.40
C GLY F 140 53.73 -40.41 -61.40
N GLY F 141 53.11 -39.60 -60.52
CA GLY F 141 52.17 -40.12 -59.55
C GLY F 141 52.78 -40.83 -58.36
N ALA F 142 54.09 -40.82 -58.22
CA ALA F 142 54.76 -41.51 -57.12
C ALA F 142 55.88 -40.66 -56.55
N VAL F 143 55.62 -39.38 -56.34
CA VAL F 143 56.62 -38.50 -55.75
C VAL F 143 56.80 -38.85 -54.27
N THR F 144 58.06 -38.95 -53.85
CA THR F 144 58.39 -39.34 -52.48
C THR F 144 59.47 -38.41 -51.94
N LYS F 145 59.25 -37.90 -50.73
CA LYS F 145 60.21 -37.04 -50.05
C LYS F 145 60.69 -37.72 -48.79
N SER F 146 61.96 -37.46 -48.43
CA SER F 146 62.62 -38.17 -47.35
C SER F 146 63.32 -37.19 -46.42
N VAL F 147 63.49 -37.61 -45.17
CA VAL F 147 64.18 -36.85 -44.14
C VAL F 147 65.28 -37.73 -43.58
N VAL F 148 66.49 -37.17 -43.44
CA VAL F 148 67.61 -37.94 -42.92
C VAL F 148 67.31 -38.37 -41.49
N GLY F 149 67.29 -39.68 -41.27
CA GLY F 149 66.93 -40.21 -39.97
C GLY F 149 68.11 -40.55 -39.07
N SER F 150 69.05 -41.34 -39.57
CA SER F 150 70.18 -41.77 -38.75
C SER F 150 71.32 -42.23 -39.65
N PHE F 151 72.53 -42.19 -39.09
CA PHE F 151 73.72 -42.68 -39.76
C PHE F 151 74.06 -44.06 -39.22
N VAL F 152 74.04 -45.06 -40.09
CA VAL F 152 74.19 -46.46 -39.70
C VAL F 152 75.43 -47.02 -40.36
N ARG F 153 76.33 -47.60 -39.57
CA ARG F 153 77.50 -48.31 -40.07
C ARG F 153 77.23 -49.80 -39.99
N ASP F 154 77.26 -50.47 -41.14
CA ASP F 154 76.98 -51.89 -41.18
C ASP F 154 78.11 -52.69 -40.54
N GLY F 155 77.79 -53.93 -40.17
CA GLY F 155 78.77 -54.79 -39.54
C GLY F 155 79.93 -55.14 -40.47
N SER F 156 79.65 -55.31 -41.75
CA SER F 156 80.65 -55.73 -42.72
C SER F 156 81.38 -54.54 -43.35
N GLY F 157 81.86 -53.64 -42.51
CA GLY F 157 82.66 -52.51 -42.98
C GLY F 157 81.96 -51.63 -43.99
N SER F 158 80.69 -51.33 -43.77
CA SER F 158 79.91 -50.51 -44.69
C SER F 158 79.26 -49.37 -43.94
N VAL F 159 79.05 -48.26 -44.65
CA VAL F 159 78.43 -47.06 -44.09
C VAL F 159 77.29 -46.62 -45.00
N ALA F 160 76.19 -46.18 -44.39
CA ALA F 160 75.04 -45.73 -45.15
C ALA F 160 74.24 -44.75 -44.30
N VAL F 161 73.35 -44.03 -44.96
CA VAL F 161 72.49 -43.04 -44.31
C VAL F 161 71.05 -43.47 -44.47
N LYS F 162 70.34 -43.60 -43.36
CA LYS F 162 68.94 -43.99 -43.37
C LYS F 162 68.04 -42.75 -43.43
N LYS F 163 66.94 -42.87 -44.15
CA LYS F 163 66.01 -41.78 -44.34
C LYS F 163 64.58 -42.25 -44.07
N VAL F 164 63.74 -41.31 -43.64
CA VAL F 164 62.34 -41.58 -43.36
C VAL F 164 61.52 -41.04 -44.52
N ASP F 165 60.74 -41.91 -45.15
CA ASP F 165 60.02 -41.57 -46.37
C ASP F 165 58.60 -41.10 -46.07
N TYR F 166 58.13 -40.18 -46.91
CA TYR F 166 56.76 -39.67 -46.84
C TYR F 166 56.19 -39.66 -48.24
N SER F 167 54.97 -40.16 -48.40
CA SER F 167 54.35 -40.32 -49.70
C SER F 167 53.36 -39.20 -49.97
N LEU F 168 53.34 -38.72 -51.21
CA LEU F 168 52.43 -37.68 -51.67
C LEU F 168 51.66 -38.14 -52.89
N ASN F 169 51.29 -39.42 -52.92
CA ASN F 169 50.76 -40.04 -54.13
C ASN F 169 49.46 -39.41 -54.62
N ALA F 170 48.37 -39.57 -53.86
CA ALA F 170 47.08 -39.01 -54.27
C ALA F 170 46.23 -38.50 -53.12
N ASN F 171 46.72 -38.52 -51.88
CA ASN F 171 45.90 -38.15 -50.73
C ASN F 171 46.56 -37.12 -49.82
N SER F 172 47.80 -36.69 -50.11
CA SER F 172 48.48 -35.72 -49.28
C SER F 172 49.25 -34.70 -50.12
N VAL F 173 48.73 -34.36 -51.30
CA VAL F 173 49.45 -33.51 -52.22
C VAL F 173 48.94 -32.06 -52.21
N LEU F 174 47.65 -31.82 -51.92
CA LEU F 174 47.15 -30.47 -51.75
C LEU F 174 47.35 -29.59 -52.98
N PHE F 175 46.51 -29.79 -54.01
CA PHE F 175 46.61 -29.05 -55.27
C PHE F 175 47.84 -29.43 -56.09
N ASP F 176 47.89 -30.67 -56.56
CA ASP F 176 48.84 -31.09 -57.58
C ASP F 176 49.00 -30.02 -58.65
N THR F 177 50.26 -29.72 -59.00
CA THR F 177 50.55 -28.57 -59.83
C THR F 177 50.06 -28.76 -61.26
N VAL F 178 50.37 -29.91 -61.87
CA VAL F 178 50.18 -30.12 -63.30
C VAL F 178 48.95 -30.99 -63.58
N GLY F 179 48.91 -32.20 -63.03
CA GLY F 179 47.88 -33.15 -63.39
C GLY F 179 46.50 -32.79 -62.95
N ASP F 180 46.37 -31.92 -61.95
CA ASP F 180 45.07 -31.53 -61.39
C ASP F 180 44.27 -32.76 -60.96
N THR F 181 44.96 -33.70 -60.35
CA THR F 181 44.36 -34.94 -59.86
C THR F 181 44.67 -35.15 -58.38
N GLY F 182 44.92 -34.07 -57.66
CA GLY F 182 45.28 -34.15 -56.26
C GLY F 182 44.09 -34.37 -55.35
N ILE F 183 44.36 -34.29 -54.05
CA ILE F 183 43.29 -34.47 -53.06
C ILE F 183 42.21 -33.42 -53.25
N LEU F 184 42.61 -32.20 -53.61
CA LEU F 184 41.68 -31.16 -54.03
C LEU F 184 41.78 -30.98 -55.54
N ASP F 185 40.82 -30.24 -56.09
CA ASP F 185 40.74 -29.98 -57.53
C ASP F 185 40.64 -31.30 -58.30
N LYS F 186 39.85 -32.24 -57.79
CA LYS F 186 39.51 -33.44 -58.53
C LYS F 186 38.18 -33.96 -58.01
N VAL F 187 37.49 -34.71 -58.86
CA VAL F 187 36.13 -35.16 -58.57
C VAL F 187 36.18 -36.48 -57.80
N TYR F 188 35.25 -36.64 -56.87
CA TYR F 188 35.13 -37.84 -56.05
C TYR F 188 33.86 -38.58 -56.41
N ASN F 189 33.97 -39.89 -56.66
CA ASN F 189 32.80 -40.71 -56.88
C ASN F 189 32.03 -40.87 -55.58
N VAL F 190 30.70 -40.77 -55.66
CA VAL F 190 29.82 -40.84 -54.49
C VAL F 190 28.78 -41.91 -54.77
N SER F 191 28.97 -43.09 -54.18
CA SER F 191 28.00 -44.17 -54.31
C SER F 191 27.99 -44.96 -53.00
N GLN F 192 26.88 -45.66 -52.76
CA GLN F 192 26.65 -46.26 -51.45
C GLN F 192 27.53 -47.48 -51.22
N ALA F 193 27.68 -48.33 -52.23
CA ALA F 193 28.27 -49.66 -52.04
C ALA F 193 29.44 -49.87 -53.00
N SER F 194 30.35 -48.90 -53.07
CA SER F 194 31.52 -49.02 -53.92
C SER F 194 32.76 -48.59 -53.16
N VAL F 195 33.91 -48.92 -53.74
CA VAL F 195 35.22 -48.54 -53.20
C VAL F 195 36.09 -48.07 -54.34
N THR F 196 36.86 -47.01 -54.11
CA THR F 196 37.80 -46.50 -55.10
C THR F 196 39.15 -47.17 -54.87
N LEU F 197 39.55 -48.03 -55.81
CA LEU F 197 40.78 -48.80 -55.69
C LEU F 197 41.77 -48.33 -56.74
N THR F 198 43.05 -48.30 -56.37
CA THR F 198 44.13 -47.94 -57.28
C THR F 198 44.80 -49.21 -57.77
N VAL F 199 44.90 -49.34 -59.10
CA VAL F 199 45.52 -50.49 -59.73
C VAL F 199 46.44 -49.99 -60.84
N ASN F 200 47.60 -50.62 -60.98
CA ASN F 200 48.56 -50.24 -62.00
C ASN F 200 48.34 -51.09 -63.25
N THR F 201 48.20 -50.43 -64.40
CA THR F 201 48.01 -51.09 -65.68
C THR F 201 49.10 -50.62 -66.64
N ASN F 202 49.83 -51.58 -67.21
CA ASN F 202 50.93 -51.30 -68.12
C ASN F 202 52.00 -50.42 -67.47
N GLY F 203 52.16 -50.52 -66.16
CA GLY F 203 53.16 -49.78 -65.44
C GLY F 203 52.75 -48.42 -64.94
N VAL F 204 51.54 -47.96 -65.27
CA VAL F 204 51.03 -46.67 -64.81
C VAL F 204 49.79 -46.91 -63.97
N GLU F 205 49.73 -46.26 -62.81
CA GLU F 205 48.63 -46.47 -61.88
C GLU F 205 47.44 -45.60 -62.27
N SER F 206 46.26 -46.01 -61.80
CA SER F 206 45.04 -45.26 -62.02
C SER F 206 44.05 -45.64 -60.93
N GLN F 207 43.03 -44.79 -60.75
CA GLN F 207 42.01 -44.99 -59.74
C GLN F 207 40.69 -45.33 -60.42
N HIS F 208 40.10 -46.46 -60.05
CA HIS F 208 38.84 -46.92 -60.61
C HIS F 208 37.84 -47.15 -59.50
N THR F 209 36.58 -46.79 -59.77
CA THR F 209 35.49 -47.00 -58.82
C THR F 209 34.76 -48.28 -59.17
N VAL F 210 34.73 -49.23 -58.23
CA VAL F 210 34.10 -50.51 -58.43
C VAL F 210 33.27 -50.85 -57.20
N ALA F 211 32.20 -51.62 -57.41
CA ALA F 211 31.31 -51.98 -56.31
C ALA F 211 32.02 -52.90 -55.33
N ALA F 212 31.62 -52.80 -54.06
CA ALA F 212 32.19 -53.60 -52.98
C ALA F 212 31.09 -54.44 -52.33
N TYR F 213 31.44 -55.65 -51.92
CA TYR F 213 30.50 -56.59 -51.34
C TYR F 213 30.94 -56.96 -49.93
N SER F 214 30.00 -56.97 -49.00
CA SER F 214 30.30 -57.26 -47.61
C SER F 214 30.62 -58.73 -47.42
N LEU F 215 31.46 -59.02 -46.41
CA LEU F 215 31.83 -60.40 -46.12
C LEU F 215 30.66 -61.19 -45.56
N GLU F 216 29.77 -60.53 -44.81
CA GLU F 216 28.63 -61.23 -44.22
C GLU F 216 27.71 -61.79 -45.31
N SER F 217 27.44 -60.99 -46.35
CA SER F 217 26.60 -61.48 -47.44
C SER F 217 27.27 -62.65 -48.15
N LEU F 218 28.58 -62.57 -48.37
CA LEU F 218 29.30 -63.64 -49.04
C LEU F 218 29.22 -64.94 -48.23
N THR F 219 29.44 -64.85 -46.92
CA THR F 219 29.40 -66.06 -46.10
C THR F 219 27.98 -66.57 -45.87
N GLU F 220 26.98 -65.70 -45.98
CA GLU F 220 25.59 -66.15 -45.87
C GLU F 220 25.12 -66.83 -47.14
N ALA F 221 25.57 -66.36 -48.30
CA ALA F 221 25.15 -66.93 -49.57
C ALA F 221 25.68 -68.34 -49.80
N GLY F 222 26.66 -68.79 -49.02
CA GLY F 222 27.22 -70.11 -49.20
C GLY F 222 28.42 -70.12 -50.11
N ALA F 223 29.37 -69.22 -49.86
CA ALA F 223 30.54 -69.09 -50.71
C ALA F 223 31.70 -69.90 -50.14
N GLU F 224 32.56 -70.38 -51.04
CA GLU F 224 33.76 -71.11 -50.68
C GLU F 224 34.96 -70.18 -50.82
N PHE F 225 35.73 -70.04 -49.74
CA PHE F 225 36.84 -69.11 -49.70
C PHE F 225 38.17 -69.85 -49.78
N GLN F 226 39.21 -69.12 -50.18
CA GLN F 226 40.57 -69.65 -50.20
C GLN F 226 41.52 -68.47 -50.19
N GLY F 227 42.24 -68.31 -49.08
CA GLY F 227 43.16 -67.18 -48.97
C GLY F 227 42.40 -65.87 -49.05
N ASN F 228 42.76 -65.05 -50.04
CA ASN F 228 42.06 -63.80 -50.31
C ASN F 228 41.09 -63.93 -51.49
N TYR F 229 40.77 -65.15 -51.89
CA TYR F 229 39.87 -65.41 -53.01
C TYR F 229 38.59 -66.09 -52.51
N ALA F 230 37.49 -65.79 -53.19
CA ALA F 230 36.20 -66.36 -52.84
C ALA F 230 35.49 -66.83 -54.10
N LEU F 231 34.56 -67.77 -53.92
CA LEU F 231 33.77 -68.29 -55.02
C LEU F 231 32.36 -68.57 -54.50
N GLN F 232 31.44 -67.62 -54.74
CA GLN F 232 30.06 -67.78 -54.34
C GLN F 232 29.26 -68.62 -55.32
N GLY F 233 29.79 -68.88 -56.51
CA GLY F 233 29.05 -69.56 -57.55
C GLY F 233 29.55 -69.15 -58.93
N GLY F 234 28.64 -68.67 -59.77
CA GLY F 234 29.04 -68.18 -61.07
C GLY F 234 29.88 -66.93 -61.05
N ASN F 235 30.02 -66.30 -59.88
CA ASN F 235 30.83 -65.10 -59.71
C ASN F 235 32.00 -65.40 -58.77
N SER F 236 33.11 -64.69 -59.00
CA SER F 236 34.31 -64.85 -58.20
C SER F 236 34.70 -63.52 -57.59
N TYR F 237 35.30 -63.58 -56.40
CA TYR F 237 35.68 -62.38 -55.65
C TYR F 237 37.09 -62.53 -55.13
N VAL F 238 37.79 -61.40 -55.03
CA VAL F 238 39.15 -61.35 -54.52
C VAL F 238 39.22 -60.28 -53.43
N LYS F 239 40.07 -60.52 -52.43
CA LYS F 239 40.23 -59.59 -51.33
C LYS F 239 41.47 -58.73 -51.56
N VAL F 240 41.33 -57.78 -52.48
CA VAL F 240 42.42 -56.84 -52.74
C VAL F 240 42.64 -55.94 -51.54
N GLU F 241 41.57 -55.50 -50.90
CA GLU F 241 41.65 -54.70 -49.68
C GLU F 241 40.62 -55.20 -48.68
N ASN F 242 40.36 -54.42 -47.62
CA ASN F 242 39.43 -54.83 -46.58
C ASN F 242 38.02 -55.09 -47.10
N VAL F 243 37.72 -54.71 -48.34
CA VAL F 243 36.43 -54.95 -48.95
C VAL F 243 36.58 -55.94 -50.10
N TRP F 244 35.61 -56.84 -50.24
CA TRP F 244 35.63 -57.84 -51.29
C TRP F 244 35.04 -57.28 -52.58
N VAL F 245 35.63 -57.64 -53.70
CA VAL F 245 35.24 -57.13 -55.01
C VAL F 245 35.24 -58.26 -56.02
N ARG F 246 34.27 -58.24 -56.93
CA ARG F 246 34.21 -59.21 -58.01
C ARG F 246 35.43 -59.06 -58.92
N ALA F 247 35.90 -60.19 -59.44
CA ALA F 247 37.12 -60.23 -60.23
C ALA F 247 36.90 -61.01 -61.52
N GLU F 248 37.72 -60.70 -62.52
CA GLU F 248 37.74 -61.41 -63.79
C GLU F 248 38.79 -62.50 -63.74
N THR F 249 38.55 -63.57 -64.52
CA THR F 249 39.39 -64.76 -64.42
C THR F 249 40.83 -64.48 -64.80
N ALA F 250 41.08 -64.18 -66.08
CA ALA F 250 42.40 -63.89 -66.60
C ALA F 250 42.28 -63.58 -68.09
N ALA F 251 43.27 -62.88 -68.62
CA ALA F 251 43.40 -62.61 -70.05
C ALA F 251 42.18 -61.91 -70.63
N THR F 252 41.31 -61.36 -69.79
CA THR F 252 40.14 -60.65 -70.30
C THR F 252 40.50 -59.21 -70.68
N GLY F 253 41.10 -58.47 -69.75
CA GLY F 253 41.56 -57.12 -70.07
C GLY F 253 42.72 -57.10 -71.04
N ALA F 254 43.61 -58.08 -70.93
CA ALA F 254 44.79 -58.17 -71.81
C ALA F 254 45.62 -56.89 -71.75
N THR F 255 45.71 -56.29 -70.56
CA THR F 255 46.44 -55.06 -70.36
C THR F 255 47.56 -55.20 -69.35
N GLY F 256 47.92 -56.43 -68.96
CA GLY F 256 48.97 -56.62 -67.98
C GLY F 256 48.65 -56.06 -66.62
N GLN F 257 47.40 -56.19 -66.19
CA GLN F 257 46.99 -55.68 -64.89
C GLN F 257 47.61 -56.51 -63.77
N GLU F 258 47.73 -55.88 -62.60
CA GLU F 258 48.30 -56.57 -61.44
C GLU F 258 47.43 -57.75 -61.04
N ILE F 259 48.07 -58.87 -60.73
CA ILE F 259 47.37 -60.08 -60.36
C ILE F 259 46.86 -59.93 -58.93
N ALA F 260 45.53 -60.02 -58.76
CA ALA F 260 44.95 -59.87 -57.44
C ALA F 260 45.33 -61.03 -56.53
N ALA F 261 45.14 -62.27 -57.01
CA ALA F 261 45.45 -63.44 -56.21
C ALA F 261 45.60 -64.65 -57.13
N THR F 262 46.24 -65.69 -56.59
CA THR F 262 46.40 -66.96 -57.29
C THR F 262 45.76 -68.07 -56.47
N THR F 263 45.13 -69.01 -57.16
CA THR F 263 44.38 -70.08 -56.52
C THR F 263 44.94 -71.44 -56.95
N THR F 264 44.32 -72.50 -56.42
CA THR F 264 44.71 -73.88 -56.72
C THR F 264 43.44 -74.69 -56.88
N ALA F 265 43.58 -76.02 -56.86
CA ALA F 265 42.43 -76.91 -57.05
C ALA F 265 41.41 -76.70 -55.95
N ALA F 266 41.77 -77.02 -54.71
CA ALA F 266 40.92 -76.77 -53.53
C ALA F 266 39.53 -77.37 -53.71
N GLY F 267 39.48 -78.56 -54.31
CA GLY F 267 38.21 -79.23 -54.52
C GLY F 267 37.46 -78.78 -55.75
N THR F 268 36.88 -77.58 -55.71
CA THR F 268 36.07 -77.06 -56.81
C THR F 268 36.46 -75.63 -57.17
N ILE F 269 37.73 -75.28 -57.01
CA ILE F 269 38.24 -73.95 -57.34
C ILE F 269 39.16 -74.08 -58.54
N THR F 270 38.90 -73.29 -59.57
CA THR F 270 39.74 -73.30 -60.75
C THR F 270 41.11 -72.70 -60.44
N ALA F 271 42.16 -73.34 -60.97
CA ALA F 271 43.51 -72.85 -60.76
C ALA F 271 43.83 -71.80 -61.81
N ASP F 272 43.88 -70.53 -61.38
CA ASP F 272 44.10 -69.44 -62.31
C ASP F 272 44.62 -68.24 -61.53
N SER F 273 45.20 -67.29 -62.26
CA SER F 273 45.69 -66.03 -61.70
C SER F 273 44.61 -64.98 -61.91
N TRP F 274 43.93 -64.61 -60.83
CA TRP F 274 42.77 -63.73 -60.91
C TRP F 274 43.19 -62.27 -60.85
N VAL F 275 42.41 -61.43 -61.52
CA VAL F 275 42.65 -60.00 -61.59
C VAL F 275 41.36 -59.26 -61.25
N VAL F 276 41.48 -58.20 -60.45
CA VAL F 276 40.31 -57.41 -60.07
C VAL F 276 39.63 -56.85 -61.31
N ASP F 277 38.31 -56.93 -61.34
CA ASP F 277 37.54 -56.45 -62.48
C ASP F 277 37.56 -54.93 -62.51
N VAL F 278 38.20 -54.36 -63.53
CA VAL F 278 38.22 -52.92 -63.69
C VAL F 278 36.82 -52.38 -63.98
N GLY F 279 35.98 -53.20 -64.61
CA GLY F 279 34.61 -52.81 -64.88
C GLY F 279 33.72 -53.03 -63.66
N ASN F 280 32.54 -53.60 -63.88
CA ASN F 280 31.57 -53.89 -62.82
C ASN F 280 31.21 -52.61 -62.06
N ALA F 281 30.57 -51.71 -62.80
CA ALA F 281 30.16 -50.43 -62.22
C ALA F 281 29.14 -50.64 -61.11
N PRO F 282 29.11 -49.75 -60.12
CA PRO F 282 28.16 -49.89 -59.02
C PRO F 282 26.72 -49.81 -59.49
N ALA F 283 25.81 -50.11 -58.56
CA ALA F 283 24.38 -50.08 -58.89
C ALA F 283 23.94 -48.67 -59.27
N ALA F 284 24.40 -47.66 -58.55
CA ALA F 284 24.07 -46.26 -58.83
C ALA F 284 25.38 -45.48 -58.88
N ASN F 285 25.95 -45.35 -60.07
CA ASN F 285 27.23 -44.66 -60.26
C ASN F 285 26.96 -43.16 -60.29
N VAL F 286 27.23 -42.49 -59.18
CA VAL F 286 27.05 -41.04 -59.06
C VAL F 286 28.39 -40.42 -58.71
N SER F 287 28.75 -39.35 -59.41
CA SER F 287 29.99 -38.63 -59.18
C SER F 287 29.69 -37.21 -58.77
N ALA F 288 30.62 -36.62 -58.01
CA ALA F 288 30.48 -35.23 -57.59
C ALA F 288 30.43 -34.32 -58.80
N GLY F 289 29.51 -33.35 -58.78
CA GLY F 289 29.36 -32.46 -59.92
C GLY F 289 30.60 -31.64 -60.19
N GLN F 290 31.20 -31.09 -59.13
CA GLN F 290 32.40 -30.29 -59.25
C GLN F 290 33.37 -30.66 -58.14
N SER F 291 34.64 -30.36 -58.37
CA SER F 291 35.68 -30.61 -57.39
C SER F 291 35.61 -29.55 -56.29
N VAL F 292 36.52 -29.67 -55.32
CA VAL F 292 36.57 -28.71 -54.23
C VAL F 292 37.02 -27.35 -54.73
N ALA F 293 37.96 -27.32 -55.67
CA ALA F 293 38.50 -26.08 -56.20
C ALA F 293 37.64 -25.46 -57.28
N ASN F 294 36.57 -26.13 -57.70
CA ASN F 294 35.69 -25.62 -58.76
C ASN F 294 34.24 -25.59 -58.30
N ILE F 295 34.00 -25.25 -57.03
CA ILE F 295 32.65 -25.26 -56.50
C ILE F 295 31.86 -24.11 -57.09
N ASN F 296 30.70 -24.43 -57.67
CA ASN F 296 29.81 -23.43 -58.24
C ASN F 296 28.38 -23.89 -57.99
N ILE F 297 27.71 -23.27 -57.03
CA ILE F 297 26.42 -23.74 -56.55
C ILE F 297 25.26 -22.94 -57.14
N VAL F 298 25.49 -22.25 -58.26
CA VAL F 298 24.44 -21.43 -58.88
C VAL F 298 23.49 -22.39 -59.60
N GLY F 299 22.35 -22.67 -58.98
CA GLY F 299 21.33 -23.51 -59.60
C GLY F 299 21.75 -24.94 -59.86
N MET F 300 22.44 -25.56 -58.90
CA MET F 300 22.85 -26.95 -59.08
C MET F 300 21.67 -27.91 -58.93
N GLY F 301 20.82 -27.70 -57.93
CA GLY F 301 19.76 -28.62 -57.61
C GLY F 301 20.10 -29.47 -56.38
N ALA F 302 19.08 -30.21 -55.92
CA ALA F 302 19.23 -30.97 -54.69
C ALA F 302 20.26 -32.08 -54.83
N ALA F 303 20.15 -32.88 -55.89
CA ALA F 303 21.05 -34.02 -56.06
C ALA F 303 22.50 -33.56 -56.22
N ALA F 304 22.71 -32.50 -57.01
CA ALA F 304 24.06 -31.97 -57.18
C ALA F 304 24.60 -31.44 -55.86
N LEU F 305 23.75 -30.78 -55.06
CA LEU F 305 24.19 -30.29 -53.76
C LEU F 305 24.60 -31.44 -52.84
N ASP F 306 23.81 -32.52 -52.82
CA ASP F 306 24.16 -33.67 -52.00
C ASP F 306 25.47 -34.30 -52.47
N ALA F 307 25.65 -34.43 -53.79
CA ALA F 307 26.90 -34.99 -54.30
C ALA F 307 28.09 -34.12 -53.92
N LEU F 308 27.94 -32.80 -54.04
CA LEU F 308 29.02 -31.90 -53.66
C LEU F 308 29.34 -31.99 -52.18
N ILE F 309 28.30 -32.09 -51.34
CA ILE F 309 28.52 -32.22 -49.90
C ILE F 309 29.26 -33.50 -49.58
N SER F 310 28.86 -34.61 -50.21
CA SER F 310 29.53 -35.88 -49.98
C SER F 310 30.99 -35.83 -50.43
N GLY F 311 31.25 -35.23 -51.59
CA GLY F 311 32.62 -35.10 -52.05
C GLY F 311 33.47 -34.25 -51.14
N VAL F 312 32.90 -33.14 -50.65
CA VAL F 312 33.62 -32.28 -49.72
C VAL F 312 33.94 -33.03 -48.44
N ASP F 313 32.97 -33.80 -47.92
CA ASP F 313 33.21 -34.56 -46.70
C ASP F 313 34.29 -35.61 -46.91
N ALA F 314 34.27 -36.29 -48.07
CA ALA F 314 35.30 -37.29 -48.35
C ALA F 314 36.68 -36.65 -48.43
N ALA F 315 36.78 -35.50 -49.10
CA ALA F 315 38.05 -34.78 -49.17
C ALA F 315 38.52 -34.36 -47.78
N LEU F 316 37.58 -33.90 -46.94
CA LEU F 316 37.93 -33.53 -45.58
C LEU F 316 38.46 -34.72 -44.80
N THR F 317 37.83 -35.88 -44.96
CA THR F 317 38.28 -37.09 -44.27
C THR F 317 39.69 -37.48 -44.73
N ASP F 318 39.93 -37.45 -46.04
CA ASP F 318 41.26 -37.80 -46.56
C ASP F 318 42.31 -36.82 -46.06
N MET F 319 41.98 -35.52 -46.03
CA MET F 319 42.95 -34.54 -45.60
C MET F 319 43.20 -34.58 -44.10
N THR F 320 42.17 -34.96 -43.33
CA THR F 320 42.37 -35.23 -41.90
C THR F 320 43.29 -36.42 -41.69
N SER F 321 43.12 -37.46 -42.50
CA SER F 321 44.04 -38.60 -42.42
C SER F 321 45.46 -38.17 -42.76
N ALA F 322 45.62 -37.32 -43.76
CA ALA F 322 46.95 -36.80 -44.11
C ALA F 322 47.54 -35.99 -42.96
N ALA F 323 46.72 -35.18 -42.28
CA ALA F 323 47.20 -34.43 -41.13
C ALA F 323 47.64 -35.36 -40.01
N ALA F 324 46.88 -36.42 -39.76
CA ALA F 324 47.26 -37.40 -38.76
C ALA F 324 48.59 -38.06 -39.12
N SER F 325 48.76 -38.39 -40.40
CA SER F 325 50.02 -38.96 -40.85
C SER F 325 51.18 -37.99 -40.64
N LEU F 326 50.96 -36.71 -40.92
CA LEU F 326 52.01 -35.71 -40.70
C LEU F 326 52.35 -35.60 -39.22
N GLY F 327 51.35 -35.63 -38.35
CA GLY F 327 51.62 -35.62 -36.92
C GLY F 327 52.41 -36.84 -36.47
N SER F 328 52.07 -38.01 -37.02
CA SER F 328 52.83 -39.21 -36.70
C SER F 328 54.28 -39.09 -37.17
N ILE F 329 54.49 -38.51 -38.35
CA ILE F 329 55.85 -38.28 -38.84
C ILE F 329 56.61 -37.36 -37.90
N SER F 330 55.95 -36.29 -37.45
CA SER F 330 56.61 -35.36 -36.53
C SER F 330 56.99 -36.04 -35.22
N SER F 331 56.09 -36.87 -34.68
CA SER F 331 56.41 -37.61 -33.47
C SER F 331 57.58 -38.54 -33.69
N ARG F 332 57.61 -39.22 -34.84
CA ARG F 332 58.74 -40.10 -35.15
C ARG F 332 60.03 -39.31 -35.26
N ILE F 333 59.98 -38.11 -35.82
CA ILE F 333 61.16 -37.26 -35.90
C ILE F 333 61.65 -36.89 -34.51
N ASP F 334 60.74 -36.54 -33.61
CA ASP F 334 61.14 -36.19 -32.25
C ASP F 334 61.80 -37.38 -31.56
N LEU F 335 61.20 -38.57 -31.69
CA LEU F 335 61.77 -39.76 -31.09
C LEU F 335 63.14 -40.08 -31.68
N GLN F 336 63.28 -39.93 -33.00
CA GLN F 336 64.57 -40.18 -33.64
C GLN F 336 65.61 -39.19 -33.14
N SER F 337 65.20 -37.93 -32.94
CA SER F 337 66.14 -36.93 -32.43
C SER F 337 66.63 -37.29 -31.05
N GLU F 338 65.72 -37.66 -30.14
CA GLU F 338 66.17 -37.96 -28.78
C GLU F 338 67.01 -39.24 -28.76
N PHE F 339 66.65 -40.23 -29.58
CA PHE F 339 67.45 -41.45 -29.65
C PHE F 339 68.84 -41.18 -30.21
N VAL F 340 68.94 -40.32 -31.23
CA VAL F 340 70.23 -39.99 -31.80
C VAL F 340 71.08 -39.24 -30.79
N ASN F 341 70.47 -38.33 -30.03
CA ASN F 341 71.20 -37.65 -28.96
C ASN F 341 71.72 -38.64 -27.93
N LYS F 342 70.88 -39.59 -27.52
CA LYS F 342 71.32 -40.58 -26.55
C LYS F 342 72.45 -41.45 -27.10
N LEU F 343 72.35 -41.84 -28.37
CA LEU F 343 73.39 -42.67 -28.97
C LEU F 343 74.70 -41.90 -29.08
N SER F 344 74.64 -40.63 -29.46
CA SER F 344 75.85 -39.82 -29.52
C SER F 344 76.45 -39.65 -28.13
N ASP F 345 75.62 -39.46 -27.11
CA ASP F 345 76.13 -39.37 -25.75
C ASP F 345 76.81 -40.65 -25.33
N SER F 346 76.21 -41.80 -25.65
CA SER F 346 76.82 -43.08 -25.30
C SER F 346 78.14 -43.28 -26.03
N ILE F 347 78.20 -42.91 -27.31
CA ILE F 347 79.44 -43.05 -28.06
C ILE F 347 80.53 -42.15 -27.48
N GLU F 348 80.16 -40.91 -27.13
CA GLU F 348 81.14 -40.00 -26.54
C GLU F 348 81.64 -40.52 -25.20
N SER F 349 80.74 -41.06 -24.38
CA SER F 349 81.14 -41.63 -23.10
C SER F 349 82.08 -42.82 -23.30
N GLY F 350 81.78 -43.68 -24.26
CA GLY F 350 82.66 -44.80 -24.54
C GLY F 350 84.03 -44.35 -25.03
N VAL F 351 84.06 -43.34 -25.90
CA VAL F 351 85.33 -42.80 -26.36
C VAL F 351 86.13 -42.23 -25.20
N GLY F 352 85.46 -41.48 -24.32
CA GLY F 352 86.15 -40.95 -23.16
C GLY F 352 86.70 -42.04 -22.26
N ARG F 353 85.92 -43.08 -22.01
CA ARG F 353 86.39 -44.19 -21.18
C ARG F 353 87.58 -44.90 -21.81
N LEU F 354 87.56 -45.08 -23.13
CA LEU F 354 88.64 -45.77 -23.81
C LEU F 354 89.88 -44.88 -24.01
N VAL F 355 89.72 -43.55 -23.94
CA VAL F 355 90.76 -42.62 -24.35
C VAL F 355 91.28 -41.78 -23.20
N ASP F 356 90.40 -41.34 -22.29
CA ASP F 356 90.83 -40.43 -21.23
C ASP F 356 91.73 -41.15 -20.23
N ALA F 357 92.46 -40.34 -19.46
CA ALA F 357 93.36 -40.84 -18.43
C ALA F 357 92.99 -40.24 -17.08
N ASP F 358 93.02 -41.06 -16.04
CA ASP F 358 92.72 -40.62 -14.68
C ASP F 358 93.93 -39.85 -14.14
N MET F 359 93.80 -38.52 -14.04
CA MET F 359 94.97 -37.66 -13.86
C MET F 359 95.77 -37.98 -12.61
N ASN F 360 95.15 -38.61 -11.61
CA ASN F 360 95.80 -38.76 -10.31
C ASN F 360 97.05 -39.63 -10.40
N GLU F 361 96.96 -40.75 -11.11
CA GLU F 361 98.14 -41.61 -11.23
C GLU F 361 99.20 -40.99 -12.12
N GLU F 362 98.81 -40.18 -13.12
CA GLU F 362 99.82 -39.44 -13.87
C GLU F 362 100.53 -38.41 -12.99
N SER F 363 99.80 -37.76 -12.09
CA SER F 363 100.45 -36.84 -11.15
C SER F 363 101.42 -37.58 -10.25
N THR F 364 101.01 -38.74 -9.74
CA THR F 364 101.90 -39.53 -8.89
C THR F 364 103.15 -39.95 -9.66
N ARG F 365 102.97 -40.39 -10.92
CA ARG F 365 104.13 -40.74 -11.74
C ARG F 365 105.01 -39.53 -12.00
N LEU F 366 104.42 -38.36 -12.20
CA LEU F 366 105.21 -37.16 -12.45
C LEU F 366 106.09 -36.83 -11.24
N LYS F 367 105.50 -36.90 -10.04
CA LYS F 367 106.29 -36.68 -8.83
C LYS F 367 107.39 -37.73 -8.69
N ALA F 368 107.05 -38.99 -8.94
CA ALA F 368 108.02 -40.07 -8.81
C ALA F 368 109.18 -39.88 -9.79
N LEU F 369 108.90 -39.52 -11.03
CA LEU F 369 109.96 -39.31 -12.01
C LEU F 369 110.79 -38.06 -11.69
N GLN F 370 110.17 -37.03 -11.10
CA GLN F 370 110.98 -35.90 -10.65
C GLN F 370 111.97 -36.34 -9.59
N THR F 371 111.51 -37.13 -8.62
CA THR F 371 112.42 -37.63 -7.58
C THR F 371 113.49 -38.52 -8.18
N GLN F 372 113.11 -39.40 -9.11
CA GLN F 372 114.08 -40.28 -9.76
C GLN F 372 115.13 -39.48 -10.53
N GLN F 373 114.69 -38.43 -11.23
CA GLN F 373 115.63 -37.60 -11.96
C GLN F 373 116.59 -36.89 -11.02
N GLN F 374 116.08 -36.38 -9.89
CA GLN F 374 116.96 -35.73 -8.92
C GLN F 374 118.01 -36.71 -8.41
N LEU F 375 117.58 -37.92 -8.06
CA LEU F 375 118.53 -38.95 -7.64
C LEU F 375 119.54 -39.25 -8.74
N ALA F 376 119.07 -39.32 -9.99
CA ALA F 376 119.96 -39.65 -11.10
C ALA F 376 121.01 -38.56 -11.30
N ILE F 377 120.60 -37.28 -11.21
CA ILE F 377 121.58 -36.20 -11.34
C ILE F 377 122.59 -36.24 -10.21
N GLN F 378 122.11 -36.50 -8.97
CA GLN F 378 123.05 -36.57 -7.86
C GLN F 378 124.06 -37.70 -8.06
N ALA F 379 123.57 -38.88 -8.47
CA ALA F 379 124.46 -40.02 -8.67
C ALA F 379 125.42 -39.77 -9.82
N LEU F 380 124.95 -39.13 -10.90
CA LEU F 380 125.82 -38.80 -12.02
C LEU F 380 126.90 -37.82 -11.61
N SER F 381 126.55 -36.83 -10.80
CA SER F 381 127.56 -35.90 -10.30
C SER F 381 128.60 -36.62 -9.44
N ILE F 382 128.15 -37.54 -8.59
CA ILE F 382 129.08 -38.29 -7.75
C ILE F 382 130.00 -39.15 -8.63
N ALA F 383 129.43 -39.80 -9.65
CA ALA F 383 130.23 -40.65 -10.52
C ALA F 383 131.23 -39.84 -11.34
N ASN F 384 130.86 -38.64 -11.75
CA ASN F 384 131.80 -37.78 -12.46
C ASN F 384 132.91 -37.30 -11.52
N SER F 385 132.56 -37.00 -10.26
CA SER F 385 133.53 -36.42 -9.35
C SER F 385 134.52 -37.46 -8.81
N ASP F 386 134.08 -38.70 -8.62
CA ASP F 386 134.90 -39.66 -7.90
C ASP F 386 136.18 -40.06 -8.63
N SER F 387 136.30 -39.74 -9.91
CA SER F 387 137.47 -40.15 -10.70
C SER F 387 138.70 -39.31 -10.42
N GLN F 388 138.58 -38.22 -9.65
CA GLN F 388 139.70 -37.33 -9.39
C GLN F 388 140.59 -37.82 -8.26
N ASN F 389 140.23 -38.92 -7.58
CA ASN F 389 141.00 -39.36 -6.42
C ASN F 389 142.38 -39.86 -6.80
N VAL F 390 142.54 -40.37 -8.02
CA VAL F 390 143.82 -40.98 -8.42
C VAL F 390 144.95 -39.96 -8.49
N LEU F 391 144.63 -38.67 -8.56
CA LEU F 391 145.67 -37.65 -8.68
C LEU F 391 146.52 -37.54 -7.42
N SER F 392 146.02 -38.01 -6.27
CA SER F 392 146.76 -37.87 -5.02
C SER F 392 148.02 -38.71 -5.04
N LEU F 393 147.97 -39.90 -5.66
CA LEU F 393 149.12 -40.81 -5.62
C LEU F 393 150.34 -40.22 -6.31
N PHE F 394 150.15 -39.60 -7.47
CA PHE F 394 151.27 -39.10 -8.26
C PHE F 394 151.89 -37.83 -7.67
N ARG F 395 151.14 -37.07 -6.88
CA ARG F 395 151.68 -35.85 -6.27
C ARG F 395 152.48 -36.18 -5.02
N THR G 2 162.45 -9.54 19.57
CA THR G 2 161.21 -10.31 19.71
C THR G 2 161.27 -11.25 20.90
N SER G 3 160.34 -11.07 21.83
CA SER G 3 160.27 -11.92 23.01
C SER G 3 159.39 -13.12 22.73
N ILE G 4 159.95 -14.32 22.91
CA ILE G 4 159.22 -15.54 22.60
C ILE G 4 158.41 -16.06 23.78
N LEU G 5 158.60 -15.49 24.97
CA LEU G 5 157.82 -15.90 26.13
C LEU G 5 156.57 -15.06 26.35
N THR G 6 156.49 -13.87 25.75
CA THR G 6 155.35 -12.98 25.93
C THR G 6 154.87 -12.47 24.59
N ASN G 7 153.57 -12.21 24.49
CA ASN G 7 152.94 -11.64 23.30
C ASN G 7 151.90 -10.63 23.78
N ASN G 8 152.30 -9.36 23.85
CA ASN G 8 151.39 -8.32 24.32
C ASN G 8 150.19 -8.15 23.41
N SER G 9 150.41 -8.26 22.09
CA SER G 9 149.30 -8.20 21.15
C SER G 9 148.30 -9.32 21.41
N ALA G 10 148.80 -10.50 21.80
CA ALA G 10 147.90 -11.60 22.14
C ALA G 10 147.04 -11.26 23.34
N MET G 11 147.63 -10.65 24.37
CA MET G 11 146.85 -10.26 25.54
C MET G 11 145.81 -9.20 25.20
N ALA G 12 146.19 -8.23 24.36
CA ALA G 12 145.23 -7.21 23.95
C ALA G 12 144.07 -7.84 23.17
N ALA G 13 144.38 -8.77 22.27
CA ALA G 13 143.34 -9.47 21.53
C ALA G 13 142.44 -10.27 22.47
N LEU G 14 143.03 -10.92 23.48
CA LEU G 14 142.24 -11.68 24.44
C LEU G 14 141.30 -10.77 25.21
N SER G 15 141.78 -9.61 25.65
CA SER G 15 140.92 -8.68 26.37
C SER G 15 139.79 -8.19 25.48
N GLY G 16 140.09 -7.88 24.22
CA GLY G 16 139.04 -7.49 23.29
C GLY G 16 138.02 -8.59 23.11
N VAL G 17 138.47 -9.83 22.97
CA VAL G 17 137.56 -10.95 22.79
C VAL G 17 136.66 -11.13 24.01
N ARG G 18 137.23 -11.00 25.20
CA ARG G 18 136.41 -11.13 26.41
C ARG G 18 135.37 -10.03 26.49
N SER G 19 135.75 -8.79 26.17
CA SER G 19 134.79 -7.69 26.20
C SER G 19 133.67 -7.91 25.19
N ILE G 20 134.02 -8.33 23.97
CA ILE G 20 133.02 -8.58 22.95
C ILE G 20 132.11 -9.73 23.37
N SER G 21 132.68 -10.77 23.98
CA SER G 21 131.87 -11.91 24.41
C SER G 21 130.89 -11.52 25.50
N SER G 22 131.33 -10.72 26.47
CA SER G 22 130.42 -10.27 27.53
C SER G 22 129.30 -9.41 26.94
N SER G 23 129.66 -8.47 26.06
CA SER G 23 128.63 -7.62 25.46
C SER G 23 127.66 -8.45 24.61
N MET G 24 128.18 -9.46 23.91
CA MET G 24 127.33 -10.31 23.09
C MET G 24 126.39 -11.15 23.95
N GLU G 25 126.88 -11.69 25.07
CA GLU G 25 125.99 -12.43 25.96
C GLU G 25 124.89 -11.53 26.49
N ASP G 26 125.24 -10.30 26.87
CA ASP G 26 124.24 -9.35 27.34
C ASP G 26 123.21 -9.07 26.27
N THR G 27 123.65 -8.82 25.03
CA THR G 27 122.70 -8.46 23.99
C THR G 27 121.85 -9.66 23.56
N GLN G 28 122.39 -10.88 23.66
CA GLN G 28 121.57 -12.06 23.43
C GLN G 28 120.48 -12.19 24.47
N SER G 29 120.81 -11.94 25.74
CA SER G 29 119.76 -11.91 26.76
C SER G 29 118.71 -10.86 26.44
N ARG G 30 119.17 -9.67 26.03
CA ARG G 30 118.26 -8.58 25.69
C ARG G 30 117.35 -8.95 24.53
N ILE G 31 117.90 -9.57 23.49
CA ILE G 31 117.14 -9.89 22.28
C ILE G 31 116.26 -11.11 22.46
N SER G 32 116.54 -11.95 23.45
CA SER G 32 115.76 -13.15 23.68
C SER G 32 114.69 -12.97 24.76
N SER G 33 114.81 -11.96 25.62
CA SER G 33 113.80 -11.78 26.66
C SER G 33 113.42 -10.32 26.80
N GLY G 34 113.60 -9.53 25.73
CA GLY G 34 113.29 -8.11 25.77
C GLY G 34 114.02 -7.41 26.90
N LEU G 35 113.26 -6.86 27.85
CA LEU G 35 113.80 -6.44 29.14
C LEU G 35 115.05 -5.57 29.03
N ARG G 36 114.89 -4.33 28.56
CA ARG G 36 116.02 -3.41 28.52
C ARG G 36 116.70 -3.31 29.88
N VAL G 37 115.91 -3.35 30.95
CA VAL G 37 116.45 -3.41 32.30
C VAL G 37 116.52 -4.87 32.74
N GLY G 38 117.74 -5.35 32.98
CA GLY G 38 117.95 -6.74 33.31
C GLY G 38 117.32 -7.13 34.63
N SER G 39 117.45 -8.42 34.93
CA SER G 39 116.84 -9.04 36.12
C SER G 39 117.16 -8.19 37.35
N ALA G 40 118.42 -8.08 37.76
CA ALA G 40 118.76 -7.23 38.89
C ALA G 40 120.12 -6.56 38.73
N SER G 41 120.77 -6.76 37.58
CA SER G 41 122.14 -6.31 37.39
C SER G 41 122.23 -4.96 36.69
N ASP G 42 121.11 -4.43 36.20
CA ASP G 42 121.09 -3.09 35.62
C ASP G 42 120.72 -2.06 36.68
N ASN G 43 120.35 -0.86 36.24
CA ASN G 43 120.06 0.24 37.15
C ASN G 43 118.95 -0.09 38.16
N ALA G 44 119.34 -0.12 39.44
CA ALA G 44 118.48 -0.65 40.48
C ALA G 44 117.18 0.15 40.64
N ALA G 45 117.28 1.48 40.57
CA ALA G 45 116.13 2.32 40.86
C ALA G 45 114.97 2.03 39.92
N TYR G 46 115.23 2.00 38.61
CA TYR G 46 114.16 1.79 37.65
C TYR G 46 113.60 0.38 37.74
N TRP G 47 114.45 -0.61 38.01
CA TRP G 47 113.97 -1.97 38.21
C TRP G 47 113.05 -2.06 39.42
N SER G 48 113.42 -1.39 40.51
CA SER G 48 112.59 -1.37 41.71
C SER G 48 111.24 -0.72 41.41
N ILE G 49 111.27 0.40 40.67
CA ILE G 49 110.02 1.05 40.29
C ILE G 49 109.15 0.11 39.47
N ALA G 50 109.76 -0.60 38.52
CA ALA G 50 109.02 -1.53 37.68
C ALA G 50 108.41 -2.65 38.51
N THR G 51 109.16 -3.20 39.46
CA THR G 51 108.64 -4.28 40.30
C THR G 51 107.48 -3.80 41.16
N THR G 52 107.62 -2.62 41.76
CA THR G 52 106.53 -2.07 42.57
C THR G 52 105.29 -1.82 41.71
N MET G 53 105.50 -1.31 40.49
CA MET G 53 104.37 -1.04 39.61
C MET G 53 103.70 -2.33 39.16
N ARG G 54 104.47 -3.40 38.94
CA ARG G 54 103.87 -4.70 38.62
C ARG G 54 103.04 -5.23 39.78
N SER G 55 103.55 -5.09 41.01
CA SER G 55 102.76 -5.50 42.18
C SER G 55 101.47 -4.69 42.25
N ASP G 56 101.55 -3.39 41.97
CA ASP G 56 100.35 -2.56 41.96
C ASP G 56 99.38 -3.03 40.88
N ASN G 57 99.89 -3.41 39.71
CA ASN G 57 99.03 -3.90 38.64
C ASN G 57 98.32 -5.18 39.06
N GLN G 58 99.02 -6.08 39.74
CA GLN G 58 98.37 -7.28 40.27
C GLN G 58 97.28 -6.91 41.27
N ALA G 59 97.57 -5.94 42.14
CA ALA G 59 96.56 -5.50 43.11
C ALA G 59 95.33 -4.94 42.40
N LEU G 60 95.52 -4.14 41.35
CA LEU G 60 94.38 -3.60 40.61
C LEU G 60 93.61 -4.71 39.89
N SER G 61 94.30 -5.76 39.43
CA SER G 61 93.58 -6.89 38.85
C SER G 61 92.69 -7.57 39.89
N ALA G 62 93.22 -7.76 41.10
CA ALA G 62 92.41 -8.31 42.17
C ALA G 62 91.22 -7.41 42.48
N VAL G 63 91.45 -6.09 42.48
CA VAL G 63 90.35 -5.15 42.72
C VAL G 63 89.32 -5.25 41.61
N GLN G 64 89.75 -5.48 40.38
CA GLN G 64 88.80 -5.66 39.27
C GLN G 64 87.93 -6.89 39.49
N ASP G 65 88.55 -7.99 39.92
CA ASP G 65 87.75 -9.18 40.22
C ASP G 65 86.74 -8.91 41.33
N ALA G 66 87.18 -8.23 42.39
CA ALA G 66 86.27 -7.88 43.48
C ALA G 66 85.15 -6.96 43.00
N LEU G 67 85.47 -6.04 42.10
CA LEU G 67 84.46 -5.14 41.55
C LEU G 67 83.43 -5.90 40.74
N GLY G 68 83.86 -6.88 39.96
CA GLY G 68 82.91 -7.71 39.24
C GLY G 68 82.00 -8.47 40.16
N LEU G 69 82.56 -9.05 41.23
CA LEU G 69 81.73 -9.77 42.21
C LEU G 69 80.72 -8.83 42.86
N GLY G 70 81.17 -7.64 43.26
CA GLY G 70 80.26 -6.68 43.87
C GLY G 70 79.19 -6.21 42.91
N ALA G 71 79.53 -6.04 41.63
CA ALA G 71 78.54 -5.66 40.63
C ALA G 71 77.48 -6.74 40.48
N ALA G 72 77.89 -8.01 40.48
CA ALA G 72 76.92 -9.10 40.44
C ALA G 72 76.00 -9.06 41.65
N LYS G 73 76.58 -8.85 42.84
CA LYS G 73 75.76 -8.79 44.05
C LYS G 73 74.75 -7.65 43.98
N VAL G 74 75.20 -6.47 43.53
CA VAL G 74 74.31 -5.32 43.44
C VAL G 74 73.22 -5.56 42.42
N ASP G 75 73.55 -6.20 41.29
CA ASP G 75 72.52 -6.50 40.29
C ASP G 75 71.47 -7.44 40.85
N THR G 76 71.88 -8.47 41.57
CA THR G 76 70.92 -9.38 42.18
C THR G 76 70.03 -8.66 43.18
N ALA G 77 70.64 -7.82 44.03
CA ALA G 77 69.87 -7.09 45.02
C ALA G 77 68.88 -6.15 44.36
N TYR G 78 69.29 -5.49 43.28
CA TYR G 78 68.40 -4.56 42.59
C TYR G 78 67.24 -5.30 41.93
N SER G 79 67.50 -6.48 41.35
CA SER G 79 66.41 -7.27 40.79
C SER G 79 65.41 -7.65 41.88
N GLY G 80 65.91 -8.10 43.03
CA GLY G 80 65.01 -8.41 44.13
C GLY G 80 64.21 -7.21 44.59
N MET G 81 64.85 -6.04 44.65
CA MET G 81 64.16 -4.82 45.05
C MET G 81 63.07 -4.46 44.07
N GLU G 82 63.35 -4.59 42.76
CA GLU G 82 62.33 -4.30 41.76
C GLU G 82 61.13 -5.25 41.90
N SER G 83 61.40 -6.53 42.11
CA SER G 83 60.31 -7.47 42.30
C SER G 83 59.47 -7.11 43.54
N ALA G 84 60.14 -6.75 44.63
CA ALA G 84 59.41 -6.37 45.84
C ALA G 84 58.58 -5.11 45.62
N ILE G 85 59.13 -4.13 44.89
CA ILE G 85 58.38 -2.92 44.61
C ILE G 85 57.14 -3.21 43.78
N GLU G 86 57.28 -4.08 42.77
CA GLU G 86 56.11 -4.45 41.97
C GLU G 86 55.05 -5.14 42.82
N VAL G 87 55.48 -6.05 43.69
CA VAL G 87 54.50 -6.76 44.53
C VAL G 87 53.80 -5.79 45.47
N VAL G 88 54.54 -4.86 46.07
CA VAL G 88 53.94 -3.91 46.99
C VAL G 88 53.00 -2.96 46.27
N LYS G 89 53.34 -2.58 45.03
CA LYS G 89 52.44 -1.77 44.22
C LYS G 89 51.13 -2.52 43.97
N GLU G 90 51.23 -3.82 43.66
CA GLU G 90 50.03 -4.63 43.47
C GLU G 90 49.21 -4.67 44.76
N ILE G 91 49.88 -4.81 45.91
CA ILE G 91 49.17 -4.83 47.20
C ILE G 91 48.43 -3.53 47.43
N LYS G 92 49.09 -2.41 47.16
CA LYS G 92 48.45 -1.10 47.35
C LYS G 92 47.25 -0.94 46.42
N ALA G 93 47.39 -1.37 45.17
CA ALA G 93 46.26 -1.31 44.25
C ALA G 93 45.09 -2.14 44.74
N LYS G 94 45.38 -3.36 45.22
CA LYS G 94 44.31 -4.20 45.74
C LYS G 94 43.63 -3.58 46.95
N LEU G 95 44.42 -2.97 47.85
CA LEU G 95 43.82 -2.40 49.04
C LEU G 95 42.98 -1.17 48.72
N VAL G 96 43.46 -0.31 47.81
CA VAL G 96 42.68 0.87 47.45
C VAL G 96 41.45 0.46 46.65
N ALA G 97 41.49 -0.69 45.97
CA ALA G 97 40.27 -1.24 45.39
C ALA G 97 39.31 -1.71 46.49
N ALA G 98 39.87 -2.32 47.54
CA ALA G 98 39.06 -2.89 48.61
C ALA G 98 38.55 -1.85 49.61
N THR G 99 38.97 -0.59 49.50
CA THR G 99 38.47 0.42 50.43
C THR G 99 36.95 0.58 50.34
N GLU G 100 36.36 0.19 49.21
CA GLU G 100 34.91 0.18 49.07
C GLU G 100 34.29 -0.81 50.04
N ASP G 101 33.16 -0.42 50.63
CA ASP G 101 32.46 -1.27 51.59
C ASP G 101 31.65 -2.36 50.92
N GLY G 102 31.39 -2.27 49.62
CA GLY G 102 30.63 -3.27 48.90
C GLY G 102 31.40 -4.48 48.46
N VAL G 103 32.68 -4.55 48.81
CA VAL G 103 33.57 -5.64 48.41
C VAL G 103 33.87 -6.50 49.62
N ASP G 104 33.64 -7.80 49.50
CA ASP G 104 33.98 -8.72 50.58
C ASP G 104 35.48 -8.71 50.83
N LYS G 105 35.86 -8.58 52.10
CA LYS G 105 37.25 -8.36 52.46
C LYS G 105 38.02 -9.65 52.71
N ALA G 106 37.37 -10.81 52.74
CA ALA G 106 38.09 -12.06 52.94
C ALA G 106 38.98 -12.38 51.75
N LYS G 107 38.45 -12.20 50.53
CA LYS G 107 39.25 -12.45 49.33
C LYS G 107 40.45 -11.51 49.27
N ILE G 108 40.23 -10.24 49.59
CA ILE G 108 41.34 -9.29 49.62
C ILE G 108 42.36 -9.68 50.67
N GLN G 109 41.89 -10.08 51.85
CA GLN G 109 42.80 -10.47 52.92
C GLN G 109 43.66 -11.64 52.50
N GLU G 110 43.07 -12.65 51.85
CA GLU G 110 43.88 -13.77 51.39
C GLU G 110 44.82 -13.35 50.26
N GLU G 111 44.42 -12.39 49.42
CA GLU G 111 45.33 -11.91 48.39
C GLU G 111 46.58 -11.26 48.98
N ILE G 112 46.39 -10.37 49.96
CA ILE G 112 47.57 -9.79 50.62
C ILE G 112 48.33 -10.85 51.42
N THR G 113 47.65 -11.88 51.94
CA THR G 113 48.39 -12.96 52.58
C THR G 113 49.34 -13.64 51.60
N GLN G 114 48.83 -13.97 50.41
CA GLN G 114 49.67 -14.56 49.37
C GLN G 114 50.80 -13.62 48.96
N LEU G 115 50.49 -12.34 48.82
CA LEU G 115 51.50 -11.37 48.38
C LEU G 115 52.57 -11.16 49.45
N LYS G 116 52.18 -11.20 50.72
CA LYS G 116 53.16 -11.11 51.82
C LYS G 116 54.05 -12.34 51.85
N ASP G 117 53.49 -13.53 51.61
CA ASP G 117 54.32 -14.72 51.48
C ASP G 117 55.30 -14.56 50.32
N GLN G 118 54.83 -14.00 49.20
CA GLN G 118 55.71 -13.76 48.06
C GLN G 118 56.83 -12.80 48.41
N LEU G 119 56.51 -11.72 49.15
CA LEU G 119 57.55 -10.79 49.58
C LEU G 119 58.57 -11.46 50.48
N THR G 120 58.11 -12.30 51.41
CA THR G 120 59.04 -13.01 52.28
C THR G 120 59.95 -13.93 51.46
N SER G 121 59.38 -14.65 50.50
CA SER G 121 60.17 -15.54 49.66
C SER G 121 61.20 -14.77 48.85
N ILE G 122 60.79 -13.62 48.28
CA ILE G 122 61.71 -12.81 47.51
C ILE G 122 62.83 -12.27 48.39
N ALA G 123 62.48 -11.82 49.59
CA ALA G 123 63.49 -11.26 50.49
C ALA G 123 64.50 -12.31 50.92
N ASP G 124 64.04 -13.52 51.25
CA ASP G 124 64.98 -14.54 51.70
C ASP G 124 65.70 -15.25 50.55
N ALA G 125 65.20 -15.13 49.32
CA ALA G 125 65.80 -15.84 48.19
C ALA G 125 66.82 -15.00 47.44
N ALA G 126 66.72 -13.68 47.51
CA ALA G 126 67.61 -12.79 46.76
C ALA G 126 68.97 -12.72 47.46
N SER G 127 69.67 -13.85 47.43
CA SER G 127 71.00 -13.97 48.03
C SER G 127 71.95 -14.51 46.98
N PHE G 128 73.01 -13.76 46.69
CA PHE G 128 73.97 -14.20 45.69
C PHE G 128 74.99 -15.16 46.28
N SER G 129 75.80 -14.68 47.21
CA SER G 129 76.87 -15.48 47.82
C SER G 129 76.85 -15.31 49.33
N GLY G 130 75.67 -15.40 49.93
CA GLY G 130 75.52 -15.14 51.35
C GLY G 130 75.34 -13.67 51.66
N GLU G 131 76.20 -12.82 51.10
CA GLU G 131 76.05 -11.39 51.26
C GLU G 131 74.92 -10.89 50.37
N ASN G 132 73.70 -10.89 50.91
CA ASN G 132 72.51 -10.60 50.13
C ASN G 132 72.06 -9.14 50.21
N TRP G 133 72.60 -8.37 51.14
CA TRP G 133 72.26 -6.96 51.33
C TRP G 133 70.79 -6.76 51.66
N LEU G 134 70.09 -7.82 52.03
CA LEU G 134 68.69 -7.76 52.41
C LEU G 134 68.46 -8.72 53.58
N GLN G 135 67.42 -8.43 54.35
CA GLN G 135 67.09 -9.20 55.55
C GLN G 135 68.28 -9.30 56.49
N ALA G 136 68.83 -8.14 56.83
CA ALA G 136 69.99 -8.08 57.70
C ALA G 136 69.57 -8.11 59.16
N ASP G 137 70.56 -8.02 60.04
CA ASP G 137 70.33 -8.01 61.49
C ASP G 137 70.44 -6.56 61.97
N LEU G 138 69.32 -6.00 62.40
CA LEU G 138 69.26 -4.62 62.86
C LEU G 138 69.30 -4.50 64.38
N SER G 139 69.59 -5.59 65.09
CA SER G 139 69.71 -5.52 66.54
C SER G 139 70.86 -4.60 66.95
N GLY G 140 71.99 -4.68 66.23
CA GLY G 140 73.10 -3.79 66.51
C GLY G 140 72.76 -2.33 66.25
N GLY G 141 71.93 -2.06 65.24
CA GLY G 141 71.51 -0.71 64.95
C GLY G 141 71.80 -0.28 63.52
N ALA G 142 72.95 -0.70 62.99
CA ALA G 142 73.33 -0.33 61.63
C ALA G 142 74.44 -1.27 61.16
N VAL G 143 74.27 -1.82 59.96
CA VAL G 143 75.28 -2.66 59.33
C VAL G 143 75.61 -2.07 57.97
N THR G 144 76.91 -2.02 57.65
CA THR G 144 77.38 -1.40 56.43
C THR G 144 78.11 -2.44 55.59
N LYS G 145 77.62 -2.66 54.37
CA LYS G 145 78.27 -3.54 53.41
C LYS G 145 79.21 -2.73 52.53
N SER G 146 80.38 -3.30 52.24
CA SER G 146 81.41 -2.60 51.48
C SER G 146 81.80 -3.41 50.26
N VAL G 147 82.08 -2.70 49.17
CA VAL G 147 82.56 -3.30 47.92
C VAL G 147 83.92 -2.69 47.61
N VAL G 148 84.91 -3.55 47.35
CA VAL G 148 86.26 -3.07 47.07
C VAL G 148 86.24 -2.23 45.80
N GLY G 149 86.58 -0.96 45.93
CA GLY G 149 86.53 -0.05 44.80
C GLY G 149 87.83 0.13 44.07
N SER G 150 88.90 0.46 44.80
CA SER G 150 90.20 0.69 44.18
C SER G 150 91.29 0.44 45.20
N PHE G 151 92.51 0.23 44.69
CA PHE G 151 93.70 0.08 45.51
C PHE G 151 94.58 1.30 45.29
N VAL G 152 94.86 2.03 46.37
CA VAL G 152 95.55 3.31 46.31
C VAL G 152 96.85 3.21 47.10
N ARG G 153 97.94 3.61 46.46
CA ARG G 153 99.25 3.72 47.12
C ARG G 153 99.48 5.18 47.46
N ASP G 154 99.43 5.50 48.75
CA ASP G 154 99.61 6.87 49.19
C ASP G 154 101.03 7.34 48.89
N GLY G 155 101.17 8.64 48.62
CA GLY G 155 102.47 9.20 48.28
C GLY G 155 103.49 9.06 49.40
N SER G 156 103.03 9.10 50.65
CA SER G 156 103.93 9.03 51.80
C SER G 156 104.24 7.58 52.19
N GLY G 157 104.65 6.78 51.20
CA GLY G 157 105.11 5.43 51.43
C GLY G 157 104.16 4.51 52.15
N SER G 158 102.90 4.47 51.72
CA SER G 158 101.91 3.59 52.34
C SER G 158 100.87 3.19 51.31
N VAL G 159 100.19 2.09 51.60
CA VAL G 159 99.17 1.54 50.71
C VAL G 159 97.89 1.30 51.50
N ALA G 160 96.78 1.27 50.78
CA ALA G 160 95.48 1.05 51.38
C ALA G 160 94.51 0.60 50.30
N VAL G 161 93.33 0.16 50.72
CA VAL G 161 92.27 -0.27 49.82
C VAL G 161 91.01 0.54 50.13
N LYS G 162 90.36 1.03 49.08
CA LYS G 162 89.16 1.84 49.22
C LYS G 162 87.93 0.99 48.97
N LYS G 163 86.82 1.36 49.62
CA LYS G 163 85.58 0.60 49.54
C LYS G 163 84.41 1.54 49.32
N VAL G 164 83.34 1.00 48.75
CA VAL G 164 82.09 1.71 48.56
C VAL G 164 81.08 1.16 49.57
N ASP G 165 80.52 2.06 50.38
CA ASP G 165 79.69 1.66 51.52
C ASP G 165 78.22 1.80 51.18
N TYR G 166 77.45 0.76 51.50
CA TYR G 166 76.00 0.78 51.39
C TYR G 166 75.42 0.50 52.76
N SER G 167 74.63 1.45 53.28
CA SER G 167 74.14 1.38 54.64
C SER G 167 72.80 0.66 54.68
N LEU G 168 72.73 -0.41 55.47
CA LEU G 168 71.49 -1.17 55.66
C LEU G 168 70.85 -0.71 56.96
N ASN G 169 70.25 0.46 56.92
CA ASN G 169 69.58 1.05 58.07
C ASN G 169 68.15 0.53 58.15
N ALA G 170 67.33 1.17 58.98
CA ALA G 170 65.93 0.79 59.15
C ALA G 170 65.05 1.28 58.01
N ASN G 171 65.63 1.73 56.90
CA ASN G 171 64.87 2.22 55.76
C ASN G 171 64.98 1.34 54.53
N SER G 172 66.00 0.51 54.43
CA SER G 172 66.21 -0.36 53.26
C SER G 172 66.63 -1.75 53.73
N VAL G 173 65.94 -2.28 54.74
CA VAL G 173 66.34 -3.53 55.36
C VAL G 173 65.55 -4.69 54.77
N LEU G 174 64.28 -4.44 54.43
CA LEU G 174 63.44 -5.47 53.82
C LEU G 174 63.28 -6.70 54.70
N PHE G 175 62.48 -6.59 55.76
CA PHE G 175 62.20 -7.68 56.69
C PHE G 175 63.41 -8.06 57.54
N ASP G 176 63.84 -7.15 58.40
CA ASP G 176 64.81 -7.45 59.45
C ASP G 176 64.46 -8.76 60.15
N THR G 177 65.47 -9.62 60.30
CA THR G 177 65.25 -11.00 60.68
C THR G 177 65.16 -11.23 62.19
N VAL G 178 65.51 -10.25 63.01
CA VAL G 178 65.58 -10.49 64.45
C VAL G 178 64.52 -9.69 65.20
N GLY G 179 64.61 -8.36 65.12
CA GLY G 179 63.71 -7.52 65.89
C GLY G 179 62.45 -7.08 65.19
N ASP G 180 62.33 -7.35 63.89
CA ASP G 180 61.21 -6.89 63.07
C ASP G 180 61.07 -5.37 63.16
N THR G 181 62.21 -4.68 63.32
CA THR G 181 62.26 -3.23 63.32
C THR G 181 63.04 -2.79 62.09
N GLY G 182 62.38 -2.06 61.20
CA GLY G 182 62.97 -1.66 59.94
C GLY G 182 61.93 -1.04 59.03
N ILE G 183 61.88 -1.49 57.77
CA ILE G 183 60.81 -1.07 56.88
C ILE G 183 59.45 -1.43 57.47
N LEU G 184 59.36 -2.60 58.10
CA LEU G 184 58.15 -3.00 58.81
C LEU G 184 58.00 -2.21 60.11
N ASP G 185 56.75 -2.11 60.57
CA ASP G 185 56.41 -1.64 61.92
C ASP G 185 56.66 -0.13 62.03
N LYS G 186 57.28 0.46 61.01
CA LYS G 186 57.49 1.90 60.99
C LYS G 186 56.39 2.55 60.15
N VAL G 187 55.89 3.68 60.62
CA VAL G 187 54.80 4.36 59.92
C VAL G 187 55.33 5.56 59.14
N TYR G 188 55.95 6.52 59.84
CA TYR G 188 56.38 7.78 59.24
C TYR G 188 55.28 8.41 58.40
N ASN G 189 54.03 8.21 58.81
CA ASN G 189 52.90 8.60 57.98
C ASN G 189 52.82 10.12 57.85
N VAL G 190 52.41 10.57 56.67
CA VAL G 190 52.38 12.01 56.39
C VAL G 190 51.31 12.70 57.22
N SER G 191 50.18 12.03 57.45
CA SER G 191 49.06 12.66 58.15
C SER G 191 48.29 11.59 58.91
N GLN G 192 47.08 11.94 59.33
CA GLN G 192 46.21 11.07 60.10
C GLN G 192 44.83 11.08 59.46
N ALA G 193 44.04 10.06 59.77
CA ALA G 193 42.67 9.98 59.26
C ALA G 193 41.88 11.20 59.70
N SER G 194 41.16 11.81 58.75
CA SER G 194 40.45 13.05 58.99
C SER G 194 39.02 12.92 58.50
N VAL G 195 38.13 13.68 59.13
CA VAL G 195 36.71 13.72 58.77
C VAL G 195 36.25 15.17 58.83
N THR G 196 35.48 15.59 57.83
CA THR G 196 34.93 16.93 57.77
C THR G 196 33.50 16.90 58.30
N LEU G 197 33.23 17.74 59.30
CA LEU G 197 31.96 17.74 59.98
C LEU G 197 31.20 19.04 59.70
N THR G 198 29.89 18.97 59.89
CA THR G 198 29.00 20.13 59.77
C THR G 198 28.55 20.48 61.18
N VAL G 199 29.35 21.29 61.87
CA VAL G 199 29.09 21.69 63.25
C VAL G 199 28.96 23.21 63.29
N ASN G 200 27.86 23.69 63.86
CA ASN G 200 27.60 25.12 63.97
C ASN G 200 27.94 25.57 65.39
N THR G 201 29.03 26.33 65.53
CA THR G 201 29.38 26.90 66.82
C THR G 201 28.31 27.89 67.27
N ASN G 202 27.74 28.64 66.33
CA ASN G 202 26.68 29.59 66.62
C ASN G 202 25.47 29.27 65.76
N GLY G 203 24.51 30.20 65.69
CA GLY G 203 23.32 30.00 64.89
C GLY G 203 23.59 29.76 63.42
N VAL G 204 24.77 30.14 62.95
CA VAL G 204 25.18 29.95 61.56
C VAL G 204 26.01 28.68 61.47
N GLU G 205 25.79 27.91 60.41
CA GLU G 205 26.50 26.65 60.19
C GLU G 205 27.91 26.93 59.69
N SER G 206 28.82 26.01 59.97
CA SER G 206 30.21 26.14 59.55
C SER G 206 30.79 24.75 59.34
N GLN G 207 31.90 24.72 58.60
CA GLN G 207 32.60 23.48 58.27
C GLN G 207 33.90 23.40 59.06
N HIS G 208 34.13 22.24 59.69
CA HIS G 208 35.33 22.04 60.51
C HIS G 208 35.95 20.69 60.15
N THR G 209 37.27 20.63 60.30
CA THR G 209 38.04 19.42 60.05
C THR G 209 38.66 18.92 61.36
N VAL G 210 38.39 17.66 61.68
CA VAL G 210 38.89 17.05 62.91
C VAL G 210 39.37 15.63 62.60
N ALA G 211 40.44 15.22 63.27
CA ALA G 211 40.99 13.89 63.05
C ALA G 211 40.00 12.82 63.49
N ALA G 212 39.99 11.71 62.76
CA ALA G 212 39.11 10.58 63.03
C ALA G 212 39.89 9.42 63.62
N TYR G 213 39.28 8.72 64.58
CA TYR G 213 39.90 7.62 65.28
C TYR G 213 39.07 6.36 65.09
N SER G 214 39.73 5.26 64.72
CA SER G 214 39.04 3.99 64.52
C SER G 214 38.50 3.45 65.84
N LEU G 215 37.33 2.82 65.77
CA LEU G 215 36.74 2.24 66.97
C LEU G 215 37.60 1.11 67.53
N GLU G 216 38.30 0.38 66.67
CA GLU G 216 39.17 -0.70 67.13
C GLU G 216 40.30 -0.16 67.99
N SER G 217 40.86 0.99 67.62
CA SER G 217 41.94 1.58 68.41
C SER G 217 41.45 1.94 69.81
N LEU G 218 40.24 2.48 69.91
CA LEU G 218 39.69 2.81 71.23
C LEU G 218 39.41 1.55 72.03
N THR G 219 38.73 0.57 71.43
CA THR G 219 38.33 -0.62 72.17
C THR G 219 39.52 -1.50 72.54
N GLU G 220 40.65 -1.35 71.84
CA GLU G 220 41.82 -2.17 72.15
C GLU G 220 42.45 -1.75 73.47
N ALA G 221 42.44 -0.45 73.77
CA ALA G 221 43.10 0.09 74.95
C ALA G 221 42.21 0.11 76.18
N GLY G 222 41.15 -0.70 76.21
CA GLY G 222 40.29 -0.76 77.37
C GLY G 222 39.45 0.48 77.55
N ALA G 223 38.51 0.73 76.65
CA ALA G 223 37.69 1.93 76.65
C ALA G 223 36.28 1.60 77.14
N GLU G 224 35.81 2.35 78.13
CA GLU G 224 34.42 2.26 78.54
C GLU G 224 33.53 2.93 77.49
N PHE G 225 32.33 2.38 77.31
CA PHE G 225 31.41 2.88 76.31
C PHE G 225 30.02 3.05 76.92
N GLN G 226 29.29 4.05 76.42
CA GLN G 226 27.90 4.26 76.81
C GLN G 226 27.23 5.05 75.69
N GLY G 227 26.34 4.39 74.96
CA GLY G 227 25.69 5.02 73.83
C GLY G 227 26.67 5.42 72.74
N ASN G 228 26.91 6.72 72.62
CA ASN G 228 27.88 7.26 71.67
C ASN G 228 29.00 7.98 72.39
N TYR G 229 29.49 7.39 73.48
CA TYR G 229 30.56 7.97 74.28
C TYR G 229 31.66 6.94 74.50
N ALA G 230 32.91 7.41 74.47
CA ALA G 230 34.07 6.58 74.75
C ALA G 230 34.94 7.28 75.79
N LEU G 231 35.44 6.50 76.75
CA LEU G 231 36.25 7.02 77.85
C LEU G 231 37.48 6.13 78.04
N GLN G 232 38.23 5.96 76.95
CA GLN G 232 39.44 5.14 76.98
C GLN G 232 40.33 5.48 78.17
N GLY G 233 40.75 6.75 78.27
CA GLY G 233 41.52 7.20 79.41
C GLY G 233 41.04 8.55 79.88
N GLY G 234 41.97 9.48 80.11
CA GLY G 234 41.58 10.85 80.36
C GLY G 234 40.87 11.48 79.17
N ASN G 235 41.27 11.08 77.97
CA ASN G 235 40.63 11.58 76.76
C ASN G 235 39.20 11.05 76.64
N SER G 236 38.34 11.85 76.04
CA SER G 236 36.93 11.49 75.85
C SER G 236 36.60 11.56 74.36
N TYR G 237 35.98 10.50 73.85
CA TYR G 237 35.61 10.42 72.45
C TYR G 237 34.10 10.22 72.33
N VAL G 238 33.53 10.83 71.28
CA VAL G 238 32.12 10.68 70.97
C VAL G 238 31.97 10.35 69.49
N LYS G 239 30.84 9.75 69.15
CA LYS G 239 30.51 9.40 67.77
C LYS G 239 29.53 10.42 67.23
N VAL G 240 29.89 11.06 66.11
CA VAL G 240 29.06 12.11 65.53
C VAL G 240 28.09 11.53 64.51
N GLU G 241 28.59 10.89 63.45
CA GLU G 241 27.75 10.09 62.57
C GLU G 241 28.22 8.64 62.49
N ASN G 242 29.49 8.40 62.14
CA ASN G 242 30.03 7.05 62.09
C ASN G 242 31.44 6.93 62.66
N VAL G 243 32.15 8.02 62.88
CA VAL G 243 33.54 7.98 63.31
C VAL G 243 33.65 8.59 64.71
N TRP G 244 34.60 8.09 65.49
CA TRP G 244 34.83 8.59 66.83
C TRP G 244 35.87 9.69 66.80
N VAL G 245 35.53 10.84 67.40
CA VAL G 245 36.41 12.00 67.42
C VAL G 245 36.51 12.50 68.86
N ARG G 246 37.58 13.25 69.13
CA ARG G 246 37.80 13.79 70.46
C ARG G 246 36.69 14.78 70.82
N ALA G 247 36.22 14.70 72.06
CA ALA G 247 35.21 15.60 72.59
C ALA G 247 35.75 16.32 73.82
N GLU G 248 34.97 17.26 74.31
CA GLU G 248 35.34 18.02 75.50
C GLU G 248 34.08 18.34 76.28
N THR G 249 34.28 18.69 77.55
CA THR G 249 33.15 18.95 78.45
C THR G 249 32.45 20.24 78.05
N ALA G 250 31.26 20.44 78.63
CA ALA G 250 30.51 21.66 78.39
C ALA G 250 31.18 22.84 79.06
N ALA G 251 30.74 24.04 78.70
CA ALA G 251 31.27 25.31 79.21
C ALA G 251 32.75 25.46 78.92
N THR G 252 33.26 24.79 77.89
CA THR G 252 34.64 24.93 77.47
C THR G 252 34.79 25.51 76.07
N GLY G 253 33.76 25.44 75.23
CA GLY G 253 33.78 26.12 73.95
C GLY G 253 33.33 27.56 74.09
N ALA G 254 32.36 27.80 74.97
CA ALA G 254 31.86 29.13 75.29
C ALA G 254 31.31 29.85 74.06
N THR G 255 30.74 29.09 73.12
CA THR G 255 30.14 29.66 71.93
C THR G 255 28.71 29.18 71.67
N GLY G 256 28.18 28.29 72.50
CA GLY G 256 26.89 27.71 72.21
C GLY G 256 26.94 26.65 71.13
N GLN G 257 28.05 25.93 71.01
CA GLN G 257 28.21 24.92 69.97
C GLN G 257 27.20 23.80 70.17
N GLU G 258 26.79 23.20 69.06
CA GLU G 258 25.82 22.10 69.09
C GLU G 258 26.31 20.97 69.98
N ILE G 259 25.44 20.50 70.87
CA ILE G 259 25.82 19.49 71.84
C ILE G 259 25.98 18.14 71.15
N ALA G 260 27.10 17.47 71.41
CA ALA G 260 27.35 16.18 70.80
C ALA G 260 26.55 15.08 71.48
N ALA G 261 26.76 14.88 72.78
CA ALA G 261 26.05 13.85 73.51
C ALA G 261 26.06 14.18 75.00
N THR G 262 25.11 13.59 75.72
CA THR G 262 25.00 13.75 77.17
C THR G 262 25.05 12.37 77.82
N THR G 263 25.80 12.29 78.92
CA THR G 263 26.01 11.02 79.63
C THR G 263 25.56 11.16 81.08
N THR G 264 25.57 10.03 81.78
CA THR G 264 25.22 9.98 83.19
C THR G 264 26.35 9.30 83.97
N ALA G 265 26.10 8.99 85.25
CA ALA G 265 27.14 8.38 86.07
C ALA G 265 27.59 7.06 85.50
N ALA G 266 26.71 6.05 85.51
CA ALA G 266 26.95 4.76 84.88
C ALA G 266 28.32 4.18 85.27
N GLY G 267 28.64 4.30 86.56
CA GLY G 267 29.91 3.82 87.04
C GLY G 267 30.97 4.90 87.15
N THR G 268 32.00 4.82 86.32
CA THR G 268 33.12 5.75 86.35
C THR G 268 33.07 6.77 85.22
N ILE G 269 31.88 7.22 84.85
CA ILE G 269 31.68 8.19 83.77
C ILE G 269 31.05 9.44 84.38
N THR G 270 31.71 10.58 84.20
CA THR G 270 31.17 11.83 84.72
C THR G 270 29.95 12.25 83.92
N ALA G 271 28.93 12.74 84.61
CA ALA G 271 27.71 13.20 83.98
C ALA G 271 27.91 14.62 83.48
N ASP G 272 27.95 14.78 82.15
CA ASP G 272 28.18 16.09 81.56
C ASP G 272 27.62 16.10 80.14
N SER G 273 27.45 17.30 79.60
CA SER G 273 26.98 17.49 78.23
C SER G 273 28.20 17.69 77.34
N TRP G 274 28.73 16.58 76.84
CA TRP G 274 29.95 16.63 76.04
C TRP G 274 29.68 17.23 74.67
N VAL G 275 30.66 17.96 74.16
CA VAL G 275 30.54 18.65 72.87
C VAL G 275 31.76 18.28 72.03
N VAL G 276 31.58 18.34 70.71
CA VAL G 276 32.67 18.01 69.80
C VAL G 276 33.79 19.02 69.96
N ASP G 277 35.01 18.52 70.16
CA ASP G 277 36.16 19.38 70.42
C ASP G 277 36.70 19.89 69.09
N VAL G 278 36.33 21.12 68.74
CA VAL G 278 36.88 21.75 67.54
C VAL G 278 38.35 22.06 67.76
N GLY G 279 39.18 21.63 66.82
CA GLY G 279 40.62 21.77 66.97
C GLY G 279 41.32 20.44 66.82
N ASN G 280 42.46 20.28 67.48
CA ASN G 280 43.28 19.07 67.44
C ASN G 280 43.30 18.45 66.04
N ALA G 281 43.69 19.26 65.07
CA ALA G 281 43.68 18.84 63.67
C ALA G 281 44.64 17.68 63.48
N PRO G 282 44.38 16.82 62.47
CA PRO G 282 45.25 15.67 62.22
C PRO G 282 46.73 16.04 62.15
N ALA G 283 47.51 15.50 63.09
CA ALA G 283 48.94 15.78 63.17
C ALA G 283 49.74 14.65 62.54
N ALA G 284 50.90 15.01 62.00
CA ALA G 284 51.77 14.03 61.37
C ALA G 284 52.47 13.18 62.43
N ASN G 285 53.10 12.10 61.97
CA ASN G 285 53.89 11.20 62.81
C ASN G 285 53.04 10.61 63.93
N VAL G 286 52.03 9.84 63.54
CA VAL G 286 51.17 9.11 64.46
C VAL G 286 51.10 7.66 64.00
N SER G 287 51.06 6.74 64.97
CA SER G 287 51.09 5.32 64.65
C SER G 287 49.88 4.94 63.81
N ALA G 288 50.12 4.18 62.74
CA ALA G 288 49.06 3.72 61.85
C ALA G 288 48.46 2.44 62.41
N GLY G 289 47.61 1.78 61.62
CA GLY G 289 46.95 0.58 62.06
C GLY G 289 47.86 -0.62 62.20
N GLN G 290 48.36 -1.13 61.08
CA GLN G 290 49.16 -2.35 61.05
C GLN G 290 50.35 -2.16 60.13
N SER G 291 51.37 -3.00 60.33
CA SER G 291 52.54 -2.98 59.49
C SER G 291 52.28 -3.71 58.17
N VAL G 292 53.25 -3.63 57.27
CA VAL G 292 53.10 -4.26 55.96
C VAL G 292 53.01 -5.78 56.09
N ALA G 293 53.85 -6.37 56.94
CA ALA G 293 53.90 -7.83 57.07
C ALA G 293 52.73 -8.41 57.82
N ASN G 294 51.93 -7.58 58.50
CA ASN G 294 50.82 -8.06 59.33
C ASN G 294 49.57 -7.29 58.94
N ILE G 295 49.23 -7.34 57.65
CA ILE G 295 48.04 -6.65 57.14
C ILE G 295 46.84 -7.56 57.35
N ASN G 296 45.85 -7.07 58.09
CA ASN G 296 44.61 -7.78 58.34
C ASN G 296 43.47 -6.77 58.29
N ILE G 297 42.71 -6.77 57.20
CA ILE G 297 41.76 -5.71 56.91
C ILE G 297 40.31 -6.20 56.98
N VAL G 298 40.07 -7.37 57.55
CA VAL G 298 38.71 -7.88 57.64
C VAL G 298 37.99 -7.15 58.76
N GLY G 299 36.83 -6.57 58.45
CA GLY G 299 36.10 -5.77 59.41
C GLY G 299 36.90 -4.58 59.89
N MET G 300 37.60 -3.90 58.98
CA MET G 300 38.49 -2.81 59.37
C MET G 300 37.71 -1.65 59.94
N GLY G 301 36.59 -1.30 59.33
CA GLY G 301 35.75 -0.21 59.80
C GLY G 301 35.81 1.07 58.99
N ALA G 302 36.55 1.09 57.88
CA ALA G 302 36.65 2.24 56.99
C ALA G 302 37.16 3.49 57.70
N ALA G 303 37.89 3.32 58.80
CA ALA G 303 38.48 4.44 59.54
C ALA G 303 39.99 4.40 59.54
N ALA G 304 40.59 3.25 59.86
CA ALA G 304 42.03 3.10 59.83
C ALA G 304 42.56 2.74 58.46
N LEU G 305 41.68 2.57 57.46
CA LEU G 305 42.13 2.27 56.12
C LEU G 305 42.98 3.40 55.55
N ASP G 306 42.63 4.66 55.86
CA ASP G 306 43.44 5.78 55.39
C ASP G 306 44.85 5.72 55.99
N ALA G 307 44.95 5.41 57.28
CA ALA G 307 46.27 5.27 57.89
C ALA G 307 47.04 4.11 57.28
N LEU G 308 46.36 3.00 56.99
CA LEU G 308 47.02 1.88 56.35
C LEU G 308 47.54 2.25 54.97
N ILE G 309 46.74 3.00 54.20
CA ILE G 309 47.17 3.45 52.88
C ILE G 309 48.38 4.37 53.01
N SER G 310 48.36 5.26 53.99
CA SER G 310 49.50 6.15 54.19
C SER G 310 50.76 5.37 54.54
N GLY G 311 50.64 4.37 55.41
CA GLY G 311 51.80 3.55 55.75
C GLY G 311 52.32 2.77 54.55
N VAL G 312 51.41 2.20 53.75
CA VAL G 312 51.83 1.47 52.56
C VAL G 312 52.54 2.40 51.59
N ASP G 313 52.01 3.61 51.40
CA ASP G 313 52.64 4.57 50.52
C ASP G 313 54.03 4.96 51.03
N ALA G 314 54.16 5.15 52.34
CA ALA G 314 55.47 5.47 52.91
C ALA G 314 56.46 4.35 52.66
N ALA G 315 56.03 3.10 52.86
CA ALA G 315 56.91 1.96 52.60
C ALA G 315 57.29 1.89 51.13
N LEU G 316 56.34 2.15 50.24
CA LEU G 316 56.63 2.13 48.81
C LEU G 316 57.63 3.21 48.44
N THR G 317 57.48 4.41 49.01
CA THR G 317 58.41 5.50 48.73
C THR G 317 59.80 5.16 49.24
N ASP G 318 59.89 4.57 50.45
CA ASP G 318 61.19 4.18 50.98
C ASP G 318 61.85 3.12 50.11
N MET G 319 61.07 2.15 49.62
CA MET G 319 61.64 1.12 48.75
C MET G 319 62.07 1.72 47.41
N THR G 320 61.32 2.68 46.89
CA THR G 320 61.72 3.35 45.65
C THR G 320 63.03 4.09 45.84
N SER G 321 63.18 4.79 46.98
CA SER G 321 64.44 5.46 47.27
C SER G 321 65.58 4.46 47.39
N ALA G 322 65.33 3.32 48.03
CA ALA G 322 66.36 2.30 48.15
C ALA G 322 66.76 1.75 46.79
N ALA G 323 65.78 1.54 45.90
CA ALA G 323 66.08 1.06 44.56
C ALA G 323 66.89 2.09 43.78
N ALA G 324 66.55 3.38 43.92
CA ALA G 324 67.34 4.42 43.26
C ALA G 324 68.76 4.43 43.79
N SER G 325 68.93 4.28 45.10
CA SER G 325 70.27 4.21 45.68
C SER G 325 71.04 3.01 45.14
N LEU G 326 70.38 1.86 45.02
CA LEU G 326 71.03 0.67 44.48
C LEU G 326 71.46 0.88 43.03
N GLY G 327 70.61 1.53 42.23
CA GLY G 327 70.98 1.83 40.85
C GLY G 327 72.16 2.78 40.79
N SER G 328 72.18 3.79 41.66
CA SER G 328 73.33 4.69 41.73
C SER G 328 74.59 3.95 42.11
N ILE G 329 74.49 3.01 43.06
CA ILE G 329 75.64 2.21 43.44
C ILE G 329 76.13 1.38 42.27
N SER G 330 75.21 0.77 41.52
CA SER G 330 75.62 -0.03 40.36
C SER G 330 76.31 0.83 39.31
N SER G 331 75.78 2.02 39.04
CA SER G 331 76.44 2.93 38.10
C SER G 331 77.83 3.32 38.60
N ARG G 332 77.95 3.57 39.90
CA ARG G 332 79.25 3.92 40.47
C ARG G 332 80.23 2.76 40.33
N ILE G 333 79.76 1.52 40.53
CA ILE G 333 80.63 0.37 40.35
C ILE G 333 81.09 0.26 38.90
N ASP G 334 80.17 0.48 37.95
CA ASP G 334 80.56 0.41 36.54
C ASP G 334 81.60 1.47 36.21
N LEU G 335 81.39 2.71 36.67
CA LEU G 335 82.35 3.78 36.41
C LEU G 335 83.69 3.48 37.07
N GLN G 336 83.67 2.95 38.29
CA GLN G 336 84.90 2.60 38.99
C GLN G 336 85.65 1.50 38.25
N SER G 337 84.93 0.50 37.74
CA SER G 337 85.58 -0.57 36.99
C SER G 337 86.22 -0.02 35.72
N GLU G 338 85.53 0.85 35.01
CA GLU G 338 86.10 1.44 33.80
C GLU G 338 87.35 2.25 34.12
N PHE G 339 87.29 3.06 35.19
CA PHE G 339 88.42 3.88 35.56
C PHE G 339 89.60 3.02 36.00
N VAL G 340 89.33 1.95 36.76
CA VAL G 340 90.40 1.05 37.20
C VAL G 340 91.05 0.37 36.02
N ASN G 341 90.25 -0.07 35.04
CA ASN G 341 90.82 -0.69 33.85
C ASN G 341 91.69 0.30 33.08
N LYS G 342 91.22 1.54 32.94
CA LYS G 342 92.02 2.56 32.26
C LYS G 342 93.32 2.83 33.00
N LEU G 343 93.26 2.91 34.33
CA LEU G 343 94.46 3.14 35.13
C LEU G 343 95.43 1.97 35.00
N SER G 344 94.91 0.73 34.98
CA SER G 344 95.77 -0.43 34.80
C SER G 344 96.43 -0.40 33.43
N ASP G 345 95.69 -0.01 32.39
CA ASP G 345 96.28 0.11 31.07
C ASP G 345 97.40 1.14 31.07
N SER G 346 97.15 2.30 31.70
CA SER G 346 98.15 3.37 31.73
C SER G 346 99.40 2.93 32.49
N ILE G 347 99.22 2.27 33.64
CA ILE G 347 100.36 1.87 34.45
C ILE G 347 101.15 0.78 33.74
N GLU G 348 100.47 -0.15 33.05
CA GLU G 348 101.18 -1.18 32.32
C GLU G 348 101.93 -0.57 31.14
N SER G 349 101.35 0.43 30.49
CA SER G 349 102.06 1.12 29.41
C SER G 349 103.30 1.84 29.94
N GLY G 350 103.18 2.45 31.12
CA GLY G 350 104.35 3.07 31.72
C GLY G 350 105.44 2.06 32.06
N VAL G 351 105.05 0.90 32.59
CA VAL G 351 106.00 -0.16 32.87
C VAL G 351 106.70 -0.60 31.59
N GLY G 352 105.92 -0.78 30.52
CA GLY G 352 106.51 -1.15 29.24
C GLY G 352 107.48 -0.12 28.73
N ARG G 353 107.10 1.16 28.82
CA ARG G 353 107.98 2.23 28.38
C ARG G 353 109.28 2.23 29.18
N LEU G 354 109.20 1.93 30.47
CA LEU G 354 110.39 1.93 31.30
C LEU G 354 111.25 0.69 31.05
N VAL G 355 110.64 -0.43 30.65
CA VAL G 355 111.34 -1.71 30.61
C VAL G 355 111.59 -2.21 29.20
N ASP G 356 110.67 -1.99 28.25
CA ASP G 356 110.80 -2.58 26.93
C ASP G 356 112.00 -1.99 26.18
N ALA G 357 112.55 -2.80 25.27
CA ALA G 357 113.67 -2.40 24.43
C ALA G 357 113.29 -2.56 22.97
N ASP G 358 113.70 -1.59 22.15
CA ASP G 358 113.46 -1.67 20.71
C ASP G 358 114.31 -2.78 20.09
N MET G 359 113.67 -3.65 19.31
CA MET G 359 114.34 -4.84 18.82
C MET G 359 115.31 -4.54 17.69
N ASN G 360 115.03 -3.50 16.89
CA ASN G 360 115.89 -3.18 15.76
C ASN G 360 117.29 -2.79 16.20
N GLU G 361 117.39 -1.98 17.25
CA GLU G 361 118.70 -1.57 17.76
C GLU G 361 119.46 -2.77 18.30
N GLU G 362 118.76 -3.68 18.99
CA GLU G 362 119.42 -4.88 19.48
C GLU G 362 119.90 -5.77 18.34
N SER G 363 119.12 -5.87 17.26
CA SER G 363 119.56 -6.65 16.11
C SER G 363 120.81 -6.05 15.48
N THR G 364 120.83 -4.72 15.32
CA THR G 364 122.01 -4.06 14.78
C THR G 364 123.22 -4.28 15.68
N ARG G 365 123.02 -4.18 17.00
CA ARG G 365 124.12 -4.41 17.93
C ARG G 365 124.61 -5.85 17.84
N LEU G 366 123.69 -6.81 17.69
CA LEU G 366 124.08 -8.21 17.60
C LEU G 366 124.92 -8.46 16.34
N LYS G 367 124.49 -7.89 15.21
CA LYS G 367 125.28 -8.04 13.99
C LYS G 367 126.65 -7.40 14.13
N ALA G 368 126.70 -6.20 14.71
CA ALA G 368 127.97 -5.52 14.90
C ALA G 368 128.90 -6.32 15.80
N LEU G 369 128.37 -6.89 16.88
CA LEU G 369 129.19 -7.67 17.79
C LEU G 369 129.65 -8.97 17.16
N GLN G 370 128.81 -9.61 16.33
CA GLN G 370 129.26 -10.80 15.62
C GLN G 370 130.41 -10.48 14.68
N THR G 371 130.30 -9.39 13.94
CA THR G 371 131.38 -8.99 13.04
C THR G 371 132.64 -8.65 13.82
N GLN G 372 132.50 -7.93 14.94
CA GLN G 372 133.65 -7.58 15.75
C GLN G 372 134.31 -8.82 16.32
N GLN G 373 133.51 -9.81 16.74
CA GLN G 373 134.07 -11.07 17.21
C GLN G 373 134.86 -11.76 16.12
N GLN G 374 134.31 -11.79 14.89
CA GLN G 374 135.04 -12.43 13.80
C GLN G 374 136.37 -11.75 13.54
N LEU G 375 136.37 -10.41 13.51
CA LEU G 375 137.62 -9.68 13.35
C LEU G 375 138.59 -9.95 14.50
N ALA G 376 138.06 -10.07 15.72
CA ALA G 376 138.92 -10.35 16.87
C ALA G 376 139.58 -11.71 16.77
N ILE G 377 138.82 -12.72 16.34
CA ILE G 377 139.40 -14.05 16.14
C ILE G 377 140.45 -14.01 15.04
N GLN G 378 140.18 -13.29 13.95
CA GLN G 378 141.17 -13.20 12.89
C GLN G 378 142.45 -12.53 13.37
N ALA G 379 142.33 -11.45 14.14
CA ALA G 379 143.50 -10.76 14.66
C ALA G 379 144.27 -11.63 15.63
N LEU G 380 143.55 -12.38 16.47
CA LEU G 380 144.23 -13.28 17.41
C LEU G 380 144.97 -14.38 16.66
N SER G 381 144.38 -14.91 15.60
CA SER G 381 145.06 -15.93 14.79
C SER G 381 146.32 -15.36 14.15
N ILE G 382 146.23 -14.13 13.64
CA ILE G 382 147.42 -13.49 13.05
C ILE G 382 148.49 -13.29 14.11
N ALA G 383 148.11 -12.85 15.31
CA ALA G 383 149.07 -12.65 16.38
C ALA G 383 149.74 -13.96 16.77
N ASN G 384 148.97 -15.05 16.86
CA ASN G 384 149.56 -16.35 17.17
C ASN G 384 150.52 -16.80 16.08
N SER G 385 150.13 -16.61 14.81
CA SER G 385 151.00 -17.03 13.70
C SER G 385 152.23 -16.14 13.57
N ASP G 386 152.22 -14.95 14.18
CA ASP G 386 153.37 -14.07 14.11
C ASP G 386 154.58 -14.69 14.81
N SER G 387 154.34 -15.46 15.88
CA SER G 387 155.42 -15.87 16.77
C SER G 387 156.44 -16.77 16.08
N GLN G 388 155.98 -17.74 15.28
CA GLN G 388 156.88 -18.78 14.78
C GLN G 388 157.76 -18.32 13.61
N ASN G 389 157.69 -17.05 13.21
CA ASN G 389 158.54 -16.57 12.13
C ASN G 389 160.02 -16.54 12.52
N VAL G 390 160.33 -16.54 13.81
CA VAL G 390 161.71 -16.42 14.27
C VAL G 390 162.53 -17.66 13.93
N LEU G 391 161.89 -18.78 13.60
CA LEU G 391 162.62 -20.02 13.36
C LEU G 391 163.57 -19.92 12.18
N SER G 392 163.34 -19.00 11.25
CA SER G 392 164.18 -18.88 10.07
C SER G 392 165.61 -18.49 10.42
N LEU G 393 165.79 -17.74 11.52
CA LEU G 393 167.13 -17.29 11.90
C LEU G 393 167.99 -18.47 12.36
N PHE G 394 167.39 -19.45 13.02
CA PHE G 394 168.11 -20.61 13.54
C PHE G 394 168.00 -21.83 12.64
N ARG G 395 167.55 -21.64 11.40
CA ARG G 395 167.32 -22.71 10.41
C ARG G 395 166.87 -24.06 10.97
N THR H 2 136.19 -18.12 26.29
CA THR H 2 135.14 -18.93 25.69
C THR H 2 135.30 -20.39 26.09
N SER H 3 134.22 -20.96 26.63
CA SER H 3 134.20 -22.34 27.10
C SER H 3 133.23 -23.16 26.25
N ILE H 4 133.71 -24.30 25.73
CA ILE H 4 132.85 -25.17 24.93
C ILE H 4 132.01 -26.10 25.79
N LEU H 5 132.21 -26.11 27.10
CA LEU H 5 131.45 -26.99 27.98
C LEU H 5 130.21 -26.33 28.56
N THR H 6 130.17 -24.99 28.60
CA THR H 6 129.03 -24.26 29.12
C THR H 6 128.65 -23.13 28.17
N ASN H 7 127.37 -22.77 28.20
CA ASN H 7 126.84 -21.69 27.37
C ASN H 7 125.79 -20.96 28.20
N ASN H 8 126.20 -19.88 28.86
CA ASN H 8 125.27 -19.13 29.71
C ASN H 8 124.14 -18.51 28.90
N SER H 9 124.47 -17.96 27.73
CA SER H 9 123.44 -17.37 26.88
C SER H 9 122.43 -18.43 26.45
N ALA H 10 122.90 -19.63 26.10
CA ALA H 10 121.99 -20.71 25.76
C ALA H 10 121.12 -21.10 26.94
N MET H 11 121.68 -21.11 28.16
CA MET H 11 120.90 -21.45 29.33
C MET H 11 119.79 -20.43 29.57
N ALA H 12 120.11 -19.14 29.41
CA ALA H 12 119.09 -18.10 29.52
C ALA H 12 118.04 -18.26 28.43
N ALA H 13 118.47 -18.65 27.22
CA ALA H 13 117.52 -18.89 26.14
C ALA H 13 116.58 -20.05 26.47
N LEU H 14 117.10 -21.13 27.06
CA LEU H 14 116.24 -22.22 27.49
C LEU H 14 115.25 -21.77 28.56
N SER H 15 115.72 -20.97 29.53
CA SER H 15 114.79 -20.50 30.56
C SER H 15 113.68 -19.63 29.96
N GLY H 16 114.05 -18.74 29.04
CA GLY H 16 113.04 -17.93 28.38
C GLY H 16 112.08 -18.74 27.54
N VAL H 17 112.60 -19.73 26.81
CA VAL H 17 111.74 -20.60 26.01
C VAL H 17 110.77 -21.37 26.90
N ARG H 18 111.25 -21.87 28.03
CA ARG H 18 110.38 -22.60 28.95
C ARG H 18 109.28 -21.70 29.49
N SER H 19 109.63 -20.49 29.90
CA SER H 19 108.62 -19.56 30.41
C SER H 19 107.60 -19.21 29.33
N ILE H 20 108.06 -18.92 28.12
CA ILE H 20 107.16 -18.59 27.03
C ILE H 20 106.26 -19.77 26.68
N SER H 21 106.81 -20.98 26.71
CA SER H 21 106.02 -22.16 26.41
C SER H 21 104.93 -22.39 27.47
N SER H 22 105.27 -22.20 28.74
CA SER H 22 104.27 -22.35 29.79
C SER H 22 103.16 -21.31 29.64
N SER H 23 103.54 -20.05 29.39
CA SER H 23 102.53 -19.02 29.20
C SER H 23 101.68 -19.29 27.97
N MET H 24 102.30 -19.78 26.89
CA MET H 24 101.55 -20.09 25.68
C MET H 24 100.59 -21.23 25.91
N GLU H 25 101.00 -22.25 26.67
CA GLU H 25 100.11 -23.35 27.00
C GLU H 25 98.92 -22.85 27.80
N ASP H 26 99.17 -21.97 28.79
CA ASP H 26 98.08 -21.43 29.58
C ASP H 26 97.10 -20.65 28.70
N THR H 27 97.62 -19.76 27.86
CA THR H 27 96.75 -18.98 26.99
C THR H 27 96.05 -19.84 25.95
N GLN H 28 96.70 -20.91 25.50
CA GLN H 28 96.10 -21.79 24.51
C GLN H 28 94.91 -22.53 25.09
N SER H 29 95.07 -23.10 26.29
CA SER H 29 93.92 -23.70 26.96
C SER H 29 92.84 -22.66 27.24
N ARG H 30 93.26 -21.45 27.63
CA ARG H 30 92.32 -20.39 27.98
C ARG H 30 91.46 -20.01 26.79
N ILE H 31 92.07 -19.91 25.61
CA ILE H 31 91.32 -19.55 24.41
C ILE H 31 90.55 -20.75 23.87
N SER H 32 91.03 -21.98 24.14
CA SER H 32 90.32 -23.15 23.67
C SER H 32 89.00 -23.33 24.41
N SER H 33 89.03 -23.19 25.74
CA SER H 33 87.87 -23.52 26.56
C SER H 33 87.23 -22.30 27.22
N GLY H 34 87.66 -21.09 26.88
CA GLY H 34 87.22 -19.94 27.65
C GLY H 34 87.68 -20.10 29.08
N LEU H 35 86.77 -19.85 30.03
CA LEU H 35 86.98 -20.22 31.43
C LEU H 35 88.25 -19.59 32.00
N ARG H 36 88.20 -18.25 32.14
CA ARG H 36 89.33 -17.53 32.71
C ARG H 36 89.78 -18.17 34.02
N VAL H 37 88.83 -18.59 34.85
CA VAL H 37 89.10 -19.48 35.97
C VAL H 37 88.65 -20.87 35.53
N GLY H 38 89.59 -21.63 34.97
CA GLY H 38 89.26 -22.90 34.35
C GLY H 38 89.39 -24.11 35.26
N SER H 39 90.24 -24.01 36.28
CA SER H 39 90.46 -25.13 37.19
C SER H 39 90.87 -24.59 38.55
N ALA H 40 91.05 -25.50 39.50
CA ALA H 40 91.49 -25.12 40.84
C ALA H 40 92.91 -24.57 40.84
N SER H 41 93.70 -24.86 39.80
CA SER H 41 95.02 -24.27 39.69
C SER H 41 94.96 -22.75 39.53
N ASP H 42 93.83 -22.22 39.09
CA ASP H 42 93.59 -20.79 39.06
C ASP H 42 93.21 -20.32 40.47
N ASN H 43 92.68 -19.10 40.57
CA ASN H 43 92.23 -18.57 41.85
C ASN H 43 91.21 -19.50 42.47
N ALA H 44 91.57 -20.13 43.59
CA ALA H 44 90.74 -21.20 44.16
C ALA H 44 89.41 -20.67 44.68
N ALA H 45 89.43 -19.49 45.31
CA ALA H 45 88.20 -18.96 45.90
C ALA H 45 87.14 -18.70 44.83
N TYR H 46 87.54 -18.10 43.71
CA TYR H 46 86.59 -17.83 42.64
C TYR H 46 86.09 -19.13 42.01
N TRP H 47 86.97 -20.13 41.90
CA TRP H 47 86.55 -21.43 41.39
C TRP H 47 85.50 -22.06 42.29
N SER H 48 85.72 -22.00 43.61
CA SER H 48 84.74 -22.55 44.54
C SER H 48 83.42 -21.79 44.48
N ILE H 49 83.49 -20.47 44.37
CA ILE H 49 82.27 -19.68 44.26
C ILE H 49 81.51 -20.04 42.99
N ALA H 50 82.23 -20.20 41.88
CA ALA H 50 81.58 -20.58 40.63
C ALA H 50 80.94 -21.95 40.74
N THR H 51 81.61 -22.90 41.38
CA THR H 51 81.02 -24.23 41.56
C THR H 51 79.75 -24.16 42.39
N THR H 52 79.79 -23.38 43.47
CA THR H 52 78.61 -23.23 44.33
C THR H 52 77.45 -22.60 43.57
N MET H 53 77.74 -21.57 42.77
CA MET H 53 76.69 -20.93 41.98
C MET H 53 76.14 -21.85 40.90
N ARG H 54 76.98 -22.69 40.30
CA ARG H 54 76.47 -23.65 39.33
C ARG H 54 75.55 -24.66 39.99
N SER H 55 75.92 -25.14 41.19
CA SER H 55 75.05 -26.03 41.93
C SER H 55 73.72 -25.36 42.27
N ASP H 56 73.78 -24.09 42.70
CA ASP H 56 72.56 -23.37 43.03
C ASP H 56 71.69 -23.16 41.79
N ASN H 57 72.32 -22.92 40.64
CA ASN H 57 71.56 -22.75 39.41
C ASN H 57 70.87 -24.05 39.00
N GLN H 58 71.55 -25.19 39.15
CA GLN H 58 70.90 -26.46 38.89
C GLN H 58 69.72 -26.69 39.83
N ALA H 59 69.91 -26.36 41.11
CA ALA H 59 68.81 -26.48 42.06
C ALA H 59 67.64 -25.57 41.67
N LEU H 60 67.94 -24.37 41.22
CA LEU H 60 66.89 -23.44 40.81
C LEU H 60 66.15 -23.95 39.59
N SER H 61 66.86 -24.57 38.65
CA SER H 61 66.19 -25.18 37.50
C SER H 61 65.26 -26.30 37.95
N ALA H 62 65.70 -27.13 38.89
CA ALA H 62 64.83 -28.16 39.44
C ALA H 62 63.60 -27.55 40.10
N VAL H 63 63.79 -26.46 40.84
CA VAL H 63 62.67 -25.78 41.48
C VAL H 63 61.71 -25.23 40.44
N GLN H 64 62.24 -24.73 39.32
CA GLN H 64 61.37 -24.22 38.26
C GLN H 64 60.55 -25.34 37.64
N ASP H 65 61.16 -26.51 37.44
CA ASP H 65 60.38 -27.67 36.98
C ASP H 65 59.28 -28.03 37.97
N ALA H 66 59.61 -28.00 39.26
CA ALA H 66 58.59 -28.27 40.29
C ALA H 66 57.48 -27.22 40.26
N LEU H 67 57.84 -25.96 39.99
CA LEU H 67 56.84 -24.91 39.86
C LEU H 67 55.91 -25.18 38.67
N GLY H 68 56.47 -25.63 37.56
CA GLY H 68 55.63 -25.99 36.43
C GLY H 68 54.67 -27.11 36.75
N LEU H 69 55.17 -28.15 37.44
CA LEU H 69 54.30 -29.26 37.84
C LEU H 69 53.19 -28.77 38.77
N GLY H 70 53.54 -27.94 39.75
CA GLY H 70 52.54 -27.42 40.66
C GLY H 70 51.52 -26.54 39.96
N ALA H 71 51.96 -25.75 38.99
CA ALA H 71 51.03 -24.93 38.22
C ALA H 71 50.06 -25.80 37.44
N ALA H 72 50.54 -26.90 36.87
CA ALA H 72 49.65 -27.82 36.17
C ALA H 72 48.62 -28.42 37.13
N LYS H 73 49.07 -28.83 38.31
CA LYS H 73 48.14 -29.40 39.29
C LYS H 73 47.09 -28.38 39.72
N VAL H 74 47.52 -27.14 39.97
CA VAL H 74 46.59 -26.10 40.39
C VAL H 74 45.61 -25.78 39.27
N ASP H 75 46.06 -25.76 38.03
CA ASP H 75 45.17 -25.51 36.90
C ASP H 75 44.10 -26.59 36.80
N THR H 76 44.50 -27.86 36.94
CA THR H 76 43.52 -28.95 36.89
C THR H 76 42.51 -28.83 38.02
N ALA H 77 43.00 -28.59 39.24
CA ALA H 77 42.11 -28.48 40.39
C ALA H 77 41.15 -27.31 40.23
N TYR H 78 41.64 -26.19 39.69
CA TYR H 78 40.78 -25.02 39.54
C TYR H 78 39.75 -25.23 38.44
N SER H 79 40.11 -25.95 37.37
CA SER H 79 39.10 -26.30 36.35
C SER H 79 38.01 -27.17 36.95
N GLY H 80 38.40 -28.16 37.76
CA GLY H 80 37.40 -28.94 38.48
C GLY H 80 36.53 -28.08 39.38
N MET H 81 37.15 -27.09 40.04
CA MET H 81 36.40 -26.19 40.91
C MET H 81 35.38 -25.38 40.12
N GLU H 82 35.77 -24.89 38.94
CA GLU H 82 34.83 -24.13 38.11
C GLU H 82 33.67 -25.00 37.66
N SER H 83 33.96 -26.24 37.27
CA SER H 83 32.88 -27.15 36.90
C SER H 83 31.93 -27.37 38.07
N ALA H 84 32.48 -27.55 39.27
CA ALA H 84 31.64 -27.72 40.45
C ALA H 84 30.83 -26.46 40.74
N ILE H 85 31.41 -25.28 40.55
CA ILE H 85 30.67 -24.04 40.72
C ILE H 85 29.47 -24.00 39.79
N GLU H 86 29.68 -24.34 38.51
CA GLU H 86 28.58 -24.31 37.56
C GLU H 86 27.49 -25.31 37.93
N VAL H 87 27.88 -26.52 38.33
CA VAL H 87 26.88 -27.53 38.69
C VAL H 87 26.11 -27.10 39.93
N VAL H 88 26.79 -26.54 40.92
CA VAL H 88 26.12 -26.12 42.14
C VAL H 88 25.18 -24.96 41.88
N LYS H 89 25.57 -24.03 41.00
CA LYS H 89 24.67 -22.95 40.63
C LYS H 89 23.42 -23.49 39.93
N GLU H 90 23.60 -24.48 39.06
CA GLU H 90 22.45 -25.11 38.42
C GLU H 90 21.54 -25.78 39.44
N ILE H 91 22.13 -26.45 40.43
CA ILE H 91 21.35 -27.09 41.48
C ILE H 91 20.55 -26.06 42.28
N LYS H 92 21.20 -24.94 42.61
CA LYS H 92 20.51 -23.90 43.36
C LYS H 92 19.37 -23.30 42.56
N ALA H 93 19.58 -23.08 41.26
CA ALA H 93 18.49 -22.58 40.41
C ALA H 93 17.34 -23.57 40.36
N LYS H 94 17.65 -24.87 40.24
CA LYS H 94 16.59 -25.88 40.23
C LYS H 94 15.83 -25.90 41.55
N LEU H 95 16.53 -25.78 42.67
CA LEU H 95 15.87 -25.75 43.97
C LEU H 95 14.99 -24.52 44.12
N VAL H 96 15.47 -23.37 43.65
CA VAL H 96 14.67 -22.15 43.71
C VAL H 96 13.40 -22.30 42.88
N ALA H 97 13.53 -22.90 41.70
CA ALA H 97 12.34 -23.20 40.91
C ALA H 97 11.45 -24.22 41.61
N ALA H 98 12.02 -25.07 42.46
CA ALA H 98 11.28 -26.14 43.11
C ALA H 98 10.38 -25.65 44.24
N THR H 99 10.62 -24.46 44.79
CA THR H 99 9.81 -24.00 45.91
C THR H 99 8.37 -23.71 45.47
N GLU H 100 8.14 -23.59 44.18
CA GLU H 100 6.77 -23.45 43.69
C GLU H 100 6.00 -24.73 43.99
N ASP H 101 4.88 -24.59 44.71
CA ASP H 101 4.18 -25.76 45.19
C ASP H 101 3.45 -26.49 44.06
N GLY H 102 3.03 -25.76 43.03
CA GLY H 102 2.36 -26.39 41.91
C GLY H 102 3.25 -27.25 41.05
N VAL H 103 4.57 -27.03 41.12
CA VAL H 103 5.52 -27.81 40.33
C VAL H 103 5.76 -29.15 41.01
N ASP H 104 5.66 -30.23 40.24
CA ASP H 104 5.97 -31.55 40.76
C ASP H 104 7.44 -31.64 41.15
N LYS H 105 7.70 -32.36 42.24
CA LYS H 105 9.03 -32.43 42.81
C LYS H 105 9.80 -33.68 42.41
N ALA H 106 9.14 -34.67 41.81
CA ALA H 106 9.84 -35.90 41.45
C ALA H 106 10.83 -35.67 40.32
N LYS H 107 10.37 -35.00 39.25
CA LYS H 107 11.24 -34.75 38.11
C LYS H 107 12.47 -33.96 38.53
N ILE H 108 12.27 -32.93 39.35
CA ILE H 108 13.39 -32.21 39.93
C ILE H 108 14.22 -33.14 40.80
N GLN H 109 13.59 -34.17 41.38
CA GLN H 109 14.35 -35.10 42.22
C GLN H 109 15.38 -35.87 41.40
N GLU H 110 14.98 -36.44 40.25
CA GLU H 110 16.03 -37.11 39.48
C GLU H 110 16.96 -36.11 38.82
N GLU H 111 16.50 -34.88 38.58
CA GLU H 111 17.40 -33.85 38.06
C GLU H 111 18.54 -33.60 39.05
N ILE H 112 18.21 -33.39 40.32
CA ILE H 112 19.24 -33.20 41.34
C ILE H 112 20.06 -34.46 41.55
N THR H 113 19.45 -35.64 41.40
CA THR H 113 20.23 -36.86 41.51
C THR H 113 21.31 -36.93 40.42
N GLN H 114 20.93 -36.62 39.18
CA GLN H 114 21.90 -36.59 38.09
C GLN H 114 22.97 -35.53 38.34
N LEU H 115 22.56 -34.36 38.84
CA LEU H 115 23.53 -33.31 39.13
C LEU H 115 24.49 -33.73 40.24
N LYS H 116 24.01 -34.45 41.24
CA LYS H 116 24.88 -34.95 42.31
C LYS H 116 25.87 -35.98 41.78
N ASP H 117 25.41 -36.88 40.90
CA ASP H 117 26.33 -37.81 40.26
C ASP H 117 27.38 -37.07 39.44
N GLN H 118 26.96 -36.00 38.75
CA GLN H 118 27.90 -35.18 38.01
C GLN H 118 28.92 -34.54 38.94
N LEU H 119 28.48 -34.05 40.10
CA LEU H 119 29.39 -33.46 41.08
C LEU H 119 30.40 -34.49 41.57
N THR H 120 29.94 -35.72 41.84
CA THR H 120 30.85 -36.77 42.26
C THR H 120 31.87 -37.08 41.18
N SER H 121 31.42 -37.14 39.92
CA SER H 121 32.35 -37.36 38.81
C SER H 121 33.38 -36.25 38.70
N ILE H 122 32.94 -34.99 38.89
CA ILE H 122 33.87 -33.87 38.88
C ILE H 122 34.89 -34.02 39.99
N ALA H 123 34.42 -34.38 41.19
CA ALA H 123 35.30 -34.47 42.35
C ALA H 123 36.34 -35.57 42.17
N ASP H 124 35.95 -36.73 41.65
CA ASP H 124 36.91 -37.84 41.57
C ASP H 124 37.77 -37.80 40.31
N ALA H 125 37.24 -37.29 39.20
CA ALA H 125 37.98 -37.33 37.94
C ALA H 125 39.06 -36.25 37.87
N ALA H 126 38.84 -35.10 38.50
CA ALA H 126 39.73 -33.95 38.36
C ALA H 126 41.01 -34.20 39.16
N SER H 127 41.92 -34.95 38.55
CA SER H 127 43.22 -35.25 39.15
C SER H 127 44.29 -35.13 38.09
N PHE H 128 45.51 -34.81 38.52
CA PHE H 128 46.63 -34.66 37.60
C PHE H 128 47.59 -35.84 37.67
N SER H 129 48.17 -36.11 38.85
CA SER H 129 49.14 -37.18 39.02
C SER H 129 48.94 -37.89 40.35
N GLY H 130 47.67 -38.10 40.72
CA GLY H 130 47.34 -38.71 41.99
C GLY H 130 47.08 -37.74 43.11
N GLU H 131 47.53 -36.49 42.98
CA GLU H 131 47.24 -35.43 43.95
C GLU H 131 46.22 -34.50 43.31
N ASN H 132 44.94 -34.84 43.49
CA ASN H 132 43.85 -34.06 42.92
C ASN H 132 43.53 -32.80 43.72
N TRP H 133 44.13 -32.64 44.91
CA TRP H 133 43.86 -31.51 45.80
C TRP H 133 42.39 -31.44 46.21
N LEU H 134 41.65 -32.53 46.00
CA LEU H 134 40.24 -32.63 46.37
C LEU H 134 39.99 -34.03 46.91
N GLN H 135 38.84 -34.20 47.54
CA GLN H 135 38.44 -35.50 48.10
C GLN H 135 39.49 -36.02 49.08
N ALA H 136 40.11 -35.11 49.81
CA ALA H 136 41.14 -35.51 50.75
C ALA H 136 40.53 -36.21 51.96
N ASP H 137 41.38 -36.91 52.71
CA ASP H 137 40.95 -37.63 53.89
C ASP H 137 41.04 -36.71 55.10
N LEU H 138 39.89 -36.42 55.71
CA LEU H 138 39.82 -35.51 56.85
C LEU H 138 39.73 -36.24 58.17
N SER H 139 40.35 -37.42 58.28
CA SER H 139 40.39 -38.12 59.55
C SER H 139 41.11 -37.32 60.61
N GLY H 140 42.25 -36.73 60.26
CA GLY H 140 42.96 -35.84 61.15
C GLY H 140 42.43 -34.42 61.08
N GLY H 141 41.80 -34.08 59.97
CA GLY H 141 41.18 -32.77 59.80
C GLY H 141 42.13 -31.64 59.48
N ALA H 142 43.42 -31.92 59.28
CA ALA H 142 44.41 -30.88 59.03
C ALA H 142 45.35 -31.30 57.90
N VAL H 143 44.81 -31.84 56.82
CA VAL H 143 45.63 -32.24 55.68
C VAL H 143 46.12 -30.98 54.97
N THR H 144 47.42 -30.98 54.63
CA THR H 144 48.05 -29.84 53.99
C THR H 144 48.91 -30.32 52.84
N LYS H 145 48.75 -29.68 51.68
CA LYS H 145 49.55 -30.00 50.49
C LYS H 145 50.39 -28.78 50.12
N SER H 146 51.61 -29.06 49.63
CA SER H 146 52.58 -28.02 49.39
C SER H 146 53.16 -28.14 47.98
N VAL H 147 53.64 -27.02 47.47
CA VAL H 147 54.29 -26.93 46.17
C VAL H 147 55.67 -26.33 46.37
N VAL H 148 56.69 -26.95 45.79
CA VAL H 148 58.06 -26.46 45.93
C VAL H 148 58.15 -25.07 45.33
N GLY H 149 58.46 -24.08 46.18
CA GLY H 149 58.45 -22.70 45.74
C GLY H 149 59.79 -22.15 45.30
N SER H 150 60.81 -22.30 46.15
CA SER H 150 62.12 -21.73 45.83
C SER H 150 63.19 -22.44 46.64
N PHE H 151 64.41 -22.40 46.12
CA PHE H 151 65.58 -22.94 46.81
C PHE H 151 66.34 -21.79 47.44
N VAL H 152 66.45 -21.80 48.76
CA VAL H 152 67.01 -20.69 49.52
C VAL H 152 68.26 -21.17 50.26
N ARG H 153 69.36 -20.48 50.05
CA ARG H 153 70.60 -20.72 50.79
C ARG H 153 70.75 -19.65 51.86
N ASP H 154 70.74 -20.06 53.12
CA ASP H 154 70.81 -19.11 54.22
C ASP H 154 72.21 -18.50 54.31
N GLY H 155 72.30 -17.38 55.03
CA GLY H 155 73.56 -16.68 55.14
C GLY H 155 74.62 -17.47 55.88
N SER H 156 74.21 -18.25 56.88
CA SER H 156 75.14 -19.01 57.71
C SER H 156 75.41 -20.39 57.14
N GLY H 157 75.75 -20.46 55.86
CA GLY H 157 76.10 -21.72 55.24
C GLY H 157 75.03 -22.80 55.32
N SER H 158 73.78 -22.42 55.09
CA SER H 158 72.66 -23.34 55.19
C SER H 158 71.86 -23.35 53.90
N VAL H 159 71.27 -24.51 53.59
CA VAL H 159 70.45 -24.67 52.40
C VAL H 159 69.12 -25.31 52.80
N ALA H 160 68.04 -24.84 52.19
CA ALA H 160 66.71 -25.36 52.48
C ALA H 160 65.83 -25.13 51.27
N VAL H 161 64.69 -25.82 51.25
CA VAL H 161 63.72 -25.72 50.17
C VAL H 161 62.44 -25.13 50.75
N LYS H 162 61.98 -24.03 50.15
CA LYS H 162 60.75 -23.38 50.59
C LYS H 162 59.57 -23.89 49.77
N LYS H 163 58.43 -24.05 50.44
CA LYS H 163 57.23 -24.57 49.82
C LYS H 163 56.04 -23.68 50.12
N VAL H 164 55.08 -23.66 49.21
CA VAL H 164 53.85 -22.88 49.35
C VAL H 164 52.75 -23.84 49.80
N ASP H 165 52.13 -23.54 50.93
CA ASP H 165 51.17 -24.43 51.56
C ASP H 165 49.75 -24.09 51.12
N TYR H 166 48.92 -25.13 51.03
CA TYR H 166 47.50 -24.99 50.72
C TYR H 166 46.72 -25.87 51.69
N SER H 167 45.67 -25.31 52.28
CA SER H 167 44.91 -25.99 53.32
C SER H 167 43.63 -26.58 52.75
N LEU H 168 43.30 -27.79 53.19
CA LEU H 168 42.10 -28.50 52.78
C LEU H 168 41.28 -28.90 54.00
N ASN H 169 41.24 -28.04 55.01
CA ASN H 169 40.69 -28.41 56.31
C ASN H 169 39.20 -28.76 56.26
N ALA H 170 38.34 -27.79 55.99
CA ALA H 170 36.90 -28.05 55.96
C ALA H 170 36.15 -27.24 54.91
N ASN H 171 36.83 -26.46 54.08
CA ASN H 171 36.15 -25.59 53.13
C ASN H 171 36.65 -25.73 51.71
N SER H 172 37.65 -26.58 51.46
CA SER H 172 38.19 -26.76 50.11
C SER H 172 38.51 -28.22 49.83
N VAL H 173 37.75 -29.15 50.40
CA VAL H 173 38.06 -30.56 50.29
C VAL H 173 37.19 -31.29 49.27
N LEU H 174 35.95 -30.84 49.03
CA LEU H 174 35.13 -31.39 47.96
C LEU H 174 34.90 -32.90 48.09
N PHE H 175 34.00 -33.29 49.00
CA PHE H 175 33.68 -34.70 49.27
C PHE H 175 34.83 -35.44 49.95
N ASP H 176 35.13 -35.05 51.19
CA ASP H 176 35.98 -35.83 52.07
C ASP H 176 35.68 -37.31 51.95
N THR H 177 36.74 -38.12 51.83
CA THR H 177 36.58 -39.53 51.48
C THR H 177 35.93 -40.32 52.62
N VAL H 178 36.44 -40.16 53.84
CA VAL H 178 36.08 -41.04 54.96
C VAL H 178 35.10 -40.36 55.91
N GLY H 179 35.47 -39.20 56.45
CA GLY H 179 34.68 -38.59 57.50
C GLY H 179 33.32 -38.08 57.06
N ASP H 180 33.14 -37.84 55.76
CA ASP H 180 31.90 -37.29 55.22
C ASP H 180 31.53 -35.99 55.93
N THR H 181 32.54 -35.15 56.17
CA THR H 181 32.37 -33.87 56.83
C THR H 181 32.95 -32.74 55.99
N GLY H 182 33.02 -32.94 54.68
CA GLY H 182 33.61 -31.97 53.79
C GLY H 182 32.66 -30.81 53.48
N ILE H 183 33.12 -29.96 52.57
CA ILE H 183 32.32 -28.79 52.19
C ILE H 183 30.99 -29.24 51.60
N LEU H 184 30.99 -30.32 50.84
CA LEU H 184 29.77 -30.99 50.42
C LEU H 184 29.56 -32.25 51.25
N ASP H 185 28.37 -32.83 51.13
CA ASP H 185 27.98 -34.02 51.89
C ASP H 185 28.10 -33.75 53.40
N LYS H 186 27.67 -32.57 53.83
CA LYS H 186 27.54 -32.26 55.25
C LYS H 186 26.46 -31.21 55.42
N VAL H 187 25.92 -31.15 56.64
CA VAL H 187 24.80 -30.27 56.94
C VAL H 187 25.32 -28.91 57.38
N TYR H 188 24.64 -27.86 56.96
CA TYR H 188 24.97 -26.49 57.31
C TYR H 188 23.89 -25.92 58.23
N ASN H 189 24.31 -25.35 59.35
CA ASN H 189 23.38 -24.67 60.24
C ASN H 189 22.87 -23.40 59.57
N VAL H 190 21.57 -23.16 59.69
CA VAL H 190 20.90 -22.02 59.08
C VAL H 190 20.13 -21.28 60.17
N SER H 191 20.70 -20.17 60.64
CA SER H 191 20.02 -19.33 61.62
C SER H 191 20.43 -17.89 61.38
N GLN H 192 19.58 -16.97 61.84
CA GLN H 192 19.73 -15.57 61.46
C GLN H 192 20.91 -14.90 62.17
N ALA H 193 21.10 -15.20 63.44
CA ALA H 193 22.04 -14.44 64.28
C ALA H 193 23.04 -15.37 64.95
N SER H 194 23.64 -16.27 64.18
CA SER H 194 24.66 -17.17 64.69
C SER H 194 25.83 -17.23 63.72
N VAL H 195 26.95 -17.74 64.22
CA VAL H 195 28.18 -17.88 63.45
C VAL H 195 28.85 -19.20 63.83
N THR H 196 29.39 -19.90 62.84
CA THR H 196 30.01 -21.21 63.05
C THR H 196 31.50 -21.01 63.32
N LEU H 197 31.93 -21.40 64.52
CA LEU H 197 33.33 -21.32 64.92
C LEU H 197 33.93 -22.72 65.04
N THR H 198 35.18 -22.85 64.63
CA THR H 198 35.94 -24.08 64.85
C THR H 198 36.84 -23.88 66.05
N VAL H 199 36.69 -24.76 67.05
CA VAL H 199 37.47 -24.73 68.27
C VAL H 199 37.90 -26.15 68.59
N ASN H 200 39.15 -26.32 69.01
CA ASN H 200 39.68 -27.64 69.32
C ASN H 200 39.51 -27.92 70.80
N THR H 201 38.99 -29.11 71.11
CA THR H 201 38.79 -29.56 72.48
C THR H 201 39.59 -30.83 72.70
N ASN H 202 40.45 -30.81 73.73
CA ASN H 202 41.35 -31.93 74.03
C ASN H 202 42.23 -32.30 72.83
N GLY H 203 42.60 -31.31 72.02
CA GLY H 203 43.51 -31.52 70.93
C GLY H 203 42.89 -31.88 69.60
N VAL H 204 41.57 -32.05 69.53
CA VAL H 204 40.87 -32.38 68.29
C VAL H 204 39.90 -31.25 67.98
N GLU H 205 39.92 -30.79 66.73
CA GLU H 205 39.09 -29.67 66.32
C GLU H 205 37.65 -30.13 66.06
N SER H 206 36.73 -29.18 66.19
CA SER H 206 35.32 -29.42 65.91
C SER H 206 34.66 -28.08 65.60
N GLN H 207 33.50 -28.15 64.96
CA GLN H 207 32.75 -26.97 64.56
C GLN H 207 31.47 -26.89 65.38
N HIS H 208 31.26 -25.75 66.03
CA HIS H 208 30.10 -25.53 66.87
C HIS H 208 29.38 -24.27 66.40
N THR H 209 28.05 -24.31 66.43
CA THR H 209 27.22 -23.17 66.05
C THR H 209 26.81 -22.42 67.32
N VAL H 210 27.17 -21.14 67.39
CA VAL H 210 26.88 -20.31 68.54
C VAL H 210 26.36 -18.97 68.06
N ALA H 211 25.52 -18.33 68.88
CA ALA H 211 24.95 -17.04 68.53
C ALA H 211 26.02 -15.96 68.49
N ALA H 212 25.78 -14.96 67.64
CA ALA H 212 26.70 -13.84 67.47
C ALA H 212 25.99 -12.55 67.81
N TYR H 213 26.73 -11.61 68.40
CA TYR H 213 26.18 -10.34 68.84
C TYR H 213 26.94 -9.20 68.15
N SER H 214 26.19 -8.23 67.65
CA SER H 214 26.79 -7.13 66.92
C SER H 214 27.52 -6.17 67.86
N LEU H 215 28.56 -5.52 67.34
CA LEU H 215 29.32 -4.56 68.14
C LEU H 215 28.50 -3.32 68.47
N GLU H 216 27.61 -2.91 67.55
CA GLU H 216 26.80 -1.72 67.81
C GLU H 216 25.89 -1.92 69.01
N SER H 217 25.26 -3.08 69.13
CA SER H 217 24.41 -3.35 70.28
C SER H 217 25.24 -3.37 71.56
N LEU H 218 26.43 -3.96 71.51
CA LEU H 218 27.28 -4.00 72.70
C LEU H 218 27.68 -2.61 73.16
N THR H 219 28.07 -1.74 72.21
CA THR H 219 28.48 -0.40 72.59
C THR H 219 27.29 0.49 72.96
N GLU H 220 26.09 0.17 72.47
CA GLU H 220 24.91 0.93 72.85
C GLU H 220 24.43 0.55 74.24
N ALA H 221 24.56 -0.73 74.60
CA ALA H 221 24.09 -1.19 75.90
C ALA H 221 24.93 -0.66 77.07
N GLY H 222 26.10 -0.10 76.79
CA GLY H 222 26.95 0.42 77.85
C GLY H 222 27.94 -0.60 78.36
N ALA H 223 28.66 -1.24 77.44
CA ALA H 223 29.61 -2.28 77.78
C ALA H 223 31.01 -1.72 77.93
N GLU H 224 31.80 -2.35 78.81
CA GLU H 224 33.20 -1.99 79.01
C GLU H 224 34.06 -3.02 78.29
N PHE H 225 34.94 -2.55 77.41
CA PHE H 225 35.76 -3.41 76.58
C PHE H 225 37.20 -3.42 77.07
N GLN H 226 37.92 -4.48 76.68
CA GLN H 226 39.35 -4.58 76.97
C GLN H 226 39.96 -5.56 75.97
N GLY H 227 40.77 -5.05 75.07
CA GLY H 227 41.36 -5.91 74.04
C GLY H 227 40.28 -6.54 73.19
N ASN H 228 40.26 -7.88 73.17
CA ASN H 228 39.23 -8.63 72.50
C ASN H 228 38.15 -9.13 73.44
N TYR H 229 38.09 -8.58 74.66
CA TYR H 229 37.14 -8.98 75.67
C TYR H 229 36.16 -7.83 75.96
N ALA H 230 34.93 -8.19 76.29
CA ALA H 230 33.90 -7.21 76.60
C ALA H 230 33.15 -7.64 77.85
N LEU H 231 32.55 -6.66 78.51
CA LEU H 231 31.74 -6.91 79.72
C LEU H 231 30.57 -5.95 79.70
N GLN H 232 29.41 -6.43 79.24
CA GLN H 232 28.20 -5.62 79.22
C GLN H 232 27.51 -5.59 80.57
N GLY H 233 27.90 -6.44 81.51
CA GLY H 233 27.22 -6.57 82.78
C GLY H 233 27.37 -7.96 83.35
N GLY H 234 26.26 -8.62 83.65
CA GLY H 234 26.32 -10.00 84.10
C GLY H 234 26.80 -10.98 83.05
N ASN H 235 26.93 -10.54 81.80
CA ASN H 235 27.40 -11.38 80.71
C ASN H 235 28.73 -10.86 80.19
N SER H 236 29.56 -11.77 79.70
CA SER H 236 30.87 -11.45 79.17
C SER H 236 30.98 -11.93 77.73
N TYR H 237 31.76 -11.21 76.93
CA TYR H 237 31.93 -11.52 75.52
C TYR H 237 33.39 -11.48 75.14
N VAL H 238 33.76 -12.30 74.16
CA VAL H 238 35.13 -12.37 73.66
C VAL H 238 35.11 -12.23 72.14
N LYS H 239 36.13 -11.59 71.59
CA LYS H 239 36.24 -11.37 70.15
C LYS H 239 37.16 -12.43 69.54
N VAL H 240 36.62 -13.65 69.44
CA VAL H 240 37.38 -14.73 68.81
C VAL H 240 37.57 -14.44 67.32
N GLU H 241 36.55 -13.91 66.67
CA GLU H 241 36.63 -13.50 65.26
C GLU H 241 35.94 -12.15 65.09
N ASN H 242 35.67 -11.76 63.85
CA ASN H 242 35.06 -10.47 63.57
C ASN H 242 33.70 -10.31 64.25
N VAL H 243 33.12 -11.37 64.79
CA VAL H 243 31.84 -11.33 65.48
C VAL H 243 32.05 -11.65 66.95
N TRP H 244 31.35 -10.93 67.82
CA TRP H 244 31.46 -11.11 69.25
C TRP H 244 30.54 -12.22 69.73
N VAL H 245 31.02 -13.00 70.69
CA VAL H 245 30.30 -14.17 71.19
C VAL H 245 30.41 -14.21 72.71
N ARG H 246 29.32 -14.63 73.36
CA ARG H 246 29.33 -14.80 74.81
C ARG H 246 30.30 -15.90 75.20
N ALA H 247 30.96 -15.71 76.35
CA ALA H 247 32.00 -16.62 76.79
C ALA H 247 31.77 -17.03 78.23
N GLU H 248 32.31 -18.19 78.58
CA GLU H 248 32.31 -18.71 79.94
C GLU H 248 33.62 -18.33 80.63
N THR H 249 33.55 -18.18 81.95
CA THR H 249 34.67 -17.64 82.71
C THR H 249 35.91 -18.52 82.61
N ALA H 250 35.86 -19.72 83.19
CA ALA H 250 36.95 -20.67 83.18
C ALA H 250 36.51 -21.92 83.92
N ALA H 251 37.18 -23.03 83.65
CA ALA H 251 37.00 -24.30 84.35
C ALA H 251 35.56 -24.79 84.34
N THR H 252 34.73 -24.24 83.45
CA THR H 252 33.34 -24.69 83.35
C THR H 252 33.24 -25.96 82.50
N GLY H 253 33.78 -25.91 81.28
CA GLY H 253 33.81 -27.09 80.44
C GLY H 253 34.76 -28.16 80.97
N ALA H 254 35.88 -27.75 81.55
CA ALA H 254 36.89 -28.66 82.10
C ALA H 254 37.35 -29.66 81.05
N THR H 255 37.50 -29.17 79.82
CA THR H 255 37.91 -30.01 78.69
C THR H 255 39.17 -29.49 78.01
N GLY H 256 39.88 -28.55 78.63
CA GLY H 256 41.08 -28.00 78.01
C GLY H 256 40.81 -27.26 76.71
N GLN H 257 39.73 -26.48 76.67
CA GLN H 257 39.38 -25.75 75.46
C GLN H 257 40.36 -24.60 75.23
N GLU H 258 40.43 -24.17 73.97
CA GLU H 258 41.30 -23.06 73.61
C GLU H 258 40.87 -21.79 74.33
N ILE H 259 41.85 -21.07 74.86
CA ILE H 259 41.60 -19.86 75.65
C ILE H 259 41.24 -18.73 74.69
N ALA H 260 40.04 -18.17 74.87
CA ALA H 260 39.60 -17.08 74.00
C ALA H 260 40.42 -15.82 74.22
N ALA H 261 40.57 -15.41 75.48
CA ALA H 261 41.30 -14.19 75.80
C ALA H 261 41.64 -14.18 77.28
N THR H 262 42.60 -13.33 77.64
CA THR H 262 42.98 -13.11 79.03
C THR H 262 42.82 -11.64 79.37
N THR H 263 42.39 -11.37 80.59
CA THR H 263 42.07 -10.02 81.05
C THR H 263 42.91 -9.67 82.27
N THR H 264 42.68 -8.47 82.79
CA THR H 264 43.35 -7.97 83.98
C THR H 264 42.33 -7.21 84.82
N ALA H 265 42.82 -6.44 85.79
CA ALA H 265 41.93 -5.70 86.69
C ALA H 265 41.06 -4.71 85.90
N ALA H 266 41.70 -3.71 85.28
CA ALA H 266 41.01 -2.76 84.41
C ALA H 266 39.81 -2.12 85.10
N GLY H 267 39.97 -1.81 86.38
CA GLY H 267 38.90 -1.18 87.14
C GLY H 267 37.88 -2.15 87.70
N THR H 268 37.03 -2.69 86.83
CA THR H 268 35.95 -3.59 87.25
C THR H 268 35.89 -4.84 86.38
N ILE H 269 37.03 -5.30 85.89
CA ILE H 269 37.12 -6.49 85.05
C ILE H 269 37.83 -7.58 85.84
N THR H 270 37.19 -8.74 85.95
CA THR H 270 37.81 -9.85 86.66
C THR H 270 39.00 -10.39 85.87
N ALA H 271 40.08 -10.71 86.58
CA ALA H 271 41.27 -11.26 85.95
C ALA H 271 41.12 -12.77 85.81
N ASP H 272 40.89 -13.24 84.58
CA ASP H 272 40.67 -14.65 84.33
C ASP H 272 40.98 -14.95 82.87
N SER H 273 41.17 -16.23 82.58
CA SER H 273 41.40 -16.71 81.22
C SER H 273 40.06 -17.18 80.66
N TRP H 274 39.50 -16.41 79.75
CA TRP H 274 38.15 -16.67 79.26
C TRP H 274 38.18 -17.62 78.07
N VAL H 275 37.10 -18.40 77.94
CA VAL H 275 36.97 -19.41 76.90
C VAL H 275 35.60 -19.24 76.24
N VAL H 276 35.58 -19.37 74.92
CA VAL H 276 34.33 -19.25 74.17
C VAL H 276 33.34 -20.29 74.67
N ASP H 277 32.10 -19.86 74.91
CA ASP H 277 31.05 -20.75 75.38
C ASP H 277 30.64 -21.69 74.25
N VAL H 278 30.95 -22.98 74.42
CA VAL H 278 30.56 -23.97 73.42
C VAL H 278 29.03 -24.09 73.35
N GLY H 279 28.35 -23.83 74.45
CA GLY H 279 26.90 -23.84 74.46
C GLY H 279 26.31 -22.55 73.93
N ASN H 280 25.31 -22.02 74.61
CA ASN H 280 24.65 -20.77 74.22
C ASN H 280 24.08 -20.88 72.79
N ALA H 281 23.11 -21.78 72.67
CA ALA H 281 22.49 -22.03 71.38
C ALA H 281 21.76 -20.78 70.89
N PRO H 282 21.65 -20.60 69.57
CA PRO H 282 20.97 -19.41 69.03
C PRO H 282 19.50 -19.39 69.42
N ALA H 283 18.87 -18.25 69.11
CA ALA H 283 17.45 -18.09 69.43
C ALA H 283 16.59 -19.09 68.68
N ALA H 284 16.89 -19.30 67.39
CA ALA H 284 16.17 -20.27 66.56
C ALA H 284 17.21 -21.16 65.89
N ASN H 285 17.52 -22.28 66.53
CA ASN H 285 18.53 -23.21 66.02
C ASN H 285 17.88 -24.08 64.94
N VAL H 286 18.15 -23.75 63.69
CA VAL H 286 17.62 -24.47 62.53
C VAL H 286 18.80 -24.98 61.71
N SER H 287 18.74 -26.26 61.34
CA SER H 287 19.78 -26.88 60.53
C SER H 287 19.19 -27.36 59.21
N ALA H 288 20.04 -27.44 58.19
CA ALA H 288 19.61 -27.93 56.89
C ALA H 288 19.13 -29.38 57.01
N GLY H 289 18.00 -29.67 56.37
CA GLY H 289 17.43 -31.00 56.47
C GLY H 289 18.35 -32.07 55.90
N GLN H 290 18.95 -31.80 54.75
CA GLN H 290 19.85 -32.74 54.11
C GLN H 290 21.06 -31.99 53.57
N SER H 291 22.14 -32.74 53.37
CA SER H 291 23.36 -32.18 52.81
C SER H 291 23.21 -31.97 51.30
N VAL H 292 24.25 -31.42 50.69
CA VAL H 292 24.23 -31.18 49.25
C VAL H 292 24.20 -32.51 48.49
N ALA H 293 24.93 -33.51 48.98
CA ALA H 293 25.02 -34.79 48.31
C ALA H 293 23.85 -35.73 48.63
N ASN H 294 22.94 -35.32 49.50
CA ASN H 294 21.81 -36.16 49.92
C ASN H 294 20.50 -35.41 49.77
N ILE H 295 20.38 -34.61 48.70
CA ILE H 295 19.19 -33.80 48.51
C ILE H 295 18.02 -34.70 48.12
N ASN H 296 16.91 -34.58 48.86
CA ASN H 296 15.70 -35.33 48.58
C ASN H 296 14.52 -34.43 48.90
N ILE H 297 13.84 -33.96 47.86
CA ILE H 297 12.80 -32.95 48.01
C ILE H 297 11.40 -33.55 47.82
N VAL H 298 11.27 -34.87 47.94
CA VAL H 298 9.98 -35.54 47.77
C VAL H 298 9.17 -35.28 49.04
N GLY H 299 8.23 -34.35 48.98
CA GLY H 299 7.45 -33.98 50.15
C GLY H 299 8.28 -33.41 51.27
N MET H 300 9.23 -32.53 50.95
CA MET H 300 10.17 -32.06 51.96
C MET H 300 9.53 -31.04 52.90
N GLY H 301 8.69 -30.16 52.37
CA GLY H 301 8.07 -29.12 53.15
C GLY H 301 8.68 -27.75 52.87
N ALA H 302 7.88 -26.72 53.09
CA ALA H 302 8.29 -25.36 52.73
C ALA H 302 9.47 -24.88 53.56
N ALA H 303 9.37 -25.00 54.88
CA ALA H 303 10.45 -24.54 55.75
C ALA H 303 11.72 -25.35 55.52
N ALA H 304 11.58 -26.67 55.35
CA ALA H 304 12.74 -27.50 55.05
C ALA H 304 13.33 -27.13 53.70
N LEU H 305 12.49 -26.78 52.73
CA LEU H 305 12.99 -26.32 51.44
C LEU H 305 13.80 -25.04 51.59
N ASP H 306 13.31 -24.10 52.40
CA ASP H 306 14.07 -22.87 52.64
C ASP H 306 15.39 -23.16 53.33
N ALA H 307 15.40 -24.08 54.30
CA ALA H 307 16.64 -24.45 54.96
C ALA H 307 17.62 -25.08 53.98
N LEU H 308 17.12 -25.95 53.09
CA LEU H 308 17.97 -26.56 52.07
C LEU H 308 18.54 -25.51 51.13
N ILE H 309 17.72 -24.54 50.73
CA ILE H 309 18.18 -23.48 49.83
C ILE H 309 19.28 -22.67 50.51
N SER H 310 19.08 -22.32 51.78
CA SER H 310 20.10 -21.57 52.51
C SER H 310 21.39 -22.36 52.64
N GLY H 311 21.28 -23.66 52.93
CA GLY H 311 22.48 -24.48 53.01
C GLY H 311 23.22 -24.57 51.68
N VAL H 312 22.47 -24.71 50.59
CA VAL H 312 23.08 -24.75 49.27
C VAL H 312 23.79 -23.43 48.96
N ASP H 313 23.16 -22.32 49.32
CA ASP H 313 23.78 -21.01 49.10
C ASP H 313 25.06 -20.87 49.92
N ALA H 314 25.04 -21.33 51.17
CA ALA H 314 26.24 -21.27 52.01
C ALA H 314 27.37 -22.12 51.41
N ALA H 315 27.03 -23.33 50.94
CA ALA H 315 28.03 -24.17 50.31
C ALA H 315 28.60 -23.51 49.06
N LEU H 316 27.73 -22.89 48.26
CA LEU H 316 28.19 -22.20 47.06
C LEU H 316 29.13 -21.06 47.40
N THR H 317 28.80 -20.29 48.45
CA THR H 317 29.68 -19.21 48.86
C THR H 317 31.04 -19.73 49.31
N ASP H 318 31.04 -20.79 50.13
CA ASP H 318 32.30 -21.34 50.61
C ASP H 318 33.16 -21.87 49.46
N MET H 319 32.54 -22.56 48.50
CA MET H 319 33.32 -23.14 47.41
C MET H 319 33.76 -22.07 46.43
N THR H 320 32.99 -20.98 46.30
CA THR H 320 33.46 -19.83 45.54
C THR H 320 34.69 -19.20 46.19
N SER H 321 34.68 -19.10 47.52
CA SER H 321 35.87 -18.62 48.23
C SER H 321 37.05 -19.55 48.00
N ALA H 322 36.81 -20.86 48.01
CA ALA H 322 37.88 -21.81 47.74
C ALA H 322 38.42 -21.63 46.32
N ALA H 323 37.54 -21.39 45.34
CA ALA H 323 38.00 -21.16 43.97
C ALA H 323 38.83 -19.90 43.88
N ALA H 324 38.42 -18.84 44.59
CA ALA H 324 39.22 -17.61 44.61
C ALA H 324 40.60 -17.87 45.23
N SER H 325 40.64 -18.65 46.30
CA SER H 325 41.92 -19.00 46.91
C SER H 325 42.80 -19.79 45.93
N LEU H 326 42.20 -20.72 45.18
CA LEU H 326 42.96 -21.47 44.20
C LEU H 326 43.52 -20.57 43.11
N GLY H 327 42.71 -19.62 42.65
CA GLY H 327 43.20 -18.66 41.65
C GLY H 327 44.34 -17.81 42.18
N SER H 328 44.23 -17.37 43.43
CA SER H 328 45.32 -16.61 44.04
C SER H 328 46.58 -17.46 44.15
N ILE H 329 46.42 -18.74 44.49
CA ILE H 329 47.57 -19.64 44.55
C ILE H 329 48.23 -19.77 43.19
N SER H 330 47.42 -19.92 42.13
CA SER H 330 47.97 -20.02 40.79
C SER H 330 48.72 -18.75 40.40
N SER H 331 48.15 -17.59 40.72
CA SER H 331 48.85 -16.33 40.45
C SER H 331 50.18 -16.26 41.19
N ARG H 332 50.19 -16.69 42.46
CA ARG H 332 51.43 -16.70 43.23
C ARG H 332 52.45 -17.64 42.61
N ILE H 333 52.01 -18.79 42.11
CA ILE H 333 52.92 -19.71 41.44
C ILE H 333 53.52 -19.07 40.19
N ASP H 334 52.70 -18.37 39.42
CA ASP H 334 53.21 -17.71 38.22
C ASP H 334 54.25 -16.65 38.57
N LEU H 335 53.95 -15.83 39.59
CA LEU H 335 54.90 -14.81 40.03
C LEU H 335 56.19 -15.44 40.54
N GLN H 336 56.08 -16.53 41.30
CA GLN H 336 57.26 -17.22 41.79
C GLN H 336 58.09 -17.78 40.64
N SER H 337 57.43 -18.31 39.62
CA SER H 337 58.14 -18.85 38.47
C SER H 337 58.92 -17.75 37.74
N GLU H 338 58.27 -16.62 37.49
CA GLU H 338 58.97 -15.54 36.78
C GLU H 338 60.11 -14.98 37.63
N PHE H 339 59.91 -14.87 38.94
CA PHE H 339 60.98 -14.38 39.81
C PHE H 339 62.15 -15.36 39.85
N VAL H 340 61.86 -16.66 39.87
CA VAL H 340 62.92 -17.66 39.87
C VAL H 340 63.70 -17.60 38.56
N ASN H 341 62.99 -17.43 37.45
CA ASN H 341 63.67 -17.28 36.16
C ASN H 341 64.58 -16.06 36.16
N LYS H 342 64.10 -14.93 36.68
CA LYS H 342 64.92 -13.72 36.74
C LYS H 342 66.14 -13.94 37.63
N LEU H 343 65.96 -14.59 38.78
CA LEU H 343 67.07 -14.84 39.69
C LEU H 343 68.10 -15.77 39.06
N SER H 344 67.63 -16.80 38.34
CA SER H 344 68.56 -17.69 37.66
C SER H 344 69.33 -16.94 36.58
N ASP H 345 68.66 -16.05 35.84
CA ASP H 345 69.36 -15.25 34.85
C ASP H 345 70.41 -14.37 35.49
N SER H 346 70.08 -13.75 36.62
CA SER H 346 71.04 -12.89 37.32
C SER H 346 72.24 -13.70 37.81
N ILE H 347 71.98 -14.90 38.35
CA ILE H 347 73.07 -15.74 38.84
C ILE H 347 73.97 -16.16 37.68
N GLU H 348 73.37 -16.54 36.55
CA GLU H 348 74.16 -16.92 35.39
C GLU H 348 75.00 -15.76 34.88
N SER H 349 74.42 -14.54 34.86
CA SER H 349 75.18 -13.37 34.44
C SER H 349 76.35 -13.10 35.38
N GLY H 350 76.12 -13.25 36.70
CA GLY H 350 77.20 -13.07 37.64
C GLY H 350 78.31 -14.09 37.45
N VAL H 351 77.93 -15.35 37.23
CA VAL H 351 78.93 -16.39 36.97
C VAL H 351 79.72 -16.05 35.72
N GLY H 352 79.02 -15.58 34.68
CA GLY H 352 79.71 -15.21 33.45
C GLY H 352 80.70 -14.08 33.64
N ARG H 353 80.27 -13.02 34.32
CA ARG H 353 81.18 -11.89 34.54
C ARG H 353 82.34 -12.27 35.44
N LEU H 354 82.13 -13.21 36.36
CA LEU H 354 83.21 -13.64 37.25
C LEU H 354 84.15 -14.64 36.61
N VAL H 355 83.69 -15.38 35.59
CA VAL H 355 84.42 -16.53 35.07
C VAL H 355 84.88 -16.31 33.63
N ASP H 356 84.04 -15.71 32.78
CA ASP H 356 84.38 -15.59 31.37
C ASP H 356 85.55 -14.64 31.17
N ALA H 357 86.18 -14.75 30.00
CA ALA H 357 87.35 -13.96 29.64
C ALA H 357 87.07 -13.20 28.35
N ASP H 358 87.47 -11.92 28.32
CA ASP H 358 87.34 -11.09 27.13
C ASP H 358 88.36 -11.53 26.10
N MET H 359 87.92 -12.31 25.11
CA MET H 359 88.84 -13.06 24.25
C MET H 359 89.79 -12.18 23.46
N ASN H 360 89.50 -10.89 23.33
CA ASN H 360 90.36 -10.02 22.52
C ASN H 360 91.77 -9.94 23.08
N GLU H 361 91.90 -9.74 24.39
CA GLU H 361 93.23 -9.66 24.97
C GLU H 361 93.92 -11.02 25.00
N GLU H 362 93.15 -12.12 25.08
CA GLU H 362 93.77 -13.44 24.91
C GLU H 362 94.33 -13.62 23.51
N SER H 363 93.61 -13.13 22.49
CA SER H 363 94.16 -13.18 21.13
C SER H 363 95.42 -12.35 21.02
N THR H 364 95.42 -11.16 21.62
CA THR H 364 96.61 -10.33 21.61
C THR H 364 97.79 -11.02 22.29
N ARG H 365 97.53 -11.65 23.44
CA ARG H 365 98.58 -12.39 24.13
C ARG H 365 99.06 -13.58 23.30
N LEU H 366 98.15 -14.25 22.59
CA LEU H 366 98.55 -15.38 21.78
C LEU H 366 99.50 -14.94 20.67
N LYS H 367 99.17 -13.84 19.99
CA LYS H 367 100.06 -13.31 18.97
C LYS H 367 101.40 -12.89 19.57
N ALA H 368 101.36 -12.22 20.73
CA ALA H 368 102.58 -11.75 21.36
C ALA H 368 103.48 -12.91 21.76
N LEU H 369 102.90 -13.97 22.31
CA LEU H 369 103.68 -15.15 22.68
C LEU H 369 104.21 -15.88 21.46
N GLN H 370 103.46 -15.91 20.36
CA GLN H 370 104.02 -16.49 19.13
C GLN H 370 105.26 -15.71 18.68
N THR H 371 105.17 -14.38 18.68
CA THR H 371 106.32 -13.57 18.29
C THR H 371 107.50 -13.78 19.25
N GLN H 372 107.21 -13.82 20.55
CA GLN H 372 108.27 -14.03 21.53
C GLN H 372 108.93 -15.39 21.36
N GLN H 373 108.14 -16.42 21.07
CA GLN H 373 108.71 -17.74 20.84
C GLN H 373 109.57 -17.76 19.60
N GLN H 374 109.14 -17.09 18.54
CA GLN H 374 109.97 -17.01 17.33
C GLN H 374 111.30 -16.33 17.62
N LEU H 375 111.26 -15.21 18.36
CA LEU H 375 112.49 -14.53 18.76
C LEU H 375 113.36 -15.45 19.61
N ALA H 376 112.76 -16.18 20.54
CA ALA H 376 113.52 -17.06 21.41
C ALA H 376 114.20 -18.18 20.63
N ILE H 377 113.49 -18.76 19.67
CA ILE H 377 114.10 -19.81 18.85
C ILE H 377 115.25 -19.25 18.03
N GLN H 378 115.07 -18.05 17.46
CA GLN H 378 116.15 -17.46 16.69
C GLN H 378 117.38 -17.19 17.56
N ALA H 379 117.16 -16.64 18.77
CA ALA H 379 118.27 -16.36 19.67
C ALA H 379 118.94 -17.65 20.13
N LEU H 380 118.16 -18.69 20.38
CA LEU H 380 118.73 -19.97 20.78
C LEU H 380 119.56 -20.57 19.66
N SER H 381 119.10 -20.46 18.41
CA SER H 381 119.90 -20.95 17.29
C SER H 381 121.22 -20.18 17.18
N ILE H 382 121.16 -18.85 17.36
CA ILE H 382 122.38 -18.05 17.31
C ILE H 382 123.33 -18.46 18.44
N ALA H 383 122.80 -18.67 19.64
CA ALA H 383 123.64 -19.03 20.79
C ALA H 383 124.24 -20.41 20.62
N ASN H 384 123.51 -21.32 19.97
CA ASN H 384 124.08 -22.64 19.68
C ASN H 384 125.16 -22.54 18.63
N SER H 385 124.97 -21.70 17.61
CA SER H 385 125.91 -21.63 16.50
C SER H 385 127.20 -20.90 16.87
N ASP H 386 127.12 -19.89 17.73
CA ASP H 386 128.27 -19.02 17.95
C ASP H 386 129.46 -19.72 18.61
N SER H 387 129.26 -20.89 19.19
CA SER H 387 130.34 -21.59 19.89
C SER H 387 131.34 -22.25 18.94
N GLN H 388 131.04 -22.28 17.64
CA GLN H 388 131.92 -22.92 16.67
C GLN H 388 133.04 -22.02 16.19
N ASN H 389 133.09 -20.76 16.65
CA ASN H 389 134.11 -19.83 16.16
C ASN H 389 135.50 -20.23 16.62
N VAL H 390 135.62 -20.96 17.73
CA VAL H 390 136.93 -21.28 18.29
C VAL H 390 137.75 -22.18 17.38
N LEU H 391 137.10 -22.92 16.46
CA LEU H 391 137.82 -23.88 15.63
C LEU H 391 138.85 -23.22 14.72
N SER H 392 138.74 -21.92 14.49
CA SER H 392 139.64 -21.25 13.55
C SER H 392 141.08 -21.27 14.06
N LEU H 393 141.29 -21.09 15.36
CA LEU H 393 142.64 -21.00 15.90
C LEU H 393 143.42 -22.29 15.70
N PHE H 394 142.79 -23.43 15.99
CA PHE H 394 143.51 -24.68 16.08
C PHE H 394 143.89 -25.27 14.72
N ARG H 395 143.21 -24.85 13.66
CA ARG H 395 143.50 -25.36 12.32
C ARG H 395 144.59 -24.54 11.65
N THR I 2 151.03 -25.24 -25.21
CA THR I 2 150.08 -24.32 -24.60
C THR I 2 150.58 -22.88 -24.69
N SER I 3 149.81 -22.03 -25.34
CA SER I 3 150.16 -20.62 -25.48
C SER I 3 149.61 -19.83 -24.30
N ILE I 4 150.49 -19.13 -23.58
CA ILE I 4 150.08 -18.41 -22.38
C ILE I 4 149.62 -16.99 -22.69
N LEU I 5 149.83 -16.52 -23.92
CA LEU I 5 149.39 -15.18 -24.30
C LEU I 5 148.01 -15.17 -24.95
N THR I 6 147.53 -16.30 -25.45
CA THR I 6 146.24 -16.37 -26.13
C THR I 6 145.44 -17.55 -25.59
N ASN I 7 144.12 -17.39 -25.59
CA ASN I 7 143.18 -18.43 -25.15
C ASN I 7 142.00 -18.40 -26.11
N ASN I 8 142.06 -19.22 -27.17
CA ASN I 8 141.01 -19.22 -28.18
C ASN I 8 139.67 -19.66 -27.60
N SER I 9 139.70 -20.61 -26.67
CA SER I 9 138.47 -21.02 -25.99
C SER I 9 137.86 -19.84 -25.24
N ALA I 10 138.70 -18.98 -24.66
CA ALA I 10 138.20 -17.80 -23.98
C ALA I 10 137.49 -16.86 -24.94
N MET I 11 138.06 -16.64 -26.14
CA MET I 11 137.39 -15.79 -27.11
C MET I 11 136.07 -16.39 -27.59
N ALA I 12 136.04 -17.71 -27.80
CA ALA I 12 134.79 -18.35 -28.20
C ALA I 12 133.73 -18.21 -27.11
N ALA I 13 134.12 -18.40 -25.85
CA ALA I 13 133.19 -18.22 -24.75
C ALA I 13 132.70 -16.78 -24.67
N LEU I 14 133.60 -15.82 -24.88
CA LEU I 14 133.20 -14.41 -24.86
C LEU I 14 132.20 -14.11 -25.97
N SER I 15 132.43 -14.62 -27.17
CA SER I 15 131.50 -14.40 -28.27
C SER I 15 130.14 -15.02 -27.95
N GLY I 16 130.14 -16.23 -27.41
CA GLY I 16 128.88 -16.84 -27.00
C GLY I 16 128.15 -16.03 -25.96
N VAL I 17 128.90 -15.51 -24.97
CA VAL I 17 128.28 -14.72 -23.91
C VAL I 17 127.67 -13.44 -24.47
N ARG I 18 128.38 -12.77 -25.39
CA ARG I 18 127.84 -11.56 -26.00
C ARG I 18 126.57 -11.87 -26.80
N SER I 19 126.57 -12.97 -27.56
CA SER I 19 125.38 -13.32 -28.32
C SER I 19 124.20 -13.60 -27.39
N ILE I 20 124.45 -14.37 -26.32
CA ILE I 20 123.38 -14.68 -25.37
C ILE I 20 122.88 -13.41 -24.69
N SER I 21 123.79 -12.49 -24.36
CA SER I 21 123.39 -11.25 -23.71
C SER I 21 122.53 -10.39 -24.63
N SER I 22 122.90 -10.28 -25.91
CA SER I 22 122.09 -9.52 -26.84
C SER I 22 120.70 -10.15 -27.01
N SER I 23 120.65 -11.47 -27.17
CA SER I 23 119.36 -12.14 -27.30
C SER I 23 118.52 -11.98 -26.05
N MET I 24 119.15 -12.03 -24.87
CA MET I 24 118.43 -11.87 -23.62
C MET I 24 117.88 -10.46 -23.48
N GLU I 25 118.66 -9.44 -23.86
CA GLU I 25 118.16 -8.08 -23.83
C GLU I 25 116.97 -7.92 -24.75
N ASP I 26 117.06 -8.48 -25.96
CA ASP I 26 115.94 -8.39 -26.89
C ASP I 26 114.69 -9.07 -26.33
N THR I 27 114.84 -10.29 -25.80
CA THR I 27 113.67 -11.00 -25.29
C THR I 27 113.13 -10.34 -24.02
N GLN I 28 113.99 -9.68 -23.24
CA GLN I 28 113.52 -8.93 -22.09
C GLN I 28 112.65 -7.76 -22.52
N SER I 29 113.08 -7.03 -23.56
CA SER I 29 112.23 -5.98 -24.10
C SER I 29 110.92 -6.55 -24.59
N ARG I 30 110.98 -7.70 -25.28
CA ARG I 30 109.78 -8.35 -25.79
C ARG I 30 108.82 -8.72 -24.67
N ILE I 31 109.35 -9.30 -23.59
CA ILE I 31 108.52 -9.79 -22.49
C ILE I 31 108.05 -8.67 -21.57
N SER I 32 108.71 -7.51 -21.62
CA SER I 32 108.33 -6.39 -20.77
C SER I 32 107.42 -5.39 -21.46
N SER I 33 107.39 -5.36 -22.78
CA SER I 33 106.55 -4.38 -23.46
C SER I 33 105.84 -4.98 -24.66
N GLY I 34 105.62 -6.30 -24.65
CA GLY I 34 104.98 -6.97 -25.76
C GLY I 34 105.71 -6.73 -27.07
N LEU I 35 105.01 -6.17 -28.07
CA LEU I 35 105.65 -5.71 -29.30
C LEU I 35 106.59 -6.74 -29.94
N ARG I 36 106.03 -7.80 -30.53
CA ARG I 36 106.84 -8.72 -31.32
C ARG I 36 107.66 -7.95 -32.35
N VAL I 37 107.07 -6.92 -32.95
CA VAL I 37 107.80 -6.01 -33.82
C VAL I 37 108.30 -4.84 -33.00
N GLY I 38 109.63 -4.70 -32.89
CA GLY I 38 110.23 -3.68 -32.08
C GLY I 38 109.96 -2.28 -32.61
N SER I 39 110.48 -1.29 -31.87
CA SER I 39 110.27 0.13 -32.16
C SER I 39 110.55 0.38 -33.64
N ALA I 40 111.80 0.24 -34.10
CA ALA I 40 112.08 0.44 -35.52
C ALA I 40 113.17 -0.49 -36.04
N SER I 41 113.65 -1.40 -35.19
CA SER I 41 114.79 -2.23 -35.54
C SER I 41 114.40 -3.59 -36.10
N ASP I 42 113.11 -3.93 -36.08
CA ASP I 42 112.63 -5.16 -36.69
C ASP I 42 112.19 -4.91 -38.12
N ASN I 43 111.44 -5.84 -38.70
CA ASN I 43 111.03 -5.75 -40.10
C ASN I 43 110.23 -4.48 -40.40
N ALA I 44 110.84 -3.61 -41.21
CA ALA I 44 110.34 -2.25 -41.39
C ALA I 44 108.95 -2.22 -42.00
N ALA I 45 108.71 -3.08 -42.99
CA ALA I 45 107.44 -3.03 -43.74
C ALA I 45 106.24 -3.24 -42.82
N TYR I 46 106.30 -4.27 -41.98
CA TYR I 46 105.17 -4.57 -41.11
C TYR I 46 104.99 -3.50 -40.05
N TRP I 47 106.09 -2.94 -39.54
CA TRP I 47 105.99 -1.84 -38.59
C TRP I 47 105.34 -0.62 -39.23
N SER I 48 105.71 -0.32 -40.47
CA SER I 48 105.11 0.80 -41.19
C SER I 48 103.61 0.59 -41.38
N ILE I 49 103.23 -0.64 -41.77
CA ILE I 49 101.81 -0.95 -41.93
C ILE I 49 101.08 -0.76 -40.60
N ALA I 50 101.67 -1.24 -39.52
CA ALA I 50 101.06 -1.10 -38.20
C ALA I 50 100.89 0.37 -37.82
N THR I 51 101.91 1.19 -38.07
CA THR I 51 101.82 2.60 -37.75
C THR I 51 100.73 3.29 -38.56
N THR I 52 100.64 2.96 -39.85
CA THR I 52 99.57 3.52 -40.67
C THR I 52 98.21 3.13 -40.15
N MET I 53 98.05 1.86 -39.73
CA MET I 53 96.78 1.43 -39.18
C MET I 53 96.45 2.11 -37.86
N ARG I 54 97.45 2.38 -37.02
CA ARG I 54 97.18 3.14 -35.79
C ARG I 54 96.73 4.56 -36.11
N SER I 55 97.36 5.20 -37.10
CA SER I 55 96.93 6.53 -37.50
C SER I 55 95.49 6.50 -38.01
N ASP I 56 95.15 5.49 -38.81
CA ASP I 56 93.79 5.35 -39.31
C ASP I 56 92.81 5.11 -38.17
N ASN I 57 93.23 4.35 -37.14
CA ASN I 57 92.37 4.11 -35.99
C ASN I 57 92.11 5.40 -35.22
N GLN I 58 93.14 6.23 -35.04
CA GLN I 58 92.93 7.53 -34.40
C GLN I 58 91.97 8.39 -35.20
N ALA I 59 92.15 8.41 -36.52
CA ALA I 59 91.22 9.16 -37.38
C ALA I 59 89.80 8.63 -37.24
N LEU I 60 89.65 7.30 -37.14
CA LEU I 60 88.33 6.70 -37.00
C LEU I 60 87.69 7.07 -35.67
N SER I 61 88.50 7.15 -34.60
CA SER I 61 87.97 7.61 -33.32
C SER I 61 87.49 9.05 -33.41
N ALA I 62 88.25 9.91 -34.10
CA ALA I 62 87.80 11.28 -34.32
C ALA I 62 86.49 11.30 -35.10
N VAL I 63 86.38 10.44 -36.11
CA VAL I 63 85.14 10.34 -36.88
C VAL I 63 83.99 9.88 -36.00
N GLN I 64 84.26 8.98 -35.05
CA GLN I 64 83.23 8.54 -34.11
C GLN I 64 82.73 9.69 -33.25
N ASP I 65 83.66 10.51 -32.75
CA ASP I 65 83.24 11.69 -31.98
C ASP I 65 82.41 12.64 -32.82
N ALA I 66 82.83 12.87 -34.07
CA ALA I 66 82.06 13.74 -34.95
C ALA I 66 80.69 13.16 -35.23
N LEU I 67 80.60 11.84 -35.38
CA LEU I 67 79.32 11.17 -35.61
C LEU I 67 78.40 11.35 -34.40
N GLY I 68 78.94 11.24 -33.20
CA GLY I 68 78.12 11.48 -32.02
C GLY I 68 77.61 12.90 -31.97
N LEU I 69 78.46 13.88 -32.27
CA LEU I 69 78.03 15.27 -32.29
C LEU I 69 76.93 15.49 -33.33
N GLY I 70 77.11 14.93 -34.52
CA GLY I 70 76.10 15.08 -35.56
C GLY I 70 74.80 14.41 -35.20
N ALA I 71 74.87 13.25 -34.53
CA ALA I 71 73.67 12.57 -34.09
C ALA I 71 72.91 13.42 -33.07
N ALA I 72 73.64 14.05 -32.16
CA ALA I 72 72.98 14.96 -31.20
C ALA I 72 72.30 16.12 -31.93
N LYS I 73 72.99 16.70 -32.93
CA LYS I 73 72.41 17.80 -33.69
C LYS I 73 71.14 17.37 -34.41
N VAL I 74 71.18 16.20 -35.05
CA VAL I 74 70.02 15.70 -35.78
C VAL I 74 68.87 15.39 -34.83
N ASP I 75 69.17 14.86 -33.64
CA ASP I 75 68.12 14.59 -32.68
C ASP I 75 67.44 15.89 -32.23
N THR I 76 68.22 16.93 -31.96
CA THR I 76 67.63 18.22 -31.59
C THR I 76 66.78 18.77 -32.72
N ALA I 77 67.28 18.70 -33.96
CA ALA I 77 66.52 19.21 -35.09
C ALA I 77 65.22 18.43 -35.27
N TYR I 78 65.26 17.12 -35.08
CA TYR I 78 64.05 16.31 -35.23
C TYR I 78 63.04 16.62 -34.13
N SER I 79 63.50 16.86 -32.90
CA SER I 79 62.59 17.26 -31.85
C SER I 79 61.91 18.58 -32.19
N GLY I 80 62.69 19.55 -32.68
CA GLY I 80 62.09 20.81 -33.10
C GLY I 80 61.09 20.62 -34.23
N MET I 81 61.42 19.75 -35.20
CA MET I 81 60.50 19.48 -36.30
C MET I 81 59.20 18.88 -35.79
N GLU I 82 59.28 17.93 -34.86
CA GLU I 82 58.07 17.32 -34.31
C GLU I 82 57.21 18.35 -33.59
N SER I 83 57.84 19.21 -32.79
CA SER I 83 57.07 20.25 -32.11
C SER I 83 56.39 21.17 -33.11
N ALA I 84 57.11 21.58 -34.16
CA ALA I 84 56.52 22.44 -35.17
C ALA I 84 55.36 21.77 -35.88
N ILE I 85 55.50 20.48 -36.19
CA ILE I 85 54.42 19.74 -36.85
C ILE I 85 53.19 19.68 -35.96
N GLU I 86 53.38 19.40 -34.67
CA GLU I 86 52.25 19.37 -33.76
C GLU I 86 51.55 20.72 -33.68
N VAL I 87 52.33 21.80 -33.60
CA VAL I 87 51.72 23.12 -33.50
C VAL I 87 50.95 23.45 -34.78
N VAL I 88 51.52 23.12 -35.94
CA VAL I 88 50.85 23.44 -37.20
C VAL I 88 49.58 22.59 -37.36
N LYS I 89 49.62 21.34 -36.90
CA LYS I 89 48.41 20.53 -36.91
C LYS I 89 47.33 21.16 -36.04
N GLU I 90 47.72 21.68 -34.87
CA GLU I 90 46.76 22.37 -34.02
C GLU I 90 46.19 23.60 -34.72
N ILE I 91 47.05 24.33 -35.43
CA ILE I 91 46.60 25.52 -36.18
C ILE I 91 45.58 25.12 -37.24
N LYS I 92 45.87 24.04 -37.98
CA LYS I 92 44.96 23.59 -39.02
C LYS I 92 43.62 23.16 -38.44
N ALA I 93 43.64 22.47 -37.30
CA ALA I 93 42.41 22.08 -36.63
C ALA I 93 41.60 23.31 -36.22
N LYS I 94 42.28 24.32 -35.66
CA LYS I 94 41.59 25.54 -35.28
C LYS I 94 40.96 26.22 -36.49
N LEU I 95 41.69 26.29 -37.60
CA LEU I 95 41.17 26.99 -38.77
C LEU I 95 39.98 26.24 -39.39
N VAL I 96 40.07 24.90 -39.47
CA VAL I 96 38.97 24.14 -40.04
C VAL I 96 37.77 24.18 -39.10
N ALA I 97 37.99 24.37 -37.80
CA ALA I 97 36.88 24.64 -36.91
C ALA I 97 36.29 26.03 -37.18
N ALA I 98 37.14 27.00 -37.48
CA ALA I 98 36.72 28.38 -37.68
C ALA I 98 36.12 28.64 -39.06
N THR I 99 36.17 27.67 -39.97
CA THR I 99 35.58 27.90 -41.29
C THR I 99 34.08 28.16 -41.20
N GLU I 100 33.44 27.72 -40.12
CA GLU I 100 32.03 28.04 -39.90
C GLU I 100 31.84 29.54 -39.73
N ASP I 101 30.77 30.07 -40.31
CA ASP I 101 30.46 31.49 -40.23
C ASP I 101 29.87 31.90 -38.88
N GLY I 102 29.39 30.94 -38.09
CA GLY I 102 28.81 31.24 -36.80
C GLY I 102 29.80 31.42 -35.67
N VAL I 103 31.10 31.34 -35.97
CA VAL I 103 32.16 31.45 -34.98
C VAL I 103 32.87 32.78 -35.17
N ASP I 104 32.98 33.55 -34.09
CA ASP I 104 33.71 34.81 -34.14
C ASP I 104 35.18 34.54 -34.47
N LYS I 105 35.71 35.27 -35.44
CA LYS I 105 37.04 35.00 -35.97
C LYS I 105 38.15 35.74 -35.22
N ALA I 106 37.82 36.67 -34.33
CA ALA I 106 38.85 37.37 -33.58
C ALA I 106 39.57 36.43 -32.62
N LYS I 107 38.83 35.56 -31.94
CA LYS I 107 39.45 34.60 -31.03
C LYS I 107 40.36 33.65 -31.77
N ILE I 108 39.90 33.17 -32.94
CA ILE I 108 40.73 32.27 -33.75
C ILE I 108 41.97 33.00 -34.24
N GLN I 109 41.82 34.27 -34.62
CA GLN I 109 42.97 35.05 -35.07
C GLN I 109 44.00 35.20 -33.96
N GLU I 110 43.53 35.47 -32.74
CA GLU I 110 44.46 35.58 -31.61
C GLU I 110 45.14 34.25 -31.32
N GLU I 111 44.39 33.14 -31.39
CA GLU I 111 45.00 31.82 -31.18
C GLU I 111 46.06 31.54 -32.23
N ILE I 112 45.77 31.87 -33.49
CA ILE I 112 46.74 31.63 -34.56
C ILE I 112 47.95 32.52 -34.40
N THR I 113 47.76 33.75 -33.92
CA THR I 113 48.90 34.61 -33.65
C THR I 113 49.80 34.03 -32.56
N GLN I 114 49.18 33.52 -31.49
CA GLN I 114 49.95 32.89 -30.43
C GLN I 114 50.69 31.67 -30.94
N LEU I 115 50.03 30.85 -31.77
CA LEU I 115 50.68 29.66 -32.30
C LEU I 115 51.81 30.00 -33.26
N LYS I 116 51.64 31.09 -34.03
CA LYS I 116 52.72 31.55 -34.90
C LYS I 116 53.92 32.02 -34.10
N ASP I 117 53.66 32.74 -32.99
CA ASP I 117 54.76 33.13 -32.12
C ASP I 117 55.46 31.90 -31.53
N GLN I 118 54.67 30.87 -31.18
CA GLN I 118 55.26 29.64 -30.69
C GLN I 118 56.12 28.97 -31.76
N LEU I 119 55.64 28.96 -33.00
CA LEU I 119 56.44 28.41 -34.10
C LEU I 119 57.74 29.16 -34.28
N THR I 120 57.69 30.50 -34.22
CA THR I 120 58.90 31.29 -34.36
C THR I 120 59.88 30.98 -33.23
N SER I 121 59.38 30.89 -32.00
CA SER I 121 60.25 30.58 -30.86
C SER I 121 60.88 29.21 -31.00
N ILE I 122 60.10 28.22 -31.43
CA ILE I 122 60.63 26.88 -31.63
C ILE I 122 61.69 26.88 -32.71
N ALA I 123 61.44 27.59 -33.81
CA ALA I 123 62.39 27.63 -34.91
C ALA I 123 63.70 28.28 -34.50
N ASP I 124 63.64 29.40 -33.76
CA ASP I 124 64.87 30.08 -33.39
C ASP I 124 65.56 29.47 -32.17
N ALA I 125 64.87 28.64 -31.40
CA ALA I 125 65.45 28.08 -30.19
C ALA I 125 66.07 26.71 -30.40
N ALA I 126 65.65 25.97 -31.43
CA ALA I 126 66.14 24.61 -31.68
C ALA I 126 67.52 24.67 -32.32
N SER I 127 68.49 25.13 -31.51
CA SER I 127 69.88 25.22 -31.94
C SER I 127 70.75 24.49 -30.94
N PHE I 128 71.50 23.50 -31.41
CA PHE I 128 72.37 22.74 -30.52
C PHE I 128 73.69 23.45 -30.27
N SER I 129 74.49 23.64 -31.32
CA SER I 129 75.81 24.25 -31.20
C SER I 129 76.00 25.29 -32.31
N GLY I 130 74.99 26.12 -32.51
CA GLY I 130 75.02 27.08 -33.62
C GLY I 130 74.53 26.48 -34.92
N GLU I 131 75.03 25.31 -35.28
CA GLU I 131 74.52 24.60 -36.45
C GLU I 131 73.16 23.99 -36.13
N ASN I 132 72.10 24.76 -36.38
CA ASN I 132 70.76 24.36 -35.96
C ASN I 132 69.97 23.65 -37.05
N TRP I 133 70.44 23.68 -38.30
CA TRP I 133 69.76 23.03 -39.43
C TRP I 133 68.36 23.60 -39.66
N LEU I 134 68.06 24.75 -39.07
CA LEU I 134 66.78 25.41 -39.25
C LEU I 134 67.01 26.91 -39.30
N GLN I 135 66.07 27.62 -39.92
CA GLN I 135 66.15 29.07 -40.09
C GLN I 135 67.46 29.48 -40.75
N ALA I 136 67.73 28.86 -41.89
CA ALA I 136 68.96 29.11 -42.62
C ALA I 136 68.81 30.35 -43.51
N ASP I 137 69.87 30.67 -44.25
CA ASP I 137 69.87 31.80 -45.17
C ASP I 137 69.68 31.24 -46.58
N LEU I 138 68.52 31.54 -47.18
CA LEU I 138 68.19 31.06 -48.50
C LEU I 138 68.43 32.11 -49.59
N SER I 139 69.11 33.20 -49.25
CA SER I 139 69.45 34.20 -50.26
C SER I 139 70.36 33.62 -51.33
N GLY I 140 71.34 32.81 -50.91
CA GLY I 140 72.21 32.14 -51.86
C GLY I 140 71.47 31.17 -52.75
N GLY I 141 70.45 30.50 -52.21
CA GLY I 141 69.66 29.57 -53.00
C GLY I 141 69.59 28.18 -52.41
N ALA I 142 70.70 27.70 -51.86
CA ALA I 142 70.76 26.37 -51.26
C ALA I 142 71.97 26.28 -50.36
N VAL I 143 71.77 25.78 -49.14
CA VAL I 143 72.84 25.53 -48.19
C VAL I 143 72.78 24.07 -47.77
N THR I 144 73.94 23.43 -47.72
CA THR I 144 74.04 22.00 -47.43
C THR I 144 74.86 21.80 -46.17
N LYS I 145 74.24 21.17 -45.17
CA LYS I 145 74.95 20.81 -43.94
C LYS I 145 75.47 19.38 -44.05
N SER I 146 76.69 19.17 -43.55
CA SER I 146 77.36 17.89 -43.68
C SER I 146 77.76 17.37 -42.31
N VAL I 147 77.66 16.05 -42.14
CA VAL I 147 78.08 15.36 -40.92
C VAL I 147 79.17 14.36 -41.31
N VAL I 148 80.29 14.40 -40.57
CA VAL I 148 81.40 13.51 -40.88
C VAL I 148 80.95 12.07 -40.70
N GLY I 149 80.97 11.31 -41.79
CA GLY I 149 80.50 9.94 -41.74
C GLY I 149 81.58 8.90 -41.53
N SER I 150 82.63 8.93 -42.35
CA SER I 150 83.68 7.94 -42.24
C SER I 150 84.97 8.52 -42.80
N PHE I 151 86.09 7.89 -42.43
CA PHE I 151 87.41 8.22 -42.95
C PHE I 151 87.88 7.07 -43.82
N VAL I 152 88.15 7.36 -45.09
CA VAL I 152 88.46 6.34 -46.09
C VAL I 152 89.84 6.60 -46.65
N ARG I 153 90.68 5.56 -46.65
CA ARG I 153 91.99 5.60 -47.28
C ARG I 153 91.89 4.89 -48.63
N ASP I 154 91.96 5.67 -49.71
CA ASP I 154 91.84 5.10 -51.04
C ASP I 154 93.03 4.18 -51.33
N GLY I 155 92.77 3.15 -52.15
CA GLY I 155 93.81 2.19 -52.46
C GLY I 155 94.99 2.80 -53.17
N SER I 156 94.76 3.83 -53.99
CA SER I 156 95.83 4.46 -54.75
C SER I 156 96.56 5.53 -53.93
N GLY I 157 96.98 5.16 -52.73
CA GLY I 157 97.82 6.02 -51.91
C GLY I 157 97.27 7.38 -51.59
N SER I 158 96.01 7.47 -51.17
CA SER I 158 95.41 8.74 -50.83
C SER I 158 94.34 8.54 -49.77
N VAL I 159 94.03 9.62 -49.05
CA VAL I 159 93.07 9.60 -47.97
C VAL I 159 92.03 10.70 -48.18
N ALA I 160 90.86 10.51 -47.60
CA ALA I 160 89.77 11.47 -47.71
C ALA I 160 88.80 11.22 -46.58
N VAL I 161 87.86 12.15 -46.42
CA VAL I 161 86.82 12.06 -45.40
C VAL I 161 85.46 12.16 -46.10
N LYS I 162 84.54 11.28 -45.69
CA LYS I 162 83.20 11.24 -46.27
C LYS I 162 82.21 11.94 -45.37
N LYS I 163 81.17 12.52 -45.96
CA LYS I 163 80.18 13.29 -45.24
C LYS I 163 78.79 12.89 -45.70
N VAL I 164 77.81 13.12 -44.81
CA VAL I 164 76.40 12.91 -45.11
C VAL I 164 75.76 14.28 -45.28
N ASP I 165 75.12 14.50 -46.43
CA ASP I 165 74.62 15.81 -46.81
C ASP I 165 73.13 15.91 -46.56
N TYR I 166 72.72 16.99 -45.91
CA TYR I 166 71.32 17.33 -45.72
C TYR I 166 71.06 18.68 -46.35
N SER I 167 70.15 18.73 -47.30
CA SER I 167 69.90 19.93 -48.10
C SER I 167 68.84 20.79 -47.44
N LEU I 168 69.19 22.04 -47.14
CA LEU I 168 68.25 23.00 -46.57
C LEU I 168 67.73 23.88 -47.70
N ASN I 169 66.83 23.31 -48.50
CA ASN I 169 66.25 24.02 -49.62
C ASN I 169 65.02 24.80 -49.16
N ALA I 170 64.22 25.27 -50.11
CA ALA I 170 63.00 26.03 -49.80
C ALA I 170 61.85 25.14 -49.35
N ASN I 171 62.12 23.87 -49.05
CA ASN I 171 61.08 22.95 -48.60
C ASN I 171 61.20 22.54 -47.14
N SER I 172 62.38 22.66 -46.55
CA SER I 172 62.61 22.27 -45.16
C SER I 172 63.44 23.33 -44.45
N VAL I 173 63.08 24.59 -44.64
CA VAL I 173 63.89 25.70 -44.14
C VAL I 173 63.34 26.20 -42.81
N LEU I 174 62.01 26.18 -42.65
CA LEU I 174 61.38 26.60 -41.41
C LEU I 174 61.71 28.05 -41.04
N PHE I 175 61.10 29.00 -41.74
CA PHE I 175 61.30 30.43 -41.50
C PHE I 175 62.68 30.92 -41.89
N ASP I 176 62.98 30.87 -43.18
CA ASP I 176 64.16 31.56 -43.73
C ASP I 176 64.28 32.96 -43.17
N THR I 177 65.48 33.31 -42.72
CA THR I 177 65.70 34.50 -41.91
C THR I 177 65.91 35.77 -42.72
N VAL I 178 66.11 35.68 -44.03
CA VAL I 178 66.48 36.88 -44.80
C VAL I 178 65.38 37.25 -45.78
N GLY I 179 65.10 36.37 -46.74
CA GLY I 179 64.15 36.68 -47.79
C GLY I 179 62.74 36.25 -47.55
N ASP I 180 62.49 35.49 -46.48
CA ASP I 180 61.17 34.94 -46.18
C ASP I 180 60.65 34.12 -47.37
N THR I 181 61.57 33.50 -48.09
CA THR I 181 61.25 32.60 -49.20
C THR I 181 61.69 31.19 -48.81
N GLY I 182 60.71 30.30 -48.70
CA GLY I 182 60.95 28.95 -48.23
C GLY I 182 59.66 28.20 -48.01
N ILE I 183 59.53 27.56 -46.84
CA ILE I 183 58.25 26.97 -46.47
C ILE I 183 57.15 28.03 -46.45
N LEU I 184 57.48 29.22 -45.98
CA LEU I 184 56.54 30.33 -46.03
C LEU I 184 56.41 30.87 -47.45
N ASP I 185 55.26 31.51 -47.72
CA ASP I 185 55.02 32.32 -48.91
C ASP I 185 54.90 31.42 -50.13
N LYS I 186 55.17 30.12 -49.99
CA LYS I 186 55.00 29.17 -51.07
C LYS I 186 53.65 28.49 -50.91
N VAL I 187 52.95 28.30 -52.03
CA VAL I 187 51.62 27.69 -51.97
C VAL I 187 51.69 26.23 -52.42
N TYR I 188 52.14 25.98 -53.65
CA TYR I 188 52.12 24.64 -54.25
C TYR I 188 50.77 23.96 -54.05
N ASN I 189 49.70 24.75 -54.06
CA ASN I 189 48.39 24.23 -53.71
C ASN I 189 47.90 23.23 -54.76
N VAL I 190 47.21 22.20 -54.29
CA VAL I 190 46.75 21.14 -55.18
C VAL I 190 45.68 21.65 -56.14
N SER I 191 44.82 22.55 -55.68
CA SER I 191 43.70 23.01 -56.50
C SER I 191 43.37 24.44 -56.12
N GLN I 192 42.20 24.89 -56.56
CA GLN I 192 41.71 26.24 -56.32
C GLN I 192 40.29 26.17 -55.78
N ALA I 193 39.85 27.25 -55.14
CA ALA I 193 38.49 27.32 -54.62
C ALA I 193 37.49 27.14 -55.76
N SER I 194 36.50 26.28 -55.53
CA SER I 194 35.53 25.92 -56.56
C SER I 194 34.11 26.06 -56.01
N VAL I 195 33.18 26.33 -56.92
CA VAL I 195 31.77 26.44 -56.58
C VAL I 195 30.96 25.75 -57.67
N THR I 196 29.97 24.97 -57.25
CA THR I 196 29.08 24.27 -58.17
C THR I 196 27.82 25.08 -58.37
N LEU I 197 27.51 25.41 -59.62
CA LEU I 197 26.40 26.29 -59.97
C LEU I 197 25.32 25.53 -60.71
N THR I 198 24.11 26.08 -60.65
CA THR I 198 22.95 25.55 -61.36
C THR I 198 22.64 26.52 -62.50
N VAL I 199 23.30 26.32 -63.63
CA VAL I 199 23.16 27.18 -64.79
C VAL I 199 22.65 26.34 -65.96
N ASN I 200 21.56 26.79 -66.58
CA ASN I 200 20.95 26.08 -67.69
C ASN I 200 21.38 26.75 -68.99
N THR I 201 22.24 26.07 -69.75
CA THR I 201 22.62 26.56 -71.08
C THR I 201 21.40 26.60 -72.00
N ASN I 202 20.53 25.60 -71.88
CA ASN I 202 19.31 25.52 -72.69
C ASN I 202 18.11 25.40 -71.77
N GLY I 203 16.95 25.05 -72.33
CA GLY I 203 15.73 24.94 -71.56
C GLY I 203 15.81 23.96 -70.41
N VAL I 204 16.74 23.01 -70.47
CA VAL I 204 16.96 22.03 -69.41
C VAL I 204 18.11 22.51 -68.53
N GLU I 205 17.99 22.28 -67.23
CA GLU I 205 19.00 22.70 -66.28
C GLU I 205 20.19 21.73 -66.29
N SER I 206 21.30 22.18 -65.71
CA SER I 206 22.51 21.39 -65.67
C SER I 206 23.37 21.85 -64.50
N GLN I 207 24.33 21.00 -64.13
CA GLN I 207 25.28 21.29 -63.05
C GLN I 207 26.64 21.57 -63.66
N HIS I 208 27.26 22.67 -63.24
CA HIS I 208 28.56 23.08 -63.74
C HIS I 208 29.48 23.44 -62.58
N THR I 209 30.78 23.20 -62.78
CA THR I 209 31.79 23.51 -61.80
C THR I 209 32.71 24.60 -62.34
N VAL I 210 32.84 25.69 -61.59
CA VAL I 210 33.67 26.83 -62.00
C VAL I 210 34.45 27.32 -60.78
N ALA I 211 35.69 27.74 -61.01
CA ALA I 211 36.52 28.25 -59.93
C ALA I 211 35.93 29.54 -59.37
N ALA I 212 36.07 29.71 -58.06
CA ALA I 212 35.57 30.88 -57.36
C ALA I 212 36.73 31.79 -56.95
N TYR I 213 36.49 33.10 -57.02
CA TYR I 213 37.49 34.11 -56.69
C TYR I 213 37.00 34.94 -55.51
N SER I 214 37.87 35.11 -54.53
CA SER I 214 37.52 35.90 -53.35
C SER I 214 37.36 37.36 -53.71
N LEU I 215 36.41 38.02 -53.06
CA LEU I 215 36.18 39.44 -53.30
C LEU I 215 37.39 40.28 -52.89
N GLU I 216 38.12 39.85 -51.86
CA GLU I 216 39.30 40.58 -51.43
C GLU I 216 40.37 40.60 -52.51
N SER I 217 40.56 39.47 -53.20
CA SER I 217 41.55 39.41 -54.26
C SER I 217 41.20 40.38 -55.40
N LEU I 218 39.92 40.45 -55.75
CA LEU I 218 39.50 41.37 -56.80
C LEU I 218 39.67 42.82 -56.37
N THR I 219 39.18 43.16 -55.18
CA THR I 219 39.22 44.55 -54.72
C THR I 219 40.65 45.01 -54.42
N GLU I 220 41.58 44.09 -54.17
CA GLU I 220 42.95 44.49 -53.87
C GLU I 220 43.65 45.01 -55.12
N ALA I 221 43.35 44.45 -56.28
CA ALA I 221 44.03 44.78 -57.52
C ALA I 221 43.39 45.95 -58.26
N GLY I 222 42.60 46.77 -57.57
CA GLY I 222 41.99 47.92 -58.20
C GLY I 222 40.90 47.56 -59.20
N ALA I 223 39.79 47.02 -58.69
CA ALA I 223 38.70 46.53 -59.53
C ALA I 223 37.53 47.50 -59.47
N GLU I 224 37.05 47.92 -60.62
CA GLU I 224 35.81 48.68 -60.69
C GLU I 224 34.62 47.76 -60.44
N PHE I 225 33.60 48.31 -59.78
CA PHE I 225 32.42 47.54 -59.42
C PHE I 225 31.16 48.28 -59.80
N GLN I 226 30.12 47.52 -60.16
CA GLN I 226 28.80 48.08 -60.43
C GLN I 226 27.77 46.99 -60.22
N GLY I 227 26.98 47.11 -59.16
CA GLY I 227 26.02 46.08 -58.83
C GLY I 227 26.67 44.75 -58.52
N ASN I 228 26.54 43.79 -59.43
CA ASN I 228 27.15 42.48 -59.32
C ASN I 228 28.16 42.26 -60.43
N TYR I 229 28.95 43.28 -60.74
CA TYR I 229 29.95 43.22 -61.80
C TYR I 229 31.31 43.67 -61.28
N ALA I 230 32.36 43.01 -61.73
CA ALA I 230 33.74 43.37 -61.41
C ALA I 230 34.54 43.45 -62.70
N LEU I 231 35.39 44.47 -62.81
CA LEU I 231 36.19 44.73 -64.01
C LEU I 231 37.63 45.04 -63.58
N GLN I 232 38.21 44.12 -62.80
CA GLN I 232 39.58 44.29 -62.31
C GLN I 232 40.54 44.66 -63.44
N GLY I 233 40.62 43.82 -64.46
CA GLY I 233 41.44 44.10 -65.61
C GLY I 233 40.72 43.76 -66.90
N GLY I 234 41.40 43.07 -67.81
CA GLY I 234 40.73 42.56 -68.99
C GLY I 234 39.66 41.55 -68.64
N ASN I 235 39.89 40.74 -67.61
CA ASN I 235 38.90 39.77 -67.17
C ASN I 235 37.72 40.46 -66.51
N SER I 236 36.55 39.85 -66.63
CA SER I 236 35.32 40.37 -66.07
C SER I 236 34.72 39.33 -65.12
N TYR I 237 34.38 39.76 -63.91
CA TYR I 237 33.81 38.88 -62.90
C TYR I 237 32.42 39.35 -62.53
N VAL I 238 31.53 38.38 -62.27
CA VAL I 238 30.17 38.65 -61.83
C VAL I 238 29.87 37.79 -60.61
N LYS I 239 28.89 38.24 -59.84
CA LYS I 239 28.45 37.53 -58.63
C LYS I 239 27.17 36.78 -58.95
N VAL I 240 27.17 35.46 -58.72
CA VAL I 240 26.02 34.63 -59.04
C VAL I 240 25.07 34.51 -57.85
N GLU I 241 25.54 33.98 -56.71
CA GLU I 241 24.80 34.07 -55.46
C GLU I 241 25.60 34.75 -54.37
N ASN I 242 26.81 34.26 -54.07
CA ASN I 242 27.67 34.89 -53.07
C ASN I 242 29.13 34.97 -53.46
N VAL I 243 29.58 34.26 -54.49
CA VAL I 243 30.98 34.20 -54.87
C VAL I 243 31.13 34.83 -56.25
N TRP I 244 32.29 35.43 -56.48
CA TRP I 244 32.61 36.05 -57.77
C TRP I 244 33.28 35.03 -58.67
N VAL I 245 32.77 34.88 -59.89
CA VAL I 245 33.30 33.95 -60.87
C VAL I 245 33.53 34.67 -62.18
N ARG I 246 34.44 34.12 -62.98
CA ARG I 246 34.77 34.71 -64.26
C ARG I 246 33.58 34.67 -65.21
N ALA I 247 33.35 35.77 -65.91
CA ALA I 247 32.23 35.89 -66.84
C ALA I 247 32.74 36.21 -68.23
N GLU I 248 31.82 36.23 -69.19
CA GLU I 248 32.15 36.55 -70.57
C GLU I 248 30.98 37.31 -71.19
N THR I 249 31.27 37.98 -72.30
CA THR I 249 30.28 38.81 -72.95
C THR I 249 29.20 37.94 -73.61
N ALA I 250 28.11 38.59 -74.02
CA ALA I 250 27.03 37.90 -74.71
C ALA I 250 27.48 37.49 -76.11
N ALA I 251 26.68 36.63 -76.73
CA ALA I 251 26.93 36.10 -78.07
C ALA I 251 28.25 35.36 -78.16
N THR I 252 28.75 34.86 -77.03
CA THR I 252 29.96 34.06 -77.01
C THR I 252 29.74 32.62 -76.56
N GLY I 253 28.64 32.35 -75.85
CA GLY I 253 28.27 30.97 -75.53
C GLY I 253 27.49 30.34 -76.66
N ALA I 254 26.65 31.15 -77.32
CA ALA I 254 25.87 30.72 -78.48
C ALA I 254 24.96 29.53 -78.16
N THR I 255 24.45 29.47 -76.93
CA THR I 255 23.54 28.42 -76.51
C THR I 255 22.27 28.94 -75.87
N GLY I 256 22.12 30.25 -75.69
CA GLY I 256 21.00 30.77 -74.94
C GLY I 256 21.14 30.61 -73.44
N GLN I 257 22.37 30.64 -72.94
CA GLN I 257 22.61 30.44 -71.51
C GLN I 257 21.98 31.56 -70.70
N GLU I 258 21.56 31.21 -69.47
CA GLU I 258 20.93 32.18 -68.59
C GLU I 258 21.84 33.39 -68.36
N ILE I 259 21.27 34.58 -68.50
CA ILE I 259 22.06 35.81 -68.40
C ILE I 259 22.45 36.06 -66.95
N ALA I 260 23.74 36.34 -66.73
CA ALA I 260 24.21 36.61 -65.38
C ALA I 260 23.83 38.01 -64.92
N ALA I 261 24.30 39.03 -65.64
CA ALA I 261 24.00 40.41 -65.28
C ALA I 261 24.17 41.30 -66.51
N THR I 262 23.55 42.47 -66.45
CA THR I 262 23.63 43.47 -67.50
C THR I 262 24.15 44.77 -66.92
N THR I 263 25.06 45.42 -67.65
CA THR I 263 25.71 46.64 -67.18
C THR I 263 25.47 47.76 -68.18
N THR I 264 25.90 48.97 -67.79
CA THR I 264 25.81 50.14 -68.65
C THR I 264 27.19 50.79 -68.77
N ALA I 265 27.24 52.00 -69.35
CA ALA I 265 28.51 52.68 -69.53
C ALA I 265 29.22 52.92 -68.21
N ALA I 266 28.64 53.79 -67.37
CA ALA I 266 29.11 54.03 -66.01
C ALA I 266 30.62 54.26 -65.97
N GLY I 267 31.11 55.05 -66.92
CA GLY I 267 32.53 55.33 -67.00
C GLY I 267 33.26 54.45 -67.97
N THR I 268 34.12 53.57 -67.47
CA THR I 268 34.95 52.69 -68.30
C THR I 268 34.44 51.26 -68.31
N ILE I 269 33.13 51.07 -68.29
CA ILE I 269 32.52 49.74 -68.31
C ILE I 269 31.69 49.61 -69.58
N THR I 270 31.99 48.59 -70.38
CA THR I 270 31.25 48.37 -71.61
C THR I 270 29.83 47.88 -71.29
N ALA I 271 28.86 48.39 -72.03
CA ALA I 271 27.46 47.99 -71.84
C ALA I 271 27.21 46.69 -72.59
N ASP I 272 26.99 45.61 -71.85
CA ASP I 272 26.77 44.31 -72.45
C ASP I 272 26.00 43.44 -71.47
N SER I 273 25.44 42.35 -71.99
CA SER I 273 24.71 41.36 -71.19
C SER I 273 25.68 40.24 -70.86
N TRP I 274 26.40 40.40 -69.75
CA TRP I 274 27.41 39.43 -69.37
C TRP I 274 26.78 38.13 -68.90
N VAL I 275 27.44 37.02 -69.21
CA VAL I 275 26.96 35.69 -68.87
C VAL I 275 28.06 34.94 -68.15
N VAL I 276 27.67 33.98 -67.31
CA VAL I 276 28.64 33.19 -66.58
C VAL I 276 29.46 32.35 -67.55
N ASP I 277 30.79 32.45 -67.44
CA ASP I 277 31.70 31.78 -68.37
C ASP I 277 31.85 30.32 -67.93
N VAL I 278 31.12 29.43 -68.61
CA VAL I 278 31.28 28.01 -68.35
C VAL I 278 32.63 27.55 -68.87
N GLY I 279 33.39 26.86 -68.02
CA GLY I 279 34.74 26.48 -68.35
C GLY I 279 35.73 26.96 -67.31
N ASN I 280 36.97 27.22 -67.72
CA ASN I 280 38.05 27.68 -66.86
C ASN I 280 38.00 27.02 -65.48
N ALA I 281 38.01 25.69 -65.50
CA ALA I 281 37.89 24.92 -64.27
C ALA I 281 39.06 25.20 -63.34
N PRO I 282 38.87 25.04 -62.01
CA PRO I 282 39.96 25.30 -61.07
C PRO I 282 41.26 24.59 -61.43
N ALA I 283 42.28 25.38 -61.71
CA ALA I 283 43.58 24.86 -62.12
C ALA I 283 44.54 24.84 -60.93
N ALA I 284 45.47 23.89 -60.96
CA ALA I 284 46.45 23.76 -59.90
C ALA I 284 47.50 24.85 -60.01
N ASN I 285 48.30 24.99 -58.95
CA ASN I 285 49.42 25.92 -58.88
C ASN I 285 48.94 27.37 -59.11
N VAL I 286 48.11 27.83 -58.18
CA VAL I 286 47.64 29.22 -58.17
C VAL I 286 47.89 29.79 -56.77
N SER I 287 48.25 31.06 -56.71
CA SER I 287 48.60 31.68 -55.44
C SER I 287 47.42 31.67 -54.48
N ALA I 288 47.68 31.27 -53.24
CA ALA I 288 46.66 31.22 -52.21
C ALA I 288 46.53 32.60 -51.55
N GLY I 289 45.77 32.66 -50.46
CA GLY I 289 45.54 33.93 -49.78
C GLY I 289 46.74 34.48 -49.06
N GLN I 290 47.16 33.81 -47.99
CA GLN I 290 48.23 34.31 -47.13
C GLN I 290 49.18 33.16 -46.79
N SER I 291 50.40 33.53 -46.39
CA SER I 291 51.38 32.55 -45.97
C SER I 291 51.09 32.09 -44.54
N VAL I 292 51.84 31.09 -44.08
CA VAL I 292 51.65 30.55 -42.75
C VAL I 292 51.98 31.59 -41.68
N ALA I 293 53.07 32.32 -41.87
CA ALA I 293 53.50 33.29 -40.87
C ALA I 293 52.65 34.55 -40.84
N ASN I 294 51.78 34.76 -41.83
CA ASN I 294 50.97 35.97 -41.94
C ASN I 294 49.51 35.62 -42.08
N ILE I 295 49.03 34.72 -41.22
CA ILE I 295 47.63 34.27 -41.29
C ILE I 295 46.75 35.31 -40.61
N ASN I 296 45.79 35.85 -41.35
CA ASN I 296 44.82 36.81 -40.83
C ASN I 296 43.48 36.45 -41.45
N ILE I 297 42.60 35.84 -40.67
CA ILE I 297 41.40 35.22 -41.19
C ILE I 297 40.14 35.95 -40.77
N VAL I 298 40.25 37.09 -40.11
CA VAL I 298 39.06 37.80 -39.65
C VAL I 298 38.43 38.54 -40.82
N GLY I 299 37.13 38.34 -41.01
CA GLY I 299 36.43 38.91 -42.14
C GLY I 299 36.93 38.39 -43.48
N MET I 300 37.15 37.07 -43.56
CA MET I 300 37.70 36.48 -44.78
C MET I 300 36.66 36.46 -45.89
N GLY I 301 35.43 36.05 -45.59
CA GLY I 301 34.38 35.93 -46.57
C GLY I 301 34.08 34.53 -47.04
N ALA I 302 34.74 33.52 -46.47
CA ALA I 302 34.49 32.11 -46.78
C ALA I 302 34.72 31.78 -48.25
N ALA I 303 35.63 32.49 -48.91
CA ALA I 303 35.94 32.24 -50.32
C ALA I 303 37.35 31.70 -50.51
N ALA I 304 38.36 32.41 -50.01
CA ALA I 304 39.74 31.95 -50.10
C ALA I 304 40.16 31.10 -48.91
N LEU I 305 39.24 30.83 -47.97
CA LEU I 305 39.56 29.94 -46.86
C LEU I 305 39.94 28.55 -47.34
N ASP I 306 39.32 28.09 -48.43
CA ASP I 306 39.72 26.81 -49.00
C ASP I 306 41.16 26.85 -49.49
N ALA I 307 41.56 27.95 -50.14
CA ALA I 307 42.95 28.09 -50.56
C ALA I 307 43.89 28.13 -49.36
N LEU I 308 43.47 28.80 -48.28
CA LEU I 308 44.29 28.84 -47.07
C LEU I 308 44.45 27.44 -46.48
N ILE I 309 43.36 26.66 -46.45
CA ILE I 309 43.43 25.28 -45.97
C ILE I 309 44.38 24.46 -46.83
N SER I 310 44.29 24.63 -48.16
CA SER I 310 45.18 23.90 -49.05
C SER I 310 46.64 24.27 -48.81
N GLY I 311 46.92 25.56 -48.62
CA GLY I 311 48.29 25.96 -48.33
C GLY I 311 48.80 25.41 -47.01
N VAL I 312 47.95 25.43 -45.98
CA VAL I 312 48.33 24.86 -44.69
C VAL I 312 48.60 23.38 -44.81
N ASP I 313 47.75 22.66 -45.56
CA ASP I 313 47.98 21.23 -45.77
C ASP I 313 49.27 20.96 -46.52
N ALA I 314 49.58 21.79 -47.53
CA ALA I 314 50.82 21.62 -48.27
C ALA I 314 52.03 21.85 -47.36
N ALA I 315 51.96 22.88 -46.51
CA ALA I 315 53.06 23.11 -45.57
C ALA I 315 53.19 21.95 -44.59
N LEU I 316 52.08 21.41 -44.12
CA LEU I 316 52.11 20.28 -43.20
C LEU I 316 52.73 19.05 -43.86
N THR I 317 52.37 18.80 -45.12
CA THR I 317 52.95 17.67 -45.84
C THR I 317 54.44 17.86 -46.05
N ASP I 318 54.86 19.07 -46.40
CA ASP I 318 56.29 19.34 -46.58
C ASP I 318 57.06 19.13 -45.28
N MET I 319 56.50 19.59 -44.15
CA MET I 319 57.17 19.40 -42.88
C MET I 319 57.18 17.93 -42.47
N THR I 320 56.13 17.18 -42.80
CA THR I 320 56.13 15.74 -42.53
C THR I 320 57.22 15.05 -43.34
N SER I 321 57.38 15.43 -44.60
CA SER I 321 58.46 14.87 -45.42
C SER I 321 59.82 15.23 -44.84
N ALA I 322 59.97 16.48 -44.37
CA ALA I 322 61.22 16.89 -43.75
C ALA I 322 61.51 16.08 -42.49
N ALA I 323 60.50 15.82 -41.67
CA ALA I 323 60.69 15.02 -40.47
C ALA I 323 61.07 13.58 -40.82
N ALA I 324 60.44 13.02 -41.85
CA ALA I 324 60.80 11.68 -42.29
C ALA I 324 62.25 11.64 -42.78
N SER I 325 62.66 12.67 -43.52
CA SER I 325 64.06 12.75 -43.97
C SER I 325 65.01 12.85 -42.79
N LEU I 326 64.65 13.65 -41.78
CA LEU I 326 65.50 13.78 -40.60
C LEU I 326 65.61 12.45 -39.86
N GLY I 327 64.50 11.72 -39.73
CA GLY I 327 64.56 10.41 -39.11
C GLY I 327 65.42 9.44 -39.88
N SER I 328 65.32 9.47 -41.21
CA SER I 328 66.17 8.62 -42.04
C SER I 328 67.64 8.98 -41.86
N ILE I 329 67.94 10.28 -41.77
CA ILE I 329 69.32 10.72 -41.54
C ILE I 329 69.82 10.21 -40.20
N SER I 330 68.98 10.31 -39.16
CA SER I 330 69.39 9.83 -37.84
C SER I 330 69.65 8.32 -37.85
N SER I 331 68.78 7.56 -38.53
CA SER I 331 69.01 6.12 -38.64
C SER I 331 70.30 5.83 -39.39
N ARG I 332 70.57 6.60 -40.45
CA ARG I 332 71.81 6.43 -41.20
C ARG I 332 73.02 6.73 -40.33
N ILE I 333 72.94 7.77 -39.50
CA ILE I 333 74.04 8.08 -38.59
C ILE I 333 74.26 6.95 -37.59
N ASP I 334 73.17 6.38 -37.06
CA ASP I 334 73.32 5.28 -36.12
C ASP I 334 73.98 4.08 -36.79
N LEU I 335 73.53 3.73 -38.00
CA LEU I 335 74.12 2.61 -38.72
C LEU I 335 75.59 2.87 -39.04
N GLN I 336 75.90 4.10 -39.45
CA GLN I 336 77.29 4.46 -39.75
C GLN I 336 78.16 4.37 -38.51
N SER I 337 77.65 4.80 -37.36
CA SER I 337 78.43 4.70 -36.13
C SER I 337 78.68 3.25 -35.78
N GLU I 338 77.67 2.39 -35.90
CA GLU I 338 77.86 0.97 -35.62
C GLU I 338 78.89 0.36 -36.55
N PHE I 339 78.79 0.67 -37.86
CA PHE I 339 79.73 0.12 -38.82
C PHE I 339 81.16 0.63 -38.57
N VAL I 340 81.30 1.91 -38.23
CA VAL I 340 82.62 2.46 -37.94
C VAL I 340 83.22 1.81 -36.71
N ASN I 341 82.41 1.58 -35.68
CA ASN I 341 82.92 0.90 -34.49
C ASN I 341 83.36 -0.52 -34.82
N LYS I 342 82.57 -1.23 -35.63
CA LYS I 342 82.96 -2.59 -36.02
C LYS I 342 84.25 -2.58 -36.84
N LEU I 343 84.38 -1.63 -37.76
CA LEU I 343 85.58 -1.54 -38.58
C LEU I 343 86.80 -1.20 -37.74
N SER I 344 86.64 -0.29 -36.77
CA SER I 344 87.75 0.04 -35.88
C SER I 344 88.15 -1.18 -35.05
N ASP I 345 87.16 -1.94 -34.58
CA ASP I 345 87.47 -3.17 -33.85
C ASP I 345 88.25 -4.15 -34.72
N SER I 346 87.82 -4.32 -35.98
CA SER I 346 88.51 -5.24 -36.88
C SER I 346 89.94 -4.78 -37.15
N ILE I 347 90.14 -3.48 -37.37
CA ILE I 347 91.48 -2.96 -37.62
C ILE I 347 92.35 -3.14 -36.38
N GLU I 348 91.80 -2.89 -35.19
CA GLU I 348 92.58 -3.07 -33.98
C GLU I 348 92.96 -4.53 -33.78
N SER I 349 92.04 -5.45 -34.07
CA SER I 349 92.35 -6.87 -33.97
C SER I 349 93.44 -7.27 -34.96
N GLY I 350 93.38 -6.73 -36.18
CA GLY I 350 94.43 -7.01 -37.15
C GLY I 350 95.78 -6.48 -36.71
N VAL I 351 95.80 -5.27 -36.15
CA VAL I 351 97.04 -4.71 -35.63
C VAL I 351 97.59 -5.58 -34.51
N GLY I 352 96.71 -6.04 -33.61
CA GLY I 352 97.15 -6.92 -32.55
C GLY I 352 97.72 -8.23 -33.08
N ARG I 353 97.07 -8.82 -34.07
CA ARG I 353 97.58 -10.04 -34.68
C ARG I 353 98.95 -9.80 -35.32
N LEU I 354 99.13 -8.63 -35.92
CA LEU I 354 100.40 -8.33 -36.60
C LEU I 354 101.52 -8.02 -35.61
N VAL I 355 101.17 -7.46 -34.44
CA VAL I 355 102.17 -6.91 -33.54
C VAL I 355 102.34 -7.71 -32.26
N ASP I 356 101.26 -8.24 -31.69
CA ASP I 356 101.36 -8.91 -30.40
C ASP I 356 102.18 -10.19 -30.50
N ALA I 357 102.78 -10.58 -29.37
CA ALA I 357 103.57 -11.79 -29.26
C ALA I 357 103.02 -12.67 -28.15
N ASP I 358 103.00 -13.97 -28.38
CA ASP I 358 102.58 -14.91 -27.34
C ASP I 358 103.60 -14.93 -26.20
N MET I 359 103.11 -14.71 -24.98
CA MET I 359 104.03 -14.51 -23.85
C MET I 359 104.65 -15.81 -23.38
N ASN I 360 103.97 -16.94 -23.58
CA ASN I 360 104.49 -18.22 -23.12
C ASN I 360 105.79 -18.57 -23.82
N GLU I 361 105.85 -18.36 -25.14
CA GLU I 361 107.05 -18.67 -25.90
C GLU I 361 108.20 -17.76 -25.49
N GLU I 362 107.91 -16.48 -25.22
CA GLU I 362 108.93 -15.56 -24.74
C GLU I 362 109.44 -15.97 -23.36
N SER I 363 108.55 -16.45 -22.49
CA SER I 363 108.99 -16.93 -21.17
C SER I 363 109.90 -18.14 -21.31
N THR I 364 109.55 -19.06 -22.23
CA THR I 364 110.43 -20.21 -22.49
C THR I 364 111.78 -19.75 -22.99
N ARG I 365 111.81 -18.77 -23.89
CA ARG I 365 113.09 -18.25 -24.38
C ARG I 365 113.88 -17.60 -23.26
N LEU I 366 113.20 -16.87 -22.37
CA LEU I 366 113.90 -16.21 -21.26
C LEU I 366 114.56 -17.23 -20.35
N LYS I 367 113.83 -18.30 -20.00
CA LYS I 367 114.41 -19.34 -19.16
C LYS I 367 115.58 -20.03 -19.87
N ALA I 368 115.41 -20.33 -21.17
CA ALA I 368 116.48 -20.98 -21.92
C ALA I 368 117.73 -20.11 -21.98
N LEU I 369 117.54 -18.81 -22.20
CA LEU I 369 118.68 -17.90 -22.30
C LEU I 369 119.35 -17.69 -20.94
N GLN I 370 118.58 -17.67 -19.85
CA GLN I 370 119.20 -17.60 -18.53
C GLN I 370 120.06 -18.83 -18.28
N THR I 371 119.54 -20.01 -18.60
CA THR I 371 120.32 -21.23 -18.41
C THR I 371 121.56 -21.23 -19.30
N GLN I 372 121.42 -20.79 -20.54
CA GLN I 372 122.56 -20.75 -21.46
C GLN I 372 123.61 -19.77 -20.96
N GLN I 373 123.19 -18.63 -20.40
CA GLN I 373 124.13 -17.69 -19.83
C GLN I 373 124.88 -18.30 -18.66
N GLN I 374 124.17 -19.04 -17.81
CA GLN I 374 124.83 -19.69 -16.67
C GLN I 374 125.87 -20.69 -17.16
N LEU I 375 125.51 -21.53 -18.15
CA LEU I 375 126.46 -22.49 -18.69
C LEU I 375 127.65 -21.81 -19.34
N ALA I 376 127.40 -20.72 -20.09
CA ALA I 376 128.49 -20.00 -20.74
C ALA I 376 129.43 -19.39 -19.72
N ILE I 377 128.90 -18.84 -18.63
CA ILE I 377 129.73 -18.28 -17.58
C ILE I 377 130.56 -19.37 -16.92
N GLN I 378 129.96 -20.53 -16.67
CA GLN I 378 130.73 -21.63 -16.10
C GLN I 378 131.84 -22.08 -17.03
N ALA I 379 131.55 -22.17 -18.33
CA ALA I 379 132.57 -22.57 -19.29
C ALA I 379 133.69 -21.54 -19.35
N LEU I 380 133.36 -20.26 -19.30
CA LEU I 380 134.38 -19.22 -19.30
C LEU I 380 135.25 -19.30 -18.05
N SER I 381 134.64 -19.59 -16.90
CA SER I 381 135.42 -19.75 -15.67
C SER I 381 136.36 -20.94 -15.79
N ILE I 382 135.89 -22.04 -16.36
CA ILE I 382 136.75 -23.21 -16.55
C ILE I 382 137.90 -22.87 -17.49
N ALA I 383 137.60 -22.14 -18.57
CA ALA I 383 138.65 -21.76 -19.51
C ALA I 383 139.70 -20.87 -18.85
N ASN I 384 139.26 -19.92 -18.02
CA ASN I 384 140.21 -19.07 -17.30
C ASN I 384 141.05 -19.88 -16.34
N SER I 385 140.44 -20.82 -15.62
CA SER I 385 141.18 -21.64 -14.67
C SER I 385 142.10 -22.63 -15.36
N ASP I 386 141.88 -22.90 -16.64
CA ASP I 386 142.74 -23.83 -17.36
C ASP I 386 144.16 -23.29 -17.49
N SER I 387 144.31 -21.96 -17.57
CA SER I 387 145.59 -21.38 -17.94
C SER I 387 146.68 -21.65 -16.92
N GLN I 388 146.37 -21.54 -15.63
CA GLN I 388 147.42 -21.54 -14.61
C GLN I 388 147.94 -22.93 -14.26
N ASN I 389 147.48 -23.98 -14.93
CA ASN I 389 147.99 -25.32 -14.65
C ASN I 389 149.46 -25.49 -15.08
N VAL I 390 149.95 -24.62 -15.97
CA VAL I 390 151.31 -24.76 -16.49
C VAL I 390 152.36 -24.50 -15.43
N LEU I 391 151.99 -23.85 -14.32
CA LEU I 391 152.97 -23.49 -13.30
C LEU I 391 153.66 -24.70 -12.68
N SER I 392 153.04 -25.87 -12.74
CA SER I 392 153.63 -27.05 -12.12
C SER I 392 154.93 -27.46 -12.79
N LEU I 393 155.08 -27.18 -14.09
CA LEU I 393 156.30 -27.55 -14.80
C LEU I 393 157.50 -26.75 -14.31
N PHE I 394 157.30 -25.49 -13.94
CA PHE I 394 158.37 -24.62 -13.48
C PHE I 394 158.44 -24.51 -11.95
N ARG I 395 157.75 -25.41 -11.24
CA ARG I 395 157.65 -25.44 -9.77
C ARG I 395 157.66 -24.07 -9.09
N THR J 2 129.44 -7.31 -20.60
CA THR J 2 128.53 -7.00 -19.50
C THR J 2 129.07 -5.87 -18.65
N SER J 3 128.29 -4.80 -18.50
CA SER J 3 128.68 -3.62 -17.75
C SER J 3 127.78 -3.46 -16.55
N ILE J 4 128.37 -3.33 -15.35
CA ILE J 4 127.59 -3.12 -14.15
C ILE J 4 127.26 -1.65 -13.93
N LEU J 5 127.74 -0.77 -14.80
CA LEU J 5 127.43 0.66 -14.70
C LEU J 5 126.21 1.06 -15.51
N THR J 6 125.83 0.28 -16.52
CA THR J 6 124.66 0.56 -17.34
C THR J 6 123.85 -0.72 -17.51
N ASN J 7 122.55 -0.56 -17.66
CA ASN J 7 121.63 -1.70 -17.83
C ASN J 7 120.54 -1.26 -18.81
N ASN J 8 120.77 -1.48 -20.10
CA ASN J 8 119.83 -1.02 -21.13
C ASN J 8 118.46 -1.66 -20.96
N SER J 9 118.43 -2.96 -20.65
CA SER J 9 117.16 -3.64 -20.44
C SER J 9 116.40 -3.03 -19.26
N ALA J 10 117.12 -2.69 -18.19
CA ALA J 10 116.47 -2.04 -17.05
C ALA J 10 115.90 -0.69 -17.44
N MET J 11 116.62 0.07 -18.28
CA MET J 11 116.12 1.37 -18.70
C MET J 11 114.88 1.24 -19.57
N ALA J 12 114.87 0.26 -20.49
CA ALA J 12 113.68 0.03 -21.30
C ALA J 12 112.51 -0.39 -20.43
N ALA J 13 112.76 -1.26 -19.44
CA ALA J 13 111.71 -1.65 -18.51
C ALA J 13 111.20 -0.46 -17.73
N LEU J 14 112.10 0.44 -17.32
CA LEU J 14 111.70 1.64 -16.60
C LEU J 14 110.80 2.53 -17.45
N SER J 15 111.17 2.73 -18.71
CA SER J 15 110.33 3.52 -19.60
C SER J 15 108.96 2.88 -19.79
N GLY J 16 108.92 1.55 -19.96
CA GLY J 16 107.65 0.86 -20.06
C GLY J 16 106.80 1.00 -18.82
N VAL J 17 107.44 0.89 -17.65
CA VAL J 17 106.73 1.04 -16.38
C VAL J 17 106.14 2.45 -16.27
N ARG J 18 106.92 3.46 -16.64
CA ARG J 18 106.43 4.83 -16.57
C ARG J 18 105.25 5.05 -17.51
N SER J 19 105.34 4.52 -18.73
CA SER J 19 104.23 4.67 -19.67
C SER J 19 102.98 3.95 -19.17
N ILE J 20 103.13 2.74 -18.64
CA ILE J 20 101.99 2.00 -18.12
C ILE J 20 101.39 2.71 -16.91
N SER J 21 102.25 3.30 -16.07
CA SER J 21 101.74 4.04 -14.91
C SER J 21 100.95 5.26 -15.34
N SER J 22 101.43 6.00 -16.34
CA SER J 22 100.69 7.16 -16.81
C SER J 22 99.35 6.74 -17.42
N SER J 23 99.34 5.68 -18.22
CA SER J 23 98.10 5.19 -18.81
C SER J 23 97.13 4.72 -17.72
N MET J 24 97.65 4.03 -16.70
CA MET J 24 96.80 3.57 -15.62
C MET J 24 96.22 4.73 -14.83
N GLU J 25 97.03 5.77 -14.60
CA GLU J 25 96.52 6.96 -13.93
C GLU J 25 95.39 7.60 -14.72
N ASP J 26 95.57 7.72 -16.04
CA ASP J 26 94.53 8.31 -16.87
C ASP J 26 93.25 7.48 -16.82
N THR J 27 93.38 6.17 -17.04
CA THR J 27 92.20 5.30 -17.04
C THR J 27 91.56 5.21 -15.67
N GLN J 28 92.35 5.34 -14.60
CA GLN J 28 91.79 5.23 -13.26
C GLN J 28 91.04 6.49 -12.88
N SER J 29 91.55 7.66 -13.26
CA SER J 29 90.74 8.87 -13.14
C SER J 29 89.47 8.76 -13.97
N ARG J 30 89.59 8.18 -15.17
CA ARG J 30 88.44 8.00 -16.05
C ARG J 30 87.37 7.14 -15.40
N ILE J 31 87.78 6.04 -14.77
CA ILE J 31 86.82 5.14 -14.13
C ILE J 31 86.30 5.74 -12.83
N SER J 32 87.10 6.58 -12.17
CA SER J 32 86.66 7.18 -10.91
C SER J 32 85.57 8.22 -11.16
N SER J 33 85.76 9.09 -12.14
CA SER J 33 84.88 10.24 -12.30
C SER J 33 84.08 10.22 -13.60
N GLY J 34 84.16 9.15 -14.38
CA GLY J 34 83.58 9.21 -15.72
C GLY J 34 84.28 10.28 -16.54
N LEU J 35 83.49 11.07 -17.27
CA LEU J 35 83.99 12.26 -17.96
C LEU J 35 85.15 11.91 -18.91
N ARG J 36 84.81 11.20 -19.99
CA ARG J 36 85.80 10.86 -20.99
C ARG J 36 86.59 12.10 -21.42
N VAL J 37 85.90 13.22 -21.57
CA VAL J 37 86.55 14.52 -21.67
C VAL J 37 86.42 15.17 -20.29
N GLY J 38 87.39 14.89 -19.42
CA GLY J 38 87.32 15.30 -18.04
C GLY J 38 87.93 16.65 -17.73
N SER J 39 88.87 17.08 -18.55
CA SER J 39 89.56 18.35 -18.33
C SER J 39 90.01 18.91 -19.67
N ALA J 40 90.58 20.12 -19.63
CA ALA J 40 91.09 20.73 -20.84
C ALA J 40 92.31 19.99 -21.38
N SER J 41 92.97 19.17 -20.57
CA SER J 41 94.06 18.33 -21.07
C SER J 41 93.56 17.31 -22.08
N ASP J 42 92.26 16.99 -22.07
CA ASP J 42 91.65 16.16 -23.09
C ASP J 42 91.37 17.02 -24.33
N ASN J 43 90.56 16.51 -25.24
CA ASN J 43 90.20 17.27 -26.43
C ASN J 43 89.59 18.62 -26.05
N ALA J 44 90.31 19.71 -26.36
CA ALA J 44 89.91 21.02 -25.88
C ALA J 44 88.59 21.47 -26.49
N ALA J 45 88.38 21.21 -27.78
CA ALA J 45 87.16 21.66 -28.45
C ALA J 45 85.92 21.02 -27.82
N TYR J 46 85.96 19.72 -27.57
CA TYR J 46 84.83 19.05 -26.96
C TYR J 46 84.60 19.53 -25.53
N TRP J 47 85.67 19.81 -24.80
CA TRP J 47 85.53 20.34 -23.45
C TRP J 47 84.85 21.70 -23.47
N SER J 48 85.26 22.57 -24.41
CA SER J 48 84.63 23.88 -24.51
C SER J 48 83.17 23.78 -24.91
N ILE J 49 82.86 22.88 -25.85
CA ILE J 49 81.47 22.68 -26.26
C ILE J 49 80.64 22.19 -25.09
N ALA J 50 81.18 21.25 -24.30
CA ALA J 50 80.46 20.74 -23.14
C ALA J 50 80.22 21.84 -22.12
N THR J 51 81.22 22.69 -21.89
CA THR J 51 81.04 23.79 -20.94
C THR J 51 79.96 24.75 -21.43
N THR J 52 79.98 25.08 -22.71
CA THR J 52 78.97 25.99 -23.26
C THR J 52 77.58 25.40 -23.15
N MET J 53 77.43 24.10 -23.45
CA MET J 53 76.12 23.47 -23.35
C MET J 53 75.66 23.35 -21.91
N ARG J 54 76.57 23.13 -20.97
CA ARG J 54 76.17 23.12 -19.57
C ARG J 54 75.67 24.50 -19.13
N SER J 55 76.36 25.55 -19.57
CA SER J 55 75.87 26.90 -19.28
C SER J 55 74.50 27.14 -19.88
N ASP J 56 74.31 26.69 -21.13
CA ASP J 56 73.01 26.85 -21.78
C ASP J 56 71.92 26.08 -21.06
N ASN J 57 72.26 24.88 -20.55
CA ASN J 57 71.28 24.09 -19.81
C ASN J 57 70.90 24.77 -18.50
N GLN J 58 71.87 25.35 -17.80
CA GLN J 58 71.55 26.11 -16.59
C GLN J 58 70.63 27.29 -16.92
N ALA J 59 70.94 28.01 -18.00
CA ALA J 59 70.08 29.10 -18.43
C ALA J 59 68.68 28.61 -18.75
N LEU J 60 68.58 27.46 -19.42
CA LEU J 60 67.27 26.91 -19.77
C LEU J 60 66.48 26.53 -18.53
N SER J 61 67.15 26.00 -17.51
CA SER J 61 66.47 25.72 -16.24
C SER J 61 65.96 27.00 -15.61
N ALA J 62 66.75 28.07 -15.68
CA ALA J 62 66.28 29.37 -15.17
C ALA J 62 65.05 29.84 -15.94
N VAL J 63 65.05 29.68 -17.26
CA VAL J 63 63.89 30.05 -18.05
C VAL J 63 62.69 29.20 -17.68
N GLN J 64 62.91 27.93 -17.37
CA GLN J 64 61.80 27.07 -16.95
C GLN J 64 61.19 27.56 -15.64
N ASP J 65 62.03 27.97 -14.69
CA ASP J 65 61.52 28.53 -13.45
C ASP J 65 60.74 29.81 -13.72
N ALA J 66 61.26 30.68 -14.59
CA ALA J 66 60.55 31.90 -14.94
C ALA J 66 59.22 31.60 -15.60
N LEU J 67 59.18 30.56 -16.44
CA LEU J 67 57.93 30.15 -17.09
C LEU J 67 56.92 29.67 -16.06
N GLY J 68 57.37 28.92 -15.06
CA GLY J 68 56.47 28.52 -13.99
C GLY J 68 55.91 29.71 -13.24
N LEU J 69 56.76 30.68 -12.93
CA LEU J 69 56.29 31.90 -12.26
C LEU J 69 55.26 32.64 -13.11
N GLY J 70 55.55 32.78 -14.40
CA GLY J 70 54.61 33.45 -15.29
C GLY J 70 53.29 32.71 -15.41
N ALA J 71 53.35 31.37 -15.44
CA ALA J 71 52.14 30.57 -15.48
C ALA J 71 51.29 30.80 -14.23
N ALA J 72 51.94 30.87 -13.06
CA ALA J 72 51.21 31.17 -11.83
C ALA J 72 50.55 32.53 -11.91
N LYS J 73 51.28 33.54 -12.40
CA LYS J 73 50.69 34.87 -12.52
C LYS J 73 49.50 34.87 -13.47
N VAL J 74 49.62 34.18 -14.61
CA VAL J 74 48.54 34.12 -15.58
C VAL J 74 47.34 33.40 -14.99
N ASP J 75 47.56 32.34 -14.22
CA ASP J 75 46.46 31.62 -13.60
C ASP J 75 45.71 32.52 -12.62
N THR J 76 46.44 33.27 -11.80
CA THR J 76 45.80 34.19 -10.86
C THR J 76 44.99 35.25 -11.61
N ALA J 77 45.59 35.83 -12.65
CA ALA J 77 44.90 36.87 -13.41
C ALA J 77 43.65 36.31 -14.08
N TYR J 78 43.72 35.08 -14.60
CA TYR J 78 42.56 34.49 -15.25
C TYR J 78 41.46 34.16 -14.25
N SER J 79 41.83 33.74 -13.04
CA SER J 79 40.81 33.51 -12.01
C SER J 79 40.10 34.81 -11.68
N GLY J 80 40.86 35.90 -11.52
CA GLY J 80 40.24 37.20 -11.33
C GLY J 80 39.34 37.59 -12.49
N MET J 81 39.77 37.27 -13.72
CA MET J 81 38.99 37.59 -14.90
C MET J 81 37.67 36.83 -14.91
N GLU J 82 37.70 35.54 -14.54
CA GLU J 82 36.46 34.77 -14.46
C GLU J 82 35.52 35.32 -13.41
N SER J 83 36.07 35.72 -12.25
CA SER J 83 35.23 36.33 -11.24
C SER J 83 34.58 37.60 -11.76
N ALA J 84 35.35 38.42 -12.48
CA ALA J 84 34.79 39.64 -13.07
C ALA J 84 33.71 39.32 -14.10
N ILE J 85 33.93 38.30 -14.92
CA ILE J 85 32.92 37.88 -15.89
C ILE J 85 31.62 37.51 -15.18
N GLU J 86 31.72 36.71 -14.12
CA GLU J 86 30.51 36.29 -13.41
C GLU J 86 29.78 37.49 -12.80
N VAL J 87 30.53 38.40 -12.17
CA VAL J 87 29.90 39.55 -11.53
C VAL J 87 29.23 40.44 -12.57
N VAL J 88 29.90 40.65 -13.71
CA VAL J 88 29.33 41.51 -14.75
C VAL J 88 28.11 40.88 -15.37
N LYS J 89 28.12 39.55 -15.54
CA LYS J 89 26.91 38.87 -16.04
C LYS J 89 25.76 39.04 -15.06
N GLU J 90 26.03 38.94 -13.76
CA GLU J 90 24.99 39.17 -12.77
C GLU J 90 24.46 40.61 -12.85
N ILE J 91 25.37 41.58 -13.04
CA ILE J 91 24.96 42.97 -13.16
C ILE J 91 24.06 43.15 -14.39
N LYS J 92 24.44 42.54 -15.51
CA LYS J 92 23.64 42.67 -16.72
C LYS J 92 22.27 42.04 -16.54
N ALA J 93 22.19 40.88 -15.88
CA ALA J 93 20.90 40.27 -15.60
C ALA J 93 20.05 41.17 -14.72
N LYS J 94 20.66 41.78 -13.69
CA LYS J 94 19.92 42.69 -12.83
C LYS J 94 19.40 43.89 -13.61
N LEU J 95 20.23 44.44 -14.50
CA LEU J 95 19.79 45.57 -15.31
C LEU J 95 18.66 45.20 -16.25
N VAL J 96 18.73 44.01 -16.86
CA VAL J 96 17.66 43.55 -17.73
C VAL J 96 16.38 43.39 -16.93
N ALA J 97 16.47 42.87 -15.71
CA ALA J 97 15.29 42.83 -14.84
C ALA J 97 14.82 44.23 -14.48
N ALA J 98 15.73 45.20 -14.46
CA ALA J 98 15.41 46.55 -14.03
C ALA J 98 14.62 47.36 -15.06
N THR J 99 14.65 46.96 -16.33
CA THR J 99 13.95 47.73 -17.35
C THR J 99 12.44 47.66 -17.16
N GLU J 100 11.96 46.71 -16.36
CA GLU J 100 10.55 46.67 -16.02
C GLU J 100 10.19 47.90 -15.19
N ASP J 101 9.21 48.66 -15.68
CA ASP J 101 8.91 49.94 -15.05
C ASP J 101 8.22 49.76 -13.70
N GLY J 102 7.47 48.68 -13.53
CA GLY J 102 6.81 48.42 -12.26
C GLY J 102 7.74 48.05 -11.14
N VAL J 103 8.95 47.58 -11.46
CA VAL J 103 9.93 47.19 -10.45
C VAL J 103 10.62 48.44 -9.92
N ASP J 104 10.67 48.56 -8.59
CA ASP J 104 11.39 49.66 -7.97
C ASP J 104 12.88 49.57 -8.29
N LYS J 105 13.50 50.73 -8.49
CA LYS J 105 14.88 50.80 -8.92
C LYS J 105 15.87 51.03 -7.78
N ALA J 106 15.40 51.39 -6.59
CA ALA J 106 16.31 51.66 -5.49
C ALA J 106 17.01 50.38 -5.02
N LYS J 107 16.23 49.32 -4.78
CA LYS J 107 16.80 48.06 -4.31
C LYS J 107 17.84 47.54 -5.29
N ILE J 108 17.51 47.56 -6.58
CA ILE J 108 18.49 47.23 -7.61
C ILE J 108 19.66 48.19 -7.55
N GLN J 109 19.43 49.44 -7.09
CA GLN J 109 20.53 50.39 -7.01
C GLN J 109 21.57 49.96 -5.98
N GLU J 110 21.14 49.58 -4.77
CA GLU J 110 22.18 49.13 -3.84
C GLU J 110 22.72 47.75 -4.24
N GLU J 111 21.91 46.93 -4.94
CA GLU J 111 22.44 45.68 -5.46
C GLU J 111 23.61 45.93 -6.41
N ILE J 112 23.42 46.87 -7.35
CA ILE J 112 24.49 47.21 -8.29
C ILE J 112 25.65 47.87 -7.57
N THR J 113 25.39 48.67 -6.53
CA THR J 113 26.49 49.25 -5.76
C THR J 113 27.35 48.18 -5.11
N GLN J 114 26.69 47.17 -4.50
CA GLN J 114 27.42 46.07 -3.89
C GLN J 114 28.20 45.29 -4.95
N LEU J 115 27.60 45.08 -6.11
CA LEU J 115 28.29 44.36 -7.17
C LEU J 115 29.49 45.15 -7.69
N LYS J 116 29.38 46.48 -7.76
CA LYS J 116 30.51 47.30 -8.17
C LYS J 116 31.64 47.25 -7.14
N ASP J 117 31.30 47.28 -5.85
CA ASP J 117 32.32 47.11 -4.83
C ASP J 117 32.98 45.74 -4.94
N GLN J 118 32.19 44.71 -5.24
CA GLN J 118 32.75 43.38 -5.46
C GLN J 118 33.70 43.38 -6.65
N LEU J 119 33.34 44.06 -7.73
CA LEU J 119 34.22 44.16 -8.90
C LEU J 119 35.53 44.85 -8.55
N THR J 120 35.45 45.93 -7.77
CA THR J 120 36.66 46.62 -7.34
C THR J 120 37.55 45.71 -6.49
N SER J 121 36.93 44.95 -5.59
CA SER J 121 37.69 44.01 -4.77
C SER J 121 38.35 42.94 -5.63
N ILE J 122 37.64 42.43 -6.64
CA ILE J 122 38.22 41.46 -7.56
C ILE J 122 39.41 42.07 -8.28
N ALA J 123 39.25 43.31 -8.76
CA ALA J 123 40.31 43.95 -9.53
C ALA J 123 41.56 44.18 -8.70
N ASP J 124 41.41 44.64 -7.44
CA ASP J 124 42.59 44.98 -6.66
C ASP J 124 43.19 43.78 -5.93
N ALA J 125 42.38 42.80 -5.54
CA ALA J 125 42.90 41.68 -4.75
C ALA J 125 43.65 40.67 -5.60
N ALA J 126 43.26 40.49 -6.86
CA ALA J 126 43.81 39.43 -7.69
C ALA J 126 45.21 39.81 -8.15
N SER J 127 46.18 39.57 -7.27
CA SER J 127 47.59 39.81 -7.55
C SER J 127 48.41 38.66 -7.01
N PHE J 128 49.53 38.38 -7.66
CA PHE J 128 50.41 37.29 -7.25
C PHE J 128 51.68 37.79 -6.57
N SER J 129 52.46 38.64 -7.24
CA SER J 129 53.72 39.12 -6.69
C SER J 129 53.90 40.60 -7.01
N GLY J 130 52.81 41.37 -6.94
CA GLY J 130 52.83 42.77 -7.25
C GLY J 130 52.50 43.09 -8.70
N GLU J 131 52.57 42.11 -9.60
CA GLU J 131 52.19 42.27 -10.99
C GLU J 131 50.87 41.55 -11.19
N ASN J 132 49.77 42.25 -10.91
CA ASN J 132 48.43 41.69 -11.02
C ASN J 132 47.93 41.61 -12.45
N TRP J 133 48.64 42.20 -13.41
CA TRP J 133 48.24 42.26 -14.81
C TRP J 133 46.89 42.94 -14.99
N LEU J 134 46.42 43.66 -13.98
CA LEU J 134 45.18 44.41 -14.01
C LEU J 134 45.39 45.73 -13.29
N GLN J 135 44.44 46.65 -13.46
CA GLN J 135 44.50 47.96 -12.83
C GLN J 135 45.79 48.69 -13.16
N ALA J 136 46.27 48.49 -14.39
CA ALA J 136 47.51 49.13 -14.80
C ALA J 136 47.31 50.63 -15.01
N ASP J 137 48.42 51.35 -15.05
CA ASP J 137 48.40 52.80 -15.23
C ASP J 137 48.43 53.11 -16.72
N LEU J 138 47.37 53.72 -17.23
CA LEU J 138 47.25 54.04 -18.65
C LEU J 138 47.57 55.50 -18.95
N SER J 139 48.50 56.09 -18.20
CA SER J 139 48.93 57.46 -18.51
C SER J 139 49.59 57.52 -19.88
N GLY J 140 50.44 56.56 -20.19
CA GLY J 140 51.03 56.46 -21.51
C GLY J 140 50.16 55.72 -22.49
N GLY J 141 49.27 54.88 -21.96
CA GLY J 141 48.32 54.15 -22.77
C GLY J 141 48.87 52.95 -23.51
N ALA J 142 50.13 52.58 -23.28
CA ALA J 142 50.74 51.46 -23.99
C ALA J 142 51.57 50.61 -23.03
N VAL J 143 51.02 50.32 -21.86
CA VAL J 143 51.73 49.49 -20.89
C VAL J 143 51.77 48.05 -21.39
N THR J 144 52.93 47.42 -21.31
CA THR J 144 53.14 46.07 -21.81
C THR J 144 53.89 45.25 -20.77
N LYS J 145 53.39 44.05 -20.49
CA LYS J 145 54.03 43.13 -19.56
C LYS J 145 54.45 41.87 -20.31
N SER J 146 55.57 41.29 -19.87
CA SER J 146 56.19 40.18 -20.59
C SER J 146 56.53 39.05 -19.63
N VAL J 147 56.60 37.84 -20.20
CA VAL J 147 56.98 36.64 -19.48
C VAL J 147 58.16 36.01 -20.20
N VAL J 148 59.20 35.65 -19.44
CA VAL J 148 60.40 35.06 -20.04
C VAL J 148 60.02 33.74 -20.70
N GLY J 149 60.21 33.66 -22.01
CA GLY J 149 59.79 32.50 -22.77
C GLY J 149 60.87 31.46 -23.01
N SER J 150 62.01 31.88 -23.54
CA SER J 150 63.06 30.93 -23.89
C SER J 150 64.39 31.66 -23.98
N PHE J 151 65.47 30.90 -23.79
CA PHE J 151 66.82 31.40 -23.93
C PHE J 151 67.36 30.94 -25.28
N VAL J 152 67.67 31.90 -26.15
CA VAL J 152 68.05 31.63 -27.53
C VAL J 152 69.47 32.09 -27.75
N ARG J 153 70.32 31.20 -28.24
CA ARG J 153 71.68 31.53 -28.64
C ARG J 153 71.72 31.62 -30.17
N ASP J 154 72.02 32.80 -30.68
CA ASP J 154 72.03 33.01 -32.11
C ASP J 154 73.21 32.30 -32.77
N GLY J 155 73.12 32.12 -34.09
CA GLY J 155 74.16 31.41 -34.81
C GLY J 155 75.50 32.12 -34.79
N SER J 156 75.48 33.46 -34.83
CA SER J 156 76.71 34.24 -34.90
C SER J 156 77.22 34.60 -33.50
N GLY J 157 77.35 33.59 -32.65
CA GLY J 157 77.91 33.79 -31.31
C GLY J 157 77.19 34.82 -30.47
N SER J 158 75.86 34.80 -30.48
CA SER J 158 75.05 35.77 -29.75
C SER J 158 74.09 35.04 -28.82
N VAL J 159 73.78 35.69 -27.70
CA VAL J 159 72.84 35.16 -26.71
C VAL J 159 71.81 36.23 -26.39
N ALA J 160 70.56 35.81 -26.23
CA ALA J 160 69.48 36.73 -25.90
C ALA J 160 68.38 35.95 -25.20
N VAL J 161 67.48 36.69 -24.56
CA VAL J 161 66.35 36.11 -23.84
C VAL J 161 65.07 36.56 -24.53
N LYS J 162 64.25 35.58 -24.92
CA LYS J 162 62.98 35.86 -25.58
C LYS J 162 61.85 35.94 -24.55
N LYS J 163 60.92 36.85 -24.78
CA LYS J 163 59.81 37.08 -23.88
C LYS J 163 58.49 37.09 -24.64
N VAL J 164 57.43 36.70 -23.97
CA VAL J 164 56.09 36.68 -24.53
C VAL J 164 55.35 37.92 -24.01
N ASP J 165 54.87 38.74 -24.94
CA ASP J 165 54.28 40.03 -24.59
C ASP J 165 52.78 39.92 -24.44
N TYR J 166 52.23 40.73 -23.52
CA TYR J 166 50.81 40.84 -23.30
C TYR J 166 50.45 42.31 -23.19
N SER J 167 49.39 42.72 -23.89
CA SER J 167 49.01 44.13 -23.99
C SER J 167 47.87 44.44 -23.03
N LEU J 168 47.95 45.60 -22.39
CA LEU J 168 46.94 46.09 -21.47
C LEU J 168 46.46 47.48 -21.88
N ASN J 169 46.37 47.71 -23.19
CA ASN J 169 46.15 49.06 -23.70
C ASN J 169 44.82 49.67 -23.27
N ALA J 170 43.70 49.13 -23.74
CA ALA J 170 42.41 49.69 -23.40
C ALA J 170 41.30 48.66 -23.24
N ASN J 171 41.60 47.36 -23.36
CA ASN J 171 40.57 46.33 -23.32
C ASN J 171 40.85 45.22 -22.33
N SER J 172 42.00 45.25 -21.64
CA SER J 172 42.33 44.21 -20.67
C SER J 172 42.98 44.80 -19.42
N VAL J 173 42.59 46.01 -19.03
CA VAL J 173 43.23 46.69 -17.92
C VAL J 173 42.42 46.64 -16.62
N LEU J 174 41.09 46.56 -16.70
CA LEU J 174 40.28 46.33 -15.51
C LEU J 174 40.47 47.39 -14.43
N PHE J 175 39.86 48.58 -14.63
CA PHE J 175 39.98 49.71 -13.72
C PHE J 175 41.36 50.33 -13.71
N ASP J 176 41.75 50.92 -14.84
CA ASP J 176 42.92 51.80 -14.91
C ASP J 176 42.98 52.72 -13.69
N THR J 177 44.18 52.80 -13.10
CA THR J 177 44.33 53.46 -11.81
C THR J 177 44.10 54.97 -11.91
N VAL J 178 44.74 55.63 -12.88
CA VAL J 178 44.81 57.09 -12.92
C VAL J 178 43.86 57.66 -13.96
N GLY J 179 44.00 57.24 -15.23
CA GLY J 179 43.26 57.87 -16.31
C GLY J 179 41.77 57.62 -16.28
N ASP J 180 41.32 56.57 -15.59
CA ASP J 180 39.91 56.19 -15.55
C ASP J 180 39.33 56.04 -16.95
N THR J 181 40.12 55.41 -17.83
CA THR J 181 39.73 55.18 -19.21
C THR J 181 39.85 53.70 -19.57
N GLY J 182 39.75 52.83 -18.57
CA GLY J 182 39.90 51.40 -18.79
C GLY J 182 38.67 50.75 -19.37
N ILE J 183 38.72 49.42 -19.42
CA ILE J 183 37.59 48.65 -19.95
C ILE J 183 36.34 48.90 -19.11
N LEU J 184 36.52 49.02 -17.80
CA LEU J 184 35.46 49.49 -16.91
C LEU J 184 35.74 50.92 -16.49
N ASP J 185 34.74 51.53 -15.86
CA ASP J 185 34.81 52.93 -15.41
C ASP J 185 35.11 53.86 -16.59
N LYS J 186 34.46 53.59 -17.73
CA LYS J 186 34.48 54.51 -18.86
C LYS J 186 33.24 54.27 -19.70
N VAL J 187 32.84 55.29 -20.44
CA VAL J 187 31.60 55.28 -21.20
C VAL J 187 31.83 54.64 -22.56
N TYR J 188 30.84 53.89 -23.02
CA TYR J 188 30.89 53.22 -24.32
C TYR J 188 29.87 53.85 -25.25
N ASN J 189 30.31 54.23 -26.45
CA ASN J 189 29.39 54.74 -27.45
C ASN J 189 28.47 53.63 -27.93
N VAL J 190 27.19 53.96 -28.08
CA VAL J 190 26.16 53.00 -28.48
C VAL J 190 25.43 53.58 -29.68
N SER J 191 25.76 53.11 -30.88
CA SER J 191 25.08 53.53 -32.09
C SER J 191 25.06 52.37 -33.06
N GLN J 192 24.07 52.39 -33.96
CA GLN J 192 23.79 51.21 -34.78
C GLN J 192 24.84 50.97 -35.84
N ALA J 193 25.33 52.03 -36.50
CA ALA J 193 26.13 51.90 -37.70
C ALA J 193 27.46 52.66 -37.55
N SER J 194 28.15 52.44 -36.43
CA SER J 194 29.43 53.08 -36.20
C SER J 194 30.42 52.07 -35.66
N VAL J 195 31.69 52.47 -35.66
CA VAL J 195 32.78 51.66 -35.13
C VAL J 195 33.69 52.57 -34.32
N THR J 196 34.17 52.06 -33.18
CA THR J 196 35.11 52.79 -32.34
C THR J 196 36.52 52.44 -32.79
N LEU J 197 37.22 53.40 -33.38
CA LEU J 197 38.55 53.20 -33.91
C LEU J 197 39.56 54.01 -33.11
N THR J 198 40.74 53.43 -32.90
CA THR J 198 41.83 54.12 -32.21
C THR J 198 42.83 54.63 -33.25
N VAL J 199 43.08 55.94 -33.22
CA VAL J 199 44.04 56.59 -34.10
C VAL J 199 44.86 57.56 -33.26
N ASN J 200 46.17 57.60 -33.50
CA ASN J 200 47.06 58.46 -32.75
C ASN J 200 47.24 59.79 -33.47
N THR J 201 47.10 60.89 -32.74
CA THR J 201 47.27 62.22 -33.28
C THR J 201 48.41 62.90 -32.53
N ASN J 202 49.38 63.42 -33.28
CA ASN J 202 50.56 64.08 -32.72
C ASN J 202 51.33 63.17 -31.77
N GLY J 203 51.29 61.86 -32.04
CA GLY J 203 52.04 60.89 -31.25
C GLY J 203 51.33 60.32 -30.05
N VAL J 204 50.11 60.76 -29.76
CA VAL J 204 49.34 60.26 -28.63
C VAL J 204 48.05 59.63 -29.17
N GLU J 205 47.73 58.43 -28.69
CA GLU J 205 46.58 57.69 -29.18
C GLU J 205 45.30 58.21 -28.55
N SER J 206 44.19 57.98 -29.26
CA SER J 206 42.87 58.35 -28.78
C SER J 206 41.84 57.48 -29.48
N GLN J 207 40.65 57.41 -28.91
CA GLN J 207 39.56 56.60 -29.44
C GLN J 207 38.46 57.53 -29.93
N HIS J 208 38.08 57.37 -31.20
CA HIS J 208 37.04 58.19 -31.82
C HIS J 208 35.96 57.30 -32.39
N THR J 209 34.71 57.73 -32.25
CA THR J 209 33.55 57.02 -32.79
C THR J 209 33.17 57.62 -34.13
N VAL J 210 33.19 56.80 -35.17
CA VAL J 210 32.88 57.23 -36.53
C VAL J 210 31.98 56.19 -37.17
N ALA J 211 31.13 56.65 -38.09
CA ALA J 211 30.20 55.76 -38.76
C ALA J 211 30.94 54.77 -39.66
N ALA J 212 30.35 53.59 -39.81
CA ALA J 212 30.91 52.53 -40.64
C ALA J 212 29.94 52.17 -41.75
N TYR J 213 30.49 51.84 -42.92
CA TYR J 213 29.70 51.55 -44.11
C TYR J 213 30.01 50.13 -44.58
N SER J 214 28.95 49.39 -44.92
CA SER J 214 29.12 48.00 -45.34
C SER J 214 29.70 47.93 -46.74
N LEU J 215 30.42 46.84 -46.99
CA LEU J 215 31.04 46.63 -48.31
C LEU J 215 29.98 46.36 -49.38
N GLU J 216 28.88 45.70 -49.02
CA GLU J 216 27.84 45.40 -49.99
C GLU J 216 27.23 46.67 -50.56
N SER J 217 26.95 47.65 -49.70
CA SER J 217 26.41 48.92 -50.17
C SER J 217 27.39 49.64 -51.08
N LEU J 218 28.68 49.62 -50.73
CA LEU J 218 29.69 50.26 -51.55
C LEU J 218 29.78 49.63 -52.93
N THR J 219 29.77 48.29 -52.99
CA THR J 219 29.88 47.63 -54.28
C THR J 219 28.57 47.70 -55.06
N GLU J 220 27.43 47.89 -54.40
CA GLU J 220 26.17 48.06 -55.11
C GLU J 220 26.04 49.46 -55.70
N ALA J 221 26.57 50.47 -54.99
CA ALA J 221 26.45 51.85 -55.45
C ALA J 221 27.31 52.13 -56.69
N GLY J 222 28.24 51.25 -57.03
CA GLY J 222 29.09 51.46 -58.18
C GLY J 222 30.38 52.17 -57.83
N ALA J 223 31.08 51.68 -56.82
CA ALA J 223 32.31 52.28 -56.34
C ALA J 223 33.52 51.63 -56.99
N GLU J 224 34.57 52.42 -57.17
CA GLU J 224 35.84 51.94 -57.69
C GLU J 224 36.81 51.79 -56.54
N PHE J 225 37.38 50.60 -56.40
CA PHE J 225 38.25 50.27 -55.28
C PHE J 225 39.70 50.21 -55.73
N GLN J 226 40.60 50.35 -54.76
CA GLN J 226 42.03 50.20 -55.01
C GLN J 226 42.71 49.88 -53.67
N GLY J 227 43.20 48.66 -53.54
CA GLY J 227 43.83 48.27 -52.29
C GLY J 227 42.83 48.34 -51.14
N ASN J 228 43.15 49.15 -50.15
CA ASN J 228 42.26 49.42 -49.03
C ASN J 228 41.51 50.73 -49.19
N TYR J 229 41.51 51.29 -50.39
CA TYR J 229 40.85 52.57 -50.67
C TYR J 229 39.69 52.36 -51.63
N ALA J 230 38.66 53.19 -51.47
CA ALA J 230 37.47 53.13 -52.31
C ALA J 230 37.08 54.53 -52.74
N LEU J 231 36.35 54.60 -53.85
CA LEU J 231 35.85 55.89 -54.36
C LEU J 231 34.47 55.63 -54.96
N GLN J 232 33.43 55.92 -54.19
CA GLN J 232 32.05 55.78 -54.66
C GLN J 232 31.60 56.96 -55.51
N GLY J 233 32.36 58.05 -55.51
CA GLY J 233 31.95 59.26 -56.19
C GLY J 233 32.55 60.49 -55.53
N GLY J 234 31.71 61.43 -55.11
CA GLY J 234 32.18 62.58 -54.38
C GLY J 234 32.72 62.26 -53.00
N ASN J 235 32.53 61.03 -52.53
CA ASN J 235 33.01 60.60 -51.22
C ASN J 235 34.08 59.52 -51.39
N SER J 236 35.00 59.48 -50.46
CA SER J 236 36.10 58.52 -50.46
C SER J 236 36.09 57.71 -49.18
N TYR J 237 36.53 56.45 -49.28
CA TYR J 237 36.53 55.54 -48.15
C TYR J 237 37.86 54.82 -48.07
N VAL J 238 38.27 54.47 -46.85
CA VAL J 238 39.51 53.75 -46.60
C VAL J 238 39.21 52.55 -45.72
N LYS J 239 39.94 51.46 -45.93
CA LYS J 239 39.76 50.24 -45.15
C LYS J 239 40.82 50.17 -44.06
N VAL J 240 40.63 51.00 -43.02
CA VAL J 240 41.52 50.96 -41.87
C VAL J 240 41.36 49.65 -41.11
N GLU J 241 40.12 49.16 -40.99
CA GLU J 241 39.83 47.87 -40.38
C GLU J 241 38.80 47.15 -41.23
N ASN J 242 38.21 46.09 -40.67
CA ASN J 242 37.27 45.27 -41.43
C ASN J 242 36.04 46.04 -41.89
N VAL J 243 35.77 47.21 -41.33
CA VAL J 243 34.66 48.05 -41.73
C VAL J 243 35.21 49.26 -42.49
N TRP J 244 34.49 49.67 -43.53
CA TRP J 244 34.90 50.80 -44.35
C TRP J 244 34.39 52.10 -43.74
N VAL J 245 35.23 53.13 -43.81
CA VAL J 245 34.94 54.42 -43.17
C VAL J 245 35.31 55.54 -44.12
N ARG J 246 34.50 56.60 -44.12
CA ARG J 246 34.81 57.79 -44.92
C ARG J 246 36.10 58.44 -44.42
N ALA J 247 36.86 59.01 -45.37
CA ALA J 247 38.16 59.57 -45.07
C ALA J 247 38.29 60.96 -45.68
N GLU J 248 39.17 61.76 -45.09
CA GLU J 248 39.52 63.08 -45.59
C GLU J 248 40.77 62.98 -46.46
N THR J 249 40.87 63.87 -47.45
CA THR J 249 41.92 63.75 -48.45
C THR J 249 43.31 63.85 -47.86
N ALA J 250 43.67 65.04 -47.35
CA ALA J 250 44.97 65.29 -46.74
C ALA J 250 44.99 66.74 -46.27
N ALA J 251 45.88 67.03 -45.33
CA ALA J 251 46.15 68.38 -44.84
C ALA J 251 44.89 69.08 -44.32
N THR J 252 43.82 68.32 -44.07
CA THR J 252 42.60 68.93 -43.53
C THR J 252 42.70 69.10 -42.02
N GLY J 253 42.99 68.01 -41.30
CA GLY J 253 43.20 68.10 -39.88
C GLY J 253 44.46 68.86 -39.50
N ALA J 254 45.52 68.71 -40.30
CA ALA J 254 46.80 69.38 -40.06
C ALA J 254 47.33 69.07 -38.66
N THR J 255 47.13 67.82 -38.22
CA THR J 255 47.56 67.39 -36.90
C THR J 255 48.52 66.20 -36.96
N GLY J 256 49.06 65.88 -38.13
CA GLY J 256 49.95 64.74 -38.24
C GLY J 256 49.29 63.42 -37.94
N GLN J 257 48.05 63.24 -38.38
CA GLN J 257 47.33 62.01 -38.12
C GLN J 257 47.92 60.85 -38.92
N GLU J 258 47.68 59.64 -38.43
CA GLU J 258 48.16 58.44 -39.11
C GLU J 258 47.54 58.33 -40.50
N ILE J 259 48.38 58.00 -41.48
CA ILE J 259 47.93 57.91 -42.87
C ILE J 259 47.14 56.61 -43.05
N ALA J 260 45.87 56.75 -43.44
CA ALA J 260 45.02 55.58 -43.63
C ALA J 260 45.49 54.73 -44.80
N ALA J 261 45.71 55.36 -45.96
CA ALA J 261 46.13 54.63 -47.15
C ALA J 261 46.69 55.61 -48.17
N THR J 262 47.44 55.08 -49.13
CA THR J 262 47.99 55.84 -50.24
C THR J 262 47.50 55.26 -51.55
N THR J 263 47.24 56.14 -52.51
CA THR J 263 46.66 55.76 -53.79
C THR J 263 47.59 56.19 -54.94
N THR J 264 47.14 55.92 -56.16
CA THR J 264 47.86 56.29 -57.37
C THR J 264 46.84 56.75 -58.40
N ALA J 265 47.27 56.85 -59.66
CA ALA J 265 46.39 57.33 -60.71
C ALA J 265 45.18 56.41 -60.87
N ALA J 266 45.42 55.16 -61.28
CA ALA J 266 44.36 54.15 -61.36
C ALA J 266 43.17 54.62 -62.20
N GLY J 267 43.46 55.34 -63.27
CA GLY J 267 42.42 55.83 -64.15
C GLY J 267 41.78 57.13 -63.69
N THR J 268 40.96 57.05 -62.63
CA THR J 268 40.23 58.22 -62.14
C THR J 268 40.35 58.37 -60.63
N ILE J 269 41.49 57.96 -60.06
CA ILE J 269 41.73 58.04 -58.63
C ILE J 269 42.82 59.08 -58.40
N THR J 270 42.54 60.05 -57.54
CA THR J 270 43.53 61.07 -57.22
C THR J 270 44.69 60.46 -56.43
N ALA J 271 45.91 60.88 -56.76
CA ALA J 271 47.10 60.40 -56.06
C ALA J 271 47.32 61.24 -54.82
N ASP J 272 47.03 60.67 -53.65
CA ASP J 272 47.15 61.41 -52.40
C ASP J 272 47.29 60.42 -51.26
N SER J 273 47.77 60.92 -50.12
CA SER J 273 47.88 60.12 -48.90
C SER J 273 46.65 60.41 -48.05
N TRP J 274 45.74 59.43 -47.98
CA TRP J 274 44.45 59.62 -47.34
C TRP J 274 44.54 59.33 -45.84
N VAL J 275 43.72 60.05 -45.08
CA VAL J 275 43.67 59.91 -43.63
C VAL J 275 42.21 59.72 -43.21
N VAL J 276 41.97 58.78 -42.30
CA VAL J 276 40.63 58.51 -41.82
C VAL J 276 40.04 59.77 -41.21
N ASP J 277 38.77 60.04 -41.51
CA ASP J 277 38.09 61.24 -41.02
C ASP J 277 37.80 61.10 -39.53
N VAL J 278 38.44 61.95 -38.72
CA VAL J 278 38.17 61.94 -37.28
C VAL J 278 36.75 62.37 -37.00
N GLY J 279 36.19 63.25 -37.83
CA GLY J 279 34.82 63.67 -37.67
C GLY J 279 33.83 62.67 -38.24
N ASN J 280 32.83 63.15 -38.98
CA ASN J 280 31.80 62.31 -39.60
C ASN J 280 31.08 61.49 -38.54
N ALA J 281 30.36 62.21 -37.68
CA ALA J 281 29.62 61.57 -36.60
C ALA J 281 28.52 60.68 -37.17
N PRO J 282 28.14 59.62 -36.45
CA PRO J 282 27.10 58.72 -36.95
C PRO J 282 25.76 59.42 -37.09
N ALA J 283 24.80 58.69 -37.68
CA ALA J 283 23.47 59.25 -37.89
C ALA J 283 22.80 59.56 -36.56
N ALA J 284 22.94 58.67 -35.57
CA ALA J 284 22.36 58.86 -34.24
C ALA J 284 23.47 58.59 -33.24
N ASN J 285 24.17 59.66 -32.83
CA ASN J 285 25.28 59.55 -31.89
C ASN J 285 24.72 59.46 -30.48
N VAL J 286 24.68 58.25 -29.93
CA VAL J 286 24.19 58.00 -28.59
C VAL J 286 25.31 57.36 -27.77
N SER J 287 25.53 57.88 -26.57
CA SER J 287 26.56 57.37 -25.67
C SER J 287 25.90 56.85 -24.40
N ALA J 288 26.56 55.89 -23.76
CA ALA J 288 26.06 55.34 -22.51
C ALA J 288 26.00 56.43 -21.45
N GLY J 289 24.87 56.47 -20.72
CA GLY J 289 24.70 57.53 -19.72
C GLY J 289 25.75 57.48 -18.63
N GLN J 290 26.04 56.28 -18.14
CA GLN J 290 27.02 56.10 -17.08
C GLN J 290 27.91 54.91 -17.41
N SER J 291 29.11 54.91 -16.83
CA SER J 291 30.04 53.81 -17.01
C SER J 291 29.60 52.61 -16.15
N VAL J 292 30.37 51.53 -16.24
CA VAL J 292 30.04 50.33 -15.46
C VAL J 292 30.25 50.59 -13.97
N ALA J 293 31.29 51.33 -13.62
CA ALA J 293 31.61 51.61 -12.22
C ALA J 293 30.82 52.76 -11.63
N ASN J 294 29.98 53.43 -12.43
CA ASN J 294 29.22 54.58 -11.96
C ASN J 294 27.74 54.40 -12.29
N ILE J 295 27.25 53.17 -12.19
CA ILE J 295 25.86 52.88 -12.54
C ILE J 295 24.95 53.47 -11.47
N ASN J 296 23.98 54.27 -11.90
CA ASN J 296 22.99 54.86 -10.99
C ASN J 296 21.67 54.91 -11.73
N ILE J 297 20.77 53.99 -11.41
CA ILE J 297 19.55 53.78 -12.18
C ILE J 297 18.35 54.45 -11.54
N VAL J 298 18.56 55.44 -10.68
CA VAL J 298 17.46 56.14 -10.02
C VAL J 298 16.84 57.08 -11.05
N GLY J 299 15.75 56.65 -11.67
CA GLY J 299 15.02 57.49 -12.60
C GLY J 299 15.78 57.90 -13.84
N MET J 300 16.49 56.97 -14.47
CA MET J 300 17.21 57.30 -15.69
C MET J 300 16.26 57.47 -16.87
N GLY J 301 15.27 56.60 -17.00
CA GLY J 301 14.40 56.57 -18.14
C GLY J 301 14.68 55.39 -19.05
N ALA J 302 13.76 55.17 -19.98
CA ALA J 302 13.84 53.98 -20.85
C ALA J 302 15.07 54.04 -21.76
N ALA J 303 15.27 55.16 -22.45
CA ALA J 303 16.38 55.27 -23.38
C ALA J 303 17.72 55.17 -22.65
N ALA J 304 17.82 55.81 -21.48
CA ALA J 304 19.05 55.72 -20.70
C ALA J 304 19.29 54.28 -20.24
N LEU J 305 18.23 53.58 -19.86
CA LEU J 305 18.36 52.18 -19.46
C LEU J 305 18.86 51.32 -20.62
N ASP J 306 18.31 51.54 -21.82
CA ASP J 306 18.77 50.78 -22.98
C ASP J 306 20.22 51.07 -23.30
N ALA J 307 20.62 52.35 -23.23
CA ALA J 307 22.01 52.71 -23.47
C ALA J 307 22.93 52.06 -22.45
N LEU J 308 22.53 52.05 -21.17
CA LEU J 308 23.32 51.42 -20.13
C LEU J 308 23.44 49.92 -20.37
N ILE J 309 22.35 49.28 -20.77
CA ILE J 309 22.38 47.84 -21.05
C ILE J 309 23.33 47.54 -22.19
N SER J 310 23.25 48.34 -23.26
CA SER J 310 24.14 48.13 -24.40
C SER J 310 25.60 48.31 -24.01
N GLY J 311 25.89 49.35 -23.22
CA GLY J 311 27.26 49.56 -22.77
C GLY J 311 27.77 48.43 -21.90
N VAL J 312 26.91 47.94 -21.00
CA VAL J 312 27.30 46.81 -20.14
C VAL J 312 27.58 45.58 -20.98
N ASP J 313 26.73 45.31 -21.98
CA ASP J 313 26.95 44.15 -22.85
C ASP J 313 28.26 44.29 -23.62
N ALA J 314 28.54 45.49 -24.13
CA ALA J 314 29.78 45.69 -24.87
C ALA J 314 30.99 45.50 -23.98
N ALA J 315 30.93 46.00 -22.75
CA ALA J 315 32.03 45.78 -21.80
C ALA J 315 32.19 44.30 -21.49
N LEU J 316 31.08 43.59 -21.33
CA LEU J 316 31.15 42.14 -21.08
C LEU J 316 31.79 41.43 -22.25
N THR J 317 31.45 41.81 -23.48
CA THR J 317 32.06 41.19 -24.66
C THR J 317 33.56 41.45 -24.70
N ASP J 318 33.97 42.69 -24.44
CA ASP J 318 35.39 43.01 -24.45
C ASP J 318 36.14 42.23 -23.38
N MET J 319 35.54 42.11 -22.20
CA MET J 319 36.21 41.40 -21.11
C MET J 319 36.24 39.89 -21.36
N THR J 320 35.22 39.36 -22.04
CA THR J 320 35.26 37.97 -22.47
C THR J 320 36.38 37.75 -23.48
N SER J 321 36.57 38.69 -24.41
CA SER J 321 37.70 38.59 -25.34
C SER J 321 39.03 38.62 -24.60
N ALA J 322 39.12 39.48 -23.58
CA ALA J 322 40.34 39.55 -22.77
C ALA J 322 40.59 38.22 -22.04
N ALA J 323 39.53 37.61 -21.51
CA ALA J 323 39.66 36.32 -20.84
C ALA J 323 40.12 35.25 -21.81
N ALA J 324 39.58 35.25 -23.04
CA ALA J 324 40.02 34.30 -24.04
C ALA J 324 41.49 34.52 -24.39
N SER J 325 41.91 35.77 -24.49
CA SER J 325 43.33 36.06 -24.73
C SER J 325 44.20 35.55 -23.59
N LEU J 326 43.74 35.72 -22.35
CA LEU J 326 44.51 35.23 -21.21
C LEU J 326 44.62 33.71 -21.23
N GLY J 327 43.53 33.02 -21.58
CA GLY J 327 43.58 31.58 -21.70
C GLY J 327 44.55 31.14 -22.79
N SER J 328 44.55 31.85 -23.91
CA SER J 328 45.50 31.54 -24.98
C SER J 328 46.94 31.74 -24.51
N ILE J 329 47.19 32.80 -23.74
CA ILE J 329 48.53 33.03 -23.21
C ILE J 329 48.92 31.90 -22.27
N SER J 330 47.99 31.46 -21.42
CA SER J 330 48.30 30.35 -20.51
C SER J 330 48.64 29.08 -21.29
N SER J 331 47.87 28.79 -22.34
CA SER J 331 48.16 27.62 -23.17
C SER J 331 49.53 27.75 -23.83
N ARG J 332 49.86 28.94 -24.31
CA ARG J 332 51.16 29.15 -24.93
C ARG J 332 52.29 28.97 -23.92
N ILE J 333 52.08 29.42 -22.68
CA ILE J 333 53.08 29.21 -21.64
C ILE J 333 53.27 27.73 -21.36
N ASP J 334 52.17 26.98 -21.30
CA ASP J 334 52.28 25.53 -21.06
C ASP J 334 53.06 24.87 -22.19
N LEU J 335 52.74 25.21 -23.43
CA LEU J 335 53.45 24.62 -24.58
C LEU J 335 54.92 25.01 -24.56
N GLN J 336 55.22 26.27 -24.24
CA GLN J 336 56.60 26.71 -24.16
C GLN J 336 57.35 25.96 -23.07
N SER J 337 56.71 25.74 -21.92
CA SER J 337 57.36 25.04 -20.83
C SER J 337 57.69 23.60 -21.23
N GLU J 338 56.74 22.91 -21.85
CA GLU J 338 57.02 21.53 -22.25
C GLU J 338 58.08 21.47 -23.34
N PHE J 339 58.06 22.44 -24.27
CA PHE J 339 59.09 22.47 -25.31
C PHE J 339 60.47 22.74 -24.71
N VAL J 340 60.57 23.63 -23.74
CA VAL J 340 61.85 23.91 -23.09
C VAL J 340 62.32 22.67 -22.33
N ASN J 341 61.40 21.95 -21.69
CA ASN J 341 61.78 20.72 -21.02
C ASN J 341 62.34 19.71 -22.02
N LYS J 342 61.68 19.55 -23.16
CA LYS J 342 62.16 18.63 -24.18
C LYS J 342 63.52 19.06 -24.73
N LEU J 343 63.70 20.37 -24.95
CA LEU J 343 64.97 20.87 -25.45
C LEU J 343 66.10 20.65 -24.46
N SER J 344 65.82 20.88 -23.17
CA SER J 344 66.83 20.62 -22.14
C SER J 344 67.17 19.14 -22.08
N ASP J 345 66.17 18.28 -22.21
CA ASP J 345 66.43 16.84 -22.24
C ASP J 345 67.32 16.47 -23.43
N SER J 346 67.03 17.03 -24.61
CA SER J 346 67.83 16.73 -25.79
C SER J 346 69.26 17.23 -25.63
N ILE J 347 69.43 18.44 -25.08
CA ILE J 347 70.76 18.99 -24.86
C ILE J 347 71.54 18.13 -23.88
N GLU J 348 70.90 17.72 -22.79
CA GLU J 348 71.57 16.87 -21.82
C GLU J 348 71.95 15.53 -22.43
N SER J 349 71.08 14.95 -23.25
CA SER J 349 71.40 13.69 -23.91
C SER J 349 72.60 13.85 -24.85
N GLY J 350 72.62 14.95 -25.62
CA GLY J 350 73.76 15.18 -26.49
C GLY J 350 75.06 15.38 -25.74
N VAL J 351 75.00 16.13 -24.64
CA VAL J 351 76.19 16.33 -23.81
C VAL J 351 76.67 14.99 -23.25
N GLY J 352 75.75 14.17 -22.77
CA GLY J 352 76.12 12.86 -22.26
C GLY J 352 76.75 11.98 -23.32
N ARG J 353 76.18 11.98 -24.53
CA ARG J 353 76.76 11.21 -25.62
C ARG J 353 78.16 11.70 -25.96
N LEU J 354 78.38 13.02 -25.92
CA LEU J 354 79.68 13.58 -26.24
C LEU J 354 80.70 13.40 -25.12
N VAL J 355 80.26 13.21 -23.87
CA VAL J 355 81.14 13.31 -22.71
C VAL J 355 81.34 11.97 -22.01
N ASP J 356 80.27 11.23 -21.74
CA ASP J 356 80.44 10.01 -20.96
C ASP J 356 81.17 8.94 -21.77
N ALA J 357 81.69 7.95 -21.06
CA ALA J 357 82.47 6.87 -21.64
C ALA J 357 81.83 5.53 -21.27
N ASP J 358 81.81 4.60 -22.22
CA ASP J 358 81.26 3.27 -22.01
C ASP J 358 82.17 2.51 -21.05
N MET J 359 81.74 2.38 -19.80
CA MET J 359 82.63 1.95 -18.72
C MET J 359 83.25 0.57 -18.95
N ASN J 360 82.64 -0.25 -19.81
CA ASN J 360 83.11 -1.62 -19.98
C ASN J 360 84.53 -1.67 -20.55
N GLU J 361 84.79 -0.86 -21.58
CA GLU J 361 86.13 -0.88 -22.16
C GLU J 361 87.16 -0.24 -21.23
N GLU J 362 86.75 0.73 -20.40
CA GLU J 362 87.66 1.23 -19.37
C GLU J 362 87.99 0.15 -18.36
N SER J 363 87.01 -0.68 -17.98
CA SER J 363 87.31 -1.80 -17.08
C SER J 363 88.29 -2.77 -17.73
N THR J 364 88.07 -3.07 -19.02
CA THR J 364 88.98 -3.96 -19.74
C THR J 364 90.39 -3.38 -19.79
N ARG J 365 90.50 -2.08 -20.08
CA ARG J 365 91.81 -1.44 -20.12
C ARG J 365 92.46 -1.44 -18.73
N LEU J 366 91.66 -1.27 -17.68
CA LEU J 366 92.22 -1.28 -16.33
C LEU J 366 92.81 -2.65 -16.00
N LYS J 367 92.07 -3.72 -16.33
CA LYS J 367 92.60 -5.06 -16.09
C LYS J 367 93.85 -5.31 -16.93
N ALA J 368 93.82 -4.90 -18.20
CA ALA J 368 94.98 -5.10 -19.07
C ALA J 368 96.19 -4.34 -18.54
N LEU J 369 95.98 -3.11 -18.04
CA LEU J 369 97.09 -2.32 -17.52
C LEU J 369 97.63 -2.91 -16.23
N GLN J 370 96.76 -3.50 -15.40
CA GLN J 370 97.24 -4.20 -14.22
C GLN J 370 98.13 -5.36 -14.61
N THR J 371 97.71 -6.14 -15.61
CA THR J 371 98.53 -7.26 -16.07
C THR J 371 99.84 -6.77 -16.66
N GLN J 372 99.80 -5.70 -17.44
CA GLN J 372 101.02 -5.14 -18.04
C GLN J 372 101.97 -4.65 -16.96
N GLN J 373 101.44 -4.00 -15.92
CA GLN J 373 102.28 -3.52 -14.83
C GLN J 373 102.93 -4.69 -14.09
N GLN J 374 102.17 -5.76 -13.86
CA GLN J 374 102.75 -6.93 -13.21
C GLN J 374 103.89 -7.51 -14.04
N LEU J 375 103.66 -7.65 -15.36
CA LEU J 375 104.73 -8.14 -16.24
C LEU J 375 105.93 -7.22 -16.22
N ALA J 376 105.70 -5.91 -16.26
CA ALA J 376 106.80 -4.96 -16.29
C ALA J 376 107.61 -5.01 -15.00
N ILE J 377 106.94 -5.13 -13.86
CA ILE J 377 107.65 -5.22 -12.58
C ILE J 377 108.47 -6.50 -12.54
N GLN J 378 107.89 -7.62 -12.99
CA GLN J 378 108.65 -8.86 -13.00
C GLN J 378 109.89 -8.76 -13.89
N ALA J 379 109.73 -8.19 -15.09
CA ALA J 379 110.86 -8.05 -16.00
C ALA J 379 111.91 -7.11 -15.44
N LEU J 380 111.46 -6.02 -14.79
CA LEU J 380 112.41 -5.08 -14.20
C LEU J 380 113.19 -5.72 -13.07
N SER J 381 112.53 -6.55 -12.26
CA SER J 381 113.23 -7.28 -11.21
C SER J 381 114.24 -8.25 -11.81
N ILE J 382 113.87 -8.93 -12.89
CA ILE J 382 114.81 -9.84 -13.55
C ILE J 382 116.02 -9.07 -14.08
N ALA J 383 115.77 -7.89 -14.65
CA ALA J 383 116.86 -7.07 -15.17
C ALA J 383 117.76 -6.56 -14.04
N ASN J 384 117.18 -6.29 -12.87
CA ASN J 384 118.00 -5.94 -11.72
C ASN J 384 118.86 -7.12 -11.28
N SER J 385 118.28 -8.32 -11.27
CA SER J 385 118.96 -9.47 -10.71
C SER J 385 120.06 -10.00 -11.63
N ASP J 386 119.87 -9.93 -12.95
CA ASP J 386 120.77 -10.62 -13.86
C ASP J 386 122.19 -10.04 -13.87
N SER J 387 122.39 -8.84 -13.32
CA SER J 387 123.71 -8.22 -13.34
C SER J 387 124.66 -8.80 -12.31
N GLN J 388 124.18 -9.65 -11.39
CA GLN J 388 125.02 -10.23 -10.36
C GLN J 388 125.79 -11.46 -10.82
N ASN J 389 125.57 -11.92 -12.05
CA ASN J 389 126.20 -13.15 -12.51
C ASN J 389 127.71 -13.00 -12.64
N VAL J 390 128.21 -11.78 -12.85
CA VAL J 390 129.63 -11.57 -13.10
C VAL J 390 130.50 -11.95 -11.91
N LEU J 391 129.93 -11.97 -10.70
CA LEU J 391 130.73 -12.20 -9.50
C LEU J 391 131.37 -13.58 -9.48
N SER J 392 130.85 -14.52 -10.26
CA SER J 392 131.36 -15.90 -10.21
C SER J 392 132.80 -15.98 -10.69
N LEU J 393 133.16 -15.21 -11.71
CA LEU J 393 134.50 -15.32 -12.29
C LEU J 393 135.59 -14.91 -11.30
N PHE J 394 135.37 -13.81 -10.59
CA PHE J 394 136.43 -13.21 -9.79
C PHE J 394 136.72 -13.98 -8.51
N ARG J 395 135.76 -14.76 -8.02
CA ARG J 395 135.95 -15.53 -6.80
C ARG J 395 136.63 -16.86 -7.09
N THR K 2 137.05 -45.36 16.95
CA THR K 2 135.98 -45.22 15.97
C THR K 2 136.07 -46.31 14.91
N SER K 3 134.98 -47.05 14.75
CA SER K 3 134.91 -48.12 13.75
C SER K 3 134.42 -47.56 12.43
N ILE K 4 135.19 -47.77 11.37
CA ILE K 4 134.86 -47.22 10.07
C ILE K 4 133.94 -48.14 9.27
N LEU K 5 133.76 -49.39 9.70
CA LEU K 5 132.96 -50.35 8.96
C LEU K 5 131.55 -50.50 9.50
N THR K 6 131.28 -50.06 10.73
CA THR K 6 129.96 -50.15 11.34
C THR K 6 129.58 -48.82 11.95
N ASN K 7 128.27 -48.54 11.92
CA ASN K 7 127.72 -47.31 12.50
C ASN K 7 126.42 -47.70 13.22
N ASN K 8 126.52 -47.98 14.52
CA ASN K 8 125.35 -48.41 15.28
C ASN K 8 124.32 -47.29 15.38
N SER K 9 124.78 -46.04 15.49
CA SER K 9 123.84 -44.91 15.50
C SER K 9 123.06 -44.85 14.20
N ALA K 10 123.72 -45.14 13.07
CA ALA K 10 123.02 -45.19 11.79
C ALA K 10 121.96 -46.28 11.80
N MET K 11 122.27 -47.45 12.37
CA MET K 11 121.29 -48.52 12.42
C MET K 11 120.09 -48.13 13.28
N ALA K 12 120.34 -47.48 14.43
CA ALA K 12 119.24 -47.03 15.27
C ALA K 12 118.38 -46.00 14.55
N ALA K 13 119.02 -45.06 13.84
CA ALA K 13 118.27 -44.08 13.07
C ALA K 13 117.44 -44.75 11.99
N LEU K 14 118.01 -45.76 11.31
CA LEU K 14 117.27 -46.48 10.28
C LEU K 14 116.05 -47.19 10.87
N SER K 15 116.22 -47.84 12.02
CA SER K 15 115.09 -48.51 12.65
C SER K 15 114.01 -47.52 13.03
N GLY K 16 114.40 -46.37 13.59
CA GLY K 16 113.42 -45.34 13.89
C GLY K 16 112.70 -44.84 12.66
N VAL K 17 113.44 -44.65 11.56
CA VAL K 17 112.83 -44.18 10.33
C VAL K 17 111.82 -45.20 9.80
N ARG K 18 112.17 -46.49 9.84
CA ARG K 18 111.24 -47.52 9.38
C ARG K 18 109.98 -47.55 10.25
N SER K 19 110.14 -47.44 11.57
CA SER K 19 108.97 -47.44 12.44
C SER K 19 108.08 -46.25 12.16
N ILE K 20 108.68 -45.06 12.01
CA ILE K 20 107.90 -43.86 11.71
C ILE K 20 107.20 -43.99 10.36
N SER K 21 107.90 -44.58 9.38
CA SER K 21 107.30 -44.74 8.05
C SER K 21 106.10 -45.68 8.09
N SER K 22 106.22 -46.80 8.81
CA SER K 22 105.09 -47.71 8.93
C SER K 22 103.91 -47.04 9.63
N SER K 23 104.18 -46.35 10.74
CA SER K 23 103.10 -45.66 11.45
C SER K 23 102.47 -44.59 10.58
N MET K 24 103.28 -43.87 9.80
CA MET K 24 102.75 -42.84 8.92
C MET K 24 101.90 -43.43 7.81
N GLU K 25 102.33 -44.55 7.22
CA GLU K 25 101.50 -45.19 6.20
C GLU K 25 100.15 -45.61 6.79
N ASP K 26 100.18 -46.18 8.01
CA ASP K 26 98.95 -46.58 8.67
C ASP K 26 98.04 -45.37 8.89
N THR K 27 98.60 -44.27 9.41
CA THR K 27 97.76 -43.12 9.73
C THR K 27 97.25 -42.43 8.46
N GLN K 28 98.02 -42.49 7.37
CA GLN K 28 97.52 -41.98 6.09
C GLN K 28 96.33 -42.80 5.60
N SER K 29 96.42 -44.13 5.72
CA SER K 29 95.26 -44.95 5.40
C SER K 29 94.06 -44.58 6.26
N ARG K 30 94.30 -44.40 7.56
CA ARG K 30 93.24 -44.03 8.49
C ARG K 30 92.60 -42.70 8.13
N ILE K 31 93.41 -41.71 7.79
CA ILE K 31 92.91 -40.36 7.52
C ILE K 31 92.31 -40.24 6.13
N SER K 32 92.64 -41.16 5.22
CA SER K 32 92.13 -41.10 3.86
C SER K 32 90.91 -41.98 3.63
N SER K 33 90.67 -42.97 4.50
CA SER K 33 89.53 -43.85 4.28
C SER K 33 88.80 -44.14 5.57
N GLY K 34 88.91 -43.24 6.55
CA GLY K 34 88.27 -43.45 7.84
C GLY K 34 88.69 -44.75 8.49
N LEU K 35 87.72 -45.62 8.80
CA LEU K 35 88.02 -46.99 9.22
C LEU K 35 89.07 -47.10 10.32
N ARG K 36 88.71 -46.71 11.56
CA ARG K 36 89.61 -46.97 12.68
C ARG K 36 90.04 -48.43 12.71
N VAL K 37 89.12 -49.34 12.39
CA VAL K 37 89.45 -50.74 12.23
C VAL K 37 89.76 -51.00 10.76
N GLY K 38 91.00 -51.39 10.48
CA GLY K 38 91.45 -51.61 9.13
C GLY K 38 90.73 -52.75 8.45
N SER K 39 91.07 -52.95 7.17
CA SER K 39 90.44 -53.95 6.30
C SER K 39 90.40 -55.29 7.04
N ALA K 40 91.53 -55.93 7.32
CA ALA K 40 91.51 -57.18 8.06
C ALA K 40 92.71 -57.34 8.98
N SER K 41 93.56 -56.31 9.06
CA SER K 41 94.82 -56.41 9.79
C SER K 41 94.71 -55.91 11.23
N ASP K 42 93.58 -55.31 11.60
CA ASP K 42 93.37 -54.88 12.98
C ASP K 42 92.65 -55.96 13.77
N ASN K 43 92.10 -55.60 14.93
CA ASN K 43 91.46 -56.57 15.82
C ASN K 43 90.30 -57.31 15.16
N ALA K 44 90.48 -58.62 14.99
CA ALA K 44 89.60 -59.42 14.14
C ALA K 44 88.16 -59.42 14.64
N ALA K 45 87.98 -59.51 15.96
CA ALA K 45 86.63 -59.65 16.51
C ALA K 45 85.72 -58.49 16.12
N TYR K 46 86.21 -57.27 16.31
CA TYR K 46 85.40 -56.09 16.00
C TYR K 46 85.12 -55.98 14.51
N TRP K 47 86.11 -56.30 13.68
CA TRP K 47 85.88 -56.28 12.23
C TRP K 47 84.82 -57.30 11.83
N SER K 48 84.88 -58.50 12.42
CA SER K 48 83.88 -59.53 12.14
C SER K 48 82.49 -59.06 12.54
N ILE K 49 82.38 -58.45 13.73
CA ILE K 49 81.09 -57.92 14.17
C ILE K 49 80.58 -56.88 13.20
N ALA K 50 81.48 -55.99 12.76
CA ALA K 50 81.09 -54.94 11.82
C ALA K 50 80.60 -55.53 10.50
N THR K 51 81.30 -56.54 9.99
CA THR K 51 80.88 -57.17 8.74
C THR K 51 79.53 -57.86 8.88
N THR K 52 79.33 -58.56 10.00
CA THR K 52 78.04 -59.20 10.23
C THR K 52 76.92 -58.17 10.31
N MET K 53 77.17 -57.05 10.98
CA MET K 53 76.16 -56.00 11.07
C MET K 53 75.90 -55.35 9.73
N ARG K 54 76.92 -55.20 8.89
CA ARG K 54 76.68 -54.66 7.55
C ARG K 54 75.82 -55.61 6.72
N SER K 55 76.08 -56.91 6.82
CA SER K 55 75.23 -57.88 6.14
C SER K 55 73.79 -57.81 6.65
N ASP K 56 73.62 -57.69 7.97
CA ASP K 56 72.29 -57.57 8.53
C ASP K 56 71.60 -56.29 8.06
N ASN K 57 72.36 -55.20 7.93
CA ASN K 57 71.78 -53.96 7.44
C ASN K 57 71.31 -54.10 5.99
N GLN K 58 72.10 -54.78 5.16
CA GLN K 58 71.66 -55.05 3.79
C GLN K 58 70.38 -55.89 3.78
N ALA K 59 70.33 -56.90 4.64
CA ALA K 59 69.11 -57.71 4.75
C ALA K 59 67.92 -56.86 5.17
N LEU K 60 68.13 -55.94 6.11
CA LEU K 60 67.04 -55.07 6.55
C LEU K 60 66.59 -54.13 5.44
N SER K 61 67.52 -53.67 4.61
CA SER K 61 67.12 -52.86 3.46
C SER K 61 66.26 -53.67 2.49
N ALA K 62 66.64 -54.93 2.25
CA ALA K 62 65.81 -55.78 1.41
C ALA K 62 64.44 -55.99 2.03
N VAL K 63 64.38 -56.18 3.34
CA VAL K 63 63.10 -56.33 4.03
C VAL K 63 62.27 -55.06 3.91
N GLN K 64 62.92 -53.89 3.95
CA GLN K 64 62.20 -52.64 3.76
C GLN K 64 61.58 -52.56 2.37
N ASP K 65 62.32 -52.96 1.34
CA ASP K 65 61.76 -52.98 0.00
C ASP K 65 60.57 -53.94 -0.09
N ALA K 66 60.71 -55.12 0.51
CA ALA K 66 59.61 -56.08 0.52
C ALA K 66 58.40 -55.53 1.26
N LEU K 67 58.64 -54.81 2.36
CA LEU K 67 57.55 -54.20 3.12
C LEU K 67 56.83 -53.15 2.29
N GLY K 68 57.57 -52.34 1.53
CA GLY K 68 56.93 -51.38 0.65
C GLY K 68 56.07 -52.05 -0.41
N LEU K 69 56.59 -53.12 -1.01
CA LEU K 69 55.80 -53.87 -2.00
C LEU K 69 54.54 -54.44 -1.39
N GLY K 70 54.66 -55.04 -0.19
CA GLY K 70 53.49 -55.59 0.47
C GLY K 70 52.48 -54.53 0.85
N ALA K 71 52.96 -53.35 1.28
CA ALA K 71 52.06 -52.25 1.59
C ALA K 71 51.29 -51.80 0.36
N ALA K 72 51.96 -51.73 -0.80
CA ALA K 72 51.27 -51.40 -2.02
C ALA K 72 50.20 -52.43 -2.35
N LYS K 73 50.54 -53.72 -2.21
CA LYS K 73 49.57 -54.77 -2.48
C LYS K 73 48.36 -54.66 -1.56
N VAL K 74 48.59 -54.44 -0.27
CA VAL K 74 47.50 -54.34 0.69
C VAL K 74 46.65 -53.11 0.40
N ASP K 75 47.27 -52.01 -0.01
CA ASP K 75 46.50 -50.82 -0.35
C ASP K 75 45.59 -51.08 -1.55
N THR K 76 46.11 -51.74 -2.57
CA THR K 76 45.27 -52.07 -3.73
C THR K 76 44.12 -52.99 -3.33
N ALA K 77 44.41 -54.00 -2.51
CA ALA K 77 43.36 -54.91 -2.06
C ALA K 77 42.30 -54.17 -1.24
N TYR K 78 42.73 -53.23 -0.39
CA TYR K 78 41.78 -52.48 0.42
C TYR K 78 40.91 -51.60 -0.45
N SER K 79 41.48 -50.98 -1.48
CA SER K 79 40.68 -50.17 -2.39
C SER K 79 39.63 -51.03 -3.09
N GLY K 80 40.03 -52.20 -3.55
CA GLY K 80 39.06 -53.13 -4.13
C GLY K 80 37.97 -53.51 -3.15
N MET K 81 38.35 -53.70 -1.87
CA MET K 81 37.39 -54.05 -0.84
C MET K 81 36.37 -52.92 -0.64
N GLU K 82 36.84 -51.67 -0.61
CA GLU K 82 35.92 -50.54 -0.47
C GLU K 82 34.96 -50.46 -1.65
N SER K 83 35.48 -50.66 -2.87
CA SER K 83 34.59 -50.64 -4.03
C SER K 83 33.53 -51.73 -3.95
N ALA K 84 33.94 -52.93 -3.55
CA ALA K 84 32.99 -54.03 -3.43
C ALA K 84 31.94 -53.74 -2.35
N ILE K 85 32.37 -53.17 -1.22
CA ILE K 85 31.44 -52.85 -0.14
C ILE K 85 30.42 -51.82 -0.61
N GLU K 86 30.88 -50.78 -1.32
CA GLU K 86 29.93 -49.79 -1.82
C GLU K 86 28.94 -50.42 -2.80
N VAL K 87 29.42 -51.27 -3.70
CA VAL K 87 28.54 -51.89 -4.67
C VAL K 87 27.50 -52.77 -3.99
N VAL K 88 27.92 -53.58 -3.02
CA VAL K 88 26.98 -54.48 -2.35
C VAL K 88 25.99 -53.69 -1.50
N LYS K 89 26.43 -52.58 -0.91
CA LYS K 89 25.49 -51.72 -0.19
C LYS K 89 24.43 -51.17 -1.14
N GLU K 90 24.85 -50.76 -2.34
CA GLU K 90 23.89 -50.31 -3.34
C GLU K 90 22.92 -51.43 -3.72
N ILE K 91 23.44 -52.66 -3.86
CA ILE K 91 22.59 -53.80 -4.20
C ILE K 91 21.55 -54.03 -3.11
N LYS K 92 21.98 -53.98 -1.85
CA LYS K 92 21.06 -54.20 -0.74
C LYS K 92 20.01 -53.11 -0.69
N ALA K 93 20.40 -51.84 -0.92
CA ALA K 93 19.43 -50.76 -0.94
C ALA K 93 18.42 -50.96 -2.04
N LYS K 94 18.88 -51.35 -3.23
CA LYS K 94 17.96 -51.59 -4.34
C LYS K 94 17.00 -52.73 -4.02
N LEU K 95 17.49 -53.80 -3.41
CA LEU K 95 16.63 -54.94 -3.12
C LEU K 95 15.59 -54.59 -2.05
N VAL K 96 16.01 -53.87 -1.00
CA VAL K 96 15.05 -53.51 0.04
C VAL K 96 14.06 -52.48 -0.49
N ALA K 97 14.44 -51.70 -1.49
CA ALA K 97 13.46 -50.86 -2.16
C ALA K 97 12.49 -51.70 -2.98
N ALA K 98 12.99 -52.77 -3.61
CA ALA K 98 12.20 -53.62 -4.48
C ALA K 98 11.35 -54.63 -3.73
N THR K 99 11.49 -54.75 -2.41
CA THR K 99 10.66 -55.70 -1.66
C THR K 99 9.18 -55.36 -1.78
N GLU K 100 8.85 -54.11 -2.10
CA GLU K 100 7.47 -53.73 -2.35
C GLU K 100 6.93 -54.47 -3.56
N ASP K 101 5.66 -54.90 -3.47
CA ASP K 101 5.02 -55.62 -4.56
C ASP K 101 4.57 -54.70 -5.69
N GLY K 102 4.49 -53.40 -5.46
CA GLY K 102 4.07 -52.46 -6.48
C GLY K 102 5.14 -52.02 -7.45
N VAL K 103 6.35 -52.57 -7.32
CA VAL K 103 7.49 -52.20 -8.15
C VAL K 103 7.79 -53.36 -9.09
N ASP K 104 7.86 -53.07 -10.38
CA ASP K 104 8.24 -54.09 -11.35
C ASP K 104 9.65 -54.57 -11.07
N LYS K 105 9.82 -55.90 -11.03
CA LYS K 105 11.06 -56.50 -10.60
C LYS K 105 12.05 -56.73 -11.73
N ALA K 106 11.65 -56.54 -12.99
CA ALA K 106 12.57 -56.73 -14.11
C ALA K 106 13.66 -55.67 -14.10
N LYS K 107 13.28 -54.41 -13.84
CA LYS K 107 14.27 -53.33 -13.79
C LYS K 107 15.26 -53.56 -12.65
N ILE K 108 14.75 -53.98 -11.48
CA ILE K 108 15.64 -54.26 -10.35
C ILE K 108 16.56 -55.42 -10.68
N GLN K 109 16.03 -56.45 -11.33
CA GLN K 109 16.86 -57.60 -11.70
C GLN K 109 17.96 -57.19 -12.65
N GLU K 110 17.65 -56.33 -13.62
CA GLU K 110 18.68 -55.83 -14.52
C GLU K 110 19.73 -55.01 -13.77
N GLU K 111 19.30 -54.19 -12.81
CA GLU K 111 20.27 -53.44 -12.01
C GLU K 111 21.18 -54.36 -11.22
N ILE K 112 20.62 -55.42 -10.60
CA ILE K 112 21.45 -56.35 -9.85
C ILE K 112 22.39 -57.10 -10.78
N THR K 113 21.95 -57.42 -12.00
CA THR K 113 22.84 -58.06 -12.95
C THR K 113 24.02 -57.15 -13.29
N GLN K 114 23.74 -55.87 -13.54
CA GLN K 114 24.81 -54.93 -13.82
C GLN K 114 25.76 -54.80 -12.64
N LEU K 115 25.22 -54.74 -11.42
CA LEU K 115 26.06 -54.59 -10.24
C LEU K 115 26.87 -55.84 -9.98
N LYS K 116 26.32 -57.02 -10.29
CA LYS K 116 27.08 -58.26 -10.15
C LYS K 116 28.22 -58.31 -11.16
N ASP K 117 27.97 -57.86 -12.40
CA ASP K 117 29.05 -57.76 -13.37
C ASP K 117 30.12 -56.80 -12.89
N GLN K 118 29.72 -55.67 -12.30
CA GLN K 118 30.68 -54.72 -11.75
C GLN K 118 31.49 -55.36 -10.62
N LEU K 119 30.83 -56.13 -9.76
CA LEU K 119 31.54 -56.82 -8.67
C LEU K 119 32.56 -57.81 -9.23
N THR K 120 32.18 -58.57 -10.25
CA THR K 120 33.11 -59.51 -10.86
C THR K 120 34.31 -58.78 -11.46
N SER K 121 34.05 -57.67 -12.16
CA SER K 121 35.14 -56.90 -12.76
C SER K 121 36.07 -56.34 -11.69
N ILE K 122 35.51 -55.83 -10.60
CA ILE K 122 36.33 -55.31 -9.52
C ILE K 122 37.16 -56.43 -8.90
N ALA K 123 36.56 -57.60 -8.69
CA ALA K 123 37.28 -58.72 -8.08
C ALA K 123 38.43 -59.18 -8.96
N ASP K 124 38.20 -59.30 -10.27
CA ASP K 124 39.26 -59.80 -11.15
C ASP K 124 40.27 -58.73 -11.56
N ALA K 125 39.94 -57.45 -11.36
CA ALA K 125 40.84 -56.38 -11.79
C ALA K 125 41.76 -55.89 -10.69
N ALA K 126 41.38 -56.09 -9.42
CA ALA K 126 42.16 -55.60 -8.29
C ALA K 126 43.37 -56.52 -8.07
N SER K 127 44.29 -56.48 -9.03
CA SER K 127 45.52 -57.26 -8.99
C SER K 127 46.70 -56.33 -9.19
N PHE K 128 47.61 -56.29 -8.21
CA PHE K 128 48.76 -55.42 -8.32
C PHE K 128 49.87 -56.06 -9.14
N SER K 129 50.43 -57.17 -8.65
CA SER K 129 51.53 -57.85 -9.32
C SER K 129 51.27 -59.36 -9.36
N GLY K 130 50.06 -59.72 -9.76
CA GLY K 130 49.68 -61.13 -9.74
C GLY K 130 49.14 -61.58 -8.41
N GLU K 131 49.87 -61.29 -7.34
CA GLU K 131 49.39 -61.59 -5.99
C GLU K 131 48.32 -60.58 -5.61
N ASN K 132 47.06 -60.91 -5.92
CA ASN K 132 45.96 -59.97 -5.76
C ASN K 132 45.22 -60.12 -4.45
N TRP K 133 45.46 -61.19 -3.69
CA TRP K 133 44.81 -61.44 -2.41
C TRP K 133 43.29 -61.56 -2.55
N LEU K 134 42.79 -61.71 -3.77
CA LEU K 134 41.36 -61.83 -4.04
C LEU K 134 41.17 -62.86 -5.16
N GLN K 135 39.98 -63.45 -5.18
CA GLN K 135 39.64 -64.49 -6.16
C GLN K 135 40.68 -65.61 -6.15
N ALA K 136 40.89 -66.17 -4.97
CA ALA K 136 41.87 -67.22 -4.78
C ALA K 136 41.26 -68.58 -5.12
N ASP K 137 42.06 -69.63 -4.96
CA ASP K 137 41.62 -71.01 -5.20
C ASP K 137 41.36 -71.66 -3.85
N LEU K 138 40.09 -71.96 -3.57
CA LEU K 138 39.68 -72.56 -2.32
C LEU K 138 39.47 -74.06 -2.42
N SER K 139 39.89 -74.68 -3.54
CA SER K 139 39.79 -76.14 -3.65
C SER K 139 40.66 -76.83 -2.60
N GLY K 140 41.86 -76.30 -2.35
CA GLY K 140 42.70 -76.85 -1.31
C GLY K 140 42.11 -76.70 0.07
N GLY K 141 41.40 -75.60 0.32
CA GLY K 141 40.75 -75.39 1.60
C GLY K 141 41.14 -74.09 2.27
N ALA K 142 42.42 -73.71 2.16
CA ALA K 142 42.90 -72.49 2.79
C ALA K 142 44.24 -72.12 2.17
N VAL K 143 44.37 -70.85 1.77
CA VAL K 143 45.61 -70.32 1.22
C VAL K 143 46.01 -69.10 2.05
N THR K 144 47.30 -69.00 2.38
CA THR K 144 47.80 -67.95 3.25
C THR K 144 48.83 -67.13 2.49
N LYS K 145 48.57 -65.83 2.35
CA LYS K 145 49.53 -64.90 1.76
C LYS K 145 50.39 -64.28 2.85
N SER K 146 51.68 -64.13 2.57
CA SER K 146 52.64 -63.65 3.55
C SER K 146 53.38 -62.43 3.02
N VAL K 147 53.65 -61.49 3.91
CA VAL K 147 54.42 -60.29 3.60
C VAL K 147 55.66 -60.29 4.49
N VAL K 148 56.83 -60.11 3.88
CA VAL K 148 58.08 -60.13 4.63
C VAL K 148 58.08 -58.98 5.63
N GLY K 149 58.10 -59.31 6.92
CA GLY K 149 58.02 -58.31 7.95
C GLY K 149 59.36 -57.83 8.49
N SER K 150 60.21 -58.76 8.91
CA SER K 150 61.49 -58.40 9.49
C SER K 150 62.48 -59.54 9.30
N PHE K 151 63.76 -59.21 9.44
CA PHE K 151 64.84 -60.18 9.41
C PHE K 151 65.45 -60.27 10.80
N VAL K 152 65.42 -61.47 11.38
CA VAL K 152 65.82 -61.68 12.76
C VAL K 152 66.98 -62.66 12.81
N ARG K 153 68.04 -62.28 13.50
CA ARG K 153 69.18 -63.15 13.77
C ARG K 153 69.05 -63.68 15.19
N ASP K 154 68.73 -64.97 15.31
CA ASP K 154 68.56 -65.57 16.62
C ASP K 154 69.87 -65.58 17.39
N GLY K 155 69.77 -65.47 18.71
CA GLY K 155 70.95 -65.42 19.55
C GLY K 155 71.80 -66.68 19.45
N SER K 156 71.17 -67.83 19.23
CA SER K 156 71.90 -69.10 19.15
C SER K 156 72.44 -69.36 17.75
N GLY K 157 73.14 -68.37 17.19
CA GLY K 157 73.85 -68.53 15.93
C GLY K 157 73.00 -68.97 14.75
N SER K 158 71.86 -68.33 14.53
CA SER K 158 71.01 -68.68 13.41
C SER K 158 70.23 -67.45 12.96
N VAL K 159 69.77 -67.49 11.70
CA VAL K 159 69.03 -66.39 11.11
C VAL K 159 67.75 -66.93 10.49
N ALA K 160 66.77 -66.04 10.35
CA ALA K 160 65.48 -66.38 9.79
C ALA K 160 64.79 -65.10 9.35
N VAL K 161 63.67 -65.27 8.64
CA VAL K 161 62.86 -64.16 8.15
C VAL K 161 61.44 -64.33 8.68
N LYS K 162 60.87 -63.24 9.19
CA LYS K 162 59.51 -63.25 9.72
C LYS K 162 58.53 -62.72 8.68
N LYS K 163 57.30 -63.21 8.74
CA LYS K 163 56.28 -62.83 7.78
C LYS K 163 54.98 -62.52 8.50
N VAL K 164 54.13 -61.73 7.83
CA VAL K 164 52.80 -61.40 8.31
C VAL K 164 51.80 -62.17 7.45
N ASP K 165 50.95 -62.97 8.10
CA ASP K 165 50.09 -63.90 7.41
C ASP K 165 48.67 -63.34 7.31
N TYR K 166 48.10 -63.41 6.10
CA TYR K 166 46.70 -63.05 5.86
C TYR K 166 46.01 -64.28 5.28
N SER K 167 44.97 -64.75 5.96
CA SER K 167 44.30 -65.99 5.60
C SER K 167 43.17 -65.71 4.63
N LEU K 168 43.21 -66.35 3.46
CA LEU K 168 42.16 -66.23 2.45
C LEU K 168 41.25 -67.45 2.59
N ASN K 169 40.41 -67.43 3.62
CA ASN K 169 39.49 -68.52 3.89
C ASN K 169 38.20 -68.30 3.11
N ALA K 170 37.15 -69.05 3.46
CA ALA K 170 35.86 -68.94 2.81
C ALA K 170 35.06 -67.74 3.28
N ASN K 171 35.68 -66.80 3.99
CA ASN K 171 35.00 -65.62 4.48
C ASN K 171 35.44 -64.32 3.82
N SER K 172 36.64 -64.30 3.21
CA SER K 172 37.17 -63.10 2.58
C SER K 172 37.81 -63.46 1.24
N VAL K 173 37.11 -64.28 0.45
CA VAL K 173 37.69 -64.81 -0.78
C VAL K 173 37.26 -63.98 -1.99
N LEU K 174 36.05 -63.41 -1.94
CA LEU K 174 35.57 -62.56 -3.03
C LEU K 174 35.56 -63.30 -4.36
N PHE K 175 34.58 -64.20 -4.55
CA PHE K 175 34.42 -64.95 -5.80
C PHE K 175 35.55 -65.96 -6.04
N ASP K 176 35.65 -66.96 -5.17
CA ASP K 176 36.50 -68.12 -5.42
C ASP K 176 36.34 -68.61 -6.86
N THR K 177 37.47 -68.83 -7.53
CA THR K 177 37.49 -69.01 -8.98
C THR K 177 37.26 -70.44 -9.42
N VAL K 178 37.24 -71.42 -8.52
CA VAL K 178 37.16 -72.82 -8.94
C VAL K 178 35.86 -73.45 -8.49
N GLY K 179 35.66 -73.55 -7.18
CA GLY K 179 34.49 -74.23 -6.65
C GLY K 179 33.29 -73.36 -6.36
N ASP K 180 33.43 -72.04 -6.47
CA ASP K 180 32.36 -71.10 -6.11
C ASP K 180 31.90 -71.33 -4.68
N THR K 181 32.82 -71.75 -3.82
CA THR K 181 32.58 -71.92 -2.39
C THR K 181 33.43 -70.89 -1.65
N GLY K 182 32.75 -69.99 -0.94
CA GLY K 182 33.43 -68.90 -0.26
C GLY K 182 32.42 -67.91 0.28
N ILE K 183 32.64 -66.61 0.01
CA ILE K 183 31.63 -65.61 0.34
C ILE K 183 30.32 -65.92 -0.36
N LEU K 184 30.38 -66.42 -1.59
CA LEU K 184 29.20 -66.85 -2.29
C LEU K 184 28.69 -68.18 -1.76
N ASP K 185 27.40 -68.44 -2.00
CA ASP K 185 26.78 -69.75 -1.80
C ASP K 185 26.62 -70.03 -0.31
N LYS K 186 27.31 -69.26 0.53
CA LYS K 186 27.19 -69.44 1.97
C LYS K 186 26.12 -68.49 2.50
N VAL K 187 25.32 -68.98 3.44
CA VAL K 187 24.23 -68.17 3.98
C VAL K 187 24.61 -67.63 5.36
N TYR K 188 24.90 -68.53 6.31
CA TYR K 188 25.13 -68.15 7.71
C TYR K 188 24.05 -67.20 8.22
N ASN K 189 22.82 -67.38 7.75
CA ASN K 189 21.76 -66.43 8.03
C ASN K 189 21.40 -66.45 9.52
N VAL K 190 21.09 -65.27 10.04
CA VAL K 190 20.80 -65.13 11.47
C VAL K 190 19.49 -65.84 11.82
N SER K 191 18.51 -65.80 10.94
CA SER K 191 17.19 -66.36 11.22
C SER K 191 16.56 -66.87 9.94
N GLN K 192 15.26 -67.12 9.99
CA GLN K 192 14.49 -67.62 8.87
C GLN K 192 13.24 -66.76 8.71
N ALA K 193 12.65 -66.82 7.51
CA ALA K 193 11.43 -66.08 7.25
C ALA K 193 10.33 -66.51 8.21
N SER K 194 9.64 -65.53 8.79
CA SER K 194 8.65 -65.78 9.84
C SER K 194 7.36 -65.05 9.51
N VAL K 195 6.25 -65.61 9.99
CA VAL K 195 4.94 -65.01 9.81
C VAL K 195 4.18 -65.15 11.13
N THR K 196 3.49 -64.08 11.52
CA THR K 196 2.68 -64.06 12.73
C THR K 196 1.23 -64.34 12.36
N LEU K 197 0.66 -65.38 12.97
CA LEU K 197 -0.68 -65.84 12.63
C LEU K 197 -1.64 -65.60 13.78
N THR K 198 -2.93 -65.54 13.43
CA THR K 198 -4.01 -65.41 14.40
C THR K 198 -4.73 -66.76 14.44
N VAL K 199 -4.23 -67.67 15.28
CA VAL K 199 -4.77 -69.01 15.42
C VAL K 199 -5.23 -69.19 16.85
N ASN K 200 -6.48 -69.62 17.02
CA ASN K 200 -7.07 -69.84 18.34
C ASN K 200 -7.07 -71.33 18.64
N THR K 201 -6.23 -71.75 19.59
CA THR K 201 -6.25 -73.14 20.03
C THR K 201 -7.59 -73.49 20.65
N ASN K 202 -8.16 -72.56 21.43
CA ASN K 202 -9.45 -72.76 22.05
C ASN K 202 -10.37 -71.62 21.67
N GLY K 203 -11.50 -71.48 22.35
CA GLY K 203 -12.46 -70.44 22.07
C GLY K 203 -11.91 -69.03 22.12
N VAL K 204 -10.77 -68.86 22.80
CA VAL K 204 -10.10 -67.57 22.90
C VAL K 204 -8.99 -67.49 21.86
N GLU K 205 -8.87 -66.34 21.21
CA GLU K 205 -7.86 -66.14 20.17
C GLU K 205 -6.49 -65.90 20.79
N SER K 206 -5.45 -66.13 19.98
CA SER K 206 -4.07 -65.96 20.44
C SER K 206 -3.19 -65.68 19.24
N GLN K 207 -2.00 -65.14 19.53
CA GLN K 207 -1.01 -64.82 18.51
C GLN K 207 0.12 -65.82 18.58
N HIS K 208 0.51 -66.36 17.42
CA HIS K 208 1.57 -67.34 17.34
C HIS K 208 2.53 -66.97 16.22
N THR K 209 3.80 -67.35 16.39
CA THR K 209 4.85 -67.10 15.42
C THR K 209 5.35 -68.44 14.86
N VAL K 210 5.32 -68.58 13.54
CA VAL K 210 5.74 -69.81 12.88
C VAL K 210 6.55 -69.43 11.65
N ALA K 211 7.58 -70.23 11.36
CA ALA K 211 8.42 -69.97 10.19
C ALA K 211 7.63 -70.15 8.91
N ALA K 212 7.94 -69.32 7.91
CA ALA K 212 7.27 -69.35 6.62
C ALA K 212 8.19 -69.93 5.56
N TYR K 213 7.60 -70.70 4.65
CA TYR K 213 8.34 -71.38 3.59
C TYR K 213 7.85 -70.88 2.24
N SER K 214 8.78 -70.50 1.37
CA SER K 214 8.44 -70.03 0.04
C SER K 214 7.85 -71.15 -0.80
N LEU K 215 6.87 -70.80 -1.63
CA LEU K 215 6.25 -71.79 -2.51
C LEU K 215 7.25 -72.35 -3.52
N GLU K 216 8.22 -71.54 -3.93
CA GLU K 216 9.24 -72.00 -4.88
C GLU K 216 10.07 -73.13 -4.27
N SER K 217 10.43 -73.00 -2.98
CA SER K 217 11.21 -74.05 -2.33
C SER K 217 10.45 -75.37 -2.29
N LEU K 218 9.15 -75.31 -2.01
CA LEU K 218 8.35 -76.53 -1.98
C LEU K 218 8.21 -77.13 -3.38
N THR K 219 7.85 -76.31 -4.37
CA THR K 219 7.62 -76.83 -5.71
C THR K 219 8.90 -77.28 -6.39
N GLU K 220 10.07 -76.81 -5.94
CA GLU K 220 11.32 -77.24 -6.55
C GLU K 220 11.65 -78.69 -6.18
N ALA K 221 11.32 -79.10 -4.97
CA ALA K 221 11.66 -80.43 -4.47
C ALA K 221 10.61 -81.48 -4.81
N GLY K 222 9.77 -81.23 -5.81
CA GLY K 222 8.77 -82.21 -6.21
C GLY K 222 7.68 -82.40 -5.19
N ALA K 223 6.85 -81.38 -4.99
CA ALA K 223 5.80 -81.39 -3.98
C ALA K 223 4.45 -81.58 -4.63
N GLU K 224 3.69 -82.57 -4.15
CA GLU K 224 2.31 -82.72 -4.57
C GLU K 224 1.45 -81.65 -3.92
N PHE K 225 0.44 -81.19 -4.67
CA PHE K 225 -0.42 -80.11 -4.21
C PHE K 225 -1.88 -80.49 -4.40
N GLN K 226 -2.73 -79.98 -3.50
CA GLN K 226 -4.17 -80.15 -3.61
C GLN K 226 -4.83 -79.01 -2.83
N GLY K 227 -5.46 -78.09 -3.54
CA GLY K 227 -6.05 -76.93 -2.90
C GLY K 227 -5.02 -76.08 -2.19
N ASN K 228 -5.03 -76.12 -0.85
CA ASN K 228 -4.08 -75.38 -0.02
C ASN K 228 -3.22 -76.34 0.78
N TYR K 229 -2.79 -77.43 0.15
CA TYR K 229 -1.98 -78.45 0.81
C TYR K 229 -0.76 -78.79 -0.02
N ALA K 230 0.35 -79.07 0.65
CA ALA K 230 1.59 -79.50 0.01
C ALA K 230 2.11 -80.74 0.72
N LEU K 231 2.65 -81.68 -0.06
CA LEU K 231 3.18 -82.94 0.46
C LEU K 231 4.54 -83.20 -0.18
N GLN K 232 5.45 -82.24 -0.03
CA GLN K 232 6.80 -82.36 -0.58
C GLN K 232 7.43 -83.72 -0.22
N GLY K 233 7.53 -84.00 1.07
CA GLY K 233 8.03 -85.29 1.50
C GLY K 233 7.21 -85.83 2.66
N GLY K 234 7.88 -86.28 3.71
CA GLY K 234 7.18 -86.63 4.93
C GLY K 234 6.51 -85.42 5.57
N ASN K 235 7.13 -84.25 5.43
CA ASN K 235 6.57 -83.02 5.96
C ASN K 235 5.34 -82.61 5.16
N SER K 236 4.38 -81.99 5.85
CA SER K 236 3.15 -81.53 5.24
C SER K 236 3.01 -80.03 5.44
N TYR K 237 2.72 -79.30 4.36
CA TYR K 237 2.57 -77.85 4.40
C TYR K 237 1.17 -77.46 3.96
N VAL K 238 0.64 -76.41 4.59
CA VAL K 238 -0.64 -75.84 4.24
C VAL K 238 -0.50 -74.34 4.11
N LYS K 239 -1.42 -73.74 3.36
CA LYS K 239 -1.46 -72.29 3.15
C LYS K 239 -2.53 -71.70 4.04
N VAL K 240 -2.15 -70.74 4.87
CA VAL K 240 -3.09 -70.13 5.81
C VAL K 240 -3.76 -68.89 5.20
N GLU K 241 -2.99 -67.88 4.82
CA GLU K 241 -3.51 -66.79 3.99
C GLU K 241 -2.73 -66.63 2.70
N ASN K 242 -1.41 -66.48 2.75
CA ASN K 242 -0.60 -66.37 1.55
C ASN K 242 0.71 -67.13 1.61
N VAL K 243 1.15 -67.60 2.78
CA VAL K 243 2.44 -68.26 2.94
C VAL K 243 2.21 -69.71 3.36
N TRP K 244 3.12 -70.58 2.96
CA TRP K 244 3.04 -72.00 3.30
C TRP K 244 3.81 -72.26 4.59
N VAL K 245 3.16 -72.92 5.55
CA VAL K 245 3.75 -73.21 6.84
C VAL K 245 3.55 -74.69 7.15
N ARG K 246 4.37 -75.19 8.07
CA ARG K 246 4.28 -76.59 8.47
C ARG K 246 2.95 -76.88 9.13
N ALA K 247 2.36 -78.03 8.79
CA ALA K 247 1.11 -78.49 9.38
C ALA K 247 1.31 -79.85 10.03
N GLU K 248 0.27 -80.31 10.71
CA GLU K 248 0.30 -81.62 11.36
C GLU K 248 -1.10 -82.21 11.32
N THR K 249 -1.18 -83.51 11.50
CA THR K 249 -2.45 -84.22 11.42
C THR K 249 -3.35 -83.85 12.60
N ALA K 250 -4.61 -84.24 12.48
CA ALA K 250 -5.57 -84.01 13.55
C ALA K 250 -5.26 -84.93 14.73
N ALA K 251 -5.90 -84.63 15.87
CA ALA K 251 -5.73 -85.37 17.11
C ALA K 251 -4.28 -85.36 17.60
N THR K 252 -3.50 -84.36 17.19
CA THR K 252 -2.13 -84.20 17.65
C THR K 252 -1.91 -82.92 18.44
N GLY K 253 -2.77 -81.91 18.28
CA GLY K 253 -2.70 -80.73 19.12
C GLY K 253 -3.47 -80.94 20.41
N ALA K 254 -4.58 -81.67 20.32
CA ALA K 254 -5.40 -82.04 21.47
C ALA K 254 -5.91 -80.82 22.24
N THR K 255 -6.15 -79.72 21.53
CA THR K 255 -6.69 -78.52 22.13
C THR K 255 -7.93 -77.99 21.43
N GLY K 256 -8.39 -78.63 20.36
CA GLY K 256 -9.47 -78.07 19.57
C GLY K 256 -9.05 -76.91 18.70
N GLN K 257 -7.80 -76.91 18.24
CA GLN K 257 -7.28 -75.82 17.43
C GLN K 257 -8.05 -75.69 16.13
N GLU K 258 -8.15 -74.46 15.63
CA GLU K 258 -8.85 -74.18 14.38
C GLU K 258 -8.27 -75.01 13.24
N ILE K 259 -9.15 -75.68 12.49
CA ILE K 259 -8.71 -76.58 11.44
C ILE K 259 -8.16 -75.78 10.27
N ALA K 260 -6.97 -76.16 9.80
CA ALA K 260 -6.36 -75.47 8.67
C ALA K 260 -7.00 -75.88 7.35
N ALA K 261 -6.95 -77.16 7.02
CA ALA K 261 -7.54 -77.65 5.78
C ALA K 261 -7.79 -79.14 5.90
N THR K 262 -8.70 -79.63 5.05
CA THR K 262 -9.05 -81.04 4.99
C THR K 262 -8.81 -81.55 3.57
N THR K 263 -8.21 -82.74 3.46
CA THR K 263 -7.84 -83.32 2.18
C THR K 263 -8.50 -84.68 2.02
N THR K 264 -8.36 -85.24 0.81
CA THR K 264 -8.88 -86.56 0.50
C THR K 264 -7.76 -87.44 -0.05
N ALA K 265 -8.11 -88.61 -0.58
CA ALA K 265 -7.10 -89.53 -1.09
C ALA K 265 -6.29 -88.90 -2.21
N ALA K 266 -6.95 -88.65 -3.35
CA ALA K 266 -6.34 -87.95 -4.49
C ALA K 266 -4.96 -88.49 -4.83
N GLY K 267 -4.85 -89.81 -4.83
CA GLY K 267 -3.58 -90.46 -5.11
C GLY K 267 -2.81 -90.85 -3.86
N THR K 268 -1.68 -90.19 -3.62
CA THR K 268 -0.80 -90.51 -2.50
C THR K 268 -0.91 -89.50 -1.37
N ILE K 269 -2.11 -88.97 -1.12
CA ILE K 269 -2.34 -88.00 -0.05
C ILE K 269 -3.31 -88.62 0.95
N THR K 270 -2.88 -88.72 2.20
CA THR K 270 -3.74 -89.28 3.23
C THR K 270 -4.89 -88.33 3.54
N ALA K 271 -6.09 -88.89 3.70
CA ALA K 271 -7.28 -88.11 3.98
C ALA K 271 -7.33 -87.80 5.47
N ASP K 272 -7.13 -86.53 5.82
CA ASP K 272 -7.11 -86.12 7.23
C ASP K 272 -7.47 -84.66 7.33
N SER K 273 -7.80 -84.23 8.54
CA SER K 273 -8.12 -82.83 8.84
C SER K 273 -6.84 -82.19 9.37
N TRP K 274 -6.02 -81.68 8.47
CA TRP K 274 -4.74 -81.11 8.86
C TRP K 274 -4.92 -79.78 9.57
N VAL K 275 -4.04 -79.53 10.55
CA VAL K 275 -4.11 -78.32 11.37
C VAL K 275 -2.73 -77.67 11.37
N VAL K 276 -2.72 -76.35 11.58
CA VAL K 276 -1.45 -75.61 11.59
C VAL K 276 -0.63 -76.08 12.78
N ASP K 277 0.63 -76.43 12.52
CA ASP K 277 1.52 -76.96 13.54
C ASP K 277 2.12 -75.80 14.33
N VAL K 278 1.55 -75.51 15.50
CA VAL K 278 2.12 -74.50 16.38
C VAL K 278 3.45 -75.00 16.93
N GLY K 279 4.48 -74.17 16.82
CA GLY K 279 5.81 -74.58 17.20
C GLY K 279 6.79 -74.40 16.05
N ASN K 280 7.84 -75.23 16.04
CA ASN K 280 8.90 -75.20 15.02
C ASN K 280 9.24 -73.76 14.61
N ALA K 281 9.59 -72.96 15.62
CA ALA K 281 9.87 -71.55 15.41
C ALA K 281 11.08 -71.38 14.48
N PRO K 282 11.14 -70.26 13.75
CA PRO K 282 12.28 -70.04 12.83
C PRO K 282 13.64 -70.27 13.48
N ALA K 283 14.36 -71.26 12.98
CA ALA K 283 15.67 -71.61 13.52
C ALA K 283 16.77 -71.01 12.66
N ALA K 284 17.90 -70.72 13.31
CA ALA K 284 19.03 -70.15 12.62
C ALA K 284 19.74 -71.21 11.77
N ASN K 285 20.64 -70.74 10.92
CA ASN K 285 21.49 -71.60 10.07
C ASN K 285 20.63 -72.50 9.18
N VAL K 286 19.87 -71.87 8.30
CA VAL K 286 19.07 -72.55 7.30
C VAL K 286 19.38 -71.93 5.94
N SER K 287 19.40 -72.76 4.90
CA SER K 287 19.78 -72.29 3.57
C SER K 287 18.80 -71.23 3.07
N ALA K 288 19.35 -70.15 2.54
CA ALA K 288 18.53 -69.05 2.02
C ALA K 288 18.17 -69.35 0.56
N GLY K 289 17.59 -68.36 -0.13
CA GLY K 289 17.15 -68.55 -1.49
C GLY K 289 18.26 -68.71 -2.49
N GLN K 290 19.01 -67.63 -2.74
CA GLN K 290 20.04 -67.62 -3.76
C GLN K 290 21.29 -66.93 -3.22
N SER K 291 22.42 -67.23 -3.86
CA SER K 291 23.68 -66.61 -3.50
C SER K 291 23.76 -65.19 -4.06
N VAL K 292 24.83 -64.48 -3.68
CA VAL K 292 25.01 -63.11 -4.13
C VAL K 292 25.23 -63.06 -5.64
N ALA K 293 26.05 -63.97 -6.16
CA ALA K 293 26.39 -63.93 -7.58
C ALA K 293 25.27 -64.42 -8.49
N ASN K 294 24.22 -65.03 -7.94
CA ASN K 294 23.14 -65.60 -8.73
C ASN K 294 21.81 -65.08 -8.18
N ILE K 295 21.69 -63.76 -8.10
CA ILE K 295 20.47 -63.13 -7.61
C ILE K 295 19.47 -63.01 -8.75
N ASN K 296 18.31 -63.62 -8.59
CA ASN K 296 17.23 -63.54 -9.57
C ASN K 296 15.92 -63.40 -8.79
N ILE K 297 15.35 -62.19 -8.78
CA ILE K 297 14.25 -61.87 -7.89
C ILE K 297 12.94 -61.68 -8.63
N VAL K 298 12.85 -62.10 -9.89
CA VAL K 298 11.62 -61.93 -10.65
C VAL K 298 10.62 -62.99 -10.21
N GLY K 299 9.42 -62.54 -9.85
CA GLY K 299 8.38 -63.44 -9.38
C GLY K 299 8.77 -64.21 -8.13
N MET K 300 9.38 -63.52 -7.18
CA MET K 300 9.88 -64.19 -5.98
C MET K 300 8.73 -64.66 -5.09
N GLY K 301 7.73 -63.82 -4.90
CA GLY K 301 6.59 -64.15 -4.07
C GLY K 301 6.59 -63.55 -2.68
N ALA K 302 7.57 -62.70 -2.36
CA ALA K 302 7.64 -62.00 -1.08
C ALA K 302 7.71 -62.94 0.11
N ALA K 303 8.26 -64.14 -0.08
CA ALA K 303 8.39 -65.12 0.99
C ALA K 303 9.84 -65.37 1.37
N ALA K 304 10.69 -65.69 0.40
CA ALA K 304 12.11 -65.88 0.66
C ALA K 304 12.93 -64.60 0.52
N LEU K 305 12.27 -63.47 0.23
CA LEU K 305 12.99 -62.21 0.14
C LEU K 305 13.63 -61.84 1.47
N ASP K 306 13.01 -62.21 2.59
CA ASP K 306 13.64 -61.98 3.88
C ASP K 306 14.92 -62.79 4.02
N ALA K 307 14.91 -64.04 3.54
CA ALA K 307 16.11 -64.86 3.56
C ALA K 307 17.19 -64.25 2.66
N LEU K 308 16.79 -63.72 1.50
CA LEU K 308 17.75 -63.08 0.61
C LEU K 308 18.37 -61.85 1.27
N ILE K 309 17.55 -61.04 1.95
CA ILE K 309 18.06 -59.88 2.66
C ILE K 309 19.03 -60.31 3.76
N SER K 310 18.68 -61.36 4.49
CA SER K 310 19.56 -61.84 5.54
C SER K 310 20.90 -62.32 4.98
N GLY K 311 20.87 -63.03 3.86
CA GLY K 311 22.12 -63.46 3.22
C GLY K 311 22.96 -62.29 2.74
N VAL K 312 22.31 -61.30 2.15
CA VAL K 312 23.03 -60.11 1.69
C VAL K 312 23.66 -59.39 2.87
N ASP K 313 22.92 -59.26 3.98
CA ASP K 313 23.46 -58.61 5.16
C ASP K 313 24.64 -59.39 5.73
N ALA K 314 24.54 -60.72 5.74
CA ALA K 314 25.65 -61.53 6.24
C ALA K 314 26.89 -61.35 5.36
N ALA K 315 26.71 -61.33 4.04
CA ALA K 315 27.83 -61.10 3.15
C ALA K 315 28.44 -59.71 3.37
N LEU K 316 27.59 -58.71 3.56
CA LEU K 316 28.08 -57.36 3.83
C LEU K 316 28.87 -57.30 5.12
N THR K 317 28.39 -57.97 6.17
CA THR K 317 29.11 -57.98 7.43
C THR K 317 30.45 -58.69 7.30
N ASP K 318 30.48 -59.82 6.59
CA ASP K 318 31.72 -60.55 6.39
C ASP K 318 32.73 -59.71 5.61
N MET K 319 32.27 -59.02 4.56
CA MET K 319 33.18 -58.18 3.79
C MET K 319 33.64 -56.96 4.58
N THR K 320 32.77 -56.41 5.44
CA THR K 320 33.20 -55.32 6.31
C THR K 320 34.27 -55.79 7.29
N SER K 321 34.11 -57.00 7.83
CA SER K 321 35.15 -57.56 8.69
C SER K 321 36.46 -57.76 7.92
N ALA K 322 36.35 -58.22 6.67
CA ALA K 322 37.54 -58.38 5.85
C ALA K 322 38.24 -57.06 5.60
N ALA K 323 37.47 -55.99 5.35
CA ALA K 323 38.04 -54.68 5.14
C ALA K 323 38.73 -54.18 6.42
N ALA K 324 38.10 -54.42 7.57
CA ALA K 324 38.73 -54.04 8.84
C ALA K 324 40.05 -54.79 9.04
N SER K 325 40.06 -56.09 8.71
CA SER K 325 41.29 -56.87 8.82
C SER K 325 42.35 -56.34 7.87
N LEU K 326 41.97 -55.96 6.65
CA LEU K 326 42.93 -55.40 5.71
C LEU K 326 43.50 -54.08 6.21
N GLY K 327 42.66 -53.23 6.80
CA GLY K 327 43.15 -51.99 7.38
C GLY K 327 44.10 -52.23 8.53
N SER K 328 43.78 -53.22 9.38
CA SER K 328 44.69 -53.57 10.47
C SER K 328 46.02 -54.08 9.93
N ILE K 329 45.99 -54.88 8.86
CA ILE K 329 47.21 -55.37 8.25
C ILE K 329 48.03 -54.20 7.71
N SER K 330 47.38 -53.25 7.05
CA SER K 330 48.10 -52.09 6.52
C SER K 330 48.74 -51.27 7.64
N SER K 331 48.01 -51.07 8.74
CA SER K 331 48.58 -50.36 9.87
C SER K 331 49.78 -51.11 10.46
N ARG K 332 49.67 -52.44 10.54
CA ARG K 332 50.79 -53.23 11.04
C ARG K 332 51.99 -53.12 10.12
N ILE K 333 51.76 -53.10 8.80
CA ILE K 333 52.87 -52.95 7.86
C ILE K 333 53.53 -51.59 8.04
N ASP K 334 52.74 -50.54 8.22
CA ASP K 334 53.31 -49.21 8.44
C ASP K 334 54.16 -49.17 9.71
N LEU K 335 53.62 -49.73 10.80
CA LEU K 335 54.36 -49.75 12.06
C LEU K 335 55.64 -50.58 11.92
N GLN K 336 55.56 -51.72 11.23
CA GLN K 336 56.73 -52.55 11.02
C GLN K 336 57.79 -51.83 10.20
N SER K 337 57.37 -51.10 9.17
CA SER K 337 58.32 -50.35 8.36
C SER K 337 59.01 -49.27 9.20
N GLU K 338 58.25 -48.54 10.01
CA GLU K 338 58.85 -47.52 10.86
C GLU K 338 59.85 -48.15 11.84
N PHE K 339 59.46 -49.26 12.47
CA PHE K 339 60.35 -49.90 13.43
C PHE K 339 61.60 -50.46 12.76
N VAL K 340 61.46 -51.03 11.57
CA VAL K 340 62.62 -51.57 10.85
C VAL K 340 63.56 -50.44 10.46
N ASN K 341 63.02 -49.30 10.03
CA ASN K 341 63.87 -48.17 9.71
C ASN K 341 64.61 -47.67 10.95
N LYS K 342 63.92 -47.59 12.08
CA LYS K 342 64.57 -47.17 13.32
C LYS K 342 65.66 -48.16 13.73
N LEU K 343 65.38 -49.46 13.60
CA LEU K 343 66.36 -50.47 13.96
C LEU K 343 67.57 -50.42 13.04
N SER K 344 67.35 -50.21 11.74
CA SER K 344 68.47 -50.06 10.81
C SER K 344 69.30 -48.85 11.15
N ASP K 345 68.65 -47.74 11.51
CA ASP K 345 69.39 -46.56 11.94
C ASP K 345 70.23 -46.85 13.17
N SER K 346 69.67 -47.55 14.15
CA SER K 346 70.41 -47.87 15.36
C SER K 346 71.60 -48.79 15.06
N ILE K 347 71.39 -49.78 14.19
CA ILE K 347 72.47 -50.69 13.83
C ILE K 347 73.59 -49.95 13.12
N GLU K 348 73.22 -49.06 12.18
CA GLU K 348 74.25 -48.33 11.44
C GLU K 348 74.99 -47.37 12.35
N SER K 349 74.30 -46.76 13.31
CA SER K 349 74.97 -45.91 14.29
C SER K 349 75.94 -46.71 15.15
N GLY K 350 75.54 -47.91 15.56
CA GLY K 350 76.45 -48.77 16.30
C GLY K 350 77.67 -49.16 15.50
N VAL K 351 77.46 -49.47 14.21
CA VAL K 351 78.59 -49.78 13.33
C VAL K 351 79.53 -48.58 13.23
N GLY K 352 78.96 -47.38 13.08
CA GLY K 352 79.79 -46.18 13.03
C GLY K 352 80.58 -45.98 14.32
N ARG K 353 79.93 -46.18 15.46
CA ARG K 353 80.63 -46.04 16.74
C ARG K 353 81.76 -47.05 16.86
N LEU K 354 81.55 -48.27 16.36
CA LEU K 354 82.58 -49.30 16.48
C LEU K 354 83.71 -49.09 15.48
N VAL K 355 83.43 -48.46 14.34
CA VAL K 355 84.36 -48.42 13.23
C VAL K 355 84.95 -47.04 12.98
N ASP K 356 84.18 -45.97 13.14
CA ASP K 356 84.66 -44.64 12.77
C ASP K 356 85.79 -44.17 13.67
N ALA K 357 86.61 -43.28 13.13
CA ALA K 357 87.73 -42.67 13.86
C ALA K 357 87.60 -41.16 13.82
N ASP K 358 87.88 -40.51 14.95
CA ASP K 358 87.89 -39.06 15.01
C ASP K 358 89.08 -38.50 14.23
N MET K 359 88.80 -37.55 13.33
CA MET K 359 89.83 -37.09 12.41
C MET K 359 90.79 -36.10 13.04
N ASN K 360 90.38 -35.43 14.12
CA ASN K 360 91.28 -34.48 14.78
C ASN K 360 92.50 -35.19 15.35
N GLU K 361 92.28 -36.34 16.01
CA GLU K 361 93.38 -37.10 16.58
C GLU K 361 94.29 -37.64 15.49
N GLU K 362 93.72 -38.09 14.37
CA GLU K 362 94.53 -38.56 13.26
C GLU K 362 95.34 -37.43 12.64
N SER K 363 94.77 -36.23 12.54
CA SER K 363 95.53 -35.09 12.02
C SER K 363 96.69 -34.74 12.94
N THR K 364 96.45 -34.75 14.25
CA THR K 364 97.53 -34.50 15.20
C THR K 364 98.63 -35.55 15.06
N ARG K 365 98.24 -36.82 14.94
CA ARG K 365 99.22 -37.89 14.75
C ARG K 365 100.00 -37.71 13.45
N LEU K 366 99.31 -37.29 12.38
CA LEU K 366 99.98 -37.10 11.10
C LEU K 366 101.03 -36.01 11.19
N LYS K 367 100.67 -34.88 11.82
CA LYS K 367 101.64 -33.80 12.00
C LYS K 367 102.82 -34.25 12.85
N ALA K 368 102.53 -34.96 13.95
CA ALA K 368 103.60 -35.44 14.82
C ALA K 368 104.54 -36.39 14.09
N LEU K 369 103.98 -37.29 13.28
CA LEU K 369 104.81 -38.25 12.55
C LEU K 369 105.61 -37.57 11.45
N GLN K 370 105.04 -36.56 10.79
CA GLN K 370 105.83 -35.81 9.81
C GLN K 370 107.01 -35.12 10.47
N THR K 371 106.78 -34.49 11.63
CA THR K 371 107.87 -33.84 12.33
C THR K 371 108.92 -34.85 12.80
N GLN K 372 108.46 -36.00 13.30
CA GLN K 372 109.38 -37.03 13.76
C GLN K 372 110.21 -37.58 12.60
N GLN K 373 109.59 -37.73 11.43
CA GLN K 373 110.33 -38.16 10.25
C GLN K 373 111.39 -37.13 9.88
N GLN K 374 111.04 -35.85 9.94
CA GLN K 374 112.03 -34.81 9.63
C GLN K 374 113.21 -34.86 10.60
N LEU K 375 112.93 -34.99 11.89
CA LEU K 375 114.01 -35.09 12.88
C LEU K 375 114.86 -36.34 12.66
N ALA K 376 114.21 -37.47 12.36
CA ALA K 376 114.97 -38.71 12.15
C ALA K 376 115.86 -38.58 10.91
N ILE K 377 115.36 -37.96 9.85
CA ILE K 377 116.17 -37.76 8.66
C ILE K 377 117.36 -36.86 8.96
N GLN K 378 117.13 -35.78 9.72
CA GLN K 378 118.24 -34.91 10.09
C GLN K 378 119.28 -35.66 10.91
N ALA K 379 118.83 -36.49 11.85
CA ALA K 379 119.76 -37.26 12.68
C ALA K 379 120.54 -38.26 11.84
N LEU K 380 119.88 -38.89 10.87
CA LEU K 380 120.57 -39.83 9.99
C LEU K 380 121.61 -39.11 9.14
N SER K 381 121.29 -37.90 8.68
CA SER K 381 122.27 -37.11 7.95
C SER K 381 123.46 -36.77 8.84
N ILE K 382 123.21 -36.44 10.10
CA ILE K 382 124.31 -36.19 11.03
C ILE K 382 125.15 -37.44 11.21
N ALA K 383 124.50 -38.61 11.31
CA ALA K 383 125.24 -39.86 11.44
C ALA K 383 126.13 -40.11 10.23
N ASN K 384 125.59 -39.86 9.03
CA ASN K 384 126.39 -40.05 7.83
C ASN K 384 127.57 -39.08 7.80
N SER K 385 127.35 -37.82 8.19
CA SER K 385 128.43 -36.84 8.17
C SER K 385 129.44 -37.06 9.28
N ASP K 386 129.08 -37.84 10.31
CA ASP K 386 130.01 -38.08 11.42
C ASP K 386 131.22 -38.88 10.96
N SER K 387 131.02 -39.81 10.02
CA SER K 387 132.05 -40.81 9.72
C SER K 387 133.32 -40.19 9.15
N GLN K 388 133.19 -39.23 8.23
CA GLN K 388 134.34 -38.78 7.45
C GLN K 388 135.27 -37.84 8.20
N ASN K 389 134.99 -37.54 9.48
CA ASN K 389 135.89 -36.69 10.24
C ASN K 389 137.24 -37.35 10.52
N VAL K 390 137.32 -38.68 10.41
CA VAL K 390 138.55 -39.38 10.73
C VAL K 390 139.67 -39.10 9.73
N LEU K 391 139.34 -38.49 8.59
CA LEU K 391 140.36 -38.23 7.57
C LEU K 391 141.42 -37.24 8.04
N SER K 392 141.13 -36.45 9.08
CA SER K 392 142.08 -35.44 9.52
C SER K 392 143.34 -36.04 10.10
N LEU K 393 143.23 -37.21 10.75
CA LEU K 393 144.41 -37.84 11.34
C LEU K 393 145.38 -38.31 10.27
N PHE K 394 144.88 -38.77 9.13
CA PHE K 394 145.72 -39.28 8.05
C PHE K 394 145.99 -38.23 6.97
N ARG K 395 145.69 -36.97 7.25
CA ARG K 395 145.85 -35.83 6.33
C ARG K 395 145.62 -36.15 4.85
N THR L 2 112.55 -46.61 2.56
CA THR L 2 111.78 -45.76 1.66
C THR L 2 112.19 -45.99 0.20
N SER L 3 111.20 -46.32 -0.63
CA SER L 3 111.42 -46.59 -2.04
C SER L 3 110.75 -45.52 -2.88
N ILE L 4 111.50 -44.94 -3.82
CA ILE L 4 110.95 -43.92 -4.71
C ILE L 4 110.21 -44.51 -5.90
N LEU L 5 110.25 -45.84 -6.07
CA LEU L 5 109.58 -46.48 -7.19
C LEU L 5 108.15 -46.90 -6.89
N THR L 6 107.81 -47.09 -5.62
CA THR L 6 106.47 -47.47 -5.22
C THR L 6 106.02 -46.63 -4.04
N ASN L 7 104.71 -46.45 -3.93
CA ASN L 7 104.11 -45.67 -2.85
C ASN L 7 102.81 -46.37 -2.45
N ASN L 8 102.89 -47.22 -1.42
CA ASN L 8 101.72 -47.99 -0.99
C ASN L 8 100.61 -47.06 -0.49
N SER L 9 100.97 -46.03 0.27
CA SER L 9 99.98 -45.09 0.76
C SER L 9 99.28 -44.37 -0.38
N ALA L 10 100.05 -43.96 -1.39
CA ALA L 10 99.46 -43.30 -2.55
C ALA L 10 98.52 -44.24 -3.30
N MET L 11 98.89 -45.52 -3.41
CA MET L 11 98.04 -46.48 -4.11
C MET L 11 96.74 -46.73 -3.35
N ALA L 12 96.82 -46.85 -2.02
CA ALA L 12 95.62 -47.00 -1.21
C ALA L 12 94.73 -45.77 -1.32
N ALA L 13 95.34 -44.58 -1.30
CA ALA L 13 94.57 -43.35 -1.49
C ALA L 13 93.93 -43.32 -2.86
N LEU L 14 94.62 -43.83 -3.88
CA LEU L 14 94.05 -43.89 -5.23
C LEU L 14 92.83 -44.79 -5.27
N SER L 15 92.92 -45.96 -4.65
CA SER L 15 91.76 -46.85 -4.60
C SER L 15 90.61 -46.22 -3.84
N GLY L 16 90.90 -45.54 -2.73
CA GLY L 16 89.85 -44.84 -2.00
C GLY L 16 89.20 -43.75 -2.84
N VAL L 17 90.01 -42.98 -3.56
CA VAL L 17 89.48 -41.91 -4.40
C VAL L 17 88.59 -42.49 -5.50
N ARG L 18 89.01 -43.62 -6.08
CA ARG L 18 88.20 -44.26 -7.11
C ARG L 18 86.86 -44.70 -6.54
N SER L 19 86.86 -45.30 -5.35
CA SER L 19 85.60 -45.72 -4.73
C SER L 19 84.70 -44.53 -4.45
N ILE L 20 85.28 -43.45 -3.91
CA ILE L 20 84.50 -42.24 -3.62
C ILE L 20 83.92 -41.66 -4.91
N SER L 21 84.72 -41.66 -5.98
CA SER L 21 84.24 -41.11 -7.25
C SER L 21 83.08 -41.92 -7.80
N SER L 22 83.18 -43.26 -7.72
CA SER L 22 82.08 -44.10 -8.21
C SER L 22 80.82 -43.86 -7.39
N SER L 23 80.96 -43.82 -6.05
CA SER L 23 79.79 -43.59 -5.20
C SER L 23 79.18 -42.21 -5.46
N MET L 24 80.03 -41.19 -5.64
CA MET L 24 79.55 -39.85 -5.89
C MET L 24 78.83 -39.77 -7.23
N GLU L 25 79.35 -40.45 -8.25
CA GLU L 25 78.67 -40.48 -9.55
C GLU L 25 77.29 -41.14 -9.41
N ASP L 26 77.23 -42.26 -8.69
CA ASP L 26 75.95 -42.94 -8.51
C ASP L 26 74.95 -42.03 -7.79
N THR L 27 75.38 -41.40 -6.69
CA THR L 27 74.49 -40.54 -5.93
C THR L 27 74.09 -39.30 -6.73
N GLN L 28 75.00 -38.77 -7.54
CA GLN L 28 74.69 -37.59 -8.34
C GLN L 28 73.65 -37.91 -9.40
N SER L 29 73.79 -39.05 -10.08
CA SER L 29 72.74 -39.46 -11.02
C SER L 29 71.43 -39.70 -10.29
N ARG L 30 71.49 -40.31 -9.10
CA ARG L 30 70.29 -40.62 -8.34
C ARG L 30 69.55 -39.35 -7.94
N ILE L 31 70.29 -38.32 -7.53
CA ILE L 31 69.65 -37.07 -7.13
C ILE L 31 69.24 -36.25 -8.35
N SER L 32 69.92 -36.44 -9.49
CA SER L 32 69.56 -35.70 -10.70
C SER L 32 68.23 -36.19 -11.25
N SER L 33 68.05 -37.51 -11.34
CA SER L 33 66.89 -38.07 -12.01
C SER L 33 65.91 -38.76 -11.06
N GLY L 34 66.08 -38.60 -9.74
CA GLY L 34 65.31 -39.41 -8.83
C GLY L 34 65.59 -40.87 -9.07
N LEU L 35 64.52 -41.69 -9.12
CA LEU L 35 64.60 -43.06 -9.62
C LEU L 35 65.64 -43.87 -8.84
N ARG L 36 65.33 -44.14 -7.58
CA ARG L 36 66.22 -44.94 -6.75
C ARG L 36 66.58 -46.25 -7.45
N VAL L 37 65.62 -46.87 -8.13
CA VAL L 37 65.88 -47.93 -9.09
C VAL L 37 65.80 -47.28 -10.47
N GLY L 38 66.95 -46.81 -10.96
CA GLY L 38 66.97 -46.00 -12.16
C GLY L 38 67.23 -46.76 -13.45
N SER L 39 67.91 -47.89 -13.37
CA SER L 39 68.25 -48.66 -14.55
C SER L 39 68.34 -50.13 -14.19
N ALA L 40 68.59 -50.96 -15.20
CA ALA L 40 68.75 -52.39 -14.98
C ALA L 40 69.96 -52.73 -14.13
N SER L 41 70.95 -51.83 -14.06
CA SER L 41 72.10 -52.04 -13.20
C SER L 41 71.70 -52.06 -11.73
N ASP L 42 70.56 -51.50 -11.38
CA ASP L 42 70.02 -51.57 -10.03
C ASP L 42 69.34 -52.93 -9.85
N ASN L 43 68.54 -53.06 -8.79
CA ASN L 43 67.82 -54.30 -8.54
C ASN L 43 66.95 -54.66 -9.74
N ALA L 44 67.29 -55.76 -10.41
CA ALA L 44 66.64 -56.11 -11.67
C ALA L 44 65.18 -56.45 -11.47
N ALA L 45 64.85 -57.18 -10.41
CA ALA L 45 63.46 -57.58 -10.19
C ALA L 45 62.55 -56.37 -9.99
N TYR L 46 62.98 -55.40 -9.18
CA TYR L 46 62.17 -54.20 -8.97
C TYR L 46 62.07 -53.38 -10.24
N TRP L 47 63.13 -53.33 -11.04
CA TRP L 47 63.08 -52.61 -12.31
C TRP L 47 62.05 -53.25 -13.24
N SER L 48 62.06 -54.59 -13.33
CA SER L 48 61.09 -55.28 -14.17
C SER L 48 59.67 -55.08 -13.69
N ILE L 49 59.47 -55.13 -12.36
CA ILE L 49 58.14 -54.89 -11.81
C ILE L 49 57.66 -53.49 -12.14
N ALA L 50 58.55 -52.50 -12.00
CA ALA L 50 58.19 -51.12 -12.32
C ALA L 50 57.83 -50.97 -13.78
N THR L 51 58.59 -51.61 -14.67
CA THR L 51 58.28 -51.54 -16.10
C THR L 51 56.92 -52.16 -16.39
N THR L 52 56.64 -53.32 -15.78
CA THR L 52 55.35 -53.98 -16.00
C THR L 52 54.20 -53.11 -15.48
N MET L 53 54.37 -52.50 -14.32
CA MET L 53 53.32 -51.64 -13.78
C MET L 53 53.13 -50.39 -14.62
N ARG L 54 54.20 -49.83 -15.17
CA ARG L 54 54.06 -48.68 -16.06
C ARG L 54 53.29 -49.06 -17.32
N SER L 55 53.59 -50.24 -17.88
CA SER L 55 52.82 -50.71 -19.04
C SER L 55 51.35 -50.89 -18.69
N ASP L 56 51.08 -51.47 -17.52
CA ASP L 56 49.69 -51.66 -17.10
C ASP L 56 48.98 -50.33 -16.88
N ASN L 57 49.71 -49.33 -16.37
CA ASN L 57 49.13 -48.01 -16.17
C ASN L 57 48.79 -47.35 -17.50
N GLN L 58 49.67 -47.49 -18.49
CA GLN L 58 49.35 -46.98 -19.83
C GLN L 58 48.13 -47.69 -20.41
N ALA L 59 48.04 -49.00 -20.23
CA ALA L 59 46.87 -49.74 -20.69
C ALA L 59 45.61 -49.24 -19.98
N LEU L 60 45.71 -48.96 -18.68
CA LEU L 60 44.57 -48.47 -17.93
C LEU L 60 44.13 -47.10 -18.41
N SER L 61 45.09 -46.24 -18.76
CA SER L 61 44.75 -44.94 -19.33
C SER L 61 44.01 -45.10 -20.66
N ALA L 62 44.47 -46.03 -21.49
CA ALA L 62 43.76 -46.30 -22.74
C ALA L 62 42.35 -46.80 -22.47
N VAL L 63 42.19 -47.68 -21.47
CA VAL L 63 40.87 -48.18 -21.11
C VAL L 63 39.98 -47.04 -20.62
N GLN L 64 40.56 -46.08 -19.89
CA GLN L 64 39.78 -44.94 -19.42
C GLN L 64 39.30 -44.09 -20.58
N ASP L 65 40.16 -43.89 -21.59
CA ASP L 65 39.72 -43.19 -22.79
C ASP L 65 38.58 -43.93 -23.48
N ALA L 66 38.70 -45.26 -23.57
CA ALA L 66 37.63 -46.06 -24.16
C ALA L 66 36.34 -45.94 -23.36
N LEU L 67 36.46 -45.88 -22.03
CA LEU L 67 35.29 -45.67 -21.18
C LEU L 67 34.63 -44.32 -21.46
N GLY L 68 35.43 -43.28 -21.64
CA GLY L 68 34.87 -41.99 -21.99
C GLY L 68 34.11 -42.03 -23.31
N LEU L 69 34.70 -42.68 -24.32
CA LEU L 69 34.04 -42.81 -25.60
C LEU L 69 32.72 -43.58 -25.47
N GLY L 70 32.75 -44.69 -24.73
CA GLY L 70 31.55 -45.48 -24.55
C GLY L 70 30.47 -44.73 -23.79
N ALA L 71 30.87 -43.94 -22.78
CA ALA L 71 29.90 -43.12 -22.06
C ALA L 71 29.25 -42.10 -22.98
N ALA L 72 30.05 -41.48 -23.86
CA ALA L 72 29.48 -40.54 -24.83
C ALA L 72 28.48 -41.23 -25.75
N LYS L 73 28.83 -42.42 -26.25
CA LYS L 73 27.91 -43.16 -27.12
C LYS L 73 26.62 -43.51 -26.38
N VAL L 74 26.73 -43.96 -25.14
CA VAL L 74 25.56 -44.33 -24.36
C VAL L 74 24.69 -43.11 -24.10
N ASP L 75 25.30 -41.97 -23.81
CA ASP L 75 24.54 -40.75 -23.59
C ASP L 75 23.76 -40.35 -24.84
N THR L 76 24.40 -40.42 -26.01
CA THR L 76 23.72 -40.08 -27.25
C THR L 76 22.54 -41.02 -27.51
N ALA L 77 22.78 -42.33 -27.37
CA ALA L 77 21.73 -43.30 -27.60
C ALA L 77 20.58 -43.11 -26.61
N TYR L 78 20.91 -42.80 -25.36
CA TYR L 78 19.90 -42.61 -24.33
C TYR L 78 19.06 -41.37 -24.63
N SER L 79 19.68 -40.30 -25.10
CA SER L 79 18.92 -39.10 -25.47
C SER L 79 17.97 -39.41 -26.62
N GLY L 80 18.46 -40.14 -27.63
CA GLY L 80 17.55 -40.57 -28.69
C GLY L 80 16.41 -41.42 -28.17
N MET L 81 16.71 -42.28 -27.19
CA MET L 81 15.67 -43.12 -26.60
C MET L 81 14.62 -42.28 -25.88
N GLU L 82 15.06 -41.24 -25.16
CA GLU L 82 14.11 -40.35 -24.50
C GLU L 82 13.22 -39.64 -25.50
N SER L 83 13.81 -39.16 -26.60
CA SER L 83 13.00 -38.54 -27.65
C SER L 83 11.97 -39.51 -28.20
N ALA L 84 12.38 -40.77 -28.42
CA ALA L 84 11.45 -41.78 -28.90
C ALA L 84 10.33 -42.03 -27.90
N ILE L 85 10.67 -42.07 -26.61
CA ILE L 85 9.65 -42.24 -25.56
C ILE L 85 8.63 -41.11 -25.63
N GLU L 86 9.11 -39.88 -25.74
CA GLU L 86 8.19 -38.74 -25.78
C GLU L 86 7.28 -38.81 -27.00
N VAL L 87 7.85 -39.11 -28.16
CA VAL L 87 7.04 -39.16 -29.38
C VAL L 87 6.01 -40.28 -29.30
N VAL L 88 6.40 -41.44 -28.77
CA VAL L 88 5.48 -42.57 -28.69
C VAL L 88 4.37 -42.30 -27.67
N LYS L 89 4.71 -41.63 -26.57
CA LYS L 89 3.67 -41.24 -25.62
C LYS L 89 2.67 -40.28 -26.26
N GLU L 90 3.18 -39.32 -27.05
CA GLU L 90 2.28 -38.43 -27.77
C GLU L 90 1.40 -39.21 -28.75
N ILE L 91 1.98 -40.20 -29.43
CA ILE L 91 1.21 -41.02 -30.36
C ILE L 91 0.10 -41.77 -29.63
N LYS L 92 0.42 -42.34 -28.46
CA LYS L 92 -0.58 -43.07 -27.70
C LYS L 92 -1.69 -42.15 -27.22
N ALA L 93 -1.33 -40.94 -26.78
CA ALA L 93 -2.36 -39.98 -26.39
C ALA L 93 -3.26 -39.62 -27.56
N LYS L 94 -2.68 -39.41 -28.73
CA LYS L 94 -3.47 -39.10 -29.91
C LYS L 94 -4.41 -40.26 -30.28
N LEU L 95 -3.90 -41.49 -30.18
CA LEU L 95 -4.73 -42.66 -30.48
C LEU L 95 -5.88 -42.78 -29.48
N VAL L 96 -5.60 -42.54 -28.20
CA VAL L 96 -6.66 -42.58 -27.19
C VAL L 96 -7.71 -41.52 -27.48
N ALA L 97 -7.28 -40.32 -27.85
CA ALA L 97 -8.23 -39.28 -28.25
C ALA L 97 -9.01 -39.70 -29.49
N ALA L 98 -8.40 -40.50 -30.36
CA ALA L 98 -9.06 -40.96 -31.57
C ALA L 98 -10.16 -41.99 -31.31
N THR L 99 -10.25 -42.51 -30.08
CA THR L 99 -11.26 -43.52 -29.76
C THR L 99 -12.67 -42.96 -29.92
N GLU L 100 -12.86 -41.67 -29.72
CA GLU L 100 -14.16 -41.06 -29.91
C GLU L 100 -14.62 -41.18 -31.36
N ASP L 101 -15.86 -41.62 -31.54
CA ASP L 101 -16.38 -41.84 -32.89
C ASP L 101 -16.64 -40.51 -33.59
N GLY L 102 -17.03 -39.47 -32.84
CA GLY L 102 -17.34 -38.19 -33.44
C GLY L 102 -16.12 -37.45 -33.97
N VAL L 103 -14.93 -37.78 -33.47
CA VAL L 103 -13.71 -37.12 -33.91
C VAL L 103 -13.28 -37.68 -35.26
N ASP L 104 -13.03 -36.80 -36.22
CA ASP L 104 -12.53 -37.22 -37.53
C ASP L 104 -11.16 -37.86 -37.38
N LYS L 105 -10.92 -38.90 -38.18
CA LYS L 105 -9.70 -39.68 -38.09
C LYS L 105 -8.64 -39.26 -39.09
N ALA L 106 -8.98 -38.44 -40.09
CA ALA L 106 -8.00 -38.06 -41.10
C ALA L 106 -6.93 -37.14 -40.50
N LYS L 107 -7.36 -36.11 -39.78
CA LYS L 107 -6.42 -35.16 -39.20
C LYS L 107 -5.44 -35.87 -38.27
N ILE L 108 -5.98 -36.74 -37.41
CA ILE L 108 -5.11 -37.57 -36.59
C ILE L 108 -4.25 -38.46 -37.45
N GLN L 109 -4.71 -38.81 -38.66
CA GLN L 109 -3.91 -39.65 -39.53
C GLN L 109 -2.63 -38.93 -39.97
N GLU L 110 -2.75 -37.68 -40.44
CA GLU L 110 -1.49 -37.03 -40.81
C GLU L 110 -0.70 -36.63 -39.57
N GLU L 111 -1.36 -36.42 -38.43
CA GLU L 111 -0.62 -36.19 -37.19
C GLU L 111 0.27 -37.38 -36.86
N ILE L 112 -0.29 -38.59 -36.93
CA ILE L 112 0.47 -39.80 -36.67
C ILE L 112 1.53 -40.02 -37.75
N THR L 113 1.24 -39.65 -39.00
CA THR L 113 2.26 -39.77 -40.05
C THR L 113 3.46 -38.88 -39.75
N GLN L 114 3.20 -37.63 -39.33
CA GLN L 114 4.28 -36.72 -38.97
C GLN L 114 5.05 -37.26 -37.77
N LEU L 115 4.34 -37.81 -36.78
CA LEU L 115 5.02 -38.38 -35.62
C LEU L 115 5.88 -39.58 -35.99
N LYS L 116 5.41 -40.40 -36.94
CA LYS L 116 6.20 -41.54 -37.39
C LYS L 116 7.45 -41.09 -38.14
N ASP L 117 7.33 -40.06 -38.97
CA ASP L 117 8.51 -39.50 -39.61
C ASP L 117 9.48 -38.94 -38.58
N GLN L 118 8.95 -38.30 -37.53
CA GLN L 118 9.79 -37.83 -36.44
C GLN L 118 10.51 -38.98 -35.76
N LEU L 119 9.81 -40.09 -35.53
CA LEU L 119 10.42 -41.26 -34.92
C LEU L 119 11.54 -41.82 -35.79
N THR L 120 11.32 -41.87 -37.10
CA THR L 120 12.36 -42.35 -38.00
C THR L 120 13.58 -41.43 -37.96
N SER L 121 13.35 -40.11 -37.92
CA SER L 121 14.45 -39.16 -37.83
C SER L 121 15.22 -39.34 -36.53
N ILE L 122 14.49 -39.57 -35.42
CA ILE L 122 15.15 -39.83 -34.14
C ILE L 122 16.01 -41.08 -34.24
N ALA L 123 15.46 -42.14 -34.84
CA ALA L 123 16.16 -43.41 -34.92
C ALA L 123 17.44 -43.30 -35.75
N ASP L 124 17.38 -42.60 -36.88
CA ASP L 124 18.55 -42.58 -37.75
C ASP L 124 19.56 -41.50 -37.39
N ALA L 125 19.10 -40.37 -36.84
CA ALA L 125 20.02 -39.27 -36.56
C ALA L 125 20.87 -39.49 -35.32
N ALA L 126 20.34 -40.19 -34.31
CA ALA L 126 21.00 -40.31 -33.02
C ALA L 126 22.16 -41.30 -33.12
N SER L 127 23.31 -40.78 -33.57
CA SER L 127 24.52 -41.57 -33.68
C SER L 127 25.70 -40.74 -33.19
N PHE L 128 26.75 -41.43 -32.72
CA PHE L 128 27.94 -40.76 -32.21
C PHE L 128 29.11 -40.86 -33.19
N SER L 129 29.55 -42.07 -33.53
CA SER L 129 30.68 -42.27 -34.42
C SER L 129 30.41 -43.43 -35.37
N GLY L 130 29.17 -43.53 -35.85
CA GLY L 130 28.76 -44.62 -36.68
C GLY L 130 28.13 -45.78 -35.95
N GLU L 131 28.33 -45.88 -34.63
CA GLU L 131 27.68 -46.90 -33.82
C GLU L 131 26.58 -46.21 -33.00
N ASN L 132 25.40 -46.13 -33.62
CA ASN L 132 24.25 -45.48 -33.00
C ASN L 132 23.56 -46.34 -31.95
N TRP L 133 23.93 -47.62 -31.84
CA TRP L 133 23.30 -48.57 -30.92
C TRP L 133 21.81 -48.73 -31.20
N LEU L 134 21.35 -48.27 -32.36
CA LEU L 134 19.96 -48.39 -32.77
C LEU L 134 19.93 -48.73 -34.25
N GLN L 135 18.76 -49.13 -34.74
CA GLN L 135 18.56 -49.48 -36.14
C GLN L 135 19.56 -50.56 -36.58
N ALA L 136 19.84 -51.49 -35.69
CA ALA L 136 20.79 -52.55 -35.99
C ALA L 136 20.18 -53.54 -36.97
N ASP L 137 21.05 -54.34 -37.58
CA ASP L 137 20.62 -55.35 -38.54
C ASP L 137 20.34 -56.65 -37.81
N LEU L 138 19.08 -57.09 -37.84
CA LEU L 138 18.64 -58.28 -37.14
C LEU L 138 18.52 -59.50 -38.07
N SER L 139 19.38 -59.57 -39.09
CA SER L 139 19.37 -60.75 -39.95
C SER L 139 19.75 -61.99 -39.17
N GLY L 140 20.77 -61.91 -38.32
CA GLY L 140 21.14 -63.00 -37.46
C GLY L 140 20.33 -63.01 -36.17
N GLY L 141 19.80 -61.85 -35.81
CA GLY L 141 18.95 -61.71 -34.64
C GLY L 141 19.68 -61.68 -33.31
N ALA L 142 21.01 -61.68 -33.30
CA ALA L 142 21.78 -61.70 -32.06
C ALA L 142 22.94 -60.72 -32.13
N VAL L 143 22.69 -59.52 -32.63
CA VAL L 143 23.73 -58.51 -32.69
C VAL L 143 24.06 -58.03 -31.28
N THR L 144 25.35 -57.92 -30.98
CA THR L 144 25.81 -57.54 -29.66
C THR L 144 26.91 -56.49 -29.79
N LYS L 145 26.79 -55.40 -29.04
CA LYS L 145 27.78 -54.35 -29.01
C LYS L 145 28.40 -54.27 -27.62
N SER L 146 29.69 -53.96 -27.58
CA SER L 146 30.45 -54.01 -26.35
C SER L 146 31.25 -52.73 -26.16
N VAL L 147 31.55 -52.43 -24.90
CA VAL L 147 32.37 -51.28 -24.52
C VAL L 147 33.54 -51.79 -23.70
N VAL L 148 34.75 -51.36 -24.05
CA VAL L 148 35.94 -51.79 -23.32
C VAL L 148 35.84 -51.34 -21.88
N GLY L 149 35.77 -52.29 -20.96
CA GLY L 149 35.53 -51.98 -19.57
C GLY L 149 36.78 -51.83 -18.71
N SER L 150 37.67 -52.82 -18.75
CA SER L 150 38.86 -52.78 -17.91
C SER L 150 39.93 -53.67 -18.51
N PHE L 151 41.18 -53.39 -18.16
CA PHE L 151 42.33 -54.18 -18.55
C PHE L 151 42.72 -55.05 -17.37
N VAL L 152 42.63 -56.38 -17.54
CA VAL L 152 42.84 -57.33 -16.46
C VAL L 152 44.02 -58.22 -16.80
N ARG L 153 44.98 -58.28 -15.88
CA ARG L 153 46.12 -59.19 -16.00
C ARG L 153 45.88 -60.38 -15.08
N ASP L 154 45.78 -61.57 -15.67
CA ASP L 154 45.50 -62.76 -14.89
C ASP L 154 46.71 -63.14 -14.04
N GLY L 155 46.46 -63.99 -13.03
CA GLY L 155 47.51 -64.39 -12.13
C GLY L 155 48.61 -65.21 -12.80
N SER L 156 48.23 -66.04 -13.77
CA SER L 156 49.19 -66.92 -14.43
C SER L 156 49.82 -66.27 -15.65
N GLY L 157 50.36 -65.06 -15.46
CA GLY L 157 51.06 -64.37 -16.52
C GLY L 157 50.25 -64.15 -17.78
N SER L 158 48.99 -63.77 -17.63
CA SER L 158 48.09 -63.57 -18.75
C SER L 158 47.50 -62.17 -18.73
N VAL L 159 47.22 -61.64 -19.91
CA VAL L 159 46.62 -60.32 -20.07
C VAL L 159 45.42 -60.43 -20.98
N ALA L 160 44.36 -59.70 -20.65
CA ALA L 160 43.13 -59.72 -21.45
C ALA L 160 42.40 -58.40 -21.24
N VAL L 161 41.46 -58.14 -22.14
CA VAL L 161 40.67 -56.92 -22.11
C VAL L 161 39.21 -57.30 -21.87
N LYS L 162 38.62 -56.76 -20.80
CA LYS L 162 37.24 -57.03 -20.46
C LYS L 162 36.33 -55.98 -21.09
N LYS L 163 35.15 -56.43 -21.54
CA LYS L 163 34.20 -55.57 -22.19
C LYS L 163 32.82 -55.75 -21.58
N VAL L 164 32.01 -54.70 -21.64
CA VAL L 164 30.64 -54.71 -21.14
C VAL L 164 29.71 -54.85 -22.32
N ASP L 165 28.88 -55.89 -22.30
CA ASP L 165 28.04 -56.24 -23.44
C ASP L 165 26.66 -55.61 -23.31
N TYR L 166 26.08 -55.26 -24.46
CA TYR L 166 24.72 -54.75 -24.55
C TYR L 166 24.00 -55.46 -25.68
N SER L 167 22.78 -55.91 -25.42
CA SER L 167 22.03 -56.73 -26.37
C SER L 167 21.02 -55.89 -27.13
N LEU L 168 20.90 -56.16 -28.43
CA LEU L 168 19.95 -55.49 -29.30
C LEU L 168 19.07 -56.51 -30.02
N ASN L 169 18.70 -57.58 -29.33
CA ASN L 169 18.05 -58.72 -29.97
C ASN L 169 16.71 -58.37 -30.60
N ALA L 170 15.71 -58.06 -29.78
CA ALA L 170 14.40 -57.74 -30.31
C ALA L 170 13.65 -56.66 -29.54
N ASN L 171 14.26 -56.05 -28.52
CA ASN L 171 13.57 -55.09 -27.68
C ASN L 171 14.30 -53.77 -27.52
N SER L 172 15.48 -53.62 -28.11
CA SER L 172 16.23 -52.37 -28.00
C SER L 172 16.90 -52.00 -29.31
N VAL L 173 16.26 -52.33 -30.44
CA VAL L 173 16.86 -52.13 -31.75
C VAL L 173 16.33 -50.90 -32.47
N LEU L 174 15.06 -50.52 -32.25
CA LEU L 174 14.55 -49.25 -32.77
C LEU L 174 14.63 -49.15 -34.29
N PHE L 175 13.72 -49.83 -34.99
CA PHE L 175 13.68 -49.88 -36.46
C PHE L 175 14.84 -50.66 -37.06
N ASP L 176 14.87 -51.97 -36.80
CA ASP L 176 15.73 -52.89 -37.52
C ASP L 176 15.75 -52.57 -39.01
N THR L 177 16.96 -52.55 -39.58
CA THR L 177 17.14 -52.04 -40.93
C THR L 177 16.52 -52.96 -41.98
N VAL L 178 16.80 -54.26 -41.88
CA VAL L 178 16.48 -55.21 -42.95
C VAL L 178 15.25 -56.06 -42.60
N GLY L 179 15.29 -56.77 -41.47
CA GLY L 179 14.26 -57.73 -41.17
C GLY L 179 12.89 -57.13 -40.86
N ASP L 180 12.85 -55.85 -40.49
CA ASP L 180 11.60 -55.18 -40.12
C ASP L 180 10.86 -55.95 -39.03
N THR L 181 11.63 -56.42 -38.04
CA THR L 181 11.11 -57.19 -36.92
C THR L 181 11.55 -56.59 -35.60
N GLY L 182 11.83 -55.28 -35.59
CA GLY L 182 12.32 -54.62 -34.41
C GLY L 182 11.23 -54.29 -33.41
N ILE L 183 11.62 -53.54 -32.38
CA ILE L 183 10.66 -53.13 -31.35
C ILE L 183 9.54 -52.29 -31.98
N LEU L 184 9.89 -51.46 -32.95
CA LEU L 184 8.91 -50.78 -33.78
C LEU L 184 8.86 -51.42 -35.15
N ASP L 185 7.85 -51.03 -35.93
CA ASP L 185 7.62 -51.57 -37.27
C ASP L 185 7.46 -53.09 -37.22
N LYS L 186 6.74 -53.57 -36.21
CA LYS L 186 6.33 -54.97 -36.16
C LYS L 186 5.06 -55.08 -35.34
N VAL L 187 4.31 -56.14 -35.57
CA VAL L 187 3.00 -56.33 -34.96
C VAL L 187 3.16 -57.04 -33.63
N TYR L 188 2.36 -56.62 -32.65
CA TYR L 188 2.38 -57.20 -31.31
C TYR L 188 1.10 -57.97 -31.07
N ASN L 189 1.23 -59.21 -30.60
CA ASN L 189 0.06 -60.00 -30.25
C ASN L 189 -0.63 -59.41 -29.03
N VAL L 190 -1.96 -59.36 -29.06
CA VAL L 190 -2.75 -58.76 -27.99
C VAL L 190 -3.79 -59.79 -27.57
N SER L 191 -3.54 -60.47 -26.45
CA SER L 191 -4.50 -61.41 -25.91
C SER L 191 -4.37 -61.41 -24.38
N GLN L 192 -5.46 -61.81 -23.72
CA GLN L 192 -5.56 -61.61 -22.27
C GLN L 192 -4.64 -62.56 -21.51
N ALA L 193 -4.58 -63.82 -21.92
CA ALA L 193 -3.95 -64.87 -21.11
C ALA L 193 -2.87 -65.60 -21.90
N SER L 194 -1.99 -64.86 -22.55
CA SER L 194 -0.90 -65.45 -23.31
C SER L 194 0.40 -64.71 -23.00
N VAL L 195 1.50 -65.31 -23.44
CA VAL L 195 2.83 -64.75 -23.30
C VAL L 195 3.58 -64.93 -24.61
N THR L 196 4.33 -63.91 -25.02
CA THR L 196 5.16 -63.98 -26.22
C THR L 196 6.52 -64.55 -25.82
N LEU L 197 6.79 -65.77 -26.25
CA LEU L 197 8.00 -66.49 -25.86
C LEU L 197 8.92 -66.66 -27.06
N THR L 198 10.22 -66.55 -26.81
CA THR L 198 11.23 -66.78 -27.83
C THR L 198 11.85 -68.16 -27.63
N VAL L 199 11.78 -68.98 -28.68
CA VAL L 199 12.38 -70.32 -28.69
C VAL L 199 13.07 -70.52 -30.02
N ASN L 200 14.24 -71.12 -30.00
CA ASN L 200 15.00 -71.35 -31.22
C ASN L 200 14.71 -72.75 -31.76
N THR L 201 14.42 -72.82 -33.05
CA THR L 201 14.15 -74.09 -33.73
C THR L 201 15.17 -74.29 -34.83
N ASN L 202 15.85 -75.44 -34.82
CA ASN L 202 16.89 -75.77 -35.79
C ASN L 202 18.02 -74.74 -35.79
N GLY L 203 18.27 -74.13 -34.64
CA GLY L 203 19.37 -73.20 -34.50
C GLY L 203 19.04 -71.75 -34.78
N VAL L 204 17.82 -71.44 -35.19
CA VAL L 204 17.41 -70.07 -35.47
C VAL L 204 16.26 -69.70 -34.53
N GLU L 205 16.36 -68.53 -33.92
CA GLU L 205 15.37 -68.10 -32.94
C GLU L 205 14.11 -67.60 -33.63
N SER L 206 13.00 -67.65 -32.90
CA SER L 206 11.73 -67.14 -33.37
C SER L 206 10.86 -66.83 -32.16
N GLN L 207 9.84 -66.01 -32.38
CA GLN L 207 8.92 -65.60 -31.33
C GLN L 207 7.55 -66.19 -31.60
N HIS L 208 7.01 -66.91 -30.62
CA HIS L 208 5.71 -67.55 -30.73
C HIS L 208 4.82 -67.11 -29.58
N THR L 209 3.54 -66.91 -29.87
CA THR L 209 2.55 -66.52 -28.87
C THR L 209 1.82 -67.77 -28.40
N VAL L 210 1.89 -68.05 -27.10
CA VAL L 210 1.26 -69.23 -26.52
C VAL L 210 0.56 -68.81 -25.24
N ALA L 211 -0.51 -69.53 -24.90
CA ALA L 211 -1.29 -69.21 -23.71
C ALA L 211 -0.48 -69.49 -22.45
N ALA L 212 -0.76 -68.72 -21.41
CA ALA L 212 -0.08 -68.84 -20.13
C ALA L 212 -1.10 -69.15 -19.03
N TYR L 213 -0.69 -69.97 -18.08
CA TYR L 213 -1.56 -70.43 -17.00
C TYR L 213 -0.98 -70.02 -15.66
N SER L 214 -1.83 -69.49 -14.79
CA SER L 214 -1.39 -69.01 -13.49
C SER L 214 -1.03 -70.17 -12.56
N LEU L 215 -0.10 -69.90 -11.65
CA LEU L 215 0.31 -70.93 -10.69
C LEU L 215 -0.81 -71.24 -9.69
N GLU L 216 -1.63 -70.25 -9.34
CA GLU L 216 -2.70 -70.47 -8.38
C GLU L 216 -3.71 -71.49 -8.91
N SER L 217 -4.09 -71.38 -10.18
CA SER L 217 -5.00 -72.35 -10.76
C SER L 217 -4.39 -73.73 -10.79
N LEU L 218 -3.10 -73.82 -11.13
CA LEU L 218 -2.43 -75.12 -11.18
C LEU L 218 -2.41 -75.78 -9.80
N THR L 219 -2.08 -75.02 -8.76
CA THR L 219 -2.03 -75.58 -7.42
C THR L 219 -3.42 -75.84 -6.84
N GLU L 220 -4.44 -75.13 -7.32
CA GLU L 220 -5.80 -75.40 -6.86
C GLU L 220 -6.38 -76.64 -7.53
N ALA L 221 -6.03 -76.88 -8.79
CA ALA L 221 -6.56 -78.04 -9.51
C ALA L 221 -6.04 -79.36 -8.99
N GLY L 222 -4.96 -79.35 -8.20
CA GLY L 222 -4.41 -80.58 -7.67
C GLY L 222 -3.31 -81.13 -8.56
N ALA L 223 -2.35 -80.28 -8.92
CA ALA L 223 -1.27 -80.67 -9.81
C ALA L 223 -0.04 -81.11 -9.01
N GLU L 224 0.71 -82.03 -9.59
CA GLU L 224 1.96 -82.50 -9.01
C GLU L 224 3.13 -81.84 -9.74
N PHE L 225 3.99 -81.18 -8.99
CA PHE L 225 5.10 -80.42 -9.55
C PHE L 225 6.42 -81.15 -9.35
N GLN L 226 7.40 -80.76 -10.17
CA GLN L 226 8.76 -81.28 -10.03
C GLN L 226 9.70 -80.30 -10.72
N GLY L 227 10.52 -79.61 -9.94
CA GLY L 227 11.42 -78.62 -10.51
C GLY L 227 10.64 -77.53 -11.21
N ASN L 228 10.90 -77.37 -12.51
CA ASN L 228 10.15 -76.43 -13.34
C ASN L 228 9.08 -77.12 -14.17
N TYR L 229 8.75 -78.36 -13.83
CA TYR L 229 7.74 -79.14 -14.54
C TYR L 229 6.53 -79.38 -13.65
N ALA L 230 5.36 -79.46 -14.28
CA ALA L 230 4.11 -79.68 -13.58
C ALA L 230 3.30 -80.75 -14.29
N LEU L 231 2.41 -81.39 -13.54
CA LEU L 231 1.54 -82.43 -14.10
C LEU L 231 0.19 -82.31 -13.39
N GLN L 232 -0.75 -81.64 -14.05
CA GLN L 232 -2.10 -81.49 -13.52
C GLN L 232 -2.98 -82.71 -13.81
N GLY L 233 -2.55 -83.59 -14.70
CA GLY L 233 -3.37 -84.70 -15.15
C GLY L 233 -3.02 -85.12 -16.55
N GLY L 234 -4.00 -85.13 -17.44
CA GLY L 234 -3.73 -85.42 -18.84
C GLY L 234 -2.90 -84.36 -19.55
N ASN L 235 -2.69 -83.22 -18.92
CA ASN L 235 -1.90 -82.13 -19.47
C ASN L 235 -0.64 -81.91 -18.63
N SER L 236 0.42 -81.46 -19.30
CA SER L 236 1.70 -81.21 -18.66
C SER L 236 2.11 -79.76 -18.87
N TYR L 237 2.82 -79.20 -17.90
CA TYR L 237 3.25 -77.82 -17.93
C TYR L 237 4.71 -77.71 -17.56
N VAL L 238 5.38 -76.70 -18.13
CA VAL L 238 6.79 -76.45 -17.88
C VAL L 238 6.97 -74.99 -17.52
N LYS L 239 7.90 -74.71 -16.61
CA LYS L 239 8.19 -73.35 -16.19
C LYS L 239 9.42 -72.82 -16.93
N VAL L 240 9.21 -72.51 -18.21
CA VAL L 240 10.28 -71.91 -19.02
C VAL L 240 10.58 -70.50 -18.52
N GLU L 241 9.54 -69.75 -18.14
CA GLU L 241 9.71 -68.42 -17.58
C GLU L 241 8.77 -68.27 -16.37
N ASN L 242 8.57 -67.04 -15.92
CA ASN L 242 7.74 -66.80 -14.74
C ASN L 242 6.31 -67.27 -14.91
N VAL L 243 5.86 -67.50 -16.14
CA VAL L 243 4.51 -67.99 -16.42
C VAL L 243 4.61 -69.43 -16.87
N TRP L 244 3.65 -70.24 -16.42
CA TRP L 244 3.59 -71.66 -16.77
C TRP L 244 2.88 -71.85 -18.10
N VAL L 245 3.36 -72.79 -18.89
CA VAL L 245 2.85 -73.02 -20.24
C VAL L 245 2.75 -74.53 -20.48
N ARG L 246 1.69 -74.93 -21.19
CA ARG L 246 1.54 -76.32 -21.59
C ARG L 246 2.66 -76.73 -22.54
N ALA L 247 3.11 -77.98 -22.41
CA ALA L 247 4.24 -78.47 -23.18
C ALA L 247 3.90 -79.81 -23.81
N GLU L 248 4.61 -80.13 -24.89
CA GLU L 248 4.53 -81.41 -25.57
C GLU L 248 5.60 -82.35 -25.04
N THR L 249 5.32 -83.64 -25.08
CA THR L 249 6.18 -84.63 -24.43
C THR L 249 7.58 -84.65 -25.04
N ALA L 250 7.69 -85.10 -26.27
CA ALA L 250 8.96 -85.18 -27.00
C ALA L 250 8.68 -85.72 -28.38
N ALA L 251 9.61 -85.47 -29.30
CA ALA L 251 9.59 -86.00 -30.66
C ALA L 251 8.31 -85.68 -31.41
N THR L 252 7.52 -84.73 -30.92
CA THR L 252 6.30 -84.33 -31.61
C THR L 252 6.59 -83.35 -32.73
N GLY L 253 7.27 -82.26 -32.41
CA GLY L 253 7.68 -81.31 -33.44
C GLY L 253 8.74 -81.88 -34.38
N ALA L 254 9.67 -82.68 -33.84
CA ALA L 254 10.75 -83.28 -34.62
C ALA L 254 11.55 -82.22 -35.36
N THR L 255 11.76 -81.08 -34.69
CA THR L 255 12.49 -79.96 -35.28
C THR L 255 13.70 -79.55 -34.46
N GLY L 256 14.13 -80.37 -33.51
CA GLY L 256 15.26 -80.02 -32.67
C GLY L 256 15.01 -78.80 -31.81
N GLN L 257 13.80 -78.67 -31.28
CA GLN L 257 13.48 -77.52 -30.44
C GLN L 257 14.20 -77.60 -29.10
N GLU L 258 14.39 -76.43 -28.49
CA GLU L 258 15.00 -76.37 -27.18
C GLU L 258 14.15 -77.10 -26.16
N ILE L 259 14.80 -77.94 -25.35
CA ILE L 259 14.09 -78.74 -24.35
C ILE L 259 13.74 -77.86 -23.16
N ALA L 260 12.44 -77.85 -22.80
CA ALA L 260 12.00 -77.01 -21.69
C ALA L 260 12.55 -77.53 -20.36
N ALA L 261 12.39 -78.82 -20.10
CA ALA L 261 12.85 -79.39 -18.84
C ALA L 261 12.95 -80.90 -18.97
N THR L 262 13.68 -81.50 -18.04
CA THR L 262 13.81 -82.95 -17.95
C THR L 262 13.29 -83.42 -16.60
N THR L 263 12.62 -84.57 -16.60
CA THR L 263 11.96 -85.11 -15.42
C THR L 263 12.50 -86.50 -15.11
N THR L 264 11.95 -87.10 -14.06
CA THR L 264 12.30 -88.44 -13.62
C THR L 264 11.02 -89.15 -13.19
N ALA L 265 11.18 -90.28 -12.50
CA ALA L 265 10.02 -91.06 -12.08
C ALA L 265 9.12 -90.27 -11.15
N ALA L 266 9.64 -89.90 -9.97
CA ALA L 266 8.92 -89.05 -9.02
C ALA L 266 7.52 -89.59 -8.72
N GLY L 267 7.41 -90.90 -8.57
CA GLY L 267 6.14 -91.51 -8.26
C GLY L 267 5.26 -91.79 -9.47
N THR L 268 4.68 -90.74 -10.06
CA THR L 268 3.76 -90.89 -11.17
C THR L 268 4.05 -89.90 -12.29
N ILE L 269 5.33 -89.56 -12.49
CA ILE L 269 5.75 -88.64 -13.54
C ILE L 269 6.59 -89.42 -14.54
N THR L 270 6.23 -89.33 -15.82
CA THR L 270 7.00 -89.99 -16.86
C THR L 270 8.37 -89.35 -17.01
N ALA L 271 9.38 -90.19 -17.22
CA ALA L 271 10.75 -89.70 -17.42
C ALA L 271 10.94 -89.36 -18.89
N ASP L 272 11.01 -88.07 -19.20
CA ASP L 272 11.12 -87.62 -20.57
C ASP L 272 11.70 -86.21 -20.59
N SER L 273 12.21 -85.82 -21.76
CA SER L 273 12.72 -84.48 -21.98
C SER L 273 11.62 -83.66 -22.64
N TRP L 274 11.02 -82.76 -21.87
CA TRP L 274 9.84 -82.02 -22.32
C TRP L 274 10.25 -80.76 -23.09
N VAL L 275 9.41 -80.39 -24.05
CA VAL L 275 9.64 -79.23 -24.90
C VAL L 275 8.38 -78.38 -24.91
N VAL L 276 8.54 -77.06 -24.82
CA VAL L 276 7.41 -76.16 -24.80
C VAL L 276 6.61 -76.32 -26.09
N ASP L 277 5.28 -76.34 -25.94
CA ASP L 277 4.39 -76.53 -27.08
C ASP L 277 4.37 -75.26 -27.93
N VAL L 278 4.90 -75.34 -29.15
CA VAL L 278 4.88 -74.20 -30.06
C VAL L 278 3.45 -73.85 -30.45
N GLY L 279 2.56 -74.84 -30.47
CA GLY L 279 1.17 -74.60 -30.76
C GLY L 279 0.40 -74.10 -29.55
N ASN L 280 -0.78 -74.66 -29.33
CA ASN L 280 -1.64 -74.29 -28.19
C ASN L 280 -1.94 -72.80 -28.20
N ALA L 281 -2.66 -72.39 -29.24
CA ALA L 281 -3.01 -70.99 -29.41
C ALA L 281 -3.92 -70.53 -28.26
N PRO L 282 -3.87 -69.25 -27.91
CA PRO L 282 -4.71 -68.74 -26.82
C PRO L 282 -6.19 -68.88 -27.13
N ALA L 283 -7.01 -68.60 -26.11
CA ALA L 283 -8.45 -68.70 -26.28
C ALA L 283 -8.97 -67.71 -27.31
N ALA L 284 -8.45 -66.48 -27.28
CA ALA L 284 -8.82 -65.44 -28.24
C ALA L 284 -7.53 -64.87 -28.82
N ASN L 285 -7.09 -65.43 -29.94
CA ASN L 285 -5.84 -65.01 -30.58
C ASN L 285 -6.12 -63.75 -31.39
N VAL L 286 -5.76 -62.60 -30.83
CA VAL L 286 -5.93 -61.30 -31.48
C VAL L 286 -4.57 -60.65 -31.64
N SER L 287 -4.29 -60.14 -32.83
CA SER L 287 -3.04 -59.47 -33.12
C SER L 287 -3.32 -58.02 -33.50
N ALA L 288 -2.33 -57.15 -33.26
CA ALA L 288 -2.45 -55.75 -33.62
C ALA L 288 -2.64 -55.61 -35.12
N GLY L 289 -3.59 -54.77 -35.52
CA GLY L 289 -3.89 -54.61 -36.94
C GLY L 289 -2.71 -54.08 -37.72
N GLN L 290 -2.03 -53.08 -37.17
CA GLN L 290 -0.89 -52.46 -37.84
C GLN L 290 0.23 -52.25 -36.84
N SER L 291 1.45 -52.16 -37.36
CA SER L 291 2.62 -51.91 -36.53
C SER L 291 2.65 -50.43 -36.12
N VAL L 292 3.64 -50.08 -35.31
CA VAL L 292 3.78 -48.69 -34.86
C VAL L 292 4.12 -47.78 -36.03
N ALA L 293 4.98 -48.23 -36.93
CA ALA L 293 5.40 -47.42 -38.06
C ALA L 293 4.42 -47.47 -39.24
N ASN L 294 3.41 -48.33 -39.18
CA ASN L 294 2.45 -48.47 -40.26
C ASN L 294 1.04 -48.16 -39.76
N ILE L 295 0.92 -47.20 -38.85
CA ILE L 295 -0.38 -46.85 -38.30
C ILE L 295 -1.22 -46.15 -39.35
N ASN L 296 -2.43 -46.66 -39.57
CA ASN L 296 -3.37 -46.06 -40.52
C ASN L 296 -4.77 -46.23 -39.94
N ILE L 297 -5.31 -45.16 -39.38
CA ILE L 297 -6.54 -45.24 -38.60
C ILE L 297 -7.77 -44.81 -39.42
N VAL L 298 -7.68 -44.87 -40.74
CA VAL L 298 -8.80 -44.48 -41.60
C VAL L 298 -9.80 -45.63 -41.59
N GLY L 299 -10.83 -45.52 -40.75
CA GLY L 299 -11.89 -46.50 -40.71
C GLY L 299 -11.47 -47.89 -40.26
N MET L 300 -10.67 -47.98 -39.20
CA MET L 300 -10.26 -49.29 -38.71
C MET L 300 -11.39 -49.99 -37.97
N GLY L 301 -12.15 -49.26 -37.16
CA GLY L 301 -13.16 -49.84 -36.30
C GLY L 301 -12.73 -49.88 -34.85
N ALA L 302 -13.70 -50.17 -33.99
CA ALA L 302 -13.47 -50.12 -32.54
C ALA L 302 -12.46 -51.18 -32.12
N ALA L 303 -12.68 -52.43 -32.55
CA ALA L 303 -11.79 -53.52 -32.13
C ALA L 303 -10.38 -53.30 -32.65
N ALA L 304 -10.24 -52.86 -33.90
CA ALA L 304 -8.92 -52.58 -34.46
C ALA L 304 -8.25 -51.44 -33.70
N LEU L 305 -9.02 -50.42 -33.32
CA LEU L 305 -8.46 -49.32 -32.53
C LEU L 305 -7.95 -49.81 -31.18
N ASP L 306 -8.73 -50.66 -30.51
CA ASP L 306 -8.28 -51.19 -29.22
C ASP L 306 -7.02 -52.04 -29.38
N ALA L 307 -6.97 -52.87 -30.43
CA ALA L 307 -5.79 -53.68 -30.66
C ALA L 307 -4.56 -52.80 -30.93
N LEU L 308 -4.74 -51.74 -31.72
CA LEU L 308 -3.64 -50.82 -32.00
C LEU L 308 -3.18 -50.12 -30.73
N ILE L 309 -4.12 -49.71 -29.87
CA ILE L 309 -3.77 -49.04 -28.63
C ILE L 309 -2.98 -49.99 -27.73
N SER L 310 -3.42 -51.25 -27.63
CA SER L 310 -2.72 -52.22 -26.79
C SER L 310 -1.31 -52.48 -27.34
N GLY L 311 -1.18 -52.61 -28.67
CA GLY L 311 0.14 -52.79 -29.24
C GLY L 311 1.06 -51.62 -29.00
N VAL L 312 0.53 -50.40 -29.12
CA VAL L 312 1.32 -49.20 -28.87
C VAL L 312 1.77 -49.17 -27.42
N ASP L 313 0.87 -49.51 -26.49
CA ASP L 313 1.23 -49.52 -25.08
C ASP L 313 2.33 -50.54 -24.81
N ALA L 314 2.20 -51.74 -25.40
CA ALA L 314 3.21 -52.77 -25.19
C ALA L 314 4.57 -52.33 -25.75
N ALA L 315 4.57 -51.71 -26.92
CA ALA L 315 5.81 -51.20 -27.49
C ALA L 315 6.42 -50.12 -26.61
N LEU L 316 5.58 -49.24 -26.06
CA LEU L 316 6.07 -48.20 -25.15
C LEU L 316 6.67 -48.81 -23.90
N THR L 317 6.04 -49.85 -23.36
CA THR L 317 6.58 -50.51 -22.18
C THR L 317 7.94 -51.15 -22.47
N ASP L 318 8.05 -51.83 -23.62
CA ASP L 318 9.33 -52.43 -23.99
C ASP L 318 10.40 -51.36 -24.17
N MET L 319 10.04 -50.23 -24.78
CA MET L 319 11.01 -49.17 -25.00
C MET L 319 11.41 -48.51 -23.69
N THR L 320 10.48 -48.41 -22.74
CA THR L 320 10.82 -47.91 -21.42
C THR L 320 11.79 -48.84 -20.71
N SER L 321 11.57 -50.15 -20.84
CA SER L 321 12.52 -51.11 -20.29
C SER L 321 13.90 -50.96 -20.93
N ALA L 322 13.92 -50.74 -22.25
CA ALA L 322 15.20 -50.52 -22.93
C ALA L 322 15.89 -49.26 -22.43
N ALA L 323 15.12 -48.19 -22.22
CA ALA L 323 15.69 -46.94 -21.69
C ALA L 323 16.26 -47.14 -20.30
N ALA L 324 15.55 -47.90 -19.45
CA ALA L 324 16.06 -48.19 -18.12
C ALA L 324 17.35 -49.01 -18.20
N SER L 325 17.41 -49.97 -19.12
CA SER L 325 18.63 -50.73 -19.31
C SER L 325 19.78 -49.83 -19.76
N LEU L 326 19.51 -48.89 -20.66
CA LEU L 326 20.55 -47.97 -21.11
C LEU L 326 21.04 -47.09 -19.97
N GLY L 327 20.13 -46.61 -19.13
CA GLY L 327 20.54 -45.85 -17.97
C GLY L 327 21.39 -46.66 -17.00
N SER L 328 21.03 -47.93 -16.81
CA SER L 328 21.84 -48.81 -15.97
C SER L 328 23.23 -49.00 -16.56
N ILE L 329 23.32 -49.16 -17.88
CA ILE L 329 24.62 -49.29 -18.53
C ILE L 329 25.44 -48.02 -18.32
N SER L 330 24.81 -46.85 -18.46
CA SER L 330 25.54 -45.60 -18.24
C SER L 330 26.06 -45.50 -16.81
N SER L 331 25.23 -45.87 -15.84
CA SER L 331 25.68 -45.86 -14.45
C SER L 331 26.85 -46.83 -14.24
N ARG L 332 26.77 -48.02 -14.85
CA ARG L 332 27.86 -48.97 -14.72
C ARG L 332 29.14 -48.43 -15.35
N ILE L 333 29.02 -47.74 -16.49
CA ILE L 333 30.21 -47.13 -17.10
C ILE L 333 30.81 -46.08 -16.18
N ASP L 334 29.98 -45.26 -15.55
CA ASP L 334 30.50 -44.25 -14.63
C ASP L 334 31.22 -44.89 -13.46
N LEU L 335 30.62 -45.92 -12.88
CA LEU L 335 31.26 -46.63 -11.76
C LEU L 335 32.57 -47.28 -12.21
N GLN L 336 32.59 -47.87 -13.39
CA GLN L 336 33.80 -48.47 -13.91
C GLN L 336 34.88 -47.42 -14.12
N SER L 337 34.50 -46.24 -14.60
CA SER L 337 35.47 -45.17 -14.81
C SER L 337 36.09 -44.73 -13.50
N GLU L 338 35.26 -44.51 -12.47
CA GLU L 338 35.81 -44.07 -11.20
C GLU L 338 36.67 -45.16 -10.57
N PHE L 339 36.26 -46.43 -10.70
CA PHE L 339 37.06 -47.52 -10.15
C PHE L 339 38.39 -47.65 -10.88
N VAL L 340 38.39 -47.47 -12.20
CA VAL L 340 39.64 -47.54 -12.97
C VAL L 340 40.55 -46.40 -12.58
N ASN L 341 39.99 -45.21 -12.37
CA ASN L 341 40.81 -44.09 -11.92
C ASN L 341 41.43 -44.38 -10.55
N LYS L 342 40.64 -44.95 -9.63
CA LYS L 342 41.18 -45.30 -8.31
C LYS L 342 42.27 -46.36 -8.42
N LEU L 343 42.06 -47.36 -9.27
CA LEU L 343 43.06 -48.41 -9.44
C LEU L 343 44.36 -47.85 -10.03
N SER L 344 44.24 -46.96 -11.01
CA SER L 344 45.43 -46.33 -11.57
C SER L 344 46.15 -45.49 -10.52
N ASP L 345 45.38 -44.78 -9.69
CA ASP L 345 45.98 -44.02 -8.60
C ASP L 345 46.75 -44.93 -7.64
N SER L 346 46.15 -46.07 -7.28
CA SER L 346 46.82 -47.00 -6.37
C SER L 346 48.09 -47.58 -7.01
N ILE L 347 48.01 -47.93 -8.30
CA ILE L 347 49.17 -48.49 -8.98
C ILE L 347 50.29 -47.46 -9.06
N GLU L 348 49.96 -46.21 -9.38
CA GLU L 348 50.97 -45.16 -9.45
C GLU L 348 51.59 -44.91 -8.08
N SER L 349 50.78 -44.92 -7.03
CA SER L 349 51.32 -44.75 -5.68
C SER L 349 52.26 -45.89 -5.31
N GLY L 350 51.89 -47.13 -5.66
CA GLY L 350 52.78 -48.25 -5.38
C GLY L 350 54.08 -48.15 -6.16
N VAL L 351 54.01 -47.74 -7.42
CA VAL L 351 55.22 -47.57 -8.22
C VAL L 351 56.11 -46.51 -7.61
N GLY L 352 55.52 -45.39 -7.19
CA GLY L 352 56.31 -44.34 -6.54
C GLY L 352 56.96 -44.82 -5.26
N ARG L 353 56.21 -45.56 -4.44
CA ARG L 353 56.78 -46.09 -3.21
C ARG L 353 57.92 -47.05 -3.48
N LEU L 354 57.78 -47.88 -4.51
CA LEU L 354 58.82 -48.86 -4.82
C LEU L 354 60.02 -48.26 -5.54
N VAL L 355 59.86 -47.10 -6.18
CA VAL L 355 60.87 -46.55 -7.08
C VAL L 355 61.48 -45.26 -6.56
N ASP L 356 60.67 -44.36 -6.01
CA ASP L 356 61.17 -43.04 -5.62
C ASP L 356 62.14 -43.15 -4.45
N ALA L 357 62.94 -42.10 -4.28
CA ALA L 357 63.95 -42.04 -3.23
C ALA L 357 63.68 -40.84 -2.33
N ASP L 358 63.83 -41.06 -1.02
CA ASP L 358 63.67 -40.00 -0.03
C ASP L 358 64.89 -39.09 -0.10
N MET L 359 64.77 -37.99 -0.84
CA MET L 359 65.94 -37.24 -1.29
C MET L 359 66.79 -36.68 -0.16
N ASN L 360 66.25 -36.61 1.07
CA ASN L 360 67.00 -36.02 2.17
C ASN L 360 68.27 -36.80 2.46
N GLU L 361 68.17 -38.13 2.53
CA GLU L 361 69.37 -38.92 2.79
C GLU L 361 70.32 -38.93 1.60
N GLU L 362 69.79 -38.78 0.37
CA GLU L 362 70.69 -38.59 -0.76
C GLU L 362 71.46 -37.29 -0.66
N SER L 363 70.82 -36.22 -0.19
CA SER L 363 71.55 -34.98 0.04
C SER L 363 72.62 -35.16 1.11
N THR L 364 72.27 -35.87 2.19
CA THR L 364 73.25 -36.14 3.24
C THR L 364 74.43 -36.93 2.69
N ARG L 365 74.16 -37.95 1.87
CA ARG L 365 75.22 -38.73 1.26
C ARG L 365 76.06 -37.88 0.31
N LEU L 366 75.42 -36.95 -0.41
CA LEU L 366 76.16 -36.10 -1.33
C LEU L 366 77.15 -35.23 -0.57
N LYS L 367 76.70 -34.62 0.53
CA LYS L 367 77.61 -33.82 1.35
C LYS L 367 78.72 -34.68 1.95
N ALA L 368 78.36 -35.87 2.43
CA ALA L 368 79.36 -36.75 3.04
C ALA L 368 80.42 -37.17 2.03
N LEU L 369 80.00 -37.51 0.80
CA LEU L 369 80.95 -37.89 -0.23
C LEU L 369 81.79 -36.71 -0.68
N GLN L 370 81.23 -35.49 -0.70
CA GLN L 370 82.07 -34.33 -0.99
C GLN L 370 83.17 -34.18 0.05
N THR L 371 82.81 -34.29 1.33
CA THR L 371 83.81 -34.19 2.39
C THR L 371 84.84 -35.32 2.30
N GLN L 372 84.38 -36.54 2.02
CA GLN L 372 85.29 -37.67 1.90
C GLN L 372 86.24 -37.49 0.73
N GLN L 373 85.75 -36.97 -0.39
CA GLN L 373 86.62 -36.70 -1.53
C GLN L 373 87.64 -35.63 -1.19
N GLN L 374 87.24 -34.58 -0.47
CA GLN L 374 88.20 -33.56 -0.08
C GLN L 374 89.31 -34.15 0.80
N LEU L 375 88.92 -34.97 1.78
CA LEU L 375 89.91 -35.62 2.62
C LEU L 375 90.82 -36.53 1.81
N ALA L 376 90.25 -37.29 0.87
CA ALA L 376 91.05 -38.20 0.06
C ALA L 376 92.03 -37.44 -0.81
N ILE L 377 91.61 -36.33 -1.40
CA ILE L 377 92.51 -35.51 -2.21
C ILE L 377 93.64 -34.95 -1.36
N GLN L 378 93.31 -34.45 -0.16
CA GLN L 378 94.36 -33.92 0.70
C GLN L 378 95.37 -35.00 1.08
N ALA L 379 94.88 -36.19 1.45
CA ALA L 379 95.78 -37.28 1.83
C ALA L 379 96.61 -37.74 0.64
N LEU L 380 96.01 -37.78 -0.55
CA LEU L 380 96.74 -38.20 -1.74
C LEU L 380 97.85 -37.20 -2.07
N SER L 381 97.56 -35.90 -1.91
CA SER L 381 98.59 -34.89 -2.11
C SER L 381 99.72 -35.04 -1.09
N ILE L 382 99.37 -35.31 0.17
CA ILE L 382 100.40 -35.52 1.19
C ILE L 382 101.25 -36.74 0.83
N ALA L 383 100.62 -37.80 0.35
CA ALA L 383 101.36 -39.00 -0.03
C ALA L 383 102.26 -38.74 -1.23
N ASN L 384 101.82 -37.88 -2.16
CA ASN L 384 102.70 -37.49 -3.24
C ASN L 384 103.89 -36.70 -2.72
N SER L 385 103.66 -35.79 -1.78
CA SER L 385 104.71 -34.87 -1.34
C SER L 385 105.74 -35.54 -0.45
N ASP L 386 105.33 -36.51 0.37
CA ASP L 386 106.22 -37.04 1.40
C ASP L 386 107.42 -37.80 0.83
N SER L 387 107.40 -38.18 -0.45
CA SER L 387 108.48 -38.96 -1.03
C SER L 387 109.71 -38.13 -1.37
N GLN L 388 109.62 -36.80 -1.28
CA GLN L 388 110.74 -35.94 -1.60
C GLN L 388 111.71 -35.75 -0.45
N ASN L 389 111.42 -36.33 0.72
CA ASN L 389 112.26 -36.11 1.89
C ASN L 389 113.65 -36.74 1.74
N VAL L 390 113.77 -37.77 0.90
CA VAL L 390 115.03 -38.50 0.80
C VAL L 390 116.14 -37.65 0.21
N LEU L 391 115.80 -36.59 -0.52
CA LEU L 391 116.82 -35.79 -1.21
C LEU L 391 117.80 -35.13 -0.25
N SER L 392 117.44 -34.98 1.02
CA SER L 392 118.30 -34.27 1.96
C SER L 392 119.61 -35.02 2.20
N LEU L 393 119.55 -36.35 2.26
CA LEU L 393 120.75 -37.13 2.59
C LEU L 393 121.82 -36.98 1.52
N PHE L 394 121.44 -37.07 0.26
CA PHE L 394 122.42 -37.17 -0.83
C PHE L 394 123.11 -35.85 -1.13
N ARG L 395 122.50 -34.73 -0.76
CA ARG L 395 123.10 -33.42 -1.01
C ARG L 395 124.07 -33.04 0.11
N THR M 2 135.78 2.07 5.85
CA THR M 2 134.58 1.55 6.48
C THR M 2 134.77 1.38 7.98
N SER M 3 133.92 2.06 8.75
CA SER M 3 133.98 1.99 10.21
C SER M 3 133.11 0.84 10.69
N ILE M 4 133.73 -0.08 11.44
CA ILE M 4 133.01 -1.27 11.89
C ILE M 4 132.36 -1.08 13.25
N LEU M 5 132.65 0.02 13.94
CA LEU M 5 132.02 0.31 15.22
C LEU M 5 130.77 1.18 15.09
N THR M 6 130.59 1.86 13.97
CA THR M 6 129.44 2.74 13.76
C THR M 6 128.82 2.46 12.40
N ASN M 7 127.50 2.65 12.33
CA ASN M 7 126.74 2.52 11.08
C ASN M 7 125.72 3.65 11.06
N ASN M 8 126.12 4.78 10.47
CA ASN M 8 125.26 5.96 10.44
C ASN M 8 124.02 5.73 9.58
N SER M 9 124.16 4.98 8.48
CA SER M 9 122.99 4.63 7.68
C SER M 9 122.00 3.82 8.52
N ALA M 10 122.50 2.95 9.39
CA ALA M 10 121.61 2.22 10.29
C ALA M 10 120.89 3.17 11.24
N MET M 11 121.59 4.20 11.74
CA MET M 11 120.94 5.16 12.61
C MET M 11 119.85 5.94 11.88
N ALA M 12 120.11 6.33 10.63
CA ALA M 12 119.09 7.01 9.85
C ALA M 12 117.88 6.11 9.62
N ALA M 13 118.13 4.83 9.31
CA ALA M 13 117.03 3.89 9.14
C ALA M 13 116.25 3.73 10.44
N LEU M 14 116.95 3.68 11.57
CA LEU M 14 116.26 3.57 12.86
C LEU M 14 115.39 4.78 13.14
N SER M 15 115.90 5.98 12.86
CA SER M 15 115.10 7.19 13.05
C SER M 15 113.87 7.16 12.16
N GLY M 16 114.03 6.75 10.91
CA GLY M 16 112.87 6.58 10.04
C GLY M 16 111.88 5.58 10.60
N VAL M 17 112.38 4.50 11.20
CA VAL M 17 111.51 3.48 11.77
C VAL M 17 110.70 4.04 12.94
N ARG M 18 111.36 4.79 13.82
CA ARG M 18 110.62 5.40 14.94
C ARG M 18 109.57 6.38 14.43
N SER M 19 109.93 7.19 13.43
CA SER M 19 108.96 8.15 12.90
C SER M 19 107.75 7.44 12.29
N ILE M 20 108.01 6.41 11.47
CA ILE M 20 106.91 5.71 10.82
C ILE M 20 106.06 4.98 11.85
N SER M 21 106.69 4.43 12.89
CA SER M 21 105.93 3.74 13.94
C SER M 21 105.04 4.71 14.71
N SER M 22 105.56 5.89 15.05
CA SER M 22 104.74 6.87 15.76
C SER M 22 103.57 7.33 14.90
N SER M 23 103.84 7.64 13.63
CA SER M 23 102.77 8.07 12.73
C SER M 23 101.73 6.97 12.55
N MET M 24 102.17 5.72 12.45
CA MET M 24 101.26 4.61 12.30
C MET M 24 100.40 4.41 13.55
N GLU M 25 101.00 4.52 14.74
CA GLU M 25 100.22 4.41 15.96
C GLU M 25 99.16 5.50 16.02
N ASP M 26 99.53 6.72 15.65
CA ASP M 26 98.57 7.82 15.63
C ASP M 26 97.42 7.52 14.66
N THR M 27 97.76 7.07 13.44
CA THR M 27 96.69 6.85 12.45
C THR M 27 95.83 5.64 12.82
N GLN M 28 96.39 4.64 13.52
CA GLN M 28 95.57 3.55 14.02
C GLN M 28 94.58 4.05 15.06
N SER M 29 95.03 4.92 15.97
CA SER M 29 94.08 5.51 16.91
C SER M 29 92.98 6.28 16.17
N ARG M 30 93.38 7.06 15.16
CA ARG M 30 92.43 7.84 14.38
C ARG M 30 91.42 6.95 13.68
N ILE M 31 91.88 5.85 13.07
CA ILE M 31 91.02 4.97 12.29
C ILE M 31 90.18 4.05 13.17
N SER M 32 90.58 3.85 14.42
CA SER M 32 89.85 2.96 15.32
C SER M 32 88.88 3.69 16.22
N SER M 33 89.04 5.00 16.43
CA SER M 33 88.14 5.70 17.33
C SER M 33 87.73 7.05 16.75
N GLY M 34 87.80 7.19 15.43
CA GLY M 34 87.46 8.46 14.80
C GLY M 34 88.31 9.60 15.34
N LEU M 35 87.66 10.64 15.88
CA LEU M 35 88.36 11.69 16.62
C LEU M 35 89.58 12.26 15.90
N ARG M 36 89.36 13.05 14.83
CA ARG M 36 90.45 13.79 14.23
C ARG M 36 91.22 14.58 15.29
N VAL M 37 90.50 15.15 16.25
CA VAL M 37 91.13 15.79 17.40
C VAL M 37 91.25 14.76 18.52
N GLY M 38 92.48 14.43 18.89
CA GLY M 38 92.74 13.43 19.89
C GLY M 38 92.24 13.81 21.26
N SER M 39 92.44 12.90 22.21
CA SER M 39 91.98 13.04 23.60
C SER M 39 92.41 14.41 24.11
N ALA M 40 93.71 14.68 24.28
CA ALA M 40 94.14 16.00 24.72
C ALA M 40 95.46 16.41 24.11
N SER M 41 96.00 15.60 23.20
CA SER M 41 97.34 15.83 22.67
C SER M 41 97.35 16.60 21.37
N ASP M 42 96.18 16.85 20.78
CA ASP M 42 96.09 17.66 19.58
C ASP M 42 95.84 19.12 19.94
N ASN M 43 95.42 19.92 18.96
CA ASN M 43 95.22 21.36 19.16
C ASN M 43 94.20 21.66 20.25
N ALA M 44 94.68 22.27 21.34
CA ALA M 44 93.90 22.38 22.57
C ALA M 44 92.63 23.18 22.38
N ALA M 45 92.69 24.27 21.61
CA ALA M 45 91.55 25.18 21.50
C ALA M 45 90.31 24.46 20.97
N TYR M 46 90.46 23.73 19.87
CA TYR M 46 89.32 23.04 19.27
C TYR M 46 88.79 21.95 20.19
N TRP M 47 89.68 21.23 20.88
CA TRP M 47 89.23 20.21 21.82
C TRP M 47 88.42 20.84 22.96
N SER M 48 88.89 21.98 23.48
CA SER M 48 88.17 22.67 24.54
C SER M 48 86.79 23.12 24.06
N ILE M 49 86.73 23.68 22.85
CA ILE M 49 85.44 24.08 22.29
C ILE M 49 84.52 22.88 22.16
N ALA M 50 85.06 21.76 21.69
CA ALA M 50 84.24 20.56 21.54
C ALA M 50 83.72 20.07 22.88
N THR M 51 84.57 20.07 23.91
CA THR M 51 84.13 19.62 25.23
C THR M 51 83.05 20.53 25.79
N THR M 52 83.22 21.84 25.63
CA THR M 52 82.18 22.77 26.08
C THR M 52 80.88 22.52 25.33
N MET M 53 80.96 22.24 24.03
CA MET M 53 79.76 21.96 23.26
C MET M 53 79.08 20.67 23.70
N ARG M 54 79.85 19.64 24.04
CA ARG M 54 79.24 18.41 24.57
C ARG M 54 78.55 18.68 25.89
N SER M 55 79.17 19.47 26.77
CA SER M 55 78.52 19.83 28.03
C SER M 55 77.21 20.58 27.77
N ASP M 56 77.23 21.53 26.83
CA ASP M 56 76.01 22.25 26.50
C ASP M 56 74.95 21.34 25.91
N ASN M 57 75.37 20.35 25.10
CA ASN M 57 74.42 19.40 24.54
C ASN M 57 73.76 18.55 25.63
N GLN M 58 74.55 18.12 26.62
CA GLN M 58 73.96 17.41 27.75
C GLN M 58 72.97 18.30 28.50
N ALA M 59 73.32 19.58 28.68
CA ALA M 59 72.40 20.50 29.33
C ALA M 59 71.11 20.63 28.54
N LEU M 60 71.21 20.70 27.20
CA LEU M 60 70.02 20.80 26.37
C LEU M 60 69.17 19.53 26.45
N SER M 61 69.81 18.37 26.57
CA SER M 61 69.05 17.14 26.76
C SER M 61 68.28 17.17 28.07
N ALA M 62 68.92 17.65 29.13
CA ALA M 62 68.22 17.80 30.41
C ALA M 62 67.06 18.78 30.27
N VAL M 63 67.28 19.87 29.54
CA VAL M 63 66.21 20.84 29.32
C VAL M 63 65.06 20.21 28.53
N GLN M 64 65.39 19.32 27.58
CA GLN M 64 64.34 18.63 26.84
C GLN M 64 63.51 17.74 27.76
N ASP M 65 64.16 17.01 28.66
CA ASP M 65 63.41 16.20 29.62
C ASP M 65 62.52 17.06 30.50
N ALA M 66 63.06 18.19 30.98
CA ALA M 66 62.25 19.10 31.79
C ALA M 66 61.09 19.67 31.00
N LEU M 67 61.30 19.97 29.72
CA LEU M 67 60.23 20.48 28.88
C LEU M 67 59.13 19.44 28.70
N GLY M 68 59.51 18.17 28.52
CA GLY M 68 58.51 17.12 28.45
C GLY M 68 57.69 17.01 29.73
N LEU M 69 58.37 17.08 30.87
CA LEU M 69 57.66 17.03 32.15
C LEU M 69 56.70 18.20 32.28
N GLY M 70 57.15 19.41 31.94
CA GLY M 70 56.30 20.57 32.02
C GLY M 70 55.12 20.50 31.07
N ALA M 71 55.34 19.94 29.86
CA ALA M 71 54.25 19.78 28.91
C ALA M 71 53.21 18.81 29.47
N ALA M 72 53.65 17.72 30.09
CA ALA M 72 52.69 16.81 30.72
C ALA M 72 51.89 17.50 31.82
N LYS M 73 52.57 18.30 32.65
CA LYS M 73 51.88 19.01 33.72
C LYS M 73 50.84 19.97 33.15
N VAL M 74 51.22 20.73 32.11
CA VAL M 74 50.31 21.69 31.52
C VAL M 74 49.13 21.00 30.86
N ASP M 75 49.37 19.84 30.23
CA ASP M 75 48.27 19.09 29.63
C ASP M 75 47.28 18.62 30.68
N THR M 76 47.78 18.12 31.81
CA THR M 76 46.88 17.69 32.88
C THR M 76 46.09 18.87 33.43
N ALA M 77 46.76 20.01 33.65
CA ALA M 77 46.07 21.19 34.15
C ALA M 77 45.01 21.67 33.17
N TYR M 78 45.32 21.61 31.87
CA TYR M 78 44.37 22.04 30.86
C TYR M 78 43.15 21.12 30.80
N SER M 79 43.36 19.82 30.95
CA SER M 79 42.24 18.89 31.00
C SER M 79 41.34 19.19 32.20
N GLY M 80 41.95 19.43 33.36
CA GLY M 80 41.17 19.81 34.53
C GLY M 80 40.42 21.11 34.30
N MET M 81 41.05 22.07 33.64
CA MET M 81 40.40 23.35 33.34
C MET M 81 39.18 23.13 32.45
N GLU M 82 39.32 22.29 31.42
CA GLU M 82 38.19 22.02 30.53
C GLU M 82 37.04 21.36 31.28
N SER M 83 37.35 20.39 32.13
CA SER M 83 36.29 19.74 32.91
C SER M 83 35.58 20.75 33.81
N ALA M 84 36.36 21.62 34.47
CA ALA M 84 35.77 22.62 35.35
C ALA M 84 34.90 23.60 34.58
N ILE M 85 35.35 24.01 33.39
CA ILE M 85 34.56 24.92 32.56
C ILE M 85 33.24 24.27 32.14
N GLU M 86 33.29 23.00 31.76
CA GLU M 86 32.06 22.31 31.40
C GLU M 86 31.10 22.24 32.58
N VAL M 87 31.62 21.94 33.78
CA VAL M 87 30.76 21.87 34.95
C VAL M 87 30.14 23.23 35.26
N VAL M 88 30.94 24.31 35.15
CA VAL M 88 30.43 25.64 35.44
C VAL M 88 29.38 26.06 34.42
N LYS M 89 29.58 25.70 33.16
CA LYS M 89 28.56 25.97 32.15
C LYS M 89 27.27 25.24 32.47
N GLU M 90 27.37 23.99 32.93
CA GLU M 90 26.18 23.25 33.33
C GLU M 90 25.49 23.93 34.50
N ILE M 91 26.27 24.43 35.47
CA ILE M 91 25.69 25.12 36.62
C ILE M 91 24.95 26.37 36.17
N LYS M 92 25.56 27.14 35.26
CA LYS M 92 24.93 28.36 34.78
C LYS M 92 23.63 28.04 34.04
N ALA M 93 23.65 27.00 33.21
CA ALA M 93 22.43 26.60 32.50
C ALA M 93 21.35 26.20 33.48
N LYS M 94 21.70 25.43 34.50
CA LYS M 94 20.71 25.02 35.50
C LYS M 94 20.12 26.23 36.22
N LEU M 95 20.97 27.19 36.59
CA LEU M 95 20.47 28.33 37.34
C LEU M 95 19.59 29.22 36.48
N VAL M 96 19.97 29.45 35.22
CA VAL M 96 19.15 30.27 34.35
C VAL M 96 17.85 29.56 34.00
N ALA M 97 17.85 28.22 34.04
CA ALA M 97 16.59 27.50 33.95
C ALA M 97 15.75 27.71 35.22
N ALA M 98 16.42 27.75 36.37
CA ALA M 98 15.74 27.88 37.66
C ALA M 98 15.29 29.30 37.97
N THR M 99 15.66 30.29 37.16
CA THR M 99 15.23 31.66 37.45
C THR M 99 13.71 31.78 37.43
N GLU M 100 13.02 30.87 36.75
CA GLU M 100 11.56 30.84 36.78
C GLU M 100 11.06 30.58 38.20
N ASP M 101 9.98 31.27 38.58
CA ASP M 101 9.38 31.09 39.89
C ASP M 101 8.52 29.84 39.97
N GLY M 102 8.14 29.24 38.84
CA GLY M 102 7.33 28.04 38.83
C GLY M 102 8.08 26.75 39.01
N VAL M 103 9.39 26.82 39.23
CA VAL M 103 10.24 25.65 39.40
C VAL M 103 10.68 25.58 40.85
N ASP M 104 10.46 24.42 41.48
CA ASP M 104 10.92 24.23 42.85
C ASP M 104 12.44 24.33 42.91
N LYS M 105 12.93 25.12 43.86
CA LYS M 105 14.34 25.45 43.92
C LYS M 105 15.17 24.47 44.74
N ALA M 106 14.53 23.54 45.47
CA ALA M 106 15.28 22.55 46.23
C ALA M 106 16.02 21.60 45.30
N LYS M 107 15.38 21.16 44.22
CA LYS M 107 16.03 20.28 43.27
C LYS M 107 17.23 20.97 42.62
N ILE M 108 17.06 22.22 42.22
CA ILE M 108 18.17 22.96 41.62
C ILE M 108 19.28 23.15 42.65
N GLN M 109 18.91 23.40 43.91
CA GLN M 109 19.92 23.57 44.95
C GLN M 109 20.74 22.30 45.14
N GLU M 110 20.09 21.13 45.15
CA GLU M 110 20.83 19.90 45.31
C GLU M 110 21.69 19.58 44.08
N GLU M 111 21.20 19.88 42.88
CA GLU M 111 22.05 19.72 41.70
C GLU M 111 23.28 20.62 41.78
N ILE M 112 23.10 21.87 42.22
CA ILE M 112 24.23 22.78 42.33
C ILE M 112 25.20 22.29 43.41
N THR M 113 24.68 21.72 44.49
CA THR M 113 25.55 21.15 45.51
C THR M 113 26.38 20.00 44.95
N GLN M 114 25.75 19.11 44.17
CA GLN M 114 26.48 18.02 43.55
C GLN M 114 27.54 18.54 42.59
N LEU M 115 27.20 19.56 41.80
CA LEU M 115 28.14 20.10 40.84
C LEU M 115 29.30 20.82 41.54
N LYS M 116 29.02 21.47 42.68
CA LYS M 116 30.10 22.10 43.45
C LYS M 116 31.03 21.05 44.04
N ASP M 117 30.47 19.93 44.53
CA ASP M 117 31.32 18.84 45.00
C ASP M 117 32.17 18.29 43.86
N GLN M 118 31.58 18.16 42.67
CA GLN M 118 32.34 17.71 41.51
C GLN M 118 33.46 18.69 41.17
N LEU M 119 33.18 19.99 41.24
CA LEU M 119 34.21 21.00 40.99
C LEU M 119 35.35 20.88 42.01
N THR M 120 35.01 20.69 43.28
CA THR M 120 36.04 20.53 44.30
C THR M 120 36.89 19.30 44.04
N SER M 121 36.25 18.18 43.68
CA SER M 121 36.99 16.96 43.40
C SER M 121 37.90 17.14 42.19
N ILE M 122 37.41 17.80 41.14
CA ILE M 122 38.24 18.05 39.97
C ILE M 122 39.42 18.94 40.33
N ALA M 123 39.19 19.97 41.13
CA ALA M 123 40.26 20.89 41.51
C ALA M 123 41.34 20.18 42.33
N ASP M 124 40.93 19.34 43.28
CA ASP M 124 41.92 18.69 44.14
C ASP M 124 42.53 17.45 43.50
N ALA M 125 41.93 16.91 42.44
CA ALA M 125 42.43 15.69 41.82
C ALA M 125 43.37 15.95 40.65
N ALA M 126 43.28 17.12 40.03
CA ALA M 126 44.09 17.44 38.84
C ALA M 126 45.51 17.80 39.28
N SER M 127 46.22 16.79 39.79
CA SER M 127 47.60 16.94 40.23
C SER M 127 48.45 15.89 39.55
N PHE M 128 49.46 16.33 38.81
CA PHE M 128 50.32 15.38 38.11
C PHE M 128 51.41 14.85 39.03
N SER M 129 52.30 15.72 39.49
CA SER M 129 53.44 15.33 40.32
C SER M 129 53.57 16.27 41.51
N GLY M 130 52.46 16.56 42.16
CA GLY M 130 52.45 17.53 43.25
C GLY M 130 52.29 18.95 42.77
N GLU M 131 53.07 19.35 41.76
CA GLU M 131 52.91 20.65 41.14
C GLU M 131 51.67 20.63 40.25
N ASN M 132 50.52 20.95 40.83
CA ASN M 132 49.24 20.81 40.14
C ASN M 132 48.77 22.08 39.44
N TRP M 133 49.40 23.22 39.71
CA TRP M 133 49.06 24.49 39.08
C TRP M 133 47.63 24.93 39.38
N LEU M 134 46.99 24.29 40.35
CA LEU M 134 45.64 24.61 40.77
C LEU M 134 45.54 24.46 42.28
N GLN M 135 44.56 25.16 42.87
CA GLN M 135 44.36 25.15 44.32
C GLN M 135 45.63 25.53 45.05
N ALA M 136 46.19 26.69 44.68
CA ALA M 136 47.42 27.16 45.27
C ALA M 136 47.13 27.92 46.56
N ASP M 137 48.19 28.44 47.18
CA ASP M 137 48.08 29.23 48.40
C ASP M 137 48.22 30.70 48.03
N LEU M 138 47.13 31.45 48.19
CA LEU M 138 47.11 32.87 47.86
C LEU M 138 47.28 33.76 49.09
N SER M 139 47.66 33.18 50.24
CA SER M 139 47.93 34.00 51.41
C SER M 139 49.10 34.95 51.16
N GLY M 140 50.15 34.46 50.50
CA GLY M 140 51.26 35.32 50.16
C GLY M 140 50.88 36.42 49.19
N GLY M 141 49.97 36.13 48.27
CA GLY M 141 49.50 37.14 47.34
C GLY M 141 49.64 36.73 45.88
N ALA M 142 50.74 36.05 45.55
CA ALA M 142 50.99 35.61 44.18
C ALA M 142 52.07 34.54 44.18
N VAL M 143 51.80 33.44 43.48
CA VAL M 143 52.75 32.35 43.31
C VAL M 143 52.95 32.12 41.82
N THR M 144 54.19 31.94 41.41
CA THR M 144 54.55 31.79 40.01
C THR M 144 55.20 30.44 39.78
N LYS M 145 54.59 29.62 38.93
CA LYS M 145 55.16 28.34 38.53
C LYS M 145 56.00 28.52 37.28
N SER M 146 57.13 27.84 37.22
CA SER M 146 58.08 27.98 36.14
C SER M 146 58.37 26.63 35.50
N VAL M 147 58.52 26.63 34.17
CA VAL M 147 58.90 25.45 33.41
C VAL M 147 60.21 25.76 32.70
N VAL M 148 61.19 24.84 32.85
CA VAL M 148 62.49 25.05 32.26
C VAL M 148 62.36 25.11 30.75
N GLY M 149 62.70 26.26 30.16
CA GLY M 149 62.53 26.46 28.74
C GLY M 149 63.76 26.16 27.91
N SER M 150 64.90 26.75 28.27
CA SER M 150 66.12 26.56 27.50
C SER M 150 67.32 26.82 28.39
N PHE M 151 68.48 26.35 27.94
CA PHE M 151 69.75 26.59 28.59
C PHE M 151 70.57 27.50 27.68
N VAL M 152 70.95 28.66 28.19
CA VAL M 152 71.59 29.70 27.40
C VAL M 152 72.96 29.99 27.99
N ARG M 153 73.99 29.96 27.15
CA ARG M 153 75.34 30.36 27.52
C ARG M 153 75.57 31.77 27.01
N ASP M 154 75.64 32.74 27.92
CA ASP M 154 75.84 34.12 27.54
C ASP M 154 77.22 34.30 26.92
N GLY M 155 77.30 35.25 25.99
CA GLY M 155 78.56 35.49 25.29
C GLY M 155 79.68 35.94 26.22
N SER M 156 79.35 36.66 27.28
CA SER M 156 80.35 37.17 28.21
C SER M 156 80.72 36.14 29.28
N GLY M 157 81.05 34.92 28.83
CA GLY M 157 81.56 33.89 29.71
C GLY M 157 80.68 33.53 30.89
N SER M 158 79.39 33.32 30.67
CA SER M 158 78.49 32.94 31.75
C SER M 158 77.35 32.10 31.19
N VAL M 159 76.72 31.34 32.08
CA VAL M 159 75.63 30.43 31.72
C VAL M 159 74.44 30.71 32.63
N ALA M 160 73.26 30.34 32.13
CA ALA M 160 72.02 30.53 32.87
C ALA M 160 70.97 29.61 32.28
N VAL M 161 69.83 29.51 32.98
CA VAL M 161 68.70 28.71 32.55
C VAL M 161 67.48 29.61 32.48
N LYS M 162 66.71 29.47 31.41
CA LYS M 162 65.51 30.27 31.19
C LYS M 162 64.27 29.46 31.57
N LYS M 163 63.24 30.15 32.01
CA LYS M 163 62.01 29.52 32.46
C LYS M 163 60.81 30.24 31.88
N VAL M 164 59.69 29.52 31.80
CA VAL M 164 58.41 30.06 31.35
C VAL M 164 57.52 30.20 32.58
N ASP M 165 57.04 31.42 32.83
CA ASP M 165 56.34 31.75 34.06
C ASP M 165 54.84 31.76 33.83
N TYR M 166 54.11 31.10 34.73
CA TYR M 166 52.65 31.12 34.75
C TYR M 166 52.21 31.63 36.11
N SER M 167 51.44 32.72 36.11
CA SER M 167 51.07 33.41 37.33
C SER M 167 49.76 32.83 37.87
N LEU M 168 49.79 32.35 39.10
CA LEU M 168 48.59 31.83 39.78
C LEU M 168 48.06 32.93 40.69
N ASN M 169 47.43 33.93 40.08
CA ASN M 169 46.87 35.06 40.80
C ASN M 169 45.45 34.73 41.26
N ALA M 170 44.72 35.75 41.69
CA ALA M 170 43.35 35.58 42.15
C ALA M 170 42.35 35.42 41.01
N ASN M 171 42.84 35.20 39.78
CA ASN M 171 41.96 35.04 38.62
C ASN M 171 41.95 33.62 38.06
N SER M 172 42.99 32.82 38.33
CA SER M 172 43.09 31.47 37.82
C SER M 172 43.57 30.52 38.91
N VAL M 173 42.98 30.65 40.10
CA VAL M 173 43.45 29.89 41.26
C VAL M 173 42.62 28.63 41.45
N LEU M 174 41.33 28.69 41.12
CA LEU M 174 40.47 27.52 41.23
C LEU M 174 40.42 26.95 42.64
N PHE M 175 39.70 27.63 43.55
CA PHE M 175 39.56 27.21 44.94
C PHE M 175 40.86 27.31 45.73
N ASP M 176 41.35 28.53 45.92
CA ASP M 176 42.42 28.80 46.88
C ASP M 176 42.16 28.09 48.20
N THR M 177 43.18 27.39 48.69
CA THR M 177 43.02 26.44 49.78
C THR M 177 43.08 27.04 51.17
N VAL M 178 43.48 28.31 51.31
CA VAL M 178 43.69 28.87 52.64
C VAL M 178 42.69 29.98 52.94
N GLY M 179 42.74 31.07 52.17
CA GLY M 179 41.90 32.20 52.44
C GLY M 179 40.58 32.25 51.72
N ASP M 180 40.35 31.32 50.78
CA ASP M 180 39.14 31.31 49.95
C ASP M 180 38.99 32.64 49.22
N THR M 181 40.12 33.27 48.89
CA THR M 181 40.16 34.50 48.11
C THR M 181 40.82 34.19 46.77
N GLY M 182 40.06 34.34 45.69
CA GLY M 182 40.53 33.99 44.37
C GLY M 182 39.40 34.07 43.37
N ILE M 183 39.23 33.02 42.56
CA ILE M 183 38.06 32.94 41.69
C ILE M 183 36.78 33.00 42.51
N LEU M 184 36.78 32.36 43.68
CA LEU M 184 35.64 32.46 44.59
C LEU M 184 35.61 33.82 45.27
N ASP M 185 34.41 34.19 45.72
CA ASP M 185 34.19 35.32 46.63
C ASP M 185 34.43 36.64 45.89
N LYS M 186 34.93 36.58 44.67
CA LYS M 186 35.12 37.78 43.85
C LYS M 186 33.94 37.93 42.92
N VAL M 187 33.47 39.16 42.75
CA VAL M 187 32.31 39.40 41.90
C VAL M 187 32.74 39.98 40.56
N TYR M 188 33.41 41.14 40.58
CA TYR M 188 33.77 41.88 39.36
C TYR M 188 32.58 41.98 38.41
N ASN M 189 31.38 42.10 38.97
CA ASN M 189 30.17 42.04 38.17
C ASN M 189 30.06 43.25 37.26
N VAL M 190 29.54 43.02 36.05
CA VAL M 190 29.46 44.08 35.05
C VAL M 190 28.45 45.15 35.47
N SER M 191 27.36 44.75 36.12
CA SER M 191 26.29 45.69 36.45
C SER M 191 25.62 45.23 37.74
N GLN M 192 24.45 45.80 38.02
CA GLN M 192 23.67 45.51 39.20
C GLN M 192 22.24 45.23 38.79
N ALA M 193 21.49 44.56 39.68
CA ALA M 193 20.09 44.27 39.41
C ALA M 193 19.32 45.58 39.21
N SER M 194 18.50 45.60 38.16
CA SER M 194 17.79 46.81 37.76
C SER M 194 16.32 46.50 37.52
N VAL M 195 15.48 47.51 37.72
CA VAL M 195 14.04 47.40 37.49
C VAL M 195 13.57 48.69 36.82
N THR M 196 12.71 48.53 35.81
CA THR M 196 12.14 49.67 35.09
C THR M 196 10.77 49.98 35.68
N LEU M 197 10.59 51.24 36.10
CA LEU M 197 9.38 51.66 36.79
C LEU M 197 8.58 52.62 35.93
N THR M 198 7.29 52.72 36.26
CA THR M 198 6.37 53.68 35.63
C THR M 198 6.06 54.73 36.68
N VAL M 199 6.90 55.75 36.75
CA VAL M 199 6.77 56.83 37.72
C VAL M 199 6.61 58.14 36.97
N ASN M 200 5.56 58.90 37.31
CA ASN M 200 5.27 60.16 36.67
C ASN M 200 5.71 61.29 37.59
N THR M 201 6.77 62.00 37.20
CA THR M 201 7.20 63.18 37.96
C THR M 201 6.13 64.25 37.94
N ASN M 202 5.47 64.43 36.80
CA ASN M 202 4.39 65.39 36.66
C ASN M 202 3.16 64.68 36.12
N GLY M 203 2.16 65.46 35.66
CA GLY M 203 0.93 64.89 35.16
C GLY M 203 1.10 63.91 34.02
N VAL M 204 2.25 63.95 33.34
CA VAL M 204 2.56 63.04 32.25
C VAL M 204 3.43 61.90 32.79
N GLU M 205 3.14 60.68 32.33
CA GLU M 205 3.87 59.52 32.77
C GLU M 205 5.22 59.42 32.06
N SER M 206 6.13 58.65 32.66
CA SER M 206 7.46 58.48 32.11
C SER M 206 8.05 57.16 32.59
N GLN M 207 9.08 56.70 31.89
CA GLN M 207 9.77 55.47 32.23
C GLN M 207 11.13 55.80 32.83
N HIS M 208 11.45 55.16 33.96
CA HIS M 208 12.71 55.37 34.65
C HIS M 208 13.33 54.05 35.01
N THR M 209 14.67 54.03 35.06
CA THR M 209 15.44 52.85 35.42
C THR M 209 16.17 53.11 36.72
N VAL M 210 15.96 52.23 37.70
CA VAL M 210 16.57 52.37 39.02
C VAL M 210 17.03 50.99 39.48
N ALA M 211 18.18 50.95 40.14
CA ALA M 211 18.71 49.70 40.65
C ALA M 211 17.80 49.11 41.71
N ALA M 212 17.71 47.78 41.73
CA ALA M 212 16.87 47.06 42.67
C ALA M 212 17.74 46.36 43.72
N TYR M 213 17.25 46.35 44.95
CA TYR M 213 17.96 45.75 46.08
C TYR M 213 17.14 44.58 46.63
N SER M 214 17.81 43.45 46.81
CA SER M 214 17.13 42.26 47.33
C SER M 214 16.72 42.48 48.78
N LEU M 215 15.57 41.93 49.15
CA LEU M 215 15.08 42.07 50.52
C LEU M 215 16.02 41.36 51.51
N GLU M 216 16.65 40.27 51.07
CA GLU M 216 17.57 39.56 51.95
C GLU M 216 18.76 40.44 52.33
N SER M 217 19.29 41.20 51.37
CA SER M 217 20.41 42.09 51.66
C SER M 217 20.03 43.13 52.70
N LEU M 218 18.82 43.70 52.58
CA LEU M 218 18.37 44.69 53.55
C LEU M 218 18.17 44.06 54.93
N THR M 219 17.46 42.94 54.99
CA THR M 219 17.15 42.32 56.28
C THR M 219 18.39 41.73 56.96
N GLU M 220 19.44 41.44 56.20
CA GLU M 220 20.65 40.88 56.79
C GLU M 220 21.40 41.93 57.62
N ALA M 221 21.38 43.19 57.17
CA ALA M 221 22.14 44.25 57.81
C ALA M 221 21.36 44.95 58.92
N GLY M 222 20.34 44.31 59.46
CA GLY M 222 19.58 44.91 60.54
C GLY M 222 18.76 46.11 60.12
N ALA M 223 17.73 45.87 59.30
CA ALA M 223 16.90 46.93 58.75
C ALA M 223 15.55 46.96 59.46
N GLU M 224 15.17 48.13 59.94
CA GLU M 224 13.82 48.33 60.45
C GLU M 224 12.82 48.39 59.29
N PHE M 225 11.63 47.87 59.53
CA PHE M 225 10.61 47.81 58.51
C PHE M 225 9.28 48.32 59.06
N GLN M 226 8.49 48.92 58.18
CA GLN M 226 7.14 49.36 58.52
C GLN M 226 6.35 49.44 57.21
N GLY M 227 5.41 48.52 57.02
CA GLY M 227 4.64 48.48 55.79
C GLY M 227 5.52 48.21 54.58
N ASN M 228 5.71 49.23 53.75
CA ASN M 228 6.56 49.14 52.58
C ASN M 228 7.76 50.10 52.71
N TYR M 229 8.35 50.14 53.90
CA TYR M 229 9.48 51.02 54.18
C TYR M 229 10.62 50.21 54.80
N ALA M 230 11.84 50.56 54.42
CA ALA M 230 13.05 49.97 54.99
C ALA M 230 14.00 51.08 55.41
N LEU M 231 14.61 50.94 56.58
CA LEU M 231 15.50 51.94 57.16
C LEU M 231 16.76 51.25 57.68
N GLN M 232 17.42 50.48 56.79
CA GLN M 232 18.64 49.76 57.15
C GLN M 232 19.64 50.66 57.86
N GLY M 233 20.05 51.75 57.19
CA GLY M 233 20.94 52.70 57.80
C GLY M 233 20.51 54.13 57.53
N GLY M 234 21.46 54.98 57.12
CA GLY M 234 21.08 56.31 56.67
C GLY M 234 20.21 56.27 55.42
N ASN M 235 20.46 55.32 54.54
CA ASN M 235 19.65 55.16 53.34
C ASN M 235 18.26 54.65 53.69
N SER M 236 17.28 55.05 52.88
CA SER M 236 15.90 54.65 53.06
C SER M 236 15.41 53.96 51.79
N TYR M 237 14.80 52.79 51.96
CA TYR M 237 14.30 52.00 50.84
C TYR M 237 12.80 51.80 50.98
N VAL M 238 12.11 51.78 49.84
CA VAL M 238 10.68 51.54 49.79
C VAL M 238 10.40 50.48 48.73
N LYS M 239 9.25 49.83 48.87
CA LYS M 239 8.80 48.81 47.93
C LYS M 239 7.76 49.42 47.01
N VAL M 240 7.99 49.33 45.69
CA VAL M 240 7.10 49.94 44.72
C VAL M 240 6.04 48.94 44.25
N GLU M 241 6.45 47.80 43.67
CA GLU M 241 5.52 46.70 43.43
C GLU M 241 6.00 45.41 44.10
N ASN M 242 7.22 44.96 43.82
CA ASN M 242 7.76 43.77 44.45
C ASN M 242 9.23 43.89 44.86
N VAL M 243 9.95 44.91 44.40
CA VAL M 243 11.38 45.04 44.68
C VAL M 243 11.60 46.30 45.51
N TRP M 244 12.62 46.26 46.36
CA TRP M 244 12.98 47.39 47.19
C TRP M 244 13.99 48.26 46.47
N VAL M 245 13.69 49.56 46.38
CA VAL M 245 14.55 50.52 45.70
C VAL M 245 14.81 51.69 46.64
N ARG M 246 15.91 52.38 46.41
CA ARG M 246 16.29 53.51 47.24
C ARG M 246 15.28 54.65 47.08
N ALA M 247 14.91 55.26 48.19
CA ALA M 247 13.95 56.35 48.21
C ALA M 247 14.58 57.59 48.83
N GLU M 248 13.82 58.69 48.81
CA GLU M 248 14.28 59.94 49.39
C GLU M 248 13.09 60.66 49.99
N THR M 249 13.38 61.63 50.86
CA THR M 249 12.34 62.36 51.56
C THR M 249 11.58 63.27 50.60
N ALA M 250 10.46 63.78 51.08
CA ALA M 250 9.67 64.72 50.30
C ALA M 250 10.39 66.07 50.19
N ALA M 251 9.87 66.92 49.32
CA ALA M 251 10.42 68.25 49.05
C ALA M 251 11.87 68.20 48.59
N THR M 252 12.29 67.07 48.02
CA THR M 252 13.63 66.93 47.45
C THR M 252 13.63 66.69 45.95
N GLY M 253 12.52 66.21 45.38
CA GLY M 253 12.42 66.11 43.94
C GLY M 253 11.95 67.41 43.33
N ALA M 254 11.05 68.11 44.03
CA ALA M 254 10.56 69.43 43.63
C ALA M 254 9.88 69.39 42.26
N THR M 255 9.25 68.27 41.93
CA THR M 255 8.52 68.13 40.67
C THR M 255 7.10 67.65 40.85
N GLY M 256 6.66 67.38 42.07
CA GLY M 256 5.35 66.77 42.26
C GLY M 256 5.31 65.30 41.93
N GLN M 257 6.41 64.59 42.12
CA GLN M 257 6.49 63.19 41.77
C GLN M 257 5.52 62.37 42.61
N GLU M 258 5.02 61.29 42.03
CA GLU M 258 4.08 60.41 42.71
C GLU M 258 4.66 59.89 44.03
N ILE M 259 3.89 60.00 45.10
CA ILE M 259 4.37 59.64 46.42
C ILE M 259 4.50 58.13 46.53
N ALA M 260 5.65 57.66 47.02
CA ALA M 260 5.86 56.23 47.19
C ALA M 260 5.13 55.70 48.42
N ALA M 261 5.46 56.22 49.59
CA ALA M 261 4.84 55.76 50.82
C ALA M 261 4.98 56.85 51.88
N THR M 262 4.12 56.78 52.89
CA THR M 262 4.14 57.68 54.02
C THR M 262 4.27 56.87 55.31
N THR M 263 5.13 57.34 56.22
CA THR M 263 5.42 56.64 57.45
C THR M 263 5.11 57.55 58.65
N THR M 264 5.20 56.96 59.84
CA THR M 264 5.00 57.69 61.08
C THR M 264 6.20 57.50 61.99
N ALA M 265 6.10 57.92 63.26
CA ALA M 265 7.22 57.82 64.19
C ALA M 265 7.63 56.37 64.37
N ALA M 266 6.77 55.56 64.99
CA ALA M 266 6.96 54.11 65.13
C ALA M 266 8.37 53.79 65.64
N GLY M 267 8.82 54.56 66.61
CA GLY M 267 10.14 54.37 67.17
C GLY M 267 11.19 55.30 66.58
N THR M 268 12.13 54.73 65.82
CA THR M 268 13.24 55.49 65.24
C THR M 268 13.05 55.74 63.75
N ILE M 269 11.82 55.97 63.32
CA ILE M 269 11.51 56.24 61.92
C ILE M 269 10.92 57.63 61.81
N THR M 270 11.55 58.48 60.99
CA THR M 270 11.05 59.84 60.82
C THR M 270 9.75 59.82 60.02
N ALA M 271 8.80 60.66 60.44
CA ALA M 271 7.51 60.76 59.78
C ALA M 271 7.65 61.68 58.57
N ASP M 272 7.56 61.11 57.37
CA ASP M 272 7.70 61.89 56.15
C ASP M 272 7.02 61.15 55.02
N SER M 273 6.78 61.87 53.93
CA SER M 273 6.17 61.32 52.72
C SER M 273 7.30 60.94 51.77
N TRP M 274 7.80 59.72 51.91
CA TRP M 274 8.93 59.27 51.12
C TRP M 274 8.53 59.06 49.67
N VAL M 275 9.44 59.39 48.76
CA VAL M 275 9.20 59.30 47.32
C VAL M 275 10.33 58.49 46.69
N VAL M 276 10.03 57.85 45.56
CA VAL M 276 11.04 57.04 44.88
C VAL M 276 12.15 57.95 44.37
N ASP M 277 13.39 57.60 44.70
CA ASP M 277 14.54 58.42 44.34
C ASP M 277 14.94 58.12 42.91
N VAL M 278 14.52 59.00 41.98
CA VAL M 278 14.93 58.86 40.59
C VAL M 278 16.41 59.19 40.48
N GLY M 279 17.17 58.31 39.85
CA GLY M 279 18.61 58.44 39.78
C GLY M 279 19.30 57.19 40.30
N ASN M 280 20.51 57.37 40.84
CA ASN M 280 21.33 56.28 41.39
C ASN M 280 21.23 55.01 40.53
N ALA M 281 21.53 55.18 39.25
CA ALA M 281 21.40 54.08 38.30
C ALA M 281 22.34 52.95 38.67
N PRO M 282 22.00 51.70 38.30
CA PRO M 282 22.86 50.56 38.63
C PRO M 282 24.32 50.78 38.26
N ALA M 283 25.19 50.80 39.27
CA ALA M 283 26.61 51.03 39.08
C ALA M 283 27.37 49.71 39.08
N ALA M 284 28.45 49.67 38.32
CA ALA M 284 29.27 48.48 38.23
C ALA M 284 30.10 48.30 39.50
N ASN M 285 30.68 47.10 39.62
CA ASN M 285 31.56 46.75 40.74
C ASN M 285 30.84 46.88 42.08
N VAL M 286 29.80 46.08 42.25
CA VAL M 286 29.04 45.99 43.49
C VAL M 286 28.96 44.53 43.88
N SER M 287 29.03 44.26 45.19
CA SER M 287 29.05 42.88 45.68
C SER M 287 27.78 42.15 45.29
N ALA M 288 27.93 40.93 44.79
CA ALA M 288 26.80 40.11 44.41
C ALA M 288 26.31 39.32 45.62
N GLY M 289 25.40 38.38 45.39
CA GLY M 289 24.82 37.63 46.48
C GLY M 289 25.77 36.65 47.15
N GLN M 290 26.14 35.60 46.42
CA GLN M 290 26.97 34.53 46.98
C GLN M 290 28.04 34.13 45.97
N SER M 291 29.10 33.51 46.49
CA SER M 291 30.18 33.03 45.65
C SER M 291 29.79 31.72 44.97
N VAL M 292 30.67 31.26 44.07
CA VAL M 292 30.38 30.04 43.31
C VAL M 292 30.33 28.83 44.24
N ALA M 293 31.26 28.74 45.19
CA ALA M 293 31.33 27.57 46.06
C ALA M 293 30.23 27.55 47.12
N ASN M 294 29.50 28.64 47.31
CA ASN M 294 28.50 28.75 48.35
C ASN M 294 27.17 29.22 47.75
N ILE M 295 26.75 28.56 46.67
CA ILE M 295 25.51 28.92 46.00
C ILE M 295 24.34 28.30 46.74
N ASN M 296 23.42 29.13 47.22
CA ASN M 296 22.23 28.69 47.93
C ASN M 296 21.07 29.55 47.46
N ILE M 297 20.20 28.99 46.62
CA ILE M 297 19.23 29.78 45.89
C ILE M 297 17.79 29.47 46.32
N VAL M 298 17.60 28.81 47.45
CA VAL M 298 16.25 28.50 47.90
C VAL M 298 15.63 29.75 48.51
N GLY M 299 14.45 30.11 48.03
CA GLY M 299 13.76 31.31 48.48
C GLY M 299 14.56 32.58 48.23
N MET M 300 15.17 32.69 47.05
CA MET M 300 16.02 33.84 46.75
C MET M 300 15.20 35.12 46.65
N GLY M 301 14.04 35.05 46.00
CA GLY M 301 13.19 36.22 45.83
C GLY M 301 13.21 36.85 44.46
N ALA M 302 13.92 36.26 43.50
CA ALA M 302 14.00 36.75 42.12
C ALA M 302 14.56 38.17 42.04
N ALA M 303 15.35 38.58 43.02
CA ALA M 303 15.97 39.91 43.02
C ALA M 303 17.48 39.83 42.89
N ALA M 304 18.13 39.00 43.71
CA ALA M 304 19.57 38.82 43.63
C ALA M 304 19.98 37.76 42.62
N LEU M 305 19.02 37.10 41.98
CA LEU M 305 19.36 36.11 40.97
C LEU M 305 20.11 36.72 39.80
N ASP M 306 19.77 37.96 39.42
CA ASP M 306 20.51 38.62 38.36
C ASP M 306 21.97 38.85 38.75
N ALA M 307 22.21 39.27 40.00
CA ALA M 307 23.58 39.43 40.47
C ALA M 307 24.31 38.10 40.50
N LEU M 308 23.62 37.03 40.90
CA LEU M 308 24.23 35.71 40.90
C LEU M 308 24.61 35.27 39.49
N ILE M 309 23.73 35.53 38.53
CA ILE M 309 24.02 35.19 37.13
C ILE M 309 25.22 35.99 36.64
N SER M 310 25.28 37.28 36.99
CA SER M 310 26.42 38.10 36.59
C SER M 310 27.72 37.58 37.17
N GLY M 311 27.70 37.20 38.45
CA GLY M 311 28.90 36.64 39.07
C GLY M 311 29.32 35.34 38.44
N VAL M 312 28.35 34.47 38.14
CA VAL M 312 28.67 33.20 37.49
C VAL M 312 29.27 33.44 36.11
N ASP M 313 28.71 34.39 35.36
CA ASP M 313 29.24 34.72 34.04
C ASP M 313 30.65 35.27 34.14
N ALA M 314 30.92 36.13 35.12
CA ALA M 314 32.26 36.66 35.29
C ALA M 314 33.25 35.54 35.63
N ALA M 315 32.85 34.62 36.51
CA ALA M 315 33.72 33.49 36.84
C ALA M 315 33.97 32.63 35.62
N LEU M 316 32.93 32.39 34.82
CA LEU M 316 33.09 31.59 33.61
C LEU M 316 34.03 32.26 32.62
N THR M 317 33.92 33.58 32.46
CA THR M 317 34.81 34.31 31.57
C THR M 317 36.26 34.23 32.06
N ASP M 318 36.47 34.37 33.37
CA ASP M 318 37.82 34.25 33.91
C ASP M 318 38.37 32.85 33.69
N MET M 319 37.53 31.82 33.87
CA MET M 319 37.97 30.45 33.63
C MET M 319 38.32 30.22 32.17
N THR M 320 37.53 30.78 31.25
CA THR M 320 37.84 30.66 29.83
C THR M 320 39.16 31.36 29.50
N SER M 321 39.40 32.53 30.08
CA SER M 321 40.67 33.21 29.87
C SER M 321 41.84 32.39 30.41
N ALA M 322 41.65 31.76 31.57
CA ALA M 322 42.70 30.90 32.13
C ALA M 322 42.97 29.70 31.23
N ALA M 323 41.91 29.10 30.68
CA ALA M 323 42.09 27.97 29.76
C ALA M 323 42.81 28.40 28.49
N ALA M 324 42.48 29.58 27.97
CA ALA M 324 43.18 30.08 26.79
C ALA M 324 44.66 30.33 27.10
N SER M 325 44.95 30.88 28.29
CA SER M 325 46.34 31.09 28.68
C SER M 325 47.07 29.76 28.80
N LEU M 326 46.42 28.74 29.36
CA LEU M 326 47.04 27.43 29.48
C LEU M 326 47.32 26.83 28.11
N GLY M 327 46.38 26.98 27.16
CA GLY M 327 46.63 26.50 25.81
C GLY M 327 47.77 27.22 25.14
N SER M 328 47.86 28.53 25.34
CA SER M 328 48.99 29.29 24.80
C SER M 328 50.30 28.82 25.40
N ILE M 329 50.31 28.54 26.71
CA ILE M 329 51.51 28.03 27.36
C ILE M 329 51.90 26.68 26.77
N SER M 330 50.92 25.80 26.55
CA SER M 330 51.22 24.50 25.97
C SER M 330 51.79 24.64 24.55
N SER M 331 51.22 25.54 23.75
CA SER M 331 51.76 25.77 22.41
C SER M 331 53.18 26.31 22.49
N ARG M 332 53.45 27.21 23.43
CA ARG M 332 54.80 27.74 23.60
C ARG M 332 55.77 26.64 24.00
N ILE M 333 55.33 25.73 24.88
CA ILE M 333 56.19 24.61 25.27
C ILE M 333 56.50 23.72 24.08
N ASP M 334 55.49 23.45 23.25
CA ASP M 334 55.73 22.63 22.06
C ASP M 334 56.73 23.30 21.11
N LEU M 335 56.55 24.60 20.87
CA LEU M 335 57.46 25.33 20.00
C LEU M 335 58.87 25.35 20.58
N GLN M 336 58.98 25.56 21.89
CA GLN M 336 60.29 25.57 22.55
C GLN M 336 60.96 24.22 22.44
N SER M 337 60.21 23.13 22.62
CA SER M 337 60.79 21.80 22.49
C SER M 337 61.31 21.56 21.08
N GLU M 338 60.52 21.95 20.07
CA GLU M 338 60.96 21.79 18.69
C GLU M 338 62.23 22.59 18.43
N PHE M 339 62.26 23.84 18.89
CA PHE M 339 63.44 24.68 18.66
C PHE M 339 64.66 24.14 19.40
N VAL M 340 64.48 23.64 20.62
CA VAL M 340 65.60 23.11 21.38
C VAL M 340 66.14 21.85 20.70
N ASN M 341 65.26 21.01 20.17
CA ASN M 341 65.72 19.84 19.44
C ASN M 341 66.50 20.25 18.19
N LYS M 342 66.01 21.24 17.46
CA LYS M 342 66.73 21.72 16.27
C LYS M 342 68.09 22.30 16.65
N LEU M 343 68.14 23.08 17.73
CA LEU M 343 69.39 23.67 18.18
C LEU M 343 70.39 22.60 18.63
N SER M 344 69.91 21.58 19.34
CA SER M 344 70.78 20.49 19.74
C SER M 344 71.32 19.75 18.52
N ASP M 345 70.47 19.54 17.51
CA ASP M 345 70.94 18.93 16.28
C ASP M 345 72.03 19.77 15.61
N SER M 346 71.82 21.09 15.55
CA SER M 346 72.81 21.96 14.94
C SER M 346 74.13 21.94 15.70
N ILE M 347 74.07 21.99 17.03
CA ILE M 347 75.29 21.94 17.84
C ILE M 347 76.02 20.62 17.64
N GLU M 348 75.28 19.51 17.62
CA GLU M 348 75.91 18.20 17.45
C GLU M 348 76.54 18.08 16.07
N SER M 349 75.87 18.63 15.05
CA SER M 349 76.46 18.63 13.71
C SER M 349 77.73 19.46 13.66
N GLY M 350 77.73 20.61 14.33
CA GLY M 350 78.94 21.41 14.41
C GLY M 350 80.07 20.69 15.11
N VAL M 351 79.75 19.97 16.19
CA VAL M 351 80.76 19.17 16.88
C VAL M 351 81.30 18.10 15.95
N GLY M 352 80.43 17.45 15.19
CA GLY M 352 80.88 16.45 14.25
C GLY M 352 81.80 17.02 13.19
N ARG M 353 81.44 18.20 12.66
CA ARG M 353 82.30 18.86 11.68
C ARG M 353 83.66 19.20 12.27
N LEU M 354 83.68 19.64 13.52
CA LEU M 354 84.95 20.05 14.14
C LEU M 354 85.80 18.85 14.53
N VAL M 355 85.18 17.71 14.82
CA VAL M 355 85.88 16.59 15.43
C VAL M 355 86.06 15.40 14.49
N ASP M 356 85.06 15.08 13.67
CA ASP M 356 85.13 13.86 12.87
C ASP M 356 86.21 13.95 11.80
N ALA M 357 86.69 12.78 11.38
CA ALA M 357 87.68 12.65 10.33
C ALA M 357 87.16 11.73 9.23
N ASP M 358 87.42 12.08 7.98
CA ASP M 358 87.06 11.23 6.87
C ASP M 358 87.90 9.94 6.87
N MET M 359 87.24 8.79 6.84
CA MET M 359 87.94 7.54 7.03
C MET M 359 88.69 7.09 5.78
N ASN M 360 88.27 7.55 4.60
CA ASN M 360 88.96 7.16 3.37
C ASN M 360 90.40 7.67 3.37
N GLU M 361 90.59 8.92 3.77
CA GLU M 361 91.94 9.50 3.84
C GLU M 361 92.79 8.77 4.88
N GLU M 362 92.18 8.40 6.02
CA GLU M 362 92.91 7.64 7.02
C GLU M 362 93.30 6.26 6.51
N SER M 363 92.43 5.62 5.74
CA SER M 363 92.76 4.32 5.17
C SER M 363 93.92 4.43 4.18
N THR M 364 93.88 5.45 3.33
CA THR M 364 95.00 5.67 2.41
C THR M 364 96.29 5.92 3.17
N ARG M 365 96.22 6.73 4.23
CA ARG M 365 97.40 6.99 5.05
C ARG M 365 97.91 5.70 5.69
N LEU M 366 97.01 4.85 6.18
CA LEU M 366 97.42 3.61 6.82
C LEU M 366 98.12 2.70 5.83
N LYS M 367 97.58 2.56 4.62
CA LYS M 367 98.23 1.73 3.62
C LYS M 367 99.61 2.28 3.25
N ALA M 368 99.70 3.60 3.06
CA ALA M 368 100.98 4.21 2.72
C ALA M 368 102.00 4.01 3.83
N LEU M 369 101.56 4.16 5.08
CA LEU M 369 102.48 4.02 6.21
C LEU M 369 102.92 2.57 6.39
N GLN M 370 102.04 1.61 6.15
CA GLN M 370 102.44 0.21 6.20
C GLN M 370 103.49 -0.09 5.14
N THR M 371 103.27 0.41 3.92
CA THR M 371 104.26 0.20 2.86
C THR M 371 105.59 0.86 3.21
N GLN M 372 105.53 2.08 3.78
CA GLN M 372 106.75 2.76 4.18
C GLN M 372 107.48 1.98 5.26
N GLN M 373 106.74 1.39 6.20
CA GLN M 373 107.38 0.56 7.23
C GLN M 373 108.07 -0.63 6.59
N GLN M 374 107.41 -1.28 5.62
CA GLN M 374 108.04 -2.43 4.97
C GLN M 374 109.32 -2.03 4.25
N LEU M 375 109.30 -0.92 3.52
CA LEU M 375 110.50 -0.44 2.84
C LEU M 375 111.59 -0.08 3.83
N ALA M 376 111.24 0.57 4.93
CA ALA M 376 112.24 0.94 5.93
C ALA M 376 112.88 -0.30 6.56
N ILE M 377 112.06 -1.33 6.84
CA ILE M 377 112.60 -2.56 7.40
C ILE M 377 113.53 -3.23 6.41
N GLN M 378 113.15 -3.28 5.13
CA GLN M 378 114.03 -3.88 4.13
C GLN M 378 115.35 -3.12 4.03
N ALA M 379 115.28 -1.80 4.03
CA ALA M 379 116.50 -0.99 3.94
C ALA M 379 117.38 -1.19 5.16
N LEU M 380 116.77 -1.29 6.35
CA LEU M 380 117.54 -1.54 7.56
C LEU M 380 118.22 -2.91 7.50
N SER M 381 117.52 -3.92 6.99
CA SER M 381 118.12 -5.24 6.85
C SER M 381 119.30 -5.21 5.89
N ILE M 382 119.15 -4.49 4.77
CA ILE M 382 120.25 -4.37 3.82
C ILE M 382 121.44 -3.65 4.46
N ALA M 383 121.16 -2.59 5.23
CA ALA M 383 122.23 -1.86 5.90
C ALA M 383 122.96 -2.74 6.90
N ASN M 384 122.22 -3.56 7.65
CA ASN M 384 122.86 -4.48 8.58
C ASN M 384 123.72 -5.50 7.85
N SER M 385 123.20 -6.04 6.73
CA SER M 385 123.96 -7.02 5.97
C SER M 385 125.16 -6.40 5.27
N ASP M 386 125.18 -5.08 5.12
CA ASP M 386 126.32 -4.42 4.47
C ASP M 386 127.60 -4.60 5.29
N SER M 387 127.47 -4.66 6.62
CA SER M 387 128.65 -4.56 7.49
C SER M 387 129.62 -5.72 7.31
N GLN M 388 129.10 -6.95 7.20
CA GLN M 388 129.97 -8.12 7.31
C GLN M 388 130.73 -8.44 6.03
N ASN M 389 130.59 -7.64 4.97
CA ASN M 389 131.33 -7.89 3.75
C ASN M 389 132.84 -7.67 3.91
N VAL M 390 133.25 -6.92 4.94
CA VAL M 390 134.66 -6.59 5.12
C VAL M 390 135.50 -7.82 5.44
N LEU M 391 134.87 -8.93 5.86
CA LEU M 391 135.62 -10.11 6.24
C LEU M 391 136.44 -10.70 5.10
N SER M 392 136.10 -10.38 3.85
CA SER M 392 136.81 -10.95 2.72
C SER M 392 138.26 -10.48 2.67
N LEU M 393 138.54 -9.27 3.17
CA LEU M 393 139.90 -8.76 3.14
C LEU M 393 140.81 -9.55 4.07
N PHE M 394 140.29 -10.01 5.21
CA PHE M 394 141.08 -10.75 6.18
C PHE M 394 140.88 -12.26 6.07
N ARG M 395 140.33 -12.73 4.96
CA ARG M 395 140.02 -14.15 4.69
C ARG M 395 139.62 -14.98 5.91
N THR N 2 110.39 -0.58 18.36
CA THR N 2 109.31 -1.57 18.39
C THR N 2 109.53 -2.56 19.53
N SER N 3 108.52 -2.74 20.37
CA SER N 3 108.59 -3.64 21.51
C SER N 3 107.58 -4.77 21.31
N ILE N 4 108.05 -6.02 21.46
CA ILE N 4 107.17 -7.17 21.34
C ILE N 4 106.41 -7.48 22.62
N LEU N 5 106.71 -6.79 23.71
CA LEU N 5 106.05 -7.04 24.98
C LEU N 5 104.84 -6.14 25.21
N THR N 6 104.76 -5.00 24.55
CA THR N 6 103.65 -4.08 24.68
C THR N 6 103.21 -3.58 23.31
N ASN N 7 101.94 -3.19 23.22
CA ASN N 7 101.36 -2.70 21.97
C ASN N 7 100.35 -1.61 22.33
N ASN N 8 100.80 -0.35 22.32
CA ASN N 8 99.94 0.75 22.73
C ASN N 8 98.72 0.88 21.81
N SER N 9 98.93 0.68 20.51
CA SER N 9 97.81 0.70 19.58
C SER N 9 96.78 -0.37 19.93
N ALA N 10 97.26 -1.55 20.34
CA ALA N 10 96.34 -2.61 20.76
C ALA N 10 95.55 -2.20 21.99
N MET N 11 96.19 -1.53 22.95
CA MET N 11 95.47 -1.08 24.14
C MET N 11 94.42 -0.04 23.79
N ALA N 12 94.75 0.92 22.91
CA ALA N 12 93.78 1.91 22.50
C ALA N 12 92.60 1.25 21.77
N ALA N 13 92.90 0.29 20.89
CA ALA N 13 91.85 -0.44 20.21
C ALA N 13 90.98 -1.21 21.18
N LEU N 14 91.59 -1.80 22.21
CA LEU N 14 90.82 -2.54 23.22
C LEU N 14 89.89 -1.62 23.99
N SER N 15 90.38 -0.44 24.39
CA SER N 15 89.52 0.52 25.07
C SER N 15 88.37 0.97 24.18
N GLY N 16 88.66 1.23 22.90
CA GLY N 16 87.59 1.57 21.98
C GLY N 16 86.58 0.45 21.84
N VAL N 17 87.06 -0.79 21.75
CA VAL N 17 86.17 -1.94 21.60
C VAL N 17 85.26 -2.10 22.81
N ARG N 18 85.82 -1.97 24.01
CA ARG N 18 85.00 -2.11 25.21
C ARG N 18 83.98 -0.99 25.31
N SER N 19 84.37 0.23 24.95
CA SER N 19 83.40 1.34 24.96
C SER N 19 82.27 1.09 23.97
N ILE N 20 82.60 0.65 22.76
CA ILE N 20 81.57 0.36 21.77
C ILE N 20 80.69 -0.78 22.23
N SER N 21 81.28 -1.79 22.87
CA SER N 21 80.49 -2.92 23.36
C SER N 21 79.51 -2.49 24.43
N SER N 22 79.95 -1.65 25.38
CA SER N 22 79.04 -1.17 26.41
C SER N 22 77.92 -0.33 25.82
N SER N 23 78.27 0.58 24.90
CA SER N 23 77.24 1.41 24.27
C SER N 23 76.26 0.57 23.47
N MET N 24 76.77 -0.44 22.75
CA MET N 24 75.92 -1.31 21.96
C MET N 24 74.99 -2.12 22.86
N GLU N 25 75.50 -2.61 23.98
CA GLU N 25 74.65 -3.34 24.92
C GLU N 25 73.54 -2.45 25.45
N ASP N 26 73.87 -1.21 25.84
CA ASP N 26 72.86 -0.29 26.34
C ASP N 26 71.80 0.00 25.27
N THR N 27 72.23 0.31 24.06
CA THR N 27 71.29 0.63 23.00
C THR N 27 70.47 -0.59 22.59
N GLN N 28 71.04 -1.79 22.68
CA GLN N 28 70.30 -2.99 22.31
C GLN N 28 69.24 -3.32 23.35
N SER N 29 69.56 -3.14 24.63
CA SER N 29 68.52 -3.26 25.65
C SER N 29 67.44 -2.21 25.44
N ARG N 30 67.85 -0.99 25.09
CA ARG N 30 66.89 0.09 24.85
C ARG N 30 65.94 -0.25 23.71
N ILE N 31 66.47 -0.80 22.61
CA ILE N 31 65.63 -1.11 21.47
C ILE N 31 64.81 -2.38 21.74
N SER N 32 65.31 -3.27 22.59
CA SER N 32 64.56 -4.49 22.91
C SER N 32 63.33 -4.17 23.76
N SER N 33 63.51 -3.37 24.80
CA SER N 33 62.44 -3.17 25.79
C SER N 33 61.89 -1.75 25.81
N GLY N 34 62.25 -0.91 24.85
CA GLY N 34 61.89 0.50 24.96
C GLY N 34 62.51 1.09 26.20
N LEU N 35 61.71 1.84 26.96
CA LEU N 35 62.05 2.25 28.31
C LEU N 35 63.38 3.02 28.34
N ARG N 36 63.35 4.22 27.75
CA ARG N 36 64.53 5.08 27.76
C ARG N 36 65.07 5.23 29.18
N VAL N 37 64.19 5.38 30.16
CA VAL N 37 64.53 5.22 31.56
C VAL N 37 64.05 3.82 31.96
N GLY N 38 64.91 2.83 31.76
CA GLY N 38 64.53 1.45 31.95
C GLY N 38 64.78 0.89 33.33
N SER N 39 65.74 1.48 34.04
CA SER N 39 66.11 0.99 35.37
C SER N 39 66.63 2.16 36.19
N ALA N 40 66.92 1.88 37.46
CA ALA N 40 67.48 2.91 38.34
C ALA N 40 68.88 3.33 37.91
N SER N 41 69.57 2.52 37.11
CA SER N 41 70.86 2.93 36.57
C SER N 41 70.74 4.12 35.64
N ASP N 42 69.56 4.37 35.10
CA ASP N 42 69.28 5.57 34.33
C ASP N 42 69.02 6.73 35.29
N ASN N 43 68.45 7.82 34.77
CA ASN N 43 68.13 8.97 35.61
C ASN N 43 67.20 8.55 36.74
N ALA N 44 67.70 8.61 37.97
CA ALA N 44 66.96 8.07 39.11
C ALA N 44 65.68 8.84 39.37
N ALA N 45 65.73 10.17 39.26
CA ALA N 45 64.55 10.98 39.55
C ALA N 45 63.40 10.65 38.61
N TYR N 46 63.69 10.54 37.31
CA TYR N 46 62.64 10.21 36.35
C TYR N 46 62.12 8.80 36.57
N TRP N 47 62.99 7.87 36.94
CA TRP N 47 62.55 6.51 37.25
C TRP N 47 61.59 6.50 38.44
N SER N 48 61.92 7.26 39.49
CA SER N 48 61.06 7.33 40.66
C SER N 48 59.72 7.98 40.31
N ILE N 49 59.75 9.05 39.50
CA ILE N 49 58.52 9.71 39.09
C ILE N 49 57.65 8.75 38.28
N ALA N 50 58.27 7.99 37.37
CA ALA N 50 57.51 7.03 36.58
C ALA N 50 56.89 5.95 37.46
N THR N 51 57.64 5.47 38.46
CA THR N 51 57.09 4.47 39.37
C THR N 51 55.90 5.03 40.14
N THR N 52 56.03 6.26 40.65
CA THR N 52 54.93 6.88 41.39
C THR N 52 53.70 7.06 40.50
N MET N 53 53.90 7.50 39.26
CA MET N 53 52.77 7.68 38.36
C MET N 53 52.12 6.35 38.00
N ARG N 54 52.92 5.29 37.84
CA ARG N 54 52.32 3.98 37.59
C ARG N 54 51.49 3.51 38.76
N SER N 55 51.98 3.72 39.99
CA SER N 55 51.20 3.38 41.16
C SER N 55 49.90 4.18 41.21
N ASP N 56 49.98 5.47 40.92
CA ASP N 56 48.78 6.31 40.91
C ASP N 56 47.80 5.88 39.83
N ASN N 57 48.32 5.43 38.68
CA ASN N 57 47.44 4.94 37.61
C ASN N 57 46.73 3.67 38.02
N GLN N 58 47.44 2.76 38.70
CA GLN N 58 46.78 1.55 39.22
C GLN N 58 45.71 1.92 40.23
N ALA N 59 46.01 2.87 41.12
CA ALA N 59 45.01 3.32 42.08
C ALA N 59 43.80 3.93 41.36
N LEU N 60 44.03 4.70 40.29
CA LEU N 60 42.95 5.29 39.54
C LEU N 60 42.09 4.23 38.87
N SER N 61 42.72 3.17 38.36
CA SER N 61 41.95 2.06 37.78
C SER N 61 41.08 1.40 38.85
N ALA N 62 41.63 1.20 40.05
CA ALA N 62 40.83 0.66 41.14
C ALA N 62 39.66 1.57 41.48
N VAL N 63 39.90 2.88 41.49
CA VAL N 63 38.83 3.84 41.77
C VAL N 63 37.77 3.78 40.68
N GLN N 64 38.19 3.58 39.44
CA GLN N 64 37.22 3.46 38.35
C GLN N 64 36.35 2.22 38.50
N ASP N 65 36.95 1.10 38.92
CA ASP N 65 36.15 -0.09 39.20
C ASP N 65 35.16 0.17 40.34
N ALA N 66 35.62 0.85 41.39
CA ALA N 66 34.72 1.18 42.49
C ALA N 66 33.59 2.10 42.02
N LEU N 67 33.90 3.02 41.12
CA LEU N 67 32.89 3.90 40.56
C LEU N 67 31.86 3.11 39.77
N GLY N 68 32.30 2.13 39.00
CA GLY N 68 31.36 1.27 38.29
C GLY N 68 30.45 0.53 39.25
N LEU N 69 31.01 -0.02 40.33
CA LEU N 69 30.19 -0.70 41.33
C LEU N 69 29.18 0.26 41.95
N GLY N 70 29.62 1.45 42.30
CA GLY N 70 28.70 2.43 42.88
C GLY N 70 27.60 2.84 41.93
N ALA N 71 27.94 2.99 40.65
CA ALA N 71 26.93 3.32 39.65
C ALA N 71 25.91 2.21 39.52
N ALA N 72 26.35 0.95 39.56
CA ALA N 72 25.41 -0.17 39.51
C ALA N 72 24.48 -0.15 40.72
N LYS N 73 25.04 0.08 41.91
CA LYS N 73 24.21 0.15 43.11
C LYS N 73 23.19 1.28 43.02
N VAL N 74 23.62 2.45 42.54
CA VAL N 74 22.72 3.59 42.42
C VAL N 74 21.62 3.29 41.41
N ASP N 75 21.97 2.63 40.30
CA ASP N 75 20.97 2.29 39.30
C ASP N 75 19.91 1.35 39.88
N THR N 76 20.36 0.33 40.63
CA THR N 76 19.39 -0.59 41.25
C THR N 76 18.50 0.13 42.24
N ALA N 77 19.09 0.97 43.10
CA ALA N 77 18.31 1.70 44.09
C ALA N 77 17.32 2.64 43.42
N TYR N 78 17.72 3.27 42.31
CA TYR N 78 16.84 4.20 41.63
C TYR N 78 15.72 3.47 40.92
N SER N 79 15.98 2.28 40.39
CA SER N 79 14.90 1.48 39.81
C SER N 79 13.88 1.11 40.88
N GLY N 80 14.35 0.70 42.05
CA GLY N 80 13.43 0.47 43.16
C GLY N 80 12.67 1.72 43.53
N MET N 81 13.35 2.88 43.48
CA MET N 81 12.70 4.14 43.79
C MET N 81 11.57 4.47 42.81
N GLU N 82 11.81 4.23 41.52
CA GLU N 82 10.78 4.46 40.52
C GLU N 82 9.60 3.53 40.72
N SER N 83 9.87 2.26 41.03
CA SER N 83 8.78 1.34 41.32
C SER N 83 7.96 1.82 42.50
N ALA N 84 8.62 2.28 43.56
CA ALA N 84 7.91 2.82 44.71
C ALA N 84 7.09 4.05 44.32
N ILE N 85 7.64 4.90 43.46
CA ILE N 85 6.93 6.09 43.02
C ILE N 85 5.62 5.70 42.32
N GLU N 86 5.71 4.74 41.40
CA GLU N 86 4.52 4.31 40.68
C GLU N 86 3.49 3.70 41.62
N VAL N 87 3.94 2.86 42.55
CA VAL N 87 3.01 2.22 43.47
C VAL N 87 2.32 3.26 44.35
N VAL N 88 3.09 4.22 44.87
CA VAL N 88 2.51 5.23 45.77
C VAL N 88 1.55 6.13 45.01
N LYS N 89 1.86 6.45 43.75
CA LYS N 89 0.90 7.19 42.94
C LYS N 89 -0.39 6.41 42.76
N GLU N 90 -0.28 5.09 42.58
CA GLU N 90 -1.48 4.27 42.50
C GLU N 90 -2.28 4.31 43.80
N ILE N 91 -1.60 4.25 44.94
CA ILE N 91 -2.29 4.33 46.23
C ILE N 91 -2.99 5.67 46.37
N LYS N 92 -2.34 6.77 45.98
CA LYS N 92 -2.96 8.07 46.10
C LYS N 92 -4.19 8.18 45.20
N ALA N 93 -4.10 7.64 43.98
CA ALA N 93 -5.26 7.64 43.10
C ALA N 93 -6.41 6.84 43.68
N LYS N 94 -6.10 5.67 44.26
CA LYS N 94 -7.13 4.85 44.87
C LYS N 94 -7.78 5.56 46.05
N LEU N 95 -6.98 6.24 46.87
CA LEU N 95 -7.52 6.98 48.01
C LEU N 95 -8.40 8.13 47.53
N VAL N 96 -7.99 8.83 46.49
CA VAL N 96 -8.81 9.92 45.95
C VAL N 96 -10.13 9.37 45.43
N ALA N 97 -10.10 8.24 44.74
CA ALA N 97 -11.34 7.60 44.30
C ALA N 97 -12.18 7.16 45.49
N ALA N 98 -11.55 6.83 46.61
CA ALA N 98 -12.26 6.39 47.80
C ALA N 98 -12.98 7.54 48.50
N THR N 99 -12.74 8.79 48.10
CA THR N 99 -13.39 9.92 48.76
C THR N 99 -14.89 9.87 48.57
N GLU N 100 -15.37 9.27 47.49
CA GLU N 100 -16.80 9.13 47.28
C GLU N 100 -17.41 8.26 48.37
N ASP N 101 -18.50 8.75 48.97
CA ASP N 101 -19.10 8.04 50.09
C ASP N 101 -19.83 6.80 49.61
N GLY N 102 -20.44 6.85 48.42
CA GLY N 102 -21.18 5.72 47.90
C GLY N 102 -20.32 4.53 47.52
N VAL N 103 -19.03 4.74 47.29
CA VAL N 103 -18.11 3.65 46.94
C VAL N 103 -17.77 2.87 48.20
N ASP N 104 -17.91 1.55 48.13
CA ASP N 104 -17.55 0.70 49.25
C ASP N 104 -16.05 0.78 49.51
N LYS N 105 -15.68 0.75 50.78
CA LYS N 105 -14.29 0.93 51.19
C LYS N 105 -13.55 -0.37 51.44
N ALA N 106 -14.26 -1.50 51.53
CA ALA N 106 -13.59 -2.77 51.81
C ALA N 106 -12.73 -3.21 50.63
N LYS N 107 -13.30 -3.18 49.42
CA LYS N 107 -12.55 -3.60 48.24
C LYS N 107 -11.30 -2.77 48.07
N ILE N 108 -11.43 -1.45 48.21
CA ILE N 108 -10.26 -0.58 48.23
C ILE N 108 -9.35 -0.93 49.38
N GLN N 109 -9.90 -1.48 50.47
CA GLN N 109 -9.05 -1.85 51.60
C GLN N 109 -8.09 -2.98 51.23
N GLU N 110 -8.60 -4.06 50.61
CA GLU N 110 -7.62 -5.10 50.23
C GLU N 110 -6.76 -4.64 49.06
N GLU N 111 -7.27 -3.74 48.22
CA GLU N 111 -6.41 -3.18 47.17
C GLU N 111 -5.22 -2.46 47.78
N ILE N 112 -5.46 -1.62 48.79
CA ILE N 112 -4.39 -0.90 49.44
C ILE N 112 -3.48 -1.85 50.21
N THR N 113 -4.04 -2.92 50.78
CA THR N 113 -3.20 -3.91 51.46
C THR N 113 -2.25 -4.58 50.47
N GLN N 114 -2.76 -4.94 49.29
CA GLN N 114 -1.90 -5.53 48.26
C GLN N 114 -0.83 -4.55 47.81
N LEU N 115 -1.20 -3.27 47.66
CA LEU N 115 -0.23 -2.26 47.28
C LEU N 115 0.84 -2.08 48.35
N LYS N 116 0.46 -2.15 49.62
CA LYS N 116 1.44 -2.04 50.70
C LYS N 116 2.39 -3.23 50.71
N ASP N 117 1.87 -4.44 50.48
CA ASP N 117 2.75 -5.60 50.36
C ASP N 117 3.70 -5.44 49.18
N GLN N 118 3.19 -4.90 48.07
CA GLN N 118 4.04 -4.63 46.92
C GLN N 118 5.15 -3.64 47.27
N LEU N 119 4.81 -2.59 48.03
CA LEU N 119 5.81 -1.62 48.45
C LEU N 119 6.87 -2.27 49.33
N THR N 120 6.44 -3.15 50.25
CA THR N 120 7.41 -3.85 51.09
C THR N 120 8.33 -4.72 50.25
N SER N 121 7.78 -5.42 49.26
CA SER N 121 8.59 -6.24 48.37
C SER N 121 9.59 -5.39 47.59
N ILE N 122 9.15 -4.23 47.12
CA ILE N 122 10.05 -3.31 46.41
C ILE N 122 11.18 -2.88 47.34
N ALA N 123 10.83 -2.53 48.58
CA ALA N 123 11.83 -2.03 49.52
C ALA N 123 12.87 -3.09 49.86
N ASP N 124 12.45 -4.33 50.08
CA ASP N 124 13.40 -5.35 50.53
C ASP N 124 14.13 -6.03 49.38
N ALA N 125 13.50 -6.17 48.21
CA ALA N 125 14.13 -6.90 47.12
C ALA N 125 15.21 -6.09 46.40
N ALA N 126 15.04 -4.78 46.31
CA ALA N 126 15.92 -3.94 45.49
C ALA N 126 17.27 -3.76 46.20
N SER N 127 18.15 -4.74 46.00
CA SER N 127 19.49 -4.70 46.55
C SER N 127 20.48 -5.17 45.50
N PHE N 128 21.72 -4.72 45.61
CA PHE N 128 22.77 -5.10 44.67
C PHE N 128 23.75 -6.10 45.27
N SER N 129 24.42 -5.75 46.36
CA SER N 129 25.40 -6.64 46.98
C SER N 129 25.29 -6.56 48.49
N GLY N 130 24.07 -6.47 49.01
CA GLY N 130 23.83 -6.31 50.42
C GLY N 130 23.65 -4.87 50.87
N GLU N 131 24.08 -3.91 50.06
CA GLU N 131 23.86 -2.49 50.34
C GLU N 131 22.76 -1.99 49.41
N ASN N 132 21.52 -2.13 49.85
CA ASN N 132 20.36 -1.74 49.06
C ASN N 132 20.10 -0.24 49.09
N TRP N 133 20.80 0.52 49.95
CA TRP N 133 20.60 1.95 50.12
C TRP N 133 19.18 2.28 50.56
N LEU N 134 18.44 1.28 51.02
CA LEU N 134 17.07 1.45 51.50
C LEU N 134 16.90 0.57 52.73
N GLN N 135 15.80 0.80 53.46
CA GLN N 135 15.48 0.03 54.66
C GLN N 135 16.62 0.07 55.67
N ALA N 136 17.31 1.21 55.75
CA ALA N 136 18.43 1.34 56.65
C ALA N 136 17.95 1.41 58.10
N ASP N 137 18.87 1.18 59.02
CA ASP N 137 18.58 1.23 60.45
C ASP N 137 18.77 2.66 60.95
N LEU N 138 17.68 3.27 61.43
CA LEU N 138 17.70 4.65 61.90
C LEU N 138 17.75 4.72 63.43
N SER N 139 18.42 3.77 64.08
CA SER N 139 18.58 3.85 65.53
C SER N 139 19.40 5.07 65.91
N GLY N 140 20.49 5.34 65.18
CA GLY N 140 21.26 6.55 65.40
C GLY N 140 20.71 7.73 64.64
N GLY N 141 19.96 7.44 63.58
CA GLY N 141 19.30 8.49 62.80
C GLY N 141 20.19 9.24 61.84
N ALA N 142 21.46 8.85 61.70
CA ALA N 142 22.40 9.56 60.83
C ALA N 142 23.24 8.57 60.04
N VAL N 143 22.60 7.55 59.47
CA VAL N 143 23.32 6.58 58.66
C VAL N 143 23.75 7.23 57.35
N THR N 144 25.00 7.00 56.95
CA THR N 144 25.55 7.60 55.75
C THR N 144 26.30 6.54 54.96
N LYS N 145 26.04 6.48 53.66
CA LYS N 145 26.72 5.57 52.75
C LYS N 145 27.51 6.37 51.72
N SER N 146 28.65 5.82 51.32
CA SER N 146 29.59 6.54 50.47
C SER N 146 30.02 5.67 49.29
N VAL N 147 30.41 6.35 48.22
CA VAL N 147 30.92 5.73 47.00
C VAL N 147 32.29 6.32 46.71
N VAL N 148 33.26 5.46 46.43
CA VAL N 148 34.63 5.91 46.16
C VAL N 148 34.63 6.78 44.92
N GLY N 149 35.05 8.04 45.08
CA GLY N 149 35.01 8.99 43.99
C GLY N 149 36.32 9.13 43.23
N SER N 150 37.41 9.37 43.94
CA SER N 150 38.69 9.60 43.28
C SER N 150 39.83 9.35 44.26
N PHE N 151 40.99 9.04 43.72
CA PHE N 151 42.22 8.91 44.49
C PHE N 151 43.03 10.19 44.34
N VAL N 152 43.22 10.90 45.44
CA VAL N 152 43.84 12.22 45.43
C VAL N 152 45.14 12.17 46.20
N ARG N 153 46.23 12.60 45.55
CA ARG N 153 47.52 12.73 46.18
C ARG N 153 47.76 14.21 46.49
N ASP N 154 47.88 14.53 47.78
CA ASP N 154 48.05 15.92 48.18
C ASP N 154 49.44 16.42 47.81
N GLY N 155 49.58 17.75 47.80
CA GLY N 155 50.85 18.35 47.41
C GLY N 155 51.98 18.03 48.37
N SER N 156 51.68 17.93 49.66
CA SER N 156 52.71 17.71 50.67
C SER N 156 52.94 16.22 50.93
N GLY N 157 53.16 15.46 49.86
CA GLY N 157 53.48 14.04 49.99
C GLY N 157 52.43 13.23 50.72
N SER N 158 51.16 13.47 50.43
CA SER N 158 50.06 12.78 51.10
C SER N 158 49.15 12.12 50.07
N VAL N 159 48.55 11.01 50.48
CA VAL N 159 47.62 10.26 49.63
C VAL N 159 46.35 10.01 50.43
N ALA N 160 45.21 10.10 49.75
CA ALA N 160 43.92 9.88 50.39
C ALA N 160 42.92 9.44 49.33
N VAL N 161 41.80 8.89 49.80
CA VAL N 161 40.72 8.43 48.93
C VAL N 161 39.49 9.26 49.21
N LYS N 162 38.97 9.92 48.17
CA LYS N 162 37.77 10.73 48.30
C LYS N 162 36.53 9.90 48.01
N LYS N 163 35.45 10.21 48.73
CA LYS N 163 34.20 9.48 48.61
C LYS N 163 33.03 10.45 48.48
N VAL N 164 31.99 10.00 47.79
CA VAL N 164 30.78 10.79 47.61
C VAL N 164 29.72 10.27 48.57
N ASP N 165 29.20 11.16 49.42
CA ASP N 165 28.31 10.76 50.50
C ASP N 165 26.85 10.87 50.08
N TYR N 166 26.03 9.98 50.63
CA TYR N 166 24.59 9.99 50.43
C TYR N 166 23.93 9.79 51.78
N SER N 167 22.91 10.61 52.07
CA SER N 167 22.28 10.62 53.38
C SER N 167 20.96 9.85 53.34
N LEU N 168 20.69 9.09 54.40
CA LEU N 168 19.47 8.32 54.55
C LEU N 168 18.78 8.66 55.86
N ASN N 169 18.82 9.93 56.25
CA ASN N 169 18.41 10.34 57.59
C ASN N 169 16.94 10.06 57.88
N ALA N 170 16.03 10.77 57.22
CA ALA N 170 14.61 10.56 57.46
C ALA N 170 13.73 10.70 56.22
N ASN N 171 14.31 10.91 55.04
CA ASN N 171 13.53 11.16 53.85
C ASN N 171 13.88 10.27 52.67
N SER N 172 14.88 9.39 52.81
CA SER N 172 15.27 8.50 51.71
C SER N 172 15.60 7.11 52.22
N VAL N 173 14.92 6.65 53.27
CA VAL N 173 15.26 5.39 53.89
C VAL N 173 14.31 4.26 53.51
N LEU N 174 13.05 4.55 53.18
CA LEU N 174 12.13 3.54 52.65
C LEU N 174 11.94 2.36 53.60
N PHE N 175 11.13 2.55 54.64
CA PHE N 175 10.85 1.52 55.65
C PHE N 175 12.05 1.20 56.52
N ASP N 176 12.48 2.18 57.33
CA ASP N 176 13.43 1.96 58.41
C ASP N 176 13.14 0.66 59.14
N THR N 177 14.19 -0.13 59.37
CA THR N 177 14.01 -1.49 59.85
C THR N 177 13.48 -1.54 61.28
N VAL N 178 14.09 -0.77 62.18
CA VAL N 178 13.86 -0.90 63.61
C VAL N 178 12.97 0.23 64.14
N GLY N 179 13.38 1.48 63.93
CA GLY N 179 12.68 2.60 64.56
C GLY N 179 11.30 2.85 64.02
N ASP N 180 10.99 2.37 62.81
CA ASP N 180 9.70 2.60 62.17
C ASP N 180 9.37 4.09 62.11
N THR N 181 10.39 4.88 61.77
CA THR N 181 10.25 6.32 61.67
C THR N 181 10.74 6.82 60.31
N GLY N 182 10.70 5.95 59.31
CA GLY N 182 11.18 6.29 57.98
C GLY N 182 10.20 7.13 57.19
N ILE N 183 10.54 7.34 55.92
CA ILE N 183 9.69 8.13 55.03
C ILE N 183 8.32 7.49 54.93
N LEU N 184 8.26 6.17 54.88
CA LEU N 184 7.02 5.42 55.00
C LEU N 184 6.92 4.81 56.39
N ASP N 185 5.73 4.30 56.71
CA ASP N 185 5.44 3.71 58.02
C ASP N 185 5.70 4.73 59.13
N LYS N 186 5.29 5.98 58.89
CA LYS N 186 5.29 7.00 59.92
C LYS N 186 4.22 8.02 59.60
N VAL N 187 3.78 8.74 60.63
CA VAL N 187 2.68 9.69 60.50
C VAL N 187 3.23 11.06 60.12
N TYR N 188 2.50 11.74 59.24
CA TYR N 188 2.85 13.08 58.79
C TYR N 188 1.86 14.10 59.34
N ASN N 189 2.38 15.16 59.96
CA ASN N 189 1.52 16.24 60.42
C ASN N 189 0.92 16.98 59.24
N VAL N 190 -0.37 17.30 59.34
CA VAL N 190 -1.11 17.96 58.27
C VAL N 190 -1.75 19.21 58.85
N SER N 191 -1.14 20.37 58.60
CA SER N 191 -1.71 21.63 59.05
C SER N 191 -1.34 22.71 58.05
N GLN N 192 -2.14 23.78 58.03
CA GLN N 192 -2.05 24.74 56.94
C GLN N 192 -0.81 25.63 57.06
N ALA N 193 -0.49 26.08 58.27
CA ALA N 193 0.51 27.12 58.47
C ALA N 193 1.60 26.66 59.44
N SER N 194 2.14 25.47 59.22
CA SER N 194 3.20 24.94 60.05
C SER N 194 4.30 24.35 59.19
N VAL N 195 5.44 24.11 59.81
CA VAL N 195 6.60 23.49 59.17
C VAL N 195 7.18 22.45 60.11
N THR N 196 7.57 21.31 59.56
CA THR N 196 8.20 20.25 60.33
C THR N 196 9.70 20.47 60.32
N LEU N 197 10.26 20.86 61.46
CA LEU N 197 11.67 21.17 61.60
C LEU N 197 12.35 20.13 62.48
N THR N 198 13.57 19.77 62.12
CA THR N 198 14.38 18.84 62.90
C THR N 198 15.38 19.62 63.73
N VAL N 199 15.34 19.40 65.05
CA VAL N 199 16.26 20.02 65.99
C VAL N 199 16.74 18.96 66.96
N ASN N 200 18.03 18.98 67.28
CA ASN N 200 18.60 18.00 68.20
C ASN N 200 18.59 18.54 69.62
N THR N 201 18.10 17.72 70.55
CA THR N 201 18.06 18.06 71.97
C THR N 201 18.92 17.07 72.74
N ASN N 202 19.86 17.58 73.53
CA ASN N 202 20.78 16.75 74.31
C ASN N 202 21.57 15.79 73.43
N GLY N 203 21.84 16.19 72.19
CA GLY N 203 22.66 15.41 71.29
C GLY N 203 21.92 14.42 70.41
N VAL N 204 20.61 14.29 70.58
CA VAL N 204 19.82 13.37 69.77
C VAL N 204 18.79 14.18 68.98
N GLU N 205 18.67 13.90 67.69
CA GLU N 205 17.79 14.65 66.82
C GLU N 205 16.34 14.18 66.97
N SER N 206 15.42 15.09 66.64
CA SER N 206 14.00 14.79 66.66
C SER N 206 13.30 15.76 65.72
N GLN N 207 12.07 15.41 65.35
CA GLN N 207 11.27 16.22 64.44
C GLN N 207 10.08 16.78 65.21
N HIS N 208 9.91 18.10 65.16
CA HIS N 208 8.84 18.79 65.84
C HIS N 208 8.06 19.64 64.86
N THR N 209 6.74 19.68 65.02
CA THR N 209 5.87 20.48 64.18
C THR N 209 5.56 21.79 64.88
N VAL N 210 5.92 22.90 64.23
CA VAL N 210 5.71 24.22 64.79
C VAL N 210 5.15 25.13 63.71
N ALA N 211 4.36 26.12 64.12
CA ALA N 211 3.75 27.03 63.17
C ALA N 211 4.80 27.89 62.48
N ALA N 212 4.50 28.28 61.24
CA ALA N 212 5.38 29.10 60.42
C ALA N 212 4.68 30.39 60.05
N TYR N 213 5.44 31.48 60.00
CA TYR N 213 4.91 32.80 59.72
C TYR N 213 5.57 33.37 58.47
N SER N 214 4.76 33.95 57.59
CA SER N 214 5.27 34.49 56.34
C SER N 214 6.06 35.77 56.58
N LEU N 215 7.02 36.02 55.69
CA LEU N 215 7.84 37.23 55.79
C LEU N 215 7.04 38.48 55.49
N GLU N 216 6.06 38.38 54.60
CA GLU N 216 5.25 39.55 54.25
C GLU N 216 4.47 40.06 55.45
N SER N 217 3.87 39.16 56.23
CA SER N 217 3.16 39.58 57.43
C SER N 217 4.10 40.23 58.43
N LEU N 218 5.30 39.66 58.60
CA LEU N 218 6.26 40.21 59.54
C LEU N 218 6.68 41.62 59.14
N THR N 219 6.96 41.83 57.85
CA THR N 219 7.39 43.16 57.40
C THR N 219 6.23 44.14 57.34
N GLU N 220 4.99 43.65 57.21
CA GLU N 220 3.83 44.56 57.23
C GLU N 220 3.50 44.99 58.65
N ALA N 221 3.68 44.11 59.63
CA ALA N 221 3.35 44.43 61.01
C ALA N 221 4.29 45.46 61.62
N GLY N 222 5.43 45.74 60.99
CA GLY N 222 6.36 46.71 61.53
C GLY N 222 7.41 46.07 62.41
N ALA N 223 8.04 45.01 61.92
CA ALA N 223 9.04 44.27 62.69
C ALA N 223 10.44 44.76 62.38
N GLU N 224 11.31 44.66 63.38
CA GLU N 224 12.72 45.02 63.23
C GLU N 224 13.53 43.74 63.09
N PHE N 225 14.31 43.64 62.03
CA PHE N 225 15.06 42.44 61.71
C PHE N 225 16.56 42.65 62.00
N GLN N 226 17.25 41.53 62.18
CA GLN N 226 18.70 41.55 62.34
C GLN N 226 19.24 40.18 61.98
N GLY N 227 19.97 40.09 60.87
CA GLY N 227 20.46 38.80 60.42
C GLY N 227 19.32 37.85 60.14
N ASN N 228 19.30 36.72 60.83
CA ASN N 228 18.23 35.75 60.74
C ASN N 228 17.24 35.88 61.91
N TYR N 229 17.30 36.99 62.64
CA TYR N 229 16.45 37.23 63.80
C TYR N 229 15.48 38.37 63.50
N ALA N 230 14.29 38.29 64.09
CA ALA N 230 13.27 39.31 63.91
C ALA N 230 12.66 39.66 65.26
N LEU N 231 12.10 40.87 65.34
CA LEU N 231 11.46 41.34 66.57
C LEU N 231 10.26 42.19 66.15
N GLN N 232 9.07 41.57 66.15
CA GLN N 232 7.84 42.28 65.82
C GLN N 232 7.27 43.03 67.01
N GLY N 233 7.75 42.76 68.22
CA GLY N 233 7.18 43.34 69.41
C GLY N 233 7.38 42.44 70.62
N GLY N 234 6.29 42.08 71.29
CA GLY N 234 6.39 41.15 72.40
C GLY N 234 6.79 39.74 71.99
N ASN N 235 6.82 39.45 70.70
CA ASN N 235 7.24 38.15 70.18
C ASN N 235 8.50 38.30 69.36
N SER N 236 9.31 37.25 69.36
CA SER N 236 10.56 37.21 68.61
C SER N 236 10.56 36.04 67.65
N TYR N 237 11.24 36.20 66.52
CA TYR N 237 11.26 35.20 65.46
C TYR N 237 12.69 34.98 64.99
N VAL N 238 12.96 33.76 64.55
CA VAL N 238 14.27 33.37 64.05
C VAL N 238 14.10 32.69 62.71
N LYS N 239 15.07 32.90 61.82
CA LYS N 239 15.05 32.30 60.49
C LYS N 239 15.92 31.05 60.47
N VAL N 240 15.40 29.98 61.08
CA VAL N 240 16.09 28.70 61.07
C VAL N 240 16.14 28.13 59.66
N GLU N 241 15.04 28.26 58.92
CA GLU N 241 14.96 27.84 57.53
C GLU N 241 14.26 28.91 56.71
N ASN N 242 13.86 28.57 55.48
CA ASN N 242 13.20 29.53 54.59
C ASN N 242 11.91 30.08 55.19
N VAL N 243 11.40 29.51 56.27
CA VAL N 243 10.20 29.98 56.95
C VAL N 243 10.59 30.51 58.32
N TRP N 244 9.93 31.60 58.73
CA TRP N 244 10.19 32.21 60.04
C TRP N 244 9.33 31.55 61.11
N VAL N 245 9.91 31.39 62.30
CA VAL N 245 9.25 30.71 63.41
C VAL N 245 9.51 31.49 64.69
N ARG N 246 8.51 31.55 65.56
CA ARG N 246 8.68 32.17 66.87
C ARG N 246 9.68 31.38 67.70
N ALA N 247 10.45 32.10 68.51
CA ALA N 247 11.53 31.51 69.28
C ALA N 247 11.46 31.94 70.74
N GLU N 248 12.01 31.11 71.61
CA GLU N 248 12.15 31.40 73.02
C GLU N 248 13.50 32.06 73.27
N THR N 249 13.56 32.90 74.31
CA THR N 249 14.74 33.71 74.55
C THR N 249 15.99 32.87 74.81
N ALA N 250 16.02 32.19 75.95
CA ALA N 250 17.13 31.33 76.35
C ALA N 250 16.79 30.70 77.70
N ALA N 251 17.46 29.60 78.00
CA ALA N 251 17.37 28.92 79.29
C ALA N 251 15.93 28.56 79.68
N THR N 252 15.01 28.57 78.71
CA THR N 252 13.64 28.18 79.00
C THR N 252 13.47 26.67 78.99
N GLY N 253 13.88 26.03 77.89
CA GLY N 253 13.85 24.58 77.82
C GLY N 253 14.84 23.92 78.75
N ALA N 254 16.02 24.53 78.92
CA ALA N 254 17.09 24.00 79.77
C ALA N 254 17.45 22.56 79.37
N THR N 255 17.46 22.31 78.07
CA THR N 255 17.76 20.99 77.53
C THR N 255 18.95 21.00 76.58
N GLY N 256 19.71 22.09 76.53
CA GLY N 256 20.84 22.17 75.62
C GLY N 256 20.44 22.11 74.16
N GLN N 257 19.34 22.78 73.81
CA GLN N 257 18.87 22.78 72.44
C GLN N 257 19.80 23.60 71.54
N GLU N 258 19.80 23.26 70.26
CA GLU N 258 20.58 24.02 69.28
C GLU N 258 20.11 25.47 69.24
N ILE N 259 21.07 26.39 69.27
CA ILE N 259 20.75 27.81 69.30
C ILE N 259 20.38 28.27 67.90
N ALA N 260 19.25 28.96 67.78
CA ALA N 260 18.80 29.43 66.47
C ALA N 260 19.70 30.53 65.93
N ALA N 261 19.97 31.55 66.75
CA ALA N 261 20.77 32.69 66.32
C ALA N 261 21.23 33.48 67.53
N THR N 262 22.22 34.32 67.31
CA THR N 262 22.72 35.25 68.33
C THR N 262 22.54 36.67 67.84
N THR N 263 22.20 37.56 68.77
CA THR N 263 21.89 38.95 68.46
C THR N 263 22.81 39.88 69.24
N THR N 264 22.60 41.18 69.05
CA THR N 264 23.38 42.21 69.74
C THR N 264 22.41 43.33 70.12
N ALA N 265 22.97 44.48 70.49
CA ALA N 265 22.14 45.61 70.92
C ALA N 265 21.21 46.06 69.80
N ALA N 266 21.78 46.56 68.69
CA ALA N 266 21.01 46.94 67.51
C ALA N 266 19.88 47.91 67.85
N GLY N 267 20.15 48.84 68.76
CA GLY N 267 19.17 49.82 69.16
C GLY N 267 18.21 49.34 70.23
N THR N 268 17.29 48.45 69.88
CA THR N 268 16.26 47.98 70.80
C THR N 268 16.11 46.46 70.75
N ILE N 269 17.20 45.75 70.50
CA ILE N 269 17.19 44.29 70.45
C ILE N 269 18.03 43.77 71.60
N THR N 270 17.45 42.88 72.41
CA THR N 270 18.19 42.28 73.51
C THR N 270 19.29 41.38 73.00
N ALA N 271 20.44 41.42 73.66
CA ALA N 271 21.59 40.59 73.29
C ALA N 271 21.44 39.24 73.99
N ASP N 272 21.11 38.21 73.22
CA ASP N 272 20.89 36.88 73.79
C ASP N 272 21.05 35.85 72.69
N SER N 273 21.22 34.60 73.12
CA SER N 273 21.32 33.46 72.21
C SER N 273 19.95 32.81 72.13
N TRP N 274 19.27 32.99 71.00
CA TRP N 274 17.89 32.57 70.84
C TRP N 274 17.82 31.12 70.35
N VAL N 275 16.76 30.43 70.76
CA VAL N 275 16.53 29.03 70.43
C VAL N 275 15.12 28.88 69.91
N VAL N 276 14.96 28.07 68.85
CA VAL N 276 13.64 27.84 68.27
C VAL N 276 12.72 27.23 69.32
N ASP N 277 11.51 27.78 69.41
CA ASP N 277 10.53 27.31 70.38
C ASP N 277 10.03 25.93 69.97
N VAL N 278 10.36 24.92 70.77
CA VAL N 278 9.88 23.56 70.50
C VAL N 278 8.37 23.49 70.62
N GLY N 279 7.78 24.32 71.48
CA GLY N 279 6.34 24.37 71.62
C GLY N 279 5.69 25.19 70.53
N ASN N 280 4.74 26.05 70.90
CA ASN N 280 4.03 26.92 69.97
C ASN N 280 3.34 26.10 68.88
N ALA N 281 2.38 25.30 69.32
CA ALA N 281 1.64 24.42 68.41
C ALA N 281 0.86 25.26 67.41
N PRO N 282 0.62 24.72 66.21
CA PRO N 282 -0.14 25.47 65.20
C PRO N 282 -1.56 25.74 65.64
N ALA N 283 -2.24 26.57 64.84
CA ALA N 283 -3.63 26.93 65.16
C ALA N 283 -4.54 25.71 65.13
N ALA N 284 -4.35 24.82 64.15
CA ALA N 284 -5.13 23.59 64.02
C ALA N 284 -4.14 22.44 63.84
N ASN N 285 -3.75 21.81 64.95
CA ASN N 285 -2.79 20.73 64.93
C ASN N 285 -3.51 19.45 64.54
N VAL N 286 -3.38 19.05 63.27
CA VAL N 286 -4.00 17.85 62.74
C VAL N 286 -2.90 16.94 62.22
N SER N 287 -2.98 15.66 62.58
CA SER N 287 -2.01 14.66 62.14
C SER N 287 -2.72 13.59 61.34
N ALA N 288 -1.97 12.95 60.44
CA ALA N 288 -2.51 11.86 59.64
C ALA N 288 -2.96 10.72 60.55
N GLY N 289 -4.15 10.17 60.26
CA GLY N 289 -4.69 9.13 61.11
C GLY N 289 -3.82 7.89 61.13
N GLN N 290 -3.34 7.47 59.96
CA GLN N 290 -2.48 6.30 59.84
C GLN N 290 -1.32 6.59 58.91
N SER N 291 -0.25 5.82 59.06
CA SER N 291 0.91 5.95 58.20
C SER N 291 0.61 5.33 56.83
N VAL N 292 1.58 5.41 55.94
CA VAL N 292 1.41 4.85 54.59
C VAL N 292 1.35 3.32 54.66
N ALA N 293 2.14 2.72 55.55
CA ALA N 293 2.18 1.27 55.66
C ALA N 293 1.07 0.70 56.54
N ASN N 294 0.25 1.55 57.15
CA ASN N 294 -0.81 1.09 58.03
C ASN N 294 -2.15 1.69 57.61
N ILE N 295 -2.37 1.83 56.30
CA ILE N 295 -3.59 2.44 55.81
C ILE N 295 -4.77 1.50 56.05
N ASN N 296 -5.81 2.01 56.70
CA ASN N 296 -7.02 1.23 56.95
C ASN N 296 -8.20 2.20 56.86
N ILE N 297 -8.96 2.12 55.76
CA ILE N 297 -9.98 3.11 55.45
C ILE N 297 -11.38 2.60 55.77
N VAL N 298 -11.50 1.60 56.65
CA VAL N 298 -12.80 1.06 57.01
C VAL N 298 -13.48 2.04 57.96
N GLY N 299 -14.39 2.86 57.43
CA GLY N 299 -15.15 3.78 58.25
C GLY N 299 -14.34 4.85 58.95
N MET N 300 -13.37 5.44 58.25
CA MET N 300 -12.56 6.49 58.86
C MET N 300 -13.33 7.80 58.97
N GLY N 301 -14.07 8.16 57.94
CA GLY N 301 -14.74 9.45 57.89
C GLY N 301 -14.05 10.41 56.95
N ALA N 302 -14.73 11.54 56.70
CA ALA N 302 -14.25 12.50 55.72
C ALA N 302 -12.93 13.13 56.16
N ALA N 303 -12.89 13.62 57.40
CA ALA N 303 -11.69 14.31 57.89
C ALA N 303 -10.50 13.38 57.92
N ALA N 304 -10.70 12.14 58.38
CA ALA N 304 -9.61 11.17 58.40
C ALA N 304 -9.13 10.85 56.98
N LEU N 305 -10.07 10.76 56.03
CA LEU N 305 -9.69 10.52 54.65
C LEU N 305 -8.85 11.66 54.09
N ASP N 306 -9.25 12.90 54.38
CA ASP N 306 -8.48 14.05 53.92
C ASP N 306 -7.09 14.07 54.54
N ALA N 307 -6.99 13.77 55.84
CA ALA N 307 -5.69 13.73 56.50
C ALA N 307 -4.81 12.64 55.89
N LEU N 308 -5.38 11.47 55.62
CA LEU N 308 -4.62 10.39 55.01
C LEU N 308 -4.15 10.77 53.61
N ILE N 309 -5.02 11.43 52.84
CA ILE N 309 -4.64 11.86 51.49
C ILE N 309 -3.49 12.86 51.54
N SER N 310 -3.57 13.81 52.47
CA SER N 310 -2.50 14.79 52.61
C SER N 310 -1.19 14.13 53.02
N GLY N 311 -1.26 13.18 53.96
CA GLY N 311 -0.05 12.48 54.36
C GLY N 311 0.56 11.68 53.22
N VAL N 312 -0.29 11.01 52.43
CA VAL N 312 0.20 10.26 51.28
C VAL N 312 0.86 11.19 50.27
N ASP N 313 0.25 12.37 50.04
CA ASP N 313 0.84 13.33 49.11
C ASP N 313 2.19 13.80 49.63
N ALA N 314 2.29 14.08 50.93
CA ALA N 314 3.57 14.51 51.50
C ALA N 314 4.64 13.43 51.34
N ALA N 315 4.28 12.18 51.60
CA ALA N 315 5.22 11.07 51.42
C ALA N 315 5.64 10.96 49.97
N LEU N 316 4.70 11.11 49.04
CA LEU N 316 5.03 11.06 47.62
C LEU N 316 5.98 12.18 47.22
N THR N 317 5.76 13.39 47.75
CA THR N 317 6.64 14.51 47.45
C THR N 317 8.04 14.27 47.98
N ASP N 318 8.16 13.81 49.22
CA ASP N 318 9.48 13.53 49.78
C ASP N 318 10.19 12.42 49.00
N MET N 319 9.45 11.39 48.62
CA MET N 319 10.07 10.28 47.90
C MET N 319 10.44 10.67 46.47
N THR N 320 9.68 11.57 45.86
CA THR N 320 10.07 12.13 44.57
C THR N 320 11.35 12.96 44.70
N SER N 321 11.47 13.73 45.79
CA SER N 321 12.72 14.45 46.04
C SER N 321 13.89 13.50 46.21
N ALA N 322 13.66 12.39 46.92
CA ALA N 322 14.70 11.38 47.07
C ALA N 322 15.09 10.77 45.72
N ALA N 323 14.11 10.53 44.85
CA ALA N 323 14.40 10.02 43.51
C ALA N 323 15.24 11.02 42.73
N ALA N 324 14.90 12.30 42.81
CA ALA N 324 15.69 13.32 42.13
C ALA N 324 17.12 13.36 42.66
N SER N 325 17.27 13.24 43.98
CA SER N 325 18.61 13.21 44.58
C SER N 325 19.40 12.00 44.07
N LEU N 326 18.75 10.84 43.98
CA LEU N 326 19.41 9.65 43.48
C LEU N 326 19.85 9.82 42.03
N GLY N 327 18.99 10.42 41.21
CA GLY N 327 19.38 10.70 39.84
C GLY N 327 20.56 11.65 39.74
N SER N 328 20.58 12.67 40.61
CA SER N 328 21.72 13.58 40.64
C SER N 328 22.99 12.86 41.05
N ILE N 329 22.90 11.94 42.02
CA ILE N 329 24.06 11.16 42.42
C ILE N 329 24.55 10.31 41.26
N SER N 330 23.63 9.69 40.52
CA SER N 330 24.03 8.87 39.37
C SER N 330 24.73 9.71 38.31
N SER N 331 24.19 10.90 38.03
CA SER N 331 24.85 11.79 37.07
C SER N 331 26.23 12.20 37.54
N ARG N 332 26.37 12.49 38.84
CA ARG N 332 27.68 12.86 39.38
C ARG N 332 28.66 11.69 39.26
N ILE N 333 28.19 10.46 39.50
CA ILE N 333 29.06 9.30 39.34
C ILE N 333 29.51 9.16 37.89
N ASP N 334 28.60 9.36 36.94
CA ASP N 334 28.97 9.25 35.54
C ASP N 334 30.03 10.29 35.18
N LEU N 335 29.82 11.54 35.61
CA LEU N 335 30.79 12.60 35.32
C LEU N 335 32.13 12.31 35.99
N GLN N 336 32.10 11.80 37.23
CA GLN N 336 33.34 11.46 37.92
C GLN N 336 34.08 10.35 37.20
N SER N 337 33.35 9.35 36.71
CA SER N 337 33.99 8.25 35.99
C SER N 337 34.65 8.74 34.71
N GLU N 338 33.95 9.59 33.94
CA GLU N 338 34.54 10.08 32.71
C GLU N 338 35.76 10.96 33.01
N PHE N 339 35.69 11.78 34.06
CA PHE N 339 36.83 12.61 34.42
C PHE N 339 38.01 11.76 34.87
N VAL N 340 37.75 10.68 35.62
CA VAL N 340 38.82 9.80 36.05
C VAL N 340 39.46 9.12 34.85
N ASN N 341 38.65 8.71 33.88
CA ASN N 341 39.21 8.12 32.67
C ASN N 341 40.10 9.12 31.93
N LYS N 342 39.63 10.37 31.81
CA LYS N 342 40.44 11.39 31.14
C LYS N 342 41.75 11.64 31.90
N LEU N 343 41.68 11.70 33.23
CA LEU N 343 42.89 11.93 34.02
C LEU N 343 43.87 10.76 33.88
N SER N 344 43.35 9.53 33.88
CA SER N 344 44.22 8.37 33.68
C SER N 344 44.88 8.40 32.31
N ASP N 345 44.12 8.78 31.28
CA ASP N 345 44.70 8.90 29.95
C ASP N 345 45.80 9.96 29.92
N SER N 346 45.56 11.10 30.56
CA SER N 346 46.57 12.16 30.60
C SER N 346 47.82 11.70 31.34
N ILE N 347 47.65 10.99 32.46
CA ILE N 347 48.79 10.50 33.23
C ILE N 347 49.58 9.49 32.41
N GLU N 348 48.88 8.58 31.72
CA GLU N 348 49.57 7.60 30.88
C GLU N 348 50.33 8.27 29.75
N SER N 349 49.73 9.30 29.14
CA SER N 349 50.42 10.03 28.08
C SER N 349 51.66 10.73 28.62
N GLY N 350 51.57 11.33 29.80
CA GLY N 350 52.73 11.96 30.40
C GLY N 350 53.83 10.96 30.71
N VAL N 351 53.45 9.79 31.23
CA VAL N 351 54.44 8.75 31.52
C VAL N 351 55.13 8.30 30.22
N GLY N 352 54.34 8.11 29.17
CA GLY N 352 54.93 7.73 27.89
C GLY N 352 55.87 8.78 27.35
N ARG N 353 55.48 10.05 27.45
CA ARG N 353 56.35 11.13 26.98
C ARG N 353 57.64 11.20 27.78
N LEU N 354 57.56 10.99 29.09
CA LEU N 354 58.74 11.05 29.94
C LEU N 354 59.63 9.82 29.83
N VAL N 355 59.09 8.67 29.40
CA VAL N 355 59.76 7.39 29.51
C VAL N 355 60.09 6.80 28.14
N ASP N 356 59.17 6.89 27.18
CA ASP N 356 59.37 6.22 25.90
C ASP N 356 60.52 6.85 25.12
N ALA N 357 61.02 6.09 24.14
CA ALA N 357 62.14 6.50 23.32
C ALA N 357 61.73 6.52 21.85
N ASP N 358 62.15 7.56 21.13
CA ASP N 358 61.85 7.70 19.71
C ASP N 358 62.74 6.73 18.93
N MET N 359 62.17 5.58 18.57
CA MET N 359 62.97 4.43 18.15
C MET N 359 63.86 4.70 16.94
N ASN N 360 63.55 5.72 16.14
CA ASN N 360 64.31 5.95 14.92
C ASN N 360 65.77 6.28 15.22
N GLU N 361 66.01 7.16 16.21
CA GLU N 361 67.40 7.49 16.51
C GLU N 361 68.11 6.33 17.22
N GLU N 362 67.38 5.49 17.95
CA GLU N 362 68.01 4.28 18.48
C GLU N 362 68.42 3.33 17.35
N SER N 363 67.60 3.22 16.31
CA SER N 363 68.00 2.42 15.15
C SER N 363 69.24 3.01 14.49
N THR N 364 69.27 4.34 14.34
CA THR N 364 70.44 4.98 13.75
C THR N 364 71.69 4.72 14.60
N ARG N 365 71.56 4.82 15.92
CA ARG N 365 72.67 4.53 16.80
C ARG N 365 73.09 3.07 16.71
N LEU N 366 72.13 2.16 16.56
CA LEU N 366 72.47 0.75 16.45
C LEU N 366 73.30 0.49 15.19
N LYS N 367 72.89 1.07 14.07
CA LYS N 367 73.66 0.94 12.84
C LYS N 367 75.05 1.56 12.99
N ALA N 368 75.12 2.75 13.59
CA ALA N 368 76.40 3.43 13.75
C ALA N 368 77.34 2.64 14.63
N LEU N 369 76.83 2.08 15.74
CA LEU N 369 77.66 1.27 16.62
C LEU N 369 78.09 -0.03 15.97
N GLN N 370 77.23 -0.63 15.13
CA GLN N 370 77.69 -1.79 14.38
C GLN N 370 78.86 -1.45 13.48
N THR N 371 78.76 -0.33 12.77
CA THR N 371 79.86 0.09 11.90
C THR N 371 81.11 0.40 12.71
N GLN N 372 80.95 1.07 13.84
CA GLN N 372 82.10 1.40 14.70
C GLN N 372 82.76 0.14 15.24
N GLN N 373 81.95 -0.85 15.63
CA GLN N 373 82.51 -2.12 16.09
C GLN N 373 83.27 -2.84 14.99
N GLN N 374 82.73 -2.80 13.76
CA GLN N 374 83.45 -3.42 12.64
C GLN N 374 84.80 -2.74 12.42
N LEU N 375 84.81 -1.40 12.44
CA LEU N 375 86.07 -0.67 12.31
C LEU N 375 87.03 -0.99 13.43
N ALA N 376 86.52 -1.09 14.67
CA ALA N 376 87.38 -1.38 15.81
C ALA N 376 87.99 -2.76 15.69
N ILE N 377 87.20 -3.75 15.27
CA ILE N 377 87.72 -5.11 15.10
C ILE N 377 88.78 -5.14 14.01
N GLN N 378 88.54 -4.45 12.89
CA GLN N 378 89.54 -4.41 11.83
C GLN N 378 90.84 -3.78 12.30
N ALA N 379 90.73 -2.64 13.01
CA ALA N 379 91.93 -1.96 13.50
C ALA N 379 92.66 -2.81 14.52
N LEU N 380 91.92 -3.50 15.39
CA LEU N 380 92.55 -4.38 16.37
C LEU N 380 93.28 -5.53 15.68
N SER N 381 92.69 -6.10 14.63
CA SER N 381 93.37 -7.14 13.89
C SER N 381 94.65 -6.62 13.25
N ILE N 382 94.60 -5.42 12.68
CA ILE N 382 95.80 -4.83 12.07
C ILE N 382 96.87 -4.60 13.13
N ALA N 383 96.47 -4.09 14.30
CA ALA N 383 97.43 -3.81 15.36
C ALA N 383 98.02 -5.10 15.92
N ASN N 384 97.25 -6.18 15.94
CA ASN N 384 97.79 -7.47 16.36
C ASN N 384 98.76 -8.00 15.32
N SER N 385 98.47 -7.82 14.04
CA SER N 385 99.29 -8.40 13.00
C SER N 385 100.60 -7.64 12.79
N ASP N 386 100.60 -6.32 12.98
CA ASP N 386 101.76 -5.53 12.59
C ASP N 386 103.01 -5.82 13.41
N SER N 387 102.88 -6.50 14.55
CA SER N 387 104.04 -6.76 15.40
C SER N 387 104.93 -7.88 14.88
N GLN N 388 104.52 -8.59 13.83
CA GLN N 388 105.30 -9.69 13.28
C GLN N 388 106.36 -9.23 12.30
N ASN N 389 106.43 -7.93 11.99
CA ASN N 389 107.38 -7.45 11.00
C ASN N 389 108.81 -7.59 11.45
N VAL N 390 109.05 -7.62 12.76
CA VAL N 390 110.42 -7.63 13.27
C VAL N 390 111.17 -8.91 12.91
N LEU N 391 110.46 -9.99 12.60
CA LEU N 391 111.10 -11.28 12.35
C LEU N 391 112.02 -11.25 11.13
N SER N 392 111.83 -10.29 10.23
CA SER N 392 112.62 -10.26 9.00
C SER N 392 114.09 -10.00 9.29
N LEU N 393 114.39 -9.13 10.25
CA LEU N 393 115.77 -8.74 10.51
C LEU N 393 116.61 -9.93 10.98
N PHE N 394 116.07 -10.73 11.90
CA PHE N 394 116.86 -11.75 12.57
C PHE N 394 117.13 -12.97 11.71
N ARG N 395 116.31 -13.21 10.69
CA ARG N 395 116.49 -14.37 9.82
C ARG N 395 117.48 -14.06 8.71
N THR O 2 120.48 -34.65 -22.38
CA THR O 2 119.56 -33.53 -22.30
C THR O 2 120.03 -32.38 -23.19
N SER O 3 119.14 -31.95 -24.09
CA SER O 3 119.45 -30.85 -25.01
C SER O 3 119.03 -29.53 -24.37
N ILE O 4 119.99 -28.60 -24.28
CA ILE O 4 119.73 -27.32 -23.63
C ILE O 4 119.16 -26.29 -24.58
N LEU O 5 119.19 -26.54 -25.89
CA LEU O 5 118.73 -25.57 -26.87
C LEU O 5 117.32 -25.84 -27.36
N THR O 6 116.79 -27.05 -27.15
CA THR O 6 115.45 -27.40 -27.59
C THR O 6 114.70 -28.08 -26.45
N ASN O 7 113.38 -27.88 -26.42
CA ASN O 7 112.50 -28.50 -25.42
C ASN O 7 111.23 -28.94 -26.14
N ASN O 8 111.21 -30.20 -26.57
CA ASN O 8 110.06 -30.72 -27.31
C ASN O 8 108.81 -30.74 -26.44
N SER O 9 108.95 -31.06 -25.16
CA SER O 9 107.81 -31.04 -24.25
C SER O 9 107.23 -29.63 -24.16
N ALA O 10 108.09 -28.62 -24.15
CA ALA O 10 107.61 -27.23 -24.16
C ALA O 10 106.81 -26.93 -25.42
N MET O 11 107.29 -27.40 -26.58
CA MET O 11 106.55 -27.17 -27.81
C MET O 11 105.19 -27.86 -27.80
N ALA O 12 105.14 -29.09 -27.30
CA ALA O 12 103.86 -29.79 -27.19
C ALA O 12 102.91 -29.04 -26.26
N ALA O 13 103.42 -28.57 -25.12
CA ALA O 13 102.59 -27.80 -24.21
C ALA O 13 102.09 -26.53 -24.86
N LEU O 14 102.95 -25.85 -25.63
CA LEU O 14 102.54 -24.64 -26.32
C LEU O 14 101.43 -24.92 -27.32
N SER O 15 101.57 -26.00 -28.10
CA SER O 15 100.54 -26.36 -29.07
C SER O 15 99.22 -26.66 -28.36
N GLY O 16 99.27 -27.40 -27.26
CA GLY O 16 98.07 -27.64 -26.48
C GLY O 16 97.44 -26.36 -25.97
N VAL O 17 98.28 -25.42 -25.51
CA VAL O 17 97.76 -24.16 -24.99
C VAL O 17 97.07 -23.37 -26.10
N ARG O 18 97.67 -23.32 -27.29
CA ARG O 18 97.03 -22.61 -28.40
C ARG O 18 95.71 -23.26 -28.78
N SER O 19 95.66 -24.59 -28.82
CA SER O 19 94.40 -25.27 -29.16
C SER O 19 93.33 -24.96 -28.13
N ILE O 20 93.68 -25.03 -26.84
CA ILE O 20 92.73 -24.73 -25.79
C ILE O 20 92.27 -23.28 -25.86
N SER O 21 93.19 -22.36 -26.17
CA SER O 21 92.83 -20.95 -26.25
C SER O 21 91.88 -20.68 -27.41
N SER O 22 92.11 -21.31 -28.56
CA SER O 22 91.20 -21.14 -29.68
C SER O 22 89.81 -21.71 -29.35
N SER O 23 89.77 -22.91 -28.78
CA SER O 23 88.48 -23.49 -28.40
C SER O 23 87.78 -22.64 -27.36
N MET O 24 88.55 -22.05 -26.43
CA MET O 24 87.98 -21.23 -25.38
C MET O 24 87.40 -19.94 -25.94
N GLU O 25 88.11 -19.26 -26.83
CA GLU O 25 87.55 -18.04 -27.40
C GLU O 25 86.31 -18.35 -28.22
N ASP O 26 86.31 -19.49 -28.92
CA ASP O 26 85.12 -19.90 -29.66
C ASP O 26 83.95 -20.10 -28.71
N THR O 27 84.17 -20.84 -27.61
CA THR O 27 83.07 -21.12 -26.70
C THR O 27 82.62 -19.86 -25.96
N GLN O 28 83.53 -18.91 -25.72
CA GLN O 28 83.12 -17.63 -25.15
C GLN O 28 82.20 -16.87 -26.10
N SER O 29 82.54 -16.86 -27.39
CA SER O 29 81.63 -16.25 -28.36
C SER O 29 80.28 -16.96 -28.34
N ARG O 30 80.30 -18.29 -28.29
CA ARG O 30 79.06 -19.07 -28.28
C ARG O 30 78.20 -18.76 -27.06
N ILE O 31 78.83 -18.66 -25.89
CA ILE O 31 78.09 -18.44 -24.64
C ILE O 31 77.68 -16.99 -24.48
N SER O 32 78.34 -16.06 -25.16
CA SER O 32 78.04 -14.64 -25.02
C SER O 32 77.07 -14.13 -26.07
N SER O 33 76.92 -14.82 -27.20
CA SER O 33 76.02 -14.32 -28.24
C SER O 33 75.18 -15.44 -28.83
N GLY O 34 74.99 -16.53 -28.08
CA GLY O 34 74.23 -17.66 -28.58
C GLY O 34 74.83 -18.21 -29.87
N LEU O 35 74.03 -18.25 -30.94
CA LEU O 35 74.55 -18.56 -32.28
C LEU O 35 75.43 -19.80 -32.34
N ARG O 36 74.83 -20.99 -32.20
CA ARG O 36 75.58 -22.22 -32.44
C ARG O 36 76.30 -22.16 -33.78
N VAL O 37 75.66 -21.60 -34.79
CA VAL O 37 76.30 -21.34 -36.07
C VAL O 37 76.85 -19.91 -36.06
N GLY O 38 78.17 -19.79 -36.15
CA GLY O 38 78.84 -18.51 -36.09
C GLY O 38 78.48 -17.60 -37.25
N SER O 39 79.05 -16.40 -37.20
CA SER O 39 78.78 -15.34 -38.19
C SER O 39 78.92 -15.92 -39.60
N ALA O 40 80.11 -16.32 -40.02
CA ALA O 40 80.25 -16.93 -41.35
C ALA O 40 81.32 -18.02 -41.38
N SER O 41 81.90 -18.33 -40.23
CA SER O 41 83.03 -19.25 -40.18
C SER O 41 82.62 -20.70 -39.90
N ASP O 42 81.34 -20.93 -39.58
CA ASP O 42 80.84 -22.28 -39.40
C ASP O 42 80.26 -22.80 -40.71
N ASN O 43 79.49 -23.89 -40.63
CA ASN O 43 78.94 -24.54 -41.82
C ASN O 43 78.09 -23.60 -42.67
N ALA O 44 78.56 -23.36 -43.90
CA ALA O 44 78.01 -22.30 -44.73
C ALA O 44 76.56 -22.54 -45.10
N ALA O 45 76.21 -23.79 -45.42
CA ALA O 45 74.88 -24.09 -45.93
C ALA O 45 73.79 -23.70 -44.94
N TYR O 46 73.93 -24.11 -43.69
CA TYR O 46 72.90 -23.82 -42.69
C TYR O 46 72.84 -22.33 -42.37
N TRP O 47 73.99 -21.65 -42.36
CA TRP O 47 73.98 -20.21 -42.16
C TRP O 47 73.24 -19.51 -43.30
N SER O 48 73.47 -19.95 -44.53
CA SER O 48 72.77 -19.38 -45.68
C SER O 48 71.27 -19.60 -45.56
N ILE O 49 70.87 -20.81 -45.15
CA ILE O 49 69.45 -21.08 -44.96
C ILE O 49 68.86 -20.16 -43.89
N ALA O 50 69.60 -19.97 -42.80
CA ALA O 50 69.13 -19.10 -41.73
C ALA O 50 68.98 -17.66 -42.19
N THR O 51 69.95 -17.17 -42.97
CA THR O 51 69.88 -15.80 -43.48
C THR O 51 68.69 -15.64 -44.43
N THR O 52 68.47 -16.61 -45.31
CA THR O 52 67.33 -16.54 -46.22
C THR O 52 66.02 -16.54 -45.45
N MET O 53 65.92 -17.38 -44.41
CA MET O 53 64.70 -17.41 -43.61
C MET O 53 64.51 -16.13 -42.82
N ARG O 54 65.58 -15.49 -42.35
CA ARG O 54 65.44 -14.20 -41.70
C ARG O 54 64.92 -13.14 -42.67
N SER O 55 65.44 -13.13 -43.89
CA SER O 55 64.92 -12.21 -44.90
C SER O 55 63.44 -12.48 -45.18
N ASP O 56 63.07 -13.76 -45.27
CA ASP O 56 61.68 -14.11 -45.49
C ASP O 56 60.81 -13.66 -44.32
N ASN O 57 61.32 -13.77 -43.10
CA ASN O 57 60.57 -13.32 -41.92
C ASN O 57 60.36 -11.81 -41.95
N GLN O 58 61.39 -11.06 -42.36
CA GLN O 58 61.22 -9.62 -42.51
C GLN O 58 60.16 -9.30 -43.56
N ALA O 59 60.19 -10.03 -44.68
CA ALA O 59 59.17 -9.83 -45.71
C ALA O 59 57.78 -10.14 -45.16
N LEU O 60 57.66 -11.19 -44.34
CA LEU O 60 56.36 -11.53 -43.77
C LEU O 60 55.89 -10.46 -42.79
N SER O 61 56.81 -9.85 -42.06
CA SER O 61 56.43 -8.74 -41.18
C SER O 61 55.91 -7.55 -41.99
N ALA O 62 56.58 -7.23 -43.10
CA ALA O 62 56.08 -6.18 -43.98
C ALA O 62 54.70 -6.55 -44.52
N VAL O 63 54.51 -7.81 -44.88
CA VAL O 63 53.21 -8.28 -45.37
C VAL O 63 52.15 -8.13 -44.29
N GLN O 64 52.51 -8.39 -43.03
CA GLN O 64 51.57 -8.21 -41.93
C GLN O 64 51.16 -6.75 -41.78
N ASP O 65 52.11 -5.84 -41.89
CA ASP O 65 51.78 -4.42 -41.84
C ASP O 65 50.84 -4.04 -42.98
N ALA O 66 51.14 -4.51 -44.19
CA ALA O 66 50.27 -4.23 -45.33
C ALA O 66 48.88 -4.82 -45.13
N LEU O 67 48.81 -6.01 -44.53
CA LEU O 67 47.52 -6.64 -44.26
C LEU O 67 46.70 -5.82 -43.27
N GLY O 68 47.36 -5.29 -42.24
CA GLY O 68 46.66 -4.42 -41.30
C GLY O 68 46.13 -3.17 -41.98
N LEU O 69 46.94 -2.55 -42.84
CA LEU O 69 46.49 -1.37 -43.56
C LEU O 69 45.30 -1.70 -44.45
N GLY O 70 45.37 -2.81 -45.17
CA GLY O 70 44.26 -3.20 -46.03
C GLY O 70 43.00 -3.53 -45.25
N ALA O 71 43.16 -4.15 -44.08
CA ALA O 71 42.01 -4.43 -43.24
C ALA O 71 41.35 -3.15 -42.76
N ALA O 72 42.15 -2.14 -42.40
CA ALA O 72 41.58 -0.85 -42.03
C ALA O 72 40.83 -0.23 -43.19
N LYS O 73 41.40 -0.29 -44.40
CA LYS O 73 40.73 0.26 -45.57
C LYS O 73 39.39 -0.45 -45.83
N VAL O 74 39.40 -1.77 -45.74
CA VAL O 74 38.17 -2.54 -45.99
C VAL O 74 37.13 -2.23 -44.92
N ASP O 75 37.55 -2.08 -43.66
CA ASP O 75 36.62 -1.73 -42.61
C ASP O 75 35.96 -0.38 -42.86
N THR O 76 36.76 0.61 -43.26
CA THR O 76 36.18 1.93 -43.58
C THR O 76 35.21 1.83 -44.75
N ALA O 77 35.59 1.10 -45.80
CA ALA O 77 34.72 0.95 -46.96
C ALA O 77 33.41 0.25 -46.57
N TYR O 78 33.49 -0.77 -45.71
CA TYR O 78 32.29 -1.48 -45.30
C TYR O 78 31.39 -0.61 -44.44
N SER O 79 31.97 0.22 -43.58
CA SER O 79 31.15 1.15 -42.79
C SER O 79 30.41 2.12 -43.71
N GLY O 80 31.12 2.68 -44.70
CA GLY O 80 30.46 3.53 -45.66
C GLY O 80 29.37 2.81 -46.44
N MET O 81 29.63 1.55 -46.80
CA MET O 81 28.65 0.76 -47.53
C MET O 81 27.39 0.55 -46.69
N GLU O 82 27.56 0.24 -45.41
CA GLU O 82 26.40 0.05 -44.53
C GLU O 82 25.60 1.34 -44.39
N SER O 83 26.28 2.48 -44.24
CA SER O 83 25.58 3.75 -44.15
C SER O 83 24.79 4.02 -45.43
N ALA O 84 25.40 3.75 -46.58
CA ALA O 84 24.71 3.96 -47.85
C ALA O 84 23.50 3.05 -47.97
N ILE O 85 23.63 1.78 -47.54
CA ILE O 85 22.50 0.86 -47.60
C ILE O 85 21.35 1.34 -46.72
N GLU O 86 21.67 1.81 -45.52
CA GLU O 86 20.61 2.33 -44.64
C GLU O 86 19.92 3.53 -45.26
N VAL O 87 20.69 4.44 -45.86
CA VAL O 87 20.07 5.63 -46.46
C VAL O 87 19.20 5.23 -47.65
N VAL O 88 19.66 4.29 -48.47
CA VAL O 88 18.88 3.87 -49.63
C VAL O 88 17.61 3.15 -49.20
N LYS O 89 17.68 2.35 -48.13
CA LYS O 89 16.47 1.74 -47.58
C LYS O 89 15.49 2.79 -47.12
N GLU O 90 15.98 3.84 -46.47
CA GLU O 90 15.11 4.93 -46.04
C GLU O 90 14.45 5.60 -47.25
N ILE O 91 15.23 5.81 -48.31
CA ILE O 91 14.70 6.42 -49.54
C ILE O 91 13.59 5.55 -50.12
N LYS O 92 13.83 4.24 -50.18
CA LYS O 92 12.83 3.34 -50.73
C LYS O 92 11.56 3.35 -49.90
N ALA O 93 11.70 3.37 -48.57
CA ALA O 93 10.54 3.45 -47.70
C ALA O 93 9.75 4.73 -47.94
N LYS O 94 10.45 5.85 -48.07
CA LYS O 94 9.77 7.12 -48.33
C LYS O 94 9.04 7.07 -49.67
N LEU O 95 9.66 6.51 -50.70
CA LEU O 95 9.03 6.50 -52.01
C LEU O 95 7.80 5.58 -52.03
N VAL O 96 7.90 4.42 -51.40
CA VAL O 96 6.75 3.51 -51.37
C VAL O 96 5.65 4.08 -50.49
N ALA O 97 6.00 4.92 -49.52
CA ALA O 97 4.97 5.66 -48.80
C ALA O 97 4.32 6.70 -49.70
N ALA O 98 5.11 7.35 -50.55
CA ALA O 98 4.64 8.43 -51.40
C ALA O 98 3.93 7.94 -52.66
N THR O 99 3.93 6.63 -52.93
CA THR O 99 3.22 6.15 -54.11
C THR O 99 1.73 6.48 -54.06
N GLU O 100 1.19 6.72 -52.87
CA GLU O 100 -0.19 7.16 -52.75
C GLU O 100 -0.39 8.52 -53.40
N ASP O 101 -1.53 8.70 -54.04
CA ASP O 101 -1.84 9.98 -54.69
C ASP O 101 -2.32 11.04 -53.72
N GLY O 102 -2.69 10.66 -52.49
CA GLY O 102 -3.15 11.61 -51.50
C GLY O 102 -2.07 12.32 -50.73
N VAL O 103 -0.81 12.07 -51.05
CA VAL O 103 0.32 12.66 -50.35
C VAL O 103 0.99 13.65 -51.28
N ASP O 104 1.18 14.89 -50.79
CA ASP O 104 1.88 15.89 -51.58
C ASP O 104 3.31 15.45 -51.84
N LYS O 105 3.74 15.54 -53.09
CA LYS O 105 5.01 14.99 -53.51
C LYS O 105 6.18 15.96 -53.39
N ALA O 106 5.92 17.25 -53.09
CA ALA O 106 7.01 18.20 -52.94
C ALA O 106 7.86 17.89 -51.72
N LYS O 107 7.21 17.57 -50.59
CA LYS O 107 7.94 17.22 -49.38
C LYS O 107 8.77 15.97 -49.59
N ILE O 108 8.19 14.96 -50.26
CA ILE O 108 8.93 13.74 -50.55
C ILE O 108 10.12 14.03 -51.45
N GLN O 109 9.91 14.86 -52.48
CA GLN O 109 11.00 15.20 -53.38
C GLN O 109 12.14 15.88 -52.63
N GLU O 110 11.80 16.78 -51.70
CA GLU O 110 12.83 17.40 -50.87
C GLU O 110 13.54 16.37 -49.99
N GLU O 111 12.80 15.39 -49.47
CA GLU O 111 13.43 14.36 -48.63
C GLU O 111 14.44 13.54 -49.43
N ILE O 112 14.06 13.08 -50.62
CA ILE O 112 15.04 12.37 -51.44
C ILE O 112 16.16 13.29 -51.90
N THR O 113 15.91 14.58 -52.08
CA THR O 113 17.02 15.48 -52.40
C THR O 113 18.03 15.51 -51.26
N GLN O 114 17.55 15.63 -50.02
CA GLN O 114 18.45 15.61 -48.87
C GLN O 114 19.17 14.27 -48.75
N LEU O 115 18.46 13.17 -48.97
CA LEU O 115 19.07 11.86 -48.83
C LEU O 115 20.09 11.60 -49.93
N LYS O 116 19.85 12.12 -51.14
CA LYS O 116 20.83 12.01 -52.22
C LYS O 116 22.08 12.82 -51.90
N ASP O 117 21.90 14.01 -51.32
CA ASP O 117 23.07 14.77 -50.87
C ASP O 117 23.83 13.99 -49.80
N GLN O 118 23.11 13.33 -48.89
CA GLN O 118 23.77 12.51 -47.88
C GLN O 118 24.54 11.36 -48.51
N LEU O 119 23.95 10.71 -49.53
CA LEU O 119 24.64 9.64 -50.23
C LEU O 119 25.91 10.16 -50.89
N THR O 120 25.85 11.33 -51.53
CA THR O 120 27.03 11.89 -52.16
C THR O 120 28.11 12.17 -51.13
N SER O 121 27.72 12.76 -49.99
CA SER O 121 28.69 13.06 -48.94
C SER O 121 29.33 11.79 -48.39
N ILE O 122 28.52 10.75 -48.16
CA ILE O 122 29.06 9.48 -47.66
C ILE O 122 30.02 8.88 -48.67
N ALA O 123 29.65 8.91 -49.95
CA ALA O 123 30.49 8.31 -50.99
C ALA O 123 31.83 9.04 -51.10
N ASP O 124 31.81 10.37 -51.07
CA ASP O 124 33.07 11.09 -51.23
C ASP O 124 33.87 11.20 -49.94
N ALA O 125 33.27 10.94 -48.78
CA ALA O 125 33.97 11.09 -47.51
C ALA O 125 34.60 9.80 -47.03
N ALA O 126 34.08 8.64 -47.47
CA ALA O 126 34.57 7.34 -47.01
C ALA O 126 35.90 7.01 -47.69
N SER O 127 36.93 7.78 -47.34
CA SER O 127 38.27 7.61 -47.87
C SER O 127 39.24 7.49 -46.71
N PHE O 128 39.97 6.37 -46.64
CA PHE O 128 40.92 6.18 -45.55
C PHE O 128 42.25 6.87 -45.85
N SER O 129 42.95 6.42 -46.90
CA SER O 129 44.25 6.96 -47.27
C SER O 129 44.31 7.21 -48.76
N GLY O 130 43.27 7.85 -49.29
CA GLY O 130 43.18 8.04 -50.73
C GLY O 130 42.57 6.87 -51.45
N GLU O 131 43.07 5.66 -51.17
CA GLU O 131 42.48 4.45 -51.75
C GLU O 131 41.17 4.14 -51.03
N ASN O 132 40.07 4.70 -51.54
CA ASN O 132 38.79 4.64 -50.86
C ASN O 132 37.91 3.48 -51.32
N TRP O 133 38.25 2.82 -52.42
CA TRP O 133 37.48 1.70 -52.97
C TRP O 133 36.07 2.10 -53.36
N LEU O 134 35.80 3.41 -53.44
CA LEU O 134 34.49 3.92 -53.82
C LEU O 134 34.69 5.16 -54.68
N GLN O 135 33.67 5.46 -55.49
CA GLN O 135 33.70 6.60 -56.41
C GLN O 135 34.94 6.53 -57.31
N ALA O 136 35.10 5.39 -57.97
CA ALA O 136 36.26 5.17 -58.82
C ALA O 136 36.00 5.75 -60.21
N ASP O 137 36.98 5.59 -61.09
CA ASP O 137 36.88 6.05 -62.49
C ASP O 137 36.56 4.83 -63.35
N LEU O 138 35.36 4.82 -63.92
CA LEU O 138 34.90 3.72 -64.77
C LEU O 138 35.04 4.03 -66.25
N SER O 139 35.73 5.12 -66.61
CA SER O 139 35.97 5.42 -68.01
C SER O 139 36.80 4.32 -68.68
N GLY O 140 37.81 3.81 -67.97
CA GLY O 140 38.60 2.71 -68.51
C GLY O 140 37.78 1.44 -68.67
N GLY O 141 36.83 1.20 -67.77
CA GLY O 141 35.97 0.04 -67.87
C GLY O 141 35.98 -0.83 -66.63
N ALA O 142 37.14 -0.98 -66.01
CA ALA O 142 37.27 -1.81 -64.82
C ALA O 142 38.57 -1.47 -64.11
N VAL O 143 38.49 -1.23 -62.80
CA VAL O 143 39.65 -0.98 -61.97
C VAL O 143 39.66 -1.99 -60.83
N THR O 144 40.82 -2.55 -60.54
CA THR O 144 40.97 -3.59 -59.53
C THR O 144 41.91 -3.12 -58.43
N LYS O 145 41.40 -3.08 -57.20
CA LYS O 145 42.21 -2.77 -56.04
C LYS O 145 42.76 -4.06 -55.43
N SER O 146 44.00 -4.01 -54.98
CA SER O 146 44.68 -5.19 -54.47
C SER O 146 45.22 -4.92 -53.07
N VAL O 147 45.15 -5.94 -52.22
CA VAL O 147 45.70 -5.90 -50.87
C VAL O 147 46.76 -6.98 -50.76
N VAL O 148 47.93 -6.62 -50.24
CA VAL O 148 49.03 -7.58 -50.13
C VAL O 148 48.61 -8.69 -49.17
N GLY O 149 48.58 -9.91 -49.66
CA GLY O 149 48.13 -11.04 -48.86
C GLY O 149 49.25 -11.80 -48.19
N SER O 150 50.24 -12.23 -48.97
CA SER O 150 51.34 -13.02 -48.44
C SER O 150 52.54 -12.90 -49.37
N PHE O 151 53.71 -13.26 -48.84
CA PHE O 151 54.94 -13.31 -49.60
C PHE O 151 55.34 -14.76 -49.75
N VAL O 152 55.45 -15.22 -50.99
CA VAL O 152 55.67 -16.63 -51.30
C VAL O 152 57.00 -16.78 -52.04
N ARG O 153 57.84 -17.68 -51.56
CA ARG O 153 59.08 -18.04 -52.23
C ARG O 153 58.86 -19.35 -52.98
N ASP O 154 58.82 -19.27 -54.30
CA ASP O 154 58.59 -20.47 -55.11
C ASP O 154 59.76 -21.43 -54.97
N GLY O 155 59.45 -22.73 -55.07
CA GLY O 155 60.46 -23.75 -54.91
C GLY O 155 61.57 -23.67 -55.95
N SER O 156 61.23 -23.23 -57.16
CA SER O 156 62.21 -23.14 -58.24
C SER O 156 63.00 -21.83 -58.20
N GLY O 157 63.55 -21.51 -57.04
CA GLY O 157 64.45 -20.38 -56.89
C GLY O 157 63.91 -19.03 -57.32
N SER O 158 62.70 -18.70 -56.88
CA SER O 158 62.11 -17.40 -57.23
C SER O 158 61.16 -16.97 -56.12
N VAL O 159 60.91 -15.66 -56.08
CA VAL O 159 60.06 -15.05 -55.06
C VAL O 159 59.00 -14.20 -55.74
N ALA O 160 57.90 -13.99 -55.04
CA ALA O 160 56.79 -13.19 -55.54
C ALA O 160 55.92 -12.79 -54.35
N VAL O 161 54.98 -11.88 -54.63
CA VAL O 161 54.03 -11.40 -53.63
C VAL O 161 52.62 -11.64 -54.16
N LYS O 162 51.75 -12.15 -53.28
CA LYS O 162 50.37 -12.44 -53.64
C LYS O 162 49.46 -11.32 -53.15
N LYS O 163 48.37 -11.11 -53.87
CA LYS O 163 47.44 -10.03 -53.58
C LYS O 163 46.01 -10.55 -53.64
N VAL O 164 45.12 -9.86 -52.93
CA VAL O 164 43.70 -10.14 -52.95
C VAL O 164 43.01 -9.04 -53.75
N ASP O 165 42.27 -9.44 -54.78
CA ASP O 165 41.72 -8.51 -55.75
C ASP O 165 40.25 -8.23 -55.46
N TYR O 166 39.88 -6.95 -55.46
CA TYR O 166 38.51 -6.51 -55.34
C TYR O 166 38.17 -5.69 -56.58
N SER O 167 37.15 -6.14 -57.33
CA SER O 167 36.83 -5.54 -58.62
C SER O 167 35.81 -4.41 -58.42
N LEU O 168 36.17 -3.21 -58.88
CA LEU O 168 35.27 -2.06 -58.83
C LEU O 168 34.63 -1.90 -60.20
N ASN O 169 33.67 -2.78 -60.49
CA ASN O 169 32.97 -2.77 -61.76
C ASN O 169 31.78 -1.81 -61.68
N ALA O 170 30.89 -1.89 -62.67
CA ALA O 170 29.70 -1.04 -62.72
C ALA O 170 28.61 -1.49 -61.76
N ASN O 171 28.92 -2.41 -60.84
CA ASN O 171 27.93 -2.89 -59.88
C ASN O 171 28.20 -2.45 -58.44
N SER O 172 29.44 -2.07 -58.12
CA SER O 172 29.80 -1.67 -56.77
C SER O 172 30.69 -0.43 -56.82
N VAL O 173 30.30 0.55 -57.63
CA VAL O 173 31.14 1.72 -57.86
C VAL O 173 30.70 2.87 -56.96
N LEU O 174 29.40 2.95 -56.67
CA LEU O 174 28.90 4.00 -55.77
C LEU O 174 29.22 5.40 -56.26
N PHE O 175 28.51 5.86 -57.30
CA PHE O 175 28.70 7.19 -57.88
C PHE O 175 30.04 7.35 -58.60
N ASP O 176 30.22 6.60 -59.69
CA ASP O 176 31.33 6.83 -60.61
C ASP O 176 31.48 8.31 -60.91
N THR O 177 32.72 8.80 -60.83
CA THR O 177 32.98 10.24 -60.79
C THR O 177 33.12 10.86 -62.18
N VAL O 178 33.19 10.08 -63.25
CA VAL O 178 33.48 10.66 -64.56
C VAL O 178 32.29 10.50 -65.50
N GLY O 179 31.93 9.26 -65.82
CA GLY O 179 30.88 9.01 -66.78
C GLY O 179 29.49 8.84 -66.21
N ASP O 180 29.36 8.78 -64.88
CA ASP O 180 28.09 8.52 -64.22
C ASP O 180 27.47 7.23 -64.73
N THR O 181 28.32 6.27 -65.10
CA THR O 181 27.90 4.94 -65.50
C THR O 181 28.40 3.95 -64.45
N GLY O 182 27.47 3.27 -63.80
CA GLY O 182 27.79 2.38 -62.71
C GLY O 182 26.53 1.91 -62.01
N ILE O 183 26.51 2.01 -60.68
CA ILE O 183 25.27 1.77 -59.94
C ILE O 183 24.18 2.71 -60.41
N LEU O 184 24.54 3.96 -60.68
CA LEU O 184 23.60 4.92 -61.23
C LEU O 184 23.31 4.62 -62.70
N ASP O 185 22.15 5.07 -63.15
CA ASP O 185 21.77 5.08 -64.57
C ASP O 185 21.55 3.68 -65.12
N LYS O 186 21.83 2.65 -64.32
CA LYS O 186 21.57 1.28 -64.72
C LYS O 186 20.25 0.83 -64.10
N VAL O 187 19.45 0.10 -64.87
CA VAL O 187 18.15 -0.34 -64.39
C VAL O 187 18.19 -1.80 -64.00
N TYR O 188 18.54 -2.69 -64.93
CA TYR O 188 18.49 -4.14 -64.73
C TYR O 188 17.17 -4.55 -64.07
N ASN O 189 16.09 -3.86 -64.40
CA ASN O 189 14.82 -4.06 -63.72
C ASN O 189 14.26 -5.44 -64.03
N VAL O 190 13.67 -6.07 -63.00
CA VAL O 190 13.17 -7.42 -63.15
C VAL O 190 11.97 -7.47 -64.09
N SER O 191 11.13 -6.43 -64.08
CA SER O 191 9.90 -6.43 -64.86
C SER O 191 9.60 -5.01 -65.31
N GLN O 192 8.37 -4.82 -65.79
CA GLN O 192 7.90 -3.54 -66.29
C GLN O 192 6.52 -3.25 -65.70
N ALA O 193 6.14 -1.97 -65.72
CA ALA O 193 4.83 -1.58 -65.23
C ALA O 193 3.74 -2.29 -66.02
N SER O 194 2.76 -2.83 -65.30
CA SER O 194 1.71 -3.64 -65.89
C SER O 194 0.35 -3.20 -65.38
N VAL O 195 -0.67 -3.41 -66.20
CA VAL O 195 -2.05 -3.09 -65.85
C VAL O 195 -2.94 -4.23 -66.32
N THR O 196 -3.88 -4.64 -65.47
CA THR O 196 -4.84 -5.69 -65.79
C THR O 196 -6.13 -5.04 -66.29
N LEU O 197 -6.55 -5.44 -67.49
CA LEU O 197 -7.70 -4.82 -68.14
C LEU O 197 -8.86 -5.81 -68.25
N THR O 198 -10.06 -5.26 -68.39
CA THR O 198 -11.27 -6.04 -68.61
C THR O 198 -11.70 -5.80 -70.06
N VAL O 199 -11.14 -6.60 -70.96
CA VAL O 199 -11.39 -6.49 -72.38
C VAL O 199 -12.00 -7.79 -72.87
N ASN O 200 -13.14 -7.71 -73.55
CA ASN O 200 -13.84 -8.87 -74.06
C ASN O 200 -13.54 -9.03 -75.55
N THR O 201 -12.76 -10.04 -75.90
CA THR O 201 -12.53 -10.35 -77.31
C THR O 201 -13.82 -10.76 -77.99
N ASN O 202 -14.67 -11.49 -77.28
CA ASN O 202 -15.96 -11.93 -77.80
C ASN O 202 -17.08 -11.48 -76.85
N GLY O 203 -18.28 -12.02 -77.04
CA GLY O 203 -19.40 -11.64 -76.21
C GLY O 203 -19.19 -11.89 -74.73
N VAL O 204 -18.26 -12.77 -74.39
CA VAL O 204 -17.92 -13.08 -73.00
C VAL O 204 -16.69 -12.26 -72.61
N GLU O 205 -16.71 -11.74 -71.38
CA GLU O 205 -15.62 -10.93 -70.88
C GLU O 205 -14.43 -11.80 -70.47
N SER O 206 -13.27 -11.16 -70.33
CA SER O 206 -12.05 -11.86 -69.96
C SER O 206 -11.09 -10.87 -69.32
N GLN O 207 -10.09 -11.41 -68.63
CA GLN O 207 -9.04 -10.63 -67.98
C GLN O 207 -7.75 -10.77 -68.76
N HIS O 208 -7.10 -9.64 -69.04
CA HIS O 208 -5.86 -9.60 -69.80
C HIS O 208 -4.85 -8.72 -69.09
N THR O 209 -3.58 -9.07 -69.25
CA THR O 209 -2.47 -8.32 -68.68
C THR O 209 -1.63 -7.72 -69.80
N VAL O 210 -1.44 -6.41 -69.75
CA VAL O 210 -0.66 -5.70 -70.76
C VAL O 210 0.22 -4.67 -70.07
N ALA O 211 1.42 -4.46 -70.60
CA ALA O 211 2.34 -3.50 -70.02
C ALA O 211 1.78 -2.09 -70.15
N ALA O 212 2.06 -1.26 -69.14
CA ALA O 212 1.59 0.11 -69.10
C ALA O 212 2.76 1.07 -69.37
N TYR O 213 2.45 2.15 -70.07
CA TYR O 213 3.44 3.16 -70.45
C TYR O 213 3.08 4.49 -69.84
N SER O 214 4.05 5.14 -69.21
CA SER O 214 3.83 6.45 -68.63
C SER O 214 3.62 7.50 -69.71
N LEU O 215 2.73 8.46 -69.43
CA LEU O 215 2.47 9.52 -70.39
C LEU O 215 3.70 10.40 -70.61
N GLU O 216 4.53 10.56 -69.57
CA GLU O 216 5.74 11.36 -69.71
C GLU O 216 6.69 10.74 -70.73
N SER O 217 6.82 9.42 -70.71
CA SER O 217 7.70 8.75 -71.66
C SER O 217 7.24 8.97 -73.10
N LEU O 218 5.92 8.91 -73.33
CA LEU O 218 5.39 9.13 -74.66
C LEU O 218 5.59 10.58 -75.09
N THR O 219 5.22 11.53 -74.23
CA THR O 219 5.30 12.94 -74.60
C THR O 219 6.74 13.44 -74.71
N GLU O 220 7.69 12.74 -74.10
CA GLU O 220 9.09 13.17 -74.19
C GLU O 220 9.66 12.93 -75.58
N ALA O 221 9.24 11.85 -76.23
CA ALA O 221 9.80 11.46 -77.52
C ALA O 221 9.06 12.09 -78.71
N GLY O 222 8.34 13.19 -78.49
CA GLY O 222 7.66 13.85 -79.57
C GLY O 222 6.49 13.07 -80.11
N ALA O 223 5.44 12.92 -79.32
CA ALA O 223 4.28 12.11 -79.67
C ALA O 223 3.10 13.00 -80.02
N GLU O 224 2.50 12.76 -81.17
CA GLU O 224 1.25 13.41 -81.53
C GLU O 224 0.11 12.82 -80.70
N PHE O 225 -0.86 13.66 -80.36
CA PHE O 225 -1.99 13.24 -79.53
C PHE O 225 -3.29 13.71 -80.16
N GLN O 226 -4.34 12.92 -79.96
CA GLN O 226 -5.68 13.30 -80.39
C GLN O 226 -6.67 12.51 -79.52
N GLY O 227 -7.37 13.21 -78.63
CA GLY O 227 -8.29 12.55 -77.72
C GLY O 227 -7.57 11.57 -76.80
N ASN O 228 -7.78 10.28 -77.05
CA ASN O 228 -7.13 9.21 -76.30
C ASN O 228 -6.24 8.38 -77.21
N TYR O 229 -5.49 9.06 -78.09
CA TYR O 229 -4.61 8.40 -79.04
C TYR O 229 -3.21 9.02 -78.97
N ALA O 230 -2.20 8.18 -79.10
CA ALA O 230 -0.81 8.61 -79.16
C ALA O 230 -0.13 7.96 -80.36
N LEU O 231 0.68 8.74 -81.07
CA LEU O 231 1.38 8.28 -82.28
C LEU O 231 2.84 8.71 -82.21
N GLN O 232 3.50 8.33 -81.11
CA GLN O 232 4.91 8.67 -80.91
C GLN O 232 5.75 8.36 -82.14
N GLY O 233 5.75 7.10 -82.57
CA GLY O 233 6.45 6.72 -83.77
C GLY O 233 5.62 5.78 -84.62
N GLY O 234 6.23 4.68 -85.08
CA GLY O 234 5.45 3.65 -85.74
C GLY O 234 4.43 3.02 -84.80
N ASN O 235 4.78 2.89 -83.53
CA ASN O 235 3.86 2.33 -82.55
C ASN O 235 2.71 3.30 -82.27
N SER O 236 1.56 2.73 -81.94
CA SER O 236 0.36 3.51 -81.63
C SER O 236 -0.11 3.15 -80.23
N TYR O 237 -0.36 4.17 -79.40
CA TYR O 237 -0.79 3.98 -78.04
C TYR O 237 -2.16 4.64 -77.82
N VAL O 238 -2.99 3.99 -77.00
CA VAL O 238 -4.30 4.51 -76.65
C VAL O 238 -4.46 4.44 -75.13
N LYS O 239 -5.38 5.27 -74.63
CA LYS O 239 -5.69 5.32 -73.21
C LYS O 239 -7.00 4.56 -72.97
N VAL O 240 -6.95 3.59 -72.07
CA VAL O 240 -8.13 2.75 -71.80
C VAL O 240 -8.95 3.32 -70.65
N GLU O 241 -8.36 3.45 -69.45
CA GLU O 241 -8.98 4.23 -68.38
C GLU O 241 -8.08 5.35 -67.89
N ASN O 242 -6.84 5.06 -67.50
CA ASN O 242 -5.91 6.08 -67.07
C ASN O 242 -4.49 5.89 -67.57
N VAL O 243 -4.13 4.70 -68.09
CA VAL O 243 -2.78 4.40 -68.51
C VAL O 243 -2.76 4.18 -70.02
N TRP O 244 -1.64 4.52 -70.64
CA TRP O 244 -1.47 4.35 -72.08
C TRP O 244 -0.87 2.98 -72.37
N VAL O 245 -1.50 2.23 -73.27
CA VAL O 245 -1.07 0.89 -73.64
C VAL O 245 -0.96 0.80 -75.15
N ARG O 246 -0.16 -0.17 -75.60
CA ARG O 246 0.03 -0.39 -77.02
C ARG O 246 -1.28 -0.79 -77.69
N ALA O 247 -1.54 -0.22 -78.86
CA ALA O 247 -2.74 -0.51 -79.63
C ALA O 247 -2.36 -1.01 -81.01
N GLU O 248 -3.38 -1.45 -81.76
CA GLU O 248 -3.17 -1.93 -83.11
C GLU O 248 -4.41 -1.60 -83.94
N THR O 249 -4.24 -1.65 -85.26
CA THR O 249 -5.31 -1.28 -86.17
C THR O 249 -6.43 -2.33 -86.13
N ALA O 250 -7.56 -1.96 -86.72
CA ALA O 250 -8.68 -2.88 -86.83
C ALA O 250 -8.37 -3.98 -87.83
N ALA O 251 -9.21 -5.02 -87.84
CA ALA O 251 -9.07 -6.19 -88.70
C ALA O 251 -7.74 -6.91 -88.48
N THR O 252 -7.13 -6.75 -87.31
CA THR O 252 -5.91 -7.45 -86.96
C THR O 252 -6.07 -8.41 -85.79
N GLY O 253 -7.07 -8.20 -84.94
CA GLY O 253 -7.38 -9.17 -83.89
C GLY O 253 -8.24 -10.29 -84.41
N ALA O 254 -9.14 -9.96 -85.35
CA ALA O 254 -10.00 -10.92 -86.02
C ALA O 254 -10.88 -11.68 -85.04
N THR O 255 -11.27 -11.04 -83.93
CA THR O 255 -12.15 -11.64 -82.95
C THR O 255 -13.36 -10.79 -82.60
N GLY O 256 -13.47 -9.58 -83.15
CA GLY O 256 -14.52 -8.68 -82.71
C GLY O 256 -14.24 -8.03 -81.38
N GLN O 257 -12.97 -7.81 -81.06
CA GLN O 257 -12.60 -7.26 -79.77
C GLN O 257 -13.16 -5.84 -79.61
N GLU O 258 -13.46 -5.48 -78.36
CA GLU O 258 -14.02 -4.17 -78.07
C GLU O 258 -13.12 -3.06 -78.59
N ILE O 259 -13.72 -2.11 -79.30
CA ILE O 259 -12.96 -1.05 -79.95
C ILE O 259 -12.45 -0.07 -78.90
N ALA O 260 -11.14 0.23 -78.95
CA ALA O 260 -10.56 1.16 -77.99
C ALA O 260 -10.89 2.59 -78.34
N ALA O 261 -10.53 3.04 -79.53
CA ALA O 261 -10.79 4.40 -79.95
C ALA O 261 -10.77 4.48 -81.48
N THR O 262 -11.41 5.52 -82.00
CA THR O 262 -11.46 5.80 -83.43
C THR O 262 -10.91 7.20 -83.69
N THR O 263 -10.07 7.32 -84.71
CA THR O 263 -9.40 8.58 -85.03
C THR O 263 -9.72 9.00 -86.45
N THR O 264 -9.28 10.20 -86.79
CA THR O 264 -9.46 10.76 -88.13
C THR O 264 -8.12 11.20 -88.69
N ALA O 265 -8.12 11.91 -89.81
CA ALA O 265 -6.88 12.34 -90.45
C ALA O 265 -6.08 13.23 -89.51
N ALA O 266 -6.59 14.43 -89.23
CA ALA O 266 -5.99 15.34 -88.25
C ALA O 266 -4.49 15.51 -88.46
N GLY O 267 -4.10 15.65 -89.73
CA GLY O 267 -2.70 15.78 -90.07
C GLY O 267 -2.04 14.48 -90.49
N THR O 268 -1.13 13.97 -89.67
CA THR O 268 -0.38 12.76 -89.98
C THR O 268 -0.87 11.55 -89.19
N ILE O 269 -2.17 11.45 -88.95
CA ILE O 269 -2.76 10.35 -88.21
C ILE O 269 -3.70 9.59 -89.13
N THR O 270 -3.46 8.29 -89.29
CA THR O 270 -4.31 7.48 -90.14
C THR O 270 -5.67 7.27 -89.48
N ALA O 271 -6.73 7.39 -90.29
CA ALA O 271 -8.09 7.21 -89.79
C ALA O 271 -8.41 5.73 -89.72
N ASP O 272 -8.54 5.21 -88.50
CA ASP O 272 -8.80 3.80 -88.30
C ASP O 272 -9.46 3.60 -86.94
N SER O 273 -10.06 2.42 -86.75
CA SER O 273 -10.68 2.05 -85.49
C SER O 273 -9.66 1.23 -84.71
N TRP O 274 -8.85 1.92 -83.93
CA TRP O 274 -7.78 1.26 -83.18
C TRP O 274 -8.36 0.44 -82.03
N VAL O 275 -7.71 -0.69 -81.75
CA VAL O 275 -8.15 -1.62 -80.72
C VAL O 275 -6.97 -1.91 -79.80
N VAL O 276 -7.27 -2.27 -78.56
CA VAL O 276 -6.22 -2.58 -77.59
C VAL O 276 -5.48 -3.83 -78.06
N ASP O 277 -4.15 -3.74 -78.11
CA ASP O 277 -3.33 -4.84 -78.61
C ASP O 277 -3.11 -5.83 -77.48
N VAL O 278 -3.87 -6.92 -77.49
CA VAL O 278 -3.67 -8.00 -76.53
C VAL O 278 -2.37 -8.70 -76.84
N GLY O 279 -1.52 -8.86 -75.82
CA GLY O 279 -0.20 -9.42 -76.01
C GLY O 279 0.87 -8.49 -75.49
N ASN O 280 2.06 -8.56 -76.08
CA ASN O 280 3.22 -7.74 -75.69
C ASN O 280 3.31 -7.57 -74.17
N ALA O 281 3.34 -8.70 -73.48
CA ALA O 281 3.34 -8.70 -72.02
C ALA O 281 4.61 -8.03 -71.51
N PRO O 282 4.55 -7.44 -70.30
CA PRO O 282 5.72 -6.75 -69.73
C PRO O 282 6.99 -7.59 -69.78
N ALA O 283 7.98 -7.12 -70.54
CA ALA O 283 9.24 -7.83 -70.71
C ALA O 283 10.30 -7.23 -69.79
N ALA O 284 11.23 -8.08 -69.37
CA ALA O 284 12.30 -7.66 -68.50
C ALA O 284 13.34 -6.85 -69.28
N ASN O 285 14.24 -6.22 -68.53
CA ASN O 285 15.36 -5.45 -69.09
C ASN O 285 14.85 -4.33 -70.01
N VAL O 286 14.12 -3.41 -69.40
CA VAL O 286 13.63 -2.21 -70.08
C VAL O 286 13.99 -1.00 -69.22
N SER O 287 14.34 0.10 -69.89
CA SER O 287 14.79 1.29 -69.18
C SER O 287 13.68 1.82 -68.27
N ALA O 288 14.06 2.14 -67.03
CA ALA O 288 13.11 2.67 -66.06
C ALA O 288 13.01 4.19 -66.22
N GLY O 289 12.34 4.85 -65.27
CA GLY O 289 12.14 6.28 -65.37
C GLY O 289 13.40 7.10 -65.15
N GLN O 290 13.93 7.09 -63.93
CA GLN O 290 15.08 7.92 -63.58
C GLN O 290 16.06 7.11 -62.75
N SER O 291 17.30 7.58 -62.72
CA SER O 291 18.34 6.93 -61.93
C SER O 291 18.21 7.32 -60.47
N VAL O 292 19.03 6.67 -59.63
CA VAL O 292 18.98 6.92 -58.19
C VAL O 292 19.42 8.35 -57.88
N ALA O 293 20.48 8.82 -58.54
CA ALA O 293 21.04 10.14 -58.23
C ALA O 293 20.19 11.28 -58.75
N ASN O 294 19.23 11.02 -59.64
CA ASN O 294 18.39 12.06 -60.22
C ASN O 294 16.93 11.62 -60.07
N ILE O 295 16.48 11.53 -58.82
CA ILE O 295 15.09 11.17 -58.53
C ILE O 295 14.25 12.44 -58.47
N ASN O 296 13.24 12.52 -59.34
CA ASN O 296 12.33 13.66 -59.37
C ASN O 296 10.93 13.11 -59.58
N ILE O 297 10.11 13.09 -58.53
CA ILE O 297 8.86 12.35 -58.52
C ILE O 297 7.65 13.27 -58.46
N VAL O 298 7.81 14.56 -58.70
CA VAL O 298 6.68 15.48 -58.65
C VAL O 298 5.87 15.34 -59.93
N GLY O 299 4.56 15.12 -59.79
CA GLY O 299 3.69 14.95 -60.93
C GLY O 299 4.06 13.75 -61.78
N MET O 300 4.38 12.63 -61.13
CA MET O 300 4.83 11.46 -61.87
C MET O 300 3.70 10.83 -62.68
N GLY O 301 2.52 10.71 -62.09
CA GLY O 301 1.38 10.12 -62.74
C GLY O 301 1.06 8.70 -62.35
N ALA O 302 1.77 8.12 -61.38
CA ALA O 302 1.51 6.78 -60.84
C ALA O 302 1.60 5.71 -61.92
N ALA O 303 2.40 5.93 -62.96
CA ALA O 303 2.58 4.94 -64.02
C ALA O 303 3.99 4.38 -64.05
N ALA O 304 5.01 5.23 -64.07
CA ALA O 304 6.40 4.78 -64.02
C ALA O 304 6.93 4.66 -62.60
N LEU O 305 6.11 4.94 -61.59
CA LEU O 305 6.54 4.76 -60.22
C LEU O 305 6.90 3.31 -59.93
N ASP O 306 6.20 2.37 -60.56
CA ASP O 306 6.56 0.96 -60.40
C ASP O 306 7.95 0.70 -60.96
N ALA O 307 8.27 1.30 -62.12
CA ALA O 307 9.61 1.16 -62.67
C ALA O 307 10.65 1.78 -61.76
N LEU O 308 10.33 2.93 -61.16
CA LEU O 308 11.26 3.56 -60.22
C LEU O 308 11.50 2.67 -59.01
N ILE O 309 10.43 2.06 -58.48
CA ILE O 309 10.58 1.14 -57.36
C ILE O 309 11.44 -0.05 -57.73
N SER O 310 11.22 -0.59 -58.94
CA SER O 310 12.02 -1.73 -59.39
C SER O 310 13.49 -1.35 -59.51
N GLY O 311 13.78 -0.17 -60.06
CA GLY O 311 15.16 0.27 -60.16
C GLY O 311 15.80 0.49 -58.81
N VAL O 312 15.06 1.08 -57.87
CA VAL O 312 15.58 1.29 -56.52
C VAL O 312 15.86 -0.05 -55.86
N ASP O 313 14.96 -1.02 -56.02
CA ASP O 313 15.17 -2.35 -55.45
C ASP O 313 16.39 -3.03 -56.05
N ALA O 314 16.57 -2.90 -57.37
CA ALA O 314 17.74 -3.49 -58.01
C ALA O 314 19.03 -2.86 -57.50
N ALA O 315 19.04 -1.54 -57.34
CA ALA O 315 20.22 -0.86 -56.79
C ALA O 315 20.48 -1.32 -55.37
N LEU O 316 19.43 -1.45 -54.57
CA LEU O 316 19.59 -1.91 -53.19
C LEU O 316 20.15 -3.33 -53.14
N THR O 317 19.66 -4.21 -54.02
CA THR O 317 20.16 -5.58 -54.04
C THR O 317 21.62 -5.62 -54.45
N ASP O 318 22.00 -4.83 -55.46
CA ASP O 318 23.40 -4.78 -55.86
C ASP O 318 24.28 -4.24 -54.74
N MET O 319 23.80 -3.22 -54.03
CA MET O 319 24.56 -2.65 -52.93
C MET O 319 24.71 -3.65 -51.79
N THR O 320 23.65 -4.41 -51.50
CA THR O 320 23.74 -5.46 -50.49
C THR O 320 24.74 -6.53 -50.89
N SER O 321 24.75 -6.91 -52.17
CA SER O 321 25.74 -7.88 -52.65
C SER O 321 27.15 -7.33 -52.49
N ALA O 322 27.34 -6.04 -52.79
CA ALA O 322 28.65 -5.43 -52.61
C ALA O 322 29.07 -5.43 -51.15
N ALA O 323 28.13 -5.16 -50.24
CA ALA O 323 28.45 -5.20 -48.82
C ALA O 323 28.82 -6.60 -48.37
N ALA O 324 28.11 -7.62 -48.86
CA ALA O 324 28.45 -8.99 -48.54
C ALA O 324 29.84 -9.35 -49.06
N SER O 325 30.17 -8.90 -50.27
CA SER O 325 31.50 -9.13 -50.81
C SER O 325 32.56 -8.46 -49.95
N LEU O 326 32.30 -7.23 -49.50
CA LEU O 326 33.24 -6.53 -48.63
C LEU O 326 33.44 -7.28 -47.32
N GLY O 327 32.35 -7.79 -46.74
CA GLY O 327 32.49 -8.56 -45.51
C GLY O 327 33.29 -9.84 -45.72
N SER O 328 33.06 -10.52 -46.85
CA SER O 328 33.85 -11.70 -47.18
C SER O 328 35.32 -11.35 -47.34
N ILE O 329 35.62 -10.22 -47.97
CA ILE O 329 37.00 -9.78 -48.13
C ILE O 329 37.63 -9.51 -46.78
N SER O 330 36.89 -8.85 -45.88
CA SER O 330 37.43 -8.58 -44.54
C SER O 330 37.71 -9.87 -43.78
N SER O 331 36.80 -10.83 -43.87
CA SER O 331 37.03 -12.13 -43.21
C SER O 331 38.25 -12.82 -43.80
N ARG O 332 38.42 -12.75 -45.12
CA ARG O 332 39.59 -13.34 -45.75
C ARG O 332 40.86 -12.67 -45.29
N ILE O 333 40.84 -11.34 -45.14
CA ILE O 333 42.01 -10.62 -44.65
C ILE O 333 42.35 -11.06 -43.22
N ASP O 334 41.33 -11.22 -42.38
CA ASP O 334 41.58 -11.67 -41.01
C ASP O 334 42.19 -13.06 -41.00
N LEU O 335 41.63 -13.98 -41.79
CA LEU O 335 42.18 -15.33 -41.85
C LEU O 335 43.61 -15.32 -42.39
N GLN O 336 43.87 -14.51 -43.42
CA GLN O 336 45.21 -14.43 -43.98
C GLN O 336 46.20 -13.89 -42.96
N SER O 337 45.80 -12.87 -42.19
CA SER O 337 46.67 -12.33 -41.17
C SER O 337 47.00 -13.38 -40.11
N GLU O 338 45.98 -14.13 -39.68
CA GLU O 338 46.22 -15.17 -38.68
C GLU O 338 47.18 -16.23 -39.22
N PHE O 339 46.96 -16.66 -40.47
CA PHE O 339 47.82 -17.67 -41.05
C PHE O 339 49.24 -17.17 -41.23
N VAL O 340 49.40 -15.91 -41.66
CA VAL O 340 50.74 -15.35 -41.83
C VAL O 340 51.45 -15.25 -40.50
N ASN O 341 50.74 -14.87 -39.44
CA ASN O 341 51.35 -14.83 -38.12
C ASN O 341 51.79 -16.23 -37.68
N LYS O 342 50.94 -17.24 -37.91
CA LYS O 342 51.32 -18.60 -37.54
C LYS O 342 52.53 -19.07 -38.35
N LEU O 343 52.57 -18.76 -39.64
CA LEU O 343 53.68 -19.15 -40.48
C LEU O 343 54.97 -18.47 -40.05
N SER O 344 54.88 -17.18 -39.70
CA SER O 344 56.06 -16.46 -39.21
C SER O 344 56.56 -17.07 -37.91
N ASP O 345 55.65 -17.43 -37.01
CA ASP O 345 56.06 -18.11 -35.78
C ASP O 345 56.75 -19.43 -36.08
N SER O 346 56.21 -20.20 -37.03
CA SER O 346 56.83 -21.47 -37.38
C SER O 346 58.22 -21.28 -37.97
N ILE O 347 58.38 -20.29 -38.85
CA ILE O 347 59.69 -20.01 -39.44
C ILE O 347 60.67 -19.57 -38.36
N GLU O 348 60.23 -18.73 -37.43
CA GLU O 348 61.10 -18.28 -36.35
C GLU O 348 61.52 -19.46 -35.47
N SER O 349 60.59 -20.37 -35.18
CA SER O 349 60.92 -21.55 -34.39
C SER O 349 61.92 -22.43 -35.12
N GLY O 350 61.74 -22.60 -36.43
CA GLY O 350 62.70 -23.38 -37.20
C GLY O 350 64.08 -22.75 -37.23
N VAL O 351 64.14 -21.43 -37.39
CA VAL O 351 65.42 -20.74 -37.36
C VAL O 351 66.08 -20.90 -36.00
N GLY O 352 65.31 -20.78 -34.92
CA GLY O 352 65.85 -20.99 -33.59
C GLY O 352 66.39 -22.41 -33.41
N ARG O 353 65.65 -23.40 -33.89
CA ARG O 353 66.11 -24.79 -33.80
C ARG O 353 67.40 -24.98 -34.57
N LEU O 354 67.52 -24.32 -35.73
CA LEU O 354 68.70 -24.49 -36.56
C LEU O 354 69.91 -23.73 -36.01
N VAL O 355 69.68 -22.64 -35.29
CA VAL O 355 70.74 -21.72 -34.93
C VAL O 355 71.06 -21.70 -33.43
N ASP O 356 70.05 -21.83 -32.57
CA ASP O 356 70.28 -21.68 -31.14
C ASP O 356 71.14 -22.81 -30.59
N ALA O 357 71.83 -22.51 -29.48
CA ALA O 357 72.67 -23.48 -28.80
C ALA O 357 72.23 -23.60 -27.34
N ASP O 358 72.21 -24.83 -26.83
CA ASP O 358 71.90 -25.06 -25.43
C ASP O 358 73.04 -24.57 -24.53
N MET O 359 72.72 -23.67 -23.61
CA MET O 359 73.77 -23.00 -22.85
C MET O 359 74.36 -23.88 -21.76
N ASN O 360 73.65 -24.90 -21.32
CA ASN O 360 74.20 -25.79 -20.29
C ASN O 360 75.43 -26.52 -20.80
N GLU O 361 75.37 -27.04 -22.02
CA GLU O 361 76.50 -27.75 -22.61
C GLU O 361 77.67 -26.80 -22.85
N GLU O 362 77.37 -25.57 -23.27
CA GLU O 362 78.43 -24.57 -23.44
C GLU O 362 79.08 -24.22 -22.12
N SER O 363 78.30 -24.12 -21.04
CA SER O 363 78.87 -23.86 -19.72
C SER O 363 79.77 -25.00 -19.28
N THR O 364 79.34 -26.24 -19.53
CA THR O 364 80.19 -27.39 -19.20
C THR O 364 81.50 -27.33 -19.99
N ARG O 365 81.42 -26.99 -21.28
CA ARG O 365 82.63 -26.85 -22.08
C ARG O 365 83.52 -25.74 -21.55
N LEU O 366 82.92 -24.63 -21.13
CA LEU O 366 83.71 -23.51 -20.63
C LEU O 366 84.48 -23.91 -19.37
N LYS O 367 83.80 -24.59 -18.45
CA LYS O 367 84.49 -25.05 -17.24
C LYS O 367 85.59 -26.04 -17.58
N ALA O 368 85.31 -26.98 -18.48
CA ALA O 368 86.31 -27.97 -18.87
C ALA O 368 87.53 -27.30 -19.50
N LEU O 369 87.30 -26.33 -20.38
CA LEU O 369 88.41 -25.64 -21.04
C LEU O 369 89.20 -24.78 -20.07
N GLN O 370 88.54 -24.15 -19.10
CA GLN O 370 89.28 -23.39 -18.09
C GLN O 370 90.19 -24.32 -17.29
N THR O 371 89.65 -25.48 -16.87
CA THR O 371 90.48 -26.41 -16.11
C THR O 371 91.63 -26.94 -16.96
N GLN O 372 91.36 -27.26 -18.24
CA GLN O 372 92.41 -27.75 -19.12
C GLN O 372 93.48 -26.69 -19.33
N GLN O 373 93.09 -25.43 -19.45
CA GLN O 373 94.07 -24.36 -19.57
C GLN O 373 94.92 -24.26 -18.32
N GLN O 374 94.30 -24.39 -17.14
CA GLN O 374 95.08 -24.36 -15.91
C GLN O 374 96.10 -25.50 -15.86
N LEU O 375 95.67 -26.71 -16.21
CA LEU O 375 96.60 -27.84 -16.24
C LEU O 375 97.71 -27.64 -17.26
N ALA O 376 97.37 -27.12 -18.45
CA ALA O 376 98.39 -26.90 -19.47
C ALA O 376 99.41 -25.85 -19.02
N ILE O 377 98.94 -24.80 -18.35
CA ILE O 377 99.85 -23.78 -17.83
C ILE O 377 100.76 -24.37 -16.78
N GLN O 378 100.22 -25.19 -15.88
CA GLN O 378 101.05 -25.84 -14.87
C GLN O 378 102.10 -26.74 -15.53
N ALA O 379 101.70 -27.50 -16.56
CA ALA O 379 102.65 -28.37 -17.24
C ALA O 379 103.73 -27.57 -17.95
N LEU O 380 103.37 -26.44 -18.55
CA LEU O 380 104.36 -25.60 -19.20
C LEU O 380 105.33 -25.01 -18.18
N SER O 381 104.83 -24.65 -16.99
CA SER O 381 105.72 -24.19 -15.93
C SER O 381 106.68 -25.29 -15.51
N ILE O 382 106.18 -26.53 -15.41
CA ILE O 382 107.05 -27.66 -15.10
C ILE O 382 108.11 -27.83 -16.18
N ALA O 383 107.72 -27.68 -17.44
CA ALA O 383 108.68 -27.79 -18.54
C ALA O 383 109.75 -26.72 -18.44
N ASN O 384 109.37 -25.49 -18.12
CA ASN O 384 110.35 -24.43 -17.96
C ASN O 384 111.29 -24.72 -16.79
N SER O 385 110.75 -25.20 -15.67
CA SER O 385 111.57 -25.49 -14.51
C SER O 385 112.44 -26.72 -14.70
N ASP O 386 112.12 -27.58 -15.65
CA ASP O 386 112.90 -28.79 -15.86
C ASP O 386 114.31 -28.47 -16.37
N SER O 387 114.45 -27.41 -17.16
CA SER O 387 115.69 -27.19 -17.90
C SER O 387 116.87 -26.93 -16.99
N GLN O 388 116.69 -26.12 -15.93
CA GLN O 388 117.83 -25.62 -15.17
C GLN O 388 118.41 -26.63 -14.19
N ASN O 389 117.88 -27.85 -14.12
CA ASN O 389 118.44 -28.85 -13.22
C ASN O 389 119.84 -29.30 -13.64
N VAL O 390 120.22 -29.08 -14.90
CA VAL O 390 121.50 -29.56 -15.40
C VAL O 390 122.67 -28.82 -14.75
N LEU O 391 122.43 -27.67 -14.12
CA LEU O 391 123.50 -26.88 -13.53
C LEU O 391 124.25 -27.62 -12.44
N SER O 392 123.64 -28.65 -11.84
CA SER O 392 124.29 -29.35 -10.75
C SER O 392 125.55 -30.10 -11.22
N LEU O 393 125.59 -30.49 -12.49
CA LEU O 393 126.76 -31.19 -13.01
C LEU O 393 127.99 -30.30 -13.05
N PHE O 394 127.80 -29.02 -13.36
CA PHE O 394 128.90 -28.07 -13.52
C PHE O 394 129.10 -27.18 -12.30
N ARG O 395 128.48 -27.54 -11.17
CA ARG O 395 128.53 -26.78 -9.90
C ARG O 395 128.59 -25.26 -10.04
N THR P 2 99.04 -16.23 -26.27
CA THR P 2 98.27 -15.29 -25.45
C THR P 2 98.91 -13.91 -25.48
N SER P 3 98.10 -12.90 -25.78
CA SER P 3 98.54 -11.52 -25.88
C SER P 3 97.89 -10.70 -24.77
N ILE P 4 98.71 -9.96 -24.02
CA ILE P 4 98.20 -9.11 -22.96
C ILE P 4 97.72 -7.76 -23.46
N LEU P 5 97.99 -7.43 -24.73
CA LEU P 5 97.60 -6.14 -25.28
C LEU P 5 96.26 -6.17 -26.00
N THR P 6 95.84 -7.33 -26.49
CA THR P 6 94.57 -7.47 -27.19
C THR P 6 93.81 -8.66 -26.63
N ASN P 7 92.48 -8.58 -26.74
CA ASN P 7 91.59 -9.63 -26.24
C ASN P 7 90.41 -9.73 -27.20
N ASN P 8 90.51 -10.64 -28.18
CA ASN P 8 89.47 -10.76 -29.19
C ASN P 8 88.13 -11.15 -28.58
N SER P 9 88.16 -12.08 -27.61
CA SER P 9 86.93 -12.48 -26.95
C SER P 9 86.28 -11.30 -26.22
N ALA P 10 87.09 -10.47 -25.57
CA ALA P 10 86.56 -9.29 -24.90
C ALA P 10 85.93 -8.32 -25.89
N MET P 11 86.57 -8.15 -27.05
CA MET P 11 86.01 -7.25 -28.07
C MET P 11 84.69 -7.78 -28.61
N ALA P 12 84.61 -9.09 -28.87
CA ALA P 12 83.36 -9.68 -29.34
C ALA P 12 82.27 -9.54 -28.28
N ALA P 13 82.62 -9.76 -27.01
CA ALA P 13 81.65 -9.56 -25.93
C ALA P 13 81.21 -8.11 -25.85
N LEU P 14 82.13 -7.18 -26.08
CA LEU P 14 81.78 -5.75 -26.07
C LEU P 14 80.80 -5.42 -27.17
N SER P 15 81.04 -5.94 -28.38
CA SER P 15 80.10 -5.70 -29.48
C SER P 15 78.73 -6.31 -29.18
N GLY P 16 78.71 -7.52 -28.61
CA GLY P 16 77.44 -8.11 -28.24
C GLY P 16 76.71 -7.30 -27.19
N VAL P 17 77.44 -6.80 -26.18
CA VAL P 17 76.84 -5.98 -25.14
C VAL P 17 76.27 -4.70 -25.73
N ARG P 18 77.00 -4.09 -26.67
CA ARG P 18 76.51 -2.87 -27.31
C ARG P 18 75.21 -3.13 -28.08
N SER P 19 75.18 -4.22 -28.84
CA SER P 19 73.96 -4.55 -29.59
C SER P 19 72.79 -4.82 -28.64
N ILE P 20 73.04 -5.58 -27.57
CA ILE P 20 71.98 -5.89 -26.62
C ILE P 20 71.49 -4.62 -25.94
N SER P 21 72.41 -3.72 -25.61
CA SER P 21 72.01 -2.47 -24.96
C SER P 21 71.16 -1.60 -25.89
N SER P 22 71.53 -1.53 -27.17
CA SER P 22 70.72 -0.75 -28.11
C SER P 22 69.33 -1.35 -28.26
N SER P 23 69.26 -2.68 -28.40
CA SER P 23 67.96 -3.34 -28.53
C SER P 23 67.13 -3.16 -27.25
N MET P 24 67.78 -3.23 -26.09
CA MET P 24 67.07 -3.05 -24.83
C MET P 24 66.54 -1.63 -24.69
N GLU P 25 67.32 -0.63 -25.12
CA GLU P 25 66.84 0.74 -25.11
C GLU P 25 65.62 0.90 -26.02
N ASP P 26 65.68 0.32 -27.22
CA ASP P 26 64.55 0.41 -28.14
C ASP P 26 63.31 -0.24 -27.55
N THR P 27 63.45 -1.45 -27.00
CA THR P 27 62.31 -2.14 -26.42
C THR P 27 61.79 -1.44 -25.17
N GLN P 28 62.68 -0.80 -24.40
CA GLN P 28 62.23 -0.10 -23.21
C GLN P 28 61.44 1.15 -23.56
N SER P 29 61.89 1.89 -24.58
CA SER P 29 61.06 3.00 -25.08
C SER P 29 59.74 2.49 -25.61
N ARG P 30 59.77 1.35 -26.32
CA ARG P 30 58.56 0.78 -26.88
C ARG P 30 57.55 0.42 -25.80
N ILE P 31 58.02 -0.19 -24.71
CA ILE P 31 57.12 -0.58 -23.63
C ILE P 31 56.71 0.63 -22.80
N SER P 32 57.54 1.67 -22.74
CA SER P 32 57.21 2.86 -21.97
C SER P 32 56.07 3.63 -22.65
N SER P 33 56.17 3.84 -23.96
CA SER P 33 55.26 4.75 -24.64
C SER P 33 54.36 4.07 -25.66
N GLY P 34 54.39 2.74 -25.76
CA GLY P 34 53.70 2.10 -26.87
C GLY P 34 54.32 2.54 -28.18
N LEU P 35 53.47 2.84 -29.16
CA LEU P 35 53.91 3.45 -30.42
C LEU P 35 54.97 2.58 -31.12
N ARG P 36 54.52 1.42 -31.61
CA ARG P 36 55.41 0.56 -32.39
C ARG P 36 56.11 1.36 -33.48
N VAL P 37 55.39 2.27 -34.14
CA VAL P 37 55.99 3.32 -34.95
C VAL P 37 55.99 4.58 -34.08
N GLY P 38 57.09 4.80 -33.37
CA GLY P 38 57.16 5.86 -32.39
C GLY P 38 57.72 7.17 -32.90
N SER P 39 58.58 7.10 -33.91
CA SER P 39 59.23 8.29 -34.45
C SER P 39 59.57 8.04 -35.91
N ALA P 40 60.12 9.07 -36.56
CA ALA P 40 60.53 8.94 -37.94
C ALA P 40 61.70 7.97 -38.11
N SER P 41 62.42 7.67 -37.02
CA SER P 41 63.47 6.66 -37.09
C SER P 41 62.91 5.28 -37.38
N ASP P 42 61.63 5.05 -37.12
CA ASP P 42 60.95 3.82 -37.48
C ASP P 42 60.57 3.89 -38.96
N ASN P 43 59.68 3.01 -39.40
CA ASN P 43 59.23 3.01 -40.79
C ASN P 43 58.58 4.36 -41.12
N ALA P 44 59.22 5.11 -42.03
CA ALA P 44 58.82 6.49 -42.28
C ALA P 44 57.44 6.57 -42.91
N ALA P 45 57.12 5.66 -43.83
CA ALA P 45 55.84 5.74 -44.52
C ALA P 45 54.66 5.59 -43.57
N TYR P 46 54.74 4.61 -42.65
CA TYR P 46 53.66 4.42 -41.69
C TYR P 46 53.58 5.59 -40.73
N TRP P 47 54.72 6.17 -40.36
CA TRP P 47 54.71 7.35 -39.49
C TRP P 47 54.00 8.52 -40.17
N SER P 48 54.30 8.74 -41.45
CA SER P 48 53.65 9.82 -42.20
C SER P 48 52.16 9.56 -42.34
N ILE P 49 51.77 8.31 -42.61
CA ILE P 49 50.35 7.98 -42.73
C ILE P 49 49.64 8.22 -41.41
N ALA P 50 50.27 7.82 -40.29
CA ALA P 50 49.68 8.04 -38.98
C ALA P 50 49.51 9.53 -38.69
N THR P 51 50.52 10.34 -39.03
CA THR P 51 50.42 11.78 -38.82
C THR P 51 49.27 12.37 -39.64
N THR P 52 49.17 11.96 -40.90
CA THR P 52 48.10 12.48 -41.75
C THR P 52 46.73 12.08 -41.21
N MET P 53 46.59 10.83 -40.75
CA MET P 53 45.30 10.40 -40.21
C MET P 53 44.98 11.10 -38.90
N ARG P 54 45.98 11.39 -38.08
CA ARG P 54 45.72 12.16 -36.86
C ARG P 54 45.24 13.56 -37.18
N SER P 55 45.86 14.20 -38.18
CA SER P 55 45.40 15.51 -38.62
C SER P 55 43.96 15.44 -39.14
N ASP P 56 43.66 14.40 -39.93
CA ASP P 56 42.30 14.24 -40.44
C ASP P 56 41.30 14.00 -39.32
N ASN P 57 41.71 13.26 -38.28
CA ASN P 57 40.83 13.03 -37.14
C ASN P 57 40.55 14.31 -36.37
N GLN P 58 41.58 15.16 -36.20
CA GLN P 58 41.35 16.46 -35.58
C GLN P 58 40.40 17.31 -36.41
N ALA P 59 40.58 17.29 -37.73
CA ALA P 59 39.66 18.02 -38.61
C ALA P 59 38.24 17.48 -38.48
N LEU P 60 38.10 16.16 -38.39
CA LEU P 60 36.78 15.56 -38.24
C LEU P 60 36.13 15.96 -36.92
N SER P 61 36.92 16.03 -35.85
CA SER P 61 36.38 16.51 -34.57
C SER P 61 35.90 17.95 -34.68
N ALA P 62 36.67 18.80 -35.37
CA ALA P 62 36.22 20.17 -35.59
C ALA P 62 34.92 20.21 -36.39
N VAL P 63 34.82 19.35 -37.42
CA VAL P 63 33.60 19.28 -38.21
C VAL P 63 32.43 18.83 -37.35
N GLN P 64 32.67 17.91 -36.43
CA GLN P 64 31.60 17.45 -35.54
C GLN P 64 31.12 18.57 -34.63
N ASP P 65 32.05 19.39 -34.13
CA ASP P 65 31.66 20.56 -33.35
C ASP P 65 30.82 21.52 -34.20
N ALA P 66 31.23 21.73 -35.45
CA ALA P 66 30.46 22.58 -36.35
C ALA P 66 29.06 22.00 -36.60
N LEU P 67 28.97 20.67 -36.72
CA LEU P 67 27.67 20.02 -36.87
C LEU P 67 26.79 20.25 -35.64
N GLY P 68 27.37 20.18 -34.45
CA GLY P 68 26.61 20.48 -33.26
C GLY P 68 26.08 21.90 -33.25
N LEU P 69 26.93 22.86 -33.62
CA LEU P 69 26.50 24.25 -33.69
C LEU P 69 25.37 24.43 -34.71
N GLY P 70 25.53 23.82 -35.88
CA GLY P 70 24.50 23.92 -36.90
C GLY P 70 23.19 23.29 -36.47
N ALA P 71 23.27 22.15 -35.77
CA ALA P 71 22.07 21.52 -35.25
C ALA P 71 21.36 22.42 -34.25
N ALA P 72 22.13 23.09 -33.38
CA ALA P 72 21.52 24.02 -32.44
C ALA P 72 20.81 25.16 -33.18
N LYS P 73 21.47 25.72 -34.20
CA LYS P 73 20.86 26.80 -34.96
C LYS P 73 19.58 26.34 -35.65
N VAL P 74 19.61 25.16 -36.26
CA VAL P 74 18.43 24.64 -36.96
C VAL P 74 17.31 24.37 -35.97
N ASP P 75 17.63 23.86 -34.78
CA ASP P 75 16.60 23.60 -33.78
C ASP P 75 15.93 24.90 -33.34
N THR P 76 16.73 25.95 -33.09
CA THR P 76 16.15 27.22 -32.70
C THR P 76 15.27 27.79 -33.82
N ALA P 77 15.77 27.73 -35.06
CA ALA P 77 15.01 28.24 -36.19
C ALA P 77 13.70 27.48 -36.35
N TYR P 78 13.73 26.16 -36.16
CA TYR P 78 12.52 25.36 -36.30
C TYR P 78 11.53 25.64 -35.18
N SER P 79 12.02 25.90 -33.97
CA SER P 79 11.11 26.28 -32.89
C SER P 79 10.39 27.57 -33.22
N GLY P 80 11.14 28.57 -33.69
CA GLY P 80 10.50 29.80 -34.16
C GLY P 80 9.54 29.54 -35.30
N MET P 81 9.90 28.60 -36.17
CA MET P 81 9.08 28.26 -37.33
C MET P 81 7.73 27.71 -36.89
N GLU P 82 7.74 26.81 -35.90
CA GLU P 82 6.52 26.25 -35.36
C GLU P 82 5.68 27.32 -34.67
N SER P 83 6.33 28.23 -33.94
CA SER P 83 5.59 29.32 -33.32
C SER P 83 4.87 30.16 -34.37
N ALA P 84 5.56 30.45 -35.48
CA ALA P 84 4.93 31.20 -36.57
C ALA P 84 3.77 30.41 -37.17
N ILE P 85 3.94 29.10 -37.33
CA ILE P 85 2.86 28.26 -37.84
C ILE P 85 1.62 28.39 -36.95
N GLU P 86 1.81 28.26 -35.64
CA GLU P 86 0.68 28.32 -34.72
C GLU P 86 0.00 29.69 -34.77
N VAL P 87 0.79 30.76 -34.78
CA VAL P 87 0.20 32.10 -34.78
C VAL P 87 -0.58 32.34 -36.06
N VAL P 88 -0.03 31.90 -37.21
CA VAL P 88 -0.71 32.13 -38.48
C VAL P 88 -1.98 31.27 -38.57
N LYS P 89 -1.94 30.06 -38.02
CA LYS P 89 -3.16 29.25 -37.98
C LYS P 89 -4.24 29.94 -37.15
N GLU P 90 -3.84 30.54 -36.02
CA GLU P 90 -4.81 31.28 -35.22
C GLU P 90 -5.36 32.47 -36.00
N ILE P 91 -4.49 33.17 -36.74
CA ILE P 91 -4.94 34.31 -37.56
C ILE P 91 -5.95 33.86 -38.60
N LYS P 92 -5.67 32.73 -39.26
CA LYS P 92 -6.59 32.22 -40.27
C LYS P 92 -7.93 31.83 -39.66
N ALA P 93 -7.90 31.20 -38.49
CA ALA P 93 -9.15 30.87 -37.80
C ALA P 93 -9.94 32.13 -37.46
N LYS P 94 -9.26 33.16 -36.98
CA LYS P 94 -9.93 34.42 -36.67
C LYS P 94 -10.53 35.05 -37.93
N LEU P 95 -9.80 35.00 -39.05
CA LEU P 95 -10.32 35.56 -40.30
C LEU P 95 -11.53 34.79 -40.78
N VAL P 96 -11.51 33.46 -40.67
CA VAL P 96 -12.67 32.67 -41.06
C VAL P 96 -13.86 33.01 -40.19
N ALA P 97 -13.63 33.17 -38.88
CA ALA P 97 -14.71 33.62 -38.00
C ALA P 97 -15.20 35.00 -38.37
N ALA P 98 -14.33 35.85 -38.92
CA ALA P 98 -14.70 37.20 -39.31
C ALA P 98 -15.59 37.24 -40.55
N THR P 99 -15.75 36.11 -41.25
CA THR P 99 -16.56 36.10 -42.46
C THR P 99 -18.02 36.43 -42.18
N GLU P 100 -18.50 36.13 -40.99
CA GLU P 100 -19.87 36.48 -40.61
C GLU P 100 -20.07 37.98 -40.63
N ASP P 101 -21.16 38.42 -41.27
CA ASP P 101 -21.43 39.85 -41.39
C ASP P 101 -21.85 40.44 -40.05
N GLY P 102 -22.56 39.66 -39.22
CA GLY P 102 -23.03 40.18 -37.95
C GLY P 102 -21.94 40.39 -36.92
N VAL P 103 -20.79 39.75 -37.10
CA VAL P 103 -19.69 39.89 -36.16
C VAL P 103 -18.96 41.20 -36.43
N ASP P 104 -18.76 41.99 -35.37
CA ASP P 104 -18.01 43.23 -35.51
C ASP P 104 -16.56 42.93 -35.88
N LYS P 105 -15.99 43.78 -36.73
CA LYS P 105 -14.66 43.56 -37.27
C LYS P 105 -13.57 44.32 -36.52
N ALA P 106 -13.94 45.28 -35.66
CA ALA P 106 -12.92 46.05 -34.96
C ALA P 106 -12.17 45.19 -33.94
N LYS P 107 -12.92 44.46 -33.11
CA LYS P 107 -12.29 43.62 -32.09
C LYS P 107 -11.33 42.62 -32.72
N ILE P 108 -11.79 41.97 -33.80
CA ILE P 108 -10.90 41.10 -34.56
C ILE P 108 -9.74 41.90 -35.13
N GLN P 109 -9.95 43.20 -35.39
CA GLN P 109 -8.86 44.01 -35.93
C GLN P 109 -7.72 44.15 -34.92
N GLU P 110 -8.03 44.49 -33.65
CA GLU P 110 -6.89 44.56 -32.73
C GLU P 110 -6.39 43.16 -32.38
N GLU P 111 -7.24 42.14 -32.45
CA GLU P 111 -6.75 40.78 -32.26
C GLU P 111 -5.69 40.43 -33.31
N ILE P 112 -5.97 40.73 -34.58
CA ILE P 112 -5.00 40.47 -35.64
C ILE P 112 -3.79 41.37 -35.50
N THR P 113 -3.96 42.61 -35.03
CA THR P 113 -2.80 43.47 -34.79
C THR P 113 -1.88 42.88 -33.74
N GLN P 114 -2.44 42.39 -32.64
CA GLN P 114 -1.64 41.75 -31.61
C GLN P 114 -0.95 40.50 -32.14
N LEU P 115 -1.67 39.72 -32.95
CA LEU P 115 -1.07 38.52 -33.53
C LEU P 115 0.07 38.88 -34.49
N LYS P 116 -0.06 39.96 -35.24
CA LYS P 116 1.00 40.40 -36.13
C LYS P 116 2.22 40.86 -35.35
N ASP P 117 2.01 41.59 -34.26
CA ASP P 117 3.13 41.96 -33.39
C ASP P 117 3.80 40.72 -32.81
N GLN P 118 3.00 39.71 -32.45
CA GLN P 118 3.55 38.45 -31.98
C GLN P 118 4.39 37.78 -33.05
N LEU P 119 3.92 37.81 -34.30
CA LEU P 119 4.67 37.23 -35.41
C LEU P 119 6.00 37.96 -35.60
N THR P 120 5.98 39.28 -35.50
CA THR P 120 7.23 40.05 -35.63
C THR P 120 8.20 39.70 -34.51
N SER P 121 7.69 39.54 -33.29
CA SER P 121 8.53 39.15 -32.16
C SER P 121 9.12 37.76 -32.39
N ILE P 122 8.32 36.83 -32.91
CA ILE P 122 8.82 35.49 -33.23
C ILE P 122 9.93 35.59 -34.27
N ALA P 123 9.72 36.40 -35.31
CA ALA P 123 10.68 36.50 -36.38
C ALA P 123 12.01 37.08 -35.92
N ASP P 124 11.97 38.13 -35.09
CA ASP P 124 13.21 38.78 -34.71
C ASP P 124 13.90 38.13 -33.52
N ALA P 125 13.14 37.55 -32.59
CA ALA P 125 13.76 37.02 -31.37
C ALA P 125 14.45 35.68 -31.60
N ALA P 126 13.94 34.85 -32.50
CA ALA P 126 14.43 33.48 -32.66
C ALA P 126 15.78 33.49 -33.39
N SER P 127 16.84 33.71 -32.60
CA SER P 127 18.20 33.70 -33.12
C SER P 127 19.09 32.98 -32.12
N PHE P 128 20.16 32.36 -32.64
CA PHE P 128 21.10 31.61 -31.80
C PHE P 128 22.42 32.34 -31.62
N SER P 129 23.11 32.68 -32.72
CA SER P 129 24.40 33.34 -32.62
C SER P 129 24.52 34.44 -33.66
N GLY P 130 23.43 35.17 -33.88
CA GLY P 130 23.37 36.20 -34.89
C GLY P 130 22.90 35.72 -36.25
N GLU P 131 22.91 34.41 -36.49
CA GLU P 131 22.39 33.83 -37.72
C GLU P 131 21.06 33.15 -37.38
N ASN P 132 19.99 33.94 -37.43
CA ASN P 132 18.65 33.45 -37.10
C ASN P 132 18.02 32.64 -38.22
N TRP P 133 18.64 32.60 -39.41
CA TRP P 133 18.10 31.91 -40.58
C TRP P 133 16.73 32.45 -40.99
N LEU P 134 16.37 33.62 -40.48
CA LEU P 134 15.11 34.28 -40.79
C LEU P 134 15.37 35.78 -40.92
N GLN P 135 14.39 36.50 -41.47
CA GLN P 135 14.49 37.95 -41.65
C GLN P 135 15.74 38.34 -42.43
N ALA P 136 16.10 37.50 -43.40
CA ALA P 136 17.29 37.76 -44.20
C ALA P 136 17.04 38.92 -45.16
N ASP P 137 18.14 39.48 -45.68
CA ASP P 137 18.07 40.60 -46.61
C ASP P 137 17.96 40.05 -48.03
N LEU P 138 16.84 40.34 -48.69
CA LEU P 138 16.57 39.86 -50.04
C LEU P 138 16.85 40.91 -51.11
N SER P 139 17.83 41.78 -50.88
CA SER P 139 18.20 42.74 -51.91
C SER P 139 18.72 42.05 -53.16
N GLY P 140 19.57 41.03 -52.98
CA GLY P 140 20.02 40.23 -54.10
C GLY P 140 19.07 39.12 -54.44
N GLY P 141 18.25 38.72 -53.47
CA GLY P 141 17.23 37.71 -53.67
C GLY P 141 17.74 36.28 -53.69
N ALA P 142 19.02 36.05 -53.42
CA ALA P 142 19.60 34.71 -53.47
C ALA P 142 20.52 34.48 -52.29
N VAL P 143 20.08 34.86 -51.09
CA VAL P 143 20.89 34.64 -49.90
C VAL P 143 20.89 33.15 -49.57
N THR P 144 22.07 32.62 -49.25
CA THR P 144 22.24 31.21 -48.97
C THR P 144 23.10 31.04 -47.72
N LYS P 145 22.64 30.21 -46.80
CA LYS P 145 23.39 29.90 -45.58
C LYS P 145 23.77 28.43 -45.58
N SER P 146 24.95 28.13 -45.04
CA SER P 146 25.51 26.80 -45.12
C SER P 146 25.98 26.35 -43.74
N VAL P 147 26.01 25.03 -43.56
CA VAL P 147 26.49 24.39 -42.34
C VAL P 147 27.61 23.43 -42.72
N VAL P 148 28.72 23.50 -41.98
CA VAL P 148 29.87 22.64 -42.28
C VAL P 148 29.45 21.19 -42.09
N GLY P 149 29.48 20.42 -43.17
CA GLY P 149 29.00 19.05 -43.14
C GLY P 149 30.05 18.00 -42.89
N SER P 150 31.14 18.01 -43.66
CA SER P 150 32.16 16.98 -43.54
C SER P 150 33.46 17.48 -44.12
N PHE P 151 34.56 16.91 -43.63
CA PHE P 151 35.89 17.20 -44.13
C PHE P 151 36.31 16.06 -45.08
N VAL P 152 36.52 16.40 -46.34
CA VAL P 152 36.77 15.42 -47.39
C VAL P 152 38.16 15.64 -47.95
N ARG P 153 38.97 14.58 -47.96
CA ARG P 153 40.27 14.59 -48.60
C ARG P 153 40.16 13.85 -49.93
N ASP P 154 40.40 14.56 -51.03
CA ASP P 154 40.27 13.97 -52.35
C ASP P 154 41.39 12.97 -52.62
N GLY P 155 41.16 12.13 -53.63
CA GLY P 155 42.14 11.11 -53.95
C GLY P 155 43.47 11.68 -54.45
N SER P 156 43.42 12.78 -55.17
CA SER P 156 44.62 13.37 -55.77
C SER P 156 45.27 14.39 -54.84
N GLY P 157 45.51 13.98 -53.59
CA GLY P 157 46.20 14.83 -52.64
C GLY P 157 45.55 16.18 -52.40
N SER P 158 44.22 16.20 -52.28
CA SER P 158 43.48 17.44 -52.09
C SER P 158 42.61 17.36 -50.85
N VAL P 159 42.41 18.51 -50.22
CA VAL P 159 41.58 18.62 -49.02
C VAL P 159 40.57 19.74 -49.23
N ALA P 160 39.35 19.52 -48.77
CA ALA P 160 38.29 20.50 -48.90
C ALA P 160 37.27 20.27 -47.80
N VAL P 161 36.43 21.27 -47.58
CA VAL P 161 35.38 21.22 -46.56
C VAL P 161 34.03 21.28 -47.26
N LYS P 162 33.19 20.29 -47.00
CA LYS P 162 31.86 20.24 -47.59
C LYS P 162 30.84 20.88 -46.65
N LYS P 163 29.85 21.53 -47.25
CA LYS P 163 28.83 22.25 -46.50
C LYS P 163 27.45 21.90 -47.03
N VAL P 164 26.46 21.98 -46.15
CA VAL P 164 25.06 21.72 -46.49
C VAL P 164 24.36 23.07 -46.65
N ASP P 165 23.78 23.29 -47.82
CA ASP P 165 23.22 24.58 -48.18
C ASP P 165 21.73 24.64 -47.85
N TYR P 166 21.28 25.84 -47.48
CA TYR P 166 19.86 26.11 -47.23
C TYR P 166 19.50 27.43 -47.89
N SER P 167 18.38 27.44 -48.59
CA SER P 167 17.97 28.60 -49.39
C SER P 167 16.91 29.41 -48.65
N LEU P 168 17.03 30.73 -48.75
CA LEU P 168 16.09 31.67 -48.14
C LEU P 168 15.55 32.65 -49.19
N ASN P 169 15.33 32.15 -50.41
CA ASN P 169 15.05 33.03 -51.54
C ASN P 169 13.75 33.82 -51.38
N ALA P 170 12.61 33.14 -51.41
CA ALA P 170 11.34 33.84 -51.30
C ALA P 170 10.28 33.09 -50.52
N ASN P 171 10.58 31.92 -49.95
CA ASN P 171 9.59 31.11 -49.27
C ASN P 171 9.98 30.69 -47.87
N SER P 172 11.18 31.04 -47.40
CA SER P 172 11.62 30.66 -46.07
C SER P 172 12.39 31.79 -45.39
N VAL P 173 12.02 33.04 -45.67
CA VAL P 173 12.76 34.18 -45.16
C VAL P 173 12.08 34.84 -43.97
N LEU P 174 10.75 34.79 -43.86
CA LEU P 174 10.05 35.25 -42.66
C LEU P 174 10.32 36.72 -42.34
N PHE P 175 9.68 37.63 -43.08
CA PHE P 175 9.86 39.07 -42.93
C PHE P 175 11.24 39.56 -43.39
N ASP P 176 11.51 39.43 -44.69
CA ASP P 176 12.64 40.11 -45.31
C ASP P 176 12.80 41.52 -44.79
N THR P 177 14.05 41.87 -44.45
CA THR P 177 14.31 43.10 -43.71
C THR P 177 14.05 44.35 -44.57
N VAL P 178 14.58 44.37 -45.80
CA VAL P 178 14.62 45.58 -46.62
C VAL P 178 13.57 45.54 -47.72
N GLY P 179 13.60 44.51 -48.57
CA GLY P 179 12.75 44.49 -49.75
C GLY P 179 11.27 44.35 -49.47
N ASP P 180 10.92 43.84 -48.28
CA ASP P 180 9.52 43.61 -47.90
C ASP P 180 8.81 42.76 -48.95
N THR P 181 9.51 41.72 -49.42
CA THR P 181 8.99 40.80 -50.42
C THR P 181 9.10 39.36 -49.95
N GLY P 182 9.11 39.15 -48.65
CA GLY P 182 9.27 37.82 -48.08
C GLY P 182 8.00 37.00 -48.11
N ILE P 183 8.07 35.85 -47.46
CA ILE P 183 6.90 34.96 -47.38
C ILE P 183 5.75 35.67 -46.69
N LEU P 184 6.05 36.48 -45.69
CA LEU P 184 5.08 37.38 -45.08
C LEU P 184 5.38 38.82 -45.52
N ASP P 185 4.43 39.70 -45.25
CA ASP P 185 4.53 41.12 -45.62
C ASP P 185 4.69 41.26 -47.13
N LYS P 186 3.96 40.44 -47.89
CA LYS P 186 3.86 40.62 -49.33
C LYS P 186 2.54 40.00 -49.79
N VAL P 187 2.06 40.48 -50.93
CA VAL P 187 0.75 40.10 -51.44
C VAL P 187 0.88 38.87 -52.33
N TYR P 188 -0.13 38.01 -52.29
CA TYR P 188 -0.20 36.80 -53.11
C TYR P 188 -1.33 36.93 -54.11
N ASN P 189 -1.05 36.60 -55.37
CA ASN P 189 -2.10 36.54 -56.37
C ASN P 189 -3.03 35.36 -56.07
N VAL P 190 -4.33 35.60 -56.21
CA VAL P 190 -5.35 34.60 -55.92
C VAL P 190 -6.21 34.46 -57.17
N SER P 191 -5.98 33.40 -57.94
CA SER P 191 -6.78 33.12 -59.12
C SER P 191 -6.88 31.61 -59.30
N GLN P 192 -7.94 31.18 -59.99
CA GLN P 192 -8.27 29.77 -60.02
C GLN P 192 -7.31 28.96 -60.88
N ALA P 193 -6.92 29.48 -62.04
CA ALA P 193 -6.22 28.71 -63.05
C ALA P 193 -4.91 29.37 -63.45
N SER P 194 -4.11 29.77 -62.47
CA SER P 194 -2.82 30.39 -62.72
C SER P 194 -1.76 29.78 -61.81
N VAL P 195 -0.50 30.07 -62.13
CA VAL P 195 0.64 29.63 -61.37
C VAL P 195 1.62 30.80 -61.24
N THR P 196 2.20 30.95 -60.06
CA THR P 196 3.21 31.99 -59.83
C THR P 196 4.59 31.40 -60.12
N LEU P 197 5.19 31.86 -61.21
CA LEU P 197 6.49 31.35 -61.66
C LEU P 197 7.54 32.43 -61.51
N THR P 198 8.74 32.02 -61.11
CA THR P 198 9.88 32.93 -61.00
C THR P 198 10.77 32.77 -62.22
N VAL P 199 11.00 33.88 -62.92
CA VAL P 199 11.85 33.92 -64.10
C VAL P 199 12.74 35.15 -64.00
N ASN P 200 14.02 35.00 -64.37
CA ASN P 200 14.96 36.10 -64.27
C ASN P 200 15.06 36.83 -65.60
N THR P 201 14.96 38.15 -65.55
CA THR P 201 15.07 39.00 -66.73
C THR P 201 16.26 39.93 -66.56
N ASN P 202 17.16 39.93 -67.54
CA ASN P 202 18.37 40.74 -67.52
C ASN P 202 19.24 40.43 -66.30
N GLY P 203 19.20 39.19 -65.82
CA GLY P 203 20.02 38.76 -64.72
C GLY P 203 19.43 38.93 -63.34
N VAL P 204 18.25 39.52 -63.21
CA VAL P 204 17.60 39.71 -61.92
C VAL P 204 16.28 38.94 -61.93
N GLU P 205 16.03 38.18 -60.87
CA GLU P 205 14.84 37.35 -60.79
C GLU P 205 13.61 38.17 -60.41
N SER P 206 12.46 37.65 -60.78
CA SER P 206 11.18 38.28 -60.45
C SER P 206 10.10 37.20 -60.51
N GLN P 207 8.97 37.51 -59.87
CA GLN P 207 7.85 36.59 -59.80
C GLN P 207 6.68 37.16 -60.61
N HIS P 208 6.18 36.38 -61.56
CA HIS P 208 5.10 36.78 -62.43
C HIS P 208 3.97 35.76 -62.35
N THR P 209 2.73 36.24 -62.36
CA THR P 209 1.56 35.39 -62.32
C THR P 209 1.04 35.19 -63.74
N VAL P 210 0.99 33.93 -64.18
CA VAL P 210 0.54 33.59 -65.52
C VAL P 210 -0.41 32.40 -65.44
N ALA P 211 -1.34 32.33 -66.38
CA ALA P 211 -2.32 31.27 -66.40
C ALA P 211 -1.67 29.93 -66.67
N ALA P 212 -2.26 28.87 -66.13
CA ALA P 212 -1.77 27.51 -66.28
C ALA P 212 -2.84 26.64 -66.94
N TYR P 213 -2.41 25.73 -67.79
CA TYR P 213 -3.31 24.87 -68.56
C TYR P 213 -3.03 23.41 -68.23
N SER P 214 -4.10 22.65 -68.01
CA SER P 214 -3.96 21.25 -67.64
C SER P 214 -3.50 20.42 -68.83
N LEU P 215 -2.78 19.33 -68.53
CA LEU P 215 -2.30 18.44 -69.57
C LEU P 215 -3.45 17.67 -70.24
N GLU P 216 -4.50 17.36 -69.48
CA GLU P 216 -5.62 16.62 -70.04
C GLU P 216 -6.30 17.42 -71.14
N SER P 217 -6.52 18.72 -70.93
CA SER P 217 -7.12 19.55 -71.96
C SER P 217 -6.22 19.62 -73.19
N LEU P 218 -4.92 19.75 -72.98
CA LEU P 218 -3.99 19.83 -74.10
C LEU P 218 -4.03 18.55 -74.94
N THR P 219 -4.02 17.38 -74.27
CA THR P 219 -4.02 16.14 -75.01
C THR P 219 -5.39 15.83 -75.60
N GLU P 220 -6.48 16.39 -75.05
CA GLU P 220 -7.79 16.20 -75.64
C GLU P 220 -7.99 17.08 -76.87
N ALA P 221 -7.43 18.29 -76.84
CA ALA P 221 -7.61 19.22 -77.96
C ALA P 221 -6.89 18.77 -79.23
N GLY P 222 -5.98 17.80 -79.14
CA GLY P 222 -5.25 17.35 -80.30
C GLY P 222 -3.94 18.07 -80.49
N ALA P 223 -3.14 18.16 -79.43
CA ALA P 223 -1.89 18.88 -79.45
C ALA P 223 -0.73 17.94 -79.77
N GLU P 224 0.29 18.49 -80.42
CA GLU P 224 1.51 17.76 -80.73
C GLU P 224 2.60 18.20 -79.77
N PHE P 225 3.20 17.24 -79.07
CA PHE P 225 4.18 17.51 -78.03
C PHE P 225 5.58 17.19 -78.51
N GLN P 226 6.56 17.80 -77.84
CA GLN P 226 7.97 17.48 -78.10
C GLN P 226 8.76 17.90 -76.87
N GLY P 227 9.29 16.93 -76.14
CA GLY P 227 10.03 17.23 -74.93
C GLY P 227 9.13 17.94 -73.93
N ASN P 228 9.55 19.14 -73.53
CA ASN P 228 8.75 20.00 -72.65
C ASN P 228 7.97 21.06 -73.43
N TYR P 229 7.87 20.91 -74.73
CA TYR P 229 7.18 21.86 -75.59
C TYR P 229 5.92 21.22 -76.18
N ALA P 230 4.89 22.03 -76.39
CA ALA P 230 3.63 21.57 -76.95
C ALA P 230 3.17 22.54 -78.03
N LEU P 231 2.34 22.02 -78.94
CA LEU P 231 1.78 22.85 -80.00
C LEU P 231 0.35 22.34 -80.26
N GLN P 232 -0.63 23.05 -79.69
CA GLN P 232 -2.03 22.72 -79.91
C GLN P 232 -2.56 23.29 -81.22
N GLY P 233 -1.83 24.18 -81.86
CA GLY P 233 -2.30 24.86 -83.05
C GLY P 233 -1.66 26.22 -83.20
N GLY P 234 -2.48 27.27 -83.30
CA GLY P 234 -1.96 28.62 -83.33
C GLY P 234 -1.30 29.05 -82.03
N ASN P 235 -1.44 28.27 -80.97
CA ASN P 235 -0.84 28.57 -79.67
C ASN P 235 0.22 27.53 -79.34
N SER P 236 1.25 27.96 -78.62
CA SER P 236 2.34 27.09 -78.21
C SER P 236 2.48 27.11 -76.70
N TYR P 237 2.92 25.99 -76.14
CA TYR P 237 3.04 25.82 -74.70
C TYR P 237 4.39 25.21 -74.37
N VAL P 238 4.89 25.54 -73.17
CA VAL P 238 6.16 25.01 -72.68
C VAL P 238 5.95 24.48 -71.28
N LYS P 239 6.68 23.42 -70.93
CA LYS P 239 6.60 22.82 -69.61
C LYS P 239 7.76 23.30 -68.75
N VAL P 240 7.64 24.54 -68.29
CA VAL P 240 8.64 25.10 -67.39
C VAL P 240 8.59 24.39 -66.04
N GLU P 241 7.39 24.09 -65.56
CA GLU P 241 7.20 23.33 -64.33
C GLU P 241 6.12 22.29 -64.54
N ASN P 242 5.62 21.71 -63.44
CA ASN P 242 4.60 20.66 -63.54
C ASN P 242 3.33 21.12 -64.24
N VAL P 243 3.14 22.42 -64.43
CA VAL P 243 1.98 22.96 -65.12
C VAL P 243 2.44 23.55 -66.45
N TRP P 244 1.61 23.39 -67.48
CA TRP P 244 1.90 23.90 -68.81
C TRP P 244 1.44 25.34 -68.94
N VAL P 245 2.23 26.14 -69.66
CA VAL P 245 1.97 27.57 -69.79
C VAL P 245 2.23 27.99 -71.23
N ARG P 246 1.41 28.92 -71.73
CA ARG P 246 1.62 29.49 -73.05
C ARG P 246 2.94 30.25 -73.09
N ALA P 247 3.60 30.20 -74.25
CA ALA P 247 4.91 30.81 -74.42
C ALA P 247 4.96 31.64 -75.69
N GLU P 248 5.87 32.61 -75.69
CA GLU P 248 6.15 33.43 -76.86
C GLU P 248 7.32 32.84 -77.64
N THR P 249 7.31 33.07 -78.95
CA THR P 249 8.26 32.40 -79.84
C THR P 249 9.71 32.75 -79.51
N ALA P 250 10.10 34.01 -79.74
CA ALA P 250 11.44 34.50 -79.48
C ALA P 250 11.49 35.97 -79.85
N ALA P 251 12.46 36.68 -79.29
CA ALA P 251 12.76 38.07 -79.61
C ALA P 251 11.55 38.99 -79.43
N THR P 252 10.51 38.53 -78.72
CA THR P 252 9.35 39.38 -78.48
C THR P 252 9.59 40.32 -77.30
N GLY P 253 9.98 39.76 -76.16
CA GLY P 253 10.32 40.60 -75.02
C GLY P 253 11.58 41.41 -75.23
N ALA P 254 12.57 40.82 -75.91
CA ALA P 254 13.86 41.48 -76.18
C ALA P 254 14.52 41.94 -74.90
N THR P 255 14.40 41.13 -73.84
CA THR P 255 14.95 41.45 -72.53
C THR P 255 15.91 40.38 -72.03
N GLY P 256 16.33 39.46 -72.89
CA GLY P 256 17.23 38.39 -72.46
C GLY P 256 16.62 37.47 -71.43
N GLN P 257 15.34 37.14 -71.57
CA GLN P 257 14.67 36.27 -70.63
C GLN P 257 15.18 34.84 -70.75
N GLU P 258 15.04 34.09 -69.66
CA GLU P 258 15.43 32.69 -69.65
C GLU P 258 14.62 31.91 -70.68
N ILE P 259 15.30 31.11 -71.49
CA ILE P 259 14.64 30.35 -72.55
C ILE P 259 13.94 29.14 -71.95
N ALA P 260 12.65 28.98 -72.24
CA ALA P 260 11.89 27.88 -71.67
C ALA P 260 12.34 26.54 -72.26
N ALA P 261 12.43 26.46 -73.58
CA ALA P 261 12.81 25.21 -74.24
C ALA P 261 13.25 25.51 -75.66
N THR P 262 13.91 24.53 -76.26
CA THR P 262 14.33 24.58 -77.66
C THR P 262 13.73 23.40 -78.40
N THR P 263 13.33 23.63 -79.65
CA THR P 263 12.64 22.63 -80.46
C THR P 263 13.43 22.38 -81.75
N THR P 264 12.87 21.50 -82.57
CA THR P 264 13.46 21.13 -83.86
C THR P 264 12.34 21.02 -84.88
N ALA P 265 12.64 20.41 -86.03
CA ALA P 265 11.65 20.28 -87.09
C ALA P 265 10.45 19.46 -86.63
N ALA P 266 10.67 18.18 -86.33
CA ALA P 266 9.64 17.31 -85.76
C ALA P 266 8.36 17.32 -86.61
N GLY P 267 8.53 17.34 -87.93
CA GLY P 267 7.39 17.33 -88.83
C GLY P 267 6.78 18.69 -89.07
N THR P 268 6.08 19.21 -88.07
CA THR P 268 5.38 20.49 -88.21
C THR P 268 5.64 21.41 -87.02
N ILE P 269 6.83 21.32 -86.43
CA ILE P 269 7.22 22.16 -85.30
C ILE P 269 8.30 23.11 -85.76
N THR P 270 8.08 24.40 -85.55
CA THR P 270 9.09 25.40 -85.91
C THR P 270 10.31 25.26 -85.01
N ALA P 271 11.48 25.39 -85.62
CA ALA P 271 12.74 25.31 -84.88
C ALA P 271 13.07 26.67 -84.30
N ASP P 272 12.91 26.83 -82.99
CA ASP P 272 13.14 28.11 -82.34
C ASP P 272 13.39 27.88 -80.86
N SER P 273 13.98 28.89 -80.22
CA SER P 273 14.22 28.88 -78.79
C SER P 273 13.07 29.61 -78.11
N TRP P 274 12.19 28.87 -77.45
CA TRP P 274 10.97 29.42 -76.89
C TRP P 274 11.21 29.96 -75.49
N VAL P 275 10.46 31.02 -75.15
CA VAL P 275 10.56 31.68 -73.87
C VAL P 275 9.14 31.80 -73.29
N VAL P 276 9.02 31.52 -71.99
CA VAL P 276 7.72 31.60 -71.33
C VAL P 276 7.17 33.00 -71.45
N ASP P 277 5.87 33.11 -71.74
CA ASP P 277 5.22 34.40 -71.91
C ASP P 277 5.06 35.08 -70.56
N VAL P 278 5.77 36.20 -70.37
CA VAL P 278 5.63 36.96 -69.13
C VAL P 278 4.22 37.53 -69.00
N GLY P 279 3.59 37.85 -70.12
CA GLY P 279 2.22 38.35 -70.11
C GLY P 279 1.21 37.24 -69.96
N ASN P 280 0.15 37.28 -70.77
CA ASN P 280 -0.92 36.28 -70.74
C ASN P 280 -1.55 36.18 -69.35
N ALA P 281 -2.18 37.29 -68.97
CA ALA P 281 -2.81 37.37 -67.66
C ALA P 281 -3.95 36.36 -67.56
N PRO P 282 -4.23 35.85 -66.36
CA PRO P 282 -5.29 34.85 -66.20
C PRO P 282 -6.66 35.43 -66.55
N ALA P 283 -7.66 34.54 -66.56
CA ALA P 283 -9.02 34.95 -66.90
C ALA P 283 -9.56 35.95 -65.88
N ALA P 284 -9.31 35.71 -64.60
CA ALA P 284 -9.75 36.60 -63.53
C ALA P 284 -8.55 36.88 -62.64
N ASN P 285 -7.82 37.96 -62.92
CA ASN P 285 -6.63 38.33 -62.17
C ASN P 285 -7.06 39.03 -60.89
N VAL P 286 -7.03 38.29 -59.78
CA VAL P 286 -7.40 38.82 -58.47
C VAL P 286 -6.21 38.66 -57.55
N SER P 287 -5.89 39.74 -56.83
CA SER P 287 -4.78 39.75 -55.89
C SER P 287 -5.30 40.02 -54.49
N ALA P 288 -4.57 39.51 -53.49
CA ALA P 288 -4.93 39.74 -52.10
C ALA P 288 -4.92 41.23 -51.79
N GLY P 289 -5.94 41.70 -51.06
CA GLY P 289 -6.03 43.12 -50.77
C GLY P 289 -4.86 43.63 -49.96
N GLN P 290 -4.47 42.88 -48.92
CA GLN P 290 -3.36 43.26 -48.07
C GLN P 290 -2.52 42.03 -47.75
N SER P 291 -1.27 42.28 -47.37
CA SER P 291 -0.37 41.21 -47.01
C SER P 291 -0.72 40.67 -45.62
N VAL P 292 0.05 39.67 -45.18
CA VAL P 292 -0.18 39.08 -43.85
C VAL P 292 0.16 40.09 -42.76
N ALA P 293 1.22 40.87 -42.95
CA ALA P 293 1.67 41.83 -41.95
C ALA P 293 0.90 43.15 -41.99
N ASN P 294 -0.01 43.32 -42.94
CA ASN P 294 -0.75 44.56 -43.11
C ASN P 294 -2.24 44.29 -43.14
N ILE P 295 -2.70 43.31 -42.37
CA ILE P 295 -4.11 42.93 -42.40
C ILE P 295 -4.95 44.03 -41.75
N ASN P 296 -5.97 44.48 -42.46
CA ASN P 296 -6.88 45.50 -41.95
C ASN P 296 -8.27 45.17 -42.49
N ILE P 297 -9.14 44.63 -41.64
CA ILE P 297 -10.42 44.09 -42.06
C ILE P 297 -11.57 45.06 -41.78
N VAL P 298 -11.26 46.35 -41.59
CA VAL P 298 -12.29 47.35 -41.31
C VAL P 298 -13.01 47.67 -42.61
N GLY P 299 -14.19 47.08 -42.81
CA GLY P 299 -15.00 47.37 -43.98
C GLY P 299 -14.38 46.94 -45.30
N MET P 300 -13.78 45.75 -45.34
CA MET P 300 -13.18 45.27 -46.58
C MET P 300 -14.25 44.83 -47.58
N GLY P 301 -15.25 44.09 -47.12
CA GLY P 301 -16.23 43.49 -47.99
C GLY P 301 -15.99 41.99 -48.17
N ALA P 302 -16.97 41.34 -48.80
CA ALA P 302 -16.92 39.89 -48.93
C ALA P 302 -15.75 39.44 -49.81
N ALA P 303 -15.62 40.04 -50.99
CA ALA P 303 -14.58 39.62 -51.93
C ALA P 303 -13.19 39.86 -51.35
N ALA P 304 -12.98 41.01 -50.71
CA ALA P 304 -11.69 41.29 -50.09
C ALA P 304 -11.40 40.30 -48.97
N LEU P 305 -12.41 39.94 -48.18
CA LEU P 305 -12.22 38.96 -47.13
C LEU P 305 -11.83 37.60 -47.70
N ASP P 306 -12.49 37.18 -48.78
CA ASP P 306 -12.14 35.90 -49.41
C ASP P 306 -10.72 35.93 -49.96
N ALA P 307 -10.33 37.03 -50.60
CA ALA P 307 -8.97 37.15 -51.12
C ALA P 307 -7.95 37.11 -49.99
N LEU P 308 -8.23 37.79 -48.89
CA LEU P 308 -7.34 37.77 -47.75
C LEU P 308 -7.23 36.37 -47.15
N ILE P 309 -8.34 35.65 -47.06
CA ILE P 309 -8.33 34.29 -46.53
C ILE P 309 -7.48 33.39 -47.43
N SER P 310 -7.65 33.51 -48.75
CA SER P 310 -6.87 32.71 -49.67
C SER P 310 -5.38 33.03 -49.56
N GLY P 311 -5.04 34.32 -49.46
CA GLY P 311 -3.64 34.69 -49.30
C GLY P 311 -3.04 34.16 -48.00
N VAL P 312 -3.80 34.22 -46.92
CA VAL P 312 -3.33 33.70 -45.64
C VAL P 312 -3.11 32.20 -45.73
N ASP P 313 -4.03 31.48 -46.39
CA ASP P 313 -3.86 30.04 -46.54
C ASP P 313 -2.64 29.71 -47.38
N ALA P 314 -2.41 30.48 -48.45
CA ALA P 314 -1.22 30.25 -49.27
C ALA P 314 0.05 30.50 -48.46
N ALA P 315 0.07 31.56 -47.65
CA ALA P 315 1.21 31.82 -46.79
C ALA P 315 1.43 30.69 -45.79
N LEU P 316 0.33 30.16 -45.23
CA LEU P 316 0.45 29.05 -44.29
C LEU P 316 1.01 27.81 -44.98
N THR P 317 0.57 27.54 -46.20
CA THR P 317 1.08 26.38 -46.93
C THR P 317 2.57 26.51 -47.23
N ASP P 318 2.99 27.70 -47.69
CA ASP P 318 4.41 27.91 -47.95
C ASP P 318 5.22 27.81 -46.66
N MET P 319 4.69 28.33 -45.56
CA MET P 319 5.39 28.27 -44.29
C MET P 319 5.51 26.84 -43.79
N THR P 320 4.46 26.03 -43.99
CA THR P 320 4.53 24.62 -43.63
C THR P 320 5.56 23.89 -44.46
N SER P 321 5.63 24.20 -45.77
CA SER P 321 6.66 23.59 -46.61
C SER P 321 8.05 23.97 -46.12
N ALA P 322 8.24 25.23 -45.73
CA ALA P 322 9.54 25.65 -45.21
C ALA P 322 9.87 24.94 -43.90
N ALA P 323 8.87 24.76 -43.04
CA ALA P 323 9.09 24.03 -41.79
C ALA P 323 9.48 22.58 -42.06
N ALA P 324 8.82 21.95 -43.03
CA ALA P 324 9.20 20.59 -43.41
C ALA P 324 10.62 20.53 -43.94
N SER P 325 11.01 21.52 -44.74
CA SER P 325 12.38 21.58 -45.23
C SER P 325 13.37 21.73 -44.08
N LEU P 326 13.04 22.56 -43.09
CA LEU P 326 13.92 22.72 -41.93
C LEU P 326 14.04 21.43 -41.14
N GLY P 327 12.93 20.70 -40.97
CA GLY P 327 12.99 19.43 -40.29
C GLY P 327 13.84 18.41 -41.04
N SER P 328 13.71 18.38 -42.36
CA SER P 328 14.55 17.49 -43.17
C SER P 328 16.01 17.87 -43.05
N ILE P 329 16.31 19.16 -43.01
CA ILE P 329 17.69 19.61 -42.82
C ILE P 329 18.22 19.14 -41.47
N SER P 330 17.41 19.26 -40.42
CA SER P 330 17.84 18.80 -39.10
C SER P 330 18.11 17.30 -39.09
N SER P 331 17.23 16.52 -39.74
CA SER P 331 17.45 15.08 -39.83
C SER P 331 18.74 14.77 -40.59
N ARG P 332 19.00 15.51 -41.67
CA ARG P 332 20.24 15.31 -42.41
C ARG P 332 21.46 15.65 -41.55
N ILE P 333 21.37 16.70 -40.74
CA ILE P 333 22.46 17.04 -39.84
C ILE P 333 22.71 15.92 -38.84
N ASP P 334 21.63 15.36 -38.29
CA ASP P 334 21.79 14.27 -37.32
C ASP P 334 22.46 13.07 -37.97
N LEU P 335 22.01 12.70 -39.17
CA LEU P 335 22.62 11.58 -39.88
C LEU P 335 24.09 11.86 -40.21
N GLN P 336 24.39 13.09 -40.62
CA GLN P 336 25.78 13.45 -40.90
C GLN P 336 26.64 13.36 -39.65
N SER P 337 26.10 13.79 -38.51
CA SER P 337 26.86 13.72 -37.26
C SER P 337 27.16 12.28 -36.88
N GLU P 338 26.15 11.40 -36.96
CA GLU P 338 26.40 10.01 -36.60
C GLU P 338 27.37 9.35 -37.57
N PHE P 339 27.25 9.67 -38.87
CA PHE P 339 28.19 9.10 -39.83
C PHE P 339 29.60 9.61 -39.61
N VAL P 340 29.75 10.89 -39.26
CA VAL P 340 31.08 11.43 -38.98
C VAL P 340 31.68 10.77 -37.75
N ASN P 341 30.86 10.54 -36.72
CA ASN P 341 31.35 9.84 -35.55
C ASN P 341 31.80 8.42 -35.90
N LYS P 342 31.03 7.72 -36.71
CA LYS P 342 31.42 6.37 -37.13
C LYS P 342 32.72 6.39 -37.92
N LEU P 343 32.85 7.36 -38.84
CA LEU P 343 34.06 7.44 -39.65
C LEU P 343 35.29 7.76 -38.77
N SER P 344 35.11 8.66 -37.80
CA SER P 344 36.21 8.96 -36.89
C SER P 344 36.60 7.74 -36.07
N ASP P 345 35.62 6.98 -35.61
CA ASP P 345 35.92 5.75 -34.87
C ASP P 345 36.68 4.76 -35.74
N SER P 346 36.27 4.60 -37.00
CA SER P 346 36.95 3.69 -37.90
C SER P 346 38.38 4.15 -38.16
N ILE P 347 38.58 5.45 -38.36
CA ILE P 347 39.93 5.97 -38.61
C ILE P 347 40.81 5.76 -37.39
N GLU P 348 40.27 6.02 -36.20
CA GLU P 348 41.04 5.82 -34.97
C GLU P 348 41.41 4.34 -34.79
N SER P 349 40.47 3.44 -35.09
CA SER P 349 40.76 2.02 -34.98
C SER P 349 41.85 1.61 -35.98
N GLY P 350 41.78 2.12 -37.21
CA GLY P 350 42.83 1.82 -38.17
C GLY P 350 44.19 2.35 -37.74
N VAL P 351 44.22 3.57 -37.21
CA VAL P 351 45.48 4.12 -36.73
C VAL P 351 46.04 3.27 -35.59
N GLY P 352 45.18 2.86 -34.66
CA GLY P 352 45.64 2.01 -33.57
C GLY P 352 46.17 0.68 -34.06
N ARG P 353 45.49 0.07 -35.03
CA ARG P 353 45.97 -1.18 -35.59
C ARG P 353 47.31 -1.01 -36.29
N LEU P 354 47.50 0.10 -37.00
CA LEU P 354 48.74 0.34 -37.72
C LEU P 354 49.88 0.78 -36.82
N VAL P 355 49.58 1.30 -35.62
CA VAL P 355 50.57 1.96 -34.78
C VAL P 355 50.83 1.18 -33.50
N ASP P 356 49.79 0.73 -32.82
CA ASP P 356 49.97 0.11 -31.51
C ASP P 356 50.67 -1.24 -31.63
N ALA P 357 51.22 -1.70 -30.51
CA ALA P 357 51.95 -2.95 -30.44
C ALA P 357 51.36 -3.84 -29.36
N ASP P 358 51.26 -5.13 -29.64
CA ASP P 358 50.78 -6.13 -28.67
C ASP P 358 51.84 -6.30 -27.60
N MET P 359 51.59 -5.72 -26.42
CA MET P 359 52.64 -5.59 -25.40
C MET P 359 53.19 -6.93 -24.92
N ASN P 360 52.48 -8.03 -25.15
CA ASN P 360 52.94 -9.32 -24.64
C ASN P 360 54.29 -9.71 -25.23
N GLU P 361 54.44 -9.57 -26.55
CA GLU P 361 55.72 -9.94 -27.15
C GLU P 361 56.82 -8.95 -26.79
N GLU P 362 56.47 -7.68 -26.57
CA GLU P 362 57.48 -6.75 -26.06
C GLU P 362 57.94 -7.14 -24.66
N SER P 363 57.02 -7.62 -23.81
CA SER P 363 57.42 -8.10 -22.49
C SER P 363 58.33 -9.32 -22.61
N THR P 364 58.00 -10.23 -23.52
CA THR P 364 58.85 -11.40 -23.74
C THR P 364 60.23 -10.99 -24.21
N ARG P 365 60.29 -10.04 -25.14
CA ARG P 365 61.57 -9.54 -25.63
C ARG P 365 62.35 -8.86 -24.51
N LEU P 366 61.65 -8.12 -23.63
CA LEU P 366 62.33 -7.44 -22.53
C LEU P 366 62.97 -8.44 -21.58
N LYS P 367 62.24 -9.50 -21.23
CA LYS P 367 62.81 -10.54 -20.37
C LYS P 367 63.97 -11.23 -21.07
N ALA P 368 63.83 -11.53 -22.36
CA ALA P 368 64.90 -12.19 -23.09
C ALA P 368 66.14 -11.32 -23.14
N LEU P 369 65.98 -10.02 -23.38
CA LEU P 369 67.13 -9.13 -23.44
C LEU P 369 67.78 -8.96 -22.07
N GLN P 370 66.98 -8.96 -21.00
CA GLN P 370 67.59 -8.94 -19.66
C GLN P 370 68.47 -10.17 -19.45
N THR P 371 67.96 -11.35 -19.82
CA THR P 371 68.75 -12.56 -19.67
C THR P 371 70.00 -12.52 -20.54
N GLN P 372 69.86 -12.04 -21.78
CA GLN P 372 70.99 -11.95 -22.70
C GLN P 372 72.04 -10.98 -22.17
N GLN P 373 71.60 -9.85 -21.60
CA GLN P 373 72.54 -8.91 -21.03
C GLN P 373 73.27 -9.50 -19.83
N GLN P 374 72.56 -10.26 -19.00
CA GLN P 374 73.22 -10.92 -17.87
C GLN P 374 74.28 -11.90 -18.36
N LEU P 375 73.94 -12.71 -19.37
CA LEU P 375 74.91 -13.63 -19.95
C LEU P 375 76.11 -12.90 -20.53
N ALA P 376 75.85 -11.80 -21.25
CA ALA P 376 76.92 -11.05 -21.87
C ALA P 376 77.85 -10.44 -20.83
N ILE P 377 77.29 -9.91 -19.74
CA ILE P 377 78.11 -9.34 -18.68
C ILE P 377 78.96 -10.42 -18.03
N GLN P 378 78.36 -11.59 -17.77
CA GLN P 378 79.14 -12.69 -17.18
C GLN P 378 80.28 -13.11 -18.09
N ALA P 379 80.00 -13.26 -19.38
CA ALA P 379 81.05 -13.67 -20.32
C ALA P 379 82.13 -12.60 -20.45
N LEU P 380 81.72 -11.33 -20.44
CA LEU P 380 82.69 -10.25 -20.53
C LEU P 380 83.60 -10.23 -19.30
N SER P 381 83.03 -10.48 -18.11
CA SER P 381 83.84 -10.57 -16.91
C SER P 381 84.81 -11.75 -16.98
N ILE P 382 84.35 -12.88 -17.50
CA ILE P 382 85.23 -14.04 -17.65
C ILE P 382 86.37 -13.72 -18.62
N ALA P 383 86.05 -13.02 -19.71
CA ALA P 383 87.08 -12.64 -20.68
C ALA P 383 88.07 -11.65 -20.09
N ASN P 384 87.60 -10.77 -19.20
CA ASN P 384 88.53 -9.89 -18.48
C ASN P 384 89.43 -10.70 -17.56
N SER P 385 88.87 -11.68 -16.87
CA SER P 385 89.62 -12.39 -15.83
C SER P 385 90.63 -13.36 -16.42
N ASP P 386 90.32 -13.99 -17.56
CA ASP P 386 91.15 -15.10 -18.04
C ASP P 386 92.55 -14.65 -18.48
N SER P 387 92.78 -13.36 -18.66
CA SER P 387 94.08 -12.89 -19.12
C SER P 387 95.14 -12.87 -18.02
N GLN P 388 94.75 -13.07 -16.77
CA GLN P 388 95.70 -13.05 -15.66
C GLN P 388 96.43 -14.37 -15.45
N ASN P 389 96.10 -15.39 -16.23
CA ASN P 389 96.70 -16.71 -16.03
C ASN P 389 98.19 -16.71 -16.35
N VAL P 390 98.65 -15.81 -17.20
CA VAL P 390 100.03 -15.82 -17.66
C VAL P 390 101.01 -15.53 -16.54
N LEU P 391 100.57 -14.89 -15.45
CA LEU P 391 101.48 -14.47 -14.39
C LEU P 391 102.17 -15.64 -13.71
N SER P 392 101.62 -16.86 -13.82
CA SER P 392 102.17 -17.99 -13.09
C SER P 392 103.57 -18.35 -13.58
N LEU P 393 103.79 -18.27 -14.89
CA LEU P 393 105.08 -18.71 -15.44
C LEU P 393 106.23 -17.84 -14.94
N PHE P 394 106.04 -16.53 -14.93
CA PHE P 394 107.15 -15.62 -14.69
C PHE P 394 107.57 -15.56 -13.23
N ARG P 395 106.70 -15.98 -12.31
CA ARG P 395 107.03 -15.98 -10.89
C ARG P 395 107.74 -17.28 -10.50
N THR Q 2 110.52 -28.13 24.17
CA THR Q 2 109.31 -28.69 23.58
C THR Q 2 109.41 -30.20 23.46
N SER Q 3 108.38 -30.90 23.94
CA SER Q 3 108.31 -32.35 23.82
C SER Q 3 107.69 -32.71 22.47
N ILE Q 4 108.41 -33.52 21.69
CA ILE Q 4 108.01 -33.78 20.31
C ILE Q 4 107.04 -34.95 20.19
N LEU Q 5 106.88 -35.75 21.25
CA LEU Q 5 106.04 -36.94 21.19
C LEU Q 5 104.66 -36.73 21.81
N THR Q 6 104.50 -35.73 22.66
CA THR Q 6 103.21 -35.43 23.27
C THR Q 6 102.92 -33.93 23.15
N ASN Q 7 101.64 -33.61 23.05
CA ASN Q 7 101.16 -32.22 22.99
C ASN Q 7 99.94 -32.13 23.90
N ASN Q 8 100.19 -31.84 25.17
CA ASN Q 8 99.09 -31.81 26.15
C ASN Q 8 98.06 -30.75 25.80
N SER Q 9 98.49 -29.63 25.21
CA SER Q 9 97.55 -28.65 24.72
C SER Q 9 96.65 -29.24 23.65
N ALA Q 10 97.19 -30.13 22.81
CA ALA Q 10 96.37 -30.79 21.81
C ALA Q 10 95.32 -31.68 22.45
N MET Q 11 95.68 -32.43 23.50
CA MET Q 11 94.69 -33.25 24.19
C MET Q 11 93.61 -32.37 24.84
N ALA Q 12 94.01 -31.24 25.44
CA ALA Q 12 93.01 -30.34 26.01
C ALA Q 12 92.06 -29.82 24.94
N ALA Q 13 92.60 -29.45 23.78
CA ALA Q 13 91.76 -28.99 22.69
C ALA Q 13 90.83 -30.10 22.20
N LEU Q 14 91.31 -31.34 22.13
CA LEU Q 14 90.47 -32.46 21.74
C LEU Q 14 89.34 -32.67 22.73
N SER Q 15 89.64 -32.59 24.03
CA SER Q 15 88.59 -32.76 25.03
C SER Q 15 87.54 -31.66 24.92
N GLY Q 16 87.99 -30.42 24.72
CA GLY Q 16 87.04 -29.33 24.50
C GLY Q 16 86.18 -29.56 23.28
N VAL Q 17 86.80 -30.02 22.18
CA VAL Q 17 86.06 -30.26 20.95
C VAL Q 17 85.01 -31.35 21.15
N ARG Q 18 85.38 -32.43 21.83
CA ARG Q 18 84.42 -33.51 22.08
C ARG Q 18 83.25 -33.01 22.95
N SER Q 19 83.55 -32.22 23.98
CA SER Q 19 82.47 -31.70 24.82
C SER Q 19 81.54 -30.81 24.02
N ILE Q 20 82.11 -29.92 23.19
CA ILE Q 20 81.28 -29.04 22.37
C ILE Q 20 80.47 -29.85 21.37
N SER Q 21 81.07 -30.90 20.80
CA SER Q 21 80.35 -31.71 19.83
C SER Q 21 79.18 -32.45 20.46
N SER Q 22 79.38 -33.01 21.66
CA SER Q 22 78.28 -33.68 22.34
C SER Q 22 77.16 -32.70 22.68
N SER Q 23 77.53 -31.52 23.22
CA SER Q 23 76.51 -30.52 23.53
C SER Q 23 75.79 -30.06 22.28
N MET Q 24 76.52 -29.92 21.17
CA MET Q 24 75.91 -29.51 19.92
C MET Q 24 74.94 -30.56 19.39
N GLU Q 25 75.32 -31.83 19.45
CA GLU Q 25 74.40 -32.88 19.01
C GLU Q 25 73.13 -32.87 19.86
N ASP Q 26 73.29 -32.71 21.17
CA ASP Q 26 72.12 -32.64 22.05
C ASP Q 26 71.24 -31.46 21.67
N THR Q 27 71.83 -30.29 21.46
CA THR Q 27 71.01 -29.11 21.17
C THR Q 27 70.38 -29.19 19.79
N GLN Q 28 71.03 -29.86 18.83
CA GLN Q 28 70.40 -30.09 17.53
C GLN Q 28 69.17 -30.99 17.68
N SER Q 29 69.29 -32.05 18.49
CA SER Q 29 68.11 -32.86 18.76
C SER Q 29 67.00 -32.02 19.40
N ARG Q 30 67.38 -31.17 20.36
CA ARG Q 30 66.41 -30.33 21.05
C ARG Q 30 65.71 -29.37 20.10
N ILE Q 31 66.47 -28.74 19.20
CA ILE Q 31 65.91 -27.75 18.28
C ILE Q 31 65.16 -28.39 17.13
N SER Q 32 65.43 -29.66 16.83
CA SER Q 32 64.79 -30.33 15.71
C SER Q 32 63.56 -31.13 16.12
N SER Q 33 63.40 -31.46 17.40
CA SER Q 33 62.26 -32.27 17.79
C SER Q 33 61.64 -31.77 19.08
N GLY Q 34 61.89 -30.50 19.43
CA GLY Q 34 61.40 -29.96 20.69
C GLY Q 34 61.91 -30.75 21.88
N LEU Q 35 61.00 -31.30 22.69
CA LEU Q 35 61.37 -32.22 23.76
C LEU Q 35 62.51 -31.72 24.65
N ARG Q 36 62.24 -30.72 25.49
CA ARG Q 36 63.23 -30.32 26.49
C ARG Q 36 63.71 -31.54 27.28
N VAL Q 37 62.80 -32.45 27.59
CA VAL Q 37 63.16 -33.72 28.19
C VAL Q 37 63.36 -34.74 27.07
N GLY Q 38 64.57 -35.27 26.95
CA GLY Q 38 64.90 -36.22 25.91
C GLY Q 38 64.08 -37.48 26.01
N SER Q 39 64.34 -38.40 25.08
CA SER Q 39 63.62 -39.67 24.97
C SER Q 39 63.55 -40.31 26.36
N ALA Q 40 64.67 -40.77 26.94
CA ALA Q 40 64.69 -41.13 28.34
C ALA Q 40 66.03 -40.82 28.98
N SER Q 41 66.95 -40.24 28.20
CA SER Q 41 68.31 -39.99 28.67
C SER Q 41 68.39 -38.75 29.54
N ASP Q 42 67.32 -37.97 29.62
CA ASP Q 42 67.23 -36.87 30.56
C ASP Q 42 66.59 -37.36 31.84
N ASN Q 43 66.13 -36.46 32.69
CA ASN Q 43 65.56 -36.83 33.98
C ASN Q 43 64.34 -37.76 33.85
N ALA Q 44 64.55 -39.01 34.26
CA ALA Q 44 63.61 -40.09 33.95
C ALA Q 44 62.25 -39.87 34.60
N ALA Q 45 62.23 -39.30 35.81
CA ALA Q 45 60.97 -39.15 36.54
C ALA Q 45 59.96 -38.33 35.75
N TYR Q 46 60.40 -37.17 35.25
CA TYR Q 46 59.49 -36.31 34.50
C TYR Q 46 59.07 -36.95 33.19
N TRP Q 47 59.97 -37.68 32.54
CA TRP Q 47 59.60 -38.40 31.33
C TRP Q 47 58.54 -39.45 31.61
N SER Q 48 58.69 -40.19 32.72
CA SER Q 48 57.70 -41.19 33.09
C SER Q 48 56.36 -40.54 33.36
N ILE Q 49 56.36 -39.41 34.08
CA ILE Q 49 55.12 -38.69 34.33
C ILE Q 49 54.47 -38.27 33.02
N ALA Q 50 55.28 -37.75 32.09
CA ALA Q 50 54.75 -37.33 30.80
C ALA Q 50 54.16 -38.50 30.02
N THR Q 51 54.85 -39.65 30.03
CA THR Q 51 54.34 -40.81 29.32
C THR Q 51 53.02 -41.30 29.91
N THR Q 52 52.93 -41.34 31.24
CA THR Q 52 51.69 -41.74 31.88
C THR Q 52 50.57 -40.75 31.54
N MET Q 53 50.89 -39.45 31.51
CA MET Q 53 49.90 -38.45 31.14
C MET Q 53 49.44 -38.61 29.70
N ARG Q 54 50.36 -38.95 28.78
CA ARG Q 54 49.96 -39.18 27.40
C ARG Q 54 49.04 -40.39 27.28
N SER Q 55 49.35 -41.46 28.02
CA SER Q 55 48.46 -42.62 28.04
C SER Q 55 47.09 -42.24 28.58
N ASP Q 56 47.06 -41.43 29.63
CA ASP Q 56 45.79 -40.96 30.17
C ASP Q 56 45.03 -40.12 29.14
N ASN Q 57 45.75 -39.29 28.39
CA ASN Q 57 45.11 -38.48 27.36
C ASN Q 57 44.48 -39.35 26.27
N GLN Q 58 45.18 -40.41 25.88
CA GLN Q 58 44.60 -41.36 24.93
C GLN Q 58 43.35 -42.01 25.51
N ALA Q 59 43.39 -42.37 26.79
CA ALA Q 59 42.22 -42.97 27.43
C ALA Q 59 41.04 -42.00 27.43
N LEU Q 60 41.30 -40.73 27.72
CA LEU Q 60 40.23 -39.72 27.70
C LEU Q 60 39.71 -39.49 26.28
N SER Q 61 40.57 -39.60 25.27
CA SER Q 61 40.07 -39.51 23.90
C SER Q 61 39.12 -40.66 23.57
N ALA Q 62 39.48 -41.87 23.99
CA ALA Q 62 38.58 -43.00 23.81
C ALA Q 62 37.28 -42.78 24.57
N VAL Q 63 37.37 -42.21 25.78
CA VAL Q 63 36.18 -41.91 26.57
C VAL Q 63 35.31 -40.89 25.84
N GLN Q 64 35.93 -39.92 25.18
CA GLN Q 64 35.17 -38.93 24.40
C GLN Q 64 34.43 -39.59 23.25
N ASP Q 65 35.09 -40.51 22.54
CA ASP Q 65 34.41 -41.23 21.47
C ASP Q 65 33.23 -42.04 22.02
N ALA Q 66 33.44 -42.72 23.14
CA ALA Q 66 32.35 -43.48 23.75
C ALA Q 66 31.22 -42.57 24.19
N LEU Q 67 31.55 -41.39 24.71
CA LEU Q 67 30.53 -40.43 25.12
C LEU Q 67 29.71 -39.96 23.93
N GLY Q 68 30.37 -39.71 22.80
CA GLY Q 68 29.64 -39.34 21.60
C GLY Q 68 28.70 -40.44 21.14
N LEU Q 69 29.17 -41.69 21.16
CA LEU Q 69 28.31 -42.81 20.78
C LEU Q 69 27.11 -42.92 21.71
N GLY Q 70 27.35 -42.80 23.02
CA GLY Q 70 26.26 -42.88 23.97
C GLY Q 70 25.27 -41.73 23.82
N ALA Q 71 25.77 -40.53 23.51
CA ALA Q 71 24.89 -39.40 23.27
C ALA Q 71 24.01 -39.63 22.06
N ALA Q 72 24.58 -40.20 20.99
CA ALA Q 72 23.76 -40.55 19.83
C ALA Q 72 22.68 -41.56 20.19
N LYS Q 73 23.05 -42.59 20.96
CA LYS Q 73 22.07 -43.58 21.39
C LYS Q 73 20.94 -42.95 22.19
N VAL Q 74 21.31 -42.08 23.14
CA VAL Q 74 20.30 -41.43 23.98
C VAL Q 74 19.40 -40.53 23.15
N ASP Q 75 19.97 -39.82 22.17
CA ASP Q 75 19.15 -38.96 21.32
C ASP Q 75 18.15 -39.78 20.52
N THR Q 76 18.58 -40.91 19.95
CA THR Q 76 17.66 -41.76 19.21
C THR Q 76 16.56 -42.31 20.12
N ALA Q 77 16.94 -42.76 21.30
CA ALA Q 77 15.95 -43.29 22.24
C ALA Q 77 14.95 -42.21 22.65
N TYR Q 78 15.43 -40.99 22.87
CA TYR Q 78 14.54 -39.91 23.28
C TYR Q 78 13.59 -39.53 22.16
N SER Q 79 14.06 -39.52 20.91
CA SER Q 79 13.17 -39.22 19.80
C SER Q 79 12.07 -40.27 19.68
N GLY Q 80 12.45 -41.55 19.77
CA GLY Q 80 11.45 -42.60 19.74
C GLY Q 80 10.48 -42.49 20.91
N MET Q 81 10.99 -42.11 22.09
CA MET Q 81 10.16 -41.98 23.27
C MET Q 81 9.13 -40.87 23.09
N GLU Q 82 9.57 -39.73 22.53
CA GLU Q 82 8.64 -38.63 22.26
C GLU Q 82 7.58 -39.03 21.25
N SER Q 83 7.97 -39.76 20.20
CA SER Q 83 6.98 -40.24 19.24
C SER Q 83 5.95 -41.13 19.91
N ALA Q 84 6.40 -42.05 20.77
CA ALA Q 84 5.49 -42.92 21.48
C ALA Q 84 4.55 -42.13 22.38
N ILE Q 85 5.08 -41.11 23.07
CA ILE Q 85 4.26 -40.29 23.95
C ILE Q 85 3.17 -39.58 23.15
N GLU Q 86 3.55 -39.02 21.99
CA GLU Q 86 2.56 -38.34 21.16
C GLU Q 86 1.47 -39.32 20.69
N VAL Q 87 1.86 -40.53 20.28
CA VAL Q 87 0.89 -41.50 19.82
C VAL Q 87 -0.07 -41.88 20.95
N VAL Q 88 0.46 -42.10 22.15
CA VAL Q 88 -0.41 -42.49 23.27
C VAL Q 88 -1.30 -41.33 23.69
N LYS Q 89 -0.81 -40.10 23.60
CA LYS Q 89 -1.68 -38.96 23.85
C LYS Q 89 -2.84 -38.92 22.86
N GLU Q 90 -2.55 -39.21 21.59
CA GLU Q 90 -3.62 -39.30 20.60
C GLU Q 90 -4.61 -40.41 20.96
N ILE Q 91 -4.09 -41.55 21.44
CA ILE Q 91 -4.95 -42.67 21.83
C ILE Q 91 -5.88 -42.24 22.96
N LYS Q 92 -5.33 -41.56 23.97
CA LYS Q 92 -6.13 -41.13 25.10
C LYS Q 92 -7.20 -40.13 24.66
N ALA Q 93 -6.83 -39.19 23.77
CA ALA Q 93 -7.81 -38.25 23.26
C ALA Q 93 -8.94 -38.96 22.52
N LYS Q 94 -8.58 -39.95 21.69
CA LYS Q 94 -9.60 -40.70 20.96
C LYS Q 94 -10.51 -41.45 21.92
N LEU Q 95 -9.95 -42.06 22.96
CA LEU Q 95 -10.76 -42.84 23.87
C LEU Q 95 -11.69 -41.95 24.70
N VAL Q 96 -11.19 -40.80 25.17
CA VAL Q 96 -12.05 -39.91 25.94
C VAL Q 96 -13.10 -39.28 25.04
N ALA Q 97 -12.82 -39.16 23.74
CA ALA Q 97 -13.89 -38.80 22.81
C ALA Q 97 -14.91 -39.92 22.68
N ALA Q 98 -14.45 -41.16 22.68
CA ALA Q 98 -15.29 -42.33 22.48
C ALA Q 98 -16.08 -42.73 23.72
N THR Q 99 -15.81 -42.13 24.89
CA THR Q 99 -16.55 -42.51 26.08
C THR Q 99 -18.04 -42.23 25.94
N GLU Q 100 -18.41 -41.34 25.02
CA GLU Q 100 -19.83 -41.11 24.75
C GLU Q 100 -20.48 -42.35 24.16
N ASP Q 101 -21.71 -42.62 24.58
CA ASP Q 101 -22.45 -43.78 24.09
C ASP Q 101 -23.04 -43.56 22.70
N GLY Q 102 -23.10 -42.32 22.22
CA GLY Q 102 -23.64 -42.03 20.91
C GLY Q 102 -22.68 -42.20 19.76
N VAL Q 103 -21.47 -42.66 20.04
CA VAL Q 103 -20.42 -42.83 19.03
C VAL Q 103 -20.18 -44.32 18.84
N ASP Q 104 -20.23 -44.77 17.60
CA ASP Q 104 -19.95 -46.17 17.30
C ASP Q 104 -18.51 -46.50 17.67
N LYS Q 105 -18.33 -47.60 18.39
CA LYS Q 105 -17.03 -47.93 18.98
C LYS Q 105 -16.15 -48.77 18.06
N ALA Q 106 -16.67 -49.27 16.94
CA ALA Q 106 -15.84 -50.03 16.02
C ALA Q 106 -14.78 -49.15 15.36
N LYS Q 107 -15.16 -47.94 14.97
CA LYS Q 107 -14.21 -47.02 14.35
C LYS Q 107 -13.10 -46.66 15.34
N ILE Q 108 -13.46 -46.37 16.58
CA ILE Q 108 -12.46 -46.08 17.60
C ILE Q 108 -11.59 -47.31 17.84
N GLN Q 109 -12.19 -48.50 17.84
CA GLN Q 109 -11.43 -49.71 18.06
C GLN Q 109 -10.37 -49.91 17.00
N GLU Q 110 -10.74 -49.71 15.73
CA GLU Q 110 -9.75 -49.86 14.67
C GLU Q 110 -8.72 -48.75 14.68
N GLU Q 111 -9.11 -47.53 15.11
CA GLU Q 111 -8.12 -46.47 15.27
C GLU Q 111 -7.09 -46.83 16.32
N ILE Q 112 -7.53 -47.32 17.48
CA ILE Q 112 -6.58 -47.72 18.52
C ILE Q 112 -5.76 -48.92 18.06
N THR Q 113 -6.34 -49.81 17.25
CA THR Q 113 -5.55 -50.91 16.71
C THR Q 113 -4.42 -50.38 15.83
N GLN Q 114 -4.71 -49.43 14.96
CA GLN Q 114 -3.66 -48.83 14.13
C GLN Q 114 -2.63 -48.12 14.98
N LEU Q 115 -3.07 -47.40 16.02
CA LEU Q 115 -2.14 -46.68 16.87
C LEU Q 115 -1.27 -47.64 17.68
N LYS Q 116 -1.82 -48.77 18.10
CA LYS Q 116 -1.03 -49.77 18.80
C LYS Q 116 0.00 -50.40 17.87
N ASP Q 117 -0.37 -50.66 16.62
CA ASP Q 117 0.60 -51.15 15.65
C ASP Q 117 1.71 -50.12 15.44
N GLN Q 118 1.34 -48.84 15.37
CA GLN Q 118 2.35 -47.78 15.25
C GLN Q 118 3.27 -47.75 16.46
N LEU Q 119 2.70 -47.93 17.66
CA LEU Q 119 3.51 -47.95 18.87
C LEU Q 119 4.50 -49.11 18.85
N THR Q 120 4.04 -50.28 18.43
CA THR Q 120 4.93 -51.44 18.34
C THR Q 120 6.04 -51.20 17.33
N SER Q 121 5.69 -50.63 16.17
CA SER Q 121 6.71 -50.33 15.16
C SER Q 121 7.74 -49.33 15.67
N ILE Q 122 7.27 -48.29 16.37
CA ILE Q 122 8.19 -47.31 16.93
C ILE Q 122 9.10 -47.95 17.96
N ALA Q 123 8.53 -48.81 18.82
CA ALA Q 123 9.32 -49.44 19.87
C ALA Q 123 10.39 -50.36 19.29
N ASP Q 124 10.05 -51.15 18.27
CA ASP Q 124 11.02 -52.08 17.71
C ASP Q 124 11.96 -51.44 16.69
N ALA Q 125 11.63 -50.25 16.18
CA ALA Q 125 12.45 -49.61 15.16
C ALA Q 125 13.45 -48.61 15.71
N ALA Q 126 13.18 -48.04 16.89
CA ALA Q 126 14.04 -47.02 17.47
C ALA Q 126 15.29 -47.67 18.07
N SER Q 127 16.12 -48.20 17.18
CA SER Q 127 17.35 -48.87 17.57
C SER Q 127 18.51 -48.22 16.82
N PHE Q 128 19.52 -47.76 17.56
CA PHE Q 128 20.66 -47.13 16.92
C PHE Q 128 21.67 -48.17 16.46
N SER Q 129 22.27 -48.91 17.40
CA SER Q 129 23.29 -49.90 17.10
C SER Q 129 22.97 -51.21 17.77
N GLY Q 130 21.73 -51.65 17.65
CA GLY Q 130 21.26 -52.85 18.35
C GLY Q 130 20.82 -52.56 19.76
N GLU Q 131 21.63 -51.84 20.53
CA GLU Q 131 21.25 -51.43 21.87
C GLU Q 131 20.27 -50.26 21.80
N ASN Q 132 18.98 -50.56 21.82
CA ASN Q 132 17.94 -49.56 21.62
C ASN Q 132 17.42 -48.95 22.91
N TRP Q 133 17.82 -49.50 24.07
CA TRP Q 133 17.36 -49.03 25.38
C TRP Q 133 15.85 -49.16 25.54
N LEU Q 134 15.21 -49.94 24.66
CA LEU Q 134 13.77 -50.13 24.69
C LEU Q 134 13.47 -51.57 24.31
N GLN Q 135 12.30 -52.06 24.71
CA GLN Q 135 11.88 -53.43 24.45
C GLN Q 135 12.93 -54.42 24.96
N ALA Q 136 13.27 -54.26 26.23
CA ALA Q 136 14.31 -55.09 26.85
C ALA Q 136 13.69 -56.41 27.33
N ASP Q 137 14.54 -57.24 27.95
CA ASP Q 137 14.12 -58.51 28.51
C ASP Q 137 13.99 -58.34 30.02
N LEU Q 138 12.76 -58.39 30.53
CA LEU Q 138 12.49 -58.22 31.94
C LEU Q 138 12.30 -59.53 32.67
N SER Q 139 12.62 -60.67 32.03
CA SER Q 139 12.54 -61.95 32.71
C SER Q 139 13.51 -62.01 33.88
N GLY Q 140 14.71 -61.48 33.70
CA GLY Q 140 15.66 -61.41 34.81
C GLY Q 140 15.19 -60.53 35.94
N GLY Q 141 14.48 -59.45 35.61
CA GLY Q 141 13.94 -58.56 36.63
C GLY Q 141 14.38 -57.11 36.46
N ALA Q 142 15.63 -56.90 36.06
CA ALA Q 142 16.15 -55.56 35.88
C ALA Q 142 17.41 -55.62 35.05
N VAL Q 143 17.50 -54.78 34.02
CA VAL Q 143 18.69 -54.66 33.18
C VAL Q 143 19.15 -53.22 33.20
N THR Q 144 20.46 -53.01 33.35
CA THR Q 144 21.04 -51.69 33.49
C THR Q 144 21.99 -51.43 32.34
N LYS Q 145 21.70 -50.39 31.56
CA LYS Q 145 22.58 -49.97 30.47
C LYS Q 145 23.53 -48.88 30.97
N SER Q 146 24.77 -48.94 30.51
CA SER Q 146 25.80 -48.03 30.99
C SER Q 146 26.43 -47.29 29.81
N VAL Q 147 26.77 -46.02 30.03
CA VAL Q 147 27.47 -45.19 29.07
C VAL Q 147 28.78 -44.76 29.69
N VAL Q 148 29.88 -44.94 28.96
CA VAL Q 148 31.21 -44.61 29.49
C VAL Q 148 31.28 -43.11 29.73
N GLY Q 149 31.47 -42.73 30.99
CA GLY Q 149 31.48 -41.33 31.34
C GLY Q 149 32.86 -40.71 31.41
N SER Q 150 33.77 -41.31 32.19
CA SER Q 150 35.10 -40.76 32.36
C SER Q 150 36.06 -41.88 32.74
N PHE Q 151 37.35 -41.60 32.54
CA PHE Q 151 38.42 -42.50 32.95
C PHE Q 151 39.18 -41.84 34.09
N VAL Q 152 39.22 -42.51 35.24
CA VAL Q 152 39.74 -41.94 36.48
C VAL Q 152 40.92 -42.77 36.95
N ARG Q 153 42.03 -42.11 37.23
CA ARG Q 153 43.21 -42.75 37.82
C ARG Q 153 43.21 -42.44 39.30
N ASP Q 154 42.95 -43.46 40.12
CA ASP Q 154 42.92 -43.28 41.57
C ASP Q 154 44.31 -42.92 42.09
N GLY Q 155 44.34 -42.14 43.17
CA GLY Q 155 45.60 -41.72 43.74
C GLY Q 155 46.45 -42.86 44.24
N SER Q 156 45.83 -43.93 44.72
CA SER Q 156 46.57 -45.07 45.27
C SER Q 156 46.96 -46.06 44.17
N GLY Q 157 47.57 -45.55 43.11
CA GLY Q 157 48.15 -46.38 42.07
C GLY Q 157 47.18 -47.35 41.40
N SER Q 158 46.00 -46.87 41.02
CA SER Q 158 45.02 -47.72 40.36
C SER Q 158 44.15 -46.86 39.46
N VAL Q 159 43.54 -47.52 38.47
CA VAL Q 159 42.68 -46.85 37.50
C VAL Q 159 41.39 -47.62 37.35
N ALA Q 160 40.37 -46.92 36.84
CA ALA Q 160 39.07 -47.51 36.60
C ALA Q 160 38.34 -46.64 35.59
N VAL Q 161 37.20 -47.13 35.13
CA VAL Q 161 36.35 -46.40 34.19
C VAL Q 161 34.99 -46.20 34.83
N LYS Q 162 34.46 -44.99 34.74
CA LYS Q 162 33.17 -44.65 35.32
C LYS Q 162 32.09 -44.70 34.25
N LYS Q 163 30.87 -45.03 34.68
CA LYS Q 163 29.76 -45.21 33.76
C LYS Q 163 28.53 -44.50 34.30
N VAL Q 164 27.63 -44.16 33.39
CA VAL Q 164 26.33 -43.58 33.72
C VAL Q 164 25.27 -44.66 33.52
N ASP Q 165 24.53 -44.97 34.57
CA ASP Q 165 23.61 -46.10 34.57
C ASP Q 165 22.19 -45.63 34.31
N TYR Q 166 21.51 -46.31 33.38
CA TYR Q 166 20.10 -46.07 33.10
C TYR Q 166 19.36 -47.39 33.32
N SER Q 167 18.39 -47.38 34.23
CA SER Q 167 17.70 -48.59 34.65
C SER Q 167 16.48 -48.83 33.77
N LEU Q 168 16.43 -50.00 33.13
CA LEU Q 168 15.30 -50.41 32.32
C LEU Q 168 14.42 -51.33 33.15
N ASN Q 169 13.69 -50.73 34.08
CA ASN Q 169 12.81 -51.47 34.98
C ASN Q 169 11.45 -51.64 34.33
N ALA Q 170 10.45 -52.07 35.12
CA ALA Q 170 9.10 -52.26 34.64
C ALA Q 170 8.32 -50.95 34.48
N ASN Q 171 9.01 -49.81 34.54
CA ASN Q 171 8.36 -48.52 34.39
C ASN Q 171 8.73 -47.80 33.08
N SER Q 172 9.85 -48.16 32.47
CA SER Q 172 10.29 -47.51 31.23
C SER Q 172 10.81 -48.55 30.25
N VAL Q 173 10.07 -49.65 30.10
CA VAL Q 173 10.54 -50.78 29.29
C VAL Q 173 9.96 -50.69 27.89
N LEU Q 174 8.74 -50.15 27.76
CA LEU Q 174 8.13 -49.95 26.44
C LEU Q 174 8.01 -51.26 25.66
N PHE Q 175 7.04 -52.11 26.04
CA PHE Q 175 6.79 -53.39 25.40
C PHE Q 175 7.91 -54.40 25.63
N ASP Q 176 8.11 -54.81 26.88
CA ASP Q 176 8.94 -55.97 27.21
C ASP Q 176 8.65 -57.14 26.27
N THR Q 177 9.70 -57.72 25.72
CA THR Q 177 9.59 -58.65 24.61
C THR Q 177 9.31 -60.09 25.03
N VAL Q 178 9.43 -60.43 26.31
CA VAL Q 178 9.33 -61.83 26.71
C VAL Q 178 8.09 -62.07 27.55
N GLY Q 179 8.03 -61.44 28.72
CA GLY Q 179 6.94 -61.68 29.64
C GLY Q 179 5.76 -60.76 29.52
N ASP Q 180 5.87 -59.71 28.71
CA ASP Q 180 4.83 -58.69 28.59
C ASP Q 180 4.49 -58.09 29.96
N THR Q 181 5.50 -58.03 30.83
CA THR Q 181 5.39 -57.39 32.15
C THR Q 181 6.29 -56.17 32.16
N GLY Q 182 5.68 -55.00 32.33
CA GLY Q 182 6.39 -53.74 32.26
C GLY Q 182 5.43 -52.57 32.27
N ILE Q 183 5.61 -51.64 31.34
CA ILE Q 183 4.63 -50.57 31.16
C ILE Q 183 3.25 -51.16 30.86
N LEU Q 184 3.21 -52.24 30.08
CA LEU Q 184 1.96 -52.94 29.82
C LEU Q 184 1.53 -53.75 31.03
N ASP Q 185 0.23 -54.05 31.08
CA ASP Q 185 -0.35 -55.03 32.00
C ASP Q 185 -0.38 -54.44 33.41
N LYS Q 186 0.40 -53.40 33.66
CA LYS Q 186 0.44 -52.77 34.98
C LYS Q 186 -0.60 -51.64 35.01
N VAL Q 187 -1.30 -51.52 36.13
CA VAL Q 187 -2.34 -50.51 36.25
C VAL Q 187 -1.85 -49.34 37.09
N TYR Q 188 -1.46 -49.60 38.35
CA TYR Q 188 -1.10 -48.56 39.30
C TYR Q 188 -2.13 -47.43 39.31
N ASN Q 189 -3.40 -47.79 39.10
CA ASN Q 189 -4.44 -46.79 38.92
C ASN Q 189 -4.67 -46.02 40.21
N VAL Q 190 -4.95 -44.72 40.06
CA VAL Q 190 -5.11 -43.85 41.22
C VAL Q 190 -6.36 -44.21 42.01
N SER Q 191 -7.43 -44.62 41.33
CA SER Q 191 -8.70 -44.87 42.00
C SER Q 191 -9.44 -45.97 41.24
N GLN Q 192 -10.73 -46.10 41.54
CA GLN Q 192 -11.60 -47.09 40.94
C GLN Q 192 -12.86 -46.41 40.45
N ALA Q 193 -13.58 -47.08 39.55
CA ALA Q 193 -14.84 -46.55 39.04
C ALA Q 193 -15.82 -46.34 40.18
N SER Q 194 -16.45 -45.17 40.20
CA SER Q 194 -17.34 -44.79 41.29
C SER Q 194 -18.67 -44.29 40.73
N VAL Q 195 -19.72 -44.46 41.52
CA VAL Q 195 -21.05 -44.00 41.17
C VAL Q 195 -21.70 -43.39 42.42
N THR Q 196 -22.35 -42.25 42.25
CA THR Q 196 -23.04 -41.57 43.33
C THR Q 196 -24.52 -41.94 43.29
N LEU Q 197 -25.03 -42.47 44.40
CA LEU Q 197 -26.39 -42.97 44.48
C LEU Q 197 -27.24 -42.11 45.39
N THR Q 198 -28.56 -42.21 45.19
CA THR Q 198 -29.55 -41.55 46.03
C THR Q 198 -30.23 -42.64 46.86
N VAL Q 199 -29.63 -42.96 47.99
CA VAL Q 199 -30.12 -44.02 48.88
C VAL Q 199 -30.44 -43.40 50.22
N ASN Q 200 -31.66 -43.63 50.71
CA ASN Q 200 -32.10 -43.09 51.98
C ASN Q 200 -32.06 -44.19 53.03
N THR Q 201 -31.13 -44.07 53.97
CA THR Q 201 -31.07 -45.01 55.09
C THR Q 201 -32.33 -44.93 55.93
N ASN Q 202 -32.84 -43.71 56.14
CA ASN Q 202 -34.07 -43.49 56.89
C ASN Q 202 -35.03 -42.68 56.04
N GLY Q 203 -36.09 -42.16 56.65
CA GLY Q 203 -37.09 -41.39 55.94
C GLY Q 203 -36.55 -40.20 55.19
N VAL Q 204 -35.35 -39.74 55.55
CA VAL Q 204 -34.69 -38.61 54.89
C VAL Q 204 -33.73 -39.14 53.85
N GLU Q 205 -33.70 -38.50 52.69
CA GLU Q 205 -32.84 -38.88 51.59
C GLU Q 205 -31.41 -38.42 51.85
N SER Q 206 -30.44 -39.14 51.28
CA SER Q 206 -29.04 -38.81 51.47
C SER Q 206 -28.25 -39.30 50.27
N GLN Q 207 -27.06 -38.72 50.09
CA GLN Q 207 -26.18 -39.02 48.98
C GLN Q 207 -25.02 -39.89 49.47
N HIS Q 208 -24.73 -40.96 48.73
CA HIS Q 208 -23.66 -41.88 49.09
C HIS Q 208 -22.81 -42.18 47.86
N THR Q 209 -21.54 -42.45 48.09
CA THR Q 209 -20.59 -42.80 47.04
C THR Q 209 -20.13 -44.23 47.24
N VAL Q 210 -20.29 -45.06 46.21
CA VAL Q 210 -19.91 -46.46 46.26
C VAL Q 210 -19.24 -46.83 44.94
N ALA Q 211 -18.22 -47.69 45.02
CA ALA Q 211 -17.51 -48.12 43.83
C ALA Q 211 -18.43 -48.92 42.92
N ALA Q 212 -18.23 -48.77 41.61
CA ALA Q 212 -19.03 -49.46 40.61
C ALA Q 212 -18.20 -50.56 39.95
N TYR Q 213 -18.85 -51.68 39.67
CA TYR Q 213 -18.21 -52.85 39.09
C TYR Q 213 -18.81 -53.13 37.72
N SER Q 214 -17.95 -53.32 36.72
CA SER Q 214 -18.42 -53.60 35.38
C SER Q 214 -19.08 -54.98 35.31
N LEU Q 215 -20.13 -55.09 34.50
CA LEU Q 215 -20.82 -56.36 34.34
C LEU Q 215 -19.91 -57.41 33.70
N GLU Q 216 -19.01 -56.99 32.82
CA GLU Q 216 -18.09 -57.94 32.19
C GLU Q 216 -17.18 -58.59 33.22
N SER Q 217 -16.71 -57.83 34.20
CA SER Q 217 -15.84 -58.39 35.23
C SER Q 217 -16.58 -59.46 36.04
N LEU Q 218 -17.84 -59.21 36.36
CA LEU Q 218 -18.63 -60.19 37.10
C LEU Q 218 -18.88 -61.44 36.26
N THR Q 219 -19.34 -61.25 35.02
CA THR Q 219 -19.70 -62.39 34.18
C THR Q 219 -18.48 -63.18 33.74
N GLU Q 220 -17.29 -62.60 33.79
CA GLU Q 220 -16.08 -63.33 33.39
C GLU Q 220 -15.70 -64.38 34.43
N ALA Q 221 -15.92 -64.08 35.71
CA ALA Q 221 -15.49 -64.95 36.80
C ALA Q 221 -16.55 -65.99 37.17
N GLY Q 222 -17.49 -66.28 36.28
CA GLY Q 222 -18.51 -67.27 36.56
C GLY Q 222 -19.49 -66.85 37.62
N ALA Q 223 -20.32 -65.85 37.31
CA ALA Q 223 -21.26 -65.28 38.26
C ALA Q 223 -22.67 -65.74 37.93
N GLU Q 224 -23.36 -66.27 38.94
CA GLU Q 224 -24.78 -66.55 38.80
C GLU Q 224 -25.58 -65.26 38.82
N PHE Q 225 -26.66 -65.23 38.05
CA PHE Q 225 -27.49 -64.05 37.93
C PHE Q 225 -28.96 -64.42 38.08
N GLN Q 226 -29.72 -63.48 38.64
CA GLN Q 226 -31.17 -63.63 38.74
C GLN Q 226 -31.77 -62.23 38.87
N GLY Q 227 -32.46 -61.77 37.83
CA GLY Q 227 -33.01 -60.44 37.82
C GLY Q 227 -31.93 -59.37 37.91
N ASN Q 228 -31.84 -58.70 39.06
CA ASN Q 228 -30.83 -57.69 39.31
C ASN Q 228 -29.91 -58.12 40.45
N TYR Q 229 -29.51 -59.39 40.44
CA TYR Q 229 -28.65 -59.95 41.48
C TYR Q 229 -27.48 -60.67 40.82
N ALA Q 230 -26.30 -60.55 41.44
CA ALA Q 230 -25.11 -61.26 41.01
C ALA Q 230 -24.48 -61.95 42.21
N LEU Q 231 -24.03 -63.19 42.01
CA LEU Q 231 -23.46 -64.01 43.07
C LEU Q 231 -22.17 -64.66 42.56
N GLN Q 232 -21.25 -63.83 42.08
CA GLN Q 232 -19.97 -64.30 41.56
C GLN Q 232 -19.30 -65.28 42.52
N GLY Q 233 -19.04 -64.84 43.74
CA GLY Q 233 -18.49 -65.70 44.76
C GLY Q 233 -19.18 -65.51 46.09
N GLY Q 234 -18.39 -65.38 47.16
CA GLY Q 234 -18.97 -64.99 48.43
C GLY Q 234 -19.60 -63.62 48.39
N ASN Q 235 -19.02 -62.71 47.61
CA ASN Q 235 -19.55 -61.36 47.46
C ASN Q 235 -20.86 -61.40 46.68
N SER Q 236 -21.74 -60.44 46.98
CA SER Q 236 -23.03 -60.32 46.34
C SER Q 236 -23.15 -58.94 45.70
N TYR Q 237 -23.56 -58.90 44.44
CA TYR Q 237 -23.71 -57.67 43.69
C TYR Q 237 -25.15 -57.50 43.25
N VAL Q 238 -25.63 -56.26 43.26
CA VAL Q 238 -26.96 -55.92 42.77
C VAL Q 238 -26.84 -54.73 41.84
N LYS Q 239 -27.86 -54.59 40.98
CA LYS Q 239 -27.94 -53.47 40.04
C LYS Q 239 -28.93 -52.46 40.57
N VAL Q 240 -28.50 -51.21 40.72
CA VAL Q 240 -29.34 -50.17 41.28
C VAL Q 240 -30.09 -49.42 40.17
N GLU Q 241 -29.38 -48.79 39.23
CA GLU Q 241 -30.00 -48.30 38.01
C GLU Q 241 -29.36 -48.89 36.76
N ASN Q 242 -28.04 -48.78 36.61
CA ASN Q 242 -27.35 -49.36 35.47
C ASN Q 242 -26.04 -50.04 35.81
N VAL Q 243 -25.47 -49.82 37.00
CA VAL Q 243 -24.17 -50.34 37.37
C VAL Q 243 -24.34 -51.33 38.51
N TRP Q 244 -23.45 -52.32 38.55
CA TRP Q 244 -23.47 -53.33 39.60
C TRP Q 244 -22.57 -52.89 40.75
N VAL Q 245 -23.12 -52.90 41.96
CA VAL Q 245 -22.40 -52.47 43.15
C VAL Q 245 -22.53 -53.54 44.23
N ARG Q 246 -21.61 -53.49 45.19
CA ARG Q 246 -21.59 -54.45 46.27
C ARG Q 246 -22.86 -54.31 47.12
N ALA Q 247 -23.45 -55.44 47.50
CA ALA Q 247 -24.63 -55.47 48.34
C ALA Q 247 -24.36 -56.29 49.59
N GLU Q 248 -25.33 -56.29 50.49
CA GLU Q 248 -25.25 -57.06 51.73
C GLU Q 248 -26.63 -57.52 52.12
N THR Q 249 -26.67 -58.53 52.99
CA THR Q 249 -27.94 -59.12 53.40
C THR Q 249 -28.74 -58.15 54.27
N ALA Q 250 -30.00 -58.50 54.49
CA ALA Q 250 -30.86 -57.71 55.35
C ALA Q 250 -30.43 -57.87 56.81
N ALA Q 251 -30.97 -56.98 57.66
CA ALA Q 251 -30.67 -56.94 59.08
C ALA Q 251 -29.19 -56.74 59.36
N THR Q 252 -28.45 -56.15 58.41
CA THR Q 252 -27.05 -55.81 58.60
C THR Q 252 -26.77 -54.32 58.56
N GLY Q 253 -27.66 -53.52 57.97
CA GLY Q 253 -27.53 -52.08 58.05
C GLY Q 253 -28.16 -51.54 59.31
N ALA Q 254 -29.27 -52.15 59.73
CA ALA Q 254 -29.97 -51.81 60.98
C ALA Q 254 -30.42 -50.36 61.00
N THR Q 255 -30.74 -49.80 59.84
CA THR Q 255 -31.22 -48.42 59.75
C THR Q 255 -32.54 -48.30 59.00
N GLY Q 256 -33.10 -49.39 58.48
CA GLY Q 256 -34.26 -49.30 57.63
C GLY Q 256 -33.94 -48.80 56.24
N GLN Q 257 -32.75 -49.11 55.73
CA GLN Q 257 -32.33 -48.62 54.42
C GLN Q 257 -33.22 -49.19 53.32
N GLU Q 258 -33.39 -48.41 52.26
CA GLU Q 258 -34.22 -48.82 51.14
C GLU Q 258 -33.73 -50.15 50.57
N ILE Q 259 -34.66 -51.08 50.37
CA ILE Q 259 -34.32 -52.43 49.93
C ILE Q 259 -33.89 -52.40 48.47
N ALA Q 260 -32.75 -53.01 48.17
CA ALA Q 260 -32.27 -53.06 46.80
C ALA Q 260 -33.03 -54.09 45.97
N ALA Q 261 -32.99 -55.35 46.38
CA ALA Q 261 -33.68 -56.41 45.64
C ALA Q 261 -33.93 -57.59 46.58
N THR Q 262 -34.89 -58.42 46.19
CA THR Q 262 -35.22 -59.64 46.91
C THR Q 262 -35.10 -60.83 45.96
N THR Q 263 -34.50 -61.91 46.46
CA THR Q 263 -34.26 -63.10 45.65
C THR Q 263 -34.90 -64.31 46.30
N THR Q 264 -34.85 -65.43 45.58
CA THR Q 264 -35.38 -66.70 46.06
C THR Q 264 -34.31 -67.78 45.98
N ALA Q 265 -34.69 -69.04 46.18
CA ALA Q 265 -33.72 -70.13 46.16
C ALA Q 265 -33.04 -70.23 44.81
N ALA Q 266 -33.79 -70.58 43.77
CA ALA Q 266 -33.31 -70.61 42.39
C ALA Q 266 -31.95 -71.31 42.27
N GLY Q 267 -31.83 -72.43 42.97
CA GLY Q 267 -30.57 -73.17 42.95
C GLY Q 267 -29.69 -72.88 44.14
N THR Q 268 -28.54 -72.23 43.89
CA THR Q 268 -27.56 -71.94 44.93
C THR Q 268 -27.58 -70.47 45.36
N ILE Q 269 -28.77 -69.86 45.39
CA ILE Q 269 -28.91 -68.46 45.78
C ILE Q 269 -29.76 -68.42 47.05
N THR Q 270 -29.23 -67.82 48.10
CA THR Q 270 -29.96 -67.70 49.35
C THR Q 270 -31.10 -66.70 49.20
N ALA Q 271 -32.25 -67.05 49.75
CA ALA Q 271 -33.43 -66.18 49.68
C ALA Q 271 -33.33 -65.14 50.77
N ASP Q 272 -33.12 -63.88 50.39
CA ASP Q 272 -32.97 -62.79 51.34
C ASP Q 272 -33.31 -61.48 50.66
N SER Q 273 -33.54 -60.45 51.48
CA SER Q 273 -33.84 -59.10 51.00
C SER Q 273 -32.52 -58.32 50.99
N TRP Q 274 -31.80 -58.42 49.87
CA TRP Q 274 -30.50 -57.78 49.78
C TRP Q 274 -30.65 -56.26 49.69
N VAL Q 275 -29.69 -55.55 50.29
CA VAL Q 275 -29.69 -54.11 50.34
C VAL Q 275 -28.35 -53.60 49.86
N VAL Q 276 -28.34 -52.37 49.34
CA VAL Q 276 -27.09 -51.78 48.85
C VAL Q 276 -26.14 -51.57 50.02
N ASP Q 277 -24.91 -52.05 49.88
CA ASP Q 277 -23.92 -52.00 50.95
C ASP Q 277 -23.27 -50.63 50.95
N VAL Q 278 -23.72 -49.75 51.85
CA VAL Q 278 -23.09 -48.45 52.01
C VAL Q 278 -21.72 -48.64 52.61
N GLY Q 279 -20.70 -48.04 52.00
CA GLY Q 279 -19.34 -48.22 52.42
C GLY Q 279 -18.47 -48.72 51.27
N ASN Q 280 -17.42 -49.46 51.59
CA ASN Q 280 -16.47 -50.00 50.62
C ASN Q 280 -16.18 -49.02 49.49
N ALA Q 281 -15.75 -47.82 49.89
CA ALA Q 281 -15.51 -46.75 48.93
C ALA Q 281 -14.40 -47.15 47.95
N PRO Q 282 -14.41 -46.59 46.73
CA PRO Q 282 -13.39 -46.94 45.75
C PRO Q 282 -11.97 -46.83 46.29
N ALA Q 283 -11.27 -47.97 46.34
CA ALA Q 283 -9.91 -48.03 46.87
C ALA Q 283 -8.91 -48.01 45.73
N ALA Q 284 -7.73 -47.47 46.02
CA ALA Q 284 -6.67 -47.40 45.02
C ALA Q 284 -6.03 -48.76 44.82
N ASN Q 285 -5.23 -48.86 43.76
CA ASN Q 285 -4.47 -50.07 43.43
C ASN Q 285 -5.40 -51.27 43.23
N VAL Q 286 -6.24 -51.16 42.21
CA VAL Q 286 -7.14 -52.23 41.80
C VAL Q 286 -6.96 -52.45 40.31
N SER Q 287 -7.03 -53.71 39.89
CA SER Q 287 -6.78 -54.05 38.49
C SER Q 287 -7.80 -53.38 37.58
N ALA Q 288 -7.32 -52.78 36.50
CA ALA Q 288 -8.19 -52.11 35.54
C ALA Q 288 -8.67 -53.12 34.51
N GLY Q 289 -9.32 -52.64 33.46
CA GLY Q 289 -9.89 -53.51 32.45
C GLY Q 289 -8.87 -54.22 31.59
N GLN Q 290 -8.17 -53.47 30.74
CA GLN Q 290 -7.24 -54.06 29.78
C GLN Q 290 -5.95 -53.24 29.77
N SER Q 291 -4.88 -53.87 29.28
CA SER Q 291 -3.61 -53.20 29.14
C SER Q 291 -3.60 -52.31 27.91
N VAL Q 292 -2.53 -51.53 27.76
CA VAL Q 292 -2.42 -50.60 26.64
C VAL Q 292 -2.33 -51.37 25.32
N ALA Q 293 -1.55 -52.45 25.29
CA ALA Q 293 -1.34 -53.19 24.06
C ALA Q 293 -2.55 -54.04 23.67
N ASN Q 294 -3.52 -54.21 24.56
CA ASN Q 294 -4.68 -55.07 24.32
C ASN Q 294 -5.96 -54.29 24.59
N ILE Q 295 -6.05 -53.10 24.00
CA ILE Q 295 -7.22 -52.25 24.19
C ILE Q 295 -8.32 -52.72 23.24
N ASN Q 296 -9.45 -53.11 23.81
CA ASN Q 296 -10.61 -53.56 23.03
C ASN Q 296 -11.84 -52.98 23.71
N ILE Q 297 -12.45 -51.96 23.10
CA ILE Q 297 -13.44 -51.13 23.77
C ILE Q 297 -14.83 -51.26 23.18
N VAL Q 298 -15.08 -52.30 22.39
CA VAL Q 298 -16.41 -52.47 21.81
C VAL Q 298 -17.33 -53.07 22.86
N GLY Q 299 -18.47 -52.41 23.08
CA GLY Q 299 -19.45 -52.86 24.05
C GLY Q 299 -18.95 -52.92 25.47
N MET Q 300 -18.22 -51.89 25.91
CA MET Q 300 -17.70 -51.88 27.28
C MET Q 300 -18.83 -51.79 28.31
N GLY Q 301 -19.81 -50.94 28.06
CA GLY Q 301 -20.89 -50.71 29.00
C GLY Q 301 -20.77 -49.45 29.84
N ALA Q 302 -19.79 -48.59 29.55
CA ALA Q 302 -19.58 -47.33 30.26
C ALA Q 302 -19.28 -47.54 31.74
N ALA Q 303 -18.72 -48.68 32.10
CA ALA Q 303 -18.35 -48.97 33.48
C ALA Q 303 -16.85 -49.13 33.67
N ALA Q 304 -16.19 -49.92 32.82
CA ALA Q 304 -14.74 -50.07 32.88
C ALA Q 304 -13.99 -49.00 32.09
N LEU Q 305 -14.72 -48.11 31.41
CA LEU Q 305 -14.06 -47.05 30.66
C LEU Q 305 -13.27 -46.12 31.57
N ASP Q 306 -13.80 -45.83 32.76
CA ASP Q 306 -13.07 -44.99 33.71
C ASP Q 306 -11.77 -45.66 34.14
N ALA Q 307 -11.82 -46.98 34.40
CA ALA Q 307 -10.60 -47.70 34.75
C ALA Q 307 -9.61 -47.69 33.60
N LEU Q 308 -10.09 -47.85 32.37
CA LEU Q 308 -9.21 -47.79 31.20
C LEU Q 308 -8.56 -46.41 31.08
N ILE Q 309 -9.33 -45.35 31.29
CA ILE Q 309 -8.78 -44.00 31.24
C ILE Q 309 -7.72 -43.81 32.32
N SER Q 310 -7.99 -44.31 33.52
CA SER Q 310 -7.02 -44.20 34.60
C SER Q 310 -5.73 -44.94 34.27
N GLY Q 311 -5.84 -46.15 33.71
CA GLY Q 311 -4.65 -46.89 33.32
C GLY Q 311 -3.87 -46.19 32.23
N VAL Q 312 -4.56 -45.65 31.23
CA VAL Q 312 -3.90 -44.91 30.17
C VAL Q 312 -3.17 -43.69 30.73
N ASP Q 313 -3.82 -42.98 31.65
CA ASP Q 313 -3.20 -41.81 32.27
C ASP Q 313 -1.96 -42.21 33.07
N ALA Q 314 -2.04 -43.32 33.80
CA ALA Q 314 -0.88 -43.79 34.56
C ALA Q 314 0.28 -44.14 33.62
N ALA Q 315 -0.02 -44.82 32.51
CA ALA Q 315 1.02 -45.14 31.55
C ALA Q 315 1.62 -43.87 30.95
N LEU Q 316 0.78 -42.89 30.65
CA LEU Q 316 1.28 -41.63 30.09
C LEU Q 316 2.17 -40.91 31.09
N THR Q 317 1.79 -40.90 32.37
CA THR Q 317 2.61 -40.26 33.39
C THR Q 317 3.95 -40.96 33.55
N ASP Q 318 3.94 -42.29 33.57
CA ASP Q 318 5.20 -43.03 33.64
C ASP Q 318 6.08 -42.75 32.43
N MET Q 319 5.47 -42.66 31.25
CA MET Q 319 6.23 -42.36 30.04
C MET Q 319 6.81 -40.95 30.08
N THR Q 320 6.06 -39.99 30.60
CA THR Q 320 6.58 -38.63 30.74
C THR Q 320 7.75 -38.61 31.70
N SER Q 321 7.66 -39.36 32.80
CA SER Q 321 8.79 -39.45 33.72
C SER Q 321 10.00 -40.08 33.05
N ALA Q 322 9.78 -41.11 32.23
CA ALA Q 322 10.88 -41.74 31.51
C ALA Q 322 11.53 -40.77 30.53
N ALA Q 323 10.70 -39.98 29.83
CA ALA Q 323 11.25 -39.00 28.89
C ALA Q 323 12.06 -37.93 29.62
N ALA Q 324 11.57 -37.48 30.78
CA ALA Q 324 12.33 -36.52 31.57
C ALA Q 324 13.66 -37.11 32.02
N SER Q 325 13.64 -38.37 32.44
CA SER Q 325 14.89 -39.03 32.83
C SER Q 325 15.85 -39.13 31.66
N LEU Q 326 15.34 -39.45 30.47
CA LEU Q 326 16.20 -39.53 29.28
C LEU Q 326 16.80 -38.18 28.94
N GLY Q 327 15.99 -37.11 29.04
CA GLY Q 327 16.52 -35.78 28.81
C GLY Q 327 17.59 -35.40 29.82
N SER Q 328 17.38 -35.74 31.08
CA SER Q 328 18.39 -35.49 32.11
C SER Q 328 19.67 -36.26 31.81
N ILE Q 329 19.54 -37.51 31.35
CA ILE Q 329 20.72 -38.31 30.99
C ILE Q 329 21.47 -37.66 29.84
N SER Q 330 20.73 -37.17 28.83
CA SER Q 330 21.38 -36.52 27.69
C SER Q 330 22.11 -35.25 28.13
N SER Q 331 21.49 -34.46 29.00
CA SER Q 331 22.16 -33.27 29.51
C SER Q 331 23.41 -33.64 30.30
N ARG Q 332 23.33 -34.70 31.10
CA ARG Q 332 24.50 -35.15 31.85
C ARG Q 332 25.61 -35.60 30.92
N ILE Q 333 25.26 -36.28 29.82
CA ILE Q 333 26.27 -36.69 28.85
C ILE Q 333 26.93 -35.47 28.22
N ASP Q 334 26.14 -34.45 27.88
CA ASP Q 334 26.71 -33.24 27.30
C ASP Q 334 27.67 -32.56 28.27
N LEU Q 335 27.25 -32.44 29.54
CA LEU Q 335 28.11 -31.82 30.54
C LEU Q 335 29.39 -32.63 30.75
N GLN Q 336 29.26 -33.96 30.79
CA GLN Q 336 30.42 -34.82 30.97
C GLN Q 336 31.38 -34.69 29.79
N SER Q 337 30.85 -34.61 28.57
CA SER Q 337 31.72 -34.44 27.41
C SER Q 337 32.46 -33.12 27.47
N GLU Q 338 31.76 -32.04 27.84
CA GLU Q 338 32.42 -30.75 27.96
C GLU Q 338 33.52 -30.79 29.02
N PHE Q 339 33.23 -31.38 30.18
CA PHE Q 339 34.22 -31.45 31.25
C PHE Q 339 35.41 -32.32 30.85
N VAL Q 340 35.15 -33.43 30.16
CA VAL Q 340 36.24 -34.30 29.73
C VAL Q 340 37.12 -33.58 28.73
N ASN Q 341 36.52 -32.83 27.81
CA ASN Q 341 37.33 -32.07 26.86
C ASN Q 341 38.17 -31.02 27.57
N LYS Q 342 37.58 -30.32 28.55
CA LYS Q 342 38.35 -29.34 29.31
C LYS Q 342 39.49 -29.99 30.08
N LEU Q 343 39.24 -31.16 30.67
CA LEU Q 343 40.28 -31.87 31.41
C LEU Q 343 41.39 -32.35 30.48
N SER Q 344 41.02 -32.81 29.28
CA SER Q 344 42.02 -33.20 28.30
C SER Q 344 42.87 -32.01 27.88
N ASP Q 345 42.24 -30.86 27.69
CA ASP Q 345 43.01 -29.66 27.37
C ASP Q 345 43.97 -29.31 28.51
N SER Q 346 43.49 -29.39 29.75
CA SER Q 346 44.34 -29.05 30.89
C SER Q 346 45.51 -30.02 31.01
N ILE Q 347 45.26 -31.32 30.85
CA ILE Q 347 46.33 -32.30 30.98
C ILE Q 347 47.34 -32.16 29.85
N GLU Q 348 46.86 -31.87 28.64
CA GLU Q 348 47.77 -31.68 27.51
C GLU Q 348 48.62 -30.42 27.71
N SER Q 349 48.02 -29.36 28.25
CA SER Q 349 48.79 -28.16 28.57
C SER Q 349 49.84 -28.45 29.65
N GLY Q 350 49.49 -29.26 30.64
CA GLY Q 350 50.46 -29.65 31.64
C GLY Q 350 51.62 -30.43 31.06
N VAL Q 351 51.33 -31.37 30.15
CA VAL Q 351 52.38 -32.10 29.47
C VAL Q 351 53.25 -31.16 28.66
N GLY Q 352 52.64 -30.21 27.96
CA GLY Q 352 53.42 -29.24 27.21
C GLY Q 352 54.34 -28.41 28.10
N ARG Q 353 53.83 -27.96 29.24
CA ARG Q 353 54.65 -27.20 30.17
C ARG Q 353 55.80 -28.06 30.70
N LEU Q 354 55.56 -29.34 30.95
CA LEU Q 354 56.59 -30.20 31.51
C LEU Q 354 57.63 -30.61 30.47
N VAL Q 355 57.25 -30.65 29.20
CA VAL Q 355 58.08 -31.26 28.18
C VAL Q 355 58.65 -30.26 27.18
N ASP Q 356 57.88 -29.25 26.77
CA ASP Q 356 58.31 -28.38 25.69
C ASP Q 356 59.50 -27.51 26.13
N ALA Q 357 60.24 -27.02 25.13
CA ALA Q 357 61.37 -26.13 25.34
C ALA Q 357 61.17 -24.86 24.53
N ASP Q 358 61.53 -23.72 25.13
CA ASP Q 358 61.51 -22.46 24.38
C ASP Q 358 62.58 -22.48 23.29
N MET Q 359 62.18 -22.12 22.06
CA MET Q 359 63.07 -22.29 20.93
C MET Q 359 64.16 -21.22 20.89
N ASN Q 360 63.87 -20.03 21.42
CA ASN Q 360 64.83 -18.93 21.35
C ASN Q 360 66.10 -19.26 22.11
N GLU Q 361 65.96 -19.82 23.31
CA GLU Q 361 67.13 -20.17 24.12
C GLU Q 361 67.95 -21.25 23.43
N GLU Q 362 67.29 -22.23 22.82
CA GLU Q 362 68.00 -23.26 22.07
C GLU Q 362 68.74 -22.66 20.86
N SER Q 363 68.13 -21.70 20.19
CA SER Q 363 68.81 -21.03 19.08
C SER Q 363 70.06 -20.30 19.55
N THR Q 364 69.95 -19.60 20.68
CA THR Q 364 71.12 -18.93 21.24
C THR Q 364 72.21 -19.94 21.59
N ARG Q 365 71.83 -21.07 22.19
CA ARG Q 365 72.80 -22.10 22.51
C ARG Q 365 73.44 -22.66 21.25
N LEU Q 366 72.66 -22.86 20.19
CA LEU Q 366 73.20 -23.40 18.95
C LEU Q 366 74.23 -22.44 18.35
N LYS Q 367 73.92 -21.15 18.32
CA LYS Q 367 74.88 -20.18 17.81
C LYS Q 367 76.15 -20.15 18.66
N ALA Q 368 75.98 -20.16 19.99
CA ALA Q 368 77.13 -20.14 20.88
C ALA Q 368 78.01 -21.37 20.68
N LEU Q 369 77.40 -22.55 20.54
CA LEU Q 369 78.18 -23.76 20.35
C LEU Q 369 78.85 -23.80 19.00
N GLN Q 370 78.21 -23.28 17.95
CA GLN Q 370 78.87 -23.19 16.65
C GLN Q 370 80.11 -22.30 16.74
N THR Q 371 79.98 -21.14 17.39
CA THR Q 371 81.12 -20.26 17.53
C THR Q 371 82.21 -20.89 18.38
N GLN Q 372 81.84 -21.57 19.46
CA GLN Q 372 82.81 -22.23 20.30
C GLN Q 372 83.54 -23.34 19.56
N GLN Q 373 82.82 -24.08 18.71
CA GLN Q 373 83.45 -25.10 17.89
C GLN Q 373 84.45 -24.47 16.93
N GLN Q 374 84.08 -23.35 16.30
CA GLN Q 374 85.02 -22.68 15.40
C GLN Q 374 86.28 -22.25 16.13
N LEU Q 375 86.12 -21.63 17.30
CA LEU Q 375 87.29 -21.23 18.09
C LEU Q 375 88.13 -22.43 18.50
N ALA Q 376 87.48 -23.52 18.91
CA ALA Q 376 88.24 -24.70 19.34
C ALA Q 376 89.02 -25.30 18.18
N ILE Q 377 88.41 -25.33 16.99
CA ILE Q 377 89.12 -25.87 15.82
C ILE Q 377 90.30 -24.98 15.46
N GLN Q 378 90.11 -23.66 15.50
CA GLN Q 378 91.22 -22.76 15.23
C GLN Q 378 92.35 -22.94 16.24
N ALA Q 379 92.00 -23.07 17.52
CA ALA Q 379 93.00 -23.26 18.56
C ALA Q 379 93.74 -24.57 18.38
N LEU Q 380 93.03 -25.63 18.00
CA LEU Q 380 93.66 -26.92 17.75
C LEU Q 380 94.62 -26.83 16.56
N SER Q 381 94.22 -26.09 15.51
CA SER Q 381 95.12 -25.89 14.38
C SER Q 381 96.38 -25.15 14.80
N ILE Q 382 96.23 -24.12 15.65
CA ILE Q 382 97.40 -23.40 16.15
C ILE Q 382 98.30 -24.33 16.96
N ALA Q 383 97.69 -25.17 17.80
CA ALA Q 383 98.47 -26.11 18.61
C ALA Q 383 99.24 -27.08 17.73
N ASN Q 384 98.59 -27.60 16.68
CA ASN Q 384 99.28 -28.50 15.76
C ASN Q 384 100.42 -27.79 15.04
N SER Q 385 100.20 -26.56 14.60
CA SER Q 385 101.25 -25.80 13.91
C SER Q 385 102.37 -25.39 14.83
N ASP Q 386 102.14 -25.41 16.15
CA ASP Q 386 103.20 -25.05 17.09
C ASP Q 386 104.34 -26.05 17.04
N SER Q 387 104.05 -27.32 16.79
CA SER Q 387 105.03 -28.38 16.99
C SER Q 387 106.23 -28.25 16.06
N GLN Q 388 106.01 -27.93 14.78
CA GLN Q 388 107.08 -28.04 13.80
C GLN Q 388 108.06 -26.88 13.83
N ASN Q 389 107.89 -25.91 14.72
CA ASN Q 389 108.83 -24.79 14.81
C ASN Q 389 110.22 -25.22 15.28
N VAL Q 390 110.33 -26.39 15.92
CA VAL Q 390 111.61 -26.83 16.46
C VAL Q 390 112.64 -27.11 15.38
N LEU Q 391 112.20 -27.30 14.13
CA LEU Q 391 113.13 -27.66 13.05
C LEU Q 391 114.17 -26.59 12.79
N SER Q 392 113.91 -25.33 13.17
CA SER Q 392 114.87 -24.27 12.90
C SER Q 392 116.19 -24.50 13.63
N LEU Q 393 116.16 -25.19 14.76
CA LEU Q 393 117.39 -25.46 15.49
C LEU Q 393 118.29 -26.43 14.74
N PHE Q 394 117.70 -27.34 13.96
CA PHE Q 394 118.43 -28.40 13.29
C PHE Q 394 118.67 -28.10 11.82
N ARG Q 395 118.46 -26.86 11.39
CA ARG Q 395 118.56 -26.39 10.00
C ARG Q 395 118.15 -27.42 8.94
N THR R 2 85.10 -36.42 15.72
CA THR R 2 84.24 -36.15 14.58
C THR R 2 84.49 -37.15 13.46
N SER R 3 83.43 -37.80 13.00
CA SER R 3 83.50 -38.80 11.94
C SER R 3 82.74 -38.31 10.72
N ILE R 4 83.40 -38.36 9.56
CA ILE R 4 82.74 -37.96 8.32
C ILE R 4 81.92 -39.07 7.69
N LEU R 5 81.97 -40.28 8.25
CA LEU R 5 81.21 -41.41 7.74
C LEU R 5 79.83 -41.53 8.36
N THR R 6 79.63 -40.99 9.56
CA THR R 6 78.35 -41.05 10.26
C THR R 6 77.99 -39.68 10.79
N ASN R 7 76.67 -39.44 10.90
CA ASN R 7 76.16 -38.18 11.44
C ASN R 7 74.92 -38.51 12.26
N ASN R 8 75.09 -38.68 13.57
CA ASN R 8 73.98 -39.05 14.44
C ASN R 8 72.91 -37.97 14.47
N SER R 9 73.33 -36.70 14.52
CA SER R 9 72.38 -35.60 14.51
C SER R 9 71.56 -35.59 13.23
N ALA R 10 72.22 -35.83 12.08
CA ALA R 10 71.49 -35.88 10.82
C ALA R 10 70.50 -37.04 10.81
N MET R 11 70.89 -38.19 11.38
CA MET R 11 69.99 -39.34 11.42
C MET R 11 68.77 -39.06 12.29
N ALA R 12 68.98 -38.43 13.44
CA ALA R 12 67.85 -38.07 14.30
C ALA R 12 66.96 -37.06 13.60
N ALA R 13 67.55 -36.09 12.90
CA ALA R 13 66.76 -35.13 12.15
C ALA R 13 65.97 -35.83 11.04
N LEU R 14 66.57 -36.84 10.40
CA LEU R 14 65.87 -37.59 9.36
C LEU R 14 64.67 -38.32 9.93
N SER R 15 64.84 -38.97 11.08
CA SER R 15 63.70 -39.65 11.71
C SER R 15 62.61 -38.66 12.10
N GLY R 16 63.00 -37.51 12.64
CA GLY R 16 62.02 -36.49 12.97
C GLY R 16 61.28 -35.99 11.74
N VAL R 17 62.01 -35.76 10.65
CA VAL R 17 61.38 -35.30 9.41
C VAL R 17 60.40 -36.34 8.90
N ARG R 18 60.77 -37.62 8.99
CA ARG R 18 59.86 -38.67 8.57
C ARG R 18 58.58 -38.66 9.40
N SER R 19 58.71 -38.49 10.72
CA SER R 19 57.54 -38.44 11.57
C SER R 19 56.64 -37.25 11.23
N ILE R 20 57.25 -36.07 11.03
CA ILE R 20 56.46 -34.89 10.66
C ILE R 20 55.79 -35.10 9.32
N SER R 21 56.48 -35.72 8.36
CA SER R 21 55.89 -35.95 7.05
C SER R 21 54.70 -36.88 7.13
N SER R 22 54.82 -37.96 7.91
CA SER R 22 53.69 -38.88 8.06
C SER R 22 52.51 -38.19 8.72
N SER R 23 52.76 -37.46 9.81
CA SER R 23 51.67 -36.77 10.50
C SER R 23 51.03 -35.71 9.60
N MET R 24 51.85 -35.00 8.82
CA MET R 24 51.31 -33.97 7.93
C MET R 24 50.49 -34.58 6.82
N GLU R 25 50.93 -35.72 6.26
CA GLU R 25 50.12 -36.38 5.25
C GLU R 25 48.79 -36.85 5.81
N ASP R 26 48.80 -37.40 7.02
CA ASP R 26 47.56 -37.81 7.67
C ASP R 26 46.63 -36.61 7.85
N THR R 27 47.15 -35.50 8.38
CA THR R 27 46.33 -34.32 8.59
C THR R 27 45.87 -33.71 7.27
N GLN R 28 46.68 -33.83 6.22
CA GLN R 28 46.29 -33.31 4.91
C GLN R 28 45.12 -34.11 4.35
N SER R 29 45.16 -35.44 4.46
CA SER R 29 44.00 -36.22 4.07
C SER R 29 42.79 -35.87 4.93
N ARG R 30 43.02 -35.68 6.23
CA ARG R 30 41.93 -35.34 7.14
C ARG R 30 41.26 -34.03 6.75
N ILE R 31 42.05 -33.02 6.40
CA ILE R 31 41.49 -31.73 6.06
C ILE R 31 40.90 -31.75 4.65
N SER R 32 41.44 -32.56 3.76
CA SER R 32 40.90 -32.64 2.40
C SER R 32 39.54 -33.28 2.38
N SER R 33 39.37 -34.40 3.09
CA SER R 33 38.17 -35.21 2.95
C SER R 33 37.32 -35.26 4.22
N GLY R 34 37.68 -34.52 5.27
CA GLY R 34 36.99 -34.72 6.53
C GLY R 34 37.22 -36.15 7.01
N LEU R 35 36.14 -36.76 7.52
CA LEU R 35 36.14 -38.20 7.84
C LEU R 35 37.27 -38.54 8.83
N ARG R 36 37.10 -38.07 10.07
CA ARG R 36 38.09 -38.35 11.10
C ARG R 36 38.38 -39.85 11.18
N VAL R 37 37.35 -40.68 11.03
CA VAL R 37 37.54 -42.11 10.76
C VAL R 37 37.31 -42.28 9.27
N GLY R 38 38.38 -42.14 8.50
CA GLY R 38 38.29 -42.13 7.05
C GLY R 38 38.47 -43.48 6.39
N SER R 39 39.15 -44.40 7.07
CA SER R 39 39.44 -45.71 6.50
C SER R 39 39.58 -46.72 7.63
N ALA R 40 39.73 -47.99 7.24
CA ALA R 40 39.94 -49.05 8.22
C ALA R 40 41.28 -48.90 8.93
N SER R 41 42.22 -48.16 8.36
CA SER R 41 43.47 -47.87 9.06
C SER R 41 43.24 -47.04 10.32
N ASP R 42 42.11 -46.35 10.40
CA ASP R 42 41.70 -45.66 11.62
C ASP R 42 41.05 -46.69 12.55
N ASN R 43 40.35 -46.22 13.57
CA ASN R 43 39.65 -47.11 14.49
C ASN R 43 38.69 -48.01 13.73
N ALA R 44 38.98 -49.31 13.68
CA ALA R 44 38.22 -50.23 12.84
C ALA R 44 36.78 -50.37 13.31
N ALA R 45 36.57 -50.42 14.63
CA ALA R 45 35.23 -50.61 15.14
C ALA R 45 34.31 -49.45 14.76
N TYR R 46 34.79 -48.22 14.89
CA TYR R 46 33.98 -47.07 14.52
C TYR R 46 33.74 -47.03 13.01
N TRP R 47 34.73 -47.43 12.22
CA TRP R 47 34.54 -47.50 10.77
C TRP R 47 33.45 -48.50 10.41
N SER R 48 33.48 -49.68 11.04
CA SER R 48 32.46 -50.69 10.78
C SER R 48 31.08 -50.21 11.21
N ILE R 49 30.99 -49.56 12.38
CA ILE R 49 29.71 -49.03 12.84
C ILE R 49 29.19 -47.98 11.86
N ALA R 50 30.07 -47.10 11.39
CA ALA R 50 29.64 -46.08 10.43
C ALA R 50 29.15 -46.71 9.14
N THR R 51 29.83 -47.75 8.67
CA THR R 51 29.37 -48.43 7.46
C THR R 51 28.00 -49.06 7.66
N THR R 52 27.80 -49.69 8.82
CA THR R 52 26.52 -50.32 9.11
C THR R 52 25.40 -49.28 9.17
N MET R 53 25.66 -48.14 9.82
CA MET R 53 24.64 -47.10 9.88
C MET R 53 24.37 -46.47 8.53
N ARG R 54 25.39 -46.34 7.68
CA ARG R 54 25.15 -45.83 6.33
C ARG R 54 24.27 -46.80 5.54
N SER R 55 24.53 -48.10 5.66
CA SER R 55 23.66 -49.08 5.01
C SER R 55 22.23 -49.01 5.54
N ASP R 56 22.09 -48.87 6.85
CA ASP R 56 20.75 -48.76 7.44
C ASP R 56 20.05 -47.49 6.98
N ASN R 57 20.79 -46.40 6.83
CA ASN R 57 20.19 -45.16 6.36
C ASN R 57 19.72 -45.29 4.91
N GLN R 58 20.51 -45.96 4.07
CA GLN R 58 20.04 -46.23 2.70
C GLN R 58 18.78 -47.08 2.72
N ALA R 59 18.74 -48.09 3.58
CA ALA R 59 17.54 -48.92 3.70
C ALA R 59 16.34 -48.08 4.15
N LEU R 60 16.55 -47.17 5.09
CA LEU R 60 15.46 -46.31 5.55
C LEU R 60 14.97 -45.39 4.45
N SER R 61 15.89 -44.88 3.62
CA SER R 61 15.48 -44.07 2.47
C SER R 61 14.63 -44.89 1.51
N ALA R 62 15.02 -46.13 1.26
CA ALA R 62 14.20 -47.00 0.41
C ALA R 62 12.83 -47.24 1.01
N VAL R 63 12.78 -47.44 2.33
CA VAL R 63 11.50 -47.64 3.01
C VAL R 63 10.64 -46.39 2.92
N GLN R 64 11.26 -45.21 2.99
CA GLN R 64 10.51 -43.97 2.86
C GLN R 64 9.92 -43.82 1.45
N ASP R 65 10.68 -44.21 0.43
CA ASP R 65 10.13 -44.21 -0.92
C ASP R 65 8.96 -45.18 -1.05
N ALA R 66 9.10 -46.37 -0.46
CA ALA R 66 8.01 -47.34 -0.48
C ALA R 66 6.78 -46.80 0.26
N LEU R 67 7.02 -46.07 1.36
CA LEU R 67 5.92 -45.46 2.10
C LEU R 67 5.20 -44.42 1.26
N GLY R 68 5.96 -43.62 0.50
CA GLY R 68 5.32 -42.66 -0.40
C GLY R 68 4.47 -43.35 -1.45
N LEU R 69 5.00 -44.45 -2.03
CA LEU R 69 4.23 -45.21 -3.01
C LEU R 69 2.94 -45.75 -2.39
N GLY R 70 3.05 -46.32 -1.19
CA GLY R 70 1.87 -46.85 -0.52
C GLY R 70 0.86 -45.78 -0.19
N ALA R 71 1.34 -44.60 0.21
CA ALA R 71 0.45 -43.48 0.48
C ALA R 71 -0.30 -43.06 -0.79
N ALA R 72 0.39 -43.04 -1.92
CA ALA R 72 -0.29 -42.72 -3.18
C ALA R 72 -1.36 -43.75 -3.50
N LYS R 73 -1.04 -45.04 -3.32
CA LYS R 73 -2.03 -46.10 -3.58
C LYS R 73 -3.24 -45.94 -2.67
N VAL R 74 -3.00 -45.68 -1.38
CA VAL R 74 -4.10 -45.54 -0.43
C VAL R 74 -4.95 -44.32 -0.77
N ASP R 75 -4.31 -43.22 -1.20
CA ASP R 75 -5.06 -42.04 -1.60
C ASP R 75 -5.97 -42.34 -2.78
N THR R 76 -5.45 -43.03 -3.79
CA THR R 76 -6.28 -43.37 -4.95
C THR R 76 -7.44 -44.28 -4.55
N ALA R 77 -7.15 -45.30 -3.74
CA ALA R 77 -8.21 -46.21 -3.31
C ALA R 77 -9.27 -45.49 -2.50
N TYR R 78 -8.85 -44.56 -1.64
CA TYR R 78 -9.80 -43.85 -0.81
C TYR R 78 -10.64 -42.87 -1.62
N SER R 79 -10.05 -42.26 -2.65
CA SER R 79 -10.85 -41.42 -3.54
C SER R 79 -11.91 -42.25 -4.25
N GLY R 80 -11.53 -43.44 -4.74
CA GLY R 80 -12.52 -44.33 -5.31
C GLY R 80 -13.60 -44.71 -4.31
N MET R 81 -13.20 -44.93 -3.06
CA MET R 81 -14.17 -45.26 -2.01
C MET R 81 -15.14 -44.12 -1.77
N GLU R 82 -14.66 -42.88 -1.76
CA GLU R 82 -15.55 -41.74 -1.59
C GLU R 82 -16.54 -41.63 -2.75
N SER R 83 -16.05 -41.84 -3.97
CA SER R 83 -16.96 -41.81 -5.12
C SER R 83 -18.03 -42.89 -4.98
N ALA R 84 -17.62 -44.08 -4.54
CA ALA R 84 -18.59 -45.16 -4.33
C ALA R 84 -19.59 -44.80 -3.24
N ILE R 85 -19.13 -44.15 -2.17
CA ILE R 85 -20.02 -43.72 -1.10
C ILE R 85 -21.08 -42.77 -1.66
N GLU R 86 -20.65 -41.80 -2.45
CA GLU R 86 -21.60 -40.83 -3.00
C GLU R 86 -22.61 -41.52 -3.92
N VAL R 87 -22.14 -42.42 -4.78
CA VAL R 87 -23.05 -43.10 -5.70
C VAL R 87 -24.04 -43.96 -4.94
N VAL R 88 -23.57 -44.67 -3.90
CA VAL R 88 -24.46 -45.54 -3.14
C VAL R 88 -25.48 -44.72 -2.37
N LYS R 89 -25.08 -43.57 -1.84
CA LYS R 89 -26.04 -42.69 -1.17
C LYS R 89 -27.11 -42.20 -2.15
N GLU R 90 -26.69 -41.86 -3.38
CA GLU R 90 -27.66 -41.47 -4.39
C GLU R 90 -28.62 -42.61 -4.72
N ILE R 91 -28.10 -43.83 -4.81
CA ILE R 91 -28.94 -44.99 -5.08
C ILE R 91 -29.95 -45.19 -3.96
N LYS R 92 -29.50 -45.05 -2.71
CA LYS R 92 -30.41 -45.24 -1.59
C LYS R 92 -31.49 -44.16 -1.58
N ALA R 93 -31.13 -42.91 -1.88
CA ALA R 93 -32.13 -41.85 -1.97
C ALA R 93 -33.14 -42.14 -3.08
N LYS R 94 -32.67 -42.61 -4.23
CA LYS R 94 -33.58 -42.96 -5.32
C LYS R 94 -34.52 -44.08 -4.92
N LEU R 95 -33.99 -45.10 -4.23
CA LEU R 95 -34.83 -46.22 -3.80
C LEU R 95 -35.87 -45.75 -2.78
N VAL R 96 -35.47 -44.88 -1.85
CA VAL R 96 -36.41 -44.34 -0.87
C VAL R 96 -37.52 -43.57 -1.57
N ALA R 97 -37.16 -42.76 -2.58
CA ALA R 97 -38.17 -42.07 -3.35
C ALA R 97 -39.04 -43.04 -4.14
N ALA R 98 -38.51 -44.23 -4.46
CA ALA R 98 -39.21 -45.19 -5.30
C ALA R 98 -40.33 -45.92 -4.57
N THR R 99 -40.35 -45.92 -3.24
CA THR R 99 -41.35 -46.70 -2.52
C THR R 99 -42.75 -46.14 -2.70
N GLU R 100 -42.87 -44.91 -3.19
CA GLU R 100 -44.18 -44.34 -3.48
C GLU R 100 -44.86 -45.12 -4.59
N ASP R 101 -46.15 -45.41 -4.40
CA ASP R 101 -46.90 -46.16 -5.40
C ASP R 101 -47.13 -45.34 -6.66
N GLY R 102 -47.39 -44.04 -6.50
CA GLY R 102 -47.69 -43.20 -7.66
C GLY R 102 -46.51 -42.95 -8.57
N VAL R 103 -45.29 -43.11 -8.06
CA VAL R 103 -44.10 -42.88 -8.87
C VAL R 103 -43.82 -44.11 -9.72
N ASP R 104 -43.67 -43.91 -11.03
CA ASP R 104 -43.32 -45.01 -11.92
C ASP R 104 -41.94 -45.55 -11.58
N LYS R 105 -41.79 -46.86 -11.73
CA LYS R 105 -40.56 -47.54 -11.35
C LYS R 105 -39.60 -47.76 -12.50
N ALA R 106 -40.05 -47.60 -13.74
CA ALA R 106 -39.17 -47.86 -14.88
C ALA R 106 -38.07 -46.82 -14.99
N LYS R 107 -38.45 -45.53 -14.92
CA LYS R 107 -37.47 -44.46 -15.02
C LYS R 107 -36.42 -44.60 -13.94
N ILE R 108 -36.85 -44.86 -12.70
CA ILE R 108 -35.91 -45.16 -11.63
C ILE R 108 -35.12 -46.42 -11.96
N GLN R 109 -35.70 -47.33 -12.74
CA GLN R 109 -34.97 -48.54 -13.09
C GLN R 109 -33.74 -48.22 -13.94
N GLU R 110 -33.90 -47.41 -15.01
CA GLU R 110 -32.68 -47.09 -15.74
C GLU R 110 -31.79 -46.13 -14.95
N GLU R 111 -32.36 -45.35 -14.03
CA GLU R 111 -31.53 -44.54 -13.16
C GLU R 111 -30.57 -45.40 -12.34
N ILE R 112 -31.10 -46.44 -11.68
CA ILE R 112 -30.24 -47.34 -10.91
C ILE R 112 -29.33 -48.14 -11.83
N THR R 113 -29.77 -48.46 -13.05
CA THR R 113 -28.87 -49.13 -13.99
C THR R 113 -27.66 -48.27 -14.31
N GLN R 114 -27.88 -46.99 -14.60
CA GLN R 114 -26.78 -46.09 -14.87
C GLN R 114 -25.89 -45.92 -13.64
N LEU R 115 -26.51 -45.86 -12.45
CA LEU R 115 -25.71 -45.74 -11.24
C LEU R 115 -24.87 -46.98 -10.98
N LYS R 116 -25.41 -48.17 -11.30
CA LYS R 116 -24.64 -49.40 -11.15
C LYS R 116 -23.48 -49.44 -12.13
N ASP R 117 -23.70 -49.00 -13.38
CA ASP R 117 -22.59 -48.90 -14.32
C ASP R 117 -21.53 -47.92 -13.82
N GLN R 118 -21.97 -46.81 -13.21
CA GLN R 118 -21.04 -45.86 -12.63
C GLN R 118 -20.24 -46.50 -11.50
N LEU R 119 -20.91 -47.30 -10.67
CA LEU R 119 -20.21 -47.99 -9.58
C LEU R 119 -19.17 -48.96 -10.13
N THR R 120 -19.52 -49.69 -11.19
CA THR R 120 -18.56 -50.60 -11.81
C THR R 120 -17.36 -49.83 -12.36
N SER R 121 -17.61 -48.69 -13.00
CA SER R 121 -16.53 -47.87 -13.51
C SER R 121 -15.63 -47.37 -12.38
N ILE R 122 -16.24 -46.96 -11.26
CA ILE R 122 -15.46 -46.55 -10.10
C ILE R 122 -14.58 -47.69 -9.61
N ALA R 123 -15.18 -48.89 -9.52
CA ALA R 123 -14.45 -50.04 -8.99
C ALA R 123 -13.27 -50.43 -9.87
N ASP R 124 -13.45 -50.42 -11.19
CA ASP R 124 -12.38 -50.90 -12.05
C ASP R 124 -11.37 -49.83 -12.41
N ALA R 125 -11.79 -48.56 -12.50
CA ALA R 125 -10.87 -47.50 -12.92
C ALA R 125 -9.91 -47.08 -11.83
N ALA R 126 -10.34 -47.12 -10.57
CA ALA R 126 -9.55 -46.57 -9.45
C ALA R 126 -8.39 -47.51 -9.15
N SER R 127 -7.32 -47.37 -9.94
CA SER R 127 -6.10 -48.14 -9.74
C SER R 127 -4.91 -47.22 -9.94
N PHE R 128 -3.81 -47.52 -9.24
CA PHE R 128 -2.61 -46.72 -9.34
C PHE R 128 -1.51 -47.41 -10.14
N SER R 129 -1.11 -48.62 -9.74
CA SER R 129 -0.03 -49.32 -10.42
C SER R 129 -0.35 -50.80 -10.53
N GLY R 130 -1.60 -51.11 -10.83
CA GLY R 130 -2.06 -52.49 -10.91
C GLY R 130 -2.60 -53.05 -9.62
N GLU R 131 -2.30 -52.43 -8.48
CA GLU R 131 -2.86 -52.82 -7.18
C GLU R 131 -3.89 -51.77 -6.80
N ASN R 132 -5.12 -51.98 -7.25
CA ASN R 132 -6.20 -51.05 -6.98
C ASN R 132 -6.78 -51.20 -5.58
N TRP R 133 -6.38 -52.23 -4.83
CA TRP R 133 -6.90 -52.52 -3.49
C TRP R 133 -8.41 -52.75 -3.51
N LEU R 134 -8.98 -52.97 -4.69
CA LEU R 134 -10.40 -53.23 -4.86
C LEU R 134 -10.57 -54.31 -5.92
N GLN R 135 -11.78 -54.87 -6.00
CA GLN R 135 -12.08 -55.90 -6.99
C GLN R 135 -11.13 -57.08 -6.89
N ALA R 136 -10.73 -57.40 -5.66
CA ALA R 136 -9.79 -58.50 -5.45
C ALA R 136 -10.49 -59.83 -5.67
N ASP R 137 -9.68 -60.88 -5.84
CA ASP R 137 -10.18 -62.23 -6.05
C ASP R 137 -10.38 -62.91 -4.71
N LEU R 138 -11.62 -63.25 -4.39
CA LEU R 138 -11.97 -63.87 -3.12
C LEU R 138 -12.16 -65.38 -3.23
N SER R 139 -11.42 -66.03 -4.13
CA SER R 139 -11.48 -67.48 -4.21
C SER R 139 -11.00 -68.14 -2.92
N GLY R 140 -9.90 -67.64 -2.36
CA GLY R 140 -9.44 -68.11 -1.07
C GLY R 140 -10.12 -67.38 0.08
N GLY R 141 -10.63 -66.19 -0.19
CA GLY R 141 -11.36 -65.42 0.80
C GLY R 141 -10.51 -64.71 1.84
N ALA R 142 -9.19 -64.76 1.72
CA ALA R 142 -8.31 -64.15 2.71
C ALA R 142 -7.17 -63.40 2.03
N VAL R 143 -7.49 -62.63 0.99
CA VAL R 143 -6.47 -61.85 0.30
C VAL R 143 -6.02 -60.70 1.19
N THR R 144 -4.70 -60.50 1.28
CA THR R 144 -4.12 -59.48 2.14
C THR R 144 -3.06 -58.72 1.36
N LYS R 145 -3.11 -57.39 1.43
CA LYS R 145 -2.13 -56.52 0.81
C LYS R 145 -1.38 -55.74 1.88
N SER R 146 -0.10 -55.48 1.63
CA SER R 146 0.78 -54.89 2.62
C SER R 146 1.54 -53.72 2.04
N VAL R 147 1.94 -52.81 2.93
CA VAL R 147 2.74 -51.64 2.58
C VAL R 147 3.99 -51.65 3.44
N VAL R 148 5.16 -51.44 2.81
CA VAL R 148 6.42 -51.46 3.55
C VAL R 148 6.42 -50.33 4.57
N GLY R 149 6.50 -50.68 5.85
CA GLY R 149 6.41 -49.70 6.91
C GLY R 149 7.75 -49.20 7.43
N SER R 150 8.64 -50.10 7.81
CA SER R 150 9.90 -49.70 8.41
C SER R 150 10.92 -50.82 8.28
N PHE R 151 12.19 -50.43 8.31
CA PHE R 151 13.30 -51.38 8.29
C PHE R 151 13.82 -51.51 9.71
N VAL R 152 13.73 -52.73 10.26
CA VAL R 152 14.06 -52.98 11.65
C VAL R 152 15.23 -53.95 11.73
N ARG R 153 16.28 -53.55 12.43
CA ARG R 153 17.41 -54.41 12.72
C ARG R 153 17.28 -54.92 14.16
N ASP R 154 17.14 -56.23 14.31
CA ASP R 154 16.95 -56.82 15.63
C ASP R 154 18.25 -56.74 16.44
N GLY R 155 18.10 -56.92 17.75
CA GLY R 155 19.25 -56.82 18.64
C GLY R 155 20.28 -57.90 18.40
N SER R 156 19.82 -59.11 18.06
CA SER R 156 20.72 -60.24 17.88
C SER R 156 21.21 -60.36 16.44
N GLY R 157 21.72 -59.26 15.90
CA GLY R 157 22.31 -59.28 14.56
C GLY R 157 21.36 -59.72 13.47
N SER R 158 20.12 -59.27 13.50
CA SER R 158 19.11 -59.67 12.53
C SER R 158 18.51 -58.44 11.87
N VAL R 159 18.12 -58.61 10.60
CA VAL R 159 17.50 -57.54 9.81
C VAL R 159 16.23 -58.08 9.19
N ALA R 160 15.19 -57.24 9.16
CA ALA R 160 13.91 -57.62 8.59
C ALA R 160 13.17 -56.36 8.17
N VAL R 161 12.15 -56.54 7.35
CA VAL R 161 11.33 -55.45 6.84
C VAL R 161 9.92 -55.61 7.39
N LYS R 162 9.43 -54.59 8.08
CA LYS R 162 8.09 -54.61 8.63
C LYS R 162 7.10 -54.00 7.64
N LYS R 163 5.90 -54.58 7.59
CA LYS R 163 4.88 -54.17 6.66
C LYS R 163 3.56 -53.96 7.40
N VAL R 164 2.73 -53.07 6.86
CA VAL R 164 1.42 -52.77 7.40
C VAL R 164 0.38 -53.49 6.55
N ASP R 165 -0.43 -54.33 7.19
CA ASP R 165 -1.37 -55.19 6.48
C ASP R 165 -2.73 -54.55 6.37
N TYR R 166 -3.42 -54.85 5.27
CA TYR R 166 -4.79 -54.40 5.04
C TYR R 166 -5.59 -55.59 4.53
N SER R 167 -6.78 -55.77 5.09
CA SER R 167 -7.61 -56.95 4.81
C SER R 167 -8.71 -56.60 3.80
N LEU R 168 -8.94 -57.50 2.86
CA LEU R 168 -9.97 -57.36 1.84
C LEU R 168 -10.90 -58.57 1.85
N ASN R 169 -11.19 -59.09 3.04
CA ASN R 169 -11.87 -60.38 3.15
C ASN R 169 -13.28 -60.37 2.56
N ALA R 170 -14.21 -59.64 3.17
CA ALA R 170 -15.57 -59.61 2.68
C ALA R 170 -16.26 -58.25 2.82
N ASN R 171 -15.57 -57.22 3.31
CA ASN R 171 -16.21 -55.95 3.57
C ASN R 171 -15.50 -54.76 2.94
N SER R 172 -14.36 -54.98 2.27
CA SER R 172 -13.63 -53.89 1.64
C SER R 172 -13.09 -54.30 0.28
N VAL R 173 -13.81 -55.16 -0.44
CA VAL R 173 -13.31 -55.70 -1.70
C VAL R 173 -13.94 -55.04 -2.92
N LEU R 174 -15.18 -54.54 -2.83
CA LEU R 174 -15.77 -53.73 -3.90
C LEU R 174 -15.85 -54.48 -5.23
N PHE R 175 -16.81 -55.39 -5.36
CA PHE R 175 -17.00 -56.22 -6.56
C PHE R 175 -15.89 -57.24 -6.75
N ASP R 176 -15.82 -58.21 -5.85
CA ASP R 176 -15.00 -59.41 -6.05
C ASP R 176 -15.12 -59.93 -7.48
N THR R 177 -13.97 -60.26 -8.07
CA THR R 177 -13.92 -60.57 -9.49
C THR R 177 -14.63 -61.87 -9.82
N VAL R 178 -14.34 -62.94 -9.08
CA VAL R 178 -14.74 -64.29 -9.45
C VAL R 178 -15.93 -64.77 -8.61
N GLY R 179 -15.78 -64.77 -7.28
CA GLY R 179 -16.78 -65.39 -6.42
C GLY R 179 -18.10 -64.66 -6.38
N ASP R 180 -18.12 -63.38 -6.74
CA ASP R 180 -19.33 -62.55 -6.69
C ASP R 180 -19.94 -62.58 -5.29
N THR R 181 -19.08 -62.50 -4.28
CA THR R 181 -19.49 -62.52 -2.89
C THR R 181 -18.92 -61.32 -2.14
N GLY R 182 -18.64 -60.24 -2.86
CA GLY R 182 -18.05 -59.06 -2.26
C GLY R 182 -19.07 -58.21 -1.52
N ILE R 183 -18.59 -57.05 -1.06
CA ILE R 183 -19.47 -56.13 -0.33
C ILE R 183 -20.64 -55.70 -1.20
N LEU R 184 -20.40 -55.50 -2.49
CA LEU R 184 -21.46 -55.33 -3.46
C LEU R 184 -21.62 -56.61 -4.27
N ASP R 185 -22.71 -56.67 -5.04
CA ASP R 185 -23.06 -57.85 -5.82
C ASP R 185 -23.19 -59.07 -4.92
N LYS R 186 -23.85 -58.88 -3.77
CA LYS R 186 -24.18 -59.98 -2.87
C LYS R 186 -25.45 -59.61 -2.11
N VAL R 187 -26.14 -60.64 -1.62
CA VAL R 187 -27.38 -60.46 -0.89
C VAL R 187 -27.09 -60.32 0.60
N TYR R 188 -27.80 -59.40 1.25
CA TYR R 188 -27.64 -59.16 2.68
C TYR R 188 -28.89 -59.63 3.41
N ASN R 189 -28.70 -60.44 4.45
CA ASN R 189 -29.82 -60.88 5.26
C ASN R 189 -30.40 -59.70 6.05
N VAL R 190 -31.73 -59.62 6.09
CA VAL R 190 -32.44 -58.52 6.73
C VAL R 190 -33.42 -59.14 7.72
N SER R 191 -33.06 -59.12 9.00
CA SER R 191 -33.97 -59.59 10.05
C SER R 191 -33.71 -58.79 11.31
N GLN R 192 -34.72 -58.74 12.19
CA GLN R 192 -34.69 -57.81 13.31
C GLN R 192 -33.71 -58.25 14.38
N ALA R 193 -33.66 -59.55 14.68
CA ALA R 193 -32.95 -60.05 15.86
C ALA R 193 -31.94 -61.12 15.47
N SER R 194 -31.14 -60.86 14.44
CA SER R 194 -30.10 -61.79 14.02
C SER R 194 -28.81 -61.02 13.75
N VAL R 195 -27.73 -61.78 13.63
CA VAL R 195 -26.40 -61.23 13.36
C VAL R 195 -25.68 -62.16 12.38
N THR R 196 -24.95 -61.57 11.44
CA THR R 196 -24.24 -62.32 10.41
C THR R 196 -22.83 -62.63 10.91
N LEU R 197 -22.55 -63.91 11.10
CA LEU R 197 -21.26 -64.37 11.62
C LEU R 197 -20.49 -65.12 10.55
N THR R 198 -19.17 -64.95 10.55
CA THR R 198 -18.28 -65.75 9.72
C THR R 198 -17.62 -66.82 10.59
N VAL R 199 -17.79 -68.08 10.19
CA VAL R 199 -17.18 -69.22 10.88
C VAL R 199 -16.63 -70.16 9.82
N ASN R 200 -15.46 -70.71 10.08
CA ASN R 200 -14.82 -71.61 9.13
C ASN R 200 -15.16 -73.06 9.47
N THR R 201 -15.57 -73.82 8.46
CA THR R 201 -15.89 -75.23 8.60
C THR R 201 -14.98 -76.02 7.67
N ASN R 202 -14.28 -77.02 8.22
CA ASN R 202 -13.34 -77.85 7.48
C ASN R 202 -12.25 -77.02 6.82
N GLY R 203 -11.88 -75.90 7.44
CA GLY R 203 -10.80 -75.08 6.95
C GLY R 203 -11.18 -73.99 5.97
N VAL R 204 -12.45 -73.90 5.57
CA VAL R 204 -12.91 -72.88 4.64
C VAL R 204 -13.96 -72.03 5.35
N GLU R 205 -13.82 -70.71 5.22
CA GLU R 205 -14.71 -69.79 5.90
C GLU R 205 -16.03 -69.65 5.16
N SER R 206 -17.07 -69.28 5.92
CA SER R 206 -18.38 -69.04 5.36
C SER R 206 -19.14 -68.12 6.31
N GLN R 207 -20.19 -67.49 5.78
CA GLN R 207 -20.99 -66.55 6.54
C GLN R 207 -22.38 -67.14 6.76
N HIS R 208 -22.81 -67.21 8.02
CA HIS R 208 -24.10 -67.77 8.39
C HIS R 208 -24.88 -66.75 9.20
N THR R 209 -26.19 -66.68 8.96
CA THR R 209 -27.08 -65.79 9.68
C THR R 209 -27.76 -66.58 10.80
N VAL R 210 -27.57 -66.13 12.04
CA VAL R 210 -28.12 -66.79 13.21
C VAL R 210 -28.72 -65.73 14.12
N ALA R 211 -29.74 -66.13 14.88
CA ALA R 211 -30.41 -65.21 15.80
C ALA R 211 -29.46 -64.79 16.92
N ALA R 212 -29.67 -63.57 17.41
CA ALA R 212 -28.88 -63.00 18.49
C ALA R 212 -29.78 -62.66 19.67
N TYR R 213 -29.25 -62.87 20.88
CA TYR R 213 -30.01 -62.65 22.11
C TYR R 213 -29.31 -61.61 22.95
N SER R 214 -30.08 -60.66 23.48
CA SER R 214 -29.52 -59.58 24.28
C SER R 214 -29.07 -60.07 25.64
N LEU R 215 -28.06 -59.40 26.19
CA LEU R 215 -27.53 -59.77 27.51
C LEU R 215 -28.54 -59.46 28.61
N GLU R 216 -29.32 -58.40 28.45
CA GLU R 216 -30.30 -58.05 29.49
C GLU R 216 -31.34 -59.14 29.67
N SER R 217 -31.85 -59.70 28.57
CA SER R 217 -32.81 -60.80 28.67
C SER R 217 -32.17 -62.02 29.33
N LEU R 218 -30.93 -62.32 28.98
CA LEU R 218 -30.24 -63.46 29.55
C LEU R 218 -30.09 -63.31 31.07
N THR R 219 -29.67 -62.13 31.51
CA THR R 219 -29.48 -61.91 32.95
C THR R 219 -30.80 -61.76 33.69
N GLU R 220 -31.87 -61.36 33.00
CA GLU R 220 -33.17 -61.29 33.64
C GLU R 220 -33.80 -62.67 33.80
N ALA R 221 -33.58 -63.56 32.83
CA ALA R 221 -34.16 -64.90 32.89
C ALA R 221 -33.56 -65.76 33.99
N GLY R 222 -32.42 -65.36 34.56
CA GLY R 222 -31.80 -66.14 35.60
C GLY R 222 -30.77 -67.11 35.07
N ALA R 223 -29.86 -66.63 34.23
CA ALA R 223 -28.86 -67.46 33.59
C ALA R 223 -27.56 -67.45 34.39
N GLU R 224 -26.84 -68.56 34.32
CA GLU R 224 -25.55 -68.70 34.96
C GLU R 224 -24.47 -68.56 33.89
N PHE R 225 -23.54 -67.64 34.10
CA PHE R 225 -22.51 -67.33 33.12
C PHE R 225 -21.17 -67.89 33.55
N GLN R 226 -20.28 -68.05 32.58
CA GLN R 226 -18.91 -68.48 32.85
C GLN R 226 -18.05 -68.07 31.66
N GLY R 227 -17.16 -67.10 31.88
CA GLY R 227 -16.33 -66.62 30.79
C GLY R 227 -17.19 -66.04 29.69
N ASN R 228 -17.07 -66.61 28.50
CA ASN R 228 -17.89 -66.23 27.36
C ASN R 228 -19.04 -67.21 27.14
N TYR R 229 -19.32 -68.06 28.12
CA TYR R 229 -20.37 -69.07 28.02
C TYR R 229 -21.50 -68.75 28.99
N ALA R 230 -22.72 -69.11 28.60
CA ALA R 230 -23.90 -68.87 29.41
C ALA R 230 -24.76 -70.13 29.43
N LEU R 231 -25.57 -70.24 30.49
CA LEU R 231 -26.50 -71.37 30.61
C LEU R 231 -27.77 -70.83 31.28
N GLN R 232 -28.78 -70.54 30.47
CA GLN R 232 -30.07 -70.09 30.96
C GLN R 232 -30.95 -71.24 31.45
N GLY R 233 -30.59 -72.47 31.13
CA GLY R 233 -31.42 -73.61 31.44
C GLY R 233 -31.19 -74.74 30.45
N GLY R 234 -32.25 -75.20 29.79
CA GLY R 234 -32.10 -76.21 28.75
C GLY R 234 -31.35 -75.73 27.53
N ASN R 235 -31.10 -74.42 27.42
CA ASN R 235 -30.38 -73.85 26.30
C ASN R 235 -29.06 -73.26 26.78
N SER R 236 -28.06 -73.29 25.90
CA SER R 236 -26.73 -72.77 26.21
C SER R 236 -26.36 -71.69 25.20
N TYR R 237 -25.58 -70.72 25.65
CA TYR R 237 -25.17 -69.58 24.83
C TYR R 237 -23.69 -69.34 24.98
N VAL R 238 -23.08 -68.83 23.91
CA VAL R 238 -21.65 -68.53 23.88
C VAL R 238 -21.47 -67.09 23.40
N LYS R 239 -20.47 -66.41 23.96
CA LYS R 239 -20.17 -65.03 23.57
C LYS R 239 -19.01 -65.03 22.57
N VAL R 240 -19.34 -65.46 21.35
CA VAL R 240 -18.37 -65.42 20.26
C VAL R 240 -18.05 -63.98 19.87
N GLU R 241 -19.06 -63.11 19.89
CA GLU R 241 -18.87 -61.70 19.61
C GLU R 241 -19.65 -60.87 20.61
N ASN R 242 -19.84 -59.57 20.34
CA ASN R 242 -20.53 -58.69 21.27
C ASN R 242 -21.98 -59.10 21.51
N VAL R 243 -22.53 -59.97 20.65
CA VAL R 243 -23.89 -60.47 20.80
C VAL R 243 -23.84 -61.94 21.17
N TRP R 244 -24.75 -62.37 22.03
CA TRP R 244 -24.81 -63.76 22.48
C TRP R 244 -25.64 -64.60 21.51
N VAL R 245 -25.21 -65.84 21.31
CA VAL R 245 -25.86 -66.74 20.36
C VAL R 245 -25.97 -68.13 20.98
N ARG R 246 -27.08 -68.81 20.71
CA ARG R 246 -27.25 -70.19 21.15
C ARG R 246 -26.22 -71.09 20.48
N ALA R 247 -25.75 -72.08 21.23
CA ALA R 247 -24.68 -72.95 20.77
C ALA R 247 -25.06 -74.41 20.97
N GLU R 248 -24.45 -75.28 20.16
CA GLU R 248 -24.59 -76.72 20.26
C GLU R 248 -23.47 -77.28 21.13
N THR R 249 -23.73 -78.39 21.79
CA THR R 249 -22.81 -78.92 22.79
C THR R 249 -21.46 -79.31 22.18
N ALA R 250 -21.46 -80.35 21.34
CA ALA R 250 -20.26 -80.84 20.67
C ALA R 250 -20.66 -82.03 19.81
N ALA R 251 -19.82 -82.31 18.80
CA ALA R 251 -19.95 -83.49 17.94
C ALA R 251 -21.31 -83.57 17.25
N THR R 252 -22.07 -82.47 17.23
CA THR R 252 -23.36 -82.47 16.56
C THR R 252 -23.19 -82.26 15.05
N GLY R 253 -22.50 -81.18 14.67
CA GLY R 253 -22.20 -80.96 13.26
C GLY R 253 -21.24 -81.97 12.68
N ALA R 254 -20.25 -82.40 13.49
CA ALA R 254 -19.23 -83.36 13.06
C ALA R 254 -18.52 -82.88 11.80
N THR R 255 -18.27 -81.57 11.74
CA THR R 255 -17.61 -80.95 10.59
C THR R 255 -16.34 -80.21 10.97
N GLY R 256 -15.82 -80.42 12.18
CA GLY R 256 -14.62 -79.71 12.59
C GLY R 256 -14.79 -78.22 12.68
N GLN R 257 -15.93 -77.75 13.18
CA GLN R 257 -16.19 -76.33 13.28
C GLN R 257 -15.32 -75.70 14.37
N GLU R 258 -15.12 -74.38 14.25
CA GLU R 258 -14.36 -73.65 15.23
C GLU R 258 -15.02 -73.73 16.60
N ILE R 259 -14.22 -73.97 17.63
CA ILE R 259 -14.74 -74.13 18.99
C ILE R 259 -15.09 -72.76 19.53
N ALA R 260 -16.36 -72.59 19.92
CA ALA R 260 -16.81 -71.30 20.45
C ALA R 260 -16.17 -71.01 21.80
N ALA R 261 -16.24 -71.96 22.73
CA ALA R 261 -15.70 -71.75 24.07
C ALA R 261 -15.59 -73.10 24.76
N THR R 262 -14.79 -73.12 25.83
CA THR R 262 -14.63 -74.30 26.67
C THR R 262 -15.03 -73.94 28.11
N THR R 263 -15.65 -74.91 28.79
CA THR R 263 -16.18 -74.70 30.13
C THR R 263 -15.57 -75.72 31.09
N THR R 264 -16.01 -75.65 32.34
CA THR R 264 -15.56 -76.56 33.39
C THR R 264 -16.78 -76.91 34.25
N ALA R 265 -16.53 -77.48 35.43
CA ALA R 265 -17.61 -77.90 36.31
C ALA R 265 -18.47 -76.70 36.72
N ALA R 266 -17.88 -75.77 37.46
CA ALA R 266 -18.55 -74.51 37.84
C ALA R 266 -19.90 -74.77 38.50
N GLY R 267 -19.97 -75.80 39.33
CA GLY R 267 -21.18 -76.13 40.03
C GLY R 267 -22.16 -76.97 39.22
N THR R 268 -22.81 -76.35 38.23
CA THR R 268 -23.82 -77.02 37.43
C THR R 268 -23.61 -76.78 35.93
N ILE R 269 -22.36 -76.64 35.51
CA ILE R 269 -22.03 -76.41 34.11
C ILE R 269 -21.30 -77.65 33.59
N THR R 270 -21.81 -78.22 32.49
CA THR R 270 -21.17 -79.39 31.91
C THR R 270 -19.82 -79.01 31.30
N ALA R 271 -18.84 -79.88 31.48
CA ALA R 271 -17.51 -79.66 30.92
C ALA R 271 -17.48 -80.16 29.49
N ASP R 272 -17.46 -79.23 28.53
CA ASP R 272 -17.48 -79.59 27.12
C ASP R 272 -16.93 -78.43 26.31
N SER R 273 -16.56 -78.74 25.07
CA SER R 273 -16.08 -77.73 24.12
C SER R 273 -17.25 -77.34 23.23
N TRP R 274 -17.77 -76.13 23.44
CA TRP R 274 -19.00 -75.69 22.79
C TRP R 274 -18.68 -75.06 21.43
N VAL R 275 -19.63 -75.21 20.51
CA VAL R 275 -19.51 -74.70 19.15
C VAL R 275 -20.77 -73.92 18.80
N VAL R 276 -20.59 -72.78 18.12
CA VAL R 276 -21.71 -71.96 17.71
C VAL R 276 -22.65 -72.77 16.82
N ASP R 277 -23.94 -72.70 17.11
CA ASP R 277 -24.94 -73.43 16.32
C ASP R 277 -25.07 -72.79 14.94
N VAL R 278 -24.65 -73.53 13.91
CA VAL R 278 -24.79 -73.03 12.54
C VAL R 278 -26.25 -72.90 12.17
N GLY R 279 -27.12 -73.72 12.75
CA GLY R 279 -28.54 -73.62 12.51
C GLY R 279 -29.19 -72.53 13.34
N ASN R 280 -30.34 -72.83 13.94
CA ASN R 280 -31.09 -71.89 14.78
C ASN R 280 -31.42 -70.61 14.00
N ALA R 281 -32.25 -70.81 12.98
CA ALA R 281 -32.64 -69.70 12.11
C ALA R 281 -33.44 -68.67 12.91
N PRO R 282 -33.37 -67.40 12.49
CA PRO R 282 -34.11 -66.35 13.21
C PRO R 282 -35.61 -66.57 13.15
N ALA R 283 -36.33 -65.76 13.93
CA ALA R 283 -37.78 -65.86 13.98
C ALA R 283 -38.40 -65.56 12.62
N ALA R 284 -37.91 -64.53 11.93
CA ALA R 284 -38.38 -64.15 10.61
C ALA R 284 -37.16 -64.01 9.71
N ASN R 285 -36.80 -65.08 9.03
CA ASN R 285 -35.63 -65.09 8.15
C ASN R 285 -36.00 -64.45 6.83
N VAL R 286 -35.61 -63.19 6.65
CA VAL R 286 -35.87 -62.44 5.44
C VAL R 286 -34.55 -62.01 4.83
N SER R 287 -34.40 -62.21 3.52
CA SER R 287 -33.20 -61.84 2.81
C SER R 287 -33.52 -60.81 1.74
N ALA R 288 -32.52 -60.00 1.40
CA ALA R 288 -32.70 -59.01 0.34
C ALA R 288 -33.03 -59.69 -0.97
N GLY R 289 -34.01 -59.15 -1.68
CA GLY R 289 -34.45 -59.77 -2.93
C GLY R 289 -33.34 -59.79 -3.97
N GLN R 290 -32.63 -58.68 -4.12
CA GLN R 290 -31.57 -58.58 -5.11
C GLN R 290 -30.37 -57.89 -4.47
N SER R 291 -29.20 -58.12 -5.06
CA SER R 291 -27.97 -57.49 -4.59
C SER R 291 -27.93 -56.03 -5.05
N VAL R 292 -26.87 -55.34 -4.65
CA VAL R 292 -26.70 -53.94 -5.04
C VAL R 292 -26.45 -53.84 -6.54
N ALA R 293 -25.68 -54.77 -7.10
CA ALA R 293 -25.34 -54.76 -8.52
C ALA R 293 -26.42 -55.35 -9.40
N ASN R 294 -27.49 -55.89 -8.82
CA ASN R 294 -28.56 -56.53 -9.58
C ASN R 294 -29.91 -55.95 -9.20
N ILE R 295 -29.96 -54.65 -8.95
CA ILE R 295 -31.19 -54.01 -8.53
C ILE R 295 -32.17 -53.96 -9.69
N ASN R 296 -33.38 -54.46 -9.47
CA ASN R 296 -34.43 -54.46 -10.48
C ASN R 296 -35.76 -54.26 -9.75
N ILE R 297 -36.30 -53.05 -9.84
CA ILE R 297 -37.45 -52.67 -9.03
C ILE R 297 -38.75 -52.70 -9.83
N VAL R 298 -38.77 -53.43 -10.95
CA VAL R 298 -39.97 -53.51 -11.78
C VAL R 298 -40.95 -54.45 -11.10
N GLY R 299 -41.94 -53.89 -10.42
CA GLY R 299 -42.97 -54.68 -9.78
C GLY R 299 -42.49 -55.58 -8.67
N MET R 300 -41.60 -55.08 -7.80
CA MET R 300 -41.10 -55.89 -6.70
C MET R 300 -42.14 -56.06 -5.61
N GLY R 301 -42.84 -54.98 -5.25
CA GLY R 301 -43.75 -54.99 -4.13
C GLY R 301 -43.17 -54.28 -2.92
N ALA R 302 -44.05 -54.04 -1.94
CA ALA R 302 -43.65 -53.28 -0.76
C ALA R 302 -42.58 -54.00 0.05
N ALA R 303 -42.80 -55.28 0.35
CA ALA R 303 -41.85 -56.03 1.17
C ALA R 303 -40.51 -56.15 0.49
N ALA R 304 -40.50 -56.42 -0.82
CA ALA R 304 -39.24 -56.50 -1.56
C ALA R 304 -38.53 -55.16 -1.57
N LEU R 305 -39.28 -54.06 -1.71
CA LEU R 305 -38.66 -52.74 -1.67
C LEU R 305 -38.03 -52.46 -0.31
N ASP R 306 -38.72 -52.82 0.78
CA ASP R 306 -38.15 -52.61 2.10
C ASP R 306 -36.90 -53.46 2.30
N ALA R 307 -36.93 -54.72 1.85
CA ALA R 307 -35.75 -55.58 1.96
C ALA R 307 -34.58 -55.01 1.17
N LEU R 308 -34.85 -54.52 -0.04
CA LEU R 308 -33.79 -53.93 -0.86
C LEU R 308 -33.23 -52.68 -0.19
N ILE R 309 -34.09 -51.84 0.38
CA ILE R 309 -33.63 -50.64 1.06
C ILE R 309 -32.75 -51.00 2.25
N SER R 310 -33.16 -51.99 3.04
CA SER R 310 -32.36 -52.41 4.18
C SER R 310 -31.01 -52.97 3.74
N GLY R 311 -31.00 -53.77 2.68
CA GLY R 311 -29.74 -54.29 2.17
C GLY R 311 -28.81 -53.19 1.67
N VAL R 312 -29.37 -52.21 0.98
CA VAL R 312 -28.58 -51.08 0.50
C VAL R 312 -28.00 -50.30 1.67
N ASP R 313 -28.80 -50.09 2.72
CA ASP R 313 -28.32 -49.39 3.90
C ASP R 313 -27.20 -50.16 4.58
N ALA R 314 -27.34 -51.48 4.68
CA ALA R 314 -26.30 -52.30 5.29
C ALA R 314 -25.01 -52.22 4.49
N ALA R 315 -25.11 -52.29 3.15
CA ALA R 315 -23.93 -52.18 2.31
C ALA R 315 -23.29 -50.81 2.46
N LEU R 316 -24.10 -49.76 2.55
CA LEU R 316 -23.57 -48.41 2.74
C LEU R 316 -22.83 -48.30 4.06
N THR R 317 -23.38 -48.89 5.13
CA THR R 317 -22.69 -48.86 6.42
C THR R 317 -21.36 -49.60 6.34
N ASP R 318 -21.35 -50.77 5.70
CA ASP R 318 -20.11 -51.55 5.59
C ASP R 318 -19.05 -50.79 4.81
N MET R 319 -19.45 -50.16 3.69
CA MET R 319 -18.46 -49.44 2.89
C MET R 319 -18.01 -48.15 3.57
N THR R 320 -18.89 -47.53 4.38
CA THR R 320 -18.46 -46.40 5.19
C THR R 320 -17.41 -46.84 6.21
N SER R 321 -17.61 -47.99 6.83
CA SER R 321 -16.60 -48.53 7.75
C SER R 321 -15.30 -48.80 7.00
N ALA R 322 -15.38 -49.33 5.79
CA ALA R 322 -14.18 -49.58 4.99
C ALA R 322 -13.46 -48.27 4.66
N ALA R 323 -14.21 -47.23 4.33
CA ALA R 323 -13.60 -45.93 4.06
C ALA R 323 -12.91 -45.37 5.29
N ALA R 324 -13.54 -45.53 6.46
CA ALA R 324 -12.92 -45.09 7.71
C ALA R 324 -11.62 -45.85 7.96
N SER R 325 -11.63 -47.16 7.69
CA SER R 325 -10.42 -47.95 7.84
C SER R 325 -9.33 -47.47 6.89
N LEU R 326 -9.70 -47.16 5.65
CA LEU R 326 -8.72 -46.66 4.68
C LEU R 326 -8.12 -45.33 5.14
N GLY R 327 -8.97 -44.44 5.68
CA GLY R 327 -8.45 -43.19 6.21
C GLY R 327 -7.51 -43.41 7.37
N SER R 328 -7.83 -44.36 8.25
CA SER R 328 -6.93 -44.69 9.35
C SER R 328 -5.60 -45.23 8.83
N ILE R 329 -5.64 -46.07 7.79
CA ILE R 329 -4.40 -46.56 7.20
C ILE R 329 -3.57 -45.42 6.63
N SER R 330 -4.23 -44.47 5.95
CA SER R 330 -3.50 -43.34 5.40
C SER R 330 -2.85 -42.50 6.49
N SER R 331 -3.58 -42.27 7.59
CA SER R 331 -3.00 -41.54 8.72
C SER R 331 -1.81 -42.29 9.30
N ARG R 332 -1.92 -43.61 9.42
CA ARG R 332 -0.81 -44.39 9.94
C ARG R 332 0.40 -44.32 9.02
N ILE R 333 0.16 -44.33 7.70
CA ILE R 333 1.26 -44.19 6.76
C ILE R 333 1.95 -42.83 6.91
N ASP R 334 1.16 -41.77 7.08
CA ASP R 334 1.75 -40.45 7.27
C ASP R 334 2.59 -40.39 8.54
N LEU R 335 2.07 -40.94 9.63
CA LEU R 335 2.83 -40.97 10.88
C LEU R 335 4.10 -41.81 10.74
N GLN R 336 4.01 -42.96 10.07
CA GLN R 336 5.20 -43.77 9.85
C GLN R 336 6.23 -43.03 9.02
N SER R 337 5.78 -42.28 8.01
CA SER R 337 6.70 -41.52 7.18
C SER R 337 7.43 -40.45 7.99
N GLU R 338 6.69 -39.69 8.80
CA GLU R 338 7.37 -38.65 9.57
C GLU R 338 8.29 -39.26 10.62
N PHE R 339 7.89 -40.39 11.22
CA PHE R 339 8.74 -41.04 12.21
C PHE R 339 10.01 -41.58 11.58
N VAL R 340 9.92 -42.19 10.39
CA VAL R 340 11.12 -42.74 9.76
C VAL R 340 12.03 -41.60 9.30
N ASN R 341 11.44 -40.47 8.86
CA ASN R 341 12.27 -39.32 8.55
C ASN R 341 13.02 -38.83 9.77
N LYS R 342 12.34 -38.74 10.92
CA LYS R 342 13.02 -38.32 12.15
C LYS R 342 14.11 -39.31 12.53
N LEU R 343 13.84 -40.61 12.40
CA LEU R 343 14.84 -41.62 12.73
C LEU R 343 16.06 -41.53 11.82
N SER R 344 15.83 -41.30 10.52
CA SER R 344 16.94 -41.13 9.60
C SER R 344 17.76 -39.89 9.94
N ASP R 345 17.09 -38.80 10.31
CA ASP R 345 17.81 -37.60 10.72
C ASP R 345 18.65 -37.87 11.96
N SER R 346 18.09 -38.58 12.93
CA SER R 346 18.84 -38.90 14.15
C SER R 346 20.05 -39.79 13.85
N ILE R 347 19.87 -40.78 12.97
CA ILE R 347 20.96 -41.67 12.62
C ILE R 347 22.06 -40.90 11.90
N GLU R 348 21.67 -40.01 10.98
CA GLU R 348 22.67 -39.21 10.27
C GLU R 348 23.43 -38.30 11.23
N SER R 349 22.72 -37.70 12.19
CA SER R 349 23.37 -36.85 13.17
C SER R 349 24.35 -37.66 14.02
N GLY R 350 23.95 -38.86 14.43
CA GLY R 350 24.86 -39.71 15.19
C GLY R 350 26.09 -40.11 14.40
N VAL R 351 25.91 -40.45 13.12
CA VAL R 351 27.03 -40.79 12.27
C VAL R 351 27.98 -39.60 12.14
N GLY R 352 27.42 -38.41 11.93
CA GLY R 352 28.26 -37.22 11.84
C GLY R 352 29.03 -36.95 13.12
N ARG R 353 28.36 -37.10 14.27
CA ARG R 353 29.05 -36.89 15.54
C ARG R 353 30.15 -37.91 15.75
N LEU R 354 29.93 -39.16 15.35
CA LEU R 354 30.93 -40.20 15.54
C LEU R 354 32.06 -40.12 14.52
N VAL R 355 31.84 -39.48 13.37
CA VAL R 355 32.76 -39.56 12.24
C VAL R 355 33.40 -38.22 11.91
N ASP R 356 32.62 -37.13 11.95
CA ASP R 356 33.15 -35.85 11.51
C ASP R 356 34.22 -35.33 12.47
N ALA R 357 35.02 -34.40 11.98
CA ALA R 357 36.13 -33.82 12.73
C ALA R 357 35.94 -32.32 12.86
N ASP R 358 36.20 -31.79 14.05
CA ASP R 358 36.10 -30.36 14.32
C ASP R 358 37.29 -29.67 13.66
N MET R 359 37.08 -29.12 12.47
CA MET R 359 38.18 -28.77 11.58
C MET R 359 39.12 -27.72 12.16
N ASN R 360 38.71 -27.00 13.20
CA ASN R 360 39.56 -25.94 13.75
C ASN R 360 40.86 -26.51 14.30
N GLU R 361 40.78 -27.59 15.08
CA GLU R 361 42.01 -28.16 15.61
C GLU R 361 42.84 -28.85 14.53
N GLU R 362 42.20 -29.34 13.46
CA GLU R 362 42.98 -29.83 12.33
C GLU R 362 43.74 -28.70 11.65
N SER R 363 43.13 -27.51 11.54
CA SER R 363 43.87 -26.37 11.01
C SER R 363 45.03 -26.00 11.92
N THR R 364 44.80 -26.01 13.24
CA THR R 364 45.88 -25.72 14.18
C THR R 364 47.02 -26.73 14.03
N ARG R 365 46.68 -28.01 13.92
CA ARG R 365 47.69 -29.05 13.73
C ARG R 365 48.41 -28.86 12.40
N LEU R 366 47.70 -28.46 11.35
CA LEU R 366 48.34 -28.25 10.06
C LEU R 366 49.39 -27.15 10.15
N LYS R 367 49.03 -26.03 10.78
CA LYS R 367 49.99 -24.95 10.97
C LYS R 367 51.17 -25.40 11.83
N ALA R 368 50.89 -26.12 12.92
CA ALA R 368 51.95 -26.57 13.80
C ALA R 368 52.91 -27.51 13.09
N LEU R 369 52.38 -28.44 12.29
CA LEU R 369 53.24 -29.36 11.54
C LEU R 369 54.02 -28.65 10.46
N GLN R 370 53.44 -27.61 9.83
CA GLN R 370 54.23 -26.82 8.89
C GLN R 370 55.42 -26.17 9.59
N THR R 371 55.18 -25.59 10.76
CA THR R 371 56.28 -24.96 11.51
C THR R 371 57.32 -26.00 11.92
N GLN R 372 56.86 -27.17 12.38
CA GLN R 372 57.78 -28.22 12.80
C GLN R 372 58.61 -28.71 11.62
N GLN R 373 58.00 -28.84 10.44
CA GLN R 373 58.75 -29.25 9.26
C GLN R 373 59.79 -28.21 8.88
N GLN R 374 59.43 -26.92 8.97
CA GLN R 374 60.40 -25.88 8.66
C GLN R 374 61.59 -25.96 9.62
N LEU R 375 61.31 -26.11 10.92
CA LEU R 375 62.39 -26.24 11.89
C LEU R 375 63.24 -27.48 11.62
N ALA R 376 62.61 -28.60 11.30
CA ALA R 376 63.35 -29.82 11.04
C ALA R 376 64.23 -29.69 9.80
N ILE R 377 63.73 -29.03 8.76
CA ILE R 377 64.52 -28.81 7.56
C ILE R 377 65.72 -27.94 7.86
N GLN R 378 65.50 -26.87 8.65
CA GLN R 378 66.63 -26.01 9.01
C GLN R 378 67.68 -26.77 9.81
N ALA R 379 67.22 -27.56 10.79
CA ALA R 379 68.16 -28.33 11.61
C ALA R 379 68.90 -29.37 10.77
N LEU R 380 68.20 -30.01 9.82
CA LEU R 380 68.86 -30.98 8.94
C LEU R 380 69.91 -30.31 8.07
N SER R 381 69.61 -29.11 7.56
CA SER R 381 70.59 -28.37 6.78
C SER R 381 71.82 -28.03 7.63
N ILE R 382 71.59 -27.61 8.87
CA ILE R 382 72.71 -27.30 9.76
C ILE R 382 73.55 -28.55 10.03
N ALA R 383 72.89 -29.67 10.28
CA ALA R 383 73.60 -30.92 10.56
C ALA R 383 74.37 -31.41 9.35
N ASN R 384 73.84 -31.16 8.14
CA ASN R 384 74.58 -31.51 6.93
C ASN R 384 75.79 -30.61 6.76
N SER R 385 75.64 -29.32 7.07
CA SER R 385 76.71 -28.37 6.80
C SER R 385 77.85 -28.48 7.82
N ASP R 386 77.54 -28.82 9.07
CA ASP R 386 78.54 -28.71 10.13
C ASP R 386 79.69 -29.70 9.98
N SER R 387 79.56 -30.72 9.13
CA SER R 387 80.60 -31.72 8.98
C SER R 387 81.78 -31.24 8.15
N GLN R 388 81.68 -30.07 7.51
CA GLN R 388 82.75 -29.54 6.68
C GLN R 388 83.81 -28.80 7.47
N ASN R 389 83.64 -28.67 8.79
CA ASN R 389 84.59 -27.89 9.59
C ASN R 389 85.96 -28.55 9.66
N VAL R 390 86.03 -29.87 9.49
CA VAL R 390 87.28 -30.59 9.67
C VAL R 390 88.31 -30.22 8.61
N LEU R 391 87.87 -29.69 7.46
CA LEU R 391 88.79 -29.42 6.36
C LEU R 391 89.86 -28.39 6.71
N SER R 392 89.62 -27.56 7.72
CA SER R 392 90.56 -26.50 8.05
C SER R 392 91.88 -27.05 8.54
N LEU R 393 91.84 -28.11 9.36
CA LEU R 393 93.05 -28.62 9.98
C LEU R 393 94.02 -29.18 8.94
N PHE R 394 93.53 -29.92 7.97
CA PHE R 394 94.40 -30.63 7.05
C PHE R 394 95.05 -29.72 6.01
N ARG R 395 94.47 -28.55 5.76
CA ARG R 395 95.03 -27.60 4.80
C ARG R 395 96.09 -26.73 5.45
N THR S 2 106.36 5.44 -9.82
CA THR S 2 105.67 5.13 -8.57
C THR S 2 106.31 5.85 -7.39
N SER S 3 105.67 6.93 -6.94
CA SER S 3 106.10 7.65 -5.75
C SER S 3 105.38 7.09 -4.54
N ILE S 4 106.14 6.69 -3.53
CA ILE S 4 105.57 5.98 -2.39
C ILE S 4 105.00 6.92 -1.33
N LEU S 5 105.28 8.22 -1.42
CA LEU S 5 104.82 9.17 -0.43
C LEU S 5 103.56 9.92 -0.86
N THR S 6 103.27 9.96 -2.16
CA THR S 6 102.07 10.61 -2.67
C THR S 6 101.39 9.70 -3.68
N ASN S 7 100.05 9.80 -3.72
CA ASN S 7 99.24 9.03 -4.68
C ASN S 7 98.20 10.00 -5.24
N ASN S 8 98.56 10.67 -6.35
CA ASN S 8 97.69 11.69 -6.92
C ASN S 8 96.36 11.10 -7.38
N SER S 9 96.38 9.86 -7.90
CA SER S 9 95.14 9.20 -8.25
C SER S 9 94.27 9.01 -7.02
N ALA S 10 94.87 8.75 -5.87
CA ALA S 10 94.11 8.62 -4.64
C ALA S 10 93.44 9.94 -4.27
N MET S 11 94.16 11.06 -4.38
CA MET S 11 93.56 12.35 -4.07
C MET S 11 92.43 12.68 -5.04
N ALA S 12 92.60 12.33 -6.32
CA ALA S 12 91.50 12.51 -7.27
C ALA S 12 90.30 11.68 -6.88
N ALA S 13 90.53 10.44 -6.44
CA ALA S 13 89.43 9.59 -5.98
C ALA S 13 88.73 10.19 -4.77
N LEU S 14 89.50 10.74 -3.83
CA LEU S 14 88.90 11.41 -2.67
C LEU S 14 88.07 12.61 -3.10
N SER S 15 88.56 13.41 -4.05
CA SER S 15 87.80 14.56 -4.50
C SER S 15 86.48 14.11 -5.14
N GLY S 16 86.53 13.08 -5.97
CA GLY S 16 85.31 12.54 -6.54
C GLY S 16 84.35 12.02 -5.48
N VAL S 17 84.88 11.33 -4.47
CA VAL S 17 84.04 10.77 -3.42
C VAL S 17 83.36 11.89 -2.63
N ARG S 18 84.10 12.95 -2.30
CA ARG S 18 83.50 14.06 -1.58
C ARG S 18 82.42 14.75 -2.40
N SER S 19 82.67 14.94 -3.70
CA SER S 19 81.65 15.55 -4.55
C SER S 19 80.38 14.69 -4.60
N ILE S 20 80.56 13.38 -4.78
CA ILE S 20 79.42 12.47 -4.82
C ILE S 20 78.69 12.46 -3.49
N SER S 21 79.43 12.52 -2.38
CA SER S 21 78.80 12.50 -1.06
C SER S 21 77.98 13.76 -0.82
N SER S 22 78.51 14.93 -1.21
CA SER S 22 77.75 16.16 -1.05
C SER S 22 76.48 16.13 -1.90
N SER S 23 76.62 15.70 -3.16
CA SER S 23 75.45 15.62 -4.02
C SER S 23 74.43 14.62 -3.49
N MET S 24 74.90 13.50 -2.93
CA MET S 24 74.02 12.50 -2.36
C MET S 24 73.28 13.04 -1.14
N GLU S 25 73.98 13.76 -0.26
CA GLU S 25 73.30 14.34 0.90
C GLU S 25 72.23 15.34 0.45
N ASP S 26 72.56 16.16 -0.55
CA ASP S 26 71.58 17.11 -1.07
C ASP S 26 70.36 16.38 -1.61
N THR S 27 70.57 15.34 -2.42
CA THR S 27 69.44 14.65 -3.04
C THR S 27 68.63 13.85 -2.02
N GLN S 28 69.28 13.36 -0.96
CA GLN S 28 68.52 12.73 0.12
C GLN S 28 67.63 13.73 0.82
N SER S 29 68.13 14.95 1.08
CA SER S 29 67.27 15.98 1.63
C SER S 29 66.11 16.27 0.70
N ARG S 30 66.40 16.37 -0.60
CA ARG S 30 65.36 16.65 -1.59
C ARG S 30 64.30 15.55 -1.62
N ILE S 31 64.72 14.29 -1.58
CA ILE S 31 63.80 13.17 -1.70
C ILE S 31 63.06 12.88 -0.40
N SER S 32 63.59 13.37 0.73
CA SER S 32 62.96 13.12 2.02
C SER S 32 62.05 14.25 2.48
N SER S 33 62.22 15.46 1.95
CA SER S 33 61.40 16.57 2.42
C SER S 33 60.92 17.43 1.25
N GLY S 34 60.84 16.83 0.06
CA GLY S 34 60.42 17.58 -1.12
C GLY S 34 61.30 18.79 -1.38
N LEU S 35 60.69 19.99 -1.43
CA LEU S 35 61.45 21.24 -1.47
C LEU S 35 62.55 21.26 -2.52
N ARG S 36 62.18 21.35 -3.80
CA ARG S 36 63.19 21.55 -4.85
C ARG S 36 64.11 22.70 -4.50
N VAL S 37 63.55 23.77 -3.94
CA VAL S 37 64.34 24.89 -3.44
C VAL S 37 64.62 24.64 -1.97
N GLY S 38 65.91 24.54 -1.62
CA GLY S 38 66.32 24.33 -0.26
C GLY S 38 65.88 25.45 0.66
N SER S 39 66.22 25.29 1.94
CA SER S 39 65.84 26.23 3.00
C SER S 39 66.19 27.65 2.53
N ALA S 40 67.47 28.00 2.39
CA ALA S 40 67.84 29.22 1.67
C ALA S 40 69.15 29.04 0.94
N SER S 41 69.71 27.83 0.96
CA SER S 41 71.00 27.56 0.36
C SER S 41 70.90 27.39 -1.15
N ASP S 42 69.69 27.30 -1.68
CA ASP S 42 69.46 27.35 -3.12
C ASP S 42 69.22 28.80 -3.52
N ASN S 43 68.66 29.02 -4.71
CA ASN S 43 68.41 30.37 -5.20
C ASN S 43 67.48 31.17 -4.28
N ALA S 44 68.05 32.19 -3.65
CA ALA S 44 67.40 32.86 -2.52
C ALA S 44 66.11 33.56 -2.93
N ALA S 45 66.10 34.19 -4.11
CA ALA S 45 64.96 35.02 -4.50
C ALA S 45 63.67 34.23 -4.55
N TYR S 46 63.72 33.02 -5.15
CA TYR S 46 62.51 32.21 -5.24
C TYR S 46 62.04 31.76 -3.86
N TRP S 47 62.97 31.44 -2.96
CA TRP S 47 62.59 31.11 -1.60
C TRP S 47 61.93 32.29 -0.90
N SER S 48 62.46 33.50 -1.11
CA SER S 48 61.85 34.69 -0.53
C SER S 48 60.43 34.89 -1.05
N ILE S 49 60.23 34.70 -2.36
CA ILE S 49 58.90 34.81 -2.94
C ILE S 49 57.97 33.78 -2.32
N ALA S 50 58.46 32.54 -2.18
CA ALA S 50 57.64 31.48 -1.59
C ALA S 50 57.26 31.80 -0.16
N THR S 51 58.20 32.31 0.63
CA THR S 51 57.89 32.68 2.01
C THR S 51 56.87 33.80 2.07
N THR S 52 57.01 34.81 1.20
CA THR S 52 56.03 35.89 1.17
C THR S 52 54.64 35.35 0.81
N MET S 53 54.57 34.45 -0.17
CA MET S 53 53.28 33.88 -0.53
C MET S 53 52.70 32.99 0.56
N ARG S 54 53.55 32.29 1.32
CA ARG S 54 53.04 31.53 2.45
C ARG S 54 52.45 32.45 3.51
N SER S 55 53.12 33.56 3.79
CA SER S 55 52.59 34.53 4.73
C SER S 55 51.26 35.10 4.24
N ASP S 56 51.19 35.41 2.93
CA ASP S 56 49.94 35.91 2.37
C ASP S 56 48.83 34.85 2.45
N ASN S 57 49.18 33.58 2.26
CA ASN S 57 48.19 32.51 2.39
C ASN S 57 47.67 32.40 3.82
N GLN S 58 48.56 32.53 4.80
CA GLN S 58 48.11 32.56 6.20
C GLN S 58 47.18 33.73 6.44
N ALA S 59 47.52 34.90 5.90
CA ALA S 59 46.64 36.06 6.04
C ALA S 59 45.28 35.80 5.39
N LEU S 60 45.27 35.14 4.23
CA LEU S 60 44.01 34.83 3.56
C LEU S 60 43.18 33.85 4.37
N SER S 61 43.84 32.90 5.04
CA SER S 61 43.10 31.98 5.92
C SER S 61 42.47 32.74 7.08
N ALA S 62 43.20 33.68 7.66
CA ALA S 62 42.63 34.52 8.72
C ALA S 62 41.45 35.33 8.20
N VAL S 63 41.57 35.86 6.97
CA VAL S 63 40.48 36.60 6.35
C VAL S 63 39.27 35.69 6.13
N GLN S 64 39.52 34.42 5.78
CA GLN S 64 38.43 33.48 5.60
C GLN S 64 37.69 33.25 6.91
N ASP S 65 38.43 33.09 8.01
CA ASP S 65 37.78 32.92 9.30
C ASP S 65 36.96 34.16 9.67
N ALA S 66 37.53 35.35 9.43
CA ALA S 66 36.80 36.58 9.72
C ALA S 66 35.55 36.69 8.84
N LEU S 67 35.64 36.26 7.59
CA LEU S 67 34.50 36.28 6.69
C LEU S 67 33.40 35.36 7.19
N GLY S 68 33.77 34.17 7.67
CA GLY S 68 32.77 33.29 8.25
C GLY S 68 32.09 33.90 9.45
N LEU S 69 32.87 34.53 10.33
CA LEU S 69 32.29 35.19 11.50
C LEU S 69 31.32 36.30 11.09
N GLY S 70 31.74 37.12 10.11
CA GLY S 70 30.88 38.19 9.65
C GLY S 70 29.62 37.68 8.98
N ALA S 71 29.73 36.58 8.23
CA ALA S 71 28.56 35.97 7.62
C ALA S 71 27.58 35.49 8.67
N ALA S 72 28.08 34.89 9.75
CA ALA S 72 27.21 34.48 10.84
C ALA S 72 26.51 35.69 11.47
N LYS S 73 27.26 36.77 11.68
CA LYS S 73 26.67 37.97 12.27
C LYS S 73 25.57 38.53 11.36
N VAL S 74 25.84 38.59 10.05
CA VAL S 74 24.86 39.13 9.12
C VAL S 74 23.63 38.24 9.05
N ASP S 75 23.82 36.92 9.12
CA ASP S 75 22.68 36.01 9.10
C ASP S 75 21.80 36.22 10.33
N THR S 76 22.42 36.36 11.51
CA THR S 76 21.64 36.63 12.72
C THR S 76 20.88 37.94 12.61
N ALA S 77 21.56 38.99 12.13
CA ALA S 77 20.91 40.29 11.98
C ALA S 77 19.75 40.21 11.01
N TYR S 78 19.93 39.48 9.91
CA TYR S 78 18.86 39.36 8.92
C TYR S 78 17.67 38.59 9.47
N SER S 79 17.92 37.54 10.26
CA SER S 79 16.82 36.82 10.89
C SER S 79 16.03 37.73 11.82
N GLY S 80 16.75 38.51 12.64
CA GLY S 80 16.06 39.46 13.50
C GLY S 80 15.27 40.49 12.71
N MET S 81 15.85 40.98 11.62
CA MET S 81 15.15 41.95 10.77
C MET S 81 13.87 41.35 10.20
N GLU S 82 13.94 40.11 9.71
CA GLU S 82 12.75 39.46 9.15
C GLU S 82 11.67 39.30 10.19
N SER S 83 12.05 38.88 11.40
CA SER S 83 11.06 38.79 12.48
C SER S 83 10.43 40.14 12.75
N ALA S 84 11.23 41.20 12.76
CA ALA S 84 10.69 42.54 12.99
C ALA S 84 9.72 42.94 11.90
N ILE S 85 10.06 42.66 10.63
CA ILE S 85 9.15 43.01 9.53
C ILE S 85 7.83 42.25 9.66
N GLU S 86 7.90 40.96 10.00
CA GLU S 86 6.66 40.20 10.16
C GLU S 86 5.80 40.78 11.27
N VAL S 87 6.42 41.10 12.42
CA VAL S 87 5.64 41.61 13.55
C VAL S 87 5.04 42.97 13.23
N VAL S 88 5.80 43.85 12.56
CA VAL S 88 5.28 45.17 12.25
C VAL S 88 4.17 45.08 11.20
N LYS S 89 4.28 44.13 10.26
CA LYS S 89 3.18 43.89 9.33
C LYS S 89 1.93 43.45 10.07
N GLU S 90 2.09 42.60 11.08
CA GLU S 90 0.95 42.20 11.90
C GLU S 90 0.35 43.41 12.61
N ILE S 91 1.20 44.30 13.12
CA ILE S 91 0.72 45.51 13.79
C ILE S 91 -0.07 46.37 12.83
N LYS S 92 0.44 46.56 11.62
CA LYS S 92 -0.24 47.38 10.63
C LYS S 92 -1.59 46.78 10.26
N ALA S 93 -1.65 45.45 10.10
CA ALA S 93 -2.92 44.80 9.84
C ALA S 93 -3.90 45.03 10.97
N LYS S 94 -3.43 44.91 12.21
CA LYS S 94 -4.31 45.15 13.36
C LYS S 94 -4.84 46.57 13.36
N LEU S 95 -3.97 47.55 13.07
CA LEU S 95 -4.40 48.94 13.12
C LEU S 95 -5.38 49.27 12.00
N VAL S 96 -5.12 48.77 10.79
CA VAL S 96 -6.04 49.04 9.68
C VAL S 96 -7.36 48.30 9.90
N ALA S 97 -7.35 47.20 10.65
CA ALA S 97 -8.61 46.61 11.08
C ALA S 97 -9.30 47.50 12.10
N ALA S 98 -8.52 48.12 13.00
CA ALA S 98 -9.06 48.94 14.07
C ALA S 98 -9.51 50.32 13.62
N THR S 99 -9.23 50.72 12.38
CA THR S 99 -9.67 52.04 11.93
C THR S 99 -11.19 52.17 11.96
N GLU S 100 -11.91 51.05 11.96
CA GLU S 100 -13.35 51.10 12.12
C GLU S 100 -13.72 51.65 13.49
N ASP S 101 -14.77 52.47 13.52
CA ASP S 101 -15.23 53.06 14.77
C ASP S 101 -16.06 52.10 15.61
N GLY S 102 -16.53 51.00 15.02
CA GLY S 102 -17.33 50.01 15.74
C GLY S 102 -16.54 49.01 16.52
N VAL S 103 -15.22 49.13 16.54
CA VAL S 103 -14.32 48.20 17.22
C VAL S 103 -13.74 48.89 18.45
N ASP S 104 -13.88 48.26 19.61
CA ASP S 104 -13.28 48.80 20.82
C ASP S 104 -11.77 48.87 20.68
N LYS S 105 -11.20 50.02 21.02
CA LYS S 105 -9.79 50.27 20.78
C LYS S 105 -8.89 49.83 21.92
N ALA S 106 -9.45 49.45 23.07
CA ALA S 106 -8.62 48.98 24.17
C ALA S 106 -7.94 47.65 23.84
N LYS S 107 -8.68 46.73 23.21
CA LYS S 107 -8.10 45.45 22.82
C LYS S 107 -6.98 45.64 21.81
N ILE S 108 -7.20 46.51 20.83
CA ILE S 108 -6.16 46.79 19.84
C ILE S 108 -4.97 47.44 20.51
N GLN S 109 -5.22 48.34 21.47
CA GLN S 109 -4.12 49.02 22.16
C GLN S 109 -3.26 48.02 22.94
N GLU S 110 -3.90 47.09 23.65
CA GLU S 110 -3.11 46.10 24.39
C GLU S 110 -2.38 45.14 23.46
N GLU S 111 -3.01 44.77 22.33
CA GLU S 111 -2.30 43.94 21.35
C GLU S 111 -1.07 44.67 20.82
N ILE S 112 -1.21 45.96 20.51
CA ILE S 112 -0.07 46.73 20.01
C ILE S 112 0.98 46.88 21.09
N THR S 113 0.59 47.02 22.35
CA THR S 113 1.57 47.07 23.43
C THR S 113 2.37 45.77 23.51
N GLN S 114 1.68 44.63 23.43
CA GLN S 114 2.38 43.35 23.42
C GLN S 114 3.31 43.22 22.23
N LEU S 115 2.86 43.66 21.05
CA LEU S 115 3.70 43.57 19.87
C LEU S 115 4.91 44.49 19.97
N LYS S 116 4.74 45.67 20.55
CA LYS S 116 5.86 46.58 20.75
C LYS S 116 6.88 45.99 21.72
N ASP S 117 6.41 45.35 22.78
CA ASP S 117 7.32 44.62 23.66
C ASP S 117 8.04 43.53 22.89
N GLN S 118 7.35 42.88 21.96
CA GLN S 118 7.99 41.87 21.12
C GLN S 118 9.09 42.48 20.26
N LEU S 119 8.84 43.65 19.65
CA LEU S 119 9.90 44.32 18.89
C LEU S 119 11.08 44.66 19.78
N THR S 120 10.82 45.16 20.99
CA THR S 120 11.92 45.50 21.90
C THR S 120 12.75 44.27 22.23
N SER S 121 12.08 43.15 22.53
CA SER S 121 12.81 41.92 22.87
C SER S 121 13.61 41.42 21.67
N ILE S 122 13.02 41.46 20.48
CA ILE S 122 13.74 41.01 19.29
C ILE S 122 14.96 41.88 19.03
N ALA S 123 14.79 43.20 19.17
CA ALA S 123 15.88 44.12 18.89
C ALA S 123 17.03 43.94 19.88
N ASP S 124 16.72 43.77 21.17
CA ASP S 124 17.79 43.62 22.14
C ASP S 124 18.34 42.21 22.22
N ALA S 125 17.64 41.20 21.68
CA ALA S 125 18.09 39.83 21.79
C ALA S 125 18.86 39.35 20.56
N ALA S 126 18.64 39.97 19.40
CA ALA S 126 19.28 39.53 18.16
C ALA S 126 20.73 40.00 18.14
N SER S 127 21.52 39.41 19.04
CA SER S 127 22.94 39.72 19.16
C SER S 127 23.74 38.43 19.03
N PHE S 128 24.68 38.41 18.10
CA PHE S 128 25.50 37.22 17.92
C PHE S 128 26.64 37.17 18.93
N SER S 129 27.57 38.13 18.85
CA SER S 129 28.75 38.19 19.70
C SER S 129 28.91 39.60 20.27
N GLY S 130 27.81 40.15 20.78
CA GLY S 130 27.82 41.53 21.25
C GLY S 130 27.57 42.54 20.17
N GLU S 131 28.27 42.43 19.05
CA GLU S 131 28.04 43.31 17.91
C GLU S 131 26.81 42.86 17.15
N ASN S 132 25.66 43.44 17.48
CA ASN S 132 24.38 42.98 16.96
C ASN S 132 23.91 43.73 15.72
N TRP S 133 24.61 44.80 15.32
CA TRP S 133 24.24 45.61 14.17
C TRP S 133 22.85 46.23 14.30
N LEU S 134 22.31 46.22 15.51
CA LEU S 134 20.99 46.78 15.78
C LEU S 134 21.02 47.45 17.15
N GLN S 135 20.10 48.39 17.36
CA GLN S 135 20.02 49.15 18.60
C GLN S 135 21.36 49.82 18.91
N ALA S 136 21.86 50.55 17.92
CA ALA S 136 23.16 51.20 18.05
C ALA S 136 23.01 52.55 18.76
N ASP S 137 24.13 53.25 18.90
CA ASP S 137 24.17 54.57 19.52
C ASP S 137 24.24 55.62 18.40
N LEU S 138 23.15 56.38 18.23
CA LEU S 138 23.08 57.40 17.21
C LEU S 138 23.36 58.80 17.74
N SER S 139 23.85 58.91 18.97
CA SER S 139 24.22 60.22 19.50
C SER S 139 25.34 60.85 18.69
N GLY S 140 26.33 60.04 18.29
CA GLY S 140 27.39 60.55 17.44
C GLY S 140 26.90 60.98 16.08
N GLY S 141 25.90 60.29 15.53
CA GLY S 141 25.33 60.65 14.26
C GLY S 141 25.34 59.53 13.24
N ALA S 142 26.41 58.74 13.23
CA ALA S 142 26.53 57.64 12.29
C ALA S 142 27.62 56.68 12.77
N VAL S 143 27.31 55.39 12.81
CA VAL S 143 28.26 54.35 13.16
C VAL S 143 28.31 53.34 12.02
N THR S 144 29.51 52.92 11.65
CA THR S 144 29.73 52.05 10.52
C THR S 144 30.38 50.76 11.01
N LYS S 145 29.71 49.63 10.77
CA LYS S 145 30.26 48.32 11.08
C LYS S 145 30.96 47.76 9.85
N SER S 146 32.10 47.10 10.07
CA SER S 146 32.93 46.61 8.98
C SER S 146 33.16 45.11 9.13
N VAL S 147 33.17 44.42 7.99
CA VAL S 147 33.47 43.00 7.92
C VAL S 147 34.71 42.80 7.07
N VAL S 148 35.67 42.04 7.58
CA VAL S 148 36.93 41.84 6.87
C VAL S 148 36.65 41.14 5.56
N GLY S 149 36.98 41.80 4.44
CA GLY S 149 36.70 41.25 3.14
C GLY S 149 37.85 40.49 2.51
N SER S 150 39.02 41.12 2.41
CA SER S 150 40.16 40.50 1.76
C SER S 150 41.44 41.15 2.26
N PHE S 151 42.56 40.45 2.04
CA PHE S 151 43.88 40.96 2.33
C PHE S 151 44.60 41.20 1.00
N VAL S 152 45.00 42.44 0.77
CA VAL S 152 45.54 42.87 -0.51
C VAL S 152 46.96 43.39 -0.30
N ARG S 153 47.90 42.89 -1.08
CA ARG S 153 49.27 43.37 -1.10
C ARG S 153 49.44 44.28 -2.30
N ASP S 154 49.58 45.58 -2.05
CA ASP S 154 49.73 46.55 -3.12
C ASP S 154 51.04 46.32 -3.86
N GLY S 155 51.03 46.62 -5.16
CA GLY S 155 52.22 46.42 -5.97
C GLY S 155 53.42 47.23 -5.52
N SER S 156 53.18 48.42 -4.99
CA SER S 156 54.26 49.30 -4.55
C SER S 156 54.71 48.98 -3.13
N GLY S 157 55.00 47.71 -2.88
CA GLY S 157 55.60 47.28 -1.61
C GLY S 157 54.83 47.66 -0.36
N SER S 158 53.52 47.41 -0.35
CA SER S 158 52.71 47.73 0.83
C SER S 158 51.53 46.77 0.88
N VAL S 159 50.97 46.61 2.08
CA VAL S 159 49.86 45.71 2.33
C VAL S 159 48.77 46.46 3.09
N ALA S 160 47.56 45.93 2.99
CA ALA S 160 46.40 46.50 3.67
C ALA S 160 45.31 45.46 3.75
N VAL S 161 44.27 45.77 4.51
CA VAL S 161 43.11 44.89 4.66
C VAL S 161 41.87 45.66 4.23
N LYS S 162 41.04 45.02 3.42
CA LYS S 162 39.80 45.61 2.92
C LYS S 162 38.62 45.18 3.78
N LYS S 163 37.62 46.05 3.85
CA LYS S 163 36.46 45.81 4.69
C LYS S 163 35.19 46.14 3.91
N VAL S 164 34.08 45.53 4.33
CA VAL S 164 32.76 45.81 3.79
C VAL S 164 31.99 46.61 4.83
N ASP S 165 31.51 47.78 4.44
CA ASP S 165 30.93 48.74 5.37
C ASP S 165 29.42 48.67 5.32
N TYR S 166 28.80 48.58 6.49
CA TYR S 166 27.34 48.64 6.64
C TYR S 166 27.02 49.83 7.53
N SER S 167 26.25 50.77 7.02
CA SER S 167 26.00 52.04 7.71
C SER S 167 24.76 51.90 8.58
N LEU S 168 24.91 52.16 9.88
CA LEU S 168 23.80 52.14 10.82
C LEU S 168 23.35 53.58 11.04
N ASN S 169 22.64 54.11 10.05
CA ASN S 169 22.14 55.47 10.11
C ASN S 169 20.78 55.50 10.81
N ALA S 170 20.08 56.63 10.70
CA ALA S 170 18.76 56.78 11.29
C ALA S 170 17.66 56.09 10.50
N ASN S 171 18.02 55.24 9.53
CA ASN S 171 17.04 54.52 8.73
C ASN S 171 17.00 53.03 9.00
N SER S 172 18.06 52.45 9.55
CA SER S 172 18.13 51.02 9.83
C SER S 172 18.73 50.79 11.21
N VAL S 173 18.27 51.56 12.20
CA VAL S 173 18.86 51.50 13.53
C VAL S 173 18.07 50.58 14.44
N LEU S 174 16.74 50.52 14.24
CA LEU S 174 15.90 49.62 15.02
C LEU S 174 15.99 49.88 16.51
N PHE S 175 15.37 50.96 16.99
CA PHE S 175 15.36 51.35 18.40
C PHE S 175 16.73 51.80 18.91
N ASP S 176 17.22 52.92 18.38
CA ASP S 176 18.36 53.62 18.95
C ASP S 176 18.23 53.72 20.46
N THR S 177 19.30 53.37 21.17
CA THR S 177 19.24 53.14 22.61
C THR S 177 19.45 54.40 23.44
N VAL S 178 19.84 55.53 22.84
CA VAL S 178 20.19 56.70 23.64
C VAL S 178 19.20 57.84 23.39
N GLY S 179 19.16 58.33 22.15
CA GLY S 179 18.33 59.49 21.86
C GLY S 179 16.94 59.19 21.35
N ASP S 180 16.64 57.92 21.07
CA ASP S 180 15.37 57.53 20.48
C ASP S 180 15.13 58.27 19.17
N THR S 181 16.22 58.57 18.46
CA THR S 181 16.17 59.19 17.14
C THR S 181 16.71 58.19 16.13
N GLY S 182 15.85 57.77 15.20
CA GLY S 182 16.19 56.75 14.25
C GLY S 182 14.98 56.33 13.46
N ILE S 183 14.75 55.01 13.35
CA ILE S 183 13.51 54.52 12.75
C ILE S 183 12.31 55.06 13.52
N LEU S 184 12.42 55.14 14.84
CA LEU S 184 11.37 55.74 15.65
C LEU S 184 11.36 57.25 15.51
N ASP S 185 10.20 57.85 15.81
CA ASP S 185 10.04 59.29 16.01
C ASP S 185 10.11 59.99 14.66
N LYS S 186 10.61 59.31 13.62
CA LYS S 186 10.69 59.90 12.30
C LYS S 186 9.43 59.54 11.52
N VAL S 187 8.92 60.50 10.75
CA VAL S 187 7.68 60.27 10.01
C VAL S 187 7.99 60.04 8.53
N TYR S 188 8.63 61.02 7.88
CA TYR S 188 8.86 60.98 6.43
C TYR S 188 7.58 60.61 5.68
N ASN S 189 6.44 61.05 6.20
CA ASN S 189 5.15 60.62 5.66
C ASN S 189 4.95 61.16 4.25
N VAL S 190 4.30 60.35 3.42
CA VAL S 190 4.11 60.72 2.02
C VAL S 190 3.14 61.89 1.90
N SER S 191 2.11 61.94 2.75
CA SER S 191 1.08 62.96 2.63
C SER S 191 0.54 63.27 4.02
N GLN S 192 -0.61 63.96 4.04
CA GLN S 192 -1.27 64.36 5.26
C GLN S 192 -2.74 63.96 5.18
N ALA S 193 -3.39 63.87 6.34
CA ALA S 193 -4.81 63.54 6.39
C ALA S 193 -5.61 64.57 5.61
N SER S 194 -6.52 64.07 4.76
CA SER S 194 -7.28 64.91 3.85
C SER S 194 -8.77 64.58 3.96
N VAL S 195 -9.59 65.58 3.67
CA VAL S 195 -11.04 65.43 3.66
C VAL S 195 -11.60 66.18 2.46
N THR S 196 -12.54 65.55 1.77
CA THR S 196 -13.20 66.14 0.61
C THR S 196 -14.50 66.79 1.05
N LEU S 197 -14.65 68.07 0.76
CA LEU S 197 -15.80 68.85 1.21
C LEU S 197 -16.69 69.25 0.05
N THR S 198 -17.94 69.53 0.37
CA THR S 198 -18.91 70.04 -0.60
C THR S 198 -19.16 71.50 -0.25
N VAL S 199 -18.33 72.39 -0.79
CA VAL S 199 -18.39 73.82 -0.52
C VAL S 199 -18.65 74.53 -1.84
N ASN S 200 -19.68 75.38 -1.86
CA ASN S 200 -20.05 76.13 -3.05
C ASN S 200 -19.54 77.55 -2.90
N THR S 201 -18.52 77.91 -3.70
CA THR S 201 -18.05 79.29 -3.73
C THR S 201 -19.14 80.23 -4.24
N ASN S 202 -19.89 79.78 -5.24
CA ASN S 202 -20.99 80.56 -5.80
C ASN S 202 -22.27 79.74 -5.76
N GLY S 203 -23.30 80.18 -6.47
CA GLY S 203 -24.58 79.51 -6.47
C GLY S 203 -24.52 78.05 -6.89
N VAL S 204 -23.46 77.66 -7.60
CA VAL S 204 -23.26 76.29 -8.03
C VAL S 204 -22.32 75.60 -7.06
N GLU S 205 -22.58 74.31 -6.79
CA GLU S 205 -21.77 73.54 -5.86
C GLU S 205 -20.47 73.07 -6.53
N SER S 206 -19.53 72.63 -5.70
CA SER S 206 -18.25 72.15 -6.19
C SER S 206 -17.63 71.24 -5.14
N GLN S 207 -16.64 70.46 -5.58
CA GLN S 207 -15.90 69.56 -4.72
C GLN S 207 -14.50 70.11 -4.49
N HIS S 208 -14.08 70.15 -3.22
CA HIS S 208 -12.77 70.68 -2.85
C HIS S 208 -12.09 69.72 -1.90
N THR S 209 -10.76 69.69 -1.97
CA THR S 209 -9.94 68.86 -1.10
C THR S 209 -9.08 69.76 -0.20
N VAL S 210 -9.19 69.54 1.10
CA VAL S 210 -8.45 70.33 2.09
C VAL S 210 -7.92 69.38 3.16
N ALA S 211 -6.73 69.67 3.66
CA ALA S 211 -6.12 68.84 4.69
C ALA S 211 -6.93 68.91 5.98
N ALA S 212 -7.00 67.78 6.69
CA ALA S 212 -7.72 67.68 7.93
C ALA S 212 -6.75 67.61 9.11
N TYR S 213 -7.12 68.26 10.21
CA TYR S 213 -6.30 68.33 11.40
C TYR S 213 -7.04 67.69 12.58
N SER S 214 -6.36 66.82 13.30
CA SER S 214 -6.97 66.15 14.44
C SER S 214 -7.24 67.14 15.57
N LEU S 215 -8.35 66.93 16.27
CA LEU S 215 -8.69 67.80 17.40
C LEU S 215 -7.65 67.70 18.51
N GLU S 216 -7.05 66.53 18.68
CA GLU S 216 -6.02 66.36 19.71
C GLU S 216 -4.83 67.26 19.44
N SER S 217 -4.40 67.37 18.17
CA SER S 217 -3.28 68.22 17.84
C SER S 217 -3.57 69.68 18.17
N LEU S 218 -4.79 70.14 17.88
CA LEU S 218 -5.16 71.51 18.20
C LEU S 218 -5.21 71.73 19.71
N THR S 219 -5.90 70.84 20.44
CA THR S 219 -6.08 71.04 21.88
C THR S 219 -4.78 70.85 22.65
N GLU S 220 -3.79 70.16 22.08
CA GLU S 220 -2.53 69.95 22.78
C GLU S 220 -1.72 71.24 22.87
N ALA S 221 -1.79 72.06 21.82
CA ALA S 221 -0.99 73.28 21.73
C ALA S 221 -1.67 74.49 22.35
N GLY S 222 -2.62 74.28 23.25
CA GLY S 222 -3.28 75.38 23.92
C GLY S 222 -4.15 76.21 23.01
N ALA S 223 -5.25 75.61 22.54
CA ALA S 223 -6.15 76.24 21.58
C ALA S 223 -7.42 76.70 22.27
N GLU S 224 -7.78 77.96 22.05
CA GLU S 224 -9.07 78.46 22.49
C GLU S 224 -10.17 77.91 21.59
N PHE S 225 -11.34 77.65 22.18
CA PHE S 225 -12.45 77.08 21.43
C PHE S 225 -13.72 77.87 21.73
N GLN S 226 -14.60 77.93 20.73
CA GLN S 226 -15.92 78.54 20.89
C GLN S 226 -16.83 77.95 19.83
N GLY S 227 -17.78 77.12 20.24
CA GLY S 227 -18.66 76.45 19.30
C GLY S 227 -17.91 75.55 18.35
N ASN S 228 -17.80 75.96 17.10
CA ASN S 228 -17.05 75.23 16.08
C ASN S 228 -15.87 76.06 15.57
N TYR S 229 -15.18 76.73 16.49
CA TYR S 229 -14.04 77.58 16.17
C TYR S 229 -12.85 77.20 17.04
N ALA S 230 -11.66 77.21 16.43
CA ALA S 230 -10.41 76.99 17.14
C ALA S 230 -9.44 78.10 16.80
N LEU S 231 -8.72 78.58 17.82
CA LEU S 231 -7.77 79.69 17.67
C LEU S 231 -6.46 79.34 18.37
N GLN S 232 -5.90 78.19 17.99
CA GLN S 232 -4.63 77.71 18.56
C GLN S 232 -3.58 78.82 18.57
N GLY S 233 -3.26 79.36 17.40
CA GLY S 233 -2.34 80.48 17.31
C GLY S 233 -2.83 81.53 16.34
N GLY S 234 -1.95 82.00 15.46
CA GLY S 234 -2.39 82.87 14.39
C GLY S 234 -3.35 82.18 13.45
N ASN S 235 -3.16 80.88 13.22
CA ASN S 235 -4.05 80.11 12.37
C ASN S 235 -5.40 79.94 13.04
N SER S 236 -6.45 79.87 12.23
CA SER S 236 -7.82 79.71 12.71
C SER S 236 -8.41 78.46 12.09
N TYR S 237 -8.98 77.60 12.93
CA TYR S 237 -9.58 76.35 12.50
C TYR S 237 -11.07 76.36 12.81
N VAL S 238 -11.86 75.77 11.91
CA VAL S 238 -13.30 75.61 12.10
C VAL S 238 -13.66 74.16 11.79
N LYS S 239 -14.78 73.74 12.36
CA LYS S 239 -15.29 72.39 12.16
C LYS S 239 -16.43 72.44 11.14
N VAL S 240 -16.31 71.66 10.07
CA VAL S 240 -17.31 71.68 9.00
C VAL S 240 -18.39 70.63 9.24
N GLU S 241 -18.01 69.34 9.31
CA GLU S 241 -18.92 68.31 9.79
C GLU S 241 -18.34 67.57 10.99
N ASN S 242 -17.14 67.00 10.88
CA ASN S 242 -16.51 66.31 12.00
C ASN S 242 -15.02 66.59 12.13
N VAL S 243 -14.36 67.17 11.13
CA VAL S 243 -12.93 67.39 11.15
C VAL S 243 -12.65 68.88 11.15
N TRP S 244 -11.54 69.26 11.78
CA TRP S 244 -11.13 70.66 11.84
C TRP S 244 -10.20 70.99 10.67
N VAL S 245 -10.53 72.05 9.95
CA VAL S 245 -9.76 72.46 8.79
C VAL S 245 -9.43 73.95 8.92
N ARG S 246 -8.40 74.37 8.19
CA ARG S 246 -7.99 75.77 8.22
C ARG S 246 -9.09 76.66 7.67
N ALA S 247 -9.30 77.80 8.33
CA ALA S 247 -10.28 78.78 7.92
C ALA S 247 -9.61 80.12 7.70
N GLU S 248 -10.39 81.08 7.19
CA GLU S 248 -9.90 82.43 6.96
C GLU S 248 -11.03 83.41 7.17
N THR S 249 -10.67 84.67 7.36
CA THR S 249 -11.64 85.71 7.65
C THR S 249 -12.50 86.00 6.42
N ALA S 250 -13.59 86.73 6.65
CA ALA S 250 -14.47 87.13 5.56
C ALA S 250 -13.78 88.17 4.69
N ALA S 251 -14.39 88.42 3.53
CA ALA S 251 -13.88 89.37 2.53
C ALA S 251 -12.48 89.01 2.05
N THR S 252 -12.11 87.73 2.16
CA THR S 252 -10.83 87.26 1.65
C THR S 252 -10.96 86.23 0.54
N GLY S 253 -12.10 85.57 0.41
CA GLY S 253 -12.35 84.71 -0.73
C GLY S 253 -12.88 85.49 -1.91
N ALA S 254 -13.70 86.51 -1.62
CA ALA S 254 -14.24 87.42 -2.62
C ALA S 254 -15.05 86.69 -3.69
N THR S 255 -15.70 85.59 -3.32
CA THR S 255 -16.54 84.84 -4.24
C THR S 255 -17.94 84.59 -3.70
N GLY S 256 -18.26 85.02 -2.49
CA GLY S 256 -19.53 84.68 -1.89
C GLY S 256 -19.58 83.25 -1.38
N GLN S 257 -18.45 82.71 -0.94
CA GLN S 257 -18.38 81.33 -0.49
C GLN S 257 -19.26 81.13 0.73
N GLU S 258 -19.80 79.91 0.86
CA GLU S 258 -20.65 79.57 1.99
C GLU S 258 -19.94 79.82 3.31
N ILE S 259 -20.62 80.51 4.22
CA ILE S 259 -20.00 80.90 5.49
C ILE S 259 -19.85 79.68 6.39
N ALA S 260 -18.65 79.50 6.93
CA ALA S 260 -18.40 78.36 7.82
C ALA S 260 -18.99 78.59 9.20
N ALA S 261 -18.56 79.65 9.88
CA ALA S 261 -19.05 79.95 11.22
C ALA S 261 -18.83 81.42 11.51
N THR S 262 -19.59 81.94 12.48
CA THR S 262 -19.49 83.31 12.95
C THR S 262 -19.22 83.31 14.44
N THR S 263 -18.29 84.15 14.87
CA THR S 263 -17.87 84.21 16.27
C THR S 263 -18.07 85.61 16.82
N THR S 264 -17.85 85.75 18.12
CA THR S 264 -17.95 87.03 18.80
C THR S 264 -16.66 87.31 19.57
N ALA S 265 -16.66 88.34 20.42
CA ALA S 265 -15.46 88.70 21.16
C ALA S 265 -15.00 87.56 22.05
N ALA S 266 -15.78 87.24 23.07
CA ALA S 266 -15.55 86.09 23.95
C ALA S 266 -14.10 86.03 24.42
N GLY S 267 -13.57 87.18 24.81
CA GLY S 267 -12.20 87.25 25.26
C GLY S 267 -11.22 87.71 24.19
N THR S 268 -10.35 86.80 23.76
CA THR S 268 -9.31 87.11 22.78
C THR S 268 -9.64 86.54 21.40
N ILE S 269 -10.92 86.54 21.02
CA ILE S 269 -11.35 86.04 19.72
C ILE S 269 -11.97 87.19 18.94
N THR S 270 -11.44 87.44 17.75
CA THR S 270 -11.98 88.51 16.91
C THR S 270 -13.35 88.11 16.37
N ALA S 271 -14.28 89.06 16.38
CA ALA S 271 -15.63 88.82 15.89
C ALA S 271 -15.63 88.96 14.37
N ASP S 272 -15.82 87.85 13.67
CA ASP S 272 -15.81 87.84 12.21
C ASP S 272 -16.59 86.65 11.70
N SER S 273 -16.94 86.70 10.42
CA SER S 273 -17.65 85.62 9.75
C SER S 273 -16.60 84.75 9.04
N TRP S 274 -16.07 83.77 9.77
CA TRP S 274 -15.02 82.94 9.23
C TRP S 274 -15.56 82.00 8.17
N VAL S 275 -14.73 81.73 7.15
CA VAL S 275 -15.11 80.89 6.02
C VAL S 275 -14.03 79.84 5.83
N VAL S 276 -14.42 78.69 5.25
CA VAL S 276 -13.48 77.62 5.02
C VAL S 276 -12.44 78.07 4.00
N ASP S 277 -11.17 77.90 4.36
CA ASP S 277 -10.07 78.37 3.52
C ASP S 277 -9.80 77.34 2.43
N VAL S 278 -10.32 77.61 1.23
CA VAL S 278 -10.04 76.75 0.08
C VAL S 278 -8.57 76.91 -0.31
N GLY S 279 -7.88 75.78 -0.44
CA GLY S 279 -6.46 75.81 -0.69
C GLY S 279 -5.70 75.00 0.34
N ASN S 280 -4.45 75.38 0.59
CA ASN S 280 -3.55 74.71 1.54
C ASN S 280 -3.73 73.19 1.51
N ALA S 281 -3.56 72.64 0.32
CA ALA S 281 -3.77 71.20 0.12
C ALA S 281 -2.76 70.41 0.94
N PRO S 282 -3.12 69.17 1.33
CA PRO S 282 -2.21 68.35 2.14
C PRO S 282 -0.80 68.27 1.57
N ALA S 283 0.17 68.80 2.31
CA ALA S 283 1.56 68.82 1.89
C ALA S 283 2.32 67.68 2.54
N ALA S 284 3.35 67.22 1.84
CA ALA S 284 4.17 66.13 2.35
C ALA S 284 5.10 66.63 3.45
N ASN S 285 5.73 65.67 4.14
CA ASN S 285 6.71 65.94 5.19
C ASN S 285 6.10 66.80 6.31
N VAL S 286 5.10 66.23 6.97
CA VAL S 286 4.46 66.84 8.13
C VAL S 286 4.44 65.82 9.25
N SER S 287 4.65 66.29 10.48
CA SER S 287 4.73 65.39 11.63
C SER S 287 3.44 64.61 11.80
N ALA S 288 3.56 63.30 12.01
CA ALA S 288 2.41 62.44 12.22
C ALA S 288 2.05 62.43 13.70
N GLY S 289 1.14 61.54 14.09
CA GLY S 289 0.66 61.50 15.46
C GLY S 289 1.68 60.99 16.46
N GLN S 290 2.02 59.71 16.37
CA GLN S 290 2.89 59.08 17.35
C GLN S 290 3.91 58.20 16.64
N SER S 291 5.01 57.91 17.33
CA SER S 291 6.03 57.02 16.80
C SER S 291 5.60 55.57 16.95
N VAL S 292 6.38 54.68 16.34
CA VAL S 292 6.05 53.25 16.38
C VAL S 292 6.12 52.72 17.80
N ALA S 293 7.16 53.11 18.56
CA ALA S 293 7.34 52.60 19.90
C ALA S 293 6.35 53.17 20.91
N ASN S 294 5.61 54.21 20.55
CA ASN S 294 4.69 54.88 21.46
C ASN S 294 3.31 55.00 20.82
N ILE S 295 2.81 53.88 20.30
CA ILE S 295 1.50 53.86 19.66
C ILE S 295 0.42 53.76 20.72
N ASN S 296 -0.46 54.76 20.77
CA ASN S 296 -1.60 54.77 21.68
C ASN S 296 -2.79 55.29 20.90
N ILE S 297 -3.72 54.42 20.56
CA ILE S 297 -4.79 54.73 19.61
C ILE S 297 -6.16 54.82 20.28
N VAL S 298 -6.21 54.93 21.60
CA VAL S 298 -7.49 54.98 22.29
C VAL S 298 -8.08 56.38 22.14
N GLY S 299 -9.31 56.45 21.65
CA GLY S 299 -10.01 57.72 21.49
C GLY S 299 -9.32 58.69 20.55
N MET S 300 -8.83 58.18 19.41
CA MET S 300 -8.11 59.03 18.47
C MET S 300 -9.06 59.99 17.75
N GLY S 301 -10.21 59.49 17.30
CA GLY S 301 -11.16 60.30 16.58
C GLY S 301 -11.18 60.13 15.08
N ALA S 302 -10.45 59.14 14.55
CA ALA S 302 -10.41 58.83 13.12
C ALA S 302 -9.91 60.01 12.28
N ALA S 303 -9.05 60.84 12.85
CA ALA S 303 -8.45 61.97 12.14
C ALA S 303 -6.96 61.80 11.93
N ALA S 304 -6.21 61.50 12.98
CA ALA S 304 -4.78 61.24 12.87
C ALA S 304 -4.46 59.78 12.57
N LEU S 305 -5.48 58.93 12.47
CA LEU S 305 -5.23 57.53 12.13
C LEU S 305 -4.59 57.39 10.76
N ASP S 306 -4.97 58.24 9.80
CA ASP S 306 -4.34 58.21 8.49
C ASP S 306 -2.86 58.55 8.59
N ALA S 307 -2.52 59.55 9.41
CA ALA S 307 -1.11 59.88 9.62
C ALA S 307 -0.37 58.74 10.28
N LEU S 308 -1.00 58.08 11.25
CA LEU S 308 -0.37 56.92 11.89
C LEU S 308 -0.13 55.79 10.90
N ILE S 309 -1.10 55.55 10.02
CA ILE S 309 -0.94 54.52 9.00
C ILE S 309 0.20 54.88 8.06
N SER S 310 0.29 56.16 7.67
CA SER S 310 1.38 56.59 6.80
C SER S 310 2.73 56.40 7.46
N GLY S 311 2.83 56.75 8.74
CA GLY S 311 4.08 56.56 9.46
C GLY S 311 4.47 55.10 9.58
N VAL S 312 3.48 54.24 9.87
CA VAL S 312 3.74 52.81 9.96
C VAL S 312 4.21 52.27 8.61
N ASP S 313 3.56 52.72 7.52
CA ASP S 313 3.97 52.27 6.19
C ASP S 313 5.39 52.74 5.86
N ALA S 314 5.73 53.97 6.23
CA ALA S 314 7.09 54.46 5.99
C ALA S 314 8.10 53.64 6.76
N ALA S 315 7.82 53.34 8.03
CA ALA S 315 8.73 52.50 8.81
C ALA S 315 8.87 51.12 8.21
N LEU S 316 7.75 50.55 7.73
CA LEU S 316 7.78 49.23 7.10
C LEU S 316 8.64 49.25 5.84
N THR S 317 8.49 50.30 5.03
CA THR S 317 9.30 50.41 3.81
C THR S 317 10.78 50.55 4.15
N ASP S 318 11.10 51.35 5.16
CA ASP S 318 12.49 51.51 5.56
C ASP S 318 13.09 50.20 6.06
N MET S 319 12.32 49.44 6.84
CA MET S 319 12.82 48.15 7.32
C MET S 319 12.93 47.14 6.19
N THR S 320 12.03 47.19 5.20
CA THR S 320 12.17 46.32 4.04
C THR S 320 13.44 46.65 3.27
N SER S 321 13.73 47.94 3.10
CA SER S 321 14.97 48.33 2.44
C SER S 321 16.19 47.87 3.23
N ALA S 322 16.12 47.97 4.55
CA ALA S 322 17.21 47.49 5.39
C ALA S 322 17.42 45.99 5.24
N ALA S 323 16.32 45.22 5.18
CA ALA S 323 16.42 43.79 4.99
C ALA S 323 17.02 43.46 3.63
N ALA S 324 16.62 44.18 2.59
CA ALA S 324 17.21 43.96 1.27
C ALA S 324 18.71 44.27 1.28
N SER S 325 19.10 45.35 1.95
CA SER S 325 20.52 45.68 2.06
C SER S 325 21.28 44.59 2.81
N LEU S 326 20.69 44.05 3.88
CA LEU S 326 21.34 42.98 4.63
C LEU S 326 21.50 41.73 3.77
N GLY S 327 20.48 41.40 2.98
CA GLY S 327 20.60 40.27 2.08
C GLY S 327 21.67 40.48 1.03
N SER S 328 21.76 41.69 0.49
CA SER S 328 22.82 42.00 -0.46
C SER S 328 24.20 41.88 0.19
N ILE S 329 24.33 42.33 1.44
CA ILE S 329 25.59 42.20 2.16
C ILE S 329 25.95 40.74 2.35
N SER S 330 24.97 39.91 2.72
CA SER S 330 25.23 38.48 2.90
C SER S 330 25.67 37.83 1.59
N SER S 331 25.01 38.18 0.49
CA SER S 331 25.42 37.65 -0.81
C SER S 331 26.83 38.08 -1.16
N ARG S 332 27.16 39.35 -0.88
CA ARG S 332 28.52 39.82 -1.14
C ARG S 332 29.54 39.09 -0.29
N ILE S 333 29.21 38.80 0.96
CA ILE S 333 30.12 38.04 1.82
C ILE S 333 30.32 36.63 1.26
N ASP S 334 29.25 35.99 0.79
CA ASP S 334 29.39 34.66 0.22
C ASP S 334 30.28 34.69 -1.02
N LEU S 335 30.05 35.66 -1.91
CA LEU S 335 30.88 35.78 -3.11
C LEU S 335 32.33 36.06 -2.76
N GLN S 336 32.56 36.93 -1.77
CA GLN S 336 33.92 37.23 -1.34
C GLN S 336 34.62 36.01 -0.77
N SER S 337 33.89 35.21 0.02
CA SER S 337 34.48 34.00 0.57
C SER S 337 34.86 33.02 -0.54
N GLU S 338 33.96 32.85 -1.53
CA GLU S 338 34.27 31.96 -2.64
C GLU S 338 35.50 32.44 -3.41
N PHE S 339 35.57 33.75 -3.68
CA PHE S 339 36.70 34.28 -4.42
C PHE S 339 37.99 34.17 -3.63
N VAL S 340 37.94 34.41 -2.31
CA VAL S 340 39.14 34.30 -1.50
C VAL S 340 39.63 32.86 -1.46
N ASN S 341 38.70 31.90 -1.37
CA ASN S 341 39.10 30.49 -1.40
C ASN S 341 39.74 30.13 -2.73
N LYS S 342 39.16 30.61 -3.83
CA LYS S 342 39.75 30.34 -5.15
C LYS S 342 41.14 30.96 -5.27
N LEU S 343 41.29 32.19 -4.78
CA LEU S 343 42.59 32.87 -4.83
C LEU S 343 43.62 32.15 -3.98
N SER S 344 43.22 31.68 -2.79
CA SER S 344 44.13 30.93 -1.94
C SER S 344 44.56 29.63 -2.63
N ASP S 345 43.62 28.95 -3.28
CA ASP S 345 43.98 27.74 -4.02
C ASP S 345 44.97 28.05 -5.14
N SER S 346 44.74 29.15 -5.86
CA SER S 346 45.65 29.52 -6.94
C SER S 346 47.04 29.86 -6.40
N ILE S 347 47.10 30.60 -5.29
CA ILE S 347 48.38 30.95 -4.70
C ILE S 347 49.11 29.70 -4.22
N GLU S 348 48.39 28.76 -3.62
CA GLU S 348 49.01 27.51 -3.17
C GLU S 348 49.53 26.71 -4.35
N SER S 349 48.77 26.67 -5.45
CA SER S 349 49.23 25.98 -6.65
C SER S 349 50.50 26.64 -7.20
N GLY S 350 50.53 27.97 -7.21
CA GLY S 350 51.73 28.66 -7.68
C GLY S 350 52.94 28.37 -6.80
N VAL S 351 52.74 28.37 -5.47
CA VAL S 351 53.82 28.04 -4.56
C VAL S 351 54.31 26.61 -4.81
N GLY S 352 53.38 25.68 -5.00
CA GLY S 352 53.78 24.32 -5.31
C GLY S 352 54.57 24.21 -6.59
N ARG S 353 54.13 24.92 -7.64
CA ARG S 353 54.86 24.90 -8.89
C ARG S 353 56.26 25.49 -8.72
N LEU S 354 56.39 26.52 -7.89
CA LEU S 354 57.69 27.15 -7.69
C LEU S 354 58.61 26.29 -6.82
N VAL S 355 58.04 25.51 -5.90
CA VAL S 355 58.82 24.88 -4.86
C VAL S 355 58.90 23.36 -4.99
N ASP S 356 57.83 22.69 -5.40
CA ASP S 356 57.80 21.24 -5.40
C ASP S 356 58.78 20.66 -6.41
N ALA S 357 59.21 19.42 -6.15
CA ALA S 357 60.12 18.69 -7.01
C ALA S 357 59.49 17.38 -7.44
N ASP S 358 59.68 17.02 -8.71
CA ASP S 358 59.23 15.72 -9.19
C ASP S 358 60.13 14.62 -8.63
N MET S 359 59.51 13.63 -7.98
CA MET S 359 60.28 12.64 -7.23
C MET S 359 60.89 11.58 -8.13
N ASN S 360 60.36 11.39 -9.34
CA ASN S 360 60.94 10.41 -10.24
C ASN S 360 62.36 10.78 -10.63
N GLU S 361 62.59 12.06 -10.96
CA GLU S 361 63.92 12.51 -11.32
C GLU S 361 64.88 12.41 -10.13
N GLU S 362 64.38 12.73 -8.93
CA GLU S 362 65.20 12.59 -7.74
C GLU S 362 65.56 11.14 -7.47
N SER S 363 64.63 10.22 -7.69
CA SER S 363 64.93 8.80 -7.53
C SER S 363 65.99 8.34 -8.51
N THR S 364 65.88 8.78 -9.77
CA THR S 364 66.90 8.45 -10.75
C THR S 364 68.25 8.99 -10.34
N ARG S 365 68.29 10.24 -9.85
CA ARG S 365 69.54 10.82 -9.38
C ARG S 365 70.10 10.04 -8.20
N LEU S 366 69.23 9.62 -7.28
CA LEU S 366 69.69 8.87 -6.11
C LEU S 366 70.32 7.55 -6.52
N LYS S 367 69.68 6.83 -7.44
CA LYS S 367 70.26 5.57 -7.91
C LYS S 367 71.59 5.82 -8.62
N ALA S 368 71.65 6.85 -9.47
CA ALA S 368 72.88 7.16 -10.18
C ALA S 368 74.01 7.50 -9.21
N LEU S 369 73.70 8.29 -8.18
CA LEU S 369 74.73 8.68 -7.22
C LEU S 369 75.17 7.50 -6.37
N GLN S 370 74.26 6.59 -6.01
CA GLN S 370 74.66 5.40 -5.29
C GLN S 370 75.63 4.56 -6.13
N THR S 371 75.30 4.37 -7.41
CA THR S 371 76.18 3.60 -8.28
C THR S 371 77.53 4.30 -8.45
N GLN S 372 77.51 5.62 -8.62
CA GLN S 372 78.75 6.36 -8.78
C GLN S 372 79.60 6.26 -7.52
N GLN S 373 78.97 6.31 -6.35
CA GLN S 373 79.71 6.14 -5.10
C GLN S 373 80.33 4.76 -5.03
N GLN S 374 79.60 3.73 -5.44
CA GLN S 374 80.16 2.38 -5.42
C GLN S 374 81.38 2.28 -6.34
N LEU S 375 81.27 2.83 -7.55
CA LEU S 375 82.41 2.82 -8.47
C LEU S 375 83.59 3.62 -7.90
N ALA S 376 83.32 4.77 -7.28
CA ALA S 376 84.40 5.57 -6.72
C ALA S 376 85.10 4.83 -5.59
N ILE S 377 84.34 4.15 -4.74
CA ILE S 377 84.95 3.38 -3.66
C ILE S 377 85.79 2.22 -4.21
N GLN S 378 85.29 1.55 -5.25
CA GLN S 378 86.07 0.49 -5.87
C GLN S 378 87.37 1.05 -6.46
N ALA S 379 87.30 2.20 -7.12
CA ALA S 379 88.49 2.81 -7.70
C ALA S 379 89.47 3.22 -6.61
N LEU S 380 88.98 3.74 -5.49
CA LEU S 380 89.86 4.10 -4.39
C LEU S 380 90.53 2.87 -3.79
N SER S 381 89.80 1.76 -3.69
CA SER S 381 90.40 0.52 -3.23
C SER S 381 91.49 0.06 -4.19
N ILE S 382 91.26 0.20 -5.50
CA ILE S 382 92.29 -0.12 -6.48
C ILE S 382 93.51 0.78 -6.28
N ALA S 383 93.27 2.07 -6.00
CA ALA S 383 94.37 3.00 -5.77
C ALA S 383 95.19 2.58 -4.57
N ASN S 384 94.54 2.20 -3.47
CA ASN S 384 95.26 1.74 -2.30
C ASN S 384 96.05 0.47 -2.59
N SER S 385 95.44 -0.47 -3.32
CA SER S 385 96.12 -1.73 -3.63
C SER S 385 97.25 -1.56 -4.63
N ASP S 386 97.27 -0.45 -5.38
CA ASP S 386 98.32 -0.24 -6.37
C ASP S 386 99.68 -0.04 -5.69
N SER S 387 99.69 0.62 -4.53
CA SER S 387 100.95 1.11 -3.96
C SER S 387 101.89 -0.02 -3.57
N GLN S 388 101.38 -1.10 -2.97
CA GLN S 388 102.25 -2.09 -2.35
C GLN S 388 102.91 -3.04 -3.33
N ASN S 389 102.65 -2.90 -4.64
CA ASN S 389 103.30 -3.77 -5.61
C ASN S 389 104.80 -3.53 -5.69
N VAL S 390 105.28 -2.39 -5.21
CA VAL S 390 106.70 -2.05 -5.32
C VAL S 390 107.58 -2.99 -4.49
N LEU S 391 107.00 -3.72 -3.54
CA LEU S 391 107.79 -4.58 -2.67
C LEU S 391 108.49 -5.70 -3.42
N SER S 392 108.03 -6.03 -4.63
CA SER S 392 108.59 -7.17 -5.35
C SER S 392 110.06 -6.96 -5.71
N LEU S 393 110.44 -5.74 -6.08
CA LEU S 393 111.83 -5.49 -6.45
C LEU S 393 112.77 -5.59 -5.26
N PHE S 394 112.27 -5.38 -4.06
CA PHE S 394 113.08 -5.44 -2.85
C PHE S 394 112.97 -6.77 -2.12
N ARG S 395 112.35 -7.77 -2.76
CA ARG S 395 112.10 -9.11 -2.21
C ARG S 395 111.84 -9.16 -0.70
N THR T 2 83.87 10.93 4.78
CA THR T 2 82.80 10.17 5.40
C THR T 2 83.09 9.90 6.86
N SER T 3 82.15 10.27 7.73
CA SER T 3 82.29 10.09 9.17
C SER T 3 81.28 9.07 9.66
N ILE T 4 81.75 8.06 10.38
CA ILE T 4 80.86 7.06 10.95
C ILE T 4 80.23 7.50 12.25
N LEU T 5 80.65 8.64 12.80
CA LEU T 5 80.10 9.14 14.05
C LEU T 5 78.94 10.11 13.85
N THR T 6 78.85 10.75 12.70
CA THR T 6 77.78 11.70 12.40
C THR T 6 77.17 11.38 11.05
N ASN T 7 75.89 11.72 10.89
CA ASN T 7 75.16 11.51 9.65
C ASN T 7 74.19 12.67 9.49
N ASN T 8 74.60 13.70 8.74
CA ASN T 8 73.76 14.88 8.57
C ASN T 8 72.48 14.56 7.84
N SER T 9 72.55 13.70 6.82
CA SER T 9 71.35 13.30 6.10
C SER T 9 70.39 12.57 7.02
N ALA T 10 70.91 11.72 7.90
CA ALA T 10 70.05 11.04 8.86
C ALA T 10 69.40 12.03 9.81
N MET T 11 70.14 13.05 10.25
CA MET T 11 69.58 14.06 11.15
C MET T 11 68.46 14.83 10.47
N ALA T 12 68.66 15.19 9.19
CA ALA T 12 67.59 15.84 8.44
C ALA T 12 66.39 14.91 8.30
N ALA T 13 66.64 13.62 8.09
CA ALA T 13 65.55 12.65 7.99
C ALA T 13 64.76 12.58 9.29
N LEU T 14 65.46 12.57 10.43
CA LEU T 14 64.76 12.59 11.72
C LEU T 14 63.94 13.86 11.91
N SER T 15 64.50 15.02 11.54
CA SER T 15 63.73 16.25 11.67
C SER T 15 62.48 16.21 10.81
N GLY T 16 62.61 15.75 9.57
CA GLY T 16 61.45 15.64 8.70
C GLY T 16 60.42 14.65 9.23
N VAL T 17 60.89 13.50 9.74
CA VAL T 17 59.96 12.50 10.27
C VAL T 17 59.22 13.06 11.48
N ARG T 18 59.93 13.80 12.34
CA ARG T 18 59.27 14.40 13.50
C ARG T 18 58.21 15.41 13.08
N SER T 19 58.53 16.25 12.09
CA SER T 19 57.54 17.22 11.62
C SER T 19 56.32 16.52 11.02
N ILE T 20 56.55 15.49 10.19
CA ILE T 20 55.43 14.77 9.58
C ILE T 20 54.61 14.06 10.65
N SER T 21 55.26 13.51 11.67
CA SER T 21 54.54 12.82 12.72
C SER T 21 53.66 13.78 13.50
N SER T 22 54.19 14.97 13.83
CA SER T 22 53.38 15.96 14.54
C SER T 22 52.18 16.39 13.69
N SER T 23 52.41 16.67 12.41
CA SER T 23 51.31 17.06 11.54
C SER T 23 50.29 15.96 11.40
N MET T 24 50.75 14.70 11.29
CA MET T 24 49.83 13.57 11.16
C MET T 24 49.01 13.39 12.42
N GLU T 25 49.63 13.55 13.60
CA GLU T 25 48.88 13.46 14.84
C GLU T 25 47.82 14.54 14.92
N ASP T 26 48.17 15.77 14.56
CA ASP T 26 47.19 16.87 14.58
C ASP T 26 46.03 16.57 13.63
N THR T 27 46.35 16.18 12.39
CA THR T 27 45.29 15.92 11.42
C THR T 27 44.46 14.70 11.80
N GLN T 28 45.07 13.71 12.44
CA GLN T 28 44.32 12.52 12.84
C GLN T 28 43.35 12.83 13.98
N SER T 29 43.78 13.64 14.95
CA SER T 29 42.85 14.11 15.96
C SER T 29 41.74 14.94 15.32
N ARG T 30 42.10 15.78 14.35
CA ARG T 30 41.13 16.61 13.66
C ARG T 30 40.07 15.77 12.96
N ILE T 31 40.50 14.72 12.27
CA ILE T 31 39.56 13.88 11.54
C ILE T 31 38.78 12.98 12.49
N SER T 32 39.37 12.64 13.64
CA SER T 32 38.66 11.80 14.62
C SER T 32 37.51 12.56 15.26
N SER T 33 37.76 13.79 15.71
CA SER T 33 36.79 14.50 16.53
C SER T 33 36.21 15.73 15.84
N GLY T 34 36.49 15.95 14.56
CA GLY T 34 36.09 17.21 13.96
C GLY T 34 36.77 18.36 14.67
N LEU T 35 36.00 19.44 14.91
CA LEU T 35 36.45 20.54 15.76
C LEU T 35 37.77 21.13 15.25
N ARG T 36 37.67 21.82 14.11
CA ARG T 36 38.85 22.48 13.55
C ARG T 36 39.55 23.34 14.59
N VAL T 37 38.76 24.03 15.42
CA VAL T 37 39.28 24.64 16.64
C VAL T 37 38.86 23.70 17.77
N GLY T 38 39.70 22.71 18.06
CA GLY T 38 39.35 21.66 18.98
C GLY T 38 39.76 21.90 20.43
N SER T 39 40.77 22.74 20.63
CA SER T 39 41.29 23.01 21.96
C SER T 39 41.85 24.41 22.01
N ALA T 40 42.26 24.84 23.20
CA ALA T 40 42.87 26.15 23.36
C ALA T 40 44.22 26.24 22.66
N SER T 41 44.86 25.10 22.36
CA SER T 41 46.09 25.11 21.60
C SER T 41 45.88 25.63 20.18
N ASP T 42 44.64 25.60 19.69
CA ASP T 42 44.29 26.21 18.41
C ASP T 42 44.11 27.72 18.63
N ASN T 43 43.49 28.38 17.66
CA ASN T 43 43.24 29.82 17.78
C ASN T 43 42.41 30.10 19.02
N ALA T 44 43.02 30.78 20.00
CA ALA T 44 42.40 30.94 21.31
C ALA T 44 41.14 31.79 21.23
N ALA T 45 41.17 32.86 20.44
CA ALA T 45 40.03 33.77 20.38
C ALA T 45 38.78 33.06 19.85
N TYR T 46 38.93 32.28 18.77
CA TYR T 46 37.80 31.56 18.23
C TYR T 46 37.30 30.49 19.19
N TRP T 47 38.22 29.85 19.91
CA TRP T 47 37.81 28.86 20.92
C TRP T 47 36.99 29.53 22.03
N SER T 48 37.43 30.69 22.50
CA SER T 48 36.69 31.40 23.54
C SER T 48 35.33 31.85 23.03
N ILE T 49 35.27 32.34 21.79
CA ILE T 49 33.99 32.74 21.21
C ILE T 49 33.04 31.55 21.12
N ALA T 50 33.56 30.39 20.68
CA ALA T 50 32.74 29.19 20.59
C ALA T 50 32.23 28.76 21.96
N THR T 51 33.08 28.83 22.98
CA THR T 51 32.64 28.46 24.32
C THR T 51 31.54 29.38 24.81
N THR T 52 31.71 30.69 24.61
CA THR T 52 30.69 31.65 25.03
C THR T 52 29.39 31.42 24.29
N MET T 53 29.47 31.14 22.99
CA MET T 53 28.26 30.92 22.20
C MET T 53 27.55 29.63 22.62
N ARG T 54 28.32 28.59 22.96
CA ARG T 54 27.70 27.36 23.47
C ARG T 54 27.01 27.60 24.80
N SER T 55 27.62 28.39 25.68
CA SER T 55 26.96 28.74 26.93
C SER T 55 25.67 29.52 26.67
N ASP T 56 25.71 30.45 25.73
CA ASP T 56 24.51 31.21 25.38
C ASP T 56 23.43 30.31 24.80
N ASN T 57 23.83 29.30 24.01
CA ASN T 57 22.86 28.36 23.45
C ASN T 57 22.22 27.53 24.54
N GLN T 58 22.99 27.09 25.53
CA GLN T 58 22.41 26.37 26.66
C GLN T 58 21.43 27.25 27.42
N ALA T 59 21.79 28.52 27.64
CA ALA T 59 20.88 29.45 28.29
C ALA T 59 19.60 29.62 27.48
N LEU T 60 19.72 29.70 26.16
CA LEU T 60 18.55 29.84 25.30
C LEU T 60 17.66 28.62 25.38
N SER T 61 18.26 27.42 25.46
CA SER T 61 17.46 26.21 25.63
C SER T 61 16.71 26.25 26.96
N ALA T 62 17.37 26.69 28.02
CA ALA T 62 16.68 26.83 29.30
C ALA T 62 15.53 27.83 29.21
N VAL T 63 15.75 28.94 28.51
CA VAL T 63 14.69 29.93 28.33
C VAL T 63 13.53 29.34 27.53
N GLN T 64 13.83 28.49 26.55
CA GLN T 64 12.78 27.85 25.77
C GLN T 64 11.95 26.91 26.65
N ASP T 65 12.60 26.16 27.54
CA ASP T 65 11.86 25.32 28.48
C ASP T 65 10.97 26.18 29.39
N ALA T 66 11.50 27.29 29.88
CA ALA T 66 10.71 28.19 30.72
C ALA T 66 9.53 28.76 29.94
N LEU T 67 9.73 29.06 28.66
CA LEU T 67 8.65 29.56 27.81
C LEU T 67 7.57 28.50 27.65
N GLY T 68 7.96 27.24 27.47
CA GLY T 68 6.96 26.18 27.40
C GLY T 68 6.16 26.06 28.69
N LEU T 69 6.84 26.13 29.83
CA LEU T 69 6.13 26.09 31.11
C LEU T 69 5.16 27.26 31.24
N GLY T 70 5.61 28.46 30.89
CA GLY T 70 4.74 29.62 30.95
C GLY T 70 3.55 29.52 30.02
N ALA T 71 3.76 28.95 28.82
CA ALA T 71 2.66 28.74 27.89
C ALA T 71 1.64 27.78 28.47
N ALA T 72 2.10 26.72 29.13
CA ALA T 72 1.18 25.79 29.77
C ALA T 72 0.37 26.50 30.85
N LYS T 73 1.03 27.31 31.68
CA LYS T 73 0.33 28.04 32.72
C LYS T 73 -0.72 28.98 32.13
N VAL T 74 -0.35 29.71 31.06
CA VAL T 74 -1.27 30.64 30.43
C VAL T 74 -2.45 29.90 29.83
N ASP T 75 -2.20 28.74 29.22
CA ASP T 75 -3.30 27.95 28.66
C ASP T 75 -4.28 27.52 29.73
N THR T 76 -3.76 27.05 30.87
CA THR T 76 -4.65 26.64 31.96
C THR T 76 -5.46 27.83 32.48
N ALA T 77 -4.79 28.96 32.69
CA ALA T 77 -5.48 30.15 33.19
C ALA T 77 -6.55 30.62 32.20
N TYR T 78 -6.24 30.56 30.91
CA TYR T 78 -7.20 31.00 29.90
C TYR T 78 -8.40 30.06 29.82
N SER T 79 -8.17 28.76 29.99
CA SER T 79 -9.30 27.84 30.03
C SER T 79 -10.20 28.13 31.21
N GLY T 80 -9.61 28.38 32.38
CA GLY T 80 -10.41 28.80 33.52
C GLY T 80 -11.16 30.09 33.26
N MET T 81 -10.52 31.01 32.54
CA MET T 81 -11.15 32.29 32.21
C MET T 81 -12.36 32.07 31.30
N GLU T 82 -12.23 31.18 30.32
CA GLU T 82 -13.36 30.86 29.43
C GLU T 82 -14.51 30.24 30.21
N SER T 83 -14.20 29.33 31.14
CA SER T 83 -15.25 28.76 31.98
C SER T 83 -15.95 29.85 32.79
N ALA T 84 -15.18 30.78 33.33
CA ALA T 84 -15.77 31.89 34.08
C ALA T 84 -16.65 32.76 33.19
N ILE T 85 -16.21 33.01 31.95
CA ILE T 85 -17.01 33.78 31.00
C ILE T 85 -18.35 33.09 30.77
N GLU T 86 -18.33 31.79 30.53
CA GLU T 86 -19.56 31.06 30.27
C GLU T 86 -20.50 31.11 31.46
N VAL T 87 -19.96 30.90 32.67
CA VAL T 87 -20.80 30.91 33.86
C VAL T 87 -21.39 32.30 34.10
N VAL T 88 -20.59 33.34 33.89
CA VAL T 88 -21.08 34.71 34.10
C VAL T 88 -22.15 35.05 33.08
N LYS T 89 -21.99 34.62 31.83
CA LYS T 89 -23.03 34.84 30.83
C LYS T 89 -24.32 34.14 31.22
N GLU T 90 -24.21 32.90 31.74
CA GLU T 90 -25.40 32.19 32.19
C GLU T 90 -26.08 32.93 33.35
N ILE T 91 -25.28 33.45 34.28
CA ILE T 91 -25.83 34.20 35.41
C ILE T 91 -26.55 35.45 34.91
N LYS T 92 -25.96 36.16 33.96
CA LYS T 92 -26.59 37.37 33.43
C LYS T 92 -27.89 37.04 32.72
N ALA T 93 -27.92 35.94 31.96
CA ALA T 93 -29.16 35.53 31.31
C ALA T 93 -30.23 35.18 32.33
N LYS T 94 -29.85 34.48 33.39
CA LYS T 94 -30.81 34.14 34.44
C LYS T 94 -31.34 35.40 35.12
N LEU T 95 -30.47 36.36 35.39
CA LEU T 95 -30.91 37.62 36.01
C LEU T 95 -31.85 38.38 35.10
N VAL T 96 -31.56 38.42 33.79
CA VAL T 96 -32.44 39.09 32.84
C VAL T 96 -33.80 38.41 32.82
N ALA T 97 -33.82 37.07 32.83
CA ALA T 97 -35.08 36.35 32.91
C ALA T 97 -35.80 36.64 34.23
N ALA T 98 -35.05 36.94 35.29
CA ALA T 98 -35.64 37.23 36.59
C ALA T 98 -36.31 38.60 36.64
N THR T 99 -36.12 39.44 35.61
CA THR T 99 -36.71 40.77 35.63
C THR T 99 -38.24 40.71 35.64
N GLU T 100 -38.81 39.63 35.09
CA GLU T 100 -40.25 39.48 35.10
C GLU T 100 -40.77 39.36 36.53
N ASP T 101 -41.82 40.12 36.84
CA ASP T 101 -42.38 40.10 38.18
C ASP T 101 -43.12 38.80 38.46
N GLY T 102 -43.73 38.20 37.44
CA GLY T 102 -44.49 36.98 37.64
C GLY T 102 -43.64 35.77 37.92
N VAL T 103 -42.36 35.79 37.56
CA VAL T 103 -41.48 34.66 37.79
C VAL T 103 -41.02 34.67 39.24
N ASP T 104 -41.15 33.52 39.91
CA ASP T 104 -40.67 33.40 41.28
C ASP T 104 -39.16 33.55 41.32
N LYS T 105 -38.67 34.20 42.38
CA LYS T 105 -37.25 34.51 42.49
C LYS T 105 -36.48 33.51 43.34
N ALA T 106 -37.15 32.63 44.07
CA ALA T 106 -36.43 31.68 44.92
C ALA T 106 -35.68 30.66 44.08
N LYS T 107 -36.35 30.05 43.10
CA LYS T 107 -35.71 29.04 42.27
C LYS T 107 -34.49 29.61 41.57
N ILE T 108 -34.64 30.81 41.00
CA ILE T 108 -33.48 31.50 40.43
C ILE T 108 -32.46 31.79 41.53
N GLN T 109 -32.90 31.94 42.77
CA GLN T 109 -31.94 32.19 43.84
C GLN T 109 -31.00 31.02 44.04
N GLU T 110 -31.54 29.79 44.16
CA GLU T 110 -30.59 28.69 44.28
C GLU T 110 -29.85 28.43 42.97
N GLU T 111 -30.46 28.80 41.83
CA GLU T 111 -29.73 28.68 40.57
C GLU T 111 -28.46 29.54 40.59
N ILE T 112 -28.59 30.80 40.99
CA ILE T 112 -27.42 31.67 41.08
C ILE T 112 -26.49 31.22 42.19
N THR T 113 -27.02 30.65 43.28
CA THR T 113 -26.14 30.12 44.32
C THR T 113 -25.27 29.00 43.78
N GLN T 114 -25.87 28.07 43.03
CA GLN T 114 -25.09 26.99 42.41
C GLN T 114 -24.09 27.54 41.41
N LEU T 115 -24.49 28.54 40.64
CA LEU T 115 -23.57 29.15 39.67
C LEU T 115 -22.40 29.84 40.37
N LYS T 116 -22.66 30.48 41.51
CA LYS T 116 -21.58 31.11 42.28
C LYS T 116 -20.62 30.08 42.84
N ASP T 117 -21.15 28.97 43.35
CA ASP T 117 -20.28 27.89 43.80
C ASP T 117 -19.45 27.34 42.65
N GLN T 118 -20.05 27.23 41.47
CA GLN T 118 -19.31 26.80 40.29
C GLN T 118 -18.21 27.79 39.94
N LEU T 119 -18.49 29.09 40.05
CA LEU T 119 -17.48 30.11 39.80
C LEU T 119 -16.32 29.99 40.78
N THR T 120 -16.63 29.76 42.06
CA THR T 120 -15.58 29.57 43.05
C THR T 120 -14.73 28.35 42.74
N SER T 121 -15.37 27.27 42.32
CA SER T 121 -14.64 26.06 41.94
C SER T 121 -13.74 26.32 40.73
N ILE T 122 -14.23 27.08 39.76
CA ILE T 122 -13.41 27.44 38.60
C ILE T 122 -12.22 28.26 39.05
N ALA T 123 -12.45 29.23 39.95
CA ALA T 123 -11.37 30.11 40.37
C ALA T 123 -10.29 29.36 41.13
N ASP T 124 -10.67 28.45 42.02
CA ASP T 124 -9.66 27.78 42.85
C ASP T 124 -9.04 26.57 42.18
N ALA T 125 -9.78 25.86 41.32
CA ALA T 125 -9.26 24.64 40.72
C ALA T 125 -8.28 24.91 39.59
N ALA T 126 -8.47 26.00 38.84
CA ALA T 126 -7.69 26.28 37.64
C ALA T 126 -6.29 26.74 38.04
N SER T 127 -5.44 25.77 38.37
CA SER T 127 -4.05 26.02 38.71
C SER T 127 -3.18 24.96 38.05
N PHE T 128 -1.94 25.34 37.72
CA PHE T 128 -1.01 24.42 37.08
C PHE T 128 0.07 23.93 38.03
N SER T 129 0.84 24.84 38.62
CA SER T 129 1.94 24.44 39.49
C SER T 129 2.00 25.36 40.71
N GLY T 130 0.84 25.71 41.25
CA GLY T 130 0.76 26.62 42.37
C GLY T 130 0.61 28.07 41.99
N GLU T 131 0.92 28.43 40.74
CA GLU T 131 0.71 29.79 40.23
C GLU T 131 -0.49 29.73 39.28
N ASN T 132 -1.68 29.88 39.84
CA ASN T 132 -2.91 29.84 39.07
C ASN T 132 -3.19 31.12 38.31
N TRP T 133 -2.43 32.18 38.55
CA TRP T 133 -2.63 33.49 37.94
C TRP T 133 -4.01 34.06 38.26
N LEU T 134 -4.69 33.49 39.26
CA LEU T 134 -6.00 33.94 39.69
C LEU T 134 -6.04 33.85 41.21
N GLN T 135 -7.07 34.48 41.80
CA GLN T 135 -7.26 34.48 43.25
C GLN T 135 -6.03 35.00 43.98
N ALA T 136 -5.36 35.98 43.37
CA ALA T 136 -4.15 36.53 43.96
C ALA T 136 -4.50 37.37 45.18
N ASP T 137 -3.49 37.64 46.00
CA ASP T 137 -3.65 38.44 47.21
C ASP T 137 -3.43 39.91 46.87
N LEU T 138 -4.48 40.72 47.02
CA LEU T 138 -4.43 42.14 46.68
C LEU T 138 -4.25 43.02 47.92
N SER T 139 -3.52 42.53 48.91
CA SER T 139 -3.22 43.37 50.08
C SER T 139 -2.38 44.58 49.67
N GLY T 140 -1.37 44.37 48.83
CA GLY T 140 -0.59 45.47 48.30
C GLY T 140 -1.23 46.09 47.07
N GLY T 141 -2.07 45.30 46.39
CA GLY T 141 -2.81 45.78 45.23
C GLY T 141 -2.01 45.88 43.95
N ALA T 142 -0.76 45.42 43.94
CA ALA T 142 0.09 45.53 42.75
C ALA T 142 0.86 44.24 42.53
N VAL T 143 0.19 43.09 42.66
CA VAL T 143 0.84 41.81 42.42
C VAL T 143 1.11 41.65 40.93
N THR T 144 2.32 41.21 40.60
CA THR T 144 2.75 41.07 39.22
C THR T 144 3.45 39.72 39.05
N LYS T 145 3.06 38.98 38.01
CA LYS T 145 3.66 37.70 37.67
C LYS T 145 4.33 37.80 36.30
N SER T 146 5.44 37.07 36.16
CA SER T 146 6.28 37.19 34.98
C SER T 146 6.63 35.81 34.44
N VAL T 147 6.92 35.78 33.13
CA VAL T 147 7.34 34.58 32.43
C VAL T 147 8.65 34.88 31.73
N VAL T 148 9.63 33.98 31.86
CA VAL T 148 10.94 34.19 31.26
C VAL T 148 10.78 34.25 29.74
N GLY T 149 11.17 35.38 29.15
CA GLY T 149 11.00 35.59 27.73
C GLY T 149 12.23 35.24 26.90
N SER T 150 13.37 35.81 27.25
CA SER T 150 14.58 35.59 26.47
C SER T 150 15.81 35.87 27.33
N PHE T 151 16.92 35.27 26.92
CA PHE T 151 18.22 35.51 27.54
C PHE T 151 18.99 36.49 26.66
N VAL T 152 19.30 37.66 27.20
CA VAL T 152 19.90 38.76 26.45
C VAL T 152 21.28 39.05 27.02
N ARG T 153 22.29 39.03 26.15
CA ARG T 153 23.64 39.44 26.51
C ARG T 153 23.87 40.84 25.96
N ASP T 154 24.12 41.80 26.85
CA ASP T 154 24.29 43.18 26.43
C ASP T 154 25.64 43.36 25.73
N GLY T 155 25.76 44.47 25.00
CA GLY T 155 26.96 44.72 24.25
C GLY T 155 28.19 44.92 25.12
N SER T 156 28.01 45.55 26.28
CA SER T 156 29.14 45.86 27.17
C SER T 156 29.42 44.73 28.16
N GLY T 157 29.54 43.52 27.64
CA GLY T 157 29.89 42.37 28.47
C GLY T 157 28.91 42.12 29.61
N SER T 158 27.62 42.24 29.36
CA SER T 158 26.60 42.06 30.38
C SER T 158 25.59 41.02 29.94
N VAL T 159 25.05 40.28 30.89
CA VAL T 159 24.04 39.26 30.65
C VAL T 159 22.88 39.49 31.60
N ALA T 160 21.66 39.26 31.11
CA ALA T 160 20.46 39.42 31.92
C ALA T 160 19.36 38.55 31.33
N VAL T 161 18.31 38.35 32.13
CA VAL T 161 17.17 37.54 31.72
C VAL T 161 15.96 38.44 31.61
N LYS T 162 15.34 38.46 30.44
CA LYS T 162 14.15 39.27 30.20
C LYS T 162 12.89 38.48 30.50
N LYS T 163 11.90 39.15 31.06
CA LYS T 163 10.64 38.52 31.46
C LYS T 163 9.47 39.33 30.93
N VAL T 164 8.37 38.63 30.69
CA VAL T 164 7.12 39.26 30.22
C VAL T 164 6.18 39.36 31.41
N ASP T 165 5.74 40.57 31.70
CA ASP T 165 4.96 40.85 32.91
C ASP T 165 3.47 40.78 32.62
N TYR T 166 2.72 40.33 33.63
CA TYR T 166 1.26 40.29 33.58
C TYR T 166 0.72 40.87 34.88
N SER T 167 -0.26 41.76 34.77
CA SER T 167 -0.78 42.49 35.92
C SER T 167 -2.08 41.88 36.40
N LEU T 168 -2.23 41.79 37.72
CA LEU T 168 -3.42 41.26 38.37
C LEU T 168 -3.98 42.27 39.36
N ASN T 169 -3.93 43.56 39.00
CA ASN T 169 -4.22 44.63 39.95
C ASN T 169 -5.66 44.59 40.46
N ALA T 170 -6.64 44.87 39.59
CA ALA T 170 -8.03 44.88 40.02
C ALA T 170 -9.00 44.37 38.97
N ASN T 171 -8.54 43.89 37.82
CA ASN T 171 -9.44 43.50 36.75
C ASN T 171 -9.18 42.09 36.22
N SER T 172 -8.16 41.39 36.72
CA SER T 172 -7.85 40.04 36.25
C SER T 172 -7.46 39.13 37.40
N VAL T 173 -8.04 39.33 38.58
CA VAL T 173 -7.63 38.60 39.77
C VAL T 173 -8.59 37.47 40.13
N LEU T 174 -9.89 37.59 39.81
CA LEU T 174 -10.82 36.48 39.99
C LEU T 174 -10.92 36.00 41.43
N PHE T 175 -11.62 36.74 42.29
CA PHE T 175 -11.79 36.41 43.70
C PHE T 175 -10.50 36.57 44.50
N ASP T 176 -10.01 37.81 44.62
CA ASP T 176 -8.96 38.15 45.57
C ASP T 176 -9.18 37.45 46.91
N THR T 177 -8.11 36.86 47.43
CA THR T 177 -8.23 35.96 48.58
C THR T 177 -8.60 36.73 49.84
N VAL T 178 -7.91 37.83 50.12
CA VAL T 178 -7.98 38.51 51.41
C VAL T 178 -8.85 39.77 51.33
N GLY T 179 -8.48 40.71 50.45
CA GLY T 179 -9.14 42.01 50.44
C GLY T 179 -10.58 41.98 49.98
N ASP T 180 -10.99 40.94 49.25
CA ASP T 180 -12.34 40.83 48.70
C ASP T 180 -12.69 42.07 47.88
N THR T 181 -11.72 42.52 47.08
CA THR T 181 -11.89 43.69 46.21
C THR T 181 -11.54 43.35 44.77
N GLY T 182 -11.68 42.08 44.40
CA GLY T 182 -11.33 41.64 43.07
C GLY T 182 -12.40 41.96 42.04
N ILE T 183 -12.18 41.46 40.82
CA ILE T 183 -13.13 41.68 39.74
C ILE T 183 -14.50 41.14 40.10
N LEU T 184 -14.54 40.00 40.78
CA LEU T 184 -15.75 39.49 41.39
C LEU T 184 -15.70 39.72 42.91
N ASP T 185 -16.84 39.50 43.55
CA ASP T 185 -16.98 39.73 44.99
C ASP T 185 -16.63 41.19 45.33
N LYS T 186 -17.11 42.12 44.49
CA LYS T 186 -17.01 43.54 44.77
C LYS T 186 -18.17 44.25 44.10
N VAL T 187 -18.51 45.42 44.62
CA VAL T 187 -19.62 46.21 44.11
C VAL T 187 -19.13 47.15 43.03
N TYR T 188 -19.94 47.28 41.98
CA TYR T 188 -19.63 48.15 40.84
C TYR T 188 -20.58 49.34 40.86
N ASN T 189 -20.02 50.54 40.77
CA ASN T 189 -20.83 51.74 40.67
C ASN T 189 -21.55 51.77 39.32
N VAL T 190 -22.84 52.14 39.36
CA VAL T 190 -23.68 52.16 38.17
C VAL T 190 -24.28 53.55 38.07
N SER T 191 -23.72 54.39 37.19
CA SER T 191 -24.26 55.71 36.94
C SER T 191 -24.00 56.08 35.49
N GLN T 192 -24.84 56.98 34.97
CA GLN T 192 -24.86 57.22 33.53
C GLN T 192 -23.63 57.98 33.06
N ALA T 193 -23.19 58.99 33.81
CA ALA T 193 -22.20 59.94 33.33
C ALA T 193 -21.02 60.03 34.29
N SER T 194 -20.49 58.89 34.70
CA SER T 194 -19.34 58.85 35.58
C SER T 194 -18.31 57.83 35.06
N VAL T 195 -17.13 57.89 35.65
CA VAL T 195 -16.04 56.96 35.34
C VAL T 195 -15.40 56.51 36.65
N THR T 196 -15.06 55.23 36.72
CA THR T 196 -14.38 54.68 37.89
C THR T 196 -12.88 54.84 37.68
N LEU T 197 -12.27 55.74 38.45
CA LEU T 197 -10.87 56.12 38.29
C LEU T 197 -10.06 55.64 39.48
N THR T 198 -8.83 55.19 39.19
CA THR T 198 -7.90 54.78 40.23
C THR T 198 -6.85 55.88 40.42
N VAL T 199 -6.73 56.36 41.65
CA VAL T 199 -5.74 57.36 42.02
C VAL T 199 -5.14 56.96 43.37
N ASN T 200 -3.83 57.12 43.51
CA ASN T 200 -3.15 56.75 44.75
C ASN T 200 -3.05 57.97 45.66
N THR T 201 -3.41 57.78 46.92
CA THR T 201 -3.32 58.83 47.94
C THR T 201 -2.38 58.36 49.04
N ASN T 202 -1.37 59.19 49.34
CA ASN T 202 -0.37 58.88 50.36
C ASN T 202 0.37 57.58 50.06
N GLY T 203 0.51 57.24 48.78
CA GLY T 203 1.25 56.07 48.37
C GLY T 203 0.46 54.79 48.25
N VAL T 204 -0.84 54.81 48.56
CA VAL T 204 -1.70 53.64 48.44
C VAL T 204 -2.81 53.95 47.45
N GLU T 205 -3.04 53.03 46.52
CA GLU T 205 -4.02 53.23 45.47
C GLU T 205 -5.43 52.98 45.97
N SER T 206 -6.38 53.60 45.29
CA SER T 206 -7.80 53.41 45.60
C SER T 206 -8.60 53.75 44.35
N GLN T 207 -9.86 53.30 44.33
CA GLN T 207 -10.76 53.52 43.21
C GLN T 207 -11.88 54.45 43.66
N HIS T 208 -12.07 55.55 42.94
CA HIS T 208 -13.09 56.53 43.23
C HIS T 208 -13.97 56.76 42.02
N THR T 209 -15.27 56.92 42.25
CA THR T 209 -16.24 57.17 41.20
C THR T 209 -16.49 58.66 41.11
N VAL T 210 -16.21 59.25 39.95
CA VAL T 210 -16.38 60.68 39.73
C VAL T 210 -17.07 60.89 38.39
N ALA T 211 -17.82 61.98 38.28
CA ALA T 211 -18.53 62.28 37.06
C ALA T 211 -17.57 62.60 35.92
N ALA T 212 -18.00 62.29 34.70
CA ALA T 212 -17.21 62.50 33.50
C ALA T 212 -17.96 63.43 32.55
N TYR T 213 -17.23 64.29 31.86
CA TYR T 213 -17.80 65.29 30.96
C TYR T 213 -17.27 65.07 29.55
N SER T 214 -18.16 65.12 28.57
CA SER T 214 -17.78 64.89 27.19
C SER T 214 -16.98 66.07 26.63
N LEU T 215 -16.11 65.76 25.67
CA LEU T 215 -15.31 66.81 25.04
C LEU T 215 -16.16 67.74 24.19
N GLU T 216 -17.21 67.22 23.56
CA GLU T 216 -18.07 68.05 22.71
C GLU T 216 -18.74 69.16 23.52
N SER T 217 -19.25 68.82 24.71
CA SER T 217 -19.86 69.85 25.55
C SER T 217 -18.85 70.90 25.96
N LEU T 218 -17.63 70.46 26.31
CA LEU T 218 -16.59 71.40 26.72
C LEU T 218 -16.24 72.37 25.59
N THR T 219 -16.07 71.83 24.37
CA THR T 219 -15.71 72.69 23.26
C THR T 219 -16.88 73.54 22.76
N GLU T 220 -18.12 73.11 23.02
CA GLU T 220 -19.27 73.93 22.66
C GLU T 220 -19.48 75.07 23.65
N ALA T 221 -19.20 74.83 24.93
CA ALA T 221 -19.40 75.85 25.94
C ALA T 221 -18.43 77.01 25.82
N GLY T 222 -17.36 76.87 25.05
CA GLY T 222 -16.38 77.93 24.89
C GLY T 222 -15.24 77.81 25.88
N ALA T 223 -14.65 76.63 25.99
CA ALA T 223 -13.59 76.37 26.94
C ALA T 223 -12.22 76.58 26.30
N GLU T 224 -11.27 76.99 27.12
CA GLU T 224 -9.89 77.16 26.69
C GLU T 224 -9.06 75.99 27.18
N PHE T 225 -8.39 75.31 26.25
CA PHE T 225 -7.64 74.10 26.55
C PHE T 225 -6.14 74.37 26.57
N GLN T 226 -5.42 73.49 27.24
CA GLN T 226 -3.96 73.53 27.26
C GLN T 226 -3.44 72.15 27.64
N GLY T 227 -2.82 71.46 26.69
CA GLY T 227 -2.34 70.12 26.95
C GLY T 227 -3.49 69.21 27.33
N ASN T 228 -3.41 68.64 28.53
CA ASN T 228 -4.48 67.81 29.08
C ASN T 228 -5.36 68.58 30.06
N TYR T 229 -5.23 69.90 30.08
CA TYR T 229 -5.99 70.76 31.00
C TYR T 229 -6.96 71.63 30.21
N ALA T 230 -8.10 71.92 30.84
CA ALA T 230 -9.13 72.74 30.23
C ALA T 230 -9.65 73.76 31.25
N LEU T 231 -10.22 74.85 30.74
CA LEU T 231 -10.80 75.88 31.59
C LEU T 231 -12.03 76.42 30.87
N GLN T 232 -13.21 75.93 31.27
CA GLN T 232 -14.47 76.42 30.72
C GLN T 232 -14.93 77.72 31.38
N GLY T 233 -14.33 78.10 32.50
CA GLY T 233 -14.78 79.24 33.25
C GLY T 233 -14.44 79.10 34.73
N GLY T 234 -15.44 79.21 35.59
CA GLY T 234 -15.21 79.01 37.01
C GLY T 234 -14.82 77.60 37.39
N ASN T 235 -14.93 76.64 36.46
CA ASN T 235 -14.55 75.26 36.70
C ASN T 235 -13.37 74.88 35.82
N SER T 236 -12.56 73.96 36.32
CA SER T 236 -11.37 73.49 35.60
C SER T 236 -11.46 71.97 35.41
N TYR T 237 -10.89 71.50 34.30
CA TYR T 237 -10.95 70.09 33.95
C TYR T 237 -9.56 69.62 33.54
N VAL T 238 -9.30 68.34 33.79
CA VAL T 238 -8.03 67.71 33.44
C VAL T 238 -8.31 66.43 32.68
N LYS T 239 -7.44 66.11 31.72
CA LYS T 239 -7.58 64.90 30.92
C LYS T 239 -6.67 63.81 31.48
N VAL T 240 -7.08 63.26 32.62
CA VAL T 240 -6.35 62.14 33.21
C VAL T 240 -6.47 60.90 32.34
N GLU T 241 -7.64 60.67 31.77
CA GLU T 241 -7.86 59.57 30.84
C GLU T 241 -8.68 60.04 29.66
N ASN T 242 -9.21 59.12 28.87
CA ASN T 242 -9.96 59.47 27.66
C ASN T 242 -11.19 60.31 27.97
N VAL T 243 -11.61 60.41 29.23
CA VAL T 243 -12.74 61.24 29.63
C VAL T 243 -12.23 62.41 30.46
N TRP T 244 -12.90 63.54 30.36
CA TRP T 244 -12.53 64.74 31.10
C TRP T 244 -13.27 64.79 32.43
N VAL T 245 -12.57 65.26 33.46
CA VAL T 245 -13.10 65.30 34.82
C VAL T 245 -12.72 66.63 35.46
N ARG T 246 -13.65 67.18 36.25
CA ARG T 246 -13.37 68.39 36.99
C ARG T 246 -12.27 68.14 38.02
N ALA T 247 -11.43 69.16 38.23
CA ALA T 247 -10.26 69.02 39.09
C ALA T 247 -10.20 70.17 40.08
N GLU T 248 -9.53 69.91 41.21
CA GLU T 248 -9.27 70.90 42.23
C GLU T 248 -7.91 71.55 41.99
N THR T 249 -7.77 72.80 42.41
CA THR T 249 -6.59 73.58 42.08
C THR T 249 -5.31 72.97 42.65
N ALA T 250 -5.18 72.99 43.97
CA ALA T 250 -4.03 72.43 44.67
C ALA T 250 -4.25 72.62 46.17
N ALA T 251 -3.53 71.83 46.96
CA ALA T 251 -3.50 71.94 48.42
C ALA T 251 -4.88 71.88 49.06
N THR T 252 -5.89 71.40 48.31
CA THR T 252 -7.22 71.27 48.89
C THR T 252 -7.35 69.98 49.69
N GLY T 253 -7.04 68.84 49.05
CA GLY T 253 -7.06 67.58 49.78
C GLY T 253 -5.96 67.48 50.82
N ALA T 254 -4.78 68.05 50.52
CA ALA T 254 -3.64 68.02 51.43
C ALA T 254 -3.27 66.59 51.82
N THR T 255 -3.38 65.68 50.85
CA THR T 255 -3.10 64.27 51.07
C THR T 255 -2.01 63.73 50.15
N GLY T 256 -1.28 64.60 49.47
CA GLY T 256 -0.24 64.16 48.55
C GLY T 256 -0.78 63.37 47.38
N GLN T 257 -1.91 63.78 46.82
CA GLN T 257 -2.52 63.07 45.72
C GLN T 257 -1.69 63.23 44.44
N GLU T 258 -1.88 62.28 43.52
CA GLU T 258 -1.17 62.34 42.25
C GLU T 258 -1.56 63.59 41.47
N ILE T 259 -0.55 64.26 40.90
CA ILE T 259 -0.78 65.50 40.18
C ILE T 259 -1.38 65.19 38.82
N ALA T 260 -2.57 65.74 38.56
CA ALA T 260 -3.25 65.48 37.29
C ALA T 260 -2.49 66.12 36.13
N ALA T 261 -2.16 67.40 36.24
CA ALA T 261 -1.48 68.11 35.18
C ALA T 261 -0.90 69.41 35.73
N THR T 262 0.03 69.98 34.98
CA THR T 262 0.63 71.27 35.28
C THR T 262 0.41 72.23 34.13
N THR T 263 0.17 73.49 34.46
CA THR T 263 -0.17 74.51 33.49
C THR T 263 0.83 75.66 33.56
N THR T 264 0.60 76.67 32.73
CA THR T 264 1.42 77.87 32.68
C THR T 264 0.51 79.07 32.49
N ALA T 265 1.09 80.22 32.12
CA ALA T 265 0.31 81.43 31.96
C ALA T 265 -0.75 81.27 30.88
N ALA T 266 -0.33 81.07 29.63
CA ALA T 266 -1.22 80.78 28.51
C ALA T 266 -2.34 81.82 28.40
N GLY T 267 -1.99 83.08 28.64
CA GLY T 267 -2.96 84.16 28.54
C GLY T 267 -3.79 84.34 29.78
N THR T 268 -4.74 83.44 30.03
CA THR T 268 -5.66 83.55 31.15
C THR T 268 -5.76 82.23 31.92
N ILE T 269 -4.67 81.46 31.97
CA ILE T 269 -4.63 80.18 32.68
C ILE T 269 -3.73 80.34 33.89
N THR T 270 -4.25 80.02 35.06
CA THR T 270 -3.45 80.09 36.27
C THR T 270 -2.37 79.01 36.26
N ALA T 271 -1.17 79.38 36.69
CA ALA T 271 -0.05 78.45 36.75
C ALA T 271 -0.11 77.69 38.08
N ASP T 272 -0.50 76.42 38.01
CA ASP T 272 -0.64 75.61 39.21
C ASP T 272 -0.56 74.14 38.83
N SER T 273 -0.31 73.30 39.83
CA SER T 273 -0.28 71.86 39.67
C SER T 273 -1.65 71.30 40.06
N TRP T 274 -2.43 70.89 39.07
CA TRP T 274 -3.81 70.49 39.28
C TRP T 274 -3.90 69.01 39.65
N VAL T 275 -4.92 68.70 40.46
CA VAL T 275 -5.15 67.35 40.96
C VAL T 275 -6.61 66.99 40.72
N VAL T 276 -6.84 65.75 40.28
CA VAL T 276 -8.20 65.29 40.02
C VAL T 276 -9.03 65.39 41.30
N ASP T 277 -10.23 65.95 41.18
CA ASP T 277 -11.12 66.11 42.33
C ASP T 277 -11.63 64.75 42.77
N VAL T 278 -11.20 64.30 43.96
CA VAL T 278 -11.68 63.03 44.49
C VAL T 278 -13.17 63.09 44.78
N GLY T 279 -13.68 64.28 45.09
CA GLY T 279 -15.10 64.45 45.32
C GLY T 279 -15.87 64.59 44.02
N ASN T 280 -16.80 65.54 43.97
CA ASN T 280 -17.61 65.81 42.79
C ASN T 280 -18.38 64.55 42.36
N ALA T 281 -19.27 64.14 43.25
CA ALA T 281 -20.07 62.95 43.01
C ALA T 281 -20.97 63.15 41.80
N PRO T 282 -21.32 62.06 41.09
CA PRO T 282 -22.17 62.19 39.91
C PRO T 282 -23.56 62.70 40.27
N ALA T 283 -24.33 63.02 39.23
CA ALA T 283 -25.68 63.54 39.44
C ALA T 283 -26.57 62.52 40.14
N ALA T 284 -26.46 61.25 39.75
CA ALA T 284 -27.24 60.16 40.35
C ALA T 284 -26.25 59.06 40.73
N ASN T 285 -25.77 59.10 41.97
CA ASN T 285 -24.81 58.13 42.46
C ASN T 285 -25.55 56.87 42.87
N VAL T 286 -25.51 55.85 42.01
CA VAL T 286 -26.16 54.57 42.26
C VAL T 286 -25.09 53.49 42.22
N SER T 287 -25.11 52.60 43.21
CA SER T 287 -24.18 51.50 43.30
C SER T 287 -24.94 50.18 43.27
N ALA T 288 -24.25 49.13 42.79
CA ALA T 288 -24.85 47.81 42.75
C ALA T 288 -25.21 47.35 44.16
N GLY T 289 -26.40 46.78 44.31
CA GLY T 289 -26.84 46.36 45.63
C GLY T 289 -25.96 45.29 46.23
N GLN T 290 -25.59 44.29 45.44
CA GLN T 290 -24.74 43.21 45.90
C GLN T 290 -23.70 42.89 44.83
N SER T 291 -22.62 42.28 45.27
CA SER T 291 -21.55 41.88 44.37
C SER T 291 -21.97 40.64 43.57
N VAL T 292 -21.09 40.21 42.67
CA VAL T 292 -21.37 39.03 41.87
C VAL T 292 -21.39 37.78 42.73
N ALA T 293 -20.50 37.71 43.72
CA ALA T 293 -20.40 36.54 44.58
C ALA T 293 -21.42 36.56 45.72
N ASN T 294 -22.21 37.62 45.85
CA ASN T 294 -23.18 37.75 46.94
C ASN T 294 -24.55 38.08 46.38
N ILE T 295 -24.89 37.50 45.23
CA ILE T 295 -26.16 37.80 44.59
C ILE T 295 -27.29 37.18 45.40
N ASN T 296 -28.29 37.99 45.76
CA ASN T 296 -29.45 37.52 46.49
C ASN T 296 -30.64 38.32 46.00
N ILE T 297 -31.50 37.69 45.20
CA ILE T 297 -32.56 38.40 44.49
C ILE T 297 -33.92 38.24 45.18
N VAL T 298 -33.92 37.88 46.47
CA VAL T 298 -35.17 37.67 47.20
C VAL T 298 -35.73 39.06 47.54
N GLY T 299 -36.72 39.50 46.76
CA GLY T 299 -37.41 40.76 47.04
C GLY T 299 -36.55 41.99 46.96
N MET T 300 -35.68 42.08 45.95
CA MET T 300 -34.86 43.28 45.79
C MET T 300 -35.67 44.47 45.28
N GLY T 301 -36.52 44.24 44.28
CA GLY T 301 -37.22 45.31 43.62
C GLY T 301 -36.63 45.60 42.25
N ALA T 302 -37.36 46.43 41.49
CA ALA T 302 -36.97 46.71 40.11
C ALA T 302 -35.64 47.44 40.03
N ALA T 303 -35.48 48.51 40.81
CA ALA T 303 -34.26 49.31 40.74
C ALA T 303 -33.03 48.50 41.16
N ALA T 304 -33.17 47.72 42.23
CA ALA T 304 -32.07 46.87 42.66
C ALA T 304 -31.73 45.82 41.61
N LEU T 305 -32.75 45.26 40.96
CA LEU T 305 -32.50 44.30 39.89
C LEU T 305 -31.74 44.94 38.73
N ASP T 306 -32.13 46.16 38.35
CA ASP T 306 -31.42 46.84 37.27
C ASP T 306 -29.98 47.14 37.66
N ALA T 307 -29.76 47.58 38.90
CA ALA T 307 -28.40 47.85 39.36
C ALA T 307 -27.56 46.57 39.35
N LEU T 308 -28.14 45.46 39.80
CA LEU T 308 -27.42 44.19 39.79
C LEU T 308 -27.10 43.75 38.37
N ILE T 309 -28.05 43.93 37.46
CA ILE T 309 -27.81 43.55 36.06
C ILE T 309 -26.68 44.37 35.47
N SER T 310 -26.68 45.69 35.74
CA SER T 310 -25.62 46.55 35.23
C SER T 310 -24.27 46.16 35.81
N GLY T 311 -24.22 45.87 37.11
CA GLY T 311 -22.97 45.44 37.71
C GLY T 311 -22.46 44.14 37.13
N VAL T 312 -23.37 43.18 36.91
CA VAL T 312 -22.99 41.91 36.30
C VAL T 312 -22.44 42.13 34.90
N ASP T 313 -23.10 43.01 34.12
CA ASP T 313 -22.62 43.29 32.77
C ASP T 313 -21.24 43.94 32.80
N ALA T 314 -21.01 44.86 33.73
CA ALA T 314 -19.70 45.49 33.84
C ALA T 314 -18.64 44.47 34.21
N ALA T 315 -18.95 43.57 35.15
CA ALA T 315 -18.01 42.52 35.52
C ALA T 315 -17.71 41.62 34.34
N LEU T 316 -18.75 41.29 33.56
CA LEU T 316 -18.55 40.45 32.38
C LEU T 316 -17.66 41.15 31.36
N THR T 317 -17.84 42.46 31.16
CA THR T 317 -17.00 43.20 30.23
C THR T 317 -15.55 43.21 30.69
N ASP T 318 -15.31 43.44 31.98
CA ASP T 318 -13.96 43.44 32.50
C ASP T 318 -13.33 42.05 32.37
N MET T 319 -14.10 41.00 32.62
CA MET T 319 -13.58 39.65 32.52
C MET T 319 -13.27 39.28 31.08
N THR T 320 -14.08 39.76 30.13
CA THR T 320 -13.78 39.57 28.72
C THR T 320 -12.51 40.28 28.31
N SER T 321 -12.30 41.50 28.84
CA SER T 321 -11.06 42.21 28.58
C SER T 321 -9.86 41.44 29.13
N ALA T 322 -10.02 40.86 30.32
CA ALA T 322 -8.96 40.04 30.90
C ALA T 322 -8.68 38.82 30.03
N ALA T 323 -9.73 38.19 29.50
CA ALA T 323 -9.55 37.05 28.61
C ALA T 323 -8.80 37.44 27.34
N ALA T 324 -9.13 38.59 26.78
CA ALA T 324 -8.42 39.07 25.59
C ALA T 324 -6.96 39.33 25.91
N SER T 325 -6.68 39.91 27.08
CA SER T 325 -5.30 40.14 27.49
C SER T 325 -4.55 38.82 27.63
N LEU T 326 -5.19 37.81 28.23
CA LEU T 326 -4.56 36.50 28.38
C LEU T 326 -4.26 35.86 27.03
N GLY T 327 -5.21 35.98 26.09
CA GLY T 327 -4.96 35.46 24.75
C GLY T 327 -3.80 36.17 24.07
N SER T 328 -3.72 37.49 24.24
CA SER T 328 -2.59 38.24 23.69
C SER T 328 -1.27 37.79 24.30
N ILE T 329 -1.26 37.53 25.61
CA ILE T 329 -0.06 37.03 26.27
C ILE T 329 0.33 35.67 25.70
N SER T 330 -0.65 34.79 25.50
CA SER T 330 -0.35 33.47 24.94
C SER T 330 0.24 33.59 23.54
N SER T 331 -0.33 34.47 22.71
CA SER T 331 0.21 34.68 21.37
C SER T 331 1.64 35.22 21.44
N ARG T 332 1.89 36.15 22.35
CA ARG T 332 3.24 36.70 22.49
C ARG T 332 4.22 35.62 22.93
N ILE T 333 3.79 34.72 23.83
CA ILE T 333 4.66 33.63 24.25
C ILE T 333 4.97 32.71 23.08
N ASP T 334 3.98 32.41 22.25
CA ASP T 334 4.22 31.56 21.08
C ASP T 334 5.22 32.21 20.13
N LEU T 335 5.04 33.51 19.87
CA LEU T 335 5.97 34.21 18.99
C LEU T 335 7.37 34.26 19.59
N GLN T 336 7.47 34.50 20.90
CA GLN T 336 8.78 34.51 21.54
C GLN T 336 9.44 33.16 21.45
N SER T 337 8.67 32.08 21.61
CA SER T 337 9.23 30.74 21.52
C SER T 337 9.78 30.46 20.13
N GLU T 338 9.00 30.80 19.09
CA GLU T 338 9.49 30.49 17.74
C GLU T 338 10.69 31.37 17.39
N PHE T 339 10.69 32.62 17.85
CA PHE T 339 11.85 33.49 17.61
C PHE T 339 13.08 32.96 18.34
N VAL T 340 12.92 32.47 19.56
CA VAL T 340 14.04 31.92 20.30
C VAL T 340 14.58 30.67 19.60
N ASN T 341 13.68 29.84 19.08
CA ASN T 341 14.13 28.68 18.32
C ASN T 341 14.91 29.08 17.09
N LYS T 342 14.43 30.09 16.36
CA LYS T 342 15.16 30.56 15.18
C LYS T 342 16.52 31.13 15.56
N LEU T 343 16.58 31.90 16.66
CA LEU T 343 17.84 32.47 17.10
C LEU T 343 18.83 31.38 17.52
N SER T 344 18.35 30.36 18.21
CA SER T 344 19.21 29.24 18.60
C SER T 344 19.72 28.51 17.37
N ASP T 345 18.87 28.31 16.36
CA ASP T 345 19.31 27.67 15.13
C ASP T 345 20.39 28.50 14.44
N SER T 346 20.20 29.83 14.38
CA SER T 346 21.19 30.69 13.76
C SER T 346 22.51 30.66 14.53
N ILE T 347 22.44 30.66 15.87
CA ILE T 347 23.65 30.61 16.68
C ILE T 347 24.38 29.30 16.47
N GLU T 348 23.65 28.18 16.43
CA GLU T 348 24.28 26.89 16.19
C GLU T 348 24.92 26.83 14.81
N SER T 349 24.24 27.38 13.80
CA SER T 349 24.82 27.42 12.46
C SER T 349 26.10 28.25 12.42
N GLY T 350 26.09 29.40 13.10
CA GLY T 350 27.29 30.21 13.15
C GLY T 350 28.44 29.52 13.86
N VAL T 351 28.14 28.84 14.97
CA VAL T 351 29.18 28.09 15.68
C VAL T 351 29.75 27.00 14.80
N GLY T 352 28.88 26.27 14.09
CA GLY T 352 29.35 25.24 13.18
C GLY T 352 30.22 25.80 12.07
N ARG T 353 29.81 26.94 11.49
CA ARG T 353 30.60 27.55 10.43
C ARG T 353 31.96 28.00 10.96
N LEU T 354 32.02 28.52 12.18
CA LEU T 354 33.27 28.98 12.76
C LEU T 354 34.16 27.84 13.24
N VAL T 355 33.59 26.67 13.53
CA VAL T 355 34.29 25.61 14.23
C VAL T 355 34.48 24.37 13.36
N ASP T 356 33.46 23.97 12.61
CA ASP T 356 33.54 22.71 11.86
C ASP T 356 34.56 22.81 10.73
N ALA T 357 35.00 21.65 10.26
CA ALA T 357 35.99 21.54 9.21
C ALA T 357 35.44 20.72 8.06
N ASP T 358 35.71 21.17 6.83
CA ASP T 358 35.30 20.44 5.63
C ASP T 358 36.18 19.21 5.49
N MET T 359 35.62 18.04 5.80
CA MET T 359 36.42 16.83 6.00
C MET T 359 37.21 16.43 4.77
N ASN T 360 36.83 16.90 3.58
CA ASN T 360 37.49 16.44 2.36
C ASN T 360 38.97 16.84 2.33
N GLU T 361 39.27 18.09 2.68
CA GLU T 361 40.67 18.51 2.66
C GLU T 361 41.47 17.86 3.78
N GLU T 362 40.83 17.56 4.92
CA GLU T 362 41.53 16.77 5.95
C GLU T 362 41.84 15.37 5.44
N SER T 363 40.93 14.76 4.69
CA SER T 363 41.24 13.45 4.09
C SER T 363 42.39 13.56 3.11
N THR T 364 42.40 14.60 2.28
CA THR T 364 43.50 14.80 1.34
C THR T 364 44.82 14.98 2.08
N ARG T 365 44.82 15.78 3.15
CA ARG T 365 46.02 15.97 3.95
C ARG T 365 46.46 14.67 4.60
N LEU T 366 45.51 13.85 5.04
CA LEU T 366 45.86 12.58 5.67
C LEU T 366 46.56 11.66 4.67
N LYS T 367 46.01 11.56 3.45
CA LYS T 367 46.66 10.76 2.43
C LYS T 367 48.05 11.30 2.09
N ALA T 368 48.16 12.62 1.94
CA ALA T 368 49.44 13.22 1.61
C ALA T 368 50.46 12.97 2.72
N LEU T 369 50.05 13.08 3.98
CA LEU T 369 50.96 12.84 5.09
C LEU T 369 51.36 11.37 5.17
N GLN T 370 50.45 10.46 4.85
CA GLN T 370 50.85 9.04 4.80
C GLN T 370 51.93 8.83 3.75
N THR T 371 51.74 9.41 2.55
CA THR T 371 52.74 9.28 1.50
C THR T 371 54.07 9.91 1.92
N GLN T 372 54.00 11.09 2.54
CA GLN T 372 55.22 11.79 2.98
C GLN T 372 55.95 10.98 4.05
N GLN T 373 55.20 10.37 4.97
CA GLN T 373 55.82 9.55 6.00
C GLN T 373 56.48 8.32 5.38
N GLN T 374 55.84 7.70 4.39
CA GLN T 374 56.45 6.55 3.74
C GLN T 374 57.75 6.96 3.05
N LEU T 375 57.74 8.08 2.35
CA LEU T 375 58.96 8.57 1.71
C LEU T 375 60.05 8.86 2.74
N ALA T 376 59.66 9.50 3.85
CA ALA T 376 60.63 9.84 4.88
C ALA T 376 61.25 8.58 5.50
N ILE T 377 60.43 7.56 5.75
CA ILE T 377 60.95 6.31 6.29
C ILE T 377 61.91 5.65 5.31
N GLN T 378 61.55 5.64 4.03
CA GLN T 378 62.43 5.04 3.04
C GLN T 378 63.77 5.78 2.97
N ALA T 379 63.72 7.12 2.95
CA ALA T 379 64.95 7.90 2.89
C ALA T 379 65.79 7.73 4.16
N LEU T 380 65.13 7.64 5.31
CA LEU T 380 65.85 7.43 6.57
C LEU T 380 66.54 6.07 6.58
N SER T 381 65.87 5.05 6.06
CA SER T 381 66.50 3.73 5.95
C SER T 381 67.69 3.77 5.01
N ILE T 382 67.57 4.48 3.88
CA ILE T 382 68.70 4.61 2.97
C ILE T 382 69.86 5.32 3.64
N ALA T 383 69.57 6.37 4.41
CA ALA T 383 70.61 7.10 5.11
C ALA T 383 71.27 6.23 6.18
N ASN T 384 70.51 5.35 6.82
CA ASN T 384 71.10 4.41 7.75
C ASN T 384 72.03 3.44 7.01
N SER T 385 71.60 2.96 5.85
CA SER T 385 72.33 1.90 5.16
C SER T 385 73.60 2.42 4.49
N ASP T 386 73.59 3.65 3.99
CA ASP T 386 74.70 4.11 3.15
C ASP T 386 76.01 4.26 3.90
N SER T 387 76.00 4.25 5.23
CA SER T 387 77.22 4.45 6.00
C SER T 387 78.09 3.20 6.08
N GLN T 388 77.58 2.04 5.63
CA GLN T 388 78.33 0.80 5.68
C GLN T 388 79.29 0.62 4.52
N ASN T 389 79.30 1.55 3.56
CA ASN T 389 80.13 1.38 2.38
C ASN T 389 81.62 1.47 2.69
N VAL T 390 81.98 2.13 3.79
CA VAL T 390 83.40 2.36 4.09
C VAL T 390 84.13 1.07 4.41
N LEU T 391 83.41 0.01 4.80
CA LEU T 391 84.06 -1.22 5.22
C LEU T 391 84.89 -1.88 4.12
N SER T 392 84.62 -1.55 2.85
CA SER T 392 85.29 -2.23 1.75
C SER T 392 86.78 -1.96 1.74
N LEU T 393 87.19 -0.72 2.07
CA LEU T 393 88.60 -0.35 1.97
C LEU T 393 89.45 -1.16 2.95
N PHE T 394 89.00 -1.30 4.19
CA PHE T 394 89.84 -1.83 5.26
C PHE T 394 90.03 -3.33 5.16
N ARG T 395 89.12 -4.04 4.49
CA ARG T 395 89.24 -5.48 4.35
C ARG T 395 90.12 -5.85 3.16
N THR U 2 89.36 -39.64 -12.01
CA THR U 2 88.79 -38.44 -12.62
C THR U 2 89.33 -38.24 -14.04
N SER U 3 88.43 -38.14 -15.00
CA SER U 3 88.78 -37.80 -16.37
C SER U 3 88.48 -36.32 -16.63
N ILE U 4 89.48 -35.60 -17.14
CA ILE U 4 89.32 -34.16 -17.35
C ILE U 4 88.62 -33.83 -18.66
N LEU U 5 88.53 -34.77 -19.59
CA LEU U 5 87.98 -34.49 -20.90
C LEU U 5 86.52 -34.93 -21.05
N THR U 6 86.05 -35.83 -20.20
CA THR U 6 84.66 -36.26 -20.23
C THR U 6 84.11 -36.25 -18.81
N ASN U 7 82.80 -35.96 -18.72
CA ASN U 7 82.09 -35.94 -17.44
C ASN U 7 80.75 -36.64 -17.67
N ASN U 8 80.75 -37.95 -17.43
CA ASN U 8 79.56 -38.76 -17.67
C ASN U 8 78.39 -38.33 -16.79
N SER U 9 78.68 -37.92 -15.55
CA SER U 9 77.64 -37.39 -14.68
C SER U 9 77.04 -36.12 -15.27
N ALA U 10 77.88 -35.27 -15.87
CA ALA U 10 77.36 -34.08 -16.54
C ALA U 10 76.47 -34.45 -17.72
N MET U 11 76.85 -35.47 -18.48
CA MET U 11 76.02 -35.89 -19.61
C MET U 11 74.68 -36.44 -19.14
N ALA U 12 74.68 -37.23 -18.06
CA ALA U 12 73.43 -37.73 -17.51
C ALA U 12 72.55 -36.59 -17.02
N ALA U 13 73.16 -35.60 -16.35
CA ALA U 13 72.41 -34.44 -15.90
C ALA U 13 71.82 -33.67 -17.08
N LEU U 14 72.60 -33.54 -18.16
CA LEU U 14 72.09 -32.86 -19.36
C LEU U 14 70.91 -33.60 -19.95
N SER U 15 71.00 -34.94 -20.03
CA SER U 15 69.88 -35.71 -20.57
C SER U 15 68.64 -35.55 -19.71
N GLY U 16 68.81 -35.60 -18.38
CA GLY U 16 67.69 -35.35 -17.50
C GLY U 16 67.09 -33.97 -17.69
N VAL U 17 67.94 -32.97 -17.84
CA VAL U 17 67.47 -31.60 -18.04
C VAL U 17 66.69 -31.48 -19.34
N ARG U 18 67.17 -32.10 -20.41
CA ARG U 18 66.44 -32.05 -21.68
C ARG U 18 65.09 -32.75 -21.56
N SER U 19 65.05 -33.90 -20.89
CA SER U 19 63.77 -34.59 -20.72
C SER U 19 62.78 -33.73 -19.93
N ILE U 20 63.26 -33.14 -18.83
CA ILE U 20 62.40 -32.28 -18.02
C ILE U 20 61.96 -31.06 -18.80
N SER U 21 62.86 -30.49 -19.61
CA SER U 21 62.51 -29.31 -20.40
C SER U 21 61.45 -29.63 -21.46
N SER U 22 61.57 -30.78 -22.13
CA SER U 22 60.55 -31.17 -23.09
C SER U 22 59.21 -31.40 -22.41
N SER U 23 59.22 -32.11 -21.28
CA SER U 23 57.98 -32.35 -20.55
C SER U 23 57.38 -31.04 -20.06
N MET U 24 58.23 -30.09 -19.64
CA MET U 24 57.75 -28.81 -19.13
C MET U 24 57.16 -27.95 -20.25
N GLU U 25 57.81 -27.92 -21.41
CA GLU U 25 57.21 -27.21 -22.54
C GLU U 25 55.86 -27.81 -22.89
N ASP U 26 55.78 -29.15 -22.92
CA ASP U 26 54.51 -29.81 -23.17
C ASP U 26 53.46 -29.37 -22.16
N THR U 27 53.81 -29.40 -20.87
CA THR U 27 52.79 -29.12 -19.84
C THR U 27 52.41 -27.65 -19.81
N GLN U 28 53.31 -26.75 -20.19
CA GLN U 28 52.93 -25.35 -20.34
C GLN U 28 51.90 -25.20 -21.46
N SER U 29 52.12 -25.88 -22.58
CA SER U 29 51.10 -25.92 -23.61
C SER U 29 49.80 -26.48 -23.05
N ARG U 30 49.91 -27.54 -22.26
CA ARG U 30 48.76 -28.22 -21.69
C ARG U 30 47.94 -27.27 -20.82
N ILE U 31 48.62 -26.52 -19.95
CA ILE U 31 47.98 -25.64 -18.99
C ILE U 31 47.51 -24.34 -19.63
N SER U 32 48.03 -24.01 -20.80
CA SER U 32 47.64 -22.77 -21.47
C SER U 32 46.54 -22.97 -22.50
N SER U 33 46.37 -24.18 -23.04
CA SER U 33 45.40 -24.34 -24.12
C SER U 33 44.61 -25.64 -23.99
N GLY U 34 44.50 -26.17 -22.76
CA GLY U 34 43.67 -27.34 -22.50
C GLY U 34 43.91 -28.51 -23.44
N LEU U 35 42.86 -28.92 -24.18
CA LEU U 35 43.01 -29.89 -25.27
C LEU U 35 43.77 -31.16 -24.88
N ARG U 36 43.14 -32.06 -24.09
CA ARG U 36 43.88 -33.24 -23.62
C ARG U 36 44.52 -34.00 -24.78
N VAL U 37 43.86 -34.04 -25.93
CA VAL U 37 44.48 -34.55 -27.14
C VAL U 37 45.13 -33.38 -27.88
N GLY U 38 46.45 -33.46 -28.04
CA GLY U 38 47.20 -32.43 -28.72
C GLY U 38 46.77 -32.27 -30.16
N SER U 39 47.42 -31.32 -30.84
CA SER U 39 47.07 -30.98 -32.22
C SER U 39 47.00 -32.28 -33.04
N ALA U 40 48.11 -32.97 -33.30
CA ALA U 40 48.05 -34.34 -33.78
C ALA U 40 49.22 -35.15 -33.25
N SER U 41 50.07 -34.53 -32.43
CA SER U 41 51.25 -35.20 -31.92
C SER U 41 50.93 -36.16 -30.79
N ASP U 42 49.71 -36.11 -30.28
CA ASP U 42 49.21 -37.12 -29.36
C ASP U 42 48.53 -38.21 -30.18
N ASN U 43 47.74 -39.05 -29.51
CA ASN U 43 47.08 -40.17 -30.19
C ASN U 43 46.15 -39.71 -31.32
N ALA U 44 46.56 -40.02 -32.55
CA ALA U 44 45.95 -39.42 -33.74
C ALA U 44 44.48 -39.79 -33.89
N ALA U 45 44.14 -41.04 -33.59
CA ALA U 45 42.78 -41.52 -33.84
C ALA U 45 41.74 -40.70 -33.09
N TYR U 46 41.99 -40.43 -31.81
CA TYR U 46 41.03 -39.67 -31.02
C TYR U 46 40.93 -38.23 -31.52
N TRP U 47 42.05 -37.64 -31.95
CA TRP U 47 42.00 -36.31 -32.54
C TRP U 47 41.17 -36.31 -33.82
N SER U 48 41.33 -37.34 -34.64
CA SER U 48 40.53 -37.45 -35.86
C SER U 48 39.05 -37.54 -35.54
N ILE U 49 38.69 -38.36 -34.54
CA ILE U 49 37.30 -38.46 -34.13
C ILE U 49 36.78 -37.11 -33.67
N ALA U 50 37.58 -36.40 -32.87
CA ALA U 50 37.18 -35.08 -32.37
C ALA U 50 36.97 -34.10 -33.52
N THR U 51 37.88 -34.08 -34.49
CA THR U 51 37.75 -33.17 -35.62
C THR U 51 36.50 -33.49 -36.45
N THR U 52 36.26 -34.78 -36.70
CA THR U 52 35.07 -35.16 -37.44
C THR U 52 33.80 -34.74 -36.70
N MET U 53 33.78 -34.92 -35.38
CA MET U 53 32.60 -34.56 -34.62
C MET U 53 32.43 -33.03 -34.55
N ARG U 54 33.53 -32.28 -34.53
CA ARG U 54 33.42 -30.83 -34.60
C ARG U 54 32.82 -30.38 -35.94
N SER U 55 33.25 -31.02 -37.03
CA SER U 55 32.66 -30.72 -38.33
C SER U 55 31.18 -31.05 -38.34
N ASP U 56 30.81 -32.19 -37.77
CA ASP U 56 29.39 -32.55 -37.69
C ASP U 56 28.62 -31.55 -36.83
N ASN U 57 29.24 -31.04 -35.76
CA ASN U 57 28.60 -30.03 -34.94
C ASN U 57 28.36 -28.74 -35.71
N GLN U 58 29.33 -28.33 -36.53
CA GLN U 58 29.13 -27.16 -37.39
C GLN U 58 27.98 -27.40 -38.35
N ALA U 59 27.93 -28.60 -38.94
CA ALA U 59 26.81 -28.93 -39.82
C ALA U 59 25.48 -28.87 -39.08
N LEU U 60 25.45 -29.35 -37.83
CA LEU U 60 24.22 -29.30 -37.04
C LEU U 60 23.81 -27.86 -36.75
N SER U 61 24.78 -26.98 -36.50
CA SER U 61 24.47 -25.56 -36.31
C SER U 61 23.85 -24.97 -37.58
N ALA U 62 24.41 -25.31 -38.74
CA ALA U 62 23.81 -24.86 -39.99
C ALA U 62 22.39 -25.40 -40.15
N VAL U 63 22.17 -26.65 -39.78
CA VAL U 63 20.83 -27.23 -39.84
C VAL U 63 19.89 -26.51 -38.88
N GLN U 64 20.40 -26.08 -37.73
CA GLN U 64 19.58 -25.32 -36.79
C GLN U 64 19.15 -24.00 -37.40
N ASP U 65 20.07 -23.30 -38.06
CA ASP U 65 19.71 -22.05 -38.72
C ASP U 65 18.66 -22.30 -39.81
N ALA U 66 18.85 -23.35 -40.60
CA ALA U 66 17.87 -23.68 -41.64
C ALA U 66 16.52 -24.03 -41.04
N LEU U 67 16.52 -24.72 -39.90
CA LEU U 67 15.28 -25.06 -39.22
C LEU U 67 14.56 -23.80 -38.74
N GLY U 68 15.29 -22.84 -38.21
CA GLY U 68 14.68 -21.57 -37.83
C GLY U 68 14.06 -20.86 -39.01
N LEU U 69 14.78 -20.82 -40.14
CA LEU U 69 14.25 -20.19 -41.35
C LEU U 69 12.98 -20.88 -41.82
N GLY U 70 12.99 -22.22 -41.83
CA GLY U 70 11.83 -22.97 -42.26
C GLY U 70 10.65 -22.79 -41.33
N ALA U 71 10.92 -22.70 -40.02
CA ALA U 71 9.86 -22.45 -39.06
C ALA U 71 9.23 -21.08 -39.29
N ALA U 72 10.04 -20.07 -39.59
CA ALA U 72 9.49 -18.76 -39.91
C ALA U 72 8.61 -18.83 -41.16
N LYS U 73 9.09 -19.54 -42.19
CA LYS U 73 8.30 -19.66 -43.42
C LYS U 73 6.97 -20.35 -43.16
N VAL U 74 6.99 -21.44 -42.38
CA VAL U 74 5.76 -22.17 -42.09
C VAL U 74 4.81 -21.32 -41.27
N ASP U 75 5.34 -20.54 -40.32
CA ASP U 75 4.49 -19.67 -39.52
C ASP U 75 3.81 -18.62 -40.39
N THR U 76 4.55 -18.01 -41.31
CA THR U 76 3.94 -17.04 -42.21
C THR U 76 2.86 -17.69 -43.07
N ALA U 77 3.15 -18.87 -43.63
CA ALA U 77 2.17 -19.55 -44.48
C ALA U 77 0.93 -19.91 -43.68
N TYR U 78 1.10 -20.34 -42.43
CA TYR U 78 -0.03 -20.74 -41.60
C TYR U 78 -0.88 -19.54 -41.20
N SER U 79 -0.25 -18.40 -40.94
CA SER U 79 -1.02 -17.18 -40.68
C SER U 79 -1.84 -16.80 -41.90
N GLY U 80 -1.23 -16.86 -43.09
CA GLY U 80 -1.98 -16.60 -44.30
C GLY U 80 -3.14 -17.57 -44.49
N MET U 81 -2.91 -18.84 -44.14
CA MET U 81 -3.96 -19.84 -44.23
C MET U 81 -5.13 -19.52 -43.30
N GLU U 82 -4.84 -19.11 -42.06
CA GLU U 82 -5.91 -18.70 -41.15
C GLU U 82 -6.69 -17.53 -41.71
N SER U 83 -5.99 -16.53 -42.26
CA SER U 83 -6.70 -15.39 -42.84
C SER U 83 -7.61 -15.83 -43.98
N ALA U 84 -7.11 -16.69 -44.86
CA ALA U 84 -7.93 -17.16 -45.97
C ALA U 84 -9.14 -17.95 -45.48
N ILE U 85 -8.94 -18.80 -44.45
CA ILE U 85 -10.06 -19.59 -43.92
C ILE U 85 -11.12 -18.68 -43.32
N GLU U 86 -10.71 -17.65 -42.57
CA GLU U 86 -11.67 -16.72 -42.00
C GLU U 86 -12.45 -15.99 -43.08
N VAL U 87 -11.75 -15.52 -44.13
CA VAL U 87 -12.43 -14.80 -45.19
C VAL U 87 -13.42 -15.71 -45.91
N VAL U 88 -13.04 -16.96 -46.17
CA VAL U 88 -13.93 -17.88 -46.87
C VAL U 88 -15.13 -18.24 -46.00
N LYS U 89 -14.92 -18.37 -44.69
CA LYS U 89 -16.05 -18.58 -43.78
C LYS U 89 -17.02 -17.40 -43.85
N GLU U 90 -16.48 -16.18 -43.89
CA GLU U 90 -17.34 -15.01 -44.03
C GLU U 90 -18.11 -15.05 -45.34
N ILE U 91 -17.45 -15.46 -46.42
CA ILE U 91 -18.11 -15.57 -47.73
C ILE U 91 -19.25 -16.58 -47.66
N LYS U 92 -19.01 -17.73 -47.04
CA LYS U 92 -20.04 -18.76 -46.93
C LYS U 92 -21.22 -18.26 -46.11
N ALA U 93 -20.93 -17.54 -45.02
CA ALA U 93 -22.02 -16.97 -44.22
C ALA U 93 -22.84 -15.98 -45.04
N LYS U 94 -22.16 -15.12 -45.81
CA LYS U 94 -22.88 -14.17 -46.65
C LYS U 94 -23.75 -14.88 -47.68
N LEU U 95 -23.23 -15.94 -48.30
CA LEU U 95 -23.99 -16.61 -49.33
C LEU U 95 -25.20 -17.36 -48.74
N VAL U 96 -25.01 -18.02 -47.60
CA VAL U 96 -26.13 -18.73 -46.99
C VAL U 96 -27.16 -17.74 -46.46
N ALA U 97 -26.73 -16.52 -46.12
CA ALA U 97 -27.70 -15.46 -45.84
C ALA U 97 -28.44 -15.06 -47.11
N ALA U 98 -27.72 -15.00 -48.23
CA ALA U 98 -28.28 -14.54 -49.50
C ALA U 98 -29.12 -15.59 -50.21
N THR U 99 -29.17 -16.83 -49.72
CA THR U 99 -29.98 -17.84 -50.38
C THR U 99 -31.46 -17.46 -50.38
N GLU U 100 -31.87 -16.59 -49.46
CA GLU U 100 -33.23 -16.07 -49.46
C GLU U 100 -33.49 -15.28 -50.74
N ASP U 101 -34.70 -15.44 -51.30
CA ASP U 101 -35.07 -14.71 -52.50
C ASP U 101 -35.48 -13.27 -52.22
N GLY U 102 -35.73 -12.91 -50.96
CA GLY U 102 -36.11 -11.56 -50.61
C GLY U 102 -34.98 -10.58 -50.44
N VAL U 103 -33.74 -11.02 -50.69
CA VAL U 103 -32.56 -10.20 -50.51
C VAL U 103 -31.98 -9.88 -51.88
N ASP U 104 -31.76 -8.60 -52.16
CA ASP U 104 -31.14 -8.20 -53.42
C ASP U 104 -29.74 -8.80 -53.50
N LYS U 105 -29.43 -9.42 -54.65
CA LYS U 105 -28.20 -10.17 -54.80
C LYS U 105 -27.03 -9.33 -55.31
N ALA U 106 -27.27 -8.09 -55.73
CA ALA U 106 -26.16 -7.24 -56.18
C ALA U 106 -25.23 -6.88 -55.02
N LYS U 107 -25.81 -6.57 -53.85
CA LYS U 107 -24.98 -6.25 -52.69
C LYS U 107 -24.14 -7.45 -52.28
N ILE U 108 -24.74 -8.64 -52.25
CA ILE U 108 -23.99 -9.83 -51.91
C ILE U 108 -22.92 -10.10 -52.95
N GLN U 109 -23.23 -9.87 -54.23
CA GLN U 109 -22.25 -10.09 -55.28
C GLN U 109 -21.05 -9.17 -55.13
N GLU U 110 -21.29 -7.88 -54.83
CA GLU U 110 -20.16 -6.98 -54.65
C GLU U 110 -19.37 -7.30 -53.37
N GLU U 111 -20.05 -7.73 -52.30
CA GLU U 111 -19.32 -8.17 -51.12
C GLU U 111 -18.42 -9.37 -51.44
N ILE U 112 -18.95 -10.33 -52.19
CA ILE U 112 -18.16 -11.50 -52.56
C ILE U 112 -17.00 -11.11 -53.46
N THR U 113 -17.21 -10.12 -54.35
CA THR U 113 -16.11 -9.63 -55.17
C THR U 113 -15.01 -9.03 -54.32
N GLN U 114 -15.39 -8.21 -53.33
CA GLN U 114 -14.41 -7.63 -52.43
C GLN U 114 -13.67 -8.70 -51.65
N LEU U 115 -14.39 -9.71 -51.17
CA LEU U 115 -13.76 -10.78 -50.40
C LEU U 115 -12.84 -11.63 -51.27
N LYS U 116 -13.20 -11.84 -52.54
CA LYS U 116 -12.33 -12.56 -53.46
C LYS U 116 -11.06 -11.77 -53.73
N ASP U 117 -11.18 -10.45 -53.89
CA ASP U 117 -9.99 -9.63 -54.03
C ASP U 117 -9.12 -9.72 -52.78
N GLN U 118 -9.75 -9.76 -51.61
CA GLN U 118 -8.99 -9.94 -50.36
C GLN U 118 -8.26 -11.27 -50.34
N LEU U 119 -8.93 -12.34 -50.78
CA LEU U 119 -8.27 -13.65 -50.86
C LEU U 119 -7.09 -13.61 -51.80
N THR U 120 -7.25 -12.97 -52.96
CA THR U 120 -6.14 -12.89 -53.90
C THR U 120 -4.96 -12.13 -53.31
N SER U 121 -5.24 -11.02 -52.64
CA SER U 121 -4.18 -10.22 -52.02
C SER U 121 -3.48 -11.01 -50.92
N ILE U 122 -4.24 -11.74 -50.11
CA ILE U 122 -3.65 -12.54 -49.04
C ILE U 122 -2.77 -13.64 -49.64
N ALA U 123 -3.25 -14.29 -50.70
CA ALA U 123 -2.50 -15.38 -51.31
C ALA U 123 -1.19 -14.88 -51.92
N ASP U 124 -1.24 -13.73 -52.61
CA ASP U 124 -0.01 -13.24 -53.25
C ASP U 124 0.90 -12.48 -52.31
N ALA U 125 0.41 -12.07 -51.14
CA ALA U 125 1.22 -11.26 -50.23
C ALA U 125 1.91 -12.08 -49.14
N ALA U 126 1.35 -13.24 -48.79
CA ALA U 126 1.90 -14.06 -47.72
C ALA U 126 3.15 -14.80 -48.21
N SER U 127 4.20 -14.02 -48.46
CA SER U 127 5.48 -14.53 -48.93
C SER U 127 6.57 -14.05 -47.98
N PHE U 128 7.32 -15.00 -47.42
CA PHE U 128 8.39 -14.63 -46.50
C PHE U 128 9.66 -14.26 -47.26
N SER U 129 10.24 -15.22 -47.98
CA SER U 129 11.49 -15.00 -48.70
C SER U 129 11.34 -15.47 -50.14
N GLY U 130 10.26 -15.06 -50.79
CA GLY U 130 9.96 -15.52 -52.13
C GLY U 130 9.25 -16.86 -52.15
N GLU U 131 9.78 -17.83 -51.41
CA GLU U 131 9.12 -19.13 -51.28
C GLU U 131 7.94 -19.03 -50.32
N ASN U 132 6.74 -18.80 -50.86
CA ASN U 132 5.56 -18.54 -50.05
C ASN U 132 4.74 -19.77 -49.74
N TRP U 133 5.05 -20.92 -50.36
CA TRP U 133 4.29 -22.16 -50.17
C TRP U 133 2.84 -22.01 -50.58
N LEU U 134 2.52 -20.96 -51.34
CA LEU U 134 1.16 -20.71 -51.81
C LEU U 134 1.25 -20.14 -53.22
N GLN U 135 0.15 -20.28 -53.97
CA GLN U 135 0.08 -19.82 -55.35
C GLN U 135 1.23 -20.39 -56.18
N ALA U 136 1.34 -21.72 -56.14
CA ALA U 136 2.43 -22.40 -56.81
C ALA U 136 2.06 -22.64 -58.28
N ASP U 137 2.98 -23.28 -59.00
CA ASP U 137 2.78 -23.65 -60.40
C ASP U 137 2.41 -25.12 -60.47
N LEU U 138 1.15 -25.39 -60.82
CA LEU U 138 0.65 -26.76 -60.90
C LEU U 138 0.63 -27.30 -62.32
N SER U 139 1.27 -26.60 -63.26
CA SER U 139 1.36 -27.13 -64.62
C SER U 139 2.13 -28.43 -64.66
N GLY U 140 3.22 -28.52 -63.90
CA GLY U 140 3.97 -29.76 -63.82
C GLY U 140 3.17 -30.90 -63.21
N GLY U 141 2.31 -30.58 -62.24
CA GLY U 141 1.47 -31.59 -61.63
C GLY U 141 1.60 -31.66 -60.12
N ALA U 142 2.83 -31.50 -59.62
CA ALA U 142 3.07 -31.56 -58.18
C ALA U 142 4.43 -30.94 -57.89
N VAL U 143 4.46 -30.04 -56.91
CA VAL U 143 5.70 -29.42 -56.43
C VAL U 143 5.82 -29.67 -54.95
N THR U 144 7.02 -30.04 -54.51
CA THR U 144 7.28 -30.41 -53.12
C THR U 144 8.30 -29.46 -52.53
N LYS U 145 7.91 -28.74 -51.48
CA LYS U 145 8.82 -27.89 -50.74
C LYS U 145 9.42 -28.67 -49.57
N SER U 146 10.70 -28.42 -49.30
CA SER U 146 11.44 -29.16 -48.29
C SER U 146 12.04 -28.22 -47.27
N VAL U 147 12.03 -28.65 -46.00
CA VAL U 147 12.65 -27.93 -44.91
C VAL U 147 13.76 -28.81 -44.34
N VAL U 148 14.95 -28.24 -44.19
CA VAL U 148 16.09 -29.03 -43.72
C VAL U 148 15.83 -29.48 -42.30
N GLY U 149 15.77 -30.79 -42.10
CA GLY U 149 15.46 -31.35 -40.80
C GLY U 149 16.67 -31.68 -39.95
N SER U 150 17.60 -32.46 -40.48
CA SER U 150 18.75 -32.89 -39.69
C SER U 150 19.88 -33.31 -40.62
N PHE U 151 21.08 -33.37 -40.07
CA PHE U 151 22.26 -33.86 -40.76
C PHE U 151 22.66 -35.20 -40.14
N VAL U 152 22.68 -36.25 -40.96
CA VAL U 152 22.88 -37.61 -40.48
C VAL U 152 24.12 -38.19 -41.14
N ARG U 153 25.01 -38.74 -40.32
CA ARG U 153 26.19 -39.46 -40.81
C ARG U 153 25.91 -40.95 -40.73
N ASP U 154 25.74 -41.59 -41.88
CA ASP U 154 25.48 -43.02 -41.92
C ASP U 154 26.67 -43.80 -41.40
N GLY U 155 26.38 -44.95 -40.78
CA GLY U 155 27.45 -45.75 -40.21
C GLY U 155 28.45 -46.25 -41.23
N SER U 156 27.99 -46.52 -42.45
CA SER U 156 28.87 -47.05 -43.50
C SER U 156 29.61 -45.94 -44.23
N GLY U 157 30.27 -45.06 -43.47
CA GLY U 157 31.13 -44.03 -44.02
C GLY U 157 30.50 -43.11 -45.03
N SER U 158 29.31 -42.59 -44.74
CA SER U 158 28.63 -41.69 -45.66
C SER U 158 27.74 -40.75 -44.86
N VAL U 159 27.42 -39.61 -45.47
CA VAL U 159 26.59 -38.59 -44.83
C VAL U 159 25.51 -38.15 -45.82
N ALA U 160 24.45 -37.56 -45.26
CA ALA U 160 23.35 -37.03 -46.06
C ALA U 160 22.61 -36.01 -45.20
N VAL U 161 21.70 -35.29 -45.84
CA VAL U 161 20.86 -34.30 -45.18
C VAL U 161 19.40 -34.71 -45.34
N LYS U 162 18.66 -34.69 -44.24
CA LYS U 162 17.26 -35.06 -44.22
C LYS U 162 16.39 -33.82 -44.33
N LYS U 163 15.21 -34.00 -44.95
CA LYS U 163 14.30 -32.88 -45.19
C LYS U 163 12.89 -33.29 -44.84
N VAL U 164 12.07 -32.29 -44.55
CA VAL U 164 10.64 -32.47 -44.29
C VAL U 164 9.88 -31.96 -45.50
N ASP U 165 9.07 -32.82 -46.10
CA ASP U 165 8.43 -32.54 -47.37
C ASP U 165 6.99 -32.09 -47.16
N TYR U 166 6.62 -30.99 -47.81
CA TYR U 166 5.24 -30.50 -47.85
C TYR U 166 4.79 -30.47 -49.29
N SER U 167 3.73 -31.21 -49.60
CA SER U 167 3.27 -31.38 -50.97
C SER U 167 2.26 -30.29 -51.31
N LEU U 168 2.54 -29.53 -52.37
CA LEU U 168 1.64 -28.49 -52.86
C LEU U 168 0.87 -29.07 -54.05
N ASN U 169 -0.09 -29.93 -53.73
CA ASN U 169 -0.91 -30.57 -54.74
C ASN U 169 -2.10 -29.67 -55.10
N ALA U 170 -3.08 -30.22 -55.80
CA ALA U 170 -4.28 -29.49 -56.18
C ALA U 170 -5.27 -29.33 -55.03
N ASN U 171 -4.86 -29.63 -53.80
CA ASN U 171 -5.74 -29.51 -52.65
C ASN U 171 -5.36 -28.38 -51.70
N SER U 172 -4.11 -27.93 -51.72
CA SER U 172 -3.64 -26.87 -50.84
C SER U 172 -2.78 -25.87 -51.61
N VAL U 173 -3.24 -25.48 -52.79
CA VAL U 173 -2.45 -24.63 -53.67
C VAL U 173 -2.82 -23.17 -53.50
N LEU U 174 -4.10 -22.89 -53.19
CA LEU U 174 -4.54 -21.52 -52.95
C LEU U 174 -4.26 -20.59 -54.14
N PHE U 175 -5.06 -20.72 -55.20
CA PHE U 175 -4.93 -19.91 -56.41
C PHE U 175 -3.65 -20.22 -57.20
N ASP U 176 -3.57 -21.44 -57.74
CA ASP U 176 -2.58 -21.79 -58.76
C ASP U 176 -2.49 -20.69 -59.81
N THR U 177 -1.26 -20.28 -60.11
CA THR U 177 -1.01 -19.07 -60.88
C THR U 177 -1.04 -19.27 -62.40
N VAL U 178 -1.04 -20.52 -62.88
CA VAL U 178 -0.90 -20.73 -64.32
C VAL U 178 -2.16 -21.33 -64.92
N GLY U 179 -2.52 -22.53 -64.48
CA GLY U 179 -3.66 -23.22 -65.05
C GLY U 179 -4.98 -23.00 -64.36
N ASP U 180 -4.97 -22.34 -63.20
CA ASP U 180 -6.18 -22.16 -62.39
C ASP U 180 -6.82 -23.51 -62.06
N THR U 181 -5.99 -24.53 -61.94
CA THR U 181 -6.42 -25.86 -61.53
C THR U 181 -5.81 -26.16 -60.16
N GLY U 182 -6.66 -26.34 -59.16
CA GLY U 182 -6.23 -26.53 -57.80
C GLY U 182 -7.41 -26.49 -56.85
N ILE U 183 -7.31 -25.70 -55.78
CA ILE U 183 -8.46 -25.47 -54.92
C ILE U 183 -9.60 -24.88 -55.72
N LEU U 184 -9.30 -23.98 -56.66
CA LEU U 184 -10.31 -23.43 -57.54
C LEU U 184 -10.73 -24.46 -58.59
N ASP U 185 -11.93 -24.27 -59.12
CA ASP U 185 -12.44 -25.01 -60.28
C ASP U 185 -12.70 -26.48 -59.97
N LYS U 186 -12.33 -26.94 -58.79
CA LYS U 186 -12.60 -28.30 -58.37
C LYS U 186 -13.85 -28.29 -57.48
N VAL U 187 -14.72 -29.28 -57.67
CA VAL U 187 -15.95 -29.33 -56.90
C VAL U 187 -15.85 -30.38 -55.79
N TYR U 188 -15.59 -31.63 -56.15
CA TYR U 188 -15.61 -32.75 -55.19
C TYR U 188 -16.85 -32.70 -54.30
N ASN U 189 -17.97 -32.25 -54.88
CA ASN U 189 -19.16 -32.02 -54.08
C ASN U 189 -19.73 -33.32 -53.55
N VAL U 190 -20.26 -33.26 -52.33
CA VAL U 190 -20.76 -34.46 -51.67
C VAL U 190 -22.01 -34.99 -52.37
N SER U 191 -22.86 -34.08 -52.88
CA SER U 191 -24.13 -34.48 -53.47
C SER U 191 -24.50 -33.49 -54.56
N GLN U 192 -25.77 -33.54 -54.98
CA GLN U 192 -26.30 -32.69 -56.02
C GLN U 192 -27.61 -32.08 -55.54
N ALA U 193 -28.00 -30.98 -56.18
CA ALA U 193 -29.26 -30.33 -55.83
C ALA U 193 -30.42 -31.29 -56.00
N SER U 194 -31.30 -31.34 -55.00
CA SER U 194 -32.39 -32.30 -54.95
C SER U 194 -33.69 -31.59 -54.65
N VAL U 195 -34.79 -32.17 -55.13
CA VAL U 195 -36.13 -31.67 -54.88
C VAL U 195 -37.05 -32.85 -54.60
N THR U 196 -37.89 -32.70 -53.58
CA THR U 196 -38.86 -33.72 -53.21
C THR U 196 -40.20 -33.41 -53.85
N LEU U 197 -40.74 -34.35 -54.61
CA LEU U 197 -41.95 -34.15 -55.38
C LEU U 197 -43.09 -34.99 -54.84
N THR U 198 -44.31 -34.55 -55.14
CA THR U 198 -45.53 -35.28 -54.80
C THR U 198 -46.08 -35.84 -56.10
N VAL U 199 -45.61 -37.01 -56.48
CA VAL U 199 -46.00 -37.68 -57.72
C VAL U 199 -46.63 -39.03 -57.35
N ASN U 200 -47.82 -39.26 -57.87
CA ASN U 200 -48.55 -40.50 -57.60
C ASN U 200 -48.42 -41.41 -58.82
N THR U 201 -47.63 -42.48 -58.67
CA THR U 201 -47.52 -43.48 -59.74
C THR U 201 -48.87 -44.15 -59.97
N ASN U 202 -49.63 -44.39 -58.90
CA ASN U 202 -50.94 -45.00 -58.99
C ASN U 202 -51.97 -44.10 -58.32
N GLY U 203 -53.17 -44.63 -58.06
CA GLY U 203 -54.22 -43.85 -57.46
C GLY U 203 -53.87 -43.27 -56.10
N VAL U 204 -52.87 -43.84 -55.44
CA VAL U 204 -52.41 -43.37 -54.13
C VAL U 204 -51.21 -42.47 -54.33
N GLU U 205 -51.16 -41.38 -53.55
CA GLU U 205 -50.07 -40.42 -53.63
C GLU U 205 -48.82 -40.97 -52.94
N SER U 206 -47.67 -40.49 -53.37
CA SER U 206 -46.40 -40.95 -52.82
C SER U 206 -45.36 -39.83 -52.93
N GLN U 207 -44.32 -39.94 -52.13
CA GLN U 207 -43.24 -38.96 -52.09
C GLN U 207 -42.01 -39.55 -52.77
N HIS U 208 -41.40 -38.77 -53.65
CA HIS U 208 -40.22 -39.20 -54.39
C HIS U 208 -39.16 -38.11 -54.37
N THR U 209 -37.90 -38.52 -54.42
CA THR U 209 -36.76 -37.61 -54.44
C THR U 209 -36.04 -37.74 -55.77
N VAL U 210 -35.87 -36.61 -56.46
CA VAL U 210 -35.20 -36.58 -57.76
C VAL U 210 -34.28 -35.36 -57.80
N ALA U 211 -33.14 -35.52 -58.44
CA ALA U 211 -32.18 -34.43 -58.57
C ALA U 211 -32.75 -33.29 -59.41
N ALA U 212 -32.42 -32.06 -59.03
CA ALA U 212 -32.89 -30.88 -59.73
C ALA U 212 -31.76 -30.25 -60.53
N TYR U 213 -32.10 -29.74 -61.70
CA TYR U 213 -31.13 -29.13 -62.61
C TYR U 213 -31.49 -27.66 -62.82
N SER U 214 -30.49 -26.80 -62.68
CA SER U 214 -30.70 -25.37 -62.86
C SER U 214 -31.02 -25.05 -64.32
N LEU U 215 -31.92 -24.07 -64.51
CA LEU U 215 -32.27 -23.65 -65.85
C LEU U 215 -31.09 -23.06 -66.61
N GLU U 216 -30.17 -22.41 -65.89
CA GLU U 216 -28.98 -21.85 -66.53
C GLU U 216 -28.12 -22.95 -67.15
N SER U 217 -27.97 -24.07 -66.44
CA SER U 217 -27.17 -25.17 -66.98
C SER U 217 -27.78 -25.72 -68.26
N LEU U 218 -29.11 -25.85 -68.30
CA LEU U 218 -29.76 -26.34 -69.51
C LEU U 218 -29.63 -25.34 -70.65
N THR U 219 -29.93 -24.06 -70.39
CA THR U 219 -29.90 -23.07 -71.45
C THR U 219 -28.49 -22.76 -71.94
N GLU U 220 -27.47 -23.07 -71.14
CA GLU U 220 -26.09 -22.80 -71.57
C GLU U 220 -25.66 -23.77 -72.65
N ALA U 221 -26.12 -25.02 -72.58
CA ALA U 221 -25.68 -26.07 -73.50
C ALA U 221 -26.53 -26.14 -74.76
N GLY U 222 -27.24 -25.08 -75.11
CA GLY U 222 -28.04 -25.07 -76.32
C GLY U 222 -29.24 -25.99 -76.25
N ALA U 223 -30.21 -25.64 -75.41
CA ALA U 223 -31.39 -26.47 -75.17
C ALA U 223 -32.61 -25.85 -75.85
N GLU U 224 -33.32 -26.66 -76.63
CA GLU U 224 -34.60 -26.25 -77.16
C GLU U 224 -35.65 -26.26 -76.06
N PHE U 225 -36.59 -25.31 -76.14
CA PHE U 225 -37.62 -25.17 -75.12
C PHE U 225 -38.98 -25.03 -75.79
N GLN U 226 -40.00 -25.55 -75.08
CA GLN U 226 -41.39 -25.40 -75.52
C GLN U 226 -42.28 -25.59 -74.30
N GLY U 227 -42.92 -24.52 -73.85
CA GLY U 227 -43.74 -24.58 -72.66
C GLY U 227 -42.93 -24.94 -71.43
N ASN U 228 -43.12 -26.16 -70.93
CA ASN U 228 -42.38 -26.68 -69.80
C ASN U 228 -41.56 -27.91 -70.21
N TYR U 229 -40.92 -27.83 -71.37
CA TYR U 229 -40.11 -28.92 -71.90
C TYR U 229 -38.73 -28.40 -72.29
N ALA U 230 -37.71 -29.20 -72.02
CA ALA U 230 -36.35 -28.92 -72.43
C ALA U 230 -35.77 -30.14 -73.13
N LEU U 231 -35.04 -29.90 -74.22
CA LEU U 231 -34.46 -30.95 -75.05
C LEU U 231 -33.00 -30.61 -75.36
N GLN U 232 -32.23 -30.37 -74.29
CA GLN U 232 -30.81 -30.03 -74.43
C GLN U 232 -30.09 -30.99 -75.37
N GLY U 233 -30.13 -32.28 -75.06
CA GLY U 233 -29.54 -33.29 -75.93
C GLY U 233 -30.44 -34.48 -76.06
N GLY U 234 -29.87 -35.69 -75.91
CA GLY U 234 -30.71 -36.88 -75.82
C GLY U 234 -31.60 -36.87 -74.61
N ASN U 235 -31.11 -36.32 -73.50
CA ASN U 235 -31.89 -36.23 -72.27
C ASN U 235 -33.03 -35.22 -72.45
N SER U 236 -34.13 -35.46 -71.74
CA SER U 236 -35.30 -34.60 -71.80
C SER U 236 -35.62 -34.11 -70.39
N TYR U 237 -35.83 -32.80 -70.26
CA TYR U 237 -36.14 -32.17 -68.99
C TYR U 237 -37.50 -31.50 -69.05
N VAL U 238 -38.24 -31.58 -67.94
CA VAL U 238 -39.53 -30.92 -67.81
C VAL U 238 -39.56 -30.16 -66.49
N LYS U 239 -40.44 -29.16 -66.43
CA LYS U 239 -40.62 -28.35 -65.23
C LYS U 239 -41.88 -28.82 -64.51
N VAL U 240 -41.73 -29.17 -63.24
CA VAL U 240 -42.86 -29.68 -62.46
C VAL U 240 -43.57 -28.55 -61.71
N GLU U 241 -42.86 -27.82 -60.84
CA GLU U 241 -43.39 -26.58 -60.30
C GLU U 241 -42.46 -25.41 -60.58
N ASN U 242 -41.19 -25.50 -60.19
CA ASN U 242 -40.23 -24.44 -60.47
C ASN U 242 -38.86 -24.94 -60.92
N VAL U 243 -38.55 -26.22 -60.76
CA VAL U 243 -37.23 -26.77 -61.07
C VAL U 243 -37.35 -27.74 -62.22
N TRP U 244 -36.30 -27.83 -63.03
CA TRP U 244 -36.25 -28.75 -64.16
C TRP U 244 -35.65 -30.07 -63.72
N VAL U 245 -36.36 -31.17 -63.99
CA VAL U 245 -35.94 -32.50 -63.61
C VAL U 245 -35.99 -33.41 -64.84
N ARG U 246 -35.24 -34.51 -64.76
CA ARG U 246 -35.20 -35.46 -65.86
C ARG U 246 -36.56 -36.10 -66.09
N ALA U 247 -36.94 -36.23 -67.35
CA ALA U 247 -38.21 -36.84 -67.73
C ALA U 247 -37.94 -38.01 -68.66
N GLU U 248 -39.02 -38.74 -68.98
CA GLU U 248 -38.93 -39.87 -69.88
C GLU U 248 -40.24 -39.97 -70.66
N THR U 249 -40.18 -40.72 -71.76
CA THR U 249 -41.33 -40.84 -72.64
C THR U 249 -42.43 -41.67 -71.97
N ALA U 250 -43.62 -41.63 -72.58
CA ALA U 250 -44.74 -42.42 -72.09
C ALA U 250 -44.50 -43.90 -72.35
N ALA U 251 -45.34 -44.73 -71.73
CA ALA U 251 -45.26 -46.18 -71.82
C ALA U 251 -43.91 -46.74 -71.36
N THR U 252 -43.21 -46.00 -70.53
CA THR U 252 -41.95 -46.46 -69.96
C THR U 252 -41.99 -46.62 -68.45
N GLY U 253 -42.92 -45.98 -67.75
CA GLY U 253 -43.11 -46.22 -66.34
C GLY U 253 -44.02 -47.42 -66.11
N ALA U 254 -45.01 -47.58 -66.99
CA ALA U 254 -45.93 -48.73 -66.96
C ALA U 254 -46.67 -48.83 -65.63
N THR U 255 -46.96 -47.69 -65.01
CA THR U 255 -47.71 -47.67 -63.76
C THR U 255 -48.90 -46.73 -63.78
N GLY U 256 -49.11 -45.99 -64.87
CA GLY U 256 -50.13 -44.96 -64.87
C GLY U 256 -49.73 -43.71 -64.14
N GLN U 257 -48.44 -43.39 -64.12
CA GLN U 257 -47.94 -42.23 -63.38
C GLN U 257 -48.52 -40.95 -63.96
N GLU U 258 -48.70 -39.95 -63.08
CA GLU U 258 -49.25 -38.67 -63.49
C GLU U 258 -48.41 -38.05 -64.61
N ILE U 259 -49.09 -37.60 -65.66
CA ILE U 259 -48.40 -37.08 -66.84
C ILE U 259 -47.79 -35.71 -66.51
N ALA U 260 -46.51 -35.55 -66.85
CA ALA U 260 -45.84 -34.28 -66.60
C ALA U 260 -46.23 -33.22 -67.61
N ALA U 261 -45.99 -33.49 -68.90
CA ALA U 261 -46.32 -32.54 -69.95
C ALA U 261 -46.43 -33.28 -71.28
N THR U 262 -47.13 -32.66 -72.22
CA THR U 262 -47.30 -33.17 -73.57
C THR U 262 -46.80 -32.15 -74.57
N THR U 263 -46.07 -32.62 -75.58
CA THR U 263 -45.46 -31.76 -76.57
C THR U 263 -45.94 -32.15 -77.97
N THR U 264 -45.54 -31.32 -78.95
CA THR U 264 -45.87 -31.57 -80.35
C THR U 264 -44.59 -31.56 -81.18
N ALA U 265 -44.72 -31.57 -82.50
CA ALA U 265 -43.55 -31.59 -83.37
C ALA U 265 -42.66 -30.37 -83.14
N ALA U 266 -43.17 -29.18 -83.50
CA ALA U 266 -42.50 -27.91 -83.24
C ALA U 266 -41.03 -27.95 -83.64
N GLY U 267 -40.77 -28.53 -84.81
CA GLY U 267 -39.41 -28.65 -85.29
C GLY U 267 -38.77 -29.99 -85.00
N THR U 268 -37.77 -30.01 -84.13
CA THR U 268 -37.02 -31.22 -83.79
C THR U 268 -37.40 -31.79 -82.44
N ILE U 269 -38.68 -31.70 -82.07
CA ILE U 269 -39.18 -32.22 -80.80
C ILE U 269 -40.19 -33.31 -81.09
N THR U 270 -39.95 -34.50 -80.55
CA THR U 270 -40.87 -35.61 -80.74
C THR U 270 -42.16 -35.37 -79.97
N ALA U 271 -43.29 -35.65 -80.61
CA ALA U 271 -44.60 -35.47 -79.98
C ALA U 271 -44.89 -36.68 -79.10
N ASP U 272 -44.89 -36.47 -77.78
CA ASP U 272 -45.12 -37.55 -76.84
C ASP U 272 -45.62 -36.97 -75.53
N SER U 273 -46.18 -37.85 -74.70
CA SER U 273 -46.68 -37.48 -73.38
C SER U 273 -45.58 -37.78 -72.37
N TRP U 274 -44.70 -36.81 -72.15
CA TRP U 274 -43.56 -37.01 -71.27
C TRP U 274 -44.01 -37.07 -69.81
N VAL U 275 -43.33 -37.91 -69.03
CA VAL U 275 -43.65 -38.12 -67.63
C VAL U 275 -42.38 -37.94 -66.81
N VAL U 276 -42.55 -37.55 -65.55
CA VAL U 276 -41.40 -37.34 -64.68
C VAL U 276 -40.70 -38.67 -64.44
N ASP U 277 -39.38 -38.68 -64.67
CA ASP U 277 -38.60 -39.91 -64.57
C ASP U 277 -38.26 -40.17 -63.11
N VAL U 278 -39.02 -41.07 -62.47
CA VAL U 278 -38.71 -41.46 -61.11
C VAL U 278 -37.42 -42.28 -61.10
N GLY U 279 -36.49 -41.89 -60.23
CA GLY U 279 -35.19 -42.51 -60.22
C GLY U 279 -34.08 -41.48 -60.37
N ASN U 280 -32.95 -41.89 -60.93
CA ASN U 280 -31.77 -41.05 -61.14
C ASN U 280 -31.55 -40.09 -59.97
N ALA U 281 -31.44 -40.68 -58.78
CA ALA U 281 -31.31 -39.89 -57.56
C ALA U 281 -30.01 -39.09 -57.59
N PRO U 282 -29.96 -37.96 -56.88
CA PRO U 282 -28.74 -37.13 -56.87
C PRO U 282 -27.47 -37.92 -56.58
N ALA U 283 -26.57 -37.96 -57.55
CA ALA U 283 -25.33 -38.71 -57.43
C ALA U 283 -24.19 -37.77 -57.06
N ALA U 284 -23.20 -38.31 -56.35
CA ALA U 284 -22.05 -37.53 -55.95
C ALA U 284 -21.12 -37.29 -57.13
N ASN U 285 -20.17 -36.38 -56.92
CA ASN U 285 -19.13 -36.05 -57.90
C ASN U 285 -19.74 -35.58 -59.22
N VAL U 286 -20.44 -34.44 -59.14
CA VAL U 286 -21.00 -33.77 -60.30
C VAL U 286 -20.58 -32.31 -60.27
N SER U 287 -20.30 -31.74 -61.44
CA SER U 287 -19.79 -30.38 -61.52
C SER U 287 -20.80 -29.39 -60.94
N ALA U 288 -20.32 -28.48 -60.09
CA ALA U 288 -21.16 -27.47 -59.48
C ALA U 288 -21.27 -26.26 -60.42
N GLY U 289 -21.84 -25.17 -59.93
CA GLY U 289 -22.06 -24.01 -60.74
C GLY U 289 -20.80 -23.25 -61.10
N GLN U 290 -20.16 -22.63 -60.12
CA GLN U 290 -19.00 -21.78 -60.36
C GLN U 290 -17.93 -22.07 -59.31
N SER U 291 -16.70 -21.71 -59.64
CA SER U 291 -15.59 -21.87 -58.71
C SER U 291 -15.60 -20.75 -57.67
N VAL U 292 -14.71 -20.88 -56.68
CA VAL U 292 -14.64 -19.88 -55.61
C VAL U 292 -14.21 -18.53 -56.16
N ALA U 293 -13.22 -18.51 -57.04
CA ALA U 293 -12.69 -17.25 -57.56
C ALA U 293 -13.62 -16.58 -58.57
N ASN U 294 -14.66 -17.28 -59.04
CA ASN U 294 -15.55 -16.76 -60.07
C ASN U 294 -17.00 -16.87 -59.61
N ILE U 295 -17.27 -16.44 -58.39
CA ILE U 295 -18.62 -16.51 -57.84
C ILE U 295 -19.43 -15.34 -58.37
N ASN U 296 -20.52 -15.64 -59.05
CA ASN U 296 -21.43 -14.62 -59.59
C ASN U 296 -22.86 -15.14 -59.37
N ILE U 297 -23.56 -14.55 -58.40
CA ILE U 297 -24.80 -15.12 -57.91
C ILE U 297 -26.01 -14.25 -58.24
N VAL U 298 -25.88 -13.31 -59.17
CA VAL U 298 -27.01 -12.47 -59.52
C VAL U 298 -27.95 -13.25 -60.44
N GLY U 299 -29.22 -13.30 -60.09
CA GLY U 299 -30.21 -14.01 -60.86
C GLY U 299 -29.91 -15.50 -60.97
N MET U 300 -29.51 -16.12 -59.86
CA MET U 300 -29.11 -17.52 -59.89
C MET U 300 -30.30 -18.43 -60.13
N GLY U 301 -31.43 -18.17 -59.47
CA GLY U 301 -32.62 -18.96 -59.62
C GLY U 301 -32.88 -19.96 -58.51
N ALA U 302 -32.07 -19.97 -57.44
CA ALA U 302 -32.27 -20.82 -56.27
C ALA U 302 -32.25 -22.30 -56.63
N ALA U 303 -31.54 -22.68 -57.69
CA ALA U 303 -31.44 -24.08 -58.09
C ALA U 303 -30.04 -24.63 -57.92
N ALA U 304 -29.03 -23.96 -58.47
CA ALA U 304 -27.64 -24.38 -58.31
C ALA U 304 -26.98 -23.75 -57.08
N LEU U 305 -27.72 -22.96 -56.30
CA LEU U 305 -27.15 -22.39 -55.09
C LEU U 305 -26.74 -23.48 -54.10
N ASP U 306 -27.48 -24.59 -54.05
CA ASP U 306 -27.09 -25.71 -53.21
C ASP U 306 -25.74 -26.28 -53.66
N ALA U 307 -25.56 -26.41 -54.97
CA ALA U 307 -24.26 -26.87 -55.48
C ALA U 307 -23.15 -25.90 -55.15
N LEU U 308 -23.44 -24.59 -55.23
CA LEU U 308 -22.44 -23.59 -54.87
C LEU U 308 -22.08 -23.69 -53.39
N ILE U 309 -23.07 -23.89 -52.53
CA ILE U 309 -22.81 -24.06 -51.10
C ILE U 309 -21.96 -25.31 -50.86
N SER U 310 -22.28 -26.40 -51.56
CA SER U 310 -21.51 -27.62 -51.40
C SER U 310 -20.05 -27.42 -51.83
N GLY U 311 -19.85 -26.72 -52.95
CA GLY U 311 -18.49 -26.45 -53.39
C GLY U 311 -17.72 -25.57 -52.42
N VAL U 312 -18.39 -24.54 -51.89
CA VAL U 312 -17.74 -23.67 -50.90
C VAL U 312 -17.38 -24.46 -49.66
N ASP U 313 -18.28 -25.35 -49.20
CA ASP U 313 -17.99 -26.17 -48.04
C ASP U 313 -16.82 -27.11 -48.30
N ALA U 314 -16.76 -27.70 -49.50
CA ALA U 314 -15.65 -28.57 -49.83
C ALA U 314 -14.33 -27.80 -49.82
N ALA U 315 -14.32 -26.59 -50.39
CA ALA U 315 -13.11 -25.77 -50.37
C ALA U 315 -12.71 -25.42 -48.95
N LEU U 316 -13.69 -25.09 -48.11
CA LEU U 316 -13.41 -24.76 -46.71
C LEU U 316 -12.82 -25.96 -45.98
N THR U 317 -13.37 -27.14 -46.21
CA THR U 317 -12.84 -28.35 -45.57
C THR U 317 -11.41 -28.63 -46.04
N ASP U 318 -11.14 -28.46 -47.34
CA ASP U 318 -9.80 -28.67 -47.85
C ASP U 318 -8.81 -27.68 -47.24
N MET U 319 -9.20 -26.41 -47.11
CA MET U 319 -8.32 -25.44 -46.50
C MET U 319 -8.11 -25.71 -45.01
N THR U 320 -9.16 -26.20 -44.33
CA THR U 320 -8.99 -26.57 -42.93
C THR U 320 -8.00 -27.73 -42.79
N SER U 321 -8.09 -28.72 -43.68
CA SER U 321 -7.12 -29.81 -43.67
C SER U 321 -5.72 -29.30 -43.94
N ALA U 322 -5.59 -28.35 -44.88
CA ALA U 322 -4.28 -27.77 -45.16
C ALA U 322 -3.73 -27.04 -43.95
N ALA U 323 -4.58 -26.30 -43.24
CA ALA U 323 -4.13 -25.61 -42.04
C ALA U 323 -3.69 -26.59 -40.96
N ALA U 324 -4.44 -27.69 -40.80
CA ALA U 324 -4.04 -28.71 -39.84
C ALA U 324 -2.70 -29.32 -40.22
N SER U 325 -2.48 -29.58 -41.52
CA SER U 325 -1.20 -30.11 -41.96
C SER U 325 -0.07 -29.12 -41.70
N LEU U 326 -0.32 -27.82 -41.94
CA LEU U 326 0.70 -26.82 -41.67
C LEU U 326 1.02 -26.74 -40.19
N GLY U 327 0.00 -26.83 -39.33
CA GLY U 327 0.27 -26.84 -37.89
C GLY U 327 1.06 -28.05 -37.47
N SER U 328 0.75 -29.22 -38.04
CA SER U 328 1.52 -30.42 -37.76
C SER U 328 2.97 -30.26 -38.21
N ILE U 329 3.18 -29.65 -39.38
CA ILE U 329 4.54 -29.41 -39.87
C ILE U 329 5.28 -28.48 -38.92
N SER U 330 4.62 -27.43 -38.44
CA SER U 330 5.27 -26.49 -37.51
C SER U 330 5.64 -27.19 -36.21
N SER U 331 4.74 -28.03 -35.69
CA SER U 331 5.05 -28.78 -34.47
C SER U 331 6.23 -29.72 -34.70
N ARG U 332 6.26 -30.39 -35.86
CA ARG U 332 7.38 -31.26 -36.18
C ARG U 332 8.69 -30.48 -36.28
N ILE U 333 8.64 -29.28 -36.85
CA ILE U 333 9.83 -28.44 -36.92
C ILE U 333 10.31 -28.07 -35.53
N ASP U 334 9.39 -27.72 -34.65
CA ASP U 334 9.78 -27.37 -33.28
C ASP U 334 10.42 -28.56 -32.57
N LEU U 335 9.80 -29.74 -32.70
CA LEU U 335 10.36 -30.94 -32.08
C LEU U 335 11.73 -31.27 -32.66
N GLN U 336 11.88 -31.14 -33.99
CA GLN U 336 13.16 -31.41 -34.63
C GLN U 336 14.23 -30.44 -34.15
N SER U 337 13.88 -29.16 -34.00
CA SER U 337 14.84 -28.18 -33.51
C SER U 337 15.28 -28.52 -32.08
N GLU U 338 14.32 -28.89 -31.22
CA GLU U 338 14.67 -29.25 -29.86
C GLU U 338 15.59 -30.47 -29.84
N PHE U 339 15.26 -31.49 -30.64
CA PHE U 339 16.08 -32.70 -30.66
C PHE U 339 17.47 -32.42 -31.22
N VAL U 340 17.55 -31.59 -32.26
CA VAL U 340 18.86 -31.26 -32.84
C VAL U 340 19.71 -30.50 -31.85
N ASN U 341 19.10 -29.58 -31.09
CA ASN U 341 19.85 -28.87 -30.08
C ASN U 341 20.34 -29.82 -28.99
N LYS U 342 19.48 -30.75 -28.56
CA LYS U 342 19.90 -31.73 -27.56
C LYS U 342 21.04 -32.60 -28.09
N LEU U 343 20.95 -33.03 -29.34
CA LEU U 343 21.97 -33.88 -29.94
C LEU U 343 23.29 -33.12 -30.08
N SER U 344 23.23 -31.84 -30.47
CA SER U 344 24.44 -31.04 -30.56
C SER U 344 25.08 -30.86 -29.19
N ASP U 345 24.27 -30.59 -28.17
CA ASP U 345 24.81 -30.48 -26.82
C ASP U 345 25.48 -31.77 -26.39
N SER U 346 24.83 -32.91 -26.64
CA SER U 346 25.41 -34.20 -26.27
C SER U 346 26.69 -34.48 -27.01
N ILE U 347 26.72 -34.18 -28.32
CA ILE U 347 27.90 -34.54 -29.12
C ILE U 347 29.08 -33.67 -28.73
N GLU U 348 28.87 -32.37 -28.49
CA GLU U 348 30.00 -31.53 -28.09
C GLU U 348 30.40 -31.80 -26.64
N SER U 349 29.46 -32.24 -25.81
CA SER U 349 29.84 -32.70 -24.47
C SER U 349 30.72 -33.94 -24.55
N GLY U 350 30.40 -34.87 -25.45
CA GLY U 350 31.26 -36.02 -25.65
C GLY U 350 32.62 -35.63 -26.20
N VAL U 351 32.65 -34.65 -27.12
CA VAL U 351 33.92 -34.15 -27.62
C VAL U 351 34.75 -33.57 -26.49
N GLY U 352 34.11 -32.82 -25.59
CA GLY U 352 34.82 -32.30 -24.43
C GLY U 352 35.34 -33.41 -23.54
N ARG U 353 34.51 -34.41 -23.26
CA ARG U 353 34.95 -35.53 -22.43
C ARG U 353 36.15 -36.22 -23.04
N LEU U 354 36.18 -36.34 -24.37
CA LEU U 354 37.32 -36.97 -25.04
C LEU U 354 38.53 -36.05 -25.10
N VAL U 355 38.32 -34.73 -25.08
CA VAL U 355 39.37 -33.79 -25.39
C VAL U 355 39.73 -32.87 -24.21
N ASP U 356 38.79 -32.56 -23.33
CA ASP U 356 39.13 -31.69 -22.21
C ASP U 356 40.04 -32.40 -21.22
N ALA U 357 40.85 -31.60 -20.52
CA ALA U 357 41.78 -32.10 -19.51
C ALA U 357 41.55 -31.38 -18.19
N ASP U 358 41.64 -32.13 -17.09
CA ASP U 358 41.51 -31.54 -15.77
C ASP U 358 42.70 -30.65 -15.44
N MET U 359 42.43 -29.43 -14.98
CA MET U 359 43.49 -28.45 -14.79
C MET U 359 44.30 -28.73 -13.53
N ASN U 360 43.68 -29.35 -12.51
CA ASN U 360 44.38 -29.56 -11.25
C ASN U 360 45.59 -30.47 -11.43
N GLU U 361 45.42 -31.56 -12.18
CA GLU U 361 46.52 -32.48 -12.41
C GLU U 361 47.64 -31.81 -13.19
N GLU U 362 47.29 -30.98 -14.17
CA GLU U 362 48.30 -30.25 -14.92
C GLU U 362 49.06 -29.27 -14.03
N SER U 363 48.36 -28.60 -13.11
CA SER U 363 49.04 -27.71 -12.18
C SER U 363 50.01 -28.48 -11.28
N THR U 364 49.59 -29.64 -10.79
CA THR U 364 50.47 -30.47 -9.98
C THR U 364 51.69 -30.90 -10.77
N ARG U 365 51.50 -31.31 -12.02
CA ARG U 365 52.62 -31.70 -12.86
C ARG U 365 53.54 -30.52 -13.12
N LEU U 366 52.99 -29.33 -13.32
CA LEU U 366 53.82 -28.15 -13.56
C LEU U 366 54.70 -27.85 -12.35
N LYS U 367 54.11 -27.91 -11.14
CA LYS U 367 54.91 -27.69 -9.94
C LYS U 367 55.99 -28.75 -9.79
N ALA U 368 55.63 -30.02 -10.03
CA ALA U 368 56.60 -31.09 -9.91
C ALA U 368 57.75 -30.93 -10.91
N LEU U 369 57.44 -30.53 -12.14
CA LEU U 369 58.47 -30.37 -13.15
C LEU U 369 59.35 -29.15 -12.85
N GLN U 370 58.77 -28.07 -12.30
CA GLN U 370 59.59 -26.95 -11.89
C GLN U 370 60.57 -27.36 -10.80
N THR U 371 60.10 -28.12 -9.81
CA THR U 371 60.99 -28.60 -8.76
C THR U 371 62.07 -29.52 -9.33
N GLN U 372 61.69 -30.42 -10.24
CA GLN U 372 62.65 -31.33 -10.83
C GLN U 372 63.69 -30.57 -11.64
N GLN U 373 63.28 -29.53 -12.37
CA GLN U 373 64.23 -28.72 -13.10
C GLN U 373 65.19 -28.02 -12.17
N GLN U 374 64.69 -27.49 -11.05
CA GLN U 374 65.57 -26.82 -10.10
C GLN U 374 66.61 -27.80 -9.53
N LEU U 375 66.16 -29.00 -9.15
CA LEU U 375 67.10 -30.00 -8.65
C LEU U 375 68.10 -30.41 -9.71
N ALA U 376 67.65 -30.59 -10.95
CA ALA U 376 68.56 -30.98 -12.03
C ALA U 376 69.61 -29.90 -12.28
N ILE U 377 69.20 -28.64 -12.25
CA ILE U 377 70.15 -27.54 -12.44
C ILE U 377 71.16 -27.50 -11.30
N GLN U 378 70.69 -27.69 -10.07
CA GLN U 378 71.62 -27.71 -8.93
C GLN U 378 72.62 -28.85 -9.06
N ALA U 379 72.13 -30.04 -9.45
CA ALA U 379 73.02 -31.19 -9.60
C ALA U 379 74.02 -30.97 -10.73
N LEU U 380 73.58 -30.35 -11.83
CA LEU U 380 74.50 -30.04 -12.92
C LEU U 380 75.56 -29.05 -12.47
N SER U 381 75.18 -28.04 -11.68
CA SER U 381 76.17 -27.11 -11.14
C SER U 381 77.18 -27.82 -10.25
N ILE U 382 76.71 -28.74 -9.41
CA ILE U 382 77.61 -29.51 -8.56
C ILE U 382 78.56 -30.34 -9.41
N ALA U 383 78.04 -30.98 -10.46
CA ALA U 383 78.87 -31.80 -11.33
C ALA U 383 79.94 -30.95 -12.03
N ASN U 384 79.56 -29.76 -12.50
CA ASN U 384 80.54 -28.87 -13.11
C ASN U 384 81.61 -28.44 -12.10
N SER U 385 81.19 -28.11 -10.88
CA SER U 385 82.16 -27.70 -9.85
C SER U 385 83.03 -28.86 -9.37
N ASP U 386 82.61 -30.10 -9.63
CA ASP U 386 83.41 -31.24 -9.21
C ASP U 386 84.75 -31.29 -9.95
N SER U 387 84.76 -30.83 -11.20
CA SER U 387 85.91 -31.07 -12.07
C SER U 387 87.19 -30.40 -11.57
N GLN U 388 87.09 -29.15 -11.11
CA GLN U 388 88.29 -28.36 -10.86
C GLN U 388 88.98 -28.68 -9.54
N ASN U 389 88.49 -29.67 -8.77
CA ASN U 389 89.13 -30.03 -7.53
C ASN U 389 90.51 -30.65 -7.73
N VAL U 390 90.79 -31.19 -8.92
CA VAL U 390 92.04 -31.89 -9.17
C VAL U 390 93.25 -30.96 -9.10
N LEU U 391 93.04 -29.64 -9.19
CA LEU U 391 94.16 -28.71 -9.21
C LEU U 391 94.99 -28.74 -7.93
N SER U 392 94.42 -29.23 -6.83
CA SER U 392 95.16 -29.26 -5.57
C SER U 392 96.39 -30.15 -5.65
N LEU U 393 96.34 -31.19 -6.49
CA LEU U 393 97.50 -32.08 -6.62
C LEU U 393 98.67 -31.37 -7.28
N PHE U 394 98.40 -30.41 -8.16
CA PHE U 394 99.43 -29.75 -8.96
C PHE U 394 99.82 -28.39 -8.42
N ARG U 395 99.39 -28.06 -7.19
CA ARG U 395 99.61 -26.76 -6.54
C ARG U 395 99.65 -25.54 -7.48
N THR V 2 68.53 -25.61 -23.52
CA THR V 2 67.81 -24.38 -23.26
C THR V 2 68.43 -23.21 -24.02
N SER V 3 67.61 -22.51 -24.79
CA SER V 3 68.07 -21.38 -25.60
C SER V 3 67.39 -20.10 -25.10
N ILE V 4 68.20 -19.08 -24.85
CA ILE V 4 67.66 -17.80 -24.40
C ILE V 4 67.20 -16.90 -25.56
N LEU V 5 67.43 -17.33 -26.79
CA LEU V 5 67.03 -16.53 -27.95
C LEU V 5 65.63 -16.86 -28.45
N THR V 6 65.13 -18.07 -28.18
CA THR V 6 63.80 -18.47 -28.58
C THR V 6 63.08 -19.15 -27.42
N ASN V 7 61.76 -19.07 -27.44
CA ASN V 7 60.91 -19.66 -26.40
C ASN V 7 59.66 -20.20 -27.08
N ASN V 8 59.68 -21.49 -27.42
CA ASN V 8 58.55 -22.09 -28.13
C ASN V 8 57.29 -22.06 -27.28
N SER V 9 57.42 -22.32 -25.98
CA SER V 9 56.27 -22.25 -25.09
C SER V 9 55.69 -20.84 -25.08
N ALA V 10 56.54 -19.81 -25.12
CA ALA V 10 56.05 -18.44 -25.17
C ALA V 10 55.27 -18.19 -26.44
N MET V 11 55.74 -18.71 -27.58
CA MET V 11 55.02 -18.51 -28.84
C MET V 11 53.68 -19.24 -28.81
N ALA V 12 53.64 -20.45 -28.27
CA ALA V 12 52.37 -21.16 -28.17
C ALA V 12 51.39 -20.41 -27.26
N ALA V 13 51.89 -19.89 -26.14
CA ALA V 13 51.05 -19.09 -25.25
C ALA V 13 50.56 -17.83 -25.95
N LEU V 14 51.43 -17.21 -26.76
CA LEU V 14 51.03 -16.01 -27.49
C LEU V 14 49.92 -16.31 -28.48
N SER V 15 50.04 -17.41 -29.22
CA SER V 15 48.99 -17.80 -30.15
C SER V 15 47.68 -18.08 -29.42
N GLY V 16 47.75 -18.79 -28.30
CA GLY V 16 46.54 -19.01 -27.50
C GLY V 16 45.93 -17.71 -27.02
N VAL V 17 46.77 -16.78 -26.55
CA VAL V 17 46.27 -15.51 -26.05
C VAL V 17 45.59 -14.72 -27.15
N ARG V 18 46.19 -14.67 -28.34
CA ARG V 18 45.60 -13.89 -29.42
C ARG V 18 44.29 -14.52 -29.90
N SER V 19 44.25 -15.85 -29.96
CA SER V 19 43.00 -16.51 -30.33
C SER V 19 41.90 -16.24 -29.31
N ILE V 20 42.22 -16.35 -28.02
CA ILE V 20 41.23 -16.07 -26.98
C ILE V 20 40.81 -14.61 -27.03
N SER V 21 41.74 -13.71 -27.32
CA SER V 21 41.40 -12.29 -27.39
C SER V 21 40.46 -12.00 -28.56
N SER V 22 40.71 -12.62 -29.72
CA SER V 22 39.81 -12.43 -30.86
C SER V 22 38.43 -12.97 -30.55
N SER V 23 38.36 -14.18 -29.98
CA SER V 23 37.06 -14.75 -29.63
C SER V 23 36.35 -13.89 -28.60
N MET V 24 37.08 -13.38 -27.61
CA MET V 24 36.48 -12.53 -26.59
C MET V 24 35.97 -11.23 -27.17
N GLU V 25 36.71 -10.64 -28.11
CA GLU V 25 36.23 -9.42 -28.76
C GLU V 25 34.95 -9.70 -29.54
N ASP V 26 34.90 -10.83 -30.26
CA ASP V 26 33.70 -11.18 -31.00
C ASP V 26 32.50 -11.35 -30.06
N THR V 27 32.69 -12.13 -28.98
CA THR V 27 31.60 -12.33 -28.04
C THR V 27 31.25 -11.05 -27.29
N GLN V 28 32.22 -10.15 -27.12
CA GLN V 28 31.95 -8.89 -26.43
C GLN V 28 31.07 -7.99 -27.28
N SER V 29 31.37 -7.88 -28.58
CA SER V 29 30.47 -7.17 -29.48
C SER V 29 29.10 -7.85 -29.53
N ARG V 30 29.10 -9.20 -29.53
CA ARG V 30 27.85 -9.95 -29.58
C ARG V 30 26.97 -9.64 -28.38
N ILE V 31 27.56 -9.59 -27.18
CA ILE V 31 26.77 -9.33 -25.99
C ILE V 31 26.45 -7.84 -25.87
N SER V 32 27.27 -6.96 -26.44
CA SER V 32 27.00 -5.54 -26.39
C SER V 32 25.79 -5.18 -27.24
N SER V 33 25.74 -5.68 -28.47
CA SER V 33 24.73 -5.23 -29.42
C SER V 33 23.75 -6.32 -29.84
N GLY V 34 23.79 -7.49 -29.22
CA GLY V 34 22.99 -8.59 -29.74
C GLY V 34 23.45 -8.95 -31.14
N LEU V 35 22.49 -9.19 -32.04
CA LEU V 35 22.77 -9.36 -33.46
C LEU V 35 23.78 -10.47 -33.71
N ARG V 36 23.33 -11.71 -33.47
CA ARG V 36 24.18 -12.86 -33.73
C ARG V 36 24.77 -12.81 -35.15
N VAL V 37 23.96 -12.40 -36.11
CA VAL V 37 24.46 -12.00 -37.43
C VAL V 37 24.48 -10.47 -37.42
N GLY V 38 25.61 -9.92 -37.00
CA GLY V 38 25.72 -8.48 -36.78
C GLY V 38 26.27 -7.70 -37.95
N SER V 39 27.05 -8.35 -38.81
CA SER V 39 27.67 -7.68 -39.93
C SER V 39 27.86 -8.69 -41.07
N ALA V 40 28.35 -8.18 -42.21
CA ALA V 40 28.62 -9.04 -43.34
C ALA V 40 29.77 -10.01 -43.07
N SER V 41 30.61 -9.73 -42.07
CA SER V 41 31.66 -10.67 -41.69
C SER V 41 31.07 -11.98 -41.15
N ASP V 42 29.83 -11.95 -40.68
CA ASP V 42 29.12 -13.16 -40.30
C ASP V 42 28.58 -13.85 -41.55
N ASN V 43 27.65 -14.78 -41.37
CA ASN V 43 27.04 -15.47 -42.50
C ASN V 43 26.39 -14.47 -43.45
N ALA V 44 26.96 -14.33 -44.65
CA ALA V 44 26.52 -13.27 -45.56
C ALA V 44 25.09 -13.50 -46.04
N ALA V 45 24.72 -14.75 -46.30
CA ALA V 45 23.37 -15.03 -46.81
C ALA V 45 22.31 -14.62 -45.80
N TYR V 46 22.50 -14.98 -44.53
CA TYR V 46 21.53 -14.59 -43.52
C TYR V 46 21.50 -13.08 -43.32
N TRP V 47 22.65 -12.43 -43.41
CA TRP V 47 22.70 -10.98 -43.31
C TRP V 47 21.90 -10.32 -44.43
N SER V 48 22.07 -10.82 -45.66
CA SER V 48 21.33 -10.27 -46.80
C SER V 48 19.83 -10.53 -46.65
N ILE V 49 19.45 -11.72 -46.19
CA ILE V 49 18.05 -12.02 -45.98
C ILE V 49 17.45 -11.09 -44.93
N ALA V 50 18.19 -10.86 -43.85
CA ALA V 50 17.72 -9.95 -42.81
C ALA V 50 17.56 -8.53 -43.34
N THR V 51 18.52 -8.07 -44.16
CA THR V 51 18.41 -6.73 -44.72
C THR V 51 17.19 -6.61 -45.63
N THR V 52 16.97 -7.62 -46.48
CA THR V 52 15.81 -7.59 -47.38
C THR V 52 14.51 -7.61 -46.59
N MET V 53 14.45 -8.42 -45.53
CA MET V 53 13.25 -8.47 -44.70
C MET V 53 13.02 -7.15 -43.96
N ARG V 54 14.08 -6.49 -43.50
CA ARG V 54 13.92 -5.19 -42.86
C ARG V 54 13.39 -4.16 -43.85
N SER V 55 13.90 -4.18 -45.08
CA SER V 55 13.38 -3.28 -46.12
C SER V 55 11.90 -3.56 -46.39
N ASP V 56 11.53 -4.84 -46.47
CA ASP V 56 10.14 -5.20 -46.71
C ASP V 56 9.26 -4.77 -45.54
N ASN V 57 9.77 -4.88 -44.31
CA ASN V 57 9.00 -4.44 -43.15
C ASN V 57 8.78 -2.94 -43.17
N GLN V 58 9.80 -2.17 -43.55
CA GLN V 58 9.61 -0.73 -43.70
C GLN V 58 8.57 -0.42 -44.77
N ALA V 59 8.62 -1.15 -45.89
CA ALA V 59 7.62 -0.97 -46.93
C ALA V 59 6.22 -1.28 -46.42
N LEU V 60 6.09 -2.34 -45.62
CA LEU V 60 4.78 -2.70 -45.06
C LEU V 60 4.29 -1.63 -44.10
N SER V 61 5.20 -1.03 -43.32
CA SER V 61 4.80 0.06 -42.45
C SER V 61 4.28 1.25 -43.26
N ALA V 62 4.97 1.58 -44.35
CA ALA V 62 4.49 2.65 -45.22
C ALA V 62 3.12 2.31 -45.81
N VAL V 63 2.93 1.06 -46.21
CA VAL V 63 1.64 0.63 -46.74
C VAL V 63 0.55 0.74 -45.69
N GLN V 64 0.89 0.43 -44.43
CA GLN V 64 -0.08 0.55 -43.35
C GLN V 64 -0.49 2.00 -43.13
N ASP V 65 0.49 2.92 -43.20
CA ASP V 65 0.15 4.34 -43.09
C ASP V 65 -0.76 4.77 -44.24
N ALA V 66 -0.45 4.34 -45.47
CA ALA V 66 -1.30 4.65 -46.60
C ALA V 66 -2.70 4.06 -46.43
N LEU V 67 -2.77 2.86 -45.84
CA LEU V 67 -4.06 2.22 -45.58
C LEU V 67 -4.87 3.03 -44.59
N GLY V 68 -4.23 3.56 -43.55
CA GLY V 68 -4.94 4.43 -42.61
C GLY V 68 -5.45 5.68 -43.30
N LEU V 69 -4.63 6.28 -44.15
CA LEU V 69 -5.07 7.47 -44.89
C LEU V 69 -6.28 7.14 -45.77
N GLY V 70 -6.22 6.02 -46.48
CA GLY V 70 -7.33 5.62 -47.32
C GLY V 70 -8.60 5.34 -46.52
N ALA V 71 -8.44 4.74 -45.34
CA ALA V 71 -9.59 4.51 -44.46
C ALA V 71 -10.22 5.81 -44.04
N ALA V 72 -9.40 6.82 -43.71
CA ALA V 72 -9.94 8.13 -43.37
C ALA V 72 -10.71 8.73 -44.53
N LYS V 73 -10.15 8.63 -45.75
CA LYS V 73 -10.84 9.15 -46.93
C LYS V 73 -12.18 8.45 -47.14
N VAL V 74 -12.19 7.12 -47.00
CA VAL V 74 -13.42 6.36 -47.19
C VAL V 74 -14.45 6.73 -46.13
N ASP V 75 -14.01 6.94 -44.88
CA ASP V 75 -14.94 7.33 -43.83
C ASP V 75 -15.57 8.68 -44.14
N THR V 76 -14.77 9.65 -44.60
CA THR V 76 -15.32 10.95 -44.94
C THR V 76 -16.32 10.84 -46.09
N ALA V 77 -15.96 10.07 -47.12
CA ALA V 77 -16.86 9.90 -48.26
C ALA V 77 -18.15 9.22 -47.83
N TYR V 78 -18.06 8.24 -46.93
CA TYR V 78 -19.25 7.55 -46.46
C TYR V 78 -20.14 8.44 -45.61
N SER V 79 -19.55 9.32 -44.80
CA SER V 79 -20.36 10.28 -44.06
C SER V 79 -21.12 11.19 -45.02
N GLY V 80 -20.43 11.69 -46.06
CA GLY V 80 -21.12 12.47 -47.07
C GLY V 80 -22.23 11.67 -47.74
N MET V 81 -21.98 10.38 -48.00
CA MET V 81 -22.97 9.54 -48.64
C MET V 81 -24.21 9.38 -47.77
N GLU V 82 -24.02 9.19 -46.46
CA GLU V 82 -25.18 9.09 -45.56
C GLU V 82 -25.96 10.39 -45.52
N SER V 83 -25.25 11.53 -45.50
CA SER V 83 -25.96 12.80 -45.54
C SER V 83 -26.78 12.92 -46.81
N ALA V 84 -26.22 12.51 -47.95
CA ALA V 84 -26.96 12.51 -49.20
C ALA V 84 -28.18 11.59 -49.13
N ILE V 85 -28.01 10.41 -48.52
CA ILE V 85 -29.13 9.47 -48.37
C ILE V 85 -30.27 10.14 -47.62
N GLU V 86 -29.95 10.76 -46.47
CA GLU V 86 -30.99 11.39 -45.66
C GLU V 86 -31.68 12.52 -46.41
N VAL V 87 -30.90 13.37 -47.08
CA VAL V 87 -31.50 14.50 -47.78
C VAL V 87 -32.39 14.02 -48.94
N VAL V 88 -31.94 12.99 -49.67
CA VAL V 88 -32.74 12.49 -50.79
C VAL V 88 -34.00 11.81 -50.29
N LYS V 89 -33.92 11.09 -49.17
CA LYS V 89 -35.13 10.51 -48.59
C LYS V 89 -36.12 11.59 -48.18
N GLU V 90 -35.63 12.68 -47.58
CA GLU V 90 -36.51 13.79 -47.25
C GLU V 90 -37.13 14.40 -48.50
N ILE V 91 -36.34 14.52 -49.57
CA ILE V 91 -36.86 15.06 -50.83
C ILE V 91 -37.97 14.17 -51.38
N LYS V 92 -37.76 12.85 -51.34
CA LYS V 92 -38.77 11.92 -51.84
C LYS V 92 -40.03 11.99 -51.01
N ALA V 93 -39.89 12.09 -49.68
CA ALA V 93 -41.06 12.24 -48.82
C ALA V 93 -41.83 13.51 -49.15
N LYS V 94 -41.11 14.62 -49.35
CA LYS V 94 -41.77 15.88 -49.71
C LYS V 94 -42.49 15.76 -51.05
N LEU V 95 -41.86 15.10 -52.02
CA LEU V 95 -42.50 14.92 -53.32
C LEU V 95 -43.76 14.07 -53.21
N VAL V 96 -43.71 13.00 -52.40
CA VAL V 96 -44.87 12.16 -52.19
C VAL V 96 -46.00 12.95 -51.54
N ALA V 97 -45.65 13.78 -50.55
CA ALA V 97 -46.65 14.66 -49.95
C ALA V 97 -47.20 15.66 -50.97
N ALA V 98 -46.39 16.04 -51.96
CA ALA V 98 -46.82 16.97 -52.99
C ALA V 98 -47.80 16.36 -53.97
N THR V 99 -48.00 15.04 -53.93
CA THR V 99 -48.92 14.39 -54.86
C THR V 99 -50.34 14.90 -54.66
N GLU V 100 -50.70 15.31 -53.45
CA GLU V 100 -52.02 15.87 -53.20
C GLU V 100 -52.20 17.15 -54.00
N ASP V 101 -53.33 17.23 -54.70
CA ASP V 101 -53.58 18.37 -55.57
C ASP V 101 -53.93 19.61 -54.75
N GLY V 102 -54.61 19.43 -53.62
CA GLY V 102 -54.99 20.56 -52.79
C GLY V 102 -53.83 21.24 -52.09
N VAL V 103 -52.71 20.56 -51.95
CA VAL V 103 -51.53 21.13 -51.30
C VAL V 103 -50.84 22.07 -52.30
N ASP V 104 -50.56 23.29 -51.86
CA ASP V 104 -49.83 24.24 -52.70
C ASP V 104 -48.42 23.73 -52.97
N LYS V 105 -47.96 23.97 -54.20
CA LYS V 105 -46.68 23.45 -54.65
C LYS V 105 -45.54 24.44 -54.51
N ALA V 106 -45.83 25.72 -54.28
CA ALA V 106 -44.77 26.71 -54.19
C ALA V 106 -43.92 26.51 -52.94
N LYS V 107 -44.56 26.35 -51.78
CA LYS V 107 -43.83 26.15 -50.54
C LYS V 107 -42.92 24.94 -50.63
N ILE V 108 -43.46 23.84 -51.14
CA ILE V 108 -42.64 22.66 -51.39
C ILE V 108 -41.55 22.99 -52.41
N GLN V 109 -41.80 23.96 -53.29
CA GLN V 109 -40.77 24.31 -54.27
C GLN V 109 -39.55 24.93 -53.60
N GLU V 110 -39.74 25.90 -52.69
CA GLU V 110 -38.53 26.41 -52.05
C GLU V 110 -37.97 25.40 -51.05
N GLU V 111 -38.81 24.53 -50.50
CA GLU V 111 -38.28 23.46 -49.65
C GLU V 111 -37.32 22.57 -50.43
N ILE V 112 -37.72 22.16 -51.63
CA ILE V 112 -36.86 21.34 -52.48
C ILE V 112 -35.65 22.13 -52.94
N THR V 113 -35.79 23.44 -53.19
CA THR V 113 -34.63 24.25 -53.55
C THR V 113 -33.61 24.27 -52.42
N GLN V 114 -34.07 24.45 -51.18
CA GLN V 114 -33.15 24.43 -50.04
C GLN V 114 -32.51 23.06 -49.89
N LEU V 115 -33.28 21.99 -50.10
CA LEU V 115 -32.72 20.65 -49.99
C LEU V 115 -31.68 20.40 -51.08
N LYS V 116 -31.91 20.93 -52.29
CA LYS V 116 -30.94 20.78 -53.37
C LYS V 116 -29.66 21.55 -53.06
N ASP V 117 -29.77 22.75 -52.52
CA ASP V 117 -28.58 23.48 -52.09
C ASP V 117 -27.83 22.72 -51.00
N GLN V 118 -28.58 22.09 -50.09
CA GLN V 118 -27.95 21.28 -49.05
C GLN V 118 -27.22 20.09 -49.66
N LEU V 119 -27.81 19.47 -50.68
CA LEU V 119 -27.16 18.36 -51.37
C LEU V 119 -25.87 18.82 -52.05
N THR V 120 -25.90 19.99 -52.68
CA THR V 120 -24.70 20.53 -53.30
C THR V 120 -23.61 20.79 -52.27
N SER V 121 -24.00 21.33 -51.11
CA SER V 121 -23.04 21.56 -50.04
C SER V 121 -22.46 20.24 -49.53
N ILE V 122 -23.28 19.20 -49.42
CA ILE V 122 -22.77 17.89 -49.02
C ILE V 122 -21.77 17.39 -50.06
N ALA V 123 -22.11 17.53 -51.34
CA ALA V 123 -21.26 17.01 -52.40
C ALA V 123 -19.91 17.70 -52.43
N ASP V 124 -19.89 19.02 -52.28
CA ASP V 124 -18.61 19.74 -52.42
C ASP V 124 -17.81 19.80 -51.12
N ALA V 125 -18.47 19.83 -49.97
CA ALA V 125 -17.75 19.97 -48.70
C ALA V 125 -17.09 18.67 -48.25
N ALA V 126 -17.69 17.53 -48.56
CA ALA V 126 -17.22 16.24 -48.04
C ALA V 126 -15.93 15.83 -48.76
N SER V 127 -14.83 16.41 -48.33
CA SER V 127 -13.51 16.10 -48.86
C SER V 127 -12.52 15.99 -47.71
N PHE V 128 -11.49 15.17 -47.91
CA PHE V 128 -10.47 14.98 -46.87
C PHE V 128 -9.17 15.67 -47.24
N SER V 129 -8.56 15.32 -48.37
CA SER V 129 -7.27 15.89 -48.76
C SER V 129 -7.25 16.21 -50.24
N GLY V 130 -8.36 16.74 -50.76
CA GLY V 130 -8.50 17.03 -52.16
C GLY V 130 -9.08 15.91 -52.99
N GLU V 131 -9.08 14.68 -52.47
CA GLU V 131 -9.71 13.54 -53.13
C GLU V 131 -10.99 13.21 -52.36
N ASN V 132 -12.07 13.89 -52.72
CA ASN V 132 -13.36 13.71 -52.07
C ASN V 132 -14.09 12.46 -52.50
N TRP V 133 -13.60 11.77 -53.54
CA TRP V 133 -14.25 10.59 -54.11
C TRP V 133 -15.65 10.87 -54.61
N LEU V 134 -15.98 12.15 -54.77
CA LEU V 134 -17.27 12.60 -55.28
C LEU V 134 -17.04 13.78 -56.20
N GLN V 135 -18.08 14.14 -56.96
CA GLN V 135 -18.02 15.27 -57.89
C GLN V 135 -16.85 15.12 -58.87
N ALA V 136 -16.60 13.88 -59.28
CA ALA V 136 -15.50 13.62 -60.20
C ALA V 136 -15.84 14.13 -61.60
N ASP V 137 -14.80 14.26 -62.42
CA ASP V 137 -14.97 14.72 -63.79
C ASP V 137 -15.19 13.52 -64.70
N LEU V 138 -16.37 13.45 -65.30
CA LEU V 138 -16.76 12.33 -66.16
C LEU V 138 -16.61 12.65 -67.64
N SER V 139 -15.61 13.46 -68.00
CA SER V 139 -15.35 13.72 -69.41
C SER V 139 -14.95 12.45 -70.13
N GLY V 140 -14.07 11.65 -69.51
CA GLY V 140 -13.70 10.36 -70.07
C GLY V 140 -14.67 9.26 -69.67
N GLY V 141 -15.39 9.48 -68.56
CA GLY V 141 -16.39 8.54 -68.12
C GLY V 141 -15.88 7.31 -67.42
N ALA V 142 -14.57 7.21 -67.17
CA ALA V 142 -13.99 6.02 -66.56
C ALA V 142 -12.95 6.42 -65.51
N VAL V 143 -13.29 7.40 -64.67
CA VAL V 143 -12.36 7.82 -63.62
C VAL V 143 -12.30 6.75 -62.55
N THR V 144 -11.08 6.43 -62.11
CA THR V 144 -10.85 5.38 -61.13
C THR V 144 -9.88 5.87 -60.07
N LYS V 145 -10.22 5.66 -58.80
CA LYS V 145 -9.37 6.02 -57.68
C LYS V 145 -8.98 4.75 -56.92
N SER V 146 -7.76 4.76 -56.38
CA SER V 146 -7.19 3.56 -55.78
C SER V 146 -6.59 3.90 -54.42
N VAL V 147 -6.52 2.87 -53.57
CA VAL V 147 -5.94 2.96 -52.24
C VAL V 147 -4.87 1.88 -52.12
N VAL V 148 -3.70 2.26 -51.60
CA VAL V 148 -2.59 1.32 -51.47
C VAL V 148 -3.00 0.20 -50.53
N GLY V 149 -3.00 -1.03 -51.04
CA GLY V 149 -3.45 -2.17 -50.27
C GLY V 149 -2.34 -2.95 -49.58
N SER V 150 -1.32 -3.35 -50.34
CA SER V 150 -0.26 -4.18 -49.77
C SER V 150 0.98 -4.07 -50.66
N PHE V 151 2.13 -4.37 -50.06
CA PHE V 151 3.40 -4.45 -50.76
C PHE V 151 3.73 -5.91 -51.00
N VAL V 152 3.81 -6.30 -52.27
CA VAL V 152 3.97 -7.70 -52.66
C VAL V 152 5.29 -7.87 -53.38
N ARG V 153 6.11 -8.80 -52.90
CA ARG V 153 7.34 -9.19 -53.57
C ARG V 153 7.11 -10.51 -54.29
N ASP V 154 7.24 -10.49 -55.61
CA ASP V 154 6.98 -11.69 -56.40
C ASP V 154 8.09 -12.71 -56.19
N GLY V 155 7.79 -13.96 -56.56
CA GLY V 155 8.74 -15.04 -56.37
C GLY V 155 10.01 -14.88 -57.19
N SER V 156 9.89 -14.34 -58.39
CA SER V 156 11.04 -14.21 -59.29
C SER V 156 11.75 -12.87 -59.11
N GLY V 157 12.09 -12.54 -57.87
CA GLY V 157 12.85 -11.34 -57.58
C GLY V 157 12.20 -10.05 -58.05
N SER V 158 10.90 -9.91 -57.85
CA SER V 158 10.16 -8.74 -58.30
C SER V 158 9.41 -8.11 -57.13
N VAL V 159 9.25 -6.80 -57.20
CA VAL V 159 8.53 -6.03 -56.19
C VAL V 159 7.49 -5.16 -56.87
N ALA V 160 6.32 -5.04 -56.24
CA ALA V 160 5.24 -4.23 -56.77
C ALA V 160 4.34 -3.81 -55.63
N VAL V 161 3.50 -2.81 -55.89
CA VAL V 161 2.56 -2.29 -54.91
C VAL V 161 1.15 -2.56 -55.42
N LYS V 162 0.36 -3.25 -54.61
CA LYS V 162 -1.01 -3.56 -54.95
C LYS V 162 -1.95 -2.48 -54.43
N LYS V 163 -3.00 -2.20 -55.20
CA LYS V 163 -3.95 -1.15 -54.86
C LYS V 163 -5.37 -1.68 -55.01
N VAL V 164 -6.28 -1.10 -54.23
CA VAL V 164 -7.69 -1.45 -54.26
C VAL V 164 -8.42 -0.38 -55.04
N ASP V 165 -9.12 -0.78 -56.11
CA ASP V 165 -9.74 0.15 -57.03
C ASP V 165 -11.18 0.43 -56.65
N TYR V 166 -11.62 1.66 -56.92
CA TYR V 166 -13.00 2.07 -56.72
C TYR V 166 -13.45 2.85 -57.95
N SER V 167 -14.64 2.53 -58.45
CA SER V 167 -15.13 3.10 -59.71
C SER V 167 -16.13 4.21 -59.44
N LEU V 168 -16.03 5.28 -60.22
CA LEU V 168 -16.92 6.43 -60.15
C LEU V 168 -17.55 6.71 -61.50
N ASN V 169 -17.89 5.65 -62.24
CA ASN V 169 -18.30 5.79 -63.63
C ASN V 169 -19.57 6.62 -63.82
N ALA V 170 -20.70 6.10 -63.36
CA ALA V 170 -21.97 6.82 -63.52
C ALA V 170 -22.93 6.64 -62.35
N ASN V 171 -22.54 5.93 -61.28
CA ASN V 171 -23.47 5.65 -60.20
C ASN V 171 -22.93 6.01 -58.83
N SER V 172 -21.69 6.51 -58.74
CA SER V 172 -21.11 6.90 -57.45
C SER V 172 -20.32 8.19 -57.57
N VAL V 173 -20.75 9.10 -58.43
CA VAL V 173 -20.00 10.32 -58.70
C VAL V 173 -20.57 11.55 -58.00
N LEU V 174 -21.90 11.61 -57.78
CA LEU V 174 -22.48 12.68 -56.98
C LEU V 174 -22.20 14.07 -57.52
N PHE V 175 -22.91 14.47 -58.57
CA PHE V 175 -22.74 15.77 -59.23
C PHE V 175 -21.42 15.88 -59.99
N ASP V 176 -21.27 15.07 -61.04
CA ASP V 176 -20.21 15.26 -62.02
C ASP V 176 -20.01 16.73 -62.35
N THR V 177 -18.75 17.15 -62.36
CA THR V 177 -18.43 18.58 -62.44
C THR V 177 -18.79 19.17 -63.79
N VAL V 178 -18.37 18.51 -64.88
CA VAL V 178 -18.43 19.08 -66.22
C VAL V 178 -19.58 18.50 -67.04
N GLY V 179 -19.62 17.18 -67.20
CA GLY V 179 -20.58 16.57 -68.11
C GLY V 179 -22.03 16.66 -67.65
N ASP V 180 -22.25 16.87 -66.35
CA ASP V 180 -23.61 16.92 -65.78
C ASP V 180 -24.39 15.66 -66.15
N THR V 181 -23.71 14.52 -66.06
CA THR V 181 -24.30 13.21 -66.36
C THR V 181 -24.13 12.26 -65.20
N GLY V 182 -24.00 12.79 -63.99
CA GLY V 182 -23.78 11.99 -62.82
C GLY V 182 -25.04 11.32 -62.30
N ILE V 183 -24.91 10.68 -61.14
CA ILE V 183 -26.04 10.00 -60.53
C ILE V 183 -27.14 11.00 -60.21
N LEU V 184 -26.77 12.21 -59.79
CA LEU V 184 -27.69 13.32 -59.70
C LEU V 184 -27.46 14.29 -60.84
N ASP V 185 -28.39 15.24 -61.00
CA ASP V 185 -28.34 16.24 -62.07
C ASP V 185 -28.32 15.54 -63.44
N LYS V 186 -29.12 14.48 -63.58
CA LYS V 186 -29.36 13.87 -64.87
C LYS V 186 -30.70 13.15 -64.82
N VAL V 187 -31.29 12.96 -65.99
CA VAL V 187 -32.65 12.43 -66.11
C VAL V 187 -32.59 10.91 -66.13
N TYR V 188 -33.59 10.29 -65.51
CA TYR V 188 -33.71 8.83 -65.45
C TYR V 188 -34.92 8.39 -66.26
N ASN V 189 -34.71 7.43 -67.15
CA ASN V 189 -35.82 6.86 -67.89
C ASN V 189 -36.73 6.06 -66.97
N VAL V 190 -38.04 6.23 -67.14
CA VAL V 190 -39.04 5.59 -66.29
C VAL V 190 -40.00 4.84 -67.21
N SER V 191 -39.84 3.53 -67.31
CA SER V 191 -40.74 2.70 -68.09
C SER V 191 -40.84 1.33 -67.44
N GLN V 192 -41.95 0.64 -67.71
CA GLN V 192 -42.29 -0.56 -66.97
C GLN V 192 -41.38 -1.74 -67.34
N ALA V 193 -41.11 -1.92 -68.63
CA ALA V 193 -40.49 -3.15 -69.12
C ALA V 193 -39.25 -2.85 -69.94
N SER V 194 -38.36 -2.01 -69.38
CA SER V 194 -37.11 -1.67 -70.04
C SER V 194 -35.96 -1.75 -69.05
N VAL V 195 -34.74 -1.71 -69.59
CA VAL V 195 -33.52 -1.71 -68.81
C VAL V 195 -32.56 -0.70 -69.41
N THR V 196 -31.86 0.05 -68.56
CA THR V 196 -30.86 1.00 -68.99
C THR V 196 -29.52 0.29 -69.06
N LEU V 197 -29.01 0.06 -70.26
CA LEU V 197 -27.77 -0.66 -70.48
C LEU V 197 -26.72 0.28 -71.04
N THR V 198 -25.47 0.08 -70.60
CA THR V 198 -24.34 0.85 -71.09
C THR V 198 -23.60 0.04 -72.15
N VAL V 199 -23.45 0.62 -73.34
CA VAL V 199 -22.71 0.00 -74.43
C VAL V 199 -21.83 1.08 -75.06
N ASN V 200 -20.60 0.70 -75.39
CA ASN V 200 -19.65 1.64 -75.98
C ASN V 200 -19.70 1.55 -77.50
N THR V 201 -19.79 2.69 -78.15
CA THR V 201 -19.81 2.78 -79.61
C THR V 201 -18.63 3.61 -80.07
N ASN V 202 -17.83 3.05 -80.98
CA ASN V 202 -16.63 3.71 -81.51
C ASN V 202 -15.65 4.07 -80.40
N GLY V 203 -15.61 3.28 -79.33
CA GLY V 203 -14.67 3.48 -78.25
C GLY V 203 -15.14 4.39 -77.13
N VAL V 204 -16.32 4.98 -77.23
CA VAL V 204 -16.87 5.84 -76.19
C VAL V 204 -18.16 5.23 -75.67
N GLU V 205 -18.30 5.16 -74.36
CA GLU V 205 -19.46 4.54 -73.74
C GLU V 205 -20.66 5.48 -73.74
N SER V 206 -21.84 4.89 -73.66
CA SER V 206 -23.09 5.65 -73.58
C SER V 206 -24.14 4.75 -72.95
N GLN V 207 -25.21 5.37 -72.47
CA GLN V 207 -26.31 4.66 -71.84
C GLN V 207 -27.55 4.78 -72.71
N HIS V 208 -28.13 3.63 -73.06
CA HIS V 208 -29.31 3.57 -73.90
C HIS V 208 -30.41 2.78 -73.19
N THR V 209 -31.64 3.25 -73.33
CA THR V 209 -32.81 2.59 -72.74
C THR V 209 -33.45 1.69 -73.80
N VAL V 210 -33.52 0.40 -73.49
CA VAL V 210 -34.09 -0.59 -74.41
C VAL V 210 -35.01 -1.51 -73.61
N ALA V 211 -36.03 -2.03 -74.30
CA ALA V 211 -36.98 -2.91 -73.64
C ALA V 211 -36.34 -4.22 -73.23
N ALA V 212 -36.86 -4.81 -72.15
CA ALA V 212 -36.35 -6.06 -71.61
C ALA V 212 -37.46 -7.10 -71.61
N TYR V 213 -37.11 -8.35 -71.88
CA TYR V 213 -38.06 -9.44 -71.98
C TYR V 213 -37.73 -10.52 -70.97
N SER V 214 -38.77 -11.00 -70.28
CA SER V 214 -38.56 -11.99 -69.23
C SER V 214 -38.21 -13.35 -69.82
N LEU V 215 -37.46 -14.14 -69.04
CA LEU V 215 -37.06 -15.47 -69.49
C LEU V 215 -38.25 -16.43 -69.55
N GLU V 216 -39.22 -16.25 -68.65
CA GLU V 216 -40.39 -17.14 -68.64
C GLU V 216 -41.18 -17.02 -69.93
N SER V 217 -41.40 -15.80 -70.41
CA SER V 217 -42.10 -15.61 -71.68
C SER V 217 -41.33 -16.23 -72.82
N LEU V 218 -40.00 -16.07 -72.82
CA LEU V 218 -39.18 -16.63 -73.89
C LEU V 218 -39.28 -18.16 -73.92
N THR V 219 -39.20 -18.79 -72.75
CA THR V 219 -39.28 -20.24 -72.71
C THR V 219 -40.69 -20.76 -72.93
N GLU V 220 -41.72 -19.94 -72.65
CA GLU V 220 -43.09 -20.36 -72.93
C GLU V 220 -43.42 -20.25 -74.41
N ALA V 221 -42.87 -19.25 -75.09
CA ALA V 221 -43.16 -19.05 -76.51
C ALA V 221 -42.56 -20.14 -77.40
N GLY V 222 -41.62 -20.93 -76.88
CA GLY V 222 -41.00 -21.96 -77.69
C GLY V 222 -39.73 -21.50 -78.36
N ALA V 223 -38.83 -20.90 -77.58
CA ALA V 223 -37.59 -20.36 -78.10
C ALA V 223 -36.46 -21.37 -77.95
N GLU V 224 -35.51 -21.30 -78.90
CA GLU V 224 -34.32 -22.14 -78.86
C GLU V 224 -33.15 -21.29 -78.37
N PHE V 225 -32.49 -21.75 -77.32
CA PHE V 225 -31.42 -21.00 -76.68
C PHE V 225 -30.06 -21.61 -77.03
N GLN V 226 -29.02 -20.78 -76.88
CA GLN V 226 -27.64 -21.24 -77.06
C GLN V 226 -26.74 -20.26 -76.33
N GLY V 227 -26.13 -20.72 -75.23
CA GLY V 227 -25.29 -19.84 -74.45
C GLY V 227 -26.09 -18.68 -73.91
N ASN V 228 -25.66 -17.46 -74.26
CA ASN V 228 -26.38 -16.24 -73.91
C ASN V 228 -27.24 -15.73 -75.06
N TYR V 229 -27.46 -16.55 -76.08
CA TYR V 229 -28.25 -16.18 -77.24
C TYR V 229 -29.54 -16.99 -77.29
N ALA V 230 -30.59 -16.36 -77.81
CA ALA V 230 -31.90 -17.01 -77.93
C ALA V 230 -32.47 -16.73 -79.30
N LEU V 231 -33.39 -17.61 -79.72
CA LEU V 231 -34.07 -17.45 -81.01
C LEU V 231 -35.50 -17.94 -80.84
N GLN V 232 -36.43 -16.99 -80.63
CA GLN V 232 -37.84 -17.33 -80.50
C GLN V 232 -38.51 -17.53 -81.86
N GLY V 233 -37.85 -17.14 -82.94
CA GLY V 233 -38.46 -17.17 -84.26
C GLY V 233 -37.84 -16.13 -85.17
N GLY V 234 -38.67 -15.26 -85.73
CA GLY V 234 -38.16 -14.14 -86.50
C GLY V 234 -37.40 -13.11 -85.70
N ASN V 235 -37.43 -13.21 -84.37
CA ASN V 235 -36.73 -12.31 -83.48
C ASN V 235 -35.61 -13.04 -82.76
N SER V 236 -34.53 -12.31 -82.48
CA SER V 236 -33.37 -12.86 -81.79
C SER V 236 -33.12 -12.08 -80.51
N TYR V 237 -32.60 -12.78 -79.50
CA TYR V 237 -32.35 -12.19 -78.20
C TYR V 237 -30.97 -12.57 -77.70
N VAL V 238 -30.36 -11.67 -76.93
CA VAL V 238 -29.04 -11.87 -76.36
C VAL V 238 -29.10 -11.56 -74.87
N LYS V 239 -28.32 -12.31 -74.09
CA LYS V 239 -28.26 -12.12 -72.64
C LYS V 239 -27.03 -11.29 -72.28
N VAL V 240 -27.13 -9.99 -72.55
CA VAL V 240 -26.06 -9.07 -72.17
C VAL V 240 -25.97 -8.96 -70.66
N GLU V 241 -27.12 -8.91 -69.98
CA GLU V 241 -27.16 -8.89 -68.53
C GLU V 241 -28.26 -9.84 -68.05
N ASN V 242 -28.66 -9.71 -66.78
CA ASN V 242 -29.65 -10.60 -66.21
C ASN V 242 -31.00 -10.55 -66.93
N VAL V 243 -31.24 -9.52 -67.74
CA VAL V 243 -32.47 -9.38 -68.53
C VAL V 243 -32.13 -9.60 -69.99
N TRP V 244 -33.04 -10.25 -70.70
CA TRP V 244 -32.87 -10.54 -72.12
C TRP V 244 -33.36 -9.37 -72.96
N VAL V 245 -32.68 -9.13 -74.08
CA VAL V 245 -32.96 -7.99 -74.94
C VAL V 245 -32.85 -8.41 -76.40
N ARG V 246 -33.70 -7.84 -77.25
CA ARG V 246 -33.62 -8.08 -78.68
C ARG V 246 -32.31 -7.54 -79.24
N ALA V 247 -31.79 -8.21 -80.27
CA ALA V 247 -30.50 -7.87 -80.84
C ALA V 247 -30.60 -7.82 -82.36
N GLU V 248 -29.71 -7.03 -82.95
CA GLU V 248 -29.54 -6.96 -84.39
C GLU V 248 -28.45 -7.92 -84.84
N THR V 249 -28.58 -8.43 -86.06
CA THR V 249 -27.72 -9.51 -86.52
C THR V 249 -26.25 -9.09 -86.56
N ALA V 250 -25.91 -8.19 -87.47
CA ALA V 250 -24.55 -7.67 -87.63
C ALA V 250 -24.57 -6.63 -88.73
N ALA V 251 -23.55 -5.77 -88.72
CA ALA V 251 -23.32 -4.76 -89.76
C ALA V 251 -24.52 -3.86 -89.98
N THR V 252 -25.48 -3.83 -89.05
CA THR V 252 -26.62 -2.95 -89.20
C THR V 252 -26.30 -1.54 -88.73
N GLY V 253 -25.79 -1.41 -87.50
CA GLY V 253 -25.37 -0.10 -87.02
C GLY V 253 -24.14 0.41 -87.74
N ALA V 254 -23.21 -0.48 -88.09
CA ALA V 254 -21.96 -0.12 -88.77
C ALA V 254 -21.19 0.93 -87.99
N THR V 255 -21.21 0.80 -86.66
CA THR V 255 -20.54 1.73 -85.78
C THR V 255 -19.51 1.05 -84.87
N GLY V 256 -19.15 -0.19 -85.15
CA GLY V 256 -18.21 -0.90 -84.30
C GLY V 256 -18.70 -1.12 -82.90
N GLN V 257 -19.99 -1.44 -82.75
CA GLN V 257 -20.56 -1.66 -81.44
C GLN V 257 -20.04 -2.96 -80.82
N GLU V 258 -20.07 -3.01 -79.49
CA GLU V 258 -19.67 -4.21 -78.78
C GLU V 258 -20.56 -5.38 -79.15
N ILE V 259 -19.94 -6.52 -79.46
CA ILE V 259 -20.67 -7.70 -79.88
C ILE V 259 -21.31 -8.37 -78.66
N ALA V 260 -22.62 -8.60 -78.72
CA ALA V 260 -23.33 -9.21 -77.61
C ALA V 260 -22.90 -10.66 -77.41
N ALA V 261 -22.91 -11.45 -78.48
CA ALA V 261 -22.57 -12.86 -78.39
C ALA V 261 -22.29 -13.39 -79.79
N THR V 262 -21.63 -14.54 -79.82
CA THR V 262 -21.36 -15.26 -81.06
C THR V 262 -22.01 -16.64 -81.00
N THR V 263 -22.53 -17.08 -82.13
CA THR V 263 -23.28 -18.33 -82.23
C THR V 263 -22.63 -19.26 -83.24
N THR V 264 -23.25 -20.42 -83.43
CA THR V 264 -22.79 -21.43 -84.37
C THR V 264 -24.01 -22.02 -85.06
N ALA V 265 -23.82 -23.16 -85.74
CA ALA V 265 -24.90 -23.79 -86.47
C ALA V 265 -26.04 -24.19 -85.54
N ALA V 266 -25.77 -25.12 -84.61
CA ALA V 266 -26.74 -25.51 -83.57
C ALA V 266 -28.08 -25.91 -84.18
N GLY V 267 -28.04 -26.59 -85.31
CA GLY V 267 -29.25 -27.04 -85.97
C GLY V 267 -29.90 -25.99 -86.84
N THR V 268 -30.52 -24.98 -86.22
CA THR V 268 -31.24 -23.94 -86.96
C THR V 268 -30.88 -22.54 -86.47
N ILE V 269 -29.64 -22.36 -86.03
CA ILE V 269 -29.15 -21.06 -85.55
C ILE V 269 -28.13 -20.54 -86.55
N THR V 270 -28.32 -19.32 -87.01
CA THR V 270 -27.37 -18.70 -87.94
C THR V 270 -26.07 -18.38 -87.22
N ALA V 271 -24.96 -18.62 -87.90
CA ALA V 271 -23.64 -18.33 -87.35
C ALA V 271 -23.29 -16.88 -87.62
N ASP V 272 -23.33 -16.05 -86.58
CA ASP V 272 -23.07 -14.62 -86.73
C ASP V 272 -22.68 -14.05 -85.38
N SER V 273 -22.07 -12.87 -85.42
CA SER V 273 -21.69 -12.13 -84.22
C SER V 273 -22.77 -11.10 -83.94
N TRP V 274 -23.57 -11.35 -82.90
CA TRP V 274 -24.75 -10.55 -82.63
C TRP V 274 -24.40 -9.34 -81.75
N VAL V 275 -25.14 -8.26 -81.95
CA VAL V 275 -24.94 -7.01 -81.24
C VAL V 275 -26.27 -6.54 -80.68
N VAL V 276 -26.26 -6.05 -79.43
CA VAL V 276 -27.48 -5.57 -78.81
C VAL V 276 -28.07 -4.44 -79.64
N ASP V 277 -29.38 -4.50 -79.88
CA ASP V 277 -30.07 -3.49 -80.68
C ASP V 277 -30.12 -2.19 -79.89
N VAL V 278 -29.42 -1.16 -80.37
CA VAL V 278 -29.44 0.14 -79.71
C VAL V 278 -30.84 0.75 -79.79
N GLY V 279 -31.59 0.43 -80.85
CA GLY V 279 -32.95 0.92 -80.99
C GLY V 279 -33.93 0.10 -80.17
N ASN V 280 -35.07 -0.25 -80.77
CA ASN V 280 -36.11 -1.05 -80.12
C ASN V 280 -36.58 -0.39 -78.82
N ALA V 281 -37.18 0.78 -79.01
CA ALA V 281 -37.68 1.55 -77.89
C ALA V 281 -38.79 0.79 -77.16
N PRO V 282 -38.95 1.01 -75.86
CA PRO V 282 -39.99 0.31 -75.10
C PRO V 282 -41.38 0.66 -75.60
N ALA V 283 -42.37 -0.05 -75.06
CA ALA V 283 -43.76 0.17 -75.44
C ALA V 283 -44.22 1.58 -75.10
N ALA V 284 -43.83 2.06 -73.91
CA ALA V 284 -44.18 3.41 -73.45
C ALA V 284 -42.89 4.06 -72.95
N ASN V 285 -42.22 4.79 -73.83
CA ASN V 285 -40.96 5.45 -73.49
C ASN V 285 -41.27 6.75 -72.75
N VAL V 286 -41.13 6.72 -71.43
CA VAL V 286 -41.37 7.87 -70.58
C VAL V 286 -40.08 8.20 -69.83
N SER V 287 -39.71 9.47 -69.82
CA SER V 287 -38.52 9.94 -69.13
C SER V 287 -38.92 10.93 -68.03
N ALA V 288 -38.09 10.99 -67.00
CA ALA V 288 -38.34 11.94 -65.92
C ALA V 288 -38.30 13.37 -66.45
N GLY V 289 -39.28 14.18 -66.02
CA GLY V 289 -39.37 15.53 -66.53
C GLY V 289 -38.14 16.36 -66.20
N GLN V 290 -37.66 16.27 -64.97
CA GLN V 290 -36.50 17.02 -64.53
C GLN V 290 -35.60 16.11 -63.70
N SER V 291 -34.32 16.48 -63.64
CA SER V 291 -33.35 15.75 -62.84
C SER V 291 -33.56 16.06 -61.36
N VAL V 292 -32.74 15.42 -60.52
CA VAL V 292 -32.85 15.63 -59.08
C VAL V 292 -32.41 17.04 -58.71
N ALA V 293 -31.38 17.56 -59.39
CA ALA V 293 -30.86 18.88 -59.09
C ALA V 293 -31.63 20.01 -59.75
N ASN V 294 -32.62 19.69 -60.58
CA ASN V 294 -33.40 20.69 -61.30
C ASN V 294 -34.89 20.48 -61.07
N ILE V 295 -35.26 20.08 -59.86
CA ILE V 295 -36.65 19.81 -59.56
C ILE V 295 -37.44 21.11 -59.51
N ASN V 296 -38.52 21.17 -60.27
CA ASN V 296 -39.40 22.34 -60.30
C ASN V 296 -40.82 21.83 -60.46
N ILE V 297 -41.59 21.84 -59.38
CA ILE V 297 -42.90 21.21 -59.36
C ILE V 297 -44.03 22.22 -59.52
N VAL V 298 -43.76 23.40 -60.06
CA VAL V 298 -44.78 24.42 -60.25
C VAL V 298 -45.63 24.02 -61.44
N GLY V 299 -46.80 23.45 -61.18
CA GLY V 299 -47.73 23.08 -62.23
C GLY V 299 -47.23 22.03 -63.19
N MET V 300 -46.58 20.98 -62.67
CA MET V 300 -46.09 19.92 -63.54
C MET V 300 -47.22 19.03 -64.05
N GLY V 301 -48.17 18.69 -63.18
CA GLY V 301 -49.21 17.74 -63.51
C GLY V 301 -48.97 16.38 -62.88
N ALA V 302 -50.01 15.55 -62.94
CA ALA V 302 -49.97 14.25 -62.29
C ALA V 302 -48.89 13.35 -62.89
N ALA V 303 -48.88 13.21 -64.23
CA ALA V 303 -47.94 12.32 -64.88
C ALA V 303 -46.50 12.77 -64.64
N ALA V 304 -46.25 14.08 -64.74
CA ALA V 304 -44.91 14.60 -64.48
C ALA V 304 -44.49 14.34 -63.03
N LEU V 305 -45.43 14.49 -62.09
CA LEU V 305 -45.12 14.21 -60.69
C LEU V 305 -44.76 12.74 -60.48
N ASP V 306 -45.52 11.83 -61.12
CA ASP V 306 -45.20 10.42 -60.99
C ASP V 306 -43.85 10.08 -61.59
N ALA V 307 -43.55 10.67 -62.76
CA ALA V 307 -42.25 10.44 -63.37
C ALA V 307 -41.12 10.95 -62.50
N LEU V 308 -41.30 12.15 -61.91
CA LEU V 308 -40.29 12.70 -61.02
C LEU V 308 -40.10 11.82 -59.78
N ILE V 309 -41.20 11.33 -59.22
CA ILE V 309 -41.10 10.46 -58.04
C ILE V 309 -40.35 9.17 -58.38
N SER V 310 -40.66 8.58 -59.54
CA SER V 310 -39.97 7.36 -59.95
C SER V 310 -38.48 7.62 -60.17
N GLY V 311 -38.14 8.73 -60.82
CA GLY V 311 -36.74 9.06 -61.01
C GLY V 311 -36.00 9.28 -59.71
N VAL V 312 -36.65 9.98 -58.76
CA VAL V 312 -36.04 10.21 -57.46
C VAL V 312 -35.82 8.89 -56.74
N ASP V 313 -36.80 7.99 -56.81
CA ASP V 313 -36.65 6.69 -56.16
C ASP V 313 -35.52 5.88 -56.78
N ALA V 314 -35.41 5.91 -58.11
CA ALA V 314 -34.32 5.20 -58.77
C ALA V 314 -32.96 5.77 -58.38
N ALA V 315 -32.85 7.10 -58.32
CA ALA V 315 -31.61 7.72 -57.89
C ALA V 315 -31.28 7.35 -56.45
N LEU V 316 -32.29 7.31 -55.59
CA LEU V 316 -32.07 6.90 -54.20
C LEU V 316 -31.58 5.48 -54.12
N THR V 317 -32.15 4.57 -54.92
CA THR V 317 -31.71 3.19 -54.92
C THR V 317 -30.26 3.07 -55.39
N ASP V 318 -29.91 3.77 -56.47
CA ASP V 318 -28.54 3.73 -56.96
C ASP V 318 -27.55 4.28 -55.92
N MET V 319 -27.93 5.38 -55.26
CA MET V 319 -27.03 5.99 -54.29
C MET V 319 -26.92 5.15 -53.03
N THR V 320 -27.99 4.45 -52.66
CA THR V 320 -27.91 3.46 -51.58
C THR V 320 -26.96 2.33 -51.94
N SER V 321 -27.02 1.86 -53.19
CA SER V 321 -26.07 0.84 -53.64
C SER V 321 -24.64 1.36 -53.57
N ALA V 322 -24.43 2.62 -53.94
CA ALA V 322 -23.10 3.22 -53.84
C ALA V 322 -22.65 3.29 -52.38
N ALA V 323 -23.55 3.62 -51.47
CA ALA V 323 -23.21 3.64 -50.05
C ALA V 323 -22.82 2.26 -49.56
N ALA V 324 -23.56 1.23 -50.00
CA ALA V 324 -23.21 -0.14 -49.63
C ALA V 324 -21.83 -0.52 -50.17
N SER V 325 -21.54 -0.11 -51.41
CA SER V 325 -20.22 -0.37 -51.97
C SER V 325 -19.12 0.32 -51.16
N LEU V 326 -19.37 1.56 -50.74
CA LEU V 326 -18.39 2.28 -49.93
C LEU V 326 -18.17 1.59 -48.59
N GLY V 327 -19.24 1.11 -47.97
CA GLY V 327 -19.09 0.36 -46.72
C GLY V 327 -18.29 -0.92 -46.92
N SER V 328 -18.53 -1.61 -48.04
CA SER V 328 -17.76 -2.82 -48.34
C SER V 328 -16.28 -2.48 -48.53
N ILE V 329 -15.99 -1.35 -49.20
CA ILE V 329 -14.61 -0.92 -49.37
C ILE V 329 -13.97 -0.64 -48.01
N SER V 330 -14.71 0.02 -47.12
CA SER V 330 -14.17 0.31 -45.79
C SER V 330 -13.88 -0.98 -45.02
N SER V 331 -14.79 -1.95 -45.10
CA SER V 331 -14.55 -3.23 -44.43
C SER V 331 -13.33 -3.94 -45.00
N ARG V 332 -13.19 -3.93 -46.32
CA ARG V 332 -12.03 -4.54 -46.94
C ARG V 332 -10.74 -3.83 -46.53
N ILE V 333 -10.80 -2.50 -46.38
CA ILE V 333 -9.64 -1.74 -45.95
C ILE V 333 -9.24 -2.15 -44.53
N ASP V 334 -10.23 -2.30 -43.64
CA ASP V 334 -9.93 -2.71 -42.27
C ASP V 334 -9.31 -4.11 -42.24
N LEU V 335 -9.88 -5.04 -43.02
CA LEU V 335 -9.32 -6.39 -43.07
C LEU V 335 -7.91 -6.38 -43.64
N GLN V 336 -7.67 -5.59 -44.69
CA GLN V 336 -6.32 -5.49 -45.24
C GLN V 336 -5.35 -4.92 -44.21
N SER V 337 -5.78 -3.93 -43.45
CA SER V 337 -4.91 -3.34 -42.43
C SER V 337 -4.54 -4.36 -41.37
N GLU V 338 -5.52 -5.12 -40.87
CA GLU V 338 -5.20 -6.07 -39.81
C GLU V 338 -4.34 -7.21 -40.34
N PHE V 339 -4.60 -7.64 -41.58
CA PHE V 339 -3.76 -8.67 -42.19
C PHE V 339 -2.33 -8.18 -42.40
N VAL V 340 -2.16 -6.92 -42.81
CA VAL V 340 -0.82 -6.36 -42.98
C VAL V 340 -0.11 -6.28 -41.64
N ASN V 341 -0.83 -5.90 -40.59
CA ASN V 341 -0.23 -5.89 -39.25
C ASN V 341 0.23 -7.28 -38.84
N LYS V 342 -0.61 -8.29 -39.07
CA LYS V 342 -0.25 -9.65 -38.72
C LYS V 342 0.97 -10.12 -39.52
N LEU V 343 1.00 -9.80 -40.82
CA LEU V 343 2.13 -10.19 -41.66
C LEU V 343 3.41 -9.51 -41.21
N SER V 344 3.33 -8.23 -40.85
CA SER V 344 4.51 -7.53 -40.35
C SER V 344 4.99 -8.14 -39.04
N ASP V 345 4.07 -8.51 -38.16
CA ASP V 345 4.46 -9.17 -36.91
C ASP V 345 5.15 -10.50 -37.18
N SER V 346 4.61 -11.28 -38.12
CA SER V 346 5.21 -12.57 -38.46
C SER V 346 6.61 -12.38 -39.06
N ILE V 347 6.76 -11.38 -39.93
CA ILE V 347 8.07 -11.12 -40.54
C ILE V 347 9.07 -10.69 -39.48
N GLU V 348 8.65 -9.82 -38.55
CA GLU V 348 9.54 -9.39 -37.49
C GLU V 348 9.93 -10.57 -36.59
N SER V 349 8.98 -11.45 -36.29
CA SER V 349 9.30 -12.63 -35.49
C SER V 349 10.30 -13.53 -36.20
N GLY V 350 10.11 -13.74 -37.50
CA GLY V 350 11.05 -14.55 -38.25
C GLY V 350 12.44 -13.93 -38.29
N VAL V 351 12.51 -12.62 -38.49
CA VAL V 351 13.80 -11.93 -38.48
C VAL V 351 14.46 -12.08 -37.13
N GLY V 352 13.70 -11.92 -36.05
CA GLY V 352 14.26 -12.08 -34.73
C GLY V 352 14.77 -13.48 -34.47
N ARG V 353 14.01 -14.48 -34.90
CA ARG V 353 14.46 -15.87 -34.75
C ARG V 353 15.74 -16.12 -35.54
N LEU V 354 15.85 -15.53 -36.73
CA LEU V 354 17.04 -15.73 -37.55
C LEU V 354 18.25 -14.92 -37.08
N VAL V 355 18.04 -13.84 -36.32
CA VAL V 355 19.09 -12.87 -36.07
C VAL V 355 19.52 -12.83 -34.60
N ASP V 356 18.57 -12.78 -33.67
CA ASP V 356 18.97 -12.60 -32.28
C ASP V 356 19.65 -13.86 -31.74
N ALA V 357 20.37 -13.68 -30.64
CA ALA V 357 21.15 -14.74 -30.00
C ALA V 357 20.63 -14.96 -28.59
N ASP V 358 20.55 -16.22 -28.18
CA ASP V 358 20.10 -16.59 -26.84
C ASP V 358 21.18 -16.19 -25.85
N MET V 359 20.98 -15.07 -25.16
CA MET V 359 22.05 -14.38 -24.45
C MET V 359 22.72 -15.25 -23.39
N ASN V 360 22.06 -16.29 -22.91
CA ASN V 360 22.60 -17.07 -21.80
C ASN V 360 23.89 -17.78 -22.19
N GLU V 361 23.93 -18.39 -23.37
CA GLU V 361 25.15 -19.08 -23.77
C GLU V 361 26.26 -18.09 -24.13
N GLU V 362 25.92 -16.89 -24.59
CA GLU V 362 26.95 -15.87 -24.75
C GLU V 362 27.52 -15.44 -23.41
N SER V 363 26.69 -15.35 -22.37
CA SER V 363 27.22 -15.07 -21.03
C SER V 363 28.14 -16.20 -20.57
N THR V 364 27.74 -17.45 -20.80
CA THR V 364 28.58 -18.58 -20.44
C THR V 364 29.91 -18.54 -21.18
N ARG V 365 29.87 -18.22 -22.48
CA ARG V 365 31.10 -18.11 -23.25
C ARG V 365 31.96 -16.97 -22.74
N LEU V 366 31.35 -15.85 -22.35
CA LEU V 366 32.12 -14.72 -21.84
C LEU V 366 32.87 -15.11 -20.56
N LYS V 367 32.17 -15.79 -19.65
CA LYS V 367 32.83 -16.28 -18.44
C LYS V 367 33.96 -17.26 -18.77
N ALA V 368 33.70 -18.19 -19.70
CA ALA V 368 34.70 -19.18 -20.05
C ALA V 368 35.93 -18.52 -20.65
N LEU V 369 35.75 -17.55 -21.55
CA LEU V 369 36.89 -16.88 -22.16
C LEU V 369 37.64 -16.00 -21.17
N GLN V 370 36.94 -15.41 -20.19
CA GLN V 370 37.67 -14.70 -19.14
C GLN V 370 38.56 -15.66 -18.36
N THR V 371 38.02 -16.83 -18.00
CA THR V 371 38.84 -17.82 -17.30
C THR V 371 40.01 -18.28 -18.15
N GLN V 372 39.76 -18.54 -19.43
CA GLN V 372 40.82 -18.97 -20.33
C GLN V 372 41.89 -17.90 -20.49
N GLN V 373 41.49 -16.63 -20.55
CA GLN V 373 42.47 -15.55 -20.65
C GLN V 373 43.31 -15.47 -19.39
N GLN V 374 42.69 -15.65 -18.21
CA GLN V 374 43.45 -15.64 -16.98
C GLN V 374 44.48 -16.78 -16.98
N LEU V 375 44.06 -17.97 -17.38
CA LEU V 375 44.98 -19.10 -17.45
C LEU V 375 46.10 -18.82 -18.44
N ALA V 376 45.77 -18.25 -19.60
CA ALA V 376 46.77 -17.98 -20.62
C ALA V 376 47.78 -16.95 -20.14
N ILE V 377 47.32 -15.91 -19.46
CA ILE V 377 48.22 -14.91 -18.91
C ILE V 377 49.16 -15.53 -17.88
N GLN V 378 48.60 -16.38 -16.99
CA GLN V 378 49.45 -17.03 -16.00
C GLN V 378 50.51 -17.91 -16.67
N ALA V 379 50.10 -18.70 -17.66
CA ALA V 379 51.04 -19.57 -18.34
C ALA V 379 52.10 -18.78 -19.10
N LEU V 380 51.69 -17.67 -19.73
CA LEU V 380 52.64 -16.83 -20.45
C LEU V 380 53.65 -16.21 -19.50
N SER V 381 53.19 -15.77 -18.32
CA SER V 381 54.11 -15.23 -17.32
C SER V 381 55.09 -16.30 -16.85
N ILE V 382 54.60 -17.53 -16.64
CA ILE V 382 55.49 -18.62 -16.23
C ILE V 382 56.52 -18.90 -17.32
N ALA V 383 56.08 -18.89 -18.58
CA ALA V 383 57.01 -19.13 -19.69
C ALA V 383 58.04 -18.02 -19.82
N ASN V 384 57.64 -16.78 -19.49
CA ASN V 384 58.61 -15.70 -19.46
C ASN V 384 59.62 -15.89 -18.34
N SER V 385 59.15 -16.31 -17.17
CA SER V 385 60.00 -16.38 -15.99
C SER V 385 60.97 -17.56 -16.04
N ASP V 386 60.56 -18.69 -16.63
CA ASP V 386 61.35 -19.91 -16.51
C ASP V 386 62.69 -19.83 -17.23
N SER V 387 62.90 -18.84 -18.10
CA SER V 387 64.14 -18.75 -18.86
C SER V 387 65.30 -18.18 -18.05
N GLN V 388 65.04 -17.68 -16.83
CA GLN V 388 66.09 -17.09 -16.01
C GLN V 388 66.86 -18.13 -15.19
N ASN V 389 66.48 -19.40 -15.27
CA ASN V 389 67.13 -20.43 -14.46
C ASN V 389 68.58 -20.66 -14.85
N VAL V 390 68.93 -20.36 -16.10
CA VAL V 390 70.27 -20.68 -16.60
C VAL V 390 71.35 -19.87 -15.90
N LEU V 391 70.99 -18.72 -15.29
CA LEU V 391 71.99 -17.85 -14.70
C LEU V 391 72.75 -18.50 -13.55
N SER V 392 72.20 -19.56 -12.95
CA SER V 392 72.83 -20.16 -11.78
C SER V 392 74.17 -20.79 -12.12
N LEU V 393 74.28 -21.44 -13.29
CA LEU V 393 75.50 -22.16 -13.63
C LEU V 393 76.68 -21.21 -13.78
N PHE V 394 76.48 -20.09 -14.46
CA PHE V 394 77.60 -19.24 -14.85
C PHE V 394 78.16 -18.42 -13.70
N ARG V 395 77.38 -18.22 -12.63
CA ARG V 395 77.85 -17.47 -11.47
C ARG V 395 78.61 -18.37 -10.51
N THR W 2 83.88 -8.77 24.85
CA THR W 2 83.10 -9.84 24.25
C THR W 2 83.39 -11.19 24.91
N SER W 3 82.47 -11.64 25.75
CA SER W 3 82.57 -12.95 26.37
C SER W 3 81.81 -13.96 25.52
N ILE W 4 82.48 -15.07 25.17
CA ILE W 4 81.92 -16.01 24.22
C ILE W 4 80.97 -17.01 24.88
N LEU W 5 80.97 -17.11 26.20
CA LEU W 5 80.15 -18.09 26.89
C LEU W 5 78.85 -17.51 27.45
N THR W 6 78.76 -16.20 27.61
CA THR W 6 77.55 -15.55 28.11
C THR W 6 77.24 -14.34 27.23
N ASN W 7 75.94 -14.06 27.11
CA ASN W 7 75.45 -12.92 26.33
C ASN W 7 74.33 -12.27 27.15
N ASN W 8 74.70 -11.28 27.97
CA ASN W 8 73.71 -10.65 28.85
C ASN W 8 72.61 -9.97 28.05
N SER W 9 72.96 -9.39 26.91
CA SER W 9 71.93 -8.81 26.04
C SER W 9 70.95 -9.88 25.57
N ALA W 10 71.45 -11.09 25.31
CA ALA W 10 70.57 -12.19 24.92
C ALA W 10 69.60 -12.54 26.04
N MET W 11 70.08 -12.58 27.28
CA MET W 11 69.18 -12.87 28.41
C MET W 11 68.15 -11.76 28.59
N ALA W 12 68.56 -10.50 28.44
CA ALA W 12 67.60 -9.41 28.54
C ALA W 12 66.54 -9.50 27.45
N ALA W 13 66.96 -9.82 26.22
CA ALA W 13 66.02 -10.00 25.13
C ALA W 13 65.07 -11.16 25.40
N LEU W 14 65.59 -12.26 25.95
CA LEU W 14 64.75 -13.40 26.28
C LEU W 14 63.70 -13.03 27.33
N SER W 15 64.11 -12.29 28.36
CA SER W 15 63.16 -11.86 29.37
C SER W 15 62.08 -10.95 28.77
N GLY W 16 62.49 -10.02 27.91
CA GLY W 16 61.52 -9.18 27.24
C GLY W 16 60.56 -9.98 26.38
N VAL W 17 61.07 -10.97 25.65
CA VAL W 17 60.23 -11.80 24.80
C VAL W 17 59.23 -12.59 25.64
N ARG W 18 59.69 -13.13 26.78
CA ARG W 18 58.79 -13.88 27.65
C ARG W 18 57.68 -12.99 28.20
N SER W 19 58.04 -11.77 28.63
CA SER W 19 57.03 -10.84 29.14
C SER W 19 56.02 -10.48 28.06
N ILE W 20 56.50 -10.19 26.86
CA ILE W 20 55.60 -9.84 25.76
C ILE W 20 54.70 -11.02 25.41
N SER W 21 55.25 -12.24 25.43
CA SER W 21 54.45 -13.42 25.11
C SER W 21 53.36 -13.64 26.14
N SER W 22 53.69 -13.49 27.43
CA SER W 22 52.67 -13.65 28.47
C SER W 22 51.58 -12.59 28.33
N SER W 23 51.97 -11.33 28.11
CA SER W 23 50.98 -10.28 27.94
C SER W 23 50.12 -10.51 26.70
N MET W 24 50.74 -11.00 25.62
CA MET W 24 50.00 -11.28 24.39
C MET W 24 49.01 -12.41 24.60
N GLU W 25 49.39 -13.47 25.31
CA GLU W 25 48.46 -14.54 25.59
C GLU W 25 47.29 -14.05 26.44
N ASP W 26 47.58 -13.22 27.44
CA ASP W 26 46.52 -12.67 28.28
C ASP W 26 45.55 -11.83 27.46
N THR W 27 46.08 -10.90 26.66
CA THR W 27 45.21 -10.03 25.88
C THR W 27 44.49 -10.81 24.79
N GLN W 28 45.08 -11.91 24.31
CA GLN W 28 44.40 -12.77 23.36
C GLN W 28 43.18 -13.43 23.98
N SER W 29 43.34 -13.95 25.20
CA SER W 29 42.18 -14.47 25.92
C SER W 29 41.13 -13.37 26.12
N ARG W 30 41.58 -12.18 26.48
CA ARG W 30 40.67 -11.05 26.69
C ARG W 30 39.90 -10.71 25.43
N ILE W 31 40.58 -10.67 24.28
CA ILE W 31 39.95 -10.30 23.02
C ILE W 31 39.14 -11.43 22.42
N SER W 32 39.37 -12.67 22.83
CA SER W 32 38.66 -13.80 22.29
C SER W 32 37.45 -14.21 23.11
N SER W 33 37.40 -13.84 24.39
CA SER W 33 36.27 -14.26 25.21
C SER W 33 35.80 -13.13 26.12
N GLY W 34 36.04 -11.89 25.73
CA GLY W 34 35.67 -10.75 26.56
C GLY W 34 36.29 -10.81 27.94
N LEU W 35 35.47 -10.80 28.99
CA LEU W 35 35.95 -11.01 30.36
C LEU W 35 37.15 -10.15 30.73
N ARG W 36 36.93 -8.85 30.95
CA ARG W 36 37.99 -8.00 31.49
C ARG W 36 38.58 -8.63 32.75
N VAL W 37 37.72 -9.21 33.59
CA VAL W 37 38.18 -9.98 34.73
C VAL W 37 38.30 -11.44 34.32
N GLY W 38 39.51 -11.99 34.41
CA GLY W 38 39.76 -13.36 34.04
C GLY W 38 38.96 -14.33 34.88
N SER W 39 39.13 -15.61 34.55
CA SER W 39 38.40 -16.71 35.20
C SER W 39 38.47 -16.52 36.71
N ALA W 40 39.64 -16.65 37.33
CA ALA W 40 39.80 -16.21 38.72
C ALA W 40 41.19 -15.67 38.97
N SER W 41 42.03 -15.62 37.92
CA SER W 41 43.41 -15.21 38.07
C SER W 41 43.57 -13.70 38.14
N ASP W 42 42.51 -12.95 37.88
CA ASP W 42 42.48 -11.52 38.10
C ASP W 42 41.97 -11.24 39.50
N ASN W 43 41.57 -9.99 39.76
CA ASN W 43 41.14 -9.59 41.09
C ASN W 43 39.95 -10.41 41.61
N ALA W 44 40.23 -11.22 42.63
CA ALA W 44 39.30 -12.27 43.04
C ALA W 44 37.97 -11.71 43.55
N ALA W 45 38.02 -10.59 44.27
CA ALA W 45 36.81 -10.06 44.90
C ALA W 45 35.74 -9.72 43.88
N TYR W 46 36.11 -9.03 42.81
CA TYR W 46 35.14 -8.66 41.79
C TYR W 46 34.60 -9.88 41.07
N TRP W 47 35.45 -10.88 40.83
CA TRP W 47 34.98 -12.12 40.22
C TRP W 47 33.97 -12.83 41.12
N SER W 48 34.25 -12.85 42.44
CA SER W 48 33.33 -13.48 43.38
C SER W 48 32.00 -12.76 43.39
N ILE W 49 32.02 -11.42 43.41
CA ILE W 49 30.78 -10.66 43.36
C ILE W 49 30.02 -10.97 42.08
N ALA W 50 30.74 -11.02 40.96
CA ALA W 50 30.10 -11.30 39.68
C ALA W 50 29.44 -12.68 39.69
N THR W 51 30.15 -13.70 40.18
CA THR W 51 29.61 -15.05 40.20
C THR W 51 28.39 -15.14 41.11
N THR W 52 28.45 -14.51 42.28
CA THR W 52 27.30 -14.49 43.17
C THR W 52 26.11 -13.83 42.51
N MET W 53 26.34 -12.75 41.76
CA MET W 53 25.20 -12.07 41.15
C MET W 53 24.67 -12.82 39.94
N ARG W 54 25.51 -13.58 39.23
CA ARG W 54 24.99 -14.49 38.22
C ARG W 54 24.10 -15.56 38.84
N SER W 55 24.51 -16.10 39.99
CA SER W 55 23.66 -17.05 40.69
C SER W 55 22.34 -16.40 41.08
N ASP W 56 22.39 -15.15 41.55
CA ASP W 56 21.18 -14.43 41.89
C ASP W 56 20.30 -14.22 40.66
N ASN W 57 20.91 -13.94 39.51
CA ASN W 57 20.15 -13.77 38.27
C ASN W 57 19.46 -15.05 37.86
N GLN W 58 20.16 -16.19 38.01
CA GLN W 58 19.51 -17.47 37.73
C GLN W 58 18.33 -17.70 38.67
N ALA W 59 18.50 -17.37 39.94
CA ALA W 59 17.39 -17.48 40.88
C ALA W 59 16.23 -16.60 40.46
N LEU W 60 16.52 -15.38 39.99
CA LEU W 60 15.46 -14.47 39.55
C LEU W 60 14.75 -15.01 38.32
N SER W 61 15.49 -15.67 37.42
CA SER W 61 14.85 -16.30 36.27
C SER W 61 13.89 -17.41 36.71
N ALA W 62 14.32 -18.22 37.67
CA ALA W 62 13.43 -19.24 38.21
C ALA W 62 12.20 -18.62 38.85
N VAL W 63 12.39 -17.51 39.56
CA VAL W 63 11.26 -16.80 40.17
C VAL W 63 10.32 -16.27 39.09
N GLN W 64 10.87 -15.83 37.96
CA GLN W 64 10.04 -15.37 36.86
C GLN W 64 9.19 -16.50 36.30
N ASP W 65 9.79 -17.68 36.13
CA ASP W 65 9.00 -18.83 35.67
C ASP W 65 7.90 -19.17 36.66
N ALA W 66 8.23 -19.17 37.96
CA ALA W 66 7.22 -19.45 38.97
C ALA W 66 6.11 -18.39 38.96
N LEU W 67 6.48 -17.14 38.73
CA LEU W 67 5.50 -16.06 38.65
C LEU W 67 4.55 -16.27 37.48
N GLY W 68 5.10 -16.68 36.32
CA GLY W 68 4.24 -16.98 35.20
C GLY W 68 3.27 -18.12 35.49
N LEU W 69 3.77 -19.18 36.12
CA LEU W 69 2.90 -20.29 36.48
C LEU W 69 1.80 -19.85 37.44
N GLY W 70 2.15 -19.06 38.46
CA GLY W 70 1.16 -18.58 39.40
C GLY W 70 0.15 -17.66 38.75
N ALA W 71 0.59 -16.82 37.81
CA ALA W 71 -0.33 -15.95 37.09
C ALA W 71 -1.32 -16.77 36.28
N ALA W 72 -0.84 -17.84 35.64
CA ALA W 72 -1.77 -18.72 34.92
C ALA W 72 -2.78 -19.36 35.86
N LYS W 73 -2.32 -19.82 37.03
CA LYS W 73 -3.24 -20.42 37.99
C LYS W 73 -4.29 -19.42 38.45
N VAL W 74 -3.87 -18.20 38.76
CA VAL W 74 -4.80 -17.18 39.24
C VAL W 74 -5.79 -16.81 38.14
N ASP W 75 -5.32 -16.74 36.88
CA ASP W 75 -6.22 -16.42 35.78
C ASP W 75 -7.29 -17.50 35.62
N THR W 76 -6.89 -18.77 35.70
CA THR W 76 -7.88 -19.85 35.61
C THR W 76 -8.87 -19.77 36.75
N ALA W 77 -8.39 -19.56 37.98
CA ALA W 77 -9.28 -19.47 39.13
C ALA W 77 -10.24 -18.31 38.99
N TYR W 78 -9.76 -17.17 38.48
CA TYR W 78 -10.60 -15.99 38.34
C TYR W 78 -11.64 -16.17 37.25
N SER W 79 -11.29 -16.86 36.16
CA SER W 79 -12.29 -17.19 35.14
C SER W 79 -13.39 -18.08 35.71
N GLY W 80 -12.99 -19.09 36.48
CA GLY W 80 -13.98 -19.92 37.16
C GLY W 80 -14.84 -19.10 38.11
N MET W 81 -14.22 -18.13 38.79
CA MET W 81 -14.95 -17.27 39.71
C MET W 81 -16.01 -16.46 38.98
N GLU W 82 -15.66 -15.88 37.83
CA GLU W 82 -16.65 -15.14 37.04
C GLU W 82 -17.78 -16.05 36.58
N SER W 83 -17.45 -17.27 36.14
CA SER W 83 -18.51 -18.18 35.72
C SER W 83 -19.46 -18.48 36.88
N ALA W 84 -18.91 -18.74 38.06
CA ALA W 84 -19.75 -19.02 39.22
C ALA W 84 -20.62 -17.81 39.58
N ILE W 85 -20.04 -16.61 39.52
CA ILE W 85 -20.79 -15.40 39.85
C ILE W 85 -21.96 -15.21 38.88
N GLU W 86 -21.70 -15.41 37.58
CA GLU W 86 -22.78 -15.25 36.60
C GLU W 86 -23.88 -16.28 36.85
N VAL W 87 -23.51 -17.53 37.12
CA VAL W 87 -24.53 -18.56 37.32
C VAL W 87 -25.34 -18.27 38.58
N VAL W 88 -24.69 -17.84 39.66
CA VAL W 88 -25.43 -17.57 40.90
C VAL W 88 -26.31 -16.34 40.74
N LYS W 89 -25.86 -15.36 39.95
CA LYS W 89 -26.73 -14.22 39.64
C LYS W 89 -27.98 -14.68 38.90
N GLU W 90 -27.80 -15.61 37.94
CA GLU W 90 -28.96 -16.16 37.25
C GLU W 90 -29.89 -16.89 38.23
N ILE W 91 -29.30 -17.63 39.17
CA ILE W 91 -30.11 -18.33 40.18
C ILE W 91 -30.92 -17.34 41.00
N LYS W 92 -30.28 -16.25 41.43
CA LYS W 92 -30.98 -15.25 42.23
C LYS W 92 -32.10 -14.60 41.44
N ALA W 93 -31.86 -14.31 40.16
CA ALA W 93 -32.90 -13.75 39.32
C ALA W 93 -34.07 -14.71 39.19
N LYS W 94 -33.78 -16.00 38.97
CA LYS W 94 -34.84 -16.99 38.87
C LYS W 94 -35.65 -17.07 40.16
N LEU W 95 -34.99 -17.05 41.31
CA LEU W 95 -35.71 -17.19 42.58
C LEU W 95 -36.56 -15.96 42.86
N VAL W 96 -36.01 -14.76 42.59
CA VAL W 96 -36.78 -13.54 42.83
C VAL W 96 -37.93 -13.43 41.83
N ALA W 97 -37.81 -14.07 40.67
CA ALA W 97 -38.97 -14.20 39.79
C ALA W 97 -39.98 -15.18 40.38
N ALA W 98 -39.50 -16.24 41.00
CA ALA W 98 -40.36 -17.29 41.54
C ALA W 98 -41.00 -16.93 42.88
N THR W 99 -40.62 -15.80 43.48
CA THR W 99 -41.25 -15.42 44.76
C THR W 99 -42.75 -15.23 44.61
N GLU W 100 -43.23 -14.96 43.40
CA GLU W 100 -44.67 -14.87 43.17
C GLU W 100 -45.33 -16.21 43.40
N ASP W 101 -46.52 -16.18 43.98
CA ASP W 101 -47.28 -17.40 44.26
C ASP W 101 -48.00 -17.95 43.03
N GLY W 102 -48.13 -17.16 41.97
CA GLY W 102 -48.79 -17.60 40.76
C GLY W 102 -47.94 -18.40 39.80
N VAL W 103 -46.69 -18.68 40.18
CA VAL W 103 -45.75 -19.40 39.34
C VAL W 103 -45.50 -20.78 39.96
N ASP W 104 -45.67 -21.82 39.15
CA ASP W 104 -45.39 -23.17 39.61
C ASP W 104 -43.92 -23.29 39.98
N LYS W 105 -43.65 -23.85 41.17
CA LYS W 105 -42.31 -23.88 41.72
C LYS W 105 -41.51 -25.10 41.31
N ALA W 106 -42.13 -26.10 40.68
CA ALA W 106 -41.38 -27.27 40.24
C ALA W 106 -40.40 -26.91 39.12
N LYS W 107 -40.84 -26.08 38.18
CA LYS W 107 -39.95 -25.65 37.10
C LYS W 107 -38.76 -24.87 37.64
N ILE W 108 -39.02 -23.95 38.57
CA ILE W 108 -37.93 -23.19 39.18
C ILE W 108 -37.00 -24.11 39.95
N GLN W 109 -37.58 -25.10 40.63
CA GLN W 109 -36.76 -26.05 41.40
C GLN W 109 -35.83 -26.83 40.48
N GLU W 110 -36.35 -27.31 39.35
CA GLU W 110 -35.48 -28.07 38.43
C GLU W 110 -34.44 -27.16 37.79
N GLU W 111 -34.78 -25.91 37.47
CA GLU W 111 -33.78 -24.98 36.96
C GLU W 111 -32.68 -24.76 37.98
N ILE W 112 -33.05 -24.57 39.25
CA ILE W 112 -32.05 -24.35 40.28
C ILE W 112 -31.19 -25.60 40.48
N THR W 113 -31.80 -26.78 40.35
CA THR W 113 -31.01 -28.01 40.44
C THR W 113 -29.98 -28.08 39.32
N GLN W 114 -30.39 -27.75 38.08
CA GLN W 114 -29.45 -27.73 36.97
C GLN W 114 -28.35 -26.70 37.21
N LEU W 115 -28.70 -25.53 37.72
CA LEU W 115 -27.70 -24.49 37.94
C LEU W 115 -26.74 -24.88 39.07
N LYS W 116 -27.24 -25.58 40.10
CA LYS W 116 -26.38 -26.07 41.16
C LYS W 116 -25.41 -27.13 40.64
N ASP W 117 -25.89 -28.01 39.76
CA ASP W 117 -24.98 -28.95 39.12
C ASP W 117 -23.93 -28.22 38.29
N GLN W 118 -24.34 -27.14 37.62
CA GLN W 118 -23.38 -26.33 36.87
C GLN W 118 -22.32 -25.72 37.80
N LEU W 119 -22.75 -25.20 38.96
CA LEU W 119 -21.79 -24.69 39.93
C LEU W 119 -20.82 -25.77 40.38
N THR W 120 -21.33 -26.97 40.67
CA THR W 120 -20.45 -28.05 41.11
C THR W 120 -19.44 -28.40 40.02
N SER W 121 -19.90 -28.50 38.77
CA SER W 121 -19.00 -28.83 37.67
C SER W 121 -17.95 -27.74 37.48
N ILE W 122 -18.35 -26.47 37.55
CA ILE W 122 -17.40 -25.38 37.40
C ILE W 122 -16.37 -25.41 38.53
N ALA W 123 -16.83 -25.64 39.76
CA ALA W 123 -15.92 -25.64 40.90
C ALA W 123 -14.92 -26.78 40.82
N ASP W 124 -15.37 -27.97 40.42
CA ASP W 124 -14.44 -29.10 40.38
C ASP W 124 -13.61 -29.14 39.09
N ALA W 125 -14.00 -28.40 38.05
CA ALA W 125 -13.28 -28.45 36.79
C ALA W 125 -12.26 -27.33 36.63
N ALA W 126 -12.44 -26.21 37.34
CA ALA W 126 -11.55 -25.06 37.21
C ALA W 126 -10.25 -25.34 37.94
N SER W 127 -9.48 -26.29 37.39
CA SER W 127 -8.20 -26.68 37.96
C SER W 127 -7.15 -26.59 36.86
N PHE W 128 -6.08 -25.84 37.12
CA PHE W 128 -5.01 -25.72 36.14
C PHE W 128 -4.05 -26.89 36.21
N SER W 129 -3.37 -27.04 37.34
CA SER W 129 -2.37 -28.09 37.54
C SER W 129 -2.61 -28.82 38.84
N GLY W 130 -3.86 -29.19 39.09
CA GLY W 130 -4.24 -29.81 40.36
C GLY W 130 -4.54 -28.82 41.45
N GLU W 131 -3.65 -27.84 41.66
CA GLU W 131 -3.91 -26.78 42.63
C GLU W 131 -4.89 -25.78 42.04
N ASN W 132 -6.18 -25.97 42.33
CA ASN W 132 -7.25 -25.18 41.72
C ASN W 132 -7.66 -23.97 42.55
N TRP W 133 -7.16 -23.83 43.78
CA TRP W 133 -7.52 -22.73 44.67
C TRP W 133 -9.01 -22.70 44.98
N LEU W 134 -9.71 -23.80 44.70
CA LEU W 134 -11.14 -23.92 44.96
C LEU W 134 -11.43 -25.33 45.44
N GLN W 135 -12.54 -25.48 46.15
CA GLN W 135 -12.93 -26.75 46.76
C GLN W 135 -11.81 -27.30 47.63
N ALA W 136 -11.35 -26.47 48.56
CA ALA W 136 -10.25 -26.85 49.44
C ALA W 136 -10.77 -27.69 50.60
N ASP W 137 -9.86 -28.13 51.46
CA ASP W 137 -10.20 -28.90 52.65
C ASP W 137 -10.19 -27.95 53.84
N LEU W 138 -11.38 -27.67 54.38
CA LEU W 138 -11.53 -26.76 55.49
C LEU W 138 -11.65 -27.46 56.84
N SER W 139 -11.38 -28.77 56.87
CA SER W 139 -11.39 -29.49 58.14
C SER W 139 -10.31 -28.94 59.07
N GLY W 140 -9.12 -28.65 58.53
CA GLY W 140 -8.07 -28.05 59.33
C GLY W 140 -8.44 -26.68 59.85
N GLY W 141 -9.18 -25.91 59.06
CA GLY W 141 -9.62 -24.59 59.49
C GLY W 141 -9.23 -23.48 58.53
N ALA W 142 -8.02 -23.57 57.97
CA ALA W 142 -7.53 -22.55 57.04
C ALA W 142 -6.35 -23.12 56.27
N VAL W 143 -6.40 -22.95 54.95
CA VAL W 143 -5.30 -23.35 54.06
C VAL W 143 -4.88 -22.13 53.26
N THR W 144 -3.56 -21.93 53.14
CA THR W 144 -3.00 -20.76 52.49
C THR W 144 -2.17 -21.20 51.30
N LYS W 145 -2.56 -20.75 50.10
CA LYS W 145 -1.80 -21.00 48.90
C LYS W 145 -0.82 -19.84 48.67
N SER W 146 0.37 -20.18 48.18
CA SER W 146 1.43 -19.20 48.01
C SER W 146 1.91 -19.18 46.57
N VAL W 147 2.23 -17.99 46.09
CA VAL W 147 2.81 -17.78 44.76
C VAL W 147 4.17 -17.13 44.95
N VAL W 148 5.19 -17.71 44.31
CA VAL W 148 6.55 -17.21 44.49
C VAL W 148 6.65 -15.80 43.93
N GLY W 149 6.97 -14.83 44.79
CA GLY W 149 7.03 -13.45 44.39
C GLY W 149 8.41 -12.98 43.97
N SER W 150 9.40 -13.17 44.82
CA SER W 150 10.74 -12.69 44.53
C SER W 150 11.76 -13.47 45.36
N PHE W 151 13.01 -13.38 44.93
CA PHE W 151 14.14 -13.96 45.65
C PHE W 151 14.97 -12.83 46.21
N VAL W 152 15.14 -12.79 47.52
CA VAL W 152 15.78 -11.68 48.22
C VAL W 152 17.00 -12.19 48.95
N ARG W 153 18.14 -11.53 48.74
CA ARG W 153 19.36 -11.79 49.48
C ARG W 153 19.50 -10.73 50.56
N ASP W 154 19.33 -11.13 51.81
CA ASP W 154 19.42 -10.20 52.92
C ASP W 154 20.85 -9.67 53.05
N GLY W 155 20.96 -8.43 53.51
CA GLY W 155 22.27 -7.81 53.65
C GLY W 155 23.18 -8.53 54.61
N SER W 156 22.62 -9.14 55.65
CA SER W 156 23.42 -9.83 56.67
C SER W 156 23.74 -11.27 56.24
N GLY W 157 24.27 -11.43 55.03
CA GLY W 157 24.76 -12.71 54.56
C GLY W 157 23.77 -13.86 54.59
N SER W 158 22.56 -13.64 54.09
CA SER W 158 21.56 -14.70 54.07
C SER W 158 20.63 -14.48 52.88
N VAL W 159 19.96 -15.56 52.47
CA VAL W 159 19.05 -15.54 51.33
C VAL W 159 17.72 -16.14 51.74
N ALA W 160 16.68 -15.76 51.01
CA ALA W 160 15.33 -16.25 51.26
C ALA W 160 14.49 -16.02 50.01
N VAL W 161 13.31 -16.60 50.00
CA VAL W 161 12.35 -16.45 48.91
C VAL W 161 11.04 -15.93 49.49
N LYS W 162 10.45 -14.94 48.82
CA LYS W 162 9.21 -14.33 49.26
C LYS W 162 8.04 -14.91 48.49
N LYS W 163 6.88 -14.92 49.13
CA LYS W 163 5.67 -15.50 48.54
C LYS W 163 4.49 -14.57 48.76
N VAL W 164 3.49 -14.71 47.89
CA VAL W 164 2.23 -13.98 48.00
C VAL W 164 1.17 -14.96 48.48
N ASP W 165 0.52 -14.63 49.60
CA ASP W 165 -0.38 -15.55 50.27
C ASP W 165 -1.83 -15.23 49.94
N TYR W 166 -2.59 -16.25 49.57
CA TYR W 166 -4.03 -16.15 49.35
C TYR W 166 -4.71 -17.11 50.30
N SER W 167 -5.59 -16.58 51.15
CA SER W 167 -6.22 -17.35 52.21
C SER W 167 -7.50 -17.98 51.71
N LEU W 168 -7.59 -19.31 51.79
CA LEU W 168 -8.79 -20.05 51.42
C LEU W 168 -9.58 -20.36 52.69
N ASN W 169 -10.23 -19.32 53.22
CA ASN W 169 -11.02 -19.45 54.43
C ASN W 169 -12.43 -19.90 54.10
N ALA W 170 -13.34 -19.81 55.06
CA ALA W 170 -14.73 -20.19 54.87
C ALA W 170 -15.53 -19.14 54.09
N ASN W 171 -14.87 -18.17 53.47
CA ASN W 171 -15.55 -17.13 52.70
C ASN W 171 -15.31 -17.23 51.20
N SER W 172 -14.24 -17.90 50.77
CA SER W 172 -13.91 -18.03 49.35
C SER W 172 -13.47 -19.46 49.05
N VAL W 173 -14.22 -20.43 49.56
CA VAL W 173 -13.82 -21.84 49.45
C VAL W 173 -14.54 -22.49 48.26
N LEU W 174 -15.77 -22.07 47.99
CA LEU W 174 -16.51 -22.58 46.84
C LEU W 174 -16.68 -24.10 46.89
N PHE W 175 -17.58 -24.58 47.77
CA PHE W 175 -17.87 -25.99 47.93
C PHE W 175 -16.73 -26.78 48.56
N ASP W 176 -16.41 -26.47 49.82
CA ASP W 176 -15.55 -27.29 50.65
C ASP W 176 -15.90 -28.78 50.50
N THR W 177 -14.87 -29.60 50.29
CA THR W 177 -15.06 -30.98 49.88
C THR W 177 -15.31 -31.95 51.02
N VAL W 178 -15.08 -31.55 52.27
CA VAL W 178 -15.14 -32.52 53.37
C VAL W 178 -16.30 -32.21 54.31
N GLY W 179 -16.26 -31.05 54.96
CA GLY W 179 -17.26 -30.72 55.95
C GLY W 179 -18.46 -29.95 55.46
N ASP W 180 -18.42 -29.51 54.20
CA ASP W 180 -19.48 -28.66 53.64
C ASP W 180 -19.69 -27.41 54.48
N THR W 181 -18.61 -26.94 55.10
CA THR W 181 -18.62 -25.71 55.88
C THR W 181 -17.74 -24.69 55.17
N GLY W 182 -18.35 -23.60 54.73
CA GLY W 182 -17.66 -22.60 53.94
C GLY W 182 -18.63 -21.57 53.40
N ILE W 183 -18.56 -21.30 52.09
CA ILE W 183 -19.56 -20.46 51.45
C ILE W 183 -20.94 -21.07 51.62
N LEU W 184 -21.04 -22.39 51.54
CA LEU W 184 -22.29 -23.09 51.80
C LEU W 184 -22.59 -23.11 53.30
N ASP W 185 -23.88 -23.25 53.62
CA ASP W 185 -24.36 -23.55 54.97
C ASP W 185 -24.18 -22.34 55.88
N LYS W 186 -23.50 -21.30 55.39
CA LYS W 186 -23.34 -20.07 56.16
C LYS W 186 -24.38 -19.07 55.71
N VAL W 187 -24.97 -18.36 56.66
CA VAL W 187 -26.01 -17.40 56.33
C VAL W 187 -25.47 -15.97 56.37
N TYR W 188 -24.94 -15.54 57.53
CA TYR W 188 -24.51 -14.15 57.75
C TYR W 188 -25.56 -13.16 57.25
N ASN W 189 -26.83 -13.53 57.39
CA ASN W 189 -27.90 -12.74 56.79
C ASN W 189 -28.01 -11.38 57.48
N VAL W 190 -28.33 -10.36 56.69
CA VAL W 190 -28.39 -9.00 57.20
C VAL W 190 -29.56 -8.83 58.17
N SER W 191 -30.69 -9.50 57.91
CA SER W 191 -31.88 -9.33 58.71
C SER W 191 -32.68 -10.63 58.71
N GLN W 192 -33.93 -10.54 59.15
CA GLN W 192 -34.83 -11.68 59.24
C GLN W 192 -36.15 -11.30 58.59
N ALA W 193 -36.93 -12.33 58.23
CA ALA W 193 -38.23 -12.10 57.64
C ALA W 193 -39.12 -11.29 58.58
N SER W 194 -39.77 -10.26 58.04
CA SER W 194 -40.55 -9.32 58.83
C SER W 194 -41.93 -9.15 58.21
N VAL W 195 -42.90 -8.83 59.08
CA VAL W 195 -44.26 -8.57 58.65
C VAL W 195 -44.80 -7.37 59.43
N THR W 196 -45.47 -6.46 58.74
CA THR W 196 -46.06 -5.28 59.34
C THR W 196 -47.53 -5.55 59.64
N LEU W 197 -47.92 -5.38 60.90
CA LEU W 197 -49.25 -5.73 61.36
C LEU W 197 -50.03 -4.47 61.74
N THR W 198 -51.35 -4.61 61.74
CA THR W 198 -52.27 -3.56 62.17
C THR W 198 -52.86 -4.02 63.51
N VAL W 199 -52.16 -3.72 64.59
CA VAL W 199 -52.56 -4.12 65.93
C VAL W 199 -52.76 -2.86 66.77
N ASN W 200 -53.92 -2.75 67.41
CA ASN W 200 -54.25 -1.60 68.24
C ASN W 200 -54.05 -1.98 69.70
N THR W 201 -53.00 -1.43 70.32
CA THR W 201 -52.79 -1.63 71.74
C THR W 201 -53.93 -1.01 72.55
N ASN W 202 -54.45 0.13 72.08
CA ASN W 202 -55.55 0.80 72.73
C ASN W 202 -56.67 1.03 71.73
N GLY W 203 -57.65 1.87 72.07
CA GLY W 203 -58.77 2.12 71.20
C GLY W 203 -58.39 2.68 69.84
N VAL W 204 -57.20 3.25 69.74
CA VAL W 204 -56.68 3.79 68.49
C VAL W 204 -55.77 2.76 67.84
N GLU W 205 -55.84 2.65 66.52
CA GLU W 205 -55.04 1.68 65.78
C GLU W 205 -53.61 2.19 65.64
N SER W 206 -52.69 1.26 65.34
CA SER W 206 -51.29 1.58 65.19
C SER W 206 -50.63 0.54 64.30
N GLN W 207 -49.46 0.89 63.78
CA GLN W 207 -48.66 0.01 62.93
C GLN W 207 -47.46 -0.50 63.71
N HIS W 208 -47.24 -1.80 63.67
CA HIS W 208 -46.12 -2.42 64.36
C HIS W 208 -45.40 -3.38 63.43
N THR W 209 -44.09 -3.53 63.65
CA THR W 209 -43.26 -4.43 62.88
C THR W 209 -42.75 -5.55 63.78
N VAL W 210 -43.00 -6.79 63.37
CA VAL W 210 -42.58 -7.96 64.14
C VAL W 210 -42.03 -9.00 63.18
N ALA W 211 -41.00 -9.72 63.60
CA ALA W 211 -40.40 -10.75 62.78
C ALA W 211 -41.39 -11.88 62.54
N ALA W 212 -41.32 -12.47 61.35
CA ALA W 212 -42.19 -13.57 60.96
C ALA W 212 -41.41 -14.87 60.92
N TYR W 213 -42.07 -15.95 61.31
CA TYR W 213 -41.47 -17.27 61.37
C TYR W 213 -42.20 -18.21 60.42
N SER W 214 -41.44 -18.93 59.59
CA SER W 214 -42.03 -19.87 58.65
C SER W 214 -42.66 -21.04 59.39
N LEU W 215 -43.79 -21.52 58.86
CA LEU W 215 -44.48 -22.66 59.46
C LEU W 215 -43.62 -23.91 59.39
N GLU W 216 -42.79 -24.05 58.35
CA GLU W 216 -41.92 -25.21 58.24
C GLU W 216 -40.91 -25.26 59.38
N SER W 217 -40.36 -24.10 59.76
CA SER W 217 -39.40 -24.06 60.86
C SER W 217 -40.04 -24.50 62.16
N LEU W 218 -41.28 -24.08 62.41
CA LEU W 218 -41.98 -24.49 63.63
C LEU W 218 -42.30 -25.98 63.60
N THR W 219 -42.86 -26.46 62.51
CA THR W 219 -43.28 -27.87 62.44
C THR W 219 -42.09 -28.81 62.39
N GLU W 220 -40.91 -28.34 62.00
CA GLU W 220 -39.74 -29.22 61.95
C GLU W 220 -39.24 -29.55 63.36
N ALA W 221 -39.35 -28.61 64.29
CA ALA W 221 -38.81 -28.77 65.63
C ALA W 221 -39.82 -29.39 66.59
N GLY W 222 -40.85 -30.08 66.08
CA GLY W 222 -41.81 -30.73 66.94
C GLY W 222 -42.70 -29.77 67.69
N ALA W 223 -43.56 -29.06 66.96
CA ALA W 223 -44.43 -28.04 67.53
C ALA W 223 -45.85 -28.56 67.63
N GLU W 224 -46.44 -28.46 68.82
CA GLU W 224 -47.85 -28.74 68.99
C GLU W 224 -48.68 -27.61 68.39
N PHE W 225 -49.84 -27.95 67.83
CA PHE W 225 -50.69 -26.99 67.16
C PHE W 225 -52.13 -27.15 67.63
N GLN W 226 -52.85 -26.03 67.67
CA GLN W 226 -54.28 -26.04 67.98
C GLN W 226 -54.88 -24.77 67.39
N GLY W 227 -55.67 -24.92 66.33
CA GLY W 227 -56.23 -23.78 65.65
C GLY W 227 -55.17 -22.88 65.05
N ASN W 228 -54.97 -21.71 65.64
CA ASN W 228 -53.96 -20.76 65.22
C ASN W 228 -52.92 -20.56 66.32
N TYR W 229 -52.52 -21.65 66.96
CA TYR W 229 -51.55 -21.61 68.06
C TYR W 229 -50.43 -22.60 67.80
N ALA W 230 -49.21 -22.20 68.13
CA ALA W 230 -48.03 -23.07 68.05
C ALA W 230 -47.30 -23.04 69.37
N LEU W 231 -46.85 -24.22 69.82
CA LEU W 231 -46.17 -24.38 71.10
C LEU W 231 -44.92 -25.25 70.90
N GLN W 232 -44.07 -24.83 69.97
CA GLN W 232 -42.82 -25.55 69.68
C GLN W 232 -42.06 -25.88 70.96
N GLY W 233 -41.69 -24.85 71.72
CA GLY W 233 -41.02 -25.07 72.99
C GLY W 233 -41.56 -24.15 74.05
N GLY W 234 -40.67 -23.49 74.80
CA GLY W 234 -41.13 -22.47 75.72
C GLY W 234 -41.79 -21.30 75.02
N ASN W 235 -41.30 -20.95 73.83
CA ASN W 235 -41.90 -19.90 73.05
C ASN W 235 -43.26 -20.32 72.51
N SER W 236 -44.15 -19.35 72.35
CA SER W 236 -45.50 -19.59 71.83
C SER W 236 -45.71 -18.73 70.60
N TYR W 237 -46.20 -19.34 69.52
CA TYR W 237 -46.44 -18.64 68.26
C TYR W 237 -47.92 -18.72 67.91
N VAL W 238 -48.43 -17.64 67.32
CA VAL W 238 -49.81 -17.57 66.86
C VAL W 238 -49.81 -17.05 65.43
N LYS W 239 -50.89 -17.35 64.72
CA LYS W 239 -51.08 -16.92 63.34
C LYS W 239 -52.05 -15.74 63.34
N VAL W 240 -51.62 -14.62 62.75
CA VAL W 240 -52.42 -13.40 62.74
C VAL W 240 -53.29 -13.33 61.47
N GLU W 241 -52.66 -13.33 60.29
CA GLU W 241 -53.41 -13.53 59.05
C GLU W 241 -52.88 -14.71 58.26
N ASN W 242 -51.58 -14.76 57.95
CA ASN W 242 -51.00 -15.89 57.26
C ASN W 242 -49.64 -16.32 57.78
N VAL W 243 -48.98 -15.52 58.61
CA VAL W 243 -47.63 -15.80 59.10
C VAL W 243 -47.67 -16.02 60.60
N TRP W 244 -46.78 -16.88 61.08
CA TRP W 244 -46.68 -17.17 62.51
C TRP W 244 -45.69 -16.21 63.15
N VAL W 245 -46.13 -15.56 64.23
CA VAL W 245 -45.30 -14.60 64.95
C VAL W 245 -45.32 -14.95 66.43
N ARG W 246 -44.28 -14.52 67.13
CA ARG W 246 -44.16 -14.81 68.55
C ARG W 246 -45.26 -14.10 69.33
N ALA W 247 -45.85 -14.82 70.28
CA ALA W 247 -46.93 -14.32 71.11
C ALA W 247 -46.54 -14.38 72.57
N GLU W 248 -47.42 -13.83 73.42
CA GLU W 248 -47.21 -13.83 74.86
C GLU W 248 -48.56 -13.97 75.55
N THR W 249 -48.50 -14.35 76.82
CA THR W 249 -49.71 -14.58 77.59
C THR W 249 -50.45 -13.26 77.87
N ALA W 250 -51.68 -13.39 78.35
CA ALA W 250 -52.46 -12.22 78.72
C ALA W 250 -51.89 -11.60 79.99
N ALA W 251 -52.36 -10.39 80.29
CA ALA W 251 -51.93 -9.61 81.45
C ALA W 251 -50.44 -9.34 81.45
N THR W 252 -49.81 -9.37 80.28
CA THR W 252 -48.40 -9.03 80.13
C THR W 252 -48.14 -7.80 79.28
N GLY W 253 -49.09 -7.40 78.44
CA GLY W 253 -48.99 -6.13 77.73
C GLY W 253 -49.50 -4.99 78.56
N ALA W 254 -50.56 -5.25 79.34
CA ALA W 254 -51.15 -4.28 80.26
C ALA W 254 -51.61 -3.00 79.55
N THR W 255 -52.06 -3.14 78.31
CA THR W 255 -52.57 -2.01 77.55
C THR W 255 -53.95 -2.23 76.96
N GLY W 256 -54.53 -3.42 77.14
CA GLY W 256 -55.77 -3.73 76.45
C GLY W 256 -55.59 -4.07 75.00
N GLN W 257 -54.44 -4.63 74.64
CA GLN W 257 -54.15 -4.94 73.24
C GLN W 257 -55.13 -5.99 72.70
N GLU W 258 -55.41 -5.90 71.40
CA GLU W 258 -56.33 -6.81 70.75
C GLU W 258 -55.88 -8.26 70.94
N ILE W 259 -56.82 -9.11 71.35
CA ILE W 259 -56.48 -10.50 71.66
C ILE W 259 -56.20 -11.27 70.38
N ALA W 260 -55.09 -11.99 70.35
CA ALA W 260 -54.73 -12.78 69.17
C ALA W 260 -55.56 -14.05 69.09
N ALA W 261 -55.45 -14.92 70.11
CA ALA W 261 -56.21 -16.16 70.12
C ALA W 261 -56.32 -16.66 71.55
N THR W 262 -57.31 -17.53 71.77
CA THR W 262 -57.55 -18.16 73.06
C THR W 262 -57.51 -19.67 72.89
N THR W 263 -56.85 -20.36 73.82
CA THR W 263 -56.67 -21.80 73.75
C THR W 263 -57.22 -22.45 75.01
N THR W 264 -57.24 -23.78 74.99
CA THR W 264 -57.71 -24.58 76.13
C THR W 264 -56.63 -25.57 76.53
N ALA W 265 -56.97 -26.51 77.42
CA ALA W 265 -56.00 -27.48 77.89
C ALA W 265 -55.44 -28.32 76.75
N ALA W 266 -56.28 -29.15 76.13
CA ALA W 266 -55.93 -29.92 74.94
C ALA W 266 -54.59 -30.63 75.10
N GLY W 267 -54.38 -31.20 76.29
CA GLY W 267 -53.14 -31.89 76.57
C GLY W 267 -52.14 -31.04 77.34
N THR W 268 -51.03 -30.67 76.69
CA THR W 268 -49.95 -29.92 77.32
C THR W 268 -49.96 -28.45 76.88
N ILE W 269 -51.14 -27.86 76.70
CA ILE W 269 -51.28 -26.47 76.29
C ILE W 269 -51.99 -25.73 77.40
N THR W 270 -51.37 -24.67 77.91
CA THR W 270 -51.98 -23.88 78.96
C THR W 270 -53.14 -23.07 78.41
N ALA W 271 -54.25 -23.04 79.16
CA ALA W 271 -55.43 -22.29 78.75
C ALA W 271 -55.24 -20.83 79.10
N ASP W 272 -55.09 -19.99 78.08
CA ASP W 272 -54.86 -18.57 78.28
C ASP W 272 -55.29 -17.81 77.04
N SER W 273 -55.46 -16.50 77.19
CA SER W 273 -55.82 -15.61 76.09
C SER W 273 -54.53 -14.99 75.56
N TRP W 274 -53.91 -15.69 74.62
CA TRP W 274 -52.63 -15.25 74.08
C TRP W 274 -52.81 -14.00 73.21
N VAL W 275 -51.81 -13.13 73.27
CA VAL W 275 -51.83 -11.86 72.53
C VAL W 275 -50.54 -11.74 71.75
N VAL W 276 -50.59 -10.99 70.65
CA VAL W 276 -49.41 -10.79 69.82
C VAL W 276 -48.35 -10.04 70.61
N ASP W 277 -47.14 -10.58 70.63
CA ASP W 277 -46.05 -10.00 71.42
C ASP W 277 -45.42 -8.87 70.61
N VAL W 278 -45.80 -7.63 70.93
CA VAL W 278 -45.19 -6.47 70.30
C VAL W 278 -43.75 -6.35 70.78
N GLY W 279 -42.82 -6.22 69.85
CA GLY W 279 -41.41 -6.22 70.18
C GLY W 279 -40.65 -7.27 69.41
N ASN W 280 -39.56 -7.78 69.99
CA ASN W 280 -38.70 -8.80 69.39
C ASN W 280 -38.53 -8.57 67.89
N ALA W 281 -38.08 -7.36 67.55
CA ALA W 281 -37.96 -6.97 66.16
C ALA W 281 -36.94 -7.86 65.44
N PRO W 282 -37.07 -8.03 64.12
CA PRO W 282 -36.13 -8.88 63.37
C PRO W 282 -34.68 -8.55 63.66
N ALA W 283 -33.96 -9.51 64.24
CA ALA W 283 -32.56 -9.35 64.60
C ALA W 283 -31.67 -9.98 63.54
N ALA W 284 -30.48 -9.42 63.39
CA ALA W 284 -29.52 -9.93 62.43
C ALA W 284 -28.88 -11.22 62.93
N ASN W 285 -28.17 -11.90 62.02
CA ASN W 285 -27.44 -13.11 62.33
C ASN W 285 -28.36 -14.20 62.89
N VAL W 286 -29.31 -14.62 62.05
CA VAL W 286 -30.21 -15.72 62.36
C VAL W 286 -30.18 -16.70 61.19
N SER W 287 -30.26 -18.00 61.51
CA SER W 287 -30.15 -19.03 60.49
C SER W 287 -31.28 -18.91 59.46
N ALA W 288 -30.91 -18.99 58.19
CA ALA W 288 -31.87 -18.91 57.10
C ALA W 288 -32.43 -20.30 56.83
N GLY W 289 -33.18 -20.43 55.73
CA GLY W 289 -33.83 -21.69 55.41
C GLY W 289 -32.87 -22.79 54.97
N GLN W 290 -32.27 -22.63 53.80
CA GLN W 290 -31.43 -23.65 53.22
C GLN W 290 -30.16 -23.02 52.64
N SER W 291 -29.14 -23.84 52.46
CA SER W 291 -27.89 -23.39 51.88
C SER W 291 -28.02 -23.29 50.36
N VAL W 292 -26.98 -22.76 49.73
CA VAL W 292 -26.99 -22.59 48.28
C VAL W 292 -27.02 -23.94 47.57
N ALA W 293 -26.23 -24.90 48.05
CA ALA W 293 -26.16 -26.19 47.39
C ALA W 293 -27.37 -27.07 47.64
N ASN W 294 -28.26 -26.69 48.56
CA ASN W 294 -29.42 -27.50 48.92
C ASN W 294 -30.69 -26.67 48.84
N ILE W 295 -30.84 -25.95 47.73
CA ILE W 295 -32.01 -25.10 47.53
C ILE W 295 -33.19 -25.97 47.08
N ASN W 296 -34.27 -25.95 47.87
CA ASN W 296 -35.48 -26.70 47.55
C ASN W 296 -36.65 -25.80 47.93
N ILE W 297 -37.31 -25.23 46.92
CA ILE W 297 -38.25 -24.15 47.15
C ILE W 297 -39.69 -24.53 46.81
N VAL W 298 -39.98 -25.82 46.65
CA VAL W 298 -41.34 -26.22 46.34
C VAL W 298 -42.17 -26.21 47.62
N GLY W 299 -43.32 -25.54 47.57
CA GLY W 299 -44.19 -25.43 48.73
C GLY W 299 -43.55 -24.73 49.91
N MET W 300 -42.85 -23.63 49.64
CA MET W 300 -42.15 -22.92 50.72
C MET W 300 -43.12 -22.21 51.65
N GLY W 301 -44.12 -21.54 51.09
CA GLY W 301 -45.09 -20.80 51.88
C GLY W 301 -44.89 -19.30 51.91
N ALA W 302 -43.93 -18.77 51.15
CA ALA W 302 -43.67 -17.33 51.05
C ALA W 302 -43.33 -16.70 52.39
N ALA W 303 -42.72 -17.47 53.30
CA ALA W 303 -42.31 -16.96 54.60
C ALA W 303 -40.80 -16.92 54.76
N ALA W 304 -40.12 -18.03 54.50
CA ALA W 304 -38.67 -18.07 54.56
C ALA W 304 -38.00 -17.72 53.24
N LEU W 305 -38.78 -17.40 52.21
CA LEU W 305 -38.20 -16.99 50.94
C LEU W 305 -37.37 -15.73 51.08
N ASP W 306 -37.77 -14.80 51.95
CA ASP W 306 -36.98 -13.62 52.21
C ASP W 306 -35.62 -13.99 52.82
N ALA W 307 -35.62 -14.94 53.76
CA ALA W 307 -34.37 -15.40 54.32
C ALA W 307 -33.49 -16.07 53.27
N LEU W 308 -34.11 -16.85 52.38
CA LEU W 308 -33.35 -17.48 51.30
C LEU W 308 -32.73 -16.44 50.37
N ILE W 309 -33.49 -15.40 50.04
CA ILE W 309 -32.96 -14.31 49.22
C ILE W 309 -31.81 -13.62 49.91
N SER W 310 -31.95 -13.38 51.22
CA SER W 310 -30.87 -12.73 51.98
C SER W 310 -29.62 -13.60 51.98
N GLY W 311 -29.77 -14.90 52.17
CA GLY W 311 -28.62 -15.79 52.14
C GLY W 311 -27.95 -15.83 50.78
N VAL W 312 -28.75 -15.87 49.72
CA VAL W 312 -28.20 -15.86 48.36
C VAL W 312 -27.45 -14.56 48.11
N ASP W 313 -28.01 -13.43 48.55
CA ASP W 313 -27.34 -12.15 48.38
C ASP W 313 -26.03 -12.10 49.15
N ALA W 314 -26.02 -12.64 50.37
CA ALA W 314 -24.79 -12.67 51.15
C ALA W 314 -23.73 -13.52 50.47
N ALA W 315 -24.12 -14.67 49.94
CA ALA W 315 -23.17 -15.51 49.22
C ALA W 315 -22.64 -14.80 47.97
N LEU W 316 -23.52 -14.11 47.25
CA LEU W 316 -23.11 -13.37 46.07
C LEU W 316 -22.13 -12.27 46.43
N THR W 317 -22.39 -11.55 47.52
CA THR W 317 -21.47 -10.49 47.95
C THR W 317 -20.12 -11.06 48.34
N ASP W 318 -20.11 -12.17 49.07
CA ASP W 318 -18.85 -12.79 49.45
C ASP W 318 -18.07 -13.25 48.23
N MET W 319 -18.77 -13.83 47.25
CA MET W 319 -18.10 -14.29 46.04
C MET W 319 -17.59 -13.13 45.21
N THR W 320 -18.32 -12.02 45.17
CA THR W 320 -17.83 -10.82 44.49
C THR W 320 -16.57 -10.30 45.17
N SER W 321 -16.55 -10.30 46.50
CA SER W 321 -15.35 -9.90 47.22
C SER W 321 -14.18 -10.82 46.90
N ALA W 322 -14.45 -12.12 46.81
CA ALA W 322 -13.40 -13.08 46.45
C ALA W 322 -12.87 -12.81 45.05
N ALA W 323 -13.77 -12.50 44.10
CA ALA W 323 -13.33 -12.19 42.75
C ALA W 323 -12.48 -10.92 42.72
N ALA W 324 -12.87 -9.91 43.49
CA ALA W 324 -12.08 -8.68 43.57
C ALA W 324 -10.70 -8.98 44.16
N SER W 325 -10.64 -9.83 45.19
CA SER W 325 -9.36 -10.21 45.76
C SER W 325 -8.49 -10.96 44.75
N LEU W 326 -9.11 -11.84 43.96
CA LEU W 326 -8.37 -12.56 42.93
C LEU W 326 -7.82 -11.60 41.87
N GLY W 327 -8.63 -10.62 41.47
CA GLY W 327 -8.13 -9.63 40.53
C GLY W 327 -6.99 -8.81 41.08
N SER W 328 -7.08 -8.45 42.37
CA SER W 328 -5.98 -7.73 43.01
C SER W 328 -4.72 -8.59 43.04
N ILE W 329 -4.88 -9.88 43.33
CA ILE W 329 -3.73 -10.79 43.34
C ILE W 329 -3.10 -10.87 41.96
N SER W 330 -3.92 -10.96 40.91
CA SER W 330 -3.40 -11.03 39.55
C SER W 330 -2.64 -9.75 39.19
N SER W 331 -3.20 -8.60 39.57
CA SER W 331 -2.50 -7.34 39.32
C SER W 331 -1.18 -7.28 40.07
N ARG W 332 -1.16 -7.76 41.31
CA ARG W 332 0.08 -7.79 42.07
C ARG W 332 1.10 -8.71 41.42
N ILE W 333 0.66 -9.85 40.89
CA ILE W 333 1.58 -10.76 40.20
C ILE W 333 2.16 -10.08 38.95
N ASP W 334 1.32 -9.37 38.20
CA ASP W 334 1.81 -8.67 37.02
C ASP W 334 2.85 -7.62 37.40
N LEU W 335 2.56 -6.82 38.42
CA LEU W 335 3.50 -5.80 38.86
C LEU W 335 4.80 -6.42 39.36
N GLN W 336 4.69 -7.52 40.11
CA GLN W 336 5.88 -8.21 40.60
C GLN W 336 6.72 -8.75 39.46
N SER W 337 6.08 -9.33 38.44
CA SER W 337 6.83 -9.82 37.29
C SER W 337 7.54 -8.69 36.57
N GLU W 338 6.87 -7.57 36.37
CA GLU W 338 7.52 -6.43 35.72
C GLU W 338 8.71 -5.94 36.53
N PHE W 339 8.54 -5.81 37.85
CA PHE W 339 9.63 -5.34 38.69
C PHE W 339 10.79 -6.32 38.70
N VAL W 340 10.50 -7.62 38.76
CA VAL W 340 11.57 -8.62 38.77
C VAL W 340 12.33 -8.60 37.45
N ASN W 341 11.62 -8.42 36.33
CA ASN W 341 12.31 -8.33 35.05
C ASN W 341 13.19 -7.09 34.98
N LYS W 342 12.69 -5.95 35.49
CA LYS W 342 13.50 -4.74 35.52
C LYS W 342 14.73 -4.92 36.40
N LEU W 343 14.56 -5.55 37.56
CA LEU W 343 15.69 -5.79 38.46
C LEU W 343 16.70 -6.73 37.84
N SER W 344 16.24 -7.76 37.14
CA SER W 344 17.15 -8.67 36.45
C SER W 344 17.94 -7.95 35.38
N ASP W 345 17.27 -7.10 34.60
CA ASP W 345 17.98 -6.33 33.59
C ASP W 345 19.03 -5.42 34.22
N SER W 346 18.66 -4.74 35.31
CA SER W 346 19.60 -3.83 35.96
C SER W 346 20.80 -4.59 36.54
N ILE W 347 20.55 -5.73 37.19
CA ILE W 347 21.62 -6.46 37.83
C ILE W 347 22.54 -7.08 36.78
N GLU W 348 21.98 -7.54 35.66
CA GLU W 348 22.82 -8.09 34.61
C GLU W 348 23.66 -6.99 33.95
N SER W 349 23.07 -5.80 33.80
CA SER W 349 23.84 -4.67 33.28
C SER W 349 24.98 -4.31 34.22
N GLY W 350 24.72 -4.33 35.53
CA GLY W 350 25.78 -4.07 36.49
C GLY W 350 26.88 -5.11 36.42
N VAL W 351 26.50 -6.39 36.29
CA VAL W 351 27.50 -7.45 36.13
C VAL W 351 28.33 -7.22 34.88
N GLY W 352 27.67 -6.85 33.78
CA GLY W 352 28.41 -6.54 32.56
C GLY W 352 29.38 -5.39 32.74
N ARG W 353 28.92 -4.34 33.43
CA ARG W 353 29.80 -3.21 33.70
C ARG W 353 31.01 -3.63 34.53
N LEU W 354 30.81 -4.55 35.46
CA LEU W 354 31.92 -5.02 36.28
C LEU W 354 32.86 -5.95 35.50
N VAL W 355 32.34 -6.66 34.51
CA VAL W 355 33.07 -7.74 33.87
C VAL W 355 33.50 -7.43 32.43
N ASP W 356 32.68 -6.72 31.67
CA ASP W 356 32.96 -6.55 30.24
C ASP W 356 34.21 -5.69 30.02
N ALA W 357 34.82 -5.88 28.86
CA ALA W 357 36.00 -5.14 28.44
C ALA W 357 35.73 -4.44 27.11
N ASP W 358 36.20 -3.20 27.00
CA ASP W 358 36.12 -2.49 25.73
C ASP W 358 37.11 -3.08 24.72
N MET W 359 36.58 -3.51 23.58
CA MET W 359 37.40 -4.27 22.64
C MET W 359 38.36 -3.39 21.85
N ASN W 360 38.06 -2.10 21.72
CA ASN W 360 38.96 -1.21 20.98
C ASN W 360 40.31 -1.11 21.69
N GLU W 361 40.30 -0.96 23.00
CA GLU W 361 41.54 -0.86 23.76
C GLU W 361 42.32 -2.16 23.69
N GLU W 362 41.63 -3.30 23.74
CA GLU W 362 42.29 -4.60 23.61
C GLU W 362 42.90 -4.77 22.23
N SER W 363 42.21 -4.30 21.19
CA SER W 363 42.78 -4.37 19.83
C SER W 363 44.04 -3.52 19.73
N THR W 364 44.01 -2.33 20.32
CA THR W 364 45.21 -1.49 20.34
C THR W 364 46.35 -2.20 21.07
N ARG W 365 46.06 -2.83 22.20
CA ARG W 365 47.07 -3.58 22.93
C ARG W 365 47.61 -4.73 22.10
N LEU W 366 46.72 -5.43 21.38
CA LEU W 366 47.15 -6.56 20.57
C LEU W 366 48.11 -6.11 19.48
N LYS W 367 47.77 -5.02 18.78
CA LYS W 367 48.67 -4.49 17.76
C LYS W 367 50.00 -4.06 18.35
N ALA W 368 49.96 -3.36 19.49
CA ALA W 368 51.19 -2.90 20.13
C ALA W 368 52.07 -4.07 20.54
N LEU W 369 51.46 -5.12 21.10
CA LEU W 369 52.24 -6.28 21.54
C LEU W 369 52.78 -7.07 20.36
N GLN W 370 52.04 -7.16 19.26
CA GLN W 370 52.58 -7.80 18.06
C GLN W 370 53.80 -7.05 17.56
N THR W 371 53.72 -5.72 17.50
CA THR W 371 54.86 -4.94 17.04
C THR W 371 56.04 -5.08 18.00
N GLN W 372 55.77 -5.06 19.31
CA GLN W 372 56.84 -5.20 20.28
C GLN W 372 57.49 -6.57 20.18
N GLN W 373 56.70 -7.61 19.92
CA GLN W 373 57.26 -8.94 19.73
C GLN W 373 58.15 -8.98 18.49
N GLN W 374 57.72 -8.34 17.41
CA GLN W 374 58.54 -8.30 16.20
C GLN W 374 59.87 -7.60 16.46
N LEU W 375 59.83 -6.46 17.15
CA LEU W 375 61.07 -5.76 17.51
C LEU W 375 61.95 -6.61 18.41
N ALA W 376 61.35 -7.31 19.37
CA ALA W 376 62.13 -8.16 20.27
C ALA W 376 62.80 -9.30 19.51
N ILE W 377 62.09 -9.89 18.56
CA ILE W 377 62.70 -10.95 17.74
C ILE W 377 63.86 -10.40 16.92
N GLN W 378 63.67 -9.21 16.33
CA GLN W 378 64.75 -8.61 15.55
C GLN W 378 65.97 -8.33 16.43
N ALA W 379 65.74 -7.79 17.63
CA ALA W 379 66.84 -7.48 18.53
C ALA W 379 67.55 -8.75 18.99
N LEU W 380 66.80 -9.82 19.25
CA LEU W 380 67.41 -11.09 19.63
C LEU W 380 68.26 -11.65 18.49
N SER W 381 67.77 -11.52 17.25
CA SER W 381 68.55 -11.96 16.10
C SER W 381 69.84 -11.17 15.99
N ILE W 382 69.77 -9.85 16.21
CA ILE W 382 70.98 -9.03 16.20
C ILE W 382 71.93 -9.47 17.30
N ALA W 383 71.41 -9.78 18.48
CA ALA W 383 72.25 -10.22 19.59
C ALA W 383 72.96 -11.53 19.26
N ASN W 384 72.23 -12.47 18.66
CA ASN W 384 72.86 -13.73 18.26
C ASN W 384 73.92 -13.50 17.19
N SER W 385 73.65 -12.63 16.21
CA SER W 385 74.61 -12.37 15.16
C SER W 385 75.81 -11.58 15.65
N ASP W 386 75.70 -10.94 16.82
CA ASP W 386 76.82 -10.16 17.35
C ASP W 386 77.99 -11.07 17.70
N SER W 387 77.71 -12.28 18.19
CA SER W 387 78.75 -13.10 18.81
C SER W 387 79.86 -13.50 17.85
N GLN W 388 79.49 -13.90 16.62
CA GLN W 388 80.45 -14.54 15.73
C GLN W 388 81.42 -13.57 15.05
N ASN W 389 81.32 -12.27 15.34
CA ASN W 389 82.24 -11.31 14.72
C ASN W 389 83.68 -11.49 15.22
N VAL W 390 83.88 -12.14 16.36
CA VAL W 390 85.21 -12.27 16.94
C VAL W 390 86.13 -13.15 16.08
N LEU W 391 85.56 -13.94 15.17
CA LEU W 391 86.38 -14.86 14.37
C LEU W 391 87.38 -14.14 13.49
N SER W 392 87.16 -12.86 13.19
CA SER W 392 88.07 -12.14 12.30
C SER W 392 89.46 -12.00 12.91
N LEU W 393 89.55 -11.93 14.24
CA LEU W 393 90.86 -11.83 14.89
C LEU W 393 91.68 -13.09 14.70
N PHE W 394 91.02 -14.24 14.60
CA PHE W 394 91.70 -15.53 14.55
C PHE W 394 91.80 -16.08 13.13
N ARG W 395 91.50 -15.26 12.13
CA ARG W 395 91.48 -15.62 10.70
C ARG W 395 91.04 -17.07 10.40
N THR X 2 58.80 -19.77 23.84
CA THR X 2 57.85 -20.14 22.80
C THR X 2 58.01 -21.61 22.43
N SER X 3 56.90 -22.34 22.46
CA SER X 3 56.88 -23.77 22.15
C SER X 3 56.09 -23.98 20.86
N ILE X 4 56.71 -24.69 19.91
CA ILE X 4 56.04 -25.00 18.64
C ILE X 4 55.11 -26.19 18.75
N LEU X 5 55.15 -26.93 19.85
CA LEU X 5 54.31 -28.11 20.02
C LEU X 5 53.01 -27.83 20.76
N THR X 6 52.94 -26.74 21.52
CA THR X 6 51.75 -26.39 22.28
C THR X 6 51.40 -24.92 22.05
N ASN X 7 50.11 -24.62 22.17
CA ASN X 7 49.61 -23.26 22.01
C ASN X 7 48.45 -23.07 22.98
N ASN X 8 48.74 -22.52 24.16
CA ASN X 8 47.70 -22.33 25.17
C ASN X 8 46.62 -21.37 24.70
N SER X 9 47.03 -20.27 24.05
CA SER X 9 46.07 -19.31 23.54
C SER X 9 45.15 -19.96 22.51
N ALA X 10 45.70 -20.80 21.63
CA ALA X 10 44.88 -21.51 20.66
C ALA X 10 43.89 -22.44 21.36
N MET X 11 44.33 -23.13 22.41
CA MET X 11 43.44 -24.03 23.14
C MET X 11 42.29 -23.26 23.78
N ALA X 12 42.59 -22.11 24.39
CA ALA X 12 41.54 -21.27 24.94
C ALA X 12 40.59 -20.78 23.85
N ALA X 13 41.14 -20.46 22.67
CA ALA X 13 40.29 -20.05 21.56
C ALA X 13 39.37 -21.18 21.12
N LEU X 14 39.88 -22.42 21.06
CA LEU X 14 39.02 -23.56 20.76
C LEU X 14 37.92 -23.74 21.79
N SER X 15 38.27 -23.60 23.08
CA SER X 15 37.23 -23.74 24.11
C SER X 15 36.15 -22.66 23.96
N GLY X 16 36.57 -21.42 23.71
CA GLY X 16 35.60 -20.36 23.49
C GLY X 16 34.74 -20.59 22.27
N VAL X 17 35.36 -21.03 21.17
CA VAL X 17 34.61 -21.30 19.95
C VAL X 17 33.60 -22.41 20.17
N ARG X 18 34.00 -23.46 20.89
CA ARG X 18 33.09 -24.56 21.18
C ARG X 18 31.90 -24.09 22.01
N SER X 19 32.16 -23.28 23.04
CA SER X 19 31.06 -22.77 23.86
C SER X 19 30.14 -21.88 23.04
N ILE X 20 30.70 -21.00 22.21
CA ILE X 20 29.90 -20.12 21.38
C ILE X 20 29.07 -20.92 20.39
N SER X 21 29.66 -21.96 19.80
CA SER X 21 28.93 -22.78 18.84
C SER X 21 27.77 -23.52 19.50
N SER X 22 27.99 -24.07 20.70
CA SER X 22 26.92 -24.75 21.40
C SER X 22 25.79 -23.78 21.74
N SER X 23 26.14 -22.60 22.26
CA SER X 23 25.12 -21.62 22.59
C SER X 23 24.37 -21.15 21.34
N MET X 24 25.09 -20.97 20.23
CA MET X 24 24.46 -20.54 19.00
C MET X 24 23.51 -21.60 18.47
N GLU X 25 23.91 -22.87 18.54
CA GLU X 25 23.02 -23.94 18.09
C GLU X 25 21.76 -23.99 18.95
N ASP X 26 21.91 -23.86 20.27
CA ASP X 26 20.75 -23.85 21.14
C ASP X 26 19.82 -22.69 20.82
N THR X 27 20.37 -21.48 20.71
CA THR X 27 19.54 -20.30 20.44
C THR X 27 18.93 -20.35 19.04
N GLN X 28 19.61 -20.97 18.08
CA GLN X 28 19.08 -21.02 16.73
C GLN X 28 17.96 -22.05 16.62
N SER X 29 18.07 -23.18 17.32
CA SER X 29 16.92 -24.07 17.44
C SER X 29 15.77 -23.36 18.15
N ARG X 30 16.10 -22.56 19.18
CA ARG X 30 15.10 -21.81 19.91
C ARG X 30 14.32 -20.87 18.99
N ILE X 31 15.04 -20.16 18.13
CA ILE X 31 14.39 -19.20 17.23
C ILE X 31 13.71 -19.92 16.08
N SER X 32 14.19 -21.11 15.70
CA SER X 32 13.58 -21.86 14.62
C SER X 32 12.21 -22.39 15.03
N SER X 33 12.13 -23.02 16.21
CA SER X 33 10.92 -23.74 16.58
C SER X 33 10.18 -23.10 17.76
N GLY X 34 10.59 -21.93 18.21
CA GLY X 34 10.02 -21.40 19.44
C GLY X 34 10.33 -22.33 20.59
N LEU X 35 9.34 -22.59 21.44
CA LEU X 35 9.42 -23.64 22.46
C LEU X 35 10.63 -23.42 23.38
N ARG X 36 10.53 -22.36 24.19
CA ARG X 36 11.60 -22.07 25.15
C ARG X 36 11.94 -23.30 25.97
N VAL X 37 10.92 -24.06 26.37
CA VAL X 37 11.12 -25.41 26.88
C VAL X 37 10.75 -26.35 25.72
N GLY X 38 11.75 -26.66 24.90
CA GLY X 38 11.50 -27.40 23.67
C GLY X 38 11.64 -28.89 23.78
N SER X 39 12.41 -29.36 24.76
CA SER X 39 12.64 -30.79 24.93
C SER X 39 12.91 -31.07 26.41
N ALA X 40 13.05 -32.35 26.73
CA ALA X 40 13.36 -32.75 28.09
C ALA X 40 14.75 -32.29 28.53
N SER X 41 15.63 -31.98 27.58
CA SER X 41 16.93 -31.42 27.93
C SER X 41 16.80 -30.06 28.60
N ASP X 42 15.69 -29.37 28.39
CA ASP X 42 15.39 -28.13 29.10
C ASP X 42 14.86 -28.47 30.48
N ASN X 43 14.26 -27.49 31.16
CA ASN X 43 13.68 -27.72 32.48
C ASN X 43 12.66 -28.85 32.41
N ALA X 44 12.96 -29.98 33.06
CA ALA X 44 12.14 -31.17 32.92
C ALA X 44 10.76 -30.98 33.52
N ALA X 45 10.67 -30.30 34.67
CA ALA X 45 9.39 -30.13 35.33
C ALA X 45 8.42 -29.34 34.45
N TYR X 46 8.89 -28.24 33.86
CA TYR X 46 8.04 -27.43 33.00
C TYR X 46 7.65 -28.20 31.75
N TRP X 47 8.56 -29.01 31.21
CA TRP X 47 8.24 -29.82 30.05
C TRP X 47 7.12 -30.82 30.38
N SER X 48 7.23 -31.48 31.54
CA SER X 48 6.19 -32.43 31.94
C SER X 48 4.87 -31.73 32.18
N ILE X 49 4.89 -30.56 32.81
CA ILE X 49 3.66 -29.81 33.04
C ILE X 49 3.02 -29.42 31.71
N ALA X 50 3.83 -28.97 30.75
CA ALA X 50 3.30 -28.62 29.44
C ALA X 50 2.69 -29.82 28.74
N THR X 51 3.35 -30.99 28.83
CA THR X 51 2.80 -32.19 28.21
C THR X 51 1.47 -32.56 28.83
N THR X 52 1.39 -32.52 30.16
CA THR X 52 0.13 -32.85 30.83
C THR X 52 -0.97 -31.86 30.46
N MET X 53 -0.63 -30.57 30.38
CA MET X 53 -1.61 -29.57 29.99
C MET X 53 -2.09 -29.78 28.56
N ARG X 54 -1.18 -30.15 27.66
CA ARG X 54 -1.59 -30.42 26.28
C ARG X 54 -2.52 -31.63 26.21
N SER X 55 -2.22 -32.68 26.98
CA SER X 55 -3.12 -33.82 27.03
C SER X 55 -4.49 -33.42 27.56
N ASP X 56 -4.52 -32.61 28.61
CA ASP X 56 -5.80 -32.15 29.15
C ASP X 56 -6.55 -31.29 28.15
N ASN X 57 -5.83 -30.49 27.36
CA ASN X 57 -6.47 -29.66 26.35
C ASN X 57 -7.09 -30.52 25.24
N GLN X 58 -6.39 -31.59 24.83
CA GLN X 58 -6.96 -32.52 23.86
C GLN X 58 -8.21 -33.19 24.42
N ALA X 59 -8.15 -33.60 25.69
CA ALA X 59 -9.32 -34.19 26.33
C ALA X 59 -10.48 -33.20 26.37
N LEU X 60 -10.19 -31.93 26.66
CA LEU X 60 -11.23 -30.91 26.69
C LEU X 60 -11.85 -30.69 25.32
N SER X 61 -11.02 -30.74 24.27
CA SER X 61 -11.56 -30.63 22.92
C SER X 61 -12.49 -31.80 22.60
N ALA X 62 -12.10 -33.01 23.01
CA ALA X 62 -12.99 -34.17 22.84
C ALA X 62 -14.29 -33.97 23.60
N VAL X 63 -14.22 -33.45 24.82
CA VAL X 63 -15.42 -33.20 25.61
C VAL X 63 -16.29 -32.15 24.93
N GLN X 64 -15.68 -31.15 24.30
CA GLN X 64 -16.45 -30.14 23.59
C GLN X 64 -17.18 -30.75 22.40
N ASP X 65 -16.52 -31.66 21.67
CA ASP X 65 -17.21 -32.36 20.59
C ASP X 65 -18.38 -33.18 21.13
N ALA X 66 -18.18 -33.85 22.27
CA ALA X 66 -19.27 -34.60 22.89
C ALA X 66 -20.42 -33.68 23.31
N LEU X 67 -20.09 -32.48 23.80
CA LEU X 67 -21.11 -31.50 24.14
C LEU X 67 -21.91 -31.09 22.91
N GLY X 68 -21.23 -30.88 21.79
CA GLY X 68 -21.94 -30.56 20.57
C GLY X 68 -22.89 -31.67 20.14
N LEU X 69 -22.42 -32.92 20.21
CA LEU X 69 -23.27 -34.06 19.87
C LEU X 69 -24.48 -34.12 20.79
N GLY X 70 -24.26 -33.96 22.10
CA GLY X 70 -25.36 -34.00 23.05
C GLY X 70 -26.35 -32.88 22.83
N ALA X 71 -25.85 -31.69 22.49
CA ALA X 71 -26.74 -30.56 22.21
C ALA X 71 -27.60 -30.86 20.99
N ALA X 72 -27.02 -31.48 19.96
CA ALA X 72 -27.81 -31.85 18.79
C ALA X 72 -28.89 -32.86 19.17
N LYS X 73 -28.54 -33.86 19.97
CA LYS X 73 -29.53 -34.84 20.40
C LYS X 73 -30.65 -34.20 21.20
N VAL X 74 -30.30 -33.29 22.11
CA VAL X 74 -31.30 -32.62 22.93
C VAL X 74 -32.21 -31.75 22.07
N ASP X 75 -31.63 -31.08 21.07
CA ASP X 75 -32.44 -30.25 20.17
C ASP X 75 -33.46 -31.11 19.41
N THR X 76 -33.02 -32.26 18.90
CA THR X 76 -33.93 -33.14 18.19
C THR X 76 -35.04 -33.64 19.11
N ALA X 77 -34.66 -34.08 20.32
CA ALA X 77 -35.64 -34.59 21.27
C ALA X 77 -36.64 -33.50 21.66
N TYR X 78 -36.17 -32.26 21.83
CA TYR X 78 -37.06 -31.19 22.24
C TYR X 78 -37.98 -30.77 21.09
N SER X 79 -37.50 -30.86 19.85
CA SER X 79 -38.40 -30.62 18.72
C SER X 79 -39.51 -31.65 18.68
N GLY X 80 -39.16 -32.93 18.89
CA GLY X 80 -40.20 -33.94 19.01
C GLY X 80 -41.14 -33.66 20.16
N MET X 81 -40.60 -33.14 21.28
CA MET X 81 -41.42 -32.81 22.43
C MET X 81 -42.42 -31.71 22.10
N GLU X 82 -41.98 -30.69 21.38
CA GLU X 82 -42.90 -29.61 20.98
C GLU X 82 -43.98 -30.13 20.05
N SER X 83 -43.61 -30.99 19.11
CA SER X 83 -44.61 -31.59 18.23
C SER X 83 -45.65 -32.36 19.05
N ALA X 84 -45.19 -33.13 20.04
CA ALA X 84 -46.11 -33.85 20.91
C ALA X 84 -47.01 -32.89 21.69
N ILE X 85 -46.44 -31.78 22.16
CA ILE X 85 -47.24 -30.77 22.87
C ILE X 85 -48.37 -30.28 21.99
N GLU X 86 -48.05 -29.91 20.74
CA GLU X 86 -49.07 -29.38 19.83
C GLU X 86 -50.14 -30.42 19.53
N VAL X 87 -49.73 -31.66 19.26
CA VAL X 87 -50.70 -32.70 18.92
C VAL X 87 -51.61 -33.00 20.11
N VAL X 88 -51.05 -33.06 21.32
CA VAL X 88 -51.86 -33.36 22.50
C VAL X 88 -52.80 -32.21 22.81
N LYS X 89 -52.36 -30.97 22.60
CA LYS X 89 -53.26 -29.83 22.78
C LYS X 89 -54.41 -29.89 21.80
N GLU X 90 -54.13 -30.25 20.54
CA GLU X 90 -55.20 -30.41 19.56
C GLU X 90 -56.17 -31.53 19.98
N ILE X 91 -55.62 -32.64 20.51
CA ILE X 91 -56.46 -33.74 20.97
C ILE X 91 -57.38 -33.28 22.09
N LYS X 92 -56.82 -32.51 23.05
CA LYS X 92 -57.62 -32.03 24.16
C LYS X 92 -58.72 -31.07 23.68
N ALA X 93 -58.38 -30.20 22.73
CA ALA X 93 -59.40 -29.31 22.17
C ALA X 93 -60.51 -30.09 21.49
N LYS X 94 -60.14 -31.12 20.73
CA LYS X 94 -61.16 -31.96 20.08
C LYS X 94 -62.03 -32.67 21.11
N LEU X 95 -61.43 -33.17 22.18
CA LEU X 95 -62.21 -33.84 23.22
C LEU X 95 -63.15 -32.87 23.91
N VAL X 96 -62.68 -31.65 24.18
CA VAL X 96 -63.55 -30.64 24.79
C VAL X 96 -64.72 -30.32 23.88
N ALA X 97 -64.46 -30.18 22.58
CA ALA X 97 -65.54 -29.99 21.63
C ALA X 97 -66.48 -31.18 21.59
N ALA X 98 -65.97 -32.38 21.88
CA ALA X 98 -66.78 -33.59 21.88
C ALA X 98 -67.75 -33.66 23.06
N THR X 99 -67.60 -32.77 24.05
CA THR X 99 -68.47 -32.82 25.22
C THR X 99 -69.92 -32.57 24.84
N GLU X 100 -70.17 -31.82 23.78
CA GLU X 100 -71.53 -31.57 23.33
C GLU X 100 -72.21 -32.87 22.92
N ASP X 101 -73.44 -33.07 23.41
CA ASP X 101 -74.16 -34.29 23.10
C ASP X 101 -74.64 -34.32 21.66
N GLY X 102 -74.97 -33.14 21.10
CA GLY X 102 -75.47 -33.08 19.74
C GLY X 102 -74.43 -33.38 18.68
N VAL X 103 -73.14 -33.23 19.01
CA VAL X 103 -72.08 -33.48 18.05
C VAL X 103 -71.84 -34.98 17.95
N ASP X 104 -71.82 -35.49 16.72
CA ASP X 104 -71.51 -36.90 16.51
C ASP X 104 -70.08 -37.20 16.94
N LYS X 105 -69.90 -38.39 17.52
CA LYS X 105 -68.62 -38.77 18.09
C LYS X 105 -67.76 -39.61 17.15
N ALA X 106 -68.33 -40.11 16.05
CA ALA X 106 -67.55 -40.96 15.14
C ALA X 106 -66.48 -40.14 14.41
N LYS X 107 -66.87 -38.99 13.86
CA LYS X 107 -65.92 -38.17 13.12
C LYS X 107 -64.75 -37.75 14.01
N ILE X 108 -65.07 -37.31 15.23
CA ILE X 108 -64.03 -37.03 16.21
C ILE X 108 -63.25 -38.30 16.51
N GLN X 109 -63.87 -39.47 16.37
CA GLN X 109 -63.16 -40.71 16.64
C GLN X 109 -62.05 -40.94 15.62
N GLU X 110 -62.32 -40.76 14.32
CA GLU X 110 -61.20 -40.94 13.40
C GLU X 110 -60.22 -39.78 13.48
N GLU X 111 -60.67 -38.58 13.87
CA GLU X 111 -59.71 -37.51 14.12
C GLU X 111 -58.73 -37.90 15.23
N ILE X 112 -59.25 -38.43 16.33
CA ILE X 112 -58.38 -38.85 17.42
C ILE X 112 -57.49 -40.01 17.00
N THR X 113 -58.01 -40.93 16.17
CA THR X 113 -57.17 -42.02 15.67
C THR X 113 -56.01 -41.49 14.84
N GLN X 114 -56.30 -40.54 13.94
CA GLN X 114 -55.23 -39.94 13.12
C GLN X 114 -54.23 -39.20 13.99
N LEU X 115 -54.71 -38.48 15.00
CA LEU X 115 -53.80 -37.76 15.89
C LEU X 115 -52.95 -38.73 16.71
N LYS X 116 -53.51 -39.87 17.11
CA LYS X 116 -52.73 -40.87 17.82
C LYS X 116 -51.65 -41.47 16.93
N ASP X 117 -51.99 -41.75 15.68
CA ASP X 117 -50.97 -42.21 14.73
C ASP X 117 -49.89 -41.15 14.54
N GLN X 118 -50.29 -39.88 14.49
CA GLN X 118 -49.33 -38.79 14.38
C GLN X 118 -48.42 -38.76 15.60
N LEU X 119 -48.97 -38.96 16.79
CA LEU X 119 -48.17 -39.00 18.01
C LEU X 119 -47.18 -40.15 17.98
N THR X 120 -47.61 -41.32 17.51
CA THR X 120 -46.71 -42.45 17.40
C THR X 120 -45.58 -42.16 16.41
N SER X 121 -45.91 -41.51 15.29
CA SER X 121 -44.88 -41.14 14.32
C SER X 121 -43.90 -40.15 14.91
N ILE X 122 -44.40 -39.18 15.69
CA ILE X 122 -43.51 -38.23 16.36
C ILE X 122 -42.59 -38.96 17.31
N ALA X 123 -43.15 -39.90 18.08
CA ALA X 123 -42.35 -40.60 19.09
C ALA X 123 -41.26 -41.45 18.46
N ASP X 124 -41.57 -42.16 17.38
CA ASP X 124 -40.58 -43.07 16.81
C ASP X 124 -39.62 -42.39 15.84
N ALA X 125 -40.07 -41.37 15.11
CA ALA X 125 -39.22 -40.73 14.11
C ALA X 125 -38.18 -39.80 14.72
N ALA X 126 -38.51 -39.14 15.84
CA ALA X 126 -37.65 -38.12 16.42
C ALA X 126 -36.46 -38.78 17.09
N SER X 127 -35.45 -39.09 16.28
CA SER X 127 -34.20 -39.67 16.77
C SER X 127 -33.04 -38.99 16.05
N PHE X 128 -31.88 -38.97 16.71
CA PHE X 128 -30.69 -38.37 16.13
C PHE X 128 -29.68 -39.40 15.65
N SER X 129 -29.20 -40.28 16.54
CA SER X 129 -28.21 -41.27 16.19
C SER X 129 -28.51 -42.59 16.87
N GLY X 130 -29.79 -42.95 16.95
CA GLY X 130 -30.22 -44.14 17.62
C GLY X 130 -30.61 -43.94 19.07
N GLU X 131 -30.20 -42.83 19.69
CA GLU X 131 -30.61 -42.47 21.04
C GLU X 131 -31.61 -41.34 20.91
N ASN X 132 -32.89 -41.70 20.77
CA ASN X 132 -33.95 -40.72 20.60
C ASN X 132 -34.39 -40.08 21.91
N TRP X 133 -33.91 -40.57 23.05
CA TRP X 133 -34.30 -40.09 24.37
C TRP X 133 -35.80 -40.22 24.60
N LEU X 134 -36.47 -41.02 23.79
CA LEU X 134 -37.90 -41.26 23.89
C LEU X 134 -38.15 -42.74 23.59
N GLN X 135 -39.37 -43.20 23.92
CA GLN X 135 -39.76 -44.59 23.67
C GLN X 135 -38.78 -45.57 24.31
N ALA X 136 -38.26 -45.19 25.48
CA ALA X 136 -37.30 -46.05 26.16
C ALA X 136 -37.98 -47.27 26.75
N ASP X 137 -37.17 -48.27 27.08
CA ASP X 137 -37.67 -49.51 27.67
C ASP X 137 -37.72 -49.37 29.18
N LEU X 138 -38.92 -49.44 29.75
CA LEU X 138 -39.13 -49.28 31.18
C LEU X 138 -39.31 -50.62 31.90
N SER X 139 -38.64 -51.68 31.42
CA SER X 139 -38.70 -52.95 32.13
C SER X 139 -38.09 -52.83 33.52
N GLY X 140 -36.95 -52.16 33.63
CA GLY X 140 -36.36 -51.89 34.93
C GLY X 140 -36.93 -50.65 35.59
N GLY X 141 -37.49 -49.76 34.77
CA GLY X 141 -38.14 -48.56 35.27
C GLY X 141 -37.21 -47.45 35.69
N ALA X 142 -35.90 -47.60 35.48
CA ALA X 142 -34.93 -46.59 35.91
C ALA X 142 -33.89 -46.37 34.83
N VAL X 143 -34.32 -46.24 33.57
CA VAL X 143 -33.40 -45.99 32.48
C VAL X 143 -32.89 -44.56 32.59
N THR X 144 -31.58 -44.39 32.45
CA THR X 144 -30.93 -43.09 32.57
C THR X 144 -29.95 -42.90 31.43
N LYS X 145 -30.02 -41.74 30.77
CA LYS X 145 -29.11 -41.38 29.70
C LYS X 145 -28.27 -40.18 30.11
N SER X 146 -27.02 -40.16 29.67
CA SER X 146 -26.07 -39.16 30.12
C SER X 146 -25.35 -38.54 28.92
N VAL X 147 -24.88 -37.31 29.13
CA VAL X 147 -24.12 -36.57 28.12
C VAL X 147 -22.78 -36.17 28.76
N VAL X 148 -21.68 -36.42 28.04
CA VAL X 148 -20.36 -36.10 28.56
C VAL X 148 -20.27 -34.61 28.80
N GLY X 149 -20.08 -34.21 30.06
CA GLY X 149 -20.11 -32.81 30.43
C GLY X 149 -18.75 -32.13 30.47
N SER X 150 -17.80 -32.71 31.21
CA SER X 150 -16.50 -32.08 31.37
C SER X 150 -15.47 -33.13 31.77
N PHE X 151 -14.21 -32.82 31.47
CA PHE X 151 -13.09 -33.66 31.86
C PHE X 151 -12.43 -33.03 33.07
N VAL X 152 -12.43 -33.75 34.19
CA VAL X 152 -11.98 -33.21 35.47
C VAL X 152 -10.80 -34.04 35.95
N ARG X 153 -9.70 -33.35 36.26
CA ARG X 153 -8.53 -33.97 36.86
C ARG X 153 -8.52 -33.64 38.35
N ASP X 154 -8.62 -34.66 39.19
CA ASP X 154 -8.68 -34.44 40.62
C ASP X 154 -7.31 -33.99 41.16
N GLY X 155 -7.33 -33.44 42.37
CA GLY X 155 -6.11 -32.93 42.97
C GLY X 155 -5.09 -34.01 43.26
N SER X 156 -5.55 -35.20 43.64
CA SER X 156 -4.65 -36.29 44.03
C SER X 156 -4.29 -37.17 42.84
N GLY X 157 -3.83 -36.54 41.76
CA GLY X 157 -3.38 -37.28 40.59
C GLY X 157 -4.41 -38.21 39.99
N SER X 158 -5.66 -37.76 39.88
CA SER X 158 -6.74 -38.58 39.36
C SER X 158 -7.43 -37.88 38.21
N VAL X 159 -7.95 -38.69 37.28
CA VAL X 159 -8.66 -38.19 36.11
C VAL X 159 -9.99 -38.91 36.01
N ALA X 160 -11.03 -38.17 35.62
CA ALA X 160 -12.36 -38.74 35.47
C ALA X 160 -13.15 -37.90 34.47
N VAL X 161 -14.24 -38.47 33.99
CA VAL X 161 -15.12 -37.80 33.02
C VAL X 161 -16.46 -37.58 33.69
N LYS X 162 -16.90 -36.33 33.73
CA LYS X 162 -18.18 -35.98 34.31
C LYS X 162 -19.27 -35.96 33.25
N LYS X 163 -20.45 -36.42 33.64
CA LYS X 163 -21.58 -36.52 32.72
C LYS X 163 -22.82 -35.90 33.35
N VAL X 164 -23.70 -35.40 32.48
CA VAL X 164 -24.97 -34.80 32.90
C VAL X 164 -26.08 -35.83 32.67
N ASP X 165 -26.81 -36.16 33.72
CA ASP X 165 -27.78 -37.24 33.68
C ASP X 165 -29.17 -36.70 33.37
N TYR X 166 -29.95 -37.52 32.66
CA TYR X 166 -31.34 -37.22 32.35
C TYR X 166 -32.17 -38.46 32.61
N SER X 167 -33.29 -38.29 33.30
CA SER X 167 -34.12 -39.42 33.73
C SER X 167 -35.31 -39.60 32.81
N LEU X 168 -35.65 -40.85 32.53
CA LEU X 168 -36.78 -41.23 31.69
C LEU X 168 -37.69 -42.19 32.43
N ASN X 169 -37.85 -42.00 33.73
CA ASN X 169 -38.49 -42.99 34.59
C ASN X 169 -39.94 -43.25 34.22
N ALA X 170 -40.82 -42.27 34.43
CA ALA X 170 -42.24 -42.45 34.13
C ALA X 170 -42.93 -41.21 33.59
N ASN X 171 -42.22 -40.11 33.38
CA ASN X 171 -42.84 -38.86 32.97
C ASN X 171 -42.23 -38.23 31.73
N SER X 172 -41.17 -38.80 31.17
CA SER X 172 -40.53 -38.24 29.99
C SER X 172 -40.12 -39.33 29.00
N VAL X 173 -40.88 -40.41 28.92
CA VAL X 173 -40.49 -41.56 28.11
C VAL X 173 -41.24 -41.64 26.79
N LEU X 174 -42.47 -41.11 26.69
CA LEU X 174 -43.16 -41.03 25.41
C LEU X 174 -43.35 -42.39 24.74
N PHE X 175 -44.32 -43.17 25.22
CA PHE X 175 -44.62 -44.50 24.68
C PHE X 175 -43.52 -45.52 24.95
N ASP X 176 -43.33 -45.85 26.22
CA ASP X 176 -42.51 -46.99 26.63
C ASP X 176 -42.76 -48.18 25.70
N THR X 177 -41.66 -48.82 25.28
CA THR X 177 -41.75 -49.83 24.23
C THR X 177 -42.47 -51.09 24.70
N VAL X 178 -42.08 -51.60 25.87
CA VAL X 178 -42.51 -52.93 26.32
C VAL X 178 -43.59 -52.84 27.39
N GLY X 179 -43.30 -52.15 28.49
CA GLY X 179 -44.21 -52.16 29.64
C GLY X 179 -45.53 -51.46 29.41
N ASP X 180 -45.59 -50.56 28.42
CA ASP X 180 -46.79 -49.77 28.15
C ASP X 180 -47.28 -49.05 29.39
N THR X 181 -46.33 -48.49 30.13
CA THR X 181 -46.62 -47.75 31.36
C THR X 181 -46.00 -46.36 31.30
N GLY X 182 -45.80 -45.84 30.10
CA GLY X 182 -45.18 -44.54 29.93
C GLY X 182 -46.14 -43.39 30.17
N ILE X 183 -45.64 -42.18 29.89
CA ILE X 183 -46.45 -40.98 30.09
C ILE X 183 -47.70 -41.03 29.22
N LEU X 184 -47.57 -41.54 28.01
CA LEU X 184 -48.72 -41.88 27.19
C LEU X 184 -48.94 -43.39 27.19
N ASP X 185 -50.10 -43.81 26.67
CA ASP X 185 -50.50 -45.21 26.68
C ASP X 185 -50.52 -45.75 28.12
N LYS X 186 -51.07 -44.96 29.04
CA LYS X 186 -51.30 -45.40 30.40
C LYS X 186 -52.49 -44.63 30.96
N VAL X 187 -53.12 -45.21 31.97
CA VAL X 187 -54.30 -44.60 32.59
C VAL X 187 -53.87 -43.72 33.75
N TYR X 188 -54.52 -42.57 33.87
CA TYR X 188 -54.24 -41.61 34.93
C TYR X 188 -55.41 -41.58 35.91
N ASN X 189 -55.11 -41.72 37.19
CA ASN X 189 -56.14 -41.61 38.21
C ASN X 189 -56.66 -40.19 38.29
N VAL X 190 -57.98 -40.05 38.40
CA VAL X 190 -58.65 -38.75 38.42
C VAL X 190 -59.51 -38.69 39.67
N SER X 191 -59.02 -38.01 40.71
CA SER X 191 -59.78 -37.83 41.94
C SER X 191 -59.41 -36.49 42.54
N GLN X 192 -60.33 -35.95 43.35
CA GLN X 192 -60.20 -34.56 43.79
C GLN X 192 -59.12 -34.39 44.84
N ALA X 193 -59.03 -35.32 45.79
CA ALA X 193 -58.20 -35.13 46.98
C ALA X 193 -57.22 -36.27 47.17
N SER X 194 -56.51 -36.63 46.10
CA SER X 194 -55.52 -37.69 46.15
C SER X 194 -54.24 -37.25 45.45
N VAL X 195 -53.18 -38.01 45.68
CA VAL X 195 -51.89 -37.79 45.06
C VAL X 195 -51.33 -39.13 44.61
N THR X 196 -50.72 -39.16 43.42
CA THR X 196 -50.08 -40.36 42.91
C THR X 196 -48.63 -40.35 43.36
N LEU X 197 -48.28 -41.28 44.25
CA LEU X 197 -46.95 -41.37 44.82
C LEU X 197 -46.27 -42.65 44.37
N THR X 198 -44.97 -42.58 44.12
CA THR X 198 -44.18 -43.75 43.75
C THR X 198 -43.41 -44.24 44.97
N VAL X 199 -43.60 -45.51 45.31
CA VAL X 199 -42.91 -46.16 46.41
C VAL X 199 -42.46 -47.53 45.95
N ASN X 200 -41.25 -47.93 46.33
CA ASN X 200 -40.70 -49.21 45.92
C ASN X 200 -40.97 -50.26 46.99
N THR X 201 -41.48 -51.41 46.55
CA THR X 201 -41.77 -52.53 47.44
C THR X 201 -40.93 -53.73 47.02
N ASN X 202 -40.18 -54.28 47.97
CA ASN X 202 -39.27 -55.40 47.72
C ASN X 202 -38.26 -55.08 46.62
N GLY X 203 -37.86 -53.82 46.51
CA GLY X 203 -36.84 -53.43 45.56
C GLY X 203 -37.33 -53.02 44.18
N VAL X 204 -38.63 -53.12 43.91
CA VAL X 204 -39.20 -52.72 42.62
C VAL X 204 -40.19 -51.59 42.86
N GLU X 205 -40.07 -50.53 42.05
CA GLU X 205 -40.91 -49.35 42.21
C GLU X 205 -42.29 -49.58 41.62
N SER X 206 -43.26 -48.82 42.14
CA SER X 206 -44.63 -48.87 41.65
C SER X 206 -45.30 -47.55 42.01
N GLN X 207 -46.40 -47.27 41.33
CA GLN X 207 -47.16 -46.04 41.53
C GLN X 207 -48.52 -46.40 42.15
N HIS X 208 -48.82 -45.77 43.28
CA HIS X 208 -50.06 -46.01 44.01
C HIS X 208 -50.79 -44.68 44.21
N THR X 209 -52.12 -44.72 44.10
CA THR X 209 -52.95 -43.55 44.31
C THR X 209 -53.50 -43.59 45.73
N VAL X 210 -53.20 -42.56 46.51
CA VAL X 210 -53.63 -42.46 47.89
C VAL X 210 -54.13 -41.05 48.15
N ALA X 211 -55.07 -40.94 49.08
CA ALA X 211 -55.66 -39.64 49.41
C ALA X 211 -54.62 -38.73 50.06
N ALA X 212 -54.79 -37.43 49.86
CA ALA X 212 -53.91 -36.42 50.40
C ALA X 212 -54.69 -35.46 51.30
N TYR X 213 -54.06 -35.02 52.37
CA TYR X 213 -54.70 -34.16 53.36
C TYR X 213 -53.93 -32.84 53.46
N SER X 214 -54.66 -31.73 53.47
CA SER X 214 -54.05 -30.42 53.50
C SER X 214 -53.45 -30.13 54.88
N LEU X 215 -52.40 -29.29 54.88
CA LEU X 215 -51.76 -28.92 56.13
C LEU X 215 -52.65 -28.05 57.00
N GLU X 216 -53.47 -27.19 56.37
CA GLU X 216 -54.34 -26.31 57.13
C GLU X 216 -55.35 -27.11 57.96
N SER X 217 -55.94 -28.14 57.37
CA SER X 217 -56.88 -28.98 58.12
C SER X 217 -56.19 -29.68 59.28
N LEU X 218 -54.97 -30.18 59.04
CA LEU X 218 -54.23 -30.87 60.10
C LEU X 218 -53.93 -29.93 61.25
N THR X 219 -53.48 -28.71 60.95
CA THR X 219 -53.15 -27.76 62.02
C THR X 219 -54.39 -27.19 62.68
N GLU X 220 -55.53 -27.18 61.99
CA GLU X 220 -56.77 -26.72 62.61
C GLU X 220 -57.35 -27.78 63.54
N ALA X 221 -57.21 -29.06 63.18
CA ALA X 221 -57.78 -30.13 63.99
C ALA X 221 -57.06 -30.30 65.32
N GLY X 222 -55.87 -29.71 65.49
CA GLY X 222 -55.13 -29.85 66.73
C GLY X 222 -54.15 -31.00 66.69
N ALA X 223 -53.34 -31.07 65.64
CA ALA X 223 -52.38 -32.15 65.46
C ALA X 223 -51.02 -31.77 66.02
N GLU X 224 -50.29 -32.78 66.48
CA GLU X 224 -48.94 -32.60 66.98
C GLU X 224 -47.96 -33.09 65.93
N PHE X 225 -47.04 -32.23 65.51
CA PHE X 225 -46.11 -32.51 64.44
C PHE X 225 -44.72 -32.80 64.99
N GLN X 226 -43.92 -33.50 64.18
CA GLN X 226 -42.52 -33.75 64.51
C GLN X 226 -41.79 -34.06 63.21
N GLY X 227 -40.92 -33.16 62.78
CA GLY X 227 -40.21 -33.37 61.53
C GLY X 227 -41.19 -33.44 60.37
N ASN X 228 -41.17 -34.56 59.67
CA ASN X 228 -42.11 -34.82 58.59
C ASN X 228 -43.26 -35.73 59.03
N TYR X 229 -43.42 -35.92 60.33
CA TYR X 229 -44.45 -36.78 60.88
C TYR X 229 -45.47 -35.94 61.65
N ALA X 230 -46.73 -36.39 61.62
CA ALA X 230 -47.81 -35.71 62.30
C ALA X 230 -48.67 -36.73 63.04
N LEU X 231 -49.37 -36.25 64.07
CA LEU X 231 -50.27 -37.11 64.85
C LEU X 231 -51.47 -36.26 65.24
N GLN X 232 -52.57 -36.41 64.50
CA GLN X 232 -53.80 -35.70 64.81
C GLN X 232 -54.59 -36.37 65.92
N GLY X 233 -54.23 -37.59 66.29
CA GLY X 233 -55.01 -38.36 67.25
C GLY X 233 -54.83 -39.85 67.02
N GLY X 234 -55.94 -40.55 66.83
CA GLY X 234 -55.86 -41.96 66.50
C GLY X 234 -55.27 -42.25 65.14
N ASN X 235 -55.06 -41.23 64.32
CA ASN X 235 -54.49 -41.37 62.99
C ASN X 235 -53.14 -40.68 62.92
N SER X 236 -52.26 -41.20 62.07
CA SER X 236 -50.91 -40.68 61.91
C SER X 236 -50.67 -40.30 60.45
N TYR X 237 -49.85 -39.28 60.24
CA TYR X 237 -49.56 -38.77 58.92
C TYR X 237 -48.06 -38.56 58.76
N VAL X 238 -47.58 -38.75 57.53
CA VAL X 238 -46.16 -38.57 57.20
C VAL X 238 -46.06 -37.65 56.00
N LYS X 239 -45.01 -36.84 55.97
CA LYS X 239 -44.78 -35.90 54.87
C LYS X 239 -43.78 -36.49 53.88
N VAL X 240 -44.26 -37.45 53.10
CA VAL X 240 -43.41 -38.04 52.06
C VAL X 240 -43.11 -37.02 50.98
N GLU X 241 -44.10 -36.21 50.61
CA GLU X 241 -43.90 -35.12 49.66
C GLU X 241 -44.61 -33.87 50.19
N ASN X 242 -44.80 -32.88 49.33
CA ASN X 242 -45.42 -31.62 49.74
C ASN X 242 -46.85 -31.81 50.24
N VAL X 243 -47.45 -32.97 50.04
CA VAL X 243 -48.79 -33.29 50.52
C VAL X 243 -48.68 -34.34 51.62
N TRP X 244 -49.50 -34.17 52.66
CA TRP X 244 -49.50 -35.08 53.79
C TRP X 244 -50.42 -36.27 53.52
N VAL X 245 -49.99 -37.45 53.96
CA VAL X 245 -50.70 -38.69 53.69
C VAL X 245 -50.75 -39.53 54.96
N ARG X 246 -51.86 -40.23 55.15
CA ARG X 246 -51.98 -41.16 56.27
C ARG X 246 -50.96 -42.29 56.14
N ALA X 247 -50.50 -42.78 57.28
CA ALA X 247 -49.44 -43.78 57.30
C ALA X 247 -49.79 -44.92 58.25
N GLU X 248 -49.21 -46.08 57.97
CA GLU X 248 -49.30 -47.25 58.83
C GLU X 248 -48.08 -47.30 59.74
N THR X 249 -48.27 -47.88 60.93
CA THR X 249 -47.22 -47.83 61.95
C THR X 249 -45.95 -48.53 61.51
N ALA X 250 -46.00 -49.86 61.37
CA ALA X 250 -44.87 -50.68 60.96
C ALA X 250 -45.33 -52.12 60.91
N ALA X 251 -44.59 -52.94 60.16
CA ALA X 251 -44.80 -54.38 60.07
C ALA X 251 -46.22 -54.76 59.66
N THR X 252 -46.99 -53.82 59.11
CA THR X 252 -48.33 -54.13 58.65
C THR X 252 -48.30 -54.74 57.26
N GLY X 253 -47.66 -54.06 56.31
CA GLY X 253 -47.51 -54.63 54.98
C GLY X 253 -46.58 -55.82 54.95
N ALA X 254 -45.53 -55.80 55.76
CA ALA X 254 -44.54 -56.88 55.83
C ALA X 254 -43.95 -57.17 54.45
N THR X 255 -43.72 -56.10 53.68
CA THR X 255 -43.18 -56.22 52.33
C THR X 255 -41.88 -55.45 52.15
N GLY X 256 -41.26 -54.99 53.24
CA GLY X 256 -40.03 -54.22 53.13
C GLY X 256 -40.21 -52.91 52.41
N GLN X 257 -41.31 -52.21 52.68
CA GLN X 257 -41.59 -50.94 52.03
C GLN X 257 -40.64 -49.86 52.52
N GLU X 258 -40.47 -48.82 51.70
CA GLU X 258 -39.62 -47.71 52.06
C GLU X 258 -40.16 -47.02 53.32
N ILE X 259 -39.25 -46.71 54.24
CA ILE X 259 -39.63 -46.10 55.51
C ILE X 259 -39.94 -44.62 55.28
N ALA X 260 -41.17 -44.22 55.61
CA ALA X 260 -41.57 -42.83 55.41
C ALA X 260 -40.81 -41.89 56.33
N ALA X 261 -40.78 -42.20 57.63
CA ALA X 261 -40.12 -41.34 58.60
C ALA X 261 -39.92 -42.12 59.90
N THR X 262 -39.03 -41.61 60.74
CA THR X 262 -38.78 -42.16 62.06
C THR X 262 -39.03 -41.09 63.11
N THR X 263 -39.59 -41.52 64.24
CA THR X 263 -39.99 -40.61 65.31
C THR X 263 -39.28 -40.97 66.61
N THR X 264 -39.60 -40.22 67.66
CA THR X 264 -39.05 -40.44 68.99
C THR X 264 -40.17 -40.24 70.00
N ALA X 265 -39.79 -40.11 71.28
CA ALA X 265 -40.78 -39.95 72.34
C ALA X 265 -41.61 -38.69 72.13
N ALA X 266 -40.96 -37.52 72.19
CA ALA X 266 -41.61 -36.24 71.92
C ALA X 266 -42.88 -36.05 72.73
N GLY X 267 -42.85 -36.48 73.98
CA GLY X 267 -43.99 -36.34 74.86
C GLY X 267 -45.03 -37.44 74.71
N THR X 268 -45.78 -37.41 73.61
CA THR X 268 -46.86 -38.36 73.38
C THR X 268 -46.80 -38.96 71.97
N ILE X 269 -45.60 -39.11 71.42
CA ILE X 269 -45.40 -39.68 70.10
C ILE X 269 -44.71 -41.03 70.25
N THR X 270 -45.31 -42.06 69.68
CA THR X 270 -44.72 -43.39 69.74
C THR X 270 -43.45 -43.44 68.89
N ALA X 271 -42.43 -44.11 69.42
CA ALA X 271 -41.16 -44.25 68.70
C ALA X 271 -41.25 -45.44 67.77
N ASP X 272 -41.35 -45.18 66.47
CA ASP X 272 -41.49 -46.25 65.49
C ASP X 272 -41.04 -45.72 64.13
N SER X 273 -40.77 -46.66 63.22
CA SER X 273 -40.41 -46.35 61.85
C SER X 273 -41.68 -46.45 61.00
N TRP X 274 -42.20 -45.30 60.59
CA TRP X 274 -43.49 -45.24 59.91
C TRP X 274 -43.32 -45.42 58.41
N VAL X 275 -44.36 -45.98 57.79
CA VAL X 275 -44.38 -46.28 56.36
C VAL X 275 -45.66 -45.74 55.76
N VAL X 276 -45.56 -45.14 54.58
CA VAL X 276 -46.75 -44.62 53.90
C VAL X 276 -47.74 -45.74 53.65
N ASP X 277 -49.00 -45.49 53.97
CA ASP X 277 -50.05 -46.48 53.79
C ASP X 277 -50.32 -46.68 52.31
N VAL X 278 -49.98 -47.86 51.78
CA VAL X 278 -50.24 -48.17 50.39
C VAL X 278 -51.73 -48.21 50.11
N GLY X 279 -52.54 -48.57 51.12
CA GLY X 279 -53.97 -48.57 50.98
C GLY X 279 -54.56 -47.19 51.14
N ASN X 280 -55.66 -47.10 51.91
CA ASN X 280 -56.35 -45.83 52.17
C ASN X 280 -56.76 -45.15 50.86
N ALA X 281 -57.67 -45.83 50.16
CA ALA X 281 -58.15 -45.33 48.89
C ALA X 281 -58.89 -44.02 49.07
N PRO X 282 -58.89 -43.15 48.06
CA PRO X 282 -59.58 -41.86 48.18
C PRO X 282 -61.08 -42.04 48.37
N ALA X 283 -61.74 -40.92 48.67
CA ALA X 283 -63.18 -40.95 48.89
C ALA X 283 -63.93 -41.38 47.64
N ALA X 284 -63.51 -40.87 46.47
CA ALA X 284 -64.11 -41.23 45.19
C ALA X 284 -62.98 -41.64 44.25
N ASN X 285 -62.68 -42.93 44.22
CA ASN X 285 -61.60 -43.46 43.39
C ASN X 285 -62.11 -43.60 41.97
N VAL X 286 -61.75 -42.63 41.12
CA VAL X 286 -62.14 -42.62 39.71
C VAL X 286 -60.88 -42.63 38.87
N SER X 287 -60.86 -43.50 37.86
CA SER X 287 -59.73 -43.64 36.95
C SER X 287 -60.18 -43.30 35.54
N ALA X 288 -59.23 -42.83 34.73
CA ALA X 288 -59.51 -42.54 33.33
C ALA X 288 -59.96 -43.81 32.61
N GLY X 289 -61.01 -43.69 31.80
CA GLY X 289 -61.56 -44.86 31.14
C GLY X 289 -60.56 -45.51 30.19
N GLN X 290 -59.87 -44.70 29.40
CA GLN X 290 -58.89 -45.20 28.45
C GLN X 290 -57.65 -44.31 28.49
N SER X 291 -56.53 -44.87 28.04
CA SER X 291 -55.29 -44.13 27.98
C SER X 291 -55.32 -43.14 26.82
N VAL X 292 -54.25 -42.36 26.68
CA VAL X 292 -54.17 -41.38 25.60
C VAL X 292 -54.09 -42.09 24.25
N ALA X 293 -53.36 -43.20 24.18
CA ALA X 293 -53.17 -43.92 22.93
C ALA X 293 -54.31 -44.88 22.61
N ASN X 294 -55.30 -45.01 23.49
CA ASN X 294 -56.41 -45.93 23.29
C ASN X 294 -57.74 -45.22 23.44
N ILE X 295 -57.81 -43.96 22.99
CA ILE X 295 -59.02 -43.18 23.13
C ILE X 295 -60.08 -43.70 22.16
N ASN X 296 -61.26 -44.02 22.70
CA ASN X 296 -62.38 -44.49 21.89
C ASN X 296 -63.66 -43.93 22.50
N ILE X 297 -64.19 -42.87 21.91
CA ILE X 297 -65.28 -42.11 22.51
C ILE X 297 -66.63 -42.49 21.91
N VAL X 298 -66.75 -43.68 21.32
CA VAL X 298 -68.02 -44.12 20.76
C VAL X 298 -68.92 -44.53 21.91
N GLY X 299 -69.87 -43.66 22.27
CA GLY X 299 -70.76 -43.93 23.39
C GLY X 299 -70.05 -44.05 24.72
N MET X 300 -69.13 -43.14 25.00
CA MET X 300 -68.33 -43.25 26.22
C MET X 300 -69.14 -42.87 27.46
N GLY X 301 -69.93 -41.80 27.38
CA GLY X 301 -70.68 -41.30 28.51
C GLY X 301 -70.08 -40.03 29.08
N ALA X 302 -70.95 -39.26 29.75
CA ALA X 302 -70.56 -37.93 30.23
C ALA X 302 -69.46 -38.02 31.28
N ALA X 303 -69.67 -38.83 32.32
CA ALA X 303 -68.67 -38.94 33.38
C ALA X 303 -67.36 -39.52 32.86
N ALA X 304 -67.46 -40.53 32.00
CA ALA X 304 -66.27 -41.11 31.39
C ALA X 304 -65.56 -40.10 30.50
N LEU X 305 -66.32 -39.26 29.79
CA LEU X 305 -65.70 -38.20 28.98
C LEU X 305 -64.95 -37.21 29.87
N ASP X 306 -65.54 -36.83 31.00
CA ASP X 306 -64.85 -35.93 31.91
C ASP X 306 -63.58 -36.57 32.46
N ALA X 307 -63.64 -37.86 32.80
CA ALA X 307 -62.45 -38.56 33.27
C ALA X 307 -61.36 -38.59 32.20
N LEU X 308 -61.76 -38.84 30.94
CA LEU X 308 -60.81 -38.83 29.84
C LEU X 308 -60.18 -37.45 29.66
N ILE X 309 -60.99 -36.41 29.76
CA ILE X 309 -60.48 -35.05 29.60
C ILE X 309 -59.47 -34.74 30.70
N SER X 310 -59.80 -35.12 31.94
CA SER X 310 -58.88 -34.89 33.05
C SER X 310 -57.58 -35.66 32.87
N GLY X 311 -57.66 -36.91 32.43
CA GLY X 311 -56.45 -37.69 32.19
C GLY X 311 -55.59 -37.09 31.08
N VAL X 312 -56.24 -36.63 30.01
CA VAL X 312 -55.51 -35.99 28.91
C VAL X 312 -54.81 -34.73 29.41
N ASP X 313 -55.51 -33.94 30.23
CA ASP X 313 -54.90 -32.72 30.76
C ASP X 313 -53.72 -33.05 31.65
N ALA X 314 -53.85 -34.09 32.49
CA ALA X 314 -52.74 -34.48 33.34
C ALA X 314 -51.54 -34.93 32.53
N ALA X 315 -51.77 -35.72 31.47
CA ALA X 315 -50.68 -36.13 30.60
C ALA X 315 -50.04 -34.93 29.92
N LEU X 316 -50.85 -33.97 29.48
CA LEU X 316 -50.31 -32.76 28.87
C LEU X 316 -49.46 -31.98 29.85
N THR X 317 -49.90 -31.87 31.10
CA THR X 317 -49.12 -31.15 32.11
C THR X 317 -47.79 -31.85 32.36
N ASP X 318 -47.80 -33.18 32.50
CA ASP X 318 -46.55 -33.91 32.71
C ASP X 318 -45.62 -33.75 31.53
N MET X 319 -46.16 -33.79 30.31
CA MET X 319 -45.31 -33.70 29.12
C MET X 319 -44.79 -32.27 28.94
N THR X 320 -45.56 -31.27 29.35
CA THR X 320 -45.05 -29.90 29.38
C THR X 320 -43.92 -29.75 30.39
N SER X 321 -44.05 -30.40 31.55
CA SER X 321 -42.95 -30.40 32.51
C SER X 321 -41.71 -31.06 31.92
N ALA X 322 -41.91 -32.16 31.20
CA ALA X 322 -40.78 -32.82 30.54
C ALA X 322 -40.13 -31.90 29.50
N ALA X 323 -40.95 -31.16 28.75
CA ALA X 323 -40.40 -30.20 27.78
C ALA X 323 -39.59 -29.12 28.48
N ALA X 324 -40.08 -28.62 29.61
CA ALA X 324 -39.34 -27.62 30.37
C ALA X 324 -38.02 -28.19 30.87
N SER X 325 -38.04 -29.44 31.34
CA SER X 325 -36.81 -30.10 31.77
C SER X 325 -35.82 -30.22 30.62
N LEU X 326 -36.31 -30.60 29.43
CA LEU X 326 -35.43 -30.71 28.27
C LEU X 326 -34.83 -29.37 27.89
N GLY X 327 -35.63 -28.30 27.95
CA GLY X 327 -35.09 -26.97 27.69
C GLY X 327 -34.03 -26.58 28.69
N SER X 328 -34.24 -26.91 29.97
CA SER X 328 -33.24 -26.63 30.98
C SER X 328 -31.96 -27.41 30.72
N ILE X 329 -32.09 -28.66 30.29
CA ILE X 329 -30.91 -29.45 29.95
C ILE X 329 -30.15 -28.82 28.79
N SER X 330 -30.88 -28.36 27.77
CA SER X 330 -30.24 -27.71 26.63
C SER X 330 -29.49 -26.45 27.06
N SER X 331 -30.11 -25.64 27.92
CA SER X 331 -29.44 -24.45 28.43
C SER X 331 -28.18 -24.82 29.22
N ARG X 332 -28.27 -25.86 30.04
CA ARG X 332 -27.10 -26.29 30.80
C ARG X 332 -25.99 -26.78 29.88
N ILE X 333 -26.35 -27.48 28.79
CA ILE X 333 -25.34 -27.91 27.83
C ILE X 333 -24.67 -26.71 27.17
N ASP X 334 -25.46 -25.69 26.82
CA ASP X 334 -24.88 -24.50 26.21
C ASP X 334 -23.90 -23.82 27.17
N LEU X 335 -24.31 -23.68 28.43
CA LEU X 335 -23.43 -23.07 29.43
C LEU X 335 -22.18 -23.89 29.64
N GLN X 336 -22.32 -25.22 29.71
CA GLN X 336 -21.16 -26.08 29.87
C GLN X 336 -20.21 -25.95 28.69
N SER X 337 -20.76 -25.85 27.48
CA SER X 337 -19.93 -25.70 26.29
C SER X 337 -19.13 -24.40 26.35
N GLU X 338 -19.78 -23.29 26.68
CA GLU X 338 -19.05 -22.03 26.69
C GLU X 338 -18.03 -21.99 27.82
N PHE X 339 -18.36 -22.59 28.98
CA PHE X 339 -17.41 -22.66 30.07
C PHE X 339 -16.21 -23.52 29.70
N VAL X 340 -16.44 -24.65 29.02
CA VAL X 340 -15.33 -25.51 28.60
C VAL X 340 -14.45 -24.78 27.59
N ASN X 341 -15.07 -24.02 26.68
CA ASN X 341 -14.28 -23.22 25.75
C ASN X 341 -13.42 -22.20 26.48
N LYS X 342 -14.00 -21.52 27.47
CA LYS X 342 -13.23 -20.55 28.24
C LYS X 342 -12.09 -21.23 29.01
N LEU X 343 -12.36 -22.40 29.59
CA LEU X 343 -11.32 -23.12 30.33
C LEU X 343 -10.19 -23.55 29.41
N SER X 344 -10.52 -24.04 28.22
CA SER X 344 -9.49 -24.38 27.23
C SER X 344 -8.70 -23.14 26.82
N ASP X 345 -9.39 -22.01 26.67
CA ASP X 345 -8.72 -20.76 26.36
C ASP X 345 -7.70 -20.40 27.45
N SER X 346 -8.11 -20.49 28.71
CA SER X 346 -7.21 -20.17 29.82
C SER X 346 -6.04 -21.14 29.88
N ILE X 347 -6.30 -22.44 29.65
CA ILE X 347 -5.23 -23.43 29.70
C ILE X 347 -4.23 -23.19 28.59
N GLU X 348 -4.71 -22.90 27.38
CA GLU X 348 -3.81 -22.62 26.27
C GLU X 348 -2.99 -21.36 26.53
N SER X 349 -3.62 -20.32 27.09
CA SER X 349 -2.88 -19.11 27.43
C SER X 349 -1.80 -19.39 28.46
N GLY X 350 -2.12 -20.19 29.48
CA GLY X 350 -1.11 -20.55 30.47
C GLY X 350 0.04 -21.35 29.87
N VAL X 351 -0.28 -22.29 28.98
CA VAL X 351 0.76 -23.07 28.32
C VAL X 351 1.66 -22.16 27.50
N GLY X 352 1.06 -21.23 26.76
CA GLY X 352 1.86 -20.29 25.99
C GLY X 352 2.76 -19.43 26.87
N ARG X 353 2.21 -18.93 27.99
CA ARG X 353 3.02 -18.12 28.89
C ARG X 353 4.16 -18.92 29.50
N LEU X 354 3.92 -20.18 29.84
CA LEU X 354 4.97 -21.01 30.45
C LEU X 354 5.99 -21.52 29.43
N VAL X 355 5.63 -21.58 28.15
CA VAL X 355 6.43 -22.29 27.15
C VAL X 355 7.01 -21.35 26.11
N ASP X 356 6.25 -20.36 25.65
CA ASP X 356 6.70 -19.52 24.55
C ASP X 356 7.87 -18.64 24.98
N ALA X 357 8.61 -18.14 23.99
CA ALA X 357 9.78 -17.30 24.21
C ALA X 357 9.58 -15.96 23.53
N ASP X 358 9.96 -14.89 24.23
CA ASP X 358 9.86 -13.52 23.70
C ASP X 358 10.97 -13.33 22.66
N MET X 359 10.61 -13.44 21.38
CA MET X 359 11.59 -13.62 20.32
C MET X 359 12.60 -12.48 20.20
N ASN X 360 12.29 -11.31 20.75
CA ASN X 360 13.19 -10.17 20.59
C ASN X 360 14.54 -10.42 21.24
N GLU X 361 14.54 -10.95 22.46
CA GLU X 361 15.82 -11.20 23.12
C GLU X 361 16.55 -12.38 22.48
N GLU X 362 15.82 -13.36 21.92
CA GLU X 362 16.50 -14.39 21.16
C GLU X 362 17.18 -13.82 19.92
N SER X 363 16.55 -12.86 19.25
CA SER X 363 17.21 -12.19 18.14
C SER X 363 18.46 -11.45 18.60
N THR X 364 18.36 -10.77 19.76
CA THR X 364 19.52 -10.09 20.30
C THR X 364 20.66 -11.05 20.61
N ARG X 365 20.33 -12.21 21.21
CA ARG X 365 21.34 -13.21 21.49
C ARG X 365 21.92 -13.78 20.20
N LEU X 366 21.10 -13.94 19.17
CA LEU X 366 21.61 -14.45 17.90
C LEU X 366 22.63 -13.50 17.30
N LYS X 367 22.32 -12.20 17.31
CA LYS X 367 23.28 -11.21 16.83
C LYS X 367 24.55 -11.21 17.68
N ALA X 368 24.39 -11.28 19.00
CA ALA X 368 25.54 -11.26 19.90
C ALA X 368 26.44 -12.47 19.67
N LEU X 369 25.85 -13.65 19.52
CA LEU X 369 26.64 -14.85 19.27
C LEU X 369 27.32 -14.82 17.90
N GLN X 370 26.67 -14.25 16.89
CA GLN X 370 27.35 -14.09 15.61
C GLN X 370 28.58 -13.21 15.76
N THR X 371 28.44 -12.08 16.46
CA THR X 371 29.58 -11.20 16.68
C THR X 371 30.67 -11.89 17.48
N GLN X 372 30.29 -12.61 18.53
CA GLN X 372 31.26 -13.32 19.36
C GLN X 372 31.99 -14.39 18.56
N GLN X 373 31.27 -15.11 17.69
CA GLN X 373 31.92 -16.11 16.85
C GLN X 373 32.89 -15.47 15.89
N GLN X 374 32.53 -14.32 15.31
CA GLN X 374 33.46 -13.63 14.43
C GLN X 374 34.73 -13.23 15.18
N LEU X 375 34.57 -12.68 16.37
CA LEU X 375 35.73 -12.32 17.18
C LEU X 375 36.58 -13.54 17.51
N ALA X 376 35.93 -14.64 17.88
CA ALA X 376 36.67 -15.84 18.25
C ALA X 376 37.43 -16.42 17.07
N ILE X 377 36.82 -16.40 15.88
CA ILE X 377 37.49 -16.89 14.69
C ILE X 377 38.70 -16.02 14.35
N GLN X 378 38.54 -14.70 14.46
CA GLN X 378 39.68 -13.82 14.21
C GLN X 378 40.80 -14.06 15.19
N ALA X 379 40.47 -14.20 16.48
CA ALA X 379 41.48 -14.45 17.50
C ALA X 379 42.17 -15.79 17.28
N LEU X 380 41.42 -16.81 16.89
CA LEU X 380 42.01 -18.12 16.60
C LEU X 380 42.93 -18.05 15.39
N SER X 381 42.56 -17.28 14.36
CA SER X 381 43.46 -17.10 13.23
C SER X 381 44.75 -16.41 13.66
N ILE X 382 44.65 -15.39 14.52
CA ILE X 382 45.84 -14.72 15.02
C ILE X 382 46.71 -15.69 15.82
N ALA X 383 46.07 -16.51 16.67
CA ALA X 383 46.82 -17.46 17.49
C ALA X 383 47.49 -18.52 16.63
N ASN X 384 46.85 -18.93 15.54
CA ASN X 384 47.49 -19.86 14.62
C ASN X 384 48.67 -19.22 13.91
N SER X 385 48.53 -17.95 13.52
CA SER X 385 49.56 -17.30 12.72
C SER X 385 50.79 -16.92 13.56
N ASP X 386 50.59 -16.54 14.83
CA ASP X 386 51.69 -15.93 15.59
C ASP X 386 52.83 -16.90 15.89
N SER X 387 52.63 -18.21 15.72
CA SER X 387 53.67 -19.18 16.04
C SER X 387 54.77 -19.24 14.99
N GLN X 388 54.61 -18.58 13.85
CA GLN X 388 55.59 -18.61 12.78
C GLN X 388 56.71 -17.60 12.97
N ASN X 389 56.67 -16.78 14.01
CA ASN X 389 57.68 -15.76 14.20
C ASN X 389 59.06 -16.35 14.49
N VAL X 390 59.11 -17.58 15.04
CA VAL X 390 60.37 -18.16 15.46
C VAL X 390 61.30 -18.44 14.27
N LEU X 391 60.76 -18.56 13.06
CA LEU X 391 61.57 -18.93 11.91
C LEU X 391 62.66 -17.92 11.59
N SER X 392 62.52 -16.68 12.06
CA SER X 392 63.47 -15.64 11.69
C SER X 392 64.87 -15.92 12.25
N LEU X 393 64.94 -16.43 13.48
CA LEU X 393 66.25 -16.62 14.12
C LEU X 393 67.09 -17.64 13.38
N PHE X 394 66.50 -18.77 12.99
CA PHE X 394 67.28 -19.90 12.50
C PHE X 394 67.77 -19.69 11.08
N ARG X 395 67.16 -18.78 10.32
CA ARG X 395 67.60 -18.51 8.95
C ARG X 395 68.70 -17.46 8.92
N THR Y 2 76.95 1.24 -21.96
CA THR Y 2 76.38 1.67 -20.69
C THR Y 2 77.11 2.89 -20.14
N SER Y 3 76.50 4.06 -20.26
CA SER Y 3 77.03 5.28 -19.71
C SER Y 3 76.50 5.45 -18.29
N ILE Y 4 77.42 5.65 -17.33
CA ILE Y 4 77.04 5.66 -15.93
C ILE Y 4 76.51 7.02 -15.48
N LEU Y 5 76.70 8.07 -16.28
CA LEU Y 5 76.27 9.40 -15.89
C LEU Y 5 74.96 9.85 -16.54
N THR Y 6 74.56 9.21 -17.64
CA THR Y 6 73.31 9.55 -18.32
C THR Y 6 72.54 8.28 -18.63
N ASN Y 7 71.21 8.40 -18.61
CA ASN Y 7 70.31 7.29 -18.93
C ASN Y 7 69.21 7.85 -19.85
N ASN Y 8 69.43 7.71 -21.16
CA ASN Y 8 68.48 8.25 -22.12
C ASN Y 8 67.12 7.56 -22.03
N SER Y 9 67.11 6.25 -21.79
CA SER Y 9 65.85 5.54 -21.61
C SER Y 9 65.09 6.08 -20.41
N ALA Y 10 65.82 6.40 -19.33
CA ALA Y 10 65.17 6.98 -18.15
C ALA Y 10 64.54 8.33 -18.48
N MET Y 11 65.24 9.17 -19.25
CA MET Y 11 64.69 10.47 -19.60
C MET Y 11 63.46 10.33 -20.51
N ALA Y 12 63.51 9.39 -21.45
CA ALA Y 12 62.33 9.15 -22.29
C ALA Y 12 61.15 8.67 -21.45
N ALA Y 13 61.40 7.78 -20.49
CA ALA Y 13 60.34 7.34 -19.60
C ALA Y 13 59.80 8.50 -18.78
N LEU Y 14 60.69 9.39 -18.33
CA LEU Y 14 60.24 10.55 -17.57
C LEU Y 14 59.34 11.44 -18.41
N SER Y 15 59.71 11.69 -19.66
CA SER Y 15 58.88 12.51 -20.54
C SER Y 15 57.52 11.87 -20.76
N GLY Y 16 57.50 10.55 -20.98
CA GLY Y 16 56.24 9.85 -21.09
C GLY Y 16 55.40 9.98 -19.83
N VAL Y 17 56.04 9.90 -18.67
CA VAL Y 17 55.31 10.02 -17.41
C VAL Y 17 54.70 11.40 -17.26
N ARG Y 18 55.44 12.45 -17.61
CA ARG Y 18 54.87 13.80 -17.52
C ARG Y 18 53.72 13.97 -18.49
N SER Y 19 53.83 13.43 -19.71
CA SER Y 19 52.73 13.53 -20.66
C SER Y 19 51.48 12.83 -20.15
N ILE Y 20 51.67 11.61 -19.60
CA ILE Y 20 50.53 10.86 -19.06
C ILE Y 20 49.93 11.60 -17.87
N SER Y 21 50.78 12.20 -17.03
CA SER Y 21 50.28 12.91 -15.86
C SER Y 21 49.45 14.13 -16.26
N SER Y 22 49.93 14.89 -17.25
CA SER Y 22 49.16 16.05 -17.71
C SER Y 22 47.83 15.62 -18.32
N SER Y 23 47.85 14.58 -19.16
CA SER Y 23 46.60 14.11 -19.75
C SER Y 23 45.66 13.59 -18.69
N MET Y 24 46.19 12.91 -17.67
CA MET Y 24 45.35 12.39 -16.59
C MET Y 24 44.75 13.51 -15.78
N GLU Y 25 45.52 14.56 -15.47
CA GLU Y 25 44.96 15.68 -14.74
C GLU Y 25 43.84 16.34 -15.54
N ASP Y 26 44.05 16.50 -16.85
CA ASP Y 26 43.00 17.06 -17.70
C ASP Y 26 41.74 16.20 -17.67
N THR Y 27 41.90 14.88 -17.82
CA THR Y 27 40.72 14.02 -17.88
C THR Y 27 40.02 13.93 -16.52
N GLN Y 28 40.78 14.04 -15.42
CA GLN Y 28 40.15 14.11 -14.10
C GLN Y 28 39.30 15.36 -13.96
N SER Y 29 39.82 16.50 -14.44
CA SER Y 29 39.00 17.71 -14.45
C SER Y 29 37.74 17.48 -15.29
N ARG Y 30 37.90 16.84 -16.45
CA ARG Y 30 36.78 16.59 -17.35
C ARG Y 30 35.71 15.72 -16.68
N ILE Y 31 36.13 14.65 -15.99
CA ILE Y 31 35.16 13.73 -15.38
C ILE Y 31 34.57 14.29 -14.10
N SER Y 32 35.28 15.22 -13.43
CA SER Y 32 34.81 15.74 -12.16
C SER Y 32 33.96 17.00 -12.30
N SER Y 33 34.04 17.71 -13.44
CA SER Y 33 33.26 18.92 -13.57
C SER Y 33 32.64 19.02 -14.96
N GLY Y 34 32.45 17.89 -15.64
CA GLY Y 34 31.90 17.89 -16.98
C GLY Y 34 32.72 18.74 -17.93
N LEU Y 35 32.10 19.75 -18.54
CA LEU Y 35 32.84 20.76 -19.32
C LEU Y 35 33.84 20.18 -20.31
N ARG Y 36 33.35 19.59 -21.40
CA ARG Y 36 34.25 19.17 -22.48
C ARG Y 36 35.17 20.33 -22.89
N VAL Y 37 34.62 21.54 -22.93
CA VAL Y 37 35.42 22.73 -23.16
C VAL Y 37 35.85 23.32 -21.82
N GLY Y 38 37.16 23.34 -21.58
CA GLY Y 38 37.70 23.87 -20.34
C GLY Y 38 37.39 25.33 -20.16
N SER Y 39 37.82 25.86 -19.01
CA SER Y 39 37.59 27.25 -18.62
C SER Y 39 37.94 28.17 -19.80
N ALA Y 40 39.22 28.29 -20.17
CA ALA Y 40 39.56 29.00 -21.39
C ALA Y 40 40.78 28.38 -22.07
N SER Y 41 41.29 27.28 -21.53
CA SER Y 41 42.49 26.65 -22.06
C SER Y 41 42.21 25.75 -23.25
N ASP Y 42 40.94 25.46 -23.52
CA ASP Y 42 40.53 24.77 -24.72
C ASP Y 42 40.20 25.79 -25.80
N ASN Y 43 39.51 25.36 -26.86
CA ASN Y 43 39.18 26.24 -27.96
C ASN Y 43 38.35 27.45 -27.54
N ALA Y 44 38.98 28.62 -27.60
CA ALA Y 44 38.44 29.82 -26.97
C ALA Y 44 37.12 30.26 -27.60
N ALA Y 45 37.00 30.14 -28.92
CA ALA Y 45 35.82 30.65 -29.62
C ALA Y 45 34.54 30.00 -29.11
N TYR Y 46 34.56 28.68 -28.97
CA TYR Y 46 33.35 27.98 -28.51
C TYR Y 46 33.03 28.34 -27.07
N TRP Y 47 34.06 28.51 -26.23
CA TRP Y 47 33.82 28.96 -24.86
C TRP Y 47 33.20 30.34 -24.84
N SER Y 48 33.68 31.24 -25.69
CA SER Y 48 33.10 32.58 -25.77
C SER Y 48 31.64 32.53 -26.20
N ILE Y 49 31.33 31.69 -27.20
CA ILE Y 49 29.94 31.53 -27.63
C ILE Y 49 29.10 31.00 -26.48
N ALA Y 50 29.61 30.02 -25.75
CA ALA Y 50 28.88 29.47 -24.62
C ALA Y 50 28.62 30.52 -23.55
N THR Y 51 29.63 31.34 -23.24
CA THR Y 51 29.46 32.39 -22.24
C THR Y 51 28.42 33.41 -22.68
N THR Y 52 28.47 33.80 -23.96
CA THR Y 52 27.47 34.74 -24.47
C THR Y 52 26.07 34.15 -24.37
N MET Y 53 25.92 32.86 -24.70
CA MET Y 53 24.60 32.24 -24.59
C MET Y 53 24.15 32.09 -23.15
N ARG Y 54 25.07 31.85 -22.21
CA ARG Y 54 24.69 31.84 -20.80
C ARG Y 54 24.19 33.19 -20.33
N SER Y 55 24.88 34.26 -20.75
CA SER Y 55 24.42 35.61 -20.42
C SER Y 55 23.05 35.87 -21.03
N ASP Y 56 22.85 35.45 -22.27
CA ASP Y 56 21.54 35.61 -22.91
C ASP Y 56 20.46 34.82 -22.17
N ASN Y 57 20.81 33.62 -21.69
CA ASN Y 57 19.85 32.82 -20.93
C ASN Y 57 19.46 33.53 -19.63
N GLN Y 58 20.44 34.13 -18.95
CA GLN Y 58 20.13 34.90 -17.75
C GLN Y 58 19.21 36.07 -18.08
N ALA Y 59 19.50 36.77 -19.19
CA ALA Y 59 18.63 37.86 -19.60
C ALA Y 59 17.22 37.37 -19.90
N LEU Y 60 17.10 36.20 -20.54
CA LEU Y 60 15.79 35.66 -20.87
C LEU Y 60 15.03 35.25 -19.62
N SER Y 61 15.75 34.76 -18.59
CA SER Y 61 15.09 34.47 -17.32
C SER Y 61 14.57 35.75 -16.67
N ALA Y 62 15.35 36.83 -16.72
CA ALA Y 62 14.87 38.10 -16.22
C ALA Y 62 13.64 38.57 -17.00
N VAL Y 63 13.64 38.37 -18.31
CA VAL Y 63 12.48 38.70 -19.13
C VAL Y 63 11.28 37.86 -18.73
N GLN Y 64 11.50 36.59 -18.38
CA GLN Y 64 10.41 35.75 -17.91
C GLN Y 64 9.81 36.29 -16.63
N ASP Y 65 10.65 36.71 -15.69
CA ASP Y 65 10.14 37.30 -14.45
C ASP Y 65 9.34 38.57 -14.74
N ALA Y 66 9.86 39.43 -15.63
CA ALA Y 66 9.13 40.64 -15.99
C ALA Y 66 7.81 40.31 -16.67
N LEU Y 67 7.79 39.26 -17.50
CA LEU Y 67 6.56 38.85 -18.16
C LEU Y 67 5.53 38.38 -17.14
N GLY Y 68 5.97 37.63 -16.13
CA GLY Y 68 5.05 37.23 -15.07
C GLY Y 68 4.48 38.42 -14.33
N LEU Y 69 5.33 39.39 -14.00
CA LEU Y 69 4.84 40.59 -13.31
C LEU Y 69 3.83 41.34 -14.17
N GLY Y 70 4.13 41.50 -15.46
CA GLY Y 70 3.22 42.19 -16.35
C GLY Y 70 1.90 41.44 -16.51
N ALA Y 71 1.97 40.11 -16.57
CA ALA Y 71 0.75 39.32 -16.65
C ALA Y 71 -0.12 39.50 -15.41
N ALA Y 72 0.50 39.54 -14.23
CA ALA Y 72 -0.26 39.81 -13.02
C ALA Y 72 -0.92 41.18 -13.07
N LYS Y 73 -0.16 42.19 -13.52
CA LYS Y 73 -0.72 43.54 -13.63
C LYS Y 73 -1.91 43.57 -14.58
N VAL Y 74 -1.77 42.93 -15.74
CA VAL Y 74 -2.85 42.94 -16.73
C VAL Y 74 -4.06 42.17 -16.20
N ASP Y 75 -3.84 41.08 -15.48
CA ASP Y 75 -4.96 40.34 -14.90
C ASP Y 75 -5.73 41.19 -13.91
N THR Y 76 -5.00 41.91 -13.03
CA THR Y 76 -5.69 42.78 -12.09
C THR Y 76 -6.47 43.89 -12.80
N ALA Y 77 -5.84 44.49 -13.82
CA ALA Y 77 -6.52 45.54 -14.58
C ALA Y 77 -7.77 45.00 -15.26
N TYR Y 78 -7.70 43.79 -15.81
CA TYR Y 78 -8.85 43.21 -16.49
C TYR Y 78 -9.97 42.89 -15.52
N SER Y 79 -9.62 42.41 -14.32
CA SER Y 79 -10.65 42.17 -13.30
C SER Y 79 -11.36 43.47 -12.93
N GLY Y 80 -10.59 44.53 -12.71
CA GLY Y 80 -11.19 45.83 -12.45
C GLY Y 80 -12.06 46.30 -13.60
N MET Y 81 -11.60 46.06 -14.83
CA MET Y 81 -12.36 46.45 -16.02
C MET Y 81 -13.70 45.74 -16.07
N GLU Y 82 -13.71 44.43 -15.80
CA GLU Y 82 -14.94 43.66 -15.80
C GLU Y 82 -15.90 44.15 -14.72
N SER Y 83 -15.37 44.44 -13.53
CA SER Y 83 -16.21 44.97 -12.46
C SER Y 83 -16.85 46.30 -12.87
N ALA Y 84 -16.05 47.19 -13.48
CA ALA Y 84 -16.58 48.47 -13.92
C ALA Y 84 -17.65 48.29 -15.00
N ILE Y 85 -17.42 47.35 -15.92
CA ILE Y 85 -18.41 47.10 -16.97
C ILE Y 85 -19.71 46.61 -16.37
N GLU Y 86 -19.64 45.69 -15.41
CA GLU Y 86 -20.86 45.20 -14.78
C GLU Y 86 -21.60 46.32 -14.06
N VAL Y 87 -20.87 47.18 -13.34
CA VAL Y 87 -21.51 48.27 -12.62
C VAL Y 87 -22.18 49.22 -13.59
N VAL Y 88 -21.51 49.56 -14.69
CA VAL Y 88 -22.09 50.50 -15.65
C VAL Y 88 -23.29 49.88 -16.37
N LYS Y 89 -23.25 48.57 -16.62
CA LYS Y 89 -24.42 47.89 -17.17
C LYS Y 89 -25.60 47.99 -16.22
N GLU Y 90 -25.35 47.82 -14.92
CA GLU Y 90 -26.41 47.99 -13.94
C GLU Y 90 -26.94 49.42 -13.95
N ILE Y 91 -26.04 50.41 -14.09
CA ILE Y 91 -26.46 51.80 -14.15
C ILE Y 91 -27.37 52.04 -15.34
N LYS Y 92 -26.97 51.51 -16.51
CA LYS Y 92 -27.78 51.69 -17.72
C LYS Y 92 -29.15 51.03 -17.57
N ALA Y 93 -29.18 49.84 -16.98
CA ALA Y 93 -30.46 49.16 -16.75
C ALA Y 93 -31.35 49.99 -15.83
N LYS Y 94 -30.76 50.53 -14.76
CA LYS Y 94 -31.54 51.37 -13.83
C LYS Y 94 -32.09 52.60 -14.53
N LEU Y 95 -31.27 53.25 -15.36
CA LEU Y 95 -31.70 54.47 -16.03
C LEU Y 95 -32.79 54.19 -17.05
N VAL Y 96 -32.65 53.10 -17.83
CA VAL Y 96 -33.68 52.79 -18.82
C VAL Y 96 -34.95 52.32 -18.13
N ALA Y 97 -34.85 51.78 -16.92
CA ALA Y 97 -36.04 51.54 -16.13
C ALA Y 97 -36.67 52.85 -15.67
N ALA Y 98 -35.84 53.83 -15.31
CA ALA Y 98 -36.31 55.10 -14.79
C ALA Y 98 -36.78 56.06 -15.86
N THR Y 99 -36.60 55.75 -17.15
CA THR Y 99 -37.07 56.65 -18.20
C THR Y 99 -38.58 56.87 -18.12
N GLU Y 100 -39.31 55.94 -17.50
CA GLU Y 100 -40.73 56.14 -17.28
C GLU Y 100 -41.00 57.32 -16.37
N ASP Y 101 -42.05 58.08 -16.68
CA ASP Y 101 -42.40 59.25 -15.88
C ASP Y 101 -43.14 58.88 -14.60
N GLY Y 102 -43.65 57.66 -14.48
CA GLY Y 102 -44.36 57.23 -13.30
C GLY Y 102 -43.49 56.77 -12.16
N VAL Y 103 -42.17 56.84 -12.31
CA VAL Y 103 -41.22 56.38 -11.31
C VAL Y 103 -40.54 57.58 -10.69
N ASP Y 104 -40.56 57.68 -9.36
CA ASP Y 104 -39.86 58.76 -8.69
C ASP Y 104 -38.37 58.67 -8.96
N LYS Y 105 -37.78 59.79 -9.35
CA LYS Y 105 -36.40 59.82 -9.81
C LYS Y 105 -35.39 60.04 -8.69
N ALA Y 106 -35.83 60.38 -7.47
CA ALA Y 106 -34.89 60.56 -6.37
C ALA Y 106 -34.22 59.25 -5.99
N LYS Y 107 -35.00 58.16 -5.94
CA LYS Y 107 -34.43 56.86 -5.60
C LYS Y 107 -33.42 56.43 -6.66
N ILE Y 108 -33.76 56.61 -7.93
CA ILE Y 108 -32.85 56.26 -9.00
C ILE Y 108 -31.59 57.10 -8.94
N GLN Y 109 -31.74 58.39 -8.63
CA GLN Y 109 -30.57 59.27 -8.50
C GLN Y 109 -29.67 58.79 -7.37
N GLU Y 110 -30.25 58.36 -6.25
CA GLU Y 110 -29.44 57.82 -5.16
C GLU Y 110 -28.73 56.55 -5.58
N GLU Y 111 -29.40 55.67 -6.32
CA GLU Y 111 -28.74 54.46 -6.81
C GLU Y 111 -27.57 54.81 -7.73
N ILE Y 112 -27.76 55.78 -8.62
CA ILE Y 112 -26.68 56.15 -9.54
C ILE Y 112 -25.54 56.78 -8.76
N THR Y 113 -25.83 57.55 -7.71
CA THR Y 113 -24.77 58.10 -6.88
C THR Y 113 -23.97 57.00 -6.21
N GLN Y 114 -24.66 56.00 -5.65
CA GLN Y 114 -23.96 54.88 -5.03
C GLN Y 114 -23.11 54.12 -6.05
N LEU Y 115 -23.66 53.89 -7.24
CA LEU Y 115 -22.91 53.15 -8.26
C LEU Y 115 -21.73 53.95 -8.78
N LYS Y 116 -21.85 55.28 -8.85
CA LYS Y 116 -20.73 56.11 -9.25
C LYS Y 116 -19.63 56.08 -8.19
N ASP Y 117 -20.01 56.10 -6.91
CA ASP Y 117 -19.02 55.95 -5.85
C ASP Y 117 -18.33 54.59 -5.96
N GLN Y 118 -19.10 53.54 -6.26
CA GLN Y 118 -18.52 52.21 -6.45
C GLN Y 118 -17.55 52.21 -7.63
N LEU Y 119 -17.91 52.87 -8.73
CA LEU Y 119 -17.03 52.95 -9.89
C LEU Y 119 -15.73 53.66 -9.54
N THR Y 120 -15.82 54.77 -8.79
CA THR Y 120 -14.63 55.50 -8.39
C THR Y 120 -13.74 54.63 -7.49
N SER Y 121 -14.34 53.91 -6.54
CA SER Y 121 -13.57 53.04 -5.67
C SER Y 121 -12.89 51.93 -6.45
N ILE Y 122 -13.60 51.34 -7.41
CA ILE Y 122 -13.00 50.29 -8.23
C ILE Y 122 -11.85 50.84 -9.05
N ALA Y 123 -12.03 52.03 -9.63
CA ALA Y 123 -10.99 52.62 -10.46
C ALA Y 123 -9.74 52.93 -9.64
N ASP Y 124 -9.91 53.50 -8.44
CA ASP Y 124 -8.74 53.87 -7.65
C ASP Y 124 -8.14 52.69 -6.87
N ALA Y 125 -8.87 51.59 -6.71
CA ALA Y 125 -8.39 50.47 -5.91
C ALA Y 125 -7.73 49.38 -6.74
N ALA Y 126 -8.08 49.27 -8.03
CA ALA Y 126 -7.53 48.21 -8.88
C ALA Y 126 -6.10 48.57 -9.28
N SER Y 127 -5.22 48.55 -8.28
CA SER Y 127 -3.81 48.86 -8.47
C SER Y 127 -2.98 47.70 -7.94
N PHE Y 128 -2.13 47.13 -8.79
CA PHE Y 128 -1.30 46.01 -8.36
C PHE Y 128 -0.06 46.51 -7.62
N SER Y 129 0.82 47.22 -8.31
CA SER Y 129 2.07 47.71 -7.75
C SER Y 129 2.24 49.20 -8.03
N GLY Y 130 1.19 49.95 -7.78
CA GLY Y 130 1.19 51.38 -8.11
C GLY Y 130 0.80 51.65 -9.54
N GLU Y 131 1.42 50.94 -10.48
CA GLU Y 131 1.06 51.04 -11.88
C GLU Y 131 -0.24 50.29 -12.14
N ASN Y 132 -1.37 51.00 -12.08
CA ASN Y 132 -2.68 50.38 -12.17
C ASN Y 132 -3.26 50.36 -13.57
N TRP Y 133 -2.63 51.04 -14.53
CA TRP Y 133 -3.12 51.12 -15.91
C TRP Y 133 -4.50 51.76 -15.99
N LEU Y 134 -4.93 52.43 -14.92
CA LEU Y 134 -6.21 53.10 -14.86
C LEU Y 134 -6.06 54.40 -14.09
N GLN Y 135 -6.97 55.32 -14.33
CA GLN Y 135 -6.94 56.65 -13.69
C GLN Y 135 -5.59 57.32 -13.93
N ALA Y 136 -5.20 57.40 -15.19
CA ALA Y 136 -3.91 57.96 -15.55
C ALA Y 136 -3.99 59.48 -15.64
N ASP Y 137 -2.87 60.10 -15.99
CA ASP Y 137 -2.79 61.54 -16.16
C ASP Y 137 -2.83 61.84 -17.65
N LEU Y 138 -3.94 62.42 -18.12
CA LEU Y 138 -4.13 62.73 -19.52
C LEU Y 138 -3.83 64.19 -19.85
N SER Y 139 -3.22 64.93 -18.92
CA SER Y 139 -2.84 66.31 -19.20
C SER Y 139 -1.80 66.36 -20.32
N GLY Y 140 -0.83 65.43 -20.31
CA GLY Y 140 0.14 65.37 -21.38
C GLY Y 140 -0.48 65.03 -22.72
N GLY Y 141 -1.51 64.19 -22.72
CA GLY Y 141 -2.21 63.84 -23.95
C GLY Y 141 -2.27 62.35 -24.20
N ALA Y 142 -1.20 61.63 -23.88
CA ALA Y 142 -1.16 60.19 -24.09
C ALA Y 142 -0.02 59.60 -23.27
N VAL Y 143 -0.31 58.54 -22.53
CA VAL Y 143 0.69 57.81 -21.76
C VAL Y 143 0.65 56.35 -22.19
N THR Y 144 1.82 55.76 -22.37
CA THR Y 144 1.94 54.39 -22.87
C THR Y 144 2.65 53.54 -21.84
N LYS Y 145 1.97 52.50 -21.36
CA LYS Y 145 2.56 51.52 -20.47
C LYS Y 145 3.14 50.37 -21.28
N SER Y 146 4.28 49.86 -20.82
CA SER Y 146 5.01 48.83 -21.55
C SER Y 146 5.24 47.62 -20.67
N VAL Y 147 5.16 46.44 -21.27
CA VAL Y 147 5.46 45.17 -20.62
C VAL Y 147 6.61 44.52 -21.36
N VAL Y 148 7.64 44.11 -20.61
CA VAL Y 148 8.83 43.53 -21.23
C VAL Y 148 8.46 42.23 -21.92
N GLY Y 149 8.65 42.18 -23.23
CA GLY Y 149 8.27 41.00 -23.99
C GLY Y 149 9.39 40.00 -24.19
N SER Y 150 10.53 40.45 -24.73
CA SER Y 150 11.63 39.54 -25.04
C SER Y 150 12.93 40.33 -25.08
N PHE Y 151 14.03 39.59 -24.98
CA PHE Y 151 15.37 40.14 -25.12
C PHE Y 151 15.96 39.61 -26.42
N VAL Y 152 16.32 40.52 -27.32
CA VAL Y 152 16.74 40.18 -28.68
C VAL Y 152 18.16 40.67 -28.90
N ARG Y 153 19.02 39.79 -29.38
CA ARG Y 153 20.39 40.13 -29.76
C ARG Y 153 20.42 40.26 -31.28
N ASP Y 154 20.57 41.49 -31.78
CA ASP Y 154 20.61 41.73 -33.20
C ASP Y 154 21.85 41.08 -33.82
N GLY Y 155 21.71 40.65 -35.08
CA GLY Y 155 22.82 40.00 -35.76
C GLY Y 155 24.04 40.88 -35.90
N SER Y 156 23.85 42.19 -36.06
CA SER Y 156 24.97 43.11 -36.24
C SER Y 156 25.56 43.56 -34.90
N GLY Y 157 25.87 42.60 -34.04
CA GLY Y 157 26.57 42.85 -32.79
C GLY Y 157 25.92 43.87 -31.88
N SER Y 158 24.61 43.75 -31.65
CA SER Y 158 23.91 44.67 -30.77
C SER Y 158 22.73 43.96 -30.14
N VAL Y 159 22.27 44.49 -29.00
CA VAL Y 159 21.16 43.91 -28.27
C VAL Y 159 20.17 45.02 -27.90
N ALA Y 160 18.95 44.59 -27.60
CA ALA Y 160 17.90 45.50 -27.17
C ALA Y 160 16.84 44.67 -26.46
N VAL Y 161 15.89 45.38 -25.84
CA VAL Y 161 14.78 44.75 -25.14
C VAL Y 161 13.48 45.20 -25.80
N LYS Y 162 12.60 44.25 -26.08
CA LYS Y 162 11.32 44.52 -26.73
C LYS Y 162 10.23 44.64 -25.68
N LYS Y 163 9.23 45.47 -25.98
CA LYS Y 163 8.15 45.74 -25.06
C LYS Y 163 6.81 45.68 -25.78
N VAL Y 164 5.77 45.41 -25.02
CA VAL Y 164 4.39 45.41 -25.51
C VAL Y 164 3.71 46.67 -25.00
N ASP Y 165 3.20 47.48 -25.91
CA ASP Y 165 2.70 48.81 -25.59
C ASP Y 165 1.18 48.80 -25.46
N TYR Y 166 0.68 49.38 -24.37
CA TYR Y 166 -0.74 49.57 -24.17
C TYR Y 166 -0.99 51.06 -24.01
N SER Y 167 -1.82 51.63 -24.87
CA SER Y 167 -2.03 53.07 -24.94
C SER Y 167 -3.19 53.46 -24.03
N LEU Y 168 -2.91 54.36 -23.08
CA LEU Y 168 -3.94 54.88 -22.18
C LEU Y 168 -4.39 56.24 -22.72
N ASN Y 169 -5.19 56.19 -23.77
CA ASN Y 169 -5.70 57.39 -24.41
C ASN Y 169 -6.99 57.84 -23.71
N ALA Y 170 -7.72 58.74 -24.34
CA ALA Y 170 -8.98 59.25 -23.80
C ALA Y 170 -10.14 58.27 -23.99
N ASN Y 171 -9.86 57.02 -24.37
CA ASN Y 171 -10.89 56.03 -24.57
C ASN Y 171 -10.88 54.91 -23.53
N SER Y 172 -9.76 54.68 -22.86
CA SER Y 172 -9.63 53.62 -21.86
C SER Y 172 -8.90 54.13 -20.63
N VAL Y 173 -9.29 55.32 -20.17
CA VAL Y 173 -8.57 55.97 -19.07
C VAL Y 173 -9.28 55.70 -17.75
N LEU Y 174 -10.61 55.60 -17.78
CA LEU Y 174 -11.36 55.28 -16.57
C LEU Y 174 -11.13 56.28 -15.45
N PHE Y 175 -11.73 57.48 -15.56
CA PHE Y 175 -11.59 58.55 -14.57
C PHE Y 175 -10.20 59.15 -14.52
N ASP Y 176 -9.78 59.80 -15.61
CA ASP Y 176 -8.60 60.66 -15.60
C ASP Y 176 -8.59 61.55 -14.36
N THR Y 177 -7.44 61.58 -13.69
CA THR Y 177 -7.35 62.17 -12.36
C THR Y 177 -7.11 63.67 -12.34
N VAL Y 178 -6.77 64.29 -13.48
CA VAL Y 178 -6.39 65.70 -13.46
C VAL Y 178 -7.40 66.56 -14.19
N GLY Y 179 -7.55 66.32 -15.50
CA GLY Y 179 -8.42 67.16 -16.31
C GLY Y 179 -9.84 66.68 -16.46
N ASP Y 180 -10.15 65.48 -15.98
CA ASP Y 180 -11.47 64.86 -16.16
C ASP Y 180 -11.85 64.80 -17.63
N THR Y 181 -10.85 64.66 -18.49
CA THR Y 181 -11.04 64.48 -19.92
C THR Y 181 -10.59 63.07 -20.29
N GLY Y 182 -11.54 62.27 -20.77
CA GLY Y 182 -11.27 60.88 -21.07
C GLY Y 182 -12.55 60.14 -21.40
N ILE Y 183 -12.76 58.98 -20.77
CA ILE Y 183 -14.05 58.30 -20.88
C ILE Y 183 -15.17 59.20 -20.41
N LEU Y 184 -14.94 59.96 -19.35
CA LEU Y 184 -15.91 60.94 -18.88
C LEU Y 184 -15.93 62.16 -19.80
N ASP Y 185 -17.07 62.84 -19.81
CA ASP Y 185 -17.23 64.16 -20.43
C ASP Y 185 -17.22 64.07 -21.96
N LYS Y 186 -16.91 62.89 -22.50
CA LYS Y 186 -16.96 62.67 -23.94
C LYS Y 186 -18.29 62.02 -24.29
N VAL Y 187 -18.89 62.48 -25.39
CA VAL Y 187 -20.19 61.94 -25.78
C VAL Y 187 -20.04 60.95 -26.93
N TYR Y 188 -19.47 61.39 -28.06
CA TYR Y 188 -19.37 60.57 -29.27
C TYR Y 188 -20.71 59.90 -29.60
N ASN Y 189 -21.80 60.59 -29.30
CA ASN Y 189 -23.12 59.98 -29.40
C ASN Y 189 -23.47 59.71 -30.86
N VAL Y 190 -24.17 58.59 -31.08
CA VAL Y 190 -24.50 58.16 -32.43
C VAL Y 190 -25.50 59.11 -33.08
N SER Y 191 -26.44 59.65 -32.30
CA SER Y 191 -27.49 60.49 -32.84
C SER Y 191 -27.90 61.52 -31.80
N GLN Y 192 -29.06 62.15 -32.03
CA GLN Y 192 -29.60 63.17 -31.16
C GLN Y 192 -31.06 62.84 -30.87
N ALA Y 193 -31.59 63.41 -29.80
CA ALA Y 193 -32.99 63.21 -29.45
C ALA Y 193 -33.89 63.69 -30.58
N SER Y 194 -34.86 62.85 -30.95
CA SER Y 194 -35.72 63.12 -32.10
C SER Y 194 -37.18 62.95 -31.70
N VAL Y 195 -38.04 63.68 -32.41
CA VAL Y 195 -39.49 63.60 -32.21
C VAL Y 195 -40.17 63.61 -33.57
N THR Y 196 -41.16 62.76 -33.73
CA THR Y 196 -41.93 62.67 -34.97
C THR Y 196 -43.21 63.49 -34.81
N LEU Y 197 -43.42 64.44 -35.73
CA LEU Y 197 -44.53 65.38 -35.64
C LEU Y 197 -45.53 65.13 -36.75
N THR Y 198 -46.75 65.61 -36.53
CA THR Y 198 -47.83 65.56 -37.52
C THR Y 198 -48.05 67.00 -37.98
N VAL Y 199 -47.29 67.40 -38.99
CA VAL Y 199 -47.34 68.76 -39.53
C VAL Y 199 -47.72 68.67 -41.00
N ASN Y 200 -48.74 69.42 -41.39
CA ASN Y 200 -49.23 69.42 -42.76
C ASN Y 200 -48.73 70.69 -43.45
N THR Y 201 -47.81 70.52 -44.41
CA THR Y 201 -47.37 71.66 -45.21
C THR Y 201 -48.51 72.22 -46.03
N ASN Y 202 -49.36 71.35 -46.57
CA ASN Y 202 -50.52 71.76 -47.34
C ASN Y 202 -51.77 71.11 -46.76
N GLY Y 203 -52.87 71.16 -47.50
CA GLY Y 203 -54.13 70.60 -47.03
C GLY Y 203 -54.07 69.14 -46.64
N VAL Y 204 -53.06 68.42 -47.13
CA VAL Y 204 -52.87 67.01 -46.80
C VAL Y 204 -51.85 66.89 -45.68
N GLU Y 205 -52.12 66.00 -44.74
CA GLU Y 205 -51.24 65.79 -43.60
C GLU Y 205 -50.02 64.96 -44.00
N SER Y 206 -48.97 65.06 -43.19
CA SER Y 206 -47.73 64.34 -43.46
C SER Y 206 -46.99 64.13 -42.15
N GLN Y 207 -46.05 63.19 -42.18
CA GLN Y 207 -45.22 62.86 -41.03
C GLN Y 207 -43.80 63.38 -41.27
N HIS Y 208 -43.26 64.08 -40.26
CA HIS Y 208 -41.92 64.64 -40.36
C HIS Y 208 -41.13 64.32 -39.10
N THR Y 209 -39.82 64.20 -39.26
CA THR Y 209 -38.91 63.92 -38.16
C THR Y 209 -37.99 65.12 -37.96
N VAL Y 210 -37.96 65.64 -36.74
CA VAL Y 210 -37.15 66.80 -36.40
C VAL Y 210 -36.50 66.56 -35.04
N ALA Y 211 -35.26 67.01 -34.89
CA ALA Y 211 -34.55 66.84 -33.62
C ALA Y 211 -35.23 67.65 -32.52
N ALA Y 212 -35.22 67.10 -31.31
CA ALA Y 212 -35.84 67.73 -30.16
C ALA Y 212 -34.76 68.27 -29.21
N TYR Y 213 -35.05 69.42 -28.62
CA TYR Y 213 -34.12 70.09 -27.72
C TYR Y 213 -34.75 70.19 -26.34
N SER Y 214 -33.98 69.80 -25.32
CA SER Y 214 -34.46 69.85 -23.95
C SER Y 214 -34.64 71.30 -23.49
N LEU Y 215 -35.67 71.53 -22.69
CA LEU Y 215 -35.92 72.86 -22.17
C LEU Y 215 -34.79 73.35 -21.27
N GLU Y 216 -34.15 72.43 -20.53
CA GLU Y 216 -33.05 72.82 -19.66
C GLU Y 216 -31.87 73.36 -20.47
N SER Y 217 -31.59 72.75 -21.62
CA SER Y 217 -30.50 73.23 -22.46
C SER Y 217 -30.76 74.65 -22.94
N LEU Y 218 -32.00 74.94 -23.32
CA LEU Y 218 -32.35 76.30 -23.76
C LEU Y 218 -32.26 77.29 -22.60
N THR Y 219 -32.87 76.95 -21.46
CA THR Y 219 -32.90 77.89 -20.34
C THR Y 219 -31.53 78.09 -19.70
N GLU Y 220 -30.60 77.16 -19.91
CA GLU Y 220 -29.27 77.31 -19.32
C GLU Y 220 -28.48 78.40 -20.01
N ALA Y 221 -28.65 78.56 -21.32
CA ALA Y 221 -27.88 79.52 -22.11
C ALA Y 221 -28.52 80.89 -22.16
N GLY Y 222 -29.40 81.21 -21.22
CA GLY Y 222 -30.01 82.53 -21.19
C GLY Y 222 -30.98 82.76 -22.32
N ALA Y 223 -32.10 82.04 -22.31
CA ALA Y 223 -33.09 82.10 -23.37
C ALA Y 223 -34.31 82.89 -22.91
N GLU Y 224 -34.70 83.87 -23.71
CA GLU Y 224 -35.95 84.57 -23.48
C GLU Y 224 -37.13 83.68 -23.87
N PHE Y 225 -38.22 83.81 -23.12
CA PHE Y 225 -39.41 82.99 -23.34
C PHE Y 225 -40.66 83.85 -23.40
N GLN Y 226 -41.62 83.40 -24.19
CA GLN Y 226 -42.93 84.05 -24.25
C GLN Y 226 -43.93 83.02 -24.75
N GLY Y 227 -44.82 82.57 -23.87
CA GLY Y 227 -45.77 81.53 -24.23
C GLY Y 227 -45.09 80.23 -24.61
N ASN Y 228 -45.11 79.91 -25.89
CA ASN Y 228 -44.45 78.72 -26.43
C ASN Y 228 -43.34 79.10 -27.40
N TYR Y 229 -42.56 80.12 -27.03
CA TYR Y 229 -41.47 80.62 -27.87
C TYR Y 229 -40.19 80.70 -27.07
N ALA Y 230 -39.07 80.38 -27.71
CA ALA Y 230 -37.74 80.51 -27.12
C ALA Y 230 -36.84 81.26 -28.09
N LEU Y 231 -36.04 82.17 -27.55
CA LEU Y 231 -35.13 83.01 -28.34
C LEU Y 231 -33.75 83.03 -27.68
N GLN Y 232 -33.20 81.83 -27.46
CA GLN Y 232 -31.89 81.69 -26.83
C GLN Y 232 -30.85 82.58 -27.49
N GLY Y 233 -30.66 82.41 -28.79
CA GLY Y 233 -29.75 83.26 -29.53
C GLY Y 233 -30.33 83.68 -30.87
N GLY Y 234 -29.54 83.57 -31.94
CA GLY Y 234 -30.09 83.77 -33.27
C GLY Y 234 -31.16 82.75 -33.61
N ASN Y 235 -30.98 81.51 -33.16
CA ASN Y 235 -31.97 80.47 -33.40
C ASN Y 235 -33.24 80.73 -32.60
N SER Y 236 -34.36 80.29 -33.15
CA SER Y 236 -35.67 80.44 -32.52
C SER Y 236 -36.29 79.06 -32.34
N TYR Y 237 -36.76 78.79 -31.13
CA TYR Y 237 -37.38 77.52 -30.80
C TYR Y 237 -38.81 77.72 -30.36
N VAL Y 238 -39.68 76.78 -30.72
CA VAL Y 238 -41.07 76.79 -30.34
C VAL Y 238 -41.44 75.42 -29.78
N LYS Y 239 -42.51 75.40 -28.98
CA LYS Y 239 -43.02 74.17 -28.38
C LYS Y 239 -44.25 73.73 -29.18
N VAL Y 240 -44.22 72.49 -29.67
CA VAL Y 240 -45.32 71.99 -30.49
C VAL Y 240 -46.35 71.26 -29.65
N GLU Y 241 -45.96 70.20 -28.94
CA GLU Y 241 -46.83 69.61 -27.91
C GLU Y 241 -46.15 69.59 -26.54
N ASN Y 242 -44.96 69.01 -26.43
CA ASN Y 242 -44.22 69.00 -25.17
C ASN Y 242 -42.73 69.25 -25.31
N VAL Y 243 -42.16 69.18 -26.51
CA VAL Y 243 -40.73 69.32 -26.73
C VAL Y 243 -40.47 70.57 -27.55
N TRP Y 244 -39.32 71.19 -27.32
CA TRP Y 244 -38.93 72.39 -28.04
C TRP Y 244 -38.13 72.00 -29.27
N VAL Y 245 -38.53 72.53 -30.43
CA VAL Y 245 -37.87 72.24 -31.70
C VAL Y 245 -37.55 73.56 -32.39
N ARG Y 246 -36.55 73.50 -33.27
CA ARG Y 246 -36.13 74.68 -33.99
C ARG Y 246 -37.23 75.17 -34.93
N ALA Y 247 -37.45 76.48 -34.96
CA ALA Y 247 -38.48 77.08 -35.79
C ALA Y 247 -37.86 78.10 -36.73
N GLU Y 248 -38.69 78.63 -37.61
CA GLU Y 248 -38.24 79.64 -38.57
C GLU Y 248 -39.37 80.63 -38.80
N THR Y 249 -39.01 81.78 -39.36
CA THR Y 249 -39.97 82.84 -39.59
C THR Y 249 -40.97 82.46 -40.68
N ALA Y 250 -42.03 83.25 -40.78
CA ALA Y 250 -43.01 83.04 -41.82
C ALA Y 250 -42.44 83.43 -43.18
N ALA Y 251 -43.16 83.05 -44.24
CA ALA Y 251 -42.78 83.32 -45.62
C ALA Y 251 -41.43 82.71 -45.97
N THR Y 252 -41.01 81.67 -45.24
CA THR Y 252 -39.79 80.94 -45.55
C THR Y 252 -40.01 79.50 -45.95
N GLY Y 253 -41.15 78.91 -45.60
CA GLY Y 253 -41.50 77.59 -46.08
C GLY Y 253 -42.15 77.65 -47.45
N ALA Y 254 -42.94 78.70 -47.66
CA ALA Y 254 -43.61 78.97 -48.94
C ALA Y 254 -44.51 77.82 -49.38
N THR Y 255 -45.10 77.11 -48.42
CA THR Y 255 -46.02 76.03 -48.72
C THR Y 255 -47.36 76.16 -48.01
N GLY Y 256 -47.56 77.19 -47.20
CA GLY Y 256 -48.75 77.25 -46.39
C GLY Y 256 -48.75 76.33 -45.19
N GLN Y 257 -47.57 76.06 -44.64
CA GLN Y 257 -47.44 75.12 -43.53
C GLN Y 257 -48.19 75.63 -42.31
N GLU Y 258 -48.69 74.70 -41.51
CA GLU Y 258 -49.44 75.04 -40.31
C GLU Y 258 -48.61 75.92 -39.38
N ILE Y 259 -49.21 77.01 -38.92
CA ILE Y 259 -48.49 77.99 -38.12
C ILE Y 259 -48.23 77.42 -36.72
N ALA Y 260 -46.98 77.52 -36.27
CA ALA Y 260 -46.64 77.03 -34.94
C ALA Y 260 -47.10 77.99 -33.85
N ALA Y 261 -46.63 79.22 -33.88
CA ALA Y 261 -47.01 80.21 -32.88
C ALA Y 261 -46.76 81.60 -33.43
N THR Y 262 -47.44 82.58 -32.82
CA THR Y 262 -47.29 83.99 -33.17
C THR Y 262 -46.88 84.77 -31.93
N THR Y 263 -45.93 85.68 -32.11
CA THR Y 263 -45.37 86.45 -31.00
C THR Y 263 -45.54 87.94 -31.28
N THR Y 264 -45.20 88.75 -30.27
CA THR Y 264 -45.25 90.20 -30.38
C THR Y 264 -43.91 90.78 -29.99
N ALA Y 265 -43.83 92.11 -29.83
CA ALA Y 265 -42.57 92.77 -29.50
C ALA Y 265 -42.02 92.26 -28.18
N ALA Y 266 -42.70 92.56 -27.08
CA ALA Y 266 -42.37 92.05 -25.75
C ALA Y 266 -40.88 92.20 -25.45
N GLY Y 267 -40.34 93.36 -25.80
CA GLY Y 267 -38.93 93.62 -25.57
C GLY Y 267 -38.07 93.38 -26.80
N THR Y 268 -37.22 92.35 -26.76
CA THR Y 268 -36.30 92.04 -27.85
C THR Y 268 -36.75 90.83 -28.66
N ILE Y 269 -38.05 90.68 -28.86
CA ILE Y 269 -38.60 89.56 -29.63
C ILE Y 269 -39.31 90.14 -30.86
N THR Y 270 -38.89 89.70 -32.04
CA THR Y 270 -39.51 90.18 -33.27
C THR Y 270 -40.92 89.62 -33.40
N ALA Y 271 -41.85 90.47 -33.83
CA ALA Y 271 -43.24 90.06 -34.00
C ALA Y 271 -43.38 89.37 -35.35
N ASP Y 272 -43.63 88.06 -35.33
CA ASP Y 272 -43.75 87.28 -36.54
C ASP Y 272 -44.57 86.03 -36.25
N SER Y 273 -45.04 85.41 -37.33
CA SER Y 273 -45.80 84.16 -37.25
C SER Y 273 -44.82 83.01 -37.48
N TRP Y 274 -44.20 82.54 -36.39
CA TRP Y 274 -43.19 81.51 -36.51
C TRP Y 274 -43.82 80.17 -36.86
N VAL Y 275 -43.09 79.38 -37.64
CA VAL Y 275 -43.55 78.08 -38.11
C VAL Y 275 -42.48 77.05 -37.80
N VAL Y 276 -42.91 75.80 -37.63
CA VAL Y 276 -41.97 74.72 -37.34
C VAL Y 276 -41.04 74.52 -38.53
N ASP Y 277 -39.74 74.52 -38.26
CA ASP Y 277 -38.74 74.42 -39.32
C ASP Y 277 -38.57 72.96 -39.70
N VAL Y 278 -39.20 72.56 -40.81
CA VAL Y 278 -39.00 71.21 -41.33
C VAL Y 278 -37.59 71.09 -41.87
N GLY Y 279 -36.89 70.04 -41.45
CA GLY Y 279 -35.50 69.88 -41.81
C GLY Y 279 -34.63 69.73 -40.58
N ASN Y 280 -33.36 70.15 -40.68
CA ASN Y 280 -32.38 70.07 -39.60
C ASN Y 280 -32.52 68.77 -38.80
N ALA Y 281 -32.46 67.65 -39.53
CA ALA Y 281 -32.67 66.35 -38.92
C ALA Y 281 -31.58 66.08 -37.89
N PRO Y 282 -31.88 65.24 -36.88
CA PRO Y 282 -30.89 64.93 -35.83
C PRO Y 282 -29.54 64.52 -36.40
N ALA Y 283 -28.51 65.32 -36.12
CA ALA Y 283 -27.17 65.08 -36.61
C ALA Y 283 -26.32 64.42 -35.53
N ALA Y 284 -25.37 63.61 -35.97
CA ALA Y 284 -24.48 62.92 -35.04
C ALA Y 284 -23.45 63.89 -34.45
N ASN Y 285 -22.76 63.42 -33.42
CA ASN Y 285 -21.69 64.17 -32.77
C ASN Y 285 -22.19 65.51 -32.23
N VAL Y 286 -23.12 65.43 -31.28
CA VAL Y 286 -23.65 66.58 -30.58
C VAL Y 286 -23.55 66.31 -29.08
N SER Y 287 -23.24 67.36 -28.32
CA SER Y 287 -23.03 67.21 -26.89
C SER Y 287 -24.30 66.71 -26.20
N ALA Y 288 -24.13 65.71 -25.33
CA ALA Y 288 -25.24 65.15 -24.59
C ALA Y 288 -25.46 65.95 -23.31
N GLY Y 289 -26.32 65.45 -22.43
CA GLY Y 289 -26.65 66.17 -21.22
C GLY Y 289 -25.54 66.21 -20.20
N GLN Y 290 -25.20 65.07 -19.62
CA GLN Y 290 -24.22 65.00 -18.54
C GLN Y 290 -23.29 63.82 -18.77
N SER Y 291 -22.13 63.89 -18.13
CA SER Y 291 -21.15 62.81 -18.20
C SER Y 291 -21.55 61.67 -17.26
N VAL Y 292 -20.81 60.57 -17.35
CA VAL Y 292 -21.11 59.40 -16.52
C VAL Y 292 -20.91 59.71 -15.04
N ALA Y 293 -19.83 60.41 -14.70
CA ALA Y 293 -19.53 60.69 -13.30
C ALA Y 293 -20.41 61.76 -12.69
N ASN Y 294 -21.19 62.48 -13.49
CA ASN Y 294 -22.02 63.58 -13.02
C ASN Y 294 -23.45 63.40 -13.49
N ILE Y 295 -23.99 62.20 -13.28
CA ILE Y 295 -25.36 61.90 -13.70
C ILE Y 295 -26.32 62.43 -12.65
N ASN Y 296 -27.23 63.32 -13.07
CA ASN Y 296 -28.24 63.89 -12.19
C ASN Y 296 -29.53 63.98 -13.00
N ILE Y 297 -30.47 63.09 -12.72
CA ILE Y 297 -31.63 62.89 -13.59
C ILE Y 297 -32.93 63.33 -12.93
N VAL Y 298 -32.87 64.09 -11.83
CA VAL Y 298 -34.09 64.55 -11.18
C VAL Y 298 -34.69 65.69 -11.99
N GLY Y 299 -35.96 65.55 -12.34
CA GLY Y 299 -36.63 66.55 -13.18
C GLY Y 299 -35.97 66.68 -14.54
N MET Y 300 -35.62 65.56 -15.15
CA MET Y 300 -34.89 65.58 -16.42
C MET Y 300 -35.76 66.19 -17.53
N GLY Y 301 -37.03 65.81 -17.58
CA GLY Y 301 -37.94 66.32 -18.59
C GLY Y 301 -38.22 65.41 -19.75
N ALA Y 302 -37.71 64.18 -19.74
CA ALA Y 302 -37.95 63.18 -20.78
C ALA Y 302 -37.49 63.66 -22.16
N ALA Y 303 -36.53 64.58 -22.20
CA ALA Y 303 -35.97 65.07 -23.46
C ALA Y 303 -34.49 64.76 -23.58
N ALA Y 304 -33.71 65.03 -22.55
CA ALA Y 304 -32.29 64.71 -22.54
C ALA Y 304 -32.01 63.28 -22.11
N LEU Y 305 -33.04 62.53 -21.72
CA LEU Y 305 -32.84 61.13 -21.34
C LEU Y 305 -32.31 60.30 -22.49
N ASP Y 306 -32.80 60.55 -23.71
CA ASP Y 306 -32.28 59.81 -24.87
C ASP Y 306 -30.81 60.11 -25.10
N ALA Y 307 -30.41 61.37 -24.96
CA ALA Y 307 -29.00 61.71 -25.10
C ALA Y 307 -28.16 61.06 -24.00
N LEU Y 308 -28.69 61.03 -22.78
CA LEU Y 308 -27.97 60.38 -21.69
C LEU Y 308 -27.81 58.88 -21.95
N ILE Y 309 -28.86 58.24 -22.47
CA ILE Y 309 -28.78 56.82 -22.80
C ILE Y 309 -27.74 56.59 -23.89
N SER Y 310 -27.72 57.46 -24.91
CA SER Y 310 -26.74 57.32 -25.97
C SER Y 310 -25.32 57.48 -25.45
N GLY Y 311 -25.10 58.45 -24.56
CA GLY Y 311 -23.78 58.62 -23.97
C GLY Y 311 -23.35 57.43 -23.13
N VAL Y 312 -24.28 56.90 -22.34
CA VAL Y 312 -23.98 55.74 -21.52
C VAL Y 312 -23.65 54.54 -22.39
N ASP Y 313 -24.41 54.35 -23.47
CA ASP Y 313 -24.13 53.25 -24.40
C ASP Y 313 -22.77 53.41 -25.06
N ALA Y 314 -22.42 54.64 -25.45
CA ALA Y 314 -21.11 54.87 -26.05
C ALA Y 314 -19.99 54.56 -25.05
N ALA Y 315 -20.16 54.99 -23.81
CA ALA Y 315 -19.16 54.70 -22.79
C ALA Y 315 -19.04 53.19 -22.56
N LEU Y 316 -20.18 52.49 -22.53
CA LEU Y 316 -20.16 51.04 -22.35
C LEU Y 316 -19.46 50.34 -23.51
N THR Y 317 -19.71 50.81 -24.74
CA THR Y 317 -19.04 50.22 -25.90
C THR Y 317 -17.55 50.44 -25.86
N ASP Y 318 -17.12 51.66 -25.50
CA ASP Y 318 -15.70 51.94 -25.38
C ASP Y 318 -15.07 51.07 -24.29
N MET Y 319 -15.78 50.90 -23.18
CA MET Y 319 -15.27 50.07 -22.09
C MET Y 319 -15.15 48.60 -22.50
N THR Y 320 -16.13 48.11 -23.26
CA THR Y 320 -16.06 46.74 -23.78
C THR Y 320 -14.88 46.59 -24.72
N SER Y 321 -14.63 47.59 -25.58
CA SER Y 321 -13.48 47.54 -26.46
C SER Y 321 -12.18 47.52 -25.65
N ALA Y 322 -12.11 48.32 -24.59
CA ALA Y 322 -10.93 48.32 -23.73
C ALA Y 322 -10.72 46.97 -23.07
N ALA Y 323 -11.81 46.34 -22.60
CA ALA Y 323 -11.70 45.03 -21.99
C ALA Y 323 -11.23 43.99 -22.99
N ALA Y 324 -11.73 44.05 -24.23
CA ALA Y 324 -11.27 43.13 -25.26
C ALA Y 324 -9.79 43.34 -25.55
N SER Y 325 -9.35 44.60 -25.60
CA SER Y 325 -7.94 44.89 -25.81
C SER Y 325 -7.09 44.34 -24.66
N LEU Y 326 -7.57 44.48 -23.43
CA LEU Y 326 -6.85 43.93 -22.28
C LEU Y 326 -6.75 42.41 -22.35
N GLY Y 327 -7.84 41.75 -22.74
CA GLY Y 327 -7.80 40.31 -22.91
C GLY Y 327 -6.82 39.88 -23.99
N SER Y 328 -6.80 40.61 -25.10
CA SER Y 328 -5.84 40.33 -26.17
C SER Y 328 -4.41 40.51 -25.68
N ILE Y 329 -4.17 41.55 -24.88
CA ILE Y 329 -2.84 41.77 -24.32
C ILE Y 329 -2.45 40.63 -23.41
N SER Y 330 -3.38 40.16 -22.57
CA SER Y 330 -3.08 39.04 -21.68
C SER Y 330 -2.76 37.78 -22.46
N SER Y 331 -3.53 37.50 -23.52
CA SER Y 331 -3.24 36.35 -24.37
C SER Y 331 -1.87 36.48 -25.02
N ARG Y 332 -1.52 37.68 -25.48
CA ARG Y 332 -0.21 37.90 -26.08
C ARG Y 332 0.89 37.68 -25.05
N ILE Y 333 0.69 38.11 -23.81
CA ILE Y 333 1.68 37.88 -22.76
C ILE Y 333 1.85 36.39 -22.51
N ASP Y 334 0.75 35.65 -22.48
CA ASP Y 334 0.85 34.19 -22.27
C ASP Y 334 1.62 33.53 -23.41
N LEU Y 335 1.30 33.90 -24.65
CA LEU Y 335 2.00 33.33 -25.80
C LEU Y 335 3.48 33.70 -25.77
N GLN Y 336 3.78 34.95 -25.43
CA GLN Y 336 5.16 35.39 -25.35
C GLN Y 336 5.92 34.62 -24.27
N SER Y 337 5.30 34.40 -23.13
CA SER Y 337 5.95 33.64 -22.07
C SER Y 337 6.24 32.21 -22.51
N GLU Y 338 5.27 31.57 -23.18
CA GLU Y 338 5.49 30.22 -23.66
C GLU Y 338 6.63 30.17 -24.67
N PHE Y 339 6.65 31.13 -25.62
CA PHE Y 339 7.71 31.15 -26.62
C PHE Y 339 9.06 31.44 -25.99
N VAL Y 340 9.10 32.33 -25.00
CA VAL Y 340 10.36 32.64 -24.33
C VAL Y 340 10.90 31.43 -23.59
N ASN Y 341 10.00 30.68 -22.92
CA ASN Y 341 10.45 29.47 -22.24
C ASN Y 341 10.98 28.44 -23.23
N LYS Y 342 10.29 28.27 -24.36
CA LYS Y 342 10.77 27.34 -25.39
C LYS Y 342 12.13 27.78 -25.94
N LEU Y 343 12.29 29.07 -26.19
CA LEU Y 343 13.55 29.58 -26.71
C LEU Y 343 14.68 29.41 -25.70
N SER Y 344 14.41 29.66 -24.42
CA SER Y 344 15.41 29.44 -23.39
C SER Y 344 15.82 27.98 -23.31
N ASP Y 345 14.83 27.08 -23.41
CA ASP Y 345 15.16 25.65 -23.42
C ASP Y 345 16.03 25.30 -24.61
N SER Y 346 15.71 25.84 -25.80
CA SER Y 346 16.49 25.54 -26.99
C SER Y 346 17.92 26.08 -26.86
N ILE Y 347 18.07 27.31 -26.37
CA ILE Y 347 19.41 27.88 -26.22
C ILE Y 347 20.22 27.09 -25.22
N GLU Y 348 19.62 26.71 -24.09
CA GLU Y 348 20.35 25.96 -23.07
C GLU Y 348 20.72 24.58 -23.59
N SER Y 349 19.84 23.94 -24.37
CA SER Y 349 20.16 22.66 -24.97
C SER Y 349 21.31 22.79 -25.95
N GLY Y 350 21.33 23.86 -26.74
CA GLY Y 350 22.47 24.10 -27.62
C GLY Y 350 23.76 24.30 -26.85
N VAL Y 351 23.70 25.04 -25.74
CA VAL Y 351 24.87 25.21 -24.89
C VAL Y 351 25.35 23.86 -24.37
N GLY Y 352 24.42 23.03 -23.92
CA GLY Y 352 24.80 21.69 -23.46
C GLY Y 352 25.45 20.87 -24.55
N ARG Y 353 24.90 20.92 -25.76
CA ARG Y 353 25.50 20.20 -26.87
C ARG Y 353 26.91 20.70 -27.16
N LEU Y 354 27.11 22.01 -27.06
CA LEU Y 354 28.42 22.58 -27.37
C LEU Y 354 29.43 22.32 -26.24
N VAL Y 355 28.97 22.14 -25.01
CA VAL Y 355 29.85 22.14 -23.85
C VAL Y 355 29.94 20.77 -23.17
N ASP Y 356 28.85 20.01 -23.11
CA ASP Y 356 28.86 18.78 -22.32
C ASP Y 356 29.79 17.73 -22.93
N ALA Y 357 30.25 16.82 -22.08
CA ALA Y 357 31.09 15.71 -22.48
C ALA Y 357 30.44 14.40 -22.06
N ASP Y 358 30.49 13.40 -22.94
CA ASP Y 358 29.99 12.08 -22.62
C ASP Y 358 30.89 11.41 -21.58
N MET Y 359 30.29 10.91 -20.51
CA MET Y 359 31.08 10.40 -19.38
C MET Y 359 31.71 9.05 -19.68
N ASN Y 360 31.09 8.25 -20.56
CA ASN Y 360 31.62 6.92 -20.84
C ASN Y 360 33.00 7.00 -21.47
N GLU Y 361 33.16 7.88 -22.45
CA GLU Y 361 34.44 8.02 -23.14
C GLU Y 361 35.52 8.55 -22.20
N GLU Y 362 35.15 9.49 -21.33
CA GLU Y 362 36.10 9.98 -20.33
C GLU Y 362 36.50 8.89 -19.34
N SER Y 363 35.55 8.03 -18.95
CA SER Y 363 35.88 6.91 -18.08
C SER Y 363 36.86 5.96 -18.76
N THR Y 364 36.63 5.67 -20.05
CA THR Y 364 37.54 4.82 -20.79
C THR Y 364 38.94 5.45 -20.85
N ARG Y 365 39.01 6.76 -21.10
CA ARG Y 365 40.30 7.45 -21.11
C ARG Y 365 40.97 7.38 -19.75
N LEU Y 366 40.19 7.55 -18.68
CA LEU Y 366 40.75 7.52 -17.33
C LEU Y 366 41.38 6.16 -17.04
N LYS Y 367 40.66 5.09 -17.37
CA LYS Y 367 41.22 3.75 -17.18
C LYS Y 367 42.47 3.54 -18.02
N ALA Y 368 42.43 3.98 -19.28
CA ALA Y 368 43.58 3.82 -20.16
C ALA Y 368 44.80 4.56 -19.63
N LEU Y 369 44.61 5.79 -19.16
CA LEU Y 369 45.73 6.57 -18.65
C LEU Y 369 46.24 6.02 -17.32
N GLN Y 370 45.37 5.47 -16.48
CA GLN Y 370 45.85 4.82 -15.26
C GLN Y 370 46.73 3.63 -15.61
N THR Y 371 46.29 2.80 -16.56
CA THR Y 371 47.11 1.66 -16.96
C THR Y 371 48.42 2.12 -17.58
N GLN Y 372 48.37 3.16 -18.42
CA GLN Y 372 49.59 3.67 -19.04
C GLN Y 372 50.55 4.22 -18.01
N GLN Y 373 50.04 4.89 -16.98
CA GLN Y 373 50.89 5.37 -15.90
C GLN Y 373 51.55 4.21 -15.17
N GLN Y 374 50.78 3.14 -14.90
CA GLN Y 374 51.36 1.98 -14.25
C GLN Y 374 52.48 1.37 -15.07
N LEU Y 375 52.25 1.20 -16.38
CA LEU Y 375 53.29 0.66 -17.25
C LEU Y 375 54.51 1.58 -17.31
N ALA Y 376 54.28 2.89 -17.39
CA ALA Y 376 55.40 3.83 -17.45
C ALA Y 376 56.22 3.78 -16.17
N ILE Y 377 55.56 3.68 -15.02
CA ILE Y 377 56.29 3.60 -13.75
C ILE Y 377 57.09 2.31 -13.68
N GLN Y 378 56.49 1.19 -14.12
CA GLN Y 378 57.23 -0.07 -14.14
C GLN Y 378 58.45 0.00 -15.05
N ALA Y 379 58.28 0.59 -16.23
CA ALA Y 379 59.40 0.71 -17.16
C ALA Y 379 60.49 1.61 -16.61
N LEU Y 380 60.10 2.70 -15.93
CA LEU Y 380 61.09 3.58 -15.32
C LEU Y 380 61.85 2.87 -14.22
N SER Y 381 61.15 2.04 -13.43
CA SER Y 381 61.82 1.27 -12.39
C SER Y 381 62.81 0.29 -13.01
N ILE Y 382 62.43 -0.37 -14.11
CA ILE Y 382 63.34 -1.28 -14.79
C ILE Y 382 64.56 -0.52 -15.31
N ALA Y 383 64.34 0.67 -15.88
CA ALA Y 383 65.45 1.47 -16.39
C ALA Y 383 66.40 1.87 -15.26
N ASN Y 384 65.85 2.26 -14.11
CA ASN Y 384 66.70 2.59 -12.97
C ASN Y 384 67.49 1.38 -12.49
N SER Y 385 66.84 0.22 -12.42
CA SER Y 385 67.53 -0.99 -11.99
C SER Y 385 68.54 -1.48 -13.02
N ASP Y 386 68.45 -1.03 -14.27
CA ASP Y 386 69.40 -1.44 -15.28
C ASP Y 386 70.80 -0.93 -14.96
N SER Y 387 70.90 0.24 -14.32
CA SER Y 387 72.18 0.93 -14.21
C SER Y 387 73.20 0.14 -13.38
N GLN Y 388 72.77 -0.44 -12.26
CA GLN Y 388 73.72 -0.99 -11.29
C GLN Y 388 74.26 -2.36 -11.67
N ASN Y 389 73.88 -2.90 -12.82
CA ASN Y 389 74.41 -4.20 -13.24
C ASN Y 389 75.90 -4.13 -13.56
N VAL Y 390 76.44 -2.94 -13.81
CA VAL Y 390 77.83 -2.80 -14.22
C VAL Y 390 78.80 -3.18 -13.10
N LEU Y 391 78.32 -3.24 -11.86
CA LEU Y 391 79.21 -3.51 -10.72
C LEU Y 391 79.84 -4.89 -10.80
N SER Y 392 79.26 -5.82 -11.57
CA SER Y 392 79.78 -7.19 -11.60
C SER Y 392 81.18 -7.24 -12.20
N LEU Y 393 81.50 -6.38 -13.16
CA LEU Y 393 82.83 -6.38 -13.75
C LEU Y 393 83.89 -5.93 -12.77
N PHE Y 394 83.53 -5.09 -11.81
CA PHE Y 394 84.47 -4.53 -10.85
C PHE Y 394 84.47 -5.28 -9.52
N ARG Y 395 83.81 -6.44 -9.47
CA ARG Y 395 83.65 -7.27 -8.25
C ARG Y 395 83.55 -6.50 -6.94
N THR Z 2 55.83 14.48 -10.62
CA THR Z 2 54.83 14.22 -9.59
C THR Z 2 55.30 14.74 -8.23
N SER Z 3 54.47 15.58 -7.62
CA SER Z 3 54.77 16.19 -6.33
C SER Z 3 53.80 15.66 -5.29
N ILE Z 4 54.34 15.18 -4.17
CA ILE Z 4 53.50 14.69 -3.07
C ILE Z 4 53.03 15.79 -2.16
N LEU Z 5 53.48 17.02 -2.35
CA LEU Z 5 53.09 18.13 -1.50
C LEU Z 5 51.89 18.90 -2.02
N THR Z 6 51.63 18.85 -3.32
CA THR Z 6 50.49 19.54 -3.93
C THR Z 6 49.79 18.60 -4.90
N ASN Z 7 48.50 18.86 -5.10
CA ASN Z 7 47.67 18.06 -6.00
C ASN Z 7 46.67 19.00 -6.68
N ASN Z 8 47.00 19.44 -7.89
CA ASN Z 8 46.13 20.37 -8.60
C ASN Z 8 44.78 19.75 -8.91
N SER Z 9 44.78 18.48 -9.32
CA SER Z 9 43.52 17.78 -9.60
C SER Z 9 42.67 17.71 -8.34
N ALA Z 10 43.29 17.44 -7.19
CA ALA Z 10 42.54 17.41 -5.95
C ALA Z 10 41.94 18.78 -5.62
N MET Z 11 42.71 19.86 -5.87
CA MET Z 11 42.18 21.20 -5.61
C MET Z 11 40.99 21.51 -6.50
N ALA Z 12 41.07 21.13 -7.78
CA ALA Z 12 39.94 21.30 -8.66
C ALA Z 12 38.75 20.48 -8.19
N ALA Z 13 39.01 19.27 -7.70
CA ALA Z 13 37.93 18.43 -7.18
C ALA Z 13 37.26 19.07 -5.96
N LEU Z 14 38.06 19.64 -5.05
CA LEU Z 14 37.48 20.36 -3.92
C LEU Z 14 36.65 21.56 -4.37
N SER Z 15 37.14 22.33 -5.35
CA SER Z 15 36.36 23.46 -5.82
C SER Z 15 35.02 23.01 -6.42
N GLY Z 16 35.05 21.95 -7.23
CA GLY Z 16 33.82 21.43 -7.80
C GLY Z 16 32.87 20.91 -6.73
N VAL Z 17 33.41 20.18 -5.74
CA VAL Z 17 32.57 19.65 -4.67
C VAL Z 17 31.93 20.78 -3.88
N ARG Z 18 32.69 21.83 -3.58
CA ARG Z 18 32.14 22.95 -2.83
C ARG Z 18 31.04 23.66 -3.62
N SER Z 19 31.26 23.88 -4.92
CA SER Z 19 30.22 24.51 -5.74
C SER Z 19 28.97 23.63 -5.80
N ILE Z 20 29.15 22.32 -5.98
CA ILE Z 20 28.01 21.41 -6.04
C ILE Z 20 27.26 21.41 -4.72
N SER Z 21 27.99 21.42 -3.60
CA SER Z 21 27.35 21.43 -2.28
C SER Z 21 26.55 22.70 -2.07
N SER Z 22 27.10 23.85 -2.47
CA SER Z 22 26.35 25.11 -2.32
C SER Z 22 25.08 25.09 -3.17
N SER Z 23 25.19 24.64 -4.42
CA SER Z 23 24.02 24.57 -5.29
C SER Z 23 22.99 23.59 -4.73
N MET Z 24 23.45 22.46 -4.20
CA MET Z 24 22.54 21.47 -3.65
C MET Z 24 21.85 21.99 -2.40
N GLU Z 25 22.57 22.73 -1.56
CA GLU Z 25 21.95 23.34 -0.39
C GLU Z 25 20.87 24.34 -0.80
N ASP Z 26 21.17 25.16 -1.81
CA ASP Z 26 20.17 26.12 -2.29
C ASP Z 26 18.94 25.41 -2.81
N THR Z 27 19.13 24.37 -3.63
CA THR Z 27 17.99 23.64 -4.18
C THR Z 27 17.25 22.87 -3.09
N GLN Z 28 17.96 22.42 -2.05
CA GLN Z 28 17.31 21.72 -0.95
C GLN Z 28 16.40 22.67 -0.18
N SER Z 29 16.88 23.89 0.10
CA SER Z 29 16.01 24.87 0.74
C SER Z 29 14.82 25.20 -0.16
N ARG Z 30 15.08 25.34 -1.47
CA ARG Z 30 14.03 25.66 -2.42
C ARG Z 30 12.94 24.59 -2.44
N ILE Z 31 13.34 23.32 -2.44
CA ILE Z 31 12.36 22.24 -2.49
C ILE Z 31 11.70 22.03 -1.14
N SER Z 32 12.39 22.37 -0.04
CA SER Z 32 11.80 22.20 1.29
C SER Z 32 10.70 23.23 1.52
N SER Z 33 10.97 24.50 1.19
CA SER Z 33 10.07 25.57 1.59
C SER Z 33 9.40 26.27 0.40
N GLY Z 34 9.59 25.78 -0.82
CA GLY Z 34 9.14 26.56 -1.96
C GLY Z 34 9.89 27.87 -2.03
N LEU Z 35 9.17 28.96 -2.32
CA LEU Z 35 9.71 30.32 -2.23
C LEU Z 35 10.96 30.47 -3.10
N ARG Z 36 10.75 30.44 -4.42
CA ARG Z 36 11.84 30.67 -5.35
C ARG Z 36 12.59 31.94 -5.00
N VAL Z 37 11.88 32.99 -4.60
CA VAL Z 37 12.47 34.14 -3.93
C VAL Z 37 12.18 33.95 -2.44
N GLY Z 38 13.08 33.24 -1.77
CA GLY Z 38 12.84 32.85 -0.39
C GLY Z 38 13.36 33.82 0.66
N SER Z 39 14.35 34.60 0.31
CA SER Z 39 14.95 35.54 1.24
C SER Z 39 15.52 36.73 0.47
N ALA Z 40 16.04 37.71 1.21
CA ALA Z 40 16.65 38.86 0.58
C ALA Z 40 17.93 38.50 -0.16
N SER Z 41 18.53 37.35 0.14
CA SER Z 41 19.69 36.88 -0.61
C SER Z 41 19.35 36.59 -2.06
N ASP Z 42 18.07 36.35 -2.36
CA ASP Z 42 17.60 36.21 -3.74
C ASP Z 42 17.42 37.60 -4.34
N ASN Z 43 16.73 37.68 -5.47
CA ASN Z 43 16.46 38.96 -6.11
C ASN Z 43 15.73 39.89 -5.14
N ALA Z 44 16.40 40.96 -4.72
CA ALA Z 44 15.88 41.81 -3.65
C ALA Z 44 14.61 42.54 -4.07
N ALA Z 45 14.54 43.00 -5.31
CA ALA Z 45 13.38 43.77 -5.75
C ALA Z 45 12.10 42.94 -5.70
N TYR Z 46 12.16 41.69 -6.19
CA TYR Z 46 10.99 40.83 -6.14
C TYR Z 46 10.61 40.48 -4.72
N TRP Z 47 11.62 40.28 -3.85
CA TRP Z 47 11.33 40.02 -2.44
C TRP Z 47 10.59 41.19 -1.80
N SER Z 48 11.05 42.41 -2.07
CA SER Z 48 10.40 43.59 -1.53
C SER Z 48 8.99 43.74 -2.06
N ILE Z 49 8.80 43.50 -3.36
CA ILE Z 49 7.46 43.59 -3.94
C ILE Z 49 6.54 42.56 -3.31
N ALA Z 50 7.04 41.33 -3.11
CA ALA Z 50 6.23 40.29 -2.50
C ALA Z 50 5.85 40.66 -1.06
N THR Z 51 6.79 41.24 -0.31
CA THR Z 51 6.47 41.68 1.04
C THR Z 51 5.40 42.77 1.03
N THR Z 52 5.53 43.72 0.12
CA THR Z 52 4.53 44.79 0.02
C THR Z 52 3.16 44.25 -0.32
N MET Z 53 3.09 43.30 -1.26
CA MET Z 53 1.79 42.72 -1.62
C MET Z 53 1.22 41.88 -0.48
N ARG Z 54 2.07 41.20 0.29
CA ARG Z 54 1.57 40.46 1.45
C ARG Z 54 0.97 41.40 2.48
N SER Z 55 1.65 42.53 2.72
CA SER Z 55 1.09 43.54 3.63
C SER Z 55 -0.23 44.07 3.12
N ASP Z 56 -0.31 44.35 1.80
CA ASP Z 56 -1.54 44.85 1.22
C ASP Z 56 -2.66 43.82 1.31
N ASN Z 57 -2.32 42.54 1.16
CA ASN Z 57 -3.33 41.49 1.28
C ASN Z 57 -3.86 41.38 2.71
N GLN Z 58 -2.96 41.50 3.70
CA GLN Z 58 -3.43 41.52 5.08
C GLN Z 58 -4.34 42.71 5.33
N ALA Z 59 -3.98 43.89 4.82
CA ALA Z 59 -4.84 45.05 4.96
C ALA Z 59 -6.18 44.83 4.29
N LEU Z 60 -6.18 44.19 3.12
CA LEU Z 60 -7.43 43.91 2.41
C LEU Z 60 -8.32 42.96 3.20
N SER Z 61 -7.71 41.96 3.85
CA SER Z 61 -8.48 41.06 4.70
C SER Z 61 -9.10 41.82 5.87
N ALA Z 62 -8.33 42.73 6.47
CA ALA Z 62 -8.89 43.56 7.54
C ALA Z 62 -10.06 44.40 7.03
N VAL Z 63 -9.92 44.97 5.82
CA VAL Z 63 -10.99 45.75 5.23
C VAL Z 63 -12.22 44.88 4.98
N GLN Z 64 -12.01 43.62 4.57
CA GLN Z 64 -13.13 42.72 4.36
C GLN Z 64 -13.86 42.42 5.66
N ASP Z 65 -13.12 42.23 6.76
CA ASP Z 65 -13.76 42.05 8.05
C ASP Z 65 -14.56 43.29 8.45
N ALA Z 66 -14.00 44.48 8.22
CA ALA Z 66 -14.73 45.71 8.51
C ALA Z 66 -15.98 45.82 7.66
N LEU Z 67 -15.89 45.39 6.39
CA LEU Z 67 -17.06 45.39 5.52
C LEU Z 67 -18.15 44.46 6.05
N GLY Z 68 -17.75 43.29 6.54
CA GLY Z 68 -18.73 42.40 7.14
C GLY Z 68 -19.42 43.02 8.34
N LEU Z 69 -18.63 43.67 9.22
CA LEU Z 69 -19.21 44.35 10.37
C LEU Z 69 -20.18 45.44 9.93
N GLY Z 70 -19.79 46.24 8.94
CA GLY Z 70 -20.66 47.29 8.45
C GLY Z 70 -21.93 46.74 7.83
N ALA Z 71 -21.84 45.63 7.11
CA ALA Z 71 -23.02 45.00 6.53
C ALA Z 71 -23.96 44.53 7.63
N ALA Z 72 -23.41 43.97 8.71
CA ALA Z 72 -24.26 43.57 9.84
C ALA Z 72 -24.98 44.78 10.45
N LYS Z 73 -24.24 45.88 10.63
CA LYS Z 73 -24.86 47.09 11.18
C LYS Z 73 -25.97 47.60 10.28
N VAL Z 74 -25.72 47.62 8.97
CA VAL Z 74 -26.72 48.10 8.02
C VAL Z 74 -27.94 47.18 8.03
N ASP Z 75 -27.73 45.87 8.13
CA ASP Z 75 -28.86 44.95 8.18
C ASP Z 75 -29.72 45.20 9.41
N THR Z 76 -29.09 45.40 10.57
CA THR Z 76 -29.85 45.68 11.79
C THR Z 76 -30.62 46.98 11.67
N ALA Z 77 -29.96 48.03 11.18
CA ALA Z 77 -30.63 49.32 11.03
C ALA Z 77 -31.79 49.23 10.05
N TYR Z 78 -31.62 48.46 8.97
CA TYR Z 78 -32.67 48.33 7.97
C TYR Z 78 -33.85 47.52 8.51
N SER Z 79 -33.58 46.50 9.33
CA SER Z 79 -34.68 45.78 9.96
C SER Z 79 -35.47 46.70 10.87
N GLY Z 80 -34.77 47.52 11.66
CA GLY Z 80 -35.47 48.52 12.46
C GLY Z 80 -36.28 49.48 11.62
N MET Z 81 -35.72 49.88 10.46
CA MET Z 81 -36.42 50.80 9.57
C MET Z 81 -37.70 50.17 9.02
N GLU Z 82 -37.64 48.88 8.65
CA GLU Z 82 -38.84 48.21 8.17
C GLU Z 82 -39.90 48.11 9.27
N SER Z 83 -39.48 47.81 10.50
CA SER Z 83 -40.43 47.78 11.60
C SER Z 83 -41.08 49.15 11.77
N ALA Z 84 -40.29 50.22 11.69
CA ALA Z 84 -40.83 51.57 11.78
C ALA Z 84 -41.80 51.86 10.64
N ILE Z 85 -41.46 51.40 9.43
CA ILE Z 85 -42.36 51.59 8.29
C ILE Z 85 -43.71 50.94 8.54
N GLU Z 86 -43.69 49.70 9.03
CA GLU Z 86 -44.94 49.01 9.30
C GLU Z 86 -45.75 49.73 10.37
N VAL Z 87 -45.09 50.16 11.45
CA VAL Z 87 -45.82 50.83 12.53
C VAL Z 87 -46.41 52.15 12.04
N VAL Z 88 -45.65 52.90 11.23
CA VAL Z 88 -46.13 54.18 10.75
C VAL Z 88 -47.29 53.99 9.77
N LYS Z 89 -47.23 52.94 8.94
CA LYS Z 89 -48.36 52.64 8.05
C LYS Z 89 -49.60 52.30 8.86
N GLU Z 90 -49.43 51.52 9.93
CA GLU Z 90 -50.57 51.22 10.80
C GLU Z 90 -51.12 52.49 11.44
N ILE Z 91 -50.24 53.40 11.86
CA ILE Z 91 -50.67 54.65 12.45
C ILE Z 91 -51.48 55.46 11.44
N LYS Z 92 -51.00 55.54 10.20
CA LYS Z 92 -51.70 56.29 9.17
C LYS Z 92 -53.06 55.68 8.87
N ALA Z 93 -53.13 54.35 8.82
CA ALA Z 93 -54.42 53.69 8.61
C ALA Z 93 -55.38 53.99 9.75
N LYS Z 94 -54.88 53.95 10.98
CA LYS Z 94 -55.73 54.27 12.13
C LYS Z 94 -56.22 55.70 12.08
N LEU Z 95 -55.35 56.63 11.68
CA LEU Z 95 -55.77 58.03 11.57
C LEU Z 95 -56.80 58.22 10.47
N VAL Z 96 -56.60 57.53 9.34
CA VAL Z 96 -57.57 57.62 8.24
C VAL Z 96 -58.93 57.09 8.69
N ALA Z 97 -58.92 55.99 9.45
CA ALA Z 97 -60.17 55.52 10.04
C ALA Z 97 -60.71 56.53 11.06
N ALA Z 98 -59.82 57.31 11.68
CA ALA Z 98 -60.21 58.24 12.73
C ALA Z 98 -60.87 59.51 12.20
N THR Z 99 -60.70 59.84 10.91
CA THR Z 99 -61.32 61.05 10.39
C THR Z 99 -62.84 60.94 10.37
N GLU Z 100 -63.38 59.74 10.50
CA GLU Z 100 -64.82 59.57 10.66
C GLU Z 100 -65.27 60.25 11.94
N ASP Z 101 -66.27 61.12 11.81
CA ASP Z 101 -66.76 61.86 12.97
C ASP Z 101 -67.57 60.97 13.91
N GLY Z 102 -68.24 59.95 13.37
CA GLY Z 102 -69.01 59.05 14.21
C GLY Z 102 -68.19 58.13 15.08
N VAL Z 103 -66.93 57.89 14.71
CA VAL Z 103 -66.06 57.01 15.48
C VAL Z 103 -65.48 57.77 16.67
N ASP Z 104 -65.56 57.16 17.85
CA ASP Z 104 -64.96 57.76 19.04
C ASP Z 104 -63.44 57.82 18.89
N LYS Z 105 -62.85 58.88 19.43
CA LYS Z 105 -61.44 59.16 19.24
C LYS Z 105 -60.57 58.72 20.41
N ALA Z 106 -61.17 58.40 21.57
CA ALA Z 106 -60.36 58.03 22.73
C ALA Z 106 -59.67 56.70 22.53
N LYS Z 107 -60.42 55.68 22.09
CA LYS Z 107 -59.83 54.35 21.88
C LYS Z 107 -58.69 54.43 20.88
N ILE Z 108 -58.91 55.13 19.78
CA ILE Z 108 -57.83 55.38 18.84
C ILE Z 108 -56.72 56.16 19.51
N GLN Z 109 -57.03 56.98 20.51
CA GLN Z 109 -55.99 57.73 21.18
C GLN Z 109 -55.02 56.80 21.91
N GLU Z 110 -55.52 55.84 22.70
CA GLU Z 110 -54.54 54.95 23.32
C GLU Z 110 -53.94 54.00 22.30
N GLU Z 111 -54.65 53.72 21.19
CA GLU Z 111 -54.06 52.90 20.14
C GLU Z 111 -52.80 53.59 19.57
N ILE Z 112 -52.91 54.86 19.23
CA ILE Z 112 -51.75 55.60 18.74
C ILE Z 112 -50.71 55.79 19.83
N THR Z 113 -51.12 55.90 21.10
CA THR Z 113 -50.14 55.98 22.17
C THR Z 113 -49.29 54.71 22.25
N GLN Z 114 -49.95 53.54 22.16
CA GLN Z 114 -49.22 52.28 22.16
C GLN Z 114 -48.33 52.17 20.93
N LEU Z 115 -48.83 52.62 19.77
CA LEU Z 115 -48.01 52.58 18.57
C LEU Z 115 -46.80 53.49 18.68
N LYS Z 116 -46.95 54.65 19.32
CA LYS Z 116 -45.82 55.56 19.52
C LYS Z 116 -44.79 54.95 20.47
N ASP Z 117 -45.25 54.30 21.53
CA ASP Z 117 -44.31 53.58 22.41
C ASP Z 117 -43.59 52.48 21.65
N GLN Z 118 -44.31 51.78 20.77
CA GLN Z 118 -43.68 50.77 19.93
C GLN Z 118 -42.62 51.39 19.02
N LEU Z 119 -42.92 52.55 18.45
CA LEU Z 119 -41.95 53.24 17.60
C LEU Z 119 -40.71 53.62 18.39
N THR Z 120 -40.89 54.12 19.62
CA THR Z 120 -39.75 54.46 20.45
C THR Z 120 -38.91 53.23 20.76
N SER Z 121 -39.57 52.11 21.05
CA SER Z 121 -38.84 50.86 21.32
C SER Z 121 -38.07 50.41 20.08
N ILE Z 122 -38.67 50.54 18.90
CA ILE Z 122 -37.97 50.20 17.66
C ILE Z 122 -36.75 51.09 17.50
N ALA Z 123 -36.91 52.38 17.75
CA ALA Z 123 -35.83 53.33 17.53
C ALA Z 123 -34.65 53.07 18.47
N ASP Z 124 -34.93 52.78 19.75
CA ASP Z 124 -33.84 52.62 20.70
C ASP Z 124 -33.25 51.21 20.73
N ALA Z 125 -34.06 50.19 20.46
CA ALA Z 125 -33.58 48.81 20.56
C ALA Z 125 -32.72 48.40 19.38
N ALA Z 126 -33.00 48.92 18.18
CA ALA Z 126 -32.35 48.46 16.96
C ALA Z 126 -30.93 49.00 16.91
N SER Z 127 -30.02 48.29 17.58
CA SER Z 127 -28.61 48.64 17.60
C SER Z 127 -27.79 47.37 17.46
N PHE Z 128 -26.58 47.52 16.91
CA PHE Z 128 -25.69 46.38 16.72
C PHE Z 128 -24.54 46.37 17.72
N SER Z 129 -23.73 47.44 17.76
CA SER Z 129 -22.58 47.49 18.65
C SER Z 129 -22.40 48.89 19.21
N GLY Z 130 -23.51 49.54 19.55
CA GLY Z 130 -23.50 50.90 20.01
C GLY Z 130 -23.71 51.94 18.93
N GLU Z 131 -23.51 51.58 17.66
CA GLU Z 131 -23.79 52.46 16.53
C GLU Z 131 -25.07 51.96 15.87
N ASN Z 132 -26.20 52.44 16.36
CA ASN Z 132 -27.50 52.03 15.84
C ASN Z 132 -27.87 52.73 14.54
N TRP Z 133 -27.09 53.73 14.12
CA TRP Z 133 -27.36 54.52 12.93
C TRP Z 133 -28.71 55.23 13.01
N LEU Z 134 -29.28 55.31 14.20
CA LEU Z 134 -30.56 55.97 14.45
C LEU Z 134 -30.47 56.71 15.77
N GLN Z 135 -31.44 57.58 16.03
CA GLN Z 135 -31.50 58.35 17.26
C GLN Z 135 -30.21 59.13 17.50
N ALA Z 136 -29.62 59.63 16.42
CA ALA Z 136 -28.37 60.37 16.53
C ALA Z 136 -28.62 61.74 17.16
N ASP Z 137 -27.53 62.36 17.60
CA ASP Z 137 -27.59 63.68 18.21
C ASP Z 137 -27.43 64.73 17.11
N LEU Z 138 -28.46 65.55 16.91
CA LEU Z 138 -28.47 66.56 15.86
C LEU Z 138 -28.18 67.96 16.42
N SER Z 139 -27.34 68.06 17.45
CA SER Z 139 -26.94 69.37 17.94
C SER Z 139 -26.18 70.15 16.88
N GLY Z 140 -25.25 69.49 16.18
CA GLY Z 140 -24.55 70.11 15.08
C GLY Z 140 -25.32 70.00 13.78
N GLY Z 141 -26.21 69.01 13.70
CA GLY Z 141 -27.06 68.83 12.54
C GLY Z 141 -26.39 68.19 11.33
N ALA Z 142 -25.14 67.75 11.45
CA ALA Z 142 -24.42 67.18 10.33
C ALA Z 142 -23.65 65.94 10.75
N VAL Z 143 -24.30 65.07 11.52
CA VAL Z 143 -23.64 63.83 11.95
C VAL Z 143 -23.51 62.89 10.76
N THR Z 144 -22.33 62.30 10.62
CA THR Z 144 -22.03 61.41 9.49
C THR Z 144 -21.33 60.17 10.01
N LYS Z 145 -21.80 58.99 9.57
CA LYS Z 145 -21.20 57.72 9.92
C LYS Z 145 -20.65 57.06 8.66
N SER Z 146 -19.54 56.35 8.83
CA SER Z 146 -18.81 55.79 7.71
C SER Z 146 -18.51 54.31 7.93
N VAL Z 147 -18.34 53.60 6.82
CA VAL Z 147 -18.00 52.18 6.83
C VAL Z 147 -16.76 52.00 5.96
N VAL Z 148 -15.78 51.26 6.48
CA VAL Z 148 -14.53 51.05 5.74
C VAL Z 148 -14.83 50.30 4.45
N GLY Z 149 -14.52 50.93 3.33
CA GLY Z 149 -14.82 50.35 2.03
C GLY Z 149 -13.68 49.57 1.40
N SER Z 150 -12.51 50.19 1.29
CA SER Z 150 -11.39 49.53 0.63
C SER Z 150 -10.09 50.19 1.09
N PHE Z 151 -9.00 49.43 0.95
CA PHE Z 151 -7.66 49.92 1.23
C PHE Z 151 -6.99 50.25 -0.10
N VAL Z 152 -6.64 51.51 -0.29
CA VAL Z 152 -6.13 52.01 -1.56
C VAL Z 152 -4.72 52.51 -1.37
N ARG Z 153 -3.80 52.00 -2.18
CA ARG Z 153 -2.42 52.48 -2.23
C ARG Z 153 -2.25 53.37 -3.45
N ASP Z 154 -1.95 54.65 -3.21
CA ASP Z 154 -1.82 55.60 -4.31
C ASP Z 154 -0.56 55.32 -5.12
N GLY Z 155 -0.52 55.88 -6.33
CA GLY Z 155 0.61 55.65 -7.21
C GLY Z 155 1.90 56.24 -6.68
N SER Z 156 1.83 57.38 -6.00
CA SER Z 156 3.02 58.06 -5.52
C SER Z 156 3.40 57.62 -4.12
N GLY Z 157 3.50 56.30 -3.92
CA GLY Z 157 3.94 55.76 -2.65
C GLY Z 157 3.10 56.18 -1.46
N SER Z 158 1.78 56.18 -1.61
CA SER Z 158 0.87 56.61 -0.55
C SER Z 158 -0.14 55.52 -0.25
N VAL Z 159 -0.58 55.47 1.01
CA VAL Z 159 -1.57 54.51 1.46
C VAL Z 159 -2.66 55.24 2.20
N ALA Z 160 -3.91 54.83 1.99
CA ALA Z 160 -5.05 55.44 2.64
C ALA Z 160 -6.17 54.43 2.71
N VAL Z 161 -7.16 54.72 3.57
CA VAL Z 161 -8.32 53.87 3.76
C VAL Z 161 -9.56 54.64 3.30
N LYS Z 162 -10.29 54.06 2.35
CA LYS Z 162 -11.50 54.66 1.83
C LYS Z 162 -12.71 54.19 2.62
N LYS Z 163 -13.65 55.11 2.83
CA LYS Z 163 -14.84 54.83 3.62
C LYS Z 163 -16.09 55.28 2.86
N VAL Z 164 -17.20 54.61 3.13
CA VAL Z 164 -18.49 54.93 2.53
C VAL Z 164 -19.31 55.70 3.55
N ASP Z 165 -19.75 56.89 3.18
CA ASP Z 165 -20.41 57.80 4.10
C ASP Z 165 -21.93 57.63 4.03
N TYR Z 166 -22.57 57.83 5.18
CA TYR Z 166 -24.03 57.82 5.29
C TYR Z 166 -24.46 59.01 6.12
N SER Z 167 -25.46 59.73 5.64
CA SER Z 167 -25.89 60.99 6.25
C SER Z 167 -27.12 60.78 7.11
N LEU Z 168 -27.14 61.43 8.28
CA LEU Z 168 -28.25 61.37 9.22
C LEU Z 168 -28.74 62.78 9.55
N ASN Z 169 -28.74 63.67 8.56
CA ASN Z 169 -28.95 65.08 8.82
C ASN Z 169 -30.33 65.39 9.40
N ALA Z 170 -31.39 65.21 8.61
CA ALA Z 170 -32.74 65.49 9.09
C ALA Z 170 -33.80 64.54 8.57
N ASN Z 171 -33.43 63.51 7.80
CA ASN Z 171 -34.42 62.63 7.18
C ASN Z 171 -34.18 61.16 7.47
N SER Z 172 -33.10 60.80 8.16
CA SER Z 172 -32.82 59.40 8.46
C SER Z 172 -32.30 59.24 9.90
N VAL Z 173 -32.76 60.08 10.82
CA VAL Z 173 -32.25 60.08 12.18
C VAL Z 173 -33.16 59.33 13.15
N LEU Z 174 -34.47 59.28 12.92
CA LEU Z 174 -35.37 58.46 13.72
C LEU Z 174 -35.32 58.79 15.21
N PHE Z 175 -35.96 59.90 15.60
CA PHE Z 175 -35.99 60.39 16.98
C PHE Z 175 -34.64 60.90 17.46
N ASP Z 176 -34.18 61.99 16.87
CA ASP Z 176 -33.05 62.76 17.39
C ASP Z 176 -33.13 62.88 18.91
N THR Z 177 -31.99 62.62 19.56
CA THR Z 177 -31.97 62.48 21.02
C THR Z 177 -32.24 63.81 21.71
N VAL Z 178 -31.55 64.87 21.31
CA VAL Z 178 -31.51 66.12 22.05
C VAL Z 178 -32.39 67.20 21.41
N GLY Z 179 -32.13 67.52 20.14
CA GLY Z 179 -32.79 68.64 19.51
C GLY Z 179 -34.26 68.46 19.27
N ASP Z 180 -34.75 67.22 19.24
CA ASP Z 180 -36.15 66.92 18.96
C ASP Z 180 -36.59 67.56 17.64
N THR Z 181 -35.71 67.49 16.64
CA THR Z 181 -35.96 68.04 15.32
C THR Z 181 -35.75 66.99 14.25
N GLY Z 182 -35.89 65.71 14.61
CA GLY Z 182 -35.65 64.63 13.69
C GLY Z 182 -36.83 64.37 12.76
N ILE Z 183 -36.70 63.28 12.00
CA ILE Z 183 -37.75 62.93 11.04
C ILE Z 183 -39.07 62.70 11.75
N LEU Z 184 -39.02 62.11 12.94
CA LEU Z 184 -40.16 62.06 13.84
C LEU Z 184 -39.96 63.05 14.98
N ASP Z 185 -41.02 63.24 15.75
CA ASP Z 185 -41.04 64.21 16.85
C ASP Z 185 -40.71 65.60 16.34
N LYS Z 186 -41.28 65.96 15.19
CA LYS Z 186 -41.20 67.32 14.68
C LYS Z 186 -42.41 67.58 13.78
N VAL Z 187 -42.72 68.84 13.58
CA VAL Z 187 -43.90 69.25 12.83
C VAL Z 187 -43.53 69.43 11.36
N TYR Z 188 -44.44 69.03 10.48
CA TYR Z 188 -44.27 69.16 9.04
C TYR Z 188 -45.22 70.22 8.51
N ASN Z 189 -44.69 71.16 7.73
CA ASN Z 189 -45.54 72.15 7.08
C ASN Z 189 -46.38 71.48 6.01
N VAL Z 190 -47.66 71.86 5.95
CA VAL Z 190 -48.62 71.26 5.03
C VAL Z 190 -49.27 72.40 4.25
N SER Z 191 -48.83 72.61 3.01
CA SER Z 191 -49.43 73.61 2.15
C SER Z 191 -49.32 73.14 0.71
N GLN Z 192 -50.22 73.66 -0.14
CA GLN Z 192 -50.38 73.10 -1.48
C GLN Z 192 -49.21 73.47 -2.39
N ALA Z 193 -48.72 74.70 -2.32
CA ALA Z 193 -47.78 75.22 -3.31
C ALA Z 193 -46.52 75.77 -2.63
N SER Z 194 -45.95 74.99 -1.71
CA SER Z 194 -44.71 75.37 -1.05
C SER Z 194 -43.76 74.18 -1.02
N VAL Z 195 -42.50 74.48 -0.69
CA VAL Z 195 -41.45 73.48 -0.61
C VAL Z 195 -40.57 73.79 0.59
N THR Z 196 -40.15 72.76 1.31
CA THR Z 196 -39.33 72.91 2.51
C THR Z 196 -37.86 72.85 2.11
N LEU Z 197 -37.15 73.96 2.29
CA LEU Z 197 -35.75 74.08 1.92
C LEU Z 197 -34.87 74.22 3.15
N THR Z 198 -33.68 73.63 3.09
CA THR Z 198 -32.65 73.82 4.11
C THR Z 198 -31.62 74.81 3.58
N VAL Z 199 -31.42 75.90 4.31
CA VAL Z 199 -30.42 76.92 3.98
C VAL Z 199 -29.70 77.31 5.26
N ASN Z 200 -28.39 77.50 5.16
CA ASN Z 200 -27.58 77.84 6.33
C ASN Z 200 -27.42 79.36 6.42
N THR Z 201 -27.65 79.90 7.61
CA THR Z 201 -27.48 81.31 7.89
C THR Z 201 -26.45 81.47 8.99
N ASN Z 202 -25.43 82.30 8.72
CA ASN Z 202 -24.33 82.54 9.66
C ASN Z 202 -23.62 81.24 10.05
N GLY Z 203 -23.58 80.28 9.14
CA GLY Z 203 -22.87 79.04 9.36
C GLY Z 203 -23.66 77.92 9.99
N VAL Z 204 -24.92 78.15 10.35
CA VAL Z 204 -25.77 77.12 10.95
C VAL Z 204 -26.96 76.90 10.03
N GLU Z 205 -27.27 75.63 9.76
CA GLU Z 205 -28.34 75.29 8.85
C GLU Z 205 -29.70 75.39 9.56
N SER Z 206 -30.73 75.60 8.75
CA SER Z 206 -32.10 75.66 9.23
C SER Z 206 -33.04 75.33 8.08
N GLN Z 207 -34.27 74.98 8.41
CA GLN Z 207 -35.28 74.60 7.43
C GLN Z 207 -36.37 75.66 7.41
N HIS Z 208 -36.63 76.20 6.21
CA HIS Z 208 -37.64 77.24 6.02
C HIS Z 208 -38.64 76.79 4.95
N THR Z 209 -39.90 77.11 5.17
CA THR Z 209 -40.96 76.80 4.22
C THR Z 209 -41.25 78.03 3.37
N VAL Z 210 -41.10 77.88 2.05
CA VAL Z 210 -41.30 78.98 1.12
C VAL Z 210 -42.12 78.47 -0.06
N ALA Z 211 -42.89 79.37 -0.66
CA ALA Z 211 -43.73 79.00 -1.79
C ALA Z 211 -42.88 78.62 -3.01
N ALA Z 212 -43.43 77.73 -3.83
CA ALA Z 212 -42.75 77.25 -5.03
C ALA Z 212 -43.61 77.57 -6.24
N TYR Z 213 -42.95 77.90 -7.35
CA TYR Z 213 -43.61 78.30 -8.58
C TYR Z 213 -43.22 77.35 -9.71
N SER Z 214 -44.21 76.91 -10.48
CA SER Z 214 -43.96 75.96 -11.55
C SER Z 214 -43.23 76.62 -12.72
N LEU Z 215 -42.45 75.81 -13.44
CA LEU Z 215 -41.72 76.31 -14.60
C LEU Z 215 -42.66 76.67 -15.74
N GLU Z 216 -43.77 75.94 -15.89
CA GLU Z 216 -44.70 76.21 -16.97
C GLU Z 216 -45.32 77.61 -16.82
N SER Z 217 -45.71 77.98 -15.61
CA SER Z 217 -46.25 79.32 -15.39
C SER Z 217 -45.21 80.39 -15.68
N LEU Z 218 -43.97 80.15 -15.27
CA LEU Z 218 -42.90 81.13 -15.51
C LEU Z 218 -42.67 81.33 -17.00
N THR Z 219 -42.62 80.23 -17.77
CA THR Z 219 -42.39 80.36 -19.19
C THR Z 219 -43.61 80.87 -19.94
N GLU Z 220 -44.81 80.68 -19.39
CA GLU Z 220 -46.01 81.22 -20.02
C GLU Z 220 -46.14 82.72 -19.77
N ALA Z 221 -45.73 83.19 -18.59
CA ALA Z 221 -45.86 84.61 -18.27
C ALA Z 221 -44.91 85.49 -19.07
N GLY Z 222 -43.92 84.93 -19.73
CA GLY Z 222 -42.98 85.72 -20.51
C GLY Z 222 -41.75 86.11 -19.71
N ALA Z 223 -41.13 85.13 -19.06
CA ALA Z 223 -39.97 85.38 -18.21
C ALA Z 223 -38.68 85.15 -19.00
N GLU Z 224 -37.65 85.91 -18.62
CA GLU Z 224 -36.32 85.77 -19.20
C GLU Z 224 -35.44 85.01 -18.21
N PHE Z 225 -34.85 83.91 -18.68
CA PHE Z 225 -34.07 83.03 -17.84
C PHE Z 225 -32.58 83.20 -18.11
N GLN Z 226 -31.77 82.79 -17.13
CA GLN Z 226 -30.32 82.77 -17.30
C GLN Z 226 -29.76 81.78 -16.28
N GLY Z 227 -29.23 80.67 -16.78
CA GLY Z 227 -28.71 79.65 -15.88
C GLY Z 227 -29.80 79.13 -14.96
N ASN Z 228 -29.59 79.27 -13.66
CA ASN Z 228 -30.58 78.90 -12.66
C ASN Z 228 -31.37 80.11 -12.17
N TYR Z 229 -31.29 81.23 -12.88
CA TYR Z 229 -31.96 82.46 -12.50
C TYR Z 229 -33.03 82.81 -13.52
N ALA Z 230 -34.10 83.45 -13.04
CA ALA Z 230 -35.21 83.86 -13.89
C ALA Z 230 -35.62 85.28 -13.54
N LEU Z 231 -36.25 85.94 -14.51
CA LEU Z 231 -36.75 87.30 -14.31
C LEU Z 231 -38.06 87.43 -15.09
N GLN Z 232 -39.18 87.29 -14.38
CA GLN Z 232 -40.50 87.44 -14.99
C GLN Z 232 -40.90 88.91 -15.12
N GLY Z 233 -40.20 89.82 -14.45
CA GLY Z 233 -40.59 91.21 -14.41
C GLY Z 233 -40.10 91.87 -13.13
N GLY Z 234 -41.02 92.46 -12.37
CA GLY Z 234 -40.64 93.04 -11.09
C GLY Z 234 -40.21 92.01 -10.06
N ASN Z 235 -40.40 90.73 -10.33
CA ASN Z 235 -40.00 89.65 -9.42
C ASN Z 235 -38.91 88.82 -10.05
N SER Z 236 -38.04 88.27 -9.21
CA SER Z 236 -36.93 87.44 -9.65
C SER Z 236 -37.02 86.07 -8.98
N TYR Z 237 -36.54 85.05 -9.70
CA TYR Z 237 -36.59 83.68 -9.23
C TYR Z 237 -35.25 83.00 -9.45
N VAL Z 238 -34.94 82.04 -8.58
CA VAL Z 238 -33.70 81.28 -8.65
C VAL Z 238 -34.03 79.80 -8.60
N LYS Z 239 -33.25 79.00 -9.35
CA LYS Z 239 -33.44 77.55 -9.35
C LYS Z 239 -32.44 76.90 -8.41
N VAL Z 240 -32.72 77.07 -7.11
CA VAL Z 240 -31.90 76.43 -6.09
C VAL Z 240 -32.11 74.92 -6.12
N GLU Z 241 -33.34 74.47 -6.38
CA GLU Z 241 -33.65 73.06 -6.50
C GLU Z 241 -34.56 72.85 -7.71
N ASN Z 242 -35.17 71.67 -7.81
CA ASN Z 242 -36.02 71.37 -8.95
C ASN Z 242 -37.24 72.27 -9.05
N VAL Z 243 -37.57 73.00 -7.99
CA VAL Z 243 -38.68 73.95 -7.98
C VAL Z 243 -38.11 75.36 -7.92
N TRP Z 244 -38.76 76.29 -8.62
CA TRP Z 244 -38.34 77.68 -8.65
C TRP Z 244 -38.94 78.45 -7.49
N VAL Z 245 -38.16 79.38 -6.94
CA VAL Z 245 -38.58 80.14 -5.76
C VAL Z 245 -38.17 81.60 -5.96
N ARG Z 246 -39.02 82.51 -5.50
CA ARG Z 246 -38.70 83.93 -5.52
C ARG Z 246 -37.49 84.20 -4.63
N ALA Z 247 -36.65 85.15 -5.06
CA ALA Z 247 -35.40 85.44 -4.38
C ALA Z 247 -35.27 86.94 -4.16
N GLU Z 248 -34.49 87.29 -3.14
CA GLU Z 248 -34.14 88.68 -2.83
C GLU Z 248 -32.82 89.03 -3.50
N THR Z 249 -32.67 90.31 -3.83
CA THR Z 249 -31.53 90.76 -4.63
C THR Z 249 -30.20 90.49 -3.94
N ALA Z 250 -29.94 91.22 -2.85
CA ALA Z 250 -28.71 91.08 -2.07
C ALA Z 250 -28.79 92.06 -0.90
N ALA Z 251 -28.00 91.78 0.12
CA ALA Z 251 -27.82 92.66 1.29
C ALA Z 251 -29.14 92.99 1.98
N THR Z 252 -30.21 92.25 1.69
CA THR Z 252 -31.48 92.49 2.35
C THR Z 252 -31.52 91.83 3.72
N GLY Z 253 -31.25 90.52 3.78
CA GLY Z 253 -31.17 89.84 5.05
C GLY Z 253 -29.98 90.27 5.89
N ALA Z 254 -28.85 90.55 5.23
CA ALA Z 254 -27.62 90.97 5.91
C ALA Z 254 -27.20 89.96 6.97
N THR Z 255 -27.38 88.67 6.66
CA THR Z 255 -27.06 87.59 7.57
C THR Z 255 -26.06 86.61 6.99
N GLY Z 256 -25.42 86.94 5.87
CA GLY Z 256 -24.46 86.04 5.26
C GLY Z 256 -25.10 84.75 4.76
N GLN Z 257 -26.29 84.85 4.17
CA GLN Z 257 -26.98 83.67 3.68
C GLN Z 257 -26.28 83.10 2.45
N GLU Z 258 -26.52 81.82 2.20
CA GLU Z 258 -25.95 81.15 1.04
C GLU Z 258 -26.43 81.81 -0.25
N ILE Z 259 -25.50 82.03 -1.17
CA ILE Z 259 -25.81 82.72 -2.43
C ILE Z 259 -26.54 81.75 -3.34
N ALA Z 260 -27.75 82.12 -3.75
CA ALA Z 260 -28.54 81.26 -4.62
C ALA Z 260 -27.92 81.15 -6.01
N ALA Z 261 -27.59 82.28 -6.62
CA ALA Z 261 -27.04 82.28 -7.97
C ALA Z 261 -26.43 83.64 -8.25
N THR Z 262 -25.58 83.69 -9.27
CA THR Z 262 -24.97 84.92 -9.75
C THR Z 262 -25.33 85.12 -11.22
N THR Z 263 -25.55 86.38 -11.59
CA THR Z 263 -25.99 86.75 -12.92
C THR Z 263 -25.01 87.72 -13.56
N THR Z 264 -25.34 88.14 -14.78
CA THR Z 264 -24.54 89.10 -15.53
C THR Z 264 -25.48 90.05 -16.25
N ALA Z 265 -24.96 90.81 -17.21
CA ALA Z 265 -25.77 91.78 -17.94
C ALA Z 265 -26.92 91.10 -18.67
N ALA Z 266 -26.59 90.26 -19.64
CA ALA Z 266 -27.59 89.45 -20.37
C ALA Z 266 -28.73 90.32 -20.92
N GLY Z 267 -28.37 91.49 -21.42
CA GLY Z 267 -29.36 92.38 -21.99
C GLY Z 267 -30.09 93.25 -20.98
N THR Z 268 -30.98 92.63 -20.21
CA THR Z 268 -31.80 93.37 -19.23
C THR Z 268 -31.82 92.67 -17.88
N ILE Z 269 -30.72 92.00 -17.51
CA ILE Z 269 -30.60 91.31 -16.24
C ILE Z 269 -29.57 92.05 -15.40
N THR Z 270 -29.96 92.42 -14.18
CA THR Z 270 -29.05 93.09 -13.28
C THR Z 270 -27.95 92.13 -12.82
N ALA Z 271 -26.72 92.63 -12.75
CA ALA Z 271 -25.59 91.83 -12.30
C ALA Z 271 -25.51 91.88 -10.79
N ASP Z 272 -25.88 90.79 -10.13
CA ASP Z 272 -25.92 90.75 -8.68
C ASP Z 272 -25.84 89.30 -8.22
N SER Z 273 -25.50 89.11 -6.95
CA SER Z 273 -25.46 87.80 -6.33
C SER Z 273 -26.78 87.60 -5.57
N TRP Z 274 -27.63 86.75 -6.11
CA TRP Z 274 -28.98 86.59 -5.60
C TRP Z 274 -29.03 85.54 -4.50
N VAL Z 275 -29.96 85.73 -3.56
CA VAL Z 275 -30.11 84.87 -2.40
C VAL Z 275 -31.58 84.49 -2.28
N VAL Z 276 -31.85 83.22 -1.95
CA VAL Z 276 -33.22 82.76 -1.79
C VAL Z 276 -33.91 83.55 -0.69
N ASP Z 277 -35.13 84.01 -0.98
CA ASP Z 277 -35.90 84.78 -0.02
C ASP Z 277 -36.35 83.87 1.12
N VAL Z 278 -35.80 84.11 2.32
CA VAL Z 278 -36.21 83.33 3.49
C VAL Z 278 -37.67 83.61 3.83
N GLY Z 279 -38.17 84.80 3.51
CA GLY Z 279 -39.56 85.12 3.72
C GLY Z 279 -40.44 84.57 2.63
N ASN Z 280 -41.39 85.39 2.14
CA ASN Z 280 -42.31 85.01 1.07
C ASN Z 280 -43.11 83.77 1.47
N ALA Z 281 -43.92 83.96 2.50
CA ALA Z 281 -44.73 82.87 3.03
C ALA Z 281 -45.74 82.39 1.98
N PRO Z 282 -46.12 81.12 2.02
CA PRO Z 282 -47.08 80.60 1.04
C PRO Z 282 -48.44 81.28 1.15
N ALA Z 283 -49.30 80.99 0.18
CA ALA Z 283 -50.63 81.58 0.16
C ALA Z 283 -51.44 81.15 1.38
N ALA Z 284 -51.36 79.88 1.75
CA ALA Z 284 -52.06 79.34 2.92
C ALA Z 284 -51.04 78.57 3.74
N ASN Z 285 -50.42 79.24 4.70
CA ASN Z 285 -49.39 78.63 5.55
C ASN Z 285 -50.08 77.81 6.63
N VAL Z 286 -50.13 76.50 6.44
CA VAL Z 286 -50.72 75.58 7.39
C VAL Z 286 -49.65 74.59 7.84
N SER Z 287 -49.57 74.38 9.15
CA SER Z 287 -48.60 73.46 9.73
C SER Z 287 -49.35 72.35 10.47
N ALA Z 288 -48.70 71.18 10.55
CA ALA Z 288 -49.28 70.06 11.28
C ALA Z 288 -49.48 70.43 12.74
N GLY Z 289 -50.66 70.08 13.28
CA GLY Z 289 -50.97 70.44 14.65
C GLY Z 289 -50.02 69.83 15.65
N GLN Z 290 -49.70 68.54 15.46
CA GLN Z 290 -48.80 67.83 16.36
C GLN Z 290 -47.83 66.98 15.54
N SER Z 291 -46.71 66.65 16.15
CA SER Z 291 -45.73 65.78 15.51
C SER Z 291 -46.21 64.34 15.53
N VAL Z 292 -45.41 63.45 14.94
CA VAL Z 292 -45.76 62.04 14.91
C VAL Z 292 -45.69 61.44 16.31
N ALA Z 293 -44.72 61.86 17.11
CA ALA Z 293 -44.56 61.33 18.46
C ALA Z 293 -45.46 62.01 19.48
N ASN Z 294 -46.15 63.09 19.11
CA ASN Z 294 -47.03 63.81 20.02
C ASN Z 294 -48.47 63.81 19.51
N ILE Z 295 -48.90 62.72 18.88
CA ILE Z 295 -50.24 62.65 18.32
C ILE Z 295 -51.26 62.62 19.45
N ASN Z 296 -52.22 63.53 19.40
CA ASN Z 296 -53.31 63.58 20.37
C ASN Z 296 -54.55 64.04 19.63
N ILE Z 297 -55.47 63.11 19.36
CA ILE Z 297 -56.59 63.36 18.48
C ILE Z 297 -57.88 63.62 19.28
N VAL Z 298 -57.77 63.98 20.55
CA VAL Z 298 -58.94 64.23 21.39
C VAL Z 298 -59.51 65.59 20.99
N GLY Z 299 -60.57 65.58 20.18
CA GLY Z 299 -61.24 66.81 19.79
C GLY Z 299 -60.40 67.77 18.98
N MET Z 300 -59.64 67.26 18.01
CA MET Z 300 -58.81 68.15 17.18
C MET Z 300 -59.65 68.93 16.19
N GLY Z 301 -60.61 68.28 15.55
CA GLY Z 301 -61.38 68.88 14.47
C GLY Z 301 -60.95 68.37 13.11
N ALA Z 302 -61.76 68.73 12.11
CA ALA Z 302 -61.54 68.21 10.76
C ALA Z 302 -60.22 68.72 10.18
N ALA Z 303 -59.99 70.04 10.24
CA ALA Z 303 -58.78 70.61 9.65
C ALA Z 303 -57.53 70.09 10.34
N ALA Z 304 -57.56 69.99 11.66
CA ALA Z 304 -56.41 69.46 12.39
C ALA Z 304 -56.17 68.01 12.02
N LEU Z 305 -57.24 67.23 11.85
CA LEU Z 305 -57.09 65.84 11.43
C LEU Z 305 -56.46 65.74 10.05
N ASP Z 306 -56.89 66.57 9.11
CA ASP Z 306 -56.30 66.54 7.78
C ASP Z 306 -54.83 66.94 7.82
N ALA Z 307 -54.49 67.98 8.61
CA ALA Z 307 -53.10 68.38 8.73
C ALA Z 307 -52.25 67.27 9.33
N LEU Z 308 -52.77 66.59 10.36
CA LEU Z 308 -52.04 65.49 10.97
C LEU Z 308 -51.85 64.35 9.99
N ILE Z 309 -52.88 64.04 9.20
CA ILE Z 309 -52.77 62.97 8.20
C ILE Z 309 -51.71 63.32 7.16
N SER Z 310 -51.70 64.57 6.70
CA SER Z 310 -50.70 64.99 5.72
C SER Z 310 -49.30 64.91 6.30
N GLY Z 311 -49.13 65.35 7.56
CA GLY Z 311 -47.82 65.25 8.18
C GLY Z 311 -47.36 63.81 8.36
N VAL Z 312 -48.27 62.93 8.73
CA VAL Z 312 -47.94 61.52 8.88
C VAL Z 312 -47.52 60.93 7.53
N ASP Z 313 -48.25 61.30 6.46
CA ASP Z 313 -47.89 60.80 5.14
C ASP Z 313 -46.51 61.31 4.72
N ALA Z 314 -46.22 62.58 5.01
CA ALA Z 314 -44.90 63.12 4.68
C ALA Z 314 -43.80 62.39 5.44
N ALA Z 315 -44.04 62.11 6.73
CA ALA Z 315 -43.06 61.36 7.51
C ALA Z 315 -42.87 59.95 6.95
N LEU Z 316 -43.97 59.31 6.54
CA LEU Z 316 -43.88 57.98 5.95
C LEU Z 316 -43.09 58.00 4.65
N THR Z 317 -43.30 59.02 3.83
CA THR Z 317 -42.55 59.14 2.58
C THR Z 317 -41.06 59.32 2.85
N ASP Z 318 -40.72 60.18 3.83
CA ASP Z 318 -39.32 60.38 4.17
C ASP Z 318 -38.70 59.10 4.72
N MET Z 319 -39.45 58.36 5.53
CA MET Z 319 -38.94 57.10 6.06
C MET Z 319 -38.75 56.06 4.95
N THR Z 320 -39.65 56.05 3.97
CA THR Z 320 -39.47 55.16 2.82
C THR Z 320 -38.23 55.52 2.03
N SER Z 321 -37.98 56.82 1.84
CA SER Z 321 -36.76 57.25 1.16
C SER Z 321 -35.53 56.82 1.95
N ALA Z 322 -35.56 56.95 3.27
CA ALA Z 322 -34.45 56.52 4.10
C ALA Z 322 -34.22 55.02 4.00
N ALA Z 323 -35.31 54.23 3.98
CA ALA Z 323 -35.18 52.79 3.82
C ALA Z 323 -34.58 52.42 2.48
N ALA Z 324 -34.99 53.12 1.41
CA ALA Z 324 -34.40 52.87 0.10
C ALA Z 324 -32.92 53.21 0.10
N SER Z 325 -32.54 54.31 0.75
CA SER Z 325 -31.12 54.66 0.85
C SER Z 325 -30.34 53.60 1.61
N LEU Z 326 -30.92 53.08 2.70
CA LEU Z 326 -30.24 52.04 3.46
C LEU Z 326 -30.08 50.76 2.63
N GLY Z 327 -31.11 50.40 1.86
CA GLY Z 327 -31.00 49.23 1.00
C GLY Z 327 -29.94 49.41 -0.06
N SER Z 328 -29.86 50.60 -0.65
CA SER Z 328 -28.82 50.88 -1.63
C SER Z 328 -27.43 50.80 -0.99
N ILE Z 329 -27.32 51.30 0.24
CA ILE Z 329 -26.05 51.22 0.96
C ILE Z 329 -25.65 49.76 1.19
N SER Z 330 -26.62 48.92 1.58
CA SER Z 330 -26.34 47.51 1.80
C SER Z 330 -25.90 46.83 0.50
N SER Z 331 -26.57 47.15 -0.61
CA SER Z 331 -26.17 46.59 -1.89
C SER Z 331 -24.76 47.03 -2.26
N ARG Z 332 -24.43 48.30 -2.02
CA ARG Z 332 -23.07 48.78 -2.30
C ARG Z 332 -22.05 48.06 -1.44
N ILE Z 333 -22.37 47.82 -0.17
CA ILE Z 333 -21.45 47.08 0.70
C ILE Z 333 -21.23 45.66 0.18
N ASP Z 334 -22.31 45.00 -0.26
CA ASP Z 334 -22.16 43.65 -0.80
C ASP Z 334 -21.28 43.64 -2.04
N LEU Z 335 -21.51 44.57 -2.96
CA LEU Z 335 -20.70 44.66 -4.16
C LEU Z 335 -19.24 44.97 -3.82
N GLN Z 336 -19.02 45.87 -2.87
CA GLN Z 336 -17.67 46.20 -2.45
C GLN Z 336 -16.96 45.00 -1.85
N SER Z 337 -17.66 44.23 -1.03
CA SER Z 337 -17.05 43.04 -0.43
C SER Z 337 -16.67 42.03 -1.52
N GLU Z 338 -17.57 41.83 -2.48
CA GLU Z 338 -17.26 40.89 -3.57
C GLU Z 338 -16.07 41.37 -4.38
N PHE Z 339 -16.00 42.67 -4.67
CA PHE Z 339 -14.87 43.20 -5.43
C PHE Z 339 -13.57 43.09 -4.65
N VAL Z 340 -13.61 43.33 -3.34
CA VAL Z 340 -12.40 43.19 -2.52
C VAL Z 340 -11.95 41.74 -2.50
N ASN Z 341 -12.90 40.80 -2.44
CA ASN Z 341 -12.53 39.39 -2.52
C ASN Z 341 -11.85 39.06 -3.84
N LYS Z 342 -12.41 39.56 -4.95
CA LYS Z 342 -11.78 39.33 -6.24
C LYS Z 342 -10.39 39.94 -6.31
N LEU Z 343 -10.23 41.16 -5.80
CA LEU Z 343 -8.94 41.82 -5.83
C LEU Z 343 -7.91 41.09 -5.00
N SER Z 344 -8.31 40.60 -3.82
CA SER Z 344 -7.41 39.82 -2.99
C SER Z 344 -7.01 38.53 -3.68
N ASP Z 345 -7.96 37.86 -4.34
CA ASP Z 345 -7.64 36.65 -5.09
C ASP Z 345 -6.63 36.94 -6.20
N SER Z 346 -6.84 38.04 -6.93
CA SER Z 346 -5.92 38.40 -8.00
C SER Z 346 -4.53 38.72 -7.47
N ILE Z 347 -4.46 39.45 -6.35
CA ILE Z 347 -3.17 39.79 -5.76
C ILE Z 347 -2.45 38.53 -5.29
N GLU Z 348 -3.18 37.61 -4.65
CA GLU Z 348 -2.57 36.37 -4.20
C GLU Z 348 -2.07 35.54 -5.38
N SER Z 349 -2.84 35.49 -6.46
CA SER Z 349 -2.41 34.76 -7.64
C SER Z 349 -1.15 35.38 -8.24
N GLY Z 350 -1.09 36.71 -8.30
CA GLY Z 350 0.11 37.37 -8.80
C GLY Z 350 1.32 37.11 -7.93
N VAL Z 351 1.14 37.14 -6.61
CA VAL Z 351 2.24 36.85 -5.69
C VAL Z 351 2.73 35.43 -5.88
N GLY Z 352 1.79 34.48 -6.00
CA GLY Z 352 2.19 33.10 -6.23
C GLY Z 352 2.94 32.91 -7.53
N ARG Z 353 2.47 33.56 -8.59
CA ARG Z 353 3.15 33.46 -9.88
C ARG Z 353 4.55 34.07 -9.82
N LEU Z 354 4.70 35.18 -9.10
CA LEU Z 354 6.00 35.84 -9.00
C LEU Z 354 6.95 35.13 -8.03
N VAL Z 355 6.43 34.33 -7.10
CA VAL Z 355 7.22 33.79 -6.01
C VAL Z 355 7.39 32.28 -6.10
N ASP Z 356 6.32 31.55 -6.40
CA ASP Z 356 6.38 30.09 -6.37
C ASP Z 356 7.27 29.56 -7.49
N ALA Z 357 7.70 28.31 -7.33
CA ALA Z 357 8.59 27.63 -8.27
C ALA Z 357 7.94 26.35 -8.76
N ASP Z 358 8.09 26.07 -10.05
CA ASP Z 358 7.57 24.84 -10.66
C ASP Z 358 8.44 23.67 -10.20
N MET Z 359 7.93 22.89 -9.25
CA MET Z 359 8.76 21.94 -8.50
C MET Z 359 9.40 20.87 -9.40
N ASN Z 360 8.88 20.66 -10.60
CA ASN Z 360 9.41 19.59 -11.45
C ASN Z 360 10.87 19.84 -11.83
N GLU Z 361 11.19 21.06 -12.25
CA GLU Z 361 12.57 21.34 -12.62
C GLU Z 361 13.48 21.37 -11.39
N GLU Z 362 12.96 21.77 -10.23
CA GLU Z 362 13.77 21.65 -9.01
C GLU Z 362 14.07 20.20 -8.67
N SER Z 363 13.11 19.31 -8.90
CA SER Z 363 13.38 17.88 -8.73
C SER Z 363 14.45 17.41 -9.70
N THR Z 364 14.36 17.86 -10.96
CA THR Z 364 15.37 17.50 -11.94
C THR Z 364 16.75 17.99 -11.52
N ARG Z 365 16.83 19.23 -11.03
CA ARG Z 365 18.11 19.76 -10.55
C ARG Z 365 18.60 18.98 -9.33
N LEU Z 366 17.69 18.57 -8.45
CA LEU Z 366 18.10 17.81 -7.27
C LEU Z 366 18.73 16.47 -7.69
N LYS Z 367 18.09 15.77 -8.63
CA LYS Z 367 18.67 14.53 -9.13
C LYS Z 367 20.01 14.78 -9.81
N ALA Z 368 20.09 15.83 -10.62
CA ALA Z 368 21.32 16.12 -11.34
C ALA Z 368 22.46 16.44 -10.38
N LEU Z 369 22.19 17.22 -9.34
CA LEU Z 369 23.20 17.54 -8.34
C LEU Z 369 23.60 16.31 -7.53
N GLN Z 370 22.67 15.40 -7.24
CA GLN Z 370 23.06 14.16 -6.59
C GLN Z 370 24.04 13.37 -7.45
N THR Z 371 23.72 13.24 -8.74
CA THR Z 371 24.62 12.51 -9.64
C THR Z 371 25.97 13.21 -9.76
N GLN Z 372 25.96 14.54 -9.88
CA GLN Z 372 27.21 15.29 -10.00
C GLN Z 372 28.05 15.16 -8.74
N GLN Z 373 27.42 15.18 -7.57
CA GLN Z 373 28.15 14.99 -6.32
C GLN Z 373 28.76 13.60 -6.26
N GLN Z 374 28.02 12.57 -6.72
CA GLN Z 374 28.59 11.23 -6.73
C GLN Z 374 29.81 11.16 -7.63
N LEU Z 375 29.71 11.77 -8.82
CA LEU Z 375 30.85 11.82 -9.72
C LEU Z 375 32.03 12.56 -9.09
N ALA Z 376 31.76 13.69 -8.45
CA ALA Z 376 32.82 14.48 -7.84
C ALA Z 376 33.50 13.72 -6.71
N ILE Z 377 32.73 13.01 -5.89
CA ILE Z 377 33.31 12.22 -4.82
C ILE Z 377 34.18 11.10 -5.38
N GLN Z 378 33.70 10.42 -6.43
CA GLN Z 378 34.51 9.37 -7.04
C GLN Z 378 35.81 9.93 -7.60
N ALA Z 379 35.74 11.06 -8.30
CA ALA Z 379 36.94 11.67 -8.86
C ALA Z 379 37.89 12.13 -7.77
N LEU Z 380 37.36 12.65 -6.67
CA LEU Z 380 38.19 13.06 -5.54
C LEU Z 380 38.89 11.85 -4.92
N SER Z 381 38.18 10.73 -4.78
CA SER Z 381 38.82 9.53 -4.26
C SER Z 381 39.93 9.06 -5.19
N ILE Z 382 39.70 9.10 -6.50
CA ILE Z 382 40.73 8.70 -7.45
C ILE Z 382 41.94 9.62 -7.36
N ALA Z 383 41.70 10.93 -7.26
CA ALA Z 383 42.79 11.90 -7.19
C ALA Z 383 43.57 11.76 -5.89
N ASN Z 384 42.89 11.39 -4.80
CA ASN Z 384 43.60 11.12 -3.55
C ASN Z 384 44.44 9.85 -3.66
N SER Z 385 43.90 8.83 -4.31
CA SER Z 385 44.60 7.54 -4.35
C SER Z 385 45.78 7.54 -5.31
N ASP Z 386 45.71 8.30 -6.40
CA ASP Z 386 46.72 8.16 -7.44
C ASP Z 386 48.11 8.64 -7.02
N SER Z 387 48.22 9.38 -5.91
CA SER Z 387 49.51 9.89 -5.48
C SER Z 387 50.39 8.84 -4.82
N GLN Z 388 49.86 7.65 -4.54
CA GLN Z 388 50.61 6.60 -3.89
C GLN Z 388 51.46 5.78 -4.86
N ASN Z 389 51.37 6.06 -6.17
CA ASN Z 389 52.10 5.26 -7.15
C ASN Z 389 53.61 5.44 -7.03
N VAL Z 390 54.06 6.57 -6.48
CA VAL Z 390 55.49 6.86 -6.42
C VAL Z 390 56.25 5.89 -5.53
N LEU Z 391 55.57 5.21 -4.60
CA LEU Z 391 56.26 4.37 -3.64
C LEU Z 391 56.98 3.19 -4.30
N SER Z 392 56.59 2.82 -5.52
CA SER Z 392 57.15 1.62 -6.14
C SER Z 392 58.63 1.79 -6.46
N LEU Z 393 59.04 2.97 -6.94
CA LEU Z 393 60.42 3.15 -7.38
C LEU Z 393 61.39 3.07 -6.21
N PHE Z 394 61.05 3.68 -5.08
CA PHE Z 394 62.01 3.80 -3.98
C PHE Z 394 62.20 2.49 -3.23
N ARG Z 395 61.27 1.55 -3.34
CA ARG Z 395 61.41 0.25 -2.69
C ARG Z 395 62.19 -0.73 -3.55
N THR AA 2 61.61 -36.67 1.35
CA THR AA 2 60.48 -36.32 0.50
C THR AA 2 60.76 -36.71 -0.95
N SER AA 3 59.82 -37.45 -1.54
CA SER AA 3 59.93 -37.87 -2.93
C SER AA 3 59.31 -36.81 -3.83
N ILE AA 4 60.10 -36.30 -4.78
CA ILE AA 4 59.64 -35.22 -5.65
C ILE AA 4 58.88 -35.73 -6.87
N LEU AA 5 58.81 -37.05 -7.07
CA LEU AA 5 58.15 -37.61 -8.24
C LEU AA 5 56.73 -38.05 -7.98
N THR AA 6 56.36 -38.32 -6.72
CA THR AA 6 55.01 -38.67 -6.37
C THR AA 6 54.58 -37.89 -5.13
N ASN AA 7 53.29 -37.55 -5.08
CA ASN AA 7 52.71 -36.82 -3.96
C ASN AA 7 51.36 -37.47 -3.65
N ASN AA 8 51.37 -38.47 -2.77
CA ASN AA 8 50.16 -39.24 -2.50
C ASN AA 8 49.07 -38.36 -1.91
N SER AA 9 49.44 -37.38 -1.08
CA SER AA 9 48.45 -36.45 -0.55
C SER AA 9 47.80 -35.66 -1.68
N ALA AA 10 48.58 -35.27 -2.67
CA ALA AA 10 48.02 -34.57 -3.82
C ALA AA 10 47.02 -35.44 -4.58
N MET AA 11 47.35 -36.72 -4.76
CA MET AA 11 46.45 -37.63 -5.48
C MET AA 11 45.16 -37.86 -4.69
N ALA AA 12 45.27 -38.00 -3.37
CA ALA AA 12 44.08 -38.13 -2.54
C ALA AA 12 43.21 -36.88 -2.62
N ALA AA 13 43.84 -35.70 -2.61
CA ALA AA 13 43.11 -34.46 -2.76
C ALA AA 13 42.43 -34.39 -4.12
N LEU AA 14 43.10 -34.87 -5.16
CA LEU AA 14 42.51 -34.90 -6.50
C LEU AA 14 41.28 -35.80 -6.53
N SER AA 15 41.36 -36.98 -5.91
CA SER AA 15 40.21 -37.87 -5.86
C SER AA 15 39.06 -37.23 -5.10
N GLY AA 16 39.35 -36.58 -3.98
CA GLY AA 16 38.31 -35.87 -3.25
C GLY AA 16 37.67 -34.77 -4.08
N VAL AA 17 38.49 -34.02 -4.83
CA VAL AA 17 37.97 -32.95 -5.66
C VAL AA 17 37.06 -33.51 -6.74
N ARG AA 18 37.46 -34.63 -7.38
CA ARG AA 18 36.60 -35.23 -8.40
C ARG AA 18 35.28 -35.70 -7.81
N SER AA 19 35.32 -36.31 -6.62
CA SER AA 19 34.08 -36.76 -5.99
C SER AA 19 33.17 -35.58 -5.67
N ILE AA 20 33.74 -34.51 -5.12
CA ILE AA 20 32.94 -33.33 -4.80
C ILE AA 20 32.38 -32.70 -6.06
N SER AA 21 33.16 -32.67 -7.14
CA SER AA 21 32.69 -32.09 -8.39
C SER AA 21 31.53 -32.89 -8.97
N SER AA 22 31.63 -34.22 -8.95
CA SER AA 22 30.54 -35.05 -9.44
C SER AA 22 29.28 -34.84 -8.60
N SER AA 23 29.42 -34.82 -7.27
CA SER AA 23 28.26 -34.61 -6.41
C SER AA 23 27.66 -33.23 -6.64
N MET AA 24 28.52 -32.22 -6.83
CA MET AA 24 28.04 -30.86 -7.07
C MET AA 24 27.28 -30.78 -8.39
N GLU AA 25 27.78 -31.42 -9.44
CA GLU AA 25 27.06 -31.41 -10.72
C GLU AA 25 25.71 -32.11 -10.57
N ASP AA 26 25.67 -33.23 -9.86
CA ASP AA 26 24.40 -33.93 -9.65
C ASP AA 26 23.41 -33.05 -8.90
N THR AA 27 23.84 -32.47 -7.78
CA THR AA 27 22.92 -31.65 -6.99
C THR AA 27 22.55 -30.37 -7.73
N GLN AA 28 23.42 -29.89 -8.61
CA GLN AA 28 23.08 -28.73 -9.43
C GLN AA 28 21.96 -29.06 -10.41
N SER AA 29 22.04 -30.23 -11.05
CA SER AA 29 20.94 -30.66 -11.89
C SER AA 29 19.66 -30.81 -11.06
N ARG AA 30 19.79 -31.38 -9.86
CA ARG AA 30 18.64 -31.56 -8.98
C ARG AA 30 17.99 -30.23 -8.62
N ILE AA 31 18.81 -29.23 -8.28
CA ILE AA 31 18.30 -27.93 -7.85
C ILE AA 31 17.84 -27.07 -9.02
N SER AA 32 18.27 -27.40 -10.24
CA SER AA 32 17.91 -26.61 -11.41
C SER AA 32 16.70 -27.18 -12.14
N SER AA 33 16.38 -28.46 -11.98
CA SER AA 33 15.26 -29.03 -12.72
C SER AA 33 14.44 -29.95 -11.83
N GLY AA 34 14.47 -29.74 -10.52
CA GLY AA 34 13.74 -30.60 -9.61
C GLY AA 34 14.15 -32.05 -9.73
N LEU AA 35 13.19 -32.94 -10.02
CA LEU AA 35 13.49 -34.34 -10.32
C LEU AA 35 14.41 -35.01 -9.31
N ARG AA 36 13.90 -35.31 -8.11
CA ARG AA 36 14.67 -36.10 -7.16
C ARG AA 36 15.19 -37.37 -7.82
N VAL AA 37 14.37 -38.00 -8.65
CA VAL AA 37 14.79 -39.13 -9.45
C VAL AA 37 15.29 -38.60 -10.80
N GLY AA 38 16.56 -38.83 -11.08
CA GLY AA 38 17.16 -38.38 -12.32
C GLY AA 38 16.47 -38.95 -13.54
N SER AA 39 16.93 -38.50 -14.70
CA SER AA 39 16.35 -38.88 -15.99
C SER AA 39 16.18 -40.40 -16.04
N ALA AA 40 17.25 -41.18 -16.06
CA ALA AA 40 17.13 -42.63 -15.80
C ALA AA 40 18.34 -43.16 -15.07
N SER AA 41 19.29 -42.29 -14.73
CA SER AA 41 20.54 -42.71 -14.10
C SER AA 41 20.39 -43.00 -12.62
N ASP AA 42 19.25 -42.64 -12.03
CA ASP AA 42 18.89 -43.04 -10.68
C ASP AA 42 18.13 -44.35 -10.74
N ASN AA 43 17.44 -44.70 -9.65
CA ASN AA 43 16.73 -45.96 -9.56
C ASN AA 43 15.68 -46.14 -10.66
N ALA AA 44 15.95 -47.08 -11.56
CA ALA AA 44 15.21 -47.19 -12.81
C ALA AA 44 13.74 -47.50 -12.58
N ALA AA 45 13.44 -48.35 -11.60
CA ALA AA 45 12.07 -48.82 -11.40
C ALA AA 45 11.12 -47.66 -11.13
N TYR AA 46 11.52 -46.75 -10.23
CA TYR AA 46 10.65 -45.63 -9.91
C TYR AA 46 10.47 -44.70 -11.10
N TRP AA 47 11.54 -44.49 -11.89
CA TRP AA 47 11.41 -43.69 -13.09
C TRP AA 47 10.45 -44.34 -14.09
N SER AA 48 10.52 -45.66 -14.23
CA SER AA 48 9.61 -46.38 -15.11
C SER AA 48 8.16 -46.21 -14.65
N ILE AA 49 7.93 -46.32 -13.34
CA ILE AA 49 6.60 -46.12 -12.79
C ILE AA 49 6.12 -44.71 -13.10
N ALA AA 50 7.00 -43.72 -12.90
CA ALA AA 50 6.64 -42.33 -13.17
C ALA AA 50 6.29 -42.12 -14.64
N THR AA 51 7.06 -42.71 -15.54
CA THR AA 51 6.78 -42.58 -16.97
C THR AA 51 5.45 -43.22 -17.33
N THR AA 52 5.18 -44.41 -16.77
CA THR AA 52 3.91 -45.07 -17.03
C THR AA 52 2.74 -44.22 -16.53
N MET AA 53 2.88 -43.64 -15.34
CA MET AA 53 1.81 -42.80 -14.81
C MET AA 53 1.66 -41.51 -15.60
N ARG AA 54 2.74 -40.95 -16.13
CA ARG AA 54 2.61 -39.78 -16.99
C ARG AA 54 1.86 -40.12 -18.27
N SER AA 55 2.16 -41.28 -18.86
CA SER AA 55 1.40 -41.71 -20.04
C SER AA 55 -0.06 -41.92 -19.69
N ASP AA 56 -0.33 -42.51 -18.52
CA ASP AA 56 -1.71 -42.70 -18.09
C ASP AA 56 -2.42 -41.37 -17.90
N ASN AA 57 -1.71 -40.37 -17.36
CA ASN AA 57 -2.30 -39.05 -17.17
C ASN AA 57 -2.63 -38.40 -18.52
N GLN AA 58 -1.74 -38.56 -19.50
CA GLN AA 58 -2.03 -38.06 -20.84
C GLN AA 58 -3.27 -38.73 -21.41
N ALA AA 59 -3.37 -40.06 -21.23
CA ALA AA 59 -4.56 -40.77 -21.68
C ALA AA 59 -5.82 -40.26 -20.98
N LEU AA 60 -5.71 -39.97 -19.69
CA LEU AA 60 -6.87 -39.45 -18.95
C LEU AA 60 -7.26 -38.07 -19.45
N SER AA 61 -6.29 -37.24 -19.82
CA SER AA 61 -6.61 -35.95 -20.40
C SER AA 61 -7.35 -36.10 -21.72
N ALA AA 62 -6.89 -37.05 -22.56
CA ALA AA 62 -7.60 -37.32 -23.80
C ALA AA 62 -9.02 -37.80 -23.52
N VAL AA 63 -9.19 -38.66 -22.51
CA VAL AA 63 -10.51 -39.13 -22.13
C VAL AA 63 -11.38 -37.97 -21.65
N GLN AA 64 -10.78 -37.01 -20.95
CA GLN AA 64 -11.53 -35.84 -20.51
C GLN AA 64 -12.02 -35.02 -21.70
N ASP AA 65 -11.17 -34.83 -22.70
CA ASP AA 65 -11.61 -34.12 -23.91
C ASP AA 65 -12.75 -34.87 -24.60
N ALA AA 66 -12.62 -36.19 -24.71
CA ALA AA 66 -13.68 -36.99 -25.31
C ALA AA 66 -14.97 -36.91 -24.50
N LEU AA 67 -14.85 -36.88 -23.17
CA LEU AA 67 -16.02 -36.76 -22.31
C LEU AA 67 -16.71 -35.42 -22.53
N GLY AA 68 -15.94 -34.35 -22.66
CA GLY AA 68 -16.54 -33.06 -22.96
C GLY AA 68 -17.27 -33.05 -24.28
N LEU AA 69 -16.66 -33.65 -25.31
CA LEU AA 69 -17.31 -33.72 -26.62
C LEU AA 69 -18.62 -34.51 -26.53
N GLY AA 70 -18.58 -35.65 -25.83
CA GLY AA 70 -19.79 -36.46 -25.69
C GLY AA 70 -20.86 -35.76 -24.89
N ALA AA 71 -20.46 -35.00 -23.86
CA ALA AA 71 -21.42 -34.24 -23.08
C ALA AA 71 -22.10 -33.17 -23.94
N ALA AA 72 -21.33 -32.51 -24.80
CA ALA AA 72 -21.93 -31.55 -25.72
C ALA AA 72 -22.92 -32.24 -26.66
N LYS AA 73 -22.55 -33.41 -27.19
CA LYS AA 73 -23.44 -34.14 -28.07
C LYS AA 73 -24.74 -34.50 -27.36
N VAL AA 74 -24.62 -35.01 -26.13
CA VAL AA 74 -25.80 -35.42 -25.37
C VAL AA 74 -26.67 -34.22 -25.04
N ASP AA 75 -26.05 -33.07 -24.73
CA ASP AA 75 -26.83 -31.88 -24.44
C ASP AA 75 -27.63 -31.43 -25.67
N THR AA 76 -27.00 -31.44 -26.84
CA THR AA 76 -27.71 -31.09 -28.07
C THR AA 76 -28.86 -32.07 -28.33
N ALA AA 77 -28.60 -33.36 -28.16
CA ALA AA 77 -29.64 -34.36 -28.37
C ALA AA 77 -30.80 -34.16 -27.40
N TYR AA 78 -30.49 -33.85 -26.14
CA TYR AA 78 -31.54 -33.63 -25.15
C TYR AA 78 -32.37 -32.40 -25.48
N SER AA 79 -31.71 -31.33 -25.95
CA SER AA 79 -32.46 -30.13 -26.33
C SER AA 79 -33.42 -30.44 -27.48
N GLY AA 80 -32.93 -31.14 -28.50
CA GLY AA 80 -33.80 -31.54 -29.59
C GLY AA 80 -34.94 -32.43 -29.11
N MET AA 81 -34.63 -33.34 -28.19
CA MET AA 81 -35.64 -34.25 -27.66
C MET AA 81 -36.74 -33.48 -26.93
N GLU AA 82 -36.36 -32.50 -26.11
CA GLU AA 82 -37.33 -31.70 -25.40
C GLU AA 82 -38.20 -30.89 -26.35
N SER AA 83 -37.59 -30.30 -27.39
CA SER AA 83 -38.37 -29.57 -28.38
C SER AA 83 -39.38 -30.47 -29.07
N ALA AA 84 -38.95 -31.68 -29.45
CA ALA AA 84 -39.85 -32.61 -30.11
C ALA AA 84 -41.00 -33.01 -29.19
N ILE AA 85 -40.69 -33.26 -27.91
CA ILE AA 85 -41.73 -33.62 -26.95
C ILE AA 85 -42.75 -32.51 -26.81
N GLU AA 86 -42.27 -31.26 -26.71
CA GLU AA 86 -43.20 -30.14 -26.58
C GLU AA 86 -44.10 -30.02 -27.80
N VAL AA 87 -43.51 -30.16 -28.99
CA VAL AA 87 -44.31 -30.02 -30.21
C VAL AA 87 -45.34 -31.14 -30.31
N VAL AA 88 -44.95 -32.36 -29.95
CA VAL AA 88 -45.89 -33.49 -30.03
C VAL AA 88 -47.00 -33.34 -28.98
N LYS AA 89 -46.67 -32.80 -27.80
CA LYS AA 89 -47.70 -32.49 -26.82
C LYS AA 89 -48.69 -31.48 -27.38
N GLU AA 90 -48.19 -30.47 -28.10
CA GLU AA 90 -49.06 -29.50 -28.74
C GLU AA 90 -49.96 -30.20 -29.77
N ILE AA 91 -49.39 -31.14 -30.52
CA ILE AA 91 -50.16 -31.90 -31.51
C ILE AA 91 -51.29 -32.67 -30.83
N LYS AA 92 -50.97 -33.34 -29.73
CA LYS AA 92 -51.97 -34.12 -29.01
C LYS AA 92 -53.08 -33.22 -28.48
N ALA AA 93 -52.71 -32.05 -27.96
CA ALA AA 93 -53.72 -31.10 -27.50
C ALA AA 93 -54.63 -30.67 -28.63
N LYS AA 94 -54.04 -30.38 -29.80
CA LYS AA 94 -54.85 -29.98 -30.95
C LYS AA 94 -55.80 -31.09 -31.36
N LEU AA 95 -55.32 -32.34 -31.36
CA LEU AA 95 -56.16 -33.45 -31.82
C LEU AA 95 -57.29 -33.71 -30.83
N VAL AA 96 -57.00 -33.68 -29.53
CA VAL AA 96 -58.06 -33.91 -28.54
C VAL AA 96 -59.03 -32.75 -28.54
N ALA AA 97 -58.60 -31.55 -28.94
CA ALA AA 97 -59.55 -30.48 -29.17
C ALA AA 97 -60.41 -30.76 -30.39
N ALA AA 98 -59.80 -31.34 -31.43
CA ALA AA 98 -60.49 -31.60 -32.69
C ALA AA 98 -61.37 -32.84 -32.66
N THR AA 99 -61.34 -33.64 -31.59
CA THR AA 99 -62.22 -34.81 -31.54
C THR AA 99 -63.69 -34.42 -31.59
N GLU AA 100 -64.01 -33.18 -31.23
CA GLU AA 100 -65.37 -32.69 -31.38
C GLU AA 100 -65.76 -32.64 -32.86
N ASP AA 101 -67.00 -33.03 -33.15
CA ASP AA 101 -67.48 -33.02 -34.53
C ASP AA 101 -67.90 -31.63 -35.01
N GLY AA 102 -68.02 -30.66 -34.11
CA GLY AA 102 -68.42 -29.32 -34.47
C GLY AA 102 -67.31 -28.43 -34.98
N VAL AA 103 -66.09 -28.94 -35.09
CA VAL AA 103 -64.93 -28.18 -35.54
C VAL AA 103 -64.50 -28.71 -36.89
N ASP AA 104 -64.34 -27.81 -37.86
CA ASP AA 104 -63.85 -28.20 -39.18
C ASP AA 104 -62.47 -28.80 -39.06
N LYS AA 105 -62.27 -29.95 -39.69
CA LYS AA 105 -61.04 -30.72 -39.52
C LYS AA 105 -59.94 -30.32 -40.50
N ALA AA 106 -60.24 -29.48 -41.50
CA ALA AA 106 -59.19 -29.06 -42.43
C ALA AA 106 -58.16 -28.18 -41.74
N LYS AA 107 -58.62 -27.25 -40.90
CA LYS AA 107 -57.69 -26.39 -40.18
C LYS AA 107 -56.80 -27.20 -39.26
N ILE AA 108 -57.38 -28.15 -38.53
CA ILE AA 108 -56.59 -29.01 -37.65
C ILE AA 108 -55.61 -29.83 -38.47
N GLN AA 109 -56.06 -30.33 -39.63
CA GLN AA 109 -55.19 -31.15 -40.46
C GLN AA 109 -53.98 -30.36 -40.94
N GLU AA 110 -54.19 -29.13 -41.39
CA GLU AA 110 -53.05 -28.33 -41.83
C GLU AA 110 -52.15 -27.92 -40.66
N GLU AA 111 -52.74 -27.69 -39.48
CA GLU AA 111 -51.90 -27.42 -38.31
C GLU AA 111 -51.01 -28.60 -37.98
N ILE AA 112 -51.57 -29.82 -38.00
CA ILE AA 112 -50.77 -31.00 -37.72
C ILE AA 112 -49.75 -31.23 -38.83
N THR AA 113 -50.09 -30.87 -40.06
CA THR AA 113 -49.09 -30.97 -41.14
C THR AA 113 -47.91 -30.06 -40.88
N GLN AA 114 -48.18 -28.81 -40.48
CA GLN AA 114 -47.09 -27.89 -40.12
C GLN AA 114 -46.29 -28.42 -38.96
N LEU AA 115 -46.96 -28.99 -37.95
CA LEU AA 115 -46.26 -29.51 -36.79
C LEU AA 115 -45.40 -30.72 -37.16
N LYS AA 116 -45.88 -31.57 -38.07
CA LYS AA 116 -45.09 -32.70 -38.54
C LYS AA 116 -43.86 -32.23 -39.30
N ASP AA 117 -44.02 -31.18 -40.12
CA ASP AA 117 -42.85 -30.59 -40.77
C ASP AA 117 -41.86 -30.06 -39.73
N GLN AA 118 -42.39 -29.48 -38.65
CA GLN AA 118 -41.52 -29.02 -37.56
C GLN AA 118 -40.77 -30.19 -36.91
N LEU AA 119 -41.47 -31.32 -36.69
CA LEU AA 119 -40.80 -32.50 -36.16
C LEU AA 119 -39.69 -32.96 -37.10
N THR AA 120 -39.95 -33.00 -38.40
CA THR AA 120 -38.93 -33.44 -39.34
C THR AA 120 -37.73 -32.50 -39.31
N SER AA 121 -37.98 -31.20 -39.29
CA SER AA 121 -36.88 -30.23 -39.26
C SER AA 121 -36.06 -30.37 -37.98
N ILE AA 122 -36.73 -30.53 -36.84
CA ILE AA 122 -36.01 -30.69 -35.57
C ILE AA 122 -35.19 -31.97 -35.59
N ALA AA 123 -35.76 -33.06 -36.11
CA ALA AA 123 -35.04 -34.32 -36.13
C ALA AA 123 -33.82 -34.26 -37.02
N ASP AA 124 -33.93 -33.65 -38.19
CA ASP AA 124 -32.78 -33.60 -39.09
C ASP AA 124 -31.79 -32.49 -38.76
N ALA AA 125 -32.18 -31.51 -37.96
CA ALA AA 125 -31.31 -30.38 -37.67
C ALA AA 125 -30.52 -30.55 -36.38
N ALA AA 126 -31.01 -31.35 -35.44
CA ALA AA 126 -30.37 -31.52 -34.13
C ALA AA 126 -29.16 -32.44 -34.28
N SER AA 127 -28.14 -31.92 -34.97
CA SER AA 127 -26.90 -32.64 -35.20
C SER AA 127 -25.73 -31.78 -34.73
N PHE AA 128 -24.91 -32.31 -33.83
CA PHE AA 128 -23.77 -31.55 -33.34
C PHE AA 128 -22.57 -31.68 -34.28
N SER AA 129 -22.05 -32.89 -34.43
CA SER AA 129 -20.86 -33.14 -35.25
C SER AA 129 -21.12 -34.31 -36.20
N GLY AA 130 -22.26 -34.27 -36.87
CA GLY AA 130 -22.67 -35.38 -37.73
C GLY AA 130 -23.34 -36.50 -36.99
N GLU AA 131 -22.73 -36.95 -35.88
CA GLU AA 131 -23.35 -37.96 -35.04
C GLU AA 131 -24.44 -37.32 -34.20
N ASN AA 132 -25.67 -37.36 -34.69
CA ASN AA 132 -26.78 -36.64 -34.07
C ASN AA 132 -27.57 -37.47 -33.07
N TRP AA 133 -27.29 -38.77 -32.96
CA TRP AA 133 -27.98 -39.67 -32.03
C TRP AA 133 -29.48 -39.74 -32.32
N LEU AA 134 -29.91 -39.25 -33.48
CA LEU AA 134 -31.31 -39.27 -33.89
C LEU AA 134 -31.36 -39.53 -35.38
N GLN AA 135 -32.51 -40.03 -35.84
CA GLN AA 135 -32.72 -40.37 -37.24
C GLN AA 135 -31.64 -41.34 -37.73
N ALA AA 136 -31.50 -42.44 -36.99
CA ALA AA 136 -30.49 -43.43 -37.30
C ALA AA 136 -30.99 -44.38 -38.39
N ASP AA 137 -30.15 -45.35 -38.75
CA ASP AA 137 -30.50 -46.37 -39.73
C ASP AA 137 -30.86 -47.64 -38.97
N LEU AA 138 -32.14 -48.01 -39.02
CA LEU AA 138 -32.64 -49.18 -38.32
C LEU AA 138 -32.78 -50.40 -39.23
N SER AA 139 -32.24 -50.33 -40.45
CA SER AA 139 -32.26 -51.49 -41.34
C SER AA 139 -31.47 -52.65 -40.74
N GLY AA 140 -30.32 -52.36 -40.13
CA GLY AA 140 -29.56 -53.39 -39.46
C GLY AA 140 -30.29 -53.99 -38.27
N GLY AA 141 -31.05 -53.17 -37.55
CA GLY AA 141 -31.83 -53.65 -36.42
C GLY AA 141 -31.55 -52.91 -35.14
N ALA AA 142 -30.28 -52.55 -34.91
CA ALA AA 142 -29.90 -51.84 -33.69
C ALA AA 142 -28.54 -51.23 -33.89
N VAL AA 143 -28.41 -49.94 -33.55
CA VAL AA 143 -27.14 -49.24 -33.60
C VAL AA 143 -26.88 -48.64 -32.23
N THR AA 144 -25.63 -48.77 -31.76
CA THR AA 144 -25.24 -48.35 -30.42
C THR AA 144 -24.17 -47.27 -30.52
N LYS AA 145 -24.47 -46.09 -29.99
CA LYS AA 145 -23.49 -45.01 -29.91
C LYS AA 145 -22.76 -45.08 -28.58
N SER AA 146 -21.46 -44.80 -28.62
CA SER AA 146 -20.61 -44.94 -27.45
C SER AA 146 -19.90 -43.62 -27.15
N VAL AA 147 -19.75 -43.31 -25.87
CA VAL AA 147 -19.03 -42.13 -25.40
C VAL AA 147 -17.88 -42.61 -24.54
N VAL AA 148 -16.67 -42.12 -24.84
CA VAL AA 148 -15.49 -42.54 -24.09
C VAL AA 148 -15.63 -42.12 -22.64
N GLY AA 149 -15.67 -43.10 -21.74
CA GLY AA 149 -15.87 -42.82 -20.34
C GLY AA 149 -14.60 -42.72 -19.52
N SER AA 150 -13.74 -43.74 -19.59
CA SER AA 150 -12.53 -43.77 -18.80
C SER AA 150 -11.50 -44.66 -19.47
N PHE AA 151 -10.25 -44.47 -19.07
CA PHE AA 151 -9.13 -45.31 -19.53
C PHE AA 151 -8.64 -46.11 -18.34
N VAL AA 152 -8.68 -47.43 -18.45
CA VAL AA 152 -8.41 -48.33 -17.33
C VAL AA 152 -7.22 -49.22 -17.69
N ARG AA 153 -6.26 -49.29 -16.78
CA ARG AA 153 -5.11 -50.18 -16.91
C ARG AA 153 -5.36 -51.40 -16.02
N ASP AA 154 -5.61 -52.54 -16.64
CA ASP AA 154 -5.86 -53.77 -15.90
C ASP AA 154 -4.61 -54.19 -15.14
N GLY AA 155 -4.83 -54.83 -13.98
CA GLY AA 155 -3.70 -55.25 -13.17
C GLY AA 155 -2.79 -56.25 -13.85
N SER AA 156 -3.34 -57.10 -14.71
CA SER AA 156 -2.56 -58.12 -15.39
C SER AA 156 -1.90 -57.59 -16.66
N GLY AA 157 -1.21 -56.46 -16.53
CA GLY AA 157 -0.41 -55.90 -17.62
C GLY AA 157 -1.15 -55.64 -18.92
N SER AA 158 -2.32 -55.00 -18.83
CA SER AA 158 -3.09 -54.69 -20.03
C SER AA 158 -3.93 -53.45 -19.76
N VAL AA 159 -4.33 -52.79 -20.85
CA VAL AA 159 -5.14 -51.58 -20.79
C VAL AA 159 -6.31 -51.70 -21.76
N ALA AA 160 -7.32 -50.88 -21.52
CA ALA AA 160 -8.49 -50.80 -22.39
C ALA AA 160 -9.17 -49.47 -22.15
N VAL AA 161 -10.14 -49.15 -23.01
CA VAL AA 161 -10.92 -47.94 -22.91
C VAL AA 161 -12.37 -48.32 -22.69
N LYS AA 162 -13.01 -47.68 -21.71
CA LYS AA 162 -14.40 -47.95 -21.38
C LYS AA 162 -15.31 -46.94 -22.06
N LYS AA 163 -16.52 -47.36 -22.38
CA LYS AA 163 -17.46 -46.53 -23.11
C LYS AA 163 -18.84 -46.62 -22.47
N VAL AA 164 -19.63 -45.59 -22.69
CA VAL AA 164 -21.02 -45.53 -22.24
C VAL AA 164 -21.90 -45.76 -23.46
N ASP AA 165 -22.74 -46.79 -23.40
CA ASP AA 165 -23.51 -47.24 -24.55
C ASP AA 165 -24.94 -46.72 -24.47
N TYR AA 166 -25.41 -46.14 -25.57
CA TYR AA 166 -26.79 -45.71 -25.71
C TYR AA 166 -27.38 -46.41 -26.93
N SER AA 167 -28.47 -47.15 -26.70
CA SER AA 167 -29.05 -47.98 -27.74
C SER AA 167 -30.10 -47.19 -28.53
N LEU AA 168 -29.90 -47.09 -29.84
CA LEU AA 168 -30.85 -46.42 -30.72
C LEU AA 168 -31.73 -47.49 -31.36
N ASN AA 169 -32.66 -48.01 -30.56
CA ASN AA 169 -33.57 -49.05 -31.00
C ASN AA 169 -34.80 -48.42 -31.66
N ALA AA 170 -35.84 -49.22 -31.88
CA ALA AA 170 -37.07 -48.75 -32.48
C ALA AA 170 -37.95 -47.98 -31.50
N ASN AA 171 -37.42 -47.61 -30.33
CA ASN AA 171 -38.18 -46.85 -29.35
C ASN AA 171 -37.72 -45.42 -29.19
N SER AA 172 -36.49 -45.10 -29.58
CA SER AA 172 -35.93 -43.75 -29.44
C SER AA 172 -35.16 -43.37 -30.70
N VAL AA 173 -35.75 -43.64 -31.86
CA VAL AA 173 -35.04 -43.43 -33.13
C VAL AA 173 -35.43 -42.09 -33.72
N LEU AA 174 -36.68 -41.66 -33.49
CA LEU AA 174 -37.11 -40.35 -33.96
C LEU AA 174 -36.98 -40.18 -35.47
N PHE AA 175 -37.88 -40.82 -36.23
CA PHE AA 175 -37.88 -40.78 -37.69
C PHE AA 175 -36.70 -41.51 -38.32
N ASP AA 176 -36.65 -42.82 -38.13
CA ASP AA 176 -35.73 -43.69 -38.89
C ASP AA 176 -35.74 -43.33 -40.37
N THR AA 177 -34.55 -43.19 -40.94
CA THR AA 177 -34.38 -42.58 -42.26
C THR AA 177 -34.55 -43.56 -43.42
N VAL AA 178 -34.57 -44.86 -43.17
CA VAL AA 178 -34.55 -45.82 -44.28
C VAL AA 178 -35.87 -46.58 -44.37
N GLY AA 179 -36.18 -47.36 -43.33
CA GLY AA 179 -37.36 -48.20 -43.37
C GLY AA 179 -38.62 -47.60 -42.78
N ASP AA 180 -38.51 -46.44 -42.15
CA ASP AA 180 -39.64 -45.81 -41.46
C ASP AA 180 -40.23 -46.75 -40.42
N THR AA 181 -39.37 -47.57 -39.82
CA THR AA 181 -39.73 -48.45 -38.72
C THR AA 181 -38.99 -47.99 -37.47
N GLY AA 182 -39.76 -47.59 -36.46
CA GLY AA 182 -39.19 -47.04 -35.25
C GLY AA 182 -40.27 -46.48 -34.35
N ILE AA 183 -40.08 -45.24 -33.88
CA ILE AA 183 -41.15 -44.55 -33.17
C ILE AA 183 -42.38 -44.43 -34.05
N LEU AA 184 -42.19 -44.19 -35.34
CA LEU AA 184 -43.29 -44.16 -36.29
C LEU AA 184 -43.79 -45.57 -36.58
N ASP AA 185 -45.06 -45.66 -37.00
CA ASP AA 185 -45.66 -46.85 -37.60
C ASP AA 185 -45.92 -47.88 -36.51
N LYS AA 186 -45.34 -47.70 -35.33
CA LYS AA 186 -45.57 -48.61 -34.22
C LYS AA 186 -46.71 -48.08 -33.37
N VAL AA 187 -47.58 -48.99 -32.92
CA VAL AA 187 -48.73 -48.58 -32.14
C VAL AA 187 -48.50 -48.86 -30.65
N TYR AA 188 -48.25 -50.13 -30.31
CA TYR AA 188 -48.16 -50.55 -28.91
C TYR AA 188 -49.31 -49.99 -28.07
N ASN AA 189 -50.48 -49.87 -28.69
CA ASN AA 189 -51.60 -49.21 -28.04
C ASN AA 189 -52.10 -50.01 -26.85
N VAL AA 190 -52.51 -49.29 -25.81
CA VAL AA 190 -52.94 -49.94 -24.57
C VAL AA 190 -54.23 -50.71 -24.77
N SER AA 191 -55.14 -50.18 -25.60
CA SER AA 191 -56.46 -50.78 -25.76
C SER AA 191 -56.95 -50.52 -27.18
N GLN AA 192 -58.24 -50.74 -27.39
CA GLN AA 192 -58.89 -50.56 -28.67
C GLN AA 192 -60.16 -49.74 -28.47
N ALA AA 193 -60.65 -49.14 -29.56
CA ALA AA 193 -61.87 -48.36 -29.50
C ALA AA 193 -63.03 -49.22 -29.01
N SER AA 194 -63.80 -48.69 -28.07
CA SER AA 194 -64.87 -49.45 -27.42
C SER AA 194 -66.15 -48.62 -27.43
N VAL AA 195 -67.28 -49.33 -27.43
CA VAL AA 195 -68.60 -48.70 -27.37
C VAL AA 195 -69.47 -49.52 -26.44
N THR AA 196 -70.22 -48.83 -25.58
CA THR AA 196 -71.13 -49.46 -24.64
C THR AA 196 -72.53 -49.47 -25.23
N LEU AA 197 -73.12 -50.66 -25.32
CA LEU AA 197 -74.41 -50.85 -25.97
C LEU AA 197 -75.47 -51.24 -24.96
N THR AA 198 -76.73 -50.99 -25.34
CA THR AA 198 -77.89 -51.38 -24.55
C THR AA 198 -78.57 -52.53 -25.29
N VAL AA 199 -78.10 -53.75 -25.03
CA VAL AA 199 -78.60 -54.94 -25.70
C VAL AA 199 -79.19 -55.87 -24.64
N ASN AA 200 -80.43 -56.30 -24.87
CA ASN AA 200 -81.12 -57.17 -23.94
C ASN AA 200 -81.09 -58.60 -24.47
N THR AA 201 -80.32 -59.46 -23.81
CA THR AA 201 -80.34 -60.87 -24.17
C THR AA 201 -81.71 -61.49 -23.95
N ASN AA 202 -82.37 -61.10 -22.86
CA ASN AA 202 -83.71 -61.57 -22.54
C ASN AA 202 -84.63 -60.38 -22.35
N GLY AA 203 -85.82 -60.61 -21.79
CA GLY AA 203 -86.79 -59.55 -21.58
C GLY AA 203 -86.29 -58.39 -20.75
N VAL AA 204 -85.24 -58.61 -19.97
CA VAL AA 204 -84.62 -57.57 -19.14
C VAL AA 204 -83.42 -57.01 -19.89
N GLU AA 205 -83.26 -55.68 -19.84
CA GLU AA 205 -82.17 -55.02 -20.52
C GLU AA 205 -80.87 -55.17 -19.73
N SER AA 206 -79.76 -54.87 -20.41
CA SER AA 206 -78.44 -54.98 -19.79
C SER AA 206 -77.46 -54.11 -20.55
N GLN AA 207 -76.32 -53.84 -19.91
CA GLN AA 207 -75.26 -53.04 -20.50
C GLN AA 207 -74.10 -53.95 -20.87
N HIS AA 208 -73.60 -53.80 -22.10
CA HIS AA 208 -72.51 -54.61 -22.61
C HIS AA 208 -71.46 -53.72 -23.26
N THR AA 209 -70.21 -54.17 -23.18
CA THR AA 209 -69.08 -53.47 -23.79
C THR AA 209 -68.50 -54.31 -24.90
N VAL AA 210 -68.41 -53.75 -26.10
CA VAL AA 210 -67.88 -54.43 -27.27
C VAL AA 210 -66.99 -53.47 -28.03
N ALA AA 211 -65.90 -54.00 -28.59
CA ALA AA 211 -64.97 -53.18 -29.36
C ALA AA 211 -65.65 -52.65 -30.62
N ALA AA 212 -65.29 -51.43 -31.00
CA ALA AA 212 -65.84 -50.78 -32.17
C ALA AA 212 -64.80 -50.73 -33.28
N TYR AA 213 -65.26 -50.89 -34.52
CA TYR AA 213 -64.40 -50.90 -35.70
C TYR AA 213 -64.78 -49.74 -36.61
N SER AA 214 -63.78 -48.98 -37.05
CA SER AA 214 -64.02 -47.85 -37.93
C SER AA 214 -64.49 -48.34 -39.30
N LEU AA 215 -65.40 -47.58 -39.90
CA LEU AA 215 -65.91 -47.93 -41.23
C LEU AA 215 -64.80 -47.89 -42.28
N GLU AA 216 -63.83 -46.99 -42.11
CA GLU AA 216 -62.73 -46.90 -43.06
C GLU AA 216 -61.91 -48.19 -43.07
N SER AA 217 -61.66 -48.77 -41.90
CA SER AA 217 -60.92 -50.01 -41.84
C SER AA 217 -61.63 -51.14 -42.57
N LEU AA 218 -62.96 -51.21 -42.42
CA LEU AA 218 -63.72 -52.24 -43.12
C LEU AA 218 -63.72 -52.01 -44.62
N THR AA 219 -64.01 -50.79 -45.05
CA THR AA 219 -64.11 -50.50 -46.48
C THR AA 219 -62.75 -50.57 -47.18
N GLU AA 220 -61.65 -50.44 -46.43
CA GLU AA 220 -60.34 -50.49 -47.06
C GLU AA 220 -59.99 -51.90 -47.51
N ALA AA 221 -60.42 -52.91 -46.74
CA ALA AA 221 -60.05 -54.30 -47.00
C ALA AA 221 -61.02 -55.00 -47.93
N GLY AA 222 -61.79 -54.25 -48.73
CA GLY AA 222 -62.72 -54.86 -49.66
C GLY AA 222 -63.89 -55.55 -49.00
N ALA AA 223 -64.77 -54.77 -48.38
CA ALA AA 223 -65.90 -55.29 -47.63
C ALA AA 223 -67.19 -55.09 -48.42
N GLU AA 224 -67.95 -56.18 -48.60
CA GLU AA 224 -69.29 -56.07 -49.15
C GLU AA 224 -70.23 -55.46 -48.12
N PHE AA 225 -71.18 -54.65 -48.60
CA PHE AA 225 -72.12 -53.96 -47.72
C PHE AA 225 -73.54 -54.14 -48.23
N GLN AA 226 -74.48 -54.18 -47.29
CA GLN AA 226 -75.90 -54.22 -47.61
C GLN AA 226 -76.66 -53.68 -46.41
N GLY AA 227 -77.24 -52.49 -46.56
CA GLY AA 227 -77.93 -51.86 -45.46
C GLY AA 227 -77.01 -51.55 -44.30
N ASN AA 228 -77.15 -52.30 -43.21
CA ASN AA 228 -76.32 -52.17 -42.03
C ASN AA 228 -75.53 -53.46 -41.79
N TYR AA 229 -74.98 -54.04 -42.86
CA TYR AA 229 -74.22 -55.27 -42.80
C TYR AA 229 -72.89 -55.09 -43.50
N ALA AA 230 -71.85 -55.70 -42.94
CA ALA AA 230 -70.52 -55.72 -43.53
C ALA AA 230 -70.00 -57.15 -43.57
N LEU AA 231 -69.38 -57.53 -44.67
CA LEU AA 231 -68.86 -58.88 -44.88
C LEU AA 231 -67.45 -58.81 -45.44
N GLN AA 232 -66.58 -58.08 -44.74
CA GLN AA 232 -65.19 -57.91 -45.16
C GLN AA 232 -64.55 -59.26 -45.51
N GLY AA 233 -64.53 -60.18 -44.56
CA GLY AA 233 -64.00 -61.51 -44.82
C GLY AA 233 -64.89 -62.57 -44.20
N GLY AA 234 -64.27 -63.53 -43.49
CA GLY AA 234 -65.06 -64.47 -42.72
C GLY AA 234 -65.85 -63.79 -41.61
N ASN AA 235 -65.29 -62.75 -41.02
CA ASN AA 235 -66.00 -62.00 -39.99
C ASN AA 235 -67.14 -61.19 -40.58
N SER AA 236 -68.19 -61.00 -39.78
CA SER AA 236 -69.37 -60.26 -40.19
C SER AA 236 -69.58 -59.11 -39.22
N TYR AA 237 -69.76 -57.91 -39.76
CA TYR AA 237 -69.97 -56.71 -38.95
C TYR AA 237 -71.33 -56.10 -39.26
N VAL AA 238 -71.95 -55.54 -38.22
CA VAL AA 238 -73.22 -54.84 -38.37
C VAL AA 238 -73.12 -53.49 -37.67
N LYS AA 239 -73.99 -52.57 -38.07
CA LYS AA 239 -74.07 -51.24 -37.49
C LYS AA 239 -75.24 -51.21 -36.52
N VAL AA 240 -74.97 -50.83 -35.27
CA VAL AA 240 -76.01 -50.81 -34.25
C VAL AA 240 -76.69 -49.44 -34.15
N GLU AA 241 -75.92 -48.38 -33.87
CA GLU AA 241 -76.43 -47.02 -34.03
C GLU AA 241 -75.55 -46.19 -34.97
N ASN AA 242 -74.24 -46.10 -34.71
CA ASN AA 242 -73.34 -45.38 -35.60
C ASN AA 242 -72.01 -46.09 -35.83
N VAL AA 243 -71.66 -47.10 -35.04
CA VAL AA 243 -70.36 -47.76 -35.14
C VAL AA 243 -70.58 -49.21 -35.57
N TRP AA 244 -69.61 -49.74 -36.29
CA TRP AA 244 -69.65 -51.13 -36.76
C TRP AA 244 -68.99 -52.04 -35.74
N VAL AA 245 -69.70 -53.09 -35.34
CA VAL AA 245 -69.20 -54.04 -34.36
C VAL AA 245 -69.35 -55.44 -34.92
N ARG AA 246 -68.54 -56.35 -34.39
CA ARG AA 246 -68.57 -57.75 -34.83
C ARG AA 246 -69.90 -58.38 -34.48
N ALA AA 247 -70.47 -59.14 -35.41
CA ALA AA 247 -71.73 -59.81 -35.23
C ALA AA 247 -71.56 -61.32 -35.44
N GLU AA 248 -72.65 -62.05 -35.19
CA GLU AA 248 -72.64 -63.50 -35.36
C GLU AA 248 -74.01 -63.93 -35.85
N THR AA 249 -74.06 -65.15 -36.37
CA THR AA 249 -75.29 -65.68 -36.95
C THR AA 249 -76.31 -65.97 -35.85
N ALA AA 250 -77.54 -66.22 -36.28
CA ALA AA 250 -78.60 -66.58 -35.35
C ALA AA 250 -78.38 -67.98 -34.81
N ALA AA 251 -79.14 -68.32 -33.76
CA ALA AA 251 -79.06 -69.62 -33.09
C ALA AA 251 -77.67 -69.90 -32.53
N THR AA 252 -76.89 -68.86 -32.28
CA THR AA 252 -75.57 -69.00 -31.66
C THR AA 252 -75.46 -68.36 -30.30
N GLY AA 253 -76.33 -67.41 -29.97
CA GLY AA 253 -76.39 -66.88 -28.62
C GLY AA 253 -77.26 -67.73 -27.72
N ALA AA 254 -78.33 -68.27 -28.29
CA ALA AA 254 -79.25 -69.18 -27.59
C ALA AA 254 -79.87 -68.55 -26.35
N THR AA 255 -80.07 -67.23 -26.39
CA THR AA 255 -80.71 -66.52 -25.28
C THR AA 255 -81.90 -65.68 -25.70
N GLY AA 256 -82.24 -65.64 -26.99
CA GLY AA 256 -83.28 -64.74 -27.44
C GLY AA 256 -82.82 -63.30 -27.54
N GLN AA 257 -81.55 -63.08 -27.82
CA GLN AA 257 -81.00 -61.73 -27.87
C GLN AA 257 -81.66 -60.92 -28.98
N GLU AA 258 -81.76 -59.61 -28.76
CA GLU AA 258 -82.37 -58.72 -29.73
C GLU AA 258 -81.65 -58.82 -31.08
N ILE AA 259 -82.43 -58.98 -32.14
CA ILE AA 259 -81.86 -59.19 -33.47
C ILE AA 259 -81.25 -57.90 -33.98
N ALA AA 260 -80.01 -57.99 -34.47
CA ALA AA 260 -79.33 -56.80 -35.00
C ALA AA 260 -79.84 -56.44 -36.38
N ALA AA 261 -79.72 -57.35 -37.34
CA ALA AA 261 -80.17 -57.09 -38.70
C ALA AA 261 -80.40 -58.41 -39.42
N THR AA 262 -81.20 -58.35 -40.48
CA THR AA 262 -81.48 -59.49 -41.32
C THR AA 262 -81.09 -59.18 -42.76
N THR AA 263 -80.44 -60.13 -43.42
CA THR AA 263 -79.94 -59.95 -44.77
C THR AA 263 -80.52 -61.01 -45.69
N THR AA 264 -80.25 -60.85 -46.98
CA THR AA 264 -80.70 -61.80 -48.00
C THR AA 264 -79.50 -62.27 -48.82
N ALA AA 265 -79.76 -62.98 -49.93
CA ALA AA 265 -78.68 -63.50 -50.75
C ALA AA 265 -77.80 -62.38 -51.28
N ALA AA 266 -78.35 -61.55 -52.17
CA ALA AA 266 -77.69 -60.36 -52.69
C ALA AA 266 -76.26 -60.67 -53.15
N GLY AA 267 -76.10 -61.80 -53.82
CA GLY AA 267 -74.79 -62.21 -54.30
C GLY AA 267 -74.12 -63.22 -53.39
N THR AA 268 -73.04 -62.80 -52.73
CA THR AA 268 -72.25 -63.68 -51.87
C THR AA 268 -72.50 -63.41 -50.39
N ILE AA 269 -73.73 -63.09 -50.02
CA ILE AA 269 -74.10 -62.83 -48.62
C ILE AA 269 -75.11 -63.88 -48.20
N THR AA 270 -74.79 -64.60 -47.13
CA THR AA 270 -75.71 -65.62 -46.62
C THR AA 270 -76.92 -64.96 -45.98
N ALA AA 271 -78.09 -65.51 -46.26
CA ALA AA 271 -79.35 -64.99 -45.71
C ALA AA 271 -79.52 -65.51 -44.29
N ASP AA 272 -79.41 -64.62 -43.31
CA ASP AA 272 -79.52 -65.03 -41.90
C ASP AA 272 -79.93 -63.81 -41.08
N SER AA 273 -80.40 -64.09 -39.86
CA SER AA 273 -80.78 -63.05 -38.91
C SER AA 273 -79.59 -62.81 -37.99
N TRP AA 274 -78.70 -61.91 -38.42
CA TRP AA 274 -77.48 -61.66 -37.66
C TRP AA 274 -77.79 -60.92 -36.36
N VAL AA 275 -77.01 -61.24 -35.32
CA VAL AA 275 -77.19 -60.66 -34.00
C VAL AA 275 -75.86 -60.12 -33.52
N VAL AA 276 -75.91 -59.12 -32.64
CA VAL AA 276 -74.69 -58.52 -32.11
C VAL AA 276 -73.95 -59.56 -31.28
N ASP AA 277 -72.66 -59.72 -31.58
CA ASP AA 277 -71.84 -60.74 -30.92
C ASP AA 277 -71.36 -60.19 -29.59
N VAL AA 278 -72.04 -60.56 -28.51
CA VAL AA 278 -71.61 -60.18 -27.18
C VAL AA 278 -70.32 -60.92 -26.84
N GLY AA 279 -69.31 -60.19 -26.39
CA GLY AA 279 -68.00 -60.76 -26.16
C GLY AA 279 -66.92 -60.02 -26.92
N ASN AA 280 -65.85 -60.72 -27.27
CA ASN AA 280 -64.70 -60.16 -28.01
C ASN AA 280 -64.38 -58.75 -27.55
N ALA AA 281 -64.15 -58.62 -26.25
CA ALA AA 281 -63.90 -57.32 -25.64
C ALA AA 281 -62.63 -56.70 -26.22
N PRO AA 282 -62.54 -55.36 -26.25
CA PRO AA 282 -61.35 -54.70 -26.80
C PRO AA 282 -60.05 -55.25 -26.25
N ALA AA 283 -59.24 -55.84 -27.13
CA ALA AA 283 -57.98 -56.44 -26.74
C ALA AA 283 -56.82 -55.49 -27.03
N ALA AA 284 -55.77 -55.61 -26.24
CA ALA AA 284 -54.60 -54.76 -26.42
C ALA AA 284 -53.78 -55.23 -27.62
N ASN AA 285 -52.82 -54.38 -28.02
CA ASN AA 285 -51.89 -54.68 -29.10
C ASN AA 285 -52.64 -54.94 -30.42
N VAL AA 286 -53.34 -53.91 -30.89
CA VAL AA 286 -54.02 -53.95 -32.17
C VAL AA 286 -53.62 -52.70 -32.96
N SER AA 287 -53.47 -52.86 -34.27
CA SER AA 287 -53.00 -51.77 -35.11
C SER AA 287 -53.97 -50.58 -35.06
N ALA AA 288 -53.41 -49.38 -34.89
CA ALA AA 288 -54.20 -48.17 -34.84
C ALA AA 288 -54.41 -47.65 -36.27
N GLY AA 289 -54.96 -46.44 -36.39
CA GLY AA 289 -55.25 -45.89 -37.70
C GLY AA 289 -54.03 -45.50 -38.51
N GLN AA 290 -53.31 -44.46 -38.07
CA GLN AA 290 -52.19 -43.93 -38.81
C GLN AA 290 -51.04 -43.63 -37.86
N SER AA 291 -49.84 -43.55 -38.43
CA SER AA 291 -48.65 -43.23 -37.66
C SER AA 291 -48.58 -41.73 -37.37
N VAL AA 292 -47.60 -41.34 -36.56
CA VAL AA 292 -47.44 -39.94 -36.19
C VAL AA 292 -47.09 -39.10 -37.41
N ALA AA 293 -46.19 -39.60 -38.26
CA ALA AA 293 -45.73 -38.83 -39.41
C ALA AA 293 -46.75 -38.75 -40.54
N ASN AA 294 -47.82 -39.55 -40.47
CA ASN AA 294 -48.81 -39.62 -41.54
C ASN AA 294 -50.21 -39.43 -40.96
N ILE AA 295 -50.37 -38.39 -40.15
CA ILE AA 295 -51.66 -38.11 -39.51
C ILE AA 295 -52.55 -37.38 -40.51
N ASN AA 296 -53.71 -37.98 -40.81
CA ASN AA 296 -54.69 -37.38 -41.70
C ASN AA 296 -56.07 -37.64 -41.10
N ILE AA 297 -56.68 -36.61 -40.52
CA ILE AA 297 -57.87 -36.79 -39.70
C ILE AA 297 -59.12 -36.21 -40.36
N VAL AA 298 -59.07 -35.91 -41.65
CA VAL AA 298 -60.23 -35.35 -42.33
C VAL AA 298 -61.23 -36.46 -42.62
N GLY AA 299 -62.48 -36.25 -42.19
CA GLY AA 299 -63.52 -37.25 -42.36
C GLY AA 299 -63.20 -38.56 -41.67
N MET AA 300 -62.68 -38.47 -40.44
CA MET AA 300 -62.29 -39.68 -39.72
C MET AA 300 -63.49 -40.54 -39.36
N GLY AA 301 -64.56 -39.91 -38.89
CA GLY AA 301 -65.76 -40.63 -38.49
C GLY AA 301 -65.93 -40.84 -37.00
N ALA AA 302 -65.05 -40.28 -36.17
CA ALA AA 302 -65.12 -40.39 -34.71
C ALA AA 302 -65.08 -41.83 -34.23
N ALA AA 303 -64.45 -42.71 -34.99
CA ALA AA 303 -64.30 -44.11 -34.60
C ALA AA 303 -62.85 -44.50 -34.35
N ALA AA 304 -61.96 -44.20 -35.28
CA ALA AA 304 -60.54 -44.48 -35.11
C ALA AA 304 -59.80 -43.36 -34.40
N LEU AA 305 -60.49 -42.28 -34.01
CA LEU AA 305 -59.84 -41.20 -33.28
C LEU AA 305 -59.32 -41.68 -31.93
N ASP AA 306 -60.04 -42.59 -31.28
CA ASP AA 306 -59.55 -43.13 -30.01
C ASP AA 306 -58.25 -43.89 -30.21
N ALA AA 307 -58.17 -44.70 -31.27
CA ALA AA 307 -56.94 -45.41 -31.58
C ALA AA 307 -55.81 -44.44 -31.90
N LEU AA 308 -56.12 -43.37 -32.63
CA LEU AA 308 -55.09 -42.37 -32.93
C LEU AA 308 -54.58 -41.70 -31.66
N ILE AA 309 -55.50 -41.38 -30.73
CA ILE AA 309 -55.10 -40.78 -29.46
C ILE AA 309 -54.23 -41.75 -28.67
N SER AA 310 -54.60 -43.03 -28.67
CA SER AA 310 -53.80 -44.03 -27.96
C SER AA 310 -52.40 -44.14 -28.55
N GLY AA 311 -52.30 -44.15 -29.89
CA GLY AA 311 -51.00 -44.20 -30.51
C GLY AA 311 -50.15 -42.97 -30.22
N VAL AA 312 -50.77 -41.79 -30.25
CA VAL AA 312 -50.05 -40.57 -29.92
C VAL AA 312 -49.57 -40.60 -28.48
N ASP AA 313 -50.41 -41.07 -27.57
CA ASP AA 313 -50.00 -41.16 -26.16
C ASP AA 313 -48.85 -42.15 -25.98
N ALA AA 314 -48.90 -43.28 -26.69
CA ALA AA 314 -47.81 -44.25 -26.59
C ALA AA 314 -46.51 -43.65 -27.11
N ALA AA 315 -46.58 -42.94 -28.23
CA ALA AA 315 -45.39 -42.28 -28.75
C ALA AA 315 -44.85 -41.24 -27.77
N LEU AA 316 -45.75 -40.47 -27.17
CA LEU AA 316 -45.33 -39.46 -26.19
C LEU AA 316 -44.68 -40.11 -24.98
N THR AA 317 -45.22 -41.22 -24.50
CA THR AA 317 -44.65 -41.90 -23.35
C THR AA 317 -43.26 -42.46 -23.69
N ASP AA 318 -43.12 -43.06 -24.86
CA ASP AA 318 -41.81 -43.57 -25.27
C ASP AA 318 -40.80 -42.43 -25.41
N MET AA 319 -41.26 -41.29 -25.95
CA MET AA 319 -40.37 -40.14 -26.10
C MET AA 319 -39.95 -39.57 -24.75
N THR AA 320 -40.88 -39.54 -23.78
CA THR AA 320 -40.53 -39.11 -22.44
C THR AA 320 -39.53 -40.05 -21.79
N SER AA 321 -39.70 -41.36 -22.00
CA SER AA 321 -38.73 -42.31 -21.49
C SER AA 321 -37.36 -42.10 -22.12
N ALA AA 322 -37.33 -41.82 -23.43
CA ALA AA 322 -36.07 -41.54 -24.10
C ALA AA 322 -35.41 -40.28 -23.55
N ALA AA 323 -36.20 -39.24 -23.29
CA ALA AA 323 -35.66 -38.01 -22.72
C ALA AA 323 -35.09 -38.26 -21.32
N ALA AA 324 -35.79 -39.05 -20.51
CA ALA AA 324 -35.28 -39.39 -19.18
C ALA AA 324 -33.98 -40.17 -19.28
N SER AA 325 -33.90 -41.11 -20.23
CA SER AA 325 -32.66 -41.85 -20.44
C SER AA 325 -31.53 -40.93 -20.87
N LEU AA 326 -31.81 -39.96 -21.74
CA LEU AA 326 -30.80 -39.01 -22.16
C LEU AA 326 -30.31 -38.16 -20.98
N GLY AA 327 -31.24 -37.72 -20.14
CA GLY AA 327 -30.84 -36.97 -18.95
C GLY AA 327 -29.99 -37.80 -18.00
N SER AA 328 -30.35 -39.06 -17.83
CA SER AA 328 -29.54 -39.96 -17.00
C SER AA 328 -28.15 -40.13 -17.60
N ILE AA 329 -28.06 -40.26 -18.91
CA ILE AA 329 -26.76 -40.38 -19.57
C ILE AA 329 -25.93 -39.12 -19.35
N SER AA 330 -26.56 -37.95 -19.47
CA SER AA 330 -25.83 -36.69 -19.25
C SER AA 330 -25.33 -36.59 -17.82
N SER AA 331 -26.16 -36.98 -16.84
CA SER AA 331 -25.72 -36.97 -15.45
C SER AA 331 -24.55 -37.94 -15.25
N ARG AA 332 -24.62 -39.12 -15.88
CA ARG AA 332 -23.53 -40.07 -15.77
C ARG AA 332 -22.25 -39.51 -16.39
N ILE AA 333 -22.36 -38.81 -17.51
CA ILE AA 333 -21.18 -38.19 -18.13
C ILE AA 333 -20.58 -37.15 -17.19
N ASP AA 334 -21.43 -36.34 -16.56
CA ASP AA 334 -20.92 -35.33 -15.63
C ASP AA 334 -20.19 -35.99 -14.45
N LEU AA 335 -20.80 -37.04 -13.88
CA LEU AA 335 -20.18 -37.74 -12.77
C LEU AA 335 -18.87 -38.39 -13.19
N GLN AA 336 -18.84 -38.99 -14.38
CA GLN AA 336 -17.62 -39.61 -14.88
C GLN AA 336 -16.53 -38.59 -15.11
N SER AA 337 -16.88 -37.41 -15.63
CA SER AA 337 -15.88 -36.36 -15.82
C SER AA 337 -15.32 -35.91 -14.48
N GLU AA 338 -16.17 -35.73 -13.49
CA GLU AA 338 -15.69 -35.34 -12.16
C GLU AA 338 -14.76 -36.40 -11.59
N PHE AA 339 -15.16 -37.68 -11.70
CA PHE AA 339 -14.35 -38.76 -11.16
C PHE AA 339 -13.01 -38.87 -11.88
N VAL AA 340 -13.02 -38.72 -13.21
CA VAL AA 340 -11.78 -38.79 -13.97
C VAL AA 340 -10.85 -37.65 -13.60
N ASN AA 341 -11.40 -36.45 -13.41
CA ASN AA 341 -10.58 -35.33 -13.00
C ASN AA 341 -9.98 -35.57 -11.62
N LYS AA 342 -10.77 -36.11 -10.69
CA LYS AA 342 -10.25 -36.42 -9.37
C LYS AA 342 -9.17 -37.50 -9.44
N LEU AA 343 -9.36 -38.51 -10.28
CA LEU AA 343 -8.37 -39.57 -10.43
C LEU AA 343 -7.07 -39.04 -11.01
N SER AA 344 -7.18 -38.18 -12.02
CA SER AA 344 -5.98 -37.55 -12.57
C SER AA 344 -5.29 -36.68 -11.52
N ASP AA 345 -6.09 -35.99 -10.70
CA ASP AA 345 -5.54 -35.22 -9.59
C ASP AA 345 -4.72 -36.11 -8.67
N SER AA 346 -5.28 -37.25 -8.28
CA SER AA 346 -4.59 -38.17 -7.37
C SER AA 346 -3.33 -38.75 -8.01
N ILE AA 347 -3.41 -39.13 -9.29
CA ILE AA 347 -2.24 -39.69 -9.98
C ILE AA 347 -1.14 -38.65 -10.08
N GLU AA 348 -1.49 -37.40 -10.40
CA GLU AA 348 -0.50 -36.34 -10.50
C GLU AA 348 0.15 -36.10 -9.14
N SER AA 349 -0.65 -36.09 -8.08
CA SER AA 349 -0.09 -35.93 -6.74
C SER AA 349 0.85 -37.06 -6.38
N GLY AA 350 0.48 -38.30 -6.72
CA GLY AA 350 1.36 -39.43 -6.46
C GLY AA 350 2.67 -39.36 -7.23
N VAL AA 351 2.59 -38.96 -8.50
CA VAL AA 351 3.80 -38.78 -9.29
C VAL AA 351 4.69 -37.71 -8.68
N GLY AA 352 4.09 -36.60 -8.25
CA GLY AA 352 4.87 -35.58 -7.57
C GLY AA 352 5.54 -36.08 -6.31
N ARG AA 353 4.80 -36.87 -5.51
CA ARG AA 353 5.38 -37.43 -4.30
C ARG AA 353 6.56 -38.35 -4.63
N LEU AA 354 6.42 -39.15 -5.69
CA LEU AA 354 7.48 -40.10 -6.03
C LEU AA 354 8.67 -39.43 -6.67
N VAL AA 355 8.48 -38.28 -7.32
CA VAL AA 355 9.50 -37.69 -8.16
C VAL AA 355 10.07 -36.38 -7.61
N ASP AA 356 9.25 -35.53 -6.99
CA ASP AA 356 9.70 -34.21 -6.60
C ASP AA 356 10.75 -34.28 -5.49
N ALA AA 357 11.54 -33.22 -5.38
CA ALA AA 357 12.58 -33.10 -4.37
C ALA AA 357 12.37 -31.83 -3.56
N ASP AA 358 12.57 -31.93 -2.25
CA ASP AA 358 12.53 -30.75 -1.39
C ASP AA 358 13.76 -29.87 -1.63
N MET AA 359 13.54 -28.62 -1.98
CA MET AA 359 14.65 -27.77 -2.42
C MET AA 359 15.48 -27.27 -1.25
N ASN AA 360 14.93 -27.27 -0.04
CA ASN AA 360 15.70 -26.82 1.12
C ASN AA 360 16.91 -27.72 1.36
N GLU AA 361 16.68 -29.04 1.30
CA GLU AA 361 17.77 -29.99 1.48
C GLU AA 361 18.80 -29.86 0.36
N GLU AA 362 18.33 -29.64 -0.88
CA GLU AA 362 19.26 -29.46 -1.99
C GLU AA 362 20.09 -28.19 -1.81
N SER AA 363 19.49 -27.11 -1.31
CA SER AA 363 20.25 -25.90 -1.05
C SER AA 363 21.29 -26.11 0.02
N THR AA 364 20.93 -26.82 1.09
CA THR AA 364 21.89 -27.14 2.13
C THR AA 364 23.04 -27.96 1.57
N ARG AA 365 22.73 -28.97 0.74
CA ARG AA 365 23.76 -29.78 0.12
C ARG AA 365 24.65 -28.96 -0.79
N LEU AA 366 24.06 -28.03 -1.54
CA LEU AA 366 24.85 -27.19 -2.44
C LEU AA 366 25.83 -26.32 -1.67
N LYS AA 367 25.37 -25.71 -0.57
CA LYS AA 367 26.27 -24.91 0.26
C LYS AA 367 27.37 -25.78 0.86
N ALA AA 368 27.02 -26.96 1.36
CA ALA AA 368 28.01 -27.85 1.94
C ALA AA 368 29.04 -28.27 0.91
N LEU AA 369 28.61 -28.59 -0.31
CA LEU AA 369 29.54 -29.01 -1.35
C LEU AA 369 30.41 -27.86 -1.81
N GLN AA 370 29.88 -26.63 -1.86
CA GLN AA 370 30.72 -25.48 -2.19
C GLN AA 370 31.81 -25.30 -1.13
N THR AA 371 31.44 -25.40 0.14
CA THR AA 371 32.43 -25.29 1.21
C THR AA 371 33.47 -26.41 1.11
N GLN AA 372 33.02 -27.64 0.86
CA GLN AA 372 33.94 -28.76 0.76
C GLN AA 372 34.89 -28.59 -0.42
N GLN AA 373 34.38 -28.08 -1.55
CA GLN AA 373 35.24 -27.82 -2.69
C GLN AA 373 36.28 -26.75 -2.37
N GLN AA 374 35.88 -25.69 -1.67
CA GLN AA 374 36.85 -24.66 -1.30
C GLN AA 374 37.94 -25.23 -0.40
N LEU AA 375 37.55 -26.02 0.61
CA LEU AA 375 38.55 -26.64 1.48
C LEU AA 375 39.46 -27.59 0.72
N ALA AA 376 38.89 -28.38 -0.20
CA ALA AA 376 39.70 -29.32 -0.96
C ALA AA 376 40.69 -28.58 -1.85
N ILE AA 377 40.26 -27.49 -2.47
CA ILE AA 377 41.17 -26.69 -3.30
C ILE AA 377 42.29 -26.09 -2.46
N GLN AA 378 41.95 -25.57 -1.28
CA GLN AA 378 42.98 -25.01 -0.41
C GLN AA 378 43.97 -26.08 0.02
N ALA AA 379 43.48 -27.26 0.37
CA ALA AA 379 44.36 -28.35 0.79
C ALA AA 379 45.25 -28.80 -0.36
N LEU AA 380 44.70 -28.86 -1.57
CA LEU AA 380 45.51 -29.22 -2.73
C LEU AA 380 46.60 -28.18 -2.99
N SER AA 381 46.27 -26.90 -2.83
CA SER AA 381 47.29 -25.86 -2.98
C SER AA 381 48.39 -26.01 -1.95
N ILE AA 382 48.01 -26.31 -0.70
CA ILE AA 382 49.02 -26.51 0.34
C ILE AA 382 49.89 -27.72 0.02
N ALA AA 383 49.27 -28.80 -0.47
CA ALA AA 383 50.04 -29.99 -0.82
C ALA AA 383 51.02 -29.70 -1.96
N ASN AA 384 50.58 -28.94 -2.96
CA ASN AA 384 51.49 -28.57 -4.05
C ASN AA 384 52.63 -27.71 -3.54
N SER AA 385 52.34 -26.75 -2.65
CA SER AA 385 53.39 -25.90 -2.11
C SER AA 385 54.32 -26.64 -1.16
N ASP AA 386 53.89 -27.81 -0.67
CA ASP AA 386 54.75 -28.59 0.22
C ASP AA 386 56.00 -29.08 -0.50
N SER AA 387 55.89 -29.35 -1.81
CA SER AA 387 56.95 -30.07 -2.51
C SER AA 387 58.26 -29.27 -2.56
N GLN AA 388 58.19 -27.98 -2.83
CA GLN AA 388 59.39 -27.21 -3.17
C GLN AA 388 60.21 -26.81 -1.96
N ASN AA 389 59.81 -27.16 -0.74
CA ASN AA 389 60.59 -26.81 0.44
C ASN AA 389 61.93 -27.53 0.49
N VAL AA 390 62.08 -28.64 -0.24
CA VAL AA 390 63.31 -29.43 -0.19
C VAL AA 390 64.51 -28.66 -0.75
N LEU AA 391 64.26 -27.60 -1.53
CA LEU AA 391 65.35 -26.87 -2.16
C LEU AA 391 66.29 -26.23 -1.15
N SER AA 392 65.84 -26.01 0.09
CA SER AA 392 66.69 -25.37 1.09
C SER AA 392 67.91 -26.23 1.42
N LEU AA 393 67.79 -27.55 1.30
CA LEU AA 393 68.92 -28.43 1.58
C LEU AA 393 70.04 -28.26 0.57
N PHE AA 394 69.69 -27.90 -0.67
CA PHE AA 394 70.64 -27.83 -1.76
C PHE AA 394 71.07 -26.40 -2.08
N ARG AA 395 70.76 -25.46 -1.20
CA ARG AA 395 71.02 -24.01 -1.36
C ARG AA 395 70.94 -23.49 -2.80
N THR BA 2 38.35 -30.93 -13.46
CA THR BA 2 37.68 -29.69 -13.86
C THR BA 2 38.20 -29.20 -15.20
N SER BA 3 37.28 -28.96 -16.14
CA SER BA 3 37.62 -28.52 -17.48
C SER BA 3 37.12 -27.09 -17.68
N ILE BA 4 38.01 -26.21 -18.13
CA ILE BA 4 37.64 -24.81 -18.38
C ILE BA 4 36.98 -24.62 -19.72
N LEU BA 5 36.93 -25.66 -20.57
CA LEU BA 5 36.37 -25.53 -21.90
C LEU BA 5 34.90 -25.95 -21.98
N THR BA 6 34.44 -26.79 -21.05
CA THR BA 6 33.06 -27.26 -21.05
C THR BA 6 32.48 -27.16 -19.64
N ASN BA 7 31.16 -27.03 -19.58
CA ASN BA 7 30.45 -26.92 -18.30
C ASN BA 7 29.14 -27.72 -18.43
N ASN BA 8 29.19 -28.97 -18.00
CA ASN BA 8 28.03 -29.85 -18.14
C ASN BA 8 26.85 -29.36 -17.31
N SER BA 9 27.11 -28.90 -16.09
CA SER BA 9 26.05 -28.39 -15.24
C SER BA 9 25.39 -27.16 -15.87
N ALA BA 10 26.20 -26.24 -16.40
CA ALA BA 10 25.65 -25.09 -17.11
C ALA BA 10 24.88 -25.54 -18.34
N MET BA 11 25.32 -26.61 -18.98
CA MET BA 11 24.62 -27.13 -20.16
C MET BA 11 23.23 -27.64 -19.80
N ALA BA 12 23.13 -28.44 -18.74
CA ALA BA 12 21.83 -28.93 -18.29
C ALA BA 12 20.95 -27.77 -17.84
N ALA BA 13 21.54 -26.78 -17.16
CA ALA BA 13 20.79 -25.60 -16.77
C ALA BA 13 20.26 -24.86 -18.00
N LEU BA 14 21.07 -24.78 -19.05
CA LEU BA 14 20.64 -24.12 -20.28
C LEU BA 14 19.47 -24.86 -20.93
N SER BA 15 19.55 -26.18 -20.99
CA SER BA 15 18.44 -26.95 -21.55
C SER BA 15 17.18 -26.77 -20.71
N GLY BA 16 17.31 -26.79 -19.39
CA GLY BA 16 16.15 -26.55 -18.54
C GLY BA 16 15.56 -25.16 -18.74
N VAL BA 17 16.42 -24.15 -18.87
CA VAL BA 17 15.95 -22.79 -19.10
C VAL BA 17 15.19 -22.71 -20.41
N ARG BA 18 15.71 -23.37 -21.46
CA ARG BA 18 15.03 -23.38 -22.75
C ARG BA 18 13.64 -24.02 -22.62
N SER BA 19 13.56 -25.16 -21.94
CA SER BA 19 12.28 -25.83 -21.80
C SER BA 19 11.29 -24.98 -21.01
N ILE BA 20 11.74 -24.38 -19.91
CA ILE BA 20 10.85 -23.54 -19.11
C ILE BA 20 10.42 -22.31 -19.90
N SER BA 21 11.32 -21.75 -20.71
CA SER BA 21 10.95 -20.59 -21.52
C SER BA 21 9.88 -20.96 -22.54
N SER BA 22 10.02 -22.11 -23.20
CA SER BA 22 9.00 -22.52 -24.16
C SER BA 22 7.66 -22.75 -23.48
N SER BA 23 7.68 -23.45 -22.33
CA SER BA 23 6.44 -23.70 -21.61
C SER BA 23 5.80 -22.41 -21.13
N MET BA 24 6.62 -21.47 -20.65
CA MET BA 24 6.10 -20.20 -20.18
C MET BA 24 5.50 -19.38 -21.32
N GLU BA 25 6.15 -19.39 -22.48
CA GLU BA 25 5.58 -18.70 -23.64
C GLU BA 25 4.23 -19.30 -24.02
N ASP BA 26 4.13 -20.63 -24.03
CA ASP BA 26 2.86 -21.27 -24.35
C ASP BA 26 1.79 -20.88 -23.35
N THR BA 27 2.09 -20.99 -22.05
CA THR BA 27 1.10 -20.67 -21.04
C THR BA 27 0.76 -19.19 -21.03
N GLN BA 28 1.71 -18.32 -21.40
CA GLN BA 28 1.43 -16.90 -21.42
C GLN BA 28 0.51 -16.53 -22.58
N SER BA 29 0.73 -17.14 -23.75
CA SER BA 29 -0.26 -16.98 -24.82
C SER BA 29 -1.61 -17.52 -24.39
N ARG BA 30 -1.61 -18.64 -23.67
CA ARG BA 30 -2.86 -19.26 -23.21
C ARG BA 30 -3.62 -18.32 -22.29
N ILE BA 31 -2.92 -17.68 -21.34
CA ILE BA 31 -3.58 -16.77 -20.41
C ILE BA 31 -3.93 -15.46 -21.09
N SER BA 32 -3.19 -15.08 -22.14
CA SER BA 32 -3.49 -13.85 -22.85
C SER BA 32 -4.79 -13.97 -23.63
N SER BA 33 -4.95 -15.06 -24.38
CA SER BA 33 -6.05 -15.15 -25.33
C SER BA 33 -7.04 -16.26 -25.01
N GLY BA 34 -6.89 -16.96 -23.88
CA GLY BA 34 -7.70 -18.15 -23.69
C GLY BA 34 -7.40 -19.18 -24.75
N LEU BA 35 -8.45 -19.82 -25.28
CA LEU BA 35 -8.34 -20.70 -26.44
C LEU BA 35 -7.33 -21.82 -26.19
N ARG BA 36 -7.71 -22.72 -25.29
CA ARG BA 36 -6.85 -23.87 -24.98
C ARG BA 36 -6.39 -24.58 -26.24
N VAL BA 37 -7.28 -24.73 -27.21
CA VAL BA 37 -6.89 -25.11 -28.57
C VAL BA 37 -6.90 -23.82 -29.39
N GLY BA 38 -5.77 -23.13 -29.39
CA GLY BA 38 -5.68 -21.81 -30.00
C GLY BA 38 -5.25 -21.80 -31.45
N SER BA 39 -4.55 -22.84 -31.87
CA SER BA 39 -4.04 -22.91 -33.24
C SER BA 39 -3.95 -24.38 -33.65
N ALA BA 40 -3.61 -24.59 -34.92
CA ALA BA 40 -3.44 -25.95 -35.43
C ALA BA 40 -2.24 -26.65 -34.81
N SER BA 41 -1.30 -25.89 -34.23
CA SER BA 41 -0.20 -26.51 -33.50
C SER BA 41 -0.68 -27.29 -32.29
N ASP BA 42 -1.86 -26.99 -31.79
CA ASP BA 42 -2.50 -27.79 -30.74
C ASP BA 42 -3.14 -29.02 -31.38
N ASN BA 43 -4.01 -29.70 -30.65
CA ASN BA 43 -4.71 -30.87 -31.18
C ASN BA 43 -5.47 -30.49 -32.44
N ALA BA 44 -5.03 -31.04 -33.59
CA ALA BA 44 -5.55 -30.59 -34.87
C ALA BA 44 -7.02 -30.96 -35.04
N ALA BA 45 -7.42 -32.15 -34.59
CA ALA BA 45 -8.79 -32.59 -34.78
C ALA BA 45 -9.78 -31.68 -34.06
N TYR BA 46 -9.48 -31.31 -32.81
CA TYR BA 46 -10.38 -30.43 -32.07
C TYR BA 46 -10.40 -29.03 -32.69
N TRP BA 47 -9.26 -28.57 -33.21
CA TRP BA 47 -9.24 -27.28 -33.90
C TRP BA 47 -10.14 -27.30 -35.14
N SER BA 48 -10.06 -28.39 -35.92
CA SER BA 48 -10.91 -28.50 -37.10
C SER BA 48 -12.38 -28.57 -36.72
N ILE BA 49 -12.70 -29.32 -35.66
CA ILE BA 49 -14.09 -29.40 -35.21
C ILE BA 49 -14.59 -28.03 -34.78
N ALA BA 50 -13.76 -27.29 -34.04
CA ALA BA 50 -14.15 -25.95 -33.60
C ALA BA 50 -14.38 -25.03 -34.79
N THR BA 51 -13.51 -25.10 -35.80
CA THR BA 51 -13.69 -24.27 -36.99
C THR BA 51 -15.00 -24.63 -37.71
N THR BA 52 -15.28 -25.92 -37.84
CA THR BA 52 -16.51 -26.34 -38.50
C THR BA 52 -17.74 -25.86 -37.72
N MET BA 53 -17.70 -25.96 -36.39
CA MET BA 53 -18.83 -25.51 -35.59
C MET BA 53 -18.99 -24.00 -35.65
N ARG BA 54 -17.89 -23.25 -35.71
CA ARG BA 54 -18.00 -21.81 -35.86
C ARG BA 54 -18.64 -21.44 -37.20
N SER BA 55 -18.24 -22.13 -38.27
CA SER BA 55 -18.87 -21.90 -39.57
C SER BA 55 -20.36 -22.24 -39.51
N ASP BA 56 -20.71 -23.36 -38.87
CA ASP BA 56 -22.11 -23.73 -38.75
C ASP BA 56 -22.89 -22.71 -37.93
N ASN BA 57 -22.27 -22.15 -36.89
CA ASN BA 57 -22.94 -21.13 -36.09
C ASN BA 57 -23.19 -19.86 -36.90
N GLN BA 58 -22.21 -19.46 -37.72
CA GLN BA 58 -22.43 -18.31 -38.60
C GLN BA 58 -23.57 -18.57 -39.57
N ALA BA 59 -23.60 -19.77 -40.15
CA ALA BA 59 -24.70 -20.11 -41.05
C ALA BA 59 -26.04 -20.10 -40.31
N LEU BA 60 -26.05 -20.58 -39.07
CA LEU BA 60 -27.28 -20.59 -38.29
C LEU BA 60 -27.76 -19.18 -37.99
N SER BA 61 -26.82 -18.26 -37.70
CA SER BA 61 -27.19 -16.86 -37.50
C SER BA 61 -27.80 -16.27 -38.77
N ALA BA 62 -27.19 -16.58 -39.92
CA ALA BA 62 -27.78 -16.12 -41.19
C ALA BA 62 -29.18 -16.68 -41.38
N VAL BA 63 -29.39 -17.95 -41.03
CA VAL BA 63 -30.71 -18.56 -41.13
C VAL BA 63 -31.69 -17.85 -40.21
N GLN BA 64 -31.22 -17.46 -39.02
CA GLN BA 64 -32.09 -16.74 -38.08
C GLN BA 64 -32.51 -15.38 -38.65
N ASP BA 65 -31.57 -14.68 -39.29
CA ASP BA 65 -31.93 -13.42 -39.95
C ASP BA 65 -32.95 -13.65 -41.05
N ALA BA 66 -32.75 -14.70 -41.85
CA ALA BA 66 -33.73 -15.01 -42.90
C ALA BA 66 -35.09 -15.36 -42.29
N LEU BA 67 -35.09 -16.04 -41.15
CA LEU BA 67 -36.34 -16.36 -40.46
C LEU BA 67 -37.05 -15.09 -40.01
N GLY BA 68 -36.29 -14.13 -39.48
CA GLY BA 68 -36.90 -12.86 -39.12
C GLY BA 68 -37.52 -12.15 -40.31
N LEU BA 69 -36.80 -12.13 -41.43
CA LEU BA 69 -37.34 -11.51 -42.64
C LEU BA 69 -38.62 -12.21 -43.08
N GLY BA 70 -38.62 -13.54 -43.08
CA GLY BA 70 -39.81 -14.28 -43.46
C GLY BA 70 -40.97 -14.04 -42.52
N ALA BA 71 -40.68 -13.92 -41.21
CA ALA BA 71 -41.72 -13.61 -40.24
C ALA BA 71 -42.34 -12.25 -40.51
N ALA BA 72 -41.50 -11.26 -40.87
CA ALA BA 72 -42.04 -9.95 -41.22
C ALA BA 72 -42.95 -10.04 -42.44
N LYS BA 73 -42.51 -10.78 -43.46
CA LYS BA 73 -43.34 -10.94 -44.66
C LYS BA 73 -44.67 -11.61 -44.33
N VAL BA 74 -44.63 -12.66 -43.51
CA VAL BA 74 -45.85 -13.38 -43.16
C VAL BA 74 -46.78 -12.49 -42.35
N ASP BA 75 -46.22 -11.67 -41.45
CA ASP BA 75 -47.05 -10.75 -40.67
C ASP BA 75 -47.75 -9.76 -41.57
N THR BA 76 -47.03 -9.19 -42.55
CA THR BA 76 -47.66 -8.25 -43.47
C THR BA 76 -48.76 -8.93 -44.28
N ALA BA 77 -48.48 -10.13 -44.78
CA ALA BA 77 -49.48 -10.86 -45.56
C ALA BA 77 -50.71 -11.18 -44.72
N TYR BA 78 -50.51 -11.56 -43.46
CA TYR BA 78 -51.62 -11.91 -42.59
C TYR BA 78 -52.47 -10.68 -42.25
N SER BA 79 -51.81 -9.53 -42.05
CA SER BA 79 -52.58 -8.29 -41.84
C SER BA 79 -53.42 -7.96 -43.05
N GLY BA 80 -52.83 -8.07 -44.25
CA GLY BA 80 -53.60 -7.85 -45.46
C GLY BA 80 -54.76 -8.83 -45.59
N MET BA 81 -54.54 -10.08 -45.19
CA MET BA 81 -55.59 -11.08 -45.25
C MET BA 81 -56.74 -10.75 -44.30
N GLU BA 82 -56.40 -10.26 -43.10
CA GLU BA 82 -57.45 -9.83 -42.16
C GLU BA 82 -58.25 -8.66 -42.73
N SER BA 83 -57.56 -7.70 -43.35
CA SER BA 83 -58.28 -6.59 -43.97
C SER BA 83 -59.22 -7.09 -45.06
N ALA BA 84 -58.75 -8.04 -45.87
CA ALA BA 84 -59.60 -8.63 -46.90
C ALA BA 84 -60.80 -9.36 -46.28
N ILE BA 85 -60.58 -10.06 -45.16
CA ILE BA 85 -61.66 -10.73 -44.45
C ILE BA 85 -62.74 -9.73 -44.06
N GLU BA 86 -62.31 -8.61 -43.45
CA GLU BA 86 -63.27 -7.60 -43.01
C GLU BA 86 -64.04 -7.02 -44.19
N VAL BA 87 -63.34 -6.69 -45.28
CA VAL BA 87 -64.01 -6.08 -46.42
C VAL BA 87 -65.00 -7.05 -47.05
N VAL BA 88 -64.61 -8.33 -47.17
CA VAL BA 88 -65.50 -9.31 -47.78
C VAL BA 88 -66.71 -9.58 -46.89
N LYS BA 89 -66.51 -9.58 -45.56
CA LYS BA 89 -67.65 -9.71 -44.66
C LYS BA 89 -68.61 -8.54 -44.82
N GLU BA 90 -68.08 -7.33 -44.96
CA GLU BA 90 -68.94 -6.18 -45.20
C GLU BA 90 -69.70 -6.32 -46.52
N ILE BA 91 -69.02 -6.81 -47.56
CA ILE BA 91 -69.66 -7.01 -48.85
C ILE BA 91 -70.79 -8.02 -48.73
N LYS BA 92 -70.56 -9.12 -48.01
CA LYS BA 92 -71.59 -10.13 -47.82
C LYS BA 92 -72.77 -9.58 -47.05
N ALA BA 93 -72.52 -8.77 -46.02
CA ALA BA 93 -73.61 -8.15 -45.27
C ALA BA 93 -74.42 -7.23 -46.16
N LYS BA 94 -73.75 -6.43 -46.99
CA LYS BA 94 -74.46 -5.54 -47.91
C LYS BA 94 -75.31 -6.33 -48.90
N LEU BA 95 -74.76 -7.42 -49.44
CA LEU BA 95 -75.52 -8.24 -50.38
C LEU BA 95 -76.73 -8.88 -49.72
N VAL BA 96 -76.56 -9.35 -48.48
CA VAL BA 96 -77.68 -9.94 -47.75
C VAL BA 96 -78.76 -8.88 -47.52
N ALA BA 97 -78.36 -7.66 -47.16
CA ALA BA 97 -79.33 -6.59 -47.00
C ALA BA 97 -79.98 -6.22 -48.33
N ALA BA 98 -79.30 -6.49 -49.45
CA ALA BA 98 -79.81 -6.12 -50.76
C ALA BA 98 -80.96 -7.01 -51.24
N THR BA 99 -81.24 -8.12 -50.55
CA THR BA 99 -82.26 -9.05 -51.04
C THR BA 99 -83.65 -8.44 -50.99
N GLU BA 100 -83.85 -7.38 -50.21
CA GLU BA 100 -85.15 -6.75 -50.11
C GLU BA 100 -85.53 -6.09 -51.43
N ASP BA 101 -86.78 -6.30 -51.84
CA ASP BA 101 -87.25 -5.71 -53.10
C ASP BA 101 -87.40 -4.20 -52.98
N GLY BA 102 -87.83 -3.71 -51.81
CA GLY BA 102 -88.03 -2.29 -51.63
C GLY BA 102 -86.77 -1.48 -51.56
N VAL BA 103 -85.65 -2.10 -51.22
CA VAL BA 103 -84.37 -1.39 -51.13
C VAL BA 103 -83.80 -1.22 -52.53
N ASP BA 104 -83.47 0.03 -52.88
CA ASP BA 104 -82.85 0.30 -54.17
C ASP BA 104 -81.48 -0.36 -54.26
N LYS BA 105 -81.14 -0.84 -55.45
CA LYS BA 105 -79.90 -1.57 -55.67
C LYS BA 105 -78.77 -0.70 -56.18
N ALA BA 106 -79.06 0.53 -56.61
CA ALA BA 106 -78.00 1.37 -57.15
C ALA BA 106 -77.03 1.81 -56.06
N LYS BA 107 -77.56 2.31 -54.94
CA LYS BA 107 -76.70 2.78 -53.86
C LYS BA 107 -75.78 1.66 -53.37
N ILE BA 108 -76.35 0.48 -53.17
CA ILE BA 108 -75.53 -0.68 -52.83
C ILE BA 108 -74.56 -0.99 -53.97
N GLN BA 109 -74.92 -0.63 -55.20
CA GLN BA 109 -74.01 -0.89 -56.32
C GLN BA 109 -72.73 -0.05 -56.19
N GLU BA 110 -72.84 1.26 -55.92
CA GLU BA 110 -71.59 1.99 -55.76
C GLU BA 110 -70.91 1.63 -54.44
N GLU BA 111 -71.68 1.22 -53.42
CA GLU BA 111 -71.05 0.75 -52.20
C GLU BA 111 -70.15 -0.46 -52.48
N ILE BA 112 -70.67 -1.42 -53.23
CA ILE BA 112 -69.89 -2.60 -53.59
C ILE BA 112 -68.73 -2.23 -54.50
N THR BA 113 -68.92 -1.25 -55.39
CA THR BA 113 -67.81 -0.81 -56.24
C THR BA 113 -66.68 -0.23 -55.40
N GLN BA 114 -67.02 0.61 -54.42
CA GLN BA 114 -66.00 1.17 -53.53
C GLN BA 114 -65.32 0.07 -52.73
N LEU BA 115 -66.09 -0.91 -52.26
CA LEU BA 115 -65.51 -2.02 -51.52
C LEU BA 115 -64.58 -2.85 -52.39
N LYS BA 116 -64.93 -3.04 -53.66
CA LYS BA 116 -64.06 -3.77 -54.58
C LYS BA 116 -62.76 -3.01 -54.84
N ASP BA 117 -62.85 -1.68 -55.00
CA ASP BA 117 -61.63 -0.89 -55.14
C ASP BA 117 -60.78 -0.98 -53.88
N GLN BA 118 -61.42 -1.00 -52.71
CA GLN BA 118 -60.69 -1.16 -51.46
C GLN BA 118 -60.00 -2.52 -51.41
N LEU BA 119 -60.68 -3.56 -51.88
CA LEU BA 119 -60.08 -4.89 -51.93
C LEU BA 119 -58.87 -4.91 -52.85
N THR BA 120 -58.98 -4.25 -54.01
CA THR BA 120 -57.84 -4.18 -54.92
C THR BA 120 -56.67 -3.45 -54.26
N SER BA 121 -56.96 -2.36 -53.55
CA SER BA 121 -55.90 -1.64 -52.84
C SER BA 121 -55.26 -2.52 -51.78
N ILE BA 122 -56.06 -3.30 -51.06
CA ILE BA 122 -55.50 -4.24 -50.08
C ILE BA 122 -54.59 -5.23 -50.76
N ALA BA 123 -55.03 -5.78 -51.90
CA ALA BA 123 -54.27 -6.81 -52.60
C ALA BA 123 -52.94 -6.28 -53.11
N ASP BA 124 -52.92 -5.07 -53.67
CA ASP BA 124 -51.69 -4.58 -54.28
C ASP BA 124 -50.77 -3.88 -53.30
N ALA BA 125 -51.31 -3.22 -52.27
CA ALA BA 125 -50.48 -2.44 -51.36
C ALA BA 125 -49.73 -3.32 -50.36
N ALA BA 126 -50.32 -4.44 -49.94
CA ALA BA 126 -49.76 -5.24 -48.85
C ALA BA 126 -48.55 -6.03 -49.36
N SER BA 127 -47.40 -5.34 -49.41
CA SER BA 127 -46.15 -5.95 -49.81
C SER BA 127 -45.05 -5.47 -48.87
N PHE BA 128 -44.03 -6.33 -48.67
CA PHE BA 128 -42.92 -5.99 -47.80
C PHE BA 128 -41.65 -5.68 -48.57
N SER BA 129 -41.17 -6.61 -49.39
CA SER BA 129 -39.92 -6.41 -50.12
C SER BA 129 -40.07 -6.89 -51.55
N GLY BA 130 -41.22 -6.64 -52.16
CA GLY BA 130 -41.52 -7.11 -53.50
C GLY BA 130 -42.17 -8.47 -53.56
N GLU BA 131 -42.10 -9.25 -52.48
CA GLU BA 131 -42.78 -10.54 -52.39
C GLU BA 131 -43.98 -10.36 -51.45
N ASN BA 132 -45.10 -9.93 -52.02
CA ASN BA 132 -46.31 -9.69 -51.26
C ASN BA 132 -47.06 -10.97 -50.89
N TRP BA 133 -46.66 -12.11 -51.44
CA TRP BA 133 -47.33 -13.40 -51.23
C TRP BA 133 -48.78 -13.36 -51.68
N LEU BA 134 -49.15 -12.35 -52.46
CA LEU BA 134 -50.49 -12.20 -53.00
C LEU BA 134 -50.37 -11.70 -54.44
N GLN BA 135 -51.49 -11.77 -55.17
CA GLN BA 135 -51.54 -11.32 -56.57
C GLN BA 135 -50.48 -12.02 -57.41
N ALA BA 136 -50.21 -13.28 -57.11
CA ALA BA 136 -49.21 -14.03 -57.85
C ALA BA 136 -49.70 -14.34 -59.26
N ASP BA 137 -48.76 -14.69 -60.12
CA ASP BA 137 -49.06 -15.04 -61.51
C ASP BA 137 -49.36 -16.53 -61.61
N LEU BA 138 -50.59 -16.87 -61.97
CA LEU BA 138 -51.03 -18.25 -62.06
C LEU BA 138 -51.04 -18.77 -63.49
N SER BA 139 -50.10 -18.30 -64.32
CA SER BA 139 -49.98 -18.84 -65.67
C SER BA 139 -49.63 -20.32 -65.64
N GLY BA 140 -48.69 -20.71 -64.78
CA GLY BA 140 -48.36 -22.10 -64.59
C GLY BA 140 -49.27 -22.77 -63.58
N GLY BA 141 -49.87 -21.96 -62.70
CA GLY BA 141 -50.81 -22.47 -61.73
C GLY BA 141 -50.21 -23.16 -60.53
N ALA BA 142 -48.88 -23.17 -60.40
CA ALA BA 142 -48.21 -23.87 -59.30
C ALA BA 142 -47.10 -23.01 -58.72
N VAL BA 143 -47.36 -21.73 -58.51
CA VAL BA 143 -46.34 -20.85 -57.93
C VAL BA 143 -46.17 -21.20 -56.46
N THR BA 144 -44.91 -21.30 -56.02
CA THR BA 144 -44.58 -21.69 -54.66
C THR BA 144 -43.51 -20.75 -54.12
N LYS BA 145 -43.72 -20.25 -52.90
CA LYS BA 145 -42.77 -19.39 -52.23
C LYS BA 145 -42.29 -20.08 -50.95
N SER BA 146 -41.02 -19.84 -50.61
CA SER BA 146 -40.38 -20.55 -49.51
C SER BA 146 -39.65 -19.57 -48.60
N VAL BA 147 -39.50 -19.97 -47.34
CA VAL BA 147 -38.78 -19.21 -46.33
C VAL BA 147 -37.71 -20.11 -45.74
N VAL BA 148 -36.49 -19.59 -45.61
CA VAL BA 148 -35.38 -20.38 -45.09
C VAL BA 148 -35.68 -20.79 -43.66
N GLY BA 149 -35.72 -22.09 -43.40
CA GLY BA 149 -36.07 -22.60 -42.09
C GLY BA 149 -34.89 -22.92 -41.20
N SER BA 150 -33.95 -23.73 -41.70
CA SER BA 150 -32.81 -24.14 -40.89
C SER BA 150 -31.68 -24.59 -41.81
N PHE BA 151 -30.47 -24.54 -41.25
CA PHE BA 151 -29.28 -25.03 -41.93
C PHE BA 151 -28.94 -26.40 -41.38
N VAL BA 152 -28.95 -27.42 -42.26
CA VAL BA 152 -28.81 -28.81 -41.86
C VAL BA 152 -27.56 -29.39 -42.48
N ARG BA 153 -26.69 -29.95 -41.65
CA ARG BA 153 -25.51 -30.67 -42.12
C ARG BA 153 -25.78 -32.17 -41.99
N ASP BA 154 -25.79 -32.87 -43.13
CA ASP BA 154 -26.09 -34.29 -43.13
C ASP BA 154 -24.95 -35.08 -42.50
N GLY BA 155 -25.26 -36.33 -42.13
CA GLY BA 155 -24.27 -37.16 -41.49
C GLY BA 155 -23.09 -37.51 -42.39
N SER BA 156 -23.35 -37.69 -43.68
CA SER BA 156 -22.31 -38.09 -44.62
C SER BA 156 -21.60 -36.88 -45.24
N GLY BA 157 -21.15 -35.96 -44.40
CA GLY BA 157 -20.39 -34.82 -44.86
C GLY BA 157 -21.11 -33.95 -45.88
N SER BA 158 -22.38 -33.68 -45.67
CA SER BA 158 -23.18 -32.92 -46.60
C SER BA 158 -23.83 -31.73 -45.89
N VAL BA 159 -24.02 -30.65 -46.64
CA VAL BA 159 -24.63 -29.43 -46.13
C VAL BA 159 -25.75 -29.01 -47.07
N ALA BA 160 -26.86 -28.55 -46.50
CA ALA BA 160 -27.99 -28.11 -47.29
C ALA BA 160 -28.81 -27.11 -46.46
N VAL BA 161 -29.68 -26.37 -47.14
CA VAL BA 161 -30.53 -25.38 -46.51
C VAL BA 161 -31.98 -25.82 -46.67
N LYS BA 162 -32.67 -25.95 -45.54
CA LYS BA 162 -34.07 -26.34 -45.55
C LYS BA 162 -34.97 -25.11 -45.59
N LYS BA 163 -36.07 -25.22 -46.33
CA LYS BA 163 -37.01 -24.12 -46.51
C LYS BA 163 -38.42 -24.59 -46.24
N VAL BA 164 -39.26 -23.66 -45.80
CA VAL BA 164 -40.67 -23.91 -45.52
C VAL BA 164 -41.48 -23.37 -46.68
N ASP BA 165 -42.27 -24.24 -47.31
CA ASP BA 165 -42.98 -23.91 -48.53
C ASP BA 165 -44.39 -23.43 -48.23
N TYR BA 166 -44.88 -22.52 -49.07
CA TYR BA 166 -46.24 -22.02 -48.99
C TYR BA 166 -46.82 -22.00 -50.41
N SER BA 167 -48.04 -22.51 -50.55
CA SER BA 167 -48.65 -22.69 -51.86
C SER BA 167 -49.65 -21.57 -52.14
N LEU BA 168 -49.64 -21.10 -53.39
CA LEU BA 168 -50.54 -20.04 -53.85
C LEU BA 168 -51.31 -20.50 -55.08
N ASN BA 169 -51.70 -21.78 -55.10
CA ASN BA 169 -52.24 -22.39 -56.31
C ASN BA 169 -53.53 -21.74 -56.79
N ALA BA 170 -54.62 -21.91 -56.04
CA ALA BA 170 -55.89 -21.34 -56.44
C ALA BA 170 -56.75 -20.83 -55.29
N ASN BA 171 -56.26 -20.88 -54.05
CA ASN BA 171 -57.07 -20.51 -52.90
C ASN BA 171 -56.42 -19.49 -51.99
N SER BA 172 -55.18 -19.06 -52.28
CA SER BA 172 -54.50 -18.08 -51.46
C SER BA 172 -53.73 -17.07 -52.31
N VAL BA 173 -54.24 -16.74 -53.50
CA VAL BA 173 -53.52 -15.89 -54.42
C VAL BA 173 -54.05 -14.45 -54.43
N LEU BA 174 -55.33 -14.23 -54.14
CA LEU BA 174 -55.85 -12.87 -53.96
C LEU BA 174 -55.65 -11.99 -55.19
N PHE BA 175 -56.47 -12.18 -56.22
CA PHE BA 175 -56.39 -11.46 -57.49
C PHE BA 175 -55.15 -11.81 -58.30
N ASP BA 176 -55.09 -13.06 -58.77
CA ASP BA 176 -54.14 -13.48 -59.79
C ASP BA 176 -53.99 -12.41 -60.86
N THR BA 177 -52.73 -12.10 -61.20
CA THR BA 177 -52.45 -10.94 -62.06
C THR BA 177 -52.94 -11.14 -63.48
N VAL BA 178 -52.62 -12.29 -64.08
CA VAL BA 178 -52.81 -12.51 -65.52
C VAL BA 178 -54.03 -13.39 -65.80
N GLY BA 179 -54.07 -14.59 -65.23
CA GLY BA 179 -55.09 -15.55 -65.58
C GLY BA 179 -56.50 -15.18 -65.14
N ASP BA 180 -56.62 -14.30 -64.14
CA ASP BA 180 -57.91 -13.90 -63.60
C ASP BA 180 -58.72 -15.12 -63.16
N THR BA 181 -58.02 -16.06 -62.52
CA THR BA 181 -58.62 -17.30 -62.03
C THR BA 181 -58.32 -17.50 -60.56
N GLY BA 182 -58.07 -16.42 -59.83
CA GLY BA 182 -57.71 -16.50 -58.43
C GLY BA 182 -58.91 -16.73 -57.53
N ILE BA 183 -58.64 -16.67 -56.22
CA ILE BA 183 -59.70 -16.86 -55.24
C ILE BA 183 -60.79 -15.81 -55.41
N LEU BA 184 -60.39 -14.59 -55.74
CA LEU BA 184 -61.31 -13.54 -56.17
C LEU BA 184 -61.21 -13.35 -57.68
N ASP BA 185 -62.17 -12.61 -58.23
CA ASP BA 185 -62.25 -12.35 -59.67
C ASP BA 185 -62.34 -13.67 -60.44
N LYS BA 186 -63.13 -14.61 -59.92
CA LYS BA 186 -63.48 -15.81 -60.65
C LYS BA 186 -64.80 -16.34 -60.11
N VAL BA 187 -65.50 -17.10 -60.95
CA VAL BA 187 -66.86 -17.55 -60.63
C VAL BA 187 -66.79 -18.89 -59.92
N TYR BA 188 -67.69 -19.09 -58.96
CA TYR BA 188 -67.81 -20.32 -58.20
C TYR BA 188 -69.09 -21.04 -58.57
N ASN BA 189 -68.99 -22.34 -58.84
CA ASN BA 189 -70.18 -23.15 -59.05
C ASN BA 189 -70.95 -23.28 -57.74
N VAL BA 190 -72.28 -23.15 -57.82
CA VAL BA 190 -73.16 -23.21 -56.66
C VAL BA 190 -74.19 -24.29 -56.93
N SER BA 191 -74.01 -25.46 -56.33
CA SER BA 191 -74.97 -26.55 -56.46
C SER BA 191 -74.97 -27.35 -55.17
N GLN BA 192 -76.08 -28.05 -54.92
CA GLN BA 192 -76.32 -28.64 -53.62
C GLN BA 192 -75.45 -29.86 -53.38
N ALA BA 193 -75.28 -30.72 -54.38
CA ALA BA 193 -74.69 -32.04 -54.20
C ALA BA 193 -73.52 -32.25 -55.14
N SER BA 194 -72.61 -31.28 -55.21
CA SER BA 194 -71.44 -31.38 -56.06
C SER BA 194 -70.20 -30.93 -55.30
N VAL BA 195 -69.04 -31.21 -55.89
CA VAL BA 195 -67.76 -30.80 -55.35
C VAL BA 195 -66.90 -30.28 -56.49
N THR BA 196 -66.16 -29.20 -56.23
CA THR BA 196 -65.24 -28.63 -57.21
C THR BA 196 -63.90 -29.33 -57.05
N LEU BA 197 -63.53 -30.14 -58.04
CA LEU BA 197 -62.35 -30.99 -57.98
C LEU BA 197 -61.31 -30.51 -58.98
N THR BA 198 -60.05 -30.58 -58.58
CA THR BA 198 -58.92 -30.26 -59.46
C THR BA 198 -58.28 -31.54 -59.96
N VAL BA 199 -58.22 -31.70 -61.28
CA VAL BA 199 -57.58 -32.83 -61.92
C VAL BA 199 -56.77 -32.31 -63.11
N ASN BA 200 -55.58 -32.85 -63.31
CA ASN BA 200 -54.72 -32.41 -64.39
C ASN BA 200 -54.90 -33.31 -65.61
N THR BA 201 -55.07 -32.69 -66.77
CA THR BA 201 -55.23 -33.39 -68.03
C THR BA 201 -54.11 -32.97 -68.97
N ASN BA 202 -53.38 -33.95 -69.51
CA ASN BA 202 -52.26 -33.70 -70.41
C ASN BA 202 -51.18 -32.85 -69.74
N GLY BA 203 -51.04 -32.96 -68.42
CA GLY BA 203 -50.01 -32.26 -67.69
C GLY BA 203 -50.37 -30.89 -67.19
N VAL BA 204 -51.56 -30.38 -67.49
CA VAL BA 204 -52.01 -29.07 -67.04
C VAL BA 204 -53.25 -29.26 -66.17
N GLU BA 205 -53.25 -28.60 -65.01
CA GLU BA 205 -54.34 -28.75 -64.06
C GLU BA 205 -55.55 -27.91 -64.46
N SER BA 206 -56.71 -28.33 -63.97
CA SER BA 206 -57.94 -27.59 -64.20
C SER BA 206 -58.93 -27.98 -63.10
N GLN BA 207 -59.96 -27.15 -62.93
CA GLN BA 207 -60.98 -27.36 -61.91
C GLN BA 207 -62.29 -27.69 -62.59
N HIS BA 208 -62.88 -28.83 -62.22
CA HIS BA 208 -64.14 -29.30 -62.79
C HIS BA 208 -65.15 -29.55 -61.68
N THR BA 209 -66.40 -29.20 -61.95
CA THR BA 209 -67.49 -29.39 -60.99
C THR BA 209 -68.21 -30.68 -61.34
N VAL BA 210 -68.25 -31.61 -60.40
CA VAL BA 210 -68.89 -32.91 -60.58
C VAL BA 210 -69.71 -33.23 -59.35
N ALA BA 211 -70.78 -34.00 -59.55
CA ALA BA 211 -71.67 -34.35 -58.45
C ALA BA 211 -70.95 -35.26 -57.45
N ALA BA 212 -71.37 -35.15 -56.19
CA ALA BA 212 -70.80 -35.94 -55.10
C ALA BA 212 -71.89 -36.78 -54.46
N TYR BA 213 -71.53 -37.99 -54.04
CA TYR BA 213 -72.48 -38.94 -53.48
C TYR BA 213 -72.03 -39.31 -52.06
N SER BA 214 -72.99 -39.34 -51.14
CA SER BA 214 -72.69 -39.62 -49.75
C SER BA 214 -72.36 -41.10 -49.55
N LEU BA 215 -71.52 -41.38 -48.55
CA LEU BA 215 -71.15 -42.75 -48.24
C LEU BA 215 -72.32 -43.54 -47.67
N GLU BA 216 -73.21 -42.88 -46.91
CA GLU BA 216 -74.35 -43.58 -46.33
C GLU BA 216 -75.27 -44.13 -47.41
N SER BA 217 -75.55 -43.34 -48.46
CA SER BA 217 -76.38 -43.82 -49.55
C SER BA 217 -75.71 -45.00 -50.26
N LEU BA 218 -74.39 -44.91 -50.47
CA LEU BA 218 -73.68 -45.98 -51.15
C LEU BA 218 -73.75 -47.28 -50.35
N THR BA 219 -73.54 -47.20 -49.04
CA THR BA 219 -73.58 -48.41 -48.22
C THR BA 219 -75.00 -48.91 -47.99
N GLU BA 220 -76.01 -48.03 -48.10
CA GLU BA 220 -77.39 -48.49 -47.98
C GLU BA 220 -77.86 -49.17 -49.26
N ALA BA 221 -77.40 -48.70 -50.41
CA ALA BA 221 -77.84 -49.27 -51.68
C ALA BA 221 -77.31 -50.68 -51.91
N GLY BA 222 -76.33 -51.13 -51.13
CA GLY BA 222 -75.79 -52.46 -51.30
C GLY BA 222 -74.58 -52.48 -52.23
N ALA BA 223 -73.62 -51.59 -51.97
CA ALA BA 223 -72.45 -51.46 -52.82
C ALA BA 223 -71.29 -52.28 -52.26
N GLU BA 224 -70.44 -52.74 -53.16
CA GLU BA 224 -69.23 -53.47 -52.80
C GLU BA 224 -68.03 -52.54 -52.94
N PHE BA 225 -67.26 -52.40 -51.88
CA PHE BA 225 -66.14 -51.48 -51.83
C PHE BA 225 -64.81 -52.22 -51.93
N GLN BA 226 -63.77 -51.49 -52.33
CA GLN BA 226 -62.42 -52.02 -52.36
C GLN BA 226 -61.46 -50.84 -52.33
N GLY BA 227 -60.75 -50.68 -51.22
CA GLY BA 227 -59.83 -49.55 -51.10
C GLY BA 227 -60.59 -48.25 -51.19
N ASN BA 228 -60.21 -47.43 -52.17
CA ASN BA 228 -60.91 -46.17 -52.45
C ASN BA 228 -61.88 -46.31 -53.61
N TYR BA 229 -62.22 -47.53 -54.00
CA TYR BA 229 -63.12 -47.80 -55.11
C TYR BA 229 -64.40 -48.46 -54.61
N ALA BA 230 -65.50 -48.17 -55.30
CA ALA BA 230 -66.80 -48.71 -54.96
C ALA BA 230 -67.51 -49.20 -56.21
N LEU BA 231 -68.43 -50.14 -56.01
CA LEU BA 231 -69.23 -50.67 -57.12
C LEU BA 231 -70.64 -50.95 -56.58
N GLN BA 232 -71.55 -50.01 -56.84
CA GLN BA 232 -72.95 -50.18 -56.44
C GLN BA 232 -73.73 -51.03 -57.42
N GLY BA 233 -73.19 -51.30 -58.60
CA GLY BA 233 -73.91 -51.99 -59.64
C GLY BA 233 -73.41 -51.60 -61.02
N GLY BA 234 -74.30 -51.13 -61.88
CA GLY BA 234 -73.90 -50.64 -63.19
C GLY BA 234 -73.05 -49.39 -63.14
N ASN BA 235 -72.94 -48.75 -61.97
CA ASN BA 235 -72.14 -47.54 -61.81
C ASN BA 235 -70.97 -47.82 -60.86
N SER BA 236 -69.87 -47.11 -61.09
CA SER BA 236 -68.67 -47.26 -60.29
C SER BA 236 -68.30 -45.91 -59.67
N TYR BA 237 -67.69 -45.97 -58.48
CA TYR BA 237 -67.33 -44.77 -57.74
C TYR BA 237 -65.90 -44.92 -57.22
N VAL BA 238 -65.23 -43.77 -57.09
CA VAL BA 238 -63.85 -43.71 -56.60
C VAL BA 238 -63.77 -42.68 -55.49
N LYS BA 239 -62.94 -42.96 -54.49
CA LYS BA 239 -62.73 -42.04 -53.38
C LYS BA 239 -61.46 -41.23 -53.60
N VAL BA 240 -61.56 -40.29 -54.54
CA VAL BA 240 -60.45 -39.36 -54.79
C VAL BA 240 -60.26 -38.43 -53.60
N GLU BA 241 -61.35 -37.99 -52.99
CA GLU BA 241 -61.30 -37.15 -51.80
C GLU BA 241 -62.34 -37.64 -50.81
N ASN BA 242 -62.63 -36.82 -49.79
CA ASN BA 242 -63.57 -37.22 -48.74
C ASN BA 242 -64.96 -37.49 -49.27
N VAL BA 243 -65.29 -37.04 -50.48
CA VAL BA 243 -66.58 -37.29 -51.10
C VAL BA 243 -66.40 -38.26 -52.25
N TRP BA 244 -67.35 -39.17 -52.41
CA TRP BA 244 -67.31 -40.17 -53.47
C TRP BA 244 -67.90 -39.61 -54.75
N VAL BA 245 -67.30 -39.99 -55.88
CA VAL BA 245 -67.69 -39.49 -57.19
C VAL BA 245 -67.71 -40.64 -58.18
N ARG BA 246 -68.69 -40.61 -59.09
CA ARG BA 246 -68.76 -41.59 -60.16
C ARG BA 246 -67.55 -41.45 -61.08
N ALA BA 247 -67.06 -42.59 -61.57
CA ALA BA 247 -65.85 -42.62 -62.37
C ALA BA 247 -66.07 -43.41 -63.66
N GLU BA 248 -65.28 -43.08 -64.66
CA GLU BA 248 -65.27 -43.80 -65.93
C GLU BA 248 -64.21 -44.89 -65.88
N THR BA 249 -64.44 -45.96 -66.64
CA THR BA 249 -63.60 -47.15 -66.54
C THR BA 249 -62.15 -46.88 -66.92
N ALA BA 250 -61.90 -46.58 -68.20
CA ALA BA 250 -60.57 -46.29 -68.71
C ALA BA 250 -60.70 -46.01 -70.20
N ALA BA 251 -59.71 -45.31 -70.75
CA ALA BA 251 -59.59 -45.04 -72.18
C ALA BA 251 -60.82 -44.35 -72.76
N THR BA 252 -61.68 -43.79 -71.91
CA THR BA 252 -62.85 -43.08 -72.41
C THR BA 252 -62.49 -41.65 -72.81
N GLY BA 253 -61.88 -40.90 -71.90
CA GLY BA 253 -61.43 -39.56 -72.23
C GLY BA 253 -60.28 -39.55 -73.22
N ALA BA 254 -59.37 -40.53 -73.11
CA ALA BA 254 -58.20 -40.64 -73.99
C ALA BA 254 -57.37 -39.36 -73.98
N THR BA 255 -57.26 -38.75 -72.79
CA THR BA 255 -56.54 -37.51 -72.63
C THR BA 255 -55.41 -37.62 -71.61
N GLY BA 256 -55.06 -38.83 -71.19
CA GLY BA 256 -54.01 -38.99 -70.18
C GLY BA 256 -54.38 -38.40 -68.84
N GLN BA 257 -55.63 -38.54 -68.42
CA GLN BA 257 -56.06 -38.01 -67.15
C GLN BA 257 -55.45 -38.80 -65.99
N GLU BA 258 -55.35 -38.13 -64.84
CA GLU BA 258 -54.86 -38.79 -63.64
C GLU BA 258 -55.77 -39.95 -63.25
N ILE BA 259 -55.17 -41.09 -62.95
CA ILE BA 259 -55.93 -42.29 -62.60
C ILE BA 259 -56.42 -42.18 -61.17
N ALA BA 260 -57.72 -42.38 -60.96
CA ALA BA 260 -58.29 -42.28 -59.62
C ALA BA 260 -57.82 -43.41 -58.73
N ALA BA 261 -57.91 -44.65 -59.20
CA ALA BA 261 -57.54 -45.81 -58.40
C ALA BA 261 -57.39 -47.02 -59.31
N THR BA 262 -56.74 -48.06 -58.78
CA THR BA 262 -56.60 -49.33 -59.46
C THR BA 262 -57.23 -50.43 -58.63
N THR BA 263 -57.86 -51.38 -59.29
CA THR BA 263 -58.60 -52.45 -58.65
C THR BA 263 -58.04 -53.81 -59.07
N THR BA 264 -58.66 -54.87 -58.54
CA THR BA 264 -58.28 -56.23 -58.83
C THR BA 264 -59.55 -57.06 -58.98
N ALA BA 265 -59.40 -58.39 -58.96
CA ALA BA 265 -60.54 -59.28 -59.14
C ALA BA 265 -61.58 -59.07 -58.03
N ALA BA 266 -61.21 -59.38 -56.79
CA ALA BA 266 -62.06 -59.14 -55.62
C ALA BA 266 -63.46 -59.74 -55.80
N GLY BA 267 -63.50 -60.93 -56.39
CA GLY BA 267 -64.77 -61.60 -56.60
C GLY BA 267 -65.52 -61.15 -57.84
N THR BA 268 -66.09 -59.95 -57.80
CA THR BA 268 -66.90 -59.43 -58.90
C THR BA 268 -66.51 -58.00 -59.26
N ILE BA 269 -65.24 -57.66 -59.10
CA ILE BA 269 -64.73 -56.31 -59.42
C ILE BA 269 -63.82 -56.44 -60.62
N THR BA 270 -64.09 -55.66 -61.67
CA THR BA 270 -63.24 -55.68 -62.85
C THR BA 270 -61.88 -55.07 -62.54
N ALA BA 271 -60.83 -55.69 -63.08
CA ALA BA 271 -59.47 -55.19 -62.88
C ALA BA 271 -59.17 -54.14 -63.93
N ASP BA 272 -59.13 -52.87 -63.51
CA ASP BA 272 -58.89 -51.77 -64.44
C ASP BA 272 -58.38 -50.57 -63.65
N SER BA 273 -57.80 -49.62 -64.37
CA SER BA 273 -57.31 -48.37 -63.79
C SER BA 273 -58.39 -47.32 -64.01
N TRP BA 274 -59.07 -46.94 -62.94
CA TRP BA 274 -60.23 -46.06 -63.03
C TRP BA 274 -59.81 -44.60 -62.97
N VAL BA 275 -60.58 -43.75 -63.65
CA VAL BA 275 -60.31 -42.32 -63.74
C VAL BA 275 -61.60 -41.58 -63.41
N VAL BA 276 -61.46 -40.49 -62.64
CA VAL BA 276 -62.62 -39.69 -62.25
C VAL BA 276 -63.31 -39.16 -63.50
N ASP BA 277 -64.64 -39.30 -63.53
CA ASP BA 277 -65.43 -38.84 -64.67
C ASP BA 277 -65.44 -37.32 -64.70
N VAL BA 278 -64.79 -36.74 -65.72
CA VAL BA 278 -64.78 -35.29 -65.86
C VAL BA 278 -66.18 -34.77 -66.14
N GLY BA 279 -67.02 -35.59 -66.78
CA GLY BA 279 -68.40 -35.20 -67.03
C GLY BA 279 -69.27 -35.41 -65.82
N ASN BA 280 -70.46 -35.98 -66.02
CA ASN BA 280 -71.42 -36.27 -64.95
C ASN BA 280 -71.77 -34.99 -64.19
N ALA BA 281 -72.42 -34.08 -64.92
CA ALA BA 281 -72.82 -32.81 -64.34
C ALA BA 281 -73.83 -33.01 -63.22
N PRO BA 282 -73.87 -32.11 -62.25
CA PRO BA 282 -74.82 -32.25 -61.14
C PRO BA 282 -76.26 -32.17 -61.62
N ALA BA 283 -77.17 -32.46 -60.70
CA ALA BA 283 -78.60 -32.44 -61.02
C ALA BA 283 -79.04 -31.03 -61.42
N ALA BA 284 -78.58 -30.02 -60.70
CA ALA BA 284 -78.91 -28.62 -60.98
C ALA BA 284 -77.59 -27.84 -61.03
N ASN BA 285 -77.02 -27.72 -62.23
CA ASN BA 285 -75.75 -27.03 -62.41
C ASN BA 285 -76.01 -25.53 -62.45
N VAL BA 286 -75.74 -24.85 -61.34
CA VAL BA 286 -75.92 -23.41 -61.21
C VAL BA 286 -74.58 -22.79 -60.87
N SER BA 287 -74.23 -21.72 -61.58
CA SER BA 287 -72.98 -21.01 -61.36
C SER BA 287 -73.27 -19.58 -60.94
N ALA BA 288 -72.34 -18.99 -60.19
CA ALA BA 288 -72.48 -17.60 -59.78
C ALA BA 288 -72.53 -16.69 -61.00
N GLY BA 289 -73.45 -15.72 -60.98
CA GLY BA 289 -73.60 -14.84 -62.13
C GLY BA 289 -72.35 -14.03 -62.41
N GLN BA 290 -71.75 -13.47 -61.36
CA GLN BA 290 -70.55 -12.67 -61.48
C GLN BA 290 -69.57 -13.03 -60.38
N SER BA 291 -68.30 -12.73 -60.63
CA SER BA 291 -67.26 -12.97 -59.63
C SER BA 291 -67.34 -11.92 -58.52
N VAL BA 292 -66.45 -12.05 -57.55
CA VAL BA 292 -66.42 -11.11 -56.44
C VAL BA 292 -65.99 -9.72 -56.92
N ALA BA 293 -65.04 -9.68 -57.85
CA ALA BA 293 -64.50 -8.42 -58.35
C ALA BA 293 -65.37 -7.79 -59.44
N ASN BA 294 -66.42 -8.47 -59.89
CA ASN BA 294 -67.26 -7.99 -60.97
C ASN BA 294 -68.72 -7.97 -60.54
N ILE BA 295 -68.98 -7.65 -59.27
CA ILE BA 295 -70.33 -7.68 -58.75
C ILE BA 295 -71.12 -6.50 -59.33
N ASN BA 296 -72.28 -6.80 -59.92
CA ASN BA 296 -73.15 -5.79 -60.49
C ASN BA 296 -74.58 -6.24 -60.24
N ILE BA 297 -75.24 -5.62 -59.27
CA ILE BA 297 -76.53 -6.10 -58.79
C ILE BA 297 -77.69 -5.27 -59.36
N VAL BA 298 -77.48 -4.63 -60.49
CA VAL BA 298 -78.54 -3.81 -61.11
C VAL BA 298 -79.51 -4.77 -61.81
N GLY BA 299 -80.63 -5.06 -61.16
CA GLY BA 299 -81.66 -5.89 -61.76
C GLY BA 299 -81.26 -7.31 -62.05
N MET BA 300 -80.57 -7.97 -61.12
CA MET BA 300 -80.19 -9.36 -61.32
C MET BA 300 -81.38 -10.30 -61.16
N GLY BA 301 -82.21 -10.08 -60.15
CA GLY BA 301 -83.28 -11.00 -59.81
C GLY BA 301 -82.94 -11.83 -58.58
N ALA BA 302 -83.95 -12.57 -58.12
CA ALA BA 302 -83.80 -13.32 -56.88
C ALA BA 302 -82.76 -14.43 -57.02
N ALA BA 303 -82.88 -15.25 -58.06
CA ALA BA 303 -81.99 -16.39 -58.21
C ALA BA 303 -80.54 -15.94 -58.39
N ALA BA 304 -80.32 -14.90 -59.19
CA ALA BA 304 -78.97 -14.39 -59.37
C ALA BA 304 -78.41 -13.83 -58.06
N LEU BA 305 -79.25 -13.17 -57.27
CA LEU BA 305 -78.80 -12.66 -55.98
C LEU BA 305 -78.41 -13.80 -55.05
N ASP BA 306 -79.21 -14.87 -55.01
CA ASP BA 306 -78.86 -16.02 -54.17
C ASP BA 306 -77.57 -16.67 -54.62
N ALA BA 307 -77.38 -16.80 -55.94
CA ALA BA 307 -76.14 -17.37 -56.45
C ALA BA 307 -74.95 -16.50 -56.08
N LEU BA 308 -75.09 -15.19 -56.20
CA LEU BA 308 -74.02 -14.27 -55.83
C LEU BA 308 -73.70 -14.37 -54.33
N ILE BA 309 -74.75 -14.47 -53.50
CA ILE BA 309 -74.53 -14.59 -52.06
C ILE BA 309 -73.79 -15.88 -51.74
N SER BA 310 -74.18 -16.98 -52.37
CA SER BA 310 -73.49 -18.25 -52.14
C SER BA 310 -72.04 -18.19 -52.59
N GLY BA 311 -71.78 -17.56 -53.75
CA GLY BA 311 -70.41 -17.42 -54.21
C GLY BA 311 -69.56 -16.58 -53.29
N VAL BA 312 -70.14 -15.49 -52.77
CA VAL BA 312 -69.42 -14.64 -51.83
C VAL BA 312 -69.12 -15.40 -50.55
N ASP BA 313 -70.08 -16.19 -50.07
CA ASP BA 313 -69.86 -17.00 -48.87
C ASP BA 313 -68.75 -18.01 -49.10
N ALA BA 314 -68.74 -18.66 -50.26
CA ALA BA 314 -67.68 -19.62 -50.57
C ALA BA 314 -66.31 -18.94 -50.62
N ALA BA 315 -66.25 -17.75 -51.23
CA ALA BA 315 -64.99 -17.02 -51.27
C ALA BA 315 -64.53 -16.64 -49.87
N LEU BA 316 -65.47 -16.20 -49.03
CA LEU BA 316 -65.12 -15.85 -47.65
C LEU BA 316 -64.59 -17.07 -46.90
N THR BA 317 -65.21 -18.24 -47.09
CA THR BA 317 -64.74 -19.44 -46.43
C THR BA 317 -63.34 -19.82 -46.90
N ASP BA 318 -63.10 -19.79 -48.22
CA ASP BA 318 -61.78 -20.13 -48.73
C ASP BA 318 -60.71 -19.16 -48.23
N MET BA 319 -61.03 -17.87 -48.20
CA MET BA 319 -60.05 -16.88 -47.78
C MET BA 319 -59.82 -16.92 -46.27
N THR BA 320 -60.84 -17.30 -45.50
CA THR BA 320 -60.65 -17.57 -44.08
C THR BA 320 -59.72 -18.76 -43.87
N SER BA 321 -59.88 -19.80 -44.67
CA SER BA 321 -58.96 -20.94 -44.61
C SER BA 321 -57.54 -20.51 -44.94
N ALA BA 322 -57.39 -19.64 -45.95
CA ALA BA 322 -56.07 -19.14 -46.30
C ALA BA 322 -55.46 -18.32 -45.15
N ALA BA 323 -56.28 -17.52 -44.48
CA ALA BA 323 -55.80 -16.76 -43.33
C ALA BA 323 -55.35 -17.70 -42.20
N ALA BA 324 -56.12 -18.77 -41.96
CA ALA BA 324 -55.72 -19.74 -40.95
C ALA BA 324 -54.39 -20.41 -41.33
N SER BA 325 -54.22 -20.73 -42.61
CA SER BA 325 -52.96 -21.31 -43.07
C SER BA 325 -51.80 -20.33 -42.85
N LEU BA 326 -52.03 -19.05 -43.13
CA LEU BA 326 -50.98 -18.05 -42.92
C LEU BA 326 -50.63 -17.93 -41.45
N GLY BA 327 -51.63 -17.96 -40.57
CA GLY BA 327 -51.35 -17.94 -39.15
C GLY BA 327 -50.56 -19.15 -38.69
N SER BA 328 -50.89 -20.32 -39.23
CA SER BA 328 -50.14 -21.54 -38.92
C SER BA 328 -48.69 -21.41 -39.38
N ILE BA 329 -48.48 -20.83 -40.58
CA ILE BA 329 -47.12 -20.61 -41.05
C ILE BA 329 -46.37 -19.66 -40.12
N SER BA 330 -47.02 -18.60 -39.67
CA SER BA 330 -46.38 -17.66 -38.75
C SER BA 330 -45.98 -18.35 -37.45
N SER BA 331 -46.88 -19.17 -36.90
CA SER BA 331 -46.56 -19.91 -35.69
C SER BA 331 -45.38 -20.85 -35.91
N ARG BA 332 -45.36 -21.53 -37.05
CA ARG BA 332 -44.24 -22.43 -37.36
C ARG BA 332 -42.94 -21.66 -37.48
N ILE BA 333 -42.98 -20.47 -38.07
CA ILE BA 333 -41.78 -19.65 -38.17
C ILE BA 333 -41.28 -19.25 -36.78
N ASP BA 334 -42.21 -18.87 -35.89
CA ASP BA 334 -41.80 -18.50 -34.54
C ASP BA 334 -41.16 -19.68 -33.82
N LEU BA 335 -41.77 -20.86 -33.91
CA LEU BA 335 -41.21 -22.04 -33.27
C LEU BA 335 -39.86 -22.40 -33.87
N GLN BA 336 -39.72 -22.29 -35.19
CA GLN BA 336 -38.44 -22.55 -35.83
C GLN BA 336 -37.38 -21.57 -35.36
N SER BA 337 -37.74 -20.30 -35.23
CA SER BA 337 -36.78 -19.29 -34.79
C SER BA 337 -36.28 -19.59 -33.38
N GLU BA 338 -37.20 -19.91 -32.46
CA GLU BA 338 -36.75 -20.21 -31.10
C GLU BA 338 -35.94 -21.49 -31.07
N PHE BA 339 -36.28 -22.48 -31.90
CA PHE BA 339 -35.49 -23.71 -31.94
C PHE BA 339 -34.08 -23.46 -32.46
N VAL BA 340 -33.94 -22.63 -33.49
CA VAL BA 340 -32.60 -22.30 -34.00
C VAL BA 340 -31.82 -21.51 -32.95
N ASN BA 341 -32.49 -20.63 -32.21
CA ASN BA 341 -31.81 -19.92 -31.13
C ASN BA 341 -31.27 -20.90 -30.10
N LYS BA 342 -32.10 -21.86 -29.69
CA LYS BA 342 -31.67 -22.86 -28.71
C LYS BA 342 -30.52 -23.70 -29.25
N LEU BA 343 -30.61 -24.11 -30.51
CA LEU BA 343 -29.57 -24.94 -31.11
C LEU BA 343 -28.25 -24.18 -31.20
N SER BA 344 -28.30 -22.90 -31.60
CA SER BA 344 -27.10 -22.09 -31.65
C SER BA 344 -26.50 -21.92 -30.27
N ASP BA 345 -27.34 -21.72 -29.25
CA ASP BA 345 -26.83 -21.61 -27.88
C ASP BA 345 -26.14 -22.90 -27.45
N SER BA 346 -26.75 -24.06 -27.77
CA SER BA 346 -26.14 -25.33 -27.41
C SER BA 346 -24.82 -25.54 -28.14
N ILE BA 347 -24.77 -25.20 -29.41
CA ILE BA 347 -23.53 -25.35 -30.18
C ILE BA 347 -22.43 -24.46 -29.62
N GLU BA 348 -22.77 -23.21 -29.29
CA GLU BA 348 -21.79 -22.30 -28.70
C GLU BA 348 -21.30 -22.82 -27.36
N SER BA 349 -22.21 -23.35 -26.54
CA SER BA 349 -21.79 -23.91 -25.25
C SER BA 349 -20.87 -25.10 -25.45
N GLY BA 350 -21.17 -25.97 -26.41
CA GLY BA 350 -20.29 -27.09 -26.68
C GLY BA 350 -18.92 -26.67 -27.16
N VAL BA 351 -18.88 -25.66 -28.04
CA VAL BA 351 -17.60 -25.14 -28.52
C VAL BA 351 -16.80 -24.55 -27.36
N GLY BA 352 -17.46 -23.80 -26.49
CA GLY BA 352 -16.76 -23.25 -25.33
C GLY BA 352 -16.22 -24.34 -24.42
N ARG BA 353 -17.03 -25.38 -24.17
CA ARG BA 353 -16.56 -26.47 -23.33
C ARG BA 353 -15.39 -27.20 -23.95
N LEU BA 354 -15.40 -27.38 -25.27
CA LEU BA 354 -14.32 -28.08 -25.95
C LEU BA 354 -13.07 -27.23 -26.13
N VAL BA 355 -13.20 -25.90 -26.07
CA VAL BA 355 -12.12 -25.00 -26.46
C VAL BA 355 -11.63 -24.17 -25.28
N ASP BA 356 -12.53 -23.62 -24.47
CA ASP BA 356 -12.12 -22.73 -23.39
C ASP BA 356 -11.35 -23.49 -22.32
N ALA BA 357 -10.57 -22.74 -21.54
CA ALA BA 357 -9.74 -23.30 -20.48
C ALA BA 357 -10.08 -22.63 -19.16
N ASP BA 358 -10.13 -23.42 -18.10
CA ASP BA 358 -10.40 -22.91 -16.75
C ASP BA 358 -9.18 -22.13 -16.29
N MET BA 359 -9.31 -20.80 -16.24
CA MET BA 359 -8.14 -19.92 -16.13
C MET BA 359 -7.33 -20.15 -14.87
N ASN BA 360 -7.92 -20.76 -13.83
CA ASN BA 360 -7.24 -20.89 -12.54
C ASN BA 360 -5.98 -21.74 -12.65
N GLU BA 361 -6.09 -22.89 -13.31
CA GLU BA 361 -4.91 -23.75 -13.40
C GLU BA 361 -3.84 -23.16 -14.32
N GLU BA 362 -4.23 -22.40 -15.33
CA GLU BA 362 -3.23 -21.68 -16.12
C GLU BA 362 -2.52 -20.63 -15.29
N SER BA 363 -3.25 -19.93 -14.39
CA SER BA 363 -2.59 -18.99 -13.49
C SER BA 363 -1.62 -19.71 -12.56
N THR BA 364 -2.03 -20.86 -12.04
CA THR BA 364 -1.15 -21.65 -11.18
C THR BA 364 0.10 -22.08 -11.92
N ARG BA 365 -0.06 -22.55 -13.17
CA ARG BA 365 1.09 -22.93 -13.98
C ARG BA 365 1.99 -21.74 -14.26
N LEU BA 366 1.40 -20.56 -14.48
CA LEU BA 366 2.21 -19.37 -14.73
C LEU BA 366 3.08 -19.04 -13.52
N LYS BA 367 2.48 -19.08 -12.33
CA LYS BA 367 3.27 -18.82 -11.12
C LYS BA 367 4.35 -19.88 -10.93
N ALA BA 368 4.00 -21.14 -11.16
CA ALA BA 368 4.98 -22.21 -11.00
C ALA BA 368 6.14 -22.05 -11.98
N LEU BA 369 5.83 -21.68 -13.23
CA LEU BA 369 6.88 -21.50 -14.23
C LEU BA 369 7.74 -20.28 -13.91
N GLN BA 370 7.15 -19.23 -13.34
CA GLN BA 370 7.97 -18.11 -12.90
C GLN BA 370 8.97 -18.55 -11.82
N THR BA 371 8.49 -19.33 -10.85
CA THR BA 371 9.39 -19.83 -9.80
C THR BA 371 10.46 -20.74 -10.39
N GLN BA 372 10.07 -21.61 -11.32
CA GLN BA 372 11.03 -22.52 -11.95
C GLN BA 372 12.08 -21.75 -12.74
N GLN BA 373 11.67 -20.70 -13.45
CA GLN BA 373 12.63 -19.89 -14.18
C GLN BA 373 13.58 -19.18 -13.23
N GLN BA 374 13.08 -18.68 -12.10
CA GLN BA 374 13.97 -18.04 -11.13
C GLN BA 374 15.00 -19.03 -10.61
N LEU BA 375 14.55 -20.24 -10.26
CA LEU BA 375 15.48 -21.26 -9.80
C LEU BA 375 16.50 -21.61 -10.87
N ALA BA 376 16.06 -21.75 -12.12
CA ALA BA 376 16.97 -22.10 -13.20
C ALA BA 376 17.99 -21.01 -13.44
N ILE BA 377 17.57 -19.74 -13.37
CA ILE BA 377 18.49 -18.63 -13.55
C ILE BA 377 19.53 -18.62 -12.43
N GLN BA 378 19.09 -18.84 -11.19
CA GLN BA 378 20.04 -18.88 -10.08
C GLN BA 378 21.05 -20.01 -10.25
N ALA BA 379 20.56 -21.20 -10.63
CA ALA BA 379 21.45 -22.34 -10.83
C ALA BA 379 22.42 -22.09 -11.98
N LEU BA 380 21.95 -21.45 -13.06
CA LEU BA 380 22.82 -21.13 -14.18
C LEU BA 380 23.89 -20.13 -13.76
N SER BA 381 23.53 -19.14 -12.95
CA SER BA 381 24.53 -18.20 -12.45
C SER BA 381 25.57 -18.92 -11.60
N ILE BA 382 25.14 -19.84 -10.75
CA ILE BA 382 26.08 -20.61 -9.93
C ILE BA 382 27.00 -21.44 -10.82
N ALA BA 383 26.44 -22.08 -11.85
CA ALA BA 383 27.24 -22.91 -12.74
C ALA BA 383 28.22 -22.07 -13.54
N ASN BA 384 27.86 -20.84 -13.88
CA ASN BA 384 28.79 -19.94 -14.55
C ASN BA 384 29.90 -19.52 -13.61
N SER BA 385 29.56 -19.24 -12.34
CA SER BA 385 30.55 -18.68 -11.42
C SER BA 385 31.53 -19.73 -10.92
N ASP BA 386 31.09 -20.97 -10.73
CA ASP BA 386 31.92 -21.94 -10.01
C ASP BA 386 33.18 -22.34 -10.77
N SER BA 387 33.28 -22.02 -12.06
CA SER BA 387 34.44 -22.43 -12.85
C SER BA 387 35.67 -21.56 -12.58
N GLN BA 388 35.53 -20.49 -11.82
CA GLN BA 388 36.66 -19.60 -11.52
C GLN BA 388 37.50 -20.08 -10.35
N ASN BA 389 37.12 -21.19 -9.70
CA ASN BA 389 37.84 -21.63 -8.52
C ASN BA 389 39.25 -22.10 -8.84
N VAL BA 390 39.50 -22.53 -10.08
CA VAL BA 390 40.79 -23.11 -10.45
C VAL BA 390 41.92 -22.08 -10.37
N LEU BA 391 41.60 -20.79 -10.45
CA LEU BA 391 42.64 -19.77 -10.51
C LEU BA 391 43.50 -19.73 -9.26
N SER BA 392 43.03 -20.29 -8.14
CA SER BA 392 43.78 -20.20 -6.89
C SER BA 392 45.09 -20.96 -6.97
N LEU BA 393 45.09 -22.13 -7.62
CA LEU BA 393 46.28 -22.96 -7.65
C LEU BA 393 47.43 -22.30 -8.39
N PHE BA 394 47.14 -21.67 -9.53
CA PHE BA 394 48.20 -21.21 -10.42
C PHE BA 394 48.87 -19.94 -9.92
N ARG BA 395 48.21 -19.18 -9.06
CA ARG BA 395 48.79 -17.95 -8.53
C ARG BA 395 49.64 -18.23 -7.29
N THR CA 2 59.04 7.63 16.41
CA THR CA 2 57.78 7.03 16.86
C THR CA 2 57.97 6.26 18.16
N SER CA 3 57.14 6.56 19.15
CA SER CA 3 57.15 5.83 20.42
C SER CA 3 56.27 4.60 20.29
N ILE CA 4 56.86 3.43 20.54
CA ILE CA 4 56.17 2.17 20.27
C ILE CA 4 55.32 1.71 21.45
N LEU CA 5 55.50 2.31 22.62
CA LEU CA 5 54.78 1.87 23.81
C LEU CA 5 53.53 2.69 24.11
N THR CA 6 53.43 3.91 23.56
CA THR CA 6 52.26 4.74 23.74
C THR CA 6 51.83 5.31 22.40
N ASN CA 7 50.52 5.54 22.27
CA ASN CA 7 49.93 6.11 21.05
C ASN CA 7 48.90 7.14 21.50
N ASN CA 8 49.32 8.40 21.61
CA ASN CA 8 48.44 9.46 22.09
C ASN CA 8 47.27 9.67 21.13
N SER CA 9 47.52 9.54 19.83
CA SER CA 9 46.43 9.62 18.86
C SER CA 9 45.41 8.52 19.10
N ALA CA 10 45.87 7.32 19.44
CA ALA CA 10 44.96 6.24 19.77
C ALA CA 10 44.13 6.57 21.00
N MET CA 11 44.75 7.17 22.02
CA MET CA 11 44.00 7.55 23.21
C MET CA 11 42.95 8.60 22.90
N ALA CA 12 43.30 9.59 22.07
CA ALA CA 12 42.31 10.59 21.68
C ALA CA 12 41.16 9.97 20.89
N ALA CA 13 41.48 9.05 19.98
CA ALA CA 13 40.45 8.36 19.24
C ALA CA 13 39.55 7.55 20.16
N LEU CA 14 40.14 6.88 21.15
CA LEU CA 14 39.36 6.11 22.11
C LEU CA 14 38.42 7.01 22.91
N SER CA 15 38.92 8.16 23.36
CA SER CA 15 38.07 9.09 24.11
C SER CA 15 36.92 9.59 23.25
N GLY CA 16 37.21 9.93 21.98
CA GLY CA 16 36.13 10.32 21.09
C GLY CA 16 35.12 9.21 20.88
N VAL CA 17 35.60 7.97 20.76
CA VAL CA 17 34.69 6.83 20.56
C VAL CA 17 33.80 6.64 21.77
N ARG CA 18 34.36 6.75 22.98
CA ARG CA 18 33.53 6.61 24.17
C ARG CA 18 32.49 7.73 24.26
N SER CA 19 32.89 8.97 23.93
CA SER CA 19 31.93 10.07 23.98
C SER CA 19 30.78 9.84 23.00
N ILE CA 20 31.12 9.46 21.76
CA ILE CA 20 30.09 9.19 20.76
C ILE CA 20 29.23 8.00 21.16
N SER CA 21 29.83 6.98 21.77
CA SER CA 21 29.07 5.81 22.18
C SER CA 21 28.08 6.15 23.29
N SER CA 22 28.50 6.95 24.26
CA SER CA 22 27.57 7.39 25.30
C SER CA 22 26.45 8.22 24.72
N SER CA 23 26.80 9.19 23.86
CA SER CA 23 25.76 10.02 23.24
C SER CA 23 24.82 9.17 22.39
N MET CA 24 25.34 8.14 21.72
CA MET CA 24 24.52 7.30 20.87
C MET CA 24 23.58 6.41 21.70
N GLU CA 25 24.08 5.84 22.79
CA GLU CA 25 23.19 5.09 23.67
C GLU CA 25 22.08 5.99 24.19
N ASP CA 26 22.44 7.22 24.58
CA ASP CA 26 21.45 8.17 25.03
C ASP CA 26 20.41 8.41 23.93
N THR CA 27 20.86 8.68 22.70
CA THR CA 27 19.91 9.06 21.66
C THR CA 27 19.07 7.87 21.19
N GLN CA 28 19.59 6.65 21.29
CA GLN CA 28 18.75 5.49 21.03
C GLN CA 28 17.64 5.40 22.06
N SER CA 29 17.97 5.64 23.34
CA SER CA 29 16.93 5.73 24.35
C SER CA 29 15.93 6.83 23.99
N ARG CA 30 16.46 7.96 23.52
CA ARG CA 30 15.63 9.12 23.17
C ARG CA 30 14.64 8.76 22.07
N ILE CA 31 15.13 8.08 21.02
CA ILE CA 31 14.32 7.76 19.84
C ILE CA 31 13.40 6.57 20.08
N SER CA 32 13.67 5.77 21.11
CA SER CA 32 12.84 4.61 21.39
C SER CA 32 11.78 4.88 22.46
N SER CA 33 11.98 5.87 23.33
CA SER CA 33 11.04 6.06 24.42
C SER CA 33 10.76 7.54 24.68
N GLY CA 34 10.85 8.38 23.65
CA GLY CA 34 10.46 9.77 23.72
C GLY CA 34 10.99 10.53 24.93
N LEU CA 35 10.08 11.05 25.76
CA LEU CA 35 10.44 11.59 27.08
C LEU CA 35 11.60 12.59 27.04
N ARG CA 36 11.36 13.82 26.55
CA ARG CA 36 12.47 14.77 26.42
C ARG CA 36 13.22 14.93 27.74
N VAL CA 37 12.50 14.88 28.87
CA VAL CA 37 13.14 14.78 30.17
C VAL CA 37 13.30 13.31 30.52
N GLY CA 38 14.55 12.87 30.68
CA GLY CA 38 14.87 11.48 30.96
C GLY CA 38 14.26 11.01 32.26
N SER CA 39 14.52 9.75 32.59
CA SER CA 39 13.96 9.10 33.77
C SER CA 39 14.18 10.01 34.97
N ALA CA 40 15.41 10.20 35.45
CA ALA CA 40 15.70 11.28 36.38
C ALA CA 40 17.11 11.83 36.17
N SER CA 41 17.82 11.29 35.19
CA SER CA 41 19.21 11.64 34.96
C SER CA 41 19.36 12.95 34.21
N ASP CA 42 18.27 13.49 33.68
CA ASP CA 42 18.27 14.83 33.11
C ASP CA 42 17.90 15.83 34.19
N ASN CA 43 17.53 17.04 33.80
CA ASN CA 43 17.21 18.10 34.75
C ASN CA 43 16.06 17.72 35.68
N ALA CA 44 16.41 17.50 36.96
CA ALA CA 44 15.51 16.85 37.91
C ALA CA 44 14.25 17.67 38.17
N ALA CA 45 14.37 19.00 38.19
CA ALA CA 45 13.24 19.84 38.56
C ALA CA 45 12.06 19.63 37.62
N TYR CA 46 12.32 19.63 36.32
CA TYR CA 46 11.24 19.45 35.35
C TYR CA 46 10.64 18.05 35.44
N TRP CA 47 11.47 17.03 35.70
CA TRP CA 47 10.95 15.69 35.89
C TRP CA 47 10.04 15.62 37.11
N SER CA 48 10.44 16.28 38.20
CA SER CA 48 9.62 16.33 39.40
C SER CA 48 8.28 17.00 39.12
N ILE CA 49 8.32 18.12 38.39
CA ILE CA 49 7.07 18.79 38.02
C ILE CA 49 6.19 17.87 37.21
N ALA CA 50 6.79 17.17 36.24
CA ALA CA 50 6.02 16.25 35.39
C ALA CA 50 5.39 15.13 36.22
N THR CA 51 6.15 14.56 37.15
CA THR CA 51 5.61 13.49 37.99
C THR CA 51 4.46 13.99 38.85
N THR CA 52 4.62 15.18 39.44
CA THR CA 52 3.55 15.75 40.25
C THR CA 52 2.29 15.98 39.40
N MET CA 53 2.46 16.48 38.18
CA MET CA 53 1.30 16.72 37.34
C MET CA 53 0.66 15.42 36.86
N ARG CA 54 1.45 14.37 36.64
CA ARG CA 54 0.87 13.07 36.32
C ARG CA 54 0.05 12.54 37.49
N SER CA 55 0.56 12.69 38.70
CA SER CA 55 -0.22 12.29 39.88
C SER CA 55 -1.52 13.08 39.98
N ASP CA 56 -1.45 14.39 39.72
CA ASP CA 56 -2.66 15.22 39.72
C ASP CA 56 -3.63 14.78 38.63
N ASN CA 57 -3.12 14.38 37.48
CA ASN CA 57 -3.98 13.88 36.40
C ASN CA 57 -4.68 12.59 36.81
N GLN CA 58 -3.96 11.69 37.47
CA GLN CA 58 -4.59 10.47 37.98
C GLN CA 58 -5.68 10.81 38.99
N ALA CA 59 -5.41 11.76 39.89
CA ALA CA 59 -6.43 12.20 40.83
C ALA CA 59 -7.63 12.78 40.11
N LEU CA 60 -7.40 13.54 39.04
CA LEU CA 60 -8.50 14.12 38.28
C LEU CA 60 -9.33 13.05 37.59
N SER CA 61 -8.68 11.98 37.12
CA SER CA 61 -9.43 10.86 36.55
C SER CA 61 -10.31 10.19 37.60
N ALA CA 62 -9.76 10.01 38.81
CA ALA CA 62 -10.58 9.47 39.90
C ALA CA 62 -11.76 10.39 40.20
N VAL CA 63 -11.52 11.70 40.20
CA VAL CA 63 -12.60 12.67 40.42
C VAL CA 63 -13.64 12.56 39.32
N GLN CA 64 -13.21 12.31 38.08
CA GLN CA 64 -14.15 12.14 36.99
C GLN CA 64 -15.04 10.92 37.20
N ASP CA 65 -14.44 9.81 37.63
CA ASP CA 65 -15.25 8.63 37.93
C ASP CA 65 -16.24 8.91 39.04
N ALA CA 66 -15.79 9.60 40.11
CA ALA CA 66 -16.70 9.94 41.20
C ALA CA 66 -17.82 10.87 40.72
N LEU CA 67 -17.49 11.80 39.82
CA LEU CA 67 -18.50 12.70 39.27
C LEU CA 67 -19.54 11.94 38.48
N GLY CA 68 -19.11 10.96 37.69
CA GLY CA 68 -20.06 10.13 36.96
C GLY CA 68 -20.98 9.37 37.90
N LEU CA 69 -20.41 8.79 38.95
CA LEU CA 69 -21.24 8.06 39.93
C LEU CA 69 -22.25 8.99 40.59
N GLY CA 70 -21.80 10.18 40.99
CA GLY CA 70 -22.71 11.13 41.61
C GLY CA 70 -23.79 11.61 40.66
N ALA CA 71 -23.44 11.79 39.38
CA ALA CA 71 -24.43 12.18 38.39
C ALA CA 71 -25.49 11.11 38.23
N ALA CA 72 -25.08 9.84 38.21
CA ALA CA 72 -26.05 8.74 38.16
C ALA CA 72 -26.96 8.76 39.38
N LYS CA 73 -26.39 8.96 40.56
CA LYS CA 73 -27.19 9.00 41.78
C LYS CA 73 -28.21 10.15 41.74
N VAL CA 74 -27.76 11.32 41.30
CA VAL CA 74 -28.66 12.48 41.25
C VAL CA 74 -29.75 12.26 40.20
N ASP CA 75 -29.41 11.63 39.08
CA ASP CA 75 -30.42 11.34 38.07
C ASP CA 75 -31.50 10.40 38.61
N THR CA 76 -31.07 9.36 39.34
CA THR CA 76 -32.05 8.45 39.95
C THR CA 76 -32.92 9.18 40.96
N ALA CA 77 -32.31 10.02 41.80
CA ALA CA 77 -33.08 10.77 42.79
C ALA CA 77 -34.07 11.71 42.13
N TYR CA 78 -33.66 12.36 41.03
CA TYR CA 78 -34.55 13.27 40.33
C TYR CA 78 -35.71 12.54 39.68
N SER CA 79 -35.45 11.35 39.13
CA SER CA 79 -36.54 10.55 38.58
C SER CA 79 -37.54 10.18 39.66
N GLY CA 80 -37.04 9.75 40.83
CA GLY CA 80 -37.94 9.47 41.94
C GLY CA 80 -38.74 10.68 42.37
N MET CA 81 -38.08 11.84 42.42
CA MET CA 81 -38.77 13.08 42.79
C MET CA 81 -39.87 13.42 41.80
N GLU CA 82 -39.60 13.26 40.50
CA GLU CA 82 -40.63 13.53 39.49
C GLU CA 82 -41.81 12.60 39.64
N SER CA 83 -41.54 11.31 39.88
CA SER CA 83 -42.64 10.37 40.08
C SER CA 83 -43.46 10.75 41.30
N ALA CA 84 -42.80 11.13 42.40
CA ALA CA 84 -43.53 11.54 43.59
C ALA CA 84 -44.36 12.79 43.34
N ILE CA 85 -43.82 13.75 42.58
CA ILE CA 85 -44.57 14.97 42.27
C ILE CA 85 -45.81 14.63 41.46
N GLU CA 86 -45.67 13.74 40.46
CA GLU CA 86 -46.83 13.35 39.67
C GLU CA 86 -47.89 12.69 40.54
N VAL CA 87 -47.46 11.79 41.44
CA VAL CA 87 -48.42 11.09 42.29
C VAL CA 87 -49.13 12.06 43.22
N VAL CA 88 -48.39 13.00 43.82
CA VAL CA 88 -49.04 13.93 44.75
C VAL CA 88 -49.96 14.88 44.01
N LYS CA 89 -49.61 15.26 42.78
CA LYS CA 89 -50.53 16.06 41.98
C LYS CA 89 -51.81 15.30 41.71
N GLU CA 90 -51.69 14.00 41.41
CA GLU CA 90 -52.88 13.18 41.20
C GLU CA 90 -53.72 13.13 42.48
N ILE CA 91 -53.06 13.01 43.63
CA ILE CA 91 -53.77 12.99 44.91
C ILE CA 91 -54.52 14.29 45.14
N LYS CA 92 -53.87 15.41 44.87
CA LYS CA 92 -54.50 16.71 45.05
C LYS CA 92 -55.70 16.86 44.13
N ALA CA 93 -55.57 16.42 42.88
CA ALA CA 93 -56.70 16.47 41.95
C ALA CA 93 -57.87 15.63 42.47
N LYS CA 94 -57.57 14.42 42.97
CA LYS CA 94 -58.63 13.58 43.50
C LYS CA 94 -59.32 14.23 44.69
N LEU CA 95 -58.53 14.84 45.58
CA LEU CA 95 -59.12 15.43 46.78
C LEU CA 95 -59.96 16.65 46.44
N VAL CA 96 -59.48 17.50 45.53
CA VAL CA 96 -60.27 18.68 45.16
C VAL CA 96 -61.51 18.26 44.37
N ALA CA 97 -61.46 17.12 43.69
CA ALA CA 97 -62.69 16.55 43.13
C ALA CA 97 -63.62 16.09 44.23
N ALA CA 98 -63.07 15.50 45.29
CA ALA CA 98 -63.86 14.92 46.37
C ALA CA 98 -64.36 15.96 47.37
N THR CA 99 -63.95 17.23 47.26
CA THR CA 99 -64.46 18.23 48.18
C THR CA 99 -65.97 18.39 48.08
N GLU CA 100 -66.55 18.01 46.95
CA GLU CA 100 -68.01 18.02 46.81
C GLU CA 100 -68.63 17.00 47.75
N ASP CA 101 -69.77 17.37 48.34
CA ASP CA 101 -70.47 16.47 49.25
C ASP CA 101 -71.30 15.42 48.54
N GLY CA 102 -71.53 15.57 47.23
CA GLY CA 102 -72.32 14.62 46.48
C GLY CA 102 -71.59 13.39 46.02
N VAL CA 103 -70.31 13.27 46.35
CA VAL CA 103 -69.48 12.14 45.97
C VAL CA 103 -69.12 11.36 47.23
N ASP CA 104 -69.35 10.05 47.20
CA ASP CA 104 -68.99 9.21 48.34
C ASP CA 104 -67.48 9.29 48.58
N LYS CA 105 -67.10 9.52 49.83
CA LYS CA 105 -65.71 9.74 50.19
C LYS CA 105 -64.93 8.45 50.41
N ALA CA 106 -65.61 7.31 50.50
CA ALA CA 106 -64.91 6.06 50.76
C ALA CA 106 -64.04 5.65 49.58
N LYS CA 107 -64.57 5.77 48.36
CA LYS CA 107 -63.81 5.42 47.16
C LYS CA 107 -62.56 6.28 47.04
N ILE CA 108 -62.72 7.59 47.26
CA ILE CA 108 -61.56 8.48 47.28
C ILE CA 108 -60.61 8.06 48.38
N GLN CA 109 -61.14 7.53 49.48
CA GLN CA 109 -60.28 7.10 50.57
C GLN CA 109 -59.36 5.95 50.13
N GLU CA 110 -59.90 4.90 49.48
CA GLU CA 110 -58.96 3.84 49.09
C GLU CA 110 -58.07 4.30 47.94
N GLU CA 111 -58.56 5.19 47.07
CA GLU CA 111 -57.69 5.72 46.03
C GLU CA 111 -56.49 6.44 46.64
N ILE CA 112 -56.73 7.28 47.65
CA ILE CA 112 -55.64 8.00 48.31
C ILE CA 112 -54.75 7.02 49.07
N THR CA 113 -55.33 5.97 49.64
CA THR CA 113 -54.50 4.96 50.30
C THR CA 113 -53.56 4.28 49.31
N GLN CA 114 -54.07 3.91 48.14
CA GLN CA 114 -53.23 3.30 47.11
C GLN CA 114 -52.14 4.27 46.65
N LEU CA 115 -52.50 5.54 46.48
CA LEU CA 115 -51.49 6.51 46.06
C LEU CA 115 -50.43 6.73 47.13
N LYS CA 116 -50.83 6.69 48.40
CA LYS CA 116 -49.85 6.80 49.49
C LYS CA 116 -48.92 5.60 49.51
N ASP CA 117 -49.47 4.40 49.29
CA ASP CA 117 -48.61 3.22 49.20
C ASP CA 117 -47.65 3.33 48.04
N GLN CA 118 -48.11 3.85 46.90
CA GLN CA 118 -47.23 4.08 45.77
C GLN CA 118 -46.13 5.09 46.11
N LEU CA 119 -46.48 6.15 46.83
CA LEU CA 119 -45.47 7.12 47.26
C LEU CA 119 -44.43 6.48 48.15
N THR CA 120 -44.87 5.64 49.10
CA THR CA 120 -43.93 4.95 49.97
C THR CA 120 -43.01 4.04 49.19
N SER CA 121 -43.57 3.28 48.24
CA SER CA 121 -42.76 2.39 47.42
C SER CA 121 -41.75 3.15 46.59
N ILE CA 122 -42.16 4.28 46.00
CA ILE CA 122 -41.24 5.10 45.22
C ILE CA 122 -40.13 5.64 46.11
N ALA CA 123 -40.48 6.10 47.30
CA ALA CA 123 -39.49 6.67 48.21
C ALA CA 123 -38.46 5.63 48.65
N ASP CA 124 -38.92 4.42 48.97
CA ASP CA 124 -37.98 3.40 49.46
C ASP CA 124 -37.27 2.67 48.34
N ALA CA 125 -37.76 2.75 47.10
CA ALA CA 125 -37.17 1.99 46.00
C ALA CA 125 -36.17 2.81 45.18
N ALA CA 126 -36.30 4.14 45.18
CA ALA CA 126 -35.44 5.01 44.37
C ALA CA 126 -34.07 5.12 45.04
N SER CA 127 -33.35 3.99 45.03
CA SER CA 127 -32.02 3.90 45.61
C SER CA 127 -31.06 3.36 44.56
N PHE CA 128 -29.99 4.11 44.27
CA PHE CA 128 -29.03 3.65 43.28
C PHE CA 128 -28.03 2.66 43.89
N SER CA 129 -27.22 3.12 44.83
CA SER CA 129 -26.19 2.30 45.47
C SER CA 129 -26.29 2.40 46.98
N GLY CA 130 -27.50 2.26 47.49
CA GLY CA 130 -27.74 2.45 48.93
C GLY CA 130 -27.96 3.88 49.31
N GLU CA 131 -27.09 4.79 48.84
CA GLU CA 131 -27.27 6.20 49.09
C GLU CA 131 -28.34 6.75 48.16
N ASN CA 132 -29.58 6.81 48.65
CA ASN CA 132 -30.72 7.18 47.82
C ASN CA 132 -31.07 8.66 47.89
N TRP CA 133 -30.46 9.42 48.81
CA TRP CA 133 -30.74 10.84 49.01
C TRP CA 133 -32.20 11.08 49.37
N LEU CA 134 -32.91 10.04 49.80
CA LEU CA 134 -34.31 10.13 50.18
C LEU CA 134 -34.54 9.20 51.36
N GLN CA 135 -35.58 9.48 52.13
CA GLN CA 135 -35.92 8.70 53.32
C GLN CA 135 -34.73 8.62 54.27
N ALA CA 136 -34.19 9.79 54.60
CA ALA CA 136 -33.01 9.86 55.45
C ALA CA 136 -33.41 9.80 56.92
N ASP CA 137 -32.41 9.89 57.79
CA ASP CA 137 -32.61 9.90 59.24
C ASP CA 137 -32.51 11.34 59.73
N LEU CA 138 -33.64 11.91 60.14
CA LEU CA 138 -33.70 13.28 60.61
C LEU CA 138 -33.67 13.39 62.13
N SER CA 139 -33.37 12.29 62.83
CA SER CA 139 -33.24 12.35 64.29
C SER CA 139 -32.09 13.25 64.68
N GLY CA 140 -30.97 13.19 63.96
CA GLY CA 140 -29.86 14.08 64.24
C GLY CA 140 -30.19 15.53 63.98
N GLY CA 141 -31.02 15.79 62.97
CA GLY CA 141 -31.43 17.15 62.67
C GLY CA 141 -31.15 17.58 61.24
N ALA CA 142 -30.00 17.16 60.71
CA ALA CA 142 -29.61 17.52 59.35
C ALA CA 142 -28.51 16.59 58.89
N VAL CA 143 -28.67 16.02 57.69
CA VAL CA 143 -27.66 15.19 57.06
C VAL CA 143 -27.34 15.78 55.70
N THR CA 144 -26.04 15.83 55.38
CA THR CA 144 -25.57 16.44 54.15
C THR CA 144 -24.85 15.39 53.30
N LYS CA 145 -25.36 15.17 52.09
CA LYS CA 145 -24.69 14.29 51.14
C LYS CA 145 -23.76 15.10 50.25
N SER CA 146 -22.60 14.54 49.95
CA SER CA 146 -21.58 15.23 49.19
C SER CA 146 -21.18 14.43 47.97
N VAL CA 147 -20.92 15.14 46.87
CA VAL CA 147 -20.45 14.54 45.62
C VAL CA 147 -19.09 15.15 45.31
N VAL CA 148 -18.12 14.29 45.01
CA VAL CA 148 -16.76 14.75 44.75
C VAL CA 148 -16.78 15.63 43.51
N GLY CA 149 -16.38 16.89 43.68
CA GLY CA 149 -16.41 17.84 42.59
C GLY CA 149 -15.10 18.00 41.85
N SER CA 150 -14.03 18.26 42.57
CA SER CA 150 -12.74 18.49 41.94
C SER CA 150 -11.63 18.23 42.93
N PHE CA 151 -10.42 18.05 42.40
CA PHE CA 151 -9.20 17.90 43.20
C PHE CA 151 -8.35 19.15 42.98
N VAL CA 152 -8.06 19.86 44.07
CA VAL CA 152 -7.40 21.16 44.00
C VAL CA 152 -6.10 21.09 44.78
N ARG CA 153 -5.01 21.51 44.15
CA ARG CA 153 -3.70 21.61 44.80
C ARG CA 153 -3.48 23.09 45.15
N ASP CA 154 -3.53 23.40 46.44
CA ASP CA 154 -3.33 24.77 46.88
C ASP CA 154 -1.89 25.22 46.59
N GLY CA 155 -1.75 26.52 46.34
CA GLY CA 155 -0.44 27.05 46.01
C GLY CA 155 0.57 26.89 47.12
N SER CA 156 0.12 26.95 48.37
CA SER CA 156 1.02 26.85 49.53
C SER CA 156 1.29 25.39 49.90
N GLY CA 157 1.69 24.59 48.92
CA GLY CA 157 2.13 23.22 49.16
C GLY CA 157 1.14 22.33 49.87
N SER CA 158 -0.12 22.34 49.44
CA SER CA 158 -1.13 21.49 50.06
C SER CA 158 -2.20 21.16 49.03
N VAL CA 159 -2.93 20.07 49.29
CA VAL CA 159 -4.00 19.61 48.41
C VAL CA 159 -5.23 19.32 49.23
N ALA CA 160 -6.37 19.27 48.54
CA ALA CA 160 -7.65 18.95 49.16
C ALA CA 160 -8.60 18.51 48.07
N VAL CA 161 -9.76 18.00 48.49
CA VAL CA 161 -10.81 17.57 47.58
C VAL CA 161 -12.06 18.38 47.86
N LYS CA 162 -12.67 18.91 46.81
CA LYS CA 162 -13.87 19.72 46.92
C LYS CA 162 -15.10 18.85 46.69
N LYS CA 163 -16.21 19.24 47.32
CA LYS CA 163 -17.43 18.47 47.26
C LYS CA 163 -18.62 19.40 47.02
N VAL CA 164 -19.67 18.85 46.44
CA VAL CA 164 -20.94 19.54 46.24
C VAL CA 164 -21.93 19.03 47.28
N ASP CA 165 -22.46 19.92 48.10
CA ASP CA 165 -23.27 19.55 49.25
C ASP CA 165 -24.75 19.70 48.93
N TYR CA 166 -25.51 18.65 49.24
CA TYR CA 166 -26.97 18.68 49.13
C TYR CA 166 -27.55 18.40 50.52
N SER CA 167 -28.34 19.33 51.02
CA SER CA 167 -28.84 19.26 52.39
C SER CA 167 -30.16 18.52 52.42
N LEU CA 168 -30.22 17.45 53.21
CA LEU CA 168 -31.46 16.68 53.40
C LEU CA 168 -32.10 17.15 54.70
N ASN CA 169 -32.71 18.32 54.64
CA ASN CA 169 -33.38 18.91 55.79
C ASN CA 169 -34.82 18.40 55.86
N ALA CA 170 -35.64 19.04 56.71
CA ALA CA 170 -37.03 18.67 56.86
C ALA CA 170 -37.91 19.15 55.73
N ASN CA 171 -37.32 19.62 54.62
CA ASN CA 171 -38.08 20.10 53.47
C ASN CA 171 -37.99 19.22 52.25
N SER CA 172 -36.95 18.39 52.15
CA SER CA 172 -36.74 17.51 51.00
C SER CA 172 -36.33 16.12 51.47
N VAL CA 173 -37.02 15.60 52.48
CA VAL CA 173 -36.62 14.34 53.10
C VAL CA 173 -37.43 13.19 52.51
N LEU CA 174 -38.69 13.43 52.15
CA LEU CA 174 -39.51 12.39 51.54
C LEU CA 174 -39.65 11.15 52.43
N PHE CA 175 -40.47 11.26 53.49
CA PHE CA 175 -40.72 10.17 54.43
C PHE CA 175 -39.51 9.80 55.27
N ASP CA 176 -39.08 10.73 56.13
CA ASP CA 176 -38.12 10.43 57.19
C ASP CA 176 -38.47 9.11 57.88
N THR CA 177 -37.47 8.25 58.03
CA THR CA 177 -37.70 6.86 58.42
C THR CA 177 -37.77 6.64 59.92
N VAL CA 178 -37.44 7.64 60.75
CA VAL CA 178 -37.36 7.40 62.18
C VAL CA 178 -38.43 8.19 62.93
N GLY CA 179 -38.35 9.52 62.86
CA GLY CA 179 -39.25 10.36 63.62
C GLY CA 179 -40.50 10.79 62.91
N ASP CA 180 -40.62 10.52 61.61
CA ASP CA 180 -41.74 10.99 60.80
C ASP CA 180 -41.88 12.50 60.88
N THR CA 181 -40.75 13.18 61.05
CA THR CA 181 -40.68 14.64 61.05
C THR CA 181 -39.89 15.08 59.83
N GLY CA 182 -40.56 15.79 58.93
CA GLY CA 182 -39.98 16.19 57.67
C GLY CA 182 -41.01 16.81 56.76
N ILE CA 183 -41.06 16.36 55.50
CA ILE CA 183 -42.13 16.77 54.61
C ILE CA 183 -43.49 16.40 55.21
N LEU CA 184 -43.57 15.23 55.84
CA LEU CA 184 -44.78 14.84 56.53
C LEU CA 184 -44.94 15.61 57.83
N ASP CA 185 -46.18 15.71 58.29
CA ASP CA 185 -46.53 16.23 59.62
C ASP CA 185 -46.26 17.72 59.75
N LYS CA 186 -45.66 18.33 58.74
CA LYS CA 186 -45.45 19.77 58.72
C LYS CA 186 -46.54 20.42 57.88
N VAL CA 187 -47.06 21.55 58.34
CA VAL CA 187 -48.13 22.22 57.63
C VAL CA 187 -47.60 23.42 56.86
N TYR CA 188 -46.99 24.39 57.55
CA TYR CA 188 -46.55 25.65 56.95
C TYR CA 188 -47.66 26.26 56.09
N ASN CA 189 -48.91 26.07 56.51
CA ASN CA 189 -50.04 26.47 55.68
C ASN CA 189 -50.11 27.99 55.55
N VAL CA 190 -50.51 28.44 54.37
CA VAL CA 190 -50.54 29.86 54.08
C VAL CA 190 -51.62 30.56 54.91
N SER CA 191 -52.75 29.91 55.15
CA SER CA 191 -53.87 30.54 55.84
C SER CA 191 -54.64 29.47 56.61
N GLN CA 192 -55.85 29.83 57.03
CA GLN CA 192 -56.72 28.95 57.79
C GLN CA 192 -58.10 28.97 57.15
N ALA CA 193 -58.89 27.93 57.44
CA ALA CA 193 -60.25 27.86 56.93
C ALA CA 193 -61.06 29.07 57.38
N SER CA 194 -61.77 29.68 56.44
CA SER CA 194 -62.49 30.91 56.70
C SER CA 194 -63.93 30.79 56.21
N VAL CA 195 -64.82 31.54 56.86
CA VAL CA 195 -66.23 31.58 56.49
C VAL CA 195 -66.70 33.03 56.55
N THR CA 196 -67.46 33.43 55.53
CA THR CA 196 -68.01 34.78 55.46
C THR CA 196 -69.43 34.76 55.99
N LEU CA 197 -69.71 35.59 56.99
CA LEU CA 197 -70.98 35.60 57.68
C LEU CA 197 -71.74 36.89 57.41
N THR CA 198 -73.05 36.82 57.60
CA THR CA 198 -73.93 37.98 57.49
C THR CA 198 -74.39 38.33 58.91
N VAL CA 199 -73.60 39.14 59.59
CA VAL CA 199 -73.86 39.52 60.97
C VAL CA 199 -73.99 41.04 61.01
N ASN CA 200 -75.09 41.53 61.60
CA ASN CA 200 -75.35 42.95 61.71
C ASN CA 200 -75.04 43.40 63.13
N THR CA 201 -73.99 44.19 63.29
CA THR CA 201 -73.68 44.77 64.58
C THR CA 201 -74.79 45.70 65.04
N ASN CA 202 -75.34 46.48 64.11
CA ASN CA 202 -76.43 47.40 64.40
C ASN CA 202 -77.60 47.11 63.45
N GLY CA 203 -78.56 48.02 63.39
CA GLY CA 203 -79.73 47.85 62.55
C GLY CA 203 -79.43 47.62 61.08
N VAL CA 204 -78.23 47.99 60.64
CA VAL CA 204 -77.79 47.80 59.26
C VAL CA 204 -76.93 46.54 59.18
N GLU CA 205 -77.12 45.77 58.12
CA GLU CA 205 -76.39 44.52 57.95
C GLU CA 205 -74.98 44.80 57.43
N SER CA 206 -74.11 43.80 57.60
CA SER CA 206 -72.72 43.93 57.17
C SER CA 206 -72.14 42.54 56.93
N GLN CA 207 -71.04 42.51 56.20
CA GLN CA 207 -70.33 41.28 55.89
C GLN CA 207 -69.05 41.21 56.70
N HIS CA 208 -68.80 40.07 57.34
CA HIS CA 208 -67.63 39.86 58.17
C HIS CA 208 -66.98 38.53 57.84
N THR CA 209 -65.66 38.48 57.98
CA THR CA 209 -64.88 37.27 57.74
C THR CA 209 -64.27 36.80 59.04
N VAL CA 210 -64.52 35.54 59.38
CA VAL CA 210 -64.02 34.94 60.62
C VAL CA 210 -63.55 33.52 60.30
N ALA CA 211 -62.48 33.09 60.97
CA ALA CA 211 -61.93 31.76 60.77
C ALA CA 211 -62.93 30.70 61.22
N ALA CA 212 -62.95 29.58 60.50
CA ALA CA 212 -63.85 28.47 60.81
C ALA CA 212 -63.05 27.31 61.38
N TYR CA 213 -63.66 26.62 62.35
CA TYR CA 213 -63.03 25.51 63.03
C TYR CA 213 -63.86 24.24 62.85
N SER CA 214 -63.19 23.15 62.49
CA SER CA 214 -63.88 21.89 62.29
C SER CA 214 -64.43 21.34 63.60
N LEU CA 215 -65.59 20.71 63.53
CA LEU CA 215 -66.20 20.12 64.72
C LEU CA 215 -65.33 18.99 65.28
N GLU CA 216 -64.62 18.26 64.41
CA GLU CA 216 -63.77 17.17 64.88
C GLU CA 216 -62.63 17.71 65.74
N SER CA 217 -62.06 18.86 65.37
CA SER CA 217 -61.00 19.45 66.17
C SER CA 217 -61.48 19.81 67.56
N LEU CA 218 -62.70 20.35 67.68
CA LEU CA 218 -63.25 20.68 68.98
C LEU CA 218 -63.54 19.41 69.79
N THR CA 219 -64.21 18.43 69.18
CA THR CA 219 -64.61 17.24 69.90
C THR CA 219 -63.41 16.36 70.28
N GLU CA 220 -62.28 16.51 69.59
CA GLU CA 220 -61.12 15.70 69.91
C GLU CA 220 -60.47 16.14 71.22
N ALA CA 221 -60.49 17.44 71.51
CA ALA CA 221 -59.84 18.00 72.68
C ALA CA 221 -60.73 18.02 73.91
N GLY CA 222 -61.79 17.21 73.94
CA GLY CA 222 -62.65 17.15 75.09
C GLY CA 222 -63.49 18.40 75.29
N ALA CA 223 -64.42 18.64 74.38
CA ALA CA 223 -65.25 19.85 74.39
C ALA CA 223 -66.65 19.52 74.87
N GLU CA 224 -67.12 20.26 75.87
CA GLU CA 224 -68.51 20.18 76.28
C GLU CA 224 -69.41 20.86 75.24
N PHE CA 225 -70.59 20.30 75.04
CA PHE CA 225 -71.52 20.81 74.04
C PHE CA 225 -72.91 20.97 74.64
N GLN CA 226 -73.63 21.97 74.15
CA GLN CA 226 -75.02 22.18 74.54
C GLN CA 226 -75.69 22.97 73.42
N GLY CA 227 -76.60 22.31 72.69
CA GLY CA 227 -77.25 22.94 71.56
C GLY CA 227 -76.27 23.33 70.48
N ASN CA 228 -76.02 24.62 70.34
CA ASN CA 228 -75.05 25.15 69.38
C ASN CA 228 -73.93 25.89 70.10
N TYR CA 229 -73.45 25.32 71.22
CA TYR CA 229 -72.39 25.91 72.01
C TYR CA 229 -71.31 24.87 72.29
N ALA CA 230 -70.06 25.33 72.32
CA ALA CA 230 -68.92 24.49 72.64
C ALA CA 230 -68.06 25.19 73.69
N LEU CA 231 -67.52 24.42 74.63
CA LEU CA 231 -66.70 24.93 75.72
C LEU CA 231 -65.45 24.06 75.86
N GLN CA 232 -64.72 23.88 74.75
CA GLN CA 232 -63.51 23.06 74.74
C GLN CA 232 -62.59 23.42 75.90
N GLY CA 233 -62.19 24.68 75.99
CA GLY CA 233 -61.39 25.14 77.11
C GLY CA 233 -61.87 26.50 77.59
N GLY CA 234 -60.93 27.43 77.81
CA GLY CA 234 -61.34 28.80 78.07
C GLY CA 234 -62.06 29.42 76.89
N ASN CA 235 -61.67 29.04 75.67
CA ASN CA 235 -62.33 29.55 74.48
C ASN CA 235 -63.74 28.97 74.36
N SER CA 236 -64.62 29.75 73.76
CA SER CA 236 -66.02 29.36 73.57
C SER CA 236 -66.35 29.41 72.08
N TYR CA 237 -66.97 28.34 71.58
CA TYR CA 237 -67.35 28.25 70.18
C TYR CA 237 -68.86 28.09 70.06
N VAL CA 238 -69.43 28.70 69.02
CA VAL CA 238 -70.84 28.57 68.71
C VAL CA 238 -70.99 28.26 67.23
N LYS CA 239 -72.12 27.65 66.87
CA LYS CA 239 -72.44 27.30 65.51
C LYS CA 239 -73.42 28.32 64.95
N VAL CA 240 -73.05 28.95 63.83
CA VAL CA 240 -73.87 29.99 63.24
C VAL CA 240 -74.84 29.41 62.21
N GLU CA 241 -74.33 28.77 61.15
CA GLU CA 241 -75.17 27.97 60.27
C GLU CA 241 -74.70 26.52 60.19
N ASN CA 242 -73.43 26.29 59.85
CA ASN CA 242 -72.89 24.94 59.80
C ASN CA 242 -71.49 24.81 60.36
N VAL CA 243 -70.76 25.91 60.57
CA VAL CA 243 -69.38 25.86 61.01
C VAL CA 243 -69.28 26.47 62.40
N TRP CA 244 -68.33 25.98 63.19
CA TRP CA 244 -68.10 26.48 64.54
C TRP CA 244 -67.07 27.60 64.50
N VAL CA 245 -67.40 28.73 65.11
CA VAL CA 245 -66.52 29.91 65.14
C VAL CA 245 -66.43 30.41 66.57
N ARG CA 246 -65.36 31.17 66.83
CA ARG CA 246 -65.14 31.72 68.16
C ARG CA 246 -66.26 32.68 68.54
N ALA CA 247 -66.71 32.60 69.79
CA ALA CA 247 -67.72 33.48 70.32
C ALA CA 247 -67.18 34.21 71.54
N GLU CA 248 -67.96 35.17 72.03
CA GLU CA 248 -67.60 35.93 73.22
C GLU CA 248 -68.86 36.26 74.00
N THR CA 249 -68.67 36.59 75.27
CA THR CA 249 -69.80 36.85 76.15
C THR CA 249 -70.49 38.15 75.77
N ALA CA 250 -71.67 38.36 76.34
CA ALA CA 250 -72.43 39.58 76.09
C ALA CA 250 -71.74 40.76 76.78
N ALA CA 251 -72.19 41.96 76.40
CA ALA CA 251 -71.65 43.22 76.91
C ALA CA 251 -70.17 43.37 76.62
N THR CA 252 -69.66 42.68 75.60
CA THR CA 252 -68.28 42.81 75.17
C THR CA 252 -68.12 43.38 73.77
N GLY CA 253 -69.16 43.33 72.94
CA GLY CA 253 -69.13 44.00 71.65
C GLY CA 253 -69.58 45.44 71.78
N ALA CA 254 -70.55 45.68 72.67
CA ALA CA 254 -71.06 47.01 72.97
C ALA CA 254 -71.62 47.72 71.72
N THR CA 255 -72.17 46.94 70.80
CA THR CA 255 -72.78 47.51 69.59
C THR CA 255 -74.21 47.03 69.37
N GLY CA 256 -74.74 46.16 70.22
CA GLY CA 256 -76.04 45.57 69.95
C GLY CA 256 -76.00 44.50 68.88
N GLN CA 257 -74.89 43.78 68.77
CA GLN CA 257 -74.73 42.78 67.73
C GLN CA 257 -75.74 41.65 67.91
N GLU CA 258 -76.14 41.05 66.78
CA GLU CA 258 -77.11 39.96 66.80
C GLU CA 258 -76.62 38.82 67.69
N ILE CA 259 -77.50 38.35 68.57
CA ILE CA 259 -77.13 37.33 69.53
C ILE CA 259 -76.96 35.99 68.83
N ALA CA 260 -75.84 35.31 69.09
CA ALA CA 260 -75.58 34.01 68.49
C ALA CA 260 -76.39 32.92 69.19
N ALA CA 261 -76.19 32.73 70.48
CA ALA CA 261 -76.91 31.71 71.23
C ALA CA 261 -76.89 32.07 72.71
N THR CA 262 -77.84 31.49 73.44
CA THR CA 262 -77.94 31.64 74.88
C THR CA 262 -77.89 30.28 75.54
N THR CA 263 -77.13 30.18 76.63
CA THR CA 263 -76.93 28.92 77.33
C THR CA 263 -77.37 29.06 78.78
N THR CA 264 -77.37 27.92 79.48
CA THR CA 264 -77.70 27.88 80.90
C THR CA 264 -76.57 27.21 81.68
N ALA CA 265 -76.81 26.90 82.96
CA ALA CA 265 -75.77 26.29 83.79
C ALA CA 265 -75.32 24.96 83.21
N ALA CA 266 -76.21 23.97 83.22
CA ALA CA 266 -75.98 22.66 82.59
C ALA CA 266 -74.61 22.09 82.98
N GLY CA 267 -74.28 22.21 84.26
CA GLY CA 267 -73.01 21.72 84.75
C GLY CA 267 -71.95 22.80 84.86
N THR CA 268 -70.92 22.73 84.02
CA THR CA 268 -69.80 23.66 84.06
C THR CA 268 -69.85 24.67 82.91
N ILE CA 269 -71.04 25.12 82.54
CA ILE CA 269 -71.22 26.09 81.46
C ILE CA 269 -71.85 27.34 82.07
N THR CA 270 -71.18 28.48 81.89
CA THR CA 270 -71.71 29.73 82.41
C THR CA 270 -72.95 30.15 81.62
N ALA CA 271 -73.97 30.62 82.32
CA ALA CA 271 -75.21 31.06 81.70
C ALA CA 271 -75.01 32.49 81.20
N ASP CA 272 -74.97 32.66 79.88
CA ASP CA 272 -74.76 33.97 79.29
C ASP CA 272 -75.31 33.97 77.87
N SER CA 273 -75.48 35.17 77.34
CA SER CA 273 -75.95 35.37 75.96
C SER CA 273 -74.73 35.56 75.08
N TRP CA 274 -74.20 34.45 74.57
CA TRP CA 274 -72.99 34.50 73.77
C TRP CA 274 -73.26 35.11 72.41
N VAL CA 275 -72.28 35.85 71.89
CA VAL CA 275 -72.39 36.53 70.61
C VAL CA 275 -71.18 36.17 69.77
N VAL CA 276 -71.35 36.23 68.44
CA VAL CA 276 -70.26 35.89 67.54
C VAL CA 276 -69.14 36.91 67.71
N ASP CA 277 -67.92 36.41 67.90
CA ASP CA 277 -66.76 37.26 68.14
C ASP CA 277 -66.24 37.77 66.81
N VAL CA 278 -66.60 39.00 66.45
CA VAL CA 278 -66.06 39.62 65.25
C VAL CA 278 -64.59 39.93 65.47
N GLY CA 279 -63.76 39.51 64.52
CA GLY CA 279 -62.32 39.64 64.68
C GLY CA 279 -61.63 38.30 64.52
N ASN CA 280 -60.47 38.15 65.17
CA ASN CA 280 -59.66 36.92 65.14
C ASN CA 280 -59.64 36.31 63.74
N ALA CA 281 -59.25 37.12 62.76
CA ALA CA 281 -59.26 36.69 61.37
C ALA CA 281 -58.30 35.53 61.17
N PRO CA 282 -58.56 34.66 60.17
CA PRO CA 282 -57.68 33.51 59.93
C PRO CA 282 -56.20 33.88 59.87
N ALA CA 283 -55.43 33.35 60.81
CA ALA CA 283 -54.00 33.65 60.90
C ALA CA 283 -53.20 32.52 60.27
N ALA CA 284 -52.05 32.88 59.72
CA ALA CA 284 -51.17 31.90 59.08
C ALA CA 284 -50.46 31.06 60.14
N ASN CA 285 -49.83 29.98 59.68
CA ASN CA 285 -49.04 29.08 60.51
C ASN CA 285 -49.90 28.49 61.64
N VAL CA 286 -50.92 27.73 61.25
CA VAL CA 286 -51.77 27.01 62.17
C VAL CA 286 -51.83 25.56 61.72
N SER CA 287 -51.87 24.63 62.68
CA SER CA 287 -51.83 23.21 62.36
C SER CA 287 -53.05 22.81 61.54
N ALA CA 288 -52.81 22.06 60.47
CA ALA CA 288 -53.88 21.59 59.60
C ALA CA 288 -54.46 20.30 60.16
N GLY CA 289 -55.30 19.64 59.37
CA GLY CA 289 -55.97 18.42 59.83
C GLY CA 289 -55.05 17.23 59.96
N GLN CA 290 -54.56 16.72 58.83
CA GLN CA 290 -53.76 15.50 58.81
C GLN CA 290 -52.56 15.69 57.89
N SER CA 291 -51.55 14.85 58.10
CA SER CA 291 -50.37 14.87 57.26
C SER CA 291 -50.64 14.14 55.94
N VAL CA 292 -49.67 14.22 55.03
CA VAL CA 292 -49.82 13.60 53.72
C VAL CA 292 -49.91 12.09 53.85
N ALA CA 293 -49.06 11.49 54.69
CA ALA CA 293 -49.01 10.03 54.80
C ALA CA 293 -50.19 9.45 55.56
N ASN CA 294 -50.98 10.28 56.24
CA ASN CA 294 -52.10 9.81 57.06
C ASN CA 294 -53.36 10.57 56.68
N ILE CA 295 -53.68 10.55 55.38
CA ILE CA 295 -54.86 11.23 54.88
C ILE CA 295 -56.07 10.32 55.06
N ASN CA 296 -57.06 10.79 55.80
CA ASN CA 296 -58.31 10.07 56.01
C ASN CA 296 -59.46 11.08 55.94
N ILE CA 297 -60.19 11.07 54.84
CA ILE CA 297 -61.15 12.12 54.55
C ILE CA 297 -62.60 11.65 54.66
N VAL CA 298 -62.84 10.49 55.26
CA VAL CA 298 -64.20 10.00 55.40
C VAL CA 298 -64.90 10.76 56.52
N GLY CA 299 -66.07 11.32 56.20
CA GLY CA 299 -66.79 12.15 57.16
C GLY CA 299 -66.00 13.35 57.61
N MET CA 300 -65.33 14.02 56.67
CA MET CA 300 -64.46 15.15 57.02
C MET CA 300 -65.27 16.29 57.61
N GLY CA 301 -66.41 16.61 57.00
CA GLY CA 301 -67.27 17.69 57.47
C GLY CA 301 -67.18 18.99 56.69
N ALA CA 302 -66.42 19.02 55.60
CA ALA CA 302 -66.29 20.20 54.74
C ALA CA 302 -65.73 21.40 55.49
N ALA CA 303 -65.00 21.18 56.57
CA ALA CA 303 -64.38 22.25 57.33
C ALA CA 303 -62.86 22.16 57.34
N ALA CA 304 -62.31 20.98 57.60
CA ALA CA 304 -60.87 20.77 57.55
C ALA CA 304 -60.36 20.46 56.16
N LEU CA 305 -61.25 20.34 55.18
CA LEU CA 305 -60.82 20.09 53.81
C LEU CA 305 -59.95 21.21 53.26
N ASP CA 306 -60.29 22.46 53.60
CA ASP CA 306 -59.47 23.58 53.15
C ASP CA 306 -58.08 23.51 53.74
N ALA CA 307 -57.97 23.18 55.02
CA ALA CA 307 -56.65 23.03 55.63
C ALA CA 307 -55.88 21.88 55.01
N LEU CA 308 -56.56 20.78 54.71
CA LEU CA 308 -55.91 19.66 54.05
C LEU CA 308 -55.39 20.05 52.67
N ILE CA 309 -56.19 20.80 51.92
CA ILE CA 309 -55.76 21.28 50.60
C ILE CA 309 -54.56 22.18 50.73
N SER CA 310 -54.57 23.08 51.72
CA SER CA 310 -53.42 23.96 51.94
C SER CA 310 -52.17 23.17 52.27
N GLY CA 311 -52.29 22.16 53.13
CA GLY CA 311 -51.13 21.34 53.46
C GLY CA 311 -50.60 20.57 52.26
N VAL CA 312 -51.51 20.01 51.45
CA VAL CA 312 -51.11 19.29 50.25
C VAL CA 312 -50.39 20.23 49.28
N ASP CA 313 -50.92 21.44 49.11
CA ASP CA 313 -50.28 22.41 48.23
C ASP CA 313 -48.90 22.81 48.75
N ALA CA 314 -48.77 22.98 50.06
CA ALA CA 314 -47.46 23.30 50.64
C ALA CA 314 -46.46 22.17 50.39
N ALA CA 315 -46.90 20.92 50.58
CA ALA CA 315 -46.02 19.79 50.32
C ALA CA 315 -45.63 19.73 48.84
N LEU CA 316 -46.59 19.99 47.95
CA LEU CA 316 -46.30 20.00 46.52
C LEU CA 316 -45.29 21.08 46.16
N THR CA 317 -45.45 22.27 46.73
CA THR CA 317 -44.50 23.35 46.46
C THR CA 317 -43.12 23.01 46.99
N ASP CA 318 -43.04 22.42 48.19
CA ASP CA 318 -41.75 22.02 48.74
C ASP CA 318 -41.07 20.98 47.87
N MET CA 319 -41.83 19.99 47.39
CA MET CA 319 -41.22 18.96 46.54
C MET CA 319 -40.84 19.52 45.19
N THR CA 320 -41.60 20.48 44.66
CA THR CA 320 -41.21 21.13 43.41
C THR CA 320 -39.90 21.90 43.59
N SER CA 321 -39.75 22.59 44.71
CA SER CA 321 -38.48 23.27 45.00
C SER CA 321 -37.35 22.27 45.13
N ALA CA 322 -37.60 21.13 45.76
CA ALA CA 322 -36.58 20.10 45.88
C ALA CA 322 -36.18 19.56 44.50
N ALA CA 323 -37.16 19.35 43.63
CA ALA CA 323 -36.85 18.89 42.27
C ALA CA 323 -36.04 19.91 41.50
N ALA CA 324 -36.38 21.20 41.65
CA ALA CA 324 -35.59 22.24 41.01
C ALA CA 324 -34.16 22.26 41.53
N SER CA 325 -33.99 22.08 42.84
CA SER CA 325 -32.64 22.01 43.42
C SER CA 325 -31.87 20.81 42.88
N LEU CA 326 -32.56 19.67 42.74
CA LEU CA 326 -31.90 18.49 42.20
C LEU CA 326 -31.47 18.71 40.75
N GLY CA 327 -32.33 19.36 39.95
CA GLY CA 327 -31.95 19.67 38.58
C GLY CA 327 -30.76 20.62 38.52
N SER CA 328 -30.74 21.62 39.41
CA SER CA 328 -29.60 22.52 39.47
C SER CA 328 -28.32 21.77 39.84
N ILE CA 329 -28.43 20.84 40.79
CA ILE CA 329 -27.26 20.04 41.18
C ILE CA 329 -26.77 19.19 40.00
N SER CA 330 -27.70 18.60 39.26
CA SER CA 330 -27.31 17.80 38.09
C SER CA 330 -26.61 18.65 37.04
N SER CA 331 -27.15 19.86 36.78
CA SER CA 331 -26.50 20.75 35.83
C SER CA 331 -25.12 21.15 36.30
N ARG CA 332 -24.98 21.42 37.61
CA ARG CA 332 -23.66 21.76 38.16
C ARG CA 332 -22.69 20.61 38.01
N ILE CA 333 -23.16 19.38 38.23
CA ILE CA 333 -22.29 18.21 38.07
C ILE CA 333 -21.85 18.07 36.62
N ASP CA 334 -22.76 18.29 35.67
CA ASP CA 334 -22.39 18.20 34.26
C ASP CA 334 -21.34 19.26 33.91
N LEU CA 335 -21.55 20.50 34.36
CA LEU CA 335 -20.59 21.56 34.10
C LEU CA 335 -19.25 21.25 34.75
N GLN CA 336 -19.26 20.73 35.98
CA GLN CA 336 -18.03 20.39 36.66
C GLN CA 336 -17.29 19.28 35.94
N SER CA 337 -18.01 18.28 35.43
CA SER CA 337 -17.37 17.21 34.69
C SER CA 337 -16.72 17.74 33.42
N GLU CA 338 -17.43 18.62 32.69
CA GLU CA 338 -16.85 19.19 31.49
C GLU CA 338 -15.59 20.00 31.81
N PHE CA 339 -15.66 20.82 32.87
CA PHE CA 339 -14.50 21.63 33.24
C PHE CA 339 -13.33 20.77 33.69
N VAL CA 340 -13.60 19.71 34.45
CA VAL CA 340 -12.54 18.82 34.90
C VAL CA 340 -11.89 18.13 33.72
N ASN CA 341 -12.69 17.70 32.74
CA ASN CA 341 -12.11 17.08 31.55
C ASN CA 341 -11.25 18.07 30.78
N LYS CA 342 -11.72 19.32 30.63
CA LYS CA 342 -10.91 20.32 29.95
C LYS CA 342 -9.62 20.60 30.71
N LEU CA 343 -9.70 20.69 32.03
CA LEU CA 343 -8.51 20.94 32.85
C LEU CA 343 -7.52 19.80 32.75
N SER CA 344 -8.01 18.55 32.76
CA SER CA 344 -7.13 17.40 32.60
C SER CA 344 -6.47 17.41 31.23
N ASP CA 345 -7.22 17.79 30.19
CA ASP CA 345 -6.63 17.93 28.87
C ASP CA 345 -5.52 18.97 28.87
N SER CA 346 -5.76 20.12 29.51
CA SER CA 346 -4.75 21.17 29.56
C SER CA 346 -3.51 20.72 30.32
N ILE CA 347 -3.71 20.03 31.44
CA ILE CA 347 -2.57 19.53 32.22
C ILE CA 347 -1.77 18.52 31.42
N GLU CA 348 -2.46 17.59 30.73
CA GLU CA 348 -1.73 16.58 29.97
C GLU CA 348 -1.00 17.22 28.80
N SER CA 349 -1.59 18.24 28.18
CA SER CA 349 -0.91 18.94 27.10
C SER CA 349 0.33 19.68 27.63
N GLY CA 350 0.23 20.30 28.80
CA GLY CA 350 1.40 20.93 29.39
C GLY CA 350 2.49 19.95 29.74
N VAL CA 351 2.10 18.79 30.27
CA VAL CA 351 3.08 17.73 30.55
C VAL CA 351 3.76 17.29 29.27
N GLY CA 352 2.99 17.12 28.20
CA GLY CA 352 3.59 16.77 26.92
C GLY CA 352 4.55 17.82 26.42
N ARG CA 353 4.14 19.10 26.50
CA ARG CA 353 5.00 20.18 26.04
C ARG CA 353 6.31 20.21 26.83
N LEU CA 354 6.24 19.93 28.12
CA LEU CA 354 7.45 19.92 28.95
C LEU CA 354 8.28 18.65 28.70
N VAL CA 355 7.64 17.56 28.29
CA VAL CA 355 8.27 16.25 28.32
C VAL CA 355 8.41 15.63 26.92
N ASP CA 356 7.52 15.91 25.99
CA ASP CA 356 7.65 15.32 24.66
C ASP CA 356 8.84 15.91 23.92
N ALA CA 357 9.40 15.12 23.00
CA ALA CA 357 10.53 15.51 22.18
C ALA CA 357 10.20 15.33 20.70
N ASP CA 358 10.64 16.28 19.88
CA ASP CA 358 10.46 16.16 18.43
C ASP CA 358 11.37 15.08 17.87
N MET CA 359 10.79 14.18 17.08
CA MET CA 359 11.53 13.01 16.63
C MET CA 359 12.44 13.30 15.44
N ASN CA 360 12.13 14.33 14.65
CA ASN CA 360 12.96 14.65 13.49
C ASN CA 360 14.38 15.02 13.91
N GLU CA 361 14.49 15.85 14.95
CA GLU CA 361 15.80 16.25 15.45
C GLU CA 361 16.56 15.04 15.99
N GLU CA 362 15.86 14.13 16.68
CA GLU CA 362 16.51 12.93 17.18
C GLU CA 362 16.99 12.03 16.05
N SER CA 363 16.21 11.93 14.97
CA SER CA 363 16.64 11.14 13.81
C SER CA 363 17.88 11.75 13.17
N THR CA 364 17.90 13.07 13.02
CA THR CA 364 19.08 13.73 12.48
C THR CA 364 20.30 13.49 13.36
N ARG CA 365 20.11 13.59 14.68
CA ARG CA 365 21.21 13.33 15.60
C ARG CA 365 21.69 11.88 15.51
N LEU CA 366 20.76 10.95 15.37
CA LEU CA 366 21.14 9.54 15.27
C LEU CA 366 21.97 9.28 14.01
N LYS CA 367 21.55 9.85 12.88
CA LYS CA 367 22.33 9.70 11.66
C LYS CA 367 23.70 10.34 11.80
N ALA CA 368 23.76 11.54 12.38
CA ALA CA 368 25.04 12.21 12.55
C ALA CA 368 25.97 11.41 13.45
N LEU CA 369 25.44 10.86 14.54
CA LEU CA 369 26.27 10.09 15.46
C LEU CA 369 26.72 8.78 14.85
N GLN CA 370 25.88 8.14 14.04
CA GLN CA 370 26.31 6.93 13.33
C GLN CA 370 27.47 7.24 12.39
N THR CA 371 27.35 8.33 11.63
CA THR CA 371 28.43 8.72 10.73
C THR CA 371 29.69 9.06 11.50
N GLN CA 372 29.55 9.78 12.62
CA GLN CA 372 30.70 10.15 13.43
C GLN CA 372 31.37 8.92 14.00
N GLN CA 373 30.58 7.92 14.43
CA GLN CA 373 31.16 6.68 14.93
C GLN CA 373 31.93 5.97 13.82
N GLN CA 374 31.38 5.94 12.60
CA GLN CA 374 32.10 5.31 11.50
C GLN CA 374 33.43 6.00 11.24
N LEU CA 375 33.43 7.34 11.22
CA LEU CA 375 34.68 8.08 11.02
C LEU CA 375 35.66 7.82 12.16
N ALA CA 376 35.18 7.79 13.40
CA ALA CA 376 36.07 7.55 14.54
C ALA CA 376 36.68 6.16 14.46
N ILE CA 377 35.90 5.16 14.08
CA ILE CA 377 36.43 3.81 13.95
C ILE CA 377 37.48 3.74 12.83
N GLN CA 378 37.20 4.41 11.70
CA GLN CA 378 38.19 4.43 10.62
C GLN CA 378 39.48 5.10 11.07
N ALA CA 379 39.37 6.22 11.79
CA ALA CA 379 40.56 6.92 12.27
C ALA CA 379 41.33 6.07 13.28
N LEU CA 380 40.61 5.36 14.16
CA LEU CA 380 41.28 4.48 15.10
C LEU CA 380 42.01 3.35 14.39
N SER CA 381 41.40 2.80 13.34
CA SER CA 381 42.09 1.77 12.55
C SER CA 381 43.34 2.33 11.90
N ILE CA 382 43.27 3.55 11.37
CA ILE CA 382 44.45 4.18 10.78
C ILE CA 382 45.53 4.37 11.84
N ALA CA 383 45.14 4.81 13.04
CA ALA CA 383 46.11 5.01 14.11
C ALA CA 383 46.77 3.70 14.50
N ASN CA 384 45.99 2.63 14.60
CA ASN CA 384 46.57 1.32 14.90
C ASN CA 384 47.54 0.87 13.82
N SER CA 385 47.16 1.06 12.55
CA SER CA 385 48.03 0.66 11.46
C SER CA 385 49.26 1.55 11.32
N ASP CA 386 49.25 2.73 11.94
CA ASP CA 386 50.40 3.62 11.86
C ASP CA 386 51.61 3.02 12.56
N SER CA 387 51.38 2.26 13.63
CA SER CA 387 52.47 1.86 14.51
C SER CA 387 53.50 0.96 13.82
N GLN CA 388 53.05 0.01 13.02
CA GLN CA 388 53.94 -1.04 12.53
C GLN CA 388 54.80 -0.61 11.34
N ASN CA 389 54.70 0.64 10.90
CA ASN CA 389 55.55 1.09 9.80
C ASN CA 389 57.03 1.16 10.17
N VAL CA 390 57.34 1.20 11.47
CA VAL CA 390 58.72 1.34 11.91
C VAL CA 390 59.56 0.12 11.57
N LEU CA 391 58.93 -1.03 11.28
CA LEU CA 391 59.67 -2.26 11.04
C LEU CA 391 60.58 -2.17 9.82
N SER CA 392 60.30 -1.25 8.89
CA SER CA 392 61.13 -1.14 7.69
C SER CA 392 62.56 -0.75 8.01
N LEU CA 393 62.76 0.00 9.10
CA LEU CA 393 64.12 0.39 9.48
C LEU CA 393 64.95 -0.81 9.93
N PHE CA 394 64.32 -1.83 10.49
CA PHE CA 394 65.00 -2.97 11.06
C PHE CA 394 64.99 -4.19 10.15
N ARG CA 395 64.61 -4.01 8.88
CA ARG CA 395 64.45 -5.07 7.88
C ARG CA 395 64.00 -6.43 8.43
N THR DA 2 33.25 -0.34 24.03
CA THR DA 2 32.20 -1.16 23.43
C THR DA 2 32.35 -2.61 23.83
N SER DA 3 31.28 -3.18 24.38
CA SER DA 3 31.27 -4.57 24.83
C SER DA 3 30.26 -5.36 24.00
N ILE DA 4 30.72 -6.51 23.47
CA ILE DA 4 29.83 -7.36 22.68
C ILE DA 4 29.01 -8.30 23.55
N LEU DA 5 29.22 -8.31 24.86
CA LEU DA 5 28.47 -9.17 25.76
C LEU DA 5 27.23 -8.50 26.33
N THR DA 6 27.20 -7.17 26.37
CA THR DA 6 26.05 -6.43 26.89
C THR DA 6 25.71 -5.30 25.93
N ASN DA 7 24.43 -4.92 25.93
CA ASN DA 7 23.93 -3.83 25.08
C ASN DA 7 22.85 -3.10 25.87
N ASN DA 8 23.25 -2.05 26.59
CA ASN DA 8 22.31 -1.35 27.48
C ASN DA 8 21.17 -0.73 26.69
N SER DA 9 21.48 -0.13 25.54
CA SER DA 9 20.44 0.46 24.70
C SER DA 9 19.45 -0.60 24.24
N ALA DA 10 19.94 -1.78 23.89
CA ALA DA 10 19.05 -2.88 23.50
C ALA DA 10 18.14 -3.28 24.66
N MET DA 11 18.68 -3.34 25.87
CA MET DA 11 17.86 -3.73 27.02
C MET DA 11 16.79 -2.69 27.32
N ALA DA 12 17.14 -1.41 27.21
CA ALA DA 12 16.13 -0.36 27.33
C ALA DA 12 15.08 -0.49 26.24
N ALA DA 13 15.51 -0.85 25.03
CA ALA DA 13 14.55 -1.08 23.94
C ALA DA 13 13.60 -2.23 24.26
N LEU DA 14 14.14 -3.31 24.82
CA LEU DA 14 13.28 -4.42 25.26
C LEU DA 14 12.27 -3.98 26.32
N SER DA 15 12.73 -3.20 27.31
CA SER DA 15 11.79 -2.74 28.33
C SER DA 15 10.70 -1.86 27.72
N GLY DA 16 11.08 -0.96 26.81
CA GLY DA 16 10.09 -0.13 26.15
C GLY DA 16 9.11 -0.95 25.32
N VAL DA 17 9.63 -1.93 24.58
CA VAL DA 17 8.77 -2.77 23.75
C VAL DA 17 7.80 -3.55 24.61
N ARG DA 18 8.26 -4.05 25.75
CA ARG DA 18 7.39 -4.79 26.66
C ARG DA 18 6.28 -3.89 27.20
N SER DA 19 6.64 -2.67 27.60
CA SER DA 19 5.62 -1.74 28.09
C SER DA 19 4.59 -1.42 27.00
N ILE DA 20 5.07 -1.16 25.77
CA ILE DA 20 4.16 -0.86 24.67
C ILE DA 20 3.27 -2.05 24.38
N SER DA 21 3.82 -3.26 24.43
CA SER DA 21 3.02 -4.45 24.15
C SER DA 21 1.93 -4.64 25.20
N SER DA 22 2.27 -4.43 26.47
CA SER DA 22 1.26 -4.57 27.52
C SER DA 22 0.15 -3.52 27.34
N SER DA 23 0.54 -2.26 27.09
CA SER DA 23 -0.46 -1.22 26.90
C SER DA 23 -1.32 -1.49 25.68
N MET DA 24 -0.70 -1.98 24.60
CA MET DA 24 -1.45 -2.28 23.38
C MET DA 24 -2.42 -3.43 23.60
N GLU DA 25 -2.01 -4.45 24.34
CA GLU DA 25 -2.92 -5.54 24.68
C GLU DA 25 -4.11 -5.02 25.47
N ASP DA 26 -3.84 -4.16 26.46
CA ASP DA 26 -4.93 -3.60 27.26
C ASP DA 26 -5.90 -2.81 26.38
N THR DA 27 -5.36 -1.92 25.53
CA THR DA 27 -6.23 -1.11 24.68
C THR DA 27 -6.96 -1.94 23.63
N GLN DA 28 -6.32 -3.01 23.13
CA GLN DA 28 -6.96 -3.86 22.14
C GLN DA 28 -8.14 -4.61 22.74
N SER DA 29 -7.96 -5.19 23.92
CA SER DA 29 -9.10 -5.80 24.60
C SER DA 29 -10.17 -4.76 24.92
N ARG DA 30 -9.74 -3.56 25.30
CA ARG DA 30 -10.67 -2.50 25.69
C ARG DA 30 -11.56 -2.10 24.52
N ILE DA 31 -10.97 -1.96 23.33
CA ILE DA 31 -11.75 -1.60 22.15
C ILE DA 31 -12.50 -2.81 21.60
N SER DA 32 -12.02 -4.02 21.86
CA SER DA 32 -12.71 -5.22 21.39
C SER DA 32 -14.03 -5.41 22.12
N SER DA 33 -14.02 -5.29 23.45
CA SER DA 33 -15.19 -5.62 24.24
C SER DA 33 -15.80 -4.41 24.93
N GLY DA 34 -15.37 -3.20 24.60
CA GLY DA 34 -15.80 -2.05 25.39
C GLY DA 34 -15.35 -2.22 26.82
N LEU DA 35 -16.26 -1.98 27.76
CA LEU DA 35 -16.06 -2.37 29.16
C LEU DA 35 -14.77 -1.77 29.74
N ARG DA 36 -14.80 -0.44 29.89
CA ARG DA 36 -13.64 0.25 30.45
C ARG DA 36 -13.18 -0.40 31.76
N VAL DA 37 -14.13 -0.80 32.59
CA VAL DA 37 -13.86 -1.68 33.72
C VAL DA 37 -14.32 -3.07 33.28
N GLY DA 38 -13.41 -3.83 32.68
CA GLY DA 38 -13.76 -5.10 32.08
C GLY DA 38 -13.60 -6.30 32.98
N SER DA 39 -12.74 -6.20 34.00
CA SER DA 39 -12.48 -7.31 34.90
C SER DA 39 -12.08 -6.75 36.26
N ALA DA 40 -11.91 -7.66 37.22
CA ALA DA 40 -11.47 -7.25 38.55
C ALA DA 40 -10.04 -6.72 38.56
N SER DA 41 -9.26 -7.02 37.53
CA SER DA 41 -7.92 -6.44 37.41
C SER DA 41 -7.98 -4.93 37.25
N ASP DA 42 -9.12 -4.39 36.81
CA ASP DA 42 -9.35 -2.95 36.78
C ASP DA 42 -9.72 -2.49 38.19
N ASN DA 43 -10.26 -1.27 38.29
CA ASN DA 43 -10.69 -0.75 39.58
C ASN DA 43 -11.72 -1.69 40.21
N ALA DA 44 -11.35 -2.32 41.32
CA ALA DA 44 -12.17 -3.38 41.90
C ALA DA 44 -13.50 -2.85 42.41
N ALA DA 45 -13.49 -1.67 43.04
CA ALA DA 45 -14.73 -1.15 43.63
C ALA DA 45 -15.79 -0.90 42.56
N TYR DA 46 -15.39 -0.29 41.44
CA TYR DA 46 -16.35 -0.02 40.38
C TYR DA 46 -16.84 -1.31 39.74
N TRP DA 47 -15.96 -2.30 39.63
CA TRP DA 47 -16.38 -3.61 39.12
C TRP DA 47 -17.43 -4.24 40.02
N SER DA 48 -17.21 -4.19 41.34
CA SER DA 48 -18.19 -4.73 42.28
C SER DA 48 -19.51 -3.98 42.22
N ILE DA 49 -19.44 -2.64 42.12
CA ILE DA 49 -20.66 -1.86 42.02
C ILE DA 49 -21.42 -2.21 40.75
N ALA DA 50 -20.72 -2.37 39.63
CA ALA DA 50 -21.36 -2.75 38.38
C ALA DA 50 -22.02 -4.12 38.49
N THR DA 51 -21.34 -5.06 39.13
CA THR DA 51 -21.92 -6.40 39.31
C THR DA 51 -23.20 -6.33 40.15
N THR DA 52 -23.15 -5.55 41.24
CA THR DA 52 -24.32 -5.43 42.09
C THR DA 52 -25.48 -4.77 41.34
N MET DA 53 -25.20 -3.74 40.55
CA MET DA 53 -26.26 -3.09 39.79
C MET DA 53 -26.82 -4.01 38.70
N ARG DA 54 -25.98 -4.82 38.08
CA ARG DA 54 -26.49 -5.78 37.11
C ARG DA 54 -27.41 -6.80 37.77
N SER DA 55 -27.03 -7.28 38.96
CA SER DA 55 -27.90 -8.19 39.69
C SER DA 55 -29.23 -7.51 40.03
N ASP DA 56 -29.17 -6.25 40.48
CA ASP DA 56 -30.39 -5.54 40.80
C ASP DA 56 -31.26 -5.32 39.57
N ASN DA 57 -30.64 -5.08 38.42
CA ASN DA 57 -31.39 -4.91 37.18
C ASN DA 57 -32.08 -6.21 36.78
N GLN DA 58 -31.41 -7.34 36.93
CA GLN DA 58 -32.06 -8.62 36.67
C GLN DA 58 -33.24 -8.84 37.62
N ALA DA 59 -33.05 -8.50 38.89
CA ALA DA 59 -34.15 -8.61 39.85
C ALA DA 59 -35.32 -7.71 39.46
N LEU DA 60 -35.01 -6.50 38.99
CA LEU DA 60 -36.06 -5.58 38.57
C LEU DA 60 -36.81 -6.11 37.35
N SER DA 61 -36.10 -6.74 36.42
CA SER DA 61 -36.77 -7.35 35.28
C SER DA 61 -37.71 -8.47 35.73
N ALA DA 62 -37.26 -9.29 36.68
CA ALA DA 62 -38.13 -10.32 37.23
C ALA DA 62 -39.36 -9.72 37.88
N VAL DA 63 -39.17 -8.62 38.63
CA VAL DA 63 -40.30 -7.95 39.28
C VAL DA 63 -41.25 -7.40 38.23
N GLN DA 64 -40.73 -6.90 37.11
CA GLN DA 64 -41.58 -6.40 36.05
C GLN DA 64 -42.42 -7.51 35.43
N ASP DA 65 -41.81 -8.68 35.23
CA ASP DA 65 -42.58 -9.83 34.74
C ASP DA 65 -43.68 -10.21 35.73
N ALA DA 66 -43.35 -10.22 37.02
CA ALA DA 66 -44.36 -10.52 38.03
C ALA DA 66 -45.47 -9.48 38.04
N LEU DA 67 -45.11 -8.22 37.81
CA LEU DA 67 -46.11 -7.15 37.73
C LEU DA 67 -47.04 -7.36 36.54
N GLY DA 68 -46.48 -7.78 35.40
CA GLY DA 68 -47.33 -8.09 34.26
C GLY DA 68 -48.30 -9.23 34.56
N LEU DA 69 -47.80 -10.28 35.21
CA LEU DA 69 -48.67 -11.40 35.60
C LEU DA 69 -49.79 -10.92 36.53
N GLY DA 70 -49.43 -10.12 37.53
CA GLY DA 70 -50.44 -9.61 38.45
C GLY DA 70 -51.45 -8.71 37.76
N ALA DA 71 -50.99 -7.90 36.80
CA ALA DA 71 -51.91 -7.06 36.04
C ALA DA 71 -52.89 -7.91 35.24
N ALA DA 72 -52.41 -9.01 34.65
CA ALA DA 72 -53.32 -9.92 33.95
C ALA DA 72 -54.36 -10.50 34.90
N LYS DA 73 -53.91 -10.93 36.08
CA LYS DA 73 -54.85 -11.48 37.07
C LYS DA 73 -55.89 -10.44 37.47
N VAL DA 74 -55.45 -9.21 37.73
CA VAL DA 74 -56.36 -8.16 38.15
C VAL DA 74 -57.35 -7.82 37.03
N ASP DA 75 -56.88 -7.83 35.78
CA ASP DA 75 -57.78 -7.57 34.66
C ASP DA 75 -58.86 -8.64 34.57
N THR DA 76 -58.48 -9.92 34.72
CA THR DA 76 -59.47 -10.98 34.69
C THR DA 76 -60.48 -10.84 35.82
N ALA DA 77 -59.98 -10.55 37.03
CA ALA DA 77 -60.87 -10.38 38.18
C ALA DA 77 -61.81 -9.20 37.98
N TYR DA 78 -61.31 -8.11 37.41
CA TYR DA 78 -62.14 -6.93 37.20
C TYR DA 78 -63.22 -7.21 36.15
N SER DA 79 -62.88 -7.95 35.10
CA SER DA 79 -63.88 -8.32 34.12
C SER DA 79 -64.97 -9.19 34.74
N GLY DA 80 -64.57 -10.16 35.55
CA GLY DA 80 -65.56 -10.96 36.26
C GLY DA 80 -66.43 -10.12 37.18
N MET DA 81 -65.82 -9.14 37.85
CA MET DA 81 -66.58 -8.27 38.73
C MET DA 81 -67.59 -7.44 37.96
N GLU DA 82 -67.21 -6.94 36.77
CA GLU DA 82 -68.16 -6.19 35.95
C GLU DA 82 -69.31 -7.07 35.51
N SER DA 83 -69.02 -8.32 35.12
CA SER DA 83 -70.10 -9.24 34.75
C SER DA 83 -71.04 -9.46 35.94
N ALA DA 84 -70.48 -9.63 37.14
CA ALA DA 84 -71.30 -9.81 38.32
C ALA DA 84 -72.15 -8.58 38.60
N ILE DA 85 -71.58 -7.38 38.41
CA ILE DA 85 -72.35 -6.14 38.58
C ILE DA 85 -73.54 -6.13 37.64
N GLU DA 86 -73.31 -6.46 36.37
CA GLU DA 86 -74.39 -6.44 35.40
C GLU DA 86 -75.48 -7.44 35.78
N VAL DA 87 -75.09 -8.66 36.16
CA VAL DA 87 -76.08 -9.67 36.51
C VAL DA 87 -76.88 -9.26 37.74
N VAL DA 88 -76.20 -8.70 38.75
CA VAL DA 88 -76.89 -8.30 39.96
C VAL DA 88 -77.83 -7.13 39.69
N LYS DA 89 -77.43 -6.21 38.81
CA LYS DA 89 -78.33 -5.12 38.43
C LYS DA 89 -79.56 -5.67 37.73
N GLU DA 90 -79.39 -6.67 36.86
CA GLU DA 90 -80.55 -7.29 36.23
C GLU DA 90 -81.46 -7.95 37.26
N ILE DA 91 -80.87 -8.63 38.25
CA ILE DA 91 -81.65 -9.27 39.30
C ILE DA 91 -82.43 -8.22 40.08
N LYS DA 92 -81.79 -7.10 40.42
CA LYS DA 92 -82.46 -6.05 41.16
C LYS DA 92 -83.61 -5.45 40.35
N ALA DA 93 -83.41 -5.25 39.05
CA ALA DA 93 -84.49 -4.75 38.21
C ALA DA 93 -85.65 -5.73 38.17
N LYS DA 94 -85.36 -7.03 38.05
CA LYS DA 94 -86.42 -8.04 38.05
C LYS DA 94 -87.18 -8.03 39.37
N LEU DA 95 -86.46 -7.94 40.49
CA LEU DA 95 -87.12 -7.91 41.79
C LEU DA 95 -87.99 -6.68 41.95
N VAL DA 96 -87.51 -5.53 41.47
CA VAL DA 96 -88.30 -4.30 41.52
C VAL DA 96 -89.57 -4.45 40.70
N ALA DA 97 -89.45 -5.05 39.51
CA ALA DA 97 -90.64 -5.31 38.69
C ALA DA 97 -91.57 -6.30 39.38
N ALA DA 98 -91.03 -7.17 40.24
CA ALA DA 98 -91.83 -8.20 40.89
C ALA DA 98 -92.77 -7.66 41.97
N THR DA 99 -92.64 -6.38 42.35
CA THR DA 99 -93.46 -5.86 43.43
C THR DA 99 -94.94 -5.82 43.07
N GLU DA 100 -95.26 -5.83 41.78
CA GLU DA 100 -96.65 -5.77 41.36
C GLU DA 100 -97.39 -7.04 41.76
N ASP DA 101 -98.59 -6.87 42.31
CA ASP DA 101 -99.37 -8.01 42.74
C ASP DA 101 -99.90 -8.81 41.55
N GLY DA 102 -100.25 -8.12 40.47
CA GLY DA 102 -100.79 -8.80 39.31
C GLY DA 102 -99.79 -9.62 38.52
N VAL DA 103 -98.50 -9.31 38.68
CA VAL DA 103 -97.45 -10.04 37.96
C VAL DA 103 -97.19 -11.37 38.68
N ASP DA 104 -97.25 -12.46 37.93
CA ASP DA 104 -96.95 -13.77 38.51
C ASP DA 104 -95.48 -13.83 38.93
N LYS DA 105 -95.24 -14.53 40.04
CA LYS DA 105 -93.91 -14.60 40.62
C LYS DA 105 -93.13 -15.85 40.21
N ALA DA 106 -93.80 -16.84 39.61
CA ALA DA 106 -93.10 -18.07 39.24
C ALA DA 106 -92.12 -17.82 38.11
N LYS DA 107 -92.57 -17.16 37.04
CA LYS DA 107 -91.70 -16.89 35.90
C LYS DA 107 -90.47 -16.12 36.35
N ILE DA 108 -90.68 -15.07 37.15
CA ILE DA 108 -89.56 -14.36 37.73
C ILE DA 108 -88.72 -15.30 38.59
N GLN DA 109 -89.36 -16.31 39.19
CA GLN DA 109 -88.59 -17.24 40.02
C GLN DA 109 -87.56 -18.00 39.19
N GLU DA 110 -87.95 -18.57 38.05
CA GLU DA 110 -86.91 -19.25 37.28
C GLU DA 110 -85.97 -18.25 36.63
N GLU DA 111 -86.43 -17.01 36.37
CA GLU DA 111 -85.51 -16.01 35.86
C GLU DA 111 -84.37 -15.74 36.85
N ILE DA 112 -84.72 -15.53 38.12
CA ILE DA 112 -83.69 -15.34 39.14
C ILE DA 112 -82.87 -16.61 39.36
N THR DA 113 -83.49 -17.79 39.20
CA THR DA 113 -82.71 -19.02 39.31
C THR DA 113 -81.63 -19.08 38.23
N GLN DA 114 -82.01 -18.77 36.99
CA GLN DA 114 -81.03 -18.75 35.90
C GLN DA 114 -79.97 -17.69 36.15
N LEU DA 115 -80.37 -16.53 36.65
CA LEU DA 115 -79.39 -15.48 36.93
C LEU DA 115 -78.43 -15.89 38.05
N LYS DA 116 -78.93 -16.60 39.05
CA LYS DA 116 -78.06 -17.10 40.12
C LYS DA 116 -77.07 -18.13 39.60
N ASP DA 117 -77.53 -19.03 38.72
CA ASP DA 117 -76.61 -19.98 38.10
C ASP DA 117 -75.56 -19.24 37.27
N GLN DA 118 -75.97 -18.19 36.57
CA GLN DA 118 -75.02 -17.38 35.80
C GLN DA 118 -74.01 -16.72 36.72
N LEU DA 119 -74.45 -16.23 37.87
CA LEU DA 119 -73.54 -15.63 38.84
C LEU DA 119 -72.54 -16.66 39.36
N THR DA 120 -73.00 -17.87 39.63
CA THR DA 120 -72.08 -18.93 40.07
C THR DA 120 -71.06 -19.24 38.98
N SER DA 121 -71.51 -19.29 37.72
CA SER DA 121 -70.58 -19.52 36.61
C SER DA 121 -69.55 -18.40 36.50
N ILE DA 122 -69.99 -17.16 36.69
CA ILE DA 122 -69.05 -16.03 36.69
C ILE DA 122 -68.04 -16.19 37.81
N ALA DA 123 -68.52 -16.55 39.01
CA ALA DA 123 -67.64 -16.65 40.16
C ALA DA 123 -66.59 -17.74 39.99
N ASP DA 124 -66.98 -18.89 39.46
CA ASP DA 124 -66.03 -20.00 39.39
C ASP DA 124 -65.17 -19.98 38.14
N ALA DA 125 -65.70 -19.48 37.02
CA ALA DA 125 -64.96 -19.54 35.76
C ALA DA 125 -63.86 -18.48 35.67
N ALA DA 126 -64.07 -17.31 36.28
CA ALA DA 126 -63.16 -16.18 36.12
C ALA DA 126 -61.89 -16.43 36.93
N SER DA 127 -60.98 -17.20 36.35
CA SER DA 127 -59.69 -17.50 36.94
C SER DA 127 -58.62 -17.43 35.86
N PHE DA 128 -57.40 -17.07 36.28
CA PHE DA 128 -56.29 -16.96 35.34
C PHE DA 128 -55.29 -18.11 35.50
N SER DA 129 -54.73 -18.29 36.69
CA SER DA 129 -53.72 -19.34 36.90
C SER DA 129 -53.96 -20.03 38.23
N GLY DA 130 -55.23 -20.27 38.56
CA GLY DA 130 -55.60 -20.88 39.82
C GLY DA 130 -55.87 -19.90 40.93
N GLU DA 131 -55.42 -18.65 40.80
CA GLU DA 131 -55.70 -17.60 41.77
C GLU DA 131 -56.73 -16.66 41.13
N ASN DA 132 -58.01 -17.01 41.28
CA ASN DA 132 -59.09 -16.23 40.72
C ASN DA 132 -59.42 -14.97 41.51
N TRP DA 133 -58.83 -14.80 42.69
CA TRP DA 133 -59.10 -13.68 43.58
C TRP DA 133 -60.57 -13.61 43.99
N LEU DA 134 -61.31 -14.69 43.78
CA LEU DA 134 -62.71 -14.78 44.15
C LEU DA 134 -62.96 -16.18 44.69
N GLN DA 135 -64.12 -16.36 45.33
CA GLN DA 135 -64.51 -17.65 45.90
C GLN DA 135 -63.46 -18.16 46.88
N ALA DA 136 -62.84 -17.24 47.62
CA ALA DA 136 -61.81 -17.62 48.58
C ALA DA 136 -62.42 -18.33 49.77
N ASP DA 137 -61.57 -19.04 50.52
CA ASP DA 137 -62.00 -19.77 51.70
C ASP DA 137 -61.90 -18.85 52.91
N LEU DA 138 -63.05 -18.56 53.53
CA LEU DA 138 -63.13 -17.65 54.66
C LEU DA 138 -63.22 -18.39 55.99
N SER DA 139 -62.58 -19.55 56.10
CA SER DA 139 -62.55 -20.25 57.38
C SER DA 139 -61.82 -19.42 58.43
N GLY DA 140 -60.69 -18.84 58.06
CA GLY DA 140 -59.97 -17.94 58.96
C GLY DA 140 -60.51 -16.52 58.87
N GLY DA 141 -61.15 -16.19 57.76
CA GLY DA 141 -61.76 -14.88 57.59
C GLY DA 141 -60.81 -13.75 57.27
N ALA DA 142 -59.52 -14.03 57.06
CA ALA DA 142 -58.54 -12.99 56.80
C ALA DA 142 -57.59 -13.41 55.69
N VAL DA 143 -58.14 -13.98 54.61
CA VAL DA 143 -57.31 -14.37 53.48
C VAL DA 143 -56.81 -13.12 52.77
N THR DA 144 -55.51 -13.12 52.43
CA THR DA 144 -54.87 -11.98 51.79
C THR DA 144 -54.02 -12.46 50.63
N LYS DA 145 -54.16 -11.81 49.48
CA LYS DA 145 -53.38 -12.11 48.29
C LYS DA 145 -52.53 -10.89 47.93
N SER DA 146 -51.35 -11.15 47.40
CA SER DA 146 -50.37 -10.10 47.16
C SER DA 146 -49.79 -10.23 45.76
N VAL DA 147 -49.32 -9.09 45.24
CA VAL DA 147 -48.69 -9.00 43.93
C VAL DA 147 -47.30 -8.38 44.12
N VAL DA 148 -46.29 -9.00 43.52
CA VAL DA 148 -44.92 -8.50 43.66
C VAL DA 148 -44.84 -7.10 43.07
N GLY DA 149 -44.51 -6.13 43.91
CA GLY DA 149 -44.49 -4.74 43.49
C GLY DA 149 -43.13 -4.22 43.05
N SER DA 150 -42.12 -4.38 43.89
CA SER DA 150 -40.80 -3.82 43.59
C SER DA 150 -39.75 -4.55 44.40
N PHE DA 151 -38.53 -4.52 43.89
CA PHE DA 151 -37.37 -5.06 44.57
C PHE DA 151 -36.59 -3.92 45.21
N VAL DA 152 -36.50 -3.92 46.54
CA VAL DA 152 -35.93 -2.81 47.30
C VAL DA 152 -34.69 -3.31 48.02
N ARG DA 153 -33.57 -2.62 47.82
CA ARG DA 153 -32.34 -2.86 48.56
C ARG DA 153 -32.19 -1.79 49.62
N ASP DA 154 -32.20 -2.20 50.88
CA ASP DA 154 -32.13 -1.24 51.97
C ASP DA 154 -30.73 -0.63 52.06
N GLY DA 155 -30.64 0.48 52.79
CA GLY DA 155 -29.38 1.19 52.91
C GLY DA 155 -28.32 0.39 53.64
N SER DA 156 -28.72 -0.39 54.64
CA SER DA 156 -27.78 -1.14 55.46
C SER DA 156 -27.52 -2.54 54.90
N GLY DA 157 -27.19 -2.60 53.61
CA GLY DA 157 -26.84 -3.86 52.98
C GLY DA 157 -27.91 -4.93 53.07
N SER DA 158 -29.17 -4.55 52.85
CA SER DA 158 -30.28 -5.48 52.96
C SER DA 158 -31.09 -5.48 51.67
N VAL DA 159 -31.68 -6.65 51.36
CA VAL DA 159 -32.50 -6.81 50.17
C VAL DA 159 -33.83 -7.44 50.59
N ALA DA 160 -34.90 -6.99 49.96
CA ALA DA 160 -36.24 -7.51 50.25
C ALA DA 160 -37.11 -7.28 49.03
N VAL DA 161 -38.25 -7.97 49.01
CA VAL DA 161 -39.22 -7.88 47.93
C VAL DA 161 -40.50 -7.29 48.51
N LYS DA 162 -40.96 -6.19 47.91
CA LYS DA 162 -42.19 -5.55 48.34
C LYS DA 162 -43.38 -6.05 47.52
N LYS DA 163 -44.51 -6.20 48.20
CA LYS DA 163 -45.72 -6.73 47.58
C LYS DA 163 -46.91 -5.82 47.89
N VAL DA 164 -47.87 -5.82 46.98
CA VAL DA 164 -49.09 -5.03 47.12
C VAL DA 164 -50.20 -5.97 47.56
N ASP DA 165 -50.81 -5.66 48.69
CA ASP DA 165 -51.78 -6.56 49.32
C ASP DA 165 -53.21 -6.21 48.90
N TYR DA 166 -54.03 -7.25 48.80
CA TYR DA 166 -55.45 -7.09 48.50
C TYR DA 166 -56.23 -7.97 49.47
N SER DA 167 -57.29 -7.43 50.06
CA SER DA 167 -58.05 -8.11 51.10
C SER DA 167 -59.32 -8.71 50.53
N LEU DA 168 -59.64 -9.93 50.98
CA LEU DA 168 -60.84 -10.64 50.57
C LEU DA 168 -61.66 -11.06 51.78
N ASN DA 169 -61.70 -10.19 52.80
CA ASN DA 169 -62.25 -10.56 54.09
C ASN DA 169 -63.73 -10.92 54.03
N ALA DA 170 -64.60 -9.94 53.77
CA ALA DA 170 -66.03 -10.21 53.73
C ALA DA 170 -66.79 -9.40 52.68
N ASN DA 171 -66.11 -8.61 51.86
CA ASN DA 171 -66.78 -7.75 50.90
C ASN DA 171 -66.27 -7.89 49.48
N SER DA 172 -65.26 -8.73 49.24
CA SER DA 172 -64.73 -8.92 47.90
C SER DA 172 -64.40 -10.38 47.63
N VAL DA 173 -65.17 -11.30 48.21
CA VAL DA 173 -64.87 -12.72 48.11
C VAL DA 173 -65.74 -13.45 47.08
N LEU DA 174 -66.98 -13.00 46.86
CA LEU DA 174 -67.80 -13.55 45.78
C LEU DA 174 -68.03 -15.07 45.91
N PHE DA 175 -68.94 -15.46 46.82
CA PHE DA 175 -69.25 -16.85 47.09
C PHE DA 175 -68.12 -17.61 47.77
N ASP DA 176 -67.81 -17.21 49.01
CA ASP DA 176 -66.95 -17.99 49.89
C ASP DA 176 -67.26 -19.47 49.78
N THR DA 177 -66.20 -20.28 49.67
CA THR DA 177 -66.36 -21.69 49.34
C THR DA 177 -67.01 -22.48 50.47
N VAL DA 178 -66.51 -22.31 51.69
CA VAL DA 178 -66.86 -23.17 52.81
C VAL DA 178 -67.84 -22.49 53.76
N GLY DA 179 -67.48 -21.32 54.29
CA GLY DA 179 -68.27 -20.70 55.33
C GLY DA 179 -69.62 -20.19 54.89
N ASP DA 180 -69.80 -19.97 53.58
CA ASP DA 180 -71.04 -19.42 53.03
C ASP DA 180 -71.41 -18.12 53.73
N THR DA 181 -70.41 -17.28 53.96
CA THR DA 181 -70.56 -15.98 54.62
C THR DA 181 -69.99 -14.85 53.76
N GLY DA 182 -69.93 -15.07 52.45
CA GLY DA 182 -69.35 -14.10 51.55
C GLY DA 182 -70.28 -12.94 51.24
N ILE DA 183 -69.83 -12.09 50.31
CA ILE DA 183 -70.63 -10.93 49.92
C ILE DA 183 -71.96 -11.38 49.34
N LEU DA 184 -71.96 -12.48 48.59
CA LEU DA 184 -73.18 -13.15 48.18
C LEU DA 184 -73.39 -14.40 49.03
N ASP DA 185 -74.57 -14.99 48.90
CA ASP DA 185 -74.96 -16.16 49.68
C ASP DA 185 -74.85 -15.88 51.18
N LYS DA 186 -75.30 -14.70 51.58
CA LYS DA 186 -75.41 -14.36 52.99
C LYS DA 186 -76.53 -13.35 53.16
N VAL DA 187 -77.06 -13.28 54.38
CA VAL DA 187 -78.18 -12.40 54.70
C VAL DA 187 -77.64 -11.04 55.13
N TYR DA 188 -78.32 -9.98 54.70
CA TYR DA 188 -77.95 -8.61 55.03
C TYR DA 188 -79.02 -8.02 55.95
N ASN DA 189 -78.58 -7.45 57.08
CA ASN DA 189 -79.50 -6.78 57.97
C ASN DA 189 -80.02 -5.51 57.33
N VAL DA 190 -81.33 -5.28 57.46
CA VAL DA 190 -82.00 -4.14 56.84
C VAL DA 190 -82.74 -3.39 57.95
N SER DA 191 -82.16 -2.29 58.42
CA SER DA 191 -82.81 -1.46 59.43
C SER DA 191 -82.41 -0.01 59.19
N GLN DA 192 -83.25 0.90 59.66
CA GLN DA 192 -83.11 2.31 59.27
C GLN DA 192 -81.93 2.98 59.97
N ALA DA 193 -81.72 2.70 61.25
CA ALA DA 193 -80.78 3.47 62.07
C ALA DA 193 -79.77 2.55 62.75
N SER DA 194 -79.17 1.65 61.98
CA SER DA 194 -78.15 0.75 62.50
C SER DA 194 -76.97 0.69 61.55
N VAL DA 195 -75.88 0.09 62.04
CA VAL DA 195 -74.66 -0.11 61.27
C VAL DA 195 -74.17 -1.53 61.53
N THR DA 196 -73.69 -2.19 60.48
CA THR DA 196 -73.12 -3.52 60.59
C THR DA 196 -71.64 -3.38 60.91
N LEU DA 197 -71.25 -3.74 62.13
CA LEU DA 197 -69.89 -3.54 62.62
C LEU DA 197 -69.21 -4.88 62.81
N THR DA 198 -67.92 -4.93 62.48
CA THR DA 198 -67.09 -6.11 62.70
C THR DA 198 -66.22 -5.89 63.92
N VAL DA 199 -66.32 -6.79 64.89
CA VAL DA 199 -65.51 -6.78 66.10
C VAL DA 199 -65.08 -8.21 66.40
N ASN DA 200 -63.83 -8.37 66.83
CA ASN DA 200 -63.30 -9.69 67.12
C ASN DA 200 -63.46 -9.99 68.61
N THR DA 201 -63.97 -11.18 68.91
CA THR DA 201 -64.15 -11.64 70.28
C THR DA 201 -63.33 -12.91 70.48
N ASN DA 202 -62.49 -12.90 71.51
CA ASN DA 202 -61.60 -14.04 71.83
C ASN DA 202 -60.69 -14.39 70.66
N GLY DA 203 -60.33 -13.40 69.85
CA GLY DA 203 -59.41 -13.59 68.75
C GLY DA 203 -60.03 -13.96 67.42
N VAL DA 204 -61.35 -14.14 67.36
CA VAL DA 204 -62.04 -14.46 66.11
C VAL DA 204 -63.03 -13.35 65.80
N GLU DA 205 -63.01 -12.89 64.55
CA GLU DA 205 -63.85 -11.78 64.14
C GLU DA 205 -65.28 -12.23 63.89
N SER DA 206 -66.20 -11.28 63.99
CA SER DA 206 -67.61 -11.53 63.71
C SER DA 206 -68.27 -10.20 63.37
N GLN DA 207 -69.43 -10.28 62.75
CA GLN DA 207 -70.19 -9.11 62.34
C GLN DA 207 -71.46 -9.01 63.16
N HIS DA 208 -71.66 -7.87 63.81
CA HIS DA 208 -72.82 -7.62 64.65
C HIS DA 208 -73.54 -6.36 64.19
N THR DA 209 -74.87 -6.40 64.21
CA THR DA 209 -75.70 -5.26 63.84
C THR DA 209 -76.12 -4.52 65.11
N VAL DA 210 -75.75 -3.24 65.19
CA VAL DA 210 -76.04 -2.41 66.35
C VAL DA 210 -76.55 -1.07 65.86
N ALA DA 211 -77.41 -0.44 66.66
CA ALA DA 211 -77.98 0.85 66.30
C ALA DA 211 -76.90 1.93 66.28
N ALA DA 212 -77.10 2.92 65.41
CA ALA DA 212 -76.18 4.04 65.26
C ALA DA 212 -76.89 5.35 65.56
N TYR DA 213 -76.18 6.28 66.16
CA TYR DA 213 -76.73 7.56 66.58
C TYR DA 213 -75.98 8.69 65.90
N SER DA 214 -76.72 9.66 65.38
CA SER DA 214 -76.12 10.77 64.65
C SER DA 214 -75.40 11.72 65.60
N LEU DA 215 -74.37 12.38 65.08
CA LEU DA 215 -73.61 13.34 65.88
C LEU DA 215 -74.44 14.58 66.21
N GLU DA 216 -75.34 14.98 65.31
CA GLU DA 216 -76.15 16.17 65.56
C GLU DA 216 -77.06 15.97 66.77
N SER DA 217 -77.69 14.80 66.88
CA SER DA 217 -78.52 14.53 68.05
C SER DA 217 -77.70 14.53 69.33
N LEU DA 218 -76.50 13.93 69.28
CA LEU DA 218 -75.64 13.88 70.46
C LEU DA 218 -75.25 15.29 70.91
N THR DA 219 -74.86 16.14 69.97
CA THR DA 219 -74.46 17.49 70.34
C THR DA 219 -75.64 18.38 70.70
N GLU DA 220 -76.84 18.05 70.22
CA GLU DA 220 -78.02 18.81 70.60
C GLU DA 220 -78.50 18.43 71.99
N ALA DA 221 -78.37 17.16 72.37
CA ALA DA 221 -78.84 16.70 73.67
C ALA DA 221 -78.01 17.24 74.82
N GLY DA 222 -76.83 17.79 74.55
CA GLY DA 222 -75.98 18.32 75.60
C GLY DA 222 -74.98 17.30 76.11
N ALA DA 223 -74.27 16.66 75.20
CA ALA DA 223 -73.32 15.61 75.54
C ALA DA 223 -71.92 16.19 75.68
N GLU DA 224 -71.13 15.56 76.54
CA GLU DA 224 -69.73 15.92 76.75
C GLU DA 224 -68.86 14.91 76.02
N PHE DA 225 -67.99 15.39 75.15
CA PHE DA 225 -67.17 14.54 74.31
C PHE DA 225 -65.73 14.53 74.81
N GLN DA 226 -65.01 13.47 74.42
CA GLN DA 226 -63.58 13.38 74.70
C GLN DA 226 -62.98 12.40 73.71
N GLY DA 227 -62.16 12.90 72.79
CA GLY DA 227 -61.56 12.04 71.78
C GLY DA 227 -62.64 11.38 70.94
N ASN DA 228 -62.65 10.05 70.93
CA ASN DA 228 -63.67 9.27 70.25
C ASN DA 228 -64.75 8.78 71.21
N TYR DA 229 -64.80 9.32 72.42
CA TYR DA 229 -65.77 8.92 73.43
C TYR DA 229 -66.71 10.08 73.73
N ALA DA 230 -67.96 9.73 74.05
CA ALA DA 230 -68.98 10.73 74.35
C ALA DA 230 -69.75 10.29 75.59
N LEU DA 231 -70.37 11.27 76.26
CA LEU DA 231 -71.18 11.00 77.44
C LEU DA 231 -72.36 11.97 77.42
N GLN DA 232 -73.52 11.48 76.98
CA GLN DA 232 -74.74 12.29 76.98
C GLN DA 232 -75.42 12.32 78.33
N GLY DA 233 -75.02 11.46 79.25
CA GLY DA 233 -75.70 11.33 80.52
C GLY DA 233 -75.55 9.94 81.10
N GLY DA 234 -76.67 9.28 81.39
CA GLY DA 234 -76.61 7.90 81.83
C GLY DA 234 -76.13 6.91 80.79
N ASN DA 235 -76.00 7.35 79.54
CA ASN DA 235 -75.52 6.51 78.45
C ASN DA 235 -74.19 7.03 77.94
N SER DA 236 -73.36 6.12 77.45
CA SER DA 236 -72.05 6.44 76.92
C SER DA 236 -71.94 5.98 75.47
N TYR DA 237 -71.17 6.71 74.69
CA TYR DA 237 -71.01 6.45 73.27
C TYR DA 237 -69.55 6.50 72.88
N VAL DA 238 -69.18 5.70 71.88
CA VAL DA 238 -67.81 5.61 71.39
C VAL DA 238 -67.82 5.79 69.88
N LYS DA 239 -66.79 6.44 69.35
CA LYS DA 239 -66.65 6.63 67.91
C LYS DA 239 -65.69 5.59 67.34
N VAL DA 240 -66.20 4.35 67.25
CA VAL DA 240 -65.44 3.28 66.64
C VAL DA 240 -65.27 3.53 65.14
N GLU DA 241 -66.33 4.03 64.50
CA GLU DA 241 -66.28 4.39 63.09
C GLU DA 241 -66.98 5.73 62.89
N ASN DA 242 -67.30 6.07 61.64
CA ASN DA 242 -67.92 7.36 61.35
C ASN DA 242 -69.27 7.55 62.03
N VAL DA 243 -69.89 6.47 62.51
CA VAL DA 243 -71.15 6.54 63.22
C VAL DA 243 -70.90 6.26 64.70
N TRP DA 244 -71.62 6.97 65.56
CA TRP DA 244 -71.49 6.79 67.00
C TRP DA 244 -72.40 5.67 67.48
N VAL DA 245 -71.93 4.90 68.45
CA VAL DA 245 -72.65 3.74 68.96
C VAL DA 245 -72.53 3.70 70.48
N ARG DA 246 -73.62 3.30 71.14
CA ARG DA 246 -73.60 3.11 72.59
C ARG DA 246 -72.63 1.99 72.96
N ALA DA 247 -71.96 2.18 74.09
CA ALA DA 247 -70.92 1.25 74.53
C ALA DA 247 -71.14 0.86 75.99
N GLU DA 248 -70.61 -0.31 76.34
CA GLU DA 248 -70.62 -0.82 77.71
C GLU DA 248 -69.33 -0.42 78.40
N THR DA 249 -69.39 -0.28 79.73
CA THR DA 249 -68.28 0.27 80.48
C THR DA 249 -67.02 -0.60 80.38
N ALA DA 250 -67.08 -1.79 80.98
CA ALA DA 250 -65.98 -2.74 80.97
C ALA DA 250 -66.42 -3.98 81.73
N ALA DA 251 -65.74 -5.10 81.46
CA ALA DA 251 -65.93 -6.36 82.18
C ALA DA 251 -67.38 -6.84 82.15
N THR DA 252 -68.21 -6.30 81.25
CA THR DA 252 -69.59 -6.76 81.16
C THR DA 252 -69.68 -8.03 80.31
N GLY DA 253 -69.14 -7.98 79.09
CA GLY DA 253 -69.11 -9.18 78.26
C GLY DA 253 -68.19 -10.25 78.80
N ALA DA 254 -67.05 -9.84 79.39
CA ALA DA 254 -66.06 -10.77 79.93
C ALA DA 254 -65.60 -11.78 78.87
N THR DA 255 -65.45 -11.30 77.64
CA THR DA 255 -65.04 -12.14 76.52
C THR DA 255 -63.77 -11.63 75.85
N GLY DA 256 -63.06 -10.69 76.46
CA GLY DA 256 -61.87 -10.14 75.85
C GLY DA 256 -62.13 -9.41 74.55
N GLN DA 257 -63.22 -8.65 74.49
CA GLN DA 257 -63.56 -7.92 73.28
C GLN DA 257 -62.60 -6.77 73.06
N GLU DA 258 -62.48 -6.36 71.79
CA GLU DA 258 -61.66 -5.22 71.44
C GLU DA 258 -62.18 -3.96 72.12
N ILE DA 259 -61.26 -3.21 72.73
CA ILE DA 259 -61.64 -2.01 73.49
C ILE DA 259 -61.90 -0.88 72.51
N ALA DA 260 -63.03 -0.20 72.69
CA ALA DA 260 -63.39 0.90 71.79
C ALA DA 260 -62.49 2.11 72.00
N ALA DA 261 -62.31 2.52 73.25
CA ALA DA 261 -61.52 3.70 73.56
C ALA DA 261 -61.20 3.73 75.04
N THR DA 262 -60.22 4.56 75.40
CA THR DA 262 -59.84 4.79 76.78
C THR DA 262 -60.04 6.26 77.13
N THR DA 263 -60.49 6.52 78.34
CA THR DA 263 -60.82 7.86 78.79
C THR DA 263 -60.01 8.22 80.02
N THR DA 264 -60.25 9.42 80.54
CA THR DA 264 -59.57 9.93 81.72
C THR DA 264 -60.59 10.69 82.56
N ALA DA 265 -60.10 11.48 83.53
CA ALA DA 265 -61.00 12.21 84.42
C ALA DA 265 -61.86 13.19 83.64
N ALA DA 266 -61.22 14.19 83.02
CA ALA DA 266 -61.91 15.15 82.15
C ALA DA 266 -63.11 15.80 82.85
N GLY DA 267 -62.94 16.10 84.13
CA GLY DA 267 -64.00 16.73 84.89
C GLY DA 267 -65.03 15.76 85.44
N THR DA 268 -65.88 15.22 84.57
CA THR DA 268 -66.96 14.32 84.99
C THR DA 268 -67.02 13.07 84.12
N ILE DA 269 -65.88 12.61 83.63
CA ILE DA 269 -65.81 11.42 82.80
C ILE DA 269 -65.09 10.33 83.60
N THR DA 270 -65.73 9.18 83.72
CA THR DA 270 -65.11 8.06 84.43
C THR DA 270 -63.93 7.52 83.63
N ALA DA 271 -62.86 7.19 84.34
CA ALA DA 271 -61.66 6.66 83.71
C ALA DA 271 -61.81 5.15 83.57
N ASP DA 272 -62.03 4.69 82.33
CA ASP DA 272 -62.25 3.27 82.08
C ASP DA 272 -61.95 2.98 80.62
N SER DA 273 -61.75 1.70 80.32
CA SER DA 273 -61.53 1.23 78.97
C SER DA 273 -62.86 0.73 78.41
N TRP DA 274 -63.44 1.50 77.50
CA TRP DA 274 -64.79 1.23 77.02
C TRP DA 274 -64.77 0.27 75.83
N VAL DA 275 -65.82 -0.52 75.72
CA VAL DA 275 -65.96 -1.53 74.69
C VAL DA 275 -67.32 -1.37 74.03
N VAL DA 276 -67.35 -1.48 72.69
CA VAL DA 276 -68.60 -1.34 71.96
C VAL DA 276 -69.61 -2.39 72.44
N ASP DA 277 -70.84 -1.95 72.68
CA ASP DA 277 -71.88 -2.84 73.16
C ASP DA 277 -72.29 -3.78 72.04
N VAL DA 278 -71.98 -5.08 72.21
CA VAL DA 278 -72.38 -6.07 71.20
C VAL DA 278 -73.90 -6.19 71.14
N GLY DA 279 -74.58 -5.91 72.25
CA GLY DA 279 -76.04 -5.93 72.25
C GLY DA 279 -76.62 -4.65 71.70
N ASN DA 280 -77.63 -4.10 72.37
CA ASN DA 280 -78.29 -2.86 71.97
C ASN DA 280 -78.83 -2.98 70.54
N ALA DA 281 -79.80 -3.87 70.40
CA ALA DA 281 -80.43 -4.12 69.11
C ALA DA 281 -81.15 -2.86 68.63
N PRO DA 282 -81.26 -2.68 67.31
CA PRO DA 282 -81.94 -1.49 66.78
C PRO DA 282 -83.42 -1.47 67.17
N ALA DA 283 -84.06 -0.34 66.87
CA ALA DA 283 -85.47 -0.19 67.21
C ALA DA 283 -86.33 -1.19 66.45
N ALA DA 284 -86.03 -1.40 65.17
CA ALA DA 284 -86.75 -2.37 64.33
C ALA DA 284 -85.70 -3.27 63.68
N ASN DA 285 -85.40 -4.39 64.32
CA ASN DA 285 -84.40 -5.33 63.82
C ASN DA 285 -85.04 -6.19 62.74
N VAL DA 286 -84.77 -5.84 61.48
CA VAL DA 286 -85.29 -6.57 60.33
C VAL DA 286 -84.11 -7.08 59.52
N SER DA 287 -84.17 -8.35 59.13
CA SER DA 287 -83.12 -8.98 58.34
C SER DA 287 -83.71 -9.46 57.01
N ALA DA 288 -82.85 -9.54 56.00
CA ALA DA 288 -83.28 -10.03 54.70
C ALA DA 288 -83.78 -11.46 54.82
N GLY DA 289 -84.92 -11.75 54.20
CA GLY DA 289 -85.50 -13.08 54.30
C GLY DA 289 -84.59 -14.16 53.73
N GLN DA 290 -84.00 -13.88 52.57
CA GLN DA 290 -83.14 -14.84 51.90
C GLN DA 290 -81.89 -14.14 51.38
N SER DA 291 -80.83 -14.91 51.18
CA SER DA 291 -79.59 -14.39 50.64
C SER DA 291 -79.74 -14.14 49.14
N VAL DA 292 -78.68 -13.62 48.53
CA VAL DA 292 -78.71 -13.35 47.09
C VAL DA 292 -78.77 -14.65 46.31
N ALA DA 293 -78.04 -15.67 46.77
CA ALA DA 293 -78.00 -16.95 46.07
C ALA DA 293 -79.18 -17.87 46.41
N ASN DA 294 -80.01 -17.50 47.38
CA ASN DA 294 -81.13 -18.32 47.83
C ASN DA 294 -82.44 -17.58 47.64
N ILE DA 295 -82.54 -16.78 46.58
CA ILE DA 295 -83.75 -15.98 46.35
C ILE DA 295 -84.90 -16.89 45.98
N ASN DA 296 -86.02 -16.75 46.69
CA ASN DA 296 -87.23 -17.51 46.40
C ASN DA 296 -88.42 -16.60 46.71
N ILE DA 297 -89.10 -16.13 45.67
CA ILE DA 297 -90.14 -15.13 45.83
C ILE DA 297 -91.55 -15.72 45.63
N VAL DA 298 -91.68 -17.04 45.76
CA VAL DA 298 -92.99 -17.68 45.58
C VAL DA 298 -93.81 -17.40 46.83
N GLY DA 299 -94.70 -16.42 46.75
CA GLY DA 299 -95.50 -16.03 47.91
C GLY DA 299 -94.65 -15.53 49.07
N MET DA 300 -93.64 -14.72 48.78
CA MET DA 300 -92.70 -14.32 49.82
C MET DA 300 -93.30 -13.27 50.75
N GLY DA 301 -94.14 -12.38 50.22
CA GLY DA 301 -94.75 -11.33 51.00
C GLY DA 301 -94.18 -9.97 50.69
N ALA DA 302 -95.01 -8.94 50.90
CA ALA DA 302 -94.64 -7.59 50.52
C ALA DA 302 -93.47 -7.07 51.35
N ALA DA 303 -93.57 -7.18 52.68
CA ALA DA 303 -92.48 -6.73 53.55
C ALA DA 303 -91.23 -7.55 53.30
N ALA DA 304 -91.38 -8.85 53.10
CA ALA DA 304 -90.23 -9.69 52.78
C ALA DA 304 -89.63 -9.30 51.43
N LEU DA 305 -90.48 -8.93 50.47
CA LEU DA 305 -89.97 -8.46 49.19
C LEU DA 305 -89.16 -7.18 49.35
N ASP DA 306 -89.65 -6.25 50.17
CA ASP DA 306 -88.89 -5.02 50.41
C ASP DA 306 -87.57 -5.30 51.09
N ALA DA 307 -87.57 -6.22 52.07
CA ALA DA 307 -86.32 -6.58 52.74
C ALA DA 307 -85.34 -7.22 51.75
N LEU DA 308 -85.84 -8.09 50.88
CA LEU DA 308 -84.98 -8.71 49.88
C LEU DA 308 -84.42 -7.67 48.92
N ILE DA 309 -85.24 -6.71 48.51
CA ILE DA 309 -84.76 -5.65 47.61
C ILE DA 309 -83.67 -4.83 48.29
N SER DA 310 -83.87 -4.48 49.56
CA SER DA 310 -82.86 -3.72 50.29
C SER DA 310 -81.56 -4.51 50.42
N GLY DA 311 -81.67 -5.81 50.72
CA GLY DA 311 -80.47 -6.64 50.81
C GLY DA 311 -79.73 -6.73 49.49
N VAL DA 312 -80.48 -6.88 48.39
CA VAL DA 312 -79.86 -6.94 47.07
C VAL DA 312 -79.16 -5.62 46.76
N ASP DA 313 -79.79 -4.50 47.10
CA ASP DA 313 -79.16 -3.19 46.87
C ASP DA 313 -77.89 -3.05 47.69
N ALA DA 314 -77.90 -3.50 48.95
CA ALA DA 314 -76.71 -3.43 49.77
C ALA DA 314 -75.59 -4.28 49.19
N ALA DA 315 -75.92 -5.49 48.73
CA ALA DA 315 -74.91 -6.36 48.11
C ALA DA 315 -74.35 -5.71 46.86
N LEU DA 316 -75.22 -5.10 46.05
CA LEU DA 316 -74.76 -4.43 44.84
C LEU DA 316 -73.82 -3.27 45.17
N THR DA 317 -74.15 -2.50 46.21
CA THR DA 317 -73.28 -1.40 46.62
C THR DA 317 -71.91 -1.91 47.08
N ASP DA 318 -71.91 -2.98 47.88
CA ASP DA 318 -70.65 -3.54 48.35
C ASP DA 318 -69.81 -4.07 47.19
N MET DA 319 -70.46 -4.73 46.23
CA MET DA 319 -69.72 -5.29 45.10
C MET DA 319 -69.22 -4.18 44.18
N THR DA 320 -69.97 -3.09 44.06
CA THR DA 320 -69.48 -1.93 43.32
C THR DA 320 -68.26 -1.34 43.98
N SER DA 321 -68.27 -1.25 45.31
CA SER DA 321 -67.08 -0.79 46.03
C SER DA 321 -65.89 -1.71 45.79
N ALA DA 322 -66.15 -3.03 45.78
CA ALA DA 322 -65.08 -3.98 45.50
C ALA DA 322 -64.52 -3.80 44.10
N ALA DA 323 -65.40 -3.57 43.12
CA ALA DA 323 -64.95 -3.32 41.75
C ALA DA 323 -64.11 -2.06 41.66
N ALA DA 324 -64.52 -1.01 42.37
CA ALA DA 324 -63.72 0.22 42.40
C ALA DA 324 -62.36 -0.03 43.01
N SER DA 325 -62.31 -0.82 44.09
CA SER DA 325 -61.03 -1.18 44.69
C SER DA 325 -60.15 -1.95 43.71
N LEU DA 326 -60.75 -2.89 42.97
CA LEU DA 326 -59.98 -3.64 41.99
C LEU DA 326 -59.43 -2.73 40.90
N GLY DA 327 -60.23 -1.77 40.43
CA GLY DA 327 -59.74 -0.82 39.45
C GLY DA 327 -58.60 0.02 40.00
N SER DA 328 -58.70 0.43 41.26
CA SER DA 328 -57.62 1.18 41.89
C SER DA 328 -56.34 0.33 41.97
N ILE DA 329 -56.49 -0.95 42.30
CA ILE DA 329 -55.33 -1.85 42.33
C ILE DA 329 -54.70 -1.95 40.94
N SER DA 330 -55.53 -2.07 39.90
CA SER DA 330 -55.00 -2.16 38.55
C SER DA 330 -54.24 -0.89 38.17
N SER DA 331 -54.79 0.26 38.52
CA SER DA 331 -54.08 1.52 38.25
C SER DA 331 -52.75 1.58 39.00
N ARG DA 332 -52.75 1.13 40.25
CA ARG DA 332 -51.51 1.12 41.02
C ARG DA 332 -50.48 0.19 40.40
N ILE DA 333 -50.93 -0.97 39.90
CA ILE DA 333 -50.01 -1.90 39.23
C ILE DA 333 -49.42 -1.25 37.98
N ASP DA 334 -50.25 -0.55 37.20
CA ASP DA 334 -49.75 0.11 36.01
C ASP DA 334 -48.70 1.16 36.36
N LEU DA 335 -48.99 1.98 37.38
CA LEU DA 335 -48.02 2.98 37.81
C LEU DA 335 -46.74 2.35 38.32
N GLN DA 336 -46.86 1.27 39.10
CA GLN DA 336 -45.67 0.58 39.59
C GLN DA 336 -44.85 0.03 38.44
N SER DA 337 -45.51 -0.52 37.42
CA SER DA 337 -44.80 -1.06 36.27
C SER DA 337 -44.02 0.03 35.54
N GLU DA 338 -44.66 1.18 35.29
CA GLU DA 338 -43.96 2.22 34.55
C GLU DA 338 -42.83 2.82 35.39
N PHE DA 339 -43.04 2.95 36.69
CA PHE DA 339 -41.97 3.43 37.56
C PHE DA 339 -40.80 2.46 37.61
N VAL DA 340 -41.09 1.15 37.64
CA VAL DA 340 -40.02 0.16 37.66
C VAL DA 340 -39.25 0.20 36.34
N ASN DA 341 -39.96 0.39 35.22
CA ASN DA 341 -39.28 0.52 33.94
C ASN DA 341 -38.36 1.75 33.93
N LYS DA 342 -38.85 2.88 34.44
CA LYS DA 342 -38.03 4.08 34.50
C LYS DA 342 -36.81 3.87 35.39
N LEU DA 343 -37.00 3.22 36.54
CA LEU DA 343 -35.88 2.98 37.45
C LEU DA 343 -34.85 2.05 36.82
N SER DA 344 -35.31 1.02 36.12
CA SER DA 344 -34.37 0.12 35.43
C SER DA 344 -33.61 0.86 34.35
N ASP DA 345 -34.29 1.74 33.60
CA ASP DA 345 -33.60 2.54 32.59
C ASP DA 345 -32.55 3.44 33.23
N SER DA 346 -32.89 4.08 34.35
CA SER DA 346 -31.92 4.93 35.03
C SER DA 346 -30.72 4.14 35.53
N ILE DA 347 -30.97 2.95 36.09
CA ILE DA 347 -29.89 2.11 36.58
C ILE DA 347 -28.98 1.68 35.43
N GLU DA 348 -29.58 1.29 34.30
CA GLU DA 348 -28.79 0.89 33.14
C GLU DA 348 -27.97 2.06 32.61
N SER DA 349 -28.55 3.26 32.58
CA SER DA 349 -27.81 4.43 32.14
C SER DA 349 -26.64 4.72 33.08
N GLY DA 350 -26.86 4.61 34.38
CA GLY DA 350 -25.77 4.80 35.33
C GLY DA 350 -24.66 3.79 35.17
N VAL DA 351 -25.04 2.52 34.97
CA VAL DA 351 -24.04 1.47 34.76
C VAL DA 351 -23.24 1.76 33.49
N GLY DA 352 -23.93 2.17 32.42
CA GLY DA 352 -23.23 2.49 31.19
C GLY DA 352 -22.26 3.65 31.37
N ARG DA 353 -22.70 4.71 32.05
CA ARG DA 353 -21.83 5.86 32.28
C ARG DA 353 -20.63 5.48 33.15
N LEU DA 354 -20.83 4.58 34.11
CA LEU DA 354 -19.74 4.17 34.98
C LEU DA 354 -18.81 3.16 34.32
N VAL DA 355 -19.27 2.44 33.30
CA VAL DA 355 -18.55 1.30 32.76
C VAL DA 355 -18.12 1.51 31.32
N ASP DA 356 -18.99 2.06 30.48
CA ASP DA 356 -18.67 2.21 29.07
C ASP DA 356 -17.55 3.22 28.86
N ALA DA 357 -16.89 3.12 27.72
CA ALA DA 357 -15.77 3.97 27.36
C ALA DA 357 -16.04 4.64 26.02
N ASP DA 358 -15.71 5.93 25.92
CA ASP DA 358 -15.88 6.68 24.69
C ASP DA 358 -14.81 6.23 23.70
N MET DA 359 -15.23 5.43 22.71
CA MET DA 359 -14.29 4.66 21.89
C MET DA 359 -13.29 5.53 21.11
N ASN DA 360 -13.57 6.82 20.95
CA ASN DA 360 -12.70 7.67 20.14
C ASN DA 360 -11.30 7.76 20.72
N GLU DA 361 -11.19 8.00 22.03
CA GLU DA 361 -9.86 8.10 22.62
C GLU DA 361 -9.16 6.75 22.67
N GLU DA 362 -9.90 5.65 22.79
CA GLU DA 362 -9.25 4.33 22.67
C GLU DA 362 -8.71 4.10 21.27
N SER DA 363 -9.43 4.56 20.24
CA SER DA 363 -8.87 4.47 18.89
C SER DA 363 -7.61 5.32 18.75
N THR DA 364 -7.63 6.52 19.34
CA THR DA 364 -6.43 7.37 19.31
C THR DA 364 -5.26 6.69 20.00
N ARG DA 365 -5.50 6.09 21.16
CA ARG DA 365 -4.44 5.36 21.87
C ARG DA 365 -3.97 4.18 21.04
N LEU DA 366 -4.87 3.49 20.35
CA LEU DA 366 -4.47 2.36 19.53
C LEU DA 366 -3.52 2.80 18.43
N LYS DA 367 -3.86 3.88 17.74
CA LYS DA 367 -2.96 4.41 16.71
C LYS DA 367 -1.63 4.84 17.30
N ALA DA 368 -1.67 5.53 18.45
CA ALA DA 368 -0.44 6.01 19.06
C ALA DA 368 0.47 4.85 19.47
N LEU DA 369 -0.11 3.79 20.05
CA LEU DA 369 0.68 2.63 20.43
C LEU DA 369 1.21 1.89 19.21
N GLN DA 370 0.46 1.85 18.11
CA GLN DA 370 1.01 1.26 16.89
C GLN DA 370 2.25 2.03 16.43
N THR DA 371 2.16 3.35 16.42
CA THR DA 371 3.31 4.15 16.01
C THR DA 371 4.48 3.97 16.97
N GLN DA 372 4.20 3.95 18.28
CA GLN DA 372 5.25 3.76 19.27
C GLN DA 372 5.92 2.40 19.12
N GLN DA 373 5.15 1.36 18.84
CA GLN DA 373 5.72 0.04 18.62
C GLN DA 373 6.59 0.02 17.38
N GLN DA 374 6.16 0.69 16.31
CA GLN DA 374 6.98 0.76 15.10
C GLN DA 374 8.31 1.45 15.40
N LEU DA 375 8.26 2.57 16.12
CA LEU DA 375 9.49 3.25 16.50
C LEU DA 375 10.37 2.36 17.36
N ALA DA 376 9.78 1.64 18.31
CA ALA DA 376 10.55 0.78 19.19
C ALA DA 376 11.21 -0.35 18.42
N ILE DA 377 10.50 -0.94 17.45
CA ILE DA 377 11.09 -1.99 16.63
C ILE DA 377 12.26 -1.45 15.81
N GLN DA 378 12.09 -0.26 15.23
CA GLN DA 378 13.18 0.32 14.46
C GLN DA 378 14.41 0.58 15.34
N ALA DA 379 14.18 1.15 16.54
CA ALA DA 379 15.29 1.43 17.44
C ALA DA 379 15.96 0.15 17.90
N LEU DA 380 15.17 -0.91 18.15
CA LEU DA 380 15.75 -2.19 18.54
C LEU DA 380 16.58 -2.79 17.43
N SER DA 381 16.12 -2.67 16.19
CA SER DA 381 16.91 -3.16 15.06
C SER DA 381 18.22 -2.40 14.95
N ILE DA 382 18.18 -1.08 15.13
CA ILE DA 382 19.41 -0.28 15.08
C ILE DA 382 20.36 -0.69 16.19
N ALA DA 383 19.82 -0.90 17.40
CA ALA DA 383 20.66 -1.25 18.54
C ALA DA 383 21.25 -2.64 18.37
N ASN DA 384 20.53 -3.55 17.73
CA ASN DA 384 21.09 -4.86 17.44
C ASN DA 384 22.19 -4.77 16.38
N SER DA 385 21.98 -3.92 15.37
CA SER DA 385 22.92 -3.86 14.25
C SER DA 385 24.21 -3.13 14.62
N ASP DA 386 24.15 -2.13 15.49
CA ASP DA 386 25.30 -1.25 15.71
C ASP DA 386 26.48 -1.96 16.37
N SER DA 387 26.28 -3.14 16.94
CA SER DA 387 27.37 -3.83 17.64
C SER DA 387 28.35 -4.52 16.70
N GLN DA 388 28.04 -4.57 15.40
CA GLN DA 388 28.91 -5.23 14.42
C GLN DA 388 30.04 -4.32 13.94
N ASN DA 389 30.08 -3.06 14.38
CA ASN DA 389 31.09 -2.13 13.88
C ASN DA 389 32.50 -2.51 14.33
N VAL DA 390 32.62 -3.23 15.43
CA VAL DA 390 33.93 -3.53 16.00
C VAL DA 390 34.76 -4.42 15.09
N LEU DA 391 34.12 -5.18 14.19
CA LEU DA 391 34.85 -6.14 13.37
C LEU DA 391 35.87 -5.49 12.45
N SER DA 392 35.75 -4.19 12.19
CA SER DA 392 36.63 -3.54 11.23
C SER DA 392 38.08 -3.52 11.72
N LEU DA 393 38.28 -3.30 13.03
CA LEU DA 393 39.63 -3.16 13.55
C LEU DA 393 40.44 -4.44 13.39
N PHE DA 394 39.84 -5.58 13.69
CA PHE DA 394 40.59 -6.83 13.80
C PHE DA 394 40.95 -7.41 12.44
N ARG DA 395 40.24 -7.04 11.39
CA ARG DA 395 40.53 -7.54 10.05
C ARG DA 395 41.61 -6.70 9.37
N THR EA 2 47.04 -7.50 -27.44
CA THR EA 2 46.47 -6.51 -26.55
C THR EA 2 47.14 -5.15 -26.71
N SER EA 3 46.48 -4.24 -27.42
CA SER EA 3 46.97 -2.89 -27.60
C SER EA 3 46.43 -2.02 -26.47
N ILE EA 4 47.33 -1.34 -25.75
CA ILE EA 4 46.92 -0.62 -24.56
C ILE EA 4 46.48 0.80 -24.86
N LEU EA 5 46.68 1.30 -26.08
CA LEU EA 5 46.22 2.64 -26.44
C LEU EA 5 44.87 2.64 -27.12
N THR EA 6 44.41 1.51 -27.65
CA THR EA 6 43.13 1.44 -28.34
C THR EA 6 42.36 0.23 -27.85
N ASN EA 7 41.03 0.36 -27.83
CA ASN EA 7 40.11 -0.71 -27.43
C ASN EA 7 38.94 -0.69 -28.41
N ASN EA 8 39.03 -1.50 -29.45
CA ASN EA 8 37.98 -1.54 -30.47
C ASN EA 8 36.65 -2.00 -29.88
N SER EA 9 36.70 -2.96 -28.95
CA SER EA 9 35.47 -3.38 -28.28
C SER EA 9 34.84 -2.22 -27.51
N ALA EA 10 35.67 -1.38 -26.89
CA ALA EA 10 35.15 -0.20 -26.20
C ALA EA 10 34.46 0.75 -27.18
N MET EA 11 35.05 0.95 -28.35
CA MET EA 11 34.43 1.83 -29.34
C MET EA 11 33.11 1.27 -29.84
N ALA EA 12 33.05 -0.05 -30.07
CA ALA EA 12 31.80 -0.66 -30.49
C ALA EA 12 30.74 -0.52 -29.40
N ALA EA 13 31.12 -0.72 -28.14
CA ALA EA 13 30.20 -0.55 -27.03
C ALA EA 13 29.71 0.89 -26.95
N LEU EA 14 30.61 1.86 -27.16
CA LEU EA 14 30.23 3.26 -27.13
C LEU EA 14 29.23 3.57 -28.23
N SER EA 15 29.47 3.06 -29.45
CA SER EA 15 28.53 3.30 -30.54
C SER EA 15 27.17 2.70 -30.24
N GLY EA 16 27.16 1.47 -29.70
CA GLY EA 16 25.90 0.87 -29.30
C GLY EA 16 25.18 1.68 -28.24
N VAL EA 17 25.93 2.20 -27.26
CA VAL EA 17 25.32 3.00 -26.21
C VAL EA 17 24.71 4.28 -26.77
N ARG EA 18 25.42 4.94 -27.69
CA ARG EA 18 24.87 6.15 -28.29
C ARG EA 18 23.61 5.86 -29.09
N SER EA 19 23.60 4.76 -29.86
CA SER EA 19 22.41 4.41 -30.63
C SER EA 19 21.24 4.12 -29.70
N ILE EA 20 21.49 3.36 -28.63
CA ILE EA 20 20.44 3.04 -27.68
C ILE EA 20 19.92 4.30 -26.99
N SER EA 21 20.83 5.22 -26.64
CA SER EA 21 20.42 6.45 -25.98
C SER EA 21 19.55 7.31 -26.90
N SER EA 22 19.93 7.42 -28.18
CA SER EA 22 19.11 8.19 -29.11
C SER EA 22 17.74 7.56 -29.28
N SER EA 23 17.69 6.24 -29.44
CA SER EA 23 16.40 5.56 -29.58
C SER EA 23 15.55 5.72 -28.33
N MET EA 24 16.19 5.66 -27.15
CA MET EA 24 15.47 5.82 -25.90
C MET EA 24 14.92 7.22 -25.75
N GLU EA 25 15.71 8.24 -26.12
CA GLU EA 25 15.20 9.61 -26.07
C GLU EA 25 14.00 9.77 -27.00
N ASP EA 26 14.08 9.22 -28.20
CA ASP EA 26 12.97 9.29 -29.14
C ASP EA 26 11.72 8.62 -28.55
N THR EA 27 11.88 7.40 -28.03
CA THR EA 27 10.71 6.68 -27.53
C THR EA 27 10.15 7.31 -26.26
N GLN EA 28 11.00 7.96 -25.45
CA GLN EA 28 10.49 8.70 -24.30
C GLN EA 28 9.66 9.91 -24.74
N SER EA 29 10.12 10.62 -25.77
CA SER EA 29 9.29 11.68 -26.32
C SER EA 29 7.96 11.13 -26.82
N ARG EA 30 8.02 9.99 -27.51
CA ARG EA 30 6.81 9.35 -28.04
C ARG EA 30 5.84 8.98 -26.92
N ILE EA 31 6.36 8.40 -25.84
CA ILE EA 31 5.52 7.91 -24.75
C ILE EA 31 5.06 9.05 -23.84
N SER EA 32 5.71 10.20 -23.89
CA SER EA 32 5.35 11.32 -23.04
C SER EA 32 4.44 12.33 -23.73
N SER EA 33 4.42 12.37 -25.07
CA SER EA 33 3.60 13.35 -25.74
C SER EA 33 2.86 12.74 -26.93
N GLY EA 34 2.63 11.43 -26.89
CA GLY EA 34 1.98 10.76 -28.01
C GLY EA 34 2.70 10.96 -29.31
N LEU EA 35 2.02 11.51 -30.32
CA LEU EA 35 2.67 11.92 -31.57
C LEU EA 35 3.57 10.85 -32.18
N ARG EA 36 2.98 9.79 -32.75
CA ARG EA 36 3.78 8.84 -33.52
C ARG EA 36 4.63 9.56 -34.56
N VAL EA 37 4.06 10.60 -35.18
CA VAL EA 37 4.80 11.45 -36.10
C VAL EA 37 5.36 12.64 -35.30
N GLY EA 38 6.68 12.74 -35.25
CA GLY EA 38 7.33 13.81 -34.53
C GLY EA 38 7.03 15.17 -35.13
N SER EA 39 7.57 16.21 -34.49
CA SER EA 39 7.35 17.61 -34.87
C SER EA 39 7.59 17.74 -36.38
N ALA EA 40 8.81 17.59 -36.88
CA ALA EA 40 9.04 17.53 -38.31
C ALA EA 40 10.18 16.59 -38.66
N SER EA 41 10.74 15.92 -37.67
CA SER EA 41 11.90 15.06 -37.88
C SER EA 41 11.52 13.67 -38.38
N ASP EA 42 10.23 13.34 -38.33
CA ASP EA 42 9.71 12.12 -38.95
C ASP EA 42 9.28 12.43 -40.37
N ASN EA 43 8.48 11.54 -40.97
CA ASN EA 43 8.04 11.71 -42.35
C ASN EA 43 7.28 13.03 -42.56
N ALA EA 44 7.93 13.94 -43.28
CA ALA EA 44 7.48 15.33 -43.34
C ALA EA 44 6.11 15.48 -43.99
N ALA EA 45 5.86 14.71 -45.06
CA ALA EA 45 4.61 14.87 -45.81
C ALA EA 45 3.40 14.60 -44.93
N TYR EA 46 3.46 13.53 -44.14
CA TYR EA 46 2.32 13.19 -43.30
C TYR EA 46 2.10 14.24 -42.22
N TRP EA 47 3.18 14.78 -41.67
CA TRP EA 47 3.05 15.89 -40.71
C TRP EA 47 2.41 17.11 -41.36
N SER EA 48 2.82 17.41 -42.60
CA SER EA 48 2.23 18.54 -43.31
C SER EA 48 0.73 18.33 -43.51
N ILE EA 49 0.35 17.11 -43.89
CA ILE EA 49 -1.07 16.78 -44.04
C ILE EA 49 -1.79 17.00 -42.71
N ALA EA 50 -1.19 16.52 -41.61
CA ALA EA 50 -1.83 16.68 -40.30
C ALA EA 50 -2.00 18.14 -39.93
N THR EA 51 -0.99 18.96 -40.20
CA THR EA 51 -1.06 20.38 -39.87
C THR EA 51 -2.14 21.08 -40.70
N THR EA 52 -2.20 20.79 -42.00
CA THR EA 52 -3.23 21.38 -42.84
C THR EA 52 -4.62 20.95 -42.38
N MET EA 53 -4.76 19.68 -41.99
CA MET EA 53 -6.06 19.20 -41.56
C MET EA 53 -6.46 19.80 -40.22
N ARG EA 54 -5.50 20.06 -39.34
CA ARG EA 54 -5.79 20.77 -38.10
C ARG EA 54 -6.26 22.19 -38.37
N SER EA 55 -5.61 22.87 -39.33
CA SER EA 55 -6.06 24.21 -39.72
C SER EA 55 -7.48 24.17 -40.26
N ASP EA 56 -7.79 23.15 -41.08
CA ASP EA 56 -9.14 23.01 -41.59
C ASP EA 56 -10.13 22.75 -40.46
N ASN EA 57 -9.73 21.98 -39.45
CA ASN EA 57 -10.60 21.73 -38.31
C ASN EA 57 -10.88 23.01 -37.54
N GLN EA 58 -9.86 23.85 -37.36
CA GLN EA 58 -10.08 25.15 -36.72
C GLN EA 58 -11.04 26.01 -37.53
N ALA EA 59 -10.88 26.00 -38.86
CA ALA EA 59 -11.80 26.74 -39.71
C ALA EA 59 -13.22 26.22 -39.56
N LEU EA 60 -13.38 24.89 -39.47
CA LEU EA 60 -14.71 24.31 -39.29
C LEU EA 60 -15.31 24.70 -37.95
N SER EA 61 -14.49 24.80 -36.90
CA SER EA 61 -14.98 25.27 -35.61
C SER EA 61 -15.48 26.70 -35.71
N ALA EA 62 -14.73 27.56 -36.41
CA ALA EA 62 -15.19 28.93 -36.63
C ALA EA 62 -16.50 28.94 -37.41
N VAL EA 63 -16.62 28.08 -38.42
CA VAL EA 63 -17.86 27.98 -39.17
C VAL EA 63 -19.01 27.53 -38.28
N GLN EA 64 -18.73 26.63 -37.33
CA GLN EA 64 -19.77 26.20 -36.40
C GLN EA 64 -20.26 27.36 -35.54
N ASP EA 65 -19.32 28.18 -35.05
CA ASP EA 65 -19.73 29.35 -34.27
C ASP EA 65 -20.57 30.30 -35.11
N ALA EA 66 -20.15 30.54 -36.35
CA ALA EA 66 -20.92 31.41 -37.25
C ALA EA 66 -22.30 30.82 -37.52
N LEU EA 67 -22.39 29.50 -37.67
CA LEU EA 67 -23.66 28.84 -37.89
C LEU EA 67 -24.58 29.01 -36.69
N GLY EA 68 -24.05 28.90 -35.48
CA GLY EA 68 -24.86 29.15 -34.30
C GLY EA 68 -25.38 30.58 -34.25
N LEU EA 69 -24.51 31.54 -34.57
CA LEU EA 69 -24.95 32.94 -34.59
C LEU EA 69 -26.04 33.16 -35.62
N GLY EA 70 -25.87 32.61 -36.82
CA GLY EA 70 -26.88 32.74 -37.85
C GLY EA 70 -28.19 32.07 -37.48
N ALA EA 71 -28.11 30.92 -36.82
CA ALA EA 71 -29.32 30.24 -36.36
C ALA EA 71 -30.07 31.09 -35.34
N ALA EA 72 -29.34 31.73 -34.43
CA ALA EA 72 -30.00 32.63 -33.49
C ALA EA 72 -30.68 33.80 -34.20
N LYS EA 73 -29.99 34.38 -35.20
CA LYS EA 73 -30.57 35.48 -35.95
C LYS EA 73 -31.84 35.05 -36.67
N VAL EA 74 -31.80 33.88 -37.31
CA VAL EA 74 -32.95 33.40 -38.05
C VAL EA 74 -34.10 33.08 -37.11
N ASP EA 75 -33.81 32.54 -35.92
CA ASP EA 75 -34.86 32.27 -34.95
C ASP EA 75 -35.54 33.56 -34.50
N THR EA 76 -34.75 34.61 -34.23
CA THR EA 76 -35.35 35.89 -33.85
C THR EA 76 -36.20 36.45 -34.99
N ALA EA 77 -35.70 36.38 -36.22
CA ALA EA 77 -36.46 36.89 -37.36
C ALA EA 77 -37.75 36.12 -37.53
N TYR EA 78 -37.72 34.79 -37.35
CA TYR EA 78 -38.92 33.99 -37.50
C TYR EA 78 -39.94 34.30 -36.40
N SER EA 79 -39.48 34.53 -35.18
CA SER EA 79 -40.40 34.92 -34.11
C SER EA 79 -41.08 36.24 -34.44
N GLY EA 80 -40.29 37.22 -34.92
CA GLY EA 80 -40.89 38.48 -35.33
C GLY EA 80 -41.88 38.30 -36.47
N MET EA 81 -41.54 37.44 -37.43
CA MET EA 81 -42.43 37.18 -38.56
C MET EA 81 -43.75 36.58 -38.08
N GLU EA 82 -43.68 35.62 -37.15
CA GLU EA 82 -44.91 35.01 -36.63
C GLU EA 82 -45.76 36.04 -35.89
N SER EA 83 -45.13 36.90 -35.09
CA SER EA 83 -45.89 37.95 -34.41
C SER EA 83 -46.58 38.87 -35.40
N ALA EA 84 -45.86 39.26 -36.46
CA ALA EA 84 -46.44 40.12 -37.48
C ALA EA 84 -47.61 39.44 -38.18
N ILE EA 85 -47.46 38.15 -38.48
CA ILE EA 85 -48.54 37.41 -39.14
C ILE EA 85 -49.78 37.36 -38.26
N GLU EA 86 -49.58 37.10 -36.96
CA GLU EA 86 -50.73 37.08 -36.06
C GLU EA 86 -51.42 38.43 -36.00
N VAL EA 87 -50.63 39.51 -35.92
CA VAL EA 87 -51.23 40.85 -35.85
C VAL EA 87 -52.01 41.15 -37.12
N VAL EA 88 -51.44 40.81 -38.28
CA VAL EA 88 -52.13 41.10 -39.54
C VAL EA 88 -53.39 40.26 -39.68
N LYS EA 89 -53.36 39.01 -39.20
CA LYS EA 89 -54.56 38.20 -39.19
C LYS EA 89 -55.65 38.84 -38.33
N GLU EA 90 -55.26 39.38 -37.18
CA GLU EA 90 -56.22 40.09 -36.34
C GLU EA 90 -56.77 41.31 -37.06
N ILE EA 91 -55.92 42.04 -37.78
CA ILE EA 91 -56.36 43.21 -38.53
C ILE EA 91 -57.39 42.81 -39.58
N LYS EA 92 -57.10 41.72 -40.31
CA LYS EA 92 -58.02 41.27 -41.35
C LYS EA 92 -59.35 40.83 -40.75
N ALA EA 93 -59.32 40.14 -39.61
CA ALA EA 93 -60.56 39.73 -38.96
C ALA EA 93 -61.36 40.95 -38.53
N LYS EA 94 -60.69 41.96 -37.97
CA LYS EA 94 -61.40 43.17 -37.56
C LYS EA 94 -62.02 43.88 -38.76
N LEU EA 95 -61.29 43.96 -39.87
CA LEU EA 95 -61.81 44.67 -41.04
C LEU EA 95 -62.98 43.92 -41.66
N VAL EA 96 -62.90 42.59 -41.76
CA VAL EA 96 -64.01 41.84 -42.33
C VAL EA 96 -65.20 41.85 -41.40
N ALA EA 97 -64.98 42.03 -40.10
CA ALA EA 97 -66.09 42.29 -39.20
C ALA EA 97 -66.69 43.68 -39.46
N ALA EA 98 -65.83 44.66 -39.76
CA ALA EA 98 -66.26 46.03 -39.95
C ALA EA 98 -66.86 46.29 -41.32
N THR EA 99 -66.81 45.33 -42.25
CA THR EA 99 -67.40 45.56 -43.57
C THR EA 99 -68.90 45.82 -43.47
N GLU EA 100 -69.54 45.38 -42.39
CA GLU EA 100 -70.93 45.73 -42.15
C GLU EA 100 -71.09 47.23 -41.98
N ASP EA 101 -72.16 47.78 -42.55
CA ASP EA 101 -72.44 49.20 -42.42
C ASP EA 101 -73.06 49.58 -41.09
N GLY EA 102 -73.52 48.60 -40.31
CA GLY EA 102 -74.14 48.86 -39.02
C GLY EA 102 -73.18 49.05 -37.88
N VAL EA 103 -71.88 48.99 -38.14
CA VAL EA 103 -70.85 49.14 -37.12
C VAL EA 103 -70.11 50.45 -37.37
N ASP EA 104 -70.00 51.27 -36.32
CA ASP EA 104 -69.27 52.53 -36.43
C ASP EA 104 -67.81 52.23 -36.77
N LYS EA 105 -67.29 52.95 -37.76
CA LYS EA 105 -65.95 52.67 -38.29
C LYS EA 105 -64.84 53.39 -37.55
N ALA EA 106 -65.17 54.32 -36.65
CA ALA EA 106 -64.13 55.01 -35.89
C ALA EA 106 -63.41 54.06 -34.94
N LYS EA 107 -64.17 53.21 -34.25
CA LYS EA 107 -63.56 52.25 -33.33
C LYS EA 107 -62.65 51.29 -34.08
N ILE EA 108 -63.11 50.78 -35.22
CA ILE EA 108 -62.28 49.88 -36.01
C ILE EA 108 -61.05 50.61 -36.53
N GLN EA 109 -61.22 51.87 -36.93
CA GLN EA 109 -60.08 52.64 -37.42
C GLN EA 109 -59.02 52.82 -36.35
N GLU EA 110 -59.42 53.16 -35.13
CA GLU EA 110 -58.44 53.31 -34.07
C GLU EA 110 -57.82 51.98 -33.67
N GLU EA 111 -58.60 50.89 -33.69
CA GLU EA 111 -58.01 49.57 -33.45
C GLU EA 111 -56.96 49.24 -34.49
N ILE EA 112 -57.25 49.51 -35.76
CA ILE EA 112 -56.28 49.25 -36.83
C ILE EA 112 -55.07 50.15 -36.68
N THR EA 113 -55.26 51.39 -36.23
CA THR EA 113 -54.11 52.27 -35.98
C THR EA 113 -53.22 51.69 -34.89
N GLN EA 114 -53.82 51.21 -33.80
CA GLN EA 114 -53.04 50.58 -32.74
C GLN EA 114 -52.31 49.34 -33.26
N LEU EA 115 -52.98 48.53 -34.07
CA LEU EA 115 -52.34 47.33 -34.59
C LEU EA 115 -51.21 47.67 -35.56
N LYS EA 116 -51.37 48.76 -36.32
CA LYS EA 116 -50.29 49.20 -37.21
C LYS EA 116 -49.08 49.69 -36.41
N ASP EA 117 -49.34 50.42 -35.32
CA ASP EA 117 -48.23 50.82 -34.45
C ASP EA 117 -47.54 49.59 -33.86
N GLN EA 118 -48.32 48.57 -33.47
CA GLN EA 118 -47.75 47.33 -32.97
C GLN EA 118 -46.89 46.66 -34.04
N LEU EA 119 -47.38 46.65 -35.28
CA LEU EA 119 -46.60 46.06 -36.38
C LEU EA 119 -45.28 46.80 -36.57
N THR EA 120 -45.32 48.13 -36.53
CA THR EA 120 -44.08 48.91 -36.68
C THR EA 120 -43.12 48.62 -35.54
N SER EA 121 -43.63 48.54 -34.31
CA SER EA 121 -42.77 48.25 -33.16
C SER EA 121 -42.16 46.86 -33.27
N ILE EA 122 -42.94 45.87 -33.71
CA ILE EA 122 -42.41 44.53 -33.90
C ILE EA 122 -41.34 44.52 -34.98
N ALA EA 123 -41.58 45.24 -36.08
CA ALA EA 123 -40.61 45.28 -37.17
C ALA EA 123 -39.30 45.91 -36.73
N ASP EA 124 -39.37 47.02 -35.99
CA ASP EA 124 -38.13 47.70 -35.61
C ASP EA 124 -37.46 47.09 -34.38
N ALA EA 125 -38.17 46.27 -33.61
CA ALA EA 125 -37.60 45.71 -32.39
C ALA EA 125 -37.00 44.33 -32.60
N ALA EA 126 -37.45 43.59 -33.61
CA ALA EA 126 -36.96 42.23 -33.85
C ALA EA 126 -35.58 42.28 -34.51
N SER EA 127 -34.61 42.73 -33.73
CA SER EA 127 -33.22 42.83 -34.16
C SER EA 127 -32.34 42.09 -33.17
N PHE EA 128 -31.58 41.12 -33.65
CA PHE EA 128 -30.70 40.36 -32.76
C PHE EA 128 -29.40 41.12 -32.49
N SER EA 129 -28.58 41.31 -33.51
CA SER EA 129 -27.29 41.97 -33.39
C SER EA 129 -27.15 43.04 -34.46
N GLY EA 130 -28.17 43.87 -34.58
CA GLY EA 130 -28.21 44.89 -35.63
C GLY EA 130 -28.72 44.38 -36.95
N GLU EA 131 -28.19 43.26 -37.42
CA GLU EA 131 -28.68 42.65 -38.65
C GLU EA 131 -29.97 41.89 -38.37
N ASN EA 132 -31.10 42.56 -38.60
CA ASN EA 132 -32.41 42.03 -38.23
C ASN EA 132 -33.12 41.29 -39.34
N TRP EA 133 -32.60 41.31 -40.57
CA TRP EA 133 -33.21 40.65 -41.73
C TRP EA 133 -34.61 41.17 -42.01
N LEU EA 134 -34.98 42.31 -41.42
CA LEU EA 134 -36.29 42.91 -41.62
C LEU EA 134 -36.13 44.42 -41.66
N GLN EA 135 -37.08 45.07 -42.32
CA GLN EA 135 -37.10 46.53 -42.43
C GLN EA 135 -35.78 47.03 -43.01
N ALA EA 136 -35.48 46.54 -44.20
CA ALA EA 136 -34.23 46.83 -44.88
C ALA EA 136 -34.36 48.05 -45.79
N ASP EA 137 -33.28 48.37 -46.49
CA ASP EA 137 -33.23 49.47 -47.44
C ASP EA 137 -33.38 48.91 -48.85
N LEU EA 138 -34.50 49.20 -49.49
CA LEU EA 138 -34.78 48.72 -50.84
C LEU EA 138 -34.51 49.75 -51.91
N SER EA 139 -33.82 50.85 -51.57
CA SER EA 139 -33.48 51.85 -52.58
C SER EA 139 -32.56 51.26 -53.64
N GLY EA 140 -31.60 50.44 -53.23
CA GLY EA 140 -30.74 49.77 -54.19
C GLY EA 140 -31.48 48.80 -55.09
N GLY EA 141 -32.50 48.14 -54.55
CA GLY EA 141 -33.30 47.22 -55.34
C GLY EA 141 -33.37 45.82 -54.74
N ALA EA 142 -32.26 45.34 -54.19
CA ALA EA 142 -32.23 44.00 -53.60
C ALA EA 142 -31.01 43.89 -52.71
N VAL EA 143 -31.21 43.41 -51.48
CA VAL EA 143 -30.13 43.15 -50.55
C VAL EA 143 -30.20 41.69 -50.12
N THR EA 144 -29.04 41.04 -50.07
CA THR EA 144 -28.95 39.62 -49.77
C THR EA 144 -28.13 39.42 -48.51
N LYS EA 145 -28.73 38.81 -47.50
CA LYS EA 145 -28.04 38.44 -46.27
C LYS EA 145 -27.51 37.02 -46.38
N SER EA 146 -26.30 36.80 -45.87
CA SER EA 146 -25.63 35.52 -45.99
C SER EA 146 -25.24 34.98 -44.62
N VAL EA 147 -25.34 33.67 -44.47
CA VAL EA 147 -24.94 32.97 -43.26
C VAL EA 147 -23.84 31.98 -43.62
N VAL EA 148 -22.74 32.01 -42.87
CA VAL EA 148 -21.61 31.13 -43.15
C VAL EA 148 -22.06 29.68 -43.00
N GLY EA 149 -22.00 28.94 -44.10
CA GLY EA 149 -22.47 27.56 -44.08
C GLY EA 149 -21.39 26.53 -43.85
N SER EA 150 -20.33 26.57 -44.64
CA SER EA 150 -19.26 25.58 -44.53
C SER EA 150 -17.97 26.17 -45.07
N PHE EA 151 -16.86 25.54 -44.70
CA PHE EA 151 -15.54 25.87 -45.21
C PHE EA 151 -15.08 24.71 -46.09
N VAL EA 152 -14.81 25.00 -47.36
CA VAL EA 152 -14.54 23.98 -48.36
C VAL EA 152 -13.16 24.22 -48.94
N ARG EA 153 -12.33 23.16 -48.96
CA ARG EA 153 -11.03 23.19 -49.60
C ARG EA 153 -11.14 22.49 -50.94
N ASP EA 154 -11.06 23.26 -52.02
CA ASP EA 154 -11.16 22.71 -53.36
C ASP EA 154 -9.97 21.80 -53.65
N GLY EA 155 -10.21 20.77 -54.46
CA GLY EA 155 -9.16 19.81 -54.77
C GLY EA 155 -7.96 20.44 -55.47
N SER EA 156 -8.20 21.46 -56.29
CA SER EA 156 -7.12 22.10 -57.04
C SER EA 156 -6.43 23.18 -56.22
N GLY EA 157 -6.01 22.83 -55.02
CA GLY EA 157 -5.19 23.69 -54.18
C GLY EA 157 -5.77 25.06 -53.89
N SER EA 158 -7.05 25.11 -53.50
CA SER EA 158 -7.68 26.38 -53.17
C SER EA 158 -8.79 26.14 -52.16
N VAL EA 159 -9.15 27.20 -51.44
CA VAL EA 159 -10.18 27.14 -50.42
C VAL EA 159 -11.15 28.31 -50.60
N ALA EA 160 -12.32 28.16 -50.02
CA ALA EA 160 -13.35 29.18 -50.06
C ALA EA 160 -14.34 28.91 -48.93
N VAL EA 161 -15.22 29.88 -48.70
CA VAL EA 161 -16.26 29.77 -47.69
C VAL EA 161 -17.62 29.85 -48.38
N LYS EA 162 -18.51 28.93 -48.02
CA LYS EA 162 -19.84 28.87 -48.59
C LYS EA 162 -20.84 29.58 -47.68
N LYS EA 163 -21.87 30.15 -48.28
CA LYS EA 163 -22.86 30.93 -47.56
C LYS EA 163 -24.26 30.54 -48.01
N VAL EA 164 -25.21 30.76 -47.12
CA VAL EA 164 -26.63 30.55 -47.40
C VAL EA 164 -27.28 31.92 -47.58
N ASP EA 165 -27.90 32.13 -48.74
CA ASP EA 165 -28.37 33.44 -49.13
C ASP EA 165 -29.87 33.56 -48.88
N TYR EA 166 -30.27 34.65 -48.23
CA TYR EA 166 -31.67 35.00 -48.03
C TYR EA 166 -31.92 36.35 -48.68
N SER EA 167 -32.85 36.39 -49.64
CA SER EA 167 -33.08 37.60 -50.43
C SER EA 167 -34.14 38.45 -49.77
N LEU EA 168 -33.79 39.70 -49.47
CA LEU EA 168 -34.73 40.67 -48.91
C LEU EA 168 -35.26 41.54 -50.05
N ASN EA 169 -36.15 40.96 -50.84
CA ASN EA 169 -36.74 41.65 -51.97
C ASN EA 169 -37.96 42.44 -51.52
N ALA EA 170 -38.77 42.90 -52.47
CA ALA EA 170 -39.98 43.66 -52.18
C ALA EA 170 -41.13 42.79 -51.70
N ASN EA 171 -40.86 41.53 -51.36
CA ASN EA 171 -41.90 40.62 -50.89
C ASN EA 171 -41.79 40.25 -49.42
N SER EA 172 -40.61 40.39 -48.83
CA SER EA 172 -40.39 40.04 -47.42
C SER EA 172 -39.53 41.10 -46.74
N VAL EA 173 -39.86 42.37 -46.96
CA VAL EA 173 -39.03 43.46 -46.47
C VAL EA 173 -39.57 44.00 -45.15
N LEU EA 174 -40.90 43.97 -44.97
CA LEU EA 174 -41.50 44.42 -43.73
C LEU EA 174 -41.16 45.87 -43.40
N PHE EA 175 -41.79 46.82 -44.11
CA PHE EA 175 -41.62 48.25 -43.89
C PHE EA 175 -40.26 48.78 -44.29
N ASP EA 176 -39.94 48.72 -45.59
CA ASP EA 176 -38.76 49.38 -46.16
C ASP EA 176 -38.57 50.78 -45.60
N THR EA 177 -37.33 51.11 -45.26
CA THR EA 177 -37.01 52.31 -44.50
C THR EA 177 -36.97 53.59 -45.33
N VAL EA 178 -36.84 53.51 -46.65
CA VAL EA 178 -36.59 54.71 -47.42
C VAL EA 178 -37.75 55.02 -48.36
N GLY EA 179 -37.98 54.16 -49.34
CA GLY EA 179 -38.99 54.43 -50.35
C GLY EA 179 -40.38 53.95 -50.03
N ASP EA 180 -40.54 53.19 -48.94
CA ASP EA 180 -41.82 52.58 -48.60
C ASP EA 180 -42.35 51.72 -49.73
N THR EA 181 -41.43 51.11 -50.47
CA THR EA 181 -41.75 50.20 -51.56
C THR EA 181 -41.30 48.79 -51.14
N GLY EA 182 -42.26 47.89 -51.02
CA GLY EA 182 -42.00 46.55 -50.53
C GLY EA 182 -43.30 45.81 -50.29
N ILE EA 183 -43.44 45.20 -49.11
CA ILE EA 183 -44.72 44.61 -48.74
C ILE EA 183 -45.81 45.68 -48.75
N LEU EA 184 -45.48 46.88 -48.30
CA LEU EA 184 -46.41 48.00 -48.36
C LEU EA 184 -46.56 48.52 -49.78
N ASP EA 185 -47.70 49.16 -50.04
CA ASP EA 185 -47.94 49.97 -51.24
C ASP EA 185 -48.07 49.06 -52.46
N LYS EA 186 -47.82 47.77 -52.30
CA LYS EA 186 -47.99 46.82 -53.39
C LYS EA 186 -49.33 46.12 -53.23
N VAL EA 187 -50.03 45.93 -54.34
CA VAL EA 187 -51.35 45.32 -54.29
C VAL EA 187 -51.29 43.86 -54.74
N TYR EA 188 -50.83 43.61 -55.97
CA TYR EA 188 -50.84 42.27 -56.57
C TYR EA 188 -52.19 41.59 -56.38
N ASN EA 189 -53.27 42.38 -56.40
CA ASN EA 189 -54.59 41.85 -56.06
C ASN EA 189 -55.06 40.86 -57.10
N VAL EA 190 -55.71 39.80 -56.63
CA VAL EA 190 -56.15 38.72 -57.52
C VAL EA 190 -57.27 39.22 -58.45
N SER EA 191 -58.13 40.10 -57.96
CA SER EA 191 -59.27 40.54 -58.75
C SER EA 191 -59.60 41.98 -58.38
N GLN EA 192 -60.79 42.43 -58.78
CA GLN EA 192 -61.26 43.79 -58.56
C GLN EA 192 -62.69 43.73 -58.04
N ALA EA 193 -63.10 44.83 -57.40
CA ALA EA 193 -64.47 44.91 -56.90
C ALA EA 193 -65.47 44.76 -58.04
N SER EA 194 -66.48 43.92 -57.82
CA SER EA 194 -67.44 43.58 -58.86
C SER EA 194 -68.85 43.69 -58.31
N VAL EA 195 -69.80 43.97 -59.21
CA VAL EA 195 -71.21 44.06 -58.87
C VAL EA 195 -72.02 43.36 -59.95
N THR EA 196 -73.01 42.59 -59.55
CA THR EA 196 -73.90 41.88 -60.46
C THR EA 196 -75.16 42.71 -60.66
N LEU EA 197 -75.47 43.02 -61.92
CA LEU EA 197 -76.56 43.90 -62.25
C LEU EA 197 -77.66 43.15 -62.98
N THR EA 198 -78.87 43.71 -62.91
CA THR EA 198 -80.04 43.19 -63.62
C THR EA 198 -80.33 44.16 -64.76
N VAL EA 199 -79.67 43.94 -65.90
CA VAL EA 199 -79.80 44.79 -67.08
C VAL EA 199 -80.31 43.94 -68.22
N ASN EA 200 -81.39 44.41 -68.86
CA ASN EA 200 -82.00 43.71 -69.98
C ASN EA 200 -81.59 44.39 -71.28
N THR EA 201 -80.77 43.71 -72.07
CA THR EA 201 -80.42 44.22 -73.38
C THR EA 201 -81.64 44.31 -74.28
N ASN EA 202 -82.52 43.31 -74.20
CA ASN EA 202 -83.76 43.29 -74.96
C ASN EA 202 -84.94 43.12 -74.02
N GLY EA 203 -86.12 42.81 -74.57
CA GLY EA 203 -87.31 42.63 -73.76
C GLY EA 203 -87.19 41.60 -72.66
N VAL EA 204 -86.22 40.70 -72.78
CA VAL EA 204 -85.97 39.68 -71.77
C VAL EA 204 -84.84 40.14 -70.86
N GLU EA 205 -84.99 39.89 -69.56
CA GLU EA 205 -84.00 40.29 -68.57
C GLU EA 205 -82.82 39.32 -68.58
N SER EA 206 -81.69 39.80 -68.04
CA SER EA 206 -80.48 39.00 -67.99
C SER EA 206 -79.61 39.50 -66.85
N GLN EA 207 -78.65 38.66 -66.45
CA GLN EA 207 -77.71 38.96 -65.38
C GLN EA 207 -76.34 39.23 -65.99
N HIS EA 208 -75.72 40.32 -65.57
CA HIS EA 208 -74.40 40.71 -66.07
C HIS EA 208 -73.50 41.08 -64.90
N THR EA 209 -72.20 40.85 -65.08
CA THR EA 209 -71.19 41.15 -64.09
C THR EA 209 -70.26 42.24 -64.64
N VAL EA 210 -70.12 43.33 -63.89
CA VAL EA 210 -69.29 44.45 -64.29
C VAL EA 210 -68.52 44.94 -63.06
N ALA EA 211 -67.27 45.37 -63.29
CA ALA EA 211 -66.45 45.87 -62.20
C ALA EA 211 -67.03 47.16 -61.63
N ALA EA 212 -66.88 47.31 -60.31
CA ALA EA 212 -67.40 48.48 -59.61
C ALA EA 212 -66.26 49.39 -59.19
N TYR EA 213 -66.52 50.70 -59.24
CA TYR EA 213 -65.54 51.71 -58.90
C TYR EA 213 -66.02 52.53 -57.72
N SER EA 214 -65.15 52.72 -56.73
CA SER EA 214 -65.49 53.53 -55.57
C SER EA 214 -65.63 55.00 -55.96
N LEU EA 215 -66.60 55.68 -55.33
CA LEU EA 215 -66.80 57.09 -55.61
C LEU EA 215 -65.59 57.92 -55.21
N GLU EA 216 -64.87 57.49 -54.17
CA GLU EA 216 -63.67 58.22 -53.75
C GLU EA 216 -62.62 58.22 -54.86
N SER EA 217 -62.44 57.08 -55.53
CA SER EA 217 -61.46 57.02 -56.61
C SER EA 217 -61.80 57.98 -57.74
N LEU EA 218 -63.09 58.07 -58.09
CA LEU EA 218 -63.51 59.00 -59.14
C LEU EA 218 -63.32 60.44 -58.70
N THR EA 219 -63.80 60.79 -57.51
CA THR EA 219 -63.73 62.18 -57.06
C THR EA 219 -62.31 62.63 -56.76
N GLU EA 220 -61.38 61.70 -56.53
CA GLU EA 220 -60.00 62.08 -56.24
C GLU EA 220 -59.31 62.61 -57.48
N ALA EA 221 -59.62 62.05 -58.65
CA ALA EA 221 -58.95 62.39 -59.89
C ALA EA 221 -59.60 63.56 -60.61
N GLY EA 222 -60.38 64.38 -59.92
CA GLY EA 222 -61.00 65.54 -60.54
C GLY EA 222 -62.08 65.18 -61.53
N ALA EA 223 -63.19 64.62 -61.03
CA ALA EA 223 -64.27 64.14 -61.88
C ALA EA 223 -65.45 65.11 -61.81
N GLU EA 224 -65.93 65.53 -62.97
CA GLU EA 224 -67.17 66.30 -63.04
C GLU EA 224 -68.35 65.38 -62.78
N PHE EA 225 -69.38 65.93 -62.15
CA PHE EA 225 -70.57 65.16 -61.79
C PHE EA 225 -71.83 65.91 -62.18
N GLN EA 226 -72.86 65.14 -62.52
CA GLN EA 226 -74.18 65.70 -62.81
C GLN EA 226 -75.20 64.60 -62.61
N GLY EA 227 -76.03 64.73 -61.57
CA GLY EA 227 -77.00 63.70 -61.27
C GLY EA 227 -76.34 62.38 -60.92
N ASN EA 228 -76.46 61.40 -61.81
CA ASN EA 228 -75.83 60.10 -61.64
C ASN EA 228 -74.82 59.85 -62.77
N TYR EA 229 -74.04 60.87 -63.10
CA TYR EA 229 -73.05 60.79 -64.17
C TYR EA 229 -71.70 61.29 -63.67
N ALA EA 230 -70.63 60.68 -64.18
CA ALA EA 230 -69.26 61.08 -63.88
C ALA EA 230 -68.47 61.17 -65.16
N LEU EA 231 -67.60 62.18 -65.25
CA LEU EA 231 -66.77 62.43 -66.43
C LEU EA 231 -65.33 62.72 -65.98
N GLN EA 232 -64.78 61.78 -65.19
CA GLN EA 232 -63.42 61.92 -64.70
C GLN EA 232 -62.45 62.28 -65.82
N GLY EA 233 -62.37 61.44 -66.84
CA GLY EA 233 -61.53 61.72 -67.99
C GLY EA 233 -62.25 61.39 -69.27
N GLY EA 234 -61.57 60.69 -70.19
CA GLY EA 234 -62.26 60.16 -71.35
C GLY EA 234 -63.32 59.15 -70.98
N ASN EA 235 -63.07 58.36 -69.94
CA ASN EA 235 -64.05 57.39 -69.48
C ASN EA 235 -65.25 58.09 -68.83
N SER EA 236 -66.41 57.46 -68.94
CA SER EA 236 -67.65 57.99 -68.38
C SER EA 236 -68.23 56.96 -67.43
N TYR EA 237 -68.61 57.40 -66.23
CA TYR EA 237 -69.18 56.53 -65.22
C TYR EA 237 -70.59 56.98 -64.87
N VAL EA 238 -71.45 56.01 -64.60
CA VAL EA 238 -72.82 56.27 -64.17
C VAL EA 238 -73.11 55.41 -62.95
N LYS EA 239 -74.10 55.85 -62.17
CA LYS EA 239 -74.54 55.15 -60.97
C LYS EA 239 -75.82 54.40 -61.29
N VAL EA 240 -75.82 53.08 -61.06
CA VAL EA 240 -76.97 52.25 -61.39
C VAL EA 240 -77.92 52.13 -60.19
N GLU EA 241 -77.44 51.61 -59.06
CA GLU EA 241 -78.17 51.70 -57.80
C GLU EA 241 -77.35 52.40 -56.72
N ASN EA 242 -76.14 51.92 -56.44
CA ASN EA 242 -75.28 52.56 -55.45
C ASN EA 242 -73.82 52.63 -55.85
N VAL EA 243 -73.38 51.90 -56.89
CA VAL EA 243 -71.98 51.84 -57.27
C VAL EA 243 -71.82 52.44 -58.66
N TRP EA 244 -70.66 53.03 -58.91
CA TRP EA 244 -70.35 53.65 -60.18
C TRP EA 244 -69.66 52.63 -61.10
N VAL EA 245 -70.19 52.49 -62.31
CA VAL EA 245 -69.66 51.54 -63.28
C VAL EA 245 -69.45 52.27 -64.61
N ARG EA 246 -68.60 51.68 -65.45
CA ARG EA 246 -68.31 52.27 -66.75
C ARG EA 246 -69.56 52.32 -67.61
N ALA EA 247 -69.74 53.43 -68.32
CA ALA EA 247 -70.84 53.62 -69.23
C ALA EA 247 -70.32 53.90 -70.64
N GLU EA 248 -71.24 53.93 -71.60
CA GLU EA 248 -70.90 54.23 -72.97
C GLU EA 248 -72.06 54.97 -73.61
N THR EA 249 -71.77 55.65 -74.72
CA THR EA 249 -72.76 56.47 -75.39
C THR EA 249 -73.83 55.59 -76.03
N ALA EA 250 -74.93 56.23 -76.44
CA ALA EA 250 -76.00 55.53 -77.12
C ALA EA 250 -75.56 55.12 -78.52
N ALA EA 251 -76.34 54.25 -79.14
CA ALA EA 251 -76.07 53.70 -80.47
C ALA EA 251 -74.75 52.96 -80.54
N THR EA 252 -74.25 52.48 -79.40
CA THR EA 252 -73.03 51.68 -79.35
C THR EA 252 -73.26 50.26 -78.88
N GLY EA 253 -74.37 49.97 -78.20
CA GLY EA 253 -74.73 48.61 -77.86
C GLY EA 253 -75.51 47.96 -78.99
N ALA EA 254 -76.36 48.75 -79.64
CA ALA EA 254 -77.14 48.31 -80.80
C ALA EA 254 -78.06 47.13 -80.46
N THR EA 255 -78.53 47.06 -79.22
CA THR EA 255 -79.44 46.01 -78.80
C THR EA 255 -80.72 46.54 -78.15
N GLY EA 256 -80.87 47.85 -78.00
CA GLY EA 256 -81.99 48.38 -77.26
C GLY EA 256 -81.85 48.23 -75.75
N GLN EA 257 -80.62 48.26 -75.25
CA GLN EA 257 -80.37 48.06 -73.83
C GLN EA 257 -81.00 49.17 -73.01
N GLU EA 258 -81.42 48.82 -71.79
CA GLU EA 258 -82.05 49.78 -70.90
C GLU EA 258 -81.15 50.99 -70.67
N ILE EA 259 -81.72 52.19 -70.81
CA ILE EA 259 -80.93 53.41 -70.72
C ILE EA 259 -80.55 53.66 -69.27
N ALA EA 260 -79.25 53.94 -69.05
CA ALA EA 260 -78.78 54.21 -67.70
C ALA EA 260 -79.14 55.63 -67.25
N ALA EA 261 -78.69 56.65 -67.99
CA ALA EA 261 -78.98 58.02 -67.63
C ALA EA 261 -78.82 58.90 -68.87
N THR EA 262 -79.45 60.07 -68.81
CA THR EA 262 -79.37 61.08 -69.86
C THR EA 262 -78.84 62.38 -69.27
N THR EA 263 -77.92 63.02 -69.99
CA THR EA 263 -77.29 64.23 -69.52
C THR EA 263 -77.50 65.35 -70.55
N THR EA 264 -77.09 66.56 -70.16
CA THR EA 264 -77.16 67.72 -71.03
C THR EA 264 -75.79 68.37 -71.14
N ALA EA 265 -75.71 69.57 -71.72
CA ALA EA 265 -74.43 70.24 -71.90
C ALA EA 265 -73.76 70.50 -70.56
N ALA EA 266 -74.35 71.37 -69.75
CA ALA EA 266 -73.88 71.64 -68.39
C ALA EA 266 -72.38 71.86 -68.32
N GLY EA 267 -71.86 72.64 -69.28
CA GLY EA 267 -70.45 72.90 -69.35
C GLY EA 267 -69.71 72.01 -70.33
N THR EA 268 -68.85 71.14 -69.82
CA THR EA 268 -68.02 70.26 -70.65
C THR EA 268 -68.52 68.82 -70.65
N ILE EA 269 -69.85 68.63 -70.63
CA ILE EA 269 -70.45 67.30 -70.64
C ILE EA 269 -71.27 67.17 -71.92
N THR EA 270 -70.96 66.17 -72.72
CA THR EA 270 -71.71 65.94 -73.95
C THR EA 270 -73.12 65.46 -73.63
N ALA EA 271 -74.10 66.00 -74.36
CA ALA EA 271 -75.49 65.63 -74.17
C ALA EA 271 -75.77 64.34 -74.92
N ASP EA 272 -75.98 63.25 -74.18
CA ASP EA 272 -76.22 61.96 -74.80
C ASP EA 272 -76.98 61.07 -73.82
N SER EA 273 -77.55 59.99 -74.35
CA SER EA 273 -78.27 59.01 -73.54
C SER EA 273 -77.30 57.88 -73.23
N TRP EA 274 -76.57 58.03 -72.11
CA TRP EA 274 -75.56 57.05 -71.74
C TRP EA 274 -76.21 55.76 -71.27
N VAL EA 275 -75.56 54.64 -71.57
CA VAL EA 275 -76.05 53.31 -71.24
C VAL EA 275 -74.93 52.56 -70.52
N VAL EA 276 -75.32 51.60 -69.68
CA VAL EA 276 -74.34 50.81 -68.94
C VAL EA 276 -73.52 49.99 -69.92
N ASP EA 277 -72.20 50.07 -69.78
CA ASP EA 277 -71.29 49.40 -70.70
C ASP EA 277 -71.13 47.95 -70.27
N VAL EA 278 -71.85 47.04 -70.94
CA VAL EA 278 -71.71 45.62 -70.68
C VAL EA 278 -70.34 45.17 -71.19
N GLY EA 279 -69.60 44.49 -70.33
CA GLY EA 279 -68.24 44.10 -70.67
C GLY EA 279 -67.26 44.58 -69.62
N ASN EA 280 -66.01 44.83 -70.04
CA ASN EA 280 -64.93 45.30 -69.17
C ASN EA 280 -64.98 44.63 -67.80
N ALA EA 281 -64.97 43.30 -67.81
CA ALA EA 281 -65.09 42.54 -66.59
C ALA EA 281 -63.91 42.82 -65.66
N PRO EA 282 -64.11 42.66 -64.34
CA PRO EA 282 -63.02 42.92 -63.39
C PRO EA 282 -61.71 42.23 -63.76
N ALA EA 283 -60.68 43.01 -64.04
CA ALA EA 283 -59.38 42.49 -64.44
C ALA EA 283 -58.43 42.48 -63.25
N ALA EA 284 -57.51 41.52 -63.27
CA ALA EA 284 -56.54 41.39 -62.20
C ALA EA 284 -55.46 42.48 -62.33
N ASN EA 285 -54.67 42.61 -61.27
CA ASN EA 285 -53.54 43.54 -61.22
C ASN EA 285 -54.00 44.99 -61.44
N VAL EA 286 -54.83 45.46 -60.51
CA VAL EA 286 -55.29 46.84 -60.50
C VAL EA 286 -55.05 47.40 -59.10
N SER EA 287 -54.69 48.68 -59.03
CA SER EA 287 -54.34 49.30 -57.76
C SER EA 287 -55.54 49.29 -56.81
N ALA EA 288 -55.28 48.89 -55.57
CA ALA EA 288 -56.32 48.85 -54.55
C ALA EA 288 -56.43 50.22 -53.88
N GLY EA 289 -57.20 50.29 -52.80
CA GLY EA 289 -57.43 51.56 -52.12
C GLY EA 289 -56.22 52.10 -51.40
N GLN EA 290 -55.80 51.44 -50.33
CA GLN EA 290 -54.74 51.92 -49.47
C GLN EA 290 -53.80 50.78 -49.12
N SER EA 291 -52.58 51.13 -48.72
CA SER EA 291 -51.61 50.15 -48.29
C SER EA 291 -51.90 49.70 -46.86
N VAL EA 292 -51.14 48.70 -46.41
CA VAL EA 292 -51.33 48.17 -45.06
C VAL EA 292 -50.99 49.21 -44.01
N ALA EA 293 -49.88 49.94 -44.20
CA ALA EA 293 -49.44 50.92 -43.22
C ALA EA 293 -50.30 52.17 -43.19
N ASN EA 294 -51.18 52.36 -44.16
CA ASN EA 294 -52.00 53.58 -44.26
C ASN EA 294 -53.47 53.22 -44.41
N ILE EA 295 -53.94 52.32 -43.54
CA ILE EA 295 -55.33 51.87 -43.59
C ILE EA 295 -56.21 52.92 -42.92
N ASN EA 296 -57.14 53.50 -43.68
CA ASN EA 296 -58.07 54.50 -43.17
C ASN EA 296 -59.44 54.17 -43.77
N ILE EA 297 -60.34 53.62 -42.95
CA ILE EA 297 -61.55 53.00 -43.45
C ILE EA 297 -62.81 53.77 -43.06
N VAL EA 298 -62.68 55.00 -42.57
CA VAL EA 298 -63.86 55.75 -42.16
C VAL EA 298 -64.53 56.34 -43.40
N GLY EA 299 -65.83 56.09 -43.54
CA GLY EA 299 -66.59 56.59 -44.66
C GLY EA 299 -66.14 56.06 -46.00
N MET EA 300 -65.84 54.76 -46.08
CA MET EA 300 -65.35 54.18 -47.32
C MET EA 300 -66.44 54.11 -48.38
N GLY EA 301 -67.63 53.68 -47.99
CA GLY EA 301 -68.72 53.51 -48.93
C GLY EA 301 -68.98 52.08 -49.37
N ALA EA 302 -68.29 51.10 -48.79
CA ALA EA 302 -68.49 49.68 -49.09
C ALA EA 302 -68.25 49.34 -50.55
N ALA EA 303 -67.36 50.09 -51.22
CA ALA EA 303 -67.01 49.83 -52.61
C ALA EA 303 -65.58 49.38 -52.78
N ALA EA 304 -64.62 50.11 -52.20
CA ALA EA 304 -63.22 49.71 -52.25
C ALA EA 304 -62.82 48.80 -51.09
N LEU EA 305 -63.76 48.48 -50.19
CA LEU EA 305 -63.45 47.57 -49.09
C LEU EA 305 -63.06 46.20 -49.61
N ASP EA 306 -63.66 45.74 -50.71
CA ASP EA 306 -63.26 44.47 -51.30
C ASP EA 306 -61.81 44.53 -51.79
N ALA EA 307 -61.42 45.65 -52.40
CA ALA EA 307 -60.03 45.81 -52.82
C ALA EA 307 -59.10 45.83 -51.62
N LEU EA 308 -59.51 46.49 -50.54
CA LEU EA 308 -58.69 46.50 -49.33
C LEU EA 308 -58.53 45.10 -48.76
N ILE EA 309 -59.61 44.32 -48.74
CA ILE EA 309 -59.54 42.94 -48.26
C ILE EA 309 -58.60 42.12 -49.14
N SER EA 310 -58.70 42.30 -50.46
CA SER EA 310 -57.82 41.57 -51.36
C SER EA 310 -56.35 41.93 -51.12
N GLY EA 311 -56.06 43.22 -50.93
CA GLY EA 311 -54.70 43.62 -50.64
C GLY EA 311 -54.18 43.06 -49.32
N VAL EA 312 -55.03 43.07 -48.29
CA VAL EA 312 -54.65 42.50 -47.00
C VAL EA 312 -54.37 41.01 -47.14
N ASP EA 313 -55.22 40.29 -47.89
CA ASP EA 313 -55.00 38.87 -48.11
C ASP EA 313 -53.71 38.60 -48.86
N ALA EA 314 -53.42 39.43 -49.87
CA ALA EA 314 -52.17 39.27 -50.61
C ALA EA 314 -50.97 39.48 -49.70
N ALA EA 315 -51.02 40.51 -48.85
CA ALA EA 315 -49.93 40.75 -47.91
C ALA EA 315 -49.78 39.58 -46.94
N LEU EA 316 -50.90 39.04 -46.46
CA LEU EA 316 -50.85 37.91 -45.55
C LEU EA 316 -50.25 36.69 -46.21
N THR EA 317 -50.61 36.43 -47.47
CA THR EA 317 -50.02 35.30 -48.20
C THR EA 317 -48.53 35.50 -48.40
N ASP EA 318 -48.10 36.72 -48.73
CA ASP EA 318 -46.69 36.98 -48.91
C ASP EA 318 -45.92 36.77 -47.61
N MET EA 319 -46.48 37.23 -46.49
CA MET EA 319 -45.82 37.04 -45.20
C MET EA 319 -45.79 35.56 -44.80
N THR EA 320 -46.85 34.82 -45.12
CA THR EA 320 -46.83 33.38 -44.85
C THR EA 320 -45.74 32.69 -45.66
N SER EA 321 -45.57 33.08 -46.93
CA SER EA 321 -44.49 32.53 -47.73
C SER EA 321 -43.14 32.89 -47.15
N ALA EA 322 -42.99 34.13 -46.67
CA ALA EA 322 -41.74 34.54 -46.05
C ALA EA 322 -41.44 33.72 -44.80
N ALA EA 323 -42.46 33.47 -43.98
CA ALA EA 323 -42.28 32.67 -42.78
C ALA EA 323 -41.89 31.23 -43.13
N ALA EA 324 -42.52 30.67 -44.17
CA ALA EA 324 -42.14 29.33 -44.62
C ALA EA 324 -40.69 29.30 -45.10
N SER EA 325 -40.27 30.34 -45.83
CA SER EA 325 -38.88 30.42 -46.28
C SER EA 325 -37.93 30.52 -45.09
N LEU EA 326 -38.29 31.31 -44.08
CA LEU EA 326 -37.45 31.43 -42.90
C LEU EA 326 -37.34 30.10 -42.16
N GLY EA 327 -38.45 29.38 -42.04
CA GLY EA 327 -38.40 28.06 -41.43
C GLY EA 327 -37.52 27.09 -42.20
N SER EA 328 -37.62 27.13 -43.54
CA SER EA 328 -36.76 26.29 -44.36
C SER EA 328 -35.29 26.65 -44.17
N ILE EA 329 -34.99 27.94 -44.07
CA ILE EA 329 -33.61 28.38 -43.83
C ILE EA 329 -33.12 27.88 -42.48
N SER EA 330 -33.97 27.96 -41.46
CA SER EA 330 -33.57 27.47 -40.14
C SER EA 330 -33.30 25.98 -40.15
N SER EA 331 -34.17 25.21 -40.82
CA SER EA 331 -33.95 23.77 -40.94
C SER EA 331 -32.66 23.47 -41.68
N ARG EA 332 -32.38 24.23 -42.75
CA ARG EA 332 -31.14 24.04 -43.49
C ARG EA 332 -29.93 24.35 -42.62
N ILE EA 333 -30.02 25.40 -41.80
CA ILE EA 333 -28.92 25.73 -40.90
C ILE EA 333 -28.69 24.61 -39.88
N ASP EA 334 -29.78 24.05 -39.34
CA ASP EA 334 -29.64 22.94 -38.39
C ASP EA 334 -28.97 21.74 -39.05
N LEU EA 335 -29.42 21.39 -40.26
CA LEU EA 335 -28.83 20.26 -40.97
C LEU EA 335 -27.37 20.52 -41.29
N GLN EA 336 -27.05 21.76 -41.70
CA GLN EA 336 -25.67 22.11 -42.01
C GLN EA 336 -24.79 22.02 -40.77
N SER EA 337 -25.30 22.48 -39.62
CA SER EA 337 -24.53 22.38 -38.39
C SER EA 337 -24.26 20.93 -38.01
N GLU EA 338 -25.29 20.08 -38.13
CA GLU EA 338 -25.09 18.66 -37.82
C GLU EA 338 -24.06 18.04 -38.76
N PHE EA 339 -24.16 18.33 -40.06
CA PHE EA 339 -23.21 17.76 -41.01
C PHE EA 339 -21.80 18.29 -40.77
N VAL EA 340 -21.65 19.56 -40.44
CA VAL EA 340 -20.34 20.13 -40.19
C VAL EA 340 -19.72 19.49 -38.95
N ASN EA 341 -20.53 19.27 -37.91
CA ASN EA 341 -20.01 18.62 -36.71
C ASN EA 341 -19.57 17.18 -37.03
N LYS EA 342 -20.37 16.44 -37.80
CA LYS EA 342 -19.99 15.10 -38.18
C LYS EA 342 -18.71 15.10 -39.01
N LEU EA 343 -18.60 16.04 -39.95
CA LEU EA 343 -17.42 16.13 -40.79
C LEU EA 343 -16.18 16.48 -39.98
N SER EA 344 -16.30 17.41 -39.03
CA SER EA 344 -15.18 17.74 -38.17
C SER EA 344 -14.75 16.54 -37.32
N ASP EA 345 -15.73 15.79 -36.81
CA ASP EA 345 -15.39 14.58 -36.06
C ASP EA 345 -14.63 13.61 -36.93
N SER EA 346 -15.10 13.37 -38.16
CA SER EA 346 -14.42 12.45 -39.06
C SER EA 346 -13.01 12.94 -39.40
N ILE EA 347 -12.87 14.25 -39.65
CA ILE EA 347 -11.57 14.81 -40.00
C ILE EA 347 -10.58 14.62 -38.85
N GLU EA 348 -11.00 14.95 -37.63
CA GLU EA 348 -10.07 14.86 -36.51
C GLU EA 348 -9.79 13.39 -36.17
N SER EA 349 -10.76 12.51 -36.41
CA SER EA 349 -10.51 11.08 -36.22
C SER EA 349 -9.47 10.57 -37.21
N GLY EA 350 -9.55 11.02 -38.47
CA GLY EA 350 -8.52 10.67 -39.43
C GLY EA 350 -7.16 11.22 -39.04
N VAL EA 351 -7.13 12.45 -38.55
CA VAL EA 351 -5.87 13.03 -38.07
C VAL EA 351 -5.30 12.19 -36.94
N GLY EA 352 -6.15 11.79 -35.99
CA GLY EA 352 -5.68 10.96 -34.90
C GLY EA 352 -5.17 9.61 -35.36
N ARG EA 353 -5.88 8.99 -36.31
CA ARG EA 353 -5.41 7.73 -36.88
C ARG EA 353 -4.04 7.90 -37.51
N LEU EA 354 -3.81 9.03 -38.18
CA LEU EA 354 -2.53 9.25 -38.83
C LEU EA 354 -1.43 9.62 -37.84
N VAL EA 355 -1.79 10.19 -36.69
CA VAL EA 355 -0.81 10.77 -35.79
C VAL EA 355 -0.64 9.98 -34.49
N ASP EA 356 -1.73 9.47 -33.91
CA ASP EA 356 -1.61 8.82 -32.61
C ASP EA 356 -0.79 7.54 -32.68
N ALA EA 357 -0.22 7.16 -31.55
CA ALA EA 357 0.60 5.96 -31.42
C ALA EA 357 0.03 5.07 -30.32
N ASP EA 358 0.02 3.77 -30.55
CA ASP EA 358 -0.39 2.82 -29.52
C ASP EA 358 0.65 2.77 -28.41
N MET EA 359 0.21 3.01 -27.17
CA MET EA 359 1.15 3.18 -26.08
C MET EA 359 1.71 1.85 -25.58
N ASN EA 360 1.01 0.74 -25.82
CA ASN EA 360 1.51 -0.56 -25.39
C ASN EA 360 2.82 -0.90 -26.09
N GLU EA 361 2.87 -0.68 -27.41
CA GLU EA 361 4.07 -0.97 -28.18
C GLU EA 361 5.22 -0.08 -27.74
N GLU EA 362 4.93 1.20 -27.47
CA GLU EA 362 5.96 2.12 -26.99
C GLU EA 362 6.48 1.71 -25.62
N SER EA 363 5.59 1.23 -24.74
CA SER EA 363 6.02 0.75 -23.43
C SER EA 363 6.93 -0.47 -23.58
N THR EA 364 6.57 -1.38 -24.47
CA THR EA 364 7.44 -2.53 -24.74
C THR EA 364 8.80 -2.07 -25.23
N ARG EA 365 8.83 -1.10 -26.15
CA ARG EA 365 10.11 -0.58 -26.63
C ARG EA 365 10.90 0.07 -25.51
N LEU EA 366 10.22 0.80 -24.62
CA LEU EA 366 10.91 1.47 -23.52
C LEU EA 366 11.58 0.46 -22.59
N LYS EA 367 10.84 -0.61 -22.25
CA LYS EA 367 11.42 -1.65 -21.41
C LYS EA 367 12.60 -2.33 -22.11
N ALA EA 368 12.43 -2.63 -23.40
CA ALA EA 368 13.50 -3.29 -24.14
C ALA EA 368 14.74 -2.41 -24.20
N LEU EA 369 14.58 -1.11 -24.44
CA LEU EA 369 15.72 -0.21 -24.52
C LEU EA 369 16.37 0.00 -23.18
N GLN EA 370 15.59 0.03 -22.09
CA GLN EA 370 16.21 0.11 -20.77
C GLN EA 370 17.07 -1.11 -20.49
N THR EA 371 16.54 -2.31 -20.80
CA THR EA 371 17.33 -3.52 -20.59
C THR EA 371 18.57 -3.53 -21.47
N GLN EA 372 18.43 -3.11 -22.74
CA GLN EA 372 19.56 -3.08 -23.65
C GLN EA 372 20.62 -2.09 -23.16
N GLN EA 373 20.19 -0.95 -22.62
CA GLN EA 373 21.14 0.01 -22.06
C GLN EA 373 21.88 -0.60 -20.89
N GLN EA 374 21.17 -1.32 -20.02
CA GLN EA 374 21.83 -1.96 -18.89
C GLN EA 374 22.87 -2.97 -19.36
N LEU EA 375 22.52 -3.80 -20.34
CA LEU EA 375 23.47 -4.76 -20.89
C LEU EA 375 24.66 -4.07 -21.53
N ALA EA 376 24.41 -3.00 -22.28
CA ALA EA 376 25.52 -2.28 -22.93
C ALA EA 376 26.45 -1.66 -21.91
N ILE EA 377 25.89 -1.12 -20.82
CA ILE EA 377 26.73 -0.53 -19.77
C ILE EA 377 27.57 -1.62 -19.10
N GLN EA 378 26.97 -2.77 -18.81
CA GLN EA 378 27.73 -3.87 -18.22
C GLN EA 378 28.84 -4.33 -19.15
N ALA EA 379 28.54 -4.43 -20.44
CA ALA EA 379 29.55 -4.85 -21.42
C ALA EA 379 30.68 -3.84 -21.51
N LEU EA 380 30.35 -2.54 -21.47
CA LEU EA 380 31.38 -1.51 -21.50
C LEU EA 380 32.26 -1.59 -20.25
N SER EA 381 31.65 -1.85 -19.09
CA SER EA 381 32.44 -2.01 -17.87
C SER EA 381 33.38 -3.20 -17.98
N ILE EA 382 32.90 -4.31 -18.53
CA ILE EA 382 33.76 -5.47 -18.74
C ILE EA 382 34.90 -5.13 -19.68
N ALA EA 383 34.60 -4.41 -20.76
CA ALA EA 383 35.64 -4.02 -21.72
C ALA EA 383 36.69 -3.15 -21.06
N ASN EA 384 36.26 -2.18 -20.23
CA ASN EA 384 37.23 -1.34 -19.53
C ASN EA 384 38.07 -2.15 -18.56
N SER EA 385 37.45 -3.09 -17.83
CA SER EA 385 38.20 -3.90 -16.88
C SER EA 385 39.12 -4.90 -17.58
N ASP EA 386 38.89 -5.17 -18.87
CA ASP EA 386 39.74 -6.10 -19.58
C ASP EA 386 41.17 -5.56 -19.70
N SER EA 387 41.32 -4.23 -19.80
CA SER EA 387 42.61 -3.66 -20.18
C SER EA 387 43.70 -3.92 -19.16
N GLN EA 388 43.39 -3.80 -17.86
CA GLN EA 388 44.44 -3.77 -16.84
C GLN EA 388 44.98 -5.15 -16.48
N ASN EA 389 44.49 -6.22 -17.10
CA ASN EA 389 45.01 -7.55 -16.79
C ASN EA 389 46.46 -7.74 -17.23
N VAL EA 390 46.94 -6.91 -18.15
CA VAL EA 390 48.29 -7.07 -18.69
C VAL EA 390 49.36 -6.82 -17.62
N LEU EA 391 49.02 -6.16 -16.52
CA LEU EA 391 50.01 -5.80 -15.51
C LEU EA 391 50.66 -7.03 -14.87
N SER EA 392 50.00 -8.19 -14.94
CA SER EA 392 50.55 -9.38 -14.29
C SER EA 392 51.87 -9.81 -14.92
N LEU EA 393 52.06 -9.52 -16.22
CA LEU EA 393 53.31 -9.88 -16.87
C LEU EA 393 54.49 -9.08 -16.34
N PHE EA 394 54.23 -7.85 -15.90
CA PHE EA 394 55.28 -6.94 -15.48
C PHE EA 394 55.43 -6.85 -13.97
N ARG EA 395 54.80 -7.77 -13.24
CA ARG EA 395 54.76 -7.81 -11.77
C ARG EA 395 54.77 -6.46 -11.07
N THR FA 2 26.44 10.30 -22.99
CA THR FA 2 25.57 10.69 -21.89
C THR FA 2 26.16 11.85 -21.10
N SER FA 3 25.38 12.90 -20.93
CA SER FA 3 25.80 14.10 -20.21
C SER FA 3 25.01 14.24 -18.93
N ILE FA 4 25.70 14.42 -17.80
CA ILE FA 4 25.05 14.60 -16.52
C ILE FA 4 24.59 16.03 -16.29
N LEU FA 5 24.95 16.96 -17.18
CA LEU FA 5 24.58 18.35 -17.01
C LEU FA 5 23.30 18.73 -17.75
N THR FA 6 22.91 17.96 -18.77
CA THR FA 6 21.71 18.23 -19.54
C THR FA 6 20.91 16.95 -19.73
N ASN FA 7 19.59 17.11 -19.89
CA ASN FA 7 18.69 15.98 -20.10
C ASN FA 7 17.60 16.45 -21.07
N ASN FA 8 17.83 16.24 -22.37
CA ASN FA 8 16.91 16.75 -23.38
C ASN FA 8 15.53 16.10 -23.24
N SER FA 9 15.49 14.80 -22.96
CA SER FA 9 14.21 14.12 -22.78
C SER FA 9 13.44 14.70 -21.60
N ALA FA 10 14.15 15.00 -20.51
CA ALA FA 10 13.50 15.62 -19.36
C ALA FA 10 12.93 16.99 -19.72
N MET FA 11 13.65 17.75 -20.55
CA MET FA 11 13.18 19.06 -20.96
C MET FA 11 11.94 18.96 -21.84
N ALA FA 12 11.93 18.00 -22.76
CA ALA FA 12 10.74 17.79 -23.59
C ALA FA 12 9.56 17.35 -22.72
N ALA FA 13 9.80 16.48 -21.76
CA ALA FA 13 8.75 16.07 -20.83
C ALA FA 13 8.25 17.27 -20.03
N LEU FA 14 9.15 18.16 -19.63
CA LEU FA 14 8.76 19.36 -18.89
C LEU FA 14 7.85 20.26 -19.73
N SER FA 15 8.22 20.46 -21.00
CA SER FA 15 7.37 21.26 -21.89
C SER FA 15 6.01 20.62 -22.07
N GLY FA 16 5.98 19.30 -22.24
CA GLY FA 16 4.69 18.61 -22.35
C GLY FA 16 3.86 18.74 -21.10
N VAL FA 17 4.50 18.63 -19.92
CA VAL FA 17 3.79 18.76 -18.66
C VAL FA 17 3.20 20.16 -18.53
N ARG FA 18 3.98 21.18 -18.91
CA ARG FA 18 3.48 22.55 -18.83
C ARG FA 18 2.29 22.77 -19.75
N SER FA 19 2.38 22.25 -20.98
CA SER FA 19 1.26 22.39 -21.92
C SER FA 19 0.01 21.68 -21.40
N ILE FA 20 0.18 20.46 -20.87
CA ILE FA 20 -0.96 19.72 -20.34
C ILE FA 20 -1.56 20.45 -19.14
N SER FA 21 -0.70 21.03 -18.28
CA SER FA 21 -1.20 21.76 -17.13
C SER FA 21 -2.01 22.97 -17.56
N SER FA 22 -1.53 23.73 -18.55
CA SER FA 22 -2.29 24.88 -19.04
C SER FA 22 -3.62 24.46 -19.63
N SER FA 23 -3.61 23.40 -20.46
CA SER FA 23 -4.85 22.93 -21.06
C SER FA 23 -5.82 22.44 -20.00
N MET FA 24 -5.32 21.74 -18.98
CA MET FA 24 -6.18 21.24 -17.91
C MET FA 24 -6.75 22.39 -17.09
N GLU FA 25 -5.95 23.43 -16.84
CA GLU FA 25 -6.48 24.60 -16.16
C GLU FA 25 -7.62 25.24 -16.96
N ASP FA 26 -7.42 25.39 -18.27
CA ASP FA 26 -8.48 25.98 -19.10
C ASP FA 26 -9.74 25.13 -19.07
N THR FA 27 -9.60 23.81 -19.28
CA THR FA 27 -10.77 22.94 -19.32
C THR FA 27 -11.43 22.82 -17.94
N GLN FA 28 -10.65 22.92 -16.86
CA GLN FA 28 -11.23 22.81 -15.53
C GLN FA 28 -11.99 24.07 -15.16
N SER FA 29 -11.48 25.25 -15.54
CA SER FA 29 -12.27 26.46 -15.40
C SER FA 29 -13.54 26.36 -16.24
N ARG FA 30 -13.42 25.78 -17.44
CA ARG FA 30 -14.58 25.61 -18.31
C ARG FA 30 -15.65 24.73 -17.66
N ILE FA 31 -15.23 23.62 -17.05
CA ILE FA 31 -16.21 22.73 -16.43
C ILE FA 31 -16.72 23.32 -15.11
N SER FA 32 -15.92 24.18 -14.47
CA SER FA 32 -16.36 24.81 -13.23
C SER FA 32 -17.47 25.83 -13.48
N SER FA 33 -17.28 26.69 -14.47
CA SER FA 33 -18.17 27.83 -14.67
C SER FA 33 -18.95 27.78 -15.98
N GLY FA 34 -18.86 26.70 -16.73
CA GLY FA 34 -19.42 26.73 -18.08
C GLY FA 34 -18.71 27.79 -18.90
N LEU FA 35 -19.49 28.60 -19.61
CA LEU FA 35 -18.99 29.83 -20.23
C LEU FA 35 -17.81 29.54 -21.18
N ARG FA 36 -18.14 28.86 -22.28
CA ARG FA 36 -17.12 28.54 -23.28
C ARG FA 36 -16.34 29.79 -23.69
N VAL FA 37 -17.04 30.91 -23.85
CA VAL FA 37 -16.39 32.22 -23.92
C VAL FA 37 -16.57 32.86 -22.54
N GLY FA 38 -15.61 32.60 -21.67
CA GLY FA 38 -15.71 33.02 -20.28
C GLY FA 38 -15.08 34.37 -19.98
N SER FA 39 -14.12 34.79 -20.78
CA SER FA 39 -13.42 36.04 -20.55
C SER FA 39 -12.96 36.59 -21.89
N ALA FA 40 -12.38 37.80 -21.85
CA ALA FA 40 -11.86 38.42 -23.06
C ALA FA 40 -10.66 37.68 -23.63
N SER FA 41 -10.00 36.84 -22.82
CA SER FA 41 -8.91 36.00 -23.32
C SER FA 41 -9.41 35.00 -24.35
N ASP FA 42 -10.70 34.68 -24.35
CA ASP FA 42 -11.31 33.85 -25.36
C ASP FA 42 -11.58 34.71 -26.60
N ASN FA 43 -12.40 34.20 -27.52
CA ASN FA 43 -12.76 34.96 -28.72
C ASN FA 43 -13.36 36.30 -28.34
N ALA FA 44 -12.65 37.39 -28.64
CA ALA FA 44 -13.04 38.71 -28.15
C ALA FA 44 -14.36 39.16 -28.77
N ALA FA 45 -14.56 38.90 -30.06
CA ALA FA 45 -15.78 39.35 -30.73
C ALA FA 45 -17.02 38.71 -30.11
N TYR FA 46 -16.97 37.41 -29.86
CA TYR FA 46 -18.13 36.75 -29.26
C TYR FA 46 -18.35 37.22 -27.83
N TRP FA 47 -17.27 37.50 -27.09
CA TRP FA 47 -17.41 38.03 -25.73
C TRP FA 47 -18.10 39.40 -25.76
N SER FA 48 -17.69 40.27 -26.69
CA SER FA 48 -18.31 41.58 -26.80
C SER FA 48 -19.77 41.47 -27.21
N ILE FA 49 -20.08 40.57 -28.15
CA ILE FA 49 -21.46 40.38 -28.56
C ILE FA 49 -22.31 39.88 -27.40
N ALA FA 50 -21.76 38.94 -26.61
CA ALA FA 50 -22.49 38.44 -25.46
C ALA FA 50 -22.74 39.55 -24.43
N THR FA 51 -21.74 40.39 -24.19
CA THR FA 51 -21.92 41.49 -23.24
C THR FA 51 -23.00 42.46 -23.72
N THR FA 52 -22.96 42.82 -25.00
CA THR FA 52 -23.97 43.72 -25.55
C THR FA 52 -25.36 43.11 -25.47
N MET FA 53 -25.48 41.82 -25.77
CA MET FA 53 -26.79 41.17 -25.73
C MET FA 53 -27.30 41.07 -24.29
N ARG FA 54 -26.41 40.83 -23.33
CA ARG FA 54 -26.84 40.83 -21.93
C ARG FA 54 -27.33 42.20 -21.50
N SER FA 55 -26.63 43.25 -21.93
CA SER FA 55 -27.10 44.61 -21.63
C SER FA 55 -28.47 44.86 -22.24
N ASP FA 56 -28.67 44.42 -23.49
CA ASP FA 56 -29.97 44.59 -24.14
C ASP FA 56 -31.05 43.79 -23.42
N ASN FA 57 -30.70 42.60 -22.91
CA ASN FA 57 -31.67 41.81 -22.17
C ASN FA 57 -32.08 42.49 -20.86
N GLN FA 58 -31.10 43.10 -20.17
CA GLN FA 58 -31.44 43.86 -18.97
C GLN FA 58 -32.34 45.04 -19.30
N ALA FA 59 -32.05 45.74 -20.41
CA ALA FA 59 -32.91 46.83 -20.84
C ALA FA 59 -34.31 46.33 -21.15
N LEU FA 60 -34.42 45.16 -21.79
CA LEU FA 60 -35.73 44.60 -22.11
C LEU FA 60 -36.50 44.23 -20.84
N SER FA 61 -35.81 43.71 -19.83
CA SER FA 61 -36.46 43.45 -18.55
C SER FA 61 -36.99 44.72 -17.92
N ALA FA 62 -36.19 45.80 -17.97
CA ALA FA 62 -36.67 47.08 -17.47
C ALA FA 62 -37.89 47.56 -18.24
N VAL FA 63 -37.88 47.39 -19.57
CA VAL FA 63 -39.02 47.78 -20.38
C VAL FA 63 -40.25 46.94 -20.02
N GLN FA 64 -40.04 45.67 -19.70
CA GLN FA 64 -41.16 44.81 -19.29
C GLN FA 64 -41.77 45.30 -17.97
N ASP FA 65 -40.92 45.69 -17.03
CA ASP FA 65 -41.42 46.26 -15.78
C ASP FA 65 -42.21 47.54 -16.04
N ALA FA 66 -41.69 48.41 -16.91
CA ALA FA 66 -42.41 49.63 -17.26
C ALA FA 66 -43.73 49.32 -17.94
N LEU FA 67 -43.76 48.28 -18.77
CA LEU FA 67 -45.00 47.85 -19.42
C LEU FA 67 -46.02 47.39 -18.40
N GLY FA 68 -45.58 46.63 -17.39
CA GLY FA 68 -46.49 46.23 -16.33
C GLY FA 68 -47.06 47.43 -15.59
N LEU FA 69 -46.20 48.41 -15.28
CA LEU FA 69 -46.66 49.63 -14.61
C LEU FA 69 -47.70 50.35 -15.45
N GLY FA 70 -47.42 50.51 -16.75
CA GLY FA 70 -48.36 51.17 -17.64
C GLY FA 70 -49.67 50.42 -17.77
N ALA FA 71 -49.60 49.09 -17.80
CA ALA FA 71 -50.81 48.28 -17.85
C ALA FA 71 -51.66 48.49 -16.61
N ALA FA 72 -51.02 48.57 -15.44
CA ALA FA 72 -51.77 48.84 -14.21
C ALA FA 72 -52.45 50.21 -14.28
N LYS FA 73 -51.72 51.22 -14.77
CA LYS FA 73 -52.31 52.55 -14.89
C LYS FA 73 -53.50 52.54 -15.85
N VAL FA 74 -53.35 51.85 -16.99
CA VAL FA 74 -54.44 51.80 -17.97
C VAL FA 74 -55.63 51.06 -17.41
N ASP FA 75 -55.40 50.00 -16.63
CA ASP FA 75 -56.51 49.27 -16.01
C ASP FA 75 -57.27 50.17 -15.04
N THR FA 76 -56.55 50.93 -14.21
CA THR FA 76 -57.21 51.86 -13.30
C THR FA 76 -58.02 52.90 -14.06
N ALA FA 77 -57.42 53.46 -15.12
CA ALA FA 77 -58.12 54.48 -15.92
C ALA FA 77 -59.38 53.90 -16.57
N TYR FA 78 -59.28 52.65 -17.07
CA TYR FA 78 -60.43 52.03 -17.71
C TYR FA 78 -61.54 51.74 -16.71
N SER FA 79 -61.17 51.32 -15.49
CA SER FA 79 -62.19 51.12 -14.46
C SER FA 79 -62.91 52.42 -14.14
N GLY FA 80 -62.15 53.50 -13.98
CA GLY FA 80 -62.77 54.80 -13.77
C GLY FA 80 -63.66 55.21 -14.93
N MET FA 81 -63.22 54.90 -16.16
CA MET FA 81 -64.01 55.24 -17.34
C MET FA 81 -65.33 54.48 -17.36
N GLU FA 82 -65.30 53.19 -16.99
CA GLU FA 82 -66.54 52.41 -16.94
C GLU FA 82 -67.47 52.94 -15.87
N SER FA 83 -66.93 53.33 -14.71
CA SER FA 83 -67.78 53.93 -13.69
C SER FA 83 -68.42 55.21 -14.20
N ALA FA 84 -67.65 56.04 -14.92
CA ALA FA 84 -68.21 57.25 -15.50
C ALA FA 84 -69.29 56.92 -16.53
N ILE FA 85 -69.09 55.88 -17.32
CA ILE FA 85 -70.09 55.44 -18.29
C ILE FA 85 -71.39 55.12 -17.58
N GLU FA 86 -71.31 54.34 -16.50
CA GLU FA 86 -72.52 53.96 -15.77
C GLU FA 86 -73.21 55.17 -15.18
N VAL FA 87 -72.45 56.08 -14.57
CA VAL FA 87 -73.06 57.25 -13.93
C VAL FA 87 -73.73 58.14 -14.98
N VAL FA 88 -73.07 58.34 -16.13
CA VAL FA 88 -73.63 59.20 -17.16
C VAL FA 88 -74.87 58.55 -17.78
N LYS FA 89 -74.87 57.23 -17.93
CA LYS FA 89 -76.07 56.55 -18.41
C LYS FA 89 -77.23 56.74 -17.43
N GLU FA 90 -76.95 56.65 -16.13
CA GLU FA 90 -77.99 56.90 -15.14
C GLU FA 90 -78.50 58.33 -15.23
N ILE FA 91 -77.60 59.30 -15.42
CA ILE FA 91 -78.02 60.70 -15.56
C ILE FA 91 -78.90 60.87 -16.78
N LYS FA 92 -78.53 60.24 -17.90
CA LYS FA 92 -79.33 60.35 -19.12
C LYS FA 92 -80.71 59.74 -18.93
N ALA FA 93 -80.78 58.60 -18.25
CA ALA FA 93 -82.08 57.99 -17.97
C ALA FA 93 -82.93 58.90 -17.10
N LYS FA 94 -82.32 59.51 -16.07
CA LYS FA 94 -83.07 60.43 -15.22
C LYS FA 94 -83.58 61.63 -16.01
N LEU FA 95 -82.75 62.19 -16.88
CA LEU FA 95 -83.17 63.33 -17.69
C LEU FA 95 -84.29 62.94 -18.64
N VAL FA 96 -84.21 61.76 -19.23
CA VAL FA 96 -85.28 61.29 -20.11
C VAL FA 96 -86.58 61.14 -19.35
N ALA FA 97 -86.51 60.58 -18.14
CA ALA FA 97 -87.70 60.48 -17.30
C ALA FA 97 -88.21 61.86 -16.90
N ALA FA 98 -87.33 62.85 -16.84
CA ALA FA 98 -87.71 64.19 -16.40
C ALA FA 98 -88.56 64.94 -17.40
N THR FA 99 -88.71 64.44 -18.64
CA THR FA 99 -89.45 65.19 -19.65
C THR FA 99 -90.93 65.32 -19.33
N GLU FA 100 -91.46 64.48 -18.44
CA GLU FA 100 -92.87 64.55 -18.09
C GLU FA 100 -93.18 65.84 -17.35
N ASP FA 101 -94.28 66.49 -17.74
CA ASP FA 101 -94.67 67.74 -17.08
C ASP FA 101 -95.16 67.49 -15.67
N GLY FA 102 -95.84 66.37 -15.43
CA GLY FA 102 -96.38 66.08 -14.11
C GLY FA 102 -95.33 65.70 -13.09
N VAL FA 103 -94.17 65.25 -13.53
CA VAL FA 103 -93.10 64.86 -12.62
C VAL FA 103 -92.38 66.10 -12.13
N ASP FA 104 -92.27 66.24 -10.81
CA ASP FA 104 -91.54 67.37 -10.24
C ASP FA 104 -90.06 67.29 -10.60
N LYS FA 105 -89.46 68.45 -10.83
CA LYS FA 105 -88.08 68.54 -11.27
C LYS FA 105 -87.09 68.75 -10.12
N ALA FA 106 -87.57 69.10 -8.93
CA ALA FA 106 -86.65 69.35 -7.82
C ALA FA 106 -85.96 68.07 -7.37
N LYS FA 107 -86.74 67.01 -7.14
CA LYS FA 107 -86.16 65.75 -6.68
C LYS FA 107 -85.11 65.24 -7.66
N ILE FA 108 -85.44 65.27 -8.95
CA ILE FA 108 -84.45 64.94 -9.98
C ILE FA 108 -83.29 65.92 -9.92
N GLN FA 109 -83.53 67.14 -9.46
CA GLN FA 109 -82.43 68.11 -9.37
C GLN FA 109 -81.39 67.67 -8.34
N GLU FA 110 -81.82 67.29 -7.12
CA GLU FA 110 -80.78 66.84 -6.20
C GLU FA 110 -80.24 65.47 -6.59
N GLU FA 111 -81.04 64.66 -7.28
CA GLU FA 111 -80.51 63.39 -7.80
C GLU FA 111 -79.36 63.63 -8.76
N ILE FA 112 -79.53 64.57 -9.69
CA ILE FA 112 -78.48 64.90 -10.63
C ILE FA 112 -77.30 65.57 -9.92
N THR FA 113 -77.57 66.37 -8.89
CA THR FA 113 -76.47 66.96 -8.13
C THR FA 113 -75.62 65.88 -7.46
N GLN FA 114 -76.27 64.89 -6.85
CA GLN FA 114 -75.54 63.78 -6.24
C GLN FA 114 -74.76 63.00 -7.30
N LEU FA 115 -75.37 62.78 -8.47
CA LEU FA 115 -74.67 62.07 -9.54
C LEU FA 115 -73.46 62.86 -10.04
N LYS FA 116 -73.58 64.18 -10.10
CA LYS FA 116 -72.44 65.01 -10.52
C LYS FA 116 -71.32 64.95 -9.49
N ASP FA 117 -71.66 64.99 -8.21
CA ASP FA 117 -70.64 64.82 -7.17
C ASP FA 117 -69.98 63.46 -7.29
N GLN FA 118 -70.77 62.42 -7.60
CA GLN FA 118 -70.21 61.09 -7.81
C GLN FA 118 -69.25 61.09 -9.00
N LEU FA 119 -69.62 61.78 -10.09
CA LEU FA 119 -68.73 61.87 -11.25
C LEU FA 119 -67.43 62.57 -10.89
N THR FA 120 -67.51 63.64 -10.11
CA THR FA 120 -66.29 64.33 -9.69
C THR FA 120 -65.41 63.42 -8.84
N SER FA 121 -66.03 62.66 -7.93
CA SER FA 121 -65.27 61.72 -7.11
C SER FA 121 -64.61 60.65 -7.97
N ILE FA 122 -65.32 60.15 -8.99
CA ILE FA 122 -64.73 59.18 -9.90
C ILE FA 122 -63.54 59.79 -10.63
N ALA FA 123 -63.70 61.03 -11.09
CA ALA FA 123 -62.64 61.67 -11.87
C ALA FA 123 -61.40 61.90 -11.04
N ASP FA 124 -61.55 62.35 -9.79
CA ASP FA 124 -60.37 62.70 -9.00
C ASP FA 124 -59.76 61.50 -8.27
N ALA FA 125 -60.58 60.52 -7.89
CA ALA FA 125 -60.07 59.39 -7.09
C ALA FA 125 -59.30 58.39 -7.94
N ALA FA 126 -59.69 58.18 -9.20
CA ALA FA 126 -59.13 57.12 -10.03
C ALA FA 126 -57.73 57.52 -10.50
N SER FA 127 -56.75 57.27 -9.63
CA SER FA 127 -55.35 57.53 -9.93
C SER FA 127 -54.51 56.37 -9.43
N PHE FA 128 -53.36 56.15 -10.09
CA PHE FA 128 -52.47 55.07 -9.72
C PHE FA 128 -51.21 55.57 -9.01
N SER FA 129 -50.43 56.44 -9.65
CA SER FA 129 -49.20 56.95 -9.06
C SER FA 129 -49.04 58.43 -9.35
N GLY FA 130 -50.15 59.17 -9.29
CA GLY FA 130 -50.16 60.57 -9.62
C GLY FA 130 -50.48 60.88 -11.07
N GLU FA 131 -50.38 59.88 -11.95
CA GLU FA 131 -50.77 60.03 -13.36
C GLU FA 131 -52.09 59.29 -13.54
N ASN FA 132 -53.19 60.00 -13.27
CA ASN FA 132 -54.52 59.41 -13.37
C ASN FA 132 -55.03 59.34 -14.80
N TRP FA 133 -54.32 59.93 -15.76
CA TRP FA 133 -54.74 59.98 -17.16
C TRP FA 133 -56.09 60.65 -17.34
N LEU FA 134 -56.55 61.38 -16.32
CA LEU FA 134 -57.80 62.11 -16.35
C LEU FA 134 -57.59 63.44 -15.63
N GLN FA 135 -58.54 64.35 -15.81
CA GLN FA 135 -58.48 65.67 -15.16
C GLN FA 135 -57.18 66.39 -15.51
N ALA FA 136 -56.71 66.20 -16.73
CA ALA FA 136 -55.47 66.83 -17.15
C ALA FA 136 -55.67 68.32 -17.37
N ASP FA 137 -54.55 69.05 -17.41
CA ASP FA 137 -54.58 70.49 -17.60
C ASP FA 137 -54.54 70.79 -19.10
N LEU FA 138 -55.60 71.40 -19.61
CA LEU FA 138 -55.73 71.72 -21.03
C LEU FA 138 -55.40 73.17 -21.34
N SER FA 139 -54.48 73.77 -20.58
CA SER FA 139 -54.06 75.13 -20.89
C SER FA 139 -53.40 75.20 -22.26
N GLY FA 140 -52.53 74.23 -22.56
CA GLY FA 140 -51.93 74.14 -23.88
C GLY FA 140 -52.81 73.39 -24.86
N GLY FA 141 -53.70 72.55 -24.33
CA GLY FA 141 -54.65 71.82 -25.14
C GLY FA 141 -54.09 70.62 -25.88
N ALA FA 142 -52.83 70.25 -25.65
CA ALA FA 142 -52.20 69.15 -26.36
C ALA FA 142 -51.37 68.29 -25.40
N VAL FA 143 -51.94 67.99 -24.23
CA VAL FA 143 -51.23 67.15 -23.26
C VAL FA 143 -51.20 65.72 -23.78
N THR FA 144 -50.02 65.09 -23.71
CA THR FA 144 -49.83 63.74 -24.20
C THR FA 144 -49.06 62.93 -23.17
N LYS FA 145 -49.55 61.74 -22.87
CA LYS FA 145 -48.91 60.82 -21.93
C LYS FA 145 -48.48 59.57 -22.67
N SER FA 146 -47.35 59.01 -22.24
CA SER FA 146 -46.72 57.90 -22.96
C SER FA 146 -46.40 56.77 -22.00
N VAL FA 147 -46.32 55.56 -22.57
CA VAL FA 147 -45.97 54.36 -21.84
C VAL FA 147 -44.78 53.71 -22.55
N VAL FA 148 -43.76 53.33 -21.78
CA VAL FA 148 -42.57 52.73 -22.38
C VAL FA 148 -42.95 51.42 -23.05
N GLY FA 149 -42.76 51.36 -24.36
CA GLY FA 149 -43.18 50.20 -25.13
C GLY FA 149 -42.11 49.16 -25.36
N SER FA 150 -40.95 49.57 -25.89
CA SER FA 150 -39.90 48.62 -26.21
C SER FA 150 -38.57 49.35 -26.29
N PHE FA 151 -37.50 48.59 -26.10
CA PHE FA 151 -36.13 49.09 -26.25
C PHE FA 151 -35.60 48.63 -27.60
N VAL FA 152 -35.28 49.58 -28.46
CA VAL FA 152 -34.90 49.30 -29.84
C VAL FA 152 -33.48 49.78 -30.07
N ARG FA 153 -32.63 48.88 -30.56
CA ARG FA 153 -31.28 49.22 -30.97
C ARG FA 153 -31.24 49.30 -32.49
N ASP FA 154 -30.94 50.49 -33.01
CA ASP FA 154 -30.94 50.70 -34.44
C ASP FA 154 -29.76 49.98 -35.10
N GLY FA 155 -29.85 49.81 -36.42
CA GLY FA 155 -28.81 49.10 -37.14
C GLY FA 155 -27.48 49.81 -37.12
N SER FA 156 -27.49 51.14 -37.16
CA SER FA 156 -26.26 51.93 -37.23
C SER FA 156 -25.74 52.28 -35.84
N GLY FA 157 -25.62 51.28 -34.98
CA GLY FA 157 -25.04 51.47 -33.66
C GLY FA 157 -25.78 52.50 -32.82
N SER FA 158 -27.10 52.48 -32.83
CA SER FA 158 -27.91 53.44 -32.10
C SER FA 158 -28.88 52.73 -31.17
N VAL FA 159 -29.19 53.37 -30.06
CA VAL FA 159 -30.13 52.83 -29.07
C VAL FA 159 -31.16 53.91 -28.74
N ALA FA 160 -32.41 53.48 -28.58
CA ALA FA 160 -33.49 54.40 -28.26
C ALA FA 160 -34.59 53.63 -27.54
N VAL FA 161 -35.49 54.37 -26.90
CA VAL FA 161 -36.62 53.80 -26.18
C VAL FA 161 -37.90 54.24 -26.87
N LYS FA 162 -38.71 53.27 -27.28
CA LYS FA 162 -39.97 53.55 -27.94
C LYS FA 162 -41.10 53.61 -26.91
N LYS FA 163 -42.03 54.53 -27.15
CA LYS FA 163 -43.14 54.77 -26.24
C LYS FA 163 -44.45 54.78 -27.01
N VAL FA 164 -45.52 54.40 -26.32
CA VAL FA 164 -46.87 54.38 -26.87
C VAL FA 164 -47.60 55.61 -26.35
N ASP FA 165 -48.09 56.44 -27.26
CA ASP FA 165 -48.67 57.73 -26.91
C ASP FA 165 -50.19 57.62 -26.74
N TYR FA 166 -50.72 58.41 -25.82
CA TYR FA 166 -52.16 58.53 -25.60
C TYR FA 166 -52.52 59.99 -25.51
N SER FA 167 -53.57 60.41 -26.21
CA SER FA 167 -53.94 61.80 -26.32
C SER FA 167 -55.10 62.13 -25.37
N LEU FA 168 -55.02 63.29 -24.74
CA LEU FA 168 -56.04 63.79 -23.83
C LEU FA 168 -56.51 65.17 -24.25
N ASN FA 169 -56.61 65.40 -25.56
CA ASN FA 169 -56.82 66.74 -26.09
C ASN FA 169 -58.15 67.36 -25.65
N ALA FA 170 -59.27 66.82 -26.12
CA ALA FA 170 -60.57 67.37 -25.77
C ALA FA 170 -61.67 66.33 -25.60
N ASN FA 171 -61.37 65.04 -25.71
CA ASN FA 171 -62.40 64.02 -25.66
C ASN FA 171 -62.11 62.91 -24.66
N SER FA 172 -60.97 62.94 -23.97
CA SER FA 172 -60.64 61.91 -23.00
C SER FA 172 -59.98 62.50 -21.75
N VAL FA 173 -60.38 63.70 -21.37
CA VAL FA 173 -59.73 64.40 -20.28
C VAL FA 173 -60.54 64.35 -18.97
N LEU FA 174 -61.87 64.27 -19.04
CA LEU FA 174 -62.68 64.06 -17.84
C LEU FA 174 -62.49 65.14 -16.78
N PHE FA 175 -63.09 66.31 -16.99
CA PHE FA 175 -62.99 67.45 -16.07
C PHE FA 175 -61.60 68.07 -16.08
N ASP FA 176 -61.20 68.66 -17.20
CA ASP FA 176 -60.04 69.53 -17.27
C ASP FA 176 -59.98 70.45 -16.05
N THR FA 177 -58.77 70.54 -15.46
CA THR FA 177 -58.63 71.20 -14.17
C THR FA 177 -58.85 72.70 -14.27
N VAL FA 178 -58.21 73.35 -15.23
CA VAL FA 178 -58.14 74.82 -15.29
C VAL FA 178 -59.09 75.39 -16.35
N GLY FA 179 -58.93 74.96 -17.60
CA GLY FA 179 -59.66 75.58 -18.69
C GLY FA 179 -61.16 75.35 -18.67
N ASP FA 180 -61.61 74.30 -17.97
CA ASP FA 180 -63.03 73.94 -17.92
C ASP FA 180 -63.61 73.78 -19.31
N THR FA 181 -62.83 73.13 -20.18
CA THR FA 181 -63.23 72.89 -21.57
C THR FA 181 -63.10 71.41 -21.91
N GLY FA 182 -63.21 70.55 -20.91
CA GLY FA 182 -63.06 69.12 -21.11
C GLY FA 182 -64.30 68.46 -21.68
N ILE FA 183 -64.24 67.13 -21.74
CA ILE FA 183 -65.36 66.37 -22.28
C ILE FA 183 -66.62 66.61 -21.45
N LEU FA 184 -66.46 66.73 -20.13
CA LEU FA 184 -67.52 67.19 -19.26
C LEU FA 184 -67.25 68.64 -18.85
N ASP FA 185 -68.25 69.25 -18.23
CA ASP FA 185 -68.19 70.64 -17.80
C ASP FA 185 -67.89 71.57 -18.97
N LYS FA 186 -68.52 71.29 -20.12
CA LYS FA 186 -68.48 72.19 -21.26
C LYS FA 186 -69.74 71.97 -22.09
N VAL FA 187 -70.09 72.98 -22.87
CA VAL FA 187 -71.34 72.98 -23.64
C VAL FA 187 -71.12 72.33 -25.00
N TYR FA 188 -72.12 71.60 -25.46
CA TYR FA 188 -72.11 70.95 -26.77
C TYR FA 188 -73.13 71.61 -27.67
N ASN FA 189 -72.70 71.98 -28.88
CA ASN FA 189 -73.63 72.50 -29.87
C ASN FA 189 -74.56 71.38 -30.34
N VAL FA 190 -75.84 71.69 -30.47
CA VAL FA 190 -76.86 70.72 -30.84
C VAL FA 190 -77.62 71.29 -32.03
N SER FA 191 -77.30 70.82 -33.23
CA SER FA 191 -78.03 71.22 -34.43
C SER FA 191 -78.03 70.05 -35.41
N GLN FA 192 -79.03 70.06 -36.30
CA GLN FA 192 -79.29 68.88 -37.11
C GLN FA 192 -78.23 68.66 -38.18
N ALA FA 193 -77.75 69.72 -38.81
CA ALA FA 193 -76.92 69.61 -40.01
C ALA FA 193 -75.62 70.37 -39.84
N SER FA 194 -74.94 70.15 -38.71
CA SER FA 194 -73.66 70.78 -38.46
C SER FA 194 -72.68 69.77 -37.88
N VAL FA 195 -71.41 70.14 -37.92
CA VAL FA 195 -70.32 69.32 -37.40
C VAL FA 195 -69.30 70.25 -36.75
N THR FA 196 -68.75 69.81 -35.61
CA THR FA 196 -67.78 70.61 -34.88
C THR FA 196 -66.37 70.22 -35.33
N LEU FA 197 -65.65 71.18 -35.89
CA LEU FA 197 -64.29 70.99 -36.37
C LEU FA 197 -63.32 71.75 -35.48
N THR FA 198 -62.16 71.13 -35.23
CA THR FA 198 -61.08 71.79 -34.52
C THR FA 198 -60.05 72.31 -35.53
N VAL FA 199 -59.82 73.62 -35.50
CA VAL FA 199 -58.87 74.27 -36.41
C VAL FA 199 -58.04 75.24 -35.58
N ASN FA 200 -56.75 75.30 -35.85
CA ASN FA 200 -55.85 76.17 -35.12
C ASN FA 200 -55.70 77.50 -35.86
N THR FA 201 -55.85 78.60 -35.12
CA THR FA 201 -55.70 79.94 -35.66
C THR FA 201 -54.56 80.63 -34.92
N ASN FA 202 -53.58 81.12 -35.69
CA ASN FA 202 -52.38 81.77 -35.13
C ASN FA 202 -51.64 80.85 -34.18
N GLY FA 203 -51.70 79.54 -34.42
CA GLY FA 203 -50.95 78.57 -33.64
C GLY FA 203 -51.66 78.00 -32.44
N VAL FA 204 -52.88 78.45 -32.13
CA VAL FA 204 -53.64 77.93 -31.00
C VAL FA 204 -54.92 77.30 -31.54
N GLU FA 205 -55.22 76.10 -31.06
CA GLU FA 205 -56.38 75.36 -31.54
C GLU FA 205 -57.66 75.88 -30.90
N SER FA 206 -58.77 75.66 -31.61
CA SER FA 206 -60.09 76.03 -31.12
C SER FA 206 -61.12 75.17 -31.85
N GLN FA 207 -62.31 75.10 -31.28
CA GLN FA 207 -63.40 74.30 -31.82
C GLN FA 207 -64.51 75.24 -32.31
N HIS FA 208 -64.90 75.08 -33.57
CA HIS FA 208 -65.93 75.88 -34.18
C HIS FA 208 -67.02 74.98 -34.76
N THR FA 209 -68.27 75.41 -34.62
CA THR FA 209 -69.41 74.68 -35.15
C THR FA 209 -69.79 75.27 -36.50
N VAL FA 210 -69.77 74.44 -37.54
CA VAL FA 210 -70.09 74.87 -38.90
C VAL FA 210 -71.02 73.84 -39.52
N ALA FA 211 -71.83 74.30 -40.47
CA ALA FA 211 -72.78 73.43 -41.15
C ALA FA 211 -72.04 72.41 -42.01
N ALA FA 212 -72.68 71.25 -42.19
CA ALA FA 212 -72.12 70.16 -42.99
C ALA FA 212 -73.08 69.83 -44.12
N TYR FA 213 -72.52 69.51 -45.29
CA TYR FA 213 -73.30 69.22 -46.49
C TYR FA 213 -72.99 67.81 -46.97
N SER FA 214 -74.04 67.06 -47.30
CA SER FA 214 -73.88 65.68 -47.71
C SER FA 214 -73.27 65.59 -49.10
N LEU FA 215 -72.54 64.50 -49.34
CA LEU FA 215 -71.94 64.28 -50.66
C LEU FA 215 -72.98 64.01 -51.73
N GLU FA 216 -74.08 63.35 -51.35
CA GLU FA 216 -75.13 63.05 -52.33
C GLU FA 216 -75.75 64.32 -52.89
N SER FA 217 -76.02 65.30 -52.03
CA SER FA 217 -76.56 66.57 -52.52
C SER FA 217 -75.57 67.28 -53.43
N LEU FA 218 -74.28 67.26 -53.06
CA LEU FA 218 -73.27 67.91 -53.89
C LEU FA 218 -73.19 67.28 -55.26
N THR FA 219 -73.18 65.94 -55.33
CA THR FA 219 -73.09 65.27 -56.62
C THR FA 219 -74.39 65.35 -57.41
N GLU FA 220 -75.53 65.53 -56.73
CA GLU FA 220 -76.79 65.70 -57.45
C GLU FA 220 -76.92 67.11 -58.03
N ALA FA 221 -76.41 68.11 -57.33
CA ALA FA 221 -76.52 69.49 -57.80
C ALA FA 221 -75.67 69.77 -59.03
N GLY FA 222 -74.74 68.89 -59.38
CA GLY FA 222 -73.89 69.11 -60.54
C GLY FA 222 -72.59 69.81 -60.19
N ALA FA 223 -71.91 69.31 -59.17
CA ALA FA 223 -70.68 69.93 -58.69
C ALA FA 223 -69.46 69.26 -59.34
N GLU FA 224 -68.40 70.06 -59.51
CA GLU FA 224 -67.14 69.58 -60.04
C GLU FA 224 -66.16 69.41 -58.89
N PHE FA 225 -65.60 68.21 -58.76
CA PHE FA 225 -64.73 67.88 -57.65
C PHE FA 225 -63.28 67.82 -58.10
N GLN FA 226 -62.37 67.96 -57.12
CA GLN FA 226 -60.94 67.82 -57.37
C GLN FA 226 -60.27 67.51 -56.04
N GLY FA 227 -59.78 66.28 -55.89
CA GLY FA 227 -59.16 65.89 -54.64
C GLY FA 227 -60.16 65.98 -53.50
N ASN FA 228 -59.83 66.79 -52.50
CA ASN FA 228 -60.72 67.05 -51.38
C ASN FA 228 -61.47 68.38 -51.53
N TYR FA 229 -61.44 68.95 -52.73
CA TYR FA 229 -62.10 70.22 -53.02
C TYR FA 229 -63.27 70.01 -53.97
N ALA FA 230 -64.30 70.84 -53.80
CA ALA FA 230 -65.49 70.77 -54.63
C ALA FA 230 -65.88 72.16 -55.08
N LEU FA 231 -66.62 72.22 -56.19
CA LEU FA 231 -67.09 73.49 -56.74
C LEU FA 231 -68.48 73.26 -57.32
N GLN FA 232 -69.52 73.57 -56.55
CA GLN FA 232 -70.89 73.43 -57.01
C GLN FA 232 -71.35 74.63 -57.83
N GLY FA 233 -70.60 75.73 -57.82
CA GLY FA 233 -71.02 76.94 -58.48
C GLY FA 233 -70.43 78.17 -57.81
N GLY FA 234 -71.29 79.09 -57.39
CA GLY FA 234 -70.81 80.25 -56.65
C GLY FA 234 -70.25 79.93 -55.28
N ASN FA 235 -70.43 78.71 -54.81
CA ASN FA 235 -69.92 78.27 -53.52
C ASN FA 235 -68.88 77.18 -53.72
N SER FA 236 -67.92 77.12 -52.80
CA SER FA 236 -66.85 76.13 -52.84
C SER FA 236 -66.85 75.33 -51.55
N TYR FA 237 -66.42 74.08 -51.65
CA TYR FA 237 -66.43 73.15 -50.52
C TYR FA 237 -65.10 72.43 -50.44
N VAL FA 238 -64.69 72.09 -49.21
CA VAL FA 238 -63.45 71.36 -48.95
C VAL FA 238 -63.77 70.17 -48.07
N LYS FA 239 -63.04 69.07 -48.29
CA LYS FA 239 -63.24 67.86 -47.50
C LYS FA 239 -62.20 67.78 -46.40
N VAL FA 240 -62.41 68.60 -45.37
CA VAL FA 240 -61.52 68.59 -44.21
C VAL FA 240 -61.66 67.28 -43.46
N GLU FA 241 -62.88 66.75 -43.36
CA GLU FA 241 -63.13 65.45 -42.76
C GLU FA 241 -64.13 64.68 -43.61
N ASN FA 242 -64.68 63.59 -43.06
CA ASN FA 242 -65.66 62.78 -43.78
C ASN FA 242 -66.88 63.57 -44.23
N VAL FA 243 -67.07 64.79 -43.74
CA VAL FA 243 -68.18 65.65 -44.11
C VAL FA 243 -67.64 66.86 -44.86
N TRP FA 244 -68.38 67.28 -45.89
CA TRP FA 244 -67.99 68.43 -46.70
C TRP FA 244 -68.50 69.71 -46.07
N VAL FA 245 -67.69 70.77 -46.17
CA VAL FA 245 -68.00 72.05 -45.57
C VAL FA 245 -67.64 73.16 -46.54
N ARG FA 246 -68.46 74.22 -46.57
CA ARG FA 246 -68.16 75.39 -47.39
C ARG FA 246 -66.89 76.07 -46.88
N ALA FA 247 -66.13 76.62 -47.81
CA ALA FA 247 -64.83 77.20 -47.51
C ALA FA 247 -64.69 78.59 -48.13
N GLU FA 248 -63.84 79.40 -47.53
CA GLU FA 248 -63.49 80.72 -48.04
C GLU FA 248 -62.24 80.61 -48.90
N THR FA 249 -62.13 81.51 -49.88
CA THR FA 249 -61.08 81.40 -50.90
C THR FA 249 -59.68 81.49 -50.29
N ALA FA 250 -59.33 82.66 -49.78
CA ALA FA 250 -58.03 82.91 -49.16
C ALA FA 250 -58.00 84.36 -48.68
N ALA FA 251 -57.11 84.63 -47.73
CA ALA FA 251 -56.83 85.98 -47.23
C ALA FA 251 -58.08 86.69 -46.72
N THR FA 252 -59.16 85.95 -46.46
CA THR FA 252 -60.37 86.57 -45.93
C THR FA 252 -60.27 86.73 -44.41
N GLY FA 253 -59.97 85.65 -43.70
CA GLY FA 253 -59.77 85.76 -42.26
C GLY FA 253 -58.51 86.53 -41.89
N ALA FA 254 -57.45 86.37 -42.69
CA ALA FA 254 -56.17 87.04 -42.45
C ALA FA 254 -55.64 86.72 -41.05
N THR FA 255 -55.83 85.48 -40.61
CA THR FA 255 -55.41 85.05 -39.30
C THR FA 255 -54.45 83.86 -39.35
N GLY FA 256 -53.92 83.54 -40.52
CA GLY FA 256 -53.02 82.40 -40.64
C GLY FA 256 -53.68 81.08 -40.33
N GLN FA 257 -54.92 80.90 -40.78
CA GLN FA 257 -55.63 79.66 -40.51
C GLN FA 257 -55.04 78.50 -41.30
N GLU FA 258 -55.29 77.29 -40.82
CA GLU FA 258 -54.83 76.09 -41.49
C GLU FA 258 -55.43 75.99 -42.88
N ILE FA 259 -54.60 75.65 -43.87
CA ILE FA 259 -55.03 75.58 -45.25
C ILE FA 259 -55.82 74.28 -45.45
N ALA FA 260 -57.08 74.42 -45.87
CA ALA FA 260 -57.93 73.24 -46.07
C ALA FA 260 -57.43 72.39 -47.22
N ALA FA 261 -57.19 73.00 -48.38
CA ALA FA 261 -56.75 72.27 -49.56
C ALA FA 261 -56.20 73.26 -50.58
N THR FA 262 -55.44 72.72 -51.54
CA THR FA 262 -54.91 73.49 -52.65
C THR FA 262 -55.41 72.90 -53.97
N THR FA 263 -55.69 73.77 -54.91
CA THR FA 263 -56.27 73.38 -56.20
C THR FA 263 -55.38 73.83 -57.34
N THR FA 264 -55.82 73.55 -58.56
CA THR FA 264 -55.11 73.92 -59.77
C THR FA 264 -56.16 74.39 -60.79
N ALA FA 265 -55.74 74.49 -62.06
CA ALA FA 265 -56.64 74.96 -63.11
C ALA FA 265 -57.84 74.04 -63.25
N ALA FA 266 -57.60 72.79 -63.65
CA ALA FA 266 -58.64 71.76 -63.73
C ALA FA 266 -59.84 72.23 -64.57
N GLY FA 267 -59.55 72.95 -65.65
CA GLY FA 267 -60.60 73.44 -66.53
C GLY FA 267 -61.23 74.73 -66.07
N THR FA 268 -62.05 74.68 -65.01
CA THR FA 268 -62.78 75.84 -64.53
C THR FA 268 -62.66 75.99 -63.02
N ILE FA 269 -61.53 75.61 -62.44
CA ILE FA 269 -61.29 75.71 -61.01
C ILE FA 269 -60.17 76.71 -60.79
N THR FA 270 -60.44 77.70 -59.93
CA THR FA 270 -59.43 78.71 -59.62
C THR FA 270 -58.28 78.08 -58.83
N ALA FA 271 -57.06 78.51 -59.14
CA ALA FA 271 -55.88 78.02 -58.44
C ALA FA 271 -55.67 78.86 -57.19
N ASP FA 272 -55.96 78.30 -56.03
CA ASP FA 272 -55.85 79.03 -54.78
C ASP FA 272 -55.73 78.04 -53.63
N SER FA 273 -55.25 78.54 -52.49
CA SER FA 273 -55.14 77.76 -51.26
C SER FA 273 -56.37 78.04 -50.41
N TRP FA 274 -57.28 77.07 -50.35
CA TRP FA 274 -58.56 77.25 -49.69
C TRP FA 274 -58.48 76.97 -48.20
N VAL FA 275 -59.30 77.67 -47.44
CA VAL FA 275 -59.35 77.56 -45.99
C VAL FA 275 -60.79 77.37 -45.56
N VAL FA 276 -61.00 76.47 -44.58
CA VAL FA 276 -62.34 76.20 -44.08
C VAL FA 276 -62.94 77.49 -43.52
N ASP FA 277 -64.19 77.77 -43.90
CA ASP FA 277 -64.88 78.97 -43.44
C ASP FA 277 -65.20 78.82 -41.96
N VAL FA 278 -64.55 79.64 -41.12
CA VAL FA 278 -64.83 79.61 -39.69
C VAL FA 278 -66.25 80.07 -39.42
N GLY FA 279 -66.81 80.93 -40.27
CA GLY FA 279 -68.17 81.37 -40.12
C GLY FA 279 -69.16 80.36 -40.68
N ASN FA 280 -70.15 80.84 -41.45
CA ASN FA 280 -71.16 79.99 -42.06
C ASN FA 280 -71.90 79.17 -41.00
N ALA FA 281 -72.61 79.91 -40.14
CA ALA FA 281 -73.35 79.29 -39.05
C ALA FA 281 -74.45 78.38 -39.59
N PRO FA 282 -74.81 77.33 -38.86
CA PRO FA 282 -75.85 76.42 -39.32
C PRO FA 282 -77.20 77.11 -39.47
N ALA FA 283 -78.14 76.37 -40.05
CA ALA FA 283 -79.48 76.92 -40.27
C ALA FA 283 -80.16 77.25 -38.94
N ALA FA 284 -80.03 76.37 -37.95
CA ALA FA 284 -80.60 76.57 -36.62
C ALA FA 284 -79.50 76.31 -35.60
N ASN FA 285 -78.79 77.36 -35.22
CA ASN FA 285 -77.68 77.24 -34.27
C ASN FA 285 -78.24 77.17 -32.86
N VAL FA 286 -78.29 75.95 -32.31
CA VAL FA 286 -78.79 75.70 -30.96
C VAL FA 286 -77.67 75.06 -30.16
N SER FA 287 -77.45 75.58 -28.95
CA SER FA 287 -76.43 75.06 -28.06
C SER FA 287 -77.08 74.55 -26.78
N ALA FA 288 -76.43 73.58 -26.13
CA ALA FA 288 -76.94 73.04 -24.89
C ALA FA 288 -76.99 74.14 -23.83
N GLY FA 289 -78.10 74.17 -23.08
CA GLY FA 289 -78.28 75.23 -22.09
C GLY FA 289 -77.22 75.19 -21.01
N GLN FA 290 -76.92 74.01 -20.51
CA GLN FA 290 -75.93 73.84 -19.44
C GLN FA 290 -75.04 72.65 -19.77
N SER FA 291 -73.85 72.66 -19.18
CA SER FA 291 -72.92 71.55 -19.35
C SER FA 291 -73.36 70.36 -18.50
N VAL FA 292 -72.59 69.27 -18.59
CA VAL FA 292 -72.90 68.08 -17.81
C VAL FA 292 -72.70 68.33 -16.32
N ALA FA 293 -71.65 69.07 -15.97
CA ALA FA 293 -71.34 69.34 -14.57
C ALA FA 293 -72.14 70.49 -13.99
N ASN FA 294 -72.96 71.16 -14.78
CA ASN FA 294 -73.74 72.31 -14.32
C ASN FA 294 -75.22 72.12 -14.65
N ILE FA 295 -75.70 70.88 -14.56
CA ILE FA 295 -77.09 70.59 -14.90
C ILE FA 295 -78.00 71.18 -13.84
N ASN FA 296 -78.99 71.97 -14.28
CA ASN FA 296 -79.97 72.55 -13.38
C ASN FA 296 -81.29 72.60 -14.14
N ILE FA 297 -82.20 71.70 -13.81
CA ILE FA 297 -83.41 71.49 -14.60
C ILE FA 297 -84.63 72.17 -13.97
N VAL FA 298 -84.41 73.15 -13.10
CA VAL FA 298 -85.52 73.84 -12.44
C VAL FA 298 -86.13 74.81 -13.45
N GLY FA 299 -87.24 74.41 -14.06
CA GLY FA 299 -87.96 75.27 -14.98
C GLY FA 299 -87.20 75.65 -16.23
N MET FA 300 -86.49 74.69 -16.84
CA MET FA 300 -85.73 74.99 -18.05
C MET FA 300 -86.65 75.12 -19.26
N GLY FA 301 -87.66 74.26 -19.37
CA GLY FA 301 -88.53 74.25 -20.52
C GLY FA 301 -88.27 73.05 -21.42
N ALA FA 302 -89.21 72.83 -22.34
CA ALA FA 302 -89.14 71.66 -23.21
C ALA FA 302 -87.92 71.72 -24.12
N ALA FA 303 -87.72 72.84 -24.82
CA ALA FA 303 -86.59 72.96 -25.73
C ALA FA 303 -85.27 72.86 -25.00
N ALA FA 304 -85.17 73.50 -23.84
CA ALA FA 304 -83.96 73.40 -23.03
C ALA FA 304 -83.72 71.97 -22.58
N LEU FA 305 -84.77 71.26 -22.19
CA LEU FA 305 -84.62 69.86 -21.81
C LEU FA 305 -84.12 69.01 -22.97
N ASP FA 306 -84.66 69.24 -24.17
CA ASP FA 306 -84.20 68.48 -25.33
C ASP FA 306 -82.74 68.78 -25.64
N ALA FA 307 -82.35 70.07 -25.55
CA ALA FA 307 -80.96 70.42 -25.79
C ALA FA 307 -80.04 69.76 -24.76
N LEU FA 308 -80.44 69.77 -23.49
CA LEU FA 308 -79.64 69.12 -22.45
C LEU FA 308 -79.53 67.62 -22.70
N ILE FA 309 -80.63 66.99 -23.10
CA ILE FA 309 -80.60 65.56 -23.38
C ILE FA 309 -79.66 65.25 -24.54
N SER FA 310 -79.72 66.06 -25.60
CA SER FA 310 -78.82 65.85 -26.74
C SER FA 310 -77.36 66.04 -26.33
N GLY FA 311 -77.08 67.06 -25.52
CA GLY FA 311 -75.71 67.27 -25.05
C GLY FA 311 -75.22 66.12 -24.20
N VAL FA 312 -76.07 65.59 -23.33
CA VAL FA 312 -75.70 64.45 -22.50
C VAL FA 312 -75.43 63.23 -23.38
N ASP FA 313 -76.27 63.03 -24.41
CA ASP FA 313 -76.05 61.91 -25.32
C ASP FA 313 -74.72 62.05 -26.05
N ALA FA 314 -74.40 63.26 -26.51
CA ALA FA 314 -73.12 63.47 -27.19
C ALA FA 314 -71.95 63.21 -26.25
N ALA FA 315 -72.05 63.68 -25.01
CA ALA FA 315 -70.99 63.42 -24.04
C ALA FA 315 -70.84 61.93 -23.78
N LEU FA 316 -71.96 61.22 -23.66
CA LEU FA 316 -71.90 59.77 -23.45
C LEU FA 316 -71.24 59.08 -24.63
N THR FA 317 -71.57 59.49 -25.85
CA THR FA 317 -70.96 58.88 -27.03
C THR FA 317 -69.45 59.13 -27.06
N ASP FA 318 -69.03 60.37 -26.80
CA ASP FA 318 -67.60 60.69 -26.81
C ASP FA 318 -66.86 59.91 -25.73
N MET FA 319 -67.45 59.79 -24.54
CA MET FA 319 -66.78 59.12 -23.45
C MET FA 319 -66.76 57.60 -23.66
N THR FA 320 -67.79 57.06 -24.33
CA THR FA 320 -67.73 55.66 -24.74
C THR FA 320 -66.62 55.42 -25.75
N SER FA 321 -66.44 56.36 -26.69
CA SER FA 321 -65.33 56.25 -27.63
C SER FA 321 -63.99 56.30 -26.89
N ALA FA 322 -63.88 57.16 -25.89
CA ALA FA 322 -62.67 57.22 -25.09
C ALA FA 322 -62.42 55.91 -24.36
N ALA FA 323 -63.48 55.30 -23.82
CA ALA FA 323 -63.33 54.01 -23.15
C ALA FA 323 -62.87 52.93 -24.13
N ALA FA 324 -63.41 52.94 -25.35
CA ALA FA 324 -62.96 51.99 -26.36
C ALA FA 324 -61.49 52.20 -26.71
N SER FA 325 -61.07 53.47 -26.81
CA SER FA 325 -59.67 53.75 -27.07
C SER FA 325 -58.79 53.25 -25.93
N LEU FA 326 -59.23 53.43 -24.68
CA LEU FA 326 -58.45 52.95 -23.55
C LEU FA 326 -58.34 51.44 -23.56
N GLY FA 327 -59.43 50.75 -23.89
CA GLY FA 327 -59.37 49.29 -24.01
C GLY FA 327 -58.42 48.85 -25.10
N SER FA 328 -58.41 49.56 -26.23
CA SER FA 328 -57.47 49.25 -27.30
C SER FA 328 -56.03 49.46 -26.84
N ILE FA 329 -55.78 50.52 -26.07
CA ILE FA 329 -54.44 50.75 -25.53
C ILE FA 329 -54.04 49.61 -24.61
N SER FA 330 -54.97 49.16 -23.76
CA SER FA 330 -54.66 48.05 -22.85
C SER FA 330 -54.33 46.78 -23.62
N SER FA 331 -55.10 46.49 -24.68
CA SER FA 331 -54.80 45.33 -25.50
C SER FA 331 -53.43 45.44 -26.16
N ARG FA 332 -53.10 46.65 -26.65
CA ARG FA 332 -51.79 46.85 -27.27
C ARG FA 332 -50.68 46.66 -26.25
N ILE FA 333 -50.88 47.13 -25.01
CA ILE FA 333 -49.88 46.92 -23.97
C ILE FA 333 -49.69 45.43 -23.69
N ASP FA 334 -50.78 44.68 -23.63
CA ASP FA 334 -50.67 43.24 -23.39
C ASP FA 334 -49.89 42.56 -24.51
N LEU FA 335 -50.21 42.90 -25.76
CA LEU FA 335 -49.50 42.32 -26.90
C LEU FA 335 -48.03 42.71 -26.88
N GLN FA 336 -47.73 43.96 -26.56
CA GLN FA 336 -46.34 44.41 -26.48
C GLN FA 336 -45.59 43.65 -25.38
N SER FA 337 -46.24 43.43 -24.24
CA SER FA 337 -45.60 42.71 -23.15
C SER FA 337 -45.27 41.28 -23.55
N GLU FA 338 -46.23 40.58 -24.18
CA GLU FA 338 -45.95 39.20 -24.56
C GLU FA 338 -44.89 39.13 -25.66
N PHE FA 339 -44.91 40.09 -26.59
CA PHE FA 339 -43.88 40.11 -27.62
C PHE FA 339 -42.51 40.39 -27.03
N VAL FA 340 -42.42 41.29 -26.05
CA VAL FA 340 -41.15 41.58 -25.40
C VAL FA 340 -40.64 40.36 -24.66
N ASN FA 341 -41.55 39.64 -23.99
CA ASN FA 341 -41.15 38.41 -23.32
C ASN FA 341 -40.61 37.39 -24.31
N LYS FA 342 -41.29 37.22 -25.45
CA LYS FA 342 -40.81 36.29 -26.46
C LYS FA 342 -39.45 36.71 -27.01
N LEU FA 343 -39.27 38.00 -27.27
CA LEU FA 343 -38.00 38.49 -27.77
C LEU FA 343 -36.87 38.29 -26.76
N SER FA 344 -37.14 38.54 -25.48
CA SER FA 344 -36.14 38.30 -24.45
C SER FA 344 -35.79 36.82 -24.36
N ASP FA 345 -36.78 35.95 -24.48
CA ASP FA 345 -36.50 34.51 -24.48
C ASP FA 345 -35.63 34.13 -25.66
N SER FA 346 -35.94 34.66 -26.84
CA SER FA 346 -35.13 34.36 -28.02
C SER FA 346 -33.70 34.86 -27.87
N ILE FA 347 -33.54 36.07 -27.31
CA ILE FA 347 -32.21 36.63 -27.09
C ILE FA 347 -31.42 35.78 -26.11
N GLU FA 348 -32.07 35.36 -25.02
CA GLU FA 348 -31.38 34.51 -24.04
C GLU FA 348 -30.98 33.17 -24.66
N SER FA 349 -31.87 32.59 -25.48
CA SER FA 349 -31.53 31.33 -26.15
C SER FA 349 -30.34 31.51 -27.09
N GLY FA 350 -30.32 32.61 -27.84
CA GLY FA 350 -29.19 32.86 -28.72
C GLY FA 350 -27.89 33.06 -27.96
N VAL FA 351 -27.95 33.80 -26.84
CA VAL FA 351 -26.76 34.00 -26.02
C VAL FA 351 -26.26 32.66 -25.49
N GLY FA 352 -27.18 31.82 -25.01
CA GLY FA 352 -26.78 30.51 -24.53
C GLY FA 352 -26.16 29.65 -25.62
N ARG FA 353 -26.75 29.68 -26.82
CA ARG FA 353 -26.17 28.91 -27.93
C ARG FA 353 -24.79 29.41 -28.29
N LEU FA 354 -24.57 30.73 -28.26
CA LEU FA 354 -23.28 31.30 -28.60
C LEU FA 354 -22.25 31.12 -27.50
N VAL FA 355 -22.67 30.94 -26.25
CA VAL FA 355 -21.78 31.01 -25.10
C VAL FA 355 -21.67 29.67 -24.39
N ASP FA 356 -22.78 28.98 -24.15
CA ASP FA 356 -22.75 27.76 -23.36
C ASP FA 356 -22.01 26.65 -24.10
N ALA FA 357 -21.51 25.68 -23.33
CA ALA FA 357 -20.75 24.56 -23.86
C ALA FA 357 -21.39 23.25 -23.44
N ASP FA 358 -21.43 22.29 -24.35
CA ASP FA 358 -21.98 20.97 -24.08
C ASP FA 358 -21.02 20.21 -23.17
N MET FA 359 -21.39 20.06 -21.91
CA MET FA 359 -20.45 19.66 -20.86
C MET FA 359 -19.82 18.29 -21.12
N ASN FA 360 -20.43 17.47 -21.96
CA ASN FA 360 -19.95 16.09 -22.14
C ASN FA 360 -18.55 16.06 -22.72
N GLU FA 361 -18.29 16.85 -23.76
CA GLU FA 361 -16.96 16.84 -24.37
C GLU FA 361 -15.92 17.47 -23.46
N GLU FA 362 -16.31 18.45 -22.64
CA GLU FA 362 -15.37 18.97 -21.65
C GLU FA 362 -15.02 17.92 -20.61
N SER FA 363 -16.01 17.10 -20.19
CA SER FA 363 -15.70 16.00 -19.28
C SER FA 363 -14.75 15.00 -19.93
N THR FA 364 -14.99 14.67 -21.21
CA THR FA 364 -14.11 13.77 -21.92
C THR FA 364 -12.69 14.33 -22.01
N ARG FA 365 -12.58 15.64 -22.31
CA ARG FA 365 -11.26 16.27 -22.35
C ARG FA 365 -10.60 16.25 -20.98
N LEU FA 366 -11.38 16.46 -19.92
CA LEU FA 366 -10.80 16.44 -18.58
C LEU FA 366 -10.22 15.08 -18.25
N LYS FA 367 -10.96 14.02 -18.57
CA LYS FA 367 -10.42 12.67 -18.37
C LYS FA 367 -9.18 12.44 -19.20
N ALA FA 368 -9.21 12.86 -20.47
CA ALA FA 368 -8.07 12.65 -21.35
C ALA FA 368 -6.83 13.38 -20.83
N LEU FA 369 -6.99 14.62 -20.37
CA LEU FA 369 -5.85 15.37 -19.86
C LEU FA 369 -5.35 14.80 -18.53
N GLN FA 370 -6.25 14.24 -17.71
CA GLN FA 370 -5.78 13.55 -16.52
C GLN FA 370 -4.88 12.38 -16.89
N THR FA 371 -5.32 11.58 -17.85
CA THR FA 371 -4.49 10.45 -18.30
C THR FA 371 -3.17 10.93 -18.90
N GLN FA 372 -3.22 11.99 -19.70
CA GLN FA 372 -2.02 12.53 -20.32
C GLN FA 372 -1.05 13.05 -19.27
N GLN FA 373 -1.57 13.71 -18.23
CA GLN FA 373 -0.71 14.18 -17.15
C GLN FA 373 -0.08 13.02 -16.40
N GLN FA 374 -0.83 11.95 -16.16
CA GLN FA 374 -0.26 10.78 -15.51
C GLN FA 374 0.88 10.20 -16.35
N LEU FA 375 0.66 10.07 -17.66
CA LEU FA 375 1.71 9.57 -18.54
C LEU FA 375 2.93 10.50 -18.52
N ALA FA 376 2.70 11.81 -18.56
CA ALA FA 376 3.80 12.76 -18.58
C ALA FA 376 4.60 12.70 -17.29
N ILE FA 377 3.92 12.58 -16.15
CA ILE FA 377 4.62 12.46 -14.87
C ILE FA 377 5.45 11.19 -14.83
N GLN FA 378 4.88 10.07 -15.29
CA GLN FA 378 5.65 8.83 -15.30
C GLN FA 378 6.88 8.94 -16.19
N ALA FA 379 6.72 9.51 -17.39
CA ALA FA 379 7.85 9.66 -18.29
C ALA FA 379 8.91 10.60 -17.72
N LEU FA 380 8.47 11.68 -17.06
CA LEU FA 380 9.40 12.61 -16.45
C LEU FA 380 10.18 11.95 -15.32
N SER FA 381 9.51 11.11 -14.53
CA SER FA 381 10.22 10.37 -13.49
C SER FA 381 11.23 9.42 -14.08
N ILE FA 382 10.87 8.73 -15.18
CA ILE FA 382 11.81 7.84 -15.83
C ILE FA 382 13.01 8.62 -16.36
N ALA FA 383 12.77 9.78 -16.96
CA ALA FA 383 13.85 10.59 -17.49
C ALA FA 383 14.75 11.12 -16.39
N ASN FA 384 14.18 11.42 -15.22
CA ASN FA 384 14.99 11.82 -14.08
C ASN FA 384 15.85 10.65 -13.60
N SER FA 385 15.27 9.44 -13.57
CA SER FA 385 15.96 8.31 -12.97
C SER FA 385 17.06 7.75 -13.87
N ASP FA 386 16.88 7.81 -15.20
CA ASP FA 386 17.78 7.10 -16.09
C ASP FA 386 19.19 7.67 -16.10
N SER FA 387 19.41 8.87 -15.58
CA SER FA 387 20.73 9.49 -15.60
C SER FA 387 21.69 8.91 -14.57
N GLN FA 388 21.20 8.08 -13.65
CA GLN FA 388 22.04 7.50 -12.61
C GLN FA 388 22.80 6.27 -13.07
N ASN FA 389 22.58 5.81 -14.32
CA ASN FA 389 23.21 4.58 -14.78
C ASN FA 389 24.72 4.71 -14.91
N VAL FA 390 25.22 5.95 -15.11
CA VAL FA 390 26.64 6.14 -15.39
C VAL FA 390 27.50 5.77 -14.19
N LEU FA 391 26.95 5.75 -12.97
CA LEU FA 391 27.74 5.52 -11.78
C LEU FA 391 28.40 4.14 -11.77
N SER FA 392 27.89 3.19 -12.55
CA SER FA 392 28.40 1.82 -12.50
C SER FA 392 29.84 1.74 -12.98
N LEU FA 393 30.19 2.52 -14.02
CA LEU FA 393 31.52 2.42 -14.59
C LEU FA 393 32.60 2.86 -13.61
N PHE FA 394 32.37 3.97 -12.91
CA PHE FA 394 33.44 4.60 -12.14
C PHE FA 394 33.72 3.87 -10.83
N ARG FA 395 32.80 3.05 -10.35
CA ARG FA 395 33.00 2.30 -9.12
C ARG FA 395 33.71 0.98 -9.39
N THR GA 2 33.86 -26.63 14.10
CA THR GA 2 32.73 -26.73 13.18
C THR GA 2 32.92 -27.88 12.20
N SER GA 3 31.91 -28.74 12.10
CA SER GA 3 31.95 -29.86 11.16
C SER GA 3 31.30 -29.44 9.85
N ILE GA 4 32.04 -29.54 8.75
CA ILE GA 4 31.56 -29.11 7.44
C ILE GA 4 30.75 -30.18 6.73
N LEU GA 5 30.64 -31.38 7.29
CA LEU GA 5 29.91 -32.46 6.64
C LEU GA 5 28.51 -32.66 7.19
N THR GA 6 28.24 -32.23 8.42
CA THR GA 6 26.92 -32.33 9.02
C THR GA 6 26.56 -31.01 9.69
N ASN GA 7 25.26 -30.71 9.72
CA ASN GA 7 24.74 -29.49 10.34
C ASN GA 7 23.45 -29.87 11.06
N ASN GA 8 23.58 -30.16 12.37
CA ASN GA 8 22.42 -30.58 13.14
C ASN GA 8 21.37 -29.48 13.23
N SER GA 9 21.81 -28.22 13.33
CA SER GA 9 20.86 -27.11 13.31
C SER GA 9 20.09 -27.07 12.01
N ALA GA 10 20.76 -27.37 10.89
CA ALA GA 10 20.07 -27.43 9.61
C ALA GA 10 19.01 -28.52 9.60
N MET GA 11 19.31 -29.69 10.17
CA MET GA 11 18.31 -30.76 10.24
C MET GA 11 17.12 -30.37 11.11
N ALA GA 12 17.38 -29.72 12.23
CA ALA GA 12 16.28 -29.26 13.09
C ALA GA 12 15.42 -28.24 12.36
N ALA GA 13 16.05 -27.31 11.64
CA ALA GA 13 15.30 -26.34 10.87
C ALA GA 13 14.48 -27.01 9.78
N LEU GA 14 15.04 -28.02 9.13
CA LEU GA 14 14.31 -28.75 8.09
C LEU GA 14 13.09 -29.45 8.68
N SER GA 15 13.26 -30.10 9.84
CA SER GA 15 12.13 -30.76 10.48
C SER GA 15 11.04 -29.75 10.85
N GLY GA 16 11.44 -28.61 11.41
CA GLY GA 16 10.47 -27.57 11.71
C GLY GA 16 9.75 -27.08 10.47
N VAL GA 17 10.48 -26.89 9.38
CA VAL GA 17 9.87 -26.43 8.14
C VAL GA 17 8.86 -27.44 7.62
N ARG GA 18 9.21 -28.73 7.66
CA ARG GA 18 8.27 -29.76 7.20
C ARG GA 18 7.02 -29.79 8.07
N SER GA 19 7.18 -29.68 9.39
CA SER GA 19 6.02 -29.67 10.26
C SER GA 19 5.11 -28.48 9.98
N ILE GA 20 5.71 -27.29 9.83
CA ILE GA 20 4.93 -26.09 9.52
C ILE GA 20 4.25 -26.22 8.18
N SER GA 21 4.93 -26.81 7.20
CA SER GA 21 4.34 -26.98 5.86
C SER GA 21 3.14 -27.92 5.91
N SER GA 22 3.26 -29.04 6.64
CA SER GA 22 2.13 -29.95 6.75
C SER GA 22 0.95 -29.28 7.45
N SER GA 23 1.22 -28.57 8.56
CA SER GA 23 0.14 -27.89 9.27
C SER GA 23 -0.50 -26.82 8.39
N MET GA 24 0.32 -26.11 7.61
CA MET GA 24 -0.20 -25.07 6.74
C MET GA 24 -1.06 -25.66 5.63
N GLU GA 25 -0.63 -26.77 5.03
CA GLU GA 25 -1.46 -27.41 4.02
C GLU GA 25 -2.80 -27.84 4.61
N ASP GA 26 -2.77 -28.40 5.82
CA ASP GA 26 -4.00 -28.80 6.48
C ASP GA 26 -4.92 -27.59 6.71
N THR GA 27 -4.35 -26.49 7.22
CA THR GA 27 -5.20 -25.35 7.52
C THR GA 27 -5.69 -24.66 6.26
N GLN GA 28 -4.93 -24.71 5.16
CA GLN GA 28 -5.44 -24.21 3.89
C GLN GA 28 -6.63 -25.03 3.41
N SER GA 29 -6.54 -26.36 3.54
CA SER GA 29 -7.70 -27.18 3.20
C SER GA 29 -8.90 -26.81 4.08
N ARG GA 30 -8.66 -26.61 5.37
CA ARG GA 30 -9.71 -26.25 6.31
C ARG GA 30 -10.36 -24.92 5.94
N ILE GA 31 -9.54 -23.92 5.60
CA ILE GA 31 -10.03 -22.58 5.32
C ILE GA 31 -10.63 -22.46 3.93
N SER GA 32 -10.31 -23.39 3.03
CA SER GA 32 -10.82 -23.33 1.67
C SER GA 32 -12.04 -24.21 1.45
N SER GA 33 -12.29 -25.19 2.32
CA SER GA 33 -13.44 -26.06 2.10
C SER GA 33 -14.18 -26.33 3.40
N GLY GA 34 -14.05 -25.42 4.38
CA GLY GA 34 -14.69 -25.62 5.67
C GLY GA 34 -14.26 -26.92 6.33
N LEU GA 35 -15.21 -27.81 6.63
CA LEU GA 35 -14.91 -29.16 7.09
C LEU GA 35 -13.88 -29.22 8.22
N ARG GA 36 -14.27 -28.80 9.44
CA ARG GA 36 -13.39 -29.01 10.60
C ARG GA 36 -12.92 -30.46 10.66
N VAL GA 37 -13.80 -31.40 10.35
CA VAL GA 37 -13.43 -32.80 10.22
C VAL GA 37 -13.10 -33.07 8.76
N GLY GA 38 -11.86 -33.47 8.50
CA GLY GA 38 -11.41 -33.75 7.16
C GLY GA 38 -12.20 -34.87 6.51
N SER GA 39 -11.82 -35.16 5.26
CA SER GA 39 -12.50 -36.16 4.43
C SER GA 39 -12.66 -37.44 5.24
N ALA GA 40 -11.58 -38.15 5.58
CA ALA GA 40 -11.68 -39.22 6.58
C ALA GA 40 -10.39 -39.32 7.38
N SER GA 41 -9.43 -38.43 7.13
CA SER GA 41 -8.13 -38.51 7.78
C SER GA 41 -8.15 -37.95 9.19
N ASP GA 42 -9.24 -37.29 9.58
CA ASP GA 42 -9.45 -36.88 10.95
C ASP GA 42 -10.20 -37.97 11.69
N ASN GA 43 -10.77 -37.63 12.85
CA ASN GA 43 -11.45 -38.63 13.68
C ASN GA 43 -12.60 -39.33 12.96
N ALA GA 44 -12.38 -40.62 12.69
CA ALA GA 44 -13.23 -41.37 11.76
C ALA GA 44 -14.66 -41.49 12.26
N ALA GA 45 -14.84 -41.67 13.57
CA ALA GA 45 -16.17 -41.94 14.11
C ALA GA 45 -17.13 -40.79 13.81
N TYR GA 46 -16.70 -39.55 14.05
CA TYR GA 46 -17.57 -38.42 13.82
C TYR GA 46 -17.85 -38.23 12.33
N TRP GA 47 -16.86 -38.50 11.48
CA TRP GA 47 -17.10 -38.44 10.03
C TRP GA 47 -18.13 -39.48 9.61
N SER GA 48 -18.05 -40.69 10.17
CA SER GA 48 -19.02 -41.73 9.86
C SER GA 48 -20.42 -41.30 10.29
N ILE GA 49 -20.53 -40.73 11.49
CA ILE GA 49 -21.81 -40.22 11.96
C ILE GA 49 -22.35 -39.17 11.00
N ALA GA 50 -21.48 -38.25 10.57
CA ALA GA 50 -21.90 -37.20 9.65
C ALA GA 50 -22.38 -37.77 8.32
N THR GA 51 -21.66 -38.76 7.78
CA THR GA 51 -22.06 -39.37 6.51
C THR GA 51 -23.39 -40.08 6.64
N THR GA 52 -23.58 -40.83 7.73
CA THR GA 52 -24.86 -41.50 7.94
C THR GA 52 -26.00 -40.49 8.05
N MET GA 53 -25.75 -39.38 8.76
CA MET GA 53 -26.79 -38.38 8.92
C MET GA 53 -27.08 -37.65 7.61
N ARG GA 54 -26.07 -37.44 6.77
CA ARG GA 54 -26.32 -36.89 5.43
C ARG GA 54 -27.18 -37.83 4.60
N SER GA 55 -26.90 -39.13 4.67
CA SER GA 55 -27.74 -40.10 3.97
C SER GA 55 -29.17 -40.06 4.48
N ASP GA 56 -29.34 -39.96 5.80
CA ASP GA 56 -30.67 -39.85 6.37
C ASP GA 56 -31.36 -38.57 5.93
N ASN GA 57 -30.61 -37.47 5.81
CA ASN GA 57 -31.19 -36.22 5.32
C ASN GA 57 -31.67 -36.35 3.88
N GLN GA 58 -30.88 -37.03 3.03
CA GLN GA 58 -31.33 -37.29 1.67
C GLN GA 58 -32.59 -38.12 1.65
N ALA GA 59 -32.65 -39.15 2.52
CA ALA GA 59 -33.87 -39.96 2.62
C ALA GA 59 -35.06 -39.11 3.04
N LEU GA 60 -34.85 -38.17 3.98
CA LEU GA 60 -35.93 -37.31 4.42
C LEU GA 60 -36.38 -36.38 3.31
N SER GA 61 -35.45 -35.91 2.47
CA SER GA 61 -35.84 -35.10 1.32
C SER GA 61 -36.71 -35.91 0.35
N ALA GA 62 -36.33 -37.16 0.10
CA ALA GA 62 -37.16 -38.02 -0.73
C ALA GA 62 -38.54 -38.23 -0.11
N VAL GA 63 -38.59 -38.40 1.21
CA VAL GA 63 -39.87 -38.54 1.91
C VAL GA 63 -40.69 -37.27 1.77
N GLN GA 64 -40.05 -36.11 1.79
CA GLN GA 64 -40.76 -34.85 1.59
C GLN GA 64 -41.39 -34.78 0.20
N ASP GA 65 -40.63 -35.19 -0.82
CA ASP GA 65 -41.20 -35.21 -2.16
C ASP GA 65 -42.38 -36.17 -2.25
N ALA GA 66 -42.26 -37.36 -1.65
CA ALA GA 66 -43.36 -38.31 -1.64
C ALA GA 66 -44.56 -37.74 -0.89
N LEU GA 67 -44.32 -37.02 0.19
CA LEU GA 67 -45.40 -36.40 0.96
C LEU GA 67 -46.12 -35.37 0.13
N GLY GA 68 -45.39 -34.56 -0.62
CA GLY GA 68 -46.03 -33.60 -1.52
C GLY GA 68 -46.89 -34.28 -2.57
N LEU GA 69 -46.37 -35.36 -3.17
CA LEU GA 69 -47.15 -36.10 -4.16
C LEU GA 69 -48.42 -36.67 -3.55
N GLY GA 70 -48.30 -37.27 -2.36
CA GLY GA 70 -49.47 -37.82 -1.69
C GLY GA 70 -50.48 -36.76 -1.30
N ALA GA 71 -50.00 -35.59 -0.89
CA ALA GA 71 -50.90 -34.49 -0.56
C ALA GA 71 -51.67 -34.04 -1.79
N ALA GA 72 -50.99 -33.96 -2.95
CA ALA GA 72 -51.69 -33.62 -4.18
C ALA GA 72 -52.75 -34.66 -4.50
N LYS GA 73 -52.42 -35.95 -4.36
CA LYS GA 73 -53.39 -37.01 -4.65
C LYS GA 73 -54.60 -36.90 -3.73
N VAL GA 74 -54.36 -36.67 -2.44
CA VAL GA 74 -55.45 -36.58 -1.47
C VAL GA 74 -56.31 -35.35 -1.75
N ASP GA 75 -55.69 -34.25 -2.16
CA ASP GA 75 -56.46 -33.06 -2.50
C ASP GA 75 -57.37 -33.31 -3.70
N THR GA 76 -56.84 -33.98 -4.73
CA THR GA 76 -57.68 -34.31 -5.88
C THR GA 76 -58.84 -35.22 -5.48
N ALA GA 77 -58.54 -36.23 -4.66
CA ALA GA 77 -59.59 -37.14 -4.20
C ALA GA 77 -60.65 -36.40 -3.39
N TYR GA 78 -60.23 -35.45 -2.54
CA TYR GA 78 -61.16 -34.71 -1.73
C TYR GA 78 -62.06 -33.83 -2.60
N SER GA 79 -61.47 -33.20 -3.63
CA SER GA 79 -62.28 -32.39 -4.54
C SER GA 79 -63.32 -33.26 -5.24
N GLY GA 80 -62.91 -34.44 -5.72
CA GLY GA 80 -63.88 -35.36 -6.31
C GLY GA 80 -64.96 -35.77 -5.33
N MET GA 81 -64.57 -35.99 -4.06
CA MET GA 81 -65.54 -36.37 -3.04
C MET GA 81 -66.56 -35.26 -2.82
N GLU GA 82 -66.11 -34.01 -2.78
CA GLU GA 82 -67.02 -32.89 -2.62
C GLU GA 82 -67.99 -32.79 -3.78
N SER GA 83 -67.48 -32.96 -5.01
CA SER GA 83 -68.36 -32.93 -6.17
C SER GA 83 -69.42 -34.02 -6.09
N ALA GA 84 -69.00 -35.24 -5.71
CA ALA GA 84 -69.95 -36.34 -5.59
C ALA GA 84 -70.99 -36.06 -4.52
N ILE GA 85 -70.56 -35.52 -3.38
CA ILE GA 85 -71.51 -35.21 -2.30
C ILE GA 85 -72.53 -34.18 -2.75
N GLU GA 86 -72.07 -33.13 -3.45
CA GLU GA 86 -73.00 -32.11 -3.93
C GLU GA 86 -73.99 -32.70 -4.91
N VAL GA 87 -73.52 -33.55 -5.84
CA VAL GA 87 -74.43 -34.14 -6.81
C VAL GA 87 -75.46 -35.03 -6.13
N VAL GA 88 -75.01 -35.83 -5.14
CA VAL GA 88 -75.94 -36.74 -4.47
C VAL GA 88 -76.95 -35.95 -3.64
N LYS GA 89 -76.52 -34.85 -3.02
CA LYS GA 89 -77.46 -33.99 -2.31
C LYS GA 89 -78.51 -33.44 -3.26
N GLU GA 90 -78.08 -33.03 -4.46
CA GLU GA 90 -79.03 -32.53 -5.45
C GLU GA 90 -80.01 -33.63 -5.85
N ILE GA 91 -79.51 -34.87 -6.01
CA ILE GA 91 -80.37 -35.98 -6.37
C ILE GA 91 -81.41 -36.23 -5.27
N LYS GA 92 -80.97 -36.19 -4.02
CA LYS GA 92 -81.89 -36.42 -2.91
C LYS GA 92 -82.96 -35.33 -2.86
N ALA GA 93 -82.55 -34.08 -3.09
CA ALA GA 93 -83.52 -32.99 -3.12
C ALA GA 93 -84.54 -33.21 -4.23
N LYS GA 94 -84.07 -33.60 -5.42
CA LYS GA 94 -85.00 -33.86 -6.53
C LYS GA 94 -85.97 -34.98 -6.19
N LEU GA 95 -85.47 -36.05 -5.56
CA LEU GA 95 -86.33 -37.19 -5.27
C LEU GA 95 -87.36 -36.85 -4.20
N VAL GA 96 -86.95 -36.11 -3.16
CA VAL GA 96 -87.90 -35.75 -2.11
C VAL GA 96 -88.90 -34.72 -2.63
N ALA GA 97 -88.51 -33.96 -3.66
CA ALA GA 97 -89.50 -33.12 -4.34
C ALA GA 97 -90.46 -33.98 -5.15
N ALA GA 98 -89.96 -35.04 -5.76
CA ALA GA 98 -90.76 -35.91 -6.62
C ALA GA 98 -91.61 -36.92 -5.86
N THR GA 99 -91.45 -37.02 -4.53
CA THR GA 99 -92.29 -37.96 -3.78
C THR GA 99 -93.77 -37.61 -3.90
N GLU GA 100 -94.09 -36.36 -4.22
CA GLU GA 100 -95.47 -35.98 -4.48
C GLU GA 100 -95.99 -36.69 -5.72
N ASP GA 101 -97.25 -37.12 -5.66
CA ASP GA 101 -97.86 -37.81 -6.79
C ASP GA 101 -98.33 -36.87 -7.90
N GLY GA 102 -98.38 -35.56 -7.64
CA GLY GA 102 -98.82 -34.60 -8.62
C GLY GA 102 -97.77 -34.16 -9.63
N VAL GA 103 -96.56 -34.70 -9.53
CA VAL GA 103 -95.45 -34.34 -10.40
C VAL GA 103 -95.14 -35.53 -11.29
N ASP GA 104 -95.09 -35.31 -12.60
CA ASP GA 104 -94.73 -36.37 -13.53
C ASP GA 104 -93.33 -36.86 -13.23
N LYS GA 105 -93.18 -38.19 -13.16
CA LYS GA 105 -91.93 -38.80 -12.73
C LYS GA 105 -90.94 -39.03 -13.86
N ALA GA 106 -91.34 -38.85 -15.12
CA ALA GA 106 -90.41 -39.03 -16.22
C ALA GA 106 -89.33 -37.96 -16.22
N LYS GA 107 -89.72 -36.71 -15.95
CA LYS GA 107 -88.74 -35.62 -15.90
C LYS GA 107 -87.74 -35.85 -14.77
N ILE GA 108 -88.24 -36.24 -13.60
CA ILE GA 108 -87.34 -36.50 -12.48
C ILE GA 108 -86.44 -37.69 -12.79
N GLN GA 109 -86.98 -38.70 -13.47
CA GLN GA 109 -86.18 -39.86 -13.83
C GLN GA 109 -85.04 -39.49 -14.78
N GLU GA 110 -85.32 -38.65 -15.78
CA GLU GA 110 -84.25 -38.24 -16.68
C GLU GA 110 -83.24 -37.33 -16.00
N GLU GA 111 -83.69 -36.46 -15.09
CA GLU GA 111 -82.74 -35.66 -14.33
C GLU GA 111 -81.83 -36.54 -13.48
N ILE GA 112 -82.40 -37.56 -12.83
CA ILE GA 112 -81.59 -38.47 -12.03
C ILE GA 112 -80.63 -39.27 -12.92
N THR GA 113 -81.07 -39.63 -14.13
CA THR GA 113 -80.16 -40.32 -15.05
C THR GA 113 -78.98 -39.43 -15.41
N GLN GA 114 -79.25 -38.14 -15.69
CA GLN GA 114 -78.17 -37.21 -15.99
C GLN GA 114 -77.24 -37.06 -14.80
N LEU GA 115 -77.80 -36.97 -13.60
CA LEU GA 115 -76.95 -36.81 -12.41
C LEU GA 115 -76.13 -38.07 -12.14
N LYS GA 116 -76.69 -39.25 -12.43
CA LYS GA 116 -75.94 -40.49 -12.29
C LYS GA 116 -74.79 -40.55 -13.29
N ASP GA 117 -75.03 -40.11 -14.53
CA ASP GA 117 -73.95 -40.03 -15.49
C ASP GA 117 -72.87 -39.06 -15.03
N GLN GA 118 -73.29 -37.93 -14.45
CA GLN GA 118 -72.32 -36.98 -13.90
C GLN GA 118 -71.51 -37.62 -12.77
N LEU GA 119 -72.17 -38.38 -11.90
CA LEU GA 119 -71.47 -39.06 -10.81
C LEU GA 119 -70.44 -40.05 -11.37
N THR GA 120 -70.82 -40.82 -12.38
CA THR GA 120 -69.90 -41.76 -12.98
C THR GA 120 -68.69 -41.04 -13.60
N SER GA 121 -68.96 -39.94 -14.30
CA SER GA 121 -67.86 -39.18 -14.91
C SER GA 121 -66.93 -38.62 -13.84
N ILE GA 122 -67.48 -38.09 -12.75
CA ILE GA 122 -66.66 -37.57 -11.67
C ILE GA 122 -65.83 -38.68 -11.06
N ALA GA 123 -66.44 -39.85 -10.85
CA ALA GA 123 -65.72 -40.96 -10.23
C ALA GA 123 -64.57 -41.44 -11.11
N ASP GA 124 -64.80 -41.56 -12.41
CA ASP GA 124 -63.75 -42.08 -13.29
C ASP GA 124 -62.74 -41.02 -13.71
N ALA GA 125 -63.05 -39.74 -13.54
CA ALA GA 125 -62.16 -38.67 -13.99
C ALA GA 125 -61.24 -38.16 -12.89
N ALA GA 126 -61.63 -38.31 -11.62
CA ALA GA 126 -60.84 -37.78 -10.50
C ALA GA 126 -59.65 -38.71 -10.25
N SER GA 127 -58.71 -38.69 -11.19
CA SER GA 127 -57.50 -39.49 -11.12
C SER GA 127 -56.30 -38.57 -11.30
N PHE GA 128 -55.41 -38.56 -10.31
CA PHE GA 128 -54.23 -37.69 -10.40
C PHE GA 128 -53.12 -38.36 -11.22
N SER GA 129 -52.58 -39.47 -10.73
CA SER GA 129 -51.47 -40.16 -11.37
C SER GA 129 -51.76 -41.66 -11.44
N GLY GA 130 -52.95 -42.01 -11.87
CA GLY GA 130 -53.37 -43.42 -11.88
C GLY GA 130 -53.95 -43.87 -10.57
N GLU GA 131 -53.25 -43.63 -9.45
CA GLU GA 131 -53.79 -43.91 -8.14
C GLU GA 131 -54.84 -42.87 -7.78
N ASN GA 132 -56.09 -43.15 -8.10
CA ASN GA 132 -57.17 -42.19 -7.91
C ASN GA 132 -57.90 -42.33 -6.59
N TRP GA 133 -57.63 -43.40 -5.84
CA TRP GA 133 -58.26 -43.67 -4.55
C TRP GA 133 -59.78 -43.79 -4.67
N LEU GA 134 -60.28 -43.97 -5.89
CA LEU GA 134 -61.71 -44.13 -6.15
C LEU GA 134 -61.88 -45.13 -7.27
N GLN GA 135 -63.07 -45.75 -7.30
CA GLN GA 135 -63.39 -46.77 -8.30
C GLN GA 135 -62.35 -47.89 -8.29
N ALA GA 136 -62.11 -48.44 -7.10
CA ALA GA 136 -61.12 -49.48 -6.93
C ALA GA 136 -61.72 -50.85 -7.25
N ASP GA 137 -60.91 -51.89 -7.10
CA ASP GA 137 -61.34 -53.27 -7.32
C ASP GA 137 -61.61 -53.91 -5.96
N LEU GA 138 -62.87 -54.21 -5.70
CA LEU GA 138 -63.28 -54.81 -4.44
C LEU GA 138 -63.48 -56.32 -4.54
N SER GA 139 -63.06 -56.93 -5.65
CA SER GA 139 -63.17 -58.38 -5.78
C SER GA 139 -62.30 -59.07 -4.73
N GLY GA 140 -61.10 -58.55 -4.48
CA GLY GA 140 -60.26 -59.12 -3.44
C GLY GA 140 -60.85 -58.96 -2.06
N GLY GA 141 -61.56 -57.86 -1.81
CA GLY GA 141 -62.21 -57.64 -0.54
C GLY GA 141 -61.82 -56.34 0.13
N ALA GA 142 -60.54 -55.96 0.02
CA ALA GA 142 -60.06 -54.73 0.62
C ALA GA 142 -58.72 -54.37 0.00
N VAL GA 143 -58.60 -53.10 -0.41
CA VAL GA 143 -57.36 -52.56 -0.94
C VAL GA 143 -56.97 -51.35 -0.11
N THR GA 144 -55.68 -51.25 0.23
CA THR GA 144 -55.18 -50.20 1.11
C THR GA 144 -54.14 -49.38 0.36
N LYS GA 145 -54.41 -48.09 0.20
CA LYS GA 145 -53.45 -47.16 -0.38
C LYS GA 145 -52.61 -46.54 0.72
N SER GA 146 -51.33 -46.33 0.42
CA SER GA 146 -50.37 -45.85 1.42
C SER GA 146 -49.70 -44.58 0.92
N VAL GA 147 -49.45 -43.66 1.84
CA VAL GA 147 -48.71 -42.43 1.57
C VAL GA 147 -47.47 -42.43 2.45
N VAL GA 148 -46.31 -42.18 1.84
CA VAL GA 148 -45.05 -42.23 2.58
C VAL GA 148 -45.04 -41.12 3.63
N GLY GA 149 -44.96 -41.51 4.90
CA GLY GA 149 -44.99 -40.55 5.97
C GLY GA 149 -43.64 -40.06 6.45
N SER GA 150 -42.75 -40.99 6.81
CA SER GA 150 -41.46 -40.62 7.35
C SER GA 150 -40.48 -41.77 7.16
N PHE GA 151 -39.20 -41.44 7.28
CA PHE GA 151 -38.12 -42.42 7.25
C PHE GA 151 -37.52 -42.49 8.65
N VAL GA 152 -37.56 -43.69 9.24
CA VAL GA 152 -37.17 -43.89 10.63
C VAL GA 152 -36.00 -44.87 10.69
N ARG GA 153 -34.95 -44.48 11.38
CA ARG GA 153 -33.81 -45.36 11.64
C ARG GA 153 -33.95 -45.89 13.06
N ASP GA 154 -34.25 -47.18 13.18
CA ASP GA 154 -34.42 -47.80 14.49
C ASP GA 154 -33.10 -47.80 15.25
N GLY GA 155 -33.20 -47.69 16.57
CA GLY GA 155 -32.00 -47.64 17.40
C GLY GA 155 -31.15 -48.89 17.30
N SER GA 156 -31.78 -50.04 17.11
CA SER GA 156 -31.05 -51.31 17.04
C SER GA 156 -30.52 -51.59 15.64
N GLY GA 157 -29.82 -50.62 15.06
CA GLY GA 157 -29.14 -50.79 13.80
C GLY GA 157 -29.99 -51.24 12.63
N SER GA 158 -31.14 -50.60 12.44
CA SER GA 158 -32.01 -50.93 11.32
C SER GA 158 -32.80 -49.71 10.91
N VAL GA 159 -33.28 -49.74 9.66
CA VAL GA 159 -34.03 -48.62 9.09
C VAL GA 159 -35.31 -49.16 8.46
N ALA GA 160 -36.29 -48.27 8.30
CA ALA GA 160 -37.56 -48.62 7.70
C ALA GA 160 -38.24 -47.34 7.25
N VAL GA 161 -39.34 -47.50 6.50
CA VAL GA 161 -40.13 -46.39 6.01
C VAL GA 161 -41.56 -46.55 6.54
N LYS GA 162 -42.13 -45.47 7.04
CA LYS GA 162 -43.48 -45.47 7.58
C LYS GA 162 -44.46 -44.93 6.54
N LYS GA 163 -45.69 -45.41 6.61
CA LYS GA 163 -46.71 -45.04 5.65
C LYS GA 163 -48.02 -44.75 6.37
N VAL GA 164 -48.86 -43.95 5.73
CA VAL GA 164 -50.21 -43.63 6.20
C VAL GA 164 -51.20 -44.40 5.34
N ASP GA 165 -52.04 -45.22 5.98
CA ASP GA 165 -52.90 -46.14 5.28
C ASP GA 165 -54.32 -45.59 5.17
N TYR GA 166 -54.89 -45.65 3.97
CA TYR GA 166 -56.28 -45.29 3.73
C TYR GA 166 -56.98 -46.52 3.15
N SER GA 167 -58.03 -46.97 3.84
CA SER GA 167 -58.69 -48.22 3.49
C SER GA 167 -59.82 -47.94 2.51
N LEU GA 168 -59.77 -48.60 1.35
CA LEU GA 168 -60.81 -48.49 0.33
C LEU GA 168 -61.72 -49.71 0.46
N ASN GA 169 -62.57 -49.68 1.49
CA ASN GA 169 -63.49 -50.76 1.76
C ASN GA 169 -64.78 -50.54 0.97
N ALA GA 170 -65.82 -51.29 1.31
CA ALA GA 170 -67.12 -51.17 0.66
C ALA GA 170 -67.92 -49.97 1.13
N ASN GA 171 -67.28 -49.04 1.86
CA ASN GA 171 -67.96 -47.85 2.35
C ASN GA 171 -67.50 -46.57 1.68
N SER GA 172 -66.31 -46.54 1.08
CA SER GA 172 -65.77 -45.35 0.43
C SER GA 172 -65.13 -45.73 -0.90
N VAL GA 173 -65.83 -46.56 -1.67
CA VAL GA 173 -65.26 -47.08 -2.91
C VAL GA 173 -65.72 -46.26 -4.11
N LEU GA 174 -66.94 -45.72 -4.04
CA LEU GA 174 -67.45 -44.86 -5.11
C LEU GA 174 -67.46 -45.56 -6.47
N PHE GA 175 -68.40 -46.48 -6.68
CA PHE GA 175 -68.54 -47.22 -7.92
C PHE GA 175 -67.41 -48.21 -8.17
N ASP GA 176 -67.31 -49.23 -7.31
CA ASP GA 176 -66.47 -50.40 -7.56
C ASP GA 176 -66.63 -50.87 -9.00
N THR GA 177 -65.50 -51.11 -9.66
CA THR GA 177 -65.48 -51.29 -11.11
C THR GA 177 -65.74 -52.74 -11.55
N VAL GA 178 -65.73 -53.70 -10.63
CA VAL GA 178 -65.82 -55.10 -11.06
C VAL GA 178 -67.12 -55.73 -10.60
N GLY GA 179 -67.32 -55.83 -9.29
CA GLY GA 179 -68.48 -56.51 -8.75
C GLY GA 179 -69.68 -55.65 -8.47
N ASP GA 180 -69.54 -54.32 -8.58
CA ASP GA 180 -70.60 -53.38 -8.24
C ASP GA 180 -71.07 -53.59 -6.80
N THR GA 181 -70.14 -54.01 -5.95
CA THR GA 181 -70.39 -54.17 -4.52
C THR GA 181 -69.54 -53.14 -3.77
N GLY GA 182 -70.21 -52.23 -3.08
CA GLY GA 182 -69.55 -51.13 -2.41
C GLY GA 182 -70.55 -50.14 -1.86
N ILE GA 183 -70.34 -48.85 -2.14
CA ILE GA 183 -71.35 -47.85 -1.82
C ILE GA 183 -72.66 -48.17 -2.53
N LEU GA 184 -72.58 -48.67 -3.76
CA LEU GA 184 -73.77 -49.12 -4.47
C LEU GA 184 -74.26 -50.45 -3.91
N ASP GA 185 -75.55 -50.71 -4.12
CA ASP GA 185 -76.18 -52.02 -3.91
C ASP GA 185 -76.27 -52.32 -2.41
N LYS GA 186 -75.66 -51.49 -1.58
CA LYS GA 186 -75.75 -51.65 -0.13
C LYS GA 186 -76.83 -50.72 0.40
N VAL GA 187 -77.63 -51.22 1.35
CA VAL GA 187 -78.72 -50.42 1.89
C VAL GA 187 -78.35 -49.89 3.28
N TYR GA 188 -78.05 -50.78 4.22
CA TYR GA 188 -77.81 -50.41 5.62
C TYR GA 188 -78.89 -49.45 6.13
N ASN GA 189 -80.13 -49.63 5.65
CA ASN GA 189 -81.18 -48.67 5.93
C ASN GA 189 -81.55 -48.70 7.41
N VAL GA 190 -81.86 -47.52 7.94
CA VAL GA 190 -82.15 -47.38 9.37
C VAL GA 190 -83.47 -48.08 9.71
N SER GA 191 -84.46 -48.03 8.82
CA SER GA 191 -85.77 -48.58 9.11
C SER GA 191 -86.40 -49.09 7.81
N GLN GA 192 -87.70 -49.33 7.87
CA GLN GA 192 -88.48 -49.84 6.74
C GLN GA 192 -89.72 -48.98 6.57
N ALA GA 193 -90.31 -49.05 5.38
CA ALA GA 193 -91.54 -48.31 5.11
C ALA GA 193 -92.64 -48.75 6.07
N SER GA 194 -93.34 -47.77 6.65
CA SER GA 194 -94.33 -48.03 7.68
C SER GA 194 -95.61 -47.28 7.37
N VAL GA 195 -96.72 -47.83 7.86
CA VAL GA 195 -98.03 -47.21 7.70
C VAL GA 195 -98.79 -47.36 9.01
N THR GA 196 -99.47 -46.30 9.43
CA THR GA 196 -100.27 -46.29 10.64
C THR GA 196 -101.72 -46.57 10.28
N LEU GA 197 -102.30 -47.60 10.88
CA LEU GA 197 -103.64 -48.05 10.54
C LEU GA 197 -104.61 -47.80 11.69
N THR GA 198 -105.89 -47.75 11.35
CA THR GA 198 -106.97 -47.61 12.32
C THR GA 198 -107.70 -48.95 12.36
N VAL GA 199 -107.21 -49.86 13.19
CA VAL GA 199 -107.75 -51.21 13.32
C VAL GA 199 -108.22 -51.40 14.74
N ASN GA 200 -109.46 -51.84 14.91
CA ASN GA 200 -110.05 -52.07 16.22
C ASN GA 200 -110.05 -53.57 16.50
N THR GA 201 -109.21 -53.98 17.46
CA THR GA 201 -109.23 -55.37 17.90
C THR GA 201 -110.56 -55.71 18.55
N ASN GA 202 -111.12 -54.78 19.32
CA ASN GA 202 -112.41 -54.95 19.96
C ASN GA 202 -113.33 -53.81 19.58
N GLY GA 203 -114.45 -53.66 20.29
CA GLY GA 203 -115.42 -52.62 19.99
C GLY GA 203 -114.87 -51.22 20.00
N VAL GA 204 -113.74 -51.01 20.68
CA VAL GA 204 -113.08 -49.72 20.74
C VAL GA 204 -111.97 -49.68 19.71
N GLU GA 205 -111.80 -48.53 19.06
CA GLU GA 205 -110.79 -48.37 18.03
C GLU GA 205 -109.41 -48.13 18.65
N SER GA 206 -108.38 -48.31 17.83
CA SER GA 206 -107.01 -48.15 18.30
C SER GA 206 -106.12 -47.84 17.10
N GLN GA 207 -104.93 -47.33 17.41
CA GLN GA 207 -103.93 -46.99 16.40
C GLN GA 207 -102.80 -48.01 16.46
N HIS GA 208 -102.43 -48.54 15.30
CA HIS GA 208 -101.38 -49.55 15.21
C HIS GA 208 -100.41 -49.18 14.09
N THR GA 209 -99.15 -49.58 14.27
CA THR GA 209 -98.10 -49.34 13.30
C THR GA 209 -97.61 -50.67 12.75
N VAL GA 210 -97.63 -50.81 11.43
CA VAL GA 210 -97.22 -52.04 10.76
C VAL GA 210 -96.40 -51.66 9.52
N ALA GA 211 -95.38 -52.45 9.23
CA ALA GA 211 -94.54 -52.19 8.07
C ALA GA 211 -95.33 -52.37 6.78
N ALA GA 212 -95.02 -51.55 5.79
CA ALA GA 212 -95.69 -51.58 4.50
C ALA GA 212 -94.76 -52.17 3.44
N TYR GA 213 -95.36 -52.94 2.53
CA TYR GA 213 -94.62 -53.61 1.47
C TYR GA 213 -95.11 -53.12 0.11
N SER GA 214 -94.17 -52.75 -0.74
CA SER GA 214 -94.52 -52.27 -2.08
C SER GA 214 -95.11 -53.40 -2.92
N LEU GA 215 -96.09 -53.05 -3.75
CA LEU GA 215 -96.71 -54.05 -4.62
C LEU GA 215 -95.71 -54.61 -5.62
N GLU GA 216 -94.74 -53.79 -6.05
CA GLU GA 216 -93.72 -54.27 -6.98
C GLU GA 216 -92.89 -55.39 -6.37
N SER GA 217 -92.54 -55.26 -5.09
CA SER GA 217 -91.75 -56.30 -4.43
C SER GA 217 -92.52 -57.63 -4.39
N LEU GA 218 -93.83 -57.57 -4.10
CA LEU GA 218 -94.62 -58.78 -4.08
C LEU GA 218 -94.75 -59.38 -5.48
N THR GA 219 -95.11 -58.57 -6.46
CA THR GA 219 -95.34 -59.08 -7.81
C THR GA 219 -94.06 -59.55 -8.48
N GLU GA 220 -92.90 -59.09 -8.02
CA GLU GA 220 -91.65 -59.51 -8.63
C GLU GA 220 -91.31 -60.96 -8.29
N ALA GA 221 -91.65 -61.39 -7.07
CA ALA GA 221 -91.30 -62.72 -6.58
C ALA GA 221 -92.36 -63.77 -6.92
N GLY GA 222 -93.19 -63.52 -7.91
CA GLY GA 222 -94.20 -64.49 -8.30
C GLY GA 222 -95.30 -64.67 -7.26
N ALA GA 223 -96.11 -63.65 -7.07
CA ALA GA 223 -97.16 -63.65 -6.05
C ALA GA 223 -98.52 -63.85 -6.70
N GLU GA 224 -99.27 -64.83 -6.21
CA GLU GA 224 -100.65 -64.99 -6.61
C GLU GA 224 -101.51 -63.90 -5.99
N PHE GA 225 -102.52 -63.45 -6.73
CA PHE GA 225 -103.39 -62.38 -6.28
C PHE GA 225 -104.85 -62.76 -6.48
N GLN GA 226 -105.70 -62.26 -5.58
CA GLN GA 226 -107.14 -62.43 -5.71
C GLN GA 226 -107.80 -61.29 -4.92
N GLY GA 227 -108.41 -60.36 -5.63
CA GLY GA 227 -109.02 -59.20 -4.98
C GLY GA 227 -108.00 -58.36 -4.26
N ASN GA 228 -108.01 -58.41 -2.93
CA ASN GA 228 -107.06 -57.71 -2.09
C ASN GA 228 -106.23 -58.68 -1.27
N TYR GA 229 -105.80 -59.77 -1.90
CA TYR GA 229 -105.01 -60.81 -1.26
C TYR GA 229 -103.77 -61.10 -2.08
N ALA GA 230 -102.65 -61.32 -1.39
CA ALA GA 230 -101.40 -61.72 -2.02
C ALA GA 230 -100.84 -62.94 -1.31
N LEU GA 231 -100.32 -63.90 -2.09
CA LEU GA 231 -99.81 -65.15 -1.58
C LEU GA 231 -98.45 -65.45 -2.22
N GLN GA 232 -97.53 -64.48 -2.08
CA GLN GA 232 -96.19 -64.62 -2.64
C GLN GA 232 -95.57 -65.97 -2.29
N GLY GA 233 -95.44 -66.26 -1.00
CA GLY GA 233 -94.95 -67.54 -0.55
C GLY GA 233 -95.76 -68.08 0.60
N GLY GA 234 -95.09 -68.54 1.65
CA GLY GA 234 -95.79 -68.88 2.87
C GLY GA 234 -96.45 -67.68 3.50
N ASN GA 235 -95.83 -66.51 3.37
CA ASN GA 235 -96.39 -65.28 3.90
C ASN GA 235 -97.62 -64.86 3.10
N SER GA 236 -98.56 -64.21 3.77
CA SER GA 236 -99.80 -63.74 3.16
C SER GA 236 -99.92 -62.24 3.36
N TYR GA 237 -100.22 -61.53 2.28
CA TYR GA 237 -100.36 -60.08 2.31
C TYR GA 237 -101.76 -59.68 1.86
N VAL GA 238 -102.29 -58.64 2.50
CA VAL GA 238 -103.59 -58.08 2.13
C VAL GA 238 -103.45 -56.57 2.01
N LYS GA 239 -104.38 -55.98 1.27
CA LYS GA 239 -104.42 -54.54 1.06
C LYS GA 239 -105.50 -53.95 1.95
N VAL GA 240 -105.11 -52.98 2.79
CA VAL GA 240 -106.05 -52.36 3.73
C VAL GA 240 -106.72 -51.14 3.13
N GLU GA 241 -105.95 -50.13 2.74
CA GLU GA 241 -106.48 -49.04 1.92
C GLU GA 241 -105.71 -48.88 0.61
N ASN GA 242 -104.38 -48.73 0.67
CA ASN GA 242 -103.57 -48.64 -0.54
C ASN GA 242 -102.26 -49.41 -0.47
N VAL GA 243 -101.83 -49.87 0.70
CA VAL GA 243 -100.55 -50.52 0.86
C VAL GA 243 -100.77 -51.97 1.28
N TRP GA 244 -99.86 -52.84 0.88
CA TRP GA 244 -99.93 -54.26 1.22
C TRP GA 244 -99.16 -54.50 2.51
N VAL GA 245 -99.81 -55.15 3.48
CA VAL GA 245 -99.21 -55.44 4.77
C VAL GA 245 -99.40 -56.92 5.09
N ARG GA 246 -98.59 -57.41 6.01
CA ARG GA 246 -98.65 -58.82 6.40
C ARG GA 246 -100.00 -59.11 7.07
N ALA GA 247 -100.57 -60.25 6.73
CA ALA GA 247 -101.83 -60.71 7.29
C ALA GA 247 -101.64 -62.08 7.94
N GLU GA 248 -102.69 -62.56 8.61
CA GLU GA 248 -102.66 -63.85 9.25
C GLU GA 248 -104.06 -64.45 9.20
N THR GA 249 -104.14 -65.75 9.41
CA THR GA 249 -105.40 -66.46 9.32
C THR GA 249 -106.31 -66.09 10.50
N ALA GA 250 -107.57 -66.48 10.38
CA ALA GA 250 -108.53 -66.25 11.45
C ALA GA 250 -108.23 -67.15 12.64
N ALA GA 251 -108.87 -66.84 13.78
CA ALA GA 251 -108.68 -67.56 15.04
C ALA GA 251 -107.24 -67.55 15.51
N THR GA 252 -106.46 -66.55 15.08
CA THR GA 252 -105.09 -66.39 15.54
C THR GA 252 -104.86 -65.11 16.32
N GLY GA 253 -105.72 -64.11 16.18
CA GLY GA 253 -105.65 -62.93 17.02
C GLY GA 253 -106.41 -63.15 18.32
N ALA GA 254 -107.53 -63.88 18.23
CA ALA GA 254 -108.35 -64.24 19.39
C ALA GA 254 -108.86 -63.02 20.14
N THR GA 255 -109.11 -61.92 19.43
CA THR GA 255 -109.64 -60.72 20.03
C THR GA 255 -110.89 -60.19 19.33
N GLY GA 256 -111.34 -60.83 18.26
CA GLY GA 256 -112.42 -60.28 17.48
C GLY GA 256 -112.01 -59.13 16.60
N GLN GA 257 -110.76 -59.12 16.14
CA GLN GA 257 -110.24 -58.02 15.34
C GLN GA 257 -111.01 -57.91 14.02
N GLU GA 258 -111.12 -56.68 13.53
CA GLU GA 258 -111.82 -56.41 12.27
C GLU GA 258 -111.24 -57.25 11.14
N ILE GA 259 -112.11 -57.91 10.39
CA ILE GA 259 -111.66 -58.82 9.34
C ILE GA 259 -111.11 -58.02 8.17
N ALA GA 260 -109.93 -58.39 7.69
CA ALA GA 260 -109.32 -57.71 6.56
C ALA GA 260 -109.97 -58.13 5.25
N ALA GA 261 -109.91 -59.41 4.92
CA ALA GA 261 -110.49 -59.91 3.67
C ALA GA 261 -110.77 -61.40 3.81
N THR GA 262 -111.65 -61.89 2.95
CA THR GA 262 -112.01 -63.29 2.87
C THR GA 262 -111.77 -63.80 1.47
N THR GA 263 -111.19 -64.99 1.36
CA THR GA 263 -110.83 -65.58 0.07
C THR GA 263 -111.48 -66.94 -0.09
N THR GA 264 -111.33 -67.51 -1.29
CA THR GA 264 -111.86 -68.83 -1.60
C THR GA 264 -110.74 -69.71 -2.14
N ALA GA 265 -111.08 -70.88 -2.67
CA ALA GA 265 -110.07 -71.81 -3.17
C ALA GA 265 -109.26 -71.18 -4.30
N ALA GA 266 -109.90 -70.92 -5.43
CA ALA GA 266 -109.31 -70.21 -6.57
C ALA GA 266 -107.91 -70.76 -6.90
N GLY GA 267 -107.81 -72.08 -6.90
CA GLY GA 267 -106.54 -72.71 -7.19
C GLY GA 267 -105.76 -73.11 -5.95
N THR GA 268 -104.64 -72.45 -5.71
CA THR GA 268 -103.75 -72.78 -4.58
C THR GA 268 -103.88 -71.76 -3.45
N ILE GA 269 -105.07 -71.25 -3.20
CA ILE GA 269 -105.31 -70.27 -2.14
C ILE GA 269 -106.27 -70.90 -1.14
N THR GA 270 -105.85 -70.96 0.12
CA THR GA 270 -106.69 -71.50 1.17
C THR GA 270 -107.86 -70.55 1.46
N ALA GA 271 -109.04 -71.12 1.62
CA ALA GA 271 -110.23 -70.33 1.92
C ALA GA 271 -110.27 -70.02 3.41
N ASP GA 272 -110.08 -68.75 3.77
CA ASP GA 272 -110.06 -68.36 5.16
C ASP GA 272 -110.39 -66.87 5.26
N SER GA 273 -110.73 -66.44 6.48
CA SER GA 273 -111.04 -65.04 6.76
C SER GA 273 -109.78 -64.40 7.31
N TRP GA 274 -108.95 -63.89 6.39
CA TRP GA 274 -107.67 -63.32 6.78
C TRP GA 274 -107.86 -62.00 7.50
N VAL GA 275 -107.00 -61.73 8.47
CA VAL GA 275 -107.05 -60.54 9.29
C VAL GA 275 -105.68 -59.88 9.28
N VAL GA 276 -105.67 -58.55 9.49
CA VAL GA 276 -104.41 -57.82 9.50
C VAL GA 276 -103.57 -58.28 10.68
N ASP GA 277 -102.31 -58.63 10.40
CA ASP GA 277 -101.42 -59.17 11.42
C ASP GA 277 -100.82 -58.00 12.21
N VAL GA 278 -101.39 -57.73 13.38
CA VAL GA 278 -100.83 -56.71 14.25
C VAL GA 278 -99.50 -57.20 14.81
N GLY GA 279 -98.47 -56.38 14.70
CA GLY GA 279 -97.13 -56.78 15.08
C GLY GA 279 -96.15 -56.61 13.95
N ASN GA 280 -95.11 -57.43 13.92
CA ASN GA 280 -94.05 -57.40 12.90
C ASN GA 280 -93.70 -55.97 12.50
N ALA GA 281 -93.35 -55.17 13.51
CA ALA GA 281 -93.07 -53.75 13.29
C ALA GA 281 -91.87 -53.60 12.36
N PRO GA 282 -91.80 -52.47 11.63
CA PRO GA 282 -90.67 -52.25 10.70
C PRO GA 282 -89.32 -52.47 11.36
N ALA GA 283 -88.57 -53.46 10.87
CA ALA GA 283 -87.27 -53.80 11.41
C ALA GA 283 -86.17 -53.20 10.56
N ALA GA 284 -85.04 -52.92 11.20
CA ALA GA 284 -83.90 -52.35 10.52
C ALA GA 284 -83.20 -53.42 9.67
N ASN GA 285 -82.30 -52.95 8.80
CA ASN GA 285 -81.47 -53.81 7.95
C ASN GA 285 -82.33 -54.72 7.07
N VAL GA 286 -83.10 -54.08 6.19
CA VAL GA 286 -83.90 -54.77 5.18
C VAL GA 286 -83.59 -54.16 3.83
N SER GA 287 -83.56 -54.99 2.79
CA SER GA 287 -83.18 -54.53 1.46
C SER GA 287 -84.16 -53.47 0.96
N ALA GA 288 -83.60 -52.38 0.44
CA ALA GA 288 -84.41 -51.29 -0.10
C ALA GA 288 -84.77 -51.60 -1.55
N GLY GA 289 -85.35 -50.61 -2.24
CA GLY GA 289 -85.80 -50.81 -3.60
C GLY GA 289 -84.68 -50.97 -4.61
N GLN GA 290 -83.93 -49.89 -4.85
CA GLN GA 290 -82.90 -49.87 -5.87
C GLN GA 290 -81.65 -49.19 -5.33
N SER GA 291 -80.52 -49.47 -5.97
CA SER GA 291 -79.26 -48.85 -5.61
C SER GA 291 -79.18 -47.43 -6.18
N VAL GA 292 -78.12 -46.73 -5.80
CA VAL GA 292 -77.94 -45.35 -6.25
C VAL GA 292 -77.73 -45.30 -7.76
N ALA GA 293 -76.92 -46.21 -8.30
CA ALA GA 293 -76.58 -46.18 -9.71
C ALA GA 293 -77.71 -46.68 -10.61
N ASN GA 294 -78.75 -47.29 -10.05
CA ASN GA 294 -79.85 -47.86 -10.82
C ASN GA 294 -81.17 -47.33 -10.28
N ILE GA 295 -81.29 -46.01 -10.21
CA ILE GA 295 -82.50 -45.38 -9.71
C ILE GA 295 -83.50 -45.26 -10.86
N ASN GA 296 -84.66 -45.88 -10.69
CA ASN GA 296 -85.73 -45.85 -11.68
C ASN GA 296 -87.03 -45.68 -10.90
N ILE GA 297 -87.59 -44.47 -10.94
CA ILE GA 297 -88.69 -44.10 -10.04
C ILE GA 297 -90.00 -43.88 -10.77
N VAL GA 298 -90.11 -44.30 -12.03
CA VAL GA 298 -91.35 -44.10 -12.76
C VAL GA 298 -92.34 -45.18 -12.35
N GLY GA 299 -93.55 -44.76 -11.96
CA GLY GA 299 -94.58 -45.67 -11.51
C GLY GA 299 -94.17 -46.45 -10.28
N MET GA 300 -93.57 -45.76 -9.31
CA MET GA 300 -93.06 -46.44 -8.11
C MET GA 300 -94.19 -46.91 -7.23
N GLY GA 301 -95.21 -46.08 -7.02
CA GLY GA 301 -96.35 -46.43 -6.19
C GLY GA 301 -96.35 -45.82 -4.80
N ALA GA 302 -95.39 -44.95 -4.48
CA ALA GA 302 -95.33 -44.25 -3.20
C ALA GA 302 -95.26 -45.20 -2.00
N ALA GA 303 -94.71 -46.40 -2.19
CA ALA GA 303 -94.57 -47.37 -1.12
C ALA GA 303 -93.12 -47.62 -0.76
N ALA GA 304 -92.27 -47.94 -1.73
CA ALA GA 304 -90.85 -48.13 -1.49
C ALA GA 304 -90.04 -46.85 -1.64
N LEU GA 305 -90.70 -45.73 -1.93
CA LEU GA 305 -89.98 -44.45 -2.02
C LEU GA 305 -89.33 -44.09 -0.68
N ASP GA 306 -89.96 -44.46 0.43
CA ASP GA 306 -89.34 -44.23 1.74
C ASP GA 306 -88.05 -45.04 1.86
N ALA GA 307 -88.07 -46.30 1.39
CA ALA GA 307 -86.86 -47.11 1.42
C ALA GA 307 -85.78 -46.50 0.52
N LEU GA 308 -86.18 -45.98 -0.65
CA LEU GA 308 -85.22 -45.33 -1.53
C LEU GA 308 -84.60 -44.11 -0.87
N ILE GA 309 -85.43 -43.31 -0.19
CA ILE GA 309 -84.91 -42.13 0.52
C ILE GA 309 -83.94 -42.56 1.62
N SER GA 310 -84.29 -43.63 2.35
CA SER GA 310 -83.41 -44.11 3.41
C SER GA 310 -82.07 -44.58 2.84
N GLY GA 311 -82.10 -45.30 1.72
CA GLY GA 311 -80.86 -45.73 1.10
C GLY GA 311 -80.02 -44.57 0.61
N VAL GA 312 -80.66 -43.56 0.01
CA VAL GA 312 -79.93 -42.38 -0.44
C VAL GA 312 -79.30 -41.66 0.74
N ASP GA 313 -80.05 -41.53 1.84
CA ASP GA 313 -79.50 -40.88 3.03
C ASP GA 313 -78.33 -41.66 3.60
N ALA GA 314 -78.43 -42.99 3.62
CA ALA GA 314 -77.31 -43.80 4.12
C ALA GA 314 -76.07 -43.62 3.25
N ALA GA 315 -76.26 -43.61 1.93
CA ALA GA 315 -75.13 -43.39 1.02
C ALA GA 315 -74.52 -42.01 1.24
N LEU GA 316 -75.37 -40.99 1.42
CA LEU GA 316 -74.88 -39.65 1.65
C LEU GA 316 -74.09 -39.56 2.96
N THR GA 317 -74.58 -40.22 4.01
CA THR GA 317 -73.86 -40.22 5.28
C THR GA 317 -72.52 -40.93 5.14
N ASP GA 318 -72.48 -42.05 4.44
CA ASP GA 318 -71.23 -42.76 4.23
C ASP GA 318 -70.23 -41.91 3.45
N MET GA 319 -70.71 -41.20 2.42
CA MET GA 319 -69.82 -40.34 1.65
C MET GA 319 -69.34 -39.15 2.48
N THR GA 320 -70.20 -38.60 3.34
CA THR GA 320 -69.77 -37.54 4.23
C THR GA 320 -68.68 -38.01 5.18
N SER GA 321 -68.84 -39.23 5.71
CA SER GA 321 -67.81 -39.79 6.58
C SER GA 321 -66.51 -40.00 5.80
N ALA GA 322 -66.62 -40.46 4.55
CA ALA GA 322 -65.42 -40.63 3.73
C ALA GA 322 -64.72 -39.31 3.47
N ALA GA 323 -65.50 -38.25 3.21
CA ALA GA 323 -64.92 -36.93 3.00
C ALA GA 323 -64.23 -36.42 4.27
N ALA GA 324 -64.85 -36.65 5.42
CA ALA GA 324 -64.21 -36.26 6.68
C ALA GA 324 -62.92 -37.01 6.89
N SER GA 325 -62.90 -38.31 6.57
CA SER GA 325 -61.68 -39.10 6.69
C SER GA 325 -60.60 -38.58 5.74
N LEU GA 326 -60.99 -38.21 4.52
CA LEU GA 326 -60.02 -37.66 3.57
C LEU GA 326 -59.45 -36.33 4.07
N GLY GA 327 -60.30 -35.48 4.63
CA GLY GA 327 -59.80 -34.24 5.21
C GLY GA 327 -58.85 -34.47 6.36
N SER GA 328 -59.17 -35.44 7.22
CA SER GA 328 -58.26 -35.80 8.31
C SER GA 328 -56.93 -36.31 7.77
N ILE GA 329 -56.97 -37.11 6.70
CA ILE GA 329 -55.73 -37.60 6.08
C ILE GA 329 -54.91 -36.44 5.55
N SER GA 330 -55.56 -35.48 4.88
CA SER GA 330 -54.85 -34.33 4.34
C SER GA 330 -54.21 -33.51 5.46
N SER GA 331 -54.94 -33.30 6.56
CA SER GA 331 -54.38 -32.59 7.70
C SER GA 331 -53.18 -33.33 8.28
N ARG GA 332 -53.29 -34.67 8.37
CA ARG GA 332 -52.17 -35.46 8.87
C ARG GA 332 -50.96 -35.36 7.95
N ILE GA 333 -51.19 -35.34 6.64
CA ILE GA 333 -50.08 -35.18 5.69
C ILE GA 333 -49.41 -33.83 5.87
N ASP GA 334 -50.21 -32.78 6.05
CA ASP GA 334 -49.64 -31.45 6.25
C ASP GA 334 -48.80 -31.41 7.53
N LEU GA 335 -49.34 -31.96 8.62
CA LEU GA 335 -48.58 -31.98 9.88
C LEU GA 335 -47.31 -32.81 9.74
N GLN GA 336 -47.39 -33.95 9.06
CA GLN GA 336 -46.22 -34.79 8.87
C GLN GA 336 -45.16 -34.08 8.04
N SER GA 337 -45.58 -33.36 6.99
CA SER GA 337 -44.63 -32.61 6.18
C SER GA 337 -43.94 -31.53 7.01
N GLU GA 338 -44.70 -30.80 7.83
CA GLU GA 338 -44.10 -29.78 8.68
C GLU GA 338 -43.11 -30.39 9.65
N PHE GA 339 -43.48 -31.51 10.28
CA PHE GA 339 -42.58 -32.15 11.24
C PHE GA 339 -41.33 -32.69 10.57
N VAL GA 340 -41.48 -33.27 9.37
CA VAL GA 340 -40.33 -33.80 8.66
C VAL GA 340 -39.38 -32.68 8.25
N ASN GA 341 -39.94 -31.54 7.84
CA ASN GA 341 -39.09 -30.39 7.52
C ASN GA 341 -38.36 -29.90 8.75
N LYS GA 342 -39.04 -29.83 9.89
CA LYS GA 342 -38.38 -29.42 11.13
C LYS GA 342 -37.28 -30.39 11.52
N LEU GA 343 -37.55 -31.70 11.39
CA LEU GA 343 -36.55 -32.71 11.74
C LEU GA 343 -35.35 -32.64 10.81
N SER GA 344 -35.59 -32.41 9.51
CA SER GA 344 -34.48 -32.24 8.57
C SER GA 344 -33.65 -31.01 8.93
N ASP GA 345 -34.31 -29.92 9.31
CA ASP GA 345 -33.58 -28.74 9.75
C ASP GA 345 -32.73 -29.05 10.97
N SER GA 346 -33.30 -29.75 11.95
CA SER GA 346 -32.56 -30.07 13.17
C SER GA 346 -31.38 -30.98 12.89
N ILE GA 347 -31.57 -31.99 12.03
CA ILE GA 347 -30.49 -32.93 11.76
C ILE GA 347 -29.39 -32.24 10.95
N GLU GA 348 -29.75 -31.35 10.04
CA GLU GA 348 -28.74 -30.63 9.27
C GLU GA 348 -27.97 -29.67 10.18
N SER GA 349 -28.67 -29.04 11.12
CA SER GA 349 -27.98 -28.18 12.09
C SER GA 349 -27.02 -28.98 12.95
N GLY GA 350 -27.43 -30.18 13.38
CA GLY GA 350 -26.53 -31.04 14.13
C GLY GA 350 -25.31 -31.44 13.34
N VAL GA 351 -25.51 -31.79 12.07
CA VAL GA 351 -24.38 -32.13 11.20
C VAL GA 351 -23.44 -30.93 11.07
N GLY GA 352 -23.99 -29.74 10.87
CA GLY GA 352 -23.17 -28.56 10.80
C GLY GA 352 -22.38 -28.30 12.07
N ARG GA 353 -23.04 -28.46 13.22
CA ARG GA 353 -22.35 -28.29 14.49
C ARG GA 353 -21.22 -29.30 14.64
N LEU GA 354 -21.43 -30.52 14.16
CA LEU GA 354 -20.39 -31.54 14.28
C LEU GA 354 -19.25 -31.33 13.28
N VAL GA 355 -19.54 -30.69 12.15
CA VAL GA 355 -18.60 -30.64 11.04
C VAL GA 355 -18.04 -29.24 10.78
N ASP GA 356 -18.84 -28.19 10.92
CA ASP GA 356 -18.39 -26.86 10.53
C ASP GA 356 -17.25 -26.36 11.43
N ALA GA 357 -16.45 -25.46 10.87
CA ALA GA 357 -15.33 -24.85 11.56
C ALA GA 357 -15.48 -23.34 11.56
N ASP GA 358 -15.14 -22.71 12.69
CA ASP GA 358 -15.10 -21.27 12.76
C ASP GA 358 -13.91 -20.71 11.99
N MET GA 359 -14.18 -19.80 11.05
CA MET GA 359 -13.13 -19.38 10.13
C MET GA 359 -12.17 -18.36 10.76
N ASN GA 360 -12.60 -17.67 11.83
CA ASN GA 360 -11.70 -16.71 12.47
C ASN GA 360 -10.49 -17.41 13.06
N GLU GA 361 -10.71 -18.53 13.74
CA GLU GA 361 -9.60 -19.29 14.33
C GLU GA 361 -8.68 -19.84 13.26
N GLU GA 362 -9.25 -20.31 12.16
CA GLU GA 362 -8.44 -20.80 11.04
C GLU GA 362 -7.61 -19.68 10.42
N SER GA 363 -8.19 -18.47 10.31
CA SER GA 363 -7.43 -17.34 9.79
C SER GA 363 -6.27 -16.98 10.70
N THR GA 364 -6.51 -16.99 12.02
CA THR GA 364 -5.45 -16.73 12.97
C THR GA 364 -4.34 -17.78 12.84
N ARG GA 365 -4.73 -19.05 12.72
CA ARG GA 365 -3.75 -20.12 12.54
C ARG GA 365 -2.97 -19.94 11.25
N LEU GA 366 -3.65 -19.54 10.17
CA LEU GA 366 -2.98 -19.34 8.89
C LEU GA 366 -1.92 -18.24 8.98
N LYS GA 367 -2.29 -17.12 9.60
CA LYS GA 367 -1.32 -16.04 9.78
C LYS GA 367 -0.15 -16.50 10.64
N ALA GA 368 -0.43 -17.20 11.73
CA ALA GA 368 0.63 -17.68 12.61
C ALA GA 368 1.57 -18.63 11.88
N LEU GA 369 1.01 -19.53 11.07
CA LEU GA 369 1.85 -20.49 10.35
C LEU GA 369 2.65 -19.82 9.24
N GLN GA 370 2.09 -18.81 8.59
CA GLN GA 370 2.87 -18.07 7.60
C GLN GA 370 4.06 -17.37 8.26
N THR GA 371 3.82 -16.73 9.41
CA THR GA 371 4.92 -16.07 10.11
C THR GA 371 5.95 -17.09 10.59
N GLN GA 372 5.50 -18.24 11.10
CA GLN GA 372 6.42 -19.26 11.55
C GLN GA 372 7.24 -19.81 10.39
N GLN GA 373 6.63 -19.98 9.22
CA GLN GA 373 7.38 -20.41 8.04
C GLN GA 373 8.43 -19.38 7.66
N GLN GA 374 8.09 -18.09 7.72
CA GLN GA 374 9.06 -17.05 7.41
C GLN GA 374 10.25 -17.11 8.37
N LEU GA 375 9.97 -17.23 9.68
CA LEU GA 375 11.05 -17.33 10.66
C LEU GA 375 11.89 -18.57 10.44
N ALA GA 376 11.26 -19.71 10.15
CA ALA GA 376 12.00 -20.94 9.93
C ALA GA 376 12.90 -20.83 8.70
N ILE GA 377 12.39 -20.20 7.64
CA ILE GA 377 13.20 -20.00 6.43
C ILE GA 377 14.39 -19.10 6.73
N GLN GA 378 14.16 -18.02 7.49
CA GLN GA 378 15.27 -17.14 7.85
C GLN GA 378 16.31 -17.89 8.68
N ALA GA 379 15.86 -18.72 9.63
CA ALA GA 379 16.79 -19.48 10.46
C ALA GA 379 17.57 -20.48 9.62
N LEU GA 380 16.91 -21.12 8.66
CA LEU GA 380 17.61 -22.06 7.77
C LEU GA 380 18.65 -21.34 6.92
N SER GA 381 18.33 -20.13 6.46
CA SER GA 381 19.31 -19.33 5.73
C SER GA 381 20.51 -19.00 6.61
N ILE GA 382 20.26 -18.66 7.87
CA ILE GA 382 21.35 -18.40 8.81
C ILE GA 382 22.19 -19.66 9.00
N ALA GA 383 21.54 -20.81 9.12
CA ALA GA 383 22.29 -22.06 9.26
C ALA GA 383 23.16 -22.33 8.04
N ASN GA 384 22.63 -22.09 6.85
CA ASN GA 384 23.43 -22.28 5.63
C ASN GA 384 24.62 -21.32 5.60
N SER GA 385 24.39 -20.06 5.98
CA SER GA 385 25.47 -19.08 5.97
C SER GA 385 26.48 -19.32 7.08
N ASP GA 386 26.12 -20.10 8.10
CA ASP GA 386 27.05 -20.36 9.21
C ASP GA 386 28.26 -21.15 8.74
N SER GA 387 28.06 -22.07 7.80
CA SER GA 387 29.09 -23.06 7.49
C SER GA 387 30.36 -22.45 6.92
N GLN GA 388 30.22 -21.48 6.02
CA GLN GA 388 31.37 -21.02 5.24
C GLN GA 388 32.30 -20.08 6.01
N ASN GA 389 31.99 -19.76 7.27
CA ASN GA 389 32.88 -18.89 8.03
C ASN GA 389 34.22 -19.54 8.34
N VAL GA 390 34.32 -20.88 8.25
CA VAL GA 390 35.55 -21.58 8.59
C VAL GA 390 36.66 -21.28 7.58
N LEU GA 391 36.32 -20.74 6.40
CA LEU GA 391 37.33 -20.48 5.38
C LEU GA 391 38.36 -19.45 5.82
N SER GA 392 38.05 -18.63 6.82
CA SER GA 392 38.97 -17.57 7.23
C SER GA 392 40.26 -18.14 7.81
N LEU GA 393 40.19 -19.29 8.49
CA LEU GA 393 41.39 -19.89 9.06
C LEU GA 393 42.36 -20.37 7.99
N PHE GA 394 41.84 -20.75 6.82
CA PHE GA 394 42.65 -21.32 5.75
C PHE GA 394 43.02 -20.30 4.68
N ARG GA 395 42.78 -19.02 4.93
CA ARG GA 395 43.00 -17.90 4.01
C ARG GA 395 42.79 -18.23 2.52
N THR HA 2 9.57 -28.87 0.37
CA THR HA 2 8.82 -28.00 -0.54
C THR HA 2 9.22 -28.26 -1.98
N SER HA 3 8.23 -28.54 -2.83
CA SER HA 3 8.45 -28.85 -4.24
C SER HA 3 7.79 -27.76 -5.09
N ILE HA 4 8.57 -27.21 -6.03
CA ILE HA 4 8.03 -26.18 -6.92
C ILE HA 4 7.27 -26.77 -8.10
N LEU HA 5 7.28 -28.09 -8.26
CA LEU HA 5 6.58 -28.73 -9.37
C LEU HA 5 5.17 -29.14 -9.02
N THR HA 6 4.85 -29.32 -7.74
CA THR HA 6 3.51 -29.68 -7.31
C THR HA 6 3.09 -28.80 -6.15
N ASN HA 7 1.79 -28.59 -6.03
CA ASN HA 7 1.20 -27.78 -4.95
C ASN HA 7 -0.11 -28.46 -4.54
N ASN HA 8 -0.02 -29.35 -3.57
CA ASN HA 8 -1.19 -30.14 -3.18
C ASN HA 8 -2.32 -29.27 -2.66
N SER HA 9 -1.98 -28.23 -1.89
CA SER HA 9 -2.99 -27.30 -1.42
C SER HA 9 -3.68 -26.60 -2.58
N ALA HA 10 -2.91 -26.18 -3.58
CA ALA HA 10 -3.50 -25.55 -4.76
C ALA HA 10 -4.39 -26.51 -5.52
N MET HA 11 -3.98 -27.79 -5.61
CA MET HA 11 -4.78 -28.78 -6.33
C MET HA 11 -6.11 -29.04 -5.62
N ALA HA 12 -6.07 -29.18 -4.29
CA ALA HA 12 -7.30 -29.34 -3.52
C ALA HA 12 -8.18 -28.10 -3.62
N ALA HA 13 -7.57 -26.92 -3.59
CA ALA HA 13 -8.34 -25.68 -3.75
C ALA HA 13 -8.99 -25.63 -5.13
N LEU HA 14 -8.29 -26.11 -6.16
CA LEU HA 14 -8.87 -26.15 -7.50
C LEU HA 14 -10.08 -27.08 -7.54
N SER HA 15 -9.97 -28.25 -6.91
CA SER HA 15 -11.12 -29.15 -6.86
C SER HA 15 -12.29 -28.52 -6.11
N GLY HA 16 -12.01 -27.85 -5.00
CA GLY HA 16 -13.07 -27.17 -4.27
C GLY HA 16 -13.71 -26.06 -5.08
N VAL HA 17 -12.90 -25.28 -5.80
CA VAL HA 17 -13.43 -24.21 -6.63
C VAL HA 17 -14.32 -24.78 -7.73
N ARG HA 18 -13.90 -25.91 -8.32
CA ARG HA 18 -14.71 -26.54 -9.35
C ARG HA 18 -16.06 -26.98 -8.81
N SER HA 19 -16.07 -27.61 -7.63
CA SER HA 19 -17.33 -28.02 -7.03
C SER HA 19 -18.21 -26.82 -6.71
N ILE HA 20 -17.62 -25.76 -6.17
CA ILE HA 20 -18.38 -24.56 -5.84
C ILE HA 20 -18.97 -23.93 -7.09
N SER HA 21 -18.19 -23.90 -8.17
CA SER HA 21 -18.67 -23.31 -9.42
C SER HA 21 -19.83 -24.12 -9.99
N SER HA 22 -19.74 -25.46 -9.94
CA SER HA 22 -20.83 -26.28 -10.43
C SER HA 22 -22.10 -26.05 -9.61
N SER HA 23 -21.96 -26.02 -8.28
CA SER HA 23 -23.12 -25.79 -7.43
C SER HA 23 -23.70 -24.40 -7.66
N MET HA 24 -22.84 -23.40 -7.84
CA MET HA 24 -23.31 -22.04 -8.06
C MET HA 24 -24.05 -21.93 -9.38
N GLU HA 25 -23.55 -22.57 -10.43
CA GLU HA 25 -24.25 -22.56 -11.71
C GLU HA 25 -25.62 -23.23 -11.59
N ASP HA 26 -25.67 -24.37 -10.88
CA ASP HA 26 -26.95 -25.05 -10.68
C ASP HA 26 -27.94 -24.16 -9.94
N THR HA 27 -27.50 -23.52 -8.84
CA THR HA 27 -28.39 -22.67 -8.07
C THR HA 27 -28.79 -21.42 -8.83
N GLN HA 28 -27.88 -20.87 -9.64
CA GLN HA 28 -28.22 -19.70 -10.44
C GLN HA 28 -29.29 -20.00 -11.47
N SER HA 29 -29.15 -21.13 -12.18
CA SER HA 29 -30.23 -21.55 -13.07
C SER HA 29 -31.51 -21.82 -12.28
N ARG HA 30 -31.36 -22.39 -11.09
CA ARG HA 30 -32.51 -22.75 -10.25
C ARG HA 30 -33.33 -21.52 -9.90
N ILE HA 31 -32.65 -20.44 -9.50
CA ILE HA 31 -33.36 -19.23 -9.11
C ILE HA 31 -33.78 -18.42 -10.33
N SER HA 32 -33.06 -18.53 -11.45
CA SER HA 32 -33.42 -17.75 -12.63
C SER HA 32 -34.70 -18.28 -13.27
N SER HA 33 -34.83 -19.60 -13.36
CA SER HA 33 -35.95 -20.20 -14.08
C SER HA 33 -36.94 -20.91 -13.16
N GLY HA 34 -36.75 -20.86 -11.85
CA GLY HA 34 -37.59 -21.68 -10.98
C GLY HA 34 -37.39 -23.14 -11.32
N LEU HA 35 -38.50 -23.89 -11.33
CA LEU HA 35 -38.50 -25.26 -11.86
C LEU HA 35 -37.46 -26.13 -11.15
N ARG HA 36 -37.73 -26.39 -9.87
CA ARG HA 36 -36.82 -27.21 -9.07
C ARG HA 36 -36.45 -28.50 -9.79
N VAL HA 37 -37.42 -29.14 -10.43
CA VAL HA 37 -37.15 -30.21 -11.38
C VAL HA 37 -37.25 -29.57 -12.77
N GLY HA 38 -36.13 -29.05 -13.24
CA GLY HA 38 -36.11 -28.25 -14.45
C GLY HA 38 -35.80 -29.01 -15.72
N SER HA 39 -35.11 -30.14 -15.60
CA SER HA 39 -34.71 -30.91 -16.75
C SER HA 39 -34.62 -32.38 -16.38
N ALA HA 40 -34.35 -33.22 -17.38
CA ALA HA 40 -34.21 -34.65 -17.14
C ALA HA 40 -32.98 -34.99 -16.30
N SER HA 41 -32.01 -34.08 -16.24
CA SER HA 41 -30.84 -34.29 -15.37
C SER HA 41 -31.23 -34.31 -13.89
N ASP HA 42 -32.38 -33.74 -13.55
CA ASP HA 42 -32.91 -33.82 -12.20
C ASP HA 42 -33.59 -35.17 -12.00
N ASN HA 43 -34.39 -35.31 -10.95
CA ASN HA 43 -35.12 -36.55 -10.70
C ASN HA 43 -35.99 -36.90 -11.90
N ALA HA 44 -35.63 -38.00 -12.58
CA ALA HA 44 -36.28 -38.32 -13.85
C ALA HA 44 -37.75 -38.66 -13.67
N ALA HA 45 -38.09 -39.40 -12.61
CA ALA HA 45 -39.46 -39.83 -12.39
C ALA HA 45 -40.39 -38.63 -12.19
N TYR HA 46 -39.96 -37.66 -11.37
CA TYR HA 46 -40.77 -36.47 -11.15
C TYR HA 46 -40.89 -35.64 -12.42
N TRP HA 47 -39.82 -35.57 -13.21
CA TRP HA 47 -39.88 -34.86 -14.48
C TRP HA 47 -40.89 -35.49 -15.42
N SER HA 48 -40.89 -36.83 -15.50
CA SER HA 48 -41.84 -37.53 -16.35
C SER HA 48 -43.27 -37.33 -15.87
N ILE HA 49 -43.48 -37.39 -14.54
CA ILE HA 49 -44.81 -37.16 -13.99
C ILE HA 49 -45.29 -35.75 -14.31
N ALA HA 50 -44.40 -34.76 -14.17
CA ALA HA 50 -44.77 -33.39 -14.49
C ALA HA 50 -45.12 -33.24 -15.97
N THR HA 51 -44.36 -33.89 -16.85
CA THR HA 51 -44.68 -33.83 -18.27
C THR HA 51 -46.04 -34.44 -18.56
N THR HA 52 -46.33 -35.59 -17.96
CA THR HA 52 -47.61 -36.24 -18.16
C THR HA 52 -48.76 -35.37 -17.66
N MET HA 53 -48.58 -34.74 -16.48
CA MET HA 53 -49.63 -33.87 -15.95
C MET HA 53 -49.82 -32.63 -16.80
N ARG HA 54 -48.74 -32.08 -17.36
CA ARG HA 54 -48.89 -30.93 -18.25
C ARG HA 54 -49.66 -31.32 -19.51
N SER HA 55 -49.36 -32.49 -20.07
CA SER HA 55 -50.12 -32.97 -21.22
C SER HA 55 -51.59 -33.15 -20.87
N ASP HA 56 -51.87 -33.74 -19.70
CA ASP HA 56 -53.26 -33.93 -19.29
C ASP HA 56 -53.96 -32.60 -19.06
N ASN HA 57 -53.24 -31.61 -18.55
CA ASN HA 57 -53.83 -30.28 -18.37
C ASN HA 57 -54.17 -29.63 -19.69
N GLN HA 58 -53.29 -29.77 -20.69
CA GLN HA 58 -53.61 -29.26 -22.02
C GLN HA 58 -54.84 -29.97 -22.60
N ALA HA 59 -54.91 -31.28 -22.42
CA ALA HA 59 -56.09 -32.02 -22.87
C ALA HA 59 -57.34 -31.55 -22.16
N LEU HA 60 -57.24 -31.27 -20.85
CA LEU HA 60 -58.39 -30.79 -20.10
C LEU HA 60 -58.84 -29.42 -20.57
N SER HA 61 -57.89 -28.55 -20.92
CA SER HA 61 -58.25 -27.25 -21.49
C SER HA 61 -58.98 -27.42 -22.81
N ALA HA 62 -58.50 -28.34 -23.65
CA ALA HA 62 -59.20 -28.61 -24.90
C ALA HA 62 -60.61 -29.12 -24.64
N VAL HA 63 -60.77 -30.00 -23.64
CA VAL HA 63 -62.09 -30.49 -23.28
C VAL HA 63 -62.98 -29.36 -22.79
N GLN HA 64 -62.40 -28.40 -22.06
CA GLN HA 64 -63.18 -27.25 -21.61
C GLN HA 64 -63.67 -26.41 -22.78
N ASP HA 65 -62.81 -26.21 -23.78
CA ASP HA 65 -63.25 -25.49 -24.98
C ASP HA 65 -64.38 -26.24 -25.69
N ALA HA 66 -64.25 -27.57 -25.80
CA ALA HA 66 -65.31 -28.35 -26.42
C ALA HA 66 -66.60 -28.27 -25.61
N LEU HA 67 -66.49 -28.24 -24.28
CA LEU HA 67 -67.66 -28.08 -23.43
C LEU HA 67 -68.33 -26.73 -23.66
N GLY HA 68 -67.54 -25.68 -23.83
CA GLY HA 68 -68.12 -24.38 -24.14
C GLY HA 68 -68.87 -24.39 -25.46
N LEU HA 69 -68.27 -25.01 -26.49
CA LEU HA 69 -68.95 -25.13 -27.77
C LEU HA 69 -70.26 -25.90 -27.64
N GLY HA 70 -70.22 -27.03 -26.92
CA GLY HA 70 -71.43 -27.81 -26.72
C GLY HA 70 -72.50 -27.05 -25.96
N ALA HA 71 -72.09 -26.26 -24.96
CA ALA HA 71 -73.04 -25.44 -24.22
C ALA HA 71 -73.69 -24.41 -25.13
N ALA HA 72 -72.91 -23.80 -26.02
CA ALA HA 72 -73.48 -22.85 -26.98
C ALA HA 72 -74.50 -23.55 -27.88
N LYS HA 73 -74.17 -24.74 -28.38
CA LYS HA 73 -75.10 -25.48 -29.22
C LYS HA 73 -76.38 -25.82 -28.47
N VAL HA 74 -76.25 -26.26 -27.22
CA VAL HA 74 -77.43 -26.62 -26.44
C VAL HA 74 -78.28 -25.40 -26.14
N ASP HA 75 -77.65 -24.25 -25.88
CA ASP HA 75 -78.41 -23.02 -25.65
C ASP HA 75 -79.21 -22.63 -26.89
N THR HA 76 -78.58 -22.70 -28.06
CA THR HA 76 -79.30 -22.38 -29.30
C THR HA 76 -80.46 -23.34 -29.51
N ALA HA 77 -80.22 -24.64 -29.31
CA ALA HA 77 -81.28 -25.63 -29.48
C ALA HA 77 -82.43 -25.38 -28.51
N TYR HA 78 -82.10 -25.03 -27.26
CA TYR HA 78 -83.14 -24.80 -26.26
C TYR HA 78 -83.94 -23.55 -26.58
N SER HA 79 -83.29 -22.51 -27.09
CA SER HA 79 -84.03 -21.32 -27.50
C SER HA 79 -85.00 -21.63 -28.63
N GLY HA 80 -84.53 -22.37 -29.64
CA GLY HA 80 -85.43 -22.81 -30.69
C GLY HA 80 -86.56 -23.67 -30.17
N MET HA 81 -86.27 -24.53 -29.19
CA MET HA 81 -87.28 -25.40 -28.62
C MET HA 81 -88.35 -24.60 -27.89
N GLU HA 82 -87.94 -23.57 -27.14
CA GLU HA 82 -88.91 -22.71 -26.47
C GLU HA 82 -89.77 -21.95 -27.47
N SER HA 83 -89.16 -21.48 -28.55
CA SER HA 83 -89.95 -20.83 -29.60
C SER HA 83 -90.99 -21.80 -30.17
N ALA HA 84 -90.58 -23.05 -30.40
CA ALA HA 84 -91.53 -24.06 -30.88
C ALA HA 84 -92.64 -24.31 -29.86
N ILE HA 85 -92.28 -24.32 -28.57
CA ILE HA 85 -93.29 -24.48 -27.52
C ILE HA 85 -94.33 -23.39 -27.62
N GLU HA 86 -93.88 -22.14 -27.73
CA GLU HA 86 -94.82 -21.02 -27.80
C GLU HA 86 -95.71 -21.11 -29.04
N VAL HA 87 -95.12 -21.42 -30.19
CA VAL HA 87 -95.89 -21.48 -31.42
C VAL HA 87 -96.92 -22.60 -31.36
N VAL HA 88 -96.53 -23.77 -30.83
CA VAL HA 88 -97.46 -24.89 -30.75
C VAL HA 88 -98.57 -24.60 -29.75
N LYS HA 89 -98.25 -23.90 -28.66
CA LYS HA 89 -99.30 -23.51 -27.72
C LYS HA 89 -100.29 -22.56 -28.38
N GLU HA 90 -99.79 -21.62 -29.20
CA GLU HA 90 -100.69 -20.75 -29.93
C GLU HA 90 -101.55 -21.53 -30.91
N ILE HA 91 -100.97 -22.51 -31.58
CA ILE HA 91 -101.73 -23.35 -32.51
C ILE HA 91 -102.84 -24.09 -31.77
N LYS HA 92 -102.52 -24.66 -30.60
CA LYS HA 92 -103.51 -25.39 -29.83
C LYS HA 92 -104.62 -24.46 -29.36
N ALA HA 93 -104.28 -23.24 -28.94
CA ALA HA 93 -105.30 -22.28 -28.54
C ALA HA 93 -106.21 -21.94 -29.71
N LYS HA 94 -105.64 -21.72 -30.89
CA LYS HA 94 -106.45 -21.43 -32.07
C LYS HA 94 -107.37 -22.60 -32.40
N LEU HA 95 -106.86 -23.83 -32.33
CA LEU HA 95 -107.69 -25.00 -32.62
C LEU HA 95 -108.82 -25.13 -31.62
N VAL HA 96 -108.53 -24.87 -30.34
CA VAL HA 96 -109.57 -24.93 -29.32
C VAL HA 96 -110.64 -23.88 -29.59
N ALA HA 97 -110.22 -22.67 -29.97
CA ALA HA 97 -111.19 -21.63 -30.33
C ALA HA 97 -111.98 -22.04 -31.57
N ALA HA 98 -111.41 -22.87 -32.43
CA ALA HA 98 -112.06 -23.26 -33.68
C ALA HA 98 -113.25 -24.21 -33.49
N THR HA 99 -113.44 -24.75 -32.28
CA THR HA 99 -114.50 -25.74 -32.08
C THR HA 99 -115.88 -25.14 -32.27
N GLU HA 100 -116.01 -23.83 -32.15
CA GLU HA 100 -117.32 -23.19 -32.30
C GLU HA 100 -117.82 -23.32 -33.73
N ASP HA 101 -119.09 -23.68 -33.87
CA ASP HA 101 -119.67 -23.84 -35.20
C ASP HA 101 -119.84 -22.50 -35.91
N GLY HA 102 -120.17 -21.45 -35.16
CA GLY HA 102 -120.38 -20.15 -35.75
C GLY HA 102 -119.12 -19.46 -36.24
N VAL HA 103 -117.96 -19.86 -35.73
CA VAL HA 103 -116.69 -19.27 -36.14
C VAL HA 103 -116.26 -19.88 -37.46
N ASP HA 104 -115.97 -19.03 -38.44
CA ASP HA 104 -115.49 -19.50 -39.73
C ASP HA 104 -114.12 -20.16 -39.56
N LYS HA 105 -113.89 -21.21 -40.34
CA LYS HA 105 -112.67 -22.00 -40.24
C LYS HA 105 -111.60 -21.59 -41.24
N ALA HA 106 -111.94 -20.78 -42.25
CA ALA HA 106 -110.95 -20.39 -43.25
C ALA HA 106 -109.89 -19.46 -42.67
N LYS HA 107 -110.33 -18.43 -41.95
CA LYS HA 107 -109.39 -17.48 -41.35
C LYS HA 107 -108.42 -18.20 -40.43
N ILE HA 108 -108.95 -19.06 -39.57
CA ILE HA 108 -108.09 -19.90 -38.73
C ILE HA 108 -107.21 -20.78 -39.60
N GLN HA 109 -107.67 -21.13 -40.81
CA GLN HA 109 -106.86 -21.96 -41.69
C GLN HA 109 -105.59 -21.22 -42.12
N GLU HA 110 -105.70 -19.96 -42.56
CA GLU HA 110 -104.44 -19.31 -42.93
C GLU HA 110 -103.64 -18.92 -41.68
N GLU HA 111 -104.30 -18.71 -40.54
CA GLU HA 111 -103.54 -18.49 -39.31
C GLU HA 111 -102.67 -19.70 -38.99
N ILE HA 112 -103.24 -20.90 -39.07
CA ILE HA 112 -102.48 -22.12 -38.82
C ILE HA 112 -101.43 -22.33 -39.90
N THR HA 113 -101.71 -21.96 -41.14
CA THR HA 113 -100.69 -22.07 -42.19
C THR HA 113 -99.49 -21.18 -41.88
N GLN HA 114 -99.74 -19.94 -41.47
CA GLN HA 114 -98.65 -19.04 -41.10
C GLN HA 114 -97.89 -19.58 -39.90
N LEU HA 115 -98.60 -20.13 -38.91
CA LEU HA 115 -97.92 -20.69 -37.74
C LEU HA 115 -97.07 -21.89 -38.12
N LYS HA 116 -97.53 -22.72 -39.06
CA LYS HA 116 -96.74 -23.85 -39.53
C LYS HA 116 -95.49 -23.39 -40.26
N ASP HA 117 -95.62 -22.36 -41.09
CA ASP HA 117 -94.44 -21.80 -41.75
C ASP HA 117 -93.46 -21.25 -40.72
N GLN HA 118 -93.98 -20.59 -39.68
CA GLN HA 118 -93.11 -20.09 -38.62
C GLN HA 118 -92.40 -21.25 -37.91
N LEU HA 119 -93.12 -22.34 -37.66
CA LEU HA 119 -92.51 -23.52 -37.05
C LEU HA 119 -91.39 -24.07 -37.92
N THR HA 120 -91.62 -24.16 -39.23
CA THR HA 120 -90.58 -24.64 -40.13
C THR HA 120 -89.37 -23.72 -40.12
N SER HA 121 -89.60 -22.40 -40.11
CA SER HA 121 -88.50 -21.44 -40.07
C SER HA 121 -87.70 -21.59 -38.78
N ILE HA 122 -88.39 -21.76 -37.65
CA ILE HA 122 -87.68 -21.98 -36.39
C ILE HA 122 -86.87 -23.27 -36.44
N ALA HA 123 -87.46 -24.33 -37.00
CA ALA HA 123 -86.80 -25.62 -37.04
C ALA HA 123 -85.53 -25.58 -37.88
N ASP HA 124 -85.58 -24.92 -39.04
CA ASP HA 124 -84.41 -24.93 -39.92
C ASP HA 124 -83.39 -23.85 -39.60
N ALA HA 125 -83.84 -22.71 -39.05
CA ALA HA 125 -82.92 -21.60 -38.79
C ALA HA 125 -82.07 -21.82 -37.54
N ALA HA 126 -82.60 -22.50 -36.53
CA ALA HA 126 -81.95 -22.61 -35.23
C ALA HA 126 -80.77 -23.58 -35.32
N SER HA 127 -79.64 -23.05 -35.81
CA SER HA 127 -78.40 -23.81 -35.90
C SER HA 127 -77.25 -22.94 -35.46
N PHE HA 128 -76.19 -23.57 -34.94
CA PHE HA 128 -75.02 -22.85 -34.47
C PHE HA 128 -73.83 -23.00 -35.40
N SER HA 129 -73.39 -24.23 -35.67
CA SER HA 129 -72.24 -24.47 -36.54
C SER HA 129 -72.52 -25.65 -37.46
N GLY HA 130 -73.74 -25.75 -37.96
CA GLY HA 130 -74.13 -26.85 -38.82
C GLY HA 130 -74.79 -28.01 -38.09
N GLU HA 131 -74.61 -28.12 -36.78
CA GLU HA 131 -75.25 -29.15 -35.97
C GLU HA 131 -76.37 -28.48 -35.18
N ASN HA 132 -77.56 -28.42 -35.79
CA ASN HA 132 -78.71 -27.77 -35.16
C ASN HA 132 -79.40 -28.65 -34.13
N TRP HA 133 -79.01 -29.92 -34.00
CA TRP HA 133 -79.64 -30.87 -33.10
C TRP HA 133 -81.13 -31.04 -33.36
N LEU HA 134 -81.59 -30.60 -34.52
CA LEU HA 134 -82.98 -30.72 -34.93
C LEU HA 134 -83.02 -31.05 -36.41
N GLN HA 135 -84.20 -31.46 -36.89
CA GLN HA 135 -84.40 -31.80 -38.30
C GLN HA 135 -83.42 -32.89 -38.74
N ALA HA 136 -83.12 -33.82 -37.85
CA ALA HA 136 -82.18 -34.87 -38.16
C ALA HA 136 -82.79 -35.87 -39.13
N ASP HA 137 -81.92 -36.66 -39.76
CA ASP HA 137 -82.35 -37.67 -40.72
C ASP HA 137 -82.62 -38.98 -39.98
N LEU HA 138 -83.89 -39.41 -40.00
CA LEU HA 138 -84.32 -40.61 -39.29
C LEU HA 138 -84.44 -41.82 -40.21
N SER HA 139 -83.59 -41.91 -41.23
CA SER HA 139 -83.59 -43.09 -42.08
C SER HA 139 -83.21 -44.33 -41.29
N GLY HA 140 -82.19 -44.22 -40.44
CA GLY HA 140 -81.82 -45.32 -39.57
C GLY HA 140 -82.62 -45.32 -38.28
N GLY HA 141 -83.15 -44.16 -37.91
CA GLY HA 141 -83.99 -44.04 -36.75
C GLY HA 141 -83.28 -44.01 -35.42
N ALA HA 142 -81.94 -44.00 -35.41
CA ALA HA 142 -81.17 -44.02 -34.17
C ALA HA 142 -80.02 -43.03 -34.25
N VAL HA 143 -80.27 -41.82 -34.74
CA VAL HA 143 -79.23 -40.82 -34.81
C VAL HA 143 -78.91 -40.32 -33.40
N THR HA 144 -77.62 -40.21 -33.10
CA THR HA 144 -77.14 -39.82 -31.79
C THR HA 144 -76.05 -38.78 -31.92
N LYS HA 145 -76.15 -37.70 -31.16
CA LYS HA 145 -75.16 -36.64 -31.13
C LYS HA 145 -74.53 -36.56 -29.75
N SER HA 146 -73.25 -36.21 -29.70
CA SER HA 146 -72.48 -36.27 -28.46
C SER HA 146 -71.70 -34.97 -28.26
N VAL HA 147 -71.42 -34.67 -27.01
CA VAL HA 147 -70.62 -33.52 -26.60
C VAL HA 147 -69.46 -34.01 -25.75
N VAL HA 148 -68.25 -33.54 -26.05
CA VAL HA 148 -67.07 -33.97 -25.31
C VAL HA 148 -67.22 -33.54 -23.85
N GLY HA 149 -67.23 -34.52 -22.95
CA GLY HA 149 -67.44 -34.25 -21.54
C GLY HA 149 -66.19 -34.11 -20.71
N SER HA 150 -65.29 -35.09 -20.79
CA SER HA 150 -64.09 -35.06 -19.96
C SER HA 150 -63.03 -35.95 -20.58
N PHE HA 151 -61.78 -35.66 -20.24
CA PHE HA 151 -60.64 -36.47 -20.65
C PHE HA 151 -60.23 -37.36 -19.47
N VAL HA 152 -60.33 -38.66 -19.66
CA VAL HA 152 -60.12 -39.63 -18.59
C VAL HA 152 -58.92 -40.50 -18.93
N ARG HA 153 -57.97 -40.57 -18.01
CA ARG HA 153 -56.84 -41.48 -18.12
C ARG HA 153 -57.07 -42.66 -17.20
N ASP HA 154 -57.17 -43.86 -17.78
CA ASP HA 154 -57.45 -45.05 -17.01
C ASP HA 154 -56.24 -45.44 -16.16
N GLY HA 155 -56.49 -46.29 -15.16
CA GLY HA 155 -55.42 -46.69 -14.26
C GLY HA 155 -54.34 -47.50 -14.94
N SER HA 156 -54.72 -48.33 -15.91
CA SER HA 156 -53.76 -49.21 -16.58
C SER HA 156 -53.14 -48.54 -17.81
N GLY HA 157 -52.61 -47.34 -17.62
CA GLY HA 157 -51.92 -46.64 -18.69
C GLY HA 157 -52.74 -46.43 -19.94
N SER HA 158 -54.00 -46.03 -19.79
CA SER HA 158 -54.90 -45.84 -20.91
C SER HA 158 -55.48 -44.44 -20.89
N VAL HA 159 -55.76 -43.91 -22.07
CA VAL HA 159 -56.35 -42.59 -22.24
C VAL HA 159 -57.56 -42.70 -23.15
N ALA HA 160 -58.61 -41.97 -22.83
CA ALA HA 160 -59.83 -41.97 -23.63
C ALA HA 160 -60.56 -40.65 -23.42
N VAL HA 161 -61.50 -40.36 -24.31
CA VAL HA 161 -62.30 -39.15 -24.24
C VAL HA 161 -63.76 -39.55 -24.01
N LYS HA 162 -64.34 -39.04 -22.92
CA LYS HA 162 -65.72 -39.33 -22.59
C LYS HA 162 -66.64 -38.27 -23.20
N LYS HA 163 -67.81 -38.72 -23.65
CA LYS HA 163 -68.77 -37.85 -24.31
C LYS HA 163 -70.15 -38.06 -23.69
N VAL HA 164 -70.95 -37.00 -23.75
CA VAL HA 164 -72.33 -37.02 -23.24
C VAL HA 164 -73.26 -37.15 -24.44
N ASP HA 165 -74.10 -38.18 -24.43
CA ASP HA 165 -74.92 -38.52 -25.57
C ASP HA 165 -76.31 -37.91 -25.46
N TYR HA 166 -76.88 -37.56 -26.60
CA TYR HA 166 -78.25 -37.05 -26.70
C TYR HA 166 -78.94 -37.77 -27.84
N SER HA 167 -80.18 -38.23 -27.60
CA SER HA 167 -80.90 -39.04 -28.54
C SER HA 167 -81.93 -38.21 -29.29
N LEU HA 168 -82.06 -38.46 -30.59
CA LEU HA 168 -83.00 -37.77 -31.47
C LEU HA 168 -83.88 -38.78 -32.19
N ASN HA 169 -84.25 -39.86 -31.51
CA ASN HA 169 -84.89 -41.00 -32.16
C ASN HA 169 -86.24 -40.65 -32.79
N ALA HA 170 -87.25 -40.36 -31.96
CA ALA HA 170 -88.57 -40.05 -32.48
C ALA HA 170 -89.31 -38.98 -31.69
N ASN HA 171 -88.70 -38.38 -30.67
CA ASN HA 171 -89.41 -37.42 -29.82
C ASN HA 171 -88.68 -36.10 -29.66
N SER HA 172 -87.49 -35.94 -30.24
CA SER HA 172 -86.74 -34.70 -30.14
C SER HA 172 -86.08 -34.33 -31.46
N VAL HA 173 -86.72 -34.65 -32.58
CA VAL HA 173 -86.11 -34.46 -33.89
C VAL HA 173 -86.65 -33.23 -34.62
N LEU HA 174 -87.91 -32.84 -34.39
CA LEU HA 174 -88.43 -31.58 -34.92
C LEU HA 174 -88.35 -31.49 -36.44
N PHE HA 175 -89.27 -32.18 -37.14
CA PHE HA 175 -89.30 -32.22 -38.60
C PHE HA 175 -88.15 -33.01 -39.20
N ASP HA 176 -88.12 -34.32 -38.94
CA ASP HA 176 -87.25 -35.24 -39.66
C ASP HA 176 -87.23 -34.92 -41.16
N THR HA 177 -86.01 -34.90 -41.72
CA THR HA 177 -85.83 -34.40 -43.07
C THR HA 177 -86.45 -35.31 -44.12
N VAL HA 178 -86.18 -36.61 -44.02
CA VAL HA 178 -86.49 -37.56 -45.10
C VAL HA 178 -87.72 -38.40 -44.76
N GLY HA 179 -87.69 -39.12 -43.64
CA GLY HA 179 -88.74 -40.08 -43.34
C GLY HA 179 -90.09 -39.46 -43.03
N ASP HA 180 -90.12 -38.18 -42.66
CA ASP HA 180 -91.36 -37.50 -42.29
C ASP HA 180 -92.10 -38.27 -41.20
N THR HA 181 -91.34 -38.75 -40.22
CA THR HA 181 -91.87 -39.51 -39.09
C THR HA 181 -91.42 -38.90 -37.77
N GLY HA 182 -91.13 -37.61 -37.76
CA GLY HA 182 -90.65 -36.94 -36.58
C GLY HA 182 -91.74 -36.62 -35.59
N ILE HA 183 -91.34 -35.88 -34.55
CA ILE HA 183 -92.30 -35.49 -33.51
C ILE HA 183 -93.42 -34.64 -34.12
N LEU HA 184 -93.07 -33.79 -35.08
CA LEU HA 184 -94.06 -33.10 -35.90
C LEU HA 184 -94.11 -33.75 -37.27
N ASP HA 185 -95.12 -33.36 -38.05
CA ASP HA 185 -95.36 -33.90 -39.39
C ASP HA 185 -95.50 -35.42 -39.34
N LYS HA 186 -96.23 -35.91 -38.33
CA LYS HA 186 -96.62 -37.31 -38.26
C LYS HA 186 -97.91 -37.41 -37.46
N VAL HA 187 -98.65 -38.48 -37.69
CA VAL HA 187 -99.96 -38.67 -37.08
C VAL HA 187 -99.80 -39.35 -35.73
N TYR HA 188 -100.61 -38.93 -34.76
CA TYR HA 188 -100.61 -39.49 -33.42
C TYR HA 188 -101.89 -40.28 -33.19
N ASN HA 189 -101.75 -41.50 -32.72
CA ASN HA 189 -102.93 -42.30 -32.38
C ASN HA 189 -103.60 -41.72 -31.13
N VAL HA 190 -104.93 -41.65 -31.18
CA VAL HA 190 -105.72 -41.05 -30.11
C VAL HA 190 -106.78 -42.06 -29.71
N SER HA 191 -106.57 -42.74 -28.59
CA SER HA 191 -107.56 -43.66 -28.04
C SER HA 191 -107.44 -43.67 -26.53
N GLN HA 192 -108.54 -44.04 -25.87
CA GLN HA 192 -108.64 -43.86 -24.42
C GLN HA 192 -107.74 -44.82 -23.66
N ALA HA 193 -107.68 -46.09 -24.08
CA ALA HA 193 -107.06 -47.14 -23.29
C ALA HA 193 -105.99 -47.87 -24.08
N SER HA 194 -105.09 -47.11 -24.72
CA SER HA 194 -104.00 -47.68 -25.47
C SER HA 194 -102.70 -46.94 -25.16
N VAL HA 195 -101.59 -47.56 -25.56
CA VAL HA 195 -100.26 -47.00 -25.39
C VAL HA 195 -99.42 -47.36 -26.61
N THR HA 196 -98.61 -46.43 -27.07
CA THR HA 196 -97.77 -46.64 -28.25
C THR HA 196 -96.41 -47.16 -27.79
N LEU HA 197 -96.06 -48.37 -28.22
CA LEU HA 197 -94.79 -49.00 -27.88
C LEU HA 197 -93.92 -49.10 -29.12
N THR HA 198 -92.62 -48.88 -28.94
CA THR HA 198 -91.64 -49.07 -30.00
C THR HA 198 -90.97 -50.42 -29.82
N VAL HA 199 -91.08 -51.28 -30.83
CA VAL HA 199 -90.50 -52.61 -30.83
C VAL HA 199 -89.83 -52.83 -32.18
N ASN HA 200 -88.65 -53.44 -32.16
CA ASN HA 200 -87.90 -53.69 -33.39
C ASN HA 200 -88.23 -55.08 -33.92
N THR HA 201 -88.54 -55.16 -35.21
CA THR HA 201 -88.83 -56.41 -35.88
C THR HA 201 -87.82 -56.61 -37.00
N ASN HA 202 -87.12 -57.77 -36.96
CA ASN HA 202 -86.06 -58.08 -37.91
C ASN HA 202 -84.97 -57.03 -37.92
N GLY HA 203 -84.71 -56.41 -36.77
CA GLY HA 203 -83.62 -55.46 -36.63
C GLY HA 203 -83.96 -54.01 -36.92
N VAL HA 204 -85.19 -53.71 -37.34
CA VAL HA 204 -85.61 -52.34 -37.62
C VAL HA 204 -86.74 -51.99 -36.68
N GLU HA 205 -86.65 -50.82 -36.06
CA GLU HA 205 -87.62 -50.40 -35.07
C GLU HA 205 -88.88 -49.85 -35.74
N SER HA 206 -89.99 -49.92 -35.02
CA SER HA 206 -91.26 -49.39 -35.49
C SER HA 206 -92.13 -49.11 -34.27
N GLN HA 207 -93.15 -48.28 -34.47
CA GLN HA 207 -94.07 -47.88 -33.41
C GLN HA 207 -95.43 -48.47 -33.69
N HIS HA 208 -95.96 -49.20 -32.70
CA HIS HA 208 -97.26 -49.85 -32.82
C HIS HA 208 -98.16 -49.41 -31.67
N THR HA 209 -99.44 -49.21 -31.97
CA THR HA 209 -100.43 -48.83 -30.98
C THR HA 209 -101.16 -50.07 -30.51
N VAL HA 210 -101.10 -50.35 -29.20
CA VAL HA 210 -101.73 -51.52 -28.61
C VAL HA 210 -102.44 -51.10 -27.34
N ALA HA 211 -103.50 -51.83 -26.99
CA ALA HA 211 -104.28 -51.51 -25.81
C ALA HA 211 -103.47 -51.75 -24.55
N ALA HA 212 -103.79 -50.99 -23.51
CA ALA HA 212 -103.12 -51.08 -22.22
C ALA HA 212 -104.13 -51.45 -21.14
N TYR HA 213 -103.69 -52.25 -20.19
CA TYR HA 213 -104.55 -52.75 -19.11
C TYR HA 213 -103.97 -52.32 -17.77
N SER HA 214 -104.84 -51.82 -16.89
CA SER HA 214 -104.38 -51.32 -15.60
C SER HA 214 -104.00 -52.47 -14.67
N LEU HA 215 -103.07 -52.20 -13.76
CA LEU HA 215 -102.65 -53.21 -12.79
C LEU HA 215 -103.75 -53.52 -11.79
N GLU HA 216 -104.57 -52.52 -11.43
CA GLU HA 216 -105.64 -52.76 -10.46
C GLU HA 216 -106.65 -53.77 -10.99
N SER HA 217 -107.03 -53.64 -12.27
CA SER HA 217 -107.95 -54.61 -12.85
C SER HA 217 -107.35 -56.01 -12.88
N LEU HA 218 -106.06 -56.10 -13.22
CA LEU HA 218 -105.40 -57.40 -13.27
C LEU HA 218 -105.38 -58.05 -11.89
N THR HA 219 -105.04 -57.29 -10.86
CA THR HA 219 -104.98 -57.87 -9.52
C THR HA 219 -106.37 -58.10 -8.93
N GLU HA 220 -107.39 -57.40 -9.40
CA GLU HA 220 -108.75 -57.67 -8.94
C GLU HA 220 -109.33 -58.91 -9.60
N ALA HA 221 -108.99 -59.15 -10.87
CA ALA HA 221 -109.53 -60.29 -11.60
C ALA HA 221 -108.99 -61.62 -11.08
N GLY HA 222 -107.93 -61.62 -10.28
CA GLY HA 222 -107.37 -62.85 -9.78
C GLY HA 222 -106.27 -63.40 -10.65
N ALA HA 223 -105.31 -62.55 -11.01
CA ALA HA 223 -104.22 -62.93 -11.89
C ALA HA 223 -103.00 -63.36 -11.09
N GLU HA 224 -102.24 -64.29 -11.66
CA GLU HA 224 -101.00 -64.76 -11.08
C GLU HA 224 -99.84 -64.10 -11.80
N PHE HA 225 -98.97 -63.45 -11.04
CA PHE HA 225 -97.87 -62.68 -11.60
C PHE HA 225 -96.55 -63.40 -11.40
N GLN HA 226 -95.57 -63.02 -12.23
CA GLN HA 226 -94.21 -63.55 -12.09
C GLN HA 226 -93.27 -62.58 -12.80
N GLY HA 227 -92.46 -61.88 -12.02
CA GLY HA 227 -91.55 -60.89 -12.61
C GLY HA 227 -92.34 -59.81 -13.32
N ASN HA 228 -92.08 -59.66 -14.62
CA ASN HA 228 -92.80 -58.72 -15.46
C ASN HA 228 -93.90 -59.41 -16.27
N TYR HA 229 -94.24 -60.65 -15.92
CA TYR HA 229 -95.24 -61.43 -16.63
C TYR HA 229 -96.44 -61.68 -15.73
N ALA HA 230 -97.62 -61.76 -16.35
CA ALA HA 230 -98.86 -62.00 -15.63
C ALA HA 230 -99.69 -63.04 -16.38
N LEU HA 231 -100.57 -63.71 -15.64
CA LEU HA 231 -101.46 -64.71 -16.23
C LEU HA 231 -102.81 -64.61 -15.51
N GLN HA 232 -103.75 -63.90 -16.13
CA GLN HA 232 -105.10 -63.77 -15.58
C GLN HA 232 -105.97 -64.99 -15.87
N GLY HA 233 -105.54 -65.85 -16.78
CA GLY HA 233 -106.35 -66.97 -17.22
C GLY HA 233 -106.01 -67.38 -18.63
N GLY HA 234 -107.00 -67.39 -19.52
CA GLY HA 234 -106.72 -67.69 -20.92
C GLY HA 234 -105.91 -66.63 -21.63
N ASN HA 235 -105.68 -65.48 -21.00
CA ASN HA 235 -104.88 -64.40 -21.56
C ASN HA 235 -103.63 -64.20 -20.73
N SER HA 236 -102.56 -63.75 -21.40
CA SER HA 236 -101.29 -63.51 -20.76
C SER HA 236 -100.86 -62.06 -21.00
N TYR HA 237 -100.13 -61.50 -20.03
CA TYR HA 237 -99.71 -60.11 -20.08
C TYR HA 237 -98.24 -60.00 -19.70
N VAL HA 238 -97.57 -59.02 -20.29
CA VAL HA 238 -96.16 -58.75 -20.01
C VAL HA 238 -95.99 -57.28 -19.67
N LYS HA 239 -95.06 -56.99 -18.77
CA LYS HA 239 -94.79 -55.62 -18.34
C LYS HA 239 -93.58 -55.07 -19.11
N VAL HA 240 -93.84 -54.75 -20.38
CA VAL HA 240 -92.79 -54.13 -21.20
C VAL HA 240 -92.45 -52.74 -20.67
N GLU HA 241 -93.46 -51.98 -20.26
CA GLU HA 241 -93.26 -50.68 -19.66
C GLU HA 241 -94.18 -50.52 -18.45
N ASN HA 242 -94.32 -49.30 -17.94
CA ASN HA 242 -95.15 -49.06 -16.76
C ASN HA 242 -96.59 -49.50 -16.94
N VAL HA 243 -97.02 -49.83 -18.15
CA VAL HA 243 -98.36 -50.30 -18.43
C VAL HA 243 -98.29 -51.76 -18.88
N TRP HA 244 -99.29 -52.55 -18.49
CA TRP HA 244 -99.36 -53.95 -18.83
C TRP HA 244 -100.09 -54.14 -20.16
N VAL HA 245 -99.61 -55.09 -20.96
CA VAL HA 245 -100.13 -55.31 -22.31
C VAL HA 245 -100.22 -56.81 -22.55
N ARG HA 246 -101.28 -57.22 -23.26
CA ARG HA 246 -101.43 -58.61 -23.67
C ARG HA 246 -100.30 -59.02 -24.60
N ALA HA 247 -99.87 -60.28 -24.48
CA ALA HA 247 -98.73 -60.78 -25.24
C ALA HA 247 -99.07 -62.11 -25.88
N GLU HA 248 -98.35 -62.43 -26.96
CA GLU HA 248 -98.44 -63.71 -27.63
C GLU HA 248 -97.38 -64.65 -27.10
N THR HA 249 -97.67 -65.95 -27.14
CA THR HA 249 -96.82 -66.94 -26.49
C THR HA 249 -95.41 -66.97 -27.09
N ALA HA 250 -95.30 -67.42 -28.33
CA ALA HA 250 -94.03 -67.51 -29.05
C ALA HA 250 -94.30 -68.04 -30.44
N ALA HA 251 -93.37 -67.78 -31.36
CA ALA HA 251 -93.38 -68.32 -32.71
C ALA HA 251 -94.67 -68.00 -33.47
N THR HA 252 -95.46 -67.04 -32.98
CA THR HA 252 -96.67 -66.65 -33.69
C THR HA 252 -96.38 -65.67 -34.82
N GLY HA 253 -95.68 -64.58 -34.50
CA GLY HA 253 -95.28 -63.64 -35.53
C GLY HA 253 -94.23 -64.20 -36.47
N ALA HA 254 -93.32 -65.01 -35.94
CA ALA HA 254 -92.24 -65.62 -36.73
C ALA HA 254 -91.43 -64.56 -37.46
N THR HA 255 -91.20 -63.43 -36.79
CA THR HA 255 -90.47 -62.31 -37.36
C THR HA 255 -89.25 -61.92 -36.53
N GLY HA 256 -88.87 -62.75 -35.55
CA GLY HA 256 -87.74 -62.41 -34.70
C GLY HA 256 -87.97 -61.17 -33.84
N GLN HA 257 -89.18 -61.04 -33.30
CA GLN HA 257 -89.50 -59.87 -32.49
C GLN HA 257 -88.77 -59.92 -31.15
N GLU HA 258 -88.61 -58.75 -30.55
CA GLU HA 258 -87.95 -58.65 -29.26
C GLU HA 258 -88.73 -59.42 -28.20
N ILE HA 259 -88.01 -60.20 -27.40
CA ILE HA 259 -88.63 -61.04 -26.37
C ILE HA 259 -89.08 -60.16 -25.22
N ALA HA 260 -90.39 -60.16 -24.94
CA ALA HA 260 -90.92 -59.34 -23.87
C ALA HA 260 -90.44 -59.83 -22.51
N ALA HA 261 -90.58 -61.12 -22.24
CA ALA HA 261 -90.19 -61.68 -20.95
C ALA HA 261 -90.08 -63.19 -21.08
N THR HA 262 -89.38 -63.79 -20.11
CA THR HA 262 -89.24 -65.24 -20.01
C THR HA 262 -89.76 -65.70 -18.65
N THR HA 263 -90.40 -66.87 -18.66
CA THR HA 263 -91.05 -67.41 -17.47
C THR HA 263 -90.49 -68.79 -17.14
N THR HA 264 -91.03 -69.39 -16.09
CA THR HA 264 -90.64 -70.72 -15.65
C THR HA 264 -91.91 -71.46 -15.22
N ALA HA 265 -91.73 -72.58 -14.52
CA ALA HA 265 -92.87 -73.38 -14.10
C ALA HA 265 -93.80 -72.59 -13.18
N ALA HA 266 -93.31 -72.21 -12.00
CA ALA HA 266 -94.05 -71.34 -11.08
C ALA HA 266 -95.44 -71.89 -10.78
N GLY HA 267 -95.54 -73.21 -10.65
CA GLY HA 267 -96.81 -73.84 -10.34
C GLY HA 267 -97.68 -74.09 -11.56
N THR HA 268 -98.25 -73.03 -12.12
CA THR HA 268 -99.17 -73.16 -13.25
C THR HA 268 -98.86 -72.15 -14.35
N ILE HA 269 -97.58 -71.83 -14.52
CA ILE HA 269 -97.13 -70.89 -15.55
C ILE HA 269 -96.33 -71.67 -16.58
N THR HA 270 -96.71 -71.55 -17.85
CA THR HA 270 -95.98 -72.23 -18.90
C THR HA 270 -94.60 -71.62 -19.09
N ALA HA 271 -93.60 -72.48 -19.29
CA ALA HA 271 -92.22 -72.02 -19.49
C ALA HA 271 -92.03 -71.69 -20.97
N ASP HA 272 -91.96 -70.40 -21.28
CA ASP HA 272 -91.83 -69.96 -22.67
C ASP HA 272 -91.25 -68.56 -22.68
N SER HA 273 -90.76 -68.17 -23.85
CA SER HA 273 -90.23 -66.82 -24.09
C SER HA 273 -91.35 -66.00 -24.73
N TRP HA 274 -91.93 -65.09 -23.95
CA TRP HA 274 -93.10 -64.35 -24.39
C TRP HA 274 -92.72 -63.10 -25.16
N VAL HA 275 -93.56 -62.74 -26.12
CA VAL HA 275 -93.34 -61.58 -26.98
C VAL HA 275 -94.60 -60.73 -26.97
N VAL HA 276 -94.43 -59.42 -26.87
CA VAL HA 276 -95.57 -58.50 -26.86
C VAL HA 276 -96.37 -58.67 -28.14
N ASP HA 277 -97.69 -58.64 -28.02
CA ASP HA 277 -98.58 -58.82 -29.17
C ASP HA 277 -98.58 -57.56 -30.02
N VAL HA 278 -98.06 -57.65 -31.24
CA VAL HA 278 -98.08 -56.52 -32.15
C VAL HA 278 -99.51 -56.16 -32.54
N GLY HA 279 -100.40 -57.15 -32.58
CA GLY HA 279 -101.79 -56.90 -32.88
C GLY HA 279 -102.56 -56.41 -31.67
N ASN HA 280 -103.74 -56.96 -31.43
CA ASN HA 280 -104.60 -56.60 -30.30
C ASN HA 280 -104.91 -55.10 -30.32
N ALA HA 281 -105.64 -54.71 -31.36
CA ALA HA 281 -106.00 -53.32 -31.55
C ALA HA 281 -106.90 -52.85 -30.40
N PRO HA 282 -106.86 -51.57 -30.07
CA PRO HA 282 -107.69 -51.05 -28.97
C PRO HA 282 -109.18 -51.19 -29.27
N ALA HA 283 -109.98 -50.91 -28.25
CA ALA HA 283 -111.43 -51.02 -28.40
C ALA HA 283 -111.95 -50.03 -29.43
N ALA HA 284 -111.43 -48.80 -29.42
CA ALA HA 284 -111.81 -47.76 -30.38
C ALA HA 284 -110.53 -47.18 -30.95
N ASN HA 285 -110.08 -47.75 -32.07
CA ASN HA 285 -108.83 -47.31 -32.71
C ASN HA 285 -109.11 -46.05 -33.52
N VAL HA 286 -108.75 -44.91 -32.96
CA VAL HA 286 -108.92 -43.61 -33.61
C VAL HA 286 -107.56 -42.96 -33.76
N SER HA 287 -107.30 -42.42 -34.95
CA SER HA 287 -106.05 -41.74 -35.24
C SER HA 287 -106.32 -40.29 -35.61
N ALA HA 288 -105.33 -39.44 -35.37
CA ALA HA 288 -105.44 -38.04 -35.74
C ALA HA 288 -105.63 -37.90 -37.26
N GLY HA 289 -106.58 -37.06 -37.66
CA GLY HA 289 -106.87 -36.91 -39.08
C GLY HA 289 -105.67 -36.40 -39.86
N GLN HA 290 -104.98 -35.41 -39.34
CA GLN HA 290 -103.82 -34.83 -39.99
C GLN HA 290 -102.72 -34.60 -38.98
N SER HA 291 -101.49 -34.51 -39.47
CA SER HA 291 -100.34 -34.24 -38.62
C SER HA 291 -100.32 -32.77 -38.22
N VAL HA 292 -99.31 -32.40 -37.44
CA VAL HA 292 -99.18 -31.01 -37.00
C VAL HA 292 -98.83 -30.11 -38.17
N ALA HA 293 -97.97 -30.57 -39.07
CA ALA HA 293 -97.55 -29.77 -40.21
C ALA HA 293 -98.53 -29.81 -41.37
N ASN HA 294 -99.55 -30.67 -41.31
CA ASN HA 294 -100.53 -30.80 -42.39
C ASN HA 294 -101.93 -30.47 -41.90
N ILE HA 295 -102.06 -29.50 -41.00
CA ILE HA 295 -103.35 -29.17 -40.43
C ILE HA 295 -104.21 -28.47 -41.48
N ASN HA 296 -105.42 -28.99 -41.70
CA ASN HA 296 -106.36 -28.40 -42.64
C ASN HA 296 -107.75 -28.60 -42.05
N ILE HA 297 -108.32 -27.53 -41.51
CA ILE HA 297 -109.55 -27.61 -40.73
C ILE HA 297 -110.79 -27.20 -41.56
N VAL HA 298 -110.68 -27.20 -42.88
CA VAL HA 298 -111.79 -26.81 -43.74
C VAL HA 298 -112.80 -27.96 -43.77
N GLY HA 299 -113.86 -27.83 -42.98
CA GLY HA 299 -114.92 -28.83 -42.96
C GLY HA 299 -114.51 -30.20 -42.47
N MET HA 300 -113.71 -30.25 -41.40
CA MET HA 300 -113.29 -31.54 -40.87
C MET HA 300 -114.43 -32.25 -40.12
N GLY HA 301 -115.18 -31.51 -39.32
CA GLY HA 301 -116.19 -32.09 -38.46
C GLY HA 301 -115.75 -32.14 -37.01
N ALA HA 302 -116.73 -32.44 -36.14
CA ALA HA 302 -116.47 -32.42 -34.70
C ALA HA 302 -115.46 -33.48 -34.30
N ALA HA 303 -115.66 -34.72 -34.75
CA ALA HA 303 -114.77 -35.81 -34.35
C ALA HA 303 -113.35 -35.57 -34.86
N ALA HA 304 -113.21 -35.11 -36.10
CA ALA HA 304 -111.89 -34.82 -36.64
C ALA HA 304 -111.22 -33.69 -35.88
N LEU HA 305 -112.00 -32.67 -35.49
CA LEU HA 305 -111.45 -31.57 -34.70
C LEU HA 305 -110.95 -32.07 -33.35
N ASP HA 306 -111.72 -32.93 -32.69
CA ASP HA 306 -111.28 -33.47 -31.41
C ASP HA 306 -110.03 -34.32 -31.55
N ALA HA 307 -109.97 -35.14 -32.60
CA ALA HA 307 -108.78 -35.95 -32.84
C ALA HA 307 -107.57 -35.07 -33.09
N LEU HA 308 -107.72 -34.01 -33.89
CA LEU HA 308 -106.62 -33.10 -34.15
C LEU HA 308 -106.17 -32.39 -32.88
N ILE HA 309 -107.13 -31.99 -32.03
CA ILE HA 309 -106.78 -31.32 -30.79
C ILE HA 309 -106.01 -32.27 -29.88
N SER HA 310 -106.45 -33.52 -29.77
CA SER HA 310 -105.75 -34.49 -28.94
C SER HA 310 -104.34 -34.76 -29.48
N GLY HA 311 -104.20 -34.88 -30.80
CA GLY HA 311 -102.87 -35.08 -31.37
C GLY HA 311 -101.95 -33.91 -31.12
N VAL HA 312 -102.48 -32.68 -31.25
CA VAL HA 312 -101.68 -31.49 -30.97
C VAL HA 312 -101.26 -31.47 -29.51
N ASP HA 313 -102.17 -31.82 -28.60
CA ASP HA 313 -101.85 -31.83 -27.17
C ASP HA 313 -100.75 -32.85 -26.89
N ALA HA 314 -100.85 -34.04 -27.47
CA ALA HA 314 -99.84 -35.07 -27.25
C ALA HA 314 -98.48 -34.63 -27.81
N ALA HA 315 -98.47 -34.03 -29.01
CA ALA HA 315 -97.23 -33.54 -29.57
C ALA HA 315 -96.61 -32.45 -28.70
N LEU HA 316 -97.46 -31.55 -28.17
CA LEU HA 316 -96.96 -30.52 -27.28
C LEU HA 316 -96.36 -31.11 -26.01
N THR HA 317 -97.00 -32.15 -25.47
CA THR HA 317 -96.46 -32.81 -24.28
C THR HA 317 -95.10 -33.43 -24.57
N ASP HA 318 -94.98 -34.13 -25.70
CA ASP HA 318 -93.71 -34.75 -26.06
C ASP HA 318 -92.63 -33.70 -26.26
N MET HA 319 -92.98 -32.58 -26.90
CA MET HA 319 -91.99 -31.54 -27.19
C MET HA 319 -91.60 -30.79 -25.92
N THR HA 320 -92.54 -30.65 -24.97
CA THR HA 320 -92.19 -30.13 -23.65
C THR HA 320 -91.22 -31.05 -22.92
N SER HA 321 -91.44 -32.36 -23.02
CA SER HA 321 -90.50 -33.31 -22.44
C SER HA 321 -89.13 -33.18 -23.08
N ALA HA 322 -89.09 -32.99 -24.40
CA ALA HA 322 -87.82 -32.79 -25.08
C ALA HA 322 -87.12 -31.52 -24.60
N ALA HA 323 -87.90 -30.45 -24.40
CA ALA HA 323 -87.33 -29.20 -23.88
C ALA HA 323 -86.75 -29.42 -22.48
N ALA HA 324 -87.46 -30.15 -21.63
CA ALA HA 324 -86.95 -30.45 -20.30
C ALA HA 324 -85.66 -31.26 -20.37
N SER HA 325 -85.60 -32.23 -21.28
CA SER HA 325 -84.38 -33.01 -21.46
C SER HA 325 -83.23 -32.11 -21.91
N LEU HA 326 -83.50 -31.18 -22.83
CA LEU HA 326 -82.46 -30.26 -23.27
C LEU HA 326 -81.96 -29.38 -22.14
N GLY HA 327 -82.88 -28.89 -21.30
CA GLY HA 327 -82.46 -28.13 -20.14
C GLY HA 327 -81.61 -28.94 -19.18
N SER HA 328 -81.98 -30.20 -18.98
CA SER HA 328 -81.17 -31.08 -18.12
C SER HA 328 -79.78 -31.27 -18.72
N ILE HA 329 -79.69 -31.44 -20.03
CA ILE HA 329 -78.39 -31.56 -20.68
C ILE HA 329 -77.57 -30.31 -20.48
N SER HA 330 -78.19 -29.13 -20.61
CA SER HA 330 -77.46 -27.88 -20.40
C SER HA 330 -76.94 -27.77 -18.97
N SER HA 331 -77.77 -28.15 -17.99
CA SER HA 331 -77.32 -28.13 -16.60
C SER HA 331 -76.15 -29.10 -16.39
N ARG HA 332 -76.23 -30.28 -17.00
CA ARG HA 332 -75.14 -31.25 -16.88
C ARG HA 332 -73.86 -30.71 -17.50
N ILE HA 333 -73.97 -30.01 -18.64
CA ILE HA 333 -72.80 -29.41 -19.26
C ILE HA 333 -72.18 -28.36 -18.36
N ASP HA 334 -73.02 -27.54 -17.72
CA ASP HA 334 -72.49 -26.52 -16.81
C ASP HA 334 -71.76 -27.17 -15.64
N LEU HA 335 -72.36 -28.20 -15.04
CA LEU HA 335 -71.72 -28.89 -13.93
C LEU HA 335 -70.41 -29.55 -14.37
N GLN HA 336 -70.41 -30.16 -15.56
CA GLN HA 336 -69.19 -30.78 -16.06
C GLN HA 336 -68.10 -29.73 -16.29
N SER HA 337 -68.47 -28.56 -16.81
CA SER HA 337 -67.49 -27.51 -17.06
C SER HA 337 -66.86 -27.04 -15.75
N GLU HA 338 -67.69 -26.80 -14.73
CA GLU HA 338 -67.13 -26.33 -13.46
C GLU HA 338 -66.28 -27.43 -12.80
N PHE HA 339 -66.69 -28.69 -12.94
CA PHE HA 339 -65.89 -29.78 -12.37
C PHE HA 339 -64.55 -29.90 -13.09
N VAL HA 340 -64.54 -29.75 -14.41
CA VAL HA 340 -63.28 -29.80 -15.16
C VAL HA 340 -62.39 -28.63 -14.76
N ASN HA 341 -62.97 -27.45 -14.56
CA ASN HA 341 -62.17 -26.32 -14.10
C ASN HA 341 -61.54 -26.61 -12.75
N LYS HA 342 -62.32 -27.16 -11.81
CA LYS HA 342 -61.79 -27.49 -10.49
C LYS HA 342 -60.69 -28.55 -10.59
N LEU HA 343 -60.90 -29.56 -11.42
CA LEU HA 343 -59.90 -30.62 -11.57
C LEU HA 343 -58.62 -30.08 -12.18
N SER HA 344 -58.73 -29.21 -13.17
CA SER HA 344 -57.54 -28.59 -13.77
C SER HA 344 -56.81 -27.74 -12.75
N ASP HA 345 -57.55 -27.00 -11.91
CA ASP HA 345 -56.91 -26.21 -10.87
C ASP HA 345 -56.17 -27.10 -9.88
N SER HA 346 -56.79 -28.22 -9.48
CA SER HA 346 -56.15 -29.15 -8.56
C SER HA 346 -54.89 -29.76 -9.17
N ILE HA 347 -54.96 -30.12 -10.46
CA ILE HA 347 -53.79 -30.70 -11.13
C ILE HA 347 -52.66 -29.68 -11.21
N GLU HA 348 -53.00 -28.43 -11.55
CA GLU HA 348 -51.98 -27.39 -11.62
C GLU HA 348 -51.35 -27.15 -10.25
N SER HA 349 -52.18 -27.14 -9.20
CA SER HA 349 -51.64 -26.96 -7.84
C SER HA 349 -50.71 -28.11 -7.47
N GLY HA 350 -51.08 -29.34 -7.80
CA GLY HA 350 -50.21 -30.47 -7.54
C GLY HA 350 -48.90 -30.40 -8.29
N VAL HA 351 -48.96 -29.99 -9.57
CA VAL HA 351 -47.75 -29.83 -10.36
C VAL HA 351 -46.85 -28.76 -9.75
N GLY HA 352 -47.44 -27.64 -9.33
CA GLY HA 352 -46.65 -26.61 -8.68
C GLY HA 352 -46.00 -27.08 -7.39
N ARG HA 353 -46.76 -27.82 -6.58
CA ARG HA 353 -46.20 -28.35 -5.34
C ARG HA 353 -45.06 -29.32 -5.61
N LEU HA 354 -45.20 -30.16 -6.64
CA LEU HA 354 -44.16 -31.13 -6.96
C LEU HA 354 -42.96 -30.52 -7.66
N VAL HA 355 -43.13 -29.35 -8.31
CA VAL HA 355 -42.13 -28.81 -9.21
C VAL HA 355 -41.54 -27.49 -8.70
N ASP HA 356 -42.39 -26.59 -8.22
CA ASP HA 356 -41.91 -25.27 -7.82
C ASP HA 356 -41.00 -25.36 -6.60
N ALA HA 357 -40.15 -24.34 -6.44
CA ALA HA 357 -39.19 -24.27 -5.34
C ALA HA 357 -39.40 -22.99 -4.57
N ASP HA 358 -39.34 -23.08 -3.24
CA ASP HA 358 -39.47 -21.92 -2.36
C ASP HA 358 -38.20 -21.09 -2.48
N MET HA 359 -38.29 -19.96 -3.17
CA MET HA 359 -37.10 -19.22 -3.61
C MET HA 359 -36.22 -18.75 -2.46
N ASN HA 360 -36.75 -18.69 -1.23
CA ASN HA 360 -35.98 -18.15 -0.12
C ASN HA 360 -34.71 -18.98 0.15
N GLU HA 361 -34.85 -20.30 0.20
CA GLU HA 361 -33.68 -21.12 0.47
C GLU HA 361 -32.70 -21.14 -0.70
N GLU HA 362 -33.20 -21.01 -1.94
CA GLU HA 362 -32.29 -20.86 -3.07
C GLU HA 362 -31.52 -19.55 -2.98
N SER HA 363 -32.15 -18.48 -2.55
CA SER HA 363 -31.43 -17.22 -2.34
C SER HA 363 -30.37 -17.38 -1.25
N THR HA 364 -30.72 -18.06 -0.16
CA THR HA 364 -29.75 -18.31 0.90
C THR HA 364 -28.57 -19.12 0.39
N ARG HA 365 -28.84 -20.16 -0.41
CA ARG HA 365 -27.77 -20.95 -1.00
C ARG HA 365 -26.93 -20.13 -1.95
N LEU HA 366 -27.56 -19.22 -2.71
CA LEU HA 366 -26.79 -18.38 -3.62
C LEU HA 366 -25.82 -17.49 -2.85
N LYS HA 367 -26.28 -16.88 -1.77
CA LYS HA 367 -25.39 -16.07 -0.94
C LYS HA 367 -24.28 -16.92 -0.34
N ALA HA 368 -24.63 -18.11 0.16
CA ALA HA 368 -23.62 -18.98 0.77
C ALA HA 368 -22.57 -19.39 -0.24
N LEU HA 369 -22.98 -19.74 -1.46
CA LEU HA 369 -22.02 -20.11 -2.50
C LEU HA 369 -21.18 -18.92 -2.94
N GLN HA 370 -21.74 -17.72 -2.95
CA GLN HA 370 -20.90 -16.55 -3.24
C GLN HA 370 -19.81 -16.40 -2.20
N THR HA 371 -20.17 -16.52 -0.91
CA THR HA 371 -19.16 -16.42 0.14
C THR HA 371 -18.13 -17.54 0.03
N GLN HA 372 -18.59 -18.76 -0.23
CA GLN HA 372 -17.68 -19.90 -0.35
C GLN HA 372 -16.73 -19.72 -1.52
N GLN HA 373 -17.23 -19.19 -2.64
CA GLN HA 373 -16.37 -18.92 -3.79
C GLN HA 373 -15.32 -17.86 -3.45
N GLN HA 374 -15.72 -16.81 -2.73
CA GLN HA 374 -14.74 -15.79 -2.35
C GLN HA 374 -13.66 -16.38 -1.46
N LEU HA 375 -14.05 -17.20 -0.48
CA LEU HA 375 -13.07 -17.86 0.37
C LEU HA 375 -12.15 -18.76 -0.44
N ALA HA 376 -12.73 -19.52 -1.37
CA ALA HA 376 -11.93 -20.45 -2.16
C ALA HA 376 -10.94 -19.71 -3.04
N ILE HA 377 -11.35 -18.59 -3.65
CA ILE HA 377 -10.45 -17.81 -4.47
C ILE HA 377 -9.32 -17.23 -3.63
N GLN HA 378 -9.66 -16.72 -2.43
CA GLN HA 378 -8.61 -16.18 -1.57
C GLN HA 378 -7.60 -17.25 -1.18
N ALA HA 379 -8.10 -18.44 -0.80
CA ALA HA 379 -7.20 -19.53 -0.41
C ALA HA 379 -6.36 -20.00 -1.59
N LEU HA 380 -6.95 -20.04 -2.79
CA LEU HA 380 -6.22 -20.46 -3.97
C LEU HA 380 -5.11 -19.47 -4.29
N SER HA 381 -5.39 -18.17 -4.15
CA SER HA 381 -4.36 -17.15 -4.34
C SER HA 381 -3.24 -17.31 -3.32
N ILE HA 382 -3.60 -17.57 -2.06
CA ILE HA 382 -2.57 -17.78 -1.04
C ILE HA 382 -1.72 -18.99 -1.38
N ALA HA 383 -2.35 -20.07 -1.86
CA ALA HA 383 -1.60 -21.27 -2.23
C ALA HA 383 -0.70 -21.01 -3.43
N ASN HA 384 -1.13 -20.15 -4.35
CA ASN HA 384 -0.26 -19.75 -5.45
C ASN HA 384 0.94 -18.96 -4.93
N SER HA 385 0.70 -18.05 -3.98
CA SER HA 385 1.75 -17.13 -3.55
C SER HA 385 2.78 -17.81 -2.66
N ASP HA 386 2.36 -18.78 -1.84
CA ASP HA 386 3.26 -19.29 -0.81
C ASP HA 386 4.45 -20.07 -1.38
N SER HA 387 4.43 -20.44 -2.65
CA SER HA 387 5.51 -21.22 -3.23
C SER HA 387 6.75 -20.38 -3.56
N GLN HA 388 6.65 -19.05 -3.48
CA GLN HA 388 7.77 -18.18 -3.80
C GLN HA 388 8.74 -17.99 -2.64
N ASN HA 389 8.45 -18.58 -1.48
CA ASN HA 389 9.29 -18.35 -0.31
C ASN HA 389 10.67 -18.98 -0.47
N VAL HA 390 10.79 -20.01 -1.31
CA VAL HA 390 12.06 -20.75 -1.42
C VAL HA 390 13.18 -19.89 -2.00
N LEU HA 391 12.83 -18.82 -2.73
CA LEU HA 391 13.84 -18.02 -3.41
C LEU HA 391 14.84 -17.37 -2.46
N SER HA 392 14.48 -17.22 -1.18
CA SER HA 392 15.35 -16.52 -0.24
C SER HA 392 16.66 -17.26 -0.02
N LEU HA 393 16.60 -18.60 0.05
CA LEU HA 393 17.80 -19.38 0.37
C LEU HA 393 18.86 -19.23 -0.70
N PHE HA 394 18.48 -19.31 -1.97
CA PHE HA 394 19.45 -19.42 -3.05
C PHE HA 394 20.14 -18.10 -3.36
N ARG HA 395 19.53 -16.98 -2.99
CA ARG HA 395 20.13 -15.67 -3.24
C ARG HA 395 21.10 -15.29 -2.13
N THR IA 2 31.83 20.00 3.22
CA THR IA 2 30.92 19.14 3.97
C THR IA 2 31.32 19.08 5.44
N SER IA 3 30.52 19.74 6.29
CA SER IA 3 30.74 19.72 7.73
C SER IA 3 29.97 18.54 8.33
N ILE IA 4 30.69 17.69 9.07
CA ILE IA 4 30.09 16.45 9.58
C ILE IA 4 29.33 16.68 10.88
N LEU IA 5 29.52 17.82 11.53
CA LEU IA 5 28.89 18.07 12.82
C LEU IA 5 27.65 18.95 12.74
N THR IA 6 27.50 19.72 11.67
CA THR IA 6 26.33 20.57 11.49
C THR IA 6 25.77 20.38 10.09
N ASN IA 7 24.45 20.54 9.97
CA ASN IA 7 23.74 20.41 8.69
C ASN IA 7 22.73 21.55 8.63
N ASN IA 8 23.14 22.65 8.00
CA ASN IA 8 22.28 23.82 7.91
C ASN IA 8 21.02 23.53 7.10
N SER IA 9 21.13 22.72 6.05
CA SER IA 9 19.95 22.32 5.30
C SER IA 9 18.99 21.54 6.17
N ALA IA 10 19.51 20.69 7.07
CA ALA IA 10 18.66 19.98 8.00
C ALA IA 10 17.94 20.95 8.94
N MET IA 11 18.65 21.98 9.41
CA MET IA 11 18.02 22.96 10.28
C MET IA 11 16.91 23.73 9.56
N ALA IA 12 17.15 24.10 8.30
CA ALA IA 12 16.10 24.77 7.52
C ALA IA 12 14.91 23.86 7.32
N ALA IA 13 15.16 22.57 7.04
CA ALA IA 13 14.07 21.62 6.90
C ALA IA 13 13.29 21.48 8.20
N LEU IA 14 13.99 21.45 9.34
CA LEU IA 14 13.32 21.35 10.63
C LEU IA 14 12.44 22.57 10.88
N SER IA 15 12.95 23.76 10.57
CA SER IA 15 12.15 24.97 10.76
C SER IA 15 10.91 24.93 9.87
N GLY IA 16 11.07 24.51 8.62
CA GLY IA 16 9.92 24.33 7.76
C GLY IA 16 8.92 23.33 8.31
N VAL IA 17 9.42 22.25 8.90
CA VAL IA 17 8.54 21.23 9.47
C VAL IA 17 7.76 21.79 10.64
N ARG IA 18 8.42 22.55 11.52
CA ARG IA 18 7.70 23.17 12.63
C ARG IA 18 6.64 24.14 12.13
N SER IA 19 6.97 24.94 11.12
CA SER IA 19 6.00 25.90 10.60
C SER IA 19 4.79 25.18 9.99
N ILE IA 20 5.05 24.14 9.19
CA ILE IA 20 3.96 23.43 8.53
C ILE IA 20 3.11 22.70 9.57
N SER IA 21 3.74 22.17 10.61
CA SER IA 21 2.99 21.48 11.66
C SER IA 21 2.10 22.44 12.43
N SER IA 22 2.62 23.64 12.77
CA SER IA 22 1.79 24.61 13.46
C SER IA 22 0.62 25.05 12.59
N SER IA 23 0.87 25.33 11.31
CA SER IA 23 -0.20 25.74 10.42
C SER IA 23 -1.22 24.63 10.25
N MET IA 24 -0.76 23.38 10.16
CA MET IA 24 -1.67 22.25 10.03
C MET IA 24 -2.54 22.08 11.26
N GLU IA 25 -1.95 22.22 12.46
CA GLU IA 25 -2.74 22.13 13.68
C GLU IA 25 -3.80 23.24 13.72
N ASP IA 26 -3.41 24.46 13.35
CA ASP IA 26 -4.37 25.56 13.33
C ASP IA 26 -5.51 25.27 12.36
N THR IA 27 -5.19 24.84 11.14
CA THR IA 27 -6.24 24.61 10.15
C THR IA 27 -7.10 23.41 10.53
N GLN IA 28 -6.53 22.42 11.22
CA GLN IA 28 -7.35 21.31 11.72
C GLN IA 28 -8.35 21.80 12.75
N SER IA 29 -7.91 22.67 13.67
CA SER IA 29 -8.86 23.26 14.60
C SER IA 29 -9.95 24.02 13.86
N ARG IA 30 -9.55 24.80 12.86
CA ARG IA 30 -10.51 25.59 12.08
C ARG IA 30 -11.52 24.71 11.37
N ILE IA 31 -11.05 23.61 10.76
CA ILE IA 31 -11.92 22.73 9.98
C ILE IA 31 -12.76 21.81 10.86
N SER IA 32 -12.35 21.61 12.11
CA SER IA 32 -13.08 20.73 13.01
C SER IA 32 -14.06 21.45 13.91
N SER IA 33 -13.90 22.77 14.11
CA SER IA 33 -14.80 23.48 15.00
C SER IA 33 -15.22 24.82 14.42
N GLY IA 34 -15.16 24.96 13.10
CA GLY IA 34 -15.50 26.23 12.46
C GLY IA 34 -14.64 27.37 12.97
N LEU IA 35 -15.29 28.41 13.52
CA LEU IA 35 -14.57 29.48 14.22
C LEU IA 35 -13.38 30.05 13.44
N ARG IA 36 -13.65 30.82 12.39
CA ARG IA 36 -12.57 31.54 11.72
C ARG IA 36 -11.76 32.34 12.74
N VAL IA 37 -12.44 32.93 13.71
CA VAL IA 37 -11.77 33.60 14.82
C VAL IA 37 -11.61 32.59 15.96
N GLY IA 38 -10.36 32.29 16.31
CA GLY IA 38 -10.06 31.33 17.34
C GLY IA 38 -10.60 31.75 18.69
N SER IA 39 -10.39 30.87 19.67
CA SER IA 39 -10.89 31.06 21.04
C SER IA 39 -10.52 32.46 21.51
N ALA IA 40 -9.24 32.79 21.70
CA ALA IA 40 -8.86 34.18 21.94
C ALA IA 40 -7.49 34.48 21.33
N SER IA 41 -6.89 33.49 20.67
CA SER IA 41 -5.54 33.64 20.14
C SER IA 41 -5.50 34.37 18.80
N ASP IA 42 -6.65 34.58 18.19
CA ASP IA 42 -6.76 35.41 16.99
C ASP IA 42 -7.06 36.84 17.41
N ASN IA 43 -7.50 37.66 16.47
CA ASN IA 43 -7.74 39.08 16.73
C ASN IA 43 -8.78 39.30 17.84
N ALA IA 44 -8.30 39.81 18.97
CA ALA IA 44 -9.07 39.82 20.20
C ALA IA 44 -10.32 40.68 20.09
N ALA IA 45 -10.23 41.81 19.37
CA ALA IA 45 -11.34 42.75 19.30
C ALA IA 45 -12.61 42.10 18.75
N TYR IA 46 -12.47 41.39 17.63
CA TYR IA 46 -13.64 40.77 17.02
C TYR IA 46 -14.19 39.65 17.88
N TRP IA 47 -13.31 38.90 18.56
CA TRP IA 47 -13.78 37.88 19.49
C TRP IA 47 -14.56 38.50 20.64
N SER IA 48 -14.07 39.61 21.17
CA SER IA 48 -14.79 40.32 22.24
C SER IA 48 -16.16 40.78 21.77
N ILE IA 49 -16.22 41.33 20.55
CA ILE IA 49 -17.51 41.74 19.98
C ILE IA 49 -18.44 40.54 19.88
N ALA IA 50 -17.92 39.41 19.41
CA ALA IA 50 -18.74 38.21 19.25
C ALA IA 50 -19.25 37.72 20.60
N THR IA 51 -18.40 37.73 21.63
CA THR IA 51 -18.83 37.29 22.95
C THR IA 51 -19.90 38.21 23.52
N THR IA 52 -19.71 39.52 23.39
CA THR IA 52 -20.70 40.47 23.87
C THR IA 52 -22.03 40.29 23.15
N MET IA 53 -21.98 40.06 21.83
CA MET IA 53 -23.20 39.87 21.07
C MET IA 53 -23.88 38.54 21.41
N ARG IA 54 -23.10 37.50 21.73
CA ARG IA 54 -23.69 36.25 22.20
C ARG IA 54 -24.40 36.45 23.53
N SER IA 55 -23.79 37.19 24.44
CA SER IA 55 -24.46 37.52 25.70
C SER IA 55 -25.74 38.29 25.45
N ASP IA 56 -25.70 39.24 24.51
CA ASP IA 56 -26.90 39.99 24.16
C ASP IA 56 -27.97 39.07 23.58
N ASN IA 57 -27.57 38.10 22.77
CA ASN IA 57 -28.54 37.15 22.20
C ASN IA 57 -29.19 36.33 23.29
N GLN IA 58 -28.41 35.89 24.29
CA GLN IA 58 -28.99 35.20 25.43
C GLN IA 58 -29.98 36.09 26.16
N ALA IA 59 -29.63 37.37 26.34
CA ALA IA 59 -30.53 38.30 27.00
C ALA IA 59 -31.84 38.45 26.23
N LEU IA 60 -31.76 38.55 24.90
CA LEU IA 60 -32.97 38.65 24.08
C LEU IA 60 -33.79 37.37 24.14
N SER IA 61 -33.14 36.21 24.25
CA SER IA 61 -33.90 34.97 24.43
C SER IA 61 -34.67 34.99 25.74
N ALA IA 62 -34.03 35.46 26.82
CA ALA IA 62 -34.74 35.60 28.09
C ALA IA 62 -35.90 36.59 27.96
N VAL IA 63 -35.68 37.68 27.23
CA VAL IA 63 -36.76 38.65 26.99
C VAL IA 63 -37.90 38.01 26.22
N GLN IA 64 -37.58 37.13 25.27
CA GLN IA 64 -38.63 36.42 24.54
C GLN IA 64 -39.45 35.54 25.46
N ASP IA 65 -38.79 34.82 26.36
CA ASP IA 65 -39.53 34.01 27.33
C ASP IA 65 -40.44 34.87 28.20
N ALA IA 66 -39.91 36.01 28.68
CA ALA IA 66 -40.70 36.91 29.49
C ALA IA 66 -41.88 37.48 28.70
N LEU IA 67 -41.66 37.77 27.42
CA LEU IA 67 -42.73 38.27 26.56
C LEU IA 67 -43.83 37.24 26.40
N GLY IA 68 -43.45 35.96 26.22
CA GLY IA 68 -44.46 34.92 26.15
C GLY IA 68 -45.26 34.80 27.43
N LEU IA 69 -44.59 34.86 28.58
CA LEU IA 69 -45.30 34.82 29.85
C LEU IA 69 -46.27 36.00 29.98
N GLY IA 70 -45.80 37.19 29.64
CA GLY IA 70 -46.66 38.36 29.72
C GLY IA 70 -47.84 38.29 28.76
N ALA IA 71 -47.61 37.75 27.57
CA ALA IA 71 -48.71 37.59 26.62
C ALA IA 71 -49.76 36.63 27.15
N ALA IA 72 -49.32 35.53 27.77
CA ALA IA 72 -50.28 34.62 28.39
C ALA IA 72 -51.08 35.31 29.49
N LYS IA 73 -50.39 36.09 30.33
CA LYS IA 73 -51.09 36.81 31.40
C LYS IA 73 -52.12 37.78 30.84
N VAL IA 74 -51.74 38.53 29.81
CA VAL IA 74 -52.64 39.51 29.21
C VAL IA 74 -53.82 38.81 28.56
N ASP IA 75 -53.59 37.67 27.91
CA ASP IA 75 -54.69 36.92 27.31
C ASP IA 75 -55.68 36.46 28.36
N THR IA 76 -55.18 35.94 29.49
CA THR IA 76 -56.08 35.52 30.56
C THR IA 76 -56.87 36.70 31.11
N ALA IA 77 -56.20 37.83 31.32
CA ALA IA 77 -56.89 39.01 31.83
C ALA IA 77 -57.95 39.50 30.86
N TYR IA 78 -57.65 39.47 29.56
CA TYR IA 78 -58.61 39.91 28.56
C TYR IA 78 -59.81 38.98 28.50
N SER IA 79 -59.60 37.67 28.63
CA SER IA 79 -60.73 36.75 28.66
C SER IA 79 -61.62 37.02 29.87
N GLY IA 80 -61.00 37.23 31.03
CA GLY IA 80 -61.79 37.58 32.21
C GLY IA 80 -62.56 38.89 32.02
N MET IA 81 -61.92 39.87 31.40
CA MET IA 81 -62.57 41.15 31.16
C MET IA 81 -63.76 41.00 30.23
N GLU IA 82 -63.61 40.19 29.18
CA GLU IA 82 -64.73 39.95 28.26
C GLU IA 82 -65.88 39.27 28.97
N SER IA 83 -65.59 38.27 29.81
CA SER IA 83 -66.65 37.62 30.57
C SER IA 83 -67.36 38.62 31.48
N ALA IA 84 -66.60 39.48 32.15
CA ALA IA 84 -67.21 40.48 33.03
C ALA IA 84 -68.08 41.45 32.24
N ILE IA 85 -67.62 41.86 31.05
CA ILE IA 85 -68.41 42.76 30.22
C ILE IA 85 -69.72 42.11 29.82
N GLU IA 86 -69.67 40.83 29.43
CA GLU IA 86 -70.90 40.13 29.07
C GLU IA 86 -71.87 40.06 30.25
N VAL IA 87 -71.35 39.75 31.44
CA VAL IA 87 -72.20 39.65 32.62
C VAL IA 87 -72.83 41.00 32.94
N VAL IA 88 -72.04 42.08 32.86
CA VAL IA 88 -72.57 43.41 33.17
C VAL IA 88 -73.60 43.84 32.13
N LYS IA 89 -73.38 43.49 30.86
CA LYS IA 89 -74.39 43.76 29.84
C LYS IA 89 -75.69 43.03 30.16
N GLU IA 90 -75.59 41.78 30.60
CA GLU IA 90 -76.78 41.04 31.01
C GLU IA 90 -77.48 41.72 32.18
N ILE IA 91 -76.69 42.22 33.15
CA ILE IA 91 -77.27 42.91 34.31
C ILE IA 91 -78.02 44.15 33.85
N LYS IA 92 -77.41 44.93 32.96
CA LYS IA 92 -78.05 46.15 32.48
C LYS IA 92 -79.34 45.83 31.73
N ALA IA 93 -79.32 44.79 30.90
CA ALA IA 93 -80.53 44.39 30.18
C ALA IA 93 -81.62 43.98 31.15
N LYS IA 94 -81.27 43.20 32.17
CA LYS IA 94 -82.27 42.80 33.16
C LYS IA 94 -82.85 44.00 33.89
N LEU IA 95 -82.00 44.95 34.26
CA LEU IA 95 -82.49 46.11 35.01
C LEU IA 95 -83.38 47.00 34.15
N VAL IA 96 -83.00 47.22 32.89
CA VAL IA 96 -83.83 48.06 32.02
C VAL IA 96 -85.12 47.32 31.67
N ALA IA 97 -85.12 45.98 31.72
CA ALA IA 97 -86.38 45.26 31.64
C ALA IA 97 -87.21 45.47 32.89
N ALA IA 98 -86.56 45.51 34.05
CA ALA IA 98 -87.25 45.63 35.33
C ALA IA 98 -87.68 47.05 35.65
N THR IA 99 -87.29 48.06 34.85
CA THR IA 99 -87.74 49.42 35.13
C THR IA 99 -89.26 49.54 35.09
N GLU IA 100 -89.93 48.63 34.38
CA GLU IA 100 -91.39 48.57 34.42
C GLU IA 100 -91.88 48.29 35.83
N ASP IA 101 -92.95 48.97 36.22
CA ASP IA 101 -93.54 48.77 37.53
C ASP IA 101 -94.42 47.51 37.61
N GLY IA 102 -94.76 46.92 36.46
CA GLY IA 102 -95.60 45.73 36.44
C GLY IA 102 -94.88 44.43 36.66
N VAL IA 103 -93.57 44.46 36.90
CA VAL IA 103 -92.76 43.28 37.10
C VAL IA 103 -92.31 43.24 38.55
N ASP IA 104 -92.54 42.11 39.21
CA ASP IA 104 -92.09 41.95 40.59
C ASP IA 104 -90.57 42.06 40.65
N LYS IA 105 -90.07 42.86 41.58
CA LYS IA 105 -88.65 43.17 41.64
C LYS IA 105 -87.84 42.18 42.47
N ALA IA 106 -88.48 41.27 43.20
CA ALA IA 106 -87.73 40.31 44.00
C ALA IA 106 -86.97 39.33 43.12
N LYS IA 107 -87.61 38.82 42.07
CA LYS IA 107 -86.95 37.90 41.16
C LYS IA 107 -85.77 38.58 40.48
N ILE IA 108 -85.97 39.82 40.03
CA ILE IA 108 -84.90 40.56 39.37
C ILE IA 108 -83.75 40.81 40.34
N GLN IA 109 -84.08 41.19 41.58
CA GLN IA 109 -83.04 41.43 42.57
C GLN IA 109 -82.23 40.17 42.82
N GLU IA 110 -82.90 39.02 42.88
CA GLU IA 110 -82.17 37.76 43.02
C GLU IA 110 -81.29 37.50 41.80
N GLU IA 111 -81.77 37.84 40.60
CA GLU IA 111 -80.96 37.63 39.40
C GLU IA 111 -79.69 38.47 39.42
N ILE IA 112 -79.80 39.75 39.76
CA ILE IA 112 -78.58 40.55 39.89
C ILE IA 112 -77.72 40.09 41.07
N THR IA 113 -78.32 39.53 42.12
CA THR IA 113 -77.48 38.96 43.18
C THR IA 113 -76.63 37.82 42.64
N GLN IA 114 -77.24 36.92 41.87
CA GLN IA 114 -76.49 35.83 41.25
C GLN IA 114 -75.42 36.36 40.29
N LEU IA 115 -75.78 37.38 39.51
CA LEU IA 115 -74.82 37.93 38.55
C LEU IA 115 -73.66 38.63 39.25
N LYS IA 116 -73.93 39.28 40.37
CA LYS IA 116 -72.86 39.91 41.15
C LYS IA 116 -71.94 38.86 41.75
N ASP IA 117 -72.50 37.75 42.25
CA ASP IA 117 -71.67 36.66 42.71
C ASP IA 117 -70.80 36.11 41.58
N GLN IA 118 -71.39 35.98 40.39
CA GLN IA 118 -70.62 35.53 39.23
C GLN IA 118 -69.50 36.51 38.89
N LEU IA 119 -69.78 37.81 38.95
CA LEU IA 119 -68.75 38.81 38.69
C LEU IA 119 -67.61 38.71 39.69
N THR IA 120 -67.95 38.54 40.97
CA THR IA 120 -66.91 38.39 41.99
C THR IA 120 -66.07 37.14 41.73
N SER IA 121 -66.72 36.03 41.39
CA SER IA 121 -65.98 34.80 41.11
C SER IA 121 -65.07 34.97 39.90
N ILE IA 122 -65.56 35.62 38.85
CA ILE IA 122 -64.73 35.85 37.67
C ILE IA 122 -63.54 36.73 38.02
N ALA IA 123 -63.78 37.79 38.80
CA ALA IA 123 -62.70 38.71 39.15
C ALA IA 123 -61.63 38.01 39.99
N ASP IA 124 -62.03 37.19 40.96
CA ASP IA 124 -61.03 36.56 41.82
C ASP IA 124 -60.43 35.29 41.20
N ALA IA 125 -61.04 34.73 40.15
CA ALA IA 125 -60.55 33.50 39.57
C ALA IA 125 -59.65 33.72 38.38
N ALA IA 126 -59.77 34.85 37.69
CA ALA IA 126 -58.99 35.14 36.49
C ALA IA 126 -57.56 35.52 36.89
N SER IA 127 -56.83 34.55 37.42
CA SER IA 127 -55.46 34.72 37.86
C SER IA 127 -54.59 33.67 37.18
N PHE IA 128 -53.57 34.12 36.46
CA PHE IA 128 -52.69 33.17 35.77
C PHE IA 128 -51.62 32.65 36.72
N SER IA 129 -50.73 33.52 37.18
CA SER IA 129 -49.61 33.13 38.03
C SER IA 129 -49.56 34.02 39.26
N GLY IA 130 -50.70 34.20 39.90
CA GLY IA 130 -50.79 35.12 41.04
C GLY IA 130 -51.01 36.55 40.62
N GLU IA 131 -50.21 37.04 39.67
CA GLU IA 131 -50.39 38.39 39.15
C GLU IA 131 -51.55 38.39 38.16
N ASN IA 132 -52.75 38.72 38.64
CA ASN IA 132 -53.96 38.61 37.85
C ASN IA 132 -54.35 39.90 37.13
N TRP IA 133 -53.66 41.01 37.41
CA TRP IA 133 -53.95 42.30 36.79
C TRP IA 133 -55.37 42.79 37.10
N LEU IA 134 -56.02 42.17 38.07
CA LEU IA 134 -57.37 42.53 38.48
C LEU IA 134 -57.48 42.38 39.98
N GLN IA 135 -58.45 43.07 40.57
CA GLN IA 135 -58.67 43.06 42.01
C GLN IA 135 -57.40 43.44 42.76
N ALA IA 136 -56.84 44.58 42.37
CA ALA IA 136 -55.59 45.05 42.95
C ALA IA 136 -55.85 45.80 44.25
N ASP IA 137 -54.78 46.29 44.86
CA ASP IA 137 -54.85 47.08 46.09
C ASP IA 137 -54.71 48.55 45.72
N LEU IA 138 -55.81 49.30 45.88
CA LEU IA 138 -55.83 50.71 45.54
C LEU IA 138 -55.65 51.62 46.75
N SER IA 139 -55.27 51.06 47.90
CA SER IA 139 -55.00 51.89 49.07
C SER IA 139 -53.83 52.83 48.82
N GLY IA 140 -52.79 52.33 48.16
CA GLY IA 140 -51.67 53.19 47.81
C GLY IA 140 -52.04 54.29 46.84
N GLY IA 141 -52.96 54.01 45.93
CA GLY IA 141 -53.43 55.01 44.99
C GLY IA 141 -53.29 54.60 43.53
N ALA IA 142 -52.20 53.91 43.21
CA ALA IA 142 -51.97 53.47 41.83
C ALA IA 142 -50.89 52.40 41.85
N VAL IA 143 -51.16 51.28 41.17
CA VAL IA 143 -50.19 50.20 41.00
C VAL IA 143 -50.01 49.96 39.51
N THR IA 144 -48.76 49.78 39.09
CA THR IA 144 -48.41 49.64 37.69
C THR IA 144 -47.76 48.27 37.47
N LYS IA 145 -48.37 47.46 36.62
CA LYS IA 145 -47.80 46.18 36.22
C LYS IA 145 -46.97 46.36 34.96
N SER IA 146 -45.83 45.67 34.90
CA SER IA 146 -44.89 45.82 33.81
C SER IA 146 -44.60 44.47 33.17
N VAL IA 147 -44.46 44.47 31.85
CA VAL IA 147 -44.09 43.28 31.09
C VAL IA 147 -42.77 43.57 30.37
N VAL IA 148 -41.82 42.66 30.50
CA VAL IA 148 -40.50 42.86 29.89
C VAL IA 148 -40.66 42.94 28.39
N GLY IA 149 -40.27 44.08 27.81
CA GLY IA 149 -40.43 44.29 26.38
C GLY IA 149 -39.20 43.97 25.56
N SER IA 150 -38.07 44.57 25.92
CA SER IA 150 -36.84 44.36 25.17
C SER IA 150 -35.64 44.65 26.07
N PHE IA 151 -34.49 44.17 25.63
CA PHE IA 151 -33.21 44.45 26.30
C PHE IA 151 -32.38 45.33 25.37
N VAL IA 152 -32.01 46.51 25.84
CA VAL IA 152 -31.37 47.53 25.03
C VAL IA 152 -30.00 47.84 25.62
N ARG IA 153 -28.97 47.79 24.77
CA ARG IA 153 -27.61 48.18 25.15
C ARG IA 153 -27.38 49.60 24.64
N ASP IA 154 -27.31 50.56 25.56
CA ASP IA 154 -27.11 51.95 25.18
C ASP IA 154 -25.72 52.14 24.57
N GLY IA 155 -25.62 53.08 23.64
CA GLY IA 155 -24.37 53.31 22.95
C GLY IA 155 -23.25 53.75 23.87
N SER IA 156 -23.58 54.49 24.93
CA SER IA 156 -22.57 54.99 25.86
C SER IA 156 -22.22 53.96 26.94
N GLY IA 157 -21.90 52.74 26.51
CA GLY IA 157 -21.40 51.72 27.40
C GLY IA 157 -22.30 51.37 28.58
N SER IA 158 -23.60 51.17 28.32
CA SER IA 158 -24.51 50.82 29.40
C SER IA 158 -25.66 50.00 28.82
N VAL IA 159 -26.31 49.24 29.69
CA VAL IA 159 -27.41 48.36 29.30
C VAL IA 159 -28.59 48.60 30.24
N ALA IA 160 -29.77 48.22 29.76
CA ALA IA 160 -31.00 48.37 30.53
C ALA IA 160 -32.06 47.46 29.94
N VAL IA 161 -33.17 47.32 30.65
CA VAL IA 161 -34.30 46.52 30.21
C VAL IA 161 -35.53 47.41 30.13
N LYS IA 162 -36.26 47.31 29.03
CA LYS IA 162 -37.46 48.10 28.81
C LYS IA 162 -38.70 47.30 29.19
N LYS IA 163 -39.75 48.02 29.62
CA LYS IA 163 -40.97 47.38 30.08
C LYS IA 163 -42.18 48.11 29.49
N VAL IA 164 -43.28 47.38 29.42
CA VAL IA 164 -44.57 47.93 29.00
C VAL IA 164 -45.45 48.06 30.23
N ASP IA 165 -45.93 49.27 30.48
CA ASP IA 165 -46.63 49.60 31.72
C ASP IA 165 -48.13 49.60 31.50
N TYR IA 166 -48.85 48.92 32.39
CA TYR IA 166 -50.31 48.92 32.41
C TYR IA 166 -50.75 49.45 33.78
N SER IA 167 -51.50 50.54 33.77
CA SER IA 167 -51.88 51.22 35.00
C SER IA 167 -53.18 50.66 35.54
N LEU IA 168 -53.16 50.17 36.78
CA LEU IA 168 -54.35 49.67 37.45
C LEU IA 168 -54.89 50.77 38.36
N ASN IA 169 -55.52 51.76 37.74
CA ASN IA 169 -56.07 52.88 38.46
C ASN IA 169 -57.50 52.55 38.91
N ALA IA 170 -58.24 53.57 39.36
CA ALA IA 170 -59.61 53.40 39.81
C ALA IA 170 -60.59 53.24 38.66
N ASN IA 171 -60.12 53.02 37.43
CA ASN IA 171 -60.98 52.86 36.28
C ASN IA 171 -60.98 51.45 35.70
N SER IA 172 -59.94 50.65 35.97
CA SER IA 172 -59.84 49.30 35.46
C SER IA 172 -59.35 48.36 36.55
N VAL IA 173 -59.93 48.48 37.73
CA VAL IA 173 -59.45 47.73 38.89
C VAL IA 173 -60.29 46.48 39.10
N LEU IA 174 -61.59 46.57 38.80
CA LEU IA 174 -62.48 45.40 38.90
C LEU IA 174 -62.53 44.82 40.30
N PHE IA 175 -63.23 45.49 41.22
CA PHE IA 175 -63.38 45.05 42.60
C PHE IA 175 -62.09 45.15 43.41
N ASP IA 176 -61.60 46.38 43.61
CA ASP IA 176 -60.54 46.65 44.57
C ASP IA 176 -60.80 45.92 45.89
N THR IA 177 -59.78 45.23 46.39
CA THR IA 177 -59.94 44.28 47.47
C THR IA 177 -59.88 44.90 48.86
N VAL IA 178 -59.46 46.16 48.99
CA VAL IA 178 -59.24 46.73 50.31
C VAL IA 178 -60.23 47.85 50.60
N GLY IA 179 -60.18 48.93 49.82
CA GLY IA 179 -61.01 50.08 50.09
C GLY IA 179 -62.34 50.11 49.38
N ASP IA 180 -62.57 49.19 48.46
CA ASP IA 180 -63.78 49.19 47.62
C ASP IA 180 -63.94 50.51 46.89
N THR IA 181 -62.81 51.13 46.56
CA THR IA 181 -62.79 52.37 45.78
C THR IA 181 -62.12 52.06 44.44
N GLY IA 182 -62.88 52.21 43.37
CA GLY IA 182 -62.43 51.86 42.04
C GLY IA 182 -63.55 51.93 41.04
N ILE IA 183 -63.70 50.89 40.23
CA ILE IA 183 -64.87 50.79 39.35
C ILE IA 183 -66.15 50.83 40.17
N LEU IA 184 -66.15 50.19 41.34
CA LEU IA 184 -67.27 50.27 42.24
C LEU IA 184 -67.33 51.63 42.93
N ASP IA 185 -68.53 52.01 43.36
CA ASP IA 185 -68.76 53.13 44.27
C ASP IA 185 -68.53 54.45 43.54
N LYS IA 186 -68.02 54.40 42.31
CA LYS IA 186 -67.82 55.60 41.51
C LYS IA 186 -69.00 55.75 40.56
N VAL IA 187 -69.48 56.98 40.40
CA VAL IA 187 -70.63 57.22 39.54
C VAL IA 187 -70.19 57.80 38.20
N TYR IA 188 -69.52 58.96 38.22
CA TYR IA 188 -69.17 59.69 37.00
C TYR IA 188 -70.36 59.80 36.05
N ASN IA 189 -71.56 59.92 36.62
CA ASN IA 189 -72.77 59.86 35.81
C ASN IA 189 -72.88 61.07 34.90
N VAL IA 190 -73.40 60.84 33.70
CA VAL IA 190 -73.49 61.90 32.70
C VAL IA 190 -74.49 62.97 33.11
N SER IA 191 -75.58 62.57 33.77
CA SER IA 191 -76.64 63.52 34.11
C SER IA 191 -77.32 63.07 35.39
N GLN IA 192 -78.49 63.63 35.67
CA GLN IA 192 -79.26 63.34 36.85
C GLN IA 192 -80.70 63.06 36.44
N ALA IA 193 -81.45 62.39 37.32
CA ALA IA 193 -82.85 62.11 37.06
C ALA IA 193 -83.62 63.39 36.84
N SER IA 194 -84.43 63.42 35.78
CA SER IA 194 -85.14 64.63 35.37
C SER IA 194 -86.62 64.31 35.17
N VAL IA 195 -87.45 65.33 35.37
CA VAL IA 195 -88.89 65.23 35.16
C VAL IA 195 -89.37 66.50 34.49
N THR IA 196 -90.22 66.36 33.48
CA THR IA 196 -90.79 67.48 32.76
C THR IA 196 -92.16 67.80 33.35
N LEU IA 197 -92.35 69.05 33.76
CA LEU IA 197 -93.55 69.48 34.45
C LEU IA 197 -94.35 70.46 33.60
N THR IA 198 -95.64 70.54 33.89
CA THR IA 198 -96.55 71.48 33.25
C THR IA 198 -96.89 72.54 34.30
N VAL IA 199 -96.04 73.56 34.38
CA VAL IA 199 -96.18 74.63 35.37
C VAL IA 199 -96.34 75.95 34.62
N ASN IA 200 -97.38 76.70 34.95
CA ASN IA 200 -97.67 77.98 34.31
C ASN IA 200 -97.23 79.10 35.24
N THR IA 201 -96.17 79.81 34.84
CA THR IA 201 -95.75 80.98 35.59
C THR IA 201 -96.82 82.06 35.57
N ASN IA 202 -97.47 82.23 34.41
CA ASN IA 202 -98.55 83.19 34.27
C ASN IA 202 -99.80 82.50 33.74
N GLY IA 203 -100.78 83.27 33.29
CA GLY IA 203 -102.03 82.70 32.80
C GLY IA 203 -101.87 81.71 31.66
N VAL IA 204 -100.72 81.75 30.98
CA VAL IA 204 -100.42 80.83 29.89
C VAL IA 204 -99.55 79.69 30.42
N GLU IA 205 -99.83 78.48 29.96
CA GLU IA 205 -99.09 77.30 30.40
C GLU IA 205 -97.74 77.22 29.70
N SER IA 206 -96.83 76.45 30.30
CA SER IA 206 -95.48 76.29 29.76
C SER IA 206 -94.91 74.97 30.23
N GLN IA 207 -93.86 74.52 29.54
CA GLN IA 207 -93.17 73.28 29.86
C GLN IA 207 -91.82 73.62 30.47
N HIS IA 208 -91.50 72.98 31.59
CA HIS IA 208 -90.24 73.20 32.30
C HIS IA 208 -89.62 71.87 32.66
N THR IA 209 -88.28 71.85 32.70
CA THR IA 209 -87.51 70.67 33.06
C THR IA 209 -86.77 70.93 34.37
N VAL IA 210 -86.98 70.06 35.35
CA VAL IA 210 -86.36 70.19 36.67
C VAL IA 210 -85.90 68.81 37.11
N ALA IA 211 -84.74 68.77 37.78
CA ALA IA 211 -84.21 67.50 38.28
C ALA IA 211 -85.13 66.92 39.33
N ALA IA 212 -85.23 65.59 39.34
CA ALA IA 212 -86.07 64.86 40.28
C ALA IA 212 -85.22 64.17 41.33
N TYR IA 213 -85.70 64.16 42.56
CA TYR IA 213 -85.00 63.58 43.69
C TYR IA 213 -85.81 62.42 44.25
N SER IA 214 -85.14 61.29 44.46
CA SER IA 214 -85.82 60.11 45.00
C SER IA 214 -86.23 60.35 46.44
N LEU IA 215 -87.39 59.78 46.81
CA LEU IA 215 -87.87 59.91 48.18
C LEU IA 215 -86.93 59.23 49.17
N GLU IA 216 -86.30 58.13 48.75
CA GLU IA 216 -85.37 57.43 49.64
C GLU IA 216 -84.18 58.31 50.01
N SER IA 217 -83.67 59.07 49.03
CA SER IA 217 -82.54 59.96 49.31
C SER IA 217 -82.91 61.02 50.34
N LEU IA 218 -84.12 61.58 50.24
CA LEU IA 218 -84.56 62.58 51.21
C LEU IA 218 -84.76 61.95 52.59
N THR IA 219 -85.47 60.83 52.65
CA THR IA 219 -85.79 60.21 53.93
C THR IA 219 -84.57 59.61 54.61
N GLU IA 220 -83.50 59.33 53.87
CA GLU IA 220 -82.30 58.77 54.47
C GLU IA 220 -81.55 59.82 55.29
N ALA IA 221 -81.56 61.07 54.84
CA ALA IA 221 -80.79 62.13 55.46
C ALA IA 221 -81.56 62.85 56.57
N GLY IA 222 -82.59 62.21 57.13
CA GLY IA 222 -83.33 62.81 58.22
C GLY IA 222 -84.17 64.01 57.79
N ALA IA 223 -85.19 63.76 56.98
CA ALA IA 223 -86.04 64.81 56.42
C ALA IA 223 -87.37 64.84 57.13
N GLU IA 224 -87.76 66.01 57.61
CA GLU IA 224 -89.11 66.21 58.12
C GLU IA 224 -90.11 66.26 56.97
N PHE IA 225 -91.30 65.73 57.21
CA PHE IA 225 -92.33 65.65 56.18
C PHE IA 225 -93.65 66.16 56.72
N GLN IA 226 -94.44 66.77 55.83
CA GLN IA 226 -95.80 67.21 56.17
C GLN IA 226 -96.59 67.29 54.87
N GLY IA 227 -97.53 66.37 54.68
CA GLY IA 227 -98.29 66.31 53.45
C GLY IA 227 -97.41 66.06 52.24
N ASN IA 228 -97.22 67.08 51.42
CA ASN IA 228 -96.35 67.01 50.24
C ASN IA 228 -95.17 67.97 50.37
N TYR IA 229 -94.58 68.01 51.56
CA TYR IA 229 -93.45 68.89 51.84
C TYR IA 229 -92.32 68.09 52.46
N ALA IA 230 -91.09 68.44 52.09
CA ALA IA 230 -89.88 67.85 52.67
C ALA IA 230 -88.94 68.97 53.09
N LEU IA 231 -88.33 68.81 54.26
CA LEU IA 231 -87.42 69.81 54.84
C LEU IA 231 -86.16 69.11 55.35
N GLN IA 232 -85.52 68.35 54.46
CA GLN IA 232 -84.30 67.63 54.82
C GLN IA 232 -83.29 68.53 55.51
N GLY IA 233 -82.89 69.61 54.84
CA GLY IA 233 -82.00 70.58 55.44
C GLY IA 233 -82.42 72.00 55.16
N GLY IA 234 -81.48 72.84 54.74
CA GLY IA 234 -81.85 74.16 54.26
C GLY IA 234 -82.72 74.12 53.03
N ASN IA 235 -82.48 73.15 52.16
CA ASN IA 235 -83.29 72.98 50.95
C ASN IA 235 -84.68 72.49 51.31
N SER IA 236 -85.66 72.87 50.49
CA SER IA 236 -87.04 72.48 50.68
C SER IA 236 -87.53 71.76 49.43
N TYR IA 237 -88.14 70.59 49.62
CA TYR IA 237 -88.64 69.78 48.52
C TYR IA 237 -90.14 69.61 48.66
N VAL IA 238 -90.83 69.59 47.51
CA VAL IA 238 -92.27 69.36 47.46
C VAL IA 238 -92.55 68.30 46.40
N LYS IA 239 -93.70 67.67 46.53
CA LYS IA 239 -94.15 66.64 45.59
C LYS IA 239 -95.19 67.27 44.66
N VAL IA 240 -94.94 67.18 43.36
CA VAL IA 240 -95.84 67.79 42.37
C VAL IA 240 -96.91 66.80 41.90
N GLU IA 241 -96.49 65.66 41.32
CA GLU IA 241 -97.42 64.55 41.08
C GLU IA 241 -96.94 63.27 41.75
N ASN IA 242 -95.71 62.82 41.48
CA ASN IA 242 -95.17 61.64 42.11
C ASN IA 242 -93.71 61.76 42.53
N VAL IA 243 -92.98 62.76 42.06
CA VAL IA 243 -91.56 62.90 42.33
C VAL IA 243 -91.33 64.17 43.16
N TRP IA 244 -90.31 64.13 44.00
CA TRP IA 244 -89.96 65.27 44.84
C TRP IA 244 -88.94 66.14 44.12
N VAL IA 245 -89.23 67.44 44.02
CA VAL IA 245 -88.36 68.39 43.35
C VAL IA 245 -88.11 69.56 44.29
N ARG IA 246 -87.01 70.27 44.02
CA ARG IA 246 -86.62 71.41 44.85
C ARG IA 246 -87.66 72.52 44.71
N ALA IA 247 -88.01 73.13 45.82
CA ALA IA 247 -88.98 74.22 45.86
C ALA IA 247 -88.35 75.46 46.47
N GLU IA 248 -89.11 76.55 46.45
CA GLU IA 248 -88.65 77.81 47.01
C GLU IA 248 -89.84 78.54 47.62
N THR IA 249 -89.54 79.51 48.48
CA THR IA 249 -90.59 80.24 49.18
C THR IA 249 -91.35 81.14 48.23
N ALA IA 250 -92.47 81.66 48.72
CA ALA IA 250 -93.27 82.60 47.95
C ALA IA 250 -92.56 83.94 47.83
N ALA IA 251 -93.07 84.78 46.92
CA ALA IA 251 -92.51 86.09 46.64
C ALA IA 251 -91.06 86.02 46.17
N THR IA 252 -90.64 84.88 45.62
CA THR IA 252 -89.31 84.72 45.05
C THR IA 252 -89.31 84.48 43.56
N GLY IA 253 -90.41 84.01 42.98
CA GLY IA 253 -90.53 83.90 41.55
C GLY IA 253 -90.98 85.20 40.93
N ALA IA 254 -91.87 85.91 41.64
CA ALA IA 254 -92.37 87.22 41.24
C ALA IA 254 -93.05 87.19 39.87
N THR IA 255 -93.68 86.07 39.54
CA THR IA 255 -94.40 85.94 38.28
C THR IA 255 -95.84 85.46 38.46
N GLY IA 256 -96.28 85.19 39.68
CA GLY IA 256 -97.58 84.59 39.88
C GLY IA 256 -97.63 83.12 39.54
N GLN IA 257 -96.52 82.41 39.72
CA GLN IA 257 -96.45 81.00 39.37
C GLN IA 257 -97.42 80.19 40.22
N GLU IA 258 -97.92 79.10 39.64
CA GLU IA 258 -98.86 78.23 40.33
C GLU IA 258 -98.28 77.72 41.64
N ILE IA 259 -99.06 77.83 42.71
CA ILE IA 259 -98.57 77.48 44.04
C ILE IA 259 -98.46 75.97 44.15
N ALA IA 260 -97.31 75.50 44.64
CA ALA IA 260 -97.10 74.06 44.80
C ALA IA 260 -97.83 73.53 46.04
N ALA IA 261 -97.49 74.05 47.22
CA ALA IA 261 -98.13 73.62 48.45
C ALA IA 261 -97.96 74.70 49.51
N THR IA 262 -98.83 74.64 50.52
CA THR IA 262 -98.80 75.55 51.65
C THR IA 262 -98.66 74.74 52.94
N THR IA 263 -97.80 75.20 53.84
CA THR IA 263 -97.52 74.51 55.09
C THR IA 263 -97.80 75.42 56.27
N THR IA 264 -97.72 74.83 57.46
CA THR IA 264 -97.93 75.56 58.71
C THR IA 264 -96.72 75.37 59.62
N ALA IA 265 -96.84 75.80 60.88
CA ALA IA 265 -95.72 75.69 61.82
C ALA IA 265 -95.30 74.23 62.01
N ALA IA 266 -96.17 73.43 62.63
CA ALA IA 266 -95.97 71.98 62.78
C ALA IA 266 -94.57 71.66 63.29
N GLY IA 267 -94.12 72.44 64.27
CA GLY IA 267 -92.79 72.25 64.82
C GLY IA 267 -91.75 73.17 64.23
N THR IA 268 -90.80 72.60 63.47
CA THR IA 268 -89.70 73.36 62.90
C THR IA 268 -89.89 73.61 61.40
N ILE IA 269 -91.11 73.84 60.97
CA ILE IA 269 -91.43 74.10 59.57
C ILE IA 269 -92.00 75.50 59.47
N THR IA 270 -91.38 76.34 58.64
CA THR IA 270 -91.88 77.70 58.46
C THR IA 270 -93.18 77.69 57.67
N ALA IA 271 -94.12 78.53 58.10
CA ALA IA 271 -95.42 78.63 57.43
C ALA IA 271 -95.29 79.54 56.22
N ASP IA 272 -95.38 78.97 55.02
CA ASP IA 272 -95.23 79.73 53.79
C ASP IA 272 -95.93 78.99 52.66
N SER IA 273 -96.17 79.72 51.57
CA SER IA 273 -96.79 79.17 50.37
C SER IA 273 -95.66 78.80 49.41
N TRP IA 274 -95.15 77.58 49.54
CA TRP IA 274 -94.02 77.15 48.74
C TRP IA 274 -94.42 76.93 47.29
N VAL IA 275 -93.51 77.24 46.38
CA VAL IA 275 -93.75 77.14 44.95
C VAL IA 275 -92.62 76.33 44.33
N VAL IA 276 -92.91 75.68 43.20
CA VAL IA 276 -91.89 74.89 42.51
C VAL IA 276 -90.79 75.80 42.03
N ASP IA 277 -89.55 75.44 42.34
CA ASP IA 277 -88.39 76.26 41.99
C ASP IA 277 -87.99 75.96 40.55
N VAL IA 278 -88.41 76.84 39.63
CA VAL IA 278 -88.00 76.70 38.25
C VAL IA 278 -86.51 77.02 38.13
N GLY IA 279 -85.76 76.13 37.48
CA GLY IA 279 -84.33 76.25 37.41
C GLY IA 279 -83.63 75.01 37.92
N ASN IA 280 -82.42 75.18 38.46
CA ASN IA 280 -81.59 74.08 38.98
C ASN IA 280 -81.71 72.82 38.13
N ALA IA 281 -81.42 72.99 36.84
CA ALA IA 281 -81.56 71.89 35.90
C ALA IA 281 -80.60 70.75 36.26
N PRO IA 282 -80.95 69.51 35.90
CA PRO IA 282 -80.09 68.36 36.22
C PRO IA 282 -78.63 68.58 35.83
N ALA IA 283 -77.75 68.62 36.84
CA ALA IA 283 -76.34 68.85 36.63
C ALA IA 283 -75.57 67.53 36.65
N ALA IA 284 -74.48 67.49 35.92
CA ALA IA 284 -73.65 66.30 35.84
C ALA IA 284 -72.84 66.11 37.13
N ASN IA 285 -72.25 64.93 37.26
CA ASN IA 285 -71.38 64.60 38.38
C ASN IA 285 -72.10 64.73 39.72
N VAL IA 286 -73.14 63.91 39.89
CA VAL IA 286 -73.89 63.82 41.12
C VAL IA 286 -73.97 62.36 41.53
N SER IA 287 -73.91 62.09 42.84
CA SER IA 287 -73.88 60.73 43.33
C SER IA 287 -75.16 59.99 42.95
N ALA IA 288 -75.01 58.77 42.45
CA ALA IA 288 -76.14 57.95 42.05
C ALA IA 288 -76.64 57.16 43.26
N GLY IA 289 -77.55 56.22 43.01
CA GLY IA 289 -78.15 55.46 44.09
C GLY IA 289 -77.21 54.49 44.76
N GLN IA 290 -76.82 53.43 44.04
CA GLN IA 290 -76.01 52.36 44.62
C GLN IA 290 -74.92 51.97 43.63
N SER IA 291 -73.87 51.35 44.17
CA SER IA 291 -72.76 50.87 43.34
C SER IA 291 -73.14 49.56 42.65
N VAL IA 292 -72.25 49.12 41.76
CA VAL IA 292 -72.50 47.89 41.00
C VAL IA 292 -72.51 46.68 41.94
N ALA IA 293 -71.58 46.63 42.89
CA ALA IA 293 -71.48 45.48 43.77
C ALA IA 293 -72.58 45.43 44.83
N ASN IA 294 -73.33 46.51 45.01
CA ASN IA 294 -74.36 46.58 46.04
C ASN IA 294 -75.67 47.05 45.39
N ILE IA 295 -76.10 46.31 44.36
CA ILE IA 295 -77.34 46.64 43.66
C ILE IA 295 -78.51 46.04 44.41
N ASN IA 296 -79.44 46.89 44.83
CA ASN IA 296 -80.66 46.46 45.51
C ASN IA 296 -81.79 47.33 44.99
N ILE IA 297 -82.68 46.76 44.19
CA ILE IA 297 -83.62 47.54 43.39
C ILE IA 297 -85.06 47.33 43.84
N VAL IA 298 -85.29 46.68 44.98
CA VAL IA 298 -86.65 46.41 45.42
C VAL IA 298 -87.25 47.68 46.03
N GLY IA 299 -88.42 48.08 45.52
CA GLY IA 299 -89.12 49.24 46.01
C GLY IA 299 -88.38 50.55 45.87
N MET IA 300 -87.72 50.76 44.73
CA MET IA 300 -87.02 52.02 44.49
C MET IA 300 -87.99 53.19 44.32
N GLY IA 301 -89.06 52.97 43.57
CA GLY IA 301 -90.02 54.03 43.30
C GLY IA 301 -89.92 54.67 41.94
N ALA IA 302 -89.12 54.11 41.03
CA ALA IA 302 -88.93 54.63 39.67
C ALA IA 302 -88.35 56.04 39.66
N ALA IA 303 -87.58 56.40 40.68
CA ALA IA 303 -86.92 57.70 40.74
C ALA IA 303 -85.41 57.59 40.66
N ALA IA 304 -84.79 56.70 41.44
CA ALA IA 304 -83.36 56.49 41.39
C ALA IA 304 -82.96 55.45 40.34
N LEU IA 305 -83.93 54.85 39.66
CA LEU IA 305 -83.61 53.87 38.62
C LEU IA 305 -82.84 54.50 37.47
N ASP IA 306 -83.17 55.73 37.11
CA ASP IA 306 -82.43 56.41 36.05
C ASP IA 306 -80.97 56.63 36.45
N ALA IA 307 -80.73 57.03 37.70
CA ALA IA 307 -79.37 57.19 38.18
C ALA IA 307 -78.63 55.86 38.20
N LEU IA 308 -79.32 54.79 38.59
CA LEU IA 308 -78.71 53.46 38.59
C LEU IA 308 -78.34 53.04 37.17
N ILE IA 309 -79.21 53.31 36.20
CA ILE IA 309 -78.93 52.97 34.81
C ILE IA 309 -77.72 53.77 34.32
N SER IA 310 -77.66 55.06 34.67
CA SER IA 310 -76.53 55.88 34.25
C SER IA 310 -75.23 55.36 34.85
N GLY IA 311 -75.25 54.99 36.13
CA GLY IA 311 -74.05 54.43 36.74
C GLY IA 311 -73.62 53.13 36.11
N VAL IA 312 -74.58 52.26 35.82
CA VAL IA 312 -74.26 50.98 35.18
C VAL IA 312 -73.67 51.23 33.79
N ASP IA 313 -74.23 52.18 33.04
CA ASP IA 313 -73.70 52.49 31.72
C ASP IA 313 -72.29 53.05 31.82
N ALA IA 314 -72.02 53.90 32.81
CA ALA IA 314 -70.68 54.43 32.99
C ALA IA 314 -69.69 53.32 33.31
N ALA IA 315 -70.08 52.39 34.18
CA ALA IA 315 -69.22 51.26 34.51
C ALA IA 315 -68.95 50.40 33.28
N LEU IA 316 -69.99 50.16 32.48
CA LEU IA 316 -69.84 49.37 31.26
C LEU IA 316 -68.90 50.05 30.29
N THR IA 317 -69.02 51.37 30.13
CA THR IA 317 -68.13 52.11 29.24
C THR IA 317 -66.69 52.04 29.72
N ASP IA 318 -66.48 52.19 31.03
CA ASP IA 318 -65.12 52.09 31.57
C ASP IA 318 -64.55 50.70 31.35
N MET IA 319 -65.37 49.66 31.54
CA MET IA 319 -64.90 48.30 31.30
C MET IA 319 -64.57 48.05 29.84
N THR IA 320 -65.38 48.62 28.93
CA THR IA 320 -65.08 48.50 27.51
C THR IA 320 -63.77 49.19 27.16
N SER IA 321 -63.53 50.36 27.74
CA SER IA 321 -62.25 51.04 27.54
C SER IA 321 -61.10 50.21 28.06
N ALA IA 322 -61.28 49.58 29.23
CA ALA IA 322 -60.25 48.71 29.78
C ALA IA 322 -59.97 47.53 28.87
N ALA IA 323 -61.03 46.94 28.31
CA ALA IA 323 -60.85 45.81 27.39
C ALA IA 323 -60.11 46.25 26.13
N ALA IA 324 -60.45 47.43 25.60
CA ALA IA 324 -59.73 47.94 24.44
C ALA IA 324 -58.26 48.17 24.76
N SER IA 325 -57.97 48.71 25.95
CA SER IA 325 -56.59 48.90 26.35
C SER IA 325 -55.85 47.57 26.46
N LEU IA 326 -56.52 46.55 27.02
CA LEU IA 326 -55.91 45.23 27.12
C LEU IA 326 -55.62 44.63 25.75
N GLY IA 327 -56.56 44.80 24.82
CA GLY IA 327 -56.32 44.32 23.47
C GLY IA 327 -55.15 45.04 22.79
N SER IA 328 -55.06 46.35 22.99
CA SER IA 328 -53.93 47.09 22.46
C SER IA 328 -52.62 46.62 23.07
N ILE IA 329 -52.62 46.33 24.37
CA ILE IA 329 -51.42 45.83 25.03
C ILE IA 329 -51.03 44.47 24.45
N SER IA 330 -52.01 43.59 24.22
CA SER IA 330 -51.72 42.29 23.65
C SER IA 330 -51.14 42.41 22.24
N SER IA 331 -51.72 43.31 21.43
CA SER IA 331 -51.17 43.54 20.09
C SER IA 331 -49.75 44.08 20.16
N ARG IA 332 -49.49 44.99 21.10
CA ARG IA 332 -48.14 45.51 21.27
C ARG IA 332 -47.17 44.42 21.68
N ILE IA 333 -47.60 43.51 22.56
CA ILE IA 333 -46.74 42.40 22.96
C ILE IA 333 -46.43 41.51 21.77
N ASP IA 334 -47.44 41.23 20.93
CA ASP IA 334 -47.20 40.41 19.75
C ASP IA 334 -46.20 41.08 18.81
N LEU IA 335 -46.38 42.38 18.56
CA LEU IA 335 -45.47 43.10 17.68
C LEU IA 335 -44.06 43.13 18.27
N GLN IA 336 -43.95 43.35 19.58
CA GLN IA 336 -42.65 43.37 20.23
C GLN IA 336 -41.97 42.01 20.14
N SER IA 337 -42.73 40.92 20.32
CA SER IA 337 -42.14 39.59 20.19
C SER IA 337 -41.63 39.35 18.78
N GLU IA 338 -42.42 39.73 17.77
CA GLU IA 338 -41.97 39.56 16.39
C GLU IA 338 -40.70 40.36 16.12
N PHE IA 339 -40.67 41.62 16.58
CA PHE IA 339 -39.48 42.45 16.34
C PHE IA 339 -38.27 41.92 17.08
N VAL IA 340 -38.45 41.42 18.32
CA VAL IA 340 -37.35 40.88 19.08
C VAL IA 340 -36.80 39.63 18.39
N ASN IA 341 -37.68 38.78 17.88
CA ASN IA 341 -37.22 37.60 17.15
C ASN IA 341 -36.44 38.00 15.90
N LYS IA 342 -36.94 38.99 15.17
CA LYS IA 342 -36.22 39.45 13.98
C LYS IA 342 -34.86 40.03 14.34
N LEU IA 343 -34.79 40.80 15.43
CA LEU IA 343 -33.53 41.40 15.86
C LEU IA 343 -32.55 40.32 16.31
N SER IA 344 -33.04 39.30 17.01
CA SER IA 344 -32.18 38.19 17.40
C SER IA 344 -31.65 37.46 16.17
N ASP IA 345 -32.51 37.25 15.18
CA ASP IA 345 -32.05 36.64 13.93
C ASP IA 345 -30.96 37.47 13.28
N SER IA 346 -31.16 38.80 13.20
CA SER IA 346 -30.19 39.67 12.57
C SER IA 346 -28.86 39.67 13.33
N ILE IA 347 -28.92 39.74 14.66
CA ILE IA 347 -27.69 39.79 15.44
C ILE IA 347 -26.94 38.46 15.34
N GLU IA 348 -27.67 37.34 15.33
CA GLU IA 348 -27.01 36.04 15.21
C GLU IA 348 -26.39 35.89 13.83
N SER IA 349 -27.06 36.42 12.80
CA SER IA 349 -26.48 36.40 11.46
C SER IA 349 -25.21 37.24 11.40
N GLY IA 350 -25.23 38.40 12.06
CA GLY IA 350 -24.02 39.22 12.11
C GLY IA 350 -22.88 38.51 12.83
N VAL IA 351 -23.18 37.85 13.94
CA VAL IA 351 -22.16 37.07 14.65
C VAL IA 351 -21.61 35.98 13.75
N GLY IA 352 -22.48 35.27 13.04
CA GLY IA 352 -22.02 34.24 12.12
C GLY IA 352 -21.13 34.80 11.02
N ARG IA 353 -21.52 35.94 10.46
CA ARG IA 353 -20.69 36.57 9.43
C ARG IA 353 -19.33 36.95 9.99
N LEU IA 354 -19.29 37.41 11.24
CA LEU IA 354 -18.02 37.81 11.83
C LEU IA 354 -17.15 36.62 12.22
N VAL IA 355 -17.77 35.47 12.51
CA VAL IA 355 -17.07 34.36 13.12
C VAL IA 355 -16.91 33.16 12.17
N ASP IA 356 -17.91 32.85 11.35
CA ASP IA 356 -17.88 31.63 10.56
C ASP IA 356 -16.77 31.67 9.51
N ALA IA 357 -16.33 30.48 9.10
CA ALA IA 357 -15.32 30.31 8.07
C ALA IA 357 -15.86 29.44 6.95
N ASP IA 358 -15.55 29.81 5.72
CA ASP IA 358 -15.91 28.98 4.57
C ASP IA 358 -15.08 27.69 4.56
N MET IA 359 -15.75 26.55 4.54
CA MET IA 359 -15.06 25.28 4.71
C MET IA 359 -14.30 24.85 3.46
N ASN IA 360 -14.71 25.33 2.28
CA ASN IA 360 -14.02 24.96 1.06
C ASN IA 360 -12.57 25.45 1.07
N GLU IA 361 -12.38 26.71 1.49
CA GLU IA 361 -11.03 27.28 1.56
C GLU IA 361 -10.19 26.54 2.60
N GLU IA 362 -10.80 26.17 3.73
CA GLU IA 362 -10.07 25.41 4.74
C GLU IA 362 -9.68 24.04 4.22
N SER IA 363 -10.55 23.39 3.44
CA SER IA 363 -10.21 22.09 2.87
C SER IA 363 -9.05 22.22 1.88
N THR IA 364 -9.07 23.26 1.04
CA THR IA 364 -7.96 23.49 0.12
C THR IA 364 -6.67 23.73 0.90
N ARG IA 365 -6.74 24.52 1.96
CA ARG IA 365 -5.57 24.78 2.79
C ARG IA 365 -5.06 23.49 3.43
N LEU IA 366 -5.96 22.64 3.90
CA LEU IA 366 -5.57 21.39 4.54
C LEU IA 366 -4.85 20.47 3.55
N LYS IA 367 -5.39 20.34 2.34
CA LYS IA 367 -4.74 19.52 1.34
C LYS IA 367 -3.37 20.06 0.97
N ALA IA 368 -3.28 21.38 0.77
CA ALA IA 368 -2.00 21.99 0.43
C ALA IA 368 -0.98 21.79 1.54
N LEU IA 369 -1.41 21.94 2.80
CA LEU IA 369 -0.49 21.80 3.91
C LEU IA 369 -0.05 20.35 4.10
N GLN IA 370 -0.94 19.39 3.86
CA GLN IA 370 -0.54 17.98 3.91
C GLN IA 370 0.51 17.68 2.85
N THR IA 371 0.30 18.19 1.63
CA THR IA 371 1.28 17.97 0.57
C THR IA 371 2.61 18.64 0.91
N GLN IA 372 2.56 19.85 1.47
CA GLN IA 372 3.78 20.55 1.85
C GLN IA 372 4.53 19.78 2.94
N GLN IA 373 3.79 19.21 3.90
CA GLN IA 373 4.42 18.40 4.93
C GLN IA 373 5.09 17.17 4.33
N GLN IA 374 4.43 16.52 3.38
CA GLN IA 374 5.05 15.36 2.72
C GLN IA 374 6.34 15.74 2.01
N LEU IA 375 6.31 16.85 1.25
CA LEU IA 375 7.52 17.30 0.58
C LEU IA 375 8.62 17.66 1.56
N ALA IA 376 8.26 18.34 2.66
CA ALA IA 376 9.26 18.71 3.65
C ALA IA 376 9.89 17.48 4.29
N ILE IA 377 9.08 16.45 4.58
CA ILE IA 377 9.62 15.23 5.16
C ILE IA 377 10.56 14.53 4.17
N GLN IA 378 10.16 14.49 2.89
CA GLN IA 378 11.03 13.87 1.89
C GLN IA 378 12.35 14.63 1.76
N ALA IA 379 12.29 15.96 1.75
CA ALA IA 379 13.51 16.75 1.65
C ALA IA 379 14.40 16.57 2.87
N LEU IA 380 13.80 16.49 4.06
CA LEU IA 380 14.58 16.25 5.26
C LEU IA 380 15.25 14.88 5.23
N SER IA 381 14.54 13.87 4.72
CA SER IA 381 15.15 12.54 4.59
C SER IA 381 16.32 12.57 3.62
N ILE IA 382 16.16 13.29 2.50
CA ILE IA 382 17.27 13.40 1.54
C ILE IA 382 18.46 14.12 2.19
N ALA IA 383 18.19 15.18 2.94
CA ALA IA 383 19.26 15.91 3.61
C ALA IA 383 19.99 15.02 4.61
N ASN IA 384 19.24 14.21 5.37
CA ASN IA 384 19.89 13.28 6.30
C ASN IA 384 20.73 12.26 5.57
N SER IA 385 20.22 11.72 4.45
CA SER IA 385 20.98 10.73 3.68
C SER IA 385 22.18 11.36 2.97
N ASP IA 386 22.20 12.68 2.83
CA ASP IA 386 23.34 13.34 2.19
C ASP IA 386 24.62 13.16 3.00
N SER IA 387 24.49 13.10 4.33
CA SER IA 387 25.66 13.21 5.20
C SER IA 387 26.63 12.05 5.03
N GLN IA 388 26.12 10.82 4.92
CA GLN IA 388 26.98 9.64 5.02
C GLN IA 388 27.75 9.32 3.73
N ASN IA 389 27.59 10.13 2.67
CA ASN IA 389 28.33 9.87 1.44
C ASN IA 389 29.83 10.07 1.60
N VAL IA 390 30.26 10.81 2.63
CA VAL IA 390 31.67 11.12 2.79
C VAL IA 390 32.51 9.89 3.09
N LEU IA 391 31.88 8.79 3.52
CA LEU IA 391 32.62 7.59 3.89
C LEU IA 391 33.42 6.99 2.73
N SER IA 392 33.03 7.29 1.49
CA SER IA 392 33.72 6.71 0.35
C SER IA 392 35.17 7.16 0.28
N LEU IA 393 35.48 8.36 0.78
CA LEU IA 393 36.86 8.84 0.77
C LEU IA 393 37.74 8.01 1.70
N PHE IA 394 37.18 7.48 2.78
CA PHE IA 394 37.93 6.79 3.81
C PHE IA 394 37.84 5.28 3.71
N ARG IA 395 37.33 4.77 2.58
CA ARG IA 395 37.10 3.34 2.32
C ARG IA 395 36.70 2.50 3.55
N THR JA 2 7.50 17.15 16.08
CA THR JA 2 6.40 16.20 16.12
C THR JA 2 6.61 15.18 17.24
N SER JA 3 5.59 15.04 18.09
CA SER JA 3 5.63 14.14 19.23
C SER JA 3 4.62 13.02 19.03
N ILE JA 4 5.06 11.78 19.21
CA ILE JA 4 4.18 10.63 19.09
C ILE JA 4 3.38 10.35 20.35
N LEU JA 5 3.69 11.03 21.45
CA LEU JA 5 3.01 10.79 22.72
C LEU JA 5 1.79 11.69 22.92
N THR JA 6 1.74 12.85 22.28
CA THR JA 6 0.62 13.76 22.39
C THR JA 6 0.19 14.23 21.01
N ASN JA 7 -1.09 14.58 20.89
CA ASN JA 7 -1.66 15.08 19.65
C ASN JA 7 -2.66 16.17 20.02
N ASN JA 8 -2.20 17.43 20.02
CA ASN JA 8 -3.04 18.53 20.47
C ASN JA 8 -4.26 18.69 19.56
N SER JA 9 -4.06 18.52 18.25
CA SER JA 9 -5.19 18.56 17.33
C SER JA 9 -6.20 17.47 17.65
N ALA JA 10 -5.71 16.28 18.01
CA ALA JA 10 -6.63 15.21 18.42
C ALA JA 10 -7.39 15.57 19.69
N MET JA 11 -6.72 16.21 20.65
CA MET JA 11 -7.41 16.60 21.88
C MET JA 11 -8.50 17.62 21.58
N ALA JA 12 -8.21 18.60 20.72
CA ALA JA 12 -9.23 19.54 20.31
C ALA JA 12 -10.37 18.84 19.59
N ALA JA 13 -10.05 17.84 18.76
CA ALA JA 13 -11.08 17.09 18.07
C ALA JA 13 -11.98 16.34 19.05
N LEU JA 14 -11.39 15.72 20.08
CA LEU JA 14 -12.19 15.06 21.10
C LEU JA 14 -13.08 16.05 21.84
N SER JA 15 -12.55 17.22 22.20
CA SER JA 15 -13.37 18.21 22.89
C SER JA 15 -14.55 18.66 22.02
N GLY JA 16 -14.27 18.91 20.73
CA GLY JA 16 -15.34 19.28 19.82
C GLY JA 16 -16.37 18.19 19.65
N VAL JA 17 -15.91 16.94 19.52
CA VAL JA 17 -16.84 15.81 19.37
C VAL JA 17 -17.71 15.68 20.60
N ARG JA 18 -17.13 15.86 21.79
CA ARG JA 18 -17.90 15.78 23.02
C ARG JA 18 -18.97 16.86 23.07
N SER JA 19 -18.60 18.09 22.71
CA SER JA 19 -19.58 19.17 22.69
C SER JA 19 -20.70 18.89 21.70
N ILE JA 20 -20.35 18.43 20.50
CA ILE JA 20 -21.36 18.13 19.49
C ILE JA 20 -22.26 16.99 19.97
N SER JA 21 -21.69 15.98 20.62
CA SER JA 21 -22.49 14.87 21.11
C SER JA 21 -23.48 15.31 22.18
N SER JA 22 -23.04 16.17 23.10
CA SER JA 22 -23.95 16.67 24.12
C SER JA 22 -25.07 17.49 23.50
N SER JA 23 -24.72 18.40 22.59
CA SER JA 23 -25.75 19.21 21.94
C SER JA 23 -26.70 18.34 21.12
N MET JA 24 -26.17 17.31 20.45
CA MET JA 24 -26.99 16.45 19.62
C MET JA 24 -27.96 15.62 20.45
N GLU JA 25 -27.49 15.06 21.58
CA GLU JA 25 -28.40 14.30 22.43
C GLU JA 25 -29.48 15.20 23.02
N ASP JA 26 -29.10 16.43 23.41
CA ASP JA 26 -30.10 17.36 23.92
C ASP JA 26 -31.15 17.66 22.85
N THR JA 27 -30.71 17.97 21.63
CA THR JA 27 -31.66 18.30 20.57
C THR JA 27 -32.47 17.08 20.14
N GLN JA 28 -31.90 15.88 20.22
CA GLN JA 28 -32.63 14.68 19.86
C GLN JA 28 -33.73 14.39 20.88
N SER JA 29 -33.43 14.56 22.16
CA SER JA 29 -34.49 14.46 23.17
C SER JA 29 -35.55 15.53 22.94
N ARG JA 30 -35.11 16.75 22.59
CA ARG JA 30 -36.05 17.84 22.34
C ARG JA 30 -36.98 17.52 21.19
N ILE JA 31 -36.46 16.96 20.11
CA ILE JA 31 -37.28 16.68 18.94
C ILE JA 31 -38.13 15.43 19.17
N SER JA 32 -37.67 14.49 19.99
CA SER JA 32 -38.44 13.28 20.25
C SER JA 32 -39.64 13.59 21.15
N SER JA 33 -39.44 14.37 22.21
CA SER JA 33 -40.46 14.56 23.22
C SER JA 33 -41.02 15.97 23.29
N GLY JA 34 -40.61 16.86 22.40
CA GLY JA 34 -41.02 18.26 22.55
C GLY JA 34 -40.47 18.81 23.86
N LEU JA 35 -41.31 19.60 24.55
CA LEU JA 35 -41.02 20.03 25.92
C LEU JA 35 -39.67 20.78 25.99
N ARG JA 36 -39.67 21.98 25.40
CA ARG JA 36 -38.47 22.80 25.41
C ARG JA 36 -37.91 22.96 26.82
N VAL JA 37 -38.79 23.13 27.80
CA VAL JA 37 -38.43 22.98 29.21
C VAL JA 37 -38.92 21.60 29.63
N GLY JA 38 -38.07 20.60 29.42
CA GLY JA 38 -38.48 19.22 29.62
C GLY JA 38 -38.21 18.67 31.02
N SER JA 39 -37.25 19.25 31.72
CA SER JA 39 -36.88 18.78 33.04
C SER JA 39 -36.34 19.95 33.86
N ALA JA 40 -36.07 19.68 35.13
CA ALA JA 40 -35.51 20.70 36.01
C ALA JA 40 -34.10 21.10 35.60
N SER JA 41 -33.42 20.28 34.81
CA SER JA 41 -32.10 20.65 34.29
C SER JA 41 -32.19 21.85 33.36
N ASP JA 42 -33.37 22.12 32.80
CA ASP JA 42 -33.60 23.33 32.03
C ASP JA 42 -33.85 24.49 33.00
N ASN JA 43 -34.37 25.60 32.47
CA ASN JA 43 -34.69 26.75 33.33
C ASN JA 43 -35.67 26.34 34.42
N ALA JA 44 -35.19 26.38 35.67
CA ALA JA 44 -35.97 25.81 36.78
C ALA JA 44 -37.25 26.60 37.04
N ALA JA 45 -37.19 27.92 36.92
CA ALA JA 45 -38.35 28.74 37.24
C ALA JA 45 -39.52 28.44 36.31
N TYR JA 46 -39.25 28.34 35.00
CA TYR JA 46 -40.32 28.02 34.06
C TYR JA 46 -40.84 26.61 34.26
N TRP JA 47 -39.96 25.67 34.63
CA TRP JA 47 -40.40 24.31 34.93
C TRP JA 47 -41.36 24.30 36.12
N SER JA 48 -41.01 25.03 37.18
CA SER JA 48 -41.88 25.10 38.35
C SER JA 48 -43.21 25.77 38.02
N ILE JA 49 -43.17 26.84 37.22
CA ILE JA 49 -44.40 27.51 36.82
C ILE JA 49 -45.28 26.57 36.02
N ALA JA 50 -44.68 25.81 35.10
CA ALA JA 50 -45.45 24.87 34.29
C ALA JA 50 -46.07 23.79 35.17
N THR JA 51 -45.32 23.29 36.15
CA THR JA 51 -45.88 22.29 37.07
C THR JA 51 -47.05 22.85 37.84
N THR JA 52 -46.92 24.09 38.33
CA THR JA 52 -48.01 24.72 39.08
C THR JA 52 -49.25 24.89 38.20
N MET JA 53 -49.07 25.32 36.96
CA MET JA 53 -50.21 25.48 36.06
C MET JA 53 -50.84 24.14 35.71
N ARG JA 54 -50.04 23.09 35.57
CA ARG JA 54 -50.62 21.77 35.31
C ARG JA 54 -51.45 21.31 36.50
N SER JA 55 -50.96 21.53 37.72
CA SER JA 55 -51.75 21.19 38.89
C SER JA 55 -53.04 22.00 38.94
N ASP JA 56 -52.96 23.29 38.62
CA ASP JA 56 -54.16 24.13 38.62
C ASP JA 56 -55.15 23.68 37.55
N ASN JA 57 -54.64 23.24 36.40
CA ASN JA 57 -55.52 22.75 35.34
C ASN JA 57 -56.22 21.46 35.75
N GLN JA 58 -55.51 20.56 36.43
CA GLN JA 58 -56.16 19.36 36.96
C GLN JA 58 -57.24 19.73 37.97
N ALA JA 59 -56.94 20.69 38.86
CA ALA JA 59 -57.95 21.15 39.81
C ALA JA 59 -59.15 21.74 39.10
N LEU JA 60 -58.91 22.51 38.03
CA LEU JA 60 -60.01 23.10 37.26
C LEU JA 60 -60.86 22.03 36.60
N SER JA 61 -60.23 20.96 36.10
CA SER JA 61 -61.00 19.85 35.54
C SER JA 61 -61.88 19.19 36.60
N ALA JA 62 -61.32 19.00 37.81
CA ALA JA 62 -62.12 18.46 38.90
C ALA JA 62 -63.29 19.37 39.22
N VAL JA 63 -63.05 20.69 39.24
CA VAL JA 63 -64.13 21.64 39.50
C VAL JA 63 -65.18 21.58 38.41
N GLN JA 64 -64.76 21.37 37.17
CA GLN JA 64 -65.73 21.24 36.07
C GLN JA 64 -66.60 20.00 36.25
N ASP JA 65 -66.00 18.89 36.67
CA ASP JA 65 -66.79 17.69 36.96
C ASP JA 65 -67.79 17.95 38.09
N ALA JA 66 -67.34 18.63 39.14
CA ALA JA 66 -68.24 18.97 40.24
C ALA JA 66 -69.37 19.89 39.76
N LEU JA 67 -69.05 20.82 38.86
CA LEU JA 67 -70.06 21.70 38.30
C LEU JA 67 -71.09 20.91 37.50
N GLY JA 68 -70.65 19.92 36.73
CA GLY JA 68 -71.59 19.07 36.02
C GLY JA 68 -72.51 18.33 36.96
N LEU JA 69 -71.95 17.78 38.04
CA LEU JA 69 -72.77 17.08 39.03
C LEU JA 69 -73.79 18.03 39.66
N GLY JA 70 -73.35 19.24 40.03
CA GLY JA 70 -74.27 20.20 40.60
C GLY JA 70 -75.35 20.63 39.63
N ALA JA 71 -75.00 20.76 38.36
CA ALA JA 71 -76.00 21.10 37.34
C ALA JA 71 -77.04 20.00 37.22
N ALA JA 72 -76.61 18.74 37.27
CA ALA JA 72 -77.56 17.64 37.24
C ALA JA 72 -78.50 17.69 38.44
N LYS JA 73 -77.94 17.94 39.63
CA LYS JA 73 -78.77 18.03 40.83
C LYS JA 73 -79.78 19.17 40.71
N VAL JA 74 -79.34 20.33 40.23
CA VAL JA 74 -80.22 21.49 40.10
C VAL JA 74 -81.31 21.21 39.07
N ASP JA 75 -80.97 20.53 37.97
CA ASP JA 75 -81.97 20.19 36.98
C ASP JA 75 -83.05 19.27 37.56
N THR JA 76 -82.63 18.26 38.32
CA THR JA 76 -83.60 17.38 38.96
C THR JA 76 -84.49 18.14 39.92
N ALA JA 77 -83.88 19.01 40.74
CA ALA JA 77 -84.66 19.79 41.70
C ALA JA 77 -85.64 20.71 40.99
N TYR JA 78 -85.23 21.32 39.89
CA TYR JA 78 -86.11 22.22 39.16
C TYR JA 78 -87.27 21.46 38.50
N SER JA 79 -87.01 20.26 37.99
CA SER JA 79 -88.09 19.46 37.44
C SER JA 79 -89.10 19.10 38.53
N GLY JA 80 -88.61 18.70 39.69
CA GLY JA 80 -89.51 18.44 40.80
C GLY JA 80 -90.31 19.67 41.21
N MET JA 81 -89.66 20.83 41.20
CA MET JA 81 -90.34 22.07 41.56
C MET JA 81 -91.43 22.41 40.57
N GLU JA 82 -91.16 22.22 39.28
CA GLU JA 82 -92.20 22.46 38.27
C GLU JA 82 -93.38 21.51 38.44
N SER JA 83 -93.10 20.24 38.72
CA SER JA 83 -94.20 19.30 38.97
C SER JA 83 -95.02 19.73 40.18
N ALA JA 84 -94.35 20.16 41.25
CA ALA JA 84 -95.06 20.63 42.43
C ALA JA 84 -95.88 21.88 42.12
N ILE JA 85 -95.34 22.77 41.29
CA ILE JA 85 -96.08 23.97 40.90
C ILE JA 85 -97.36 23.59 40.17
N GLU JA 86 -97.25 22.64 39.23
CA GLU JA 86 -98.44 22.20 38.49
C GLU JA 86 -99.48 21.59 39.42
N VAL JA 87 -99.04 20.73 40.35
CA VAL JA 87 -99.98 20.09 41.26
C VAL JA 87 -100.65 21.12 42.16
N VAL JA 88 -99.88 22.10 42.64
CA VAL JA 88 -100.45 23.13 43.52
C VAL JA 88 -101.43 24.00 42.74
N LYS JA 89 -101.13 24.30 41.48
CA LYS JA 89 -102.08 25.05 40.67
C LYS JA 89 -103.38 24.28 40.47
N GLU JA 90 -103.27 22.96 40.26
CA GLU JA 90 -104.47 22.15 40.16
C GLU JA 90 -105.26 22.16 41.46
N ILE JA 91 -104.55 22.09 42.60
CA ILE JA 91 -105.22 22.15 43.90
C ILE JA 91 -105.96 23.47 44.07
N LYS JA 92 -105.32 24.57 43.69
CA LYS JA 92 -105.95 25.88 43.81
C LYS JA 92 -107.17 25.98 42.92
N ALA JA 93 -107.09 25.45 41.69
CA ALA JA 93 -108.25 25.46 40.81
C ALA JA 93 -109.40 24.65 41.41
N LYS JA 94 -109.09 23.48 41.97
CA LYS JA 94 -110.13 22.66 42.61
C LYS JA 94 -110.76 23.40 43.78
N LEU JA 95 -109.94 24.05 44.61
CA LEU JA 95 -110.48 24.80 45.75
C LEU JA 95 -111.36 25.95 45.29
N VAL JA 96 -110.94 26.66 44.24
CA VAL JA 96 -111.75 27.75 43.71
C VAL JA 96 -113.08 27.22 43.20
N ALA JA 97 -113.06 26.09 42.49
CA ALA JA 97 -114.31 25.48 42.05
C ALA JA 97 -115.16 25.02 43.22
N ALA JA 98 -114.53 24.73 44.36
CA ALA JA 98 -115.25 24.23 45.53
C ALA JA 98 -116.08 25.28 46.23
N THR JA 99 -115.93 26.56 45.88
CA THR JA 99 -116.63 27.61 46.61
C THR JA 99 -118.14 27.53 46.41
N GLU JA 100 -118.60 26.85 45.37
CA GLU JA 100 -120.03 26.74 45.11
C GLU JA 100 -120.71 25.92 46.20
N ASP JA 101 -121.85 26.42 46.67
CA ASP JA 101 -122.59 25.72 47.72
C ASP JA 101 -123.21 24.43 47.19
N GLY JA 102 -123.67 24.44 45.94
CA GLY JA 102 -124.31 23.27 45.37
C GLY JA 102 -123.38 22.12 45.07
N VAL JA 103 -122.09 22.39 44.91
CA VAL JA 103 -121.12 21.36 44.62
C VAL JA 103 -120.75 20.62 45.90
N ASP JA 104 -120.87 19.30 45.87
CA ASP JA 104 -120.48 18.49 47.02
C ASP JA 104 -118.98 18.61 47.26
N LYS JA 105 -118.61 18.61 48.55
CA LYS JA 105 -117.22 18.81 48.95
C LYS JA 105 -116.47 17.51 49.19
N ALA JA 106 -117.17 16.37 49.27
CA ALA JA 106 -116.49 15.11 49.55
C ALA JA 106 -115.63 14.67 48.36
N LYS JA 107 -116.20 14.71 47.16
CA LYS JA 107 -115.45 14.29 45.97
C LYS JA 107 -114.19 15.12 45.81
N ILE JA 108 -114.32 16.44 45.96
CA ILE JA 108 -113.15 17.30 45.96
C ILE JA 108 -112.23 16.94 47.12
N GLN JA 109 -112.78 16.40 48.21
CA GLN JA 109 -111.94 16.02 49.33
C GLN JA 109 -110.99 14.88 48.95
N GLU JA 110 -111.51 13.81 48.31
CA GLU JA 110 -110.53 12.78 47.94
C GLU JA 110 -109.66 13.23 46.77
N GLU JA 111 -110.17 14.13 45.92
CA GLU JA 111 -109.31 14.69 44.87
C GLU JA 111 -108.10 15.41 45.48
N ILE JA 112 -108.35 16.24 46.49
CA ILE JA 112 -107.26 16.94 47.17
C ILE JA 112 -106.37 15.97 47.92
N THR JA 113 -106.95 14.90 48.50
CA THR JA 113 -106.12 13.90 49.17
C THR JA 113 -105.16 13.23 48.19
N GLN JA 114 -105.66 12.86 47.00
CA GLN JA 114 -104.80 12.27 45.99
C GLN JA 114 -103.73 13.26 45.54
N LEU JA 115 -104.11 14.52 45.37
CA LEU JA 115 -103.14 15.53 44.96
C LEU JA 115 -102.06 15.73 46.04
N LYS JA 116 -102.44 15.68 47.31
CA LYS JA 116 -101.46 15.79 48.39
C LYS JA 116 -100.52 14.60 48.40
N ASP JA 117 -101.05 13.40 48.19
CA ASP JA 117 -100.17 12.23 48.09
C ASP JA 117 -99.21 12.36 46.92
N GLN JA 118 -99.70 12.88 45.78
CA GLN JA 118 -98.84 13.12 44.64
C GLN JA 118 -97.75 14.14 44.97
N LEU JA 119 -98.11 15.19 45.71
CA LEU JA 119 -97.12 16.18 46.13
C LEU JA 119 -96.05 15.55 47.01
N THR JA 120 -96.46 14.70 47.95
CA THR JA 120 -95.49 14.03 48.81
C THR JA 120 -94.57 13.12 47.99
N SER JA 121 -95.15 12.40 47.02
CA SER JA 121 -94.34 11.53 46.17
C SER JA 121 -93.33 12.33 45.36
N ILE JA 122 -93.74 13.48 44.82
CA ILE JA 122 -92.81 14.34 44.10
C ILE JA 122 -91.72 14.84 45.03
N ALA JA 123 -92.10 15.24 46.24
CA ALA JA 123 -91.14 15.80 47.18
C ALA JA 123 -90.08 14.78 47.58
N ASP JA 124 -90.48 13.54 47.85
CA ASP JA 124 -89.51 12.56 48.32
C ASP JA 124 -88.78 11.84 47.19
N ALA JA 125 -89.41 11.69 46.02
CA ALA JA 125 -88.78 10.94 44.93
C ALA JA 125 -87.72 11.75 44.20
N ALA JA 126 -87.88 13.06 44.10
CA ALA JA 126 -87.02 13.90 43.27
C ALA JA 126 -85.67 14.07 43.95
N SER JA 127 -84.81 13.06 43.77
CA SER JA 127 -83.45 13.08 44.30
C SER JA 127 -82.51 12.51 43.24
N PHE JA 128 -81.26 12.98 43.26
CA PHE JA 128 -80.26 12.54 42.31
C PHE JA 128 -79.24 11.59 42.93
N SER JA 129 -78.55 12.03 43.98
CA SER JA 129 -77.53 11.21 44.63
C SER JA 129 -77.62 11.35 46.14
N GLY JA 130 -78.84 11.38 46.67
CA GLY JA 130 -79.07 11.55 48.08
C GLY JA 130 -79.26 12.97 48.54
N GLU JA 131 -78.84 13.95 47.74
CA GLU JA 131 -79.06 15.37 48.04
C GLU JA 131 -80.16 15.87 47.12
N ASN JA 132 -81.40 15.73 47.58
CA ASN JA 132 -82.56 16.13 46.79
C ASN JA 132 -82.82 17.63 46.83
N TRP JA 133 -82.11 18.38 47.68
CA TRP JA 133 -82.32 19.81 47.86
C TRP JA 133 -83.74 20.14 48.29
N LEU JA 134 -84.48 19.14 48.77
CA LEU JA 134 -85.84 19.31 49.24
C LEU JA 134 -86.03 18.43 50.46
N GLN JA 135 -87.12 18.67 51.19
CA GLN JA 135 -87.44 17.90 52.39
C GLN JA 135 -86.30 17.93 53.40
N ALA JA 136 -85.63 19.07 53.48
CA ALA JA 136 -84.50 19.21 54.39
C ALA JA 136 -85.00 19.28 55.84
N ASP JA 137 -84.06 19.07 56.76
CA ASP JA 137 -84.37 19.11 58.19
C ASP JA 137 -84.17 20.54 58.70
N LEU JA 138 -85.25 21.15 59.15
CA LEU JA 138 -85.24 22.53 59.63
C LEU JA 138 -85.19 22.61 61.16
N SER JA 139 -84.53 21.66 61.81
CA SER JA 139 -84.36 21.73 63.26
C SER JA 139 -83.55 22.96 63.65
N GLY JA 140 -82.46 23.23 62.92
CA GLY JA 140 -81.69 24.43 63.13
C GLY JA 140 -82.24 25.62 62.37
N GLY JA 141 -82.99 25.33 61.30
CA GLY JA 141 -83.63 26.37 60.52
C GLY JA 141 -82.73 27.11 59.56
N ALA JA 142 -81.47 26.72 59.43
CA ALA JA 142 -80.53 27.41 58.56
C ALA JA 142 -79.70 26.43 57.77
N VAL JA 143 -80.34 25.40 57.20
CA VAL JA 143 -79.62 24.43 56.39
C VAL JA 143 -79.20 25.07 55.08
N THR JA 144 -77.95 24.85 54.68
CA THR JA 144 -77.39 25.44 53.48
C THR JA 144 -76.64 24.39 52.69
N LYS JA 145 -76.91 24.33 51.39
CA LYS JA 145 -76.22 23.42 50.48
C LYS JA 145 -75.43 24.22 49.45
N SER JA 146 -74.29 23.67 49.05
CA SER JA 146 -73.35 24.38 48.20
C SER JA 146 -72.92 23.52 47.02
N VAL JA 147 -72.52 24.19 45.95
CA VAL JA 147 -72.00 23.54 44.74
C VAL JA 147 -70.63 24.13 44.45
N VAL JA 148 -69.66 23.25 44.17
CA VAL JA 148 -68.29 23.70 43.90
C VAL JA 148 -68.30 24.57 42.65
N GLY JA 149 -67.90 25.83 42.81
CA GLY JA 149 -67.95 26.77 41.70
C GLY JA 149 -66.65 26.92 40.94
N SER JA 150 -65.55 27.19 41.64
CA SER JA 150 -64.29 27.44 40.97
C SER JA 150 -63.14 27.21 41.94
N PHE JA 151 -61.97 26.92 41.38
CA PHE JA 151 -60.74 26.77 42.15
C PHE JA 151 -59.93 28.07 41.99
N VAL JA 152 -59.71 28.75 43.11
CA VAL JA 152 -59.10 30.08 43.11
C VAL JA 152 -57.78 30.02 43.87
N ARG JA 153 -56.71 30.46 43.23
CA ARG JA 153 -55.41 30.60 43.87
C ARG JA 153 -55.18 32.08 44.19
N ASP JA 154 -55.05 32.40 45.47
CA ASP JA 154 -54.89 33.79 45.88
C ASP JA 154 -53.50 34.29 45.50
N GLY JA 155 -53.36 35.61 45.51
CA GLY JA 155 -52.10 36.22 45.11
C GLY JA 155 -50.95 35.89 46.07
N SER JA 156 -51.25 35.79 47.36
CA SER JA 156 -50.23 35.56 48.37
C SER JA 156 -50.00 34.07 48.62
N GLY JA 157 -49.79 33.32 47.55
CA GLY JA 157 -49.48 31.90 47.67
C GLY JA 157 -50.52 31.09 48.41
N SER JA 158 -51.80 31.33 48.12
CA SER JA 158 -52.88 30.64 48.80
C SER JA 158 -53.80 29.97 47.78
N VAL JA 159 -54.40 28.85 48.18
CA VAL JA 159 -55.32 28.10 47.35
C VAL JA 159 -56.59 27.84 48.14
N ALA JA 160 -57.74 27.93 47.47
CA ALA JA 160 -59.02 27.72 48.11
C ALA JA 160 -60.02 27.29 47.05
N VAL JA 161 -61.15 26.74 47.51
CA VAL JA 161 -62.22 26.30 46.63
C VAL JA 161 -63.45 27.15 46.92
N LYS JA 162 -63.98 27.78 45.88
CA LYS JA 162 -65.17 28.61 46.01
C LYS JA 162 -66.42 27.79 45.71
N LYS JA 163 -67.49 28.07 46.45
CA LYS JA 163 -68.73 27.34 46.32
C LYS JA 163 -69.89 28.31 46.21
N VAL JA 164 -70.95 27.87 45.53
CA VAL JA 164 -72.16 28.65 45.35
C VAL JA 164 -73.22 28.13 46.32
N ASP JA 165 -73.72 29.00 47.16
CA ASP JA 165 -74.62 28.62 48.25
C ASP JA 165 -76.08 28.74 47.84
N TYR JA 166 -76.89 27.84 48.38
CA TYR JA 166 -78.34 27.87 48.17
C TYR JA 166 -79.02 27.66 49.51
N SER JA 167 -80.02 28.49 49.81
CA SER JA 167 -80.67 28.50 51.11
C SER JA 167 -81.98 27.74 51.07
N LEU JA 168 -82.24 26.97 52.12
CA LEU JA 168 -83.47 26.19 52.27
C LEU JA 168 -84.16 26.53 53.59
N ASN JA 169 -84.12 27.80 53.97
CA ASN JA 169 -84.53 28.21 55.31
C ASN JA 169 -86.01 27.93 55.58
N ALA JA 170 -86.92 28.64 54.91
CA ALA JA 170 -88.34 28.44 55.14
C ALA JA 170 -89.20 28.57 53.90
N ASN JA 171 -88.61 28.78 52.71
CA ASN JA 171 -89.38 29.03 51.51
C ASN JA 171 -89.02 28.12 50.34
N SER JA 172 -88.03 27.23 50.51
CA SER JA 172 -87.63 26.34 49.42
C SER JA 172 -87.30 24.95 49.94
N VAL JA 173 -88.00 24.49 50.99
CA VAL JA 173 -87.67 23.24 51.64
C VAL JA 173 -88.62 22.11 51.25
N LEU JA 174 -89.88 22.40 50.92
CA LEU JA 174 -90.79 21.38 50.40
C LEU JA 174 -90.99 20.21 51.36
N PHE JA 175 -91.80 20.41 52.40
CA PHE JA 175 -92.09 19.39 53.41
C PHE JA 175 -90.88 19.08 54.28
N ASP JA 176 -90.46 20.06 55.08
CA ASP JA 176 -89.51 19.84 56.16
C ASP JA 176 -89.80 18.54 56.90
N THR JA 177 -88.75 17.74 57.12
CA THR JA 177 -88.93 16.37 57.60
C THR JA 177 -89.44 16.35 59.03
N VAL JA 178 -88.83 17.11 59.93
CA VAL JA 178 -89.06 17.00 61.36
C VAL JA 178 -89.96 18.13 61.88
N GLY JA 179 -89.55 19.39 61.66
CA GLY JA 179 -90.25 20.50 62.28
C GLY JA 179 -91.63 20.76 61.74
N ASP JA 180 -91.93 20.27 60.53
CA ASP JA 180 -93.23 20.48 59.89
C ASP JA 180 -93.56 21.97 59.83
N THR JA 181 -92.55 22.78 59.48
CA THR JA 181 -92.70 24.23 59.36
C THR JA 181 -92.21 24.71 58.00
N GLY JA 182 -92.25 23.84 57.00
CA GLY JA 182 -91.76 24.18 55.69
C GLY JA 182 -92.74 25.01 54.88
N ILE JA 183 -92.38 25.21 53.61
CA ILE JA 183 -93.23 25.98 52.70
C ILE JA 183 -94.61 25.34 52.60
N LEU JA 184 -94.67 24.01 52.56
CA LEU JA 184 -95.90 23.28 52.69
C LEU JA 184 -96.00 22.67 54.10
N ASP JA 185 -97.19 22.17 54.41
CA ASP JA 185 -97.47 21.61 55.73
C ASP JA 185 -97.21 22.65 56.83
N LYS JA 186 -97.64 23.88 56.57
CA LYS JA 186 -97.62 24.93 57.58
C LYS JA 186 -98.74 25.92 57.28
N VAL JA 187 -99.15 26.65 58.31
CA VAL JA 187 -100.25 27.59 58.20
C VAL JA 187 -99.71 28.96 57.80
N TYR JA 188 -100.43 29.63 56.91
CA TYR JA 188 -100.07 30.96 56.44
C TYR JA 188 -101.06 31.98 57.00
N ASN JA 189 -100.54 33.04 57.61
CA ASN JA 189 -101.39 34.10 58.10
C ASN JA 189 -102.00 34.87 56.93
N VAL JA 190 -103.29 35.16 57.03
CA VAL JA 190 -104.04 35.82 55.96
C VAL JA 190 -104.71 37.05 56.57
N SER JA 191 -104.13 38.23 56.32
CA SER JA 191 -104.74 39.47 56.75
C SER JA 191 -104.38 40.56 55.75
N GLN JA 192 -105.20 41.60 55.70
CA GLN JA 192 -105.11 42.58 54.62
C GLN JA 192 -103.89 43.47 54.75
N ALA JA 193 -103.55 43.88 55.97
CA ALA JA 193 -102.55 44.92 56.19
C ALA JA 193 -101.47 44.45 57.15
N SER JA 194 -100.95 43.25 56.92
CA SER JA 194 -99.86 42.73 57.74
C SER JA 194 -98.80 42.09 56.84
N VAL JA 195 -97.64 41.85 57.43
CA VAL JA 195 -96.50 41.25 56.74
C VAL JA 195 -95.79 40.31 57.71
N THR JA 196 -95.33 39.17 57.21
CA THR JA 196 -94.70 38.14 58.02
C THR JA 196 -93.19 38.35 58.02
N LEU JA 197 -92.63 38.60 59.21
CA LEU JA 197 -91.20 38.84 59.38
C LEU JA 197 -90.56 37.69 60.13
N THR JA 198 -89.31 37.40 59.77
CA THR JA 198 -88.47 36.49 60.55
C THR JA 198 -87.50 37.32 61.38
N VAL JA 199 -87.53 37.12 62.70
CA VAL JA 199 -86.65 37.79 63.65
C VAL JA 199 -86.16 36.74 64.65
N ASN JA 200 -84.89 36.81 65.00
CA ASN JA 200 -84.30 35.86 65.92
C ASN JA 200 -84.33 36.42 67.34
N THR JA 201 -84.79 35.61 68.28
CA THR JA 201 -84.84 35.96 69.69
C THR JA 201 -84.01 34.96 70.47
N ASN JA 202 -83.05 35.47 71.26
CA ASN JA 202 -82.12 34.65 72.03
C ASN JA 202 -81.35 33.68 71.15
N GLY JA 203 -81.07 34.08 69.91
CA GLY JA 203 -80.25 33.28 69.02
C GLY JA 203 -81.00 32.30 68.14
N VAL JA 204 -82.32 32.16 68.30
CA VAL JA 204 -83.12 31.25 67.50
C VAL JA 204 -84.15 32.06 66.72
N GLU JA 205 -84.26 31.80 65.43
CA GLU JA 205 -85.15 32.55 64.57
C GLU JA 205 -86.60 32.08 64.74
N SER JA 206 -87.52 32.99 64.42
CA SER JA 206 -88.95 32.68 64.45
C SER JA 206 -89.65 33.65 63.52
N GLN JA 207 -90.86 33.28 63.12
CA GLN JA 207 -91.67 34.08 62.19
C GLN JA 207 -92.87 34.65 62.95
N HIS JA 208 -93.03 35.96 62.88
CA HIS JA 208 -94.11 36.66 63.56
C HIS JA 208 -94.89 37.49 62.56
N THR JA 209 -96.20 37.55 62.73
CA THR JA 209 -97.08 38.34 61.89
C THR JA 209 -97.37 39.66 62.58
N VAL JA 210 -97.03 40.76 61.91
CA VAL JA 210 -97.23 42.10 62.47
C VAL JA 210 -97.81 42.99 61.39
N ALA JA 211 -98.57 43.99 61.81
CA ALA JA 211 -99.20 44.91 60.87
C ALA JA 211 -98.16 45.76 60.16
N ALA JA 212 -98.48 46.16 58.94
CA ALA JA 212 -97.60 46.98 58.11
C ALA JA 212 -98.30 48.28 57.75
N TYR JA 213 -97.53 49.36 57.70
CA TYR JA 213 -98.04 50.69 57.42
C TYR JA 213 -97.38 51.25 56.18
N SER JA 214 -98.18 51.84 55.30
CA SER JA 214 -97.67 52.38 54.04
C SER JA 214 -96.86 53.65 54.27
N LEU JA 215 -95.90 53.88 53.38
CA LEU JA 215 -95.09 55.09 53.48
C LEU JA 215 -95.89 56.35 53.17
N GLU JA 216 -96.87 56.25 52.26
CA GLU JA 216 -97.67 57.41 51.92
C GLU JA 216 -98.45 57.93 53.11
N SER JA 217 -99.04 57.03 53.89
CA SER JA 217 -99.77 57.45 55.09
C SER JA 217 -98.83 58.09 56.10
N LEU JA 218 -97.63 57.53 56.27
CA LEU JA 218 -96.67 58.10 57.21
C LEU JA 218 -96.26 59.50 56.79
N THR JA 219 -95.97 59.70 55.51
CA THR JA 219 -95.54 61.02 55.05
C THR JA 219 -96.70 62.01 54.99
N GLU JA 220 -97.94 61.54 54.87
CA GLU JA 220 -99.09 62.44 54.89
C GLU JA 220 -99.43 62.88 56.31
N ALA JA 221 -99.25 61.98 57.29
CA ALA JA 221 -99.59 62.30 58.66
C ALA JA 221 -98.65 63.33 59.28
N GLY JA 222 -97.51 63.61 58.66
CA GLY JA 222 -96.57 64.57 59.20
C GLY JA 222 -95.52 63.92 60.08
N ALA JA 223 -94.89 62.87 59.58
CA ALA JA 223 -93.90 62.12 60.34
C ALA JA 223 -92.50 62.64 60.02
N GLU JA 224 -91.62 62.54 61.02
CA GLU JA 224 -90.22 62.91 60.88
C GLU JA 224 -89.40 61.63 60.75
N PHE JA 225 -88.62 61.54 59.67
CA PHE JA 225 -87.86 60.35 59.35
C PHE JA 225 -86.38 60.55 59.64
N GLN JA 226 -85.69 59.42 59.81
CA GLN JA 226 -84.24 59.44 59.99
C GLN JA 226 -83.71 58.05 59.62
N GLY JA 227 -82.99 57.97 58.51
CA GLY JA 227 -82.48 56.68 58.06
C GLY JA 227 -83.62 55.71 57.80
N ASN JA 228 -83.62 54.60 58.52
CA ASN JA 228 -84.70 53.61 58.45
C ASN JA 228 -85.68 53.76 59.60
N TYR JA 229 -85.63 54.87 60.32
CA TYR JA 229 -86.50 55.11 61.47
C TYR JA 229 -87.44 56.27 61.19
N ALA JA 230 -88.63 56.20 61.77
CA ALA JA 230 -89.65 57.23 61.59
C ALA JA 230 -90.27 57.56 62.94
N LEU JA 231 -90.84 58.76 63.03
CA LEU JA 231 -91.53 59.20 64.24
C LEU JA 231 -92.71 60.06 63.82
N GLN JA 232 -93.90 59.46 63.79
CA GLN JA 232 -95.12 60.18 63.47
C GLN JA 232 -95.67 60.95 64.65
N GLY JA 233 -95.18 60.68 65.86
CA GLY JA 233 -95.73 61.27 67.06
C GLY JA 233 -95.51 60.37 68.26
N GLY JA 234 -96.58 60.01 68.96
CA GLY JA 234 -96.47 59.09 70.07
C GLY JA 234 -96.08 57.68 69.66
N ASN JA 235 -96.07 57.38 68.38
CA ASN JA 235 -95.69 56.07 67.87
C ASN JA 235 -94.42 56.20 67.03
N SER JA 236 -93.62 55.14 67.03
CA SER JA 236 -92.37 55.09 66.29
C SER JA 236 -92.38 53.92 65.32
N TYR JA 237 -91.70 54.09 64.19
CA TYR JA 237 -91.66 53.10 63.14
C TYR JA 237 -90.22 52.89 62.67
N VAL JA 238 -89.94 51.67 62.23
CA VAL JA 238 -88.61 51.30 61.73
C VAL JA 238 -88.77 50.64 60.37
N LYS JA 239 -87.81 50.89 59.49
CA LYS JA 239 -87.82 50.29 58.16
C LYS JA 239 -86.91 49.06 58.13
N VAL JA 240 -87.40 48.00 58.78
CA VAL JA 240 -86.68 46.73 58.77
C VAL JA 240 -86.68 46.14 57.37
N GLU JA 241 -87.77 46.31 56.63
CA GLU JA 241 -87.88 45.82 55.27
C GLU JA 241 -88.59 46.85 54.42
N ASN JA 242 -89.05 46.46 53.22
CA ASN JA 242 -89.69 47.41 52.32
C ASN JA 242 -90.95 48.02 52.90
N VAL JA 243 -91.52 47.42 53.94
CA VAL JA 243 -92.72 47.94 54.60
C VAL JA 243 -92.35 48.44 55.99
N TRP JA 244 -93.01 49.51 56.42
CA TRP JA 244 -92.75 50.12 57.73
C TRP JA 244 -93.60 49.46 58.79
N VAL JA 245 -93.02 49.29 59.98
CA VAL JA 245 -93.68 48.60 61.09
C VAL JA 245 -93.42 49.36 62.37
N ARG JA 246 -94.43 49.40 63.24
CA ARG JA 246 -94.28 50.01 64.56
C ARG JA 246 -93.26 49.25 65.38
N ALA JA 247 -92.49 49.98 66.18
CA ALA JA 247 -91.40 49.40 66.95
C ALA JA 247 -91.47 49.85 68.41
N GLU JA 248 -90.89 49.02 69.28
CA GLU JA 248 -90.76 49.32 70.69
C GLU JA 248 -89.41 49.97 70.95
N THR JA 249 -89.35 50.80 71.99
CA THR JA 249 -88.16 51.61 72.23
C THR JA 249 -86.93 50.77 72.50
N ALA JA 250 -86.90 50.08 73.63
CA ALA JA 250 -85.80 49.21 74.04
C ALA JA 250 -86.15 48.60 75.38
N ALA JA 251 -85.48 47.49 75.69
CA ALA JA 251 -85.58 46.81 76.98
C ALA JA 251 -87.01 46.45 77.36
N THR JA 252 -87.94 46.46 76.41
CA THR JA 252 -89.31 46.08 76.70
C THR JA 252 -89.47 44.56 76.68
N GLY JA 253 -89.07 43.92 75.58
CA GLY JA 253 -89.10 42.48 75.53
C GLY JA 253 -88.09 41.82 76.45
N ALA JA 254 -86.92 42.44 76.61
CA ALA JA 254 -85.85 41.92 77.46
C ALA JA 254 -85.48 40.48 77.07
N THR JA 255 -85.47 40.23 75.76
CA THR JA 255 -85.16 38.91 75.23
C THR JA 255 -83.97 38.92 74.27
N GLY JA 256 -83.21 40.01 74.23
CA GLY JA 256 -82.09 40.09 73.31
C GLY JA 256 -82.48 40.04 71.86
N GLN JA 257 -83.56 40.72 71.50
CA GLN JA 257 -84.04 40.72 70.13
C GLN JA 257 -83.10 41.52 69.22
N GLU JA 258 -83.15 41.21 67.94
CA GLU JA 258 -82.34 41.92 66.96
C GLU JA 258 -82.72 43.40 66.92
N ILE JA 259 -81.70 44.25 66.90
CA ILE JA 259 -81.91 45.70 66.93
C ILE JA 259 -82.37 46.16 65.56
N ALA JA 260 -83.56 46.78 65.51
CA ALA JA 260 -84.10 47.25 64.24
C ALA JA 260 -83.28 48.39 63.67
N ALA JA 261 -83.01 49.41 64.48
CA ALA JA 261 -82.27 50.58 64.02
C ALA JA 261 -81.78 51.37 65.23
N THR JA 262 -80.81 52.24 64.98
CA THR JA 262 -80.30 53.15 65.99
C THR JA 262 -80.46 54.59 65.50
N THR JA 263 -80.78 55.48 66.44
CA THR JA 263 -81.08 56.87 66.13
C THR JA 263 -80.12 57.79 66.90
N THR JA 264 -80.32 59.09 66.71
CA THR JA 264 -79.54 60.13 67.38
C THR JA 264 -80.49 61.25 67.77
N ALA JA 265 -79.92 62.41 68.12
CA ALA JA 265 -80.73 63.54 68.55
C ALA JA 265 -81.68 63.99 67.45
N ALA JA 266 -81.12 64.48 66.33
CA ALA JA 266 -81.90 64.86 65.15
C ALA JA 266 -83.03 65.82 65.50
N GLY JA 267 -82.76 66.75 66.41
CA GLY JA 267 -83.75 67.72 66.80
C GLY JA 267 -84.71 67.24 67.87
N THR JA 268 -85.64 66.35 67.50
CA THR JA 268 -86.65 65.86 68.41
C THR JA 268 -86.79 64.34 68.35
N ILE JA 269 -85.69 63.64 68.09
CA ILE JA 269 -85.67 62.18 68.02
C ILE JA 269 -84.87 61.67 69.20
N THR JA 270 -85.46 60.77 69.97
CA THR JA 270 -84.76 60.18 71.11
C THR JA 270 -83.65 59.26 70.62
N ALA JA 271 -82.50 59.33 71.29
CA ALA JA 271 -81.36 58.49 70.95
C ALA JA 271 -81.50 57.15 71.66
N ASP JA 272 -81.83 56.11 70.89
CA ASP JA 272 -82.05 54.79 71.47
C ASP JA 272 -81.88 53.74 70.38
N SER JA 273 -81.70 52.50 70.80
CA SER JA 273 -81.60 51.36 69.90
C SER JA 273 -82.97 50.71 69.81
N TRP JA 274 -83.65 50.89 68.68
CA TRP JA 274 -85.03 50.47 68.52
C TRP JA 274 -85.10 49.03 68.04
N VAL JA 275 -86.17 48.34 68.45
CA VAL JA 275 -86.40 46.94 68.13
C VAL JA 275 -87.81 46.78 67.59
N VAL JA 276 -87.96 45.96 66.55
CA VAL JA 276 -89.28 45.72 65.98
C VAL JA 276 -90.21 45.14 67.03
N ASP JA 277 -91.42 45.68 67.12
CA ASP JA 277 -92.41 45.22 68.08
C ASP JA 277 -92.90 43.84 67.69
N VAL JA 278 -92.57 42.83 68.49
CA VAL JA 278 -93.04 41.47 68.23
C VAL JA 278 -94.55 41.39 68.35
N GLY JA 279 -95.14 42.25 69.19
CA GLY JA 279 -96.59 42.29 69.33
C GLY JA 279 -97.24 43.10 68.22
N ASN JA 280 -98.19 43.96 68.60
CA ASN JA 280 -98.90 44.82 67.66
C ASN JA 280 -99.60 43.99 66.58
N ALA JA 281 -100.57 43.20 67.04
CA ALA JA 281 -101.31 42.33 66.14
C ALA JA 281 -102.10 43.15 65.12
N PRO JA 282 -102.34 42.59 63.93
CA PRO JA 282 -103.08 43.33 62.91
C PRO JA 282 -104.50 43.63 63.35
N ALA JA 283 -105.19 44.45 62.54
CA ALA JA 283 -106.56 44.81 62.84
C ALA JA 283 -107.48 43.59 62.83
N ALA JA 284 -107.30 42.70 61.86
CA ALA JA 284 -108.09 41.47 61.75
C ALA JA 284 -107.10 40.32 61.57
N ASN JA 285 -106.71 39.70 62.67
CA ASN JA 285 -105.74 38.61 62.65
C ASN JA 285 -106.47 37.33 62.26
N VAL JA 286 -106.34 36.92 61.00
CA VAL JA 286 -106.96 35.72 60.47
C VAL JA 286 -105.86 34.80 59.95
N SER JA 287 -105.94 33.53 60.32
CA SER JA 287 -104.98 32.53 59.88
C SER JA 287 -105.69 31.45 59.08
N ALA JA 288 -104.93 30.82 58.18
CA ALA JA 288 -105.47 29.72 57.38
C ALA JA 288 -105.91 28.57 58.29
N GLY JA 289 -107.09 28.02 58.01
CA GLY JA 289 -107.62 26.96 58.85
C GLY JA 289 -106.74 25.73 58.87
N GLN JA 290 -106.27 25.31 57.71
CA GLN JA 290 -105.39 24.16 57.60
C GLN JA 290 -104.25 24.46 56.63
N SER JA 291 -103.18 23.69 56.78
CA SER JA 291 -102.03 23.82 55.90
C SER JA 291 -102.33 23.20 54.53
N VAL JA 292 -101.35 23.27 53.63
CA VAL JA 292 -101.53 22.69 52.30
C VAL JA 292 -101.59 21.17 52.39
N ALA JA 293 -100.80 20.57 53.27
CA ALA JA 293 -100.74 19.12 53.41
C ALA JA 293 -101.86 18.57 54.29
N ASN JA 294 -102.68 19.43 54.90
CA ASN JA 294 -103.75 18.99 55.78
C ASN JA 294 -105.09 19.57 55.35
N ILE JA 295 -105.31 19.70 54.04
CA ILE JA 295 -106.54 20.31 53.55
C ILE JA 295 -107.71 19.37 53.80
N ASN JA 296 -108.75 19.89 54.43
CA ASN JA 296 -109.97 19.12 54.70
C ASN JA 296 -111.14 20.09 54.60
N ILE JA 297 -111.89 20.00 53.51
CA ILE JA 297 -112.91 20.98 53.19
C ILE JA 297 -114.32 20.49 53.53
N VAL JA 298 -114.43 19.48 54.40
CA VAL JA 298 -115.73 18.92 54.76
C VAL JA 298 -116.40 19.90 55.73
N GLY JA 299 -117.33 20.69 55.21
CA GLY JA 299 -118.09 21.61 56.04
C GLY JA 299 -117.27 22.69 56.72
N MET JA 300 -116.32 23.29 56.00
CA MET JA 300 -115.52 24.37 56.58
C MET JA 300 -116.31 25.66 56.70
N GLY JA 301 -117.07 26.01 55.66
CA GLY JA 301 -117.75 27.28 55.60
C GLY JA 301 -117.04 28.26 54.66
N ALA JA 302 -117.72 29.38 54.42
CA ALA JA 302 -117.22 30.35 53.45
C ALA JA 302 -115.91 30.98 53.91
N ALA JA 303 -115.86 31.45 55.14
CA ALA JA 303 -114.67 32.14 55.63
C ALA JA 303 -113.46 31.22 55.67
N ALA JA 304 -113.65 29.98 56.12
CA ALA JA 304 -112.56 29.02 56.13
C ALA JA 304 -112.09 28.70 54.71
N LEU JA 305 -113.02 28.60 53.78
CA LEU JA 305 -112.65 28.36 52.38
C LEU JA 305 -111.82 29.51 51.83
N ASP JA 306 -112.22 30.75 52.12
CA ASP JA 306 -111.45 31.89 51.64
C ASP JA 306 -110.06 31.93 52.26
N ALA JA 307 -109.97 31.63 53.56
CA ALA JA 307 -108.66 31.59 54.22
C ALA JA 307 -107.78 30.51 53.61
N LEU JA 308 -108.34 29.33 53.34
CA LEU JA 308 -107.58 28.25 52.72
C LEU JA 308 -107.12 28.63 51.32
N ILE JA 309 -107.99 29.29 50.55
CA ILE JA 309 -107.63 29.72 49.21
C ILE JA 309 -106.48 30.72 49.25
N SER JA 310 -106.56 31.68 50.18
CA SER JA 310 -105.49 32.67 50.31
C SER JA 310 -104.18 32.01 50.72
N GLY JA 311 -104.24 31.06 51.66
CA GLY JA 311 -103.03 30.36 52.05
C GLY JA 311 -102.41 29.55 50.92
N VAL JA 312 -103.26 28.89 50.13
CA VAL JA 312 -102.77 28.14 48.97
C VAL JA 312 -102.13 29.09 47.96
N ASP JA 313 -102.74 30.26 47.75
CA ASP JA 313 -102.17 31.24 46.83
C ASP JA 313 -100.81 31.71 47.32
N ALA JA 314 -100.68 31.97 48.63
CA ALA JA 314 -99.40 32.40 49.17
C ALA JA 314 -98.35 31.31 49.02
N ALA JA 315 -98.72 30.05 49.29
CA ALA JA 315 -97.77 28.96 49.12
C ALA JA 315 -97.34 28.82 47.67
N LEU JA 316 -98.29 28.98 46.74
CA LEU JA 316 -97.96 28.91 45.31
C LEU JA 316 -97.01 30.02 44.92
N THR JA 317 -97.22 31.24 45.44
CA THR JA 317 -96.33 32.34 45.13
C THR JA 317 -94.92 32.08 45.66
N ASP JA 318 -94.82 31.58 46.90
CA ASP JA 318 -93.52 31.28 47.47
C ASP JA 318 -92.81 30.19 46.67
N MET JA 319 -93.55 29.16 46.25
CA MET JA 319 -92.95 28.08 45.49
C MET JA 319 -92.51 28.55 44.11
N THR JA 320 -93.28 29.46 43.49
CA THR JA 320 -92.86 30.05 42.22
C THR JA 320 -91.58 30.85 42.39
N SER JA 321 -91.48 31.62 43.48
CA SER JA 321 -90.24 32.36 43.73
C SER JA 321 -89.06 31.41 43.92
N ALA JA 322 -89.28 30.31 44.64
CA ALA JA 322 -88.21 29.34 44.84
C ALA JA 322 -87.80 28.69 43.52
N ALA JA 323 -88.77 28.40 42.65
CA ALA JA 323 -88.45 27.83 41.35
C ALA JA 323 -87.66 28.82 40.49
N ALA JA 324 -88.02 30.11 40.55
CA ALA JA 324 -87.25 31.12 39.84
C ALA JA 324 -85.82 31.19 40.38
N SER JA 325 -85.66 31.10 41.70
CA SER JA 325 -84.32 31.08 42.27
C SER JA 325 -83.53 29.87 41.80
N LEU JA 326 -84.18 28.71 41.72
CA LEU JA 326 -83.50 27.51 41.23
C LEU JA 326 -83.08 27.66 39.77
N GLY JA 327 -83.94 28.25 38.94
CA GLY JA 327 -83.58 28.50 37.56
C GLY JA 327 -82.41 29.45 37.43
N SER JA 328 -82.40 30.51 38.25
CA SER JA 328 -81.27 31.43 38.25
C SER JA 328 -79.99 30.72 38.68
N ILE JA 329 -80.10 29.82 39.67
CA ILE JA 329 -78.94 29.06 40.11
C ILE JA 329 -78.42 28.19 38.97
N SER JA 330 -79.32 27.54 38.23
CA SER JA 330 -78.90 26.72 37.10
C SER JA 330 -78.20 27.54 36.04
N SER JA 331 -78.75 28.73 35.74
CA SER JA 331 -78.10 29.62 34.78
C SER JA 331 -76.71 30.03 35.26
N ARG JA 332 -76.57 30.32 36.55
CA ARG JA 332 -75.26 30.68 37.09
C ARG JA 332 -74.29 29.51 36.99
N ILE JA 333 -74.77 28.30 37.23
CA ILE JA 333 -73.91 27.12 37.08
C ILE JA 333 -73.44 26.97 35.65
N ASP JA 334 -74.34 27.17 34.68
CA ASP JA 334 -73.95 27.08 33.28
C ASP JA 334 -72.89 28.13 32.93
N LEU JA 335 -73.11 29.37 33.37
CA LEU JA 335 -72.13 30.42 33.09
C LEU JA 335 -70.79 30.12 33.76
N GLN JA 336 -70.82 29.61 34.99
CA GLN JA 336 -69.58 29.25 35.67
C GLN JA 336 -68.86 28.14 34.94
N SER JA 337 -69.59 27.15 34.44
CA SER JA 337 -68.98 26.05 33.71
C SER JA 337 -68.30 26.55 32.44
N GLU JA 338 -68.99 27.39 31.67
CA GLU JA 338 -68.39 27.88 30.43
C GLU JA 338 -67.18 28.78 30.73
N PHE JA 339 -67.27 29.59 31.78
CA PHE JA 339 -66.13 30.43 32.15
C PHE JA 339 -64.94 29.58 32.60
N VAL JA 340 -65.19 28.51 33.34
CA VAL JA 340 -64.12 27.62 33.77
C VAL JA 340 -63.48 26.95 32.58
N ASN JA 341 -64.30 26.52 31.60
CA ASN JA 341 -63.75 25.93 30.38
C ASN JA 341 -62.87 26.93 29.64
N LYS JA 342 -63.32 28.18 29.52
CA LYS JA 342 -62.51 29.19 28.85
C LYS JA 342 -61.22 29.45 29.59
N LEU JA 343 -61.27 29.53 30.92
CA LEU JA 343 -60.07 29.76 31.72
C LEU JA 343 -59.09 28.60 31.58
N SER JA 344 -59.60 27.37 31.58
CA SER JA 344 -58.72 26.21 31.41
C SER JA 344 -58.08 26.22 30.03
N ASP JA 345 -58.84 26.59 29.00
CA ASP JA 345 -58.27 26.70 27.66
C ASP JA 345 -57.16 27.75 27.62
N SER JA 346 -57.40 28.90 28.25
CA SER JA 346 -56.40 29.95 28.27
C SER JA 346 -55.14 29.51 29.02
N ILE JA 347 -55.32 28.82 30.14
CA ILE JA 347 -54.17 28.34 30.91
C ILE JA 347 -53.37 27.32 30.10
N GLU JA 348 -54.07 26.40 29.43
CA GLU JA 348 -53.38 25.42 28.59
C GLU JA 348 -52.63 26.09 27.45
N SER JA 349 -53.24 27.11 26.83
CA SER JA 349 -52.55 27.83 25.77
C SER JA 349 -51.30 28.53 26.30
N GLY JA 350 -51.41 29.15 27.48
CA GLY JA 350 -50.24 29.77 28.06
C GLY JA 350 -49.13 28.78 28.39
N VAL JA 351 -49.51 27.62 28.91
CA VAL JA 351 -48.53 26.58 29.21
C VAL JA 351 -47.84 26.13 27.92
N GLY JA 352 -48.62 25.92 26.86
CA GLY JA 352 -48.04 25.54 25.59
C GLY JA 352 -47.08 26.59 25.04
N ARG JA 353 -47.48 27.86 25.13
CA ARG JA 353 -46.61 28.94 24.66
C ARG JA 353 -45.32 29.00 25.46
N LEU JA 354 -45.40 28.79 26.77
CA LEU JA 354 -44.21 28.85 27.62
C LEU JA 354 -43.34 27.62 27.50
N VAL JA 355 -43.89 26.47 27.08
CA VAL JA 355 -43.21 25.20 27.17
C VAL JA 355 -42.92 24.60 25.79
N ASP JA 356 -43.88 24.63 24.88
CA ASP JA 356 -43.69 23.99 23.59
C ASP JA 356 -42.63 24.70 22.77
N ALA JA 357 -42.07 23.97 21.81
CA ALA JA 357 -41.00 24.48 20.95
C ALA JA 357 -41.40 24.34 19.49
N ASP JA 358 -41.09 25.36 18.70
CA ASP JA 358 -41.38 25.35 17.27
C ASP JA 358 -40.44 24.37 16.58
N MET JA 359 -40.99 23.21 16.19
CA MET JA 359 -40.16 22.06 15.81
C MET JA 359 -39.22 22.34 14.65
N ASN JA 360 -39.50 23.37 13.84
CA ASN JA 360 -38.71 23.61 12.64
C ASN JA 360 -37.26 23.94 12.97
N GLU JA 361 -37.04 24.83 13.94
CA GLU JA 361 -35.66 25.18 14.26
C GLU JA 361 -34.93 24.04 14.95
N GLU JA 362 -35.63 23.20 15.71
CA GLU JA 362 -34.99 22.01 16.26
C GLU JA 362 -34.59 21.04 15.15
N SER JA 363 -35.41 20.90 14.11
CA SER JA 363 -35.01 20.08 12.97
C SER JA 363 -33.79 20.66 12.28
N THR JA 364 -33.76 21.98 12.10
CA THR JA 364 -32.60 22.62 11.50
C THR JA 364 -31.35 22.40 12.33
N ARG JA 365 -31.47 22.53 13.66
CA ARG JA 365 -30.34 22.27 14.53
C ARG JA 365 -29.91 20.81 14.46
N LEU JA 366 -30.85 19.89 14.34
CA LEU JA 366 -30.50 18.48 14.23
C LEU JA 366 -29.67 18.22 12.98
N LYS JA 367 -30.11 18.79 11.85
CA LYS JA 367 -29.33 18.65 10.61
C LYS JA 367 -27.95 19.28 10.76
N ALA JA 368 -27.88 20.47 11.35
CA ALA JA 368 -26.60 21.16 11.50
C ALA JA 368 -25.64 20.36 12.38
N LEU JA 369 -26.15 19.81 13.48
CA LEU JA 369 -25.31 19.00 14.36
C LEU JA 369 -24.88 17.70 13.70
N GLN JA 370 -25.74 17.10 12.86
CA GLN JA 370 -25.29 15.94 12.10
C GLN JA 370 -24.12 16.30 11.20
N THR JA 371 -24.22 17.42 10.48
CA THR JA 371 -23.13 17.84 9.62
C THR JA 371 -21.86 18.13 10.43
N GLN JA 372 -22.02 18.80 11.57
CA GLN JA 372 -20.87 19.12 12.42
C GLN JA 372 -20.22 17.85 12.96
N GLN JA 373 -21.02 16.86 13.33
CA GLN JA 373 -20.46 15.58 13.77
C GLN JA 373 -19.69 14.91 12.64
N GLN JA 374 -20.22 14.95 11.42
CA GLN JA 374 -19.50 14.35 10.30
C GLN JA 374 -18.16 15.04 10.09
N LEU JA 375 -18.15 16.37 10.13
CA LEU JA 375 -16.90 17.12 10.00
C LEU JA 375 -15.93 16.77 11.12
N ALA JA 376 -16.43 16.68 12.36
CA ALA JA 376 -15.57 16.39 13.49
C ALA JA 376 -14.96 14.99 13.38
N ILE JA 377 -15.75 14.01 12.94
CA ILE JA 377 -15.23 12.66 12.78
C ILE JA 377 -14.17 12.62 11.68
N GLN JA 378 -14.41 13.32 10.57
CA GLN JA 378 -13.41 13.35 9.50
C GLN JA 378 -12.12 13.99 9.99
N ALA JA 379 -12.22 15.11 10.71
CA ALA JA 379 -11.03 15.78 11.22
C ALA JA 379 -10.30 14.92 12.24
N LEU JA 380 -11.05 14.19 13.07
CA LEU JA 380 -10.44 13.27 14.03
C LEU JA 380 -9.68 12.16 13.32
N SER JA 381 -10.27 11.62 12.25
CA SER JA 381 -9.57 10.59 11.49
C SER JA 381 -8.28 11.13 10.88
N ILE JA 382 -8.34 12.34 10.33
CA ILE JA 382 -7.14 12.95 9.76
C ILE JA 382 -6.08 13.17 10.83
N ALA JA 383 -6.49 13.66 12.00
CA ALA JA 383 -5.53 13.93 13.07
C ALA JA 383 -4.93 12.65 13.62
N ASN JA 384 -5.71 11.56 13.63
CA ASN JA 384 -5.16 10.27 14.03
C ASN JA 384 -4.17 9.75 12.99
N SER JA 385 -4.48 9.94 11.71
CA SER JA 385 -3.65 9.37 10.66
C SER JA 385 -2.35 10.13 10.47
N ASP JA 386 -2.35 11.45 10.68
CA ASP JA 386 -1.18 12.26 10.30
C ASP JA 386 0.07 11.96 11.13
N SER JA 387 -0.07 11.27 12.27
CA SER JA 387 1.08 11.01 13.12
C SER JA 387 1.98 9.90 12.60
N GLN JA 388 1.56 9.17 11.56
CA GLN JA 388 2.34 8.09 11.00
C GLN JA 388 3.40 8.55 10.01
N ASN JA 389 3.46 9.85 9.71
CA ASN JA 389 4.40 10.34 8.71
C ASN JA 389 5.84 10.19 9.15
N VAL JA 390 6.09 10.14 10.45
CA VAL JA 390 7.47 10.12 10.96
C VAL JA 390 8.20 8.84 10.59
N LEU JA 391 7.46 7.76 10.28
CA LEU JA 391 8.11 6.47 10.04
C LEU JA 391 9.02 6.49 8.82
N SER JA 392 8.84 7.45 7.90
CA SER JA 392 9.64 7.47 6.69
C SER JA 392 11.11 7.75 6.98
N LEU JA 393 11.39 8.65 7.92
CA LEU JA 393 12.77 9.05 8.18
C LEU JA 393 13.61 7.89 8.71
N PHE JA 394 13.06 7.12 9.66
CA PHE JA 394 13.85 6.12 10.36
C PHE JA 394 14.14 4.89 9.52
N ARG JA 395 13.33 4.63 8.49
CA ARG JA 395 13.53 3.47 7.63
C ARG JA 395 14.54 3.78 6.52
N THR KA 2 17.06 -16.55 -23.64
CA THR KA 2 16.15 -15.44 -23.88
C THR KA 2 16.72 -14.47 -24.92
N SER KA 3 15.91 -14.16 -25.93
CA SER KA 3 16.30 -13.18 -26.93
C SER KA 3 15.94 -11.79 -26.45
N ILE KA 4 16.93 -10.90 -26.41
CA ILE KA 4 16.74 -9.59 -25.79
C ILE KA 4 16.15 -8.56 -26.75
N LEU KA 5 16.13 -8.85 -28.04
CA LEU KA 5 15.67 -7.89 -29.03
C LEU KA 5 14.24 -8.14 -29.50
N THR KA 6 13.72 -9.35 -29.33
CA THR KA 6 12.36 -9.69 -29.73
C THR KA 6 11.66 -10.42 -28.59
N ASN KA 7 10.34 -10.23 -28.52
CA ASN KA 7 9.51 -10.89 -27.51
C ASN KA 7 8.22 -11.33 -28.21
N ASN KA 8 8.22 -12.56 -28.73
CA ASN KA 8 7.08 -13.05 -29.50
C ASN KA 8 5.82 -13.07 -28.65
N SER KA 9 5.95 -13.37 -27.35
CA SER KA 9 4.81 -13.29 -26.45
C SER KA 9 4.25 -11.88 -26.41
N ALA KA 10 5.12 -10.87 -26.46
CA ALA KA 10 4.66 -9.49 -26.48
C ALA KA 10 3.84 -9.20 -27.73
N MET KA 11 4.30 -9.67 -28.90
CA MET KA 11 3.53 -9.46 -30.12
C MET KA 11 2.18 -10.18 -30.06
N ALA KA 12 2.15 -11.40 -29.52
CA ALA KA 12 0.88 -12.11 -29.39
C ALA KA 12 -0.07 -11.36 -28.47
N ALA KA 13 0.45 -10.85 -27.35
CA ALA KA 13 -0.38 -10.07 -26.44
C ALA KA 13 -0.88 -8.81 -27.10
N LEU KA 14 -0.03 -8.14 -27.88
CA LEU KA 14 -0.44 -6.93 -28.58
C LEU KA 14 -1.56 -7.23 -29.58
N SER KA 15 -1.43 -8.32 -30.34
CA SER KA 15 -2.47 -8.68 -31.29
C SER KA 15 -3.79 -8.98 -30.58
N GLY KA 16 -3.72 -9.71 -29.46
CA GLY KA 16 -4.91 -9.97 -28.68
C GLY KA 16 -5.55 -8.68 -28.17
N VAL KA 17 -4.73 -7.75 -27.69
CA VAL KA 17 -5.23 -6.50 -27.16
C VAL KA 17 -5.91 -5.69 -28.26
N ARG KA 18 -5.31 -5.64 -29.45
CA ARG KA 18 -5.94 -4.92 -30.56
C ARG KA 18 -7.27 -5.55 -30.95
N SER KA 19 -7.33 -6.88 -31.01
CA SER KA 19 -8.58 -7.54 -31.35
C SER KA 19 -9.66 -7.24 -30.31
N ILE KA 20 -9.29 -7.32 -29.03
CA ILE KA 20 -10.26 -7.03 -27.96
C ILE KA 20 -10.70 -5.58 -28.03
N SER KA 21 -9.78 -4.66 -28.32
CA SER KA 21 -10.14 -3.25 -28.40
C SER KA 21 -11.10 -2.98 -29.55
N SER KA 22 -10.87 -3.59 -30.72
CA SER KA 22 -11.79 -3.42 -31.83
C SER KA 22 -13.17 -3.98 -31.49
N SER KA 23 -13.21 -5.18 -30.91
CA SER KA 23 -14.49 -5.76 -30.55
C SER KA 23 -15.20 -4.91 -29.49
N MET KA 24 -14.44 -4.36 -28.54
CA MET KA 24 -15.02 -3.52 -27.50
C MET KA 24 -15.60 -2.24 -28.09
N GLU KA 25 -14.89 -1.61 -29.02
CA GLU KA 25 -15.44 -0.42 -29.67
C GLU KA 25 -16.72 -0.75 -30.42
N ASP KA 26 -16.72 -1.88 -31.14
CA ASP KA 26 -17.92 -2.28 -31.88
C ASP KA 26 -19.10 -2.49 -30.92
N THR KA 27 -18.89 -3.26 -29.86
CA THR KA 27 -19.99 -3.55 -28.95
C THR KA 27 -20.42 -2.30 -28.17
N GLN KA 28 -19.49 -1.38 -27.92
CA GLN KA 28 -19.85 -0.11 -27.28
C GLN KA 28 -20.78 0.70 -28.17
N SER KA 29 -20.45 0.80 -29.46
CA SER KA 29 -21.35 1.46 -30.39
C SER KA 29 -22.70 0.74 -30.41
N ARG KA 30 -22.67 -0.59 -30.39
CA ARG KA 30 -23.88 -1.39 -30.43
C ARG KA 30 -24.80 -1.10 -29.25
N ILE KA 31 -24.25 -1.05 -28.04
CA ILE KA 31 -25.07 -0.81 -26.85
C ILE KA 31 -25.43 0.66 -26.70
N SER KA 32 -24.66 1.56 -27.31
CA SER KA 32 -24.90 2.99 -27.16
C SER KA 32 -25.87 3.54 -28.20
N SER KA 33 -26.08 2.85 -29.32
CA SER KA 33 -27.00 3.38 -30.33
C SER KA 33 -27.86 2.26 -30.93
N GLY KA 34 -28.04 1.16 -30.19
CA GLY KA 34 -28.81 0.05 -30.70
C GLY KA 34 -28.23 -0.50 -32.00
N LEU KA 35 -29.03 -0.53 -33.06
CA LEU KA 35 -28.53 -0.85 -34.40
C LEU KA 35 -27.66 -2.11 -34.45
N ARG KA 36 -28.27 -3.29 -34.32
CA ARG KA 36 -27.52 -4.53 -34.49
C ARG KA 36 -26.76 -4.52 -35.81
N VAL KA 37 -27.37 -3.97 -36.86
CA VAL KA 37 -26.71 -3.82 -38.15
C VAL KA 37 -26.08 -2.43 -38.20
N GLY KA 38 -24.75 -2.39 -38.33
CA GLY KA 38 -24.04 -1.13 -38.43
C GLY KA 38 -24.44 -0.35 -39.66
N SER KA 39 -23.86 0.84 -39.77
CA SER KA 39 -24.17 1.79 -40.85
C SER KA 39 -24.13 1.05 -42.19
N ALA KA 40 -22.96 0.59 -42.65
CA ALA KA 40 -22.92 -0.35 -43.77
C ALA KA 40 -21.76 -1.33 -43.62
N SER KA 41 -21.02 -1.22 -42.51
CA SER KA 41 -19.87 -2.08 -42.29
C SER KA 41 -20.28 -3.48 -41.84
N ASP KA 42 -21.55 -3.67 -41.52
CA ASP KA 42 -22.12 -4.99 -41.34
C ASP KA 42 -22.68 -5.47 -42.68
N ASN KA 43 -23.52 -6.50 -42.65
CA ASN KA 43 -24.09 -7.04 -43.87
C ASN KA 43 -24.92 -6.02 -44.66
N ALA KA 44 -24.39 -5.62 -45.81
CA ALA KA 44 -24.89 -4.47 -46.54
C ALA KA 44 -26.32 -4.68 -47.03
N ALA KA 45 -26.64 -5.89 -47.49
CA ALA KA 45 -27.94 -6.14 -48.10
C ALA KA 45 -29.08 -5.86 -47.14
N TYR KA 46 -28.95 -6.33 -45.90
CA TYR KA 46 -30.01 -6.09 -44.92
C TYR KA 46 -30.13 -4.62 -44.57
N TRP KA 47 -29.00 -3.90 -44.52
CA TRP KA 47 -29.05 -2.46 -44.31
C TRP KA 47 -29.77 -1.76 -45.45
N SER KA 48 -29.51 -2.20 -46.68
CA SER KA 48 -30.19 -1.63 -47.84
C SER KA 48 -31.69 -1.86 -47.75
N ILE KA 49 -32.09 -3.08 -47.37
CA ILE KA 49 -33.51 -3.37 -47.19
C ILE KA 49 -34.12 -2.46 -46.12
N ALA KA 50 -33.39 -2.28 -45.01
CA ALA KA 50 -33.88 -1.43 -43.94
C ALA KA 50 -34.03 0.02 -44.39
N THR KA 51 -33.06 0.52 -45.17
CA THR KA 51 -33.15 1.88 -45.67
C THR KA 51 -34.33 2.04 -46.62
N THR KA 52 -34.54 1.07 -47.50
CA THR KA 52 -35.68 1.11 -48.41
C THR KA 52 -37.00 1.13 -47.63
N MET KA 53 -37.09 0.30 -46.59
CA MET KA 53 -38.31 0.28 -45.78
C MET KA 53 -38.50 1.58 -45.00
N ARG KA 54 -37.42 2.20 -44.54
CA ARG KA 54 -37.55 3.49 -43.88
C ARG KA 54 -38.07 4.55 -44.84
N SER KA 55 -37.55 4.56 -46.07
CA SER KA 55 -38.05 5.49 -47.08
C SER KA 55 -39.52 5.22 -47.37
N ASP KA 56 -39.90 3.95 -47.47
CA ASP KA 56 -41.31 3.62 -47.70
C ASP KA 56 -42.17 4.06 -46.52
N ASN KA 57 -41.66 3.92 -45.30
CA ASN KA 57 -42.41 4.37 -44.13
C ASN KA 57 -42.63 5.87 -44.15
N GLN KA 58 -41.62 6.63 -44.56
CA GLN KA 58 -41.79 8.06 -44.74
C GLN KA 58 -42.85 8.36 -45.80
N ALA KA 59 -42.83 7.61 -46.90
CA ALA KA 59 -43.83 7.80 -47.95
C ALA KA 59 -45.24 7.52 -47.42
N LEU KA 60 -45.40 6.46 -46.64
CA LEU KA 60 -46.71 6.15 -46.06
C LEU KA 60 -47.14 7.19 -45.06
N SER KA 61 -46.20 7.79 -44.33
CA SER KA 61 -46.56 8.90 -43.44
C SER KA 61 -47.10 10.09 -44.23
N ALA KA 62 -46.44 10.41 -45.34
CA ALA KA 62 -46.95 11.47 -46.21
C ALA KA 62 -48.33 11.11 -46.76
N VAL KA 63 -48.52 9.84 -47.11
CA VAL KA 63 -49.82 9.38 -47.60
C VAL KA 63 -50.88 9.53 -46.50
N GLN KA 64 -50.50 9.26 -45.26
CA GLN KA 64 -51.43 9.45 -44.14
C GLN KA 64 -51.84 10.91 -44.01
N ASP KA 65 -50.88 11.83 -44.12
CA ASP KA 65 -51.23 13.25 -44.06
C ASP KA 65 -52.17 13.64 -45.20
N ALA KA 66 -51.87 13.15 -46.41
CA ALA KA 66 -52.73 13.45 -47.55
C ALA KA 66 -54.12 12.86 -47.36
N LEU KA 67 -54.20 11.66 -46.77
CA LEU KA 67 -55.48 11.03 -46.50
C LEU KA 67 -56.30 11.84 -45.51
N GLY KA 68 -55.64 12.37 -44.47
CA GLY KA 68 -56.34 13.24 -43.54
C GLY KA 68 -56.88 14.49 -44.20
N LEU KA 69 -56.06 15.11 -45.05
CA LEU KA 69 -56.52 16.29 -45.78
C LEU KA 69 -57.71 15.98 -46.67
N GLY KA 70 -57.63 14.87 -47.40
CA GLY KA 70 -58.74 14.47 -48.26
C GLY KA 70 -60.00 14.14 -47.48
N ALA KA 71 -59.84 13.52 -46.31
CA ALA KA 71 -60.99 13.23 -45.46
C ALA KA 71 -61.65 14.52 -45.00
N ALA KA 72 -60.86 15.52 -44.62
CA ALA KA 72 -61.44 16.81 -44.26
C ALA KA 72 -62.20 17.43 -45.43
N LYS KA 73 -61.61 17.37 -46.63
CA LYS KA 73 -62.29 17.92 -47.81
C LYS KA 73 -63.61 17.20 -48.07
N VAL KA 74 -63.61 15.88 -47.98
CA VAL KA 74 -64.82 15.10 -48.23
C VAL KA 74 -65.87 15.39 -47.18
N ASP KA 75 -65.45 15.56 -45.92
CA ASP KA 75 -66.40 15.88 -44.86
C ASP KA 75 -67.06 17.23 -45.12
N THR KA 76 -66.27 18.23 -45.52
CA THR KA 76 -66.85 19.54 -45.82
C THR KA 76 -67.82 19.45 -47.00
N ALA KA 77 -67.44 18.72 -48.05
CA ALA KA 77 -68.31 18.57 -49.20
C ALA KA 77 -69.61 17.86 -48.82
N TYR KA 78 -69.52 16.83 -47.97
CA TYR KA 78 -70.71 16.10 -47.55
C TYR KA 78 -71.63 16.99 -46.72
N SER KA 79 -71.08 17.81 -45.84
CA SER KA 79 -71.91 18.74 -45.07
C SER KA 79 -72.61 19.73 -45.99
N GLY KA 80 -71.90 20.27 -46.97
CA GLY KA 80 -72.52 21.17 -47.93
C GLY KA 80 -73.63 20.49 -48.71
N MET KA 81 -73.39 19.25 -49.13
CA MET KA 81 -74.40 18.50 -49.86
C MET KA 81 -75.64 18.25 -49.00
N GLU KA 82 -75.45 17.93 -47.73
CA GLU KA 82 -76.58 17.72 -46.83
C GLU KA 82 -77.40 19.00 -46.68
N SER KA 83 -76.72 20.14 -46.53
CA SER KA 83 -77.44 21.41 -46.43
C SER KA 83 -78.22 21.68 -47.71
N ALA KA 84 -77.61 21.44 -48.87
CA ALA KA 84 -78.30 21.66 -50.14
C ALA KA 84 -79.52 20.75 -50.27
N ILE KA 85 -79.38 19.48 -49.85
CA ILE KA 85 -80.50 18.55 -49.92
C ILE KA 85 -81.65 19.03 -49.04
N GLU KA 86 -81.33 19.48 -47.82
CA GLU KA 86 -82.38 19.99 -46.94
C GLU KA 86 -83.08 21.20 -47.56
N VAL KA 87 -82.32 22.12 -48.15
CA VAL KA 87 -82.93 23.30 -48.75
C VAL KA 87 -83.82 22.91 -49.92
N VAL KA 88 -83.36 21.99 -50.76
CA VAL KA 88 -84.16 21.57 -51.92
C VAL KA 88 -85.41 20.82 -51.47
N LYS KA 89 -85.32 20.04 -50.40
CA LYS KA 89 -86.51 19.40 -49.84
C LYS KA 89 -87.51 20.45 -49.37
N GLU KA 90 -87.02 21.50 -48.73
CA GLU KA 90 -87.91 22.59 -48.33
C GLU KA 90 -88.56 23.25 -49.54
N ILE KA 91 -87.78 23.44 -50.61
CA ILE KA 91 -88.32 24.04 -51.83
C ILE KA 91 -89.44 23.16 -52.41
N LYS KA 92 -89.19 21.85 -52.46
CA LYS KA 92 -90.19 20.93 -53.00
C LYS KA 92 -91.46 20.95 -52.15
N ALA KA 93 -91.31 20.96 -50.82
CA ALA KA 93 -92.48 21.02 -49.95
C ALA KA 93 -93.26 22.30 -50.18
N LYS KA 94 -92.55 23.43 -50.28
CA LYS KA 94 -93.23 24.70 -50.51
C LYS KA 94 -93.97 24.70 -51.84
N LEU KA 95 -93.36 24.15 -52.89
CA LEU KA 95 -94.00 24.16 -54.20
C LEU KA 95 -95.22 23.25 -54.22
N VAL KA 96 -95.11 22.06 -53.62
CA VAL KA 96 -96.25 21.15 -53.62
C VAL KA 96 -97.36 21.70 -52.73
N ALA KA 97 -97.02 22.52 -51.73
CA ALA KA 97 -98.06 23.24 -51.01
C ALA KA 97 -98.69 24.31 -51.88
N ALA KA 98 -97.88 24.97 -52.71
CA ALA KA 98 -98.33 26.07 -53.56
C ALA KA 98 -99.06 25.61 -54.81
N THR KA 99 -99.10 24.31 -55.09
CA THR KA 99 -99.81 23.84 -56.28
C THR KA 99 -101.29 24.20 -56.23
N GLU KA 100 -101.83 24.46 -55.04
CA GLU KA 100 -103.22 24.89 -54.92
C GLU KA 100 -103.43 26.24 -55.58
N ASP KA 101 -104.58 26.40 -56.24
CA ASP KA 101 -104.91 27.64 -56.92
C ASP KA 101 -105.46 28.71 -55.97
N GLY KA 102 -105.84 28.34 -54.75
CA GLY KA 102 -106.35 29.30 -53.79
C GLY KA 102 -105.29 30.03 -52.99
N VAL KA 103 -104.02 29.77 -53.27
CA VAL KA 103 -102.90 30.39 -52.56
C VAL KA 103 -102.19 31.31 -53.53
N ASP KA 104 -101.96 32.56 -53.12
CA ASP KA 104 -101.21 33.49 -53.94
C ASP KA 104 -99.81 32.96 -54.18
N LYS KA 105 -99.37 32.99 -55.44
CA LYS KA 105 -98.10 32.40 -55.82
C LYS KA 105 -96.93 33.36 -55.68
N ALA KA 106 -97.18 34.65 -55.44
CA ALA KA 106 -96.09 35.61 -55.36
C ALA KA 106 -95.24 35.38 -54.11
N LYS KA 107 -95.89 35.14 -52.97
CA LYS KA 107 -95.16 34.90 -51.72
C LYS KA 107 -94.28 33.67 -51.84
N ILE KA 108 -94.83 32.59 -52.40
CA ILE KA 108 -94.02 31.41 -52.66
C ILE KA 108 -92.89 31.75 -53.62
N GLN KA 109 -93.14 32.68 -54.54
CA GLN KA 109 -92.09 33.06 -55.49
C GLN KA 109 -90.89 33.66 -54.77
N GLU KA 110 -91.11 34.62 -53.85
CA GLU KA 110 -89.91 35.15 -53.19
C GLU KA 110 -89.33 34.13 -52.21
N GLU KA 111 -90.16 33.24 -51.65
CA GLU KA 111 -89.60 32.18 -50.80
C GLU KA 111 -88.63 31.31 -51.59
N ILE KA 112 -89.02 30.87 -52.79
CA ILE KA 112 -88.13 30.07 -53.61
C ILE KA 112 -86.93 30.88 -54.07
N THR KA 113 -87.11 32.19 -54.31
CA THR KA 113 -85.96 33.02 -54.66
C THR KA 113 -84.95 33.06 -53.53
N GLN KA 114 -85.41 33.23 -52.29
CA GLN KA 114 -84.51 33.22 -51.14
C GLN KA 114 -83.85 31.86 -50.99
N LEU KA 115 -84.60 30.78 -51.19
CA LEU KA 115 -84.01 29.45 -51.06
C LEU KA 115 -82.96 29.20 -52.15
N LYS KA 116 -83.20 29.71 -53.37
CA LYS KA 116 -82.22 29.58 -54.44
C LYS KA 116 -80.95 30.36 -54.12
N ASP KA 117 -81.10 31.57 -53.57
CA ASP KA 117 -79.94 32.32 -53.14
C ASP KA 117 -79.18 31.58 -52.04
N GLN KA 118 -79.90 30.93 -51.13
CA GLN KA 118 -79.26 30.13 -50.10
C GLN KA 118 -78.50 28.96 -50.70
N LEU KA 119 -79.07 28.31 -51.71
CA LEU KA 119 -78.35 27.22 -52.39
C LEU KA 119 -77.07 27.74 -53.05
N THR KA 120 -77.15 28.90 -53.69
CA THR KA 120 -75.96 29.46 -54.33
C THR KA 120 -74.89 29.77 -53.29
N SER KA 121 -75.29 30.37 -52.17
CA SER KA 121 -74.32 30.70 -51.11
C SER KA 121 -73.70 29.44 -50.53
N ILE KA 122 -74.51 28.41 -50.30
CA ILE KA 122 -73.99 27.16 -49.76
C ILE KA 122 -73.01 26.52 -50.74
N ALA KA 123 -73.36 26.52 -52.02
CA ALA KA 123 -72.49 25.90 -53.02
C ALA KA 123 -71.16 26.64 -53.15
N ASP KA 124 -71.18 27.98 -53.14
CA ASP KA 124 -69.94 28.70 -53.30
C ASP KA 124 -69.14 28.84 -52.01
N ALA KA 125 -69.76 28.60 -50.85
CA ALA KA 125 -69.06 28.74 -49.59
C ALA KA 125 -68.44 27.44 -49.09
N ALA KA 126 -68.97 26.30 -49.51
CA ALA KA 126 -68.49 25.00 -49.04
C ALA KA 126 -67.17 24.65 -49.75
N SER KA 127 -66.14 25.43 -49.43
CA SER KA 127 -64.81 25.24 -49.98
C SER KA 127 -63.82 25.13 -48.84
N PHE KA 128 -63.08 24.02 -48.79
CA PHE KA 128 -62.11 23.83 -47.72
C PHE KA 128 -60.80 24.55 -48.05
N SER KA 129 -60.11 24.11 -49.10
CA SER KA 129 -58.81 24.66 -49.48
C SER KA 129 -58.81 25.02 -50.96
N GLY KA 130 -59.86 25.70 -51.39
CA GLY KA 130 -60.02 26.01 -52.81
C GLY KA 130 -60.66 24.89 -53.59
N GLU KA 131 -60.18 23.67 -53.41
CA GLU KA 131 -60.78 22.51 -54.06
C GLU KA 131 -62.05 22.11 -53.30
N ASN KA 132 -63.19 22.64 -53.75
CA ASN KA 132 -64.45 22.46 -53.05
C ASN KA 132 -65.26 21.26 -53.54
N TRP KA 133 -64.84 20.61 -54.62
CA TRP KA 133 -65.55 19.48 -55.21
C TRP KA 133 -66.97 19.84 -55.64
N LEU KA 134 -67.25 21.14 -55.74
CA LEU KA 134 -68.56 21.63 -56.15
C LEU KA 134 -68.36 22.85 -57.05
N GLN KA 135 -69.35 23.11 -57.89
CA GLN KA 135 -69.29 24.18 -58.88
C GLN KA 135 -68.02 24.06 -59.74
N ALA KA 136 -67.88 22.91 -60.38
CA ALA KA 136 -66.74 22.65 -61.23
C ALA KA 136 -66.96 23.26 -62.61
N ASP KA 137 -65.96 23.13 -63.47
CA ASP KA 137 -66.03 23.61 -64.85
C ASP KA 137 -66.37 22.41 -65.73
N LEU KA 138 -67.58 22.40 -66.28
CA LEU KA 138 -68.05 21.31 -67.12
C LEU KA 138 -67.93 21.62 -68.60
N SER KA 139 -67.24 22.71 -68.96
CA SER KA 139 -67.01 23.00 -70.37
C SER KA 139 -66.18 21.89 -71.03
N GLY KA 140 -65.16 21.40 -70.32
CA GLY KA 140 -64.38 20.28 -70.83
C GLY KA 140 -65.20 19.01 -70.98
N GLY KA 141 -66.15 18.79 -70.08
CA GLY KA 141 -67.00 17.62 -70.17
C GLY KA 141 -67.00 16.76 -68.92
N ALA KA 142 -65.83 16.61 -68.30
CA ALA KA 142 -65.71 15.79 -67.09
C ALA KA 142 -64.41 16.13 -66.39
N VAL KA 143 -64.49 16.35 -65.08
CA VAL KA 143 -63.34 16.61 -64.24
C VAL KA 143 -63.34 15.60 -63.10
N THR KA 144 -62.17 15.05 -62.80
CA THR KA 144 -62.03 14.00 -61.80
C THR KA 144 -61.08 14.49 -60.71
N LYS KA 145 -61.59 14.53 -59.48
CA LYS KA 145 -60.78 14.86 -58.32
C LYS KA 145 -60.23 13.57 -57.70
N SER KA 146 -58.98 13.62 -57.25
CA SER KA 146 -58.30 12.44 -56.73
C SER KA 146 -57.78 12.71 -55.33
N VAL KA 147 -57.86 11.70 -54.48
CA VAL KA 147 -57.34 11.74 -53.11
C VAL KA 147 -56.28 10.67 -52.98
N VAL KA 148 -55.11 11.05 -52.46
CA VAL KA 148 -54.00 10.11 -52.33
C VAL KA 148 -54.41 8.97 -51.39
N GLY KA 149 -54.43 7.76 -51.92
CA GLY KA 149 -54.85 6.61 -51.13
C GLY KA 149 -53.74 5.84 -50.48
N SER KA 150 -52.74 5.42 -51.25
CA SER KA 150 -51.65 4.61 -50.72
C SER KA 150 -50.43 4.76 -51.62
N PHE KA 151 -49.28 4.36 -51.07
CA PHE KA 151 -48.03 4.30 -51.80
C PHE KA 151 -47.65 2.84 -51.96
N VAL KA 152 -47.52 2.40 -53.21
CA VAL KA 152 -47.31 0.98 -53.52
C VAL KA 152 -45.99 0.82 -54.25
N ARG KA 153 -45.15 -0.09 -53.77
CA ARG KA 153 -43.91 -0.46 -54.44
C ARG KA 153 -44.14 -1.76 -55.19
N ASP KA 154 -44.17 -1.69 -56.51
CA ASP KA 154 -44.39 -2.87 -57.34
C ASP KA 154 -43.22 -3.84 -57.19
N GLY KA 155 -43.53 -5.13 -57.30
CA GLY KA 155 -42.50 -6.15 -57.16
C GLY KA 155 -41.39 -6.05 -58.19
N SER KA 156 -41.73 -5.61 -59.40
CA SER KA 156 -40.73 -5.51 -60.48
C SER KA 156 -39.97 -4.20 -60.43
N GLY KA 157 -39.43 -3.87 -59.26
CA GLY KA 157 -38.55 -2.72 -59.11
C GLY KA 157 -39.12 -1.39 -59.54
N SER KA 158 -40.33 -1.07 -59.12
CA SER KA 158 -40.95 0.21 -59.46
C SER KA 158 -41.92 0.61 -58.36
N VAL KA 159 -42.19 1.91 -58.29
CA VAL KA 159 -43.07 2.47 -57.28
C VAL KA 159 -44.08 3.40 -57.96
N ALA KA 160 -45.20 3.61 -57.28
CA ALA KA 160 -46.27 4.47 -57.79
C ALA KA 160 -47.15 4.86 -56.61
N VAL KA 161 -48.06 5.79 -56.88
CA VAL KA 161 -49.01 6.28 -55.88
C VAL KA 161 -50.42 6.03 -56.39
N LYS KA 162 -51.27 5.48 -55.53
CA LYS KA 162 -52.66 5.20 -55.87
C LYS KA 162 -53.56 6.32 -55.39
N LYS KA 163 -54.67 6.52 -56.10
CA LYS KA 163 -55.59 7.60 -55.80
C LYS KA 163 -57.02 7.09 -55.84
N VAL KA 164 -57.90 7.81 -55.15
CA VAL KA 164 -59.33 7.54 -55.14
C VAL KA 164 -60.01 8.62 -55.97
N ASP KA 165 -60.75 8.20 -56.99
CA ASP KA 165 -61.30 9.12 -57.97
C ASP KA 165 -62.77 9.41 -57.69
N TYR KA 166 -63.12 10.69 -57.68
CA TYR KA 166 -64.50 11.13 -57.58
C TYR KA 166 -64.83 11.94 -58.82
N SER KA 167 -65.84 11.50 -59.57
CA SER KA 167 -66.17 12.10 -60.85
C SER KA 167 -67.18 13.22 -60.67
N LEU KA 168 -66.82 14.42 -61.13
CA LEU KA 168 -67.72 15.57 -61.08
C LEU KA 168 -68.35 15.72 -62.46
N ASN KA 169 -69.31 14.85 -62.74
CA ASN KA 169 -70.01 14.87 -64.02
C ASN KA 169 -71.20 15.82 -63.94
N ALA KA 170 -72.09 15.74 -64.94
CA ALA KA 170 -73.27 16.59 -64.98
C ALA KA 170 -74.37 16.14 -64.03
N ASN KA 171 -74.07 15.23 -63.10
CA ASN KA 171 -75.04 14.74 -62.14
C ASN KA 171 -74.79 15.19 -60.72
N SER KA 172 -73.56 15.58 -60.39
CA SER KA 172 -73.21 16.01 -59.03
C SER KA 172 -72.31 17.24 -59.09
N VAL KA 173 -72.69 18.21 -59.93
CA VAL KA 173 -71.84 19.37 -60.16
C VAL KA 173 -72.30 20.54 -59.30
N LEU KA 174 -73.60 20.63 -59.01
CA LEU KA 174 -74.12 21.68 -58.14
C LEU KA 174 -73.80 23.08 -58.65
N PHE KA 175 -74.51 23.53 -59.70
CA PHE KA 175 -74.34 24.86 -60.29
C PHE KA 175 -73.01 25.01 -61.01
N ASP KA 176 -72.81 24.26 -62.09
CA ASP KA 176 -71.70 24.47 -63.01
C ASP KA 176 -71.50 25.95 -63.30
N THR KA 177 -70.26 26.42 -63.22
CA THR KA 177 -69.95 27.84 -63.21
C THR KA 177 -69.87 28.48 -64.58
N VAL KA 178 -69.80 27.70 -65.66
CA VAL KA 178 -69.54 28.29 -66.97
C VAL KA 178 -70.75 28.12 -67.89
N GLY KA 179 -71.10 26.88 -68.20
CA GLY KA 179 -72.17 26.62 -69.15
C GLY KA 179 -73.54 26.45 -68.56
N ASP KA 180 -73.65 26.39 -67.22
CA ASP KA 180 -74.92 26.12 -66.54
C ASP KA 180 -75.54 24.82 -67.02
N THR KA 181 -74.68 23.87 -67.37
CA THR KA 181 -75.08 22.53 -67.76
C THR KA 181 -74.60 21.54 -66.70
N GLY KA 182 -75.53 20.86 -66.05
CA GLY KA 182 -75.21 19.98 -64.95
C GLY KA 182 -76.46 19.50 -64.26
N ILE KA 183 -76.49 19.61 -62.92
CA ILE KA 183 -77.72 19.34 -62.18
C ILE KA 183 -78.83 20.27 -62.66
N LEU KA 184 -78.50 21.51 -62.96
CA LEU KA 184 -79.46 22.45 -63.51
C LEU KA 184 -79.76 22.13 -64.97
N ASP KA 185 -80.93 22.58 -65.43
CA ASP KA 185 -81.30 22.65 -66.84
C ASP KA 185 -81.62 21.23 -67.34
N LYS KA 186 -81.21 20.21 -66.60
CA LYS KA 186 -81.49 18.83 -66.96
C LYS KA 186 -82.79 18.39 -66.31
N VAL KA 187 -83.61 17.65 -67.06
CA VAL KA 187 -84.91 17.24 -66.55
C VAL KA 187 -84.89 15.77 -66.13
N TYR KA 188 -84.59 14.86 -67.07
CA TYR KA 188 -84.64 13.42 -66.83
C TYR KA 188 -85.93 13.01 -66.13
N ASN KA 189 -87.03 13.69 -66.48
CA ASN KA 189 -88.30 13.48 -65.79
C ASN KA 189 -88.85 12.08 -66.06
N VAL KA 190 -89.49 11.50 -65.05
CA VAL KA 190 -89.99 10.14 -65.16
C VAL KA 190 -91.14 10.07 -66.17
N SER KA 191 -91.98 11.10 -66.21
CA SER KA 191 -93.14 11.10 -67.09
C SER KA 191 -93.44 12.53 -67.53
N GLN KA 192 -94.64 12.72 -68.07
CA GLN KA 192 -95.09 14.01 -68.56
C GLN KA 192 -96.46 14.31 -67.95
N ALA KA 193 -96.83 15.59 -67.97
CA ALA KA 193 -98.14 16.00 -67.47
C ALA KA 193 -99.24 15.29 -68.25
N SER KA 194 -100.22 14.75 -67.52
CA SER KA 194 -101.27 13.95 -68.12
C SER KA 194 -102.62 14.40 -67.60
N VAL KA 195 -103.65 14.19 -68.44
CA VAL KA 195 -105.03 14.51 -68.08
C VAL KA 195 -105.92 13.38 -68.56
N THR KA 196 -106.87 12.98 -67.72
CA THR KA 196 -107.83 11.93 -68.04
C THR KA 196 -109.12 12.58 -68.54
N LEU KA 197 -109.55 12.17 -69.73
CA LEU KA 197 -110.69 12.77 -70.39
C LEU KA 197 -111.85 11.79 -70.49
N THR KA 198 -113.05 12.35 -70.62
CA THR KA 198 -114.27 11.58 -70.81
C THR KA 198 -114.71 11.80 -72.25
N VAL KA 199 -114.17 10.99 -73.16
CA VAL KA 199 -114.45 11.10 -74.59
C VAL KA 199 -115.12 9.82 -75.05
N ASN KA 200 -116.27 9.98 -75.72
CA ASN KA 200 -117.03 8.84 -76.22
C ASN KA 200 -116.74 8.68 -77.71
N THR KA 201 -115.99 7.65 -78.07
CA THR KA 201 -115.75 7.35 -79.47
C THR KA 201 -117.05 7.00 -80.18
N ASN KA 202 -117.92 6.24 -79.52
CA ASN KA 202 -119.22 5.89 -80.04
C ASN KA 202 -120.29 6.28 -79.03
N GLY KA 203 -121.53 5.81 -79.24
CA GLY KA 203 -122.61 6.11 -78.32
C GLY KA 203 -122.35 5.78 -76.86
N VAL KA 204 -121.33 4.95 -76.62
CA VAL KA 204 -120.93 4.58 -75.26
C VAL KA 204 -119.75 5.44 -74.84
N GLU KA 205 -119.77 5.89 -73.59
CA GLU KA 205 -118.71 6.72 -73.04
C GLU KA 205 -117.51 5.86 -72.63
N SER KA 206 -116.33 6.48 -72.62
CA SER KA 206 -115.11 5.76 -72.28
C SER KA 206 -114.11 6.75 -71.70
N GLN KA 207 -113.14 6.21 -70.97
CA GLN KA 207 -112.09 7.00 -70.33
C GLN KA 207 -110.79 6.86 -71.09
N HIS KA 208 -110.13 7.98 -71.36
CA HIS KA 208 -108.87 8.00 -72.09
C HIS KA 208 -107.86 8.89 -71.37
N THR KA 209 -106.59 8.52 -71.51
CA THR KA 209 -105.49 9.28 -70.91
C THR KA 209 -104.64 9.87 -72.03
N VAL KA 210 -104.44 11.19 -71.99
CA VAL KA 210 -103.67 11.89 -72.99
C VAL KA 210 -102.78 12.93 -72.30
N ALA KA 211 -101.58 13.13 -72.83
CA ALA KA 211 -100.66 14.10 -72.26
C ALA KA 211 -101.21 15.51 -72.39
N ALA KA 212 -100.94 16.34 -71.38
CA ALA KA 212 -101.39 17.72 -71.35
C ALA KA 212 -100.22 18.66 -71.61
N TYR KA 213 -100.49 19.73 -72.34
CA TYR KA 213 -99.48 20.71 -72.72
C TYR KA 213 -99.86 22.07 -72.15
N SER KA 214 -98.90 22.71 -71.49
CA SER KA 214 -99.15 24.03 -70.91
C SER KA 214 -99.36 25.07 -72.00
N LEU KA 215 -100.26 26.02 -71.73
CA LEU KA 215 -100.51 27.09 -72.68
C LEU KA 215 -99.28 27.96 -72.90
N GLU KA 216 -98.45 28.12 -71.86
CA GLU KA 216 -97.24 28.92 -71.99
C GLU KA 216 -96.29 28.31 -73.00
N SER KA 217 -96.15 26.99 -73.00
CA SER KA 217 -95.27 26.33 -73.96
C SER KA 217 -95.74 26.56 -75.39
N LEU KA 218 -97.05 26.50 -75.63
CA LEU KA 218 -97.58 26.75 -76.96
C LEU KA 218 -97.37 28.20 -77.37
N THR KA 219 -97.76 29.14 -76.50
CA THR KA 219 -97.68 30.55 -76.87
C THR KA 219 -96.24 31.05 -76.96
N GLU KA 220 -95.28 30.36 -76.35
CA GLU KA 220 -93.89 30.79 -76.44
C GLU KA 220 -93.31 30.55 -77.82
N ALA KA 221 -93.73 29.46 -78.48
CA ALA KA 221 -93.18 29.07 -79.77
C ALA KA 221 -93.92 29.69 -80.95
N GLY KA 222 -94.64 30.78 -80.73
CA GLY KA 222 -95.35 31.45 -81.80
C GLY KA 222 -96.51 30.64 -82.35
N ALA KA 223 -97.56 30.49 -81.54
CA ALA KA 223 -98.71 29.67 -81.90
C ALA KA 223 -99.88 30.57 -82.27
N GLU KA 224 -100.48 30.33 -83.43
CA GLU KA 224 -101.72 30.98 -83.79
C GLU KA 224 -102.87 30.38 -82.99
N PHE KA 225 -103.84 31.22 -82.65
CA PHE KA 225 -104.97 30.81 -81.83
C PHE KA 225 -106.27 31.28 -82.45
N GLN KA 226 -107.32 30.48 -82.25
CA GLN KA 226 -108.66 30.85 -82.68
C GLN KA 226 -109.65 30.08 -81.81
N GLY KA 227 -110.35 30.78 -80.93
CA GLY KA 227 -111.26 30.12 -80.01
C GLY KA 227 -110.56 29.15 -79.10
N ASN KA 228 -110.77 27.86 -79.33
CA ASN KA 228 -110.11 26.80 -78.57
C ASN KA 228 -109.22 25.95 -79.48
N TYR KA 229 -108.49 26.61 -80.38
CA TYR KA 229 -107.60 25.93 -81.31
C TYR KA 229 -106.22 26.58 -81.27
N ALA KA 230 -105.20 25.74 -81.43
CA ALA KA 230 -103.81 26.20 -81.49
C ALA KA 230 -103.13 25.56 -82.70
N LEU KA 231 -102.31 26.34 -83.40
CA LEU KA 231 -101.59 25.90 -84.59
C LEU KA 231 -100.13 26.33 -84.49
N GLN KA 232 -99.49 25.95 -83.39
CA GLN KA 232 -98.07 26.28 -83.16
C GLN KA 232 -97.23 25.98 -84.39
N GLY KA 233 -97.24 24.73 -84.85
CA GLY KA 233 -96.56 24.35 -86.06
C GLY KA 233 -97.40 23.44 -86.91
N GLY KA 234 -96.81 22.34 -87.40
CA GLY KA 234 -97.61 21.30 -88.03
C GLY KA 234 -98.58 20.67 -87.07
N ASN KA 235 -98.19 20.55 -85.80
CA ASN KA 235 -99.06 19.98 -84.79
C ASN KA 235 -100.23 20.92 -84.47
N SER KA 236 -101.36 20.33 -84.11
CA SER KA 236 -102.57 21.08 -83.80
C SER KA 236 -103.02 20.74 -82.38
N TYR KA 237 -103.33 21.78 -81.60
CA TYR KA 237 -103.78 21.61 -80.23
C TYR KA 237 -105.16 22.22 -80.06
N VAL KA 238 -105.98 21.57 -79.22
CA VAL KA 238 -107.31 22.07 -78.88
C VAL KA 238 -107.46 22.03 -77.36
N LYS KA 239 -108.37 22.85 -76.87
CA LYS KA 239 -108.69 22.91 -75.45
C LYS KA 239 -109.99 22.17 -75.20
N VAL KA 240 -109.95 21.18 -74.31
CA VAL KA 240 -111.11 20.34 -74.04
C VAL KA 240 -111.93 20.90 -72.89
N GLU KA 241 -111.34 21.05 -71.70
CA GLU KA 241 -111.97 21.82 -70.62
C GLU KA 241 -111.06 22.95 -70.15
N ASN KA 242 -109.82 22.66 -69.75
CA ASN KA 242 -108.88 23.70 -69.34
C ASN KA 242 -107.46 23.49 -69.85
N VAL KA 243 -107.12 22.31 -70.37
CA VAL KA 243 -105.75 22.00 -70.78
C VAL KA 243 -105.73 21.79 -72.28
N TRP KA 244 -104.61 22.12 -72.91
CA TRP KA 244 -104.43 21.95 -74.34
C TRP KA 244 -103.82 20.58 -74.62
N VAL KA 245 -104.45 19.83 -75.52
CA VAL KA 245 -104.02 18.48 -75.85
C VAL KA 245 -103.92 18.35 -77.37
N ARG KA 246 -103.17 17.35 -77.80
CA ARG KA 246 -102.99 17.10 -79.23
C ARG KA 246 -104.32 16.73 -79.88
N ALA KA 247 -104.57 17.30 -81.05
CA ALA KA 247 -105.77 17.01 -81.82
C ALA KA 247 -105.39 16.51 -83.21
N GLU KA 248 -106.40 16.09 -83.96
CA GLU KA 248 -106.19 15.61 -85.32
C GLU KA 248 -107.42 15.95 -86.15
N THR KA 249 -107.23 15.92 -87.46
CA THR KA 249 -108.31 16.30 -88.38
C THR KA 249 -109.41 15.26 -88.36
N ALA KA 250 -110.54 15.61 -88.97
CA ALA KA 250 -111.66 14.69 -89.08
C ALA KA 250 -111.34 13.58 -90.08
N ALA KA 251 -112.18 12.56 -90.09
CA ALA KA 251 -112.03 11.39 -90.94
C ALA KA 251 -110.71 10.66 -90.70
N THR KA 252 -110.12 10.84 -89.53
CA THR KA 252 -108.90 10.13 -89.15
C THR KA 252 -109.06 9.19 -87.98
N GLY KA 253 -110.11 9.36 -87.17
CA GLY KA 253 -110.42 8.40 -86.12
C GLY KA 253 -111.31 7.29 -86.64
N ALA KA 254 -112.23 7.66 -87.54
CA ALA KA 254 -113.13 6.70 -88.20
C ALA KA 254 -113.98 5.93 -87.19
N THR KA 255 -114.33 6.55 -86.07
CA THR KA 255 -115.18 5.93 -85.06
C THR KA 255 -116.40 6.76 -84.69
N GLY KA 256 -116.56 7.94 -85.27
CA GLY KA 256 -117.64 8.82 -84.84
C GLY KA 256 -117.38 9.51 -83.53
N GLN KA 257 -116.10 9.75 -83.20
CA GLN KA 257 -115.75 10.38 -81.95
C GLN KA 257 -116.31 11.80 -81.88
N GLU KA 258 -116.66 12.24 -80.66
CA GLU KA 258 -117.20 13.57 -80.46
C GLU KA 258 -116.26 14.64 -80.97
N ILE KA 259 -116.80 15.59 -81.72
CA ILE KA 259 -115.97 16.63 -82.34
C ILE KA 259 -115.50 17.59 -81.25
N ALA KA 260 -114.19 17.87 -81.26
CA ALA KA 260 -113.63 18.79 -80.27
C ALA KA 260 -113.95 20.23 -80.62
N ALA KA 261 -113.57 20.68 -81.81
CA ALA KA 261 -113.83 22.05 -82.23
C ALA KA 261 -113.83 22.12 -83.75
N THR KA 262 -114.47 23.16 -84.26
CA THR KA 262 -114.52 23.44 -85.69
C THR KA 262 -113.95 24.82 -85.96
N THR KA 263 -113.09 24.91 -86.97
CA THR KA 263 -112.40 26.15 -87.29
C THR KA 263 -112.71 26.56 -88.73
N THR KA 264 -112.28 27.77 -89.08
CA THR KA 264 -112.45 28.32 -90.41
C THR KA 264 -111.11 28.75 -90.98
N ALA KA 265 -111.10 29.46 -92.10
CA ALA KA 265 -109.86 29.89 -92.73
C ALA KA 265 -109.06 30.78 -91.79
N ALA KA 266 -109.57 31.97 -91.50
CA ALA KA 266 -108.98 32.89 -90.53
C ALA KA 266 -107.48 33.06 -90.75
N GLY KA 267 -107.09 33.19 -92.01
CA GLY KA 267 -105.69 33.32 -92.36
C GLY KA 267 -105.05 32.02 -92.77
N THR KA 268 -104.13 31.51 -91.95
CA THR KA 268 -103.37 30.30 -92.25
C THR KA 268 -103.85 29.10 -91.44
N ILE KA 269 -105.15 29.01 -91.20
CA ILE KA 269 -105.74 27.89 -90.44
C ILE KA 269 -106.68 27.14 -91.37
N THR KA 270 -106.43 25.85 -91.54
CA THR KA 270 -107.29 25.03 -92.38
C THR KA 270 -108.66 24.85 -91.73
N ALA KA 271 -109.71 24.95 -92.54
CA ALA KA 271 -111.08 24.79 -92.06
C ALA KA 271 -111.40 23.30 -91.97
N ASP KA 272 -111.53 22.78 -90.76
CA ASP KA 272 -111.79 21.37 -90.57
C ASP KA 272 -112.45 21.17 -89.20
N SER KA 273 -113.05 19.99 -89.02
CA SER KA 273 -113.68 19.61 -87.76
C SER KA 273 -112.66 18.80 -86.97
N TRP KA 274 -111.84 19.50 -86.18
CA TRP KA 274 -110.79 18.84 -85.43
C TRP KA 274 -111.37 18.02 -84.28
N VAL KA 275 -110.72 16.89 -84.00
CA VAL KA 275 -111.15 15.98 -82.96
C VAL KA 275 -109.96 15.68 -82.06
N VAL KA 276 -110.25 15.33 -80.80
CA VAL KA 276 -109.20 15.02 -79.85
C VAL KA 276 -108.46 13.77 -80.31
N ASP KA 277 -107.14 13.86 -80.38
CA ASP KA 277 -106.31 12.77 -80.87
C ASP KA 277 -106.09 11.78 -79.74
N VAL KA 278 -106.86 10.69 -79.75
CA VAL KA 278 -106.66 9.63 -78.78
C VAL KA 278 -105.35 8.91 -79.08
N GLY KA 279 -104.51 8.75 -78.06
CA GLY KA 279 -103.19 8.20 -78.25
C GLY KA 279 -102.12 9.12 -77.72
N ASN KA 280 -100.92 9.06 -78.31
CA ASN KA 280 -99.77 9.87 -77.92
C ASN KA 280 -99.68 10.04 -76.41
N ALA KA 281 -99.65 8.91 -75.71
CA ALA KA 281 -99.65 8.91 -74.26
C ALA KA 281 -98.38 9.59 -73.74
N PRO KA 282 -98.45 10.18 -72.53
CA PRO KA 282 -97.28 10.86 -71.97
C PRO KA 282 -96.01 10.01 -72.00
N ALA KA 283 -95.03 10.47 -72.76
CA ALA KA 283 -93.76 9.76 -72.92
C ALA KA 283 -92.71 10.36 -72.00
N ALA KA 284 -91.79 9.51 -71.54
CA ALA KA 284 -90.72 9.94 -70.67
C ALA KA 284 -89.67 10.73 -71.45
N ASN KA 285 -88.76 11.35 -70.71
CA ASN KA 285 -87.64 12.12 -71.28
C ASN KA 285 -88.15 13.24 -72.19
N VAL KA 286 -88.89 14.16 -71.57
CA VAL KA 286 -89.38 15.36 -72.25
C VAL KA 286 -89.02 16.57 -71.40
N SER KA 287 -88.68 17.66 -72.06
CA SER KA 287 -88.22 18.86 -71.35
C SER KA 287 -89.32 19.41 -70.46
N ALA KA 288 -88.97 19.75 -69.24
CA ALA KA 288 -89.91 20.31 -68.27
C ALA KA 288 -89.98 21.82 -68.45
N GLY KA 289 -90.64 22.50 -67.52
CA GLY KA 289 -90.83 23.94 -67.62
C GLY KA 289 -89.56 24.74 -67.41
N GLN KA 290 -89.04 24.73 -66.18
CA GLN KA 290 -87.90 25.55 -65.81
C GLN KA 290 -86.91 24.73 -64.99
N SER KA 291 -85.68 25.20 -64.95
CA SER KA 291 -84.65 24.55 -64.15
C SER KA 291 -84.78 24.95 -62.69
N VAL KA 292 -83.97 24.32 -61.85
CA VAL KA 292 -84.02 24.59 -60.41
C VAL KA 292 -83.59 26.02 -60.12
N ALA KA 293 -82.53 26.49 -60.78
CA ALA KA 293 -81.99 27.81 -60.50
C ALA KA 293 -82.86 28.95 -61.03
N ASN KA 294 -83.82 28.66 -61.90
CA ASN KA 294 -84.64 29.68 -62.54
C ASN KA 294 -86.11 29.31 -62.36
N ILE KA 295 -86.51 29.11 -61.10
CA ILE KA 295 -87.88 28.76 -60.78
C ILE KA 295 -88.71 30.04 -60.71
N ASN KA 296 -89.74 30.12 -61.56
CA ASN KA 296 -90.65 31.27 -61.57
C ASN KA 296 -92.06 30.72 -61.77
N ILE KA 297 -92.86 30.72 -60.71
CA ILE KA 297 -94.12 29.98 -60.68
C ILE KA 297 -95.32 30.90 -60.63
N VAL KA 298 -95.16 32.19 -60.91
CA VAL KA 298 -96.30 33.11 -60.88
C VAL KA 298 -97.09 32.96 -62.18
N GLY KA 299 -98.39 32.76 -62.05
CA GLY KA 299 -99.26 32.59 -63.21
C GLY KA 299 -98.89 31.38 -64.04
N MET KA 300 -98.59 30.25 -63.38
CA MET KA 300 -98.14 29.06 -64.09
C MET KA 300 -99.27 28.45 -64.91
N GLY KA 301 -100.45 28.34 -64.32
CA GLY KA 301 -101.59 27.74 -65.00
C GLY KA 301 -101.92 26.32 -64.60
N ALA KA 302 -101.21 25.75 -63.63
CA ALA KA 302 -101.46 24.40 -63.11
C ALA KA 302 -101.37 23.33 -64.20
N ALA KA 303 -100.56 23.57 -65.22
CA ALA KA 303 -100.38 22.60 -66.30
C ALA KA 303 -98.97 22.02 -66.33
N ALA KA 304 -97.94 22.88 -66.32
CA ALA KA 304 -96.56 22.42 -66.28
C ALA KA 304 -96.03 22.29 -64.85
N LEU KA 305 -96.86 22.56 -63.84
CA LEU KA 305 -96.44 22.38 -62.46
C LEU KA 305 -96.07 20.93 -62.18
N ASP KA 306 -96.77 19.98 -62.81
CA ASP KA 306 -96.41 18.58 -62.65
C ASP KA 306 -95.02 18.31 -63.20
N ALA KA 307 -94.69 18.90 -64.35
CA ALA KA 307 -93.35 18.76 -64.91
C ALA KA 307 -92.31 19.39 -64.00
N LEU KA 308 -92.64 20.55 -63.40
CA LEU KA 308 -91.71 21.18 -62.47
C LEU KA 308 -91.47 20.30 -61.25
N ILE KA 309 -92.53 19.70 -60.72
CA ILE KA 309 -92.40 18.80 -59.58
C ILE KA 309 -91.54 17.59 -59.95
N SER KA 310 -91.76 17.04 -61.15
CA SER KA 310 -90.95 15.90 -61.59
C SER KA 310 -89.49 16.28 -61.72
N GLY KA 311 -89.20 17.46 -62.27
CA GLY KA 311 -87.81 17.90 -62.36
C GLY KA 311 -87.17 18.11 -61.01
N VAL KA 312 -87.90 18.71 -60.08
CA VAL KA 312 -87.38 18.92 -58.73
C VAL KA 312 -87.11 17.58 -58.06
N ASP KA 313 -88.02 16.61 -58.23
CA ASP KA 313 -87.83 15.30 -57.64
C ASP KA 313 -86.61 14.60 -58.25
N ALA KA 314 -86.42 14.73 -59.57
CA ALA KA 314 -85.26 14.13 -60.21
C ALA KA 314 -83.97 14.75 -59.69
N ALA KA 315 -83.94 16.08 -59.53
CA ALA KA 315 -82.77 16.74 -58.97
C ALA KA 315 -82.50 16.27 -57.54
N LEU KA 316 -83.57 16.14 -56.74
CA LEU KA 316 -83.41 15.67 -55.37
C LEU KA 316 -82.86 14.26 -55.33
N THR KA 317 -83.35 13.38 -56.20
CA THR KA 317 -82.84 12.01 -56.26
C THR KA 317 -81.37 11.99 -56.66
N ASP KA 318 -81.00 12.82 -57.65
CA ASP KA 318 -79.61 12.87 -58.07
C ASP KA 318 -78.71 13.37 -56.93
N MET KA 319 -79.17 14.38 -56.19
CA MET KA 319 -78.38 14.88 -55.06
C MET KA 319 -78.28 13.85 -53.95
N THR KA 320 -79.35 13.09 -53.72
CA THR KA 320 -79.28 12.03 -52.72
C THR KA 320 -78.28 10.95 -53.12
N SER KA 321 -78.26 10.58 -54.40
CA SER KA 321 -77.27 9.63 -54.88
C SER KA 321 -75.86 10.17 -54.73
N ALA KA 322 -75.67 11.46 -55.04
CA ALA KA 322 -74.35 12.07 -54.87
C ALA KA 322 -73.92 12.07 -53.41
N ALA KA 323 -74.85 12.36 -52.50
CA ALA KA 323 -74.53 12.33 -51.07
C ALA KA 323 -74.17 10.93 -50.62
N ALA KA 324 -74.89 9.92 -51.11
CA ALA KA 324 -74.53 8.54 -50.79
C ALA KA 324 -73.14 8.20 -51.30
N SER KA 325 -72.81 8.64 -52.51
CA SER KA 325 -71.48 8.42 -53.05
C SER KA 325 -70.42 9.11 -52.21
N LEU KA 326 -70.69 10.33 -51.75
CA LEU KA 326 -69.74 11.05 -50.91
C LEU KA 326 -69.53 10.32 -49.58
N GLY KA 327 -70.62 9.82 -48.98
CA GLY KA 327 -70.47 9.04 -47.77
C GLY KA 327 -69.67 7.77 -47.97
N SER KA 328 -69.89 7.10 -49.10
CA SER KA 328 -69.09 5.92 -49.41
C SER KA 328 -67.62 6.28 -49.58
N ILE KA 329 -67.34 7.41 -50.22
CA ILE KA 329 -65.96 7.86 -50.38
C ILE KA 329 -65.32 8.14 -49.02
N SER KA 330 -66.07 8.80 -48.13
CA SER KA 330 -65.54 9.08 -46.80
C SER KA 330 -65.26 7.80 -46.03
N SER KA 331 -66.16 6.82 -46.11
CA SER KA 331 -65.92 5.54 -45.45
C SER KA 331 -64.70 4.84 -46.04
N ARG KA 332 -64.54 4.91 -47.36
CA ARG KA 332 -63.37 4.32 -47.99
C ARG KA 332 -62.08 5.00 -47.53
N ILE KA 333 -62.11 6.32 -47.38
CA ILE KA 333 -60.94 7.05 -46.87
C ILE KA 333 -60.61 6.61 -45.46
N ASP KA 334 -61.64 6.45 -44.61
CA ASP KA 334 -61.39 6.01 -43.24
C ASP KA 334 -60.78 4.62 -43.22
N LEU KA 335 -61.33 3.70 -44.02
CA LEU KA 335 -60.79 2.35 -44.07
C LEU KA 335 -59.35 2.35 -44.60
N GLN KA 336 -59.09 3.17 -45.63
CA GLN KA 336 -57.74 3.25 -46.18
C GLN KA 336 -56.76 3.79 -45.16
N SER KA 337 -57.18 4.81 -44.39
CA SER KA 337 -56.30 5.35 -43.36
C SER KA 337 -55.99 4.30 -42.30
N GLU KA 338 -57.00 3.55 -41.87
CA GLU KA 338 -56.77 2.50 -40.89
C GLU KA 338 -55.81 1.44 -41.43
N PHE KA 339 -56.01 1.03 -42.69
CA PHE KA 339 -55.13 0.03 -43.28
C PHE KA 339 -53.71 0.55 -43.43
N VAL KA 340 -53.56 1.81 -43.81
CA VAL KA 340 -52.23 2.39 -43.96
C VAL KA 340 -51.53 2.47 -42.61
N ASN KA 341 -52.26 2.82 -41.56
CA ASN KA 341 -51.67 2.83 -40.23
C ASN KA 341 -51.22 1.43 -39.83
N LYS KA 342 -52.05 0.42 -40.07
CA LYS KA 342 -51.68 -0.95 -39.74
C LYS KA 342 -50.46 -1.40 -40.54
N LEU KA 343 -50.42 -1.08 -41.82
CA LEU KA 343 -49.30 -1.47 -42.66
C LEU KA 343 -48.01 -0.78 -42.23
N SER KA 344 -48.11 0.51 -41.87
CA SER KA 344 -46.93 1.22 -41.37
C SER KA 344 -46.44 0.61 -40.07
N ASP KA 345 -47.35 0.23 -39.18
CA ASP KA 345 -46.95 -0.44 -37.95
C ASP KA 345 -46.25 -1.76 -38.25
N SER KA 346 -46.78 -2.53 -39.21
CA SER KA 346 -46.16 -3.80 -39.57
C SER KA 346 -44.77 -3.60 -40.15
N ILE KA 347 -44.61 -2.60 -41.03
CA ILE KA 347 -43.31 -2.31 -41.62
C ILE KA 347 -42.33 -1.88 -40.54
N GLU KA 348 -42.77 -1.04 -39.61
CA GLU KA 348 -41.89 -0.61 -38.53
C GLU KA 348 -41.47 -1.78 -37.66
N SER KA 349 -42.41 -2.69 -37.36
CA SER KA 349 -42.08 -3.87 -36.57
C SER KA 349 -41.08 -4.75 -37.31
N GLY KA 350 -41.25 -4.93 -38.62
CA GLY KA 350 -40.29 -5.71 -39.39
C GLY KA 350 -38.91 -5.07 -39.40
N VAL KA 351 -38.86 -3.75 -39.57
CA VAL KA 351 -37.58 -3.05 -39.53
C VAL KA 351 -36.92 -3.23 -38.17
N GLY KA 352 -37.69 -3.10 -37.10
CA GLY KA 352 -37.14 -3.31 -35.77
C GLY KA 352 -36.60 -4.72 -35.57
N ARG KA 353 -37.35 -5.72 -36.05
CA ARG KA 353 -36.89 -7.10 -35.96
C ARG KA 353 -35.60 -7.31 -36.74
N LEU KA 354 -35.47 -6.65 -37.89
CA LEU KA 354 -34.28 -6.82 -38.70
C LEU KA 354 -33.09 -6.05 -38.14
N VAL KA 355 -33.34 -4.96 -37.42
CA VAL KA 355 -32.29 -4.02 -37.05
C VAL KA 355 -32.01 -3.97 -35.55
N ASP KA 356 -33.03 -4.05 -34.70
CA ASP KA 356 -32.82 -3.88 -33.27
C ASP KA 356 -31.99 -5.03 -32.70
N ALA KA 357 -31.28 -4.74 -31.61
CA ALA KA 357 -30.43 -5.69 -30.93
C ALA KA 357 -30.88 -5.85 -29.48
N ASP KA 358 -30.86 -7.09 -29.00
CA ASP KA 358 -31.16 -7.34 -27.60
C ASP KA 358 -30.04 -6.79 -26.71
N MET KA 359 -30.43 -6.03 -25.67
CA MET KA 359 -29.43 -5.32 -24.88
C MET KA 359 -28.68 -6.24 -23.92
N ASN KA 360 -29.35 -7.31 -23.45
CA ASN KA 360 -28.71 -8.17 -22.46
C ASN KA 360 -27.48 -8.87 -23.03
N GLU KA 361 -27.58 -9.37 -24.26
CA GLU KA 361 -26.45 -10.06 -24.87
C GLU KA 361 -25.29 -9.11 -25.10
N GLU KA 362 -25.57 -7.87 -25.52
CA GLU KA 362 -24.51 -6.88 -25.69
C GLU KA 362 -23.87 -6.53 -24.35
N SER KA 363 -24.67 -6.43 -23.28
CA SER KA 363 -24.11 -6.16 -21.97
C SER KA 363 -23.19 -7.29 -21.52
N THR KA 364 -23.62 -8.54 -21.75
CA THR KA 364 -22.76 -9.68 -21.43
C THR KA 364 -21.46 -9.63 -22.22
N ARG KA 365 -21.54 -9.30 -23.51
CA ARG KA 365 -20.32 -9.17 -24.30
C ARG KA 365 -19.43 -8.06 -23.78
N LEU KA 366 -20.03 -6.94 -23.37
CA LEU KA 366 -19.24 -5.83 -22.84
C LEU KA 366 -18.48 -6.23 -21.59
N LYS KA 367 -19.16 -6.92 -20.67
CA LYS KA 367 -18.48 -7.39 -19.46
C LYS KA 367 -17.38 -8.38 -19.78
N ALA KA 368 -17.66 -9.32 -20.69
CA ALA KA 368 -16.67 -10.31 -21.07
C ALA KA 368 -15.45 -9.65 -21.70
N LEU KA 369 -15.66 -8.66 -22.57
CA LEU KA 369 -14.55 -7.99 -23.22
C LEU KA 369 -13.76 -7.13 -22.23
N GLN KA 370 -14.43 -6.51 -21.26
CA GLN KA 370 -13.70 -5.79 -20.22
C GLN KA 370 -12.79 -6.73 -19.43
N THR KA 371 -13.32 -7.90 -19.06
CA THR KA 371 -12.51 -8.88 -18.34
C THR KA 371 -11.35 -9.36 -19.21
N GLN KA 372 -11.61 -9.64 -20.47
CA GLN KA 372 -10.55 -10.11 -21.36
C GLN KA 372 -9.48 -9.05 -21.55
N GLN KA 373 -9.88 -7.78 -21.65
CA GLN KA 373 -8.91 -6.70 -21.76
C GLN KA 373 -8.06 -6.61 -20.50
N GLN KA 374 -8.67 -6.75 -19.33
CA GLN KA 374 -7.90 -6.70 -18.09
C GLN KA 374 -6.88 -7.82 -18.03
N LEU KA 375 -7.31 -9.05 -18.35
CA LEU KA 375 -6.37 -10.17 -18.35
C LEU KA 375 -5.28 -10.00 -19.39
N ALA KA 376 -5.61 -9.49 -20.57
CA ALA KA 376 -4.61 -9.28 -21.61
C ALA KA 376 -3.58 -8.24 -21.18
N ILE KA 377 -4.05 -7.16 -20.54
CA ILE KA 377 -3.13 -6.14 -20.05
C ILE KA 377 -2.21 -6.71 -18.98
N GLN KA 378 -2.77 -7.50 -18.06
CA GLN KA 378 -1.94 -8.13 -17.03
C GLN KA 378 -0.89 -9.05 -17.66
N ALA KA 379 -1.30 -9.85 -18.66
CA ALA KA 379 -0.35 -10.74 -19.32
C ALA KA 379 0.72 -9.97 -20.07
N LEU KA 380 0.36 -8.86 -20.69
CA LEU KA 380 1.35 -8.02 -21.38
C LEU KA 380 2.33 -7.44 -20.37
N SER KA 381 1.84 -7.01 -19.21
CA SER KA 381 2.75 -6.52 -18.17
C SER KA 381 3.71 -7.61 -17.71
N ILE KA 382 3.20 -8.84 -17.55
CA ILE KA 382 4.07 -9.96 -17.19
C ILE KA 382 5.12 -10.20 -18.26
N ALA KA 383 4.71 -10.13 -19.53
CA ALA KA 383 5.66 -10.33 -20.63
C ALA KA 383 6.73 -9.26 -20.63
N ASN KA 384 6.36 -8.01 -20.39
CA ASN KA 384 7.34 -6.94 -20.31
C ASN KA 384 8.29 -7.15 -19.15
N SER KA 385 7.77 -7.56 -17.99
CA SER KA 385 8.62 -7.78 -16.83
C SER KA 385 9.49 -9.02 -16.96
N ASP KA 386 9.16 -9.93 -17.89
CA ASP KA 386 9.96 -11.13 -18.07
C ASP KA 386 11.36 -10.79 -18.58
N SER KA 387 11.48 -9.74 -19.40
CA SER KA 387 12.71 -9.51 -20.14
C SER KA 387 13.90 -9.21 -19.23
N GLN KA 388 13.70 -8.39 -18.19
CA GLN KA 388 14.83 -7.88 -17.43
C GLN KA 388 15.40 -8.87 -16.43
N ASN KA 389 14.86 -10.09 -16.34
CA ASN KA 389 15.40 -11.08 -15.43
C ASN KA 389 16.80 -11.54 -15.82
N VAL KA 390 17.21 -11.35 -17.07
CA VAL KA 390 18.51 -11.83 -17.54
C VAL KA 390 19.66 -11.10 -16.86
N LEU KA 391 19.41 -9.94 -16.26
CA LEU KA 391 20.49 -9.14 -15.68
C LEU KA 391 21.21 -9.85 -14.54
N SER KA 392 20.57 -10.84 -13.91
CA SER KA 392 21.19 -11.54 -12.79
C SER KA 392 22.44 -12.28 -13.23
N LEU KA 393 22.49 -12.74 -14.48
CA LEU KA 393 23.66 -13.45 -14.97
C LEU KA 393 24.89 -12.54 -15.06
N PHE KA 394 24.68 -11.26 -15.32
CA PHE KA 394 25.75 -10.30 -15.55
C PHE KA 394 26.05 -9.45 -14.32
N ARG KA 395 25.51 -9.81 -13.17
CA ARG KA 395 25.62 -9.06 -11.90
C ARG KA 395 25.68 -7.54 -12.05
N THR LA 2 -3.88 1.40 -28.48
CA THR LA 2 -4.66 2.33 -27.68
C THR LA 2 -4.03 3.71 -27.67
N SER LA 3 -4.82 4.72 -28.03
CA SER LA 3 -4.37 6.10 -28.11
C SER LA 3 -5.07 6.93 -27.04
N ILE LA 4 -4.29 7.67 -26.25
CA ILE LA 4 -4.87 8.53 -25.23
C ILE LA 4 -5.32 9.88 -25.77
N LEU LA 5 -5.03 10.18 -27.03
CA LEU LA 5 -5.39 11.46 -27.61
C LEU LA 5 -6.74 11.46 -28.30
N THR LA 6 -7.22 10.28 -28.74
CA THR LA 6 -8.50 10.17 -29.42
C THR LA 6 -9.30 9.02 -28.83
N ASN LA 7 -10.63 9.13 -28.92
CA ASN LA 7 -11.54 8.11 -28.41
C ASN LA 7 -12.70 8.00 -29.40
N ASN LA 8 -12.60 7.06 -30.34
CA ASN LA 8 -13.64 6.89 -31.35
C ASN LA 8 -14.97 6.47 -30.72
N SER LA 9 -14.92 5.56 -29.75
CA SER LA 9 -16.15 5.11 -29.10
C SER LA 9 -16.83 6.25 -28.38
N ALA LA 10 -16.05 7.09 -27.68
CA ALA LA 10 -16.64 8.25 -27.03
C ALA LA 10 -17.24 9.21 -28.04
N MET LA 11 -16.62 9.35 -29.21
CA MET LA 11 -17.16 10.22 -30.25
C MET LA 11 -18.49 9.70 -30.79
N ALA LA 12 -18.58 8.39 -31.03
CA ALA LA 12 -19.84 7.81 -31.47
C ALA LA 12 -20.91 7.98 -30.40
N ALA LA 13 -20.54 7.78 -29.13
CA ALA LA 13 -21.48 8.00 -28.04
C ALA LA 13 -21.93 9.46 -28.00
N LEU LA 14 -21.02 10.39 -28.23
CA LEU LA 14 -21.36 11.80 -28.23
C LEU LA 14 -22.33 12.14 -29.35
N SER LA 15 -22.10 11.60 -30.55
CA SER LA 15 -23.02 11.83 -31.65
C SER LA 15 -24.39 11.24 -31.37
N GLY LA 16 -24.44 10.03 -30.79
CA GLY LA 16 -25.72 9.46 -30.42
C GLY LA 16 -26.44 10.29 -29.37
N VAL LA 17 -25.70 10.78 -28.37
CA VAL LA 17 -26.28 11.61 -27.34
C VAL LA 17 -26.85 12.89 -27.94
N ARG LA 18 -26.12 13.50 -28.88
CA ARG LA 18 -26.58 14.72 -29.51
C ARG LA 18 -27.87 14.48 -30.29
N SER LA 19 -27.92 13.39 -31.07
CA SER LA 19 -29.12 13.08 -31.83
C SER LA 19 -30.30 12.81 -30.91
N ILE LA 20 -30.09 12.03 -29.85
CA ILE LA 20 -31.16 11.73 -28.92
C ILE LA 20 -31.63 12.98 -28.20
N SER LA 21 -30.70 13.88 -27.87
CA SER LA 21 -31.08 15.13 -27.21
C SER LA 21 -31.93 16.00 -28.12
N SER LA 22 -31.55 16.11 -29.39
CA SER LA 22 -32.34 16.90 -30.33
C SER LA 22 -33.74 16.30 -30.49
N SER LA 23 -33.81 14.98 -30.66
CA SER LA 23 -35.12 14.34 -30.82
C SER LA 23 -35.96 14.51 -29.55
N MET LA 24 -35.33 14.41 -28.38
CA MET LA 24 -36.05 14.56 -27.13
C MET LA 24 -36.56 15.97 -26.95
N GLU LA 25 -35.76 16.98 -27.31
CA GLU LA 25 -36.24 18.36 -27.23
C GLU LA 25 -37.42 18.57 -28.17
N ASP LA 26 -37.35 18.03 -29.38
CA ASP LA 26 -38.45 18.15 -30.32
C ASP LA 26 -39.72 17.51 -29.76
N THR LA 27 -39.60 16.28 -29.25
CA THR LA 27 -40.77 15.58 -28.72
C THR LA 27 -41.31 16.25 -27.46
N GLN LA 28 -40.43 16.81 -26.63
CA GLN LA 28 -40.87 17.49 -25.43
C GLN LA 28 -41.67 18.73 -25.76
N SER LA 29 -41.18 19.55 -26.71
CA SER LA 29 -41.96 20.69 -27.15
C SER LA 29 -43.27 20.24 -27.78
N ARG LA 30 -43.23 19.16 -28.56
CA ARG LA 30 -44.41 18.68 -29.26
C ARG LA 30 -45.49 18.21 -28.28
N ILE LA 31 -45.09 17.55 -27.20
CA ILE LA 31 -46.05 17.09 -26.21
C ILE LA 31 -46.49 18.22 -25.28
N SER LA 32 -45.62 19.21 -25.05
CA SER LA 32 -45.99 20.30 -24.17
C SER LA 32 -47.01 21.22 -24.83
N SER LA 33 -46.82 21.52 -26.11
CA SER LA 33 -47.68 22.49 -26.80
C SER LA 33 -48.61 21.83 -27.81
N GLY LA 34 -48.70 20.50 -27.83
CA GLY LA 34 -49.43 19.86 -28.91
C GLY LA 34 -48.80 20.23 -30.24
N LEU LA 35 -49.65 20.51 -31.22
CA LEU LA 35 -49.23 21.16 -32.47
C LEU LA 35 -48.14 20.36 -33.16
N ARG LA 36 -48.53 19.18 -33.65
CA ARG LA 36 -47.59 18.31 -34.36
C ARG LA 36 -46.86 19.07 -35.45
N VAL LA 37 -47.57 19.93 -36.18
CA VAL LA 37 -46.95 20.92 -37.06
C VAL LA 37 -46.98 22.24 -36.28
N GLY LA 38 -45.94 22.46 -35.49
CA GLY LA 38 -45.93 23.59 -34.57
C GLY LA 38 -45.32 24.86 -35.10
N SER LA 39 -44.44 24.75 -36.10
CA SER LA 39 -43.76 25.91 -36.65
C SER LA 39 -43.43 25.66 -38.11
N ALA LA 40 -42.88 26.69 -38.76
CA ALA LA 40 -42.48 26.56 -40.15
C ALA LA 40 -41.32 25.59 -40.34
N SER LA 41 -40.58 25.29 -39.27
CA SER LA 41 -39.52 24.29 -39.35
C SER LA 41 -40.08 22.91 -39.64
N ASP LA 42 -41.36 22.68 -39.35
CA ASP LA 42 -42.04 21.45 -39.72
C ASP LA 42 -42.44 21.53 -41.20
N ASN LA 43 -43.33 20.64 -41.64
CA ASN LA 43 -43.80 20.67 -43.01
C ASN LA 43 -44.40 22.02 -43.35
N ALA LA 44 -43.75 22.76 -44.24
CA ALA LA 44 -44.12 24.15 -44.49
C ALA LA 44 -45.50 24.26 -45.14
N ALA LA 45 -45.81 23.35 -46.08
CA ALA LA 45 -47.09 23.43 -46.77
C ALA LA 45 -48.26 23.27 -45.82
N TYR LA 46 -48.18 22.30 -44.91
CA TYR LA 46 -49.26 22.09 -43.96
C TYR LA 46 -49.36 23.26 -42.99
N TRP LA 47 -48.24 23.83 -42.59
CA TRP LA 47 -48.26 25.00 -41.73
C TRP LA 47 -48.96 26.18 -42.41
N SER LA 48 -48.64 26.41 -43.69
CA SER LA 48 -49.29 27.49 -44.43
C SER LA 48 -50.78 27.23 -44.60
N ILE LA 49 -51.16 25.98 -44.89
CA ILE LA 49 -52.58 25.65 -45.01
C ILE LA 49 -53.30 25.89 -43.70
N ALA LA 50 -52.68 25.48 -42.58
CA ALA LA 50 -53.29 25.69 -41.28
C ALA LA 50 -53.46 27.17 -40.97
N THR LA 51 -52.46 27.99 -41.31
CA THR LA 51 -52.58 29.43 -41.11
C THR LA 51 -53.72 30.01 -41.93
N THR LA 52 -53.83 29.58 -43.19
CA THR LA 52 -54.90 30.07 -44.05
C THR LA 52 -56.27 29.69 -43.50
N MET LA 53 -56.42 28.45 -43.05
CA MET LA 53 -57.71 28.03 -42.48
C MET LA 53 -58.02 28.75 -41.17
N ARG LA 54 -57.00 29.04 -40.37
CA ARG LA 54 -57.25 29.82 -39.15
C ARG LA 54 -57.74 31.22 -39.49
N SER LA 55 -57.12 31.86 -40.48
CA SER LA 55 -57.60 33.16 -40.93
C SER LA 55 -59.03 33.08 -41.45
N ASP LA 56 -59.34 32.03 -42.22
CA ASP LA 56 -60.69 31.88 -42.74
C ASP LA 56 -61.69 31.64 -41.61
N ASN LA 57 -61.29 30.90 -40.57
CA ASN LA 57 -62.17 30.68 -39.44
C ASN LA 57 -62.44 31.97 -38.68
N GLN LA 58 -61.43 32.80 -38.51
CA GLN LA 58 -61.65 34.11 -37.90
C GLN LA 58 -62.60 34.95 -38.74
N ALA LA 59 -62.44 34.91 -40.06
CA ALA LA 59 -63.35 35.64 -40.94
C ALA LA 59 -64.77 35.12 -40.80
N LEU LA 60 -64.93 33.79 -40.70
CA LEU LA 60 -66.26 33.22 -40.54
C LEU LA 60 -66.88 33.61 -39.20
N SER LA 61 -66.08 33.71 -38.15
CA SER LA 61 -66.59 34.18 -36.88
C SER LA 61 -67.08 35.62 -36.99
N ALA LA 62 -66.32 36.47 -37.69
CA ALA LA 62 -66.77 37.83 -37.92
C ALA LA 62 -68.08 37.87 -38.71
N VAL LA 63 -68.19 37.00 -39.72
CA VAL LA 63 -69.41 36.93 -40.52
C VAL LA 63 -70.58 36.48 -39.66
N GLN LA 64 -70.34 35.55 -38.72
CA GLN LA 64 -71.41 35.11 -37.83
C GLN LA 64 -71.87 36.23 -36.92
N ASP LA 65 -70.93 37.04 -36.42
CA ASP LA 65 -71.33 38.22 -35.65
C ASP LA 65 -72.17 39.17 -36.49
N ALA LA 66 -71.77 39.39 -37.75
CA ALA LA 66 -72.54 40.24 -38.64
C ALA LA 66 -73.94 39.67 -38.89
N LEU LA 67 -74.03 38.35 -39.00
CA LEU LA 67 -75.34 37.70 -39.15
C LEU LA 67 -76.21 37.92 -37.93
N GLY LA 68 -75.62 37.83 -36.73
CA GLY LA 68 -76.39 38.12 -35.53
C GLY LA 68 -76.91 39.55 -35.51
N LEU LA 69 -76.06 40.50 -35.88
CA LEU LA 69 -76.50 41.90 -35.94
C LEU LA 69 -77.62 42.08 -36.96
N GLY LA 70 -77.47 41.48 -38.14
CA GLY LA 70 -78.50 41.59 -39.16
C GLY LA 70 -79.80 40.94 -38.74
N ALA LA 71 -79.72 39.81 -38.03
CA ALA LA 71 -80.92 39.16 -37.53
C ALA LA 71 -81.64 40.05 -36.52
N ALA LA 72 -80.88 40.72 -35.65
CA ALA LA 72 -81.50 41.66 -34.73
C ALA LA 72 -82.21 42.79 -35.47
N LYS LA 73 -81.55 43.34 -36.49
CA LYS LA 73 -82.17 44.42 -37.26
C LYS LA 73 -83.44 43.95 -37.95
N VAL LA 74 -83.40 42.75 -38.55
CA VAL LA 74 -84.56 42.23 -39.25
C VAL LA 74 -85.70 41.95 -38.28
N ASP LA 75 -85.37 41.45 -37.08
CA ASP LA 75 -86.40 41.21 -36.07
C ASP LA 75 -87.09 42.52 -35.67
N THR LA 76 -86.30 43.57 -35.45
CA THR LA 76 -86.90 44.87 -35.11
C THR LA 76 -87.78 45.37 -36.24
N ALA LA 77 -87.29 45.27 -37.48
CA ALA LA 77 -88.07 45.73 -38.63
C ALA LA 77 -89.36 44.94 -38.76
N TYR LA 78 -89.32 43.63 -38.53
CA TYR LA 78 -90.50 42.80 -38.64
C TYR LA 78 -91.52 43.13 -37.54
N SER LA 79 -91.03 43.41 -36.33
CA SER LA 79 -91.94 43.82 -35.26
C SER LA 79 -92.65 45.13 -35.62
N GLY LA 80 -91.88 46.10 -36.14
CA GLY LA 80 -92.50 47.33 -36.60
C GLY LA 80 -93.50 47.09 -37.72
N MET LA 81 -93.16 46.16 -38.63
CA MET LA 81 -94.06 45.84 -39.73
C MET LA 81 -95.38 45.26 -39.23
N GLU LA 82 -95.30 44.36 -38.25
CA GLU LA 82 -96.52 43.77 -37.68
C GLU LA 82 -97.36 44.83 -36.98
N SER LA 83 -96.71 45.75 -36.25
CA SER LA 83 -97.46 46.84 -35.63
C SER LA 83 -98.16 47.68 -36.67
N ALA LA 84 -97.47 48.00 -37.77
CA ALA LA 84 -98.09 48.78 -38.84
C ALA LA 84 -99.26 48.02 -39.46
N ILE LA 85 -99.12 46.71 -39.65
CA ILE LA 85 -100.21 45.90 -40.18
C ILE LA 85 -101.43 45.99 -39.28
N GLU LA 86 -101.22 45.86 -37.97
CA GLU LA 86 -102.34 45.93 -37.04
C GLU LA 86 -103.02 47.30 -37.10
N VAL LA 87 -102.22 48.37 -37.11
CA VAL LA 87 -102.81 49.71 -37.11
C VAL LA 87 -103.58 49.95 -38.40
N VAL LA 88 -103.03 49.53 -39.54
CA VAL LA 88 -103.69 49.74 -40.82
C VAL LA 88 -104.97 48.91 -40.91
N LYS LA 89 -104.96 47.70 -40.34
CA LYS LA 89 -106.18 46.90 -40.29
C LYS LA 89 -107.25 47.61 -39.47
N GLU LA 90 -106.84 48.20 -38.34
CA GLU LA 90 -107.81 48.97 -37.54
C GLU LA 90 -108.36 50.16 -38.33
N ILE LA 91 -107.49 50.84 -39.08
CA ILE LA 91 -107.93 51.96 -39.90
C ILE LA 91 -108.93 51.50 -40.95
N LYS LA 92 -108.65 50.37 -41.59
CA LYS LA 92 -109.57 49.83 -42.60
C LYS LA 92 -110.91 49.47 -41.99
N ALA LA 93 -110.90 48.86 -40.79
CA ALA LA 93 -112.16 48.54 -40.12
C ALA LA 93 -112.94 49.80 -39.80
N LYS LA 94 -112.25 50.85 -39.32
CA LYS LA 94 -112.94 52.10 -39.02
C LYS LA 94 -113.54 52.71 -40.28
N LEU LA 95 -112.79 52.68 -41.39
CA LEU LA 95 -113.29 53.23 -42.64
C LEU LA 95 -114.50 52.45 -43.14
N VAL LA 96 -114.46 51.12 -43.01
CA VAL LA 96 -115.60 50.30 -43.41
C VAL LA 96 -116.82 50.63 -42.56
N ALA LA 97 -116.63 50.79 -41.25
CA ALA LA 97 -117.73 51.21 -40.40
C ALA LA 97 -118.23 52.60 -40.76
N ALA LA 98 -117.37 53.44 -41.33
CA ALA LA 98 -117.73 54.82 -41.65
C ALA LA 98 -118.69 54.94 -42.83
N THR LA 99 -118.94 53.85 -43.57
CA THR LA 99 -119.78 53.97 -44.76
C THR LA 99 -121.22 54.33 -44.42
N GLU LA 100 -121.64 54.09 -43.18
CA GLU LA 100 -123.01 54.39 -42.78
C GLU LA 100 -123.26 55.89 -42.81
N ASP LA 101 -124.40 56.28 -43.38
CA ASP LA 101 -124.75 57.69 -43.46
C ASP LA 101 -125.08 58.27 -42.10
N GLY LA 102 -125.73 57.47 -41.24
CA GLY LA 102 -126.13 57.95 -39.92
C GLY LA 102 -124.98 58.14 -38.96
N VAL LA 103 -123.85 57.48 -39.20
CA VAL LA 103 -122.70 57.59 -38.33
C VAL LA 103 -121.96 58.89 -38.64
N ASP LA 104 -121.72 59.70 -37.61
CA ASP LA 104 -120.96 60.93 -37.79
C ASP LA 104 -119.53 60.61 -38.19
N LYS LA 105 -118.97 61.45 -39.06
CA LYS LA 105 -117.64 61.23 -39.59
C LYS LA 105 -116.55 61.98 -38.84
N ALA LA 106 -116.90 62.91 -37.97
CA ALA LA 106 -115.89 63.69 -37.26
C ALA LA 106 -115.14 62.82 -36.25
N LYS LA 107 -115.87 62.06 -35.43
CA LYS LA 107 -115.24 61.23 -34.42
C LYS LA 107 -114.28 60.23 -35.06
N ILE LA 108 -114.73 59.59 -36.14
CA ILE LA 108 -113.84 58.73 -36.92
C ILE LA 108 -112.68 59.54 -37.48
N GLN LA 109 -112.90 60.84 -37.73
CA GLN LA 109 -111.81 61.65 -38.26
C GLN LA 109 -110.67 61.78 -37.25
N GLU LA 110 -110.98 62.14 -35.99
CA GLU LA 110 -109.84 62.20 -35.06
C GLU LA 110 -109.33 60.81 -34.71
N GLU LA 111 -110.18 59.79 -34.80
CA GLU LA 111 -109.69 58.42 -34.60
C GLU LA 111 -108.63 58.07 -35.64
N ILE LA 112 -108.91 58.36 -36.91
CA ILE LA 112 -107.95 58.11 -37.98
C ILE LA 112 -106.73 59.01 -37.82
N THR LA 113 -106.90 60.25 -37.35
CA THR LA 113 -105.75 61.10 -37.12
C THR LA 113 -104.82 60.51 -36.06
N GLN LA 114 -105.39 60.02 -34.96
CA GLN LA 114 -104.59 59.38 -33.93
C GLN LA 114 -103.91 58.13 -34.47
N LEU LA 115 -104.62 57.33 -35.28
CA LEU LA 115 -104.03 56.15 -35.86
C LEU LA 115 -102.88 56.49 -36.81
N LYS LA 116 -103.01 57.58 -37.57
CA LYS LA 116 -101.94 58.02 -38.46
C LYS LA 116 -100.72 58.48 -37.66
N ASP LA 117 -100.95 59.20 -36.57
CA ASP LA 117 -99.83 59.59 -35.71
C ASP LA 117 -99.15 58.36 -35.12
N GLN LA 118 -99.94 57.36 -34.74
CA GLN LA 118 -99.36 56.11 -34.24
C GLN LA 118 -98.53 55.42 -35.32
N LEU LA 119 -99.02 55.43 -36.56
CA LEU LA 119 -98.28 54.84 -37.67
C LEU LA 119 -96.95 55.57 -37.86
N THR LA 120 -96.96 56.90 -37.80
CA THR LA 120 -95.72 57.66 -37.95
C THR LA 120 -94.76 57.34 -36.82
N SER LA 121 -95.26 57.23 -35.59
CA SER LA 121 -94.41 56.90 -34.46
C SER LA 121 -93.79 55.51 -34.61
N ILE LA 122 -94.58 54.55 -35.09
CA ILE LA 122 -94.03 53.21 -35.34
C ILE LA 122 -92.96 53.26 -36.42
N ALA LA 123 -93.23 54.03 -37.48
CA ALA LA 123 -92.30 54.09 -38.61
C ALA LA 123 -90.97 54.71 -38.20
N ASP LA 124 -90.99 55.77 -37.41
CA ASP LA 124 -89.73 56.45 -37.07
C ASP LA 124 -89.03 55.83 -35.87
N ALA LA 125 -89.78 55.26 -34.92
CA ALA LA 125 -89.18 54.73 -33.71
C ALA LA 125 -88.49 53.38 -33.93
N ALA LA 126 -89.01 52.56 -34.84
CA ALA LA 126 -88.54 51.18 -35.00
C ALA LA 126 -87.19 51.17 -35.70
N SER LA 127 -86.14 51.40 -34.90
CA SER LA 127 -84.76 51.37 -35.38
C SER LA 127 -83.89 50.67 -34.36
N PHE LA 128 -82.82 50.04 -34.82
CA PHE LA 128 -81.91 49.32 -33.95
C PHE LA 128 -80.59 50.05 -33.75
N SER LA 129 -79.88 50.35 -34.83
CA SER LA 129 -78.58 51.02 -34.74
C SER LA 129 -78.45 52.08 -35.82
N GLY LA 130 -79.54 52.80 -36.09
CA GLY LA 130 -79.56 53.82 -37.11
C GLY LA 130 -80.04 53.34 -38.46
N GLU LA 131 -80.03 52.04 -38.71
CA GLU LA 131 -80.56 51.46 -39.95
C GLU LA 131 -81.89 50.80 -39.62
N ASN LA 132 -82.97 51.59 -39.71
CA ASN LA 132 -84.30 51.10 -39.39
C ASN LA 132 -84.93 50.30 -40.52
N TRP LA 133 -84.32 50.26 -41.70
CA TRP LA 133 -84.85 49.57 -42.87
C TRP LA 133 -86.22 50.10 -43.27
N LEU LA 134 -86.59 51.27 -42.77
CA LEU LA 134 -87.85 51.93 -43.08
C LEU LA 134 -87.60 53.43 -43.21
N GLN LA 135 -88.58 54.14 -43.76
CA GLN LA 135 -88.49 55.59 -43.93
C GLN LA 135 -87.26 55.98 -44.74
N ALA LA 136 -86.90 55.14 -45.72
CA ALA LA 136 -85.73 55.39 -46.52
C ALA LA 136 -85.97 56.56 -47.48
N ASP LA 137 -84.87 57.10 -48.00
CA ASP LA 137 -84.93 58.22 -48.93
C ASP LA 137 -85.03 57.69 -50.35
N LEU LA 138 -86.15 57.97 -51.02
CA LEU LA 138 -86.42 57.48 -52.36
C LEU LA 138 -86.15 58.53 -53.42
N SER LA 139 -85.17 59.41 -53.20
CA SER LA 139 -84.80 60.38 -54.23
C SER LA 139 -84.29 59.68 -55.48
N GLY LA 140 -83.44 58.67 -55.30
CA GLY LA 140 -82.96 57.88 -56.42
C GLY LA 140 -83.92 56.74 -56.75
N GLY LA 141 -84.74 56.36 -55.77
CA GLY LA 141 -85.74 55.33 -55.98
C GLY LA 141 -85.24 53.91 -56.00
N ALA LA 142 -83.95 53.68 -55.72
CA ALA LA 142 -83.38 52.34 -55.78
C ALA LA 142 -82.45 52.10 -54.60
N VAL LA 143 -82.90 52.50 -53.41
CA VAL LA 143 -82.09 52.27 -52.21
C VAL LA 143 -82.09 50.79 -51.87
N THR LA 144 -80.91 50.26 -51.57
CA THR LA 144 -80.73 48.84 -51.27
C THR LA 144 -79.86 48.68 -50.03
N LYS LA 145 -80.31 47.85 -49.10
CA LYS LA 145 -79.57 47.54 -47.89
C LYS LA 145 -79.19 46.07 -47.89
N SER LA 146 -78.02 45.77 -47.35
CA SER LA 146 -77.46 44.43 -47.42
C SER LA 146 -76.96 43.98 -46.06
N VAL LA 147 -76.93 42.67 -45.86
CA VAL LA 147 -76.44 42.04 -44.65
C VAL LA 147 -75.34 41.06 -45.03
N VAL LA 148 -74.20 41.13 -44.33
CA VAL LA 148 -73.08 40.26 -44.62
C VAL LA 148 -73.51 38.82 -44.41
N GLY LA 149 -73.49 38.03 -45.49
CA GLY LA 149 -73.98 36.66 -45.44
C GLY LA 149 -72.93 35.61 -45.18
N SER LA 150 -71.85 35.61 -45.96
CA SER LA 150 -70.82 34.59 -45.82
C SER LA 150 -69.51 35.11 -46.40
N PHE LA 151 -68.42 34.53 -45.92
CA PHE LA 151 -67.08 34.81 -46.41
C PHE LA 151 -66.66 33.69 -47.35
N VAL LA 152 -66.44 34.03 -48.62
CA VAL LA 152 -66.20 33.04 -49.67
C VAL LA 152 -64.80 33.27 -50.23
N ARG LA 153 -63.99 32.22 -50.24
CA ARG LA 153 -62.68 32.23 -50.90
C ARG LA 153 -62.80 31.49 -52.22
N ASP LA 154 -62.57 32.20 -53.32
CA ASP LA 154 -62.71 31.61 -54.63
C ASP LA 154 -61.59 30.61 -54.90
N GLY LA 155 -61.81 29.77 -55.91
CA GLY LA 155 -60.84 28.73 -56.23
C GLY LA 155 -59.51 29.29 -56.72
N SER LA 156 -59.55 30.39 -57.46
CA SER LA 156 -58.34 30.96 -58.05
C SER LA 156 -57.70 31.99 -57.12
N GLY LA 157 -57.48 31.60 -55.87
CA GLY LA 157 -56.78 32.46 -54.91
C GLY LA 157 -57.44 33.81 -54.69
N SER LA 158 -58.77 33.83 -54.57
CA SER LA 158 -59.50 35.07 -54.39
C SER LA 158 -60.37 34.99 -53.15
N VAL LA 159 -60.58 36.14 -52.51
CA VAL LA 159 -61.40 36.26 -51.33
C VAL LA 159 -62.41 37.38 -51.53
N ALA LA 160 -63.64 37.16 -51.07
CA ALA LA 160 -64.69 38.15 -51.20
C ALA LA 160 -65.72 37.92 -50.11
N VAL LA 161 -66.57 38.92 -49.89
CA VAL LA 161 -67.60 38.87 -48.88
C VAL LA 161 -68.96 38.93 -49.56
N LYS LA 162 -69.79 37.93 -49.31
CA LYS LA 162 -71.13 37.85 -49.89
C LYS LA 162 -72.14 38.51 -48.96
N LYS LA 163 -73.11 39.20 -49.55
CA LYS LA 163 -74.13 39.91 -48.81
C LYS LA 163 -75.51 39.57 -49.34
N VAL LA 164 -76.49 39.64 -48.45
CA VAL LA 164 -77.89 39.38 -48.80
C VAL LA 164 -78.60 40.71 -48.93
N ASP LA 165 -79.18 40.96 -50.10
CA ASP LA 165 -79.76 42.25 -50.44
C ASP LA 165 -81.25 42.30 -50.12
N TYR LA 166 -81.70 43.49 -49.73
CA TYR LA 166 -83.11 43.75 -49.48
C TYR LA 166 -83.48 45.06 -50.15
N SER LA 167 -84.60 45.07 -50.87
CA SER LA 167 -85.00 46.21 -51.68
C SER LA 167 -86.07 47.02 -50.96
N LEU LA 168 -85.95 48.35 -51.05
CA LEU LA 168 -86.88 49.29 -50.44
C LEU LA 168 -87.42 50.26 -51.49
N ASN LA 169 -87.64 49.76 -52.71
CA ASN LA 169 -87.92 50.63 -53.85
C ASN LA 169 -89.21 51.43 -53.69
N ALA LA 170 -90.36 50.76 -53.70
CA ALA LA 170 -91.63 51.47 -53.59
C ALA LA 170 -92.69 50.72 -52.79
N ASN LA 171 -92.38 49.56 -52.22
CA ASN LA 171 -93.39 48.76 -51.55
C ASN LA 171 -93.00 48.33 -50.13
N SER LA 172 -91.79 48.68 -49.67
CA SER LA 172 -91.35 48.31 -48.33
C SER LA 172 -90.60 49.45 -47.66
N VAL LA 173 -90.97 50.69 -47.94
CA VAL LA 173 -90.23 51.85 -47.46
C VAL LA 173 -90.90 52.53 -46.26
N LEU LA 174 -92.23 52.49 -46.16
CA LEU LA 174 -92.92 53.00 -44.97
C LEU LA 174 -92.63 54.47 -44.70
N PHE LA 175 -93.28 55.36 -45.46
CA PHE LA 175 -93.11 56.81 -45.31
C PHE LA 175 -91.74 57.29 -45.76
N ASP LA 176 -91.46 57.16 -47.05
CA ASP LA 176 -90.31 57.82 -47.68
C ASP LA 176 -90.15 59.24 -47.15
N THR LA 177 -88.90 59.59 -46.80
CA THR LA 177 -88.64 60.82 -46.08
C THR LA 177 -88.89 62.05 -46.95
N VAL LA 178 -88.37 62.07 -48.16
CA VAL LA 178 -88.33 63.26 -48.99
C VAL LA 178 -89.38 63.21 -50.10
N GLY LA 179 -89.33 62.17 -50.93
CA GLY LA 179 -90.18 62.14 -52.12
C GLY LA 179 -91.66 62.00 -51.85
N ASP LA 180 -92.02 61.50 -50.66
CA ASP LA 180 -93.42 61.29 -50.29
C ASP LA 180 -94.14 60.42 -51.33
N THR LA 181 -93.45 59.37 -51.77
CA THR LA 181 -93.97 58.44 -52.76
C THR LA 181 -93.87 57.00 -52.28
N GLY LA 182 -93.87 56.81 -50.96
CA GLY LA 182 -93.71 55.50 -50.38
C GLY LA 182 -94.98 54.68 -50.42
N ILE LA 183 -94.91 53.51 -49.75
CA ILE LA 183 -96.07 52.62 -49.69
C ILE LA 183 -97.24 53.33 -49.01
N LEU LA 184 -96.95 54.14 -48.01
CA LEU LA 184 -97.94 55.04 -47.42
C LEU LA 184 -97.64 56.47 -47.86
N ASP LA 185 -98.59 57.36 -47.57
CA ASP LA 185 -98.49 58.77 -47.94
C ASP LA 185 -98.33 58.92 -49.45
N LYS LA 186 -99.05 58.10 -50.21
CA LYS LA 186 -99.16 58.27 -51.65
C LYS LA 186 -100.48 57.67 -52.11
N VAL LA 187 -100.95 58.14 -53.25
CA VAL LA 187 -102.26 57.77 -53.76
C VAL LA 187 -102.15 56.49 -54.60
N TYR LA 188 -103.16 55.63 -54.48
CA TYR LA 188 -103.22 54.38 -55.21
C TYR LA 188 -104.33 54.45 -56.25
N ASN LA 189 -104.00 54.11 -57.49
CA ASN LA 189 -105.02 54.06 -58.54
C ASN LA 189 -105.98 52.90 -58.27
N VAL LA 190 -107.27 53.16 -58.46
CA VAL LA 190 -108.31 52.18 -58.18
C VAL LA 190 -109.17 52.07 -59.44
N SER LA 191 -108.94 51.00 -60.22
CA SER LA 191 -109.74 50.74 -61.40
C SER LA 191 -109.84 49.23 -61.59
N GLN LA 192 -110.91 48.81 -62.28
CA GLN LA 192 -111.26 47.40 -62.30
C GLN LA 192 -110.30 46.58 -63.16
N ALA LA 193 -109.90 47.10 -64.32
CA ALA LA 193 -109.20 46.31 -65.33
C ALA LA 193 -107.89 46.98 -65.74
N SER LA 194 -107.09 47.38 -64.75
CA SER LA 194 -105.81 48.00 -65.02
C SER LA 194 -104.74 47.41 -64.11
N VAL LA 195 -103.49 47.70 -64.44
CA VAL LA 195 -102.33 47.26 -63.67
C VAL LA 195 -101.36 48.42 -63.55
N THR LA 196 -100.76 48.58 -62.37
CA THR LA 196 -99.76 49.61 -62.14
C THR LA 196 -98.39 49.02 -62.44
N LEU LA 197 -97.77 49.47 -63.53
CA LEU LA 197 -96.49 48.95 -63.99
C LEU LA 197 -95.43 50.03 -63.85
N THR LA 198 -94.22 49.60 -63.46
CA THR LA 198 -93.08 50.51 -63.36
C THR LA 198 -92.22 50.36 -64.60
N VAL LA 199 -91.98 51.49 -65.28
CA VAL LA 199 -91.12 51.54 -66.46
C VAL LA 199 -90.22 52.77 -66.33
N ASN LA 200 -88.95 52.61 -66.68
CA ASN LA 200 -88.00 53.71 -66.59
C ASN LA 200 -87.92 54.45 -67.92
N THR LA 201 -88.00 55.77 -67.86
CA THR LA 201 -87.92 56.62 -69.04
C THR LA 201 -86.72 57.55 -68.89
N ASN LA 202 -85.83 57.54 -69.87
CA ASN LA 202 -84.60 58.34 -69.85
C ASN LA 202 -83.75 58.04 -68.61
N GLY LA 203 -83.79 56.80 -68.13
CA GLY LA 203 -82.96 56.38 -67.03
C GLY LA 203 -83.55 56.56 -65.66
N VAL LA 204 -84.74 57.15 -65.52
CA VAL LA 204 -85.39 57.34 -64.24
C VAL LA 204 -86.71 56.57 -64.25
N GLU LA 205 -86.96 55.81 -63.18
CA GLU LA 205 -88.14 54.98 -63.11
C GLU LA 205 -89.36 55.79 -62.73
N SER LA 206 -90.53 55.27 -63.11
CA SER LA 206 -91.80 55.89 -62.76
C SER LA 206 -92.88 54.81 -62.81
N GLN LA 207 -94.01 55.12 -62.18
CA GLN LA 207 -95.13 54.19 -62.11
C GLN LA 207 -96.29 54.76 -62.93
N HIS LA 208 -96.79 53.96 -63.87
CA HIS LA 208 -97.89 54.37 -64.74
C HIS LA 208 -99.01 53.35 -64.65
N THR LA 209 -100.24 53.84 -64.66
CA THR LA 209 -101.43 53.01 -64.62
C THR LA 209 -101.96 52.81 -66.03
N VAL LA 210 -102.01 51.56 -66.48
CA VAL LA 210 -102.46 51.22 -67.82
C VAL LA 210 -103.40 50.03 -67.73
N ALA LA 211 -104.34 49.96 -68.67
CA ALA LA 211 -105.31 48.88 -68.69
C ALA LA 211 -104.65 47.54 -68.97
N ALA LA 212 -105.24 46.48 -68.42
CA ALA LA 212 -104.74 45.12 -68.58
C ALA LA 212 -105.80 44.26 -69.24
N TYR LA 213 -105.37 43.34 -70.10
CA TYR LA 213 -106.27 42.50 -70.86
C TYR LA 213 -105.99 41.04 -70.54
N SER LA 214 -107.06 40.27 -70.32
CA SER LA 214 -106.91 38.86 -69.94
C SER LA 214 -106.46 38.03 -71.13
N LEU LA 215 -105.75 36.94 -70.82
CA LEU LA 215 -105.28 36.04 -71.87
C LEU LA 215 -106.42 35.28 -72.53
N GLU LA 216 -107.47 34.96 -71.78
CA GLU LA 216 -108.59 34.22 -72.35
C GLU LA 216 -109.28 35.03 -73.44
N SER LA 217 -109.49 36.33 -73.22
CA SER LA 217 -110.09 37.16 -74.26
C SER LA 217 -109.20 37.23 -75.49
N LEU LA 218 -107.89 37.35 -75.28
CA LEU LA 218 -106.96 37.42 -76.41
C LEU LA 218 -107.01 36.14 -77.24
N THR LA 219 -107.00 34.99 -76.57
CA THR LA 219 -107.02 33.73 -77.31
C THR LA 219 -108.39 33.42 -77.90
N GLU LA 220 -109.46 33.98 -77.34
CA GLU LA 220 -110.79 33.80 -77.92
C GLU LA 220 -110.98 34.68 -79.14
N ALA LA 221 -110.41 35.89 -79.13
CA ALA LA 221 -110.58 36.81 -80.25
C ALA LA 221 -109.87 36.36 -81.52
N GLY LA 222 -108.96 35.39 -81.43
CA GLY LA 222 -108.24 34.93 -82.58
C GLY LA 222 -106.93 35.67 -82.79
N ALA LA 223 -106.13 35.75 -81.73
CA ALA LA 223 -104.86 36.47 -81.77
C ALA LA 223 -103.71 35.53 -82.09
N GLU LA 224 -102.69 36.07 -82.74
CA GLU LA 224 -101.47 35.35 -83.04
C GLU LA 224 -100.38 35.78 -82.07
N PHE LA 225 -99.79 34.83 -81.37
CA PHE LA 225 -98.81 35.11 -80.34
C PHE LA 225 -97.40 34.77 -80.82
N GLN LA 226 -96.41 35.36 -80.15
CA GLN LA 226 -95.01 35.04 -80.41
C GLN LA 226 -94.22 35.45 -79.18
N GLY LA 227 -93.69 34.47 -78.45
CA GLY LA 227 -92.95 34.77 -77.24
C GLY LA 227 -93.84 35.47 -76.24
N ASN LA 228 -93.44 36.69 -75.85
CA ASN LA 228 -94.22 37.54 -74.97
C ASN LA 228 -95.01 38.59 -75.74
N TYR LA 229 -95.11 38.45 -77.06
CA TYR LA 229 -95.79 39.41 -77.92
C TYR LA 229 -97.05 38.77 -78.51
N ALA LA 230 -98.07 39.59 -78.72
CA ALA LA 230 -99.33 39.14 -79.28
C ALA LA 230 -99.79 40.12 -80.34
N LEU LA 231 -100.63 39.62 -81.26
CA LEU LA 231 -101.19 40.45 -82.32
C LEU LA 231 -102.62 39.97 -82.57
N GLN LA 232 -103.59 40.67 -81.98
CA GLN LA 232 -105.00 40.35 -82.19
C GLN LA 232 -105.54 40.93 -83.49
N GLY LA 233 -104.81 41.84 -84.12
CA GLY LA 233 -105.30 42.53 -85.30
C GLY LA 233 -104.66 43.90 -85.43
N GLY LA 234 -105.49 44.94 -85.51
CA GLY LA 234 -104.97 46.30 -85.54
C GLY LA 234 -104.28 46.73 -84.27
N ASN LA 235 -104.39 45.96 -83.19
CA ASN LA 235 -103.75 46.26 -81.92
C ASN LA 235 -102.73 45.19 -81.60
N SER LA 236 -101.68 45.59 -80.89
CA SER LA 236 -100.60 44.70 -80.49
C SER LA 236 -100.46 44.71 -78.98
N TYR LA 237 -100.04 43.57 -78.42
CA TYR LA 237 -99.92 43.41 -76.99
C TYR LA 237 -98.57 42.77 -76.64
N VAL LA 238 -98.05 43.13 -75.48
CA VAL LA 238 -96.78 42.60 -74.99
C VAL LA 238 -96.99 42.08 -73.57
N LYS LA 239 -96.27 41.01 -73.22
CA LYS LA 239 -96.37 40.42 -71.90
C LYS LA 239 -95.22 40.91 -71.02
N VAL LA 240 -95.35 42.16 -70.58
CA VAL LA 240 -94.35 42.73 -69.67
C VAL LA 240 -94.40 42.02 -68.32
N GLU LA 241 -95.59 41.71 -67.84
CA GLU LA 241 -95.76 40.96 -66.61
C GLU LA 241 -96.84 39.91 -66.80
N ASN LA 242 -97.33 39.32 -65.70
CA ASN LA 242 -98.34 38.28 -65.79
C ASN LA 242 -99.62 38.73 -66.48
N VAL LA 243 -99.80 40.02 -66.72
CA VAL LA 243 -100.96 40.55 -67.42
C VAL LA 243 -100.51 41.13 -68.74
N TRP LA 244 -101.37 41.03 -69.75
CA TRP LA 244 -101.07 41.54 -71.08
C TRP LA 244 -101.53 42.99 -71.21
N VAL LA 245 -100.74 43.80 -71.93
CA VAL LA 245 -101.00 45.21 -72.09
C VAL LA 245 -100.75 45.62 -73.53
N ARG LA 246 -101.57 46.53 -74.05
CA ARG LA 246 -101.36 47.06 -75.39
C ARG LA 246 -100.05 47.84 -75.45
N ALA LA 247 -99.39 47.77 -76.60
CA ALA LA 247 -98.07 48.36 -76.77
C ALA LA 247 -98.03 49.20 -78.04
N GLU LA 248 -97.12 50.18 -78.04
CA GLU LA 248 -96.83 51.00 -79.20
C GLU LA 248 -95.67 50.40 -79.98
N THR LA 249 -95.67 50.65 -81.29
CA THR LA 249 -94.72 49.98 -82.18
C THR LA 249 -93.28 50.32 -81.84
N ALA LA 250 -92.89 51.56 -82.07
CA ALA LA 250 -91.55 52.06 -81.80
C ALA LA 250 -91.50 53.54 -82.17
N ALA LA 251 -90.53 54.25 -81.59
CA ALA LA 251 -90.23 55.64 -81.92
C ALA LA 251 -91.45 56.55 -81.75
N THR LA 252 -92.47 56.10 -81.03
CA THR LA 252 -93.65 56.93 -80.81
C THR LA 252 -93.42 57.92 -79.67
N GLY LA 253 -93.00 57.41 -78.50
CA GLY LA 253 -92.71 58.28 -77.39
C GLY LA 253 -91.40 59.04 -77.57
N ALA LA 254 -90.43 58.43 -78.25
CA ALA LA 254 -89.13 59.06 -78.51
C ALA LA 254 -88.46 59.51 -77.22
N THR LA 255 -88.60 58.69 -76.17
CA THR LA 255 -88.05 59.00 -74.86
C THR LA 255 -87.08 57.93 -74.36
N GLY LA 256 -86.65 57.02 -75.23
CA GLY LA 256 -85.75 55.96 -74.81
C GLY LA 256 -86.35 55.03 -73.78
N GLN LA 257 -87.63 54.69 -73.95
CA GLN LA 257 -88.30 53.81 -72.99
C GLN LA 257 -87.78 52.38 -73.11
N GLU LA 258 -87.96 51.63 -72.03
CA GLU LA 258 -87.53 50.24 -72.00
C GLU LA 258 -88.28 49.43 -73.06
N ILE LA 259 -87.53 48.59 -73.78
CA ILE LA 259 -88.10 47.80 -74.86
C ILE LA 259 -88.89 46.64 -74.26
N ALA LA 260 -90.19 46.57 -74.58
CA ALA LA 260 -91.03 45.51 -74.04
C ALA LA 260 -90.63 44.15 -74.60
N ALA LA 261 -90.52 44.05 -75.92
CA ALA LA 261 -90.19 42.78 -76.56
C ALA LA 261 -89.75 43.05 -77.99
N THR LA 262 -89.08 42.05 -78.58
CA THR LA 262 -88.66 42.08 -79.97
C THR LA 262 -89.26 40.90 -80.71
N THR LA 263 -89.65 41.15 -81.96
CA THR LA 263 -90.34 40.16 -82.78
C THR LA 263 -89.56 39.89 -84.07
N THR LA 264 -90.11 39.03 -84.90
CA THR LA 264 -89.53 38.67 -86.19
C THR LA 264 -90.65 38.56 -87.21
N ALA LA 265 -90.36 37.96 -88.35
CA ALA LA 265 -91.35 37.83 -89.42
C ALA LA 265 -92.55 37.02 -88.95
N ALA LA 266 -92.34 35.75 -88.64
CA ALA LA 266 -93.38 34.88 -88.06
C ALA LA 266 -94.66 34.89 -88.91
N GLY LA 267 -94.49 34.90 -90.23
CA GLY LA 267 -95.62 34.89 -91.13
C GLY LA 267 -96.23 36.26 -91.38
N THR LA 268 -96.93 36.81 -90.39
CA THR LA 268 -97.63 38.08 -90.54
C THR LA 268 -97.36 39.01 -89.35
N ILE LA 269 -96.17 38.90 -88.76
CA ILE LA 269 -95.79 39.74 -87.62
C ILE LA 269 -94.69 40.68 -88.07
N THR LA 270 -94.91 41.99 -87.85
CA THR LA 270 -93.90 42.97 -88.22
C THR LA 270 -92.68 42.84 -87.30
N ALA LA 271 -91.50 42.97 -87.90
CA ALA LA 271 -90.25 42.89 -87.14
C ALA LA 271 -89.93 44.27 -86.57
N ASP LA 272 -90.10 44.43 -85.27
CA ASP LA 272 -89.87 45.71 -84.62
C ASP LA 272 -89.62 45.48 -83.14
N SER LA 273 -89.04 46.50 -82.51
CA SER LA 273 -88.80 46.50 -81.06
C SER LA 273 -89.95 47.22 -80.39
N TRP LA 274 -90.82 46.47 -79.73
CA TRP LA 274 -92.05 47.00 -79.17
C TRP LA 274 -91.83 47.54 -77.77
N VAL LA 275 -92.59 48.58 -77.43
CA VAL LA 275 -92.49 49.25 -76.14
C VAL LA 275 -93.88 49.38 -75.55
N VAL LA 276 -93.99 49.14 -74.24
CA VAL LA 276 -95.28 49.25 -73.56
C VAL LA 276 -95.84 50.65 -73.72
N ASP LA 277 -97.11 50.75 -74.07
CA ASP LA 277 -97.77 52.04 -74.26
C ASP LA 277 -97.95 52.72 -72.91
N VAL LA 278 -97.24 53.82 -72.70
CA VAL LA 278 -97.38 54.57 -71.46
C VAL LA 278 -98.77 55.16 -71.34
N GLY LA 279 -99.42 55.45 -72.47
CA GLY LA 279 -100.78 55.95 -72.46
C GLY LA 279 -101.78 54.84 -72.30
N ASN LA 280 -102.86 54.88 -73.10
CA ASN LA 280 -103.91 53.87 -73.07
C ASN LA 280 -104.53 53.76 -71.67
N ALA LA 281 -105.16 54.86 -71.27
CA ALA LA 281 -105.78 54.93 -69.96
C ALA LA 281 -106.92 53.92 -69.84
N PRO LA 282 -107.19 53.43 -68.63
CA PRO LA 282 -108.28 52.46 -68.45
C PRO LA 282 -109.63 53.04 -68.82
N ALA LA 283 -110.62 52.16 -68.88
CA ALA LA 283 -111.98 52.58 -69.24
C ALA LA 283 -112.54 53.57 -68.21
N ALA LA 284 -112.30 53.31 -66.92
CA ALA LA 284 -112.74 54.18 -65.84
C ALA LA 284 -111.53 54.47 -64.96
N ASN LA 285 -110.83 55.56 -65.26
CA ASN LA 285 -109.62 55.93 -64.51
C ASN LA 285 -110.04 56.64 -63.23
N VAL LA 286 -110.00 55.90 -62.12
CA VAL LA 286 -110.37 56.43 -60.81
C VAL LA 286 -109.16 56.28 -59.89
N SER LA 287 -108.84 57.35 -59.17
CA SER LA 287 -107.73 57.36 -58.23
C SER LA 287 -108.25 57.62 -56.82
N ALA LA 288 -107.50 57.12 -55.84
CA ALA LA 288 -107.86 57.34 -54.45
C ALA LA 288 -107.86 58.83 -54.13
N GLY LA 289 -108.89 59.29 -53.43
CA GLY LA 289 -109.01 60.70 -53.14
C GLY LA 289 -107.86 61.23 -52.30
N GLN LA 290 -107.48 60.48 -51.26
CA GLN LA 290 -106.41 60.88 -50.37
C GLN LA 290 -105.53 59.67 -50.07
N SER LA 291 -104.28 59.95 -49.71
CA SER LA 291 -103.34 58.90 -49.33
C SER LA 291 -103.68 58.37 -47.94
N VAL LA 292 -102.91 57.37 -47.50
CA VAL LA 292 -103.15 56.78 -46.19
C VAL LA 292 -102.81 57.77 -45.08
N ALA LA 293 -101.74 58.55 -45.28
CA ALA LA 293 -101.31 59.51 -44.26
C ALA LA 293 -102.07 60.82 -44.32
N ASN LA 294 -102.97 61.00 -45.28
CA ASN LA 294 -103.72 62.23 -45.44
C ASN LA 294 -105.21 61.95 -45.49
N ILE LA 295 -105.66 60.97 -44.70
CA ILE LA 295 -107.07 60.59 -44.73
C ILE LA 295 -107.90 61.67 -44.06
N ASN LA 296 -108.93 62.15 -44.78
CA ASN LA 296 -109.83 63.16 -44.25
C ASN LA 296 -111.21 62.85 -44.80
N ILE LA 297 -112.10 62.31 -43.96
CA ILE LA 297 -113.38 61.78 -44.40
C ILE LA 297 -114.52 62.75 -44.11
N VAL LA 298 -114.24 64.04 -43.94
CA VAL LA 298 -115.28 65.02 -43.65
C VAL LA 298 -116.00 65.32 -44.96
N GLY LA 299 -117.16 64.71 -45.15
CA GLY LA 299 -117.99 64.99 -46.32
C GLY LA 299 -117.37 64.60 -47.64
N MET LA 300 -116.72 63.44 -47.71
CA MET LA 300 -116.13 63.00 -48.97
C MET LA 300 -117.18 62.51 -49.96
N GLY LA 301 -118.16 61.76 -49.48
CA GLY LA 301 -119.16 61.14 -50.33
C GLY LA 301 -118.92 59.65 -50.50
N ALA LA 302 -119.92 58.99 -51.10
CA ALA LA 302 -119.89 57.54 -51.22
C ALA LA 302 -118.73 57.09 -52.12
N ALA LA 303 -118.62 57.69 -53.30
CA ALA LA 303 -117.58 57.28 -54.25
C ALA LA 303 -116.18 57.50 -53.68
N ALA LA 304 -115.97 58.65 -53.05
CA ALA LA 304 -114.68 58.93 -52.44
C ALA LA 304 -114.38 57.94 -51.31
N LEU LA 305 -115.40 57.59 -50.53
CA LEU LA 305 -115.21 56.62 -49.45
C LEU LA 305 -114.81 55.25 -50.02
N ASP LA 306 -115.47 54.82 -51.10
CA ASP LA 306 -115.12 53.54 -51.70
C ASP LA 306 -113.71 53.57 -52.28
N ALA LA 307 -113.34 54.68 -52.92
CA ALA LA 307 -111.98 54.79 -53.45
C ALA LA 307 -110.94 54.74 -52.32
N LEU LA 308 -111.21 55.43 -51.21
CA LEU LA 308 -110.31 55.41 -50.07
C LEU LA 308 -110.21 54.01 -49.49
N ILE LA 309 -111.34 53.30 -49.39
CA ILE LA 309 -111.32 51.94 -48.85
C ILE LA 309 -110.49 51.03 -49.74
N SER LA 310 -110.67 51.14 -51.06
CA SER LA 310 -109.90 50.31 -51.98
C SER LA 310 -108.40 50.63 -51.89
N GLY LA 311 -108.05 51.91 -51.79
CA GLY LA 311 -106.65 52.28 -51.65
C GLY LA 311 -106.05 51.75 -50.36
N VAL LA 312 -106.81 51.82 -49.26
CA VAL LA 312 -106.32 51.29 -47.99
C VAL LA 312 -106.13 49.78 -48.09
N ASP LA 313 -107.06 49.09 -48.73
CA ASP LA 313 -106.95 47.64 -48.89
C ASP LA 313 -105.71 47.29 -49.70
N ALA LA 314 -105.47 48.02 -50.79
CA ALA LA 314 -104.29 47.75 -51.61
C ALA LA 314 -103.00 48.02 -50.84
N ALA LA 315 -102.96 49.11 -50.07
CA ALA LA 315 -101.79 49.40 -49.25
C ALA LA 315 -101.56 48.31 -48.21
N LEU LA 316 -102.63 47.82 -47.59
CA LEU LA 316 -102.50 46.74 -46.62
C LEU LA 316 -101.96 45.47 -47.29
N THR LA 317 -102.44 45.17 -48.50
CA THR LA 317 -101.93 44.00 -49.21
C THR LA 317 -100.44 44.14 -49.52
N ASP LA 318 -100.02 45.32 -49.98
CA ASP LA 318 -98.61 45.54 -50.26
C ASP LA 318 -97.76 45.42 -49.00
N MET LA 319 -98.26 45.96 -47.88
CA MET LA 319 -97.51 45.88 -46.63
C MET LA 319 -97.46 44.45 -46.12
N THR LA 320 -98.51 43.67 -46.33
CA THR LA 320 -98.47 42.25 -45.98
C THR LA 320 -97.44 41.51 -46.82
N SER LA 321 -97.35 41.84 -48.11
CA SER LA 321 -96.30 41.25 -48.95
C SER LA 321 -94.92 41.62 -48.43
N ALA LA 322 -94.74 42.88 -48.01
CA ALA LA 322 -93.46 43.30 -47.44
C ALA LA 322 -93.16 42.54 -46.16
N ALA LA 323 -94.17 42.31 -45.32
CA ALA LA 323 -93.96 41.54 -44.09
C ALA LA 323 -93.54 40.10 -44.42
N ALA LA 324 -94.17 39.50 -45.42
CA ALA LA 324 -93.79 38.15 -45.84
C ALA LA 324 -92.35 38.13 -46.33
N SER LA 325 -91.95 39.14 -47.11
CA SER LA 325 -90.58 39.23 -47.56
C SER LA 325 -89.61 39.36 -46.39
N LEU LA 326 -89.96 40.17 -45.40
CA LEU LA 326 -89.10 40.33 -44.23
C LEU LA 326 -88.98 39.01 -43.46
N GLY LA 327 -90.08 38.28 -43.31
CA GLY LA 327 -90.02 36.99 -42.65
C GLY LA 327 -89.16 36.00 -43.40
N SER LA 328 -89.26 35.99 -44.73
CA SER LA 328 -88.41 35.12 -45.53
C SER LA 328 -86.95 35.51 -45.37
N ILE LA 329 -86.65 36.81 -45.31
CA ILE LA 329 -85.28 37.25 -45.11
C ILE LA 329 -84.76 36.79 -43.76
N SER LA 330 -85.59 36.90 -42.72
CA SER LA 330 -85.18 36.44 -41.39
C SER LA 330 -84.90 34.95 -41.38
N SER LA 331 -85.76 34.17 -42.04
CA SER LA 331 -85.53 32.73 -42.13
C SER LA 331 -84.23 32.43 -42.87
N ARG LA 332 -83.96 33.16 -43.95
CA ARG LA 332 -82.71 32.94 -44.69
C ARG LA 332 -81.50 33.29 -43.83
N ILE LA 333 -81.60 34.36 -43.02
CA ILE LA 333 -80.50 34.71 -42.13
C ILE LA 333 -80.27 33.60 -41.11
N ASP LA 334 -81.35 33.05 -40.54
CA ASP LA 334 -81.21 31.97 -39.57
C ASP LA 334 -80.54 30.76 -40.21
N LEU LA 335 -80.98 30.38 -41.41
CA LEU LA 335 -80.38 29.24 -42.10
C LEU LA 335 -78.91 29.51 -42.42
N GLN LA 336 -78.59 30.72 -42.85
CA GLN LA 336 -77.20 31.06 -43.15
C GLN LA 336 -76.34 30.99 -41.90
N SER LA 337 -76.86 31.46 -40.77
CA SER LA 337 -76.11 31.39 -39.52
C SER LA 337 -75.84 29.94 -39.13
N GLU LA 338 -76.86 29.09 -39.24
CA GLU LA 338 -76.66 27.68 -38.89
C GLU LA 338 -75.66 27.02 -39.83
N PHE LA 339 -75.74 27.34 -41.13
CA PHE LA 339 -74.82 26.75 -42.09
C PHE LA 339 -73.39 27.23 -41.87
N VAL LA 340 -73.19 28.51 -41.58
CA VAL LA 340 -71.83 29.00 -41.35
C VAL LA 340 -71.27 28.43 -40.06
N ASN LA 341 -72.13 28.22 -39.06
CA ASN LA 341 -71.67 27.52 -37.85
C ASN LA 341 -71.20 26.11 -38.18
N LYS LA 342 -71.97 25.38 -38.99
CA LYS LA 342 -71.54 24.04 -39.40
C LYS LA 342 -70.24 24.09 -40.18
N LEU LA 343 -70.10 25.07 -41.08
CA LEU LA 343 -68.89 25.18 -41.88
C LEU LA 343 -67.67 25.49 -41.02
N SER LA 344 -67.84 26.37 -40.04
CA SER LA 344 -66.74 26.67 -39.12
C SER LA 344 -66.36 25.44 -38.31
N ASP LA 345 -67.37 24.68 -37.85
CA ASP LA 345 -67.07 23.45 -37.12
C ASP LA 345 -66.29 22.47 -38.00
N SER LA 346 -66.72 22.32 -39.26
CA SER LA 346 -66.03 21.40 -40.16
C SER LA 346 -64.60 21.85 -40.44
N ILE LA 347 -64.39 23.15 -40.64
CA ILE LA 347 -63.05 23.67 -40.88
C ILE LA 347 -62.16 23.45 -39.66
N GLU LA 348 -62.70 23.71 -38.46
CA GLU LA 348 -61.92 23.48 -37.24
C GLU LA 348 -61.57 22.01 -37.08
N SER LA 349 -62.52 21.12 -37.38
CA SER LA 349 -62.25 19.69 -37.30
C SER LA 349 -61.16 19.28 -38.29
N GLY LA 350 -61.22 19.79 -39.51
CA GLY LA 350 -60.18 19.48 -40.49
C GLY LA 350 -58.82 19.98 -40.06
N VAL LA 351 -58.76 21.21 -39.53
CA VAL LA 351 -57.50 21.75 -39.04
C VAL LA 351 -56.97 20.89 -37.91
N GLY LA 352 -57.84 20.49 -36.98
CA GLY LA 352 -57.41 19.65 -35.89
C GLY LA 352 -56.87 18.31 -36.36
N ARG LA 353 -57.55 17.69 -37.33
CA ARG LA 353 -57.06 16.44 -37.88
C ARG LA 353 -55.72 16.62 -38.56
N LEU LA 354 -55.51 17.75 -39.23
CA LEU LA 354 -54.24 17.99 -39.92
C LEU LA 354 -53.12 18.40 -38.97
N VAL LA 355 -53.44 18.89 -37.77
CA VAL LA 355 -52.46 19.55 -36.92
C VAL LA 355 -52.18 18.77 -35.63
N ASP LA 356 -53.22 18.38 -34.90
CA ASP LA 356 -52.98 17.75 -33.60
C ASP LA 356 -52.35 16.36 -33.77
N ALA LA 357 -51.76 15.88 -32.69
CA ALA LA 357 -51.08 14.60 -32.65
C ALA LA 357 -51.67 13.73 -31.54
N ASP LA 358 -51.80 12.44 -31.80
CA ASP LA 358 -52.32 11.49 -30.82
C ASP LA 358 -51.28 11.27 -29.73
N MET LA 359 -51.55 11.78 -28.54
CA MET LA 359 -50.53 11.92 -27.51
C MET LA 359 -49.91 10.60 -27.08
N ASN LA 360 -50.57 9.47 -27.35
CA ASN LA 360 -50.07 8.18 -26.88
C ASN LA 360 -48.70 7.86 -27.45
N GLU LA 361 -48.53 8.02 -28.77
CA GLU LA 361 -47.25 7.68 -29.37
C GLU LA 361 -46.17 8.69 -28.97
N GLU LA 362 -46.53 9.95 -28.73
CA GLU LA 362 -45.54 10.89 -28.20
C GLU LA 362 -45.09 10.50 -26.80
N SER LA 363 -46.01 10.03 -25.96
CA SER LA 363 -45.62 9.56 -24.63
C SER LA 363 -44.69 8.35 -24.74
N THR LA 364 -45.02 7.41 -25.63
CA THR LA 364 -44.16 6.25 -25.83
C THR LA 364 -42.77 6.65 -26.32
N ARG LA 365 -42.72 7.59 -27.28
CA ARG LA 365 -41.43 8.06 -27.78
C ARG LA 365 -40.65 8.78 -26.70
N LEU LA 366 -41.34 9.54 -25.85
CA LEU LA 366 -40.66 10.23 -24.76
C LEU LA 366 -40.02 9.24 -23.79
N LYS LA 367 -40.75 8.19 -23.42
CA LYS LA 367 -40.19 7.16 -22.57
C LYS LA 367 -39.00 6.47 -23.23
N ALA LA 368 -39.14 6.15 -24.52
CA ALA LA 368 -38.06 5.48 -25.24
C ALA LA 368 -36.82 6.37 -25.31
N LEU LA 369 -37.02 7.67 -25.54
CA LEU LA 369 -35.89 8.59 -25.61
C LEU LA 369 -35.23 8.77 -24.26
N GLN LA 370 -36.00 8.77 -23.18
CA GLN LA 370 -35.39 8.79 -21.85
C GLN LA 370 -34.52 7.56 -21.63
N THR LA 371 -35.03 6.39 -21.98
CA THR LA 371 -34.25 5.17 -21.83
C THR LA 371 -32.99 5.20 -22.69
N GLN LA 372 -33.12 5.67 -23.94
CA GLN LA 372 -31.97 5.76 -24.83
C GLN LA 372 -30.93 6.74 -24.30
N GLN LA 373 -31.37 7.87 -23.73
CA GLN LA 373 -30.44 8.81 -23.14
C GLN LA 373 -29.70 8.20 -21.97
N GLN LA 374 -30.42 7.45 -21.11
CA GLN LA 374 -29.76 6.82 -19.99
C GLN LA 374 -28.70 5.83 -20.45
N LEU LA 375 -29.06 4.99 -21.43
CA LEU LA 375 -28.10 4.02 -21.95
C LEU LA 375 -26.91 4.70 -22.61
N ALA LA 376 -27.16 5.78 -23.37
CA ALA LA 376 -26.08 6.49 -24.04
C ALA LA 376 -25.15 7.15 -23.03
N ILE LA 377 -25.69 7.71 -21.96
CA ILE LA 377 -24.86 8.32 -20.93
C ILE LA 377 -24.00 7.25 -20.25
N GLN LA 378 -24.61 6.09 -19.95
CA GLN LA 378 -23.83 5.02 -19.35
C GLN LA 378 -22.69 4.57 -20.26
N ALA LA 379 -22.98 4.40 -21.55
CA ALA LA 379 -21.95 3.99 -22.50
C ALA LA 379 -20.87 5.05 -22.65
N LEU LA 380 -21.26 6.32 -22.64
CA LEU LA 380 -20.30 7.40 -22.76
C LEU LA 380 -19.39 7.44 -21.54
N SER LA 381 -19.94 7.22 -20.35
CA SER LA 381 -19.12 7.14 -19.15
C SER LA 381 -18.15 5.97 -19.22
N ILE LA 382 -18.62 4.81 -19.71
CA ILE LA 382 -17.73 3.67 -19.86
C ILE LA 382 -16.60 3.98 -20.84
N ALA LA 383 -16.92 4.68 -21.93
CA ALA LA 383 -15.91 5.05 -22.92
C ALA LA 383 -14.92 6.05 -22.33
N ASN LA 384 -15.39 6.93 -21.44
CA ASN LA 384 -14.46 7.81 -20.74
C ASN LA 384 -13.54 7.02 -19.83
N SER LA 385 -14.09 6.04 -19.12
CA SER LA 385 -13.33 5.35 -18.09
C SER LA 385 -12.32 4.37 -18.67
N ASP LA 386 -12.63 3.73 -19.80
CA ASP LA 386 -11.81 2.63 -20.28
C ASP LA 386 -10.42 3.05 -20.72
N SER LA 387 -10.17 4.35 -20.91
CA SER LA 387 -8.87 4.82 -21.38
C SER LA 387 -7.81 4.85 -20.28
N GLN LA 388 -8.20 4.64 -19.02
CA GLN LA 388 -7.26 4.66 -17.90
C GLN LA 388 -6.54 3.34 -17.71
N ASN LA 389 -6.86 2.31 -18.48
CA ASN LA 389 -6.26 1.00 -18.27
C ASN LA 389 -4.77 0.98 -18.60
N VAL LA 390 -4.31 1.91 -19.46
CA VAL LA 390 -2.92 1.89 -19.90
C VAL LA 390 -1.94 2.17 -18.78
N LEU LA 391 -2.39 2.82 -17.71
CA LEU LA 391 -1.48 3.24 -16.64
C LEU LA 391 -0.79 2.07 -15.95
N SER LA 392 -1.36 0.85 -16.06
CA SER LA 392 -0.81 -0.28 -15.34
C SER LA 392 0.59 -0.64 -15.83
N LEU LA 393 0.82 -0.57 -17.15
CA LEU LA 393 2.10 -1.01 -17.70
C LEU LA 393 3.26 -0.14 -17.20
N PHE LA 394 3.07 1.18 -17.19
CA PHE LA 394 4.18 2.09 -16.96
C PHE LA 394 4.61 2.14 -15.50
N ARG LA 395 3.73 1.76 -14.57
CA ARG LA 395 4.07 1.75 -13.15
C ARG LA 395 4.76 0.45 -12.76
N THR MA 2 7.57 -10.36 21.86
CA THR MA 2 6.35 -10.92 21.27
C THR MA 2 6.45 -12.44 21.14
N SER MA 3 5.46 -13.15 21.67
CA SER MA 3 5.38 -14.59 21.55
C SER MA 3 4.69 -14.94 20.23
N ILE MA 4 5.38 -15.73 19.40
CA ILE MA 4 4.90 -15.99 18.04
C ILE MA 4 3.96 -17.18 17.97
N LEU MA 5 3.88 -17.98 19.02
CA LEU MA 5 3.06 -19.19 19.00
C LEU MA 5 1.69 -19.00 19.62
N THR MA 6 1.51 -17.97 20.44
CA THR MA 6 0.22 -17.65 21.04
C THR MA 6 -0.07 -16.17 20.87
N ASN MA 7 -1.35 -15.85 20.73
CA ASN MA 7 -1.82 -14.46 20.62
C ASN MA 7 -3.04 -14.33 21.53
N ASN MA 8 -2.78 -14.03 22.81
CA ASN MA 8 -3.85 -14.01 23.81
C ASN MA 8 -4.88 -12.93 23.50
N SER MA 9 -4.44 -11.79 22.97
CA SER MA 9 -5.39 -10.75 22.56
C SER MA 9 -6.31 -11.27 21.48
N ALA MA 10 -5.77 -12.02 20.52
CA ALA MA 10 -6.61 -12.63 19.49
C ALA MA 10 -7.60 -13.62 20.10
N MET MA 11 -7.18 -14.38 21.11
CA MET MA 11 -8.07 -15.35 21.73
C MET MA 11 -9.20 -14.65 22.48
N ALA MA 12 -8.89 -13.56 23.20
CA ALA MA 12 -9.93 -12.78 23.86
C ALA MA 12 -10.88 -12.17 22.84
N ALA MA 13 -10.35 -11.68 21.72
CA ALA MA 13 -11.21 -11.16 20.65
C ALA MA 13 -12.11 -12.25 20.10
N LEU MA 14 -11.58 -13.47 19.97
CA LEU MA 14 -12.40 -14.59 19.50
C LEU MA 14 -13.54 -14.87 20.48
N SER MA 15 -13.24 -14.87 21.78
CA SER MA 15 -14.29 -15.09 22.77
C SER MA 15 -15.36 -14.00 22.69
N GLY MA 16 -14.93 -12.74 22.55
CA GLY MA 16 -15.89 -11.66 22.38
C GLY MA 16 -16.75 -11.83 21.14
N VAL MA 17 -16.13 -12.26 20.03
CA VAL MA 17 -16.86 -12.46 18.79
C VAL MA 17 -17.89 -13.56 18.95
N ARG MA 18 -17.53 -14.66 19.63
CA ARG MA 18 -18.49 -15.74 19.84
C ARG MA 18 -19.66 -15.26 20.70
N SER MA 19 -19.38 -14.48 21.75
CA SER MA 19 -20.46 -13.97 22.59
C SER MA 19 -21.39 -13.07 21.79
N ILE MA 20 -20.81 -12.17 20.97
CA ILE MA 20 -21.62 -11.27 20.16
C ILE MA 20 -22.44 -12.07 19.15
N SER MA 21 -21.85 -13.11 18.56
CA SER MA 21 -22.58 -13.91 17.58
C SER MA 21 -23.76 -14.64 18.22
N SER MA 22 -23.56 -15.20 19.41
CA SER MA 22 -24.67 -15.86 20.09
C SER MA 22 -25.78 -14.86 20.42
N SER MA 23 -25.41 -13.69 20.95
CA SER MA 23 -26.42 -12.69 21.28
C SER MA 23 -27.14 -12.21 20.03
N MET MA 24 -26.41 -12.06 18.92
CA MET MA 24 -27.03 -11.63 17.67
C MET MA 24 -28.00 -12.67 17.14
N GLU MA 25 -27.62 -13.95 17.20
CA GLU MA 25 -28.55 -14.99 16.76
C GLU MA 25 -29.82 -14.98 17.60
N ASP MA 26 -29.67 -14.83 18.92
CA ASP MA 26 -30.83 -14.77 19.80
C ASP MA 26 -31.72 -13.59 19.44
N THR MA 27 -31.13 -12.40 19.28
CA THR MA 27 -31.94 -11.22 19.02
C THR MA 27 -32.58 -11.25 17.64
N GLN MA 28 -31.90 -11.87 16.66
CA GLN MA 28 -32.51 -12.05 15.35
C GLN MA 28 -33.73 -12.96 15.43
N SER MA 29 -33.63 -14.05 16.19
CA SER MA 29 -34.81 -14.88 16.41
C SER MA 29 -35.91 -14.07 17.08
N ARG MA 30 -35.55 -13.25 18.06
CA ARG MA 30 -36.52 -12.43 18.77
C ARG MA 30 -37.26 -11.47 17.84
N ILE MA 31 -36.51 -10.79 16.98
CA ILE MA 31 -37.14 -9.82 16.07
C ILE MA 31 -37.84 -10.50 14.90
N SER MA 32 -37.50 -11.76 14.61
CA SER MA 32 -38.09 -12.46 13.49
C SER MA 32 -39.34 -13.25 13.86
N SER MA 33 -39.54 -13.58 15.13
CA SER MA 33 -40.71 -14.36 15.50
C SER MA 33 -41.35 -13.85 16.78
N GLY MA 34 -41.07 -12.60 17.14
CA GLY MA 34 -41.57 -12.07 18.40
C GLY MA 34 -41.10 -12.88 19.59
N LEU MA 35 -42.03 -13.42 20.38
CA LEU MA 35 -41.68 -14.36 21.44
C LEU MA 35 -40.54 -13.89 22.34
N ARG MA 36 -40.80 -12.88 23.19
CA ARG MA 36 -39.80 -12.47 24.17
C ARG MA 36 -39.30 -13.67 24.96
N VAL MA 37 -40.20 -14.59 25.30
CA VAL MA 37 -39.81 -15.85 25.92
C VAL MA 37 -39.63 -16.88 24.81
N GLY MA 38 -38.41 -17.40 24.68
CA GLY MA 38 -38.09 -18.38 23.67
C GLY MA 38 -38.91 -19.65 23.80
N SER MA 39 -38.64 -20.57 22.87
CA SER MA 39 -39.37 -21.85 22.77
C SER MA 39 -39.42 -22.49 24.17
N ALA MA 40 -38.31 -22.93 24.73
CA ALA MA 40 -38.28 -23.31 26.15
C ALA MA 40 -36.93 -23.00 26.78
N SER MA 41 -36.02 -22.41 26.01
CA SER MA 41 -34.66 -22.17 26.48
C SER MA 41 -34.56 -20.94 27.35
N ASP MA 42 -35.62 -20.15 27.44
CA ASP MA 42 -35.71 -19.05 28.40
C ASP MA 42 -36.35 -19.56 29.68
N ASN MA 43 -36.81 -18.64 30.53
CA ASN MA 43 -37.38 -19.03 31.81
C ASN MA 43 -38.59 -19.96 31.67
N ALA MA 44 -38.39 -21.22 32.09
CA ALA MA 44 -39.33 -22.28 31.77
C ALA MA 44 -40.71 -22.06 32.38
N ALA MA 45 -40.74 -21.52 33.61
CA ALA MA 45 -42.02 -21.39 34.32
C ALA MA 45 -43.01 -20.54 33.54
N TYR MA 46 -42.57 -19.39 33.05
CA TYR MA 46 -43.48 -18.51 32.32
C TYR MA 46 -43.91 -19.14 31.00
N TRP MA 47 -43.01 -19.87 30.34
CA TRP MA 47 -43.39 -20.58 29.12
C TRP MA 47 -44.45 -21.64 29.41
N SER MA 48 -44.29 -22.35 30.52
CA SER MA 48 -45.27 -23.35 30.91
C SER MA 48 -46.63 -22.71 31.18
N ILE MA 49 -46.62 -21.58 31.88
CA ILE MA 49 -47.87 -20.85 32.13
C ILE MA 49 -48.51 -20.44 30.81
N ALA MA 50 -47.69 -19.92 29.89
CA ALA MA 50 -48.22 -19.49 28.59
C ALA MA 50 -48.82 -20.66 27.83
N THR MA 51 -48.16 -21.82 27.85
CA THR MA 51 -48.68 -22.99 27.16
C THR MA 51 -50.01 -23.43 27.79
N THR MA 52 -50.09 -23.41 29.12
CA THR MA 52 -51.33 -23.77 29.78
C THR MA 52 -52.46 -22.83 29.39
N MET MA 53 -52.18 -21.52 29.32
CA MET MA 53 -53.21 -20.57 28.91
C MET MA 53 -53.59 -20.73 27.44
N ARG MA 54 -52.64 -21.10 26.58
CA ARG MA 54 -53.00 -21.37 25.19
C ARG MA 54 -53.92 -22.58 25.08
N SER MA 55 -53.63 -23.63 25.85
CA SER MA 55 -54.51 -24.79 25.86
C SER MA 55 -55.90 -24.41 26.39
N ASP MA 56 -55.95 -23.60 27.45
CA ASP MA 56 -57.23 -23.15 27.98
C ASP MA 56 -57.99 -22.29 26.96
N ASN MA 57 -57.26 -21.48 26.20
CA ASN MA 57 -57.90 -20.67 25.16
C ASN MA 57 -58.49 -21.55 24.07
N GLN MA 58 -57.77 -22.60 23.68
CA GLN MA 58 -58.33 -23.55 22.71
C GLN MA 58 -59.60 -24.21 23.26
N ALA MA 59 -59.56 -24.59 24.54
CA ALA MA 59 -60.75 -25.17 25.17
C ALA MA 59 -61.91 -24.18 25.17
N LEU MA 60 -61.62 -22.90 25.44
CA LEU MA 60 -62.67 -21.89 25.45
C LEU MA 60 -63.24 -21.68 24.05
N SER MA 61 -62.40 -21.77 23.02
CA SER MA 61 -62.91 -21.70 21.65
C SER MA 61 -63.86 -22.86 21.36
N ALA MA 62 -63.49 -24.06 21.79
CA ALA MA 62 -64.38 -25.21 21.64
C ALA MA 62 -65.69 -24.99 22.38
N VAL MA 63 -65.61 -24.42 23.58
CA VAL MA 63 -66.81 -24.12 24.36
C VAL MA 63 -67.66 -23.09 23.64
N GLN MA 64 -67.02 -22.12 22.98
CA GLN MA 64 -67.77 -21.13 22.21
C GLN MA 64 -68.54 -21.79 21.07
N ASP MA 65 -67.89 -22.71 20.36
CA ASP MA 65 -68.59 -23.43 19.29
C ASP MA 65 -69.76 -24.24 19.84
N ALA MA 66 -69.54 -24.93 20.96
CA ALA MA 66 -70.62 -25.69 21.57
C ALA MA 66 -71.76 -24.79 22.02
N LEU MA 67 -71.42 -23.60 22.55
CA LEU MA 67 -72.44 -22.65 22.96
C LEU MA 67 -73.26 -22.17 21.78
N GLY MA 68 -72.61 -21.91 20.64
CA GLY MA 68 -73.35 -21.54 19.45
C GLY MA 68 -74.29 -22.64 19.00
N LEU MA 69 -73.82 -23.89 19.00
CA LEU MA 69 -74.67 -25.01 18.62
C LEU MA 69 -75.88 -25.13 19.56
N GLY MA 70 -75.64 -25.01 20.86
CA GLY MA 70 -76.73 -25.09 21.81
C GLY MA 70 -77.71 -23.94 21.67
N ALA MA 71 -77.21 -22.75 21.36
CA ALA MA 71 -78.09 -21.61 21.13
C ALA MA 71 -78.98 -21.85 19.91
N ALA MA 72 -78.42 -22.42 18.85
CA ALA MA 72 -79.24 -22.75 17.69
C ALA MA 72 -80.32 -23.78 18.05
N LYS MA 73 -79.94 -24.80 18.82
CA LYS MA 73 -80.91 -25.80 19.25
C LYS MA 73 -82.04 -25.17 20.06
N VAL MA 74 -81.68 -24.31 21.00
CA VAL MA 74 -82.68 -23.68 21.86
C VAL MA 74 -83.57 -22.75 21.05
N ASP MA 75 -83.02 -22.05 20.06
CA ASP MA 75 -83.83 -21.20 19.21
C ASP MA 75 -84.85 -22.02 18.43
N THR MA 76 -84.43 -23.15 17.87
CA THR MA 76 -85.36 -24.01 17.15
C THR MA 76 -86.45 -24.53 18.08
N ALA MA 77 -86.07 -24.96 19.29
CA ALA MA 77 -87.05 -25.48 20.24
C ALA MA 77 -88.04 -24.38 20.64
N TYR MA 78 -87.55 -23.16 20.84
CA TYR MA 78 -88.42 -22.06 21.24
C TYR MA 78 -89.40 -21.71 20.13
N SER MA 79 -88.93 -21.73 18.87
CA SER MA 79 -89.84 -21.49 17.75
C SER MA 79 -90.93 -22.56 17.69
N GLY MA 80 -90.54 -23.82 17.86
CA GLY MA 80 -91.54 -24.88 17.88
C GLY MA 80 -92.53 -24.72 19.02
N MET MA 81 -92.04 -24.33 20.20
CA MET MA 81 -92.92 -24.10 21.34
C MET MA 81 -93.90 -22.97 21.07
N GLU MA 82 -93.43 -21.89 20.44
CA GLU MA 82 -94.33 -20.78 20.12
C GLU MA 82 -95.41 -21.21 19.13
N SER MA 83 -95.02 -21.99 18.11
CA SER MA 83 -96.02 -22.49 17.16
C SER MA 83 -97.05 -23.36 17.86
N ALA MA 84 -96.59 -24.25 18.75
CA ALA MA 84 -97.52 -25.11 19.48
C ALA MA 84 -98.45 -24.30 20.36
N ILE MA 85 -97.93 -23.28 21.02
CA ILE MA 85 -98.77 -22.43 21.87
C ILE MA 85 -99.83 -21.73 21.04
N GLU MA 86 -99.45 -21.21 19.87
CA GLU MA 86 -100.44 -20.55 19.02
C GLU MA 86 -101.52 -21.52 18.57
N VAL MA 87 -101.12 -22.74 18.18
CA VAL MA 87 -102.11 -23.72 17.73
C VAL MA 87 -103.06 -24.09 18.86
N VAL MA 88 -102.52 -24.29 20.06
CA VAL MA 88 -103.37 -24.68 21.20
C VAL MA 88 -104.30 -23.55 21.60
N LYS MA 89 -103.82 -22.30 21.51
CA LYS MA 89 -104.69 -21.16 21.75
C LYS MA 89 -105.83 -21.13 20.74
N GLU MA 90 -105.53 -21.42 19.47
CA GLU MA 90 -106.57 -21.48 18.45
C GLU MA 90 -107.58 -22.58 18.78
N ILE MA 91 -107.09 -23.74 19.24
CA ILE MA 91 -107.97 -24.84 19.64
C ILE MA 91 -108.89 -24.41 20.77
N LYS MA 92 -108.32 -23.74 21.78
CA LYS MA 92 -109.12 -23.29 22.92
C LYS MA 92 -110.19 -22.30 22.48
N ALA MA 93 -109.83 -21.38 21.58
CA ALA MA 93 -110.81 -20.43 21.07
C ALA MA 93 -111.94 -21.15 20.34
N LYS MA 94 -111.58 -22.14 19.50
CA LYS MA 94 -112.61 -22.90 18.79
C LYS MA 94 -113.53 -23.63 19.75
N LEU MA 95 -112.96 -24.24 20.79
CA LEU MA 95 -113.79 -25.02 21.71
C LEU MA 95 -114.71 -24.11 22.53
N VAL MA 96 -114.19 -22.97 23.01
CA VAL MA 96 -115.02 -22.08 23.80
C VAL MA 96 -116.09 -21.44 22.91
N ALA MA 97 -115.83 -21.30 21.61
CA ALA MA 97 -116.89 -20.90 20.69
C ALA MA 97 -117.92 -22.02 20.52
N ALA MA 98 -117.45 -23.27 20.51
CA ALA MA 98 -118.31 -24.42 20.28
C ALA MA 98 -119.07 -24.85 21.52
N THR MA 99 -118.82 -24.26 22.68
CA THR MA 99 -119.58 -24.64 23.88
C THR MA 99 -121.07 -24.39 23.70
N GLU MA 100 -121.45 -23.52 22.78
CA GLU MA 100 -122.87 -23.28 22.49
C GLU MA 100 -123.51 -24.55 21.93
N ASP MA 101 -124.76 -24.79 22.34
CA ASP MA 101 -125.50 -25.96 21.88
C ASP MA 101 -126.11 -25.77 20.50
N GLY MA 102 -126.17 -24.55 20.00
CA GLY MA 102 -126.74 -24.28 18.69
C GLY MA 102 -125.80 -24.45 17.52
N VAL MA 103 -124.57 -24.90 17.77
CA VAL MA 103 -123.55 -25.07 16.74
C VAL MA 103 -123.27 -26.55 16.57
N ASP MA 104 -123.31 -27.04 15.33
CA ASP MA 104 -122.98 -28.43 15.07
C ASP MA 104 -121.53 -28.70 15.46
N LYS MA 105 -121.33 -29.80 16.18
CA LYS MA 105 -120.03 -30.10 16.76
C LYS MA 105 -119.13 -30.92 15.85
N ALA MA 106 -119.65 -31.42 14.72
CA ALA MA 106 -118.81 -32.21 13.81
C ALA MA 106 -117.75 -31.34 13.15
N LYS MA 107 -118.12 -30.13 12.75
CA LYS MA 107 -117.16 -29.22 12.13
C LYS MA 107 -116.05 -28.85 13.11
N ILE MA 108 -116.43 -28.55 14.36
CA ILE MA 108 -115.43 -28.22 15.36
C ILE MA 108 -114.56 -29.43 15.65
N GLN MA 109 -115.15 -30.63 15.67
CA GLN MA 109 -114.38 -31.84 15.93
C GLN MA 109 -113.34 -32.08 14.85
N GLU MA 110 -113.72 -31.91 13.58
CA GLU MA 110 -112.75 -32.12 12.52
C GLU MA 110 -111.70 -31.02 12.49
N GLU MA 111 -112.07 -29.78 12.84
CA GLU MA 111 -111.08 -28.72 12.95
C GLU MA 111 -110.07 -29.03 14.04
N ILE MA 112 -110.56 -29.52 15.19
CA ILE MA 112 -109.66 -29.88 16.29
C ILE MA 112 -108.78 -31.06 15.89
N THR MA 113 -109.32 -31.99 15.11
CA THR MA 113 -108.50 -33.11 14.61
C THR MA 113 -107.37 -32.60 13.73
N GLN MA 114 -107.69 -31.67 12.82
CA GLN MA 114 -106.65 -31.08 11.98
C GLN MA 114 -105.61 -30.35 12.81
N LEU MA 115 -106.05 -29.61 13.83
CA LEU MA 115 -105.11 -28.87 14.67
C LEU MA 115 -104.25 -29.83 15.50
N LYS MA 116 -104.81 -30.96 15.93
CA LYS MA 116 -104.02 -31.95 16.65
C LYS MA 116 -102.98 -32.58 15.73
N ASP MA 117 -103.35 -32.86 14.48
CA ASP MA 117 -102.36 -33.35 13.52
C ASP MA 117 -101.25 -32.32 13.30
N GLN MA 118 -101.63 -31.05 13.23
CA GLN MA 118 -100.62 -29.99 13.10
C GLN MA 118 -99.71 -29.95 14.31
N LEU MA 119 -100.27 -30.11 15.52
CA LEU MA 119 -99.46 -30.14 16.72
C LEU MA 119 -98.48 -31.31 16.70
N THR MA 120 -98.95 -32.48 16.28
CA THR MA 120 -98.06 -33.64 16.20
C THR MA 120 -96.94 -33.40 15.20
N SER MA 121 -97.28 -32.83 14.04
CA SER MA 121 -96.26 -32.54 13.02
C SER MA 121 -95.24 -31.54 13.54
N ILE MA 122 -95.70 -30.50 14.24
CA ILE MA 122 -94.77 -29.52 14.79
C ILE MA 122 -93.87 -30.17 15.83
N ALA MA 123 -94.44 -31.02 16.69
CA ALA MA 123 -93.65 -31.66 17.73
C ALA MA 123 -92.58 -32.58 17.15
N ASP MA 124 -92.94 -33.37 16.13
CA ASP MA 124 -91.96 -34.30 15.57
C ASP MA 124 -91.03 -33.66 14.55
N ALA MA 125 -91.35 -32.47 14.05
CA ALA MA 125 -90.53 -31.85 13.01
C ALA MA 125 -89.52 -30.84 13.56
N ALA MA 126 -89.80 -30.26 14.73
CA ALA MA 126 -88.95 -29.22 15.31
C ALA MA 126 -87.69 -29.86 15.91
N SER MA 127 -86.86 -30.40 15.02
CA SER MA 127 -85.61 -31.06 15.40
C SER MA 127 -84.47 -30.41 14.66
N PHE MA 128 -83.47 -29.93 15.40
CA PHE MA 128 -82.32 -29.30 14.77
C PHE MA 128 -81.32 -30.34 14.28
N SER MA 129 -80.71 -31.07 15.19
CA SER MA 129 -79.68 -32.06 14.88
C SER MA 129 -79.99 -33.38 15.58
N GLY MA 130 -81.24 -33.81 15.47
CA GLY MA 130 -81.68 -35.01 16.19
C GLY MA 130 -82.13 -34.73 17.59
N GLU MA 131 -81.32 -34.01 18.37
CA GLU MA 131 -81.71 -33.61 19.71
C GLU MA 131 -82.69 -32.44 19.64
N ASN MA 132 -83.99 -32.74 19.65
CA ASN MA 132 -85.02 -31.75 19.46
C ASN MA 132 -85.55 -31.16 20.76
N TRP MA 133 -85.16 -31.70 21.90
CA TRP MA 133 -85.62 -31.25 23.22
C TRP MA 133 -87.13 -31.37 23.38
N LEU MA 134 -87.77 -32.13 22.49
CA LEU MA 134 -89.21 -32.33 22.52
C LEU MA 134 -89.51 -33.77 22.12
N GLN MA 135 -90.68 -34.25 22.53
CA GLN MA 135 -91.10 -35.63 22.28
C GLN MA 135 -90.05 -36.62 22.79
N ALA MA 136 -89.70 -36.46 24.06
CA ALA MA 136 -88.66 -37.28 24.66
C ALA MA 136 -89.26 -38.59 25.17
N ASP MA 137 -88.41 -39.42 25.77
CA ASP MA 137 -88.82 -40.69 26.35
C ASP MA 137 -88.95 -40.51 27.85
N LEU MA 138 -90.19 -40.54 28.36
CA LEU MA 138 -90.46 -40.36 29.77
C LEU MA 138 -90.67 -41.68 30.51
N SER MA 139 -90.35 -42.80 29.87
CA SER MA 139 -90.43 -44.09 30.55
C SER MA 139 -89.47 -44.16 31.74
N GLY MA 140 -88.26 -43.62 31.56
CA GLY MA 140 -87.32 -43.57 32.67
C GLY MA 140 -87.79 -42.68 33.80
N GLY MA 141 -88.49 -41.59 33.48
CA GLY MA 141 -89.02 -40.71 34.49
C GLY MA 141 -88.59 -39.27 34.33
N ALA MA 142 -87.34 -39.06 33.93
CA ALA MA 142 -86.81 -37.72 33.75
C ALA MA 142 -85.53 -37.80 32.92
N VAL MA 143 -85.44 -36.95 31.90
CA VAL MA 143 -84.25 -36.83 31.07
C VAL MA 143 -83.80 -35.38 31.09
N THR MA 144 -82.50 -35.17 31.24
CA THR MA 144 -81.92 -33.85 31.38
C THR MA 144 -80.96 -33.60 30.21
N LYS MA 145 -81.25 -32.57 29.42
CA LYS MA 145 -80.37 -32.16 28.34
C LYS MA 145 -79.43 -31.06 28.83
N SER MA 146 -78.18 -31.13 28.38
CA SER MA 146 -77.14 -30.22 28.84
C SER MA 146 -76.51 -29.50 27.66
N VAL MA 147 -76.18 -28.23 27.87
CA VAL MA 147 -75.47 -27.40 26.89
C VAL MA 147 -74.16 -26.96 27.52
N VAL MA 148 -73.06 -27.15 26.79
CA VAL MA 148 -71.74 -26.81 27.33
C VAL MA 148 -71.68 -25.31 27.59
N GLY MA 149 -71.48 -24.95 28.86
CA GLY MA 149 -71.47 -23.55 29.24
C GLY MA 149 -70.09 -22.92 29.29
N SER MA 150 -69.17 -23.53 30.03
CA SER MA 150 -67.83 -22.96 30.19
C SER MA 150 -66.85 -24.06 30.55
N PHE MA 151 -65.57 -23.75 30.37
CA PHE MA 151 -64.48 -24.64 30.75
C PHE MA 151 -63.74 -23.98 31.92
N VAL MA 152 -63.70 -24.69 33.06
CA VAL MA 152 -63.19 -24.13 34.30
C VAL MA 152 -62.02 -24.96 34.77
N ARG MA 153 -60.90 -24.30 35.08
CA ARG MA 153 -59.74 -24.94 35.67
C ARG MA 153 -59.73 -24.63 37.16
N ASP MA 154 -60.00 -25.64 37.98
CA ASP MA 154 -60.03 -25.45 39.42
C ASP MA 154 -58.65 -25.10 39.94
N GLY MA 155 -58.62 -24.31 41.02
CA GLY MA 155 -57.36 -23.88 41.58
C GLY MA 155 -56.50 -25.01 42.08
N SER MA 156 -57.12 -26.08 42.59
CA SER MA 156 -56.39 -27.22 43.13
C SER MA 156 -56.01 -28.22 42.04
N GLY MA 157 -55.38 -27.71 40.98
CA GLY MA 157 -54.81 -28.55 39.94
C GLY MA 157 -55.78 -29.52 39.28
N SER MA 158 -56.95 -29.04 38.88
CA SER MA 158 -57.94 -29.89 38.22
C SER MA 158 -58.80 -29.04 37.30
N VAL MA 159 -59.40 -29.70 36.32
CA VAL MA 159 -60.25 -29.02 35.34
C VAL MA 159 -61.55 -29.79 35.19
N ALA MA 160 -62.56 -29.10 34.67
CA ALA MA 160 -63.87 -29.68 34.42
C ALA MA 160 -64.61 -28.79 33.43
N VAL MA 161 -65.74 -29.29 32.94
CA VAL MA 161 -66.58 -28.56 32.01
C VAL MA 161 -67.96 -28.37 32.66
N LYS MA 162 -68.49 -27.15 32.59
CA LYS MA 162 -69.78 -26.84 33.16
C LYS MA 162 -70.86 -26.91 32.09
N LYS MA 163 -72.07 -27.22 32.51
CA LYS MA 163 -73.19 -27.41 31.60
C LYS MA 163 -74.42 -26.70 32.13
N VAL MA 164 -75.32 -26.35 31.22
CA VAL MA 164 -76.62 -25.77 31.56
C VAL MA 164 -77.68 -26.84 31.34
N ASP MA 165 -78.44 -27.13 32.39
CA ASP MA 165 -79.35 -28.27 32.39
C ASP MA 165 -80.78 -27.80 32.13
N TYR MA 166 -81.45 -28.47 31.20
CA TYR MA 166 -82.87 -28.25 30.92
C TYR MA 166 -83.60 -29.56 31.16
N SER MA 167 -84.56 -29.55 32.08
CA SER MA 167 -85.23 -30.77 32.51
C SER MA 167 -86.46 -31.01 31.65
N LEU MA 168 -86.51 -32.18 31.01
CA LEU MA 168 -87.65 -32.59 30.20
C LEU MA 168 -88.53 -33.51 31.04
N ASN MA 169 -89.27 -32.91 31.97
CA ASN MA 169 -90.15 -33.65 32.86
C ASN MA 169 -91.51 -33.82 32.21
N ALA MA 170 -92.50 -34.24 32.99
CA ALA MA 170 -93.86 -34.42 32.49
C ALA MA 170 -94.62 -33.12 32.33
N ASN MA 171 -93.94 -31.97 32.39
CA ASN MA 171 -94.57 -30.68 32.22
C ASN MA 171 -94.20 -29.97 30.94
N SER MA 172 -93.08 -30.31 30.32
CA SER MA 172 -92.61 -29.67 29.09
C SER MA 172 -92.10 -30.72 28.11
N VAL MA 173 -92.87 -31.80 27.95
CA VAL MA 173 -92.42 -32.93 27.14
C VAL MA 173 -92.99 -32.84 25.74
N LEU MA 174 -94.21 -32.31 25.60
CA LEU MA 174 -94.82 -32.14 24.28
C LEU MA 174 -94.94 -33.46 23.52
N PHE MA 175 -95.90 -34.30 23.92
CA PHE MA 175 -96.15 -35.60 23.27
C PHE MA 175 -95.03 -36.61 23.50
N ASP MA 176 -94.83 -37.02 24.75
CA ASP MA 176 -94.00 -38.18 25.08
C ASP MA 176 -94.31 -39.35 24.15
N THR MA 177 -93.24 -39.93 23.60
CA THR MA 177 -93.37 -40.87 22.49
C THR MA 177 -93.62 -42.31 22.90
N VAL MA 178 -93.53 -42.65 24.19
CA VAL MA 178 -93.63 -44.05 24.58
C VAL MA 178 -94.88 -44.28 25.43
N GLY MA 179 -94.94 -43.65 26.60
CA GLY MA 179 -96.03 -43.89 27.52
C GLY MA 179 -97.21 -42.97 27.41
N ASP MA 180 -97.10 -41.91 26.60
CA ASP MA 180 -98.13 -40.88 26.49
C ASP MA 180 -98.47 -40.29 27.86
N THR MA 181 -97.46 -40.23 28.72
CA THR MA 181 -97.58 -39.61 30.04
C THR MA 181 -96.67 -38.37 30.07
N GLY MA 182 -97.30 -37.22 30.22
CA GLY MA 182 -96.58 -35.95 30.15
C GLY MA 182 -97.55 -34.78 30.16
N ILE MA 183 -97.37 -33.85 29.23
CA ILE MA 183 -98.35 -32.78 29.05
C ILE MA 183 -99.72 -33.36 28.74
N LEU MA 184 -99.76 -34.43 27.96
CA LEU MA 184 -101.01 -35.12 27.70
C LEU MA 184 -101.44 -35.93 28.91
N ASP MA 185 -102.75 -36.20 28.99
CA ASP MA 185 -103.35 -37.15 29.93
C ASP MA 185 -103.30 -36.61 31.35
N LYS MA 186 -102.61 -35.49 31.56
CA LYS MA 186 -102.56 -34.85 32.87
C LYS MA 186 -103.59 -33.72 32.90
N VAL MA 187 -104.29 -33.60 34.02
CA VAL MA 187 -105.35 -32.59 34.12
C VAL MA 187 -104.87 -31.39 34.95
N TYR MA 188 -104.51 -31.63 36.21
CA TYR MA 188 -104.13 -30.55 37.13
C TYR MA 188 -105.15 -29.42 37.11
N ASN MA 189 -106.42 -29.75 36.93
CA ASN MA 189 -107.45 -28.74 36.76
C ASN MA 189 -107.66 -27.94 38.04
N VAL MA 190 -107.96 -26.65 37.86
CA VAL MA 190 -108.11 -25.77 39.02
C VAL MA 190 -109.33 -26.14 39.83
N SER MA 191 -110.41 -26.55 39.17
CA SER MA 191 -111.67 -26.84 39.85
C SER MA 191 -112.39 -27.95 39.10
N GLN MA 192 -113.67 -28.13 39.42
CA GLN MA 192 -114.52 -29.14 38.82
C GLN MA 192 -115.80 -28.47 38.32
N ALA MA 193 -116.48 -29.15 37.39
CA ALA MA 193 -117.74 -28.63 36.88
C ALA MA 193 -118.74 -28.47 38.01
N SER MA 194 -119.40 -27.31 38.03
CA SER MA 194 -120.30 -26.94 39.13
C SER MA 194 -121.62 -26.44 38.58
N VAL MA 195 -122.67 -26.62 39.37
CA VAL MA 195 -124.00 -26.15 39.03
C VAL MA 195 -124.65 -25.56 40.27
N THR MA 196 -125.30 -24.42 40.10
CA THR MA 196 -125.99 -23.74 41.19
C THR MA 196 -127.47 -24.12 41.17
N LEU MA 197 -127.97 -24.64 42.28
CA LEU MA 197 -129.32 -25.16 42.37
C LEU MA 197 -130.18 -24.29 43.28
N THR MA 198 -131.49 -24.37 43.06
CA THR MA 198 -132.48 -23.67 43.87
C THR MA 198 -133.19 -24.74 44.70
N VAL MA 199 -132.61 -25.07 45.86
CA VAL MA 199 -133.11 -26.12 46.73
C VAL MA 199 -133.52 -25.48 48.05
N ASN MA 200 -134.76 -25.75 48.47
CA ASN MA 200 -135.29 -25.22 49.72
C ASN MA 200 -135.22 -26.31 50.78
N THR MA 201 -134.28 -26.16 51.71
CA THR MA 201 -134.20 -27.10 52.84
C THR MA 201 -135.47 -27.03 53.68
N ASN MA 202 -135.98 -25.82 53.91
CA ASN MA 202 -137.23 -25.62 54.63
C ASN MA 202 -138.18 -24.81 53.78
N GLY MA 203 -139.27 -24.32 54.37
CA GLY MA 203 -140.24 -23.51 53.67
C GLY MA 203 -139.65 -22.31 52.94
N VAL MA 204 -138.43 -21.92 53.30
CA VAL MA 204 -137.73 -20.81 52.65
C VAL MA 204 -136.76 -21.37 51.62
N GLU MA 205 -136.69 -20.70 50.47
CA GLU MA 205 -135.81 -21.10 49.39
C GLU MA 205 -134.39 -20.61 49.66
N SER MA 206 -133.41 -21.33 49.10
CA SER MA 206 -132.02 -20.99 49.30
C SER MA 206 -131.21 -21.46 48.10
N GLN MA 207 -130.03 -20.87 47.93
CA GLN MA 207 -129.13 -21.17 46.82
C GLN MA 207 -127.97 -22.02 47.31
N HIS MA 208 -127.67 -23.09 46.58
CA HIS MA 208 -126.60 -24.00 46.93
C HIS MA 208 -125.76 -24.31 45.70
N THR MA 209 -124.47 -24.57 45.93
CA THR MA 209 -123.53 -24.92 44.88
C THR MA 209 -123.06 -26.36 45.08
N VAL MA 210 -123.21 -27.18 44.05
CA VAL MA 210 -122.82 -28.59 44.10
C VAL MA 210 -122.15 -28.96 42.78
N ALA MA 211 -121.15 -29.83 42.86
CA ALA MA 211 -120.44 -30.26 41.67
C ALA MA 211 -121.35 -31.06 40.75
N ALA MA 212 -121.16 -30.90 39.45
CA ALA MA 212 -121.93 -31.58 38.44
C ALA MA 212 -121.10 -32.67 37.77
N TYR MA 213 -121.74 -33.79 37.46
CA TYR MA 213 -121.09 -34.95 36.87
C TYR MA 213 -121.72 -35.25 35.52
N SER MA 214 -120.87 -35.46 34.51
CA SER MA 214 -121.36 -35.77 33.18
C SER MA 214 -122.02 -37.14 33.15
N LEU MA 215 -123.08 -37.25 32.34
CA LEU MA 215 -123.77 -38.53 32.20
C LEU MA 215 -122.87 -39.59 31.58
N GLU MA 216 -121.97 -39.18 30.69
CA GLU MA 216 -121.05 -40.12 30.07
C GLU MA 216 -120.13 -40.77 31.10
N SER MA 217 -119.66 -39.99 32.06
CA SER MA 217 -118.79 -40.55 33.11
C SER MA 217 -119.52 -41.61 33.93
N LEU MA 218 -120.80 -41.35 34.25
CA LEU MA 218 -121.58 -42.33 35.00
C LEU MA 218 -121.83 -43.59 34.16
N THR MA 219 -122.29 -43.41 32.91
CA THR MA 219 -122.65 -44.55 32.08
C THR MA 219 -121.43 -45.36 31.65
N GLU MA 220 -120.23 -44.77 31.69
CA GLU MA 220 -119.04 -45.51 31.30
C GLU MA 220 -118.64 -46.55 32.34
N ALA MA 221 -118.86 -46.24 33.62
CA ALA MA 221 -118.44 -47.10 34.71
C ALA MA 221 -119.50 -48.14 35.09
N GLY MA 222 -120.43 -48.44 34.20
CA GLY MA 222 -121.43 -49.44 34.49
C GLY MA 222 -122.44 -49.01 35.54
N ALA MA 223 -123.25 -48.02 35.21
CA ALA MA 223 -124.21 -47.44 36.14
C ALA MA 223 -125.62 -47.91 35.81
N GLU MA 224 -126.31 -48.43 36.82
CA GLU MA 224 -127.73 -48.73 36.68
C GLU MA 224 -128.53 -47.44 36.69
N PHE MA 225 -129.61 -47.42 35.91
CA PHE MA 225 -130.45 -46.23 35.79
C PHE MA 225 -131.91 -46.59 35.95
N GLN MA 226 -132.67 -45.65 36.51
CA GLN MA 226 -134.12 -45.80 36.64
C GLN MA 226 -134.71 -44.40 36.74
N GLY MA 227 -135.40 -43.96 35.71
CA GLY MA 227 -135.96 -42.62 35.68
C GLY MA 227 -134.89 -41.56 35.76
N ASN MA 228 -134.79 -40.89 36.91
CA ASN MA 228 -133.78 -39.88 37.17
C ASN MA 228 -132.86 -40.31 38.30
N TYR MA 229 -132.47 -41.58 38.31
CA TYR MA 229 -131.61 -42.14 39.33
C TYR MA 229 -130.44 -42.86 38.68
N ALA MA 230 -129.26 -42.72 39.29
CA ALA MA 230 -128.06 -43.43 38.87
C ALA MA 230 -127.44 -44.12 40.07
N LEU MA 231 -126.99 -45.36 39.88
CA LEU MA 231 -126.41 -46.18 40.94
C LEU MA 231 -125.12 -46.83 40.44
N GLN MA 232 -124.20 -45.99 39.95
CA GLN MA 232 -122.92 -46.46 39.43
C GLN MA 232 -122.25 -47.43 40.41
N GLY MA 233 -122.00 -46.97 41.63
CA GLY MA 233 -121.42 -47.83 42.65
C GLY MA 233 -122.10 -47.61 43.99
N GLY MA 234 -121.30 -47.48 45.05
CA GLY MA 234 -121.87 -47.08 46.33
C GLY MA 234 -122.50 -45.71 46.28
N ASN MA 235 -121.92 -44.81 45.50
CA ASN MA 235 -122.48 -43.47 45.34
C ASN MA 235 -123.78 -43.52 44.55
N SER MA 236 -124.67 -42.58 44.85
CA SER MA 236 -125.97 -42.48 44.20
C SER MA 236 -126.10 -41.10 43.57
N TYR MA 237 -126.50 -41.06 42.30
CA TYR MA 237 -126.67 -39.82 41.57
C TYR MA 237 -128.11 -39.66 41.11
N VAL MA 238 -128.59 -38.42 41.11
CA VAL MA 238 -129.92 -38.08 40.63
C VAL MA 238 -129.81 -36.88 39.69
N LYS MA 239 -130.82 -36.75 38.84
CA LYS MA 239 -130.90 -35.64 37.90
C LYS MA 239 -131.90 -34.63 38.43
N VAL MA 240 -131.46 -33.37 38.57
CA VAL MA 240 -132.31 -32.33 39.13
C VAL MA 240 -133.05 -31.58 38.02
N GLU MA 241 -132.32 -30.96 37.09
CA GLU MA 241 -132.94 -30.47 35.85
C GLU MA 241 -132.29 -31.07 34.62
N ASN MA 242 -130.98 -30.96 34.47
CA ASN MA 242 -130.27 -31.56 33.33
C ASN MA 242 -128.95 -32.22 33.69
N VAL MA 243 -128.40 -31.98 34.87
CA VAL MA 243 -127.10 -32.50 35.25
C VAL MA 243 -127.26 -33.49 36.41
N TRP MA 244 -126.39 -34.48 36.46
CA TRP MA 244 -126.41 -35.48 37.52
C TRP MA 244 -125.52 -35.04 38.66
N VAL MA 245 -126.07 -35.06 39.88
CA VAL MA 245 -125.34 -34.64 41.08
C VAL MA 245 -125.48 -35.73 42.13
N ARG MA 246 -124.54 -35.71 43.08
CA ARG MA 246 -124.56 -36.68 44.17
C ARG MA 246 -125.82 -36.52 45.01
N ALA MA 247 -126.43 -37.64 45.38
CA ALA MA 247 -127.62 -37.66 46.21
C ALA MA 247 -127.36 -38.50 47.46
N GLU MA 248 -128.33 -38.48 48.37
CA GLU MA 248 -128.24 -39.25 49.60
C GLU MA 248 -129.63 -39.71 50.00
N THR MA 249 -129.67 -40.71 50.88
CA THR MA 249 -130.94 -41.29 51.29
C THR MA 249 -131.72 -40.32 52.15
N ALA MA 250 -132.99 -40.64 52.38
CA ALA MA 250 -133.83 -39.85 53.25
C ALA MA 250 -133.39 -40.00 54.70
N ALA MA 251 -133.93 -39.12 55.56
CA ALA MA 251 -133.61 -39.09 56.98
C ALA MA 251 -132.13 -38.88 57.25
N THR MA 252 -131.41 -38.29 56.30
CA THR MA 252 -130.01 -37.95 56.47
C THR MA 252 -129.73 -36.45 56.42
N GLY MA 253 -130.63 -35.65 55.86
CA GLY MA 253 -130.50 -34.21 55.91
C GLY MA 253 -131.15 -33.65 57.16
N ALA MA 254 -132.27 -34.25 57.56
CA ALA MA 254 -132.99 -33.90 58.79
C ALA MA 254 -133.43 -32.44 58.80
N THR MA 255 -133.74 -31.89 57.63
CA THR MA 255 -134.21 -30.51 57.53
C THR MA 255 -135.53 -30.38 56.77
N GLY MA 256 -136.10 -31.48 56.28
CA GLY MA 256 -137.28 -31.38 55.45
C GLY MA 256 -137.00 -30.91 54.04
N GLN MA 257 -135.80 -31.18 53.53
CA GLN MA 257 -135.41 -30.74 52.19
C GLN MA 257 -136.31 -31.39 51.14
N GLU MA 258 -136.54 -30.66 50.05
CA GLU MA 258 -137.38 -31.15 48.97
C GLU MA 258 -136.83 -32.47 48.43
N ILE MA 259 -137.71 -33.45 48.26
CA ILE MA 259 -137.30 -34.77 47.80
C ILE MA 259 -136.91 -34.71 46.33
N ALA MA 260 -135.73 -35.25 46.01
CA ALA MA 260 -135.28 -35.25 44.62
C ALA MA 260 -136.03 -36.28 43.79
N ALA MA 261 -136.00 -37.55 44.20
CA ALA MA 261 -136.68 -38.59 43.46
C ALA MA 261 -136.95 -39.77 44.41
N THR MA 262 -137.92 -40.60 44.01
CA THR MA 262 -138.28 -41.81 44.74
C THR MA 262 -138.12 -43.01 43.82
N THR MA 263 -137.50 -44.07 44.33
CA THR MA 263 -137.21 -45.25 43.55
C THR MA 263 -137.84 -46.48 44.21
N THR MA 264 -137.80 -47.59 43.49
CA THR MA 264 -138.34 -48.86 43.97
C THR MA 264 -137.26 -49.94 43.88
N ALA MA 265 -137.64 -51.19 44.09
CA ALA MA 265 -136.67 -52.29 44.07
C ALA MA 265 -135.97 -52.38 42.71
N ALA MA 266 -136.73 -52.75 41.67
CA ALA MA 266 -136.25 -52.77 40.30
C ALA MA 266 -134.90 -53.49 40.18
N GLY MA 267 -134.77 -54.60 40.89
CA GLY MA 267 -133.53 -55.34 40.88
C GLY MA 267 -132.64 -55.04 42.07
N THR MA 268 -131.50 -54.40 41.81
CA THR MA 268 -130.51 -54.09 42.84
C THR MA 268 -130.53 -52.64 43.25
N ILE MA 269 -131.71 -52.02 43.30
CA ILE MA 269 -131.87 -50.62 43.69
C ILE MA 269 -132.71 -50.58 44.96
N THR MA 270 -132.17 -49.96 46.01
CA THR MA 270 -132.89 -49.84 47.26
C THR MA 270 -134.04 -48.84 47.11
N ALA MA 271 -135.20 -49.18 47.66
CA ALA MA 271 -136.37 -48.32 47.60
C ALA MA 271 -136.26 -47.27 48.70
N ASP MA 272 -136.05 -46.02 48.31
CA ASP MA 272 -135.91 -44.93 49.27
C ASP MA 272 -136.24 -43.61 48.58
N SER MA 273 -136.47 -42.59 49.39
CA SER MA 273 -136.77 -41.24 48.91
C SER MA 273 -135.45 -40.46 48.90
N TRP MA 274 -134.74 -40.56 47.78
CA TRP MA 274 -133.43 -39.91 47.67
C TRP MA 274 -133.59 -38.39 47.58
N VAL MA 275 -132.65 -37.69 48.20
CA VAL MA 275 -132.65 -36.23 48.25
C VAL MA 275 -131.30 -35.72 47.78
N VAL MA 276 -131.28 -34.51 47.24
CA VAL MA 276 -130.04 -33.92 46.76
C VAL MA 276 -129.08 -33.71 47.92
N ASP MA 277 -127.86 -34.21 47.77
CA ASP MA 277 -126.87 -34.16 48.84
C ASP MA 277 -126.21 -32.79 48.83
N VAL MA 278 -126.67 -31.90 49.73
CA VAL MA 278 -126.04 -30.59 49.86
C VAL MA 278 -124.65 -30.77 50.48
N GLY MA 279 -123.65 -30.16 49.85
CA GLY MA 279 -122.28 -30.36 50.27
C GLY MA 279 -121.42 -30.85 49.13
N ASN MA 280 -120.36 -31.59 49.46
CA ASN MA 280 -119.41 -32.15 48.50
C ASN MA 280 -119.12 -31.17 47.36
N ALA MA 281 -118.69 -29.97 47.75
CA ALA MA 281 -118.46 -28.91 46.78
C ALA MA 281 -117.35 -29.31 45.80
N PRO MA 282 -117.37 -28.76 44.58
CA PRO MA 282 -116.34 -29.11 43.59
C PRO MA 282 -114.92 -29.00 44.12
N ALA MA 283 -114.23 -30.13 44.18
CA ALA MA 283 -112.87 -30.20 44.69
C ALA MA 283 -111.87 -30.18 43.55
N ALA MA 284 -110.70 -29.59 43.81
CA ALA MA 284 -109.64 -29.51 42.82
C ALA MA 284 -108.97 -30.87 42.65
N ASN MA 285 -108.15 -30.97 41.59
CA ASN MA 285 -107.39 -32.17 41.28
C ASN MA 285 -108.31 -33.37 41.07
N VAL MA 286 -109.15 -33.26 40.05
CA VAL MA 286 -110.05 -34.34 39.65
C VAL MA 286 -109.87 -34.56 38.15
N SER MA 287 -109.95 -35.82 37.73
CA SER MA 287 -109.72 -36.17 36.33
C SER MA 287 -110.75 -35.51 35.43
N ALA MA 288 -110.28 -34.91 34.33
CA ALA MA 288 -111.16 -34.27 33.37
C ALA MA 288 -111.64 -35.31 32.35
N GLY MA 289 -112.30 -34.84 31.30
CA GLY MA 289 -112.85 -35.74 30.30
C GLY MA 289 -111.83 -36.44 29.44
N GLN MA 290 -111.13 -35.68 28.60
CA GLN MA 290 -110.19 -36.26 27.64
C GLN MA 290 -108.91 -35.44 27.63
N SER MA 291 -107.84 -36.05 27.14
CA SER MA 291 -106.57 -35.38 27.01
C SER MA 291 -106.56 -34.49 25.76
N VAL MA 292 -105.49 -33.72 25.62
CA VAL MA 292 -105.37 -32.80 24.48
C VAL MA 292 -105.29 -33.57 23.17
N ALA MA 293 -104.51 -34.64 23.14
CA ALA MA 293 -104.31 -35.40 21.91
C ALA MA 293 -105.50 -36.25 21.52
N ASN MA 294 -106.47 -36.43 22.42
CA ASN MA 294 -107.62 -37.29 22.17
C ASN MA 294 -108.91 -36.52 22.44
N ILE MA 295 -109.01 -35.33 21.85
CA ILE MA 295 -110.18 -34.48 22.05
C ILE MA 295 -111.28 -34.95 21.10
N ASN MA 296 -112.43 -35.33 21.65
CA ASN MA 296 -113.60 -35.73 20.88
C ASN MA 296 -114.82 -35.12 21.56
N ILE MA 297 -115.36 -34.07 20.96
CA ILE MA 297 -116.36 -33.24 21.63
C ILE MA 297 -117.75 -33.43 21.04
N VAL MA 298 -117.98 -34.49 20.28
CA VAL MA 298 -119.30 -34.71 19.69
C VAL MA 298 -120.23 -35.29 20.75
N GLY MA 299 -121.37 -34.65 20.95
CA GLY MA 299 -122.36 -35.09 21.90
C GLY MA 299 -121.87 -35.14 23.34
N MET MA 300 -121.14 -34.10 23.77
CA MET MA 300 -120.63 -34.07 25.14
C MET MA 300 -121.75 -33.97 26.15
N GLY MA 301 -122.74 -33.12 25.91
CA GLY MA 301 -123.81 -32.88 26.84
C GLY MA 301 -123.69 -31.62 27.67
N ALA MA 302 -122.72 -30.76 27.39
CA ALA MA 302 -122.51 -29.51 28.10
C ALA MA 302 -122.23 -29.71 29.58
N ALA MA 303 -121.64 -30.85 29.95
CA ALA MA 303 -121.29 -31.14 31.33
C ALA MA 303 -119.79 -31.29 31.52
N ALA MA 304 -119.13 -32.07 30.68
CA ALA MA 304 -117.68 -32.24 30.74
C ALA MA 304 -116.93 -31.17 29.95
N LEU MA 305 -117.65 -30.28 29.27
CA LEU MA 305 -116.99 -29.22 28.52
C LEU MA 305 -116.21 -28.29 29.43
N ASP MA 306 -116.73 -28.01 30.62
CA ASP MA 306 -116.00 -27.18 31.57
C ASP MA 306 -114.69 -27.84 31.99
N ALA MA 307 -114.74 -29.15 32.26
CA ALA MA 307 -113.51 -29.88 32.60
C ALA MA 307 -112.53 -29.87 31.44
N LEU MA 308 -113.03 -30.02 30.21
CA LEU MA 308 -112.15 -29.96 29.05
C LEU MA 308 -111.50 -28.60 28.91
N ILE MA 309 -112.26 -27.53 29.14
CA ILE MA 309 -111.71 -26.18 29.07
C ILE MA 309 -110.65 -26.00 30.15
N SER MA 310 -110.91 -26.49 31.36
CA SER MA 310 -109.93 -26.38 32.43
C SER MA 310 -108.64 -27.12 32.09
N GLY MA 311 -108.77 -28.33 31.53
CA GLY MA 311 -107.58 -29.07 31.14
C GLY MA 311 -106.80 -28.38 30.04
N VAL MA 312 -107.50 -27.84 29.05
CA VAL MA 312 -106.84 -27.11 27.96
C VAL MA 312 -106.12 -25.89 28.51
N ASP MA 313 -106.77 -25.16 29.43
CA ASP MA 313 -106.14 -23.99 30.03
C ASP MA 313 -104.90 -24.38 30.83
N ALA MA 314 -104.97 -25.49 31.57
CA ALA MA 314 -103.80 -25.94 32.32
C ALA MA 314 -102.65 -26.30 31.38
N ALA MA 315 -102.96 -27.00 30.29
CA ALA MA 315 -101.92 -27.33 29.32
C ALA MA 315 -101.32 -26.08 28.70
N LEU MA 316 -102.16 -25.09 28.38
CA LEU MA 316 -101.67 -23.84 27.82
C LEU MA 316 -100.77 -23.11 28.80
N THR MA 317 -101.14 -23.08 30.08
CA THR MA 317 -100.30 -22.44 31.09
C THR MA 317 -98.97 -23.16 31.23
N ASP MA 318 -98.99 -24.49 31.22
CA ASP MA 318 -97.74 -25.25 31.31
C ASP MA 318 -96.84 -24.97 30.10
N MET MA 319 -97.43 -24.90 28.91
CA MET MA 319 -96.64 -24.60 27.72
C MET MA 319 -96.09 -23.18 27.77
N THR MA 320 -96.86 -22.23 28.30
CA THR MA 320 -96.35 -20.87 28.44
C THR MA 320 -95.17 -20.84 29.42
N SER MA 321 -95.27 -21.58 30.51
CA SER MA 321 -94.15 -21.67 31.45
C SER MA 321 -92.93 -22.29 30.78
N ALA MA 322 -93.14 -23.33 29.96
CA ALA MA 322 -92.04 -23.95 29.25
C ALA MA 322 -91.38 -22.97 28.28
N ALA MA 323 -92.20 -22.18 27.58
CA ALA MA 323 -91.66 -21.19 26.65
C ALA MA 323 -90.86 -20.12 27.39
N ALA MA 324 -91.37 -19.67 28.55
CA ALA MA 324 -90.62 -18.71 29.35
C ALA MA 324 -89.29 -19.29 29.81
N SER MA 325 -89.29 -20.56 30.23
CA SER MA 325 -88.05 -21.21 30.63
C SER MA 325 -87.08 -21.31 29.46
N LEU MA 326 -87.58 -21.64 28.27
CA LEU MA 326 -86.71 -21.72 27.10
C LEU MA 326 -86.12 -20.35 26.76
N GLY MA 327 -86.92 -19.29 26.85
CA GLY MA 327 -86.39 -17.95 26.62
C GLY MA 327 -85.33 -17.56 27.63
N SER MA 328 -85.56 -17.91 28.90
CA SER MA 328 -84.56 -17.64 29.92
C SER MA 328 -83.27 -18.41 29.65
N ILE MA 329 -83.39 -19.67 29.22
CA ILE MA 329 -82.21 -20.46 28.88
C ILE MA 329 -81.46 -19.82 27.72
N SER MA 330 -82.18 -19.37 26.69
CA SER MA 330 -81.53 -18.73 25.55
C SER MA 330 -80.80 -17.46 25.97
N SER MA 331 -81.43 -16.65 26.82
CA SER MA 331 -80.76 -15.46 27.33
C SER MA 331 -79.52 -15.83 28.12
N ARG MA 332 -79.59 -16.91 28.91
CA ARG MA 332 -78.43 -17.36 29.66
C ARG MA 332 -77.30 -17.78 28.73
N ILE MA 333 -77.64 -18.47 27.64
CA ILE MA 333 -76.61 -18.86 26.67
C ILE MA 333 -75.98 -17.62 26.03
N ASP MA 334 -76.79 -16.62 25.71
CA ASP MA 334 -76.24 -15.40 25.12
C ASP MA 334 -75.28 -14.72 26.09
N LEU MA 335 -75.68 -14.59 27.36
CA LEU MA 335 -74.81 -13.98 28.36
C LEU MA 335 -73.55 -14.80 28.57
N GLN MA 336 -73.67 -16.12 28.59
CA GLN MA 336 -72.51 -16.98 28.77
C GLN MA 336 -71.55 -16.85 27.61
N SER MA 337 -72.07 -16.77 26.37
CA SER MA 337 -71.22 -16.60 25.21
C SER MA 337 -70.47 -15.28 25.26
N GLU MA 338 -71.18 -14.20 25.65
CA GLU MA 338 -70.51 -12.91 25.76
C GLU MA 338 -69.41 -12.94 26.82
N PHE MA 339 -69.71 -13.56 27.97
CA PHE MA 339 -68.71 -13.63 29.03
C PHE MA 339 -67.52 -14.48 28.63
N VAL MA 340 -67.76 -15.58 27.92
CA VAL MA 340 -66.66 -16.44 27.49
C VAL MA 340 -65.79 -15.71 26.47
N ASN MA 341 -66.42 -14.94 25.57
CA ASN MA 341 -65.65 -14.14 24.63
C ASN MA 341 -64.77 -13.12 25.37
N LYS MA 342 -65.35 -12.45 26.36
CA LYS MA 342 -64.57 -11.48 27.13
C LYS MA 342 -63.42 -12.15 27.88
N LEU MA 343 -63.69 -13.31 28.48
CA LEU MA 343 -62.66 -14.02 29.22
C LEU MA 343 -61.54 -14.50 28.31
N SER MA 344 -61.91 -15.01 27.12
CA SER MA 344 -60.89 -15.42 26.15
C SER MA 344 -60.04 -14.24 25.70
N ASP MA 345 -60.68 -13.08 25.49
CA ASP MA 345 -59.92 -11.89 25.13
C ASP MA 345 -58.95 -11.51 26.26
N SER MA 346 -59.42 -11.58 27.50
CA SER MA 346 -58.55 -11.24 28.63
C SER MA 346 -57.38 -12.22 28.74
N ILE MA 347 -57.64 -13.52 28.54
CA ILE MA 347 -56.58 -14.51 28.60
C ILE MA 347 -55.56 -14.27 27.49
N GLU MA 348 -56.04 -13.97 26.28
CA GLU MA 348 -55.14 -13.70 25.18
C GLU MA 348 -54.30 -12.45 25.45
N SER MA 349 -54.91 -11.41 26.02
CA SER MA 349 -54.15 -10.21 26.36
C SER MA 349 -53.09 -10.51 27.41
N GLY MA 350 -53.44 -11.32 28.41
CA GLY MA 350 -52.44 -11.70 29.41
C GLY MA 350 -51.29 -12.50 28.82
N VAL MA 351 -51.61 -13.43 27.92
CA VAL MA 351 -50.57 -14.20 27.24
C VAL MA 351 -49.68 -13.28 26.43
N GLY MA 352 -50.27 -12.32 25.72
CA GLY MA 352 -49.47 -11.37 24.97
C GLY MA 352 -48.57 -10.54 25.87
N ARG MA 353 -49.09 -10.08 27.00
CA ARG MA 353 -48.28 -9.30 27.93
C ARG MA 353 -47.12 -10.13 28.46
N LEU MA 354 -47.37 -11.43 28.73
CA LEU MA 354 -46.31 -12.28 29.27
C LEU MA 354 -45.29 -12.68 28.20
N VAL MA 355 -45.71 -12.76 26.93
CA VAL MA 355 -44.89 -13.36 25.90
C VAL MA 355 -44.39 -12.36 24.85
N ASP MA 356 -45.20 -11.38 24.45
CA ASP MA 356 -44.80 -10.50 23.37
C ASP MA 356 -43.62 -9.62 23.78
N ALA MA 357 -42.88 -9.17 22.78
CA ALA MA 357 -41.70 -8.34 22.98
C ALA MA 357 -41.87 -7.04 22.19
N ASP MA 358 -41.45 -5.93 22.80
CA ASP MA 358 -41.43 -4.65 22.10
C ASP MA 358 -40.38 -4.67 21.00
N MET MA 359 -40.77 -4.24 19.80
CA MET MA 359 -39.90 -4.39 18.64
C MET MA 359 -38.78 -3.35 18.64
N ASN MA 360 -39.03 -2.16 19.19
CA ASN MA 360 -38.04 -1.09 19.14
C ASN MA 360 -36.78 -1.45 19.92
N GLU MA 361 -36.95 -2.05 21.11
CA GLU MA 361 -35.80 -2.42 21.92
C GLU MA 361 -34.96 -3.48 21.22
N GLU MA 362 -35.62 -4.46 20.58
CA GLU MA 362 -34.90 -5.48 19.83
C GLU MA 362 -34.18 -4.88 18.64
N SER MA 363 -34.79 -3.91 17.96
CA SER MA 363 -34.11 -3.26 16.85
C SER MA 363 -32.86 -2.52 17.32
N THR MA 364 -32.98 -1.81 18.44
CA THR MA 364 -31.81 -1.13 19.01
C THR MA 364 -30.72 -2.13 19.36
N ARG MA 365 -31.10 -3.26 19.97
CA ARG MA 365 -30.12 -4.29 20.29
C ARG MA 365 -29.46 -4.85 19.04
N LEU MA 366 -30.25 -5.05 17.97
CA LEU MA 366 -29.68 -5.58 16.74
C LEU MA 366 -28.66 -4.62 16.14
N LYS MA 367 -28.99 -3.33 16.12
CA LYS MA 367 -28.03 -2.35 15.60
C LYS MA 367 -26.78 -2.30 16.46
N ALA MA 368 -26.94 -2.33 17.78
CA ALA MA 368 -25.79 -2.30 18.68
C ALA MA 368 -24.91 -3.52 18.48
N LEU MA 369 -25.51 -4.70 18.32
CA LEU MA 369 -24.72 -5.91 18.13
C LEU MA 369 -24.05 -5.93 16.76
N GLN MA 370 -24.68 -5.37 15.73
CA GLN MA 370 -24.00 -5.26 14.44
C GLN MA 370 -22.77 -4.37 14.55
N THR MA 371 -22.91 -3.22 15.22
CA THR MA 371 -21.77 -2.34 15.41
C THR MA 371 -20.67 -3.01 16.23
N GLN MA 372 -21.05 -3.72 17.29
CA GLN MA 372 -20.07 -4.42 18.12
C GLN MA 372 -19.36 -5.51 17.35
N GLN MA 373 -20.10 -6.24 16.50
CA GLN MA 373 -19.46 -7.27 15.68
C GLN MA 373 -18.47 -6.66 14.71
N GLN MA 374 -18.84 -5.55 14.07
CA GLN MA 374 -17.90 -4.90 13.16
C GLN MA 374 -16.64 -4.44 13.89
N LEU MA 375 -16.81 -3.83 15.07
CA LEU MA 375 -15.65 -3.38 15.84
C LEU MA 375 -14.79 -4.55 16.27
N ALA MA 376 -15.40 -5.65 16.70
CA ALA MA 376 -14.65 -6.82 17.13
C ALA MA 376 -13.88 -7.44 15.96
N ILE MA 377 -14.49 -7.49 14.79
CA ILE MA 377 -13.80 -8.03 13.62
C ILE MA 377 -12.61 -7.14 13.26
N GLN MA 378 -12.80 -5.82 13.30
CA GLN MA 378 -11.68 -4.92 13.02
C GLN MA 378 -10.55 -5.11 14.02
N ALA MA 379 -10.90 -5.24 15.31
CA ALA MA 379 -9.89 -5.43 16.34
C ALA MA 379 -9.16 -6.76 16.16
N LEU MA 380 -9.89 -7.81 15.79
CA LEU MA 380 -9.25 -9.10 15.54
C LEU MA 380 -8.31 -9.03 14.35
N SER MA 381 -8.71 -8.30 13.29
CA SER MA 381 -7.82 -8.13 12.15
C SER MA 381 -6.56 -7.38 12.56
N ILE MA 382 -6.69 -6.35 13.39
CA ILE MA 382 -5.52 -5.62 13.87
C ILE MA 382 -4.62 -6.55 14.69
N ALA MA 383 -5.23 -7.38 15.54
CA ALA MA 383 -4.44 -8.30 16.36
C ALA MA 383 -3.69 -9.30 15.49
N ASN MA 384 -4.35 -9.81 14.44
CA ASN MA 384 -3.67 -10.72 13.51
C ASN MA 384 -2.52 -10.03 12.80
N SER MA 385 -2.73 -8.79 12.35
CA SER MA 385 -1.68 -8.05 11.67
C SER MA 385 -0.55 -7.64 12.60
N ASP MA 386 -0.80 -7.67 13.92
CA ASP MA 386 0.26 -7.31 14.87
C ASP MA 386 1.41 -8.30 14.82
N SER MA 387 1.10 -9.57 14.55
CA SER MA 387 2.09 -10.64 14.75
C SER MA 387 3.29 -10.50 13.83
N GLN MA 388 3.07 -10.17 12.56
CA GLN MA 388 4.14 -10.28 11.56
C GLN MA 388 5.12 -9.11 11.58
N ASN MA 389 4.95 -8.13 12.47
CA ASN MA 389 5.89 -7.02 12.53
C ASN MA 389 7.27 -7.44 13.01
N VAL MA 390 7.39 -8.59 13.66
CA VAL MA 390 8.66 -9.02 14.22
C VAL MA 390 9.69 -9.33 13.14
N LEU MA 391 9.26 -9.53 11.89
CA LEU MA 391 10.18 -9.90 10.82
C LEU MA 391 11.23 -8.83 10.55
N SER MA 392 10.97 -7.57 10.95
CA SER MA 392 11.93 -6.50 10.67
C SER MA 392 13.25 -6.73 11.39
N LEU MA 393 13.21 -7.39 12.55
CA LEU MA 393 14.45 -7.67 13.28
C LEU MA 393 15.34 -8.65 12.53
N PHE MA 394 14.75 -9.55 11.76
CA PHE MA 394 15.48 -10.62 11.10
C PHE MA 394 15.73 -10.33 9.62
N ARG MA 395 15.51 -9.10 9.18
CA ARG MA 395 15.63 -8.65 7.79
C ARG MA 395 15.27 -9.71 6.73
N THR NA 2 -17.86 -18.64 13.54
CA THR NA 2 -18.73 -18.38 12.40
C THR NA 2 -18.47 -19.37 11.27
N SER NA 3 -19.53 -20.04 10.84
CA SER NA 3 -19.46 -21.05 9.79
C SER NA 3 -20.22 -20.57 8.56
N ILE NA 4 -19.55 -20.61 7.40
CA ILE NA 4 -20.21 -20.21 6.16
C ILE NA 4 -21.02 -21.31 5.53
N LEU NA 5 -21.00 -22.51 6.10
CA LEU NA 5 -21.76 -23.63 5.55
C LEU NA 5 -23.15 -23.76 6.16
N THR NA 6 -23.37 -23.24 7.37
CA THR NA 6 -24.66 -23.28 8.02
C THR NA 6 -24.98 -21.92 8.62
N ASN NA 7 -26.27 -21.63 8.73
CA ASN NA 7 -26.76 -20.36 9.28
C ASN NA 7 -28.03 -20.68 10.08
N ASN NA 8 -27.86 -20.92 11.38
CA ASN NA 8 -29.00 -21.33 12.20
C ASN NA 8 -30.07 -20.25 12.25
N SER NA 9 -29.65 -18.98 12.32
CA SER NA 9 -30.62 -17.90 12.29
C SER NA 9 -31.40 -17.90 10.99
N ALA NA 10 -30.73 -18.20 9.87
CA ALA NA 10 -31.43 -18.29 8.59
C ALA NA 10 -32.46 -19.41 8.60
N MET NA 11 -32.11 -20.56 9.19
CA MET NA 11 -33.06 -21.67 9.26
C MET NA 11 -34.27 -21.30 10.11
N ALA NA 12 -34.04 -20.65 11.26
CA ALA NA 12 -35.15 -20.22 12.11
C ALA NA 12 -36.02 -19.22 11.38
N ALA NA 13 -35.41 -18.28 10.65
CA ALA NA 13 -36.18 -17.33 9.87
C ALA NA 13 -36.99 -18.02 8.79
N LEU NA 14 -36.41 -19.02 8.14
CA LEU NA 14 -37.12 -19.76 7.10
C LEU NA 14 -38.33 -20.50 7.68
N SER NA 15 -38.16 -21.14 8.84
CA SER NA 15 -39.28 -21.83 9.47
C SER NA 15 -40.37 -20.85 9.87
N GLY NA 16 -39.98 -19.69 10.43
CA GLY NA 16 -40.97 -18.68 10.76
C GLY NA 16 -41.71 -18.17 9.53
N VAL NA 17 -40.99 -17.93 8.45
CA VAL NA 17 -41.61 -17.47 7.21
C VAL NA 17 -42.59 -18.51 6.68
N ARG NA 18 -42.21 -19.78 6.77
CA ARG NA 18 -43.11 -20.85 6.32
C ARG NA 18 -44.39 -20.88 7.16
N SER NA 19 -44.25 -20.75 8.48
CA SER NA 19 -45.44 -20.72 9.33
C SER NA 19 -46.33 -19.52 9.01
N ILE NA 20 -45.73 -18.35 8.82
CA ILE NA 20 -46.50 -17.16 8.48
C ILE NA 20 -47.19 -17.33 7.13
N SER NA 21 -46.50 -17.96 6.16
CA SER NA 21 -47.11 -18.18 4.86
C SER NA 21 -48.32 -19.10 4.95
N SER NA 22 -48.20 -20.19 5.73
CA SER NA 22 -49.32 -21.10 5.89
C SER NA 22 -50.50 -20.39 6.56
N SER NA 23 -50.23 -19.65 7.64
CA SER NA 23 -51.31 -18.94 8.32
C SER NA 23 -51.93 -17.89 7.41
N MET NA 24 -51.11 -17.20 6.62
CA MET NA 24 -51.61 -16.16 5.73
C MET NA 24 -52.48 -16.73 4.62
N GLU NA 25 -52.07 -17.85 4.03
CA GLU NA 25 -52.90 -18.45 2.99
C GLU NA 25 -54.21 -18.97 3.57
N ASP NA 26 -54.16 -19.55 4.77
CA ASP NA 26 -55.39 -19.99 5.42
C ASP NA 26 -56.33 -18.82 5.66
N THR NA 27 -55.81 -17.73 6.23
CA THR NA 27 -56.66 -16.57 6.51
C THR NA 27 -57.14 -15.90 5.23
N GLN NA 28 -56.33 -15.92 4.17
CA GLN NA 28 -56.75 -15.31 2.91
C GLN NA 28 -57.89 -16.09 2.28
N SER NA 29 -57.80 -17.43 2.26
CA SER NA 29 -58.93 -18.22 1.79
C SER NA 29 -60.15 -17.99 2.67
N ARG NA 30 -59.94 -17.89 3.98
CA ARG NA 30 -61.06 -17.73 4.91
C ARG NA 30 -61.76 -16.39 4.69
N ILE NA 31 -61.00 -15.33 4.42
CA ILE NA 31 -61.60 -14.02 4.20
C ILE NA 31 -62.18 -13.90 2.79
N SER NA 32 -61.62 -14.62 1.82
CA SER NA 32 -62.13 -14.53 0.45
C SER NA 32 -63.46 -15.26 0.33
N SER NA 33 -63.57 -16.45 0.92
CA SER NA 33 -64.74 -17.28 0.74
C SER NA 33 -65.62 -17.36 1.98
N GLY NA 34 -65.35 -16.55 3.00
CA GLY NA 34 -66.05 -16.74 4.26
C GLY NA 34 -65.80 -18.14 4.79
N LEU NA 35 -66.86 -18.77 5.29
CA LEU NA 35 -66.85 -20.22 5.57
C LEU NA 35 -65.72 -20.58 6.54
N ARG NA 36 -65.88 -20.12 7.79
CA ARG NA 36 -64.87 -20.39 8.81
C ARG NA 36 -64.54 -21.87 8.87
N VAL NA 37 -65.56 -22.73 8.76
CA VAL NA 37 -65.35 -24.16 8.53
C VAL NA 37 -65.61 -24.39 7.05
N GLY NA 38 -64.53 -24.27 6.26
CA GLY NA 38 -64.64 -24.30 4.81
C GLY NA 38 -64.47 -25.66 4.17
N SER NA 39 -63.78 -26.57 4.86
CA SER NA 39 -63.51 -27.89 4.31
C SER NA 39 -63.39 -28.90 5.44
N ALA NA 40 -63.25 -30.17 5.06
CA ALA NA 40 -63.06 -31.22 6.06
C ALA NA 40 -61.70 -31.11 6.75
N SER NA 41 -60.75 -30.37 6.18
CA SER NA 41 -59.50 -30.10 6.88
C SER NA 41 -59.72 -29.30 8.14
N ASP NA 42 -60.83 -28.58 8.24
CA ASP NA 42 -61.25 -27.91 9.46
C ASP NA 42 -61.91 -28.95 10.38
N ASN NA 43 -62.61 -28.49 11.40
CA ASN NA 43 -63.33 -29.40 12.30
C ASN NA 43 -64.31 -30.25 11.51
N ALA NA 44 -64.02 -31.56 11.41
CA ALA NA 44 -64.83 -32.44 10.57
C ALA NA 44 -66.24 -32.61 11.10
N ALA NA 45 -66.40 -32.64 12.43
CA ALA NA 45 -67.74 -32.82 12.99
C ALA NA 45 -68.66 -31.67 12.61
N TYR NA 46 -68.17 -30.44 12.74
CA TYR NA 46 -68.99 -29.29 12.36
C TYR NA 46 -69.25 -29.26 10.86
N TRP NA 47 -68.26 -29.67 10.06
CA TRP NA 47 -68.45 -29.73 8.61
C TRP NA 47 -69.55 -30.73 8.25
N SER NA 48 -69.52 -31.91 8.88
CA SER NA 48 -70.54 -32.92 8.62
C SER NA 48 -71.92 -32.44 9.08
N ILE NA 49 -71.99 -31.79 10.24
CA ILE NA 49 -73.26 -31.26 10.71
C ILE NA 49 -73.80 -30.22 9.72
N ALA NA 50 -72.92 -29.35 9.24
CA ALA NA 50 -73.35 -28.33 8.28
C ALA NA 50 -73.84 -28.97 6.99
N THR NA 51 -73.15 -30.00 6.50
CA THR NA 51 -73.57 -30.68 5.28
C THR NA 51 -74.95 -31.32 5.47
N THR NA 52 -75.14 -32.01 6.59
CA THR NA 52 -76.43 -32.64 6.87
C THR NA 52 -77.53 -31.59 6.97
N MET NA 53 -77.25 -30.47 7.63
CA MET NA 53 -78.26 -29.43 7.77
C MET NA 53 -78.60 -28.78 6.43
N ARG NA 54 -77.61 -28.61 5.56
CA ARG NA 54 -77.87 -28.08 4.24
C ARG NA 54 -78.74 -29.04 3.43
N SER NA 55 -78.46 -30.34 3.53
CA SER NA 55 -79.32 -31.33 2.88
C SER NA 55 -80.75 -31.26 3.41
N ASP NA 56 -80.90 -31.13 4.73
CA ASP NA 56 -82.22 -31.01 5.33
C ASP NA 56 -82.92 -29.75 4.85
N ASN NA 57 -82.18 -28.65 4.70
CA ASN NA 57 -82.78 -27.40 4.22
C ASN NA 57 -83.26 -27.54 2.78
N GLN NA 58 -82.47 -28.21 1.93
CA GLN NA 58 -82.93 -28.48 0.57
C GLN NA 58 -84.19 -29.35 0.57
N ALA NA 59 -84.23 -30.35 1.44
CA ALA NA 59 -85.42 -31.18 1.56
C ALA NA 59 -86.63 -30.35 1.99
N LEU NA 60 -86.42 -29.43 2.94
CA LEU NA 60 -87.51 -28.56 3.39
C LEU NA 60 -87.99 -27.65 2.27
N SER NA 61 -87.07 -27.16 1.45
CA SER NA 61 -87.49 -26.35 0.30
C SER NA 61 -88.34 -27.17 -0.66
N ALA NA 62 -87.94 -28.42 -0.91
CA ALA NA 62 -88.75 -29.29 -1.75
C ALA NA 62 -90.13 -29.53 -1.15
N VAL NA 63 -90.19 -29.72 0.17
CA VAL NA 63 -91.47 -29.91 0.85
C VAL NA 63 -92.32 -28.66 0.73
N GLN NA 64 -91.69 -27.48 0.79
CA GLN NA 64 -92.44 -26.23 0.65
C GLN NA 64 -93.03 -26.10 -0.75
N ASP NA 65 -92.27 -26.50 -1.77
CA ASP NA 65 -92.82 -26.50 -3.13
C ASP NA 65 -94.00 -27.46 -3.23
N ALA NA 66 -93.87 -28.65 -2.64
CA ALA NA 66 -94.97 -29.61 -2.65
C ALA NA 66 -96.19 -29.06 -1.90
N LEU NA 67 -95.94 -28.33 -0.82
CA LEU NA 67 -97.04 -27.70 -0.07
C LEU NA 67 -97.74 -26.66 -0.92
N GLY NA 68 -96.99 -25.87 -1.69
CA GLY NA 68 -97.62 -24.93 -2.61
C GLY NA 68 -98.48 -25.63 -3.64
N LEU NA 69 -97.97 -26.72 -4.20
CA LEU NA 69 -98.76 -27.49 -5.17
C LEU NA 69 -100.04 -28.01 -4.55
N GLY NA 70 -99.93 -28.57 -3.34
CA GLY NA 70 -101.11 -29.09 -2.65
C GLY NA 70 -102.11 -28.00 -2.33
N ALA NA 71 -101.62 -26.82 -1.94
CA ALA NA 71 -102.49 -25.70 -1.67
C ALA NA 71 -103.25 -25.28 -2.92
N ALA NA 72 -102.57 -25.26 -4.06
CA ALA NA 72 -103.25 -24.95 -5.32
C ALA NA 72 -104.34 -25.97 -5.62
N LYS NA 73 -104.03 -27.26 -5.44
CA LYS NA 73 -105.03 -28.30 -5.68
C LYS NA 73 -106.23 -28.15 -4.76
N VAL NA 74 -105.98 -27.87 -3.47
CA VAL NA 74 -107.06 -27.72 -2.51
C VAL NA 74 -107.90 -26.49 -2.85
N ASP NA 75 -107.27 -25.40 -3.29
CA ASP NA 75 -108.02 -24.22 -3.68
C ASP NA 75 -108.95 -24.51 -4.85
N THR NA 76 -108.44 -25.22 -5.86
CA THR NA 76 -109.28 -25.58 -7.00
C THR NA 76 -110.45 -26.45 -6.56
N ALA NA 77 -110.16 -27.46 -5.72
CA ALA NA 77 -111.22 -28.34 -5.25
C ALA NA 77 -112.26 -27.59 -4.44
N TYR NA 78 -111.83 -26.63 -3.62
CA TYR NA 78 -112.75 -25.87 -2.80
C TYR NA 78 -113.62 -24.95 -3.65
N SER NA 79 -113.04 -24.36 -4.70
CA SER NA 79 -113.84 -23.56 -5.62
C SER NA 79 -114.91 -24.40 -6.30
N GLY NA 80 -114.52 -25.60 -6.77
CA GLY NA 80 -115.51 -26.50 -7.34
C GLY NA 80 -116.57 -26.89 -6.34
N MET NA 81 -116.18 -27.09 -5.08
CA MET NA 81 -117.13 -27.45 -4.04
C MET NA 81 -118.13 -26.33 -3.79
N GLU NA 82 -117.66 -25.08 -3.77
CA GLU NA 82 -118.56 -23.95 -3.61
C GLU NA 82 -119.53 -23.84 -4.78
N SER NA 83 -119.05 -24.06 -6.00
CA SER NA 83 -119.95 -24.06 -7.15
C SER NA 83 -121.01 -25.15 -7.01
N ALA NA 84 -120.61 -26.33 -6.54
CA ALA NA 84 -121.58 -27.40 -6.31
C ALA NA 84 -122.58 -27.02 -5.24
N ILE NA 85 -122.12 -26.34 -4.18
CA ILE NA 85 -123.02 -25.89 -3.12
C ILE NA 85 -124.09 -24.96 -3.71
N GLU NA 86 -123.66 -24.00 -4.53
CA GLU NA 86 -124.60 -23.06 -5.11
C GLU NA 86 -125.60 -23.76 -6.02
N VAL NA 87 -125.12 -24.67 -6.87
CA VAL NA 87 -126.02 -25.35 -7.80
C VAL NA 87 -127.02 -26.22 -7.05
N VAL NA 88 -126.57 -26.93 -6.02
CA VAL NA 88 -127.46 -27.79 -5.27
C VAL NA 88 -128.48 -26.98 -4.49
N LYS NA 89 -128.06 -25.81 -3.96
CA LYS NA 89 -129.02 -24.93 -3.30
C LYS NA 89 -130.08 -24.45 -4.28
N GLU NA 90 -129.68 -24.12 -5.51
CA GLU NA 90 -130.65 -23.72 -6.52
C GLU NA 90 -131.60 -24.87 -6.85
N ILE NA 91 -131.08 -26.09 -6.95
CA ILE NA 91 -131.93 -27.25 -7.20
C ILE NA 91 -132.94 -27.45 -6.08
N LYS NA 92 -132.48 -27.31 -4.83
CA LYS NA 92 -133.39 -27.47 -3.70
C LYS NA 92 -134.47 -26.39 -3.70
N ALA NA 93 -134.11 -25.15 -4.03
CA ALA NA 93 -135.10 -24.09 -4.12
C ALA NA 93 -136.12 -24.39 -5.20
N LYS NA 94 -135.66 -24.87 -6.36
CA LYS NA 94 -136.58 -25.21 -7.44
C LYS NA 94 -137.53 -26.34 -7.03
N LEU NA 95 -136.99 -27.36 -6.35
CA LEU NA 95 -137.83 -28.47 -5.89
C LEU NA 95 -138.85 -28.01 -4.88
N VAL NA 96 -138.45 -27.12 -3.96
CA VAL NA 96 -139.38 -26.59 -2.98
C VAL NA 96 -140.49 -25.80 -3.67
N ALA NA 97 -140.13 -24.99 -4.68
CA ALA NA 97 -141.14 -24.27 -5.44
C ALA NA 97 -142.04 -25.23 -6.22
N ALA NA 98 -141.53 -26.42 -6.55
CA ALA NA 98 -142.29 -27.38 -7.35
C ALA NA 98 -143.42 -28.05 -6.57
N THR NA 99 -143.49 -27.88 -5.25
CA THR NA 99 -144.50 -28.59 -4.47
C THR NA 99 -145.91 -28.14 -4.80
N GLU NA 100 -146.05 -26.96 -5.40
CA GLU NA 100 -147.38 -26.45 -5.75
C GLU NA 100 -148.02 -27.31 -6.83
N ASP NA 101 -149.30 -27.64 -6.64
CA ASP NA 101 -150.00 -28.44 -7.62
C ASP NA 101 -150.26 -27.67 -8.91
N GLY NA 102 -150.51 -26.37 -8.80
CA GLY NA 102 -150.81 -25.57 -9.98
C GLY NA 102 -149.62 -25.31 -10.87
N VAL NA 103 -148.41 -25.42 -10.34
CA VAL NA 103 -147.19 -25.18 -11.11
C VAL NA 103 -146.89 -26.41 -11.95
N ASP NA 104 -146.71 -26.22 -13.25
CA ASP NA 104 -146.34 -27.32 -14.14
C ASP NA 104 -144.95 -27.83 -13.78
N LYS NA 105 -144.77 -29.15 -13.89
CA LYS NA 105 -143.53 -29.80 -13.50
C LYS NA 105 -142.57 -30.02 -14.66
N ALA NA 106 -143.02 -29.86 -15.90
CA ALA NA 106 -142.14 -30.10 -17.04
C ALA NA 106 -141.03 -29.05 -17.12
N LYS NA 107 -141.40 -27.77 -17.05
CA LYS NA 107 -140.41 -26.70 -17.14
C LYS NA 107 -139.35 -26.87 -16.06
N ILE NA 108 -139.79 -27.13 -14.83
CA ILE NA 108 -138.86 -27.44 -13.76
C ILE NA 108 -138.06 -28.69 -14.09
N GLN NA 109 -138.65 -29.61 -14.87
CA GLN NA 109 -137.92 -30.82 -15.22
C GLN NA 109 -136.68 -30.49 -16.07
N GLU NA 110 -136.85 -29.68 -17.14
CA GLU NA 110 -135.62 -29.36 -17.87
C GLU NA 110 -134.74 -28.41 -17.08
N GLU NA 111 -135.31 -27.63 -16.16
CA GLU NA 111 -134.48 -26.79 -15.30
C GLU NA 111 -133.51 -27.65 -14.49
N ILE NA 112 -134.04 -28.68 -13.81
CA ILE NA 112 -133.17 -29.58 -13.05
C ILE NA 112 -132.27 -30.39 -13.97
N THR NA 113 -132.71 -30.69 -15.19
CA THR NA 113 -131.82 -31.38 -16.12
C THR NA 113 -130.60 -30.52 -16.45
N GLN NA 114 -130.82 -29.23 -16.74
CA GLN NA 114 -129.71 -28.33 -17.00
C GLN NA 114 -128.83 -28.17 -15.77
N LEU NA 115 -129.44 -28.10 -14.58
CA LEU NA 115 -128.66 -27.98 -13.36
C LEU NA 115 -127.81 -29.22 -13.11
N LYS NA 116 -128.34 -30.41 -13.42
CA LYS NA 116 -127.56 -31.64 -13.28
C LYS NA 116 -126.41 -31.68 -14.27
N ASP NA 117 -126.64 -31.24 -15.50
CA ASP NA 117 -125.54 -31.15 -16.46
C ASP NA 117 -124.47 -30.18 -15.98
N GLN NA 118 -124.90 -29.06 -15.39
CA GLN NA 118 -123.96 -28.10 -14.84
C GLN NA 118 -123.15 -28.72 -13.69
N LEU NA 119 -123.83 -29.51 -12.84
CA LEU NA 119 -123.12 -30.18 -11.76
C LEU NA 119 -122.09 -31.16 -12.29
N THR NA 120 -122.44 -31.91 -13.34
CA THR NA 120 -121.48 -32.83 -13.94
C THR NA 120 -120.29 -32.07 -14.52
N SER NA 121 -120.56 -30.95 -15.18
CA SER NA 121 -119.48 -30.15 -15.75
C SER NA 121 -118.55 -29.62 -14.67
N ILE NA 122 -119.10 -29.16 -13.55
CA ILE NA 122 -118.27 -28.72 -12.43
C ILE NA 122 -117.46 -29.88 -11.88
N ALA NA 123 -118.10 -31.06 -11.74
CA ALA NA 123 -117.42 -32.20 -11.16
C ALA NA 123 -116.24 -32.66 -12.00
N ASP NA 124 -116.40 -32.70 -13.33
CA ASP NA 124 -115.32 -33.21 -14.16
C ASP NA 124 -114.31 -32.14 -14.55
N ALA NA 125 -114.72 -30.87 -14.65
CA ALA NA 125 -113.81 -29.82 -15.08
C ALA NA 125 -112.85 -29.38 -13.99
N ALA NA 126 -113.27 -29.42 -12.73
CA ALA NA 126 -112.49 -28.85 -11.63
C ALA NA 126 -111.31 -29.76 -11.31
N SER NA 127 -110.25 -29.63 -12.11
CA SER NA 127 -109.02 -30.37 -11.91
C SER NA 127 -107.84 -29.44 -12.13
N PHE NA 128 -106.74 -29.71 -11.44
CA PHE NA 128 -105.54 -28.88 -11.53
C PHE NA 128 -104.44 -29.56 -12.33
N SER NA 129 -104.01 -30.76 -11.92
CA SER NA 129 -102.92 -31.46 -12.61
C SER NA 129 -103.26 -32.94 -12.71
N GLY NA 130 -104.52 -33.25 -12.99
CA GLY NA 130 -104.97 -34.62 -13.09
C GLY NA 130 -105.52 -35.21 -11.81
N GLU NA 131 -105.21 -34.60 -10.67
CA GLU NA 131 -105.76 -35.03 -9.37
C GLU NA 131 -106.81 -34.01 -8.96
N ASN NA 132 -108.05 -34.22 -9.40
CA ASN NA 132 -109.14 -33.30 -9.13
C ASN NA 132 -109.72 -33.47 -7.72
N TRP NA 133 -109.33 -34.50 -6.98
CA TRP NA 133 -109.85 -34.80 -5.65
C TRP NA 133 -111.35 -35.02 -5.66
N LEU NA 134 -111.93 -35.23 -6.84
CA LEU NA 134 -113.35 -35.50 -7.00
C LEU NA 134 -113.52 -36.56 -8.08
N GLN NA 135 -114.73 -37.13 -8.15
CA GLN NA 135 -115.05 -38.15 -9.13
C GLN NA 135 -114.09 -39.34 -9.04
N ALA NA 136 -113.68 -39.65 -7.82
CA ALA NA 136 -112.75 -40.75 -7.60
C ALA NA 136 -113.45 -42.09 -7.81
N ASP NA 137 -112.64 -43.13 -7.98
CA ASP NA 137 -113.15 -44.48 -8.19
C ASP NA 137 -113.34 -45.16 -6.83
N LEU NA 138 -114.58 -45.49 -6.50
CA LEU NA 138 -114.92 -46.11 -5.22
C LEU NA 138 -115.12 -47.61 -5.34
N SER NA 139 -114.38 -48.27 -6.24
CA SER NA 139 -114.46 -49.72 -6.33
C SER NA 139 -113.99 -50.37 -5.04
N GLY NA 140 -112.88 -49.88 -4.47
CA GLY NA 140 -112.42 -50.35 -3.18
C GLY NA 140 -113.10 -49.62 -2.04
N GLY NA 141 -113.60 -48.43 -2.31
CA GLY NA 141 -114.33 -47.66 -1.32
C GLY NA 141 -113.48 -46.95 -0.28
N ALA NA 142 -112.16 -47.00 -0.42
CA ALA NA 142 -111.27 -46.39 0.58
C ALA NA 142 -110.13 -45.64 -0.11
N VAL NA 143 -110.46 -44.87 -1.15
CA VAL NA 143 -109.44 -44.10 -1.84
C VAL NA 143 -108.99 -42.95 -0.94
N THR NA 144 -107.67 -42.74 -0.86
CA THR NA 144 -107.10 -41.72 0.00
C THR NA 144 -106.03 -40.96 -0.77
N LYS NA 145 -106.08 -39.63 -0.70
CA LYS NA 145 -105.10 -38.77 -1.34
C LYS NA 145 -104.36 -37.98 -0.27
N SER NA 146 -103.07 -37.73 -0.52
CA SER NA 146 -102.20 -37.14 0.48
C SER NA 146 -101.43 -35.97 -0.12
N VAL NA 147 -101.03 -35.06 0.77
CA VAL NA 147 -100.23 -33.89 0.43
C VAL NA 147 -98.98 -33.90 1.29
N VAL NA 148 -97.82 -33.71 0.67
CA VAL NA 148 -96.56 -33.73 1.42
C VAL NA 148 -96.56 -32.58 2.42
N GLY NA 149 -96.48 -32.93 3.71
CA GLY NA 149 -96.56 -31.94 4.76
C GLY NA 149 -95.23 -31.43 5.27
N SER NA 150 -94.33 -32.34 5.66
CA SER NA 150 -93.06 -31.93 6.24
C SER NA 150 -92.06 -33.06 6.10
N PHE NA 151 -90.78 -32.68 6.13
CA PHE NA 151 -89.67 -33.64 6.11
C PHE NA 151 -89.14 -33.76 7.53
N VAL NA 152 -89.24 -34.97 8.09
CA VAL NA 152 -88.91 -35.22 9.49
C VAL NA 152 -87.74 -36.18 9.55
N ARG NA 153 -86.69 -35.77 10.26
CA ARG NA 153 -85.55 -36.63 10.56
C ARG NA 153 -85.68 -37.14 11.99
N ASP NA 154 -85.81 -38.45 12.15
CA ASP NA 154 -86.00 -39.03 13.47
C ASP NA 154 -84.71 -38.94 14.28
N GLY NA 155 -84.86 -39.10 15.60
CA GLY NA 155 -83.71 -39.00 16.48
C GLY NA 155 -82.68 -40.09 16.26
N SER NA 156 -83.14 -41.30 15.93
CA SER NA 156 -82.24 -42.44 15.75
C SER NA 156 -81.75 -42.57 14.32
N GLY NA 157 -81.23 -41.48 13.77
CA GLY NA 157 -80.65 -41.51 12.44
C GLY NA 157 -81.59 -41.96 11.35
N SER NA 158 -82.84 -41.49 11.38
CA SER NA 158 -83.84 -41.89 10.41
C SER NA 158 -84.44 -40.67 9.73
N VAL NA 159 -84.84 -40.84 8.47
CA VAL NA 159 -85.46 -39.79 7.69
C VAL NA 159 -86.74 -40.32 7.08
N ALA NA 160 -87.77 -39.48 7.05
CA ALA NA 160 -89.07 -39.87 6.50
C ALA NA 160 -89.79 -38.60 6.05
N VAL NA 161 -90.83 -38.80 5.23
CA VAL NA 161 -91.64 -37.71 4.71
C VAL NA 161 -93.05 -37.87 5.25
N LYS NA 162 -93.54 -36.83 5.92
CA LYS NA 162 -94.88 -36.83 6.48
C LYS NA 162 -95.87 -36.24 5.48
N LYS NA 163 -97.06 -36.81 5.43
CA LYS NA 163 -98.10 -36.39 4.49
C LYS NA 163 -99.41 -36.18 5.23
N VAL NA 164 -100.23 -35.28 4.69
CA VAL NA 164 -101.54 -34.98 5.23
C VAL NA 164 -102.58 -35.71 4.40
N ASP NA 165 -103.38 -36.55 5.04
CA ASP NA 165 -104.31 -37.42 4.35
C ASP NA 165 -105.69 -36.79 4.24
N TYR NA 166 -106.37 -37.09 3.14
CA TYR NA 166 -107.74 -36.64 2.91
C TYR NA 166 -108.55 -37.83 2.40
N SER NA 167 -109.73 -38.02 2.96
CA SER NA 167 -110.56 -39.19 2.67
C SER NA 167 -111.65 -38.84 1.67
N LEU NA 168 -111.89 -39.75 0.73
CA LEU NA 168 -112.93 -39.61 -0.28
C LEU NA 168 -113.86 -40.81 -0.27
N ASN NA 169 -114.15 -41.34 0.93
CA ASN NA 169 -114.82 -42.62 1.05
C ASN NA 169 -116.23 -42.62 0.46
N ALA NA 170 -117.16 -41.89 1.08
CA ALA NA 170 -118.52 -41.87 0.58
C ALA NA 170 -119.22 -40.51 0.71
N ASN NA 171 -118.53 -39.47 1.19
CA ASN NA 171 -119.17 -38.20 1.45
C ASN NA 171 -118.45 -37.01 0.81
N SER NA 172 -117.33 -37.23 0.14
CA SER NA 172 -116.59 -36.15 -0.49
C SER NA 172 -116.06 -36.56 -1.85
N VAL NA 173 -116.77 -37.43 -2.57
CA VAL NA 173 -116.27 -37.96 -3.83
C VAL NA 173 -116.90 -37.29 -5.05
N LEU NA 174 -118.14 -36.79 -4.94
CA LEU NA 174 -118.73 -35.99 -6.03
C LEU NA 174 -118.81 -36.74 -7.34
N PHE NA 175 -119.78 -37.66 -7.47
CA PHE NA 175 -119.97 -38.49 -8.67
C PHE NA 175 -118.87 -39.52 -8.86
N ASP NA 176 -118.78 -40.48 -7.95
CA ASP NA 176 -117.97 -41.68 -8.14
C ASP NA 176 -118.09 -42.20 -9.56
N THR NA 177 -116.94 -42.52 -10.16
CA THR NA 177 -116.89 -42.81 -11.59
C THR NA 177 -117.60 -44.12 -11.93
N VAL NA 178 -117.29 -45.19 -11.20
CA VAL NA 178 -117.70 -46.54 -11.56
C VAL NA 178 -118.87 -47.03 -10.72
N GLY NA 179 -118.72 -47.03 -9.40
CA GLY NA 179 -119.73 -47.65 -8.54
C GLY NA 179 -121.05 -46.92 -8.50
N ASP NA 180 -121.07 -45.63 -8.85
CA ASP NA 180 -122.27 -44.81 -8.79
C ASP NA 180 -122.89 -44.84 -7.40
N THR NA 181 -122.02 -44.78 -6.39
CA THR NA 181 -122.44 -44.80 -4.98
C THR NA 181 -121.87 -43.61 -4.23
N GLY NA 182 -121.58 -42.52 -4.95
CA GLY NA 182 -121.01 -41.34 -4.34
C GLY NA 182 -122.03 -40.49 -3.62
N ILE NA 183 -121.56 -39.33 -3.15
CA ILE NA 183 -122.43 -38.42 -2.42
C ILE NA 183 -123.61 -37.98 -3.30
N LEU NA 184 -123.35 -37.76 -4.58
CA LEU NA 184 -124.40 -37.59 -5.57
C LEU NA 184 -124.56 -38.86 -6.38
N ASP NA 185 -125.64 -38.92 -7.15
CA ASP NA 185 -126.00 -40.10 -7.94
C ASP NA 185 -126.14 -41.32 -7.03
N LYS NA 186 -126.79 -41.13 -5.88
CA LYS NA 186 -127.13 -42.23 -4.99
C LYS NA 186 -128.39 -41.85 -4.22
N VAL NA 187 -129.09 -42.87 -3.74
CA VAL NA 187 -130.34 -42.68 -3.01
C VAL NA 187 -130.03 -42.55 -1.52
N TYR NA 188 -130.75 -41.64 -0.86
CA TYR NA 188 -130.61 -41.40 0.56
C TYR NA 188 -131.86 -41.88 1.28
N ASN NA 189 -131.67 -42.69 2.32
CA ASN NA 189 -132.78 -43.13 3.14
C ASN NA 189 -133.36 -41.95 3.92
N VAL NA 190 -134.69 -41.88 3.95
CA VAL NA 190 -135.39 -40.77 4.60
C VAL NA 190 -136.39 -41.37 5.58
N SER NA 191 -136.04 -41.36 6.87
CA SER NA 191 -136.95 -41.81 7.91
C SER NA 191 -136.67 -41.02 9.17
N GLN NA 192 -137.70 -40.96 10.04
CA GLN NA 192 -137.65 -40.02 11.16
C GLN NA 192 -136.67 -40.48 12.24
N ALA NA 193 -136.64 -41.76 12.55
CA ALA NA 193 -135.93 -42.27 13.72
C ALA NA 193 -134.94 -43.35 13.34
N SER NA 194 -134.13 -43.09 12.32
CA SER NA 194 -133.09 -44.02 11.91
C SER NA 194 -131.80 -43.28 11.65
N VAL NA 195 -130.72 -44.04 11.54
CA VAL NA 195 -129.38 -43.51 11.27
C VAL NA 195 -128.67 -44.48 10.34
N THR NA 196 -127.91 -43.94 9.38
CA THR NA 196 -127.17 -44.74 8.42
C THR NA 196 -125.78 -45.01 8.99
N LEU NA 197 -125.46 -46.28 9.25
CA LEU NA 197 -124.18 -46.69 9.77
C LEU NA 197 -123.42 -47.49 8.72
N THR NA 198 -122.11 -47.26 8.64
CA THR NA 198 -121.24 -48.03 7.76
C THR NA 198 -120.54 -49.11 8.58
N VAL NA 199 -120.73 -50.36 8.19
CA VAL NA 199 -120.12 -51.51 8.86
C VAL NA 199 -119.59 -52.45 7.78
N ASN NA 200 -118.40 -52.99 8.01
CA ASN NA 200 -117.78 -53.87 7.04
C ASN NA 200 -118.11 -55.32 7.37
N THR NA 201 -118.55 -56.08 6.36
CA THR NA 201 -118.87 -57.49 6.49
C THR NA 201 -117.95 -58.28 5.58
N ASN NA 202 -117.26 -59.26 6.16
CA ASN NA 202 -116.30 -60.09 5.43
C ASN NA 202 -115.20 -59.27 4.78
N GLY NA 203 -114.85 -58.14 5.39
CA GLY NA 203 -113.77 -57.31 4.91
C GLY NA 203 -114.15 -56.22 3.93
N VAL NA 204 -115.41 -56.15 3.52
CA VAL NA 204 -115.87 -55.12 2.59
C VAL NA 204 -116.93 -54.28 3.28
N GLU NA 205 -116.79 -52.95 3.17
CA GLU NA 205 -117.68 -52.03 3.86
C GLU NA 205 -119.01 -51.89 3.11
N SER NA 206 -120.04 -51.52 3.86
CA SER NA 206 -121.36 -51.26 3.29
C SER NA 206 -122.11 -50.35 4.24
N GLN NA 207 -123.15 -49.71 3.72
CA GLN NA 207 -123.97 -48.78 4.47
C GLN NA 207 -125.36 -49.37 4.68
N HIS NA 208 -125.79 -49.46 5.93
CA HIS NA 208 -127.08 -50.02 6.29
C HIS NA 208 -127.88 -49.02 7.11
N THR NA 209 -129.18 -48.93 6.84
CA THR NA 209 -130.07 -48.04 7.56
C THR NA 209 -130.74 -48.82 8.69
N VAL NA 210 -130.54 -48.35 9.93
CA VAL NA 210 -131.09 -49.01 11.10
C VAL NA 210 -131.67 -47.93 12.01
N ALA NA 211 -132.69 -48.33 12.78
CA ALA NA 211 -133.35 -47.40 13.68
C ALA NA 211 -132.42 -46.97 14.81
N ALA NA 212 -132.63 -45.74 15.29
CA ALA NA 212 -131.83 -45.17 16.37
C ALA NA 212 -132.74 -44.83 17.55
N TYR NA 213 -132.22 -45.03 18.75
CA TYR NA 213 -132.98 -44.81 19.98
C TYR NA 213 -132.27 -43.77 20.84
N SER NA 214 -133.04 -42.83 21.37
CA SER NA 214 -132.46 -41.75 22.16
C SER NA 214 -132.00 -42.26 23.53
N LEU NA 215 -131.00 -41.58 24.08
CA LEU NA 215 -130.48 -41.95 25.40
C LEU NA 215 -131.47 -41.64 26.50
N GLU NA 216 -132.27 -40.59 26.34
CA GLU NA 216 -133.24 -40.23 27.37
C GLU NA 216 -134.29 -41.33 27.55
N SER NA 217 -134.77 -41.89 26.45
CA SER NA 217 -135.74 -42.99 26.55
C SER NA 217 -135.11 -44.20 27.22
N LEU NA 218 -133.85 -44.51 26.88
CA LEU NA 218 -133.17 -45.66 27.46
C LEU NA 218 -133.01 -45.49 28.97
N THR NA 219 -132.60 -44.29 29.41
CA THR NA 219 -132.42 -44.07 30.83
C THR NA 219 -133.74 -43.92 31.58
N GLU NA 220 -134.82 -43.53 30.88
CA GLU NA 220 -136.13 -43.46 31.52
C GLU NA 220 -136.75 -44.84 31.69
N ALA NA 221 -136.52 -45.73 30.72
CA ALA NA 221 -137.11 -47.07 30.78
C ALA NA 221 -136.51 -47.93 31.89
N GLY NA 222 -135.37 -47.54 32.46
CA GLY NA 222 -134.75 -48.33 33.50
C GLY NA 222 -133.73 -49.31 32.97
N ALA NA 223 -132.81 -48.81 32.14
CA ALA NA 223 -131.81 -49.65 31.51
C ALA NA 223 -130.51 -49.64 32.31
N GLU NA 224 -129.79 -50.76 32.25
CA GLU NA 224 -128.49 -50.88 32.89
C GLU NA 224 -127.41 -50.76 31.82
N PHE NA 225 -126.49 -49.82 32.02
CA PHE NA 225 -125.46 -49.52 31.04
C PHE NA 225 -124.10 -50.08 31.47
N GLN NA 226 -123.22 -50.25 30.50
CA GLN NA 226 -121.85 -50.66 30.76
C GLN NA 226 -121.00 -50.25 29.56
N GLY NA 227 -120.12 -49.27 29.77
CA GLY NA 227 -119.30 -48.80 28.68
C GLY NA 227 -120.16 -48.22 27.57
N ASN NA 228 -120.03 -48.79 26.37
CA ASN NA 228 -120.85 -48.43 25.23
C ASN NA 228 -122.00 -49.41 25.02
N TYR NA 229 -122.28 -50.26 26.00
CA TYR NA 229 -123.34 -51.26 25.91
C TYR NA 229 -124.45 -50.95 26.90
N ALA NA 230 -125.68 -51.31 26.52
CA ALA NA 230 -126.85 -51.07 27.34
C ALA NA 230 -127.71 -52.32 27.36
N LEU NA 231 -128.52 -52.45 28.41
CA LEU NA 231 -129.45 -53.57 28.54
C LEU NA 231 -130.71 -53.04 29.22
N GLN NA 232 -131.74 -52.76 28.41
CA GLN NA 232 -133.02 -52.30 28.94
C GLN NA 232 -133.88 -53.45 29.44
N GLY NA 233 -133.52 -54.70 29.13
CA GLY NA 233 -134.34 -55.83 29.44
C GLY NA 233 -134.11 -56.96 28.45
N GLY NA 234 -135.18 -57.42 27.81
CA GLY NA 234 -135.02 -58.38 26.73
C GLY NA 234 -134.32 -57.84 25.50
N ASN NA 235 -134.08 -56.54 25.44
CA ASN NA 235 -133.41 -55.90 24.33
C ASN NA 235 -132.04 -55.39 24.77
N SER NA 236 -131.08 -55.43 23.84
CA SER NA 236 -129.73 -54.96 24.10
C SER NA 236 -129.36 -53.88 23.10
N TYR NA 237 -128.53 -52.93 23.54
CA TYR NA 237 -128.14 -51.80 22.73
C TYR NA 237 -126.64 -51.58 22.85
N VAL NA 238 -126.05 -51.05 21.77
CA VAL NA 238 -124.63 -50.75 21.71
C VAL NA 238 -124.45 -49.33 21.21
N LYS NA 239 -123.43 -48.65 21.72
CA LYS NA 239 -123.15 -47.26 21.32
C LYS NA 239 -122.04 -47.26 20.27
N VAL NA 240 -122.41 -47.65 19.05
CA VAL NA 240 -121.46 -47.62 17.94
C VAL NA 240 -121.10 -46.18 17.60
N GLU NA 241 -122.08 -45.28 17.64
CA GLU NA 241 -121.85 -43.85 17.42
C GLU NA 241 -122.64 -43.06 18.44
N ASN NA 242 -122.79 -41.75 18.22
CA ASN NA 242 -123.48 -40.88 19.16
C ASN NA 242 -124.93 -41.30 19.39
N VAL NA 243 -125.48 -42.19 18.56
CA VAL NA 243 -126.84 -42.69 18.70
C VAL NA 243 -126.78 -44.16 19.07
N TRP NA 244 -127.72 -44.57 19.93
CA TRP NA 244 -127.79 -45.96 20.39
C TRP NA 244 -128.64 -46.80 19.43
N VAL NA 245 -128.24 -48.05 19.24
CA VAL NA 245 -128.89 -48.95 18.31
C VAL NA 245 -128.95 -50.34 18.90
N ARG NA 246 -130.02 -51.08 18.58
CA ARG NA 246 -130.14 -52.47 18.99
C ARG NA 246 -129.03 -53.31 18.37
N ALA NA 247 -128.63 -54.35 19.09
CA ALA NA 247 -127.55 -55.22 18.66
C ALA NA 247 -127.95 -56.67 18.82
N GLU NA 248 -127.34 -57.53 18.01
CA GLU NA 248 -127.48 -58.97 18.12
C GLU NA 248 -126.36 -59.54 18.97
N THR NA 249 -126.64 -60.63 19.66
CA THR NA 249 -125.71 -61.15 20.66
C THR NA 249 -124.37 -61.55 20.05
N ALA NA 250 -124.37 -62.61 19.23
CA ALA NA 250 -123.19 -63.11 18.56
C ALA NA 250 -123.60 -64.30 17.70
N ALA NA 251 -122.76 -64.60 16.70
CA ALA NA 251 -122.92 -65.77 15.84
C ALA NA 251 -124.28 -65.83 15.15
N THR NA 252 -125.02 -64.72 15.13
CA THR NA 252 -126.30 -64.70 14.45
C THR NA 252 -126.14 -64.49 12.95
N GLY NA 253 -125.44 -63.41 12.57
CA GLY NA 253 -125.16 -63.19 11.17
C GLY NA 253 -124.19 -64.20 10.59
N ALA NA 254 -123.21 -64.63 11.39
CA ALA NA 254 -122.19 -65.59 10.96
C ALA NA 254 -121.47 -65.10 9.71
N THR NA 255 -121.21 -63.79 9.65
CA THR NA 255 -120.56 -63.17 8.51
C THR NA 255 -119.29 -62.43 8.88
N GLY NA 256 -118.77 -62.64 10.09
CA GLY NA 256 -117.57 -61.95 10.51
C GLY NA 256 -117.74 -60.44 10.60
N GLN NA 257 -118.89 -59.99 11.09
CA GLN NA 257 -119.16 -58.56 11.19
C GLN NA 257 -118.29 -57.93 12.29
N GLU NA 258 -118.10 -56.63 12.17
CA GLU NA 258 -117.33 -55.88 13.16
C GLU NA 258 -118.00 -55.96 14.53
N ILE NA 259 -117.19 -56.21 15.55
CA ILE NA 259 -117.69 -56.35 16.91
C ILE NA 259 -118.06 -54.98 17.46
N ALA NA 260 -119.32 -54.80 17.84
CA ALA NA 260 -119.76 -53.51 18.36
C ALA NA 260 -119.13 -53.21 19.71
N ALA NA 261 -119.20 -54.15 20.64
CA ALA NA 261 -118.65 -53.96 21.97
C ALA NA 261 -118.54 -55.31 22.67
N THR NA 262 -117.75 -55.33 23.73
CA THR NA 262 -117.58 -56.50 24.58
C THR NA 262 -117.97 -56.16 26.00
N THR NA 263 -118.61 -57.11 26.68
CA THR NA 263 -119.15 -56.92 28.02
C THR NA 263 -118.53 -57.93 28.98
N THR NA 264 -118.97 -57.86 30.23
CA THR NA 264 -118.53 -58.77 31.29
C THR NA 264 -119.75 -59.10 32.16
N ALA NA 265 -119.49 -59.68 33.33
CA ALA NA 265 -120.57 -60.08 34.22
C ALA NA 265 -121.42 -58.88 34.63
N ALA NA 266 -120.83 -57.94 35.36
CA ALA NA 266 -121.49 -56.69 35.74
C ALA NA 266 -122.84 -56.95 36.41
N GLY NA 267 -122.89 -57.98 37.25
CA GLY NA 267 -124.12 -58.30 37.96
C GLY NA 267 -125.10 -59.13 37.15
N THR NA 268 -125.74 -58.52 36.16
CA THR NA 268 -126.77 -59.19 35.36
C THR NA 268 -126.56 -58.95 33.87
N ILE NA 269 -125.31 -58.81 33.44
CA ILE NA 269 -124.98 -58.60 32.04
C ILE NA 269 -124.26 -59.84 31.52
N THR NA 270 -124.75 -60.40 30.42
CA THR NA 270 -124.12 -61.57 29.83
C THR NA 270 -122.77 -61.18 29.23
N ALA NA 271 -121.79 -62.06 29.40
CA ALA NA 271 -120.45 -61.84 28.84
C ALA NA 271 -120.42 -62.35 27.41
N ASP NA 272 -120.41 -61.42 26.45
CA ASP NA 272 -120.43 -61.79 25.04
C ASP NA 272 -119.88 -60.64 24.23
N SER NA 273 -119.50 -60.94 22.98
CA SER NA 273 -119.02 -59.93 22.04
C SER NA 273 -120.19 -59.54 21.14
N TRP NA 274 -120.72 -58.34 21.35
CA TRP NA 274 -121.94 -57.91 20.69
C TRP NA 274 -121.64 -57.26 19.35
N VAL NA 275 -122.58 -57.40 18.42
CA VAL NA 275 -122.45 -56.89 17.05
C VAL NA 275 -123.72 -56.12 16.71
N VAL NA 276 -123.55 -54.98 16.05
CA VAL NA 276 -124.69 -54.16 15.65
C VAL NA 276 -125.61 -54.97 14.75
N ASP NA 277 -126.90 -54.91 15.03
CA ASP NA 277 -127.90 -55.63 14.25
C ASP NA 277 -128.02 -55.01 12.86
N VAL NA 278 -127.60 -55.75 11.83
CA VAL NA 278 -127.72 -55.26 10.47
C VAL NA 278 -129.18 -55.12 10.08
N GLY NA 279 -130.05 -55.94 10.66
CA GLY NA 279 -131.47 -55.85 10.39
C GLY NA 279 -132.12 -54.74 11.19
N ASN NA 280 -133.27 -55.02 11.81
CA ASN NA 280 -134.00 -54.06 12.63
C ASN NA 280 -134.36 -52.80 11.82
N ALA NA 281 -135.21 -53.03 10.82
CA ALA NA 281 -135.64 -51.95 9.96
C ALA NA 281 -136.41 -50.90 10.76
N PRO NA 282 -136.36 -49.64 10.34
CA PRO NA 282 -137.08 -48.58 11.06
C PRO NA 282 -138.58 -48.79 11.02
N ALA NA 283 -139.29 -47.97 11.80
CA ALA NA 283 -140.74 -48.08 11.87
C ALA NA 283 -141.38 -47.78 10.52
N ALA NA 284 -140.87 -46.75 9.82
CA ALA NA 284 -141.36 -46.38 8.49
C ALA NA 284 -140.14 -46.24 7.59
N ASN NA 285 -139.78 -47.32 6.90
CA ASN NA 285 -138.61 -47.34 6.04
C ASN NA 285 -138.99 -46.70 4.71
N VAL NA 286 -138.59 -45.44 4.53
CA VAL NA 286 -138.85 -44.69 3.31
C VAL NA 286 -137.52 -44.27 2.71
N SER NA 287 -137.36 -44.48 1.41
CA SER NA 287 -136.16 -44.12 0.69
C SER NA 287 -136.49 -43.08 -0.38
N ALA NA 288 -135.49 -42.27 -0.72
CA ALA NA 288 -135.66 -41.28 -1.77
C ALA NA 288 -135.99 -41.97 -3.10
N GLY NA 289 -136.98 -41.42 -3.81
CA GLY NA 289 -137.40 -42.05 -5.05
C GLY NA 289 -136.31 -42.07 -6.10
N GLN NA 290 -135.59 -40.96 -6.25
CA GLN NA 290 -134.51 -40.87 -7.23
C GLN NA 290 -133.32 -40.17 -6.59
N SER NA 291 -132.14 -40.42 -7.17
CA SER NA 291 -130.93 -39.78 -6.70
C SER NA 291 -130.89 -38.32 -7.16
N VAL NA 292 -129.83 -37.62 -6.76
CA VAL NA 292 -129.68 -36.22 -7.16
C VAL NA 292 -129.42 -36.12 -8.66
N ALA NA 293 -128.65 -37.05 -9.21
CA ALA NA 293 -128.31 -37.02 -10.62
C ALA NA 293 -129.37 -37.63 -11.52
N ASN NA 294 -130.45 -38.16 -10.95
CA ASN NA 294 -131.52 -38.80 -11.71
C ASN NA 294 -132.87 -38.23 -11.32
N ILE NA 295 -132.92 -36.91 -11.06
CA ILE NA 295 -134.16 -36.28 -10.64
C ILE NA 295 -135.12 -36.22 -11.81
N ASN NA 296 -136.34 -36.74 -11.59
CA ASN NA 296 -137.39 -36.72 -12.60
C ASN NA 296 -138.71 -36.51 -11.88
N ILE NA 297 -139.26 -35.30 -11.95
CA ILE NA 297 -140.41 -34.92 -11.14
C ILE NA 297 -141.71 -34.97 -11.95
N VAL NA 298 -141.73 -35.70 -13.06
CA VAL NA 298 -142.92 -35.78 -13.91
C VAL NA 298 -143.90 -36.73 -13.22
N GLY NA 299 -144.89 -36.16 -12.53
CA GLY NA 299 -145.94 -36.95 -11.90
C GLY NA 299 -145.46 -37.86 -10.79
N MET NA 300 -144.57 -37.36 -9.92
CA MET NA 300 -144.08 -38.17 -8.82
C MET NA 300 -145.13 -38.33 -7.73
N GLY NA 301 -145.81 -37.25 -7.38
CA GLY NA 301 -146.74 -37.24 -6.26
C GLY NA 301 -146.16 -36.53 -5.05
N ALA NA 302 -147.03 -36.30 -4.06
CA ALA NA 302 -146.63 -35.53 -2.89
C ALA NA 302 -145.56 -36.25 -2.08
N ALA NA 303 -145.79 -37.53 -1.78
CA ALA NA 303 -144.84 -38.27 -0.95
C ALA NA 303 -143.49 -38.40 -1.63
N ALA NA 304 -143.49 -38.68 -2.93
CA ALA NA 304 -142.23 -38.77 -3.67
C ALA NA 304 -141.51 -37.43 -3.70
N LEU NA 305 -142.26 -36.34 -3.84
CA LEU NA 305 -141.65 -35.01 -3.81
C LEU NA 305 -141.01 -34.72 -2.46
N ASP NA 306 -141.70 -35.07 -1.37
CA ASP NA 306 -141.12 -34.85 -0.04
C ASP NA 306 -139.87 -35.71 0.16
N ALA NA 307 -139.91 -36.97 -0.29
CA ALA NA 307 -138.73 -37.82 -0.17
C ALA NA 307 -137.56 -37.25 -0.96
N LEU NA 308 -137.83 -36.77 -2.18
CA LEU NA 308 -136.77 -36.17 -2.99
C LEU NA 308 -136.20 -34.92 -2.33
N ILE NA 309 -137.08 -34.09 -1.75
CA ILE NA 309 -136.62 -32.88 -1.07
C ILE NA 309 -135.73 -33.24 0.11
N SER NA 310 -136.15 -34.24 0.90
CA SER NA 310 -135.34 -34.64 2.05
C SER NA 310 -133.99 -35.21 1.61
N GLY NA 311 -133.98 -36.01 0.53
CA GLY NA 311 -132.72 -36.53 0.04
C GLY NA 311 -131.80 -35.43 -0.46
N VAL NA 312 -132.35 -34.45 -1.16
CA VAL NA 312 -131.56 -33.31 -1.62
C VAL NA 312 -130.99 -32.54 -0.44
N ASP NA 313 -131.80 -32.35 0.60
CA ASP NA 313 -131.31 -31.65 1.79
C ASP NA 313 -130.18 -32.42 2.45
N ALA NA 314 -130.32 -33.74 2.56
CA ALA NA 314 -129.26 -34.55 3.16
C ALA NA 314 -127.98 -34.47 2.35
N ALA NA 315 -128.09 -34.55 1.02
CA ALA NA 315 -126.92 -34.43 0.16
C ALA NA 315 -126.26 -33.07 0.31
N LEU NA 316 -127.07 -32.01 0.38
CA LEU NA 316 -126.53 -30.68 0.56
C LEU NA 316 -125.80 -30.55 1.89
N THR NA 317 -126.36 -31.14 2.96
CA THR NA 317 -125.69 -31.09 4.26
C THR NA 317 -124.35 -31.83 4.22
N ASP NA 318 -124.33 -33.02 3.62
CA ASP NA 318 -123.09 -33.78 3.54
C ASP NA 318 -122.04 -33.04 2.71
N MET NA 319 -122.46 -32.43 1.60
CA MET NA 319 -121.51 -31.74 0.73
C MET NA 319 -121.03 -30.43 1.37
N THR NA 320 -121.88 -29.78 2.18
CA THR NA 320 -121.42 -28.64 2.96
C THR NA 320 -120.38 -29.07 3.99
N SER NA 321 -120.60 -30.22 4.64
CA SER NA 321 -119.59 -30.74 5.56
C SER NA 321 -118.28 -31.02 4.83
N ALA NA 322 -118.36 -31.59 3.62
CA ALA NA 322 -117.16 -31.83 2.84
C ALA NA 322 -116.45 -30.52 2.49
N ALA NA 323 -117.22 -29.47 2.16
CA ALA NA 323 -116.61 -28.17 1.89
C ALA NA 323 -115.90 -27.62 3.12
N ALA NA 324 -116.53 -27.77 4.30
CA ALA NA 324 -115.89 -27.32 5.53
C ALA NA 324 -114.60 -28.11 5.78
N SER NA 325 -114.62 -29.41 5.53
CA SER NA 325 -113.41 -30.21 5.68
C SER NA 325 -112.31 -29.74 4.73
N LEU NA 326 -112.68 -29.42 3.49
CA LEU NA 326 -111.70 -28.92 2.53
C LEU NA 326 -111.10 -27.59 2.98
N GLY NA 327 -111.94 -26.69 3.51
CA GLY NA 327 -111.43 -25.44 4.04
C GLY NA 327 -110.48 -25.66 5.20
N SER NA 328 -110.81 -26.61 6.08
CA SER NA 328 -109.92 -26.94 7.18
C SER NA 328 -108.58 -27.47 6.67
N ILE NA 329 -108.63 -28.31 5.63
CA ILE NA 329 -107.38 -28.82 5.04
C ILE NA 329 -106.56 -27.68 4.47
N SER NA 330 -107.22 -26.73 3.79
CA SER NA 330 -106.49 -25.58 3.24
C SER NA 330 -105.83 -24.76 4.34
N SER NA 331 -106.55 -24.52 5.44
CA SER NA 331 -105.97 -23.80 6.56
C SER NA 331 -104.78 -24.55 7.15
N ARG NA 332 -104.90 -25.87 7.27
CA ARG NA 332 -103.79 -26.66 7.80
C ARG NA 332 -102.58 -26.60 6.87
N ILE NA 333 -102.82 -26.60 5.56
CA ILE NA 333 -101.71 -26.47 4.61
C ILE NA 333 -101.03 -25.12 4.75
N ASP NA 334 -101.82 -24.06 4.92
CA ASP NA 334 -101.22 -22.73 5.09
C ASP NA 334 -100.36 -22.67 6.35
N LEU NA 335 -100.90 -23.22 7.45
CA LEU NA 335 -100.12 -23.23 8.70
C LEU NA 335 -98.87 -24.07 8.56
N GLN NA 336 -98.97 -25.22 7.91
CA GLN NA 336 -97.79 -26.06 7.70
C GLN NA 336 -96.74 -25.33 6.86
N SER NA 337 -97.18 -24.61 5.84
CA SER NA 337 -96.26 -23.87 5.00
C SER NA 337 -95.52 -22.80 5.79
N GLU NA 338 -96.25 -22.02 6.59
CA GLU NA 338 -95.57 -20.95 7.33
C GLU NA 338 -94.66 -21.53 8.40
N PHE NA 339 -95.07 -22.64 9.04
CA PHE NA 339 -94.19 -23.28 10.01
C PHE NA 339 -92.93 -23.83 9.36
N VAL NA 340 -93.06 -24.41 8.16
CA VAL NA 340 -91.89 -24.92 7.46
C VAL NA 340 -90.96 -23.78 7.08
N ASN NA 341 -91.52 -22.65 6.66
CA ASN NA 341 -90.69 -21.49 6.35
C ASN NA 341 -89.93 -21.01 7.60
N LYS NA 342 -90.63 -20.94 8.73
CA LYS NA 342 -89.96 -20.54 9.98
C LYS NA 342 -88.86 -21.52 10.36
N LEU NA 343 -89.13 -22.82 10.23
CA LEU NA 343 -88.13 -23.84 10.57
C LEU NA 343 -86.92 -23.74 9.67
N SER NA 344 -87.15 -23.52 8.36
CA SER NA 344 -86.03 -23.37 7.43
C SER NA 344 -85.22 -22.13 7.76
N ASP NA 345 -85.89 -21.03 8.13
CA ASP NA 345 -85.16 -19.83 8.52
C ASP NA 345 -84.31 -20.09 9.77
N SER NA 346 -84.87 -20.79 10.76
CA SER NA 346 -84.12 -21.10 11.97
C SER NA 346 -82.92 -21.99 11.65
N ILE NA 347 -83.12 -22.99 10.78
CA ILE NA 347 -82.03 -23.88 10.42
C ILE NA 347 -80.92 -23.12 9.69
N GLU NA 348 -81.30 -22.23 8.78
CA GLU NA 348 -80.30 -21.43 8.07
C GLU NA 348 -79.55 -20.52 9.03
N SER NA 349 -80.26 -19.91 9.98
CA SER NA 349 -79.59 -19.06 10.97
C SER NA 349 -78.61 -19.87 11.81
N GLY NA 350 -79.01 -21.06 12.24
CA GLY NA 350 -78.11 -21.91 13.01
C GLY NA 350 -76.88 -22.32 12.22
N VAL NA 351 -77.07 -22.68 10.95
CA VAL NA 351 -75.94 -23.05 10.10
C VAL NA 351 -74.99 -21.87 9.94
N GLY NA 352 -75.55 -20.68 9.70
CA GLY NA 352 -74.71 -19.50 9.58
C GLY NA 352 -73.94 -19.20 10.85
N ARG NA 353 -74.60 -19.31 12.00
CA ARG NA 353 -73.92 -19.08 13.27
C ARG NA 353 -72.81 -20.09 13.50
N LEU NA 354 -73.04 -21.35 13.12
CA LEU NA 354 -72.02 -22.38 13.29
C LEU NA 354 -70.89 -22.29 12.28
N VAL NA 355 -71.12 -21.65 11.14
CA VAL NA 355 -70.19 -21.70 10.02
C VAL NA 355 -69.58 -20.34 9.71
N ASP NA 356 -70.38 -19.27 9.69
CA ASP NA 356 -69.89 -17.97 9.28
C ASP NA 356 -68.88 -17.42 10.30
N ALA NA 357 -68.07 -16.47 9.84
CA ALA NA 357 -67.03 -15.86 10.66
C ALA NA 357 -67.21 -14.36 10.69
N ASP NA 358 -66.99 -13.76 11.86
CA ASP NA 358 -67.07 -12.31 12.03
C ASP NA 358 -65.85 -11.68 11.36
N MET NA 359 -66.07 -11.01 10.23
CA MET NA 359 -64.97 -10.64 9.33
C MET NA 359 -63.94 -9.72 9.98
N ASN NA 360 -64.30 -9.04 11.07
CA ASN NA 360 -63.41 -8.03 11.65
C ASN NA 360 -62.10 -8.66 12.15
N GLU NA 361 -62.21 -9.77 12.89
CA GLU NA 361 -60.99 -10.38 13.41
C GLU NA 361 -60.16 -11.01 12.31
N GLU NA 362 -60.80 -11.52 11.24
CA GLU NA 362 -60.02 -11.99 10.10
C GLU NA 362 -59.28 -10.85 9.41
N SER NA 363 -59.89 -9.67 9.30
CA SER NA 363 -59.17 -8.53 8.75
C SER NA 363 -57.99 -8.14 9.63
N THR NA 364 -58.20 -8.12 10.95
CA THR NA 364 -57.12 -7.80 11.87
C THR NA 364 -55.98 -8.82 11.76
N ARG NA 365 -56.31 -10.11 11.68
CA ARG NA 365 -55.30 -11.14 11.52
C ARG NA 365 -54.58 -10.99 10.19
N LEU NA 366 -55.29 -10.62 9.12
CA LEU NA 366 -54.64 -10.44 7.84
C LEU NA 366 -53.61 -9.33 7.91
N LYS NA 367 -53.97 -8.21 8.54
CA LYS NA 367 -53.01 -7.11 8.71
C LYS NA 367 -51.82 -7.56 9.56
N ALA NA 368 -52.09 -8.27 10.65
CA ALA NA 368 -51.02 -8.71 11.54
C ALA NA 368 -50.06 -9.66 10.83
N LEU NA 369 -50.60 -10.59 10.04
CA LEU NA 369 -49.74 -11.51 9.29
C LEU NA 369 -48.97 -10.80 8.19
N GLN NA 370 -49.55 -9.77 7.56
CA GLN NA 370 -48.76 -8.98 6.61
C GLN NA 370 -47.57 -8.33 7.29
N THR NA 371 -47.81 -7.72 8.46
CA THR NA 371 -46.71 -7.08 9.18
C THR NA 371 -45.67 -8.09 9.61
N GLN NA 372 -46.11 -9.24 10.12
CA GLN NA 372 -45.17 -10.28 10.56
C GLN NA 372 -44.37 -10.82 9.39
N GLN NA 373 -45.00 -10.97 8.22
CA GLN NA 373 -44.26 -11.40 7.03
C GLN NA 373 -43.21 -10.37 6.64
N GLN NA 374 -43.55 -9.09 6.71
CA GLN NA 374 -42.57 -8.06 6.37
C GLN NA 374 -41.38 -8.11 7.32
N LEU NA 375 -41.65 -8.22 8.62
CA LEU NA 375 -40.57 -8.31 9.60
C LEU NA 375 -39.73 -9.56 9.38
N ALA NA 376 -40.37 -10.69 9.08
CA ALA NA 376 -39.65 -11.93 8.87
C ALA NA 376 -38.76 -11.85 7.64
N ILE NA 377 -39.26 -11.22 6.57
CA ILE NA 377 -38.46 -11.05 5.36
C ILE NA 377 -37.26 -10.16 5.65
N GLN NA 378 -37.47 -9.08 6.40
CA GLN NA 378 -36.34 -8.22 6.76
C GLN NA 378 -35.30 -8.97 7.57
N ALA NA 379 -35.76 -9.76 8.54
CA ALA NA 379 -34.82 -10.54 9.37
C ALA NA 379 -34.09 -11.58 8.55
N LEU NA 380 -34.79 -12.22 7.60
CA LEU NA 380 -34.13 -13.19 6.72
C LEU NA 380 -33.08 -12.52 5.86
N SER NA 381 -33.37 -11.32 5.33
CA SER NA 381 -32.37 -10.59 4.56
C SER NA 381 -31.15 -10.26 5.41
N ILE NA 382 -31.38 -9.83 6.65
CA ILE NA 382 -30.25 -9.52 7.53
C ILE NA 382 -29.43 -10.76 7.82
N ALA NA 383 -30.10 -11.90 8.06
CA ALA NA 383 -29.39 -13.14 8.36
C ALA NA 383 -28.62 -13.64 7.15
N ASN NA 384 -29.15 -13.40 5.96
CA ASN NA 384 -28.40 -13.75 4.74
C ASN NA 384 -27.19 -12.85 4.57
N SER NA 385 -27.34 -11.56 4.87
CA SER NA 385 -26.25 -10.61 4.60
C SER NA 385 -25.13 -10.72 5.62
N ASP NA 386 -25.44 -11.06 6.88
CA ASP NA 386 -24.44 -10.95 7.93
C ASP NA 386 -23.28 -11.94 7.78
N SER NA 387 -23.41 -12.95 6.92
CA SER NA 387 -22.36 -13.96 6.78
C SER NA 387 -21.18 -13.48 5.95
N GLN NA 388 -21.28 -12.30 5.33
CA GLN NA 388 -20.21 -11.77 4.49
C GLN NA 388 -19.14 -11.03 5.29
N ASN NA 389 -19.32 -10.90 6.61
CA ASN NA 389 -18.37 -10.12 7.40
C ASN NA 389 -17.01 -10.78 7.47
N VAL NA 390 -16.94 -12.10 7.31
CA VAL NA 390 -15.68 -12.82 7.48
C VAL NA 390 -14.65 -12.45 6.41
N LEU NA 391 -15.10 -11.92 5.27
CA LEU NA 391 -14.19 -11.68 4.16
C LEU NA 391 -13.10 -10.65 4.50
N SER NA 392 -13.34 -9.80 5.51
CA SER NA 392 -12.39 -8.73 5.82
C SER NA 392 -11.06 -9.30 6.32
N LEU NA 393 -11.12 -10.35 7.14
CA LEU NA 393 -9.90 -10.86 7.77
C LEU NA 393 -8.93 -11.42 6.74
N PHE NA 394 -9.44 -12.17 5.76
CA PHE NA 394 -8.55 -12.88 4.83
C PHE NA 394 -7.91 -11.97 3.80
N ARG NA 395 -8.49 -10.80 3.54
CA ARG NA 395 -7.93 -9.85 2.59
C ARG NA 395 -6.86 -8.98 3.23
N THR OA 2 3.35 23.22 -12.07
CA THR OA 2 2.68 22.89 -10.81
C THR OA 2 3.34 23.61 -9.63
N SER OA 3 2.74 24.72 -9.22
CA SER OA 3 3.17 25.42 -8.02
C SER OA 3 2.42 24.87 -6.83
N ILE OA 4 3.15 24.43 -5.81
CA ILE OA 4 2.54 23.71 -4.70
C ILE OA 4 2.00 24.65 -3.62
N LEU OA 5 2.30 25.95 -3.69
CA LEU OA 5 1.77 26.89 -2.71
C LEU OA 5 0.53 27.62 -3.19
N THR OA 6 0.27 27.66 -4.49
CA THR OA 6 -0.90 28.33 -5.03
C THR OA 6 -1.59 27.44 -6.05
N ASN OA 7 -2.92 27.56 -6.12
CA ASN OA 7 -3.75 26.81 -7.06
C ASN OA 7 -4.78 27.78 -7.64
N ASN OA 8 -4.43 28.40 -8.76
CA ASN OA 8 -5.31 29.39 -9.36
C ASN OA 8 -6.66 28.79 -9.75
N SER OA 9 -6.65 27.54 -10.22
CA SER OA 9 -7.91 26.86 -10.50
C SER OA 9 -8.75 26.73 -9.25
N ALA OA 10 -8.11 26.53 -8.09
CA ALA OA 10 -8.84 26.44 -6.83
C ALA OA 10 -9.54 27.75 -6.50
N MET OA 11 -8.83 28.89 -6.66
CA MET OA 11 -9.47 30.18 -6.40
C MET OA 11 -10.58 30.47 -7.39
N ALA OA 12 -10.39 30.10 -8.66
CA ALA OA 12 -11.48 30.29 -9.63
C ALA OA 12 -12.70 29.48 -9.25
N ALA OA 13 -12.49 28.21 -8.85
CA ALA OA 13 -13.61 27.38 -8.41
C ALA OA 13 -14.26 27.97 -7.16
N LEU OA 14 -13.47 28.50 -6.24
CA LEU OA 14 -14.03 29.12 -5.03
C LEU OA 14 -14.90 30.32 -5.38
N SER OA 15 -14.43 31.17 -6.29
CA SER OA 15 -15.22 32.33 -6.70
C SER OA 15 -16.52 31.89 -7.36
N GLY OA 16 -16.45 30.88 -8.23
CA GLY OA 16 -17.66 30.35 -8.83
C GLY OA 16 -18.63 29.81 -7.79
N VAL OA 17 -18.11 29.10 -6.80
CA VAL OA 17 -18.96 28.53 -5.75
C VAL OA 17 -19.63 29.64 -4.94
N ARG OA 18 -18.88 30.68 -4.60
CA ARG OA 18 -19.47 31.79 -3.85
C ARG OA 18 -20.57 32.48 -4.67
N SER OA 19 -20.34 32.71 -5.96
CA SER OA 19 -21.36 33.33 -6.78
C SER OA 19 -22.61 32.45 -6.86
N ILE OA 20 -22.42 31.14 -7.05
CA ILE OA 20 -23.54 30.22 -7.12
C ILE OA 20 -24.29 30.19 -5.80
N SER OA 21 -23.56 30.23 -4.68
CA SER OA 21 -24.20 30.21 -3.37
C SER OA 21 -25.04 31.46 -3.13
N SER OA 22 -24.50 32.63 -3.52
CA SER OA 22 -25.27 33.86 -3.35
C SER OA 22 -26.53 33.82 -4.22
N SER OA 23 -26.41 33.40 -5.47
CA SER OA 23 -27.57 33.32 -6.34
C SER OA 23 -28.58 32.31 -5.81
N MET OA 24 -28.09 31.20 -5.26
CA MET OA 24 -28.98 30.19 -4.70
C MET OA 24 -29.73 30.71 -3.49
N GLU OA 25 -29.03 31.42 -2.60
CA GLU OA 25 -29.72 32.00 -1.45
C GLU OA 25 -30.80 32.99 -1.90
N ASP OA 26 -30.47 33.81 -2.90
CA ASP OA 26 -31.46 34.75 -3.42
C ASP OA 26 -32.68 34.02 -3.98
N THR OA 27 -32.45 32.98 -4.79
CA THR OA 27 -33.59 32.30 -5.41
C THR OA 27 -34.39 31.50 -4.39
N GLN OA 28 -33.74 30.98 -3.34
CA GLN OA 28 -34.50 30.34 -2.26
C GLN OA 28 -35.40 31.34 -1.56
N SER OA 29 -34.89 32.55 -1.29
CA SER OA 29 -35.76 33.58 -0.72
C SER OA 29 -36.92 33.88 -1.66
N ARG OA 30 -36.62 33.99 -2.96
CA ARG OA 30 -37.64 34.30 -3.95
C ARG OA 30 -38.74 33.23 -3.98
N ILE OA 31 -38.35 31.95 -3.97
CA ILE OA 31 -39.32 30.87 -4.05
C ILE OA 31 -40.00 30.59 -2.72
N SER OA 32 -39.43 31.06 -1.62
CA SER OA 32 -40.00 30.81 -0.30
C SER OA 32 -40.90 31.94 0.18
N SER OA 33 -40.78 33.14 -0.37
CA SER OA 33 -41.62 34.24 0.10
C SER OA 33 -42.13 35.09 -1.06
N GLY OA 34 -42.19 34.50 -2.25
CA GLY OA 34 -42.62 35.26 -3.43
C GLY OA 34 -41.74 36.46 -3.67
N LEU OA 35 -42.35 37.66 -3.71
CA LEU OA 35 -41.59 38.91 -3.74
C LEU OA 35 -40.49 38.95 -4.79
N ARG OA 36 -40.85 39.04 -6.07
CA ARG OA 36 -39.84 39.24 -7.11
C ARG OA 36 -38.92 40.40 -6.76
N VAL OA 37 -39.49 41.46 -6.20
CA VAL OA 37 -38.69 42.59 -5.71
C VAL OA 37 -38.38 42.36 -4.25
N GLY OA 38 -37.09 42.28 -3.91
CA GLY OA 38 -36.66 42.08 -2.55
C GLY OA 38 -37.09 43.22 -1.65
N SER OA 39 -36.75 43.08 -0.37
CA SER OA 39 -37.11 44.04 0.68
C SER OA 39 -36.76 45.44 0.17
N ALA OA 40 -35.48 45.79 0.02
CA ALA OA 40 -35.10 47.00 -0.71
C ALA OA 40 -33.79 46.80 -1.45
N SER OA 41 -33.24 45.58 -1.41
CA SER OA 41 -31.96 45.30 -2.04
C SER OA 41 -32.08 45.11 -3.54
N ASP OA 42 -33.31 45.03 -4.05
CA ASP OA 42 -33.57 45.09 -5.48
C ASP OA 42 -33.82 46.54 -5.87
N ASN OA 43 -34.39 46.76 -7.04
CA ASN OA 43 -34.65 48.10 -7.53
C ASN OA 43 -35.55 48.92 -6.59
N ALA OA 44 -34.96 49.93 -5.97
CA ALA OA 44 -35.58 50.61 -4.84
C ALA OA 44 -36.86 51.34 -5.24
N ALA OA 45 -36.86 51.97 -6.42
CA ALA OA 45 -37.97 52.82 -6.82
C ALA OA 45 -39.28 52.03 -6.89
N TYR OA 46 -39.24 50.85 -7.50
CA TYR OA 46 -40.45 50.04 -7.60
C TYR OA 46 -40.92 49.57 -6.23
N TRP OA 47 -39.98 49.23 -5.35
CA TRP OA 47 -40.37 48.87 -3.99
C TRP OA 47 -41.04 50.04 -3.27
N SER OA 48 -40.50 51.25 -3.46
CA SER OA 48 -41.08 52.44 -2.84
C SER OA 48 -42.50 52.66 -3.35
N ILE OA 49 -42.70 52.54 -4.66
CA ILE OA 49 -44.04 52.70 -5.23
C ILE OA 49 -44.97 51.64 -4.65
N ALA OA 50 -44.50 50.40 -4.56
CA ALA OA 50 -45.32 49.32 -4.03
C ALA OA 50 -45.71 49.60 -2.59
N THR OA 51 -44.77 50.03 -1.76
CA THR OA 51 -45.05 50.30 -0.35
C THR OA 51 -46.05 51.46 -0.21
N THR OA 52 -45.86 52.51 -1.01
CA THR OA 52 -46.79 53.62 -0.98
C THR OA 52 -48.20 53.17 -1.34
N MET OA 53 -48.32 52.28 -2.34
CA MET OA 53 -49.66 51.86 -2.73
C MET OA 53 -50.26 50.86 -1.74
N ARG OA 54 -49.43 50.08 -1.03
CA ARG OA 54 -49.97 49.30 0.07
C ARG OA 54 -50.52 50.20 1.17
N SER OA 55 -49.81 51.29 1.48
CA SER OA 55 -50.34 52.25 2.45
C SER OA 55 -51.66 52.84 1.95
N ASP OA 56 -51.73 53.18 0.66
CA ASP OA 56 -52.97 53.69 0.09
C ASP OA 56 -54.09 52.65 0.16
N ASN OA 57 -53.76 51.38 -0.03
CA ASN OA 57 -54.75 50.32 0.07
C ASN OA 57 -55.27 50.19 1.49
N GLN OA 58 -54.39 50.30 2.48
CA GLN OA 58 -54.85 50.31 3.87
C GLN OA 58 -55.78 51.48 4.13
N ALA OA 59 -55.42 52.66 3.61
CA ALA OA 59 -56.30 53.82 3.73
C ALA OA 59 -57.65 53.56 3.08
N LEU OA 60 -57.67 52.91 1.92
CA LEU OA 60 -58.92 52.61 1.24
C LEU OA 60 -59.76 51.62 2.04
N SER OA 61 -59.11 50.66 2.70
CA SER OA 61 -59.84 49.75 3.57
C SER OA 61 -60.49 50.50 4.74
N ALA OA 62 -59.75 51.43 5.33
CA ALA OA 62 -60.33 52.27 6.39
C ALA OA 62 -61.51 53.07 5.85
N VAL OA 63 -61.38 53.60 4.63
CA VAL OA 63 -62.48 54.34 4.01
C VAL OA 63 -63.67 53.44 3.78
N GLN OA 64 -63.43 52.17 3.43
CA GLN OA 64 -64.52 51.22 3.26
C GLN OA 64 -65.27 51.00 4.57
N ASP OA 65 -64.53 50.84 5.66
CA ASP OA 65 -65.17 50.69 6.97
C ASP OA 65 -65.99 51.94 7.32
N ALA OA 66 -65.43 53.12 7.09
CA ALA OA 66 -66.15 54.35 7.36
C ALA OA 66 -67.40 54.46 6.49
N LEU OA 67 -67.30 54.02 5.23
CA LEU OA 67 -68.44 54.05 4.34
C LEU OA 67 -69.55 53.13 4.83
N GLY OA 68 -69.18 51.94 5.32
CA GLY OA 68 -70.18 51.06 5.91
C GLY OA 68 -70.86 51.66 7.11
N LEU OA 69 -70.08 52.29 8.00
CA LEU OA 69 -70.67 52.94 9.16
C LEU OA 69 -71.62 54.06 8.75
N GLY OA 70 -71.22 54.89 7.79
CA GLY OA 70 -72.08 55.96 7.32
C GLY OA 70 -73.33 55.44 6.65
N ALA OA 71 -73.22 54.34 5.91
CA ALA OA 71 -74.39 53.74 5.29
C ALA OA 71 -75.37 53.25 6.34
N ALA OA 72 -74.86 52.64 7.42
CA ALA OA 72 -75.75 52.23 8.51
C ALA OA 72 -76.45 53.44 9.13
N LYS OA 73 -75.70 54.52 9.37
CA LYS OA 73 -76.29 55.73 9.94
C LYS OA 73 -77.39 56.29 9.05
N VAL OA 74 -77.12 56.36 7.74
CA VAL OA 74 -78.09 56.91 6.80
C VAL OA 74 -79.32 56.01 6.71
N ASP OA 75 -79.13 54.68 6.77
CA ASP OA 75 -80.27 53.78 6.76
C ASP OA 75 -81.15 53.99 7.98
N THR OA 76 -80.54 54.13 9.15
CA THR OA 76 -81.32 54.40 10.36
C THR OA 76 -82.08 55.72 10.24
N ALA OA 77 -81.41 56.76 9.74
CA ALA OA 77 -82.06 58.05 9.58
C ALA OA 77 -83.22 57.97 8.61
N TYR OA 78 -83.05 57.22 7.51
CA TYR OA 78 -84.11 57.08 6.52
C TYR OA 78 -85.30 56.33 7.09
N SER OA 79 -85.04 55.29 7.89
CA SER OA 79 -86.15 54.57 8.54
C SER OA 79 -86.92 55.50 9.47
N GLY OA 80 -86.20 56.28 10.27
CA GLY OA 80 -86.88 57.24 11.14
C GLY OA 80 -87.68 58.26 10.35
N MET OA 81 -87.11 58.75 9.24
CA MET OA 81 -87.81 59.71 8.40
C MET OA 81 -89.08 59.11 7.83
N GLU OA 82 -89.03 57.86 7.36
CA GLU OA 82 -90.22 57.22 6.82
C GLU OA 82 -91.31 57.06 7.89
N SER OA 83 -90.91 56.65 9.09
CA SER OA 83 -91.89 56.52 10.17
C SER OA 83 -92.52 57.86 10.49
N ALA OA 84 -91.70 58.92 10.55
CA ALA OA 84 -92.23 60.25 10.84
C ALA OA 84 -93.18 60.73 9.75
N ILE OA 85 -92.84 60.45 8.49
CA ILE OA 85 -93.71 60.84 7.37
C ILE OA 85 -95.04 60.12 7.46
N GLU OA 86 -95.02 58.83 7.79
CA GLU OA 86 -96.27 58.09 7.95
C GLU OA 86 -97.12 58.68 9.07
N VAL OA 87 -96.49 59.02 10.20
CA VAL OA 87 -97.24 59.60 11.31
C VAL OA 87 -97.84 60.94 10.92
N VAL OA 88 -97.07 61.76 10.20
CA VAL OA 88 -97.58 63.08 9.80
C VAL OA 88 -98.72 62.94 8.79
N LYS OA 89 -98.62 61.95 7.89
CA LYS OA 89 -99.73 61.68 6.98
C LYS OA 89 -100.99 61.28 7.74
N GLU OA 90 -100.83 60.45 8.78
CA GLU OA 90 -101.96 60.09 9.61
C GLU OA 90 -102.55 61.33 10.30
N ILE OA 91 -101.69 62.22 10.79
CA ILE OA 91 -102.17 63.44 11.44
C ILE OA 91 -102.97 64.28 10.46
N LYS OA 92 -102.46 64.44 9.24
CA LYS OA 92 -103.15 65.24 8.23
C LYS OA 92 -104.50 64.62 7.89
N ALA OA 93 -104.55 63.29 7.74
CA ALA OA 93 -105.81 62.63 7.45
C ALA OA 93 -106.81 62.84 8.58
N LYS OA 94 -106.35 62.70 9.82
CA LYS OA 94 -107.25 62.90 10.96
C LYS OA 94 -107.78 64.32 11.00
N LEU OA 95 -106.92 65.30 10.75
CA LEU OA 95 -107.36 66.70 10.80
C LEU OA 95 -108.33 67.02 9.69
N VAL OA 96 -108.05 66.55 8.47
CA VAL OA 96 -108.96 66.84 7.35
C VAL OA 96 -110.28 66.10 7.55
N ALA OA 97 -110.27 64.96 8.25
CA ALA OA 97 -111.53 64.34 8.63
C ALA OA 97 -112.26 65.16 9.69
N ALA OA 98 -111.50 65.77 10.60
CA ALA OA 98 -112.07 66.54 11.70
C ALA OA 98 -112.49 67.94 11.30
N THR OA 99 -112.21 68.38 10.07
CA THR OA 99 -112.64 69.72 9.66
C THR OA 99 -114.16 69.88 9.71
N GLU OA 100 -114.89 68.76 9.70
CA GLU OA 100 -116.34 68.81 9.83
C GLU OA 100 -116.73 69.39 11.20
N ASP OA 101 -117.77 70.22 11.19
CA ASP OA 101 -118.25 70.83 12.43
C ASP OA 101 -119.12 69.89 13.26
N GLY OA 102 -119.58 68.77 12.69
CA GLY OA 102 -120.39 67.82 13.41
C GLY OA 102 -119.63 66.80 14.23
N VAL OA 103 -118.30 66.89 14.26
CA VAL OA 103 -117.46 65.94 14.98
C VAL OA 103 -116.83 66.65 16.16
N ASP OA 104 -116.96 66.04 17.34
CA ASP OA 104 -116.33 66.59 18.54
C ASP OA 104 -114.82 66.63 18.36
N LYS OA 105 -114.22 67.77 18.68
CA LYS OA 105 -112.80 67.99 18.41
C LYS OA 105 -111.90 67.57 19.56
N ALA OA 106 -112.46 67.22 20.72
CA ALA OA 106 -111.61 66.80 21.85
C ALA OA 106 -110.93 65.46 21.56
N LYS OA 107 -111.67 64.52 20.98
CA LYS OA 107 -111.09 63.22 20.64
C LYS OA 107 -109.98 63.39 19.61
N ILE OA 108 -110.22 64.21 18.59
CA ILE OA 108 -109.20 64.45 17.57
C ILE OA 108 -107.99 65.13 18.18
N GLN OA 109 -108.22 66.08 19.10
CA GLN OA 109 -107.11 66.76 19.74
C GLN OA 109 -106.26 65.78 20.53
N GLU OA 110 -106.90 64.85 21.25
CA GLU OA 110 -106.16 63.83 21.98
C GLU OA 110 -105.38 62.93 21.02
N GLU OA 111 -105.98 62.56 19.89
CA GLU OA 111 -105.26 61.73 18.92
C GLU OA 111 -104.03 62.45 18.37
N ILE OA 112 -104.17 63.73 18.03
CA ILE OA 112 -103.02 64.48 17.54
C ILE OA 112 -101.97 64.66 18.64
N THR OA 113 -102.39 64.79 19.90
CA THR OA 113 -101.42 64.86 20.98
C THR OA 113 -100.62 63.56 21.08
N GLN OA 114 -101.30 62.43 20.98
CA GLN OA 114 -100.61 61.14 20.99
C GLN OA 114 -99.66 61.01 19.81
N LEU OA 115 -100.10 61.46 18.62
CA LEU OA 115 -99.25 61.37 17.45
C LEU OA 115 -98.04 62.30 17.55
N LYS OA 116 -98.22 63.46 18.17
CA LYS OA 116 -97.10 64.37 18.40
C LYS OA 116 -96.09 63.76 19.37
N ASP OA 117 -96.59 63.10 20.43
CA ASP OA 117 -95.68 62.40 21.33
C ASP OA 117 -94.93 61.29 20.59
N GLN OA 118 -95.63 60.57 19.71
CA GLN OA 118 -94.97 59.54 18.91
C GLN OA 118 -93.90 60.15 18.01
N LEU OA 119 -94.19 61.30 17.40
CA LEU OA 119 -93.22 61.97 16.56
C LEU OA 119 -91.98 62.36 17.36
N THR OA 120 -92.19 62.91 18.56
CA THR OA 120 -91.06 63.29 19.40
C THR OA 120 -90.22 62.07 19.77
N SER OA 121 -90.88 60.96 20.14
CA SER OA 121 -90.16 59.75 20.49
C SER OA 121 -89.37 59.22 19.30
N ILE OA 122 -89.96 59.23 18.11
CA ILE OA 122 -89.25 58.77 16.92
C ILE OA 122 -88.05 59.66 16.64
N ALA OA 123 -88.23 60.98 16.77
CA ALA OA 123 -87.14 61.90 16.49
C ALA OA 123 -85.98 61.73 17.46
N ASP OA 124 -86.27 61.56 18.75
CA ASP OA 124 -85.19 61.43 19.72
C ASP OA 124 -84.63 60.03 19.82
N ALA OA 125 -85.33 59.02 19.29
CA ALA OA 125 -84.87 57.64 19.44
C ALA OA 125 -84.11 57.14 18.22
N ALA OA 126 -84.34 57.71 17.04
CA ALA OA 126 -83.71 57.23 15.81
C ALA OA 126 -82.25 57.69 15.76
N SER OA 127 -81.46 57.12 16.67
CA SER OA 127 -80.04 57.45 16.80
C SER OA 127 -79.24 56.15 16.70
N PHE OA 128 -78.28 56.11 15.78
CA PHE OA 128 -77.46 54.92 15.62
C PHE OA 128 -76.33 54.89 16.64
N SER OA 129 -75.43 55.86 16.59
CA SER OA 129 -74.26 55.93 17.45
C SER OA 129 -74.15 57.31 18.07
N GLY OA 130 -75.26 57.81 18.60
CA GLY OA 130 -75.31 59.17 19.12
C GLY OA 130 -75.63 60.20 18.07
N GLU OA 131 -74.94 60.14 16.94
CA GLU OA 131 -75.21 61.02 15.81
C GLU OA 131 -76.43 60.54 15.05
N ASN OA 132 -77.58 61.15 15.32
CA ASN OA 132 -78.85 60.72 14.73
C ASN OA 132 -79.22 61.46 13.46
N TRP OA 133 -78.47 62.49 13.08
CA TRP OA 133 -78.78 63.34 11.92
C TRP OA 133 -80.15 63.99 12.04
N LEU OA 134 -80.71 64.02 13.24
CA LEU OA 134 -82.03 64.60 13.49
C LEU OA 134 -81.99 65.29 14.84
N GLN OA 135 -82.92 66.22 15.04
CA GLN OA 135 -83.02 67.00 16.28
C GLN OA 135 -81.68 67.68 16.59
N ALA OA 136 -81.17 68.39 15.59
CA ALA OA 136 -79.86 69.02 15.71
C ALA OA 136 -79.98 70.36 16.43
N ASP OA 137 -78.85 71.04 16.59
CA ASP OA 137 -78.79 72.36 17.20
C ASP OA 137 -78.72 73.41 16.09
N LEU OA 138 -79.80 74.15 15.90
CA LEU OA 138 -79.88 75.16 14.85
C LEU OA 138 -79.61 76.56 15.37
N SER OA 139 -79.12 76.69 16.60
CA SER OA 139 -78.76 78.02 17.12
C SER OA 139 -77.63 78.63 16.31
N GLY OA 140 -76.64 77.82 15.92
CA GLY OA 140 -75.57 78.31 15.08
C GLY OA 140 -76.05 78.75 13.71
N GLY OA 141 -77.05 78.07 13.16
CA GLY OA 141 -77.61 78.43 11.88
C GLY OA 141 -77.60 77.30 10.86
N ALA OA 142 -76.53 76.51 10.86
CA ALA OA 142 -76.41 75.41 9.91
C ALA OA 142 -75.33 74.46 10.40
N VAL OA 143 -75.65 73.17 10.45
CA VAL OA 143 -74.70 72.13 10.79
C VAL OA 143 -74.65 71.12 9.66
N THR OA 144 -73.45 70.70 9.29
CA THR OA 144 -73.23 69.80 8.16
C THR OA 144 -72.58 68.52 8.65
N LYS OA 145 -73.26 67.40 8.42
CA LYS OA 145 -72.70 66.08 8.72
C LYS OA 145 -72.00 65.53 7.48
N SER OA 146 -70.88 64.86 7.70
CA SER OA 146 -70.06 64.36 6.61
C SER OA 146 -69.84 62.86 6.74
N VAL OA 147 -69.83 62.18 5.61
CA VAL OA 147 -69.55 60.75 5.53
C VAL OA 147 -68.31 60.56 4.67
N VAL OA 148 -67.34 59.80 5.18
CA VAL OA 148 -66.08 59.62 4.47
C VAL OA 148 -66.33 58.89 3.16
N GLY OA 149 -66.02 59.56 2.05
CA GLY OA 149 -66.28 58.98 0.74
C GLY OA 149 -65.12 58.21 0.15
N SER OA 150 -63.95 58.84 0.06
CA SER OA 150 -62.80 58.20 -0.56
C SER OA 150 -61.53 58.87 -0.08
N PHE OA 151 -60.41 58.18 -0.28
CA PHE OA 151 -59.08 58.70 0.01
C PHE OA 151 -58.37 58.94 -1.31
N VAL OA 152 -57.97 60.18 -1.55
CA VAL OA 152 -57.43 60.61 -2.84
C VAL OA 152 -56.02 61.14 -2.63
N ARG OA 153 -55.09 60.62 -3.44
CA ARG OA 153 -53.71 61.11 -3.46
C ARG OA 153 -53.55 62.03 -4.66
N ASP OA 154 -53.41 63.33 -4.40
CA ASP OA 154 -53.26 64.29 -5.48
C ASP OA 154 -51.94 64.07 -6.22
N GLY OA 155 -51.94 64.38 -7.52
CA GLY OA 155 -50.75 64.17 -8.32
C GLY OA 155 -49.56 64.97 -7.87
N SER OA 156 -49.79 66.17 -7.34
CA SER OA 156 -48.70 67.04 -6.91
C SER OA 156 -48.25 66.72 -5.48
N GLY OA 157 -47.97 65.45 -5.23
CA GLY OA 157 -47.38 65.02 -3.97
C GLY OA 157 -48.16 65.39 -2.72
N SER OA 158 -49.46 65.16 -2.72
CA SER OA 158 -50.28 65.47 -1.55
C SER OA 158 -51.48 64.53 -1.52
N VAL OA 159 -52.05 64.37 -0.33
CA VAL OA 159 -53.20 63.50 -0.13
C VAL OA 159 -54.26 64.24 0.66
N ALA OA 160 -55.49 63.75 0.57
CA ALA OA 160 -56.62 64.30 1.30
C ALA OA 160 -57.71 63.24 1.35
N VAL OA 161 -58.73 63.52 2.15
CA VAL OA 161 -59.88 62.64 2.30
C VAL OA 161 -61.14 63.40 1.87
N LYS OA 162 -61.95 62.76 1.03
CA LYS OA 162 -63.18 63.36 0.53
C LYS OA 162 -64.36 62.92 1.39
N LYS OA 163 -65.36 63.78 1.47
CA LYS OA 163 -66.53 63.53 2.31
C LYS OA 163 -67.79 63.88 1.54
N VAL OA 164 -68.90 63.26 1.96
CA VAL OA 164 -70.22 63.54 1.42
C VAL OA 164 -70.98 64.34 2.46
N ASP OA 165 -71.45 65.52 2.07
CA ASP OA 165 -72.04 66.48 3.01
C ASP OA 165 -73.56 66.40 2.96
N TYR OA 166 -74.18 66.34 4.14
CA TYR OA 166 -75.62 66.41 4.29
C TYR OA 166 -75.94 67.60 5.18
N SER OA 167 -76.71 68.55 4.65
CA SER OA 167 -76.97 69.80 5.34
C SER OA 167 -78.21 69.67 6.22
N LEU OA 168 -78.04 69.94 7.52
CA LEU OA 168 -79.15 69.92 8.47
C LEU OA 168 -79.60 71.36 8.68
N ASN OA 169 -80.30 71.89 7.70
CA ASN OA 169 -80.81 73.26 7.74
C ASN OA 169 -82.17 73.28 8.44
N ALA OA 170 -82.88 74.40 8.32
CA ALA OA 170 -84.20 74.54 8.92
C ALA OA 170 -85.29 73.84 8.14
N ASN OA 171 -84.92 72.98 7.17
CA ASN OA 171 -85.90 72.26 6.36
C ASN OA 171 -85.94 70.77 6.64
N SER OA 172 -84.87 70.20 7.19
CA SER OA 172 -84.79 68.76 7.46
C SER OA 172 -84.19 68.53 8.85
N VAL OA 173 -84.66 69.30 9.83
CA VAL OA 173 -84.07 69.26 11.16
C VAL OA 173 -84.88 68.34 12.07
N LEU OA 174 -86.20 68.30 11.88
CA LEU OA 174 -87.05 67.41 12.66
C LEU OA 174 -86.94 67.67 14.16
N PHE OA 175 -87.57 68.76 14.64
CA PHE OA 175 -87.57 69.15 16.04
C PHE OA 175 -86.22 69.60 16.56
N ASP OA 176 -85.72 70.72 16.03
CA ASP OA 176 -84.59 71.42 16.62
C ASP OA 176 -84.73 71.51 18.13
N THR OA 177 -83.64 71.16 18.84
CA THR OA 177 -83.70 70.95 20.28
C THR OA 177 -83.50 72.21 21.11
N VAL OA 178 -83.10 73.32 20.51
CA VAL OA 178 -82.77 74.51 21.30
C VAL OA 178 -83.74 75.63 21.04
N GLY OA 179 -83.78 76.13 19.81
CA GLY OA 179 -84.61 77.28 19.50
C GLY OA 179 -86.00 76.97 18.99
N ASP OA 180 -86.30 75.71 18.72
CA ASP OA 180 -87.57 75.30 18.11
C ASP OA 180 -87.82 76.05 16.81
N THR OA 181 -86.74 76.35 16.09
CA THR OA 181 -86.81 76.98 14.77
C THR OA 181 -86.28 75.97 13.75
N GLY OA 182 -87.14 75.57 12.83
CA GLY OA 182 -86.81 74.55 11.86
C GLY OA 182 -88.02 74.13 11.07
N ILE OA 183 -88.24 72.81 10.96
CA ILE OA 183 -89.48 72.32 10.37
C ILE OA 183 -90.68 72.86 11.14
N LEU OA 184 -90.57 72.95 12.46
CA LEU OA 184 -91.63 73.55 13.27
C LEU OA 184 -91.62 75.08 13.11
N ASP OA 185 -92.78 75.67 13.37
CA ASP OA 185 -92.95 77.11 13.53
C ASP OA 185 -92.81 77.82 12.19
N LYS OA 186 -92.41 77.08 11.15
CA LYS OA 186 -92.33 77.65 9.80
C LYS OA 186 -93.58 77.28 9.04
N VAL OA 187 -94.11 78.24 8.27
CA VAL OA 187 -95.35 78.01 7.55
C VAL OA 187 -95.08 77.76 6.07
N TYR OA 188 -94.45 78.71 5.37
CA TYR OA 188 -94.23 78.64 3.93
C TYR OA 188 -95.50 78.24 3.19
N ASN OA 189 -96.65 78.68 3.69
CA ASN OA 189 -97.93 78.23 3.15
C ASN OA 189 -98.12 78.75 1.73
N VAL OA 190 -98.76 77.93 0.89
CA VAL OA 190 -98.96 78.28 -0.51
C VAL OA 190 -99.91 79.47 -0.65
N SER OA 191 -100.93 79.53 0.21
CA SER OA 191 -101.93 80.59 0.10
C SER OA 191 -102.45 80.91 1.51
N GLN OA 192 -103.57 81.63 1.54
CA GLN OA 192 -104.22 82.04 2.79
C GLN OA 192 -105.68 81.65 2.73
N ALA OA 193 -106.32 81.59 3.90
CA ALA OA 193 -107.73 81.28 3.97
C ALA OA 193 -108.54 82.30 3.17
N SER OA 194 -109.46 81.80 2.35
CA SER OA 194 -110.22 82.64 1.44
C SER OA 194 -111.71 82.33 1.54
N VAL OA 195 -112.52 83.34 1.25
CA VAL OA 195 -113.98 83.20 1.25
C VAL OA 195 -114.54 83.94 0.05
N THR OA 196 -115.49 83.32 -0.65
CA THR OA 196 -116.14 83.93 -1.79
C THR OA 196 -117.45 84.56 -1.35
N LEU OA 197 -117.62 85.84 -1.64
CA LEU OA 197 -118.76 86.61 -1.17
C LEU OA 197 -119.66 87.00 -2.34
N THR OA 198 -120.92 87.27 -2.02
CA THR OA 198 -121.91 87.75 -2.98
C THR OA 198 -122.16 89.22 -2.66
N VAL OA 199 -121.34 90.10 -3.21
CA VAL OA 199 -121.41 91.53 -2.94
C VAL OA 199 -121.73 92.24 -4.25
N ASN OA 200 -122.78 93.07 -4.22
CA ASN OA 200 -123.21 93.82 -5.39
C ASN OA 200 -122.69 95.25 -5.28
N THR OA 201 -121.68 95.57 -6.09
CA THR OA 201 -121.19 96.94 -6.13
C THR OA 201 -122.27 97.90 -6.62
N ASN OA 202 -123.04 97.48 -7.62
CA ASN OA 202 -124.15 98.25 -8.14
C ASN OA 202 -125.42 97.40 -8.11
N GLY OA 203 -126.47 97.85 -8.78
CA GLY OA 203 -127.72 97.12 -8.82
C GLY OA 203 -127.60 95.68 -9.28
N VAL OA 204 -126.49 95.36 -9.95
CA VAL OA 204 -126.23 94.00 -10.43
C VAL OA 204 -125.31 93.30 -9.43
N GLU OA 205 -125.61 92.03 -9.16
CA GLU OA 205 -124.83 91.23 -8.23
C GLU OA 205 -123.56 90.71 -8.91
N SER OA 206 -122.55 90.43 -8.08
CA SER OA 206 -121.27 89.95 -8.59
C SER OA 206 -120.59 89.12 -7.52
N GLN OA 207 -119.64 88.30 -7.96
CA GLN OA 207 -118.89 87.40 -7.09
C GLN OA 207 -117.49 87.96 -6.87
N HIS OA 208 -117.05 87.99 -5.61
CA HIS OA 208 -115.74 88.50 -5.25
C HIS OA 208 -115.06 87.53 -4.29
N THR OA 209 -113.73 87.49 -4.37
CA THR OA 209 -112.91 86.65 -3.50
C THR OA 209 -112.05 87.53 -2.61
N VAL OA 210 -112.15 87.31 -1.30
CA VAL OA 210 -111.40 88.08 -0.31
C VAL OA 210 -110.88 87.13 0.76
N ALA OA 211 -109.68 87.42 1.26
CA ALA OA 211 -109.08 86.60 2.29
C ALA OA 211 -109.89 86.67 3.58
N ALA OA 212 -109.95 85.55 4.30
CA ALA OA 212 -110.68 85.45 5.55
C ALA OA 212 -109.70 85.38 6.72
N TYR OA 213 -110.08 86.02 7.83
CA TYR OA 213 -109.26 86.10 9.02
C TYR OA 213 -110.01 85.46 10.19
N SER OA 214 -109.31 84.59 10.91
CA SER OA 214 -109.92 83.93 12.06
C SER OA 214 -110.19 84.92 13.17
N LEU OA 215 -111.31 84.71 13.89
CA LEU OA 215 -111.64 85.58 15.01
C LEU OA 215 -110.60 85.49 16.12
N GLU OA 216 -109.99 84.31 16.30
CA GLU OA 216 -108.96 84.16 17.32
C GLU OA 216 -107.76 85.06 17.05
N SER OA 217 -107.36 85.17 15.78
CA SER OA 217 -106.23 86.03 15.43
C SER OA 217 -106.52 87.49 15.77
N LEU OA 218 -107.75 87.94 15.50
CA LEU OA 218 -108.11 89.32 15.82
C LEU OA 218 -108.15 89.53 17.33
N THR OA 219 -108.84 88.63 18.05
CA THR OA 219 -109.01 88.82 19.49
C THR OA 219 -107.71 88.63 20.26
N GLU OA 220 -106.73 87.95 19.69
CA GLU OA 220 -105.46 87.75 20.38
C GLU OA 220 -104.65 89.04 20.45
N ALA OA 221 -104.73 89.86 19.41
CA ALA OA 221 -103.92 91.07 19.30
C ALA OA 221 -104.60 92.30 19.91
N GLY OA 222 -105.57 92.09 20.80
CA GLY OA 222 -106.23 93.22 21.44
C GLY OA 222 -107.10 94.03 20.51
N ALA OA 223 -108.20 93.42 20.07
CA ALA OA 223 -109.10 94.05 19.11
C ALA OA 223 -110.38 94.49 19.80
N GLU OA 224 -110.73 95.77 19.61
CA GLU OA 224 -112.03 96.26 20.05
C GLU OA 224 -113.14 95.72 19.14
N PHE OA 225 -114.29 95.45 19.74
CA PHE OA 225 -115.42 94.88 19.02
C PHE OA 225 -116.69 95.66 19.31
N GLN OA 226 -117.57 95.73 18.32
CA GLN OA 226 -118.89 96.32 18.50
C GLN OA 226 -119.80 95.74 17.43
N GLY OA 227 -120.75 94.91 17.84
CA GLY OA 227 -121.61 94.24 16.89
C GLY OA 227 -120.86 93.34 15.94
N ASN OA 228 -120.75 93.75 14.68
CA ASN OA 228 -120.00 93.02 13.66
C ASN OA 228 -118.82 93.84 13.16
N TYR OA 229 -118.13 94.51 14.07
CA TYR OA 229 -116.98 95.35 13.74
C TYR OA 229 -115.79 94.98 14.60
N ALA OA 230 -114.60 95.01 14.01
CA ALA OA 230 -113.35 94.79 14.72
C ALA OA 230 -112.38 95.92 14.39
N LEU OA 231 -111.65 96.38 15.40
CA LEU OA 231 -110.72 97.50 15.27
C LEU OA 231 -109.40 97.13 15.96
N GLN OA 232 -108.83 96.00 15.56
CA GLN OA 232 -107.57 95.52 16.13
C GLN OA 232 -106.52 96.63 16.16
N GLY OA 233 -106.20 97.19 15.00
CA GLY OA 233 -105.29 98.32 14.93
C GLY OA 233 -105.79 99.38 13.98
N GLY OA 234 -104.90 99.86 13.10
CA GLY OA 234 -105.36 100.73 12.03
C GLY OA 234 -106.30 100.03 11.08
N ASN OA 235 -106.10 98.73 10.88
CA ASN OA 235 -106.98 97.94 10.02
C ASN OA 235 -108.34 97.78 10.67
N SER OA 236 -109.37 97.65 9.83
CA SER OA 236 -110.74 97.48 10.28
C SER OA 236 -111.31 96.20 9.68
N TYR OA 237 -111.92 95.37 10.53
CA TYR OA 237 -112.52 94.12 10.10
C TYR OA 237 -114.01 94.12 10.41
N VAL OA 238 -114.79 93.51 9.51
CA VAL OA 238 -116.22 93.35 9.70
C VAL OA 238 -116.59 91.91 9.40
N LYS OA 239 -117.73 91.49 9.97
CA LYS OA 239 -118.25 90.14 9.76
C LYS OA 239 -119.38 90.21 8.75
N VAL OA 240 -119.26 89.44 7.67
CA VAL OA 240 -120.25 89.46 6.60
C VAL OA 240 -121.33 88.40 6.83
N GLU OA 241 -120.96 87.13 6.91
CA GLU OA 241 -121.87 86.09 7.39
C GLU OA 241 -121.30 85.34 8.59
N ASN OA 242 -120.10 84.79 8.48
CA ASN OA 242 -119.47 84.10 9.61
C ASN OA 242 -117.98 84.39 9.75
N VAL OA 243 -117.32 84.96 8.75
CA VAL OA 243 -115.88 85.18 8.77
C VAL OA 243 -115.60 86.68 8.78
N TRP OA 244 -114.50 87.06 9.42
CA TRP OA 244 -114.08 88.46 9.48
C TRP OA 244 -113.15 88.77 8.32
N VAL OA 245 -113.47 89.84 7.57
CA VAL OA 245 -112.72 90.24 6.41
C VAL OA 245 -112.39 91.73 6.52
N ARG OA 246 -111.38 92.14 5.76
CA ARG OA 246 -110.96 93.54 5.77
C ARG OA 246 -112.07 94.43 5.24
N ALA OA 247 -112.28 95.56 5.91
CA ALA OA 247 -113.26 96.55 5.51
C ALA OA 247 -112.58 97.89 5.29
N GLU OA 248 -113.37 98.85 4.79
CA GLU OA 248 -112.87 100.19 4.54
C GLU OA 248 -114.00 101.18 4.77
N THR OA 249 -113.64 102.45 4.94
CA THR OA 249 -114.61 103.48 5.23
C THR OA 249 -115.47 103.77 4.00
N ALA OA 250 -116.55 104.50 4.22
CA ALA OA 250 -117.43 104.90 3.14
C ALA OA 250 -116.74 105.94 2.25
N ALA OA 251 -117.33 106.19 1.09
CA ALA OA 251 -116.82 107.13 0.09
C ALA OA 251 -115.42 106.76 -0.39
N THR OA 252 -115.05 105.48 -0.27
CA THR OA 252 -113.77 105.00 -0.78
C THR OA 252 -113.90 103.98 -1.89
N GLY OA 253 -115.05 103.33 -2.03
CA GLY OA 253 -115.29 102.46 -3.17
C GLY OA 253 -115.85 103.25 -4.34
N ALA OA 254 -116.71 104.23 -4.04
CA ALA OA 254 -117.29 105.13 -5.03
C ALA OA 254 -118.08 104.37 -6.10
N THR OA 255 -118.71 103.27 -5.72
CA THR OA 255 -119.54 102.49 -6.63
C THR OA 255 -120.94 102.24 -6.11
N GLY OA 256 -121.27 102.70 -4.91
CA GLY OA 256 -122.56 102.37 -4.34
C GLY OA 256 -122.64 100.97 -3.79
N GLN OA 257 -121.51 100.40 -3.37
CA GLN OA 257 -121.48 99.03 -2.86
C GLN OA 257 -122.33 98.91 -1.60
N GLU OA 258 -122.93 97.73 -1.42
CA GLU OA 258 -123.78 97.48 -0.26
C GLU OA 258 -123.00 97.71 1.03
N ILE OA 259 -123.63 98.44 1.96
CA ILE OA 259 -122.97 98.78 3.21
C ILE OA 259 -122.87 97.55 4.09
N ALA OA 260 -121.66 97.29 4.62
CA ALA OA 260 -121.45 96.14 5.48
C ALA OA 260 -122.02 96.38 6.87
N ALA OA 261 -121.58 97.44 7.54
CA ALA OA 261 -122.07 97.75 8.88
C ALA OA 261 -121.87 99.23 9.16
N THR OA 262 -122.64 99.73 10.12
CA THR OA 262 -122.54 101.11 10.58
C THR OA 262 -122.24 101.11 12.08
N THR OA 263 -121.30 101.95 12.48
CA THR OA 263 -120.85 102.00 13.86
C THR OA 263 -121.01 103.42 14.40
N THR OA 264 -120.81 103.55 15.71
CA THR OA 264 -120.89 104.84 16.40
C THR OA 264 -119.61 105.10 17.17
N ALA OA 265 -119.60 106.13 18.01
CA ALA OA 265 -118.39 106.48 18.75
C ALA OA 265 -117.94 105.33 19.64
N ALA OA 266 -118.73 105.01 20.67
CA ALA OA 266 -118.50 103.86 21.53
C ALA OA 266 -117.05 103.80 22.03
N GLY OA 267 -116.53 104.97 22.39
CA GLY OA 267 -115.15 105.05 22.84
C GLY OA 267 -114.18 105.48 21.76
N THR OA 268 -113.31 104.57 21.33
CA THR OA 268 -112.27 104.88 20.34
C THR OA 268 -112.61 104.30 18.98
N ILE OA 269 -113.88 104.31 18.59
CA ILE OA 269 -114.31 103.79 17.30
C ILE OA 269 -114.92 104.94 16.51
N THR OA 270 -114.39 105.19 15.32
CA THR OA 270 -114.91 106.26 14.48
C THR OA 270 -116.29 105.88 13.93
N ALA OA 271 -117.21 106.85 13.94
CA ALA OA 271 -118.55 106.63 13.44
C ALA OA 271 -118.56 106.74 11.93
N ASP OA 272 -118.76 105.63 11.23
CA ASP OA 272 -118.75 105.63 9.78
C ASP OA 272 -119.54 104.42 9.28
N SER OA 273 -119.90 104.47 8.00
CA SER OA 273 -120.61 103.37 7.34
C SER OA 273 -119.57 102.52 6.63
N TRP OA 274 -119.03 101.54 7.35
CA TRP OA 274 -117.98 100.70 6.80
C TRP OA 274 -118.52 99.76 5.74
N VAL OA 275 -117.70 99.51 4.73
CA VAL OA 275 -118.08 98.66 3.60
C VAL OA 275 -116.99 97.61 3.41
N VAL OA 276 -117.38 96.46 2.84
CA VAL OA 276 -116.43 95.39 2.60
C VAL OA 276 -115.39 95.84 1.59
N ASP OA 277 -114.12 95.67 1.94
CA ASP OA 277 -113.02 96.13 1.10
C ASP OA 277 -112.76 95.10 0.02
N VAL OA 278 -113.27 95.36 -1.19
CA VAL OA 278 -112.99 94.49 -2.32
C VAL OA 278 -111.53 94.64 -2.71
N GLY OA 279 -110.83 93.52 -2.84
CA GLY OA 279 -109.41 93.53 -3.10
C GLY OA 279 -108.65 92.73 -2.07
N ASN OA 280 -107.39 93.11 -1.82
CA ASN OA 280 -106.50 92.45 -0.86
C ASN OA 280 -106.67 90.93 -0.88
N ALA OA 281 -106.52 90.37 -2.07
CA ALA OA 281 -106.73 88.94 -2.27
C ALA OA 281 -105.72 88.15 -1.44
N PRO OA 282 -106.08 86.91 -1.05
CA PRO OA 282 -105.17 86.08 -0.24
C PRO OA 282 -103.76 86.01 -0.82
N ALA OA 283 -102.79 86.52 -0.08
CA ALA OA 283 -101.40 86.54 -0.50
C ALA OA 283 -100.64 85.40 0.16
N ALA OA 284 -99.63 84.90 -0.55
CA ALA OA 284 -98.81 83.81 -0.05
C ALA OA 284 -97.86 84.31 1.03
N ASN OA 285 -97.21 83.36 1.71
CA ASN OA 285 -96.22 83.65 2.75
C ASN OA 285 -96.82 84.50 3.87
N VAL OA 286 -97.82 83.93 4.53
CA VAL OA 286 -98.46 84.54 5.70
C VAL OA 286 -98.48 83.51 6.82
N SER OA 287 -98.28 83.98 8.05
CA SER OA 287 -98.20 83.08 9.20
C SER OA 287 -99.51 82.33 9.39
N ALA OA 288 -99.40 81.02 9.62
CA ALA OA 288 -100.57 80.19 9.85
C ALA OA 288 -100.92 80.21 11.33
N GLY OA 289 -101.84 79.34 11.74
CA GLY OA 289 -102.29 79.32 13.11
C GLY OA 289 -101.26 78.80 14.10
N GLN OA 290 -100.94 77.52 14.01
CA GLN OA 290 -100.05 76.88 14.98
C GLN OA 290 -99.06 76.00 14.24
N SER OA 291 -97.95 75.69 14.92
CA SER OA 291 -96.95 74.80 14.38
C SER OA 291 -97.38 73.35 14.54
N VAL OA 292 -96.59 72.44 13.95
CA VAL OA 292 -96.92 71.02 14.00
C VAL OA 292 -96.86 70.50 15.43
N ALA OA 293 -95.84 70.91 16.19
CA ALA OA 293 -95.65 70.41 17.54
C ALA OA 293 -96.64 71.00 18.54
N ASN OA 294 -97.38 72.03 18.17
CA ASN OA 294 -98.30 72.71 19.07
C ASN OA 294 -99.68 72.80 18.45
N ILE OA 295 -100.18 71.69 17.92
CA ILE OA 295 -101.48 71.66 17.27
C ILE OA 295 -102.56 71.57 18.34
N ASN OA 296 -103.45 72.56 18.36
CA ASN OA 296 -104.58 72.60 19.29
C ASN OA 296 -105.78 73.10 18.52
N ILE OA 297 -106.70 72.20 18.18
CA ILE OA 297 -107.78 72.50 17.23
C ILE OA 297 -109.14 72.57 17.91
N VAL OA 298 -109.19 72.65 19.24
CA VAL OA 298 -110.47 72.71 19.93
C VAL OA 298 -111.04 74.11 19.81
N GLY OA 299 -112.28 74.20 19.33
CA GLY OA 299 -112.94 75.49 19.13
C GLY OA 299 -112.20 76.38 18.15
N MET OA 300 -111.72 75.81 17.05
CA MET OA 300 -110.95 76.58 16.08
C MET OA 300 -111.81 77.62 15.38
N GLY OA 301 -113.02 77.24 14.98
CA GLY OA 301 -113.93 78.14 14.30
C GLY OA 301 -114.02 77.97 12.80
N ALA OA 302 -113.37 76.94 12.23
CA ALA OA 302 -113.41 76.65 10.80
C ALA OA 302 -112.87 77.79 9.95
N ALA OA 303 -111.99 78.61 10.51
CA ALA OA 303 -111.36 79.70 9.78
C ALA OA 303 -109.86 79.52 9.64
N ALA OA 304 -109.16 79.19 10.73
CA ALA OA 304 -107.74 78.91 10.67
C ALA OA 304 -107.44 77.46 10.32
N LEU OA 305 -108.47 76.62 10.16
CA LEU OA 305 -108.24 75.23 9.79
C LEU OA 305 -107.60 75.12 8.42
N ASP OA 306 -107.98 75.99 7.47
CA ASP OA 306 -107.36 75.96 6.16
C ASP OA 306 -105.88 76.31 6.25
N ALA OA 307 -105.53 77.31 7.06
CA ALA OA 307 -104.12 77.65 7.26
C ALA OA 307 -103.36 76.51 7.91
N LEU OA 308 -103.99 75.84 8.89
CA LEU OA 308 -103.35 74.69 9.52
C LEU OA 308 -103.11 73.57 8.53
N ILE OA 309 -104.09 73.31 7.66
CA ILE OA 309 -103.93 72.28 6.64
C ILE OA 309 -102.80 72.65 5.68
N SER OA 310 -102.73 73.92 5.29
CA SER OA 310 -101.66 74.36 4.39
C SER OA 310 -100.29 74.18 5.05
N GLY OA 311 -100.17 74.54 6.33
CA GLY OA 311 -98.92 74.37 7.04
C GLY OA 311 -98.53 72.90 7.17
N VAL OA 312 -99.49 72.04 7.48
CA VAL OA 312 -99.23 70.61 7.58
C VAL OA 312 -98.77 70.06 6.23
N ASP OA 313 -99.43 70.48 5.16
CA ASP OA 313 -99.05 70.03 3.82
C ASP OA 313 -97.63 70.48 3.46
N ALA OA 314 -97.29 71.73 3.81
CA ALA OA 314 -95.94 72.21 3.54
C ALA OA 314 -94.91 71.42 4.33
N ALA OA 315 -95.21 71.13 5.60
CA ALA OA 315 -94.29 70.31 6.40
C ALA OA 315 -94.14 68.92 5.82
N LEU OA 316 -95.25 68.33 5.37
CA LEU OA 316 -95.19 67.00 4.76
C LEU OA 316 -94.36 67.01 3.48
N THR OA 317 -94.51 68.05 2.67
CA THR OA 317 -93.72 68.17 1.45
C THR OA 317 -92.23 68.29 1.77
N ASP OA 318 -91.89 69.10 2.79
CA ASP OA 318 -90.50 69.23 3.19
C ASP OA 318 -89.95 67.90 3.71
N MET OA 319 -90.75 67.16 4.47
CA MET OA 319 -90.33 65.85 4.96
C MET OA 319 -90.10 64.87 3.80
N THR OA 320 -90.99 64.90 2.80
CA THR OA 320 -90.81 64.04 1.64
C THR OA 320 -89.54 64.39 0.88
N SER OA 321 -89.26 65.69 0.73
CA SER OA 321 -88.02 66.10 0.08
C SER OA 321 -86.80 65.64 0.87
N ALA OA 322 -86.87 65.73 2.20
CA ALA OA 322 -85.77 65.26 3.03
C ALA OA 322 -85.57 63.76 2.87
N ALA OA 323 -86.66 62.99 2.83
CA ALA OA 323 -86.55 61.56 2.63
C ALA OA 323 -85.95 61.21 1.28
N ALA OA 324 -86.35 61.95 0.23
CA ALA OA 324 -85.76 61.73 -1.09
C ALA OA 324 -84.26 62.04 -1.07
N SER OA 325 -83.88 63.12 -0.40
CA SER OA 325 -82.46 63.46 -0.30
C SER OA 325 -81.69 62.38 0.45
N LEU OA 326 -82.27 61.85 1.53
CA LEU OA 326 -81.62 60.77 2.27
C LEU OA 326 -81.45 59.52 1.42
N GLY OA 327 -82.48 59.18 0.64
CA GLY OA 327 -82.36 58.03 -0.26
C GLY OA 327 -81.30 58.24 -1.31
N SER OA 328 -81.22 59.45 -1.87
CA SER OA 328 -80.17 59.75 -2.84
C SER OA 328 -78.79 59.63 -2.20
N ILE OA 329 -78.65 60.11 -0.96
CA ILE OA 329 -77.38 60.00 -0.26
C ILE OA 329 -77.00 58.53 -0.05
N SER OA 330 -77.98 57.71 0.36
CA SER OA 330 -77.71 56.30 0.57
C SER OA 330 -77.29 55.62 -0.74
N SER OA 331 -77.96 55.94 -1.84
CA SER OA 331 -77.55 55.40 -3.14
C SER OA 331 -76.13 55.84 -3.49
N ARG OA 332 -75.80 57.10 -3.19
CA ARG OA 332 -74.44 57.58 -3.45
C ARG OA 332 -73.42 56.83 -2.62
N ILE OA 333 -73.74 56.53 -1.36
CA ILE OA 333 -72.82 55.75 -0.53
C ILE OA 333 -72.65 54.36 -1.11
N ASP OA 334 -73.74 53.74 -1.57
CA ASP OA 334 -73.62 52.41 -2.16
C ASP OA 334 -72.72 52.43 -3.40
N LEU OA 335 -72.93 53.42 -4.28
CA LEU OA 335 -72.10 53.53 -5.48
C LEU OA 335 -70.65 53.80 -5.11
N GLN OA 336 -70.41 54.65 -4.13
CA GLN OA 336 -69.05 54.95 -3.71
C GLN OA 336 -68.37 53.72 -3.14
N SER OA 337 -69.10 52.93 -2.35
CA SER OA 337 -68.52 51.70 -1.80
C SER OA 337 -68.17 50.73 -2.90
N GLU OA 338 -69.06 50.57 -3.89
CA GLU OA 338 -68.75 49.68 -5.01
C GLU OA 338 -67.52 50.15 -5.77
N PHE OA 339 -67.44 51.46 -6.04
CA PHE OA 339 -66.29 51.98 -6.77
C PHE OA 339 -65.00 51.83 -5.97
N VAL OA 340 -65.06 52.05 -4.66
CA VAL OA 340 -63.86 51.91 -3.83
C VAL OA 340 -63.42 50.45 -3.80
N ASN OA 341 -64.36 49.51 -3.73
CA ASN OA 341 -64.00 48.10 -3.79
C ASN OA 341 -63.34 47.77 -5.12
N LYS OA 342 -63.89 48.27 -6.22
CA LYS OA 342 -63.30 48.01 -7.53
C LYS OA 342 -61.89 48.61 -7.63
N LEU OA 343 -61.71 49.84 -7.12
CA LEU OA 343 -60.41 50.48 -7.17
C LEU OA 343 -59.40 49.74 -6.29
N SER OA 344 -59.83 49.25 -5.13
CA SER OA 344 -58.94 48.48 -4.28
C SER OA 344 -58.52 47.18 -4.95
N ASP OA 345 -59.47 46.50 -5.61
CA ASP OA 345 -59.11 45.29 -6.34
C ASP OA 345 -58.12 45.60 -7.46
N SER OA 346 -58.35 46.68 -8.20
CA SER OA 346 -57.47 47.04 -9.30
C SER OA 346 -56.07 47.38 -8.80
N ILE OA 347 -55.98 48.13 -7.69
CA ILE OA 347 -54.68 48.52 -7.17
C ILE OA 347 -53.96 47.32 -6.59
N GLU OA 348 -54.69 46.39 -5.98
CA GLU OA 348 -54.07 45.16 -5.49
C GLU OA 348 -53.53 44.34 -6.66
N SER OA 349 -54.29 44.26 -7.75
CA SER OA 349 -53.79 43.55 -8.93
C SER OA 349 -52.55 44.23 -9.50
N GLY OA 350 -52.53 45.55 -9.54
CA GLY OA 350 -51.36 46.25 -10.02
C GLY OA 350 -50.14 46.02 -9.15
N VAL OA 351 -50.32 46.06 -7.83
CA VAL OA 351 -49.22 45.78 -6.91
C VAL OA 351 -48.72 44.35 -7.10
N GLY OA 352 -49.64 43.40 -7.26
CA GLY OA 352 -49.22 42.03 -7.52
C GLY OA 352 -48.44 41.89 -8.81
N ARG OA 353 -48.90 42.57 -9.87
CA ARG OA 353 -48.17 42.54 -11.13
C ARG OA 353 -46.77 43.12 -10.98
N LEU OA 354 -46.65 44.17 -10.17
CA LEU OA 354 -45.34 44.80 -9.97
C LEU OA 354 -44.43 43.96 -9.07
N VAL OA 355 -45.01 43.17 -8.17
CA VAL OA 355 -44.24 42.52 -7.13
C VAL OA 355 -44.18 41.00 -7.25
N ASP OA 356 -45.28 40.34 -7.63
CA ASP OA 356 -45.30 38.89 -7.63
C ASP OA 356 -44.35 38.31 -8.68
N ALA OA 357 -43.88 37.10 -8.41
CA ALA OA 357 -42.95 36.39 -9.29
C ALA OA 357 -43.57 35.06 -9.72
N ASP OA 358 -43.37 34.71 -10.99
CA ASP OA 358 -43.79 33.41 -11.48
C ASP OA 358 -42.95 32.30 -10.84
N MET OA 359 -43.63 31.28 -10.33
CA MET OA 359 -42.92 30.25 -9.56
C MET OA 359 -42.16 29.29 -10.46
N ASN OA 360 -42.63 29.07 -11.69
CA ASN OA 360 -41.99 28.11 -12.58
C ASN OA 360 -40.56 28.53 -12.92
N GLU OA 361 -40.38 29.81 -13.23
CA GLU OA 361 -39.05 30.30 -13.60
C GLU OA 361 -38.09 30.18 -12.42
N GLU OA 362 -38.56 30.49 -11.22
CA GLU OA 362 -37.72 30.36 -10.02
C GLU OA 362 -37.38 28.89 -9.75
N SER OA 363 -38.34 27.99 -9.97
CA SER OA 363 -38.05 26.56 -9.80
C SER OA 363 -36.98 26.09 -10.78
N THR OA 364 -37.09 26.54 -12.03
CA THR OA 364 -36.06 26.20 -13.03
C THR OA 364 -34.71 26.74 -12.61
N ARG OA 365 -34.67 27.98 -12.12
CA ARG OA 365 -33.40 28.55 -11.64
C ARG OA 365 -32.85 27.76 -10.47
N LEU OA 366 -33.72 27.33 -9.55
CA LEU OA 366 -33.26 26.57 -8.39
C LEU OA 366 -32.63 25.25 -8.82
N LYS OA 367 -33.28 24.54 -9.75
CA LYS OA 367 -32.72 23.29 -10.23
C LYS OA 367 -31.39 23.52 -10.95
N ALA OA 368 -31.33 24.57 -11.79
CA ALA OA 368 -30.10 24.86 -12.51
C ALA OA 368 -28.97 25.20 -11.56
N LEU OA 369 -29.25 25.98 -10.52
CA LEU OA 369 -28.22 26.36 -9.56
C LEU OA 369 -27.79 25.16 -8.72
N GLN OA 370 -28.70 24.25 -8.38
CA GLN OA 370 -28.29 23.04 -7.68
C GLN OA 370 -27.34 22.21 -8.54
N THR OA 371 -27.67 22.05 -9.82
CA THR OA 371 -26.79 21.30 -10.71
C THR OA 371 -25.44 21.99 -10.86
N GLN OA 372 -25.45 23.32 -11.01
CA GLN OA 372 -24.20 24.06 -11.15
C GLN OA 372 -23.35 23.95 -9.90
N GLN OA 373 -23.99 23.99 -8.72
CA GLN OA 373 -23.25 23.82 -7.48
C GLN OA 373 -22.63 22.44 -7.39
N GLN OA 374 -23.37 21.40 -7.79
CA GLN OA 374 -22.82 20.06 -7.76
C GLN OA 374 -21.60 19.94 -8.67
N LEU OA 375 -21.70 20.46 -9.90
CA LEU OA 375 -20.56 20.42 -10.80
C LEU OA 375 -19.39 21.24 -10.27
N ALA OA 376 -19.67 22.40 -9.66
CA ALA OA 376 -18.59 23.22 -9.11
C ALA OA 376 -17.88 22.51 -7.98
N ILE OA 377 -18.63 21.83 -7.11
CA ILE OA 377 -18.02 21.07 -6.02
C ILE OA 377 -17.19 19.93 -6.56
N GLN OA 378 -17.68 19.24 -7.59
CA GLN OA 378 -16.88 18.17 -8.20
C GLN OA 378 -15.59 18.72 -8.78
N ALA OA 379 -15.66 19.86 -9.47
CA ALA OA 379 -14.47 20.45 -10.05
C ALA OA 379 -13.49 20.90 -8.97
N LEU OA 380 -14.00 21.44 -7.86
CA LEU OA 380 -13.13 21.82 -6.76
C LEU OA 380 -12.44 20.60 -6.16
N SER OA 381 -13.17 19.49 -6.03
CA SER OA 381 -12.56 18.26 -5.53
C SER OA 381 -11.46 17.79 -6.47
N ILE OA 382 -11.69 17.90 -7.78
CA ILE OA 382 -10.64 17.60 -8.75
C ILE OA 382 -9.45 18.53 -8.53
N ALA OA 383 -9.72 19.80 -8.22
CA ALA OA 383 -8.64 20.76 -7.99
C ALA OA 383 -7.77 20.35 -6.81
N ASN OA 384 -8.40 19.95 -5.69
CA ASN OA 384 -7.60 19.47 -4.56
C ASN OA 384 -6.84 18.20 -4.92
N SER OA 385 -7.49 17.27 -5.63
CA SER OA 385 -6.85 16.00 -5.95
C SER OA 385 -5.71 16.16 -6.96
N ASP OA 386 -5.68 17.26 -7.70
CA ASP OA 386 -4.62 17.47 -8.68
C ASP OA 386 -3.28 17.69 -8.00
N SER OA 387 -3.28 18.35 -6.83
CA SER OA 387 -2.04 18.85 -6.25
C SER OA 387 -1.08 17.73 -5.86
N GLN OA 388 -1.58 16.64 -5.28
CA GLN OA 388 -0.70 15.66 -4.65
C GLN OA 388 -0.04 14.71 -5.64
N ASN OA 389 -0.29 14.85 -6.94
CA ASN OA 389 0.34 13.96 -7.91
C ASN OA 389 1.84 14.18 -8.01
N VAL OA 390 2.35 15.33 -7.55
CA VAL OA 390 3.77 15.63 -7.70
C VAL OA 390 4.65 14.71 -6.86
N LEU OA 391 4.07 14.02 -5.87
CA LEU OA 391 4.86 13.17 -4.98
C LEU OA 391 5.54 12.02 -5.72
N SER OA 392 5.06 11.67 -6.91
CA SER OA 392 5.64 10.54 -7.63
C SER OA 392 7.08 10.80 -8.02
N LEU OA 393 7.45 12.05 -8.30
CA LEU OA 393 8.82 12.36 -8.68
C LEU OA 393 9.78 12.15 -7.52
N PHE OA 394 9.31 12.33 -6.29
CA PHE OA 394 10.15 12.27 -5.10
C PHE OA 394 10.05 10.93 -4.38
N ARG OA 395 9.43 9.92 -5.00
CA ARG OA 395 9.19 8.59 -4.44
C ARG OA 395 8.95 8.54 -2.93
N THR PA 2 -19.09 28.68 2.43
CA THR PA 2 -20.19 27.94 3.06
C THR PA 2 -19.88 27.68 4.53
N SER PA 3 -20.81 28.06 5.40
CA SER PA 3 -20.67 27.91 6.84
C SER PA 3 -21.70 26.90 7.34
N ILE PA 4 -21.23 25.90 8.08
CA ILE PA 4 -22.13 24.89 8.63
C ILE PA 4 -22.77 25.32 9.94
N LEU PA 5 -22.36 26.46 10.49
CA LEU PA 5 -22.89 26.93 11.77
C LEU PA 5 -24.09 27.86 11.60
N THR PA 6 -24.22 28.53 10.46
CA THR PA 6 -25.35 29.41 10.19
C THR PA 6 -25.88 29.14 8.78
N ASN PA 7 -27.16 29.45 8.59
CA ASN PA 7 -27.84 29.23 7.31
C ASN PA 7 -28.83 30.38 7.12
N ASN PA 8 -28.40 31.42 6.40
CA ASN PA 8 -29.22 32.62 6.24
C ASN PA 8 -30.52 32.30 5.50
N SER PA 9 -30.44 31.44 4.48
CA SER PA 9 -31.65 31.01 3.78
C SER PA 9 -32.60 30.31 4.74
N ALA PA 10 -32.08 29.48 5.64
CA ALA PA 10 -32.92 28.82 6.62
C ALA PA 10 -33.57 29.84 7.56
N MET PA 11 -32.83 30.88 7.97
CA MET PA 11 -33.40 31.89 8.84
C MET PA 11 -34.54 32.63 8.13
N ALA PA 12 -34.34 32.98 6.86
CA ALA PA 12 -35.42 33.59 6.09
C ALA PA 12 -36.61 32.66 5.96
N ALA PA 13 -36.34 31.36 5.77
CA ALA PA 13 -37.43 30.39 5.69
C ALA PA 13 -38.21 30.32 6.98
N LEU PA 14 -37.53 30.32 8.12
CA LEU PA 14 -38.23 30.34 9.41
C LEU PA 14 -39.05 31.60 9.59
N SER PA 15 -38.50 32.77 9.22
CA SER PA 15 -39.28 33.99 9.35
C SER PA 15 -40.52 33.96 8.48
N GLY PA 16 -40.38 33.50 7.24
CA GLY PA 16 -41.54 33.39 6.36
C GLY PA 16 -42.56 32.39 6.88
N VAL PA 17 -42.10 31.24 7.37
CA VAL PA 17 -43.03 30.24 7.90
C VAL PA 17 -43.76 30.77 9.11
N ARG PA 18 -43.07 31.53 9.97
CA ARG PA 18 -43.72 32.13 11.13
C ARG PA 18 -44.80 33.11 10.71
N SER PA 19 -44.48 33.97 9.72
CA SER PA 19 -45.49 34.91 9.23
C SER PA 19 -46.70 34.19 8.64
N ILE PA 20 -46.45 33.14 7.83
CA ILE PA 20 -47.54 32.37 7.25
C ILE PA 20 -48.36 31.70 8.33
N SER PA 21 -47.71 31.17 9.37
CA SER PA 21 -48.42 30.51 10.45
C SER PA 21 -49.32 31.48 11.20
N SER PA 22 -48.81 32.68 11.50
CA SER PA 22 -49.63 33.67 12.19
C SER PA 22 -50.83 34.09 11.33
N SER PA 23 -50.59 34.35 10.04
CA SER PA 23 -51.69 34.74 9.16
C SER PA 23 -52.70 33.61 9.01
N MET PA 24 -52.22 32.37 8.92
CA MET PA 24 -53.12 31.23 8.78
C MET PA 24 -53.96 31.04 10.04
N GLU PA 25 -53.36 31.21 11.21
CA GLU PA 25 -54.12 31.11 12.45
C GLU PA 25 -55.19 32.19 12.51
N ASP PA 26 -54.84 33.42 12.14
CA ASP PA 26 -55.82 34.51 12.15
C ASP PA 26 -56.97 34.21 11.19
N THR PA 27 -56.65 33.79 9.96
CA THR PA 27 -57.69 33.53 8.97
C THR PA 27 -58.52 32.31 9.34
N GLN PA 28 -57.92 31.31 9.97
CA GLN PA 28 -58.67 30.13 10.38
C GLN PA 28 -59.65 30.48 11.50
N SER PA 29 -59.23 31.29 12.47
CA SER PA 29 -60.17 31.78 13.47
C SER PA 29 -61.27 32.60 12.81
N ARG PA 30 -60.89 33.42 11.82
CA ARG PA 30 -61.86 34.27 11.14
C ARG PA 30 -62.92 33.43 10.43
N ILE PA 31 -62.51 32.36 9.75
CA ILE PA 31 -63.47 31.54 9.02
C ILE PA 31 -64.24 30.63 9.96
N SER PA 32 -63.66 30.28 11.11
CA SER PA 32 -64.37 29.42 12.05
C SER PA 32 -65.47 30.19 12.78
N SER PA 33 -65.20 31.42 13.20
CA SER PA 33 -66.13 32.14 14.05
C SER PA 33 -66.73 33.38 13.39
N GLY PA 34 -66.43 33.64 12.12
CA GLY PA 34 -66.84 34.91 11.54
C GLY PA 34 -66.19 36.06 12.28
N LEU PA 35 -66.97 37.12 12.51
CA LEU PA 35 -66.57 38.22 13.39
C LEU PA 35 -65.23 38.84 12.94
N ARG PA 36 -65.30 39.53 11.80
CA ARG PA 36 -64.11 40.18 11.26
C ARG PA 36 -63.42 41.04 12.31
N VAL PA 37 -64.20 41.74 13.13
CA VAL PA 37 -63.70 42.36 14.36
C VAL PA 37 -64.13 41.43 15.50
N GLY PA 38 -63.29 40.45 15.80
CA GLY PA 38 -63.64 39.41 16.74
C GLY PA 38 -63.23 39.68 18.18
N SER PA 39 -62.21 40.51 18.37
CA SER PA 39 -61.70 40.80 19.70
C SER PA 39 -61.12 42.20 19.71
N ALA PA 40 -60.69 42.63 20.90
CA ALA PA 40 -60.07 43.95 21.04
C ALA PA 40 -58.73 44.02 20.34
N SER PA 41 -58.10 42.88 20.05
CA SER PA 41 -56.86 42.87 19.27
C SER PA 41 -57.07 43.40 17.86
N ASP PA 42 -58.31 43.38 17.36
CA ASP PA 42 -58.66 43.99 16.09
C ASP PA 42 -58.84 45.49 16.31
N ASN PA 43 -59.45 46.17 15.34
CA ASN PA 43 -59.71 47.60 15.47
C ASN PA 43 -60.54 47.88 16.72
N ALA PA 44 -59.93 48.54 17.71
CA ALA PA 44 -60.55 48.70 19.01
C ALA PA 44 -61.81 49.56 18.93
N ALA PA 45 -61.78 50.63 18.14
CA ALA PA 45 -62.92 51.53 18.06
C ALA PA 45 -64.16 50.81 17.54
N TYR PA 46 -64.01 50.03 16.48
CA TYR PA 46 -65.15 49.29 15.93
C TYR PA 46 -65.65 48.24 16.91
N TRP PA 47 -64.73 47.60 17.64
CA TRP PA 47 -65.12 46.63 18.66
C TRP PA 47 -65.97 47.28 19.74
N SER PA 48 -65.53 48.46 20.21
CA SER PA 48 -66.28 49.16 21.24
C SER PA 48 -67.65 49.62 20.71
N ILE PA 49 -67.69 50.10 19.48
CA ILE PA 49 -68.96 50.51 18.89
C ILE PA 49 -69.91 49.32 18.79
N ALA PA 50 -69.39 48.16 18.36
CA ALA PA 50 -70.22 46.98 18.26
C ALA PA 50 -70.74 46.55 19.62
N THR PA 51 -69.90 46.62 20.65
CA THR PA 51 -70.33 46.27 22.00
C THR PA 51 -71.45 47.20 22.48
N THR PA 52 -71.28 48.50 22.24
CA THR PA 52 -72.30 49.47 22.65
C THR PA 52 -73.61 49.23 21.90
N MET PA 53 -73.52 48.95 20.61
CA MET PA 53 -74.73 48.67 19.84
C MET PA 53 -75.42 47.40 20.31
N ARG PA 54 -74.64 46.37 20.67
CA ARG PA 54 -75.25 45.14 21.19
C ARG PA 54 -75.95 45.40 22.52
N SER PA 55 -75.34 46.20 23.38
CA SER PA 55 -76.00 46.57 24.64
C SER PA 55 -77.29 47.33 24.37
N ASP PA 56 -77.27 48.26 23.42
CA ASP PA 56 -78.47 49.02 23.08
C ASP PA 56 -79.55 48.11 22.50
N ASN PA 57 -79.14 47.11 21.72
CA ASN PA 57 -80.10 46.17 21.15
C ASN PA 57 -80.75 45.32 22.25
N GLN PA 58 -79.97 44.89 23.23
CA GLN PA 58 -80.55 44.17 24.37
C GLN PA 58 -81.53 45.05 25.13
N ALA PA 59 -81.17 46.31 25.35
CA ALA PA 59 -82.08 47.24 26.01
C ALA PA 59 -83.36 47.43 25.20
N LEU PA 60 -83.23 47.50 23.87
CA LEU PA 60 -84.41 47.65 23.02
C LEU PA 60 -85.30 46.42 23.09
N SER PA 61 -84.70 45.23 23.16
CA SER PA 61 -85.51 44.02 23.33
C SER PA 61 -86.26 44.04 24.65
N ALA PA 62 -85.60 44.48 25.73
CA ALA PA 62 -86.28 44.63 27.01
C ALA PA 62 -87.44 45.62 26.92
N VAL PA 63 -87.21 46.74 26.22
CA VAL PA 63 -88.26 47.73 26.04
C VAL PA 63 -89.42 47.15 25.24
N GLN PA 64 -89.12 46.30 24.26
CA GLN PA 64 -90.19 45.66 23.49
C GLN PA 64 -91.02 44.72 24.36
N ASP PA 65 -90.37 43.98 25.25
CA ASP PA 65 -91.11 43.14 26.19
C ASP PA 65 -92.00 43.98 27.09
N ALA PA 66 -91.46 45.10 27.59
CA ALA PA 66 -92.26 46.00 28.42
C ALA PA 66 -93.43 46.57 27.64
N LEU PA 67 -93.22 46.87 26.35
CA LEU PA 67 -94.30 47.35 25.51
C LEU PA 67 -95.39 46.31 25.34
N GLY PA 68 -94.99 45.04 25.19
CA GLY PA 68 -95.99 43.98 25.12
C GLY PA 68 -96.80 43.88 26.39
N LEU PA 69 -96.13 43.96 27.55
CA LEU PA 69 -96.86 43.94 28.82
C LEU PA 69 -97.82 45.11 28.93
N GLY PA 70 -97.36 46.31 28.56
CA GLY PA 70 -98.23 47.47 28.61
C GLY PA 70 -99.41 47.35 27.67
N ALA PA 71 -99.19 46.78 26.48
CA ALA PA 71 -100.28 46.57 25.54
C ALA PA 71 -101.31 45.61 26.11
N ALA PA 72 -100.86 44.55 26.78
CA ALA PA 72 -101.79 43.64 27.44
C ALA PA 72 -102.61 44.36 28.50
N LYS PA 73 -101.95 45.18 29.31
CA LYS PA 73 -102.66 45.94 30.34
C LYS PA 73 -103.70 46.87 29.73
N VAL PA 74 -103.32 47.57 28.66
CA VAL PA 74 -104.23 48.51 28.02
C VAL PA 74 -105.41 47.77 27.39
N ASP PA 75 -105.16 46.60 26.80
CA ASP PA 75 -106.25 45.81 26.24
C ASP PA 75 -107.24 45.39 27.32
N THR PA 76 -106.74 44.93 28.46
CA THR PA 76 -107.63 44.54 29.55
C THR PA 76 -108.44 45.74 30.04
N ALA PA 77 -107.77 46.89 30.20
CA ALA PA 77 -108.46 48.08 30.67
C ALA PA 77 -109.52 48.52 29.67
N TYR PA 78 -109.23 48.43 28.38
CA TYR PA 78 -110.19 48.83 27.35
C TYR PA 78 -111.39 47.89 27.32
N SER PA 79 -111.16 46.59 27.50
CA SER PA 79 -112.27 45.66 27.58
C SER PA 79 -113.18 45.97 28.77
N GLY PA 80 -112.57 46.24 29.92
CA GLY PA 80 -113.37 46.65 31.07
C GLY PA 80 -114.12 47.94 30.82
N MET PA 81 -113.48 48.88 30.11
CA MET PA 81 -114.13 50.15 29.81
C MET PA 81 -115.33 49.95 28.90
N GLU PA 82 -115.20 49.07 27.89
CA GLU PA 82 -116.34 48.80 27.01
C GLU PA 82 -117.47 48.13 27.76
N SER PA 83 -117.15 47.21 28.67
CA SER PA 83 -118.19 46.59 29.49
C SER PA 83 -118.91 47.64 30.33
N ALA PA 84 -118.15 48.56 30.93
CA ALA PA 84 -118.75 49.63 31.73
C ALA PA 84 -119.63 50.53 30.85
N ILE PA 85 -119.19 50.82 29.63
CA ILE PA 85 -120.00 51.62 28.71
C ILE PA 85 -121.33 50.93 28.44
N GLU PA 86 -121.29 49.63 28.17
CA GLU PA 86 -122.52 48.90 27.89
C GLU PA 86 -123.46 48.92 29.10
N VAL PA 87 -122.92 48.68 30.30
CA VAL PA 87 -123.77 48.66 31.48
C VAL PA 87 -124.37 50.03 31.75
N VAL PA 88 -123.58 51.10 31.57
CA VAL PA 88 -124.09 52.44 31.81
C VAL PA 88 -125.14 52.82 30.78
N LYS PA 89 -124.95 52.39 29.53
CA LYS PA 89 -125.98 52.62 28.52
C LYS PA 89 -127.28 51.92 28.89
N GLU PA 90 -127.18 50.69 29.40
CA GLU PA 90 -128.37 49.99 29.86
C GLU PA 90 -129.03 50.73 31.02
N ILE PA 91 -128.22 51.26 31.94
CA ILE PA 91 -128.76 52.01 33.07
C ILE PA 91 -129.49 53.26 32.57
N LYS PA 92 -128.90 53.97 31.62
CA LYS PA 92 -129.53 55.17 31.08
C LYS PA 92 -130.84 54.82 30.38
N ALA PA 93 -130.87 53.73 29.62
CA ALA PA 93 -132.11 53.31 28.97
C ALA PA 93 -133.18 52.99 30.01
N LYS PA 94 -132.81 52.29 31.09
CA LYS PA 94 -133.78 51.98 32.14
C LYS PA 94 -134.30 53.25 32.80
N LEU PA 95 -133.41 54.21 33.06
CA LEU PA 95 -133.84 55.46 33.68
C LEU PA 95 -134.77 56.24 32.76
N VAL PA 96 -134.48 56.25 31.46
CA VAL PA 96 -135.34 56.92 30.49
C VAL PA 96 -136.72 56.26 30.47
N ALA PA 97 -136.74 54.93 30.49
CA ALA PA 97 -138.02 54.23 30.57
C ALA PA 97 -138.75 54.52 31.87
N ALA PA 98 -138.01 54.85 32.93
CA ALA PA 98 -138.61 55.08 34.24
C ALA PA 98 -139.40 56.37 34.34
N THR PA 99 -139.31 57.26 33.34
CA THR PA 99 -139.98 58.55 33.45
C THR PA 99 -141.49 58.42 33.48
N GLU PA 100 -142.04 57.31 32.98
CA GLU PA 100 -143.48 57.13 32.96
C GLU PA 100 -144.04 57.04 34.37
N ASP PA 101 -145.15 57.75 34.61
CA ASP PA 101 -145.77 57.73 35.93
C ASP PA 101 -146.41 56.38 36.22
N GLY PA 102 -146.99 55.74 35.20
CA GLY PA 102 -147.66 54.47 35.40
C GLY PA 102 -146.73 53.31 35.67
N VAL PA 103 -145.46 53.42 35.28
CA VAL PA 103 -144.50 52.35 35.50
C VAL PA 103 -144.01 52.40 36.94
N ASP PA 104 -144.11 51.27 37.63
CA ASP PA 104 -143.60 51.19 39.00
C ASP PA 104 -142.09 51.37 39.03
N LYS PA 105 -141.60 52.02 40.07
CA LYS PA 105 -140.19 52.35 40.18
C LYS PA 105 -139.40 51.35 41.01
N ALA PA 106 -140.06 50.45 41.73
CA ALA PA 106 -139.34 49.50 42.58
C ALA PA 106 -138.59 48.48 41.73
N LYS PA 107 -139.26 47.89 40.74
CA LYS PA 107 -138.62 46.88 39.89
C LYS PA 107 -137.39 47.46 39.21
N ILE PA 108 -137.53 48.66 38.65
CA ILE PA 108 -136.38 49.36 38.10
C ILE PA 108 -135.35 49.63 39.18
N GLN PA 109 -135.79 49.76 40.44
CA GLN PA 109 -134.83 50.01 41.51
C GLN PA 109 -133.91 48.80 41.71
N GLU PA 110 -134.46 47.58 41.79
CA GLU PA 110 -133.51 46.47 41.94
C GLU PA 110 -132.78 46.20 40.63
N GLU PA 111 -133.36 46.54 39.48
CA GLU PA 111 -132.62 46.42 38.24
C GLU PA 111 -131.38 47.30 38.26
N ILE PA 112 -131.53 48.55 38.68
CA ILE PA 112 -130.40 49.46 38.77
C ILE PA 112 -129.42 49.01 39.86
N THR PA 113 -129.93 48.43 40.95
CA THR PA 113 -129.03 47.91 41.98
C THR PA 113 -128.15 46.78 41.43
N GLN PA 114 -128.76 45.86 40.68
CA GLN PA 114 -127.99 44.78 40.07
C GLN PA 114 -126.99 45.33 39.06
N LEU PA 115 -127.40 46.33 38.27
CA LEU PA 115 -126.48 46.93 37.32
C LEU PA 115 -125.32 47.63 38.01
N LYS PA 116 -125.57 48.27 39.15
CA LYS PA 116 -124.50 48.90 39.91
C LYS PA 116 -123.53 47.87 40.48
N ASP PA 117 -124.07 46.75 40.98
CA ASP PA 117 -123.19 45.67 41.45
C ASP PA 117 -122.35 45.13 40.30
N GLN PA 118 -122.95 44.99 39.11
CA GLN PA 118 -122.20 44.55 37.95
C GLN PA 118 -121.11 45.54 37.59
N LEU PA 119 -121.41 46.84 37.69
CA LEU PA 119 -120.40 47.86 37.41
C LEU PA 119 -119.24 47.76 38.40
N THR PA 120 -119.55 47.57 39.68
CA THR PA 120 -118.49 47.43 40.68
C THR PA 120 -117.64 46.20 40.40
N SER PA 121 -118.28 45.08 40.06
CA SER PA 121 -117.54 43.86 39.74
C SER PA 121 -116.64 44.06 38.52
N ILE PA 122 -117.15 44.75 37.50
CA ILE PA 122 -116.34 45.03 36.32
C ILE PA 122 -115.15 45.91 36.69
N ALA PA 123 -115.39 46.92 37.53
CA ALA PA 123 -114.33 47.84 37.91
C ALA PA 123 -113.22 47.15 38.69
N ASP PA 124 -113.59 46.28 39.64
CA ASP PA 124 -112.55 45.67 40.48
C ASP PA 124 -111.93 44.43 39.86
N ALA PA 125 -112.67 43.70 39.03
CA ALA PA 125 -112.14 42.46 38.46
C ALA PA 125 -111.16 42.71 37.32
N ALA PA 126 -111.34 43.78 36.55
CA ALA PA 126 -110.57 44.01 35.33
C ALA PA 126 -109.15 44.47 35.70
N SER PA 127 -108.31 43.49 36.02
CA SER PA 127 -106.91 43.74 36.32
C SER PA 127 -106.05 42.68 35.64
N PHE PA 128 -104.82 43.03 35.32
CA PHE PA 128 -103.89 42.12 34.65
C PHE PA 128 -102.81 41.61 35.60
N SER PA 129 -102.03 42.50 36.20
CA SER PA 129 -100.95 42.11 37.10
C SER PA 129 -100.91 43.02 38.31
N GLY PA 130 -102.08 43.39 38.81
CA GLY PA 130 -102.18 44.30 39.95
C GLY PA 130 -102.35 45.76 39.58
N GLU PA 131 -102.02 46.14 38.35
CA GLU PA 131 -102.22 47.50 37.87
C GLU PA 131 -103.43 47.48 36.92
N ASN PA 132 -104.61 47.66 37.49
CA ASN PA 132 -105.85 47.61 36.72
C ASN PA 132 -106.14 48.91 35.98
N TRP PA 133 -105.36 49.98 36.22
CA TRP PA 133 -105.57 51.28 35.61
C TRP PA 133 -106.95 51.85 35.93
N LEU PA 134 -107.63 51.28 36.93
CA LEU PA 134 -108.94 51.74 37.36
C LEU PA 134 -108.99 51.66 38.88
N GLN PA 135 -110.02 52.28 39.46
CA GLN PA 135 -110.22 52.27 40.91
C GLN PA 135 -108.99 52.80 41.64
N ALA PA 136 -108.33 53.79 41.04
CA ALA PA 136 -107.14 54.35 41.64
C ALA PA 136 -107.47 55.19 42.87
N ASP PA 137 -106.45 55.47 43.67
CA ASP PA 137 -106.61 56.27 44.87
C ASP PA 137 -106.39 57.74 44.53
N LEU PA 138 -107.43 58.56 44.68
CA LEU PA 138 -107.38 59.97 44.34
C LEU PA 138 -107.19 60.85 45.58
N SER PA 139 -106.45 60.36 46.57
CA SER PA 139 -106.15 61.19 47.74
C SER PA 139 -105.32 62.41 47.33
N GLY PA 140 -104.32 62.20 46.49
CA GLY PA 140 -103.53 63.30 45.96
C GLY PA 140 -104.17 63.91 44.73
N GLY PA 141 -105.02 63.14 44.05
CA GLY PA 141 -105.75 63.63 42.90
C GLY PA 141 -104.94 63.71 41.62
N ALA PA 142 -103.70 63.24 41.61
CA ALA PA 142 -102.85 63.34 40.44
C ALA PA 142 -102.08 62.05 40.21
N VAL PA 143 -102.77 60.91 40.33
CA VAL PA 143 -102.12 59.63 40.10
C VAL PA 143 -101.85 59.46 38.62
N THR PA 144 -100.64 59.03 38.28
CA THR PA 144 -100.21 58.88 36.90
C THR PA 144 -99.51 57.55 36.72
N LYS PA 145 -99.89 56.81 35.68
CA LYS PA 145 -99.28 55.53 35.35
C LYS PA 145 -98.60 55.63 34.00
N SER PA 146 -97.49 54.91 33.85
CA SER PA 146 -96.64 55.03 32.67
C SER PA 146 -96.29 53.65 32.13
N VAL PA 147 -96.01 53.62 30.82
CA VAL PA 147 -95.61 52.41 30.12
C VAL PA 147 -94.28 52.70 29.42
N VAL PA 148 -93.33 51.79 29.55
CA VAL PA 148 -92.01 52.00 28.94
C VAL PA 148 -92.17 52.07 27.43
N GLY PA 149 -91.77 53.18 26.85
CA GLY PA 149 -91.94 53.39 25.41
C GLY PA 149 -90.72 53.04 24.58
N SER PA 150 -89.56 53.61 24.92
CA SER PA 150 -88.36 53.39 24.12
C SER PA 150 -87.13 53.69 24.96
N PHE PA 151 -86.02 53.11 24.56
CA PHE PA 151 -84.72 53.37 25.18
C PHE PA 151 -83.95 54.34 24.30
N VAL PA 152 -83.65 55.52 24.84
CA VAL PA 152 -83.05 56.61 24.09
C VAL PA 152 -81.67 56.90 24.65
N ARG PA 153 -80.67 56.89 23.78
CA ARG PA 153 -79.32 57.29 24.14
C ARG PA 153 -79.07 58.70 23.60
N ASP PA 154 -78.84 59.65 24.50
CA ASP PA 154 -78.64 61.03 24.09
C ASP PA 154 -77.31 61.21 23.39
N GLY PA 155 -77.19 62.33 22.67
CA GLY PA 155 -75.97 62.58 21.91
C GLY PA 155 -74.75 62.76 22.77
N SER PA 156 -74.92 63.37 23.95
CA SER PA 156 -73.79 63.67 24.83
C SER PA 156 -73.52 62.54 25.81
N GLY PA 157 -73.40 61.32 25.29
CA GLY PA 157 -73.06 60.17 26.11
C GLY PA 157 -74.01 59.91 27.25
N SER PA 158 -75.32 60.01 27.01
CA SER PA 158 -76.33 59.84 28.03
C SER PA 158 -77.32 58.78 27.62
N VAL PA 159 -77.86 58.07 28.59
CA VAL PA 159 -78.86 57.03 28.37
C VAL PA 159 -80.04 57.28 29.29
N ALA PA 160 -81.25 57.06 28.77
CA ALA PA 160 -82.47 57.25 29.55
C ALA PA 160 -83.55 56.36 28.97
N VAL PA 161 -84.62 56.18 29.75
CA VAL PA 161 -85.76 55.37 29.36
C VAL PA 161 -86.97 56.28 29.25
N LYS PA 162 -87.61 56.28 28.08
CA LYS PA 162 -88.79 57.09 27.86
C LYS PA 162 -90.04 56.29 28.16
N LYS PA 163 -91.05 56.97 28.70
CA LYS PA 163 -92.29 56.33 29.11
C LYS PA 163 -93.48 57.13 28.59
N VAL PA 164 -94.58 56.42 28.35
CA VAL PA 164 -95.83 57.03 27.89
C VAL PA 164 -96.77 57.14 29.08
N ASP PA 165 -97.21 58.36 29.37
CA ASP PA 165 -97.98 58.64 30.57
C ASP PA 165 -99.48 58.57 30.29
N TYR PA 166 -100.23 58.14 31.30
CA TYR PA 166 -101.68 58.10 31.24
C TYR PA 166 -102.22 58.67 32.54
N SER PA 167 -103.19 59.57 32.44
CA SER PA 167 -103.71 60.30 33.60
C SER PA 167 -105.02 59.69 34.08
N LEU PA 168 -105.17 59.60 35.40
CA LEU PA 168 -106.37 59.08 36.04
C LEU PA 168 -106.94 60.09 37.02
N ASN PA 169 -106.87 61.38 36.67
CA ASN PA 169 -107.17 62.45 37.61
C ASN PA 169 -108.61 62.42 38.11
N ALA PA 170 -109.58 62.69 37.23
CA ALA PA 170 -110.97 62.72 37.66
C ALA PA 170 -111.96 62.20 36.61
N ASN PA 171 -111.49 61.70 35.46
CA ASN PA 171 -112.38 61.30 34.39
C ASN PA 171 -112.11 59.89 33.87
N SER PA 172 -111.08 59.20 34.38
CA SER PA 172 -110.77 57.85 33.92
C SER PA 172 -110.38 56.95 35.07
N VAL PA 173 -110.97 57.15 36.25
CA VAL PA 173 -110.56 56.42 37.44
C VAL PA 173 -111.54 55.30 37.81
N LEU PA 174 -112.83 55.43 37.49
CA LEU PA 174 -113.77 54.34 37.67
C LEU PA 174 -113.87 53.84 39.11
N PHE PA 175 -114.57 54.59 39.96
CA PHE PA 175 -114.74 54.27 41.38
C PHE PA 175 -113.45 54.42 42.18
N ASP PA 176 -112.96 55.65 42.30
CA ASP PA 176 -111.90 56.00 43.25
C ASP PA 176 -112.12 55.30 44.57
N THR PA 177 -111.04 54.71 45.10
CA THR PA 177 -111.15 53.82 46.25
C THR PA 177 -111.54 54.58 47.52
N VAL PA 178 -110.85 55.69 47.80
CA VAL PA 178 -110.94 56.37 49.09
C VAL PA 178 -111.80 57.62 49.01
N GLY PA 179 -111.43 58.55 48.12
CA GLY PA 179 -112.08 59.85 48.11
C GLY PA 179 -113.52 59.83 47.64
N ASP PA 180 -113.92 58.80 46.91
CA ASP PA 180 -115.28 58.69 46.36
C ASP PA 180 -115.63 59.92 45.53
N THR PA 181 -114.66 60.37 44.73
CA THR PA 181 -114.81 61.55 43.87
C THR PA 181 -114.48 61.20 42.43
N GLY PA 182 -114.63 59.94 42.05
CA GLY PA 182 -114.28 59.50 40.71
C GLY PA 182 -115.32 59.83 39.68
N ILE PA 183 -115.11 59.30 38.48
CA ILE PA 183 -116.07 59.52 37.38
C ILE PA 183 -117.44 58.98 37.77
N LEU PA 184 -117.47 57.85 38.47
CA LEU PA 184 -118.69 57.35 39.07
C LEU PA 184 -118.63 57.57 40.58
N ASP PA 185 -119.78 57.36 41.23
CA ASP PA 185 -119.92 57.55 42.67
C ASP PA 185 -119.57 58.99 43.06
N LYS PA 186 -120.02 59.94 42.24
CA LYS PA 186 -119.94 61.35 42.59
C LYS PA 186 -121.02 62.09 41.82
N VAL PA 187 -121.41 63.24 42.35
CA VAL PA 187 -122.53 64.02 41.82
C VAL PA 187 -122.04 64.93 40.71
N TYR PA 188 -122.86 65.09 39.67
CA TYR PA 188 -122.56 65.94 38.53
C TYR PA 188 -123.50 67.14 38.54
N ASN PA 189 -122.93 68.34 38.43
CA ASN PA 189 -123.75 69.53 38.32
C ASN PA 189 -124.47 69.56 36.98
N VAL PA 190 -125.75 69.94 37.02
CA VAL PA 190 -126.60 69.95 35.82
C VAL PA 190 -127.21 71.35 35.72
N SER PA 191 -126.66 72.17 34.83
CA SER PA 191 -127.20 73.50 34.59
C SER PA 191 -126.96 73.86 33.13
N GLN PA 192 -127.79 74.79 32.62
CA GLN PA 192 -127.83 75.02 31.18
C GLN PA 192 -126.60 75.80 30.70
N ALA PA 193 -126.16 76.80 31.44
CA ALA PA 193 -125.18 77.77 30.96
C ALA PA 193 -123.99 77.87 31.92
N SER PA 194 -123.46 76.73 32.33
CA SER PA 194 -122.30 76.70 33.22
C SER PA 194 -121.28 75.69 32.71
N VAL PA 195 -120.08 75.78 33.28
CA VAL PA 195 -118.98 74.88 32.95
C VAL PA 195 -118.31 74.46 34.25
N THR PA 196 -117.94 73.19 34.35
CA THR PA 196 -117.22 72.67 35.51
C THR PA 196 -115.73 72.80 35.24
N LEU PA 197 -115.07 73.70 35.96
CA LEU PA 197 -113.66 73.98 35.78
C LEU PA 197 -112.87 73.54 37.01
N THR PA 198 -111.68 73.02 36.77
CA THR PA 198 -110.79 72.61 37.85
C THR PA 198 -109.73 73.70 38.07
N VAL PA 199 -109.63 74.19 39.30
CA VAL PA 199 -108.65 75.19 39.68
C VAL PA 199 -108.06 74.77 41.02
N ASN PA 200 -106.75 74.94 41.17
CA ASN PA 200 -106.07 74.57 42.40
C ASN PA 200 -105.95 75.78 43.33
N THR PA 201 -106.34 75.61 44.58
CA THR PA 201 -106.26 76.66 45.59
C THR PA 201 -105.31 76.21 46.69
N ASN PA 202 -104.31 77.03 46.97
CA ASN PA 202 -103.28 76.72 47.97
C ASN PA 202 -102.57 75.41 47.68
N GLY PA 203 -102.43 75.06 46.40
CA GLY PA 203 -101.70 73.90 45.99
C GLY PA 203 -102.50 72.61 45.87
N VAL PA 204 -103.79 72.63 46.20
CA VAL PA 204 -104.65 71.46 46.09
C VAL PA 204 -105.76 71.76 45.09
N GLU PA 205 -105.99 70.84 44.16
CA GLU PA 205 -106.97 71.06 43.10
C GLU PA 205 -108.38 70.79 43.60
N SER PA 206 -109.34 71.41 42.93
CA SER PA 206 -110.75 71.23 43.24
C SER PA 206 -111.56 71.58 42.00
N GLN PA 207 -112.81 71.13 41.98
CA GLN PA 207 -113.71 71.36 40.86
C GLN PA 207 -114.84 72.28 41.31
N HIS PA 208 -115.02 73.38 40.58
CA HIS PA 208 -116.04 74.37 40.89
C HIS PA 208 -116.92 74.58 39.66
N THR PA 209 -118.22 74.76 39.91
CA THR PA 209 -119.19 75.01 38.85
C THR PA 209 -119.43 76.52 38.76
N VAL PA 210 -119.16 77.09 37.59
CA VAL PA 210 -119.32 78.51 37.36
C VAL PA 210 -120.01 78.72 36.01
N ALA PA 211 -120.76 79.81 35.90
CA ALA PA 211 -121.47 80.10 34.67
C ALA PA 211 -120.51 80.41 33.54
N ALA PA 212 -120.94 80.09 32.31
CA ALA PA 212 -120.14 80.30 31.11
C ALA PA 212 -120.90 81.22 30.17
N TYR PA 213 -120.17 82.08 29.47
CA TYR PA 213 -120.74 83.08 28.57
C TYR PA 213 -120.20 82.87 27.17
N SER PA 214 -121.10 82.92 26.19
CA SER PA 214 -120.72 82.69 24.80
C SER PA 214 -119.93 83.87 24.25
N LEU PA 215 -119.06 83.56 23.28
CA LEU PA 215 -118.24 84.61 22.66
C LEU PA 215 -119.09 85.53 21.79
N GLU PA 216 -120.14 85.00 21.17
CA GLU PA 216 -120.99 85.83 20.31
C GLU PA 216 -121.67 86.93 21.10
N SER PA 217 -122.18 86.61 22.30
CA SER PA 217 -122.80 87.64 23.14
C SER PA 217 -121.77 88.68 23.56
N LEU PA 218 -120.57 88.24 23.90
CA LEU PA 218 -119.52 89.18 24.31
C LEU PA 218 -119.17 90.14 23.19
N THR PA 219 -119.01 89.62 21.96
CA THR PA 219 -118.65 90.49 20.86
C THR PA 219 -119.83 91.33 20.38
N GLU PA 220 -121.06 90.90 20.63
CA GLU PA 220 -122.21 91.72 20.28
C GLU PA 220 -122.43 92.86 21.27
N ALA PA 221 -122.13 92.61 22.55
CA ALA PA 221 -122.33 93.64 23.57
C ALA PA 221 -121.36 94.80 23.44
N GLY PA 222 -120.30 94.65 22.66
CA GLY PA 222 -119.32 95.73 22.51
C GLY PA 222 -118.17 95.62 23.49
N ALA PA 223 -117.58 94.43 23.57
CA ALA PA 223 -116.50 94.17 24.52
C ALA PA 223 -115.14 94.39 23.87
N GLU PA 224 -114.18 94.80 24.68
CA GLU PA 224 -112.80 94.97 24.24
C GLU PA 224 -111.98 93.79 24.74
N PHE PA 225 -111.31 93.10 23.83
CA PHE PA 225 -110.56 91.89 24.14
C PHE PA 225 -109.07 92.16 24.15
N GLN PA 226 -108.34 91.28 24.83
CA GLN PA 226 -106.88 91.33 24.83
C GLN PA 226 -106.38 89.95 25.22
N GLY PA 227 -105.76 89.25 24.28
CA GLY PA 227 -105.28 87.90 24.56
C GLY PA 227 -106.43 86.99 24.94
N ASN PA 228 -106.37 86.42 26.14
CA ASN PA 228 -107.43 85.60 26.68
C ASN PA 228 -108.31 86.37 27.67
N TYR PA 229 -108.19 87.69 27.68
CA TYR PA 229 -108.95 88.54 28.59
C TYR PA 229 -109.94 89.40 27.81
N ALA PA 230 -111.07 89.69 28.45
CA ALA PA 230 -112.12 90.49 27.84
C ALA PA 230 -112.60 91.54 28.84
N LEU PA 231 -113.16 92.62 28.30
CA LEU PA 231 -113.70 93.69 29.13
C LEU PA 231 -114.95 94.23 28.43
N GLN PA 232 -116.11 93.76 28.85
CA GLN PA 232 -117.38 94.23 28.30
C GLN PA 232 -117.82 95.55 28.93
N GLY PA 233 -117.20 95.96 30.02
CA GLY PA 233 -117.62 97.14 30.76
C GLY PA 233 -117.25 97.04 32.22
N GLY PA 234 -118.25 97.17 33.10
CA GLY PA 234 -118.01 96.97 34.52
C GLY PA 234 -117.65 95.55 34.89
N ASN PA 235 -117.78 94.61 33.97
CA ASN PA 235 -117.47 93.21 34.20
C ASN PA 235 -116.30 92.78 33.34
N SER PA 236 -115.52 91.83 33.85
CA SER PA 236 -114.34 91.33 33.16
C SER PA 236 -114.45 89.82 32.98
N TYR PA 237 -113.87 89.33 31.88
CA TYR PA 237 -113.92 87.91 31.54
C TYR PA 237 -112.53 87.43 31.15
N VAL PA 238 -112.27 86.16 31.42
CA VAL PA 238 -110.99 85.52 31.08
C VAL PA 238 -111.28 84.22 30.35
N LYS PA 239 -110.41 83.87 29.42
CA LYS PA 239 -110.56 82.66 28.62
C LYS PA 239 -109.68 81.56 29.20
N VAL PA 240 -110.12 81.00 30.32
CA VAL PA 240 -109.41 79.88 30.93
C VAL PA 240 -109.49 78.65 30.04
N GLU PA 241 -110.66 78.41 29.44
CA GLU PA 241 -110.85 77.31 28.50
C GLU PA 241 -111.64 77.80 27.30
N ASN PA 242 -112.16 76.87 26.49
CA ASN PA 242 -112.89 77.23 25.29
C ASN PA 242 -114.12 78.09 25.57
N VAL PA 243 -114.55 78.20 26.83
CA VAL PA 243 -115.68 79.01 27.23
C VAL PA 243 -115.18 80.18 28.08
N TRP PA 244 -115.81 81.34 27.91
CA TRP PA 244 -115.43 82.53 28.67
C TRP PA 244 -116.17 82.56 30.00
N VAL PA 245 -115.48 83.05 31.03
CA VAL PA 245 -116.00 83.08 32.39
C VAL PA 245 -115.66 84.41 33.04
N ARG PA 246 -116.58 84.91 33.86
CA ARG PA 246 -116.33 86.12 34.62
C ARG PA 246 -115.18 85.89 35.61
N ALA PA 247 -114.41 86.96 35.87
CA ALA PA 247 -113.22 86.86 36.70
C ALA PA 247 -113.19 87.99 37.71
N GLU PA 248 -112.49 87.74 38.81
CA GLU PA 248 -112.22 88.74 39.84
C GLU PA 248 -110.87 89.37 39.59
N THR PA 249 -110.72 90.63 40.01
CA THR PA 249 -109.54 91.41 39.66
C THR PA 249 -108.27 90.79 40.23
N ALA PA 250 -108.12 90.81 41.55
CA ALA PA 250 -106.96 90.26 42.24
C ALA PA 250 -107.17 90.47 43.74
N ALA PA 251 -106.45 89.67 44.53
CA ALA PA 251 -106.41 89.79 45.99
C ALA PA 251 -107.79 89.74 46.63
N THR PA 252 -108.81 89.27 45.89
CA THR PA 252 -110.14 89.16 46.48
C THR PA 252 -110.28 87.86 47.27
N GLY PA 253 -109.96 86.72 46.65
CA GLY PA 253 -109.99 85.46 47.36
C GLY PA 253 -108.90 85.36 48.41
N ALA PA 254 -107.72 85.92 48.12
CA ALA PA 254 -106.57 85.88 49.05
C ALA PA 254 -106.23 84.45 49.44
N THR PA 255 -106.33 83.54 48.46
CA THR PA 255 -106.06 82.12 48.70
C THR PA 255 -104.97 81.58 47.77
N GLY PA 256 -104.23 82.46 47.09
CA GLY PA 256 -103.20 81.99 46.18
C GLY PA 256 -103.73 81.19 45.01
N GLN PA 257 -104.86 81.62 44.45
CA GLN PA 257 -105.47 80.90 43.35
C GLN PA 257 -104.63 81.06 42.08
N GLU PA 258 -104.82 80.11 41.15
CA GLU PA 258 -104.12 80.16 39.88
C GLU PA 258 -104.50 81.41 39.11
N ILE PA 259 -103.50 82.08 38.54
CA ILE PA 259 -103.71 83.32 37.82
C ILE PA 259 -104.32 83.01 36.45
N ALA PA 260 -105.51 83.54 36.20
CA ALA PA 260 -106.19 83.26 34.94
C ALA PA 260 -105.44 83.90 33.77
N ALA PA 261 -105.12 85.18 33.87
CA ALA PA 261 -104.44 85.88 32.79
C ALA PA 261 -103.87 87.19 33.34
N THR PA 262 -102.93 87.75 32.58
CA THR PA 262 -102.33 89.05 32.89
C THR PA 262 -102.56 90.00 31.73
N THR PA 263 -102.81 91.26 32.05
CA THR PA 263 -103.14 92.28 31.07
C THR PA 263 -102.15 93.44 31.16
N THR PA 264 -102.38 94.46 30.32
CA THR PA 264 -101.57 95.65 30.28
C THR PA 264 -102.50 96.85 30.10
N ALA PA 265 -101.93 98.00 29.75
CA ALA PA 265 -102.72 99.21 29.58
C ALA PA 265 -103.76 99.04 28.46
N ALA PA 266 -103.28 98.87 27.23
CA ALA PA 266 -104.15 98.59 26.08
C ALA PA 266 -105.27 99.61 25.95
N GLY PA 267 -104.94 100.87 26.21
CA GLY PA 267 -105.92 101.94 26.10
C GLY PA 267 -106.76 102.13 27.35
N THR PA 268 -107.69 101.22 27.60
CA THR PA 268 -108.63 101.35 28.71
C THR PA 268 -108.76 100.05 29.51
N ILE PA 269 -107.69 99.27 29.60
CA ILE PA 269 -107.67 98.03 30.33
C ILE PA 269 -106.71 98.17 31.51
N THR PA 270 -107.19 97.88 32.71
CA THR PA 270 -106.35 97.95 33.89
C THR PA 270 -105.28 96.87 33.86
N ALA PA 271 -104.07 97.22 34.29
CA ALA PA 271 -102.97 96.28 34.33
C ALA PA 271 -103.01 95.53 35.66
N ASP PA 272 -103.41 94.26 35.60
CA ASP PA 272 -103.56 93.46 36.80
C ASP PA 272 -103.48 91.99 36.42
N SER PA 273 -103.23 91.14 37.43
CA SER PA 273 -103.20 89.70 37.27
C SER PA 273 -104.57 89.15 37.66
N TRP PA 274 -105.35 88.73 36.67
CA TRP PA 274 -106.74 88.34 36.88
C TRP PA 274 -106.83 86.88 37.27
N VAL PA 275 -107.85 86.56 38.07
CA VAL PA 275 -108.08 85.21 38.59
C VAL PA 275 -109.54 84.85 38.32
N VAL PA 276 -109.77 83.59 37.91
CA VAL PA 276 -111.12 83.12 37.65
C VAL PA 276 -111.94 83.24 38.92
N ASP PA 277 -113.15 83.79 38.80
CA ASP PA 277 -114.04 83.95 39.94
C ASP PA 277 -114.56 82.59 40.38
N VAL PA 278 -114.14 82.16 41.57
CA VAL PA 278 -114.61 80.88 42.10
C VAL PA 278 -116.10 80.95 42.39
N GLY PA 279 -116.62 82.12 42.71
CA GLY PA 279 -118.04 82.29 42.94
C GLY PA 279 -118.81 82.42 41.64
N ASN PA 280 -119.74 83.38 41.58
CA ASN PA 280 -120.56 83.62 40.40
C ASN PA 280 -121.33 82.37 39.99
N ALA PA 281 -122.23 81.97 40.89
CA ALA PA 281 -123.03 80.78 40.67
C ALA PA 281 -123.94 80.97 39.45
N PRO PA 282 -124.27 79.88 38.76
CA PRO PA 282 -125.12 79.99 37.57
C PRO PA 282 -126.51 80.52 37.91
N ALA PA 283 -127.27 80.81 36.86
CA ALA PA 283 -128.62 81.34 37.05
C ALA PA 283 -129.51 80.33 37.76
N ALA PA 284 -129.42 79.06 37.37
CA ALA PA 284 -130.18 77.98 37.99
C ALA PA 284 -129.20 76.88 38.37
N ASN PA 285 -128.71 76.93 39.60
CA ASN PA 285 -127.73 75.96 40.09
C ASN PA 285 -128.46 74.70 40.51
N VAL PA 286 -128.43 73.68 39.65
CA VAL PA 286 -129.09 72.41 39.91
C VAL PA 286 -128.03 71.31 39.87
N SER PA 287 -128.05 70.44 40.87
CA SER PA 287 -127.12 69.33 40.97
C SER PA 287 -127.88 68.02 40.93
N ALA PA 288 -127.21 66.98 40.44
CA ALA PA 288 -127.82 65.64 40.41
C ALA PA 288 -128.16 65.19 41.81
N GLY PA 289 -129.35 64.61 41.98
CA GLY PA 289 -129.79 64.21 43.30
C GLY PA 289 -128.90 63.14 43.90
N GLN PA 290 -128.53 62.13 43.10
CA GLN PA 290 -127.68 61.05 43.56
C GLN PA 290 -126.63 60.75 42.50
N SER PA 291 -125.54 60.14 42.93
CA SER PA 291 -124.47 59.74 42.03
C SER PA 291 -124.91 58.49 41.25
N VAL PA 292 -124.02 58.04 40.35
CA VAL PA 292 -124.31 56.86 39.55
C VAL PA 292 -124.35 55.61 40.43
N ALA PA 293 -123.46 55.53 41.41
CA ALA PA 293 -123.39 54.37 42.29
C ALA PA 293 -124.39 54.40 43.43
N ASN PA 294 -125.16 55.47 43.56
CA ASN PA 294 -126.13 55.62 44.65
C ASN PA 294 -127.51 55.94 44.10
N ILE PA 295 -127.85 55.36 42.93
CA ILE PA 295 -129.12 55.65 42.30
C ILE PA 295 -130.25 55.02 43.11
N ASN PA 296 -131.24 55.83 43.48
CA ASN PA 296 -132.40 55.36 44.22
C ASN PA 296 -133.60 56.16 43.72
N ILE PA 297 -134.43 55.54 42.90
CA ILE PA 297 -135.49 56.23 42.18
C ILE PA 297 -136.85 56.06 42.87
N VAL PA 298 -136.87 55.70 44.15
CA VAL PA 298 -138.12 55.49 44.87
C VAL PA 298 -138.68 56.86 45.22
N GLY PA 299 -139.66 57.32 44.43
CA GLY PA 299 -140.34 58.58 44.71
C GLY PA 299 -139.48 59.81 44.65
N MET PA 300 -138.62 59.90 43.63
CA MET PA 300 -137.80 61.11 43.47
C MET PA 300 -138.61 62.28 42.96
N GLY PA 301 -139.47 62.06 41.98
CA GLY PA 301 -140.17 63.14 41.32
C GLY PA 301 -139.58 63.44 39.95
N ALA PA 302 -140.31 64.28 39.21
CA ALA PA 302 -139.92 64.56 37.82
C ALA PA 302 -138.58 65.29 37.75
N ALA PA 303 -138.41 66.34 38.55
CA ALA PA 303 -137.19 67.14 38.47
C ALA PA 303 -135.97 66.32 38.87
N ALA PA 304 -136.09 65.53 39.94
CA ALA PA 304 -134.98 64.69 40.35
C ALA PA 304 -134.65 63.65 39.30
N LEU PA 305 -135.69 63.09 38.65
CA LEU PA 305 -135.45 62.12 37.59
C LEU PA 305 -134.70 62.76 36.42
N ASP PA 306 -135.09 63.97 36.03
CA ASP PA 306 -134.40 64.65 34.93
C ASP PA 306 -132.96 64.96 35.32
N ALA PA 307 -132.73 65.41 36.55
CA ALA PA 307 -131.36 65.68 36.99
C ALA PA 307 -130.52 64.41 36.97
N LEU PA 308 -131.09 63.30 37.44
CA LEU PA 308 -130.37 62.02 37.42
C LEU PA 308 -130.06 61.59 35.99
N ILE PA 309 -131.02 61.76 35.08
CA ILE PA 309 -130.80 61.38 33.70
C ILE PA 309 -129.68 62.21 33.08
N SER PA 310 -129.68 63.52 33.34
CA SER PA 310 -128.63 64.38 32.82
C SER PA 310 -127.27 64.00 33.39
N GLY PA 311 -127.21 63.71 34.69
CA GLY PA 311 -125.96 63.30 35.28
C GLY PA 311 -125.44 61.99 34.71
N VAL PA 312 -126.34 61.03 34.50
CA VAL PA 312 -125.95 59.75 33.89
C VAL PA 312 -125.43 59.98 32.47
N ASP PA 313 -126.10 60.85 31.72
CA ASP PA 313 -125.65 61.13 30.35
C ASP PA 313 -124.27 61.75 30.36
N ALA PA 314 -124.02 62.71 31.26
CA ALA PA 314 -122.72 63.34 31.34
C ALA PA 314 -121.64 62.34 31.75
N ALA PA 315 -121.94 61.45 32.70
CA ALA PA 315 -120.99 60.43 33.10
C ALA PA 315 -120.68 59.49 31.94
N LEU PA 316 -121.72 59.12 31.16
CA LEU PA 316 -121.50 58.27 30.00
C LEU PA 316 -120.62 58.96 28.97
N THR PA 317 -120.83 60.26 28.76
CA THR PA 317 -119.99 61.00 27.82
C THR PA 317 -118.53 61.02 28.28
N ASP PA 318 -118.31 61.30 29.56
CA ASP PA 318 -116.95 61.31 30.09
C ASP PA 318 -116.29 59.94 29.96
N MET PA 319 -117.05 58.88 30.23
CA MET PA 319 -116.50 57.53 30.15
C MET PA 319 -116.20 57.15 28.70
N THR PA 320 -117.04 57.62 27.76
CA THR PA 320 -116.75 57.41 26.35
C THR PA 320 -115.47 58.13 25.93
N SER PA 321 -115.26 59.34 26.45
CA SER PA 321 -114.01 60.05 26.19
C SER PA 321 -112.82 59.27 26.75
N ALA PA 322 -112.99 58.70 27.95
CA ALA PA 322 -111.92 57.89 28.53
C ALA PA 322 -111.64 56.66 27.68
N ALA PA 323 -112.69 56.02 27.15
CA ALA PA 323 -112.50 54.86 26.27
C ALA PA 323 -111.75 55.25 25.00
N ALA PA 324 -112.10 56.41 24.43
CA ALA PA 324 -111.38 56.87 23.25
C ALA PA 324 -109.91 57.14 23.57
N SER PA 325 -109.64 57.72 24.74
CA SER PA 325 -108.26 57.93 25.15
C SER PA 325 -107.51 56.61 25.30
N LEU PA 326 -108.16 55.61 25.89
CA LEU PA 326 -107.52 54.30 26.04
C LEU PA 326 -107.23 53.66 24.69
N GLY PA 327 -108.16 53.78 23.75
CA GLY PA 327 -107.92 53.27 22.41
C GLY PA 327 -106.75 53.98 21.73
N SER PA 328 -106.67 55.29 21.91
CA SER PA 328 -105.55 56.05 21.35
C SER PA 328 -104.23 55.59 21.97
N ILE PA 329 -104.22 55.34 23.28
CA ILE PA 329 -103.02 54.84 23.93
C ILE PA 329 -102.62 53.48 23.37
N SER PA 330 -103.61 52.60 23.16
CA SER PA 330 -103.31 51.28 22.59
C SER PA 330 -102.72 51.40 21.19
N SER PA 331 -103.28 52.28 20.37
CA SER PA 331 -102.74 52.50 19.04
C SER PA 331 -101.31 53.03 19.10
N ARG PA 332 -101.06 53.97 20.03
CA ARG PA 332 -99.71 54.51 20.17
C ARG PA 332 -98.73 53.43 20.62
N ILE PA 333 -99.16 52.53 21.50
CA ILE PA 333 -98.31 51.42 21.93
C ILE PA 333 -97.99 50.51 20.74
N ASP PA 334 -98.99 50.22 19.91
CA ASP PA 334 -98.74 49.38 18.74
C ASP PA 334 -97.73 50.02 17.80
N LEU PA 335 -97.92 51.32 17.54
CA LEU PA 335 -96.97 52.03 16.66
C LEU PA 335 -95.58 52.07 17.27
N GLN PA 336 -95.48 52.30 18.58
CA GLN PA 336 -94.18 52.32 19.24
C GLN PA 336 -93.52 50.95 19.13
N SER PA 337 -94.28 49.88 19.31
CA SER PA 337 -93.73 48.54 19.22
C SER PA 337 -93.18 48.26 17.83
N GLU PA 338 -93.94 48.59 16.78
CA GLU PA 338 -93.46 48.30 15.44
C GLU PA 338 -92.25 49.17 15.09
N PHE PA 339 -92.25 50.43 15.54
CA PHE PA 339 -91.09 51.28 15.30
C PHE PA 339 -89.87 50.77 16.04
N VAL PA 340 -90.04 50.27 17.26
CA VAL PA 340 -88.92 49.71 18.01
C VAL PA 340 -88.37 48.47 17.32
N ASN PA 341 -89.27 47.63 16.79
CA ASN PA 341 -88.82 46.46 16.04
C ASN PA 341 -88.02 46.87 14.80
N LYS PA 342 -88.51 47.89 14.07
CA LYS PA 342 -87.79 48.35 12.89
C LYS PA 342 -86.42 48.92 13.27
N LEU PA 343 -86.36 49.69 14.36
CA LEU PA 343 -85.10 50.27 14.80
C LEU PA 343 -84.11 49.19 15.22
N SER PA 344 -84.60 48.16 15.93
CA SER PA 344 -83.73 47.06 16.31
C SER PA 344 -83.22 46.31 15.09
N ASP PA 345 -84.08 46.11 14.09
CA ASP PA 345 -83.64 45.47 12.86
C ASP PA 345 -82.56 46.29 12.17
N SER PA 346 -82.75 47.61 12.10
CA SER PA 346 -81.76 48.48 11.48
C SER PA 346 -80.43 48.45 12.23
N ILE PA 347 -80.50 48.46 13.56
CA ILE PA 347 -79.27 48.42 14.37
C ILE PA 347 -78.54 47.09 14.15
N GLU PA 348 -79.29 45.98 14.13
CA GLU PA 348 -78.68 44.69 13.89
C GLU PA 348 -78.04 44.62 12.51
N SER PA 349 -78.72 45.17 11.50
CA SER PA 349 -78.15 45.18 10.16
C SER PA 349 -76.87 46.01 10.11
N GLY PA 350 -76.86 47.17 10.78
CA GLY PA 350 -75.65 47.97 10.82
C GLY PA 350 -74.51 47.27 11.53
N VAL PA 351 -74.81 46.58 12.63
CA VAL PA 351 -73.78 45.82 13.35
C VAL PA 351 -73.22 44.73 12.45
N GLY PA 352 -74.10 44.01 11.75
CA GLY PA 352 -73.63 42.99 10.84
C GLY PA 352 -72.76 43.55 9.73
N ARG PA 353 -73.17 44.68 9.16
CA ARG PA 353 -72.37 45.30 8.10
C ARG PA 353 -71.00 45.74 8.63
N LEU PA 354 -70.95 46.27 9.85
CA LEU PA 354 -69.68 46.73 10.41
C LEU PA 354 -68.81 45.59 10.91
N VAL PA 355 -69.38 44.42 11.19
CA VAL PA 355 -68.68 43.35 11.88
C VAL PA 355 -68.49 42.11 11.00
N ASP PA 356 -69.53 41.69 10.28
CA ASP PA 356 -69.47 40.45 9.52
C ASP PA 356 -68.49 40.57 8.36
N ALA PA 357 -68.04 39.41 7.88
CA ALA PA 357 -67.06 39.33 6.79
C ALA PA 357 -67.62 38.47 5.67
N ASP PA 358 -67.38 38.90 4.43
CA ASP PA 358 -67.81 38.16 3.24
C ASP PA 358 -66.91 36.93 3.10
N MET PA 359 -67.47 35.74 3.37
CA MET PA 359 -66.66 34.55 3.58
C MET PA 359 -65.83 34.17 2.36
N ASN PA 360 -66.18 34.66 1.16
CA ASN PA 360 -65.50 34.23 -0.05
C ASN PA 360 -64.02 34.60 -0.03
N GLU PA 361 -63.72 35.85 0.32
CA GLU PA 361 -62.32 36.26 0.32
C GLU PA 361 -61.52 35.59 1.44
N GLU PA 362 -62.15 35.30 2.58
CA GLU PA 362 -61.47 34.53 3.61
C GLU PA 362 -61.16 33.12 3.12
N SER PA 363 -62.08 32.49 2.38
CA SER PA 363 -61.79 31.18 1.82
C SER PA 363 -60.64 31.24 0.83
N THR PA 364 -60.63 32.25 -0.03
CA THR PA 364 -59.54 32.41 -0.98
C THR PA 364 -58.21 32.62 -0.26
N ARG PA 365 -58.21 33.46 0.78
CA ARG PA 365 -56.99 33.67 1.56
C ARG PA 365 -56.55 32.39 2.25
N LEU PA 366 -57.50 31.58 2.73
CA LEU PA 366 -57.14 30.32 3.37
C LEU PA 366 -56.45 29.39 2.38
N LYS PA 367 -56.99 29.28 1.17
CA LYS PA 367 -56.35 28.45 0.15
C LYS PA 367 -54.96 28.98 -0.19
N ALA PA 368 -54.83 30.30 -0.37
CA ALA PA 368 -53.54 30.88 -0.70
C ALA PA 368 -52.54 30.66 0.43
N LEU PA 369 -52.99 30.78 1.68
CA LEU PA 369 -52.11 30.55 2.82
C LEU PA 369 -51.66 29.11 2.90
N GLN PA 370 -52.55 28.16 2.60
CA GLN PA 370 -52.14 26.76 2.56
C GLN PA 370 -51.07 26.54 1.50
N THR PA 371 -51.28 27.10 0.30
CA THR PA 371 -50.30 26.94 -0.77
C THR PA 371 -48.96 27.56 -0.39
N GLN PA 372 -48.99 28.76 0.18
CA GLN PA 372 -47.76 29.44 0.58
C GLN PA 372 -47.04 28.66 1.68
N GLN PA 373 -47.80 28.10 2.62
CA GLN PA 373 -47.19 27.28 3.67
C GLN PA 373 -46.52 26.04 3.08
N GLN PA 374 -47.17 25.40 2.12
CA GLN PA 374 -46.55 24.22 1.49
C GLN PA 374 -45.27 24.59 0.79
N LEU PA 375 -45.28 25.70 0.03
CA LEU PA 375 -44.07 26.14 -0.66
C LEU PA 375 -42.98 26.51 0.34
N ALA PA 376 -43.35 27.16 1.45
CA ALA PA 376 -42.36 27.54 2.45
C ALA PA 376 -41.74 26.32 3.11
N ILE PA 377 -42.55 25.30 3.39
CA ILE PA 377 -42.02 24.07 3.98
C ILE PA 377 -41.07 23.39 3.01
N GLN PA 378 -41.43 23.35 1.72
CA GLN PA 378 -40.54 22.75 0.73
C GLN PA 378 -39.21 23.50 0.65
N ALA PA 379 -39.27 24.83 0.62
CA ALA PA 379 -38.05 25.62 0.55
C ALA PA 379 -37.20 25.45 1.81
N LEU PA 380 -37.85 25.35 2.97
CA LEU PA 380 -37.13 25.14 4.22
C LEU PA 380 -36.44 23.79 4.21
N SER PA 381 -37.10 22.75 3.69
CA SER PA 381 -36.47 21.44 3.59
C SER PA 381 -35.26 21.49 2.66
N ILE PA 382 -35.39 22.20 1.53
CA ILE PA 382 -34.27 22.34 0.62
C ILE PA 382 -33.11 23.07 1.30
N ALA PA 383 -33.41 24.12 2.06
CA ALA PA 383 -32.37 24.87 2.75
C ALA PA 383 -31.71 24.04 3.82
N ASN PA 384 -32.46 23.15 4.48
CA ASN PA 384 -31.86 22.24 5.44
C ASN PA 384 -30.95 21.25 4.74
N SER PA 385 -31.38 20.74 3.58
CA SER PA 385 -30.63 19.67 2.91
C SER PA 385 -29.36 20.17 2.24
N ASP PA 386 -29.37 21.40 1.72
CA ASP PA 386 -28.26 21.85 0.87
C ASP PA 386 -26.95 21.99 1.62
N SER PA 387 -26.95 22.01 2.94
CA SER PA 387 -25.73 22.20 3.71
C SER PA 387 -24.86 20.95 3.79
N GLN PA 388 -25.36 19.80 3.33
CA GLN PA 388 -24.61 18.55 3.40
C GLN PA 388 -23.67 18.37 2.23
N ASN PA 389 -23.65 19.30 1.26
CA ASN PA 389 -22.82 19.13 0.08
C ASN PA 389 -21.33 19.21 0.40
N VAL PA 390 -20.96 19.89 1.49
CA VAL PA 390 -19.55 20.11 1.81
C VAL PA 390 -18.82 18.81 2.13
N LEU PA 391 -19.54 17.77 2.52
CA LEU PA 391 -18.89 16.53 2.96
C LEU PA 391 -18.08 15.86 1.85
N SER PA 392 -18.34 16.20 0.59
CA SER PA 392 -17.67 15.52 -0.51
C SER PA 392 -16.17 15.80 -0.53
N LEU PA 393 -15.78 17.04 -0.22
CA LEU PA 393 -14.38 17.41 -0.31
C LEU PA 393 -13.52 16.62 0.67
N PHE PA 394 -13.98 16.47 1.91
CA PHE PA 394 -13.13 15.94 2.97
C PHE PA 394 -12.94 14.43 2.88
N ARG PA 395 -13.84 13.73 2.20
CA ARG PA 395 -13.73 12.28 2.07
C ARG PA 395 -12.84 11.92 0.88
#